data_8DVV
#
_entry.id   8DVV
#
_cell.length_a   1.00
_cell.length_b   1.00
_cell.length_c   1.00
_cell.angle_alpha   90.00
_cell.angle_beta   90.00
_cell.angle_gamma   90.00
#
_symmetry.space_group_name_H-M   'P 1'
#
loop_
_entity.id
_entity.type
_entity.pdbx_description
1 polymer 'Ryanodine receptor 2'
2 polymer 'Peptidyl-prolyl cis-trans isomerase FKBP1B'
3 non-polymer 'CALCIUM ION'
4 non-polymer 'ZINC ION'
#
loop_
_entity_poly.entity_id
_entity_poly.type
_entity_poly.pdbx_seq_one_letter_code
_entity_poly.pdbx_strand_id
1 'polypeptide(L)'
;MADAGEGEDEIQFLRTDDEVVLQCTATIHKEQQKLCLAAEGFGNRLCFLESTSNSKNVPPDLSICTFVLEQSLSVRALQE
MLANTVEKSEGQVDVEKWKFMMKTAQGGGHRTLLYGHAILLRHSYSGMYLCCLSTSRSSTDKLAFDVGLQEDTTGEACWW
TIHPASKQRSEGEKVRVGDDLILVSVSSERYLHLSYGNSSWHVDAAFQQTLWSVAPISSGSEAAQGYLIGGDVLRLLHGH
MDECLTVPSGEHGEEQRRTVHYEGGAVSVHARSLWRLETLRVAWSGSHIRWGQPFRLRHVTTGKYLSLMEDKNLLLMDKE
KADVKSTAFAFRSSKEKLDVGVRKEVDGMGTSEIKYGDSICYIQHVDTGLWLTYQAVDVKSARMGSIQRKAIMHHEGHMD
DGLNLSRSQHEESRTARVIRSTVFLFNRFIRGLDALSKKVKLPTIDLPIESVSLSLQDLIGYFHPPDEHLEHEDKQNRLR
ALKNRQNLFQEEGMINLVLECIDRLHVYSSAAHFADVAGREAGESWKSILNSLYELLAALIRGNRKNCAQFSGSLDWLIS
RLERLEASSGILEVLHCVLVESPEALNIIKEGHIKSIISLLDKHGRNHKVLDVLCSLCVCHGVAVRSNQHLICDNLLPGR
DLLLQTRLVNHVSSMRPNIFLGVSEGSAQYKKWYYELMVDHTEPFVTAEATHLRVGWASTEGYSPYPGGGEEWGGNGVGD
DLFSYGFDGLHLWSGCIARTVSSPNQHLLRTDDVISCCLDLSAPSISFRINGQPVQGMFENFNIDGLFFPVVSFSAGIKV
RFLLGGRHGEFKFLPPPGYAACYEAVLPKEKLKVEHSREYKQERTYTRDLLGPTVSLTQAAFTPVPVDTSQIVLPPHLER
IRERLAENIHELWVMNKIELGWQYGPVRDDNKRQHPCLVEFCKLPEQERNYNLQMSLETLKTLLALGCHVGIADEHAEEK
VKKMKLPKNYQLTSGYKPAPMDLSFIKLTPSQEAMVDKLAENAHNVWARDRIRQGWTYGIQQDVKNRRNPRLVPYTLLDD
RTKKSNKDSLREAVRTLLGYGYHLEAPDQDHASRAEVCSGTGERFRIFRAEKTYAVKAGRWYFEFEAVTAGDMRVGWSRP
GCQPDLELGSDDRAFAFDGFKAQRWHQGNEHYGRSWQAGDVVGCMVDMNEHTMMFTLNGEILLDDSGSELAFKDFDVGDG
FIPVCSLGVAQVGRMNFGKDVSTLKYFTICGLQEGYEPFAVNTNRDITMWLSKRLPQFLQVPSNHEHIEVTRIDGTIDSS
PCLKVTQKSFGSQNNNTDIMFYRLSMPIECAEVFSKSVAGGLPGAGFYGPKNDLEDFDVDSDFEVLMKTAHGHLVPDRID
KDKETPKPEFNNHKDYAQEKPSRLKQRFLLRRTKPDYSTGHSARLTEDVLADDRDDYEYLMQTSTYYYSVRIFPGQEPAN
VWVGWITSDFHQYDTGFDLDRVRTVTVTLGDEKGKVHESIKRSNCYMVCAGESMSPGQGRNNSNGLEIGCVVDAASGLLT
FIANGKELSTYYQVEPSTKLFPAVFAQATSPNVFQFELGRIKNVMPLSAGLFKSEHKNPVPQCPPRLHVQFLSHVLWSRM
PNQFLKVDVSRISERQGWLVQCLDPLQFMSLHIPEENRSVDILELTEQEELLQFHYHTLRLYSAVCALGNHRVAHALCSH
VDEPQLLYAIENKYMPGLLRAGYYDLLIDIHLSSYATARLMMNNEFIVPMTEETKSITLFPDENKKHGLPGIGLSTSLRP
RMRFSSPSFVSISNDCYQYSPEFPLDILKAKTIQMLTEAVKEGSLHARDPVGGTTEFLFVPLIKLFYTLLIMGIFHNEDL
KHILQLIEPSVFKEAAVPEEEGGTPEKEISIEDAKLEGEEEAKGGKRPKEGLLQMKLPEPVKLQMCLLLQYLCDCQVRHR
IEAIVAFSDDFVAKLQDNQRFRYNEVMQALNMSAALTARKTREFRSPPQEQINMLLNFKDDKSECPCPEEIRDQLLDFHE
DLMTHCGIELDEDGSLDGSNDLTIRGRLLDLVEKVTYLKKKQAEKPVASDSRKCSSLQQLISETMVRWAQESVIEDPELV
RAMFVLLHRQYDGIGGLVRALPKTYTINGVSVEDTINLLASLGQIRSLLSVRMGKEEEKLMIRGLGDIMNNKVFYQHPNL
MRALGMHETVMEVMVNVLGGGESKEITFPKMVANCCRFLCYFCRISRQNQKAMFDHLSYLLENSSVGLASPAMRGSTPLD
VAAASVMDNNELALALREPDLEKVVRYLAGCGLQSCQMLVSKGYPDIGWNPVEGERYLDFLRFAVFCNGESVEENANVVV
RLLIRRPECFGPALRGEGGNGLLAAMEEAIKIAEDPSRDGPSPTSGSSKTLDIEEEEDDTIHMGNAIMTFYAALIDLLGR
CAPEMHLIHAGKGEAIRIRSILRSLIPLGDLVGVISIAFQMPTIAKDGKVVEPDMSAGFCPDHKAAMVLFLDRVYGIEVQ
DFLLHLLEVGFLPDLRAAASLDTAALSATDMALALNRYLCTAVLPLLTRCAPLFAGTEHHASLIDSLLHTVYRLSKGCSL
TKAQRDSIEVCLLSICGQLRPSMMQHLLRRLVFDVPLLNEHAKMPLKLLTNHYERCWKYYCLPGGWGNFGAASEEELHLS
RKLFWGIFDALSQKKYEQELFKLALPCLSAVAGALPPDYMESNYVSMMEKQSSMDSEGNFNPQPVDTSNITIPEKLEYFI
NKYAEHSHDKWSMDKLANGWIYGEIYSDSSKIQPLMKPYKLLSEKEKEIYRWPIKESLKTMLAWGWRIERTREGDSMALY
NRTRRIDQTSQVDIDAAHGYSPRAIDMSNVTLSRDLHAMAEMMAENYHNIWAKKKKLELESKGGGNHPLLVPYDTLTAKE
KAKDREKAQDIFKFLQISGYVVSRGFKDLDLDTPSIEKRFAYSFLQQLIRYVDEAHQYILEFDGGSRSKGEHFPYEQEIK
FFAKVVLPLIDQYFKNHRLYFLSAASRPLCTGGHASNKEKEMVTSLFCKLGVLVRHRISLFGNDATSIVNCLHILGQTLD
ARTVMKTGLDSVKSALRAFLDNAAEDLEKTMENLKQGQFTHTRSQPKGVTQIINYTTVALLPMLSSLFEHIGQHQFGEDL
ILEDVQVSCYRILTSLYALGTSKSIYVERQRSALGECLAAFAGAFPIAFLETHLDKHNVYSIYNTRSSRERAALSLPANV
EDVCPNIPSLEKLMTEIIELAESGIRYTQMPYMMEVVLPMLCSYMSRWWEHGPENHPERAEMCCTALNSEHMNTLLGNIL
KIIYNNLGIDEGAWMKRLAVFSQPIINKVKPQLLKTHFLPLMEKLKKKAAMVVSEEDHLKAEARGDMSEAELLILDEFTT
LARDLYAFYPLLIRFVDYNRAKWLKEPNPEAEELFRMVAEVFIYWSKSHNFKREEQNFVVQNEINNMSFLITDTKSKMSK
AAISDQERKKMKRKGDRYSMQTSLIVAALKRLLPIGLNICAPGDQELIALAKNRFSLKDTEEEVRDIIRSNIHLQGKLED
PAIRWQMALYKDLPNRTEDPSDPERTVERVLGIANVLFHLEQKSKYTGRGYFSLVEHPQRSKKAVWHKLLSKQRKRAVVA
CFRMAPLYNLPRHRAVNLFLQGYEKSWIETEEHYFEDKLIEDLAKPGAELPEEDEAMKRVDPLHQLILLFSRTALTEKCK
LEEDFLYMAYADIMAKSCHDEEDDDGEEEVKSFEEKEMEKQKLLYQQARLHDRGAAEMVLQTISASKGETGPMVAATLKL
GIAILNGGNSTVQQKMLDYLKEKKDVGFFQSLAGLMQSCSVLDLNAFERQNKAEGLGMVTEEGSGEKVLQDDEFTCDLFR
FLQLLCEGHNSDFQNYLRTQTGNNTTVNIIISTVDYLLRVQESISDFYWYYSGKDIIDEQGQRNFSKAIQVAKQVFNTLT
EYIQGPCTGNQQSLAHSRLWDAVVGFLHVFAHMQMKLSQDSSQIELLKELMDLQKDMVVMLLSMLEGNVVNGTIGKQMVD
MLVESSNNVEMILKFFDMFLKLKDLTSSDTFKEYDPDGKGVISKRDFHKAMESHKHYTQSETEFLLSCAETDENETLDYE
EFVKRFHEPAKDIGFNVAVLLTNLSEHMPNDTRLQTFLELAESVLNYFQPFLGRIEIMGSAKRIERVYFEISESSRTQWE
KPQVKESKRQFIFDVVNEGGEKEKMELFVNFCEDTIFEMQLAAQISESDLNERLANKEESEKERPEEQAPRMGFFSLLTI
QSALFALRYNVLTLVRMLSLKSLKKQMKRMKKMTVKDMVLAFFSSYWSVFVTLLHFVASVCRGFFRIVSSLLLGGSLVEG
AKKIKVAELLANMPDPTQDEVRGDEEEGERKPLESALPSEDLTDLKELTEESDLLSDIFGLDLKREGGQYKLIPHNPNAG
LSDLMTNPVPVPEVQEKFQEQKAKEEKEEKEETKSEPEKAEGEDGEKEEKAKDEKSKQKLRQLHTHRYGEPEVPESAFWK
KIIAYQQKLLNYFARNFYNMRMLALFVAFAINFILLFYKVSTSSVVEGKELPTRTSSDTAKVTNSLDSSPHRIIAVHYVL
EESSGYMEPTLRILAILHTIISFFCIIGYYCLKVPLVIFKREKEVARKLEFDGLYITEQPSEDDIKGQWDRLVINTQSFP
NNYWDKFVKRKVMDKYGEFYGRDRISELLGMDKAALDFSDAREKKKPKKDSSLSAVLNSIDVKYQMWKLGVVFTDNSFLY
LAWYMTMSVLGHYNNFFFAAHLLDIAMGFKTLRTILSSVTHNGKQLVLTVGLLAVVVYLYTVVAFNFFRKFYNKSEDGDT
PDMKCDDMLTCYMFHMYVGVRAGGGIGDEIEDPAGDEYEIYRIIFDITFFFFVIVILLAIIQGLIIDAFGELRDQQEQVK
EDMETKCFICGIGNDYFDTVPHGFETHTLQEHNLANYLFFLMYLINKDETEHTGQESYVWKMYQERCWEFFPAGDCFRKQ
YEDQLN
;
A,B,C,D
2 'polypeptide(L)'
;GVEIETISPGDGRTFPKKGQTCVVHYTGMLQNGKKFDSSRDRNKPFKFRIGKQEVIKGFEEGAAQMSLGQRAKLTCTPDV
AYGATGHPGVIPPNATLIFDVELLNLE
;
E,F,G,H
#
loop_
_chem_comp.id
_chem_comp.type
_chem_comp.name
_chem_comp.formula
CA non-polymer 'CALCIUM ION' 'Ca 2'
ZN non-polymer 'ZINC ION' 'Zn 2'
#
# COMPACT_ATOMS: atom_id res chain seq x y z
N GLU A 10 20.52 1.48 22.68
CA GLU A 10 20.05 0.71 23.83
C GLU A 10 21.05 0.78 24.97
N ILE A 11 20.59 1.24 26.13
CA ILE A 11 21.41 1.35 27.33
C ILE A 11 20.73 0.62 28.46
N GLN A 12 21.44 -0.34 29.07
CA GLN A 12 20.92 -1.10 30.19
C GLN A 12 21.96 -1.11 31.30
N PHE A 13 21.49 -1.00 32.54
CA PHE A 13 22.39 -1.00 33.70
C PHE A 13 21.68 -1.71 34.86
N LEU A 14 22.32 -1.68 36.02
CA LEU A 14 21.82 -2.34 37.21
C LEU A 14 21.57 -1.31 38.30
N ARG A 15 20.39 -1.37 38.91
CA ARG A 15 20.01 -0.53 40.03
C ARG A 15 19.68 -1.43 41.22
N THR A 16 19.11 -0.82 42.26
CA THR A 16 18.68 -1.59 43.43
C THR A 16 17.41 -2.37 43.08
N ASP A 17 17.10 -3.37 43.93
CA ASP A 17 15.91 -4.21 43.77
C ASP A 17 15.94 -4.98 42.45
N ASP A 18 17.13 -5.41 42.03
CA ASP A 18 17.35 -5.91 40.69
C ASP A 18 17.71 -7.40 40.71
N GLU A 19 18.16 -7.89 39.56
CA GLU A 19 18.28 -9.32 39.29
C GLU A 19 19.74 -9.72 39.16
N VAL A 20 20.57 -9.29 40.11
CA VAL A 20 22.00 -9.58 40.07
C VAL A 20 22.25 -11.06 40.33
N VAL A 21 23.20 -11.63 39.61
CA VAL A 21 23.67 -13.00 39.85
C VAL A 21 25.12 -13.06 39.41
N LEU A 22 25.91 -13.90 40.08
CA LEU A 22 27.36 -13.79 40.01
C LEU A 22 27.92 -14.94 39.18
N GLN A 23 28.81 -14.61 38.24
CA GLN A 23 29.32 -15.58 37.28
C GLN A 23 30.79 -15.28 37.01
N CYS A 24 31.58 -16.33 36.79
CA CYS A 24 32.97 -16.11 36.40
C CYS A 24 33.49 -17.34 35.68
N THR A 25 34.33 -17.10 34.67
CA THR A 25 34.90 -18.16 33.84
C THR A 25 36.39 -18.27 34.12
N ALA A 26 36.86 -19.48 34.40
CA ALA A 26 38.27 -19.71 34.65
C ALA A 26 38.64 -21.11 34.17
N THR A 27 39.60 -21.18 33.24
CA THR A 27 40.01 -22.45 32.66
C THR A 27 40.94 -23.16 33.64
N ILE A 28 40.41 -24.17 34.32
CA ILE A 28 41.17 -24.97 35.28
C ILE A 28 41.25 -26.39 34.74
N HIS A 29 42.47 -26.93 34.70
CA HIS A 29 42.74 -28.26 34.14
C HIS A 29 42.27 -28.36 32.69
N LYS A 30 42.57 -27.32 31.91
CA LYS A 30 42.24 -27.26 30.49
C LYS A 30 40.73 -27.44 30.25
N GLU A 31 39.93 -26.83 31.10
CA GLU A 31 38.48 -26.86 30.97
C GLU A 31 37.94 -25.49 31.36
N GLN A 32 37.32 -24.80 30.40
CA GLN A 32 36.64 -23.54 30.71
C GLN A 32 35.22 -23.84 31.17
N GLN A 33 34.82 -23.23 32.29
CA GLN A 33 33.48 -23.41 32.84
C GLN A 33 33.03 -22.12 33.50
N LYS A 34 31.72 -21.82 33.43
CA LYS A 34 31.17 -20.63 34.07
C LYS A 34 30.52 -21.01 35.41
N LEU A 35 31.23 -20.71 36.48
CA LEU A 35 30.78 -21.09 37.81
C LEU A 35 29.91 -19.99 38.38
N CYS A 36 28.96 -20.40 39.19
CA CYS A 36 28.04 -19.47 39.83
C CYS A 36 28.17 -19.57 41.34
N LEU A 37 28.01 -18.43 42.01
CA LEU A 37 28.12 -18.41 43.47
C LEU A 37 26.82 -18.91 44.09
N ALA A 38 26.92 -19.92 44.96
CA ALA A 38 25.75 -20.50 45.60
C ALA A 38 25.95 -20.58 47.10
N ALA A 39 24.86 -20.38 47.83
CA ALA A 39 24.86 -20.41 49.29
C ALA A 39 23.44 -20.68 49.79
N GLU A 40 23.38 -21.21 51.01
CA GLU A 40 22.10 -21.44 51.69
C GLU A 40 22.34 -21.37 53.20
N GLY A 41 21.54 -20.56 53.88
CA GLY A 41 21.77 -20.32 55.29
C GLY A 41 21.20 -21.37 56.21
N PHE A 42 20.22 -22.15 55.75
CA PHE A 42 19.53 -23.11 56.61
C PHE A 42 20.35 -24.37 56.86
N GLY A 43 21.34 -24.66 56.01
CA GLY A 43 22.10 -25.88 56.16
C GLY A 43 23.57 -25.66 56.47
N ASN A 44 24.10 -24.50 56.06
CA ASN A 44 25.51 -24.20 56.22
C ASN A 44 25.71 -22.69 56.22
N ARG A 45 26.96 -22.26 56.29
CA ARG A 45 27.31 -20.85 56.21
C ARG A 45 28.20 -20.55 55.02
N LEU A 46 29.33 -21.24 54.89
CA LEU A 46 30.27 -21.00 53.79
C LEU A 46 29.63 -21.31 52.44
N CYS A 47 30.05 -20.57 51.43
CA CYS A 47 29.47 -20.71 50.10
C CYS A 47 30.21 -21.76 49.29
N PHE A 48 29.59 -22.16 48.17
CA PHE A 48 30.19 -23.13 47.26
C PHE A 48 29.81 -22.78 45.83
N LEU A 49 30.75 -22.94 44.91
CA LEU A 49 30.47 -22.69 43.51
C LEU A 49 29.54 -23.75 42.94
N GLU A 50 28.87 -23.39 41.85
CA GLU A 50 27.95 -24.27 41.14
C GLU A 50 28.35 -24.33 39.68
N SER A 51 28.98 -25.44 39.28
CA SER A 51 29.38 -25.60 37.88
C SER A 51 28.15 -25.75 37.00
N THR A 52 28.19 -25.12 35.82
CA THR A 52 27.06 -25.06 34.90
C THR A 52 27.58 -25.33 33.50
N SER A 53 27.42 -26.57 33.03
CA SER A 53 27.87 -26.96 31.71
C SER A 53 26.76 -26.99 30.68
N ASN A 54 25.51 -27.12 31.12
CA ASN A 54 24.32 -27.25 30.28
C ASN A 54 24.51 -28.38 29.25
N SER A 55 24.50 -29.61 29.75
CA SER A 55 24.47 -30.79 28.90
C SER A 55 23.11 -31.49 28.93
N LYS A 56 22.05 -30.72 29.22
CA LYS A 56 20.65 -31.16 29.12
C LYS A 56 20.35 -32.43 29.90
N ASN A 57 21.27 -32.85 30.77
CA ASN A 57 21.14 -34.11 31.49
C ASN A 57 21.43 -33.93 32.97
N VAL A 58 22.26 -32.95 33.30
CA VAL A 58 22.53 -32.59 34.69
C VAL A 58 22.16 -31.11 34.85
N PRO A 59 20.94 -30.80 35.24
CA PRO A 59 20.53 -29.39 35.36
C PRO A 59 21.30 -28.68 36.47
N PRO A 60 21.43 -27.37 36.39
CA PRO A 60 22.02 -26.61 37.50
C PRO A 60 20.93 -26.13 38.46
N ASP A 61 21.39 -25.53 39.56
CA ASP A 61 20.52 -24.87 40.51
C ASP A 61 20.77 -23.37 40.48
N LEU A 62 19.70 -22.60 40.69
CA LEU A 62 19.79 -21.15 40.56
C LEU A 62 19.20 -20.44 41.77
N SER A 63 18.27 -21.10 42.48
CA SER A 63 17.70 -20.53 43.70
C SER A 63 18.78 -20.18 44.72
N ILE A 64 19.73 -21.08 44.95
CA ILE A 64 20.86 -20.81 45.85
C ILE A 64 21.82 -19.78 45.29
N CYS A 65 21.66 -19.40 44.01
CA CYS A 65 22.53 -18.43 43.38
C CYS A 65 21.88 -17.08 43.09
N THR A 66 20.55 -17.02 43.06
CA THR A 66 19.86 -15.76 42.76
C THR A 66 20.01 -14.81 43.93
N PHE A 67 20.72 -13.71 43.72
CA PHE A 67 20.92 -12.69 44.74
C PHE A 67 20.08 -11.46 44.42
N VAL A 68 19.67 -10.77 45.48
CA VAL A 68 18.97 -9.49 45.36
C VAL A 68 19.80 -8.45 46.09
N LEU A 69 20.18 -7.39 45.39
CA LEU A 69 20.98 -6.37 46.04
C LEU A 69 20.07 -5.30 46.64
N GLU A 70 20.67 -4.41 47.41
CA GLU A 70 19.92 -3.49 48.25
C GLU A 70 20.59 -2.12 48.16
N GLN A 71 20.28 -1.25 49.13
CA GLN A 71 20.67 0.16 49.09
C GLN A 71 22.16 0.33 48.85
N SER A 72 22.49 1.11 47.83
CA SER A 72 23.87 1.37 47.44
C SER A 72 24.22 2.80 47.86
N LEU A 73 25.24 2.94 48.70
CA LEU A 73 25.71 4.22 49.19
C LEU A 73 27.16 4.42 48.77
N SER A 74 27.64 5.64 48.94
CA SER A 74 29.02 5.97 48.64
C SER A 74 29.92 5.56 49.81
N VAL A 75 31.23 5.56 49.56
CA VAL A 75 32.17 5.13 50.59
C VAL A 75 32.22 6.16 51.73
N ARG A 76 32.19 7.46 51.40
CA ARG A 76 32.03 8.50 52.39
C ARG A 76 30.65 8.49 53.04
N ALA A 77 29.64 7.91 52.40
CA ALA A 77 28.41 7.61 53.13
C ALA A 77 28.60 6.27 53.82
N LEU A 78 29.23 6.30 55.00
CA LEU A 78 29.54 5.07 55.74
C LEU A 78 28.49 4.72 56.78
N GLN A 79 27.65 5.68 57.18
CA GLN A 79 26.73 5.54 58.30
C GLN A 79 27.47 5.16 59.58
N GLU A 80 26.75 4.67 60.59
CA GLU A 80 27.30 4.34 61.90
C GLU A 80 28.03 5.55 62.50
N MET A 81 27.24 6.60 62.73
CA MET A 81 27.62 7.67 63.65
C MET A 81 27.23 7.22 65.06
N LEU A 82 28.21 6.63 65.76
CA LEU A 82 27.99 6.00 67.07
C LEU A 82 26.92 4.93 66.99
N ALA A 83 25.68 5.30 67.29
CA ALA A 83 24.55 4.38 67.25
C ALA A 83 23.69 4.74 66.04
N ASN A 84 23.59 3.82 65.09
CA ASN A 84 22.83 4.00 63.85
C ASN A 84 23.30 5.24 63.09
N MET A 102 16.36 1.76 64.37
CA MET A 102 16.51 0.62 63.47
C MET A 102 17.21 1.02 62.18
N LYS A 103 16.55 0.78 61.04
CA LYS A 103 17.14 1.17 59.76
C LYS A 103 17.01 2.66 59.52
N THR A 104 15.77 3.15 59.40
CA THR A 104 15.46 4.53 59.04
C THR A 104 16.24 4.98 57.81
N ALA A 105 15.93 4.32 56.69
CA ALA A 105 16.65 4.60 55.46
C ALA A 105 16.23 5.95 54.88
N GLN A 106 17.20 6.66 54.30
CA GLN A 106 16.99 7.98 53.74
C GLN A 106 17.16 7.96 52.21
N GLY A 107 16.66 6.92 51.57
CA GLY A 107 16.79 6.80 50.13
C GLY A 107 15.49 6.42 49.42
N GLY A 108 15.21 7.08 48.30
CA GLY A 108 14.02 6.75 47.54
C GLY A 108 14.08 5.37 46.91
N GLY A 109 15.24 5.00 46.39
CA GLY A 109 15.45 3.70 45.78
C GLY A 109 15.60 3.80 44.28
N HIS A 110 15.89 2.63 43.68
CA HIS A 110 16.09 2.48 42.24
C HIS A 110 17.26 3.34 41.73
N ARG A 111 18.22 3.61 42.61
CA ARG A 111 19.41 4.35 42.20
C ARG A 111 20.37 3.40 41.49
N THR A 112 20.88 3.83 40.34
CA THR A 112 21.77 2.97 39.57
C THR A 112 23.13 2.90 40.23
N LEU A 113 23.69 1.70 40.31
CA LEU A 113 24.92 1.48 41.05
C LEU A 113 26.12 1.95 40.22
N LEU A 114 26.89 2.89 40.78
CA LEU A 114 28.06 3.43 40.11
C LEU A 114 29.32 2.80 40.70
N TYR A 115 30.36 2.73 39.86
CA TYR A 115 31.64 2.16 40.26
C TYR A 115 32.18 2.87 41.49
N GLY A 116 32.44 2.11 42.55
CA GLY A 116 32.91 2.65 43.81
C GLY A 116 31.86 2.77 44.88
N HIS A 117 30.59 2.59 44.55
CA HIS A 117 29.54 2.66 45.55
C HIS A 117 29.56 1.42 46.43
N ALA A 118 29.37 1.61 47.73
CA ALA A 118 29.27 0.48 48.65
C ALA A 118 27.92 -0.20 48.49
N ILE A 119 27.95 -1.52 48.29
CA ILE A 119 26.75 -2.27 47.94
C ILE A 119 26.47 -3.30 49.03
N LEU A 120 25.20 -3.72 49.09
CA LEU A 120 24.75 -4.75 50.00
C LEU A 120 24.05 -5.84 49.21
N LEU A 121 24.41 -7.09 49.46
CA LEU A 121 23.82 -8.24 48.79
C LEU A 121 22.93 -9.00 49.76
N ARG A 122 21.77 -9.43 49.26
CA ARG A 122 20.82 -10.20 50.06
C ARG A 122 20.38 -11.42 49.26
N HIS A 123 20.26 -12.56 49.95
CA HIS A 123 19.87 -13.79 49.29
C HIS A 123 18.36 -13.81 49.08
N SER A 124 17.95 -14.11 47.84
CA SER A 124 16.53 -14.15 47.52
C SER A 124 15.83 -15.34 48.18
N TYR A 125 16.57 -16.37 48.57
CA TYR A 125 16.00 -17.54 49.21
C TYR A 125 16.35 -17.60 50.69
N SER A 126 17.64 -17.56 51.02
CA SER A 126 18.06 -17.74 52.41
C SER A 126 17.73 -16.54 53.29
N GLY A 127 17.41 -15.40 52.70
CA GLY A 127 17.02 -14.21 53.44
C GLY A 127 18.15 -13.48 54.12
N MET A 128 19.38 -13.98 54.02
CA MET A 128 20.51 -13.41 54.71
C MET A 128 21.34 -12.55 53.76
N TYR A 129 22.49 -12.08 54.23
CA TYR A 129 23.36 -11.20 53.48
C TYR A 129 24.73 -11.83 53.35
N LEU A 130 25.28 -11.81 52.13
CA LEU A 130 26.63 -12.31 51.91
C LEU A 130 27.65 -11.38 52.57
N CYS A 131 28.56 -11.97 53.34
CA CYS A 131 29.48 -11.19 54.15
C CYS A 131 30.84 -11.88 54.20
N CYS A 132 31.82 -11.16 54.73
CA CYS A 132 33.15 -11.70 54.99
C CYS A 132 33.23 -12.05 56.47
N LEU A 133 33.25 -13.35 56.76
CA LEU A 133 33.24 -13.81 58.15
C LEU A 133 34.55 -13.47 58.85
N SER A 134 34.45 -13.19 60.15
CA SER A 134 35.62 -12.89 60.96
C SER A 134 36.45 -14.12 61.27
N THR A 135 35.98 -15.32 60.93
CA THR A 135 36.71 -16.54 61.19
C THR A 135 37.81 -16.71 60.13
N SER A 136 38.41 -17.89 60.09
CA SER A 136 39.58 -18.12 59.25
C SER A 136 39.52 -19.58 58.77
N ARG A 137 40.67 -20.10 58.34
CA ARG A 137 40.83 -21.47 57.88
C ARG A 137 40.03 -21.72 56.61
N SER A 138 38.84 -22.33 56.75
CA SER A 138 38.01 -22.72 55.61
C SER A 138 38.80 -23.60 54.63
N SER A 139 39.58 -24.54 55.19
CA SER A 139 40.44 -25.43 54.42
C SER A 139 41.46 -24.68 53.57
N THR A 140 41.92 -23.53 54.07
CA THR A 140 42.94 -22.74 53.40
C THR A 140 44.07 -22.44 54.37
N ASP A 141 45.27 -22.24 53.82
CA ASP A 141 46.47 -21.96 54.60
C ASP A 141 47.07 -20.65 54.09
N LYS A 142 46.58 -19.54 54.61
CA LYS A 142 47.03 -18.20 54.22
C LYS A 142 46.51 -17.21 55.26
N LEU A 143 46.64 -15.92 54.96
CA LEU A 143 46.09 -14.86 55.77
C LEU A 143 44.65 -14.50 55.39
N ALA A 144 44.07 -15.25 54.44
CA ALA A 144 42.75 -14.94 53.92
C ALA A 144 41.66 -15.26 54.93
N PHE A 145 40.45 -14.79 54.62
CA PHE A 145 39.26 -15.04 55.42
C PHE A 145 38.30 -15.94 54.64
N ASP A 146 37.11 -16.14 55.19
CA ASP A 146 36.09 -16.99 54.58
C ASP A 146 34.81 -16.20 54.37
N VAL A 147 34.08 -16.56 53.32
CA VAL A 147 32.83 -15.90 52.96
C VAL A 147 31.66 -16.70 53.52
N GLY A 148 30.61 -15.99 53.91
CA GLY A 148 29.44 -16.65 54.45
C GLY A 148 28.27 -15.70 54.52
N LEU A 149 27.19 -16.19 55.13
CA LEU A 149 25.94 -15.44 55.25
C LEU A 149 25.63 -15.21 56.72
N GLN A 150 24.96 -14.07 56.99
CA GLN A 150 24.53 -13.73 58.34
C GLN A 150 23.35 -12.78 58.24
N GLU A 151 22.74 -12.49 59.38
CA GLU A 151 21.51 -11.71 59.43
C GLU A 151 21.74 -10.25 59.81
N ASP A 152 22.56 -9.98 60.82
CA ASP A 152 22.77 -8.61 61.26
C ASP A 152 23.54 -7.82 60.20
N THR A 153 23.07 -6.59 59.94
CA THR A 153 23.69 -5.73 58.94
C THR A 153 24.54 -4.64 59.58
N THR A 154 24.58 -4.57 60.90
CA THR A 154 25.37 -3.55 61.58
C THR A 154 26.86 -3.80 61.39
N GLY A 155 27.64 -2.74 61.61
CA GLY A 155 29.07 -2.81 61.46
C GLY A 155 29.52 -2.57 60.03
N GLU A 156 30.84 -2.47 59.86
CA GLU A 156 31.41 -2.23 58.53
C GLU A 156 31.24 -3.44 57.61
N ALA A 157 30.94 -4.61 58.15
CA ALA A 157 30.72 -5.78 57.32
C ALA A 157 29.41 -5.64 56.55
N CYS A 158 29.07 -6.68 55.79
CA CYS A 158 27.89 -6.77 54.94
C CYS A 158 27.90 -5.77 53.79
N TRP A 159 29.01 -5.09 53.56
CA TRP A 159 29.10 -4.08 52.52
C TRP A 159 30.22 -4.44 51.55
N TRP A 160 29.97 -4.21 50.26
CA TRP A 160 30.94 -4.49 49.21
C TRP A 160 31.05 -3.30 48.27
N THR A 161 32.27 -3.00 47.84
CA THR A 161 32.54 -1.91 46.93
C THR A 161 32.93 -2.47 45.57
N ILE A 162 32.30 -1.97 44.51
CA ILE A 162 32.55 -2.44 43.16
C ILE A 162 33.63 -1.55 42.53
N HIS A 163 34.68 -2.19 42.02
CA HIS A 163 35.73 -1.49 41.33
C HIS A 163 35.89 -2.05 39.92
N PRO A 164 36.10 -1.19 38.92
CA PRO A 164 36.13 -1.66 37.52
C PRO A 164 37.46 -2.31 37.20
N ALA A 165 37.40 -3.53 36.65
CA ALA A 165 38.61 -4.22 36.24
C ALA A 165 39.20 -3.60 34.98
N SER A 166 38.34 -3.13 34.07
CA SER A 166 38.77 -2.54 32.82
C SER A 166 38.93 -1.04 32.96
N LYS A 167 39.90 -0.50 32.22
CA LYS A 167 40.14 0.94 32.21
C LYS A 167 39.19 1.68 31.27
N GLN A 168 38.35 0.96 30.53
CA GLN A 168 37.41 1.61 29.63
C GLN A 168 36.31 2.36 30.38
N ARG A 169 35.88 1.83 31.53
CA ARG A 169 34.80 2.44 32.28
C ARG A 169 35.29 3.37 33.38
N SER A 170 36.33 2.96 34.11
CA SER A 170 36.90 3.72 35.23
C SER A 170 35.86 4.00 36.30
N GLU A 171 36.17 4.93 37.20
CA GLU A 171 35.31 5.22 38.33
C GLU A 171 34.15 6.12 37.92
N GLY A 172 33.00 5.92 38.56
CA GLY A 172 31.85 6.77 38.38
C GLY A 172 31.17 6.63 37.02
N GLU A 173 30.63 5.44 36.74
CA GLU A 173 29.90 5.20 35.51
C GLU A 173 28.73 4.27 35.80
N LYS A 174 27.71 4.36 34.95
CA LYS A 174 26.57 3.46 35.03
C LYS A 174 27.02 2.06 34.62
N VAL A 175 27.05 1.14 35.57
CA VAL A 175 27.58 -0.20 35.33
C VAL A 175 26.58 -0.95 34.46
N ARG A 176 26.95 -1.21 33.21
CA ARG A 176 26.09 -1.91 32.27
C ARG A 176 26.20 -3.42 32.48
N VAL A 177 25.41 -4.17 31.72
CA VAL A 177 25.44 -5.63 31.82
C VAL A 177 26.61 -6.17 31.01
N GLY A 178 27.04 -7.38 31.37
CA GLY A 178 28.13 -8.04 30.68
C GLY A 178 29.52 -7.50 30.96
N ASP A 179 29.66 -6.62 31.95
CA ASP A 179 30.95 -6.04 32.27
C ASP A 179 31.69 -6.94 33.27
N ASP A 180 32.88 -6.50 33.67
CA ASP A 180 33.69 -7.21 34.66
C ASP A 180 33.86 -6.31 35.87
N LEU A 181 33.60 -6.87 37.05
CA LEU A 181 33.65 -6.12 38.30
C LEU A 181 34.57 -6.82 39.30
N ILE A 182 35.18 -6.02 40.16
CA ILE A 182 36.04 -6.52 41.24
C ILE A 182 35.44 -6.04 42.55
N LEU A 183 35.24 -6.96 43.49
CA LEU A 183 34.61 -6.66 44.77
C LEU A 183 35.68 -6.67 45.86
N VAL A 184 35.84 -5.56 46.55
CA VAL A 184 36.86 -5.40 47.59
C VAL A 184 36.35 -4.44 48.68
N SER A 185 36.22 -4.96 49.89
CA SER A 185 35.61 -4.20 51.00
C SER A 185 35.86 -4.95 52.30
N VAL A 186 35.09 -4.57 53.33
CA VAL A 186 35.06 -5.16 54.67
C VAL A 186 36.41 -4.93 55.35
N SER A 187 37.04 -5.99 55.87
CA SER A 187 38.11 -5.84 56.85
C SER A 187 39.46 -6.40 56.39
N SER A 188 39.59 -6.79 55.13
CA SER A 188 40.88 -7.27 54.65
C SER A 188 41.20 -6.83 53.22
N GLU A 189 40.38 -5.98 52.61
CA GLU A 189 40.49 -5.62 51.19
C GLU A 189 40.58 -6.88 50.32
N ARG A 190 39.80 -7.88 50.66
CA ARG A 190 39.88 -9.16 49.99
C ARG A 190 39.15 -9.11 48.66
N TYR A 191 39.29 -10.18 47.87
CA TYR A 191 38.61 -10.32 46.60
C TYR A 191 37.96 -11.69 46.54
N LEU A 192 36.88 -11.78 45.75
CA LEU A 192 36.17 -13.04 45.56
C LEU A 192 37.03 -13.94 44.66
N HIS A 193 38.06 -14.52 45.27
CA HIS A 193 39.07 -15.27 44.55
C HIS A 193 38.66 -16.72 44.38
N LEU A 194 38.94 -17.27 43.20
CA LEU A 194 38.66 -18.68 42.91
C LEU A 194 39.91 -19.49 43.25
N SER A 195 39.93 -20.07 44.45
CA SER A 195 41.05 -20.89 44.89
C SER A 195 40.85 -22.30 44.35
N TYR A 196 41.56 -22.63 43.27
CA TYR A 196 41.47 -23.95 42.66
C TYR A 196 42.39 -24.97 43.33
N GLY A 197 43.19 -24.55 44.32
CA GLY A 197 44.12 -25.45 44.98
C GLY A 197 43.48 -26.43 45.94
N ASN A 198 42.22 -26.24 46.30
CA ASN A 198 41.52 -27.15 47.21
C ASN A 198 40.79 -28.24 46.44
N SER A 199 41.51 -28.88 45.51
CA SER A 199 41.03 -30.00 44.70
C SER A 199 39.87 -29.63 43.77
N SER A 200 39.45 -28.37 43.82
CA SER A 200 38.33 -27.85 43.03
C SER A 200 38.29 -26.33 43.25
N TRP A 201 37.32 -25.69 42.61
CA TRP A 201 37.10 -24.27 42.83
C TRP A 201 36.63 -24.01 44.24
N HIS A 202 37.11 -22.92 44.84
CA HIS A 202 36.78 -22.59 46.22
C HIS A 202 36.88 -21.08 46.39
N VAL A 203 35.78 -20.45 46.77
CA VAL A 203 35.77 -19.01 47.00
C VAL A 203 36.22 -18.73 48.43
N ASP A 204 37.23 -17.88 48.56
CA ASP A 204 37.72 -17.45 49.87
C ASP A 204 38.14 -16.00 49.75
N ALA A 205 38.25 -15.34 50.90
CA ALA A 205 38.57 -13.92 50.96
C ALA A 205 40.08 -13.69 50.80
N ALA A 206 40.59 -14.10 49.66
CA ALA A 206 42.01 -13.99 49.37
C ALA A 206 42.37 -12.57 48.95
N PHE A 207 43.68 -12.31 48.88
CA PHE A 207 44.20 -10.98 48.57
C PHE A 207 44.56 -10.80 47.10
N GLN A 208 44.30 -11.80 46.27
CA GLN A 208 44.56 -11.71 44.84
C GLN A 208 43.24 -11.51 44.10
N GLN A 209 43.19 -10.46 43.28
CA GLN A 209 41.96 -10.13 42.58
C GLN A 209 41.62 -11.18 41.53
N THR A 210 40.32 -11.33 41.27
CA THR A 210 39.82 -12.31 40.32
C THR A 210 38.64 -11.71 39.58
N LEU A 211 38.55 -12.02 38.28
CA LEU A 211 37.44 -11.54 37.46
C LEU A 211 36.12 -12.07 37.99
N TRP A 212 35.08 -11.24 37.89
CA TRP A 212 33.74 -11.64 38.32
C TRP A 212 32.72 -10.85 37.51
N SER A 213 32.03 -11.54 36.61
CA SER A 213 31.04 -10.90 35.75
C SER A 213 29.68 -10.86 36.46
N VAL A 214 28.72 -10.18 35.83
CA VAL A 214 27.37 -10.06 36.35
C VAL A 214 26.40 -10.38 35.22
N ALA A 215 25.21 -10.86 35.59
CA ALA A 215 24.16 -11.16 34.64
C ALA A 215 22.81 -10.80 35.23
N PRO A 216 21.84 -10.45 34.40
CA PRO A 216 20.48 -10.28 34.89
C PRO A 216 19.73 -11.61 34.92
N ILE A 217 19.32 -12.06 36.10
CA ILE A 217 18.78 -13.42 36.20
C ILE A 217 17.31 -13.47 35.79
N SER A 218 16.44 -12.73 36.48
CA SER A 218 15.00 -12.85 36.21
C SER A 218 14.37 -11.56 35.69
N SER A 219 14.29 -10.51 36.51
CA SER A 219 13.60 -9.27 36.19
C SER A 219 13.74 -8.34 37.39
N GLY A 220 13.40 -7.07 37.17
CA GLY A 220 13.37 -6.10 38.25
C GLY A 220 12.28 -5.07 38.10
N SER A 221 11.37 -5.29 37.15
CA SER A 221 10.35 -4.29 36.81
C SER A 221 8.93 -4.78 37.08
N GLU A 222 8.54 -5.92 36.54
CA GLU A 222 7.15 -6.35 36.55
C GLU A 222 6.88 -7.29 37.72
N ALA A 223 5.68 -7.16 38.30
CA ALA A 223 5.21 -8.04 39.34
C ALA A 223 4.57 -9.28 38.69
N ALA A 224 3.84 -10.06 39.49
CA ALA A 224 3.16 -11.24 38.97
C ALA A 224 2.13 -10.85 37.91
N GLN A 225 1.06 -10.16 38.33
CA GLN A 225 0.07 -9.57 37.42
C GLN A 225 -0.50 -10.59 36.44
N GLY A 226 -0.63 -11.84 36.86
CA GLY A 226 -1.07 -12.88 35.98
C GLY A 226 -0.10 -13.15 34.84
N TYR A 227 1.19 -13.25 35.18
CA TYR A 227 2.23 -13.52 34.20
C TYR A 227 3.22 -14.50 34.80
N LEU A 228 3.23 -15.72 34.28
CA LEU A 228 4.13 -16.75 34.80
C LEU A 228 5.58 -16.38 34.55
N ILE A 229 6.33 -16.20 35.63
CA ILE A 229 7.73 -15.83 35.53
C ILE A 229 8.58 -17.09 35.49
N GLY A 230 9.81 -16.95 34.99
CA GLY A 230 10.71 -18.08 34.91
C GLY A 230 11.36 -18.39 36.25
N GLY A 231 10.90 -19.46 36.89
CA GLY A 231 11.42 -19.85 38.18
C GLY A 231 10.51 -19.44 39.31
N ASP A 232 9.68 -20.37 39.76
CA ASP A 232 8.69 -20.12 40.80
C ASP A 232 8.02 -21.45 41.14
N VAL A 233 7.39 -21.49 42.30
CA VAL A 233 6.64 -22.65 42.74
C VAL A 233 5.19 -22.49 42.29
N LEU A 234 4.67 -23.48 41.57
CA LEU A 234 3.33 -23.40 41.01
C LEU A 234 2.64 -24.75 41.11
N ARG A 235 1.32 -24.72 40.94
CA ARG A 235 0.48 -25.90 40.98
C ARG A 235 0.20 -26.42 39.58
N LEU A 236 -0.34 -27.64 39.51
CA LEU A 236 -0.65 -28.31 38.26
C LEU A 236 -2.04 -28.93 38.31
N LEU A 237 -3.03 -28.14 38.71
CA LEU A 237 -4.40 -28.62 38.77
C LEU A 237 -4.93 -28.92 37.37
N HIS A 238 -5.59 -30.07 37.22
CA HIS A 238 -6.09 -30.52 35.93
C HIS A 238 -7.59 -30.27 35.78
N GLY A 239 -8.38 -30.82 36.69
CA GLY A 239 -9.82 -30.68 36.66
C GLY A 239 -10.36 -29.40 37.26
N HIS A 240 -9.48 -28.45 37.56
CA HIS A 240 -9.76 -27.14 38.14
C HIS A 240 -10.28 -27.21 39.57
N MET A 241 -10.48 -28.41 40.13
CA MET A 241 -10.92 -28.55 41.51
C MET A 241 -10.07 -29.57 42.26
N ASP A 242 -9.57 -30.56 41.55
CA ASP A 242 -8.87 -31.68 42.17
C ASP A 242 -7.99 -32.34 41.11
N GLU A 243 -7.57 -33.59 41.38
CA GLU A 243 -6.78 -34.45 40.49
C GLU A 243 -5.58 -33.70 39.87
N CYS A 244 -4.73 -33.19 40.74
CA CYS A 244 -3.44 -32.66 40.33
C CYS A 244 -2.37 -33.73 40.45
N LEU A 245 -1.26 -33.52 39.76
CA LEU A 245 -0.15 -34.47 39.80
C LEU A 245 0.45 -34.52 41.19
N THR A 246 0.66 -35.74 41.69
CA THR A 246 1.08 -35.94 43.08
C THR A 246 2.15 -37.03 43.15
N VAL A 247 3.14 -36.80 44.02
CA VAL A 247 4.19 -37.78 44.30
C VAL A 247 3.86 -38.44 45.64
N PRO A 248 3.96 -39.75 45.76
CA PRO A 248 3.61 -40.41 47.03
C PRO A 248 4.59 -40.07 48.14
N SER A 249 4.11 -40.23 49.36
CA SER A 249 4.89 -39.91 50.56
C SER A 249 4.51 -40.91 51.64
N GLY A 250 4.84 -40.59 52.89
CA GLY A 250 4.61 -41.51 53.99
C GLY A 250 5.48 -42.74 53.89
N GLU A 251 6.79 -42.51 53.69
CA GLU A 251 7.84 -43.50 53.48
C GLU A 251 7.72 -44.20 52.13
N HIS A 252 6.66 -43.93 51.36
CA HIS A 252 6.62 -44.43 49.98
C HIS A 252 7.59 -43.66 49.10
N GLY A 253 7.71 -42.36 49.33
CA GLY A 253 8.73 -41.59 48.63
C GLY A 253 10.13 -41.92 49.11
N GLU A 254 11.09 -41.63 48.24
CA GLU A 254 12.53 -41.89 48.40
C GLU A 254 12.86 -43.38 48.44
N GLU A 255 11.86 -44.26 48.36
CA GLU A 255 12.08 -45.69 48.20
C GLU A 255 11.62 -46.15 46.82
N GLN A 256 10.36 -45.90 46.46
CA GLN A 256 9.95 -46.00 45.07
C GLN A 256 10.30 -44.73 44.32
N ARG A 257 9.69 -43.61 44.72
CA ARG A 257 10.00 -42.27 44.23
C ARG A 257 9.87 -42.14 42.71
N ARG A 258 9.00 -42.93 42.10
CA ARG A 258 8.80 -42.89 40.66
C ARG A 258 7.36 -42.63 40.25
N THR A 259 6.39 -43.13 41.02
CA THR A 259 4.99 -43.00 40.63
C THR A 259 4.56 -41.54 40.64
N VAL A 260 3.85 -41.13 39.58
CA VAL A 260 3.28 -39.80 39.52
C VAL A 260 1.77 -39.93 39.63
N HIS A 261 1.26 -39.84 40.85
CA HIS A 261 -0.17 -40.01 41.09
C HIS A 261 -0.94 -38.80 40.56
N TYR A 262 -1.99 -39.07 39.80
CA TYR A 262 -2.87 -38.02 39.29
C TYR A 262 -4.06 -37.81 40.25
N GLU A 263 -3.74 -37.62 41.53
CA GLU A 263 -4.72 -37.62 42.60
C GLU A 263 -4.74 -36.28 43.31
N GLY A 264 -5.92 -35.74 43.53
CA GLY A 264 -6.12 -34.52 44.27
C GLY A 264 -6.61 -34.77 45.68
N GLY A 265 -7.43 -33.84 46.18
CA GLY A 265 -7.98 -33.97 47.51
C GLY A 265 -7.33 -33.03 48.51
N ALA A 266 -7.05 -33.53 49.72
CA ALA A 266 -6.40 -32.73 50.75
C ALA A 266 -4.96 -32.40 50.40
N VAL A 267 -4.34 -33.13 49.47
CA VAL A 267 -2.99 -32.82 49.02
C VAL A 267 -2.93 -31.46 48.32
N SER A 268 -4.04 -31.02 47.73
CA SER A 268 -4.06 -29.78 46.95
C SER A 268 -3.68 -28.57 47.79
N VAL A 269 -4.50 -28.24 48.77
CA VAL A 269 -4.23 -27.03 49.55
C VAL A 269 -3.08 -27.24 50.54
N HIS A 270 -2.89 -28.45 51.06
CA HIS A 270 -1.68 -28.81 51.79
C HIS A 270 -0.64 -29.27 50.77
N ALA A 271 -0.11 -28.28 50.05
CA ALA A 271 0.47 -28.48 48.72
C ALA A 271 1.82 -29.18 48.80
N ARG A 272 1.77 -30.50 48.99
CA ARG A 272 2.92 -31.32 48.63
C ARG A 272 3.12 -31.32 47.11
N SER A 273 2.02 -31.30 46.37
CA SER A 273 2.03 -31.27 44.90
C SER A 273 2.44 -29.87 44.44
N LEU A 274 3.74 -29.62 44.45
CA LEU A 274 4.30 -28.36 43.99
C LEU A 274 5.55 -28.63 43.18
N TRP A 275 5.65 -27.96 42.03
CA TRP A 275 6.79 -28.14 41.12
C TRP A 275 7.39 -26.78 40.80
N ARG A 276 8.72 -26.69 40.92
CA ARG A 276 9.46 -25.48 40.58
C ARG A 276 10.10 -25.67 39.22
N LEU A 277 9.89 -24.71 38.33
CA LEU A 277 10.37 -24.78 36.96
C LEU A 277 11.66 -23.99 36.81
N GLU A 278 12.56 -24.49 35.96
CA GLU A 278 13.81 -23.82 35.65
C GLU A 278 13.95 -23.72 34.13
N THR A 279 14.60 -22.64 33.68
CA THR A 279 14.79 -22.38 32.27
C THR A 279 16.22 -22.71 31.86
N LEU A 280 16.39 -23.09 30.59
CA LEU A 280 17.71 -23.42 30.08
C LEU A 280 18.60 -22.18 30.03
N ARG A 281 18.04 -21.04 29.63
CA ARG A 281 18.81 -19.80 29.57
C ARG A 281 19.11 -19.29 30.97
N VAL A 282 20.29 -18.68 31.13
CA VAL A 282 20.72 -18.15 32.41
C VAL A 282 20.41 -16.66 32.47
N ALA A 283 20.92 -15.91 31.49
CA ALA A 283 20.64 -14.48 31.43
C ALA A 283 19.18 -14.26 31.07
N TRP A 284 18.51 -13.42 31.86
CA TRP A 284 17.07 -13.18 31.75
C TRP A 284 16.29 -14.50 31.82
N SER A 285 16.68 -15.35 32.77
CA SER A 285 16.02 -16.64 32.95
C SER A 285 14.57 -16.46 33.35
N GLY A 286 14.29 -15.52 34.25
CA GLY A 286 12.94 -15.29 34.71
C GLY A 286 12.17 -14.33 33.83
N SER A 287 11.98 -14.71 32.56
CA SER A 287 11.19 -13.91 31.66
C SER A 287 9.70 -14.15 31.90
N HIS A 288 8.87 -13.37 31.21
CA HIS A 288 7.42 -13.54 31.33
C HIS A 288 6.92 -14.80 30.65
N ILE A 289 7.79 -15.49 29.89
CA ILE A 289 7.52 -16.78 29.27
C ILE A 289 6.45 -16.65 28.18
N ARG A 290 6.85 -16.91 26.93
CA ARG A 290 5.91 -16.89 25.82
C ARG A 290 5.00 -18.12 25.90
N TRP A 291 4.13 -18.26 24.89
CA TRP A 291 3.22 -19.39 24.88
C TRP A 291 3.93 -20.71 24.67
N GLY A 292 5.15 -20.70 24.13
CA GLY A 292 5.91 -21.93 23.98
C GLY A 292 7.40 -21.75 24.16
N GLN A 293 7.97 -22.48 25.12
CA GLN A 293 9.41 -22.50 25.40
C GLN A 293 9.71 -23.64 26.38
N PRO A 294 10.84 -24.32 26.23
CA PRO A 294 11.14 -25.43 27.14
C PRO A 294 11.50 -24.94 28.54
N PHE A 295 11.20 -25.79 29.52
CA PHE A 295 11.57 -25.51 30.91
C PHE A 295 11.63 -26.83 31.68
N ARG A 296 12.73 -27.03 32.41
CA ARG A 296 12.87 -28.22 33.23
C ARG A 296 12.03 -28.10 34.49
N LEU A 297 11.57 -29.23 34.99
CA LEU A 297 10.68 -29.28 36.15
C LEU A 297 11.29 -30.18 37.23
N ARG A 298 11.30 -29.69 38.47
CA ARG A 298 11.80 -30.43 39.62
C ARG A 298 10.79 -30.32 40.75
N HIS A 299 10.49 -31.44 41.40
CA HIS A 299 9.60 -31.43 42.54
C HIS A 299 10.25 -30.71 43.72
N VAL A 300 9.43 -29.96 44.47
CA VAL A 300 9.95 -29.16 45.56
C VAL A 300 10.37 -30.00 46.75
N THR A 301 9.83 -31.21 46.89
CA THR A 301 10.16 -32.08 48.02
C THR A 301 11.10 -33.21 47.65
N THR A 302 11.07 -33.68 46.40
CA THR A 302 11.94 -34.75 45.94
C THR A 302 12.82 -34.25 44.81
N GLY A 303 14.08 -34.65 44.83
CA GLY A 303 15.04 -34.21 43.83
C GLY A 303 14.90 -34.88 42.48
N LYS A 304 13.93 -35.76 42.32
CA LYS A 304 13.70 -36.45 41.05
C LYS A 304 13.15 -35.47 40.03
N TYR A 305 13.96 -35.15 39.02
CA TYR A 305 13.50 -34.28 37.96
C TYR A 305 12.44 -34.97 37.12
N LEU A 306 11.45 -34.19 36.67
CA LEU A 306 10.40 -34.75 35.82
C LEU A 306 10.97 -35.06 34.43
N SER A 307 11.00 -36.34 34.09
CA SER A 307 11.50 -36.78 32.80
C SER A 307 10.54 -37.81 32.22
N LEU A 308 10.46 -37.87 30.90
CA LEU A 308 9.53 -38.74 30.21
C LEU A 308 10.22 -40.01 29.74
N MET A 309 9.48 -41.12 29.80
CA MET A 309 9.96 -42.42 29.34
C MET A 309 9.45 -42.69 27.93
N GLU A 310 9.83 -43.84 27.39
CA GLU A 310 9.45 -44.20 26.02
C GLU A 310 8.00 -44.63 25.90
N ASP A 311 7.32 -44.92 27.01
CA ASP A 311 5.95 -45.40 27.01
C ASP A 311 4.92 -44.30 27.21
N LYS A 312 5.24 -43.06 26.79
CA LYS A 312 4.36 -41.90 26.90
C LYS A 312 3.98 -41.59 28.35
N ASN A 313 4.81 -42.00 29.31
CA ASN A 313 4.59 -41.71 30.71
C ASN A 313 5.87 -41.17 31.33
N LEU A 314 5.73 -40.44 32.44
CA LEU A 314 6.86 -39.75 33.02
C LEU A 314 7.65 -40.66 33.98
N LEU A 315 7.00 -41.09 35.07
CA LEU A 315 7.60 -41.94 36.10
C LEU A 315 8.87 -41.36 36.70
N LEU A 316 9.11 -40.06 36.52
CA LEU A 316 10.24 -39.32 37.08
C LEU A 316 11.61 -39.85 36.65
N MET A 317 12.66 -39.17 37.07
CA MET A 317 14.04 -39.58 36.85
C MET A 317 14.93 -38.75 37.78
N ASP A 318 16.13 -39.26 38.03
CA ASP A 318 17.05 -38.59 38.94
C ASP A 318 17.55 -37.28 38.33
N LYS A 319 18.06 -36.41 39.21
CA LYS A 319 18.57 -35.11 38.76
C LYS A 319 19.80 -35.27 37.88
N GLU A 320 20.68 -36.20 38.23
CA GLU A 320 21.92 -36.42 37.47
C GLU A 320 21.69 -37.21 36.18
N LYS A 321 20.48 -37.70 35.95
CA LYS A 321 20.17 -38.47 34.74
C LYS A 321 18.88 -37.91 34.15
N ALA A 322 19.02 -37.00 33.18
CA ALA A 322 17.88 -36.39 32.50
C ALA A 322 18.04 -36.51 31.00
N ASP A 323 16.92 -36.51 30.30
CA ASP A 323 16.91 -36.63 28.85
C ASP A 323 17.01 -35.25 28.20
N VAL A 324 17.30 -35.24 26.90
CA VAL A 324 17.47 -33.98 26.19
C VAL A 324 16.16 -33.48 25.58
N LYS A 325 15.25 -34.38 25.20
CA LYS A 325 13.95 -34.01 24.67
C LYS A 325 12.79 -34.43 25.54
N SER A 326 13.00 -35.34 26.48
CA SER A 326 11.97 -35.77 27.41
C SER A 326 11.95 -34.94 28.69
N THR A 327 12.81 -33.93 28.78
CA THR A 327 12.83 -33.01 29.92
C THR A 327 12.60 -31.57 29.53
N ALA A 328 12.53 -31.25 28.24
CA ALA A 328 12.36 -29.87 27.80
C ALA A 328 11.01 -29.32 28.22
N PHE A 329 9.93 -30.05 27.90
CA PHE A 329 8.56 -29.71 28.29
C PHE A 329 8.19 -28.30 27.84
N ALA A 330 8.21 -28.10 26.53
CA ALA A 330 7.85 -26.80 25.97
C ALA A 330 6.37 -26.52 26.19
N PHE A 331 6.06 -25.31 26.66
CA PHE A 331 4.68 -24.93 26.91
C PHE A 331 3.90 -24.90 25.60
N ARG A 332 2.58 -25.09 25.71
CA ARG A 332 1.72 -25.19 24.54
C ARG A 332 0.74 -24.02 24.50
N SER A 333 0.56 -23.45 23.32
CA SER A 333 -0.35 -22.34 23.11
C SER A 333 -1.80 -22.85 23.13
N SER A 334 -2.74 -21.97 22.78
CA SER A 334 -4.15 -22.31 22.83
C SER A 334 -4.56 -23.33 21.77
N LYS A 335 -3.73 -23.55 20.76
CA LYS A 335 -4.06 -24.47 19.67
C LYS A 335 -3.06 -25.61 19.63
N GLU A 336 -3.56 -26.80 19.28
CA GLU A 336 -2.73 -28.00 19.20
C GLU A 336 -2.04 -28.04 17.83
N LYS A 337 -1.46 -29.20 17.51
CA LYS A 337 -0.76 -29.45 16.25
C LYS A 337 0.41 -28.47 16.06
N LEU A 338 1.36 -28.56 16.98
CA LEU A 338 2.58 -27.74 16.97
C LEU A 338 2.28 -26.25 16.96
N ARG A 343 12.65 -17.48 17.29
CA ARG A 343 12.76 -16.79 18.58
C ARG A 343 13.71 -17.54 19.52
N LYS A 344 14.99 -17.19 19.44
CA LYS A 344 16.02 -17.82 20.26
C LYS A 344 16.61 -16.89 21.31
N GLU A 345 16.80 -15.62 21.00
CA GLU A 345 17.40 -14.68 21.93
C GLU A 345 16.34 -14.18 22.90
N VAL A 346 16.55 -14.41 24.20
CA VAL A 346 15.65 -13.99 25.25
C VAL A 346 16.45 -13.11 26.20
N ASP A 347 16.33 -11.80 26.04
CA ASP A 347 17.01 -10.83 26.90
C ASP A 347 16.05 -9.72 27.30
N GLY A 348 14.82 -10.09 27.66
CA GLY A 348 13.79 -9.13 28.00
C GLY A 348 12.42 -9.65 27.60
N MET A 349 11.42 -9.41 28.45
CA MET A 349 10.08 -9.92 28.18
C MET A 349 9.04 -8.94 28.69
N GLY A 350 8.00 -8.73 27.87
CA GLY A 350 6.86 -7.93 28.26
C GLY A 350 5.57 -8.58 27.78
N THR A 351 5.58 -9.91 27.73
CA THR A 351 4.47 -10.65 27.13
C THR A 351 3.28 -10.76 28.07
N SER A 352 3.49 -11.36 29.24
CA SER A 352 2.41 -11.68 30.19
C SER A 352 1.32 -12.51 29.52
N GLU A 353 1.75 -13.52 28.76
CA GLU A 353 0.83 -14.30 27.95
C GLU A 353 -0.05 -15.23 28.79
N ILE A 354 0.52 -15.88 29.79
CA ILE A 354 -0.18 -16.90 30.57
C ILE A 354 -0.51 -16.33 31.93
N LYS A 355 -1.78 -16.45 32.33
CA LYS A 355 -2.22 -16.02 33.65
C LYS A 355 -1.93 -17.10 34.68
N TYR A 356 -1.84 -16.67 35.95
CA TYR A 356 -1.55 -17.61 37.03
C TYR A 356 -2.75 -18.48 37.38
N GLY A 357 -3.96 -17.95 37.26
CA GLY A 357 -5.15 -18.71 37.58
C GLY A 357 -6.31 -18.46 36.63
N ASP A 358 -6.03 -17.78 35.53
CA ASP A 358 -7.04 -17.46 34.52
C ASP A 358 -6.66 -17.99 33.15
N SER A 359 -5.88 -19.08 33.12
CA SER A 359 -5.46 -19.69 31.87
C SER A 359 -5.48 -21.20 32.02
N ILE A 360 -5.62 -21.88 30.88
CA ILE A 360 -5.63 -23.34 30.82
C ILE A 360 -4.44 -23.79 30.00
N CYS A 361 -3.64 -24.70 30.56
CA CYS A 361 -2.44 -25.21 29.91
C CYS A 361 -2.71 -26.58 29.32
N TYR A 362 -2.14 -26.83 28.14
CA TYR A 362 -2.25 -28.10 27.43
C TYR A 362 -0.87 -28.61 27.09
N ILE A 363 0.00 -28.68 28.10
CA ILE A 363 1.44 -28.93 27.97
C ILE A 363 1.75 -30.05 26.99
N GLN A 364 2.60 -29.75 26.01
CA GLN A 364 2.90 -30.68 24.92
C GLN A 364 4.40 -30.98 24.94
N HIS A 365 4.73 -32.26 25.04
CA HIS A 365 6.13 -32.66 24.97
C HIS A 365 6.66 -32.45 23.55
N VAL A 366 7.98 -32.23 23.48
CA VAL A 366 8.59 -31.92 22.19
C VAL A 366 8.54 -33.12 21.26
N ASP A 367 8.66 -34.33 21.79
CA ASP A 367 8.75 -35.53 20.96
C ASP A 367 7.42 -36.25 20.78
N THR A 368 6.53 -36.21 21.75
CA THR A 368 5.30 -37.00 21.68
C THR A 368 4.15 -36.24 21.02
N GLY A 369 3.72 -35.14 21.62
CA GLY A 369 2.68 -34.30 21.08
C GLY A 369 1.57 -33.96 22.06
N LEU A 370 1.10 -34.95 22.82
CA LEU A 370 0.13 -34.64 23.87
C LEU A 370 0.60 -35.09 25.25
N TRP A 371 0.92 -36.38 25.38
CA TRP A 371 1.45 -36.98 26.60
C TRP A 371 0.51 -36.85 27.79
N LEU A 372 0.29 -35.62 28.27
CA LEU A 372 -0.45 -35.40 29.51
C LEU A 372 -1.95 -35.49 29.25
N THR A 373 -2.60 -36.43 29.92
CA THR A 373 -4.04 -36.69 29.82
C THR A 373 -4.42 -37.67 30.91
N TYR A 374 -5.58 -37.48 31.53
CA TYR A 374 -6.00 -38.40 32.58
C TYR A 374 -6.31 -39.77 32.00
N GLN A 375 -6.17 -40.80 32.84
CA GLN A 375 -6.45 -42.18 32.46
C GLN A 375 -7.03 -42.89 33.66
N ALA A 376 -8.36 -42.95 33.73
CA ALA A 376 -9.04 -43.58 34.85
C ALA A 376 -8.96 -45.10 34.75
N ILE A 387 -9.67 -41.63 41.67
CA ILE A 387 -8.75 -40.51 41.86
C ILE A 387 -7.35 -40.90 41.40
N GLN A 388 -7.11 -42.20 41.28
CA GLN A 388 -5.80 -42.72 40.88
C GLN A 388 -5.77 -42.87 39.36
N ARG A 389 -5.08 -41.96 38.68
CA ARG A 389 -4.98 -42.00 37.24
C ARG A 389 -3.52 -42.01 36.79
N LYS A 390 -3.29 -41.88 35.48
CA LYS A 390 -1.93 -41.93 34.93
C LYS A 390 -1.91 -41.11 33.65
N ALA A 391 -0.70 -40.73 33.24
CA ALA A 391 -0.52 -39.97 32.00
C ALA A 391 -0.95 -40.77 30.79
N ILE A 392 -0.22 -41.85 30.49
CA ILE A 392 -0.48 -42.72 29.34
C ILE A 392 -0.64 -41.89 28.07
N MET A 393 -1.77 -42.07 27.38
CA MET A 393 -2.18 -41.25 26.24
C MET A 393 -1.13 -41.29 25.13
N HIS A 394 -0.97 -42.48 24.55
CA HIS A 394 -0.08 -42.66 23.42
C HIS A 394 -0.52 -41.79 22.26
N HIS A 395 0.42 -41.03 21.69
CA HIS A 395 0.18 -40.07 20.63
C HIS A 395 -0.89 -39.06 21.05
N GLU A 396 -2.14 -39.32 20.68
CA GLU A 396 -3.27 -38.47 21.03
C GLU A 396 -4.16 -39.21 22.02
N GLY A 397 -4.38 -38.60 23.18
CA GLY A 397 -5.24 -39.19 24.19
C GLY A 397 -6.66 -38.67 24.13
N HIS A 398 -7.10 -38.00 25.20
CA HIS A 398 -8.42 -37.39 25.24
C HIS A 398 -8.28 -35.88 25.06
N MET A 399 -9.09 -35.32 24.15
CA MET A 399 -8.97 -33.91 23.83
C MET A 399 -9.45 -33.02 24.97
N ASP A 400 -10.38 -33.51 25.79
CA ASP A 400 -10.91 -32.73 26.91
C ASP A 400 -9.95 -32.82 28.10
N ASP A 401 -8.77 -32.24 27.92
CA ASP A 401 -7.73 -32.26 28.94
C ASP A 401 -6.99 -30.93 28.91
N GLY A 402 -7.04 -30.21 30.02
CA GLY A 402 -6.34 -28.95 30.14
C GLY A 402 -5.89 -28.66 31.56
N LEU A 403 -4.61 -28.36 31.73
CA LEU A 403 -4.05 -28.08 33.06
C LEU A 403 -4.41 -26.65 33.45
N ASN A 404 -5.31 -26.51 34.41
CA ASN A 404 -5.71 -25.19 34.90
C ASN A 404 -4.72 -24.76 35.98
N LEU A 405 -3.89 -23.77 35.66
CA LEU A 405 -2.89 -23.30 36.61
C LEU A 405 -3.56 -22.62 37.80
N SER A 406 -2.94 -22.76 38.97
CA SER A 406 -3.41 -22.16 40.20
C SER A 406 -2.44 -21.08 40.65
N ARG A 407 -2.99 -20.05 41.29
CA ARG A 407 -2.17 -18.91 41.73
C ARG A 407 -1.35 -19.27 42.95
N SER A 408 -0.22 -19.94 42.75
CA SER A 408 0.72 -20.22 43.82
C SER A 408 1.69 -19.08 44.08
N GLN A 409 1.94 -18.23 43.08
CA GLN A 409 2.65 -16.99 43.33
C GLN A 409 1.81 -16.10 44.25
N HIS A 410 2.49 -15.38 45.14
CA HIS A 410 1.88 -14.65 46.26
C HIS A 410 1.18 -15.62 47.20
N GLU A 411 0.61 -15.10 48.30
CA GLU A 411 -0.02 -15.91 49.34
C GLU A 411 0.96 -16.95 49.88
N GLU A 412 1.06 -18.09 49.20
CA GLU A 412 2.05 -19.09 49.54
C GLU A 412 3.45 -18.54 49.34
N SER A 413 3.81 -18.27 48.07
CA SER A 413 4.97 -17.48 47.69
C SER A 413 6.28 -17.89 48.36
N ARG A 414 7.01 -16.88 48.85
CA ARG A 414 8.30 -17.09 49.49
C ARG A 414 8.17 -18.01 50.71
N THR A 415 7.06 -17.87 51.45
CA THR A 415 6.87 -18.68 52.66
C THR A 415 6.83 -20.16 52.32
N ALA A 416 5.92 -20.56 51.42
CA ALA A 416 5.81 -21.97 51.05
C ALA A 416 7.05 -22.45 50.31
N ARG A 417 7.69 -21.56 49.54
CA ARG A 417 8.91 -21.94 48.84
C ARG A 417 10.02 -22.33 49.83
N VAL A 418 10.24 -21.50 50.84
CA VAL A 418 11.29 -21.83 51.80
C VAL A 418 10.84 -22.96 52.71
N ILE A 419 9.53 -23.14 52.92
CA ILE A 419 9.06 -24.31 53.65
C ILE A 419 9.47 -25.59 52.92
N ARG A 420 9.18 -25.64 51.61
CA ARG A 420 9.52 -26.81 50.82
C ARG A 420 11.03 -27.01 50.75
N SER A 421 11.79 -25.93 50.59
CA SER A 421 13.24 -26.07 50.50
C SER A 421 13.84 -26.52 51.83
N THR A 422 13.34 -26.01 52.95
CA THR A 422 13.81 -26.46 54.25
C THR A 422 13.45 -27.91 54.50
N VAL A 423 12.26 -28.32 54.09
CA VAL A 423 11.86 -29.72 54.20
C VAL A 423 12.81 -30.60 53.41
N PHE A 424 13.12 -30.18 52.18
CA PHE A 424 14.07 -30.91 51.33
C PHE A 424 15.44 -31.04 52.00
N LEU A 425 15.99 -29.91 52.45
CA LEU A 425 17.33 -29.91 53.01
C LEU A 425 17.40 -30.74 54.29
N PHE A 426 16.42 -30.54 55.19
CA PHE A 426 16.39 -31.30 56.43
C PHE A 426 16.23 -32.79 56.16
N ASN A 427 15.34 -33.15 55.24
CA ASN A 427 15.10 -34.55 54.91
C ASN A 427 16.38 -35.20 54.40
N ARG A 428 17.04 -34.57 53.43
CA ARG A 428 18.26 -35.14 52.87
C ARG A 428 19.35 -35.26 53.94
N PHE A 429 19.51 -34.21 54.76
CA PHE A 429 20.58 -34.20 55.75
C PHE A 429 20.36 -35.27 56.82
N ILE A 430 19.15 -35.36 57.36
CA ILE A 430 18.91 -36.33 58.42
C ILE A 430 18.84 -37.74 57.86
N ARG A 431 18.47 -37.90 56.58
CA ARG A 431 18.54 -39.22 55.96
C ARG A 431 19.97 -39.68 55.83
N GLY A 432 20.86 -38.79 55.38
CA GLY A 432 22.28 -39.12 55.38
C GLY A 432 22.80 -39.43 56.77
N LEU A 433 22.31 -38.70 57.77
CA LEU A 433 22.73 -38.95 59.15
C LEU A 433 22.31 -40.35 59.60
N ASP A 434 21.03 -40.70 59.44
CA ASP A 434 20.55 -41.98 59.95
C ASP A 434 21.12 -43.13 59.13
N ALA A 435 21.38 -42.93 57.84
CA ALA A 435 22.12 -43.93 57.07
C ALA A 435 23.54 -44.09 57.62
N LEU A 436 24.16 -42.98 58.02
CA LEU A 436 25.45 -43.06 58.68
C LEU A 436 25.32 -43.53 60.13
N SER A 437 24.17 -43.27 60.76
CA SER A 437 23.96 -43.67 62.15
C SER A 437 23.75 -45.17 62.31
N LYS A 438 23.58 -45.91 61.22
CA LYS A 438 23.43 -47.35 61.30
C LYS A 438 24.78 -47.98 61.67
N LYS A 439 25.00 -48.17 62.97
CA LYS A 439 26.25 -48.70 63.54
C LYS A 439 27.44 -47.77 63.28
N VAL A 440 28.52 -47.99 64.02
CA VAL A 440 29.72 -47.17 63.87
C VAL A 440 30.52 -47.62 62.65
N ILE A 445 33.12 -42.95 56.64
CA ILE A 445 33.03 -41.49 56.75
C ILE A 445 32.56 -41.10 58.15
N ASP A 446 33.04 -39.97 58.63
CA ASP A 446 32.79 -39.53 60.00
C ASP A 446 31.40 -38.93 60.13
N LEU A 447 30.86 -39.03 61.35
CA LEU A 447 29.54 -38.47 61.63
C LEU A 447 29.62 -36.95 61.69
N PRO A 448 28.77 -36.23 60.94
CA PRO A 448 28.73 -34.77 61.09
C PRO A 448 28.22 -34.38 62.47
N ILE A 449 28.78 -33.30 63.00
CA ILE A 449 28.39 -32.78 64.31
C ILE A 449 28.05 -31.30 64.20
N GLU A 450 28.97 -30.53 63.64
CA GLU A 450 28.76 -29.10 63.49
C GLU A 450 27.58 -28.81 62.57
N SER A 451 27.45 -29.58 61.48
CA SER A 451 26.29 -29.44 60.61
C SER A 451 25.00 -29.76 61.34
N VAL A 452 25.03 -30.79 62.20
CA VAL A 452 23.85 -31.15 62.99
C VAL A 452 23.45 -30.00 63.90
N SER A 453 24.43 -29.42 64.60
CA SER A 453 24.14 -28.31 65.51
C SER A 453 23.61 -27.10 64.76
N LEU A 454 24.21 -26.77 63.62
CA LEU A 454 23.77 -25.62 62.85
C LEU A 454 22.35 -25.81 62.32
N SER A 455 22.06 -27.00 61.77
CA SER A 455 20.72 -27.27 61.26
C SER A 455 19.69 -27.26 62.38
N LEU A 456 20.05 -27.81 63.54
CA LEU A 456 19.13 -27.81 64.67
C LEU A 456 18.84 -26.39 65.15
N GLN A 457 19.87 -25.55 65.23
CA GLN A 457 19.65 -24.16 65.65
C GLN A 457 18.80 -23.41 64.63
N ASP A 458 19.04 -23.65 63.34
CA ASP A 458 18.23 -23.00 62.32
C ASP A 458 16.78 -23.44 62.39
N LEU A 459 16.55 -24.73 62.66
CA LEU A 459 15.17 -25.22 62.79
C LEU A 459 14.51 -24.68 64.05
N ILE A 460 15.28 -24.48 65.14
CA ILE A 460 14.74 -23.86 66.34
C ILE A 460 14.31 -22.43 66.03
N GLY A 461 15.17 -21.67 65.35
CA GLY A 461 14.82 -20.32 64.95
C GLY A 461 13.70 -20.25 63.95
N TYR A 462 13.47 -21.33 63.20
CA TYR A 462 12.39 -21.34 62.21
C TYR A 462 11.03 -21.47 62.88
N PHE A 463 10.94 -22.30 63.93
CA PHE A 463 9.68 -22.54 64.62
C PHE A 463 9.60 -21.80 65.96
N HIS A 464 10.23 -20.63 66.04
CA HIS A 464 10.24 -19.88 67.28
C HIS A 464 8.86 -19.30 67.58
N PRO A 465 8.48 -19.20 68.86
CA PRO A 465 7.23 -18.53 69.20
C PRO A 465 7.29 -17.07 68.81
N PRO A 466 6.14 -16.47 68.50
CA PRO A 466 6.13 -15.10 67.96
C PRO A 466 6.32 -14.00 68.99
N ASP A 467 6.64 -14.35 70.24
CA ASP A 467 6.87 -13.40 71.34
C ASP A 467 5.60 -12.62 71.69
N GLU A 468 5.63 -11.91 72.82
CA GLU A 468 4.46 -11.19 73.30
C GLU A 468 4.57 -9.68 73.18
N HIS A 469 5.79 -9.13 73.03
CA HIS A 469 5.99 -7.69 72.97
C HIS A 469 5.84 -7.18 71.54
N LEU A 470 4.66 -7.44 70.98
CA LEU A 470 4.36 -7.03 69.61
C LEU A 470 2.88 -6.68 69.52
N GLU A 471 2.52 -6.01 68.42
CA GLU A 471 1.13 -5.66 68.17
C GLU A 471 0.29 -6.91 67.90
N HIS A 472 -1.01 -6.79 68.11
CA HIS A 472 -1.91 -7.93 67.99
C HIS A 472 -1.96 -8.45 66.56
N GLU A 473 -2.01 -7.56 65.58
CA GLU A 473 -2.11 -8.01 64.18
C GLU A 473 -0.81 -8.68 63.72
N ASP A 474 0.33 -8.17 64.17
CA ASP A 474 1.60 -8.80 63.83
C ASP A 474 1.71 -10.18 64.47
N LYS A 475 1.28 -10.30 65.73
CA LYS A 475 1.27 -11.59 66.41
C LYS A 475 0.36 -12.58 65.71
N GLN A 476 -0.82 -12.11 65.27
CA GLN A 476 -1.75 -12.99 64.57
C GLN A 476 -1.17 -13.44 63.23
N ASN A 477 -0.54 -12.53 62.49
CA ASN A 477 0.07 -12.89 61.22
C ASN A 477 1.19 -13.90 61.43
N ARG A 478 2.02 -13.69 62.46
CA ARG A 478 3.10 -14.63 62.74
C ARG A 478 2.56 -16.00 63.14
N LEU A 479 1.48 -16.03 63.94
CA LEU A 479 0.88 -17.29 64.33
C LEU A 479 0.29 -18.02 63.13
N ARG A 480 -0.37 -17.29 62.23
CA ARG A 480 -0.91 -17.91 61.02
C ARG A 480 0.20 -18.46 60.13
N ALA A 481 1.29 -17.71 59.98
CA ALA A 481 2.42 -18.19 59.20
C ALA A 481 3.03 -19.44 59.82
N LEU A 482 3.16 -19.45 61.16
CA LEU A 482 3.71 -20.62 61.84
C LEU A 482 2.79 -21.83 61.69
N LYS A 483 1.47 -21.61 61.75
CA LYS A 483 0.53 -22.70 61.55
C LYS A 483 0.63 -23.27 60.14
N ASN A 484 0.77 -22.41 59.13
CA ASN A 484 0.98 -22.88 57.77
C ASN A 484 2.29 -23.66 57.66
N ARG A 485 3.34 -23.17 58.32
CA ARG A 485 4.62 -23.87 58.36
C ARG A 485 4.45 -25.29 58.91
N GLN A 486 3.75 -25.41 60.05
CA GLN A 486 3.58 -26.70 60.68
C GLN A 486 2.72 -27.64 59.83
N ASN A 487 1.64 -27.11 59.25
CA ASN A 487 0.77 -27.96 58.44
C ASN A 487 1.48 -28.45 57.18
N LEU A 488 2.28 -27.59 56.54
CA LEU A 488 3.04 -28.02 55.37
C LEU A 488 4.19 -28.93 55.77
N PHE A 489 4.69 -28.82 57.00
CA PHE A 489 5.71 -29.74 57.48
C PHE A 489 5.12 -31.10 57.81
N GLN A 490 3.84 -31.14 58.16
CA GLN A 490 3.22 -32.39 58.60
C GLN A 490 2.57 -33.17 57.47
N GLU A 491 1.66 -32.54 56.72
CA GLU A 491 0.92 -33.28 55.70
C GLU A 491 1.81 -33.71 54.53
N GLU A 492 2.91 -32.99 54.29
CA GLU A 492 3.93 -33.44 53.34
C GLU A 492 4.79 -34.51 54.01
N GLY A 493 5.99 -34.75 53.48
CA GLY A 493 6.93 -35.63 54.15
C GLY A 493 7.05 -35.26 55.61
N MET A 494 6.53 -36.15 56.47
CA MET A 494 6.20 -35.77 57.84
C MET A 494 7.46 -35.42 58.65
N ILE A 495 8.55 -36.15 58.44
CA ILE A 495 9.86 -35.92 59.06
C ILE A 495 9.81 -36.20 60.56
N ASN A 496 8.72 -35.77 61.22
CA ASN A 496 8.56 -36.00 62.65
C ASN A 496 8.56 -37.49 63.00
N LEU A 497 8.10 -38.35 62.09
CA LEU A 497 8.12 -39.78 62.37
C LEU A 497 9.55 -40.32 62.32
N VAL A 498 10.36 -39.84 61.40
CA VAL A 498 11.77 -40.21 61.36
C VAL A 498 12.64 -39.30 62.22
N LEU A 499 12.11 -38.16 62.66
CA LEU A 499 12.75 -37.44 63.77
C LEU A 499 12.76 -38.32 65.02
N GLU A 500 11.66 -39.03 65.25
CA GLU A 500 11.65 -40.00 66.34
C GLU A 500 12.62 -41.14 66.06
N CYS A 501 12.86 -41.48 64.80
CA CYS A 501 13.89 -42.47 64.47
C CYS A 501 15.29 -41.95 64.81
N ILE A 502 15.52 -40.64 64.63
CA ILE A 502 16.77 -40.06 65.07
C ILE A 502 16.87 -40.10 66.60
N ASP A 503 15.77 -39.80 67.28
CA ASP A 503 15.74 -39.86 68.74
C ASP A 503 15.88 -41.28 69.26
N ARG A 504 15.63 -42.28 68.42
CA ARG A 504 15.67 -43.68 68.83
C ARG A 504 17.05 -44.10 69.33
N LEU A 505 18.11 -43.47 68.83
CA LEU A 505 19.46 -43.85 69.27
C LEU A 505 19.72 -43.41 70.70
N HIS A 506 19.04 -44.05 71.65
CA HIS A 506 19.32 -43.94 73.07
C HIS A 506 20.04 -45.19 73.60
N VAL A 507 20.68 -45.95 72.72
CA VAL A 507 21.36 -47.18 73.08
C VAL A 507 22.69 -46.84 73.76
N TYR A 508 23.02 -45.56 73.80
CA TYR A 508 24.29 -45.12 74.38
C TYR A 508 24.23 -45.12 75.90
N SER A 509 23.24 -44.45 76.49
CA SER A 509 22.92 -44.47 77.92
C SER A 509 24.10 -44.16 78.84
N SER A 510 25.20 -43.63 78.30
CA SER A 510 26.37 -43.33 79.13
C SER A 510 27.03 -41.99 78.84
N ALA A 511 26.86 -41.41 77.66
CA ALA A 511 27.45 -40.15 77.23
C ALA A 511 28.97 -40.16 77.23
N ALA A 512 29.59 -41.32 77.39
CA ALA A 512 31.05 -41.41 77.40
C ALA A 512 31.58 -42.50 76.47
N HIS A 513 30.91 -43.64 76.38
CA HIS A 513 31.45 -44.75 75.60
C HIS A 513 31.03 -44.69 74.12
N PHE A 514 29.77 -44.34 73.85
CA PHE A 514 29.35 -44.19 72.46
C PHE A 514 30.01 -42.99 71.82
N ALA A 515 30.23 -41.93 72.61
CA ALA A 515 30.87 -40.72 72.10
C ALA A 515 32.27 -41.02 71.58
N ASP A 516 33.05 -41.82 72.32
CA ASP A 516 34.42 -42.07 71.90
C ASP A 516 34.56 -43.31 71.04
N VAL A 517 33.53 -44.17 70.92
CA VAL A 517 33.64 -45.24 69.95
C VAL A 517 33.16 -44.76 68.59
N ALA A 518 32.27 -43.77 68.56
CA ALA A 518 31.74 -43.25 67.30
C ALA A 518 32.45 -42.00 66.82
N GLY A 519 33.33 -41.41 67.63
CA GLY A 519 34.01 -40.19 67.22
C GLY A 519 34.42 -39.29 68.36
N ARG A 520 34.01 -38.02 68.30
CA ARG A 520 34.36 -37.03 69.30
C ARG A 520 33.12 -36.26 69.73
N GLU A 521 33.01 -36.02 71.03
CA GLU A 521 31.99 -35.17 71.66
C GLU A 521 30.61 -35.80 71.37
N ALA A 522 29.58 -34.99 71.12
CA ALA A 522 28.20 -35.43 70.91
C ALA A 522 27.66 -36.18 72.12
N GLY A 523 26.44 -36.71 72.00
CA GLY A 523 25.81 -37.42 73.09
C GLY A 523 25.23 -36.55 74.19
N GLU A 524 25.40 -35.23 74.10
CA GLU A 524 24.86 -34.30 75.08
C GLU A 524 23.86 -33.31 74.51
N SER A 525 24.01 -32.93 73.24
CA SER A 525 23.07 -32.04 72.55
C SER A 525 21.74 -32.70 72.22
N TRP A 526 21.53 -33.93 72.68
CA TRP A 526 20.25 -34.62 72.47
C TRP A 526 19.11 -33.92 73.18
N LYS A 527 19.41 -33.24 74.30
CA LYS A 527 18.38 -32.48 75.01
C LYS A 527 17.84 -31.36 74.14
N SER A 528 18.71 -30.72 73.35
CA SER A 528 18.26 -29.70 72.41
C SER A 528 17.28 -30.29 71.40
N ILE A 529 17.59 -31.47 70.86
CA ILE A 529 16.69 -32.13 69.92
C ILE A 529 15.34 -32.40 70.58
N LEU A 530 15.37 -33.01 71.77
CA LEU A 530 14.13 -33.40 72.44
C LEU A 530 13.26 -32.18 72.71
N ASN A 531 13.81 -31.16 73.36
CA ASN A 531 13.02 -29.98 73.71
C ASN A 531 12.55 -29.22 72.47
N SER A 532 13.43 -29.07 71.47
CA SER A 532 13.11 -28.27 70.30
C SER A 532 11.98 -28.90 69.49
N LEU A 533 12.11 -30.18 69.15
CA LEU A 533 11.01 -30.77 68.40
C LEU A 533 9.80 -31.12 69.28
N TYR A 534 9.95 -31.15 70.60
CA TYR A 534 8.77 -31.19 71.46
C TYR A 534 7.96 -29.92 71.31
N GLU A 535 8.64 -28.77 71.36
CA GLU A 535 7.94 -27.50 71.14
C GLU A 535 7.40 -27.40 69.71
N LEU A 536 8.12 -27.97 68.74
CA LEU A 536 7.60 -28.05 67.37
C LEU A 536 6.27 -28.78 67.32
N LEU A 537 6.22 -29.98 67.91
CA LEU A 537 4.99 -30.77 67.91
C LEU A 537 3.88 -30.04 68.67
N ALA A 538 4.25 -29.39 69.77
CA ALA A 538 3.27 -28.64 70.56
C ALA A 538 2.62 -27.54 69.74
N ALA A 539 3.44 -26.69 69.11
CA ALA A 539 2.89 -25.62 68.28
C ALA A 539 2.17 -26.17 67.05
N LEU A 540 2.60 -27.35 66.57
CA LEU A 540 1.95 -27.99 65.44
C LEU A 540 0.52 -28.40 65.77
N ILE A 541 0.30 -28.98 66.95
CA ILE A 541 -1.07 -29.33 67.35
C ILE A 541 -1.84 -28.11 67.83
N ARG A 542 -1.14 -27.07 68.31
CA ARG A 542 -1.77 -25.99 69.07
C ARG A 542 -2.85 -25.26 68.28
N GLY A 543 -2.76 -25.24 66.96
CA GLY A 543 -3.66 -24.41 66.17
C GLY A 543 -5.10 -24.88 66.07
N ASN A 544 -5.35 -25.95 65.32
CA ASN A 544 -6.71 -26.36 65.00
C ASN A 544 -6.85 -27.88 65.10
N ARG A 545 -6.30 -28.47 66.16
CA ARG A 545 -6.39 -29.91 66.42
C ARG A 545 -5.80 -30.72 65.26
N LYS A 546 -4.51 -30.53 65.03
CA LYS A 546 -3.87 -31.06 63.84
C LYS A 546 -3.60 -32.56 63.94
N ASN A 547 -2.74 -32.96 64.88
CA ASN A 547 -2.22 -34.32 64.90
C ASN A 547 -2.15 -34.87 66.31
N CYS A 548 -3.19 -34.63 67.12
CA CYS A 548 -3.21 -35.26 68.43
C CYS A 548 -3.36 -36.77 68.34
N ALA A 549 -4.23 -37.23 67.44
CA ALA A 549 -4.40 -38.67 67.25
C ALA A 549 -3.21 -39.29 66.54
N GLN A 550 -2.48 -38.50 65.73
CA GLN A 550 -1.29 -39.03 65.06
C GLN A 550 -0.20 -39.42 66.05
N PHE A 551 -0.01 -38.61 67.10
CA PHE A 551 0.97 -38.94 68.11
C PHE A 551 0.41 -39.85 69.19
N SER A 552 -0.90 -39.79 69.45
CA SER A 552 -1.51 -40.70 70.40
C SER A 552 -1.53 -42.13 69.88
N GLY A 553 -1.48 -42.32 68.56
CA GLY A 553 -1.41 -43.66 68.00
C GLY A 553 -0.10 -44.36 68.30
N SER A 554 0.96 -43.61 68.62
CA SER A 554 2.24 -44.19 69.04
C SER A 554 2.23 -44.43 70.55
N LEU A 555 1.26 -45.23 70.98
CA LEU A 555 1.12 -45.54 72.41
C LEU A 555 2.34 -46.29 72.93
N ASP A 556 2.86 -47.23 72.14
CA ASP A 556 4.09 -47.92 72.53
C ASP A 556 5.25 -46.94 72.63
N TRP A 557 5.37 -46.02 71.68
CA TRP A 557 6.41 -45.01 71.79
C TRP A 557 6.09 -43.95 72.82
N LEU A 558 4.81 -43.76 73.17
CA LEU A 558 4.50 -42.93 74.33
C LEU A 558 5.02 -43.57 75.62
N ILE A 559 4.88 -44.89 75.74
CA ILE A 559 5.46 -45.60 76.88
C ILE A 559 6.98 -45.52 76.84
N SER A 560 7.55 -45.57 75.63
CA SER A 560 9.00 -45.43 75.49
C SER A 560 9.47 -44.05 75.94
N ARG A 561 8.74 -42.99 75.55
CA ARG A 561 9.04 -41.65 76.02
C ARG A 561 8.84 -41.53 77.52
N LEU A 562 7.94 -42.31 78.09
CA LEU A 562 7.79 -42.41 79.53
C LEU A 562 9.03 -43.13 80.07
N GLU A 563 9.99 -42.36 80.59
CA GLU A 563 11.26 -42.90 81.04
C GLU A 563 11.87 -41.91 82.03
N ARG A 564 12.75 -42.43 82.88
CA ARG A 564 13.51 -41.60 83.83
C ARG A 564 14.99 -41.97 83.72
N LEU A 565 15.66 -41.42 82.71
CA LEU A 565 17.11 -41.52 82.60
C LEU A 565 17.58 -40.39 81.68
N GLU A 566 18.07 -39.31 82.29
CA GLU A 566 18.49 -38.10 81.57
C GLU A 566 17.43 -37.66 80.56
N ALA A 567 16.25 -37.33 81.09
CA ALA A 567 15.09 -37.08 80.26
C ALA A 567 14.40 -35.79 80.69
N SER A 568 13.75 -35.14 79.72
CA SER A 568 12.92 -33.97 79.95
C SER A 568 11.48 -34.31 79.57
N SER A 569 10.54 -33.98 80.46
CA SER A 569 9.13 -34.31 80.28
C SER A 569 8.36 -33.19 79.57
N GLY A 570 9.04 -32.42 78.72
CA GLY A 570 8.36 -31.33 78.03
C GLY A 570 7.32 -31.83 77.04
N ILE A 571 7.62 -32.89 76.30
CA ILE A 571 6.71 -33.37 75.27
C ILE A 571 5.42 -33.91 75.89
N LEU A 572 5.53 -34.57 77.05
CA LEU A 572 4.34 -35.08 77.72
C LEU A 572 3.47 -33.94 78.22
N GLU A 573 4.10 -32.92 78.82
CA GLU A 573 3.37 -31.78 79.34
C GLU A 573 2.64 -31.04 78.22
N VAL A 574 3.34 -30.79 77.10
CA VAL A 574 2.71 -30.04 76.04
C VAL A 574 1.61 -30.86 75.37
N LEU A 575 1.81 -32.18 75.24
CA LEU A 575 0.77 -33.03 74.67
C LEU A 575 -0.49 -33.03 75.54
N HIS A 576 -0.31 -33.12 76.87
CA HIS A 576 -1.47 -33.13 77.74
C HIS A 576 -2.13 -31.76 77.83
N CYS A 577 -1.35 -30.69 77.68
CA CYS A 577 -1.91 -29.34 77.77
C CYS A 577 -2.65 -28.94 76.51
N VAL A 578 -2.16 -29.36 75.33
CA VAL A 578 -2.61 -28.74 74.10
C VAL A 578 -4.05 -29.11 73.78
N LEU A 579 -4.43 -30.37 73.92
CA LEU A 579 -5.69 -30.83 73.37
C LEU A 579 -5.99 -32.24 73.85
N VAL A 580 -7.26 -32.51 74.10
CA VAL A 580 -7.69 -33.88 74.41
C VAL A 580 -7.95 -34.66 73.14
N GLU A 581 -8.70 -34.08 72.20
CA GLU A 581 -9.09 -34.70 70.91
C GLU A 581 -9.82 -36.01 71.23
N SER A 582 -9.40 -37.13 70.64
CA SER A 582 -9.96 -38.42 70.99
C SER A 582 -9.64 -38.74 72.45
N PRO A 583 -10.50 -39.50 73.13
CA PRO A 583 -10.27 -39.80 74.55
C PRO A 583 -8.97 -40.54 74.83
N GLU A 584 -8.28 -41.04 73.82
CA GLU A 584 -7.01 -41.75 74.03
C GLU A 584 -5.97 -40.85 74.68
N ALA A 585 -5.85 -39.60 74.19
CA ALA A 585 -4.79 -38.72 74.66
C ALA A 585 -4.91 -38.38 76.14
N LEU A 586 -6.08 -38.60 76.75
CA LEU A 586 -6.27 -38.36 78.17
C LEU A 586 -6.70 -39.60 78.95
N ASN A 587 -6.79 -40.77 78.30
CA ASN A 587 -7.20 -41.98 79.00
C ASN A 587 -6.28 -43.18 78.79
N ILE A 588 -5.38 -43.16 77.81
CA ILE A 588 -4.40 -44.23 77.69
C ILE A 588 -3.36 -44.17 78.80
N ILE A 589 -3.32 -43.07 79.55
CA ILE A 589 -2.48 -42.99 80.74
C ILE A 589 -3.14 -43.86 81.79
N LYS A 590 -2.70 -45.10 81.91
CA LYS A 590 -3.36 -46.08 82.76
C LYS A 590 -2.71 -46.04 84.15
N GLU A 591 -3.02 -47.05 84.96
CA GLU A 591 -2.44 -47.14 86.30
C GLU A 591 -0.92 -47.29 86.22
N GLY A 592 -0.43 -48.07 85.25
CA GLY A 592 1.00 -48.23 85.10
C GLY A 592 1.71 -46.94 84.74
N HIS A 593 1.12 -46.15 83.84
CA HIS A 593 1.74 -44.89 83.44
C HIS A 593 1.77 -43.91 84.61
N ILE A 594 0.66 -43.81 85.36
CA ILE A 594 0.61 -42.92 86.51
C ILE A 594 1.63 -43.35 87.56
N LYS A 595 1.71 -44.66 87.83
CA LYS A 595 2.67 -45.15 88.81
C LYS A 595 4.11 -44.92 88.35
N SER A 596 4.37 -45.01 87.05
CA SER A 596 5.72 -44.78 86.56
C SER A 596 6.10 -43.30 86.66
N ILE A 597 5.16 -42.40 86.36
CA ILE A 597 5.44 -40.97 86.54
C ILE A 597 5.64 -40.65 88.02
N ILE A 598 4.86 -41.29 88.88
CA ILE A 598 4.98 -41.06 90.32
C ILE A 598 6.32 -41.57 90.82
N SER A 599 6.78 -42.71 90.28
CA SER A 599 8.10 -43.22 90.58
C SER A 599 9.21 -42.34 90.00
N LEU A 600 8.95 -41.66 88.89
CA LEU A 600 9.89 -40.66 88.40
C LEU A 600 10.04 -39.52 89.41
N LEU A 601 8.91 -39.08 89.97
CA LEU A 601 8.98 -38.07 91.04
C LEU A 601 9.72 -38.60 92.26
N ASP A 602 9.45 -39.85 92.64
CA ASP A 602 10.07 -40.42 93.84
C ASP A 602 11.57 -40.62 93.67
N LYS A 603 11.99 -41.13 92.51
CA LYS A 603 13.40 -41.42 92.28
C LYS A 603 14.22 -40.14 92.18
N HIS A 604 13.89 -39.29 91.21
CA HIS A 604 14.61 -38.04 91.03
C HIS A 604 14.18 -37.05 92.12
N GLY A 605 14.73 -35.84 92.04
CA GLY A 605 14.40 -34.80 93.00
C GLY A 605 13.06 -34.15 92.69
N ARG A 606 12.77 -33.12 93.46
CA ARG A 606 11.53 -32.35 93.27
C ARG A 606 11.69 -31.51 92.00
N ASN A 607 11.22 -32.06 90.88
CA ASN A 607 11.44 -31.42 89.59
C ASN A 607 10.60 -30.16 89.41
N HIS A 608 9.43 -30.09 90.05
CA HIS A 608 8.53 -28.94 90.05
C HIS A 608 7.83 -28.79 88.70
N LYS A 609 8.28 -29.54 87.70
CA LYS A 609 7.62 -29.57 86.39
C LYS A 609 6.71 -30.77 86.23
N VAL A 610 6.99 -31.87 86.93
CA VAL A 610 6.10 -33.03 86.90
C VAL A 610 4.77 -32.69 87.55
N LEU A 611 4.78 -31.80 88.53
CA LEU A 611 3.52 -31.36 89.15
C LEU A 611 2.66 -30.61 88.15
N ASP A 612 3.29 -29.85 87.24
CA ASP A 612 2.53 -29.12 86.23
C ASP A 612 1.84 -30.05 85.25
N VAL A 613 2.54 -31.08 84.76
CA VAL A 613 1.91 -32.01 83.83
C VAL A 613 0.88 -32.87 84.56
N LEU A 614 1.11 -33.19 85.83
CA LEU A 614 0.09 -33.90 86.61
C LEU A 614 -1.15 -33.03 86.80
N CYS A 615 -0.97 -31.72 86.94
CA CYS A 615 -2.11 -30.80 86.92
C CYS A 615 -2.81 -30.86 85.57
N SER A 616 -2.03 -30.88 84.48
CA SER A 616 -2.62 -30.94 83.15
C SER A 616 -3.27 -32.29 82.87
N LEU A 617 -2.83 -33.34 83.59
CA LEU A 617 -3.47 -34.65 83.44
C LEU A 617 -4.86 -34.67 84.05
N CYS A 618 -5.18 -33.71 84.91
CA CYS A 618 -6.54 -33.42 85.33
C CYS A 618 -7.23 -32.60 84.25
N VAL A 619 -8.31 -31.91 84.60
CA VAL A 619 -9.07 -31.07 83.67
C VAL A 619 -8.16 -30.23 82.78
N CYS A 620 -8.39 -30.30 81.47
CA CYS A 620 -7.49 -29.70 80.48
C CYS A 620 -8.02 -28.39 79.93
N HIS A 621 -9.20 -28.39 79.32
CA HIS A 621 -9.77 -27.20 78.69
C HIS A 621 -11.09 -26.80 79.33
N GLY A 622 -11.42 -27.36 80.50
CA GLY A 622 -12.75 -27.25 81.06
C GLY A 622 -13.74 -28.24 80.50
N VAL A 623 -13.40 -28.92 79.40
CA VAL A 623 -14.28 -29.95 78.84
C VAL A 623 -14.23 -31.22 79.68
N ALA A 624 -13.24 -31.36 80.55
CA ALA A 624 -13.19 -32.51 81.44
C ALA A 624 -14.04 -32.25 82.67
N VAL A 625 -15.31 -31.89 82.45
CA VAL A 625 -16.27 -31.76 83.55
C VAL A 625 -16.91 -33.13 83.71
N ARG A 626 -16.19 -34.02 84.40
CA ARG A 626 -16.60 -35.40 84.63
C ARG A 626 -16.94 -36.14 83.32
N SER A 627 -16.22 -35.82 82.25
CA SER A 627 -16.40 -36.53 80.98
C SER A 627 -15.38 -37.66 80.88
N ASN A 628 -14.10 -37.32 80.78
CA ASN A 628 -13.01 -38.28 80.99
C ASN A 628 -11.97 -37.59 81.88
N GLN A 629 -12.29 -37.51 83.17
CA GLN A 629 -11.34 -37.03 84.17
C GLN A 629 -11.40 -37.77 85.49
N HIS A 630 -12.52 -38.43 85.83
CA HIS A 630 -12.69 -38.96 87.17
C HIS A 630 -11.74 -40.12 87.44
N LEU A 631 -11.46 -40.95 86.43
CA LEU A 631 -10.51 -42.04 86.61
C LEU A 631 -9.13 -41.51 86.94
N ILE A 632 -8.67 -40.49 86.21
CA ILE A 632 -7.36 -39.92 86.49
C ILE A 632 -7.34 -39.23 87.85
N CYS A 633 -8.43 -38.53 88.19
CA CYS A 633 -8.50 -37.83 89.48
C CYS A 633 -8.45 -38.82 90.64
N ASP A 634 -9.17 -39.94 90.53
CA ASP A 634 -9.18 -40.95 91.58
C ASP A 634 -7.94 -41.85 91.54
N ASN A 635 -7.18 -41.84 90.45
CA ASN A 635 -5.94 -42.59 90.38
C ASN A 635 -4.75 -41.79 90.92
N LEU A 636 -4.75 -40.47 90.71
CA LEU A 636 -3.67 -39.63 91.18
C LEU A 636 -3.70 -39.42 92.69
N LEU A 637 -4.80 -39.78 93.36
CA LEU A 637 -4.94 -39.56 94.79
C LEU A 637 -4.16 -40.59 95.61
N PRO A 638 -4.24 -41.90 95.33
CA PRO A 638 -3.39 -42.85 96.07
C PRO A 638 -2.00 -43.04 95.48
N GLY A 639 -1.60 -42.21 94.52
CA GLY A 639 -0.29 -42.34 93.93
C GLY A 639 0.83 -41.99 94.89
N ARG A 640 0.92 -40.72 95.27
CA ARG A 640 1.89 -40.28 96.28
C ARG A 640 1.28 -39.30 97.27
N ASP A 641 -0.03 -39.36 97.50
CA ASP A 641 -0.68 -38.50 98.48
C ASP A 641 -1.13 -39.27 99.71
N LEU A 642 -0.55 -40.45 99.95
CA LEU A 642 -0.92 -41.22 101.14
C LEU A 642 -0.30 -40.58 102.38
N LEU A 643 1.03 -40.67 102.52
CA LEU A 643 1.81 -39.75 103.36
C LEU A 643 3.27 -39.87 102.92
N LEU A 644 3.69 -38.98 102.02
CA LEU A 644 5.10 -38.93 101.65
C LEU A 644 5.66 -37.51 101.53
N GLN A 645 4.85 -36.52 101.16
CA GLN A 645 5.35 -35.19 100.85
C GLN A 645 5.30 -34.29 102.09
N THR A 646 5.44 -32.98 101.87
CA THR A 646 5.60 -32.01 102.96
C THR A 646 4.37 -31.94 103.84
N ARG A 647 4.48 -32.49 105.06
CA ARG A 647 3.45 -32.35 106.07
C ARG A 647 3.70 -31.09 106.89
N LEU A 648 2.80 -30.80 107.83
CA LEU A 648 2.94 -29.57 108.61
C LEU A 648 2.14 -29.68 109.90
N VAL A 649 2.59 -28.96 110.92
CA VAL A 649 1.89 -28.83 112.20
C VAL A 649 2.28 -27.49 112.82
N ASN A 650 1.55 -27.07 113.85
CA ASN A 650 1.75 -25.75 114.44
C ASN A 650 1.69 -25.81 115.96
N HIS A 651 2.77 -25.39 116.62
CA HIS A 651 2.85 -25.23 118.06
C HIS A 651 4.16 -24.53 118.41
N VAL A 652 4.23 -24.02 119.64
CA VAL A 652 5.43 -23.34 120.15
C VAL A 652 5.55 -23.62 121.65
N SER A 653 6.77 -23.50 122.17
CA SER A 653 7.07 -23.88 123.54
C SER A 653 8.35 -23.17 123.99
N SER A 654 8.98 -23.70 125.05
CA SER A 654 10.35 -23.48 125.54
C SER A 654 10.40 -22.49 126.70
N MET A 655 11.13 -22.85 127.76
CA MET A 655 11.27 -22.07 129.00
C MET A 655 12.33 -22.76 129.86
N ARG A 656 13.13 -21.96 130.57
CA ARG A 656 14.25 -22.50 131.33
C ARG A 656 14.53 -21.58 132.52
N PRO A 657 15.24 -22.08 133.55
CA PRO A 657 15.71 -21.20 134.62
C PRO A 657 17.10 -20.62 134.36
N ASN A 658 17.67 -19.92 135.35
CA ASN A 658 18.90 -19.16 135.17
C ASN A 658 20.13 -19.76 135.83
N ILE A 659 19.98 -20.47 136.96
CA ILE A 659 21.13 -20.82 137.79
C ILE A 659 22.06 -21.77 137.04
N PHE A 660 23.35 -21.41 137.05
CA PHE A 660 24.40 -22.20 136.40
C PHE A 660 24.94 -23.20 137.42
N LEU A 661 24.60 -24.47 137.24
CA LEU A 661 25.17 -25.52 138.08
C LEU A 661 26.67 -25.63 137.84
N GLY A 662 27.05 -26.08 136.64
CA GLY A 662 28.45 -26.11 136.20
C GLY A 662 29.43 -26.78 137.14
N VAL A 663 29.10 -27.96 137.65
CA VAL A 663 29.91 -28.65 138.64
C VAL A 663 30.61 -29.83 137.98
N SER A 664 31.91 -29.96 138.26
CA SER A 664 32.73 -31.05 137.74
C SER A 664 33.79 -31.38 138.79
N GLU A 665 34.84 -32.08 138.38
CA GLU A 665 35.93 -32.38 139.29
C GLU A 665 36.82 -31.15 139.46
N GLY A 666 37.80 -31.26 140.37
CA GLY A 666 38.70 -30.16 140.63
C GLY A 666 38.19 -29.21 141.68
N SER A 667 38.37 -27.91 141.47
CA SER A 667 37.93 -26.89 142.42
C SER A 667 36.43 -26.64 142.22
N ALA A 668 35.64 -27.59 142.72
CA ALA A 668 34.19 -27.54 142.58
C ALA A 668 33.58 -28.36 143.73
N GLN A 669 32.29 -28.65 143.59
CA GLN A 669 31.50 -29.32 144.62
C GLN A 669 31.20 -30.77 144.19
N TYR A 670 30.35 -31.42 144.97
CA TYR A 670 30.00 -32.82 144.73
C TYR A 670 28.95 -32.90 143.60
N LYS A 671 28.37 -34.09 143.43
CA LYS A 671 27.56 -34.38 142.24
C LYS A 671 26.24 -35.03 142.62
N LYS A 672 25.57 -34.52 143.66
CA LYS A 672 24.27 -35.04 144.09
C LYS A 672 23.27 -33.90 144.16
N TRP A 673 22.10 -34.10 143.54
CA TRP A 673 21.07 -33.09 143.50
C TRP A 673 19.70 -33.75 143.50
N TYR A 674 18.66 -32.93 143.64
CA TYR A 674 17.29 -33.41 143.77
C TYR A 674 16.34 -32.30 143.36
N TYR A 675 15.35 -32.64 142.52
CA TYR A 675 14.38 -31.67 142.03
C TYR A 675 12.96 -32.22 142.19
N GLU A 676 12.03 -31.31 142.41
CA GLU A 676 10.60 -31.64 142.49
C GLU A 676 9.80 -30.37 142.31
N LEU A 677 8.78 -30.41 141.47
CA LEU A 677 8.02 -29.24 141.08
C LEU A 677 6.59 -29.31 141.64
N MET A 678 5.85 -28.22 141.47
CA MET A 678 4.48 -28.10 141.94
C MET A 678 3.63 -27.57 140.80
N VAL A 679 2.45 -28.16 140.62
CA VAL A 679 1.57 -27.85 139.50
C VAL A 679 0.22 -27.37 140.04
N ASP A 680 -0.28 -26.28 139.46
CA ASP A 680 -1.58 -25.73 139.84
C ASP A 680 -2.61 -25.74 138.73
N HIS A 681 -2.21 -25.61 137.47
CA HIS A 681 -3.17 -25.45 136.38
C HIS A 681 -2.59 -26.08 135.11
N THR A 682 -3.18 -27.18 134.68
CA THR A 682 -2.84 -27.82 133.40
C THR A 682 -4.13 -28.17 132.69
N GLU A 683 -4.35 -27.57 131.51
CA GLU A 683 -5.55 -27.83 130.73
C GLU A 683 -5.18 -28.04 129.27
N PRO A 684 -5.86 -28.95 128.59
CA PRO A 684 -5.67 -29.08 127.14
C PRO A 684 -6.65 -28.20 126.37
N PHE A 685 -6.64 -28.32 125.05
CA PHE A 685 -7.62 -27.71 124.15
C PHE A 685 -7.59 -26.18 124.15
N VAL A 686 -6.53 -25.57 124.70
CA VAL A 686 -6.37 -24.13 124.55
C VAL A 686 -6.11 -23.79 123.08
N THR A 687 -5.22 -24.53 122.45
CA THR A 687 -4.98 -24.53 121.01
C THR A 687 -5.09 -25.93 120.41
N ALA A 688 -4.65 -26.94 121.14
CA ALA A 688 -4.74 -28.33 120.71
C ALA A 688 -4.76 -29.21 121.95
N GLU A 689 -4.94 -30.51 121.75
CA GLU A 689 -4.92 -31.45 122.87
C GLU A 689 -3.54 -31.55 123.50
N ALA A 690 -2.49 -31.36 122.70
CA ALA A 690 -1.12 -31.50 123.18
C ALA A 690 -0.65 -30.18 123.78
N THR A 691 -0.53 -30.12 125.10
CA THR A 691 0.05 -28.99 125.79
C THR A 691 1.42 -29.41 126.32
N HIS A 692 2.45 -28.67 125.94
CA HIS A 692 3.82 -29.07 126.24
C HIS A 692 4.17 -28.79 127.69
N LEU A 693 4.55 -29.83 128.42
CA LEU A 693 5.06 -29.69 129.78
C LEU A 693 6.02 -30.85 130.01
N ARG A 694 7.31 -30.60 129.80
CA ARG A 694 8.31 -31.66 129.84
C ARG A 694 9.56 -31.19 130.56
N VAL A 695 10.22 -32.13 131.23
CA VAL A 695 11.50 -31.91 131.90
C VAL A 695 12.47 -32.95 131.36
N GLY A 696 13.49 -32.51 130.62
CA GLY A 696 14.39 -33.41 129.93
C GLY A 696 15.67 -33.68 130.69
N TRP A 697 16.35 -34.76 130.27
CA TRP A 697 17.62 -35.16 130.87
C TRP A 697 18.70 -34.13 130.64
N ALA A 698 19.07 -33.90 129.39
CA ALA A 698 20.16 -33.01 129.02
C ALA A 698 19.57 -31.77 128.34
N SER A 699 19.54 -30.66 129.08
CA SER A 699 19.05 -29.41 128.50
C SER A 699 20.08 -28.78 127.57
N THR A 700 21.37 -28.94 127.89
CA THR A 700 22.44 -28.33 127.12
C THR A 700 22.85 -29.20 125.94
N GLU A 701 23.06 -30.50 126.17
CA GLU A 701 23.55 -31.40 125.14
C GLU A 701 22.45 -32.17 124.42
N GLY A 702 21.26 -32.26 125.01
CA GLY A 702 20.20 -33.06 124.40
C GLY A 702 19.73 -32.50 123.07
N TYR A 703 19.53 -31.19 122.99
CA TYR A 703 19.07 -30.57 121.75
C TYR A 703 19.58 -29.15 121.69
N SER A 704 19.61 -28.61 120.46
CA SER A 704 20.01 -27.24 120.22
C SER A 704 18.80 -26.32 120.22
N PRO A 705 18.85 -25.17 120.89
CA PRO A 705 17.70 -24.26 120.89
C PRO A 705 17.38 -23.68 119.52
N TYR A 706 18.32 -23.71 118.58
CA TYR A 706 18.09 -23.21 117.24
C TYR A 706 17.09 -24.07 116.49
N ASN A 716 11.24 -29.95 118.25
CA ASN A 716 11.34 -28.58 118.72
C ASN A 716 10.65 -28.41 120.07
N GLY A 717 11.42 -28.02 121.08
CA GLY A 717 10.87 -27.80 122.40
C GLY A 717 11.75 -28.28 123.52
N VAL A 718 11.80 -27.52 124.62
CA VAL A 718 12.58 -27.91 125.78
C VAL A 718 11.88 -29.08 126.48
N GLY A 719 12.69 -29.97 127.06
CA GLY A 719 12.17 -31.17 127.69
C GLY A 719 12.21 -32.36 126.75
N ASP A 720 11.57 -32.23 125.58
CA ASP A 720 11.70 -33.22 124.52
C ASP A 720 12.96 -32.93 123.70
N ASP A 721 14.10 -32.98 124.38
CA ASP A 721 15.38 -32.57 123.82
C ASP A 721 16.02 -33.72 123.04
N LEU A 722 15.33 -34.13 121.97
CA LEU A 722 15.80 -35.17 121.05
C LEU A 722 16.10 -36.48 121.78
N PHE A 723 17.27 -36.57 122.39
CA PHE A 723 17.62 -37.77 123.14
C PHE A 723 16.89 -37.84 124.48
N SER A 724 16.58 -36.69 125.07
CA SER A 724 15.90 -36.67 126.36
C SER A 724 14.44 -37.12 126.21
N TYR A 725 14.00 -37.93 127.15
CA TYR A 725 12.62 -38.43 127.11
C TYR A 725 11.63 -37.34 127.48
N GLY A 726 11.97 -36.49 128.45
CA GLY A 726 11.08 -35.43 128.88
C GLY A 726 10.11 -35.92 129.95
N PHE A 727 10.17 -35.33 131.14
CA PHE A 727 9.31 -35.77 132.23
C PHE A 727 7.90 -35.23 132.03
N ASP A 728 6.92 -36.12 132.01
CA ASP A 728 5.53 -35.76 131.81
C ASP A 728 4.69 -36.76 132.60
N GLY A 729 3.41 -36.86 132.26
CA GLY A 729 2.48 -37.73 132.96
C GLY A 729 2.94 -39.17 133.11
N LEU A 730 2.98 -39.93 132.00
CA LEU A 730 3.45 -41.31 132.06
C LEU A 730 4.27 -41.69 130.84
N HIS A 731 4.70 -40.72 130.04
CA HIS A 731 5.34 -41.00 128.76
C HIS A 731 6.85 -40.91 128.87
N LEU A 732 7.54 -41.60 127.95
CA LEU A 732 8.98 -41.53 127.82
C LEU A 732 9.38 -41.44 126.35
N TRP A 733 8.51 -40.86 125.53
CA TRP A 733 8.76 -40.70 124.10
C TRP A 733 9.73 -39.54 123.91
N SER A 734 10.98 -39.88 123.61
CA SER A 734 11.99 -38.85 123.36
C SER A 734 11.74 -38.20 122.00
N GLY A 735 12.56 -37.21 121.67
CA GLY A 735 12.47 -36.56 120.38
C GLY A 735 12.82 -37.50 119.25
N CYS A 736 11.80 -37.91 118.48
CA CYS A 736 11.89 -38.83 117.35
C CYS A 736 12.30 -40.24 117.74
N ILE A 737 12.39 -40.54 119.04
CA ILE A 737 12.69 -41.89 119.53
C ILE A 737 11.66 -42.24 120.60
N ALA A 738 11.01 -43.39 120.46
CA ALA A 738 9.96 -43.83 121.36
C ALA A 738 10.54 -44.81 122.37
N ARG A 739 10.41 -44.49 123.67
CA ARG A 739 10.88 -45.37 124.72
C ARG A 739 9.92 -45.39 125.91
N THR A 740 8.62 -45.19 125.65
CA THR A 740 7.65 -45.10 126.73
C THR A 740 7.32 -46.48 127.28
N VAL A 741 6.94 -46.53 128.55
CA VAL A 741 6.54 -47.76 129.22
C VAL A 741 5.25 -47.51 129.98
N SER A 742 4.79 -48.50 130.75
CA SER A 742 3.55 -48.41 131.51
C SER A 742 3.81 -48.68 132.98
N SER A 743 4.80 -47.97 133.54
CA SER A 743 5.16 -48.17 134.94
C SER A 743 4.00 -47.80 135.86
N PRO A 744 3.88 -48.48 137.00
CA PRO A 744 2.77 -48.20 137.92
C PRO A 744 2.88 -46.81 138.54
N ASN A 745 1.83 -46.45 139.28
CA ASN A 745 1.69 -45.12 139.88
C ASN A 745 1.80 -44.02 138.83
N GLN A 746 1.03 -44.18 137.76
CA GLN A 746 1.08 -43.28 136.62
C GLN A 746 -0.27 -42.64 136.40
N HIS A 747 -0.24 -41.38 135.96
CA HIS A 747 -1.43 -40.59 135.65
C HIS A 747 -0.95 -39.33 134.93
N LEU A 748 -1.90 -38.45 134.61
CA LEU A 748 -1.56 -37.19 133.98
C LEU A 748 -0.95 -36.23 135.00
N LEU A 749 -0.56 -35.05 134.54
CA LEU A 749 0.01 -34.04 135.43
C LEU A 749 -1.08 -33.43 136.28
N ARG A 750 -1.54 -34.17 137.29
CA ARG A 750 -2.64 -33.77 138.14
C ARG A 750 -2.08 -33.09 139.40
N THR A 751 -2.97 -32.56 140.22
CA THR A 751 -2.59 -31.85 141.44
C THR A 751 -1.85 -32.79 142.40
N ASP A 752 -1.06 -32.19 143.29
CA ASP A 752 -0.22 -32.90 144.26
C ASP A 752 0.76 -33.83 143.54
N ASP A 753 1.64 -33.21 142.75
CA ASP A 753 2.66 -33.94 141.98
C ASP A 753 3.80 -34.32 142.92
N VAL A 754 3.58 -35.41 143.66
CA VAL A 754 4.61 -35.94 144.54
C VAL A 754 5.61 -36.70 143.69
N ILE A 755 6.67 -36.04 143.27
CA ILE A 755 7.62 -36.58 142.32
C ILE A 755 9.03 -36.49 142.90
N SER A 756 9.98 -37.10 142.20
CA SER A 756 11.37 -37.09 142.63
C SER A 756 12.27 -37.19 141.40
N CYS A 757 13.31 -36.36 141.36
CA CYS A 757 14.28 -36.37 140.27
C CYS A 757 15.60 -36.96 140.76
N CYS A 758 16.19 -37.81 139.94
CA CYS A 758 17.41 -38.52 140.28
C CYS A 758 18.54 -38.11 139.34
N LEU A 759 19.69 -37.79 139.92
CA LEU A 759 20.88 -37.44 139.16
C LEU A 759 22.09 -38.15 139.75
N ASP A 760 23.02 -38.52 138.87
CA ASP A 760 24.26 -39.16 139.29
C ASP A 760 25.30 -38.94 138.20
N LEU A 761 26.28 -38.07 138.46
CA LEU A 761 27.31 -37.79 137.47
C LEU A 761 28.24 -38.98 137.26
N SER A 762 28.39 -39.85 138.26
CA SER A 762 29.24 -41.02 138.09
C SER A 762 28.59 -42.05 137.18
N ALA A 763 27.30 -42.32 137.37
CA ALA A 763 26.55 -43.26 136.55
C ALA A 763 25.10 -42.83 136.55
N PRO A 764 24.65 -42.14 135.50
CA PRO A 764 23.30 -41.54 135.51
C PRO A 764 22.17 -42.56 135.47
N SER A 765 21.92 -43.21 136.60
CA SER A 765 20.76 -44.06 136.78
C SER A 765 19.54 -43.20 137.12
N ILE A 766 18.38 -43.84 137.15
CA ILE A 766 17.13 -43.14 137.44
C ILE A 766 16.40 -43.88 138.57
N SER A 767 15.88 -43.11 139.52
CA SER A 767 14.90 -43.60 140.51
C SER A 767 13.90 -42.47 140.65
N PHE A 768 12.87 -42.49 139.81
CA PHE A 768 11.91 -41.38 139.73
C PHE A 768 10.68 -41.76 140.54
N ARG A 769 10.83 -41.70 141.86
CA ARG A 769 9.78 -42.13 142.77
C ARG A 769 8.61 -41.17 142.71
N ILE A 770 7.45 -41.68 142.31
CA ILE A 770 6.19 -40.93 142.33
C ILE A 770 5.22 -41.76 143.19
N ASN A 771 5.20 -41.47 144.49
CA ASN A 771 4.33 -42.14 145.46
C ASN A 771 4.49 -43.66 145.41
N GLY A 772 5.75 -44.10 145.45
CA GLY A 772 6.02 -45.54 145.45
C GLY A 772 6.93 -46.00 144.33
N GLN A 773 6.38 -46.78 143.41
CA GLN A 773 7.19 -47.39 142.35
C GLN A 773 7.76 -46.32 141.44
N PRO A 774 9.07 -46.30 141.22
CA PRO A 774 9.68 -45.26 140.38
C PRO A 774 9.68 -45.66 138.90
N VAL A 775 9.95 -44.67 138.06
CA VAL A 775 10.07 -44.90 136.62
C VAL A 775 11.40 -45.60 136.34
N GLN A 776 11.35 -46.60 135.46
CA GLN A 776 12.51 -47.41 135.12
C GLN A 776 13.04 -47.03 133.75
N GLY A 777 14.22 -47.54 133.44
CA GLY A 777 14.88 -47.21 132.19
C GLY A 777 15.97 -46.17 132.39
N MET A 778 17.23 -46.61 132.38
CA MET A 778 18.33 -45.71 132.67
C MET A 778 18.72 -44.92 131.43
N PHE A 779 19.59 -43.93 131.65
CA PHE A 779 20.13 -43.12 130.56
C PHE A 779 21.50 -42.63 131.03
N GLU A 780 22.55 -43.33 130.64
CA GLU A 780 23.88 -43.10 131.15
C GLU A 780 24.68 -42.19 130.21
N ASN A 781 25.88 -41.82 130.67
CA ASN A 781 26.84 -41.04 129.88
C ASN A 781 26.22 -39.71 129.46
N PHE A 782 25.96 -38.87 130.45
CA PHE A 782 25.28 -37.60 130.25
C PHE A 782 26.08 -36.45 130.84
N ASN A 783 26.06 -35.31 130.14
CA ASN A 783 26.75 -34.09 130.55
C ASN A 783 28.24 -34.35 130.77
N ILE A 784 28.92 -34.69 129.66
CA ILE A 784 30.29 -35.17 129.74
C ILE A 784 31.24 -34.02 130.10
N ASP A 785 31.15 -32.91 129.35
CA ASP A 785 32.05 -31.79 129.59
C ASP A 785 31.67 -31.01 130.85
N GLY A 786 30.37 -30.89 131.11
CA GLY A 786 29.86 -30.16 132.26
C GLY A 786 28.75 -29.22 131.84
N LEU A 787 28.50 -28.23 132.69
CA LEU A 787 27.50 -27.19 132.45
C LEU A 787 26.11 -27.79 132.26
N PHE A 788 25.61 -28.44 133.31
CA PHE A 788 24.30 -29.06 133.29
C PHE A 788 23.25 -28.09 133.83
N PHE A 789 22.04 -28.18 133.29
CA PHE A 789 20.94 -27.31 133.69
C PHE A 789 19.67 -28.13 133.87
N PRO A 790 19.09 -28.17 135.07
CA PRO A 790 17.72 -28.70 135.22
C PRO A 790 16.71 -27.65 134.78
N VAL A 791 15.80 -28.05 133.90
CA VAL A 791 14.89 -27.11 133.25
C VAL A 791 13.45 -27.61 133.38
N VAL A 792 12.52 -26.66 133.27
CA VAL A 792 11.09 -26.93 133.24
C VAL A 792 10.50 -26.17 132.06
N SER A 793 9.78 -26.87 131.19
CA SER A 793 9.27 -26.30 129.96
C SER A 793 7.75 -26.22 129.98
N PHE A 794 7.22 -25.17 129.36
CA PHE A 794 5.77 -24.98 129.23
C PHE A 794 5.49 -24.27 127.92
N SER A 795 4.27 -24.45 127.41
CA SER A 795 3.87 -23.88 126.13
C SER A 795 2.78 -22.82 126.29
N ALA A 796 1.64 -23.19 126.87
CA ALA A 796 0.53 -22.27 127.03
C ALA A 796 -0.43 -22.82 128.09
N GLY A 797 -1.13 -21.90 128.74
CA GLY A 797 -2.12 -22.28 129.75
C GLY A 797 -1.52 -23.00 130.93
N ILE A 798 -0.37 -22.55 131.42
CA ILE A 798 0.33 -23.19 132.53
C ILE A 798 0.55 -22.17 133.62
N LYS A 799 0.17 -22.51 134.85
CA LYS A 799 0.37 -21.67 136.02
C LYS A 799 1.06 -22.52 137.09
N VAL A 800 2.39 -22.46 137.12
CA VAL A 800 3.19 -23.23 138.06
C VAL A 800 4.21 -22.31 138.72
N ARG A 801 4.73 -22.76 139.85
CA ARG A 801 5.75 -22.04 140.59
C ARG A 801 7.02 -22.87 140.67
N PHE A 802 8.17 -22.20 140.51
CA PHE A 802 9.45 -22.88 140.53
C PHE A 802 9.76 -23.38 141.95
N LEU A 803 10.26 -24.62 142.03
CA LEU A 803 10.62 -25.24 143.30
C LEU A 803 11.93 -26.00 143.09
N LEU A 804 13.05 -25.32 143.36
CA LEU A 804 14.38 -25.92 143.26
C LEU A 804 15.12 -25.61 144.56
N GLY A 805 14.94 -26.46 145.56
CA GLY A 805 15.56 -26.29 146.85
C GLY A 805 14.79 -25.38 147.80
N GLY A 806 13.94 -24.50 147.27
CA GLY A 806 13.18 -23.60 148.10
C GLY A 806 14.00 -22.58 148.85
N ARG A 807 15.09 -22.10 148.24
CA ARG A 807 15.86 -21.02 148.87
C ARG A 807 15.08 -19.72 148.85
N HIS A 808 14.54 -19.35 147.69
CA HIS A 808 13.66 -18.19 147.60
C HIS A 808 12.26 -18.50 148.13
N GLY A 809 11.79 -19.73 147.95
CA GLY A 809 10.47 -20.12 148.41
C GLY A 809 10.52 -21.07 149.59
N GLU A 810 9.77 -22.17 149.52
CA GLU A 810 9.73 -23.16 150.58
C GLU A 810 9.74 -24.54 149.96
N PHE A 811 10.71 -25.36 150.35
CA PHE A 811 10.77 -26.75 149.90
C PHE A 811 9.71 -27.56 150.63
N LYS A 812 8.70 -28.03 149.89
CA LYS A 812 7.57 -28.70 150.51
C LYS A 812 7.99 -30.03 151.14
N PHE A 813 8.69 -30.87 150.38
CA PHE A 813 9.13 -32.17 150.88
C PHE A 813 10.55 -32.06 151.42
N LEU A 814 11.15 -33.20 151.73
CA LEU A 814 12.50 -33.26 152.25
C LEU A 814 13.35 -34.21 151.41
N PRO A 815 14.65 -33.93 151.27
CA PRO A 815 15.50 -34.83 150.52
C PRO A 815 15.79 -36.09 151.30
N PRO A 816 15.90 -37.24 150.64
CA PRO A 816 16.26 -38.48 151.32
C PRO A 816 17.75 -38.51 151.63
N PRO A 817 18.20 -39.46 152.45
CA PRO A 817 19.65 -39.65 152.62
C PRO A 817 20.31 -39.96 151.29
N GLY A 818 21.50 -39.40 151.08
CA GLY A 818 22.12 -39.46 149.78
C GLY A 818 21.81 -38.23 148.95
N TYR A 819 20.77 -38.30 148.12
CA TYR A 819 20.34 -37.18 147.31
C TYR A 819 19.92 -36.00 148.18
N ALA A 820 20.72 -34.93 148.19
CA ALA A 820 20.38 -33.74 148.94
C ALA A 820 19.54 -32.80 148.07
N ALA A 821 18.85 -31.87 148.74
CA ALA A 821 17.96 -30.96 148.06
C ALA A 821 18.75 -29.98 147.19
N CYS A 822 18.03 -29.13 146.46
CA CYS A 822 18.63 -28.15 145.56
C CYS A 822 18.94 -26.83 146.26
N TYR A 823 19.14 -26.87 147.58
CA TYR A 823 19.54 -25.65 148.29
C TYR A 823 20.91 -25.18 147.84
N GLU A 824 21.81 -26.11 147.50
CA GLU A 824 23.14 -25.76 147.03
C GLU A 824 23.06 -25.31 145.56
N ALA A 825 24.23 -25.13 144.94
CA ALA A 825 24.43 -24.65 143.58
C ALA A 825 23.98 -23.21 143.40
N VAL A 826 23.49 -22.54 144.44
CA VAL A 826 23.11 -21.14 144.37
C VAL A 826 24.38 -20.34 144.72
N LEU A 827 25.00 -19.77 143.69
CA LEU A 827 26.26 -19.07 143.88
C LEU A 827 26.05 -17.79 144.68
N PRO A 828 26.84 -17.53 145.71
CA PRO A 828 26.73 -16.27 146.45
C PRO A 828 27.33 -15.12 145.65
N LYS A 829 27.32 -13.94 146.26
CA LYS A 829 27.86 -12.68 145.74
C LYS A 829 27.06 -12.18 144.53
N GLU A 830 26.01 -12.87 144.10
CA GLU A 830 25.24 -12.49 142.94
C GLU A 830 23.76 -12.72 143.20
N LYS A 831 22.93 -12.06 142.40
CA LYS A 831 21.48 -12.17 142.51
C LYS A 831 21.00 -13.46 141.86
N LEU A 832 19.97 -14.06 142.46
CA LEU A 832 19.33 -15.26 141.93
C LEU A 832 18.03 -14.88 141.25
N LYS A 833 17.83 -15.36 140.04
CA LYS A 833 16.67 -15.00 139.24
C LYS A 833 16.42 -16.11 138.22
N VAL A 834 15.62 -15.81 137.19
CA VAL A 834 15.25 -16.77 136.16
C VAL A 834 15.52 -16.15 134.80
N GLU A 835 16.13 -16.90 133.90
CA GLU A 835 16.53 -16.45 132.57
C GLU A 835 15.75 -17.26 131.53
N HIS A 836 16.17 -17.15 130.27
CA HIS A 836 15.51 -17.82 129.16
C HIS A 836 16.29 -19.06 128.74
N SER A 837 15.78 -19.75 127.71
CA SER A 837 16.38 -20.99 127.21
C SER A 837 17.52 -20.65 126.24
N ARG A 838 18.56 -20.03 126.80
CA ARG A 838 19.68 -19.49 126.02
C ARG A 838 19.18 -18.57 124.91
N GLU A 839 18.15 -17.78 125.24
CA GLU A 839 17.48 -16.92 124.27
C GLU A 839 17.74 -15.46 124.63
N TYR A 840 18.07 -14.65 123.63
CA TYR A 840 18.34 -13.23 123.83
C TYR A 840 17.21 -12.34 123.36
N LYS A 841 16.27 -12.86 122.58
CA LYS A 841 15.17 -12.07 122.04
C LYS A 841 13.87 -12.47 122.74
N GLN A 842 13.13 -11.47 123.20
CA GLN A 842 11.90 -11.70 123.94
C GLN A 842 10.87 -10.67 123.48
N GLU A 843 9.81 -10.50 124.27
CA GLU A 843 8.73 -9.59 123.93
C GLU A 843 9.22 -8.14 123.92
N ARG A 844 9.36 -7.56 122.73
CA ARG A 844 9.81 -6.19 122.57
C ARG A 844 8.97 -5.52 121.48
N THR A 845 8.94 -4.19 121.51
CA THR A 845 8.21 -3.41 120.51
C THR A 845 9.15 -2.65 119.58
N TYR A 846 10.01 -1.79 120.14
CA TYR A 846 10.99 -1.07 119.33
C TYR A 846 12.37 -1.00 119.97
N THR A 847 12.50 -1.33 121.26
CA THR A 847 13.78 -1.30 121.96
C THR A 847 14.40 -2.69 122.06
N ARG A 848 14.28 -3.48 121.00
CA ARG A 848 14.76 -4.85 121.00
C ARG A 848 16.26 -4.91 121.28
N ASP A 849 16.63 -5.76 122.23
CA ASP A 849 18.04 -5.94 122.55
C ASP A 849 18.72 -6.82 121.49
N LEU A 850 19.99 -6.54 121.26
CA LEU A 850 20.80 -7.28 120.28
C LEU A 850 22.05 -7.77 120.99
N LEU A 851 22.02 -9.02 121.46
CA LEU A 851 23.12 -9.60 122.21
C LEU A 851 23.91 -10.56 121.33
N GLY A 852 25.22 -10.60 121.57
CA GLY A 852 26.08 -11.54 120.90
C GLY A 852 26.07 -12.91 121.56
N PRO A 853 26.89 -13.81 121.04
CA PRO A 853 26.97 -15.17 121.60
C PRO A 853 27.57 -15.14 123.00
N THR A 854 26.78 -15.56 123.99
CA THR A 854 27.24 -15.61 125.37
C THR A 854 26.49 -16.67 126.15
N LEU A 878 73.22 -16.93 150.82
CA LEU A 878 72.06 -16.06 150.70
C LEU A 878 70.93 -16.52 151.60
N GLU A 879 71.01 -17.77 152.06
CA GLU A 879 69.97 -18.34 152.91
C GLU A 879 70.02 -17.78 154.31
N ARG A 880 71.23 -17.63 154.87
CA ARG A 880 71.37 -17.20 156.26
C ARG A 880 70.81 -15.79 156.49
N ILE A 881 71.17 -14.85 155.62
CA ILE A 881 70.69 -13.49 155.74
C ILE A 881 69.17 -13.45 155.60
N ARG A 882 68.62 -14.26 154.70
CA ARG A 882 67.16 -14.37 154.58
C ARG A 882 66.56 -15.24 155.68
N GLU A 883 67.33 -16.15 156.27
CA GLU A 883 66.84 -16.89 157.43
C GLU A 883 66.63 -15.95 158.61
N ARG A 884 67.51 -14.96 158.77
CA ARG A 884 67.30 -13.95 159.80
C ARG A 884 66.02 -13.16 159.57
N LEU A 885 65.74 -12.83 158.30
CA LEU A 885 64.50 -12.12 157.99
C LEU A 885 63.27 -13.01 158.19
N ALA A 886 63.39 -14.31 157.93
CA ALA A 886 62.29 -15.23 158.21
C ALA A 886 62.03 -15.31 159.71
N GLU A 887 63.10 -15.34 160.52
CA GLU A 887 62.93 -15.30 161.97
C GLU A 887 62.30 -13.99 162.42
N ASN A 888 62.68 -12.88 161.79
CA ASN A 888 62.08 -11.60 162.10
C ASN A 888 60.60 -11.56 161.72
N ILE A 889 60.23 -12.22 160.63
CA ILE A 889 58.83 -12.30 160.22
C ILE A 889 58.03 -13.18 161.19
N HIS A 890 58.63 -14.27 161.66
CA HIS A 890 57.99 -15.08 162.70
C HIS A 890 57.80 -14.26 163.97
N GLU A 891 58.80 -13.45 164.32
CA GLU A 891 58.66 -12.53 165.44
C GLU A 891 57.55 -11.52 165.20
N LEU A 892 57.41 -11.06 163.95
CA LEU A 892 56.33 -10.14 163.61
C LEU A 892 54.98 -10.79 163.84
N TRP A 893 54.82 -12.04 163.42
CA TRP A 893 53.57 -12.76 163.64
C TRP A 893 53.29 -12.93 165.13
N VAL A 894 54.30 -13.33 165.90
CA VAL A 894 54.03 -13.61 167.31
C VAL A 894 53.75 -12.32 168.08
N MET A 895 54.52 -11.25 167.85
CA MET A 895 54.19 -10.02 168.55
C MET A 895 52.99 -9.31 167.94
N ASN A 896 52.48 -9.78 166.79
CA ASN A 896 51.15 -9.38 166.36
C ASN A 896 50.07 -10.12 167.13
N LYS A 897 50.35 -11.36 167.56
CA LYS A 897 49.37 -12.08 168.38
C LYS A 897 49.68 -12.03 169.88
N ILE A 898 50.89 -11.65 170.30
CA ILE A 898 51.13 -11.41 171.71
C ILE A 898 50.31 -10.23 172.22
N GLU A 899 50.25 -9.15 171.44
CA GLU A 899 49.55 -7.94 171.85
C GLU A 899 48.04 -8.14 171.98
N LEU A 900 47.50 -9.25 171.46
CA LEU A 900 46.09 -9.53 171.67
C LEU A 900 45.78 -9.81 173.13
N GLY A 901 46.74 -10.37 173.87
CA GLY A 901 46.56 -10.60 175.29
C GLY A 901 46.70 -12.05 175.69
N TRP A 902 47.40 -12.85 174.89
CA TRP A 902 47.59 -14.25 175.19
C TRP A 902 48.79 -14.43 176.13
N GLN A 903 49.02 -15.68 176.54
CA GLN A 903 50.11 -16.02 177.45
C GLN A 903 50.77 -17.30 176.96
N TYR A 904 52.04 -17.47 177.34
CA TYR A 904 52.76 -18.69 176.98
C TYR A 904 52.14 -19.89 177.67
N GLY A 905 52.00 -20.99 176.92
CA GLY A 905 51.40 -22.20 177.44
C GLY A 905 51.64 -23.40 176.55
N PRO A 906 51.76 -24.59 177.15
CA PRO A 906 52.00 -25.80 176.35
C PRO A 906 50.77 -26.30 175.61
N VAL A 907 49.57 -25.80 175.93
CA VAL A 907 48.33 -26.25 175.33
C VAL A 907 47.76 -25.11 174.50
N ARG A 908 47.34 -25.43 173.27
CA ARG A 908 46.87 -24.42 172.32
C ARG A 908 45.41 -24.10 172.60
N ASP A 909 45.16 -22.95 173.24
CA ASP A 909 43.81 -22.47 173.47
C ASP A 909 43.75 -20.97 173.14
N ASP A 910 42.66 -20.56 172.50
CA ASP A 910 42.53 -19.17 172.10
C ASP A 910 41.96 -18.32 173.23
N ASN A 911 40.81 -18.72 173.78
CA ASN A 911 40.17 -17.93 174.83
C ASN A 911 40.89 -18.07 176.16
N LYS A 912 41.58 -19.19 176.38
CA LYS A 912 42.31 -19.42 177.62
C LYS A 912 43.68 -18.77 177.63
N ARG A 913 44.09 -18.12 176.52
CA ARG A 913 45.34 -17.40 176.41
C ARG A 913 46.55 -18.31 176.64
N GLN A 914 46.70 -19.28 175.75
CA GLN A 914 47.80 -20.23 175.83
C GLN A 914 48.08 -20.79 174.44
N HIS A 915 49.30 -20.58 173.94
CA HIS A 915 49.69 -21.05 172.62
C HIS A 915 51.13 -21.56 172.67
N PRO A 916 51.39 -22.78 172.20
CA PRO A 916 52.78 -23.26 172.13
C PRO A 916 53.66 -22.44 171.20
N CYS A 917 53.09 -21.87 170.14
CA CYS A 917 53.86 -21.01 169.25
C CYS A 917 54.11 -19.62 169.83
N LEU A 918 53.41 -19.26 170.91
CA LEU A 918 53.59 -17.96 171.54
C LEU A 918 54.75 -17.93 172.53
N VAL A 919 55.32 -19.09 172.86
CA VAL A 919 56.40 -19.20 173.84
C VAL A 919 57.68 -18.60 173.25
N GLU A 920 58.70 -18.48 174.09
CA GLU A 920 59.97 -17.88 173.68
C GLU A 920 60.59 -18.65 172.52
N PHE A 921 61.54 -17.98 171.84
CA PHE A 921 62.13 -18.54 170.63
C PHE A 921 62.92 -19.81 170.93
N CYS A 922 63.60 -19.86 172.08
CA CYS A 922 64.42 -21.02 172.41
C CYS A 922 63.60 -22.26 172.72
N LYS A 923 62.32 -22.10 173.07
CA LYS A 923 61.48 -23.23 173.46
C LYS A 923 60.32 -23.47 172.48
N LEU A 924 60.46 -23.00 171.24
CA LEU A 924 59.42 -23.23 170.25
C LEU A 924 59.35 -24.71 169.88
N PRO A 925 58.14 -25.22 169.62
CA PRO A 925 58.02 -26.61 169.19
C PRO A 925 58.65 -26.83 167.82
N GLU A 926 59.15 -28.06 167.62
CA GLU A 926 59.84 -28.38 166.37
C GLU A 926 58.87 -28.42 165.19
N GLN A 927 57.63 -28.88 165.43
CA GLN A 927 56.65 -28.97 164.36
C GLN A 927 56.31 -27.58 163.80
N GLU A 928 55.97 -26.64 164.69
CA GLU A 928 55.66 -25.30 164.23
C GLU A 928 56.89 -24.60 163.67
N ARG A 929 58.08 -24.90 164.20
CA ARG A 929 59.29 -24.29 163.67
C ARG A 929 59.57 -24.75 162.24
N ASN A 930 59.44 -26.05 161.96
CA ASN A 930 59.66 -26.52 160.60
C ASN A 930 58.54 -26.10 159.67
N TYR A 931 57.31 -25.94 160.20
CA TYR A 931 56.23 -25.37 159.39
C TYR A 931 56.57 -23.92 159.00
N ASN A 932 57.11 -23.15 159.95
CA ASN A 932 57.52 -21.78 159.65
C ASN A 932 58.65 -21.76 158.62
N LEU A 933 59.61 -22.68 158.75
CA LEU A 933 60.70 -22.75 157.77
C LEU A 933 60.18 -23.12 156.39
N GLN A 934 59.23 -24.06 156.31
CA GLN A 934 58.64 -24.44 155.03
C GLN A 934 57.88 -23.28 154.41
N MET A 935 57.08 -22.57 155.20
CA MET A 935 56.34 -21.42 154.68
C MET A 935 57.31 -20.35 154.21
N SER A 936 58.41 -20.16 154.96
CA SER A 936 59.44 -19.21 154.56
C SER A 936 60.02 -19.55 153.19
N LEU A 937 60.52 -20.79 153.03
CA LEU A 937 61.16 -21.14 151.78
C LEU A 937 60.18 -21.12 150.61
N GLU A 938 58.92 -21.50 150.86
CA GLU A 938 57.91 -21.41 149.81
C GLU A 938 57.65 -19.95 149.42
N THR A 939 57.65 -19.04 150.41
CA THR A 939 57.43 -17.63 150.08
C THR A 939 58.60 -17.04 149.30
N LEU A 940 59.84 -17.40 149.68
CA LEU A 940 60.99 -16.98 148.87
C LEU A 940 60.90 -17.51 147.44
N LYS A 941 60.55 -18.79 147.27
CA LYS A 941 60.43 -19.33 145.92
C LYS A 941 59.34 -18.62 145.13
N THR A 942 58.20 -18.35 145.77
CA THR A 942 57.10 -17.68 145.08
C THR A 942 57.47 -16.25 144.69
N LEU A 943 58.12 -15.51 145.60
CA LEU A 943 58.46 -14.12 145.29
C LEU A 943 59.61 -14.04 144.30
N LEU A 944 60.49 -15.04 144.27
CA LEU A 944 61.52 -15.09 143.24
C LEU A 944 60.92 -15.41 141.88
N ALA A 945 59.89 -16.27 141.85
CA ALA A 945 59.16 -16.51 140.60
C ALA A 945 58.44 -15.25 140.14
N LEU A 946 57.84 -14.51 141.07
CA LEU A 946 57.14 -13.28 140.71
C LEU A 946 58.10 -12.16 140.34
N GLY A 947 59.26 -12.10 140.99
CA GLY A 947 60.23 -11.06 140.71
C GLY A 947 60.09 -9.84 141.59
N CYS A 948 60.06 -10.04 142.90
CA CYS A 948 59.94 -8.97 143.88
C CYS A 948 61.04 -9.06 144.92
N HIS A 949 62.28 -9.19 144.44
CA HIS A 949 63.45 -9.32 145.30
C HIS A 949 63.65 -8.03 146.08
N VAL A 950 63.35 -8.06 147.38
CA VAL A 950 63.48 -6.91 148.26
C VAL A 950 64.36 -7.23 149.46
N GLY A 951 65.20 -8.26 149.35
CA GLY A 951 66.09 -8.64 150.44
C GLY A 951 67.38 -9.24 149.94
N ILE A 952 68.18 -9.79 150.86
CA ILE A 952 69.44 -10.49 150.56
C ILE A 952 70.45 -9.53 149.93
N ALA A 953 70.10 -8.94 148.79
CA ALA A 953 71.01 -8.00 148.13
C ALA A 953 71.30 -6.79 149.01
N ASP A 954 70.26 -6.25 149.66
CA ASP A 954 70.45 -5.16 150.61
C ASP A 954 70.66 -5.72 152.01
N GLU A 955 71.13 -4.86 152.91
CA GLU A 955 71.41 -5.28 154.27
C GLU A 955 70.13 -5.63 155.01
N HIS A 956 70.18 -6.70 155.80
CA HIS A 956 69.03 -7.17 156.55
C HIS A 956 68.91 -6.39 157.86
N ALA A 957 67.70 -6.35 158.41
CA ALA A 957 67.39 -5.58 159.61
C ALA A 957 66.93 -6.53 160.71
N GLU A 958 67.91 -7.07 161.45
CA GLU A 958 67.67 -7.92 162.62
C GLU A 958 69.00 -8.16 163.32
N GLU A 959 68.92 -8.32 164.64
CA GLU A 959 70.06 -8.66 165.48
C GLU A 959 71.20 -7.65 165.36
N LYS A 960 72.25 -8.00 164.61
CA LYS A 960 73.43 -7.17 164.53
C LYS A 960 73.23 -5.91 163.69
N VAL A 961 72.34 -5.97 162.70
CA VAL A 961 72.03 -4.80 161.87
C VAL A 961 70.56 -4.49 162.09
N LYS A 962 70.09 -4.72 163.31
CA LYS A 962 68.68 -4.46 163.63
C LYS A 962 68.36 -2.98 163.50
N LYS A 963 67.16 -2.69 162.98
CA LYS A 963 66.70 -1.32 162.77
C LYS A 963 65.96 -0.76 163.99
N MET A 964 66.27 -1.27 165.19
CA MET A 964 65.71 -0.82 166.47
C MET A 964 64.18 -0.73 166.45
N LYS A 965 63.55 -1.53 165.59
CA LYS A 965 62.09 -1.53 165.51
C LYS A 965 61.47 -2.11 166.78
N LEU A 966 62.06 -3.17 167.33
CA LEU A 966 61.52 -3.78 168.54
C LEU A 966 61.58 -2.85 169.75
N PRO A 967 62.70 -2.21 170.11
CA PRO A 967 62.68 -1.32 171.28
C PRO A 967 61.93 -0.01 171.06
N LYS A 968 61.50 0.27 169.83
CA LYS A 968 60.83 1.55 169.57
C LYS A 968 59.47 1.62 170.27
N ASN A 969 58.71 0.54 170.26
CA ASN A 969 57.40 0.50 170.89
C ASN A 969 57.30 -0.71 171.81
N TYR A 970 56.68 -0.51 172.97
CA TYR A 970 56.55 -1.55 173.98
C TYR A 970 55.10 -1.66 174.44
N GLN A 971 54.69 -2.88 174.77
CA GLN A 971 53.36 -3.18 175.28
C GLN A 971 53.48 -4.08 176.50
N LEU A 972 52.56 -3.91 177.45
CA LEU A 972 52.59 -4.68 178.69
C LEU A 972 51.58 -5.82 178.60
N THR A 973 52.02 -6.92 177.99
CA THR A 973 51.26 -8.15 177.95
C THR A 973 52.19 -9.33 178.22
N SER A 974 51.60 -10.48 178.54
CA SER A 974 52.38 -11.65 178.94
C SER A 974 53.03 -12.31 177.73
N GLY A 975 53.74 -13.39 177.99
CA GLY A 975 54.45 -14.12 176.96
C GLY A 975 55.92 -13.77 176.90
N TYR A 976 56.53 -14.05 175.75
CA TYR A 976 57.92 -13.67 175.51
C TYR A 976 58.08 -12.16 175.52
N LYS A 977 57.15 -11.44 174.89
CA LYS A 977 57.15 -9.99 174.77
C LYS A 977 58.47 -9.48 174.20
N PRO A 978 58.72 -9.64 172.91
CA PRO A 978 59.87 -8.97 172.26
C PRO A 978 59.60 -7.50 171.93
N ALA A 979 58.51 -6.93 172.46
CA ALA A 979 58.02 -5.57 172.24
C ALA A 979 57.52 -5.41 170.81
N PRO A 980 56.35 -4.78 170.60
CA PRO A 980 55.69 -4.82 169.29
C PRO A 980 56.49 -4.07 168.22
N MET A 981 56.07 -4.30 166.97
CA MET A 981 56.75 -3.73 165.82
C MET A 981 56.53 -2.22 165.73
N ASP A 982 57.49 -1.55 165.11
CA ASP A 982 57.37 -0.12 164.84
C ASP A 982 58.28 0.21 163.66
N LEU A 983 57.68 0.48 162.50
CA LEU A 983 58.42 0.74 161.28
C LEU A 983 57.71 1.83 160.51
N SER A 984 58.26 3.05 160.53
CA SER A 984 57.70 4.19 159.80
C SER A 984 58.69 4.74 158.77
N PHE A 985 59.74 3.99 158.45
CA PHE A 985 60.77 4.43 157.52
C PHE A 985 60.53 3.92 156.11
N ILE A 986 59.45 3.18 155.87
CA ILE A 986 59.18 2.62 154.55
C ILE A 986 57.67 2.69 154.32
N LYS A 987 57.29 2.72 153.04
CA LYS A 987 55.90 2.73 152.60
C LYS A 987 55.62 1.48 151.77
N LEU A 988 54.44 1.43 151.18
CA LEU A 988 54.03 0.31 150.35
C LEU A 988 53.71 0.77 148.94
N THR A 989 53.86 -0.15 147.98
CA THR A 989 53.61 0.06 146.58
C THR A 989 52.55 -0.93 146.10
N PRO A 990 51.66 -0.54 145.18
CA PRO A 990 50.65 -1.49 144.70
C PRO A 990 51.22 -2.73 144.01
N SER A 991 52.48 -2.69 143.58
CA SER A 991 53.12 -3.91 143.09
C SER A 991 53.23 -4.96 144.20
N GLN A 992 53.64 -4.54 145.39
CA GLN A 992 53.63 -5.45 146.51
C GLN A 992 52.21 -5.76 147.00
N GLU A 993 51.24 -4.89 146.70
CA GLU A 993 49.85 -5.25 146.97
C GLU A 993 49.40 -6.40 146.07
N ALA A 994 49.79 -6.36 144.80
CA ALA A 994 49.51 -7.49 143.91
C ALA A 994 50.27 -8.74 144.33
N MET A 995 51.50 -8.57 144.84
CA MET A 995 52.22 -9.74 145.34
C MET A 995 51.57 -10.30 146.59
N VAL A 996 51.00 -9.44 147.44
CA VAL A 996 50.17 -9.90 148.56
C VAL A 996 48.97 -10.67 148.04
N ASP A 997 48.35 -10.18 146.97
CA ASP A 997 47.21 -10.87 146.38
C ASP A 997 47.60 -12.25 145.87
N LYS A 998 48.77 -12.37 145.25
CA LYS A 998 49.22 -13.66 144.73
C LYS A 998 49.60 -14.61 145.87
N LEU A 999 50.20 -14.08 146.94
CA LEU A 999 50.47 -14.90 148.12
C LEU A 999 49.17 -15.41 148.73
N ALA A 1000 48.14 -14.55 148.75
CA ALA A 1000 46.81 -14.98 149.18
C ALA A 1000 46.25 -16.03 148.23
N GLU A 1001 46.51 -15.90 146.94
CA GLU A 1001 46.09 -16.91 145.97
C GLU A 1001 46.65 -18.27 146.34
N ASN A 1002 47.97 -18.33 146.59
CA ASN A 1002 48.59 -19.60 146.96
C ASN A 1002 48.08 -20.12 148.30
N ALA A 1003 47.95 -19.24 149.29
CA ALA A 1003 47.50 -19.65 150.62
C ALA A 1003 46.07 -20.18 150.58
N HIS A 1004 45.17 -19.50 149.89
CA HIS A 1004 43.81 -19.98 149.77
C HIS A 1004 43.71 -21.17 148.83
N ASN A 1005 44.66 -21.33 147.91
CA ASN A 1005 44.71 -22.56 147.10
C ASN A 1005 44.96 -23.77 147.99
N VAL A 1006 45.99 -23.70 148.83
CA VAL A 1006 46.25 -24.84 149.70
C VAL A 1006 45.17 -24.99 150.77
N TRP A 1007 44.57 -23.87 151.20
CA TRP A 1007 43.46 -23.95 152.16
C TRP A 1007 42.26 -24.66 151.56
N ALA A 1008 41.89 -24.29 150.33
CA ALA A 1008 40.77 -24.94 149.66
C ALA A 1008 41.10 -26.39 149.33
N ARG A 1009 42.36 -26.70 149.03
CA ARG A 1009 42.76 -28.10 148.85
C ARG A 1009 42.53 -28.89 150.12
N ASP A 1010 42.91 -28.32 151.28
CA ASP A 1010 42.66 -28.99 152.55
C ASP A 1010 41.16 -29.15 152.82
N ARG A 1011 40.37 -28.11 152.50
CA ARG A 1011 38.94 -28.17 152.76
C ARG A 1011 38.25 -29.19 151.87
N ILE A 1012 38.67 -29.29 150.61
CA ILE A 1012 37.96 -30.15 149.65
C ILE A 1012 38.42 -31.60 149.78
N ARG A 1013 39.72 -31.82 149.96
CA ARG A 1013 40.23 -33.19 150.07
C ARG A 1013 39.67 -33.89 151.30
N GLN A 1014 39.54 -33.17 152.41
CA GLN A 1014 38.95 -33.72 153.62
C GLN A 1014 37.45 -33.52 153.72
N GLY A 1015 36.86 -32.73 152.81
CA GLY A 1015 35.44 -32.44 152.91
C GLY A 1015 35.06 -31.58 154.07
N TRP A 1016 35.98 -30.78 154.60
CA TRP A 1016 35.75 -29.99 155.80
C TRP A 1016 35.14 -28.64 155.45
N THR A 1017 34.37 -28.11 156.40
CA THR A 1017 33.69 -26.81 156.36
C THR A 1017 32.61 -26.71 155.29
N TYR A 1018 32.36 -27.78 154.53
CA TYR A 1018 31.32 -27.75 153.51
C TYR A 1018 30.91 -29.19 153.18
N GLY A 1019 29.77 -29.31 152.54
CA GLY A 1019 29.27 -30.60 152.12
C GLY A 1019 28.03 -30.50 151.26
N ILE A 1020 28.02 -31.21 150.14
CA ILE A 1020 26.87 -31.25 149.25
C ILE A 1020 26.03 -32.50 149.48
N GLN A 1021 26.68 -33.66 149.61
CA GLN A 1021 25.97 -34.90 149.90
C GLN A 1021 25.80 -35.12 151.40
N GLN A 1022 26.86 -34.89 152.18
CA GLN A 1022 26.83 -35.16 153.61
C GLN A 1022 26.46 -33.95 154.45
N ASP A 1023 26.85 -32.74 154.04
CA ASP A 1023 26.56 -31.50 154.76
C ASP A 1023 27.05 -31.59 156.21
N VAL A 1024 28.38 -31.65 156.34
CA VAL A 1024 29.01 -31.83 157.65
C VAL A 1024 28.65 -30.68 158.60
N LYS A 1025 28.44 -29.48 158.06
CA LYS A 1025 28.04 -28.34 158.88
C LYS A 1025 27.34 -27.32 158.01
N ASN A 1026 26.37 -26.63 158.60
CA ASN A 1026 25.70 -25.54 157.90
C ASN A 1026 26.67 -24.37 157.72
N ARG A 1027 26.28 -23.43 156.85
CA ARG A 1027 27.10 -22.28 156.48
C ARG A 1027 28.44 -22.75 155.91
N ARG A 1028 28.34 -23.36 154.73
CA ARG A 1028 29.51 -23.86 154.01
C ARG A 1028 30.52 -22.73 153.76
N ASN A 1029 31.72 -23.12 153.39
CA ASN A 1029 32.82 -22.17 153.21
C ASN A 1029 32.44 -21.13 152.16
N PRO A 1030 32.46 -19.84 152.49
CA PRO A 1030 32.08 -18.82 151.51
C PRO A 1030 33.01 -18.77 150.31
N ARG A 1031 34.25 -19.24 150.45
CA ARG A 1031 35.21 -19.22 149.35
C ARG A 1031 34.77 -20.10 148.20
N LEU A 1032 34.70 -21.42 148.41
CA LEU A 1032 34.59 -22.41 147.35
C LEU A 1032 35.72 -22.18 146.34
N VAL A 1033 35.52 -21.21 145.44
CA VAL A 1033 36.66 -20.67 144.70
C VAL A 1033 37.57 -19.93 145.68
N PRO A 1034 38.88 -20.21 145.71
CA PRO A 1034 39.71 -19.77 146.84
C PRO A 1034 39.76 -18.25 147.05
N TYR A 1035 39.51 -17.45 146.01
CA TYR A 1035 39.60 -16.00 146.16
C TYR A 1035 38.44 -15.23 145.56
N THR A 1036 37.64 -15.82 144.67
CA THR A 1036 36.62 -15.04 143.95
C THR A 1036 35.50 -14.61 144.88
N LEU A 1037 34.97 -15.54 145.67
CA LEU A 1037 33.83 -15.23 146.53
C LEU A 1037 34.25 -14.71 147.89
N LEU A 1038 35.25 -15.34 148.52
CA LEU A 1038 35.77 -14.86 149.80
C LEU A 1038 36.80 -13.79 149.51
N ASP A 1039 36.34 -12.54 149.43
CA ASP A 1039 37.21 -11.41 149.13
C ASP A 1039 37.99 -10.98 150.37
N ASP A 1040 38.81 -9.94 150.22
CA ASP A 1040 39.65 -9.47 151.31
C ASP A 1040 38.84 -8.84 152.44
N ARG A 1041 37.58 -8.51 152.20
CA ARG A 1041 36.76 -7.91 153.26
C ARG A 1041 36.47 -8.90 154.38
N THR A 1042 36.37 -10.19 154.06
CA THR A 1042 36.13 -11.21 155.08
C THR A 1042 37.43 -11.72 155.70
N LYS A 1043 38.46 -11.92 154.89
CA LYS A 1043 39.76 -12.37 155.38
C LYS A 1043 40.67 -11.19 155.72
N LYS A 1044 40.13 -10.27 156.53
CA LYS A 1044 40.88 -9.08 156.90
C LYS A 1044 42.08 -9.41 157.76
N SER A 1045 42.00 -10.46 158.57
CA SER A 1045 43.16 -10.87 159.37
C SER A 1045 44.34 -11.26 158.47
N ASN A 1046 44.08 -12.12 157.48
CA ASN A 1046 45.13 -12.52 156.55
C ASN A 1046 45.61 -11.34 155.71
N LYS A 1047 44.68 -10.47 155.30
CA LYS A 1047 45.06 -9.31 154.49
C LYS A 1047 45.99 -8.38 155.26
N ASP A 1048 45.64 -8.06 156.51
CA ASP A 1048 46.49 -7.21 157.33
C ASP A 1048 47.81 -7.89 157.68
N SER A 1049 47.78 -9.21 157.91
CA SER A 1049 49.03 -9.92 158.17
C SER A 1049 49.98 -9.84 156.98
N LEU A 1050 49.44 -10.05 155.77
CA LEU A 1050 50.27 -9.96 154.57
C LEU A 1050 50.78 -8.55 154.34
N ARG A 1051 49.93 -7.55 154.60
CA ARG A 1051 50.34 -6.16 154.43
C ARG A 1051 51.46 -5.79 155.40
N GLU A 1052 51.33 -6.20 156.66
CA GLU A 1052 52.38 -5.95 157.63
C GLU A 1052 53.65 -6.72 157.27
N ALA A 1053 53.50 -7.95 156.77
CA ALA A 1053 54.66 -8.74 156.38
C ALA A 1053 55.43 -8.06 155.25
N VAL A 1054 54.72 -7.57 154.23
CA VAL A 1054 55.42 -6.96 153.10
C VAL A 1054 55.99 -5.60 153.49
N ARG A 1055 55.31 -4.86 154.36
CA ARG A 1055 55.89 -3.61 154.86
C ARG A 1055 57.18 -3.86 155.63
N THR A 1056 57.17 -4.88 156.51
CA THR A 1056 58.38 -5.21 157.25
C THR A 1056 59.48 -5.71 156.33
N LEU A 1057 59.12 -6.49 155.31
CA LEU A 1057 60.12 -6.98 154.36
C LEU A 1057 60.76 -5.83 153.57
N LEU A 1058 59.95 -4.85 153.18
CA LEU A 1058 60.50 -3.67 152.52
C LEU A 1058 61.40 -2.88 153.46
N GLY A 1059 61.01 -2.80 154.74
CA GLY A 1059 61.84 -2.12 155.72
C GLY A 1059 63.11 -2.88 156.09
N TYR A 1060 63.15 -4.19 155.82
CA TYR A 1060 64.32 -4.98 156.17
C TYR A 1060 65.50 -4.64 155.25
N GLY A 1061 65.34 -4.90 153.95
CA GLY A 1061 66.41 -4.69 153.00
C GLY A 1061 67.08 -5.98 152.60
N GLY A 1082 37.87 -15.05 115.74
CA GLY A 1082 37.43 -14.92 114.37
C GLY A 1082 35.97 -15.25 114.17
N GLU A 1083 35.48 -16.23 114.93
CA GLU A 1083 34.09 -16.65 114.85
C GLU A 1083 33.21 -15.78 115.75
N ARG A 1084 31.99 -16.24 116.01
CA ARG A 1084 30.99 -15.66 116.90
C ARG A 1084 30.39 -14.37 116.36
N PHE A 1085 30.74 -13.94 115.15
CA PHE A 1085 30.08 -12.80 114.54
C PHE A 1085 28.71 -13.20 114.03
N ARG A 1086 27.72 -12.35 114.23
CA ARG A 1086 26.35 -12.59 113.79
C ARG A 1086 25.88 -11.38 112.99
N ILE A 1087 25.74 -11.55 111.67
CA ILE A 1087 25.27 -10.48 110.81
C ILE A 1087 23.74 -10.47 110.88
N PHE A 1088 23.19 -9.49 111.61
CA PHE A 1088 21.75 -9.37 111.80
C PHE A 1088 21.14 -8.78 110.54
N ARG A 1089 20.81 -9.65 109.59
CA ARG A 1089 20.25 -9.24 108.32
C ARG A 1089 18.76 -8.94 108.45
N ALA A 1090 18.18 -8.45 107.37
CA ALA A 1090 16.75 -8.22 107.26
C ALA A 1090 16.18 -9.08 106.14
N GLU A 1091 14.86 -9.09 106.04
CA GLU A 1091 14.20 -9.82 104.97
C GLU A 1091 14.48 -9.14 103.63
N LYS A 1092 14.89 -9.92 102.64
CA LYS A 1092 15.22 -9.38 101.33
C LYS A 1092 14.00 -9.02 100.50
N THR A 1093 12.79 -9.32 100.98
CA THR A 1093 11.58 -9.03 100.21
C THR A 1093 11.40 -7.53 100.03
N TYR A 1094 11.64 -6.74 101.07
CA TYR A 1094 11.55 -5.29 100.96
C TYR A 1094 12.90 -4.66 100.64
N ALA A 1095 13.55 -5.17 99.59
CA ALA A 1095 14.82 -4.61 99.15
C ALA A 1095 14.61 -3.25 98.50
N VAL A 1096 15.72 -2.57 98.25
CA VAL A 1096 15.68 -1.22 97.69
C VAL A 1096 16.31 -1.23 96.30
N LYS A 1097 15.86 -0.30 95.47
CA LYS A 1097 16.46 -0.10 94.16
C LYS A 1097 16.59 1.36 93.77
N ALA A 1098 16.08 2.29 94.56
CA ALA A 1098 16.10 3.72 94.27
C ALA A 1098 15.76 4.46 95.56
N GLY A 1099 15.68 5.79 95.48
CA GLY A 1099 15.30 6.58 96.62
C GLY A 1099 16.39 6.69 97.67
N ARG A 1100 16.00 7.21 98.83
CA ARG A 1100 16.91 7.39 99.95
C ARG A 1100 16.14 7.29 101.26
N TRP A 1101 16.81 6.77 102.27
CA TRP A 1101 16.19 6.58 103.59
C TRP A 1101 17.23 6.81 104.68
N TYR A 1102 16.74 7.05 105.89
CA TYR A 1102 17.58 7.22 107.06
C TYR A 1102 17.61 5.93 107.88
N PHE A 1103 18.74 5.69 108.53
CA PHE A 1103 18.91 4.51 109.36
C PHE A 1103 19.97 4.79 110.40
N GLU A 1104 19.64 4.57 111.67
CA GLU A 1104 20.58 4.74 112.77
C GLU A 1104 20.61 3.47 113.61
N PHE A 1105 21.80 3.17 114.16
CA PHE A 1105 22.01 1.99 115.00
C PHE A 1105 22.46 2.47 116.37
N GLU A 1106 21.64 2.22 117.39
CA GLU A 1106 21.99 2.62 118.74
C GLU A 1106 23.02 1.66 119.32
N ALA A 1107 24.16 2.20 119.74
CA ALA A 1107 25.26 1.41 120.26
C ALA A 1107 25.30 1.55 121.77
N VAL A 1108 25.31 0.41 122.46
CA VAL A 1108 25.37 0.38 123.92
C VAL A 1108 26.76 -0.01 124.40
N THR A 1109 27.34 -1.06 123.81
CA THR A 1109 28.68 -1.52 124.18
C THR A 1109 29.72 -0.86 123.27
N ALA A 1110 30.67 -0.18 123.89
CA ALA A 1110 31.76 0.42 123.14
C ALA A 1110 32.71 -0.64 122.62
N GLY A 1111 33.45 -0.29 121.56
CA GLY A 1111 34.38 -1.22 120.97
C GLY A 1111 34.04 -1.57 119.54
N ASP A 1112 33.70 -2.84 119.29
CA ASP A 1112 33.38 -3.31 117.95
C ASP A 1112 31.87 -3.17 117.74
N MET A 1113 31.48 -2.17 116.95
CA MET A 1113 30.09 -1.94 116.60
C MET A 1113 29.92 -1.85 115.09
N ARG A 1114 30.62 -2.74 114.37
CA ARG A 1114 30.63 -2.74 112.91
C ARG A 1114 29.24 -2.99 112.35
N VAL A 1115 28.61 -1.95 111.82
CA VAL A 1115 27.27 -2.01 111.28
C VAL A 1115 27.24 -1.31 109.92
N GLY A 1116 26.22 -1.63 109.14
CA GLY A 1116 26.07 -1.04 107.82
C GLY A 1116 24.96 -1.69 107.03
N TRP A 1117 25.24 -2.04 105.77
CA TRP A 1117 24.26 -2.70 104.93
C TRP A 1117 24.97 -3.60 103.94
N SER A 1118 24.22 -4.55 103.37
CA SER A 1118 24.76 -5.47 102.39
C SER A 1118 23.65 -5.94 101.47
N ARG A 1119 24.04 -6.40 100.29
CA ARG A 1119 23.11 -7.05 99.39
C ARG A 1119 22.72 -8.42 99.95
N PRO A 1120 21.58 -8.96 99.52
CA PRO A 1120 21.25 -10.35 99.89
C PRO A 1120 22.37 -11.31 99.51
N GLY A 1121 22.68 -11.36 98.21
CA GLY A 1121 23.87 -12.01 97.68
C GLY A 1121 24.24 -13.35 98.26
N CYS A 1122 25.40 -13.41 98.90
CA CYS A 1122 25.92 -14.63 99.50
C CYS A 1122 26.77 -14.24 100.72
N GLN A 1123 27.60 -15.17 101.17
CA GLN A 1123 28.53 -14.96 102.29
C GLN A 1123 27.77 -14.60 103.57
N PRO A 1124 26.95 -15.54 104.02
CA PRO A 1124 26.24 -15.39 105.28
C PRO A 1124 27.11 -15.68 106.50
N ASP A 1125 28.34 -16.16 106.29
CA ASP A 1125 29.31 -16.35 107.37
C ASP A 1125 30.68 -15.98 106.81
N LEU A 1126 31.06 -14.72 106.94
CA LEU A 1126 32.33 -14.20 106.43
C LEU A 1126 32.56 -12.84 107.09
N GLU A 1127 33.67 -12.20 106.72
CA GLU A 1127 34.00 -10.89 107.25
C GLU A 1127 33.01 -9.85 106.72
N LEU A 1128 32.41 -9.09 107.63
CA LEU A 1128 31.43 -8.09 107.24
C LEU A 1128 32.12 -6.93 106.55
N GLY A 1129 31.63 -6.55 105.37
CA GLY A 1129 32.24 -5.48 104.62
C GLY A 1129 33.57 -5.81 104.01
N SER A 1130 33.90 -7.09 103.85
CA SER A 1130 35.18 -7.47 103.28
C SER A 1130 35.26 -7.11 101.80
N ASP A 1131 34.21 -7.41 101.05
CA ASP A 1131 34.16 -7.10 99.64
C ASP A 1131 33.22 -5.92 99.39
N ASP A 1132 33.02 -5.58 98.11
CA ASP A 1132 32.09 -4.52 97.76
C ASP A 1132 30.64 -4.93 97.93
N ARG A 1133 30.36 -6.23 98.16
CA ARG A 1133 28.99 -6.68 98.37
C ARG A 1133 28.42 -6.10 99.65
N ALA A 1134 29.23 -6.01 100.71
CA ALA A 1134 28.79 -5.51 102.00
C ALA A 1134 29.51 -4.21 102.33
N PHE A 1135 28.80 -3.33 103.04
CA PHE A 1135 29.34 -2.06 103.50
C PHE A 1135 29.11 -1.95 105.00
N ALA A 1136 30.16 -1.59 105.74
CA ALA A 1136 30.06 -1.48 107.18
C ALA A 1136 31.10 -0.50 107.68
N PHE A 1137 30.93 -0.06 108.93
CA PHE A 1137 31.88 0.84 109.58
C PHE A 1137 32.00 0.47 111.04
N ASP A 1138 33.23 0.27 111.50
CA ASP A 1138 33.52 -0.14 112.87
C ASP A 1138 34.08 1.04 113.66
N GLY A 1139 34.12 0.86 114.98
CA GLY A 1139 34.64 1.89 115.87
C GLY A 1139 35.85 1.45 116.65
N PHE A 1140 36.00 0.15 116.87
CA PHE A 1140 37.18 -0.36 117.56
C PHE A 1140 38.44 -0.07 116.76
N LYS A 1141 38.40 -0.29 115.45
CA LYS A 1141 39.50 0.07 114.56
C LYS A 1141 39.32 1.44 113.94
N ALA A 1142 38.17 2.08 114.16
CA ALA A 1142 37.85 3.41 113.63
C ALA A 1142 38.04 3.45 112.11
N GLN A 1143 37.28 2.60 111.44
CA GLN A 1143 37.39 2.47 109.99
C GLN A 1143 36.07 1.97 109.42
N ARG A 1144 35.92 2.14 108.11
CA ARG A 1144 34.79 1.57 107.38
C ARG A 1144 35.15 0.16 106.94
N TRP A 1145 34.33 -0.44 106.08
CA TRP A 1145 34.61 -1.78 105.57
C TRP A 1145 33.96 -1.90 104.19
N HIS A 1146 34.76 -1.71 103.15
CA HIS A 1146 34.30 -1.89 101.78
C HIS A 1146 35.54 -2.10 100.91
N GLN A 1147 35.70 -3.32 100.39
CA GLN A 1147 36.82 -3.68 99.52
C GLN A 1147 38.17 -3.39 100.20
N GLY A 1148 38.22 -3.64 101.50
CA GLY A 1148 39.41 -3.39 102.30
C GLY A 1148 39.07 -2.67 103.58
N ASN A 1149 40.13 -2.34 104.33
CA ASN A 1149 39.94 -1.64 105.61
C ASN A 1149 39.54 -0.19 105.39
N GLU A 1150 40.42 0.60 104.77
CA GLU A 1150 40.16 1.99 104.40
C GLU A 1150 39.76 2.82 105.62
N HIS A 1151 40.77 3.02 106.49
CA HIS A 1151 40.64 3.77 107.74
C HIS A 1151 39.84 5.06 107.55
N TYR A 1152 38.76 5.19 108.31
CA TYR A 1152 37.78 6.24 108.09
C TYR A 1152 37.12 6.60 109.40
N GLY A 1153 36.87 7.90 109.60
CA GLY A 1153 36.14 8.36 110.75
C GLY A 1153 36.94 8.29 112.04
N ARG A 1154 36.21 8.35 113.15
CA ARG A 1154 36.79 8.32 114.49
C ARG A 1154 36.12 7.23 115.30
N SER A 1155 36.81 6.81 116.36
CA SER A 1155 36.28 5.76 117.23
C SER A 1155 35.05 6.24 117.99
N TRP A 1156 34.12 5.32 118.21
CA TRP A 1156 32.90 5.61 118.95
C TRP A 1156 33.01 5.06 120.37
N GLN A 1157 31.93 5.21 121.13
CA GLN A 1157 31.90 4.76 122.51
C GLN A 1157 30.45 4.37 122.83
N ALA A 1158 30.15 4.21 124.12
CA ALA A 1158 28.80 3.87 124.54
C ALA A 1158 27.86 5.04 124.29
N GLY A 1159 26.64 4.71 123.83
CA GLY A 1159 25.65 5.72 123.52
C GLY A 1159 25.99 6.52 122.28
N ASP A 1160 26.04 5.84 121.13
CA ASP A 1160 26.36 6.48 119.87
C ASP A 1160 25.50 5.90 118.77
N VAL A 1161 25.23 6.72 117.74
CA VAL A 1161 24.45 6.30 116.59
C VAL A 1161 25.29 6.54 115.34
N VAL A 1162 25.40 5.50 114.51
CA VAL A 1162 26.24 5.59 113.32
C VAL A 1162 25.61 6.51 112.27
N GLY A 1163 24.28 6.45 112.12
CA GLY A 1163 23.59 7.34 111.21
C GLY A 1163 23.84 7.05 109.74
N CYS A 1164 23.32 5.94 109.24
CA CYS A 1164 23.54 5.52 107.87
C CYS A 1164 22.36 5.94 107.00
N MET A 1165 22.66 6.60 105.87
CA MET A 1165 21.64 6.95 104.89
C MET A 1165 22.10 6.49 103.51
N VAL A 1166 21.18 5.90 102.76
CA VAL A 1166 21.44 5.54 101.38
C VAL A 1166 21.19 6.75 100.49
N ASP A 1167 21.83 6.75 99.32
CA ASP A 1167 21.63 7.78 98.30
C ASP A 1167 21.74 7.09 96.94
N MET A 1168 20.61 6.62 96.42
CA MET A 1168 20.59 5.83 95.20
C MET A 1168 20.49 6.67 93.93
N ASN A 1169 20.23 7.97 94.04
CA ASN A 1169 20.17 8.83 92.87
C ASN A 1169 21.55 9.34 92.45
N GLU A 1170 22.57 9.12 93.28
CA GLU A 1170 23.93 9.44 92.89
C GLU A 1170 24.95 8.39 93.31
N HIS A 1171 24.52 7.33 94.02
CA HIS A 1171 25.37 6.20 94.41
C HIS A 1171 26.57 6.65 95.25
N THR A 1172 26.34 7.58 96.18
CA THR A 1172 27.36 8.02 97.13
C THR A 1172 26.83 7.85 98.54
N MET A 1173 27.44 6.94 99.29
CA MET A 1173 27.05 6.66 100.66
C MET A 1173 27.77 7.59 101.64
N MET A 1174 27.21 7.69 102.84
CA MET A 1174 27.78 8.55 103.88
C MET A 1174 27.25 8.09 105.24
N PHE A 1175 27.92 8.56 106.30
CA PHE A 1175 27.51 8.29 107.66
C PHE A 1175 27.67 9.56 108.49
N THR A 1176 26.78 9.74 109.47
CA THR A 1176 26.84 10.87 110.39
C THR A 1176 26.84 10.33 111.82
N LEU A 1177 28.02 10.33 112.45
CA LEU A 1177 28.14 9.87 113.84
C LEU A 1177 27.53 10.91 114.76
N ASN A 1178 26.36 10.60 115.32
CA ASN A 1178 25.63 11.49 116.22
C ASN A 1178 25.39 12.85 115.59
N GLY A 1179 24.98 12.83 114.32
CA GLY A 1179 24.75 14.04 113.57
C GLY A 1179 25.99 14.68 113.00
N GLU A 1180 27.16 14.10 113.21
CA GLU A 1180 28.43 14.63 112.71
C GLU A 1180 28.99 13.67 111.68
N ILE A 1181 29.26 14.17 110.48
CA ILE A 1181 29.79 13.35 109.40
C ILE A 1181 31.23 12.96 109.72
N LEU A 1182 31.52 11.66 109.64
CA LEU A 1182 32.85 11.16 109.95
C LEU A 1182 33.81 11.49 108.82
N LEU A 1183 34.95 12.09 109.17
CA LEU A 1183 35.94 12.46 108.17
C LEU A 1183 36.67 11.22 107.67
N ASP A 1184 36.79 11.10 106.35
CA ASP A 1184 37.39 9.92 105.75
C ASP A 1184 38.91 10.06 105.71
N ASP A 1185 39.57 9.11 105.06
CA ASP A 1185 41.03 9.16 104.96
C ASP A 1185 41.50 10.30 104.06
N SER A 1186 40.70 10.68 103.08
CA SER A 1186 41.04 11.76 102.16
C SER A 1186 40.56 13.12 102.65
N GLY A 1187 39.95 13.19 103.83
CA GLY A 1187 39.45 14.46 104.35
C GLY A 1187 38.27 15.01 103.58
N SER A 1188 37.37 14.14 103.10
CA SER A 1188 36.19 14.57 102.35
C SER A 1188 34.89 14.18 103.03
N GLU A 1189 34.95 13.61 104.25
CA GLU A 1189 33.82 13.11 105.02
C GLU A 1189 32.76 12.42 104.14
N LEU A 1190 33.22 11.41 103.42
CA LEU A 1190 32.37 10.62 102.54
C LEU A 1190 32.77 9.16 102.69
N ALA A 1191 31.79 8.26 102.57
CA ALA A 1191 32.03 6.83 102.84
C ALA A 1191 32.37 6.06 101.58
N PHE A 1192 31.42 5.94 100.65
CA PHE A 1192 31.58 5.09 99.47
C PHE A 1192 30.96 5.75 98.26
N LYS A 1193 31.46 5.38 97.08
CA LYS A 1193 30.95 5.89 95.81
C LYS A 1193 31.10 4.84 94.73
N ASP A 1194 30.36 5.03 93.64
CA ASP A 1194 30.53 4.33 92.37
C ASP A 1194 30.39 2.81 92.53
N PHE A 1195 29.16 2.40 92.84
CA PHE A 1195 28.80 0.99 92.87
C PHE A 1195 27.52 0.77 92.07
N ASP A 1196 27.36 -0.44 91.55
CA ASP A 1196 26.13 -0.81 90.86
C ASP A 1196 25.05 -1.14 91.88
N VAL A 1197 23.80 -0.79 91.53
CA VAL A 1197 22.68 -1.08 92.41
C VAL A 1197 22.48 -2.58 92.54
N GLY A 1198 22.45 -3.29 91.42
CA GLY A 1198 22.26 -4.73 91.44
C GLY A 1198 20.91 -5.10 92.03
N ASP A 1199 20.94 -5.94 93.07
CA ASP A 1199 19.73 -6.33 93.77
C ASP A 1199 19.40 -5.43 94.94
N GLY A 1200 20.19 -4.37 95.17
CA GLY A 1200 19.96 -3.49 96.29
C GLY A 1200 20.63 -3.98 97.55
N PHE A 1201 20.55 -3.15 98.59
CA PHE A 1201 21.19 -3.42 99.86
C PHE A 1201 20.20 -3.23 101.00
N ILE A 1202 20.37 -4.03 102.04
CA ILE A 1202 19.53 -3.97 103.24
C ILE A 1202 20.44 -3.84 104.46
N PRO A 1203 19.99 -3.16 105.53
CA PRO A 1203 20.89 -2.92 106.67
C PRO A 1203 21.38 -4.21 107.30
N VAL A 1204 22.66 -4.22 107.66
CA VAL A 1204 23.33 -5.39 108.23
C VAL A 1204 24.19 -4.94 109.40
N CYS A 1205 24.07 -5.62 110.53
CA CYS A 1205 24.87 -5.37 111.72
C CYS A 1205 25.92 -6.47 111.88
N SER A 1206 26.71 -6.38 112.94
CA SER A 1206 27.68 -7.41 113.28
C SER A 1206 28.12 -7.22 114.72
N LEU A 1207 28.01 -8.29 115.52
CA LEU A 1207 28.42 -8.27 116.92
C LEU A 1207 29.34 -9.47 117.16
N GLY A 1208 30.61 -9.20 117.45
CA GLY A 1208 31.57 -10.25 117.66
C GLY A 1208 31.40 -11.03 118.95
N VAL A 1209 31.70 -10.39 120.08
CA VAL A 1209 31.65 -11.04 121.39
C VAL A 1209 31.14 -10.04 122.41
N ALA A 1210 30.05 -10.38 123.10
CA ALA A 1210 29.52 -9.61 124.22
C ALA A 1210 29.26 -8.15 123.84
N GLN A 1211 28.70 -7.94 122.67
CA GLN A 1211 28.39 -6.61 122.16
C GLN A 1211 26.88 -6.41 122.13
N VAL A 1212 26.42 -5.32 122.73
CA VAL A 1212 25.00 -5.00 122.81
C VAL A 1212 24.68 -3.94 121.77
N GLY A 1213 23.67 -4.22 120.94
CA GLY A 1213 23.25 -3.28 119.92
C GLY A 1213 21.75 -3.04 119.91
N ARG A 1214 21.27 -2.30 118.92
CA ARG A 1214 19.83 -2.02 118.82
C ARG A 1214 19.49 -1.80 117.36
N MET A 1215 18.68 -2.70 116.80
CA MET A 1215 18.26 -2.62 115.40
C MET A 1215 17.02 -1.74 115.33
N ASN A 1216 17.20 -0.52 114.85
CA ASN A 1216 16.11 0.47 114.83
C ASN A 1216 16.03 1.10 113.45
N PHE A 1217 14.88 0.93 112.79
CA PHE A 1217 14.56 1.65 111.56
C PHE A 1217 13.59 2.80 111.79
N GLY A 1218 12.65 2.64 112.71
CA GLY A 1218 11.74 3.71 113.05
C GLY A 1218 10.39 3.61 112.39
N LYS A 1219 9.38 3.18 113.14
CA LYS A 1219 8.01 3.24 112.64
C LYS A 1219 7.48 4.66 112.65
N ASP A 1220 7.99 5.50 113.55
CA ASP A 1220 7.60 6.89 113.66
C ASP A 1220 8.85 7.75 113.81
N VAL A 1221 8.66 9.06 113.65
CA VAL A 1221 9.78 10.00 113.80
C VAL A 1221 10.27 10.02 115.23
N SER A 1222 9.34 9.96 116.20
CA SER A 1222 9.72 10.00 117.61
C SER A 1222 10.45 8.74 118.06
N THR A 1223 10.39 7.66 117.28
CA THR A 1223 11.12 6.44 117.63
C THR A 1223 12.63 6.69 117.61
N LEU A 1224 13.11 7.39 116.59
CA LEU A 1224 14.52 7.74 116.49
C LEU A 1224 14.78 9.11 117.12
N LYS A 1225 16.01 9.33 117.54
CA LYS A 1225 16.42 10.56 118.20
C LYS A 1225 17.25 11.47 117.30
N TYR A 1226 18.23 10.94 116.61
CA TYR A 1226 19.09 11.73 115.73
C TYR A 1226 18.59 11.76 114.29
N PHE A 1227 17.39 11.24 114.03
CA PHE A 1227 16.82 11.30 112.69
C PHE A 1227 16.51 12.72 112.27
N THR A 1228 16.13 13.57 113.22
CA THR A 1228 15.77 14.96 112.94
C THR A 1228 16.97 15.89 112.90
N ILE A 1229 18.17 15.35 112.69
CA ILE A 1229 19.38 16.17 112.67
C ILE A 1229 19.75 16.51 111.22
N CYS A 1230 19.93 15.49 110.40
CA CYS A 1230 20.32 15.69 109.00
C CYS A 1230 19.40 14.98 108.01
N GLY A 1231 18.90 13.80 108.35
CA GLY A 1231 18.05 13.06 107.43
C GLY A 1231 16.71 13.73 107.19
N LEU A 1232 16.10 14.27 108.24
CA LEU A 1232 14.79 14.91 108.10
C LEU A 1232 14.90 16.20 107.28
N GLN A 1233 15.95 16.99 107.51
CA GLN A 1233 16.11 18.27 106.84
C GLN A 1233 16.53 18.14 105.38
N GLU A 1234 17.06 17.01 104.97
CA GLU A 1234 17.52 16.82 103.59
C GLU A 1234 16.52 16.06 102.73
N GLY A 1235 15.68 15.22 103.32
CA GLY A 1235 14.70 14.47 102.55
C GLY A 1235 14.81 12.98 102.70
N TYR A 1236 15.37 12.53 103.83
CA TYR A 1236 15.50 11.11 104.13
C TYR A 1236 14.37 10.67 105.04
N GLU A 1237 13.82 9.49 104.77
CA GLU A 1237 12.71 8.93 105.51
C GLU A 1237 13.13 7.69 106.29
N PRO A 1238 12.40 7.34 107.35
CA PRO A 1238 12.69 6.08 108.04
C PRO A 1238 12.44 4.88 107.13
N PHE A 1239 13.14 3.78 107.41
CA PHE A 1239 13.01 2.58 106.58
C PHE A 1239 11.63 1.94 106.70
N ALA A 1240 10.87 2.25 107.75
CA ALA A 1240 9.53 1.73 107.94
C ALA A 1240 8.51 2.86 108.02
N VAL A 1241 8.67 3.86 107.14
CA VAL A 1241 7.76 5.00 107.15
C VAL A 1241 6.38 4.60 106.63
N ASN A 1242 6.34 3.77 105.59
CA ASN A 1242 5.08 3.42 104.95
C ASN A 1242 4.50 2.08 105.41
N THR A 1243 5.32 1.20 105.98
CA THR A 1243 4.85 -0.11 106.39
C THR A 1243 3.95 0.01 107.61
N ASN A 1244 2.79 -0.66 107.56
CA ASN A 1244 1.86 -0.68 108.67
C ASN A 1244 2.06 -1.87 109.59
N ARG A 1245 3.08 -2.68 109.35
CA ARG A 1245 3.38 -3.84 110.17
C ARG A 1245 4.82 -3.77 110.63
N ASP A 1246 5.13 -4.51 111.70
CA ASP A 1246 6.48 -4.54 112.22
C ASP A 1246 7.42 -5.22 111.22
N ILE A 1247 8.64 -4.70 111.13
CA ILE A 1247 9.64 -5.21 110.20
C ILE A 1247 10.48 -6.27 110.91
N THR A 1248 10.52 -7.47 110.35
CA THR A 1248 11.27 -8.57 110.92
C THR A 1248 12.70 -8.59 110.38
N MET A 1249 13.62 -9.08 111.18
CA MET A 1249 15.04 -9.12 110.84
C MET A 1249 15.57 -10.53 110.99
N TRP A 1250 16.51 -10.88 110.10
CA TRP A 1250 17.15 -12.18 110.12
C TRP A 1250 18.41 -12.15 110.97
N LEU A 1251 19.00 -13.33 111.18
CA LEU A 1251 20.25 -13.43 111.92
C LEU A 1251 20.95 -14.71 111.52
N SER A 1252 22.24 -14.77 111.83
CA SER A 1252 23.05 -15.93 111.50
C SER A 1252 22.67 -17.12 112.38
N LYS A 1253 22.79 -18.32 111.81
CA LYS A 1253 22.46 -19.54 112.53
C LYS A 1253 23.59 -19.91 113.50
N ARG A 1254 23.25 -20.79 114.44
CA ARG A 1254 24.22 -21.30 115.40
C ARG A 1254 24.67 -22.71 115.12
N LEU A 1255 23.87 -23.50 114.38
CA LEU A 1255 24.20 -24.87 114.06
C LEU A 1255 24.33 -25.03 112.55
N PRO A 1256 25.26 -25.88 112.08
CA PRO A 1256 25.40 -26.08 110.63
C PRO A 1256 24.30 -26.97 110.09
N GLN A 1257 23.72 -26.57 108.96
CA GLN A 1257 22.71 -27.39 108.31
C GLN A 1257 23.32 -28.67 107.78
N PHE A 1258 22.50 -29.73 107.75
CA PHE A 1258 23.03 -31.06 107.47
C PHE A 1258 23.47 -31.22 106.02
N LEU A 1259 22.52 -31.11 105.08
CA LEU A 1259 22.83 -31.42 103.69
C LEU A 1259 23.73 -30.36 103.07
N GLN A 1260 23.20 -29.14 102.90
CA GLN A 1260 23.93 -27.98 102.39
C GLN A 1260 24.76 -28.33 101.16
N VAL A 1261 24.05 -28.66 100.09
CA VAL A 1261 24.66 -29.11 98.84
C VAL A 1261 25.59 -28.03 98.30
N PRO A 1262 26.86 -28.34 98.06
CA PRO A 1262 27.81 -27.31 97.65
C PRO A 1262 27.85 -27.11 96.15
N SER A 1263 27.98 -25.85 95.74
CA SER A 1263 27.99 -25.50 94.33
C SER A 1263 29.32 -24.88 93.90
N ASN A 1264 29.75 -23.80 94.54
CA ASN A 1264 30.92 -23.04 94.10
C ASN A 1264 31.79 -22.64 95.28
N HIS A 1265 32.06 -23.60 96.17
CA HIS A 1265 32.88 -23.31 97.33
C HIS A 1265 34.36 -23.19 96.94
N GLU A 1266 35.22 -23.00 97.94
CA GLU A 1266 36.62 -22.68 97.67
C GLU A 1266 37.35 -23.87 97.05
N HIS A 1267 37.25 -25.04 97.66
CA HIS A 1267 37.96 -26.23 97.18
C HIS A 1267 37.07 -27.46 97.27
N ILE A 1268 35.81 -27.31 96.88
CA ILE A 1268 34.83 -28.38 96.96
C ILE A 1268 34.39 -28.72 95.54
N GLU A 1269 34.51 -30.00 95.17
CA GLU A 1269 34.13 -30.43 93.83
C GLU A 1269 33.85 -31.93 93.85
N VAL A 1270 32.66 -32.32 93.42
CA VAL A 1270 32.26 -33.72 93.37
C VAL A 1270 32.11 -34.13 91.91
N THR A 1271 32.43 -35.40 91.64
CA THR A 1271 32.41 -35.93 90.28
C THR A 1271 31.57 -37.20 90.23
N ARG A 1272 30.96 -37.45 89.07
CA ARG A 1272 30.15 -38.64 88.84
C ARG A 1272 30.56 -39.29 87.53
N ILE A 1273 30.43 -40.61 87.47
CA ILE A 1273 30.73 -41.37 86.26
C ILE A 1273 29.49 -42.15 85.84
N ASP A 1274 29.53 -42.70 84.62
CA ASP A 1274 28.41 -43.40 84.04
C ASP A 1274 28.67 -44.90 83.86
N GLY A 1275 29.69 -45.44 84.52
CA GLY A 1275 29.95 -46.87 84.47
C GLY A 1275 28.82 -47.63 85.13
N THR A 1276 28.18 -48.53 84.37
CA THR A 1276 26.98 -49.19 84.85
C THR A 1276 27.08 -50.71 84.78
N ILE A 1277 27.77 -51.24 83.77
CA ILE A 1277 27.85 -52.68 83.54
C ILE A 1277 29.27 -53.05 83.15
N ASP A 1278 29.65 -54.29 83.48
CA ASP A 1278 30.96 -54.86 83.19
C ASP A 1278 32.11 -54.04 83.76
N SER A 1279 31.83 -53.23 84.77
CA SER A 1279 32.80 -52.32 85.37
C SER A 1279 32.21 -51.85 86.71
N SER A 1280 32.85 -50.85 87.31
CA SER A 1280 32.42 -50.22 88.55
C SER A 1280 32.29 -51.26 89.67
N PRO A 1281 33.40 -51.76 90.20
CA PRO A 1281 33.32 -52.71 91.33
C PRO A 1281 32.68 -52.13 92.57
N CYS A 1282 32.67 -50.80 92.71
CA CYS A 1282 31.94 -50.17 93.79
C CYS A 1282 30.43 -50.30 93.64
N LEU A 1283 29.97 -50.64 92.43
CA LEU A 1283 28.56 -50.93 92.12
C LEU A 1283 27.63 -49.76 92.37
N LYS A 1284 28.16 -48.55 92.58
CA LYS A 1284 27.32 -47.38 92.82
C LYS A 1284 26.74 -46.80 91.55
N VAL A 1285 27.23 -47.21 90.38
CA VAL A 1285 26.82 -46.70 89.06
C VAL A 1285 27.05 -45.19 89.05
N THR A 1286 28.04 -44.73 89.80
CA THR A 1286 28.42 -43.32 89.86
C THR A 1286 29.76 -43.24 90.56
N GLN A 1287 30.43 -42.09 90.40
CA GLN A 1287 31.71 -41.89 91.08
C GLN A 1287 31.50 -41.41 92.51
N LYS A 1288 30.87 -40.24 92.67
CA LYS A 1288 30.79 -39.54 93.96
C LYS A 1288 32.18 -39.29 94.54
N SER A 1289 33.14 -39.01 93.68
CA SER A 1289 34.51 -38.77 94.10
C SER A 1289 34.66 -37.34 94.58
N PHE A 1290 35.43 -37.15 95.66
CA PHE A 1290 35.62 -35.84 96.26
C PHE A 1290 37.11 -35.58 96.40
N GLY A 1291 37.55 -34.41 95.92
CA GLY A 1291 38.94 -34.03 96.02
C GLY A 1291 39.14 -32.56 96.32
N SER A 1292 39.95 -32.27 97.33
CA SER A 1292 40.28 -30.89 97.68
C SER A 1292 41.42 -30.38 96.80
N GLN A 1293 41.70 -29.08 96.91
CA GLN A 1293 42.73 -28.49 96.06
C GLN A 1293 44.13 -28.72 96.64
N ASN A 1294 44.42 -28.07 97.76
CA ASN A 1294 45.73 -28.19 98.43
C ASN A 1294 45.75 -27.50 99.78
N ASN A 1295 46.32 -28.16 100.79
CA ASN A 1295 46.73 -27.54 102.05
C ASN A 1295 45.59 -26.80 102.75
N ASN A 1296 44.38 -27.36 102.69
CA ASN A 1296 43.22 -26.74 103.33
C ASN A 1296 42.32 -27.85 103.86
N THR A 1297 42.44 -28.13 105.16
CA THR A 1297 41.58 -29.10 105.82
C THR A 1297 41.53 -28.79 107.32
N ASP A 1298 40.34 -28.89 107.90
CA ASP A 1298 40.15 -28.67 109.32
C ASP A 1298 39.16 -29.66 109.91
N ILE A 1299 39.08 -30.87 109.36
CA ILE A 1299 38.17 -31.93 109.78
C ILE A 1299 36.72 -31.46 109.68
N MET A 1300 36.10 -31.63 108.52
CA MET A 1300 34.73 -31.25 108.26
C MET A 1300 33.91 -32.48 107.89
N PHE A 1301 32.61 -32.41 108.19
CA PHE A 1301 31.74 -33.57 108.09
C PHE A 1301 31.04 -33.61 106.75
N TYR A 1302 31.26 -34.69 106.01
CA TYR A 1302 30.80 -34.80 104.62
C TYR A 1302 29.28 -34.78 104.54
N ARG A 1303 28.78 -34.20 103.44
CA ARG A 1303 27.34 -34.20 103.17
C ARG A 1303 27.17 -34.02 101.66
N LEU A 1304 26.89 -35.11 100.97
CA LEU A 1304 26.74 -35.11 99.52
C LEU A 1304 25.30 -35.43 99.14
N SER A 1305 24.94 -35.06 97.93
CA SER A 1305 23.60 -35.26 97.40
C SER A 1305 23.54 -36.53 96.57
N MET A 1306 22.50 -37.32 96.80
CA MET A 1306 22.26 -38.55 96.06
C MET A 1306 20.82 -38.56 95.54
N PRO A 1307 20.53 -37.77 94.50
CA PRO A 1307 19.16 -37.75 93.95
C PRO A 1307 18.78 -39.08 93.32
N ILE A 1308 19.59 -39.55 92.36
CA ILE A 1308 19.33 -40.84 91.72
C ILE A 1308 20.10 -41.93 92.45
N SER A 1424 22.59 -59.02 101.40
CA SER A 1424 22.40 -57.58 101.54
C SER A 1424 21.76 -56.99 100.29
N THR A 1425 21.19 -55.79 100.42
CA THR A 1425 20.56 -55.09 99.32
C THR A 1425 21.18 -53.70 99.19
N TYR A 1426 20.80 -53.01 98.12
CA TYR A 1426 21.21 -51.64 97.83
C TYR A 1426 22.74 -51.51 97.77
N TYR A 1427 23.32 -52.19 96.78
CA TYR A 1427 24.77 -52.20 96.59
C TYR A 1427 25.21 -50.89 95.98
N TYR A 1428 25.66 -49.96 96.82
CA TYR A 1428 26.22 -48.69 96.39
C TYR A 1428 27.52 -48.43 97.15
N SER A 1429 28.20 -47.34 96.79
CA SER A 1429 29.42 -46.95 97.46
C SER A 1429 29.64 -45.45 97.29
N VAL A 1430 30.08 -44.79 98.35
CA VAL A 1430 30.42 -43.38 98.32
C VAL A 1430 31.94 -43.26 98.24
N ARG A 1431 32.43 -42.61 97.19
CA ARG A 1431 33.87 -42.50 96.97
C ARG A 1431 34.45 -41.50 97.96
N ILE A 1432 34.72 -42.00 99.17
CA ILE A 1432 35.46 -41.26 100.18
C ILE A 1432 36.92 -41.21 99.72
N PHE A 1433 37.74 -40.41 100.40
CA PHE A 1433 39.15 -40.29 100.02
C PHE A 1433 39.81 -41.67 100.04
N PRO A 1434 40.55 -42.05 99.00
CA PRO A 1434 40.86 -43.46 98.77
C PRO A 1434 41.88 -44.06 99.74
N GLY A 1435 41.45 -44.30 100.98
CA GLY A 1435 42.14 -45.21 101.89
C GLY A 1435 43.58 -44.89 102.20
N GLN A 1436 44.02 -43.64 102.02
CA GLN A 1436 45.39 -43.30 102.33
C GLN A 1436 45.63 -43.11 103.82
N GLU A 1437 44.56 -43.04 104.63
CA GLU A 1437 44.60 -42.90 106.08
C GLU A 1437 45.48 -41.74 106.53
N PRO A 1438 45.11 -40.49 106.21
CA PRO A 1438 45.90 -39.35 106.69
C PRO A 1438 45.92 -39.24 108.21
N ALA A 1439 44.80 -39.58 108.86
CA ALA A 1439 44.74 -39.55 110.32
C ALA A 1439 43.93 -40.73 110.87
N ASN A 1440 43.77 -41.80 110.09
CA ASN A 1440 42.89 -42.92 110.42
C ASN A 1440 41.48 -42.44 110.74
N VAL A 1441 40.85 -41.85 109.72
CA VAL A 1441 39.56 -41.21 109.91
C VAL A 1441 38.48 -42.26 110.17
N TRP A 1442 37.36 -41.80 110.72
CA TRP A 1442 36.31 -42.66 111.24
C TRP A 1442 35.12 -42.64 110.28
N VAL A 1443 34.59 -43.83 110.00
CA VAL A 1443 33.51 -44.00 109.02
C VAL A 1443 32.35 -44.72 109.69
N GLY A 1444 31.15 -44.17 109.54
CA GLY A 1444 29.96 -44.78 110.12
C GLY A 1444 28.71 -44.11 109.61
N TRP A 1445 27.57 -44.68 110.01
CA TRP A 1445 26.28 -44.16 109.60
C TRP A 1445 25.81 -43.08 110.56
N ILE A 1446 25.43 -41.93 110.02
CA ILE A 1446 25.04 -40.77 110.81
C ILE A 1446 23.53 -40.67 110.86
N THR A 1447 23.00 -40.21 111.99
CA THR A 1447 21.57 -40.07 112.20
C THR A 1447 21.13 -38.63 111.95
N SER A 1448 19.81 -38.46 111.82
CA SER A 1448 19.24 -37.12 111.64
C SER A 1448 19.30 -36.29 112.91
N ASP A 1449 19.56 -36.91 114.05
CA ASP A 1449 19.64 -36.22 115.33
C ASP A 1449 20.97 -35.50 115.53
N PHE A 1450 21.89 -35.61 114.58
CA PHE A 1450 23.24 -35.05 114.73
C PHE A 1450 23.21 -33.55 114.58
N HIS A 1451 23.57 -32.83 115.65
CA HIS A 1451 23.78 -31.39 115.58
C HIS A 1451 24.86 -31.02 116.59
N GLN A 1452 26.11 -31.06 116.13
CA GLN A 1452 27.28 -30.65 116.92
C GLN A 1452 28.49 -30.59 116.02
N TYR A 1453 29.21 -29.47 116.02
CA TYR A 1453 30.35 -29.31 115.11
C TYR A 1453 31.50 -28.65 115.83
N ASP A 1454 32.70 -29.22 115.65
CA ASP A 1454 33.93 -28.67 116.19
C ASP A 1454 35.10 -29.28 115.41
N THR A 1455 36.29 -28.75 115.65
CA THR A 1455 37.48 -29.27 114.98
C THR A 1455 37.77 -30.71 115.41
N GLY A 1456 37.68 -30.97 116.72
CA GLY A 1456 37.92 -32.31 117.21
C GLY A 1456 36.76 -33.25 116.93
N PHE A 1457 37.06 -34.54 116.97
CA PHE A 1457 36.06 -35.57 116.71
C PHE A 1457 36.46 -36.85 117.43
N ASP A 1458 35.63 -37.87 117.29
CA ASP A 1458 35.83 -39.19 117.93
C ASP A 1458 35.91 -39.08 119.45
N LEU A 1459 35.31 -38.05 120.01
CA LEU A 1459 35.22 -37.86 121.45
C LEU A 1459 34.01 -38.65 121.97
N ASP A 1460 33.57 -38.33 123.19
CA ASP A 1460 32.34 -38.92 123.72
C ASP A 1460 31.17 -38.67 122.77
N ARG A 1461 31.08 -37.48 122.19
CA ARG A 1461 30.17 -37.15 121.09
C ARG A 1461 28.71 -37.39 121.49
N VAL A 1462 28.27 -36.58 122.46
CA VAL A 1462 26.89 -36.55 122.97
C VAL A 1462 26.58 -37.88 123.66
N ARG A 1463 25.44 -37.94 124.37
CA ARG A 1463 25.08 -39.11 125.14
C ARG A 1463 24.89 -40.34 124.25
N THR A 1464 25.30 -41.49 124.77
CA THR A 1464 25.25 -42.74 124.02
C THR A 1464 23.88 -43.41 124.05
N VAL A 1465 23.00 -43.00 124.97
CA VAL A 1465 21.64 -43.52 125.12
C VAL A 1465 21.67 -45.01 125.40
N THR A 1466 21.69 -45.38 126.68
CA THR A 1466 21.66 -46.78 127.11
C THR A 1466 20.46 -46.95 128.04
N VAL A 1467 19.39 -47.54 127.53
CA VAL A 1467 18.13 -47.69 128.24
C VAL A 1467 17.93 -49.15 128.59
N THR A 1468 17.56 -49.41 129.85
CA THR A 1468 17.29 -50.76 130.33
C THR A 1468 15.89 -50.82 130.94
N LEU A 1469 14.90 -50.34 130.19
CA LEU A 1469 13.53 -50.26 130.69
C LEU A 1469 13.02 -51.63 131.13
N GLY A 1470 12.36 -51.66 132.29
CA GLY A 1470 11.93 -52.89 132.92
C GLY A 1470 11.45 -52.62 134.33
N ASP A 1471 11.97 -53.35 135.31
CA ASP A 1471 11.68 -53.08 136.71
C ASP A 1471 12.81 -52.36 137.43
N GLU A 1472 13.99 -52.24 136.79
CA GLU A 1472 15.13 -51.51 137.31
C GLU A 1472 15.57 -52.01 138.68
N LYS A 1473 15.07 -51.37 139.75
CA LYS A 1473 15.45 -51.77 141.10
C LYS A 1473 14.99 -53.18 141.41
N GLY A 1474 13.81 -53.56 140.93
CA GLY A 1474 13.34 -54.92 141.09
C GLY A 1474 14.14 -55.92 140.29
N LYS A 1475 14.07 -55.80 138.96
CA LYS A 1475 14.82 -56.69 138.07
C LYS A 1475 14.93 -56.01 136.72
N VAL A 1476 16.16 -55.77 136.26
CA VAL A 1476 16.35 -55.13 134.96
C VAL A 1476 15.90 -56.06 133.84
N HIS A 1477 15.65 -55.47 132.68
CA HIS A 1477 15.15 -56.18 131.51
C HIS A 1477 16.10 -55.96 130.33
N GLU A 1478 15.64 -56.35 129.14
CA GLU A 1478 16.45 -56.22 127.93
C GLU A 1478 16.83 -54.77 127.69
N SER A 1479 18.11 -54.54 127.40
CA SER A 1479 18.62 -53.19 127.22
C SER A 1479 18.28 -52.65 125.84
N ILE A 1480 18.25 -51.33 125.74
CA ILE A 1480 17.99 -50.62 124.49
C ILE A 1480 19.07 -49.55 124.36
N LYS A 1481 20.14 -49.85 123.62
CA LYS A 1481 21.25 -48.93 123.42
C LYS A 1481 21.08 -48.28 122.05
N ARG A 1482 20.51 -47.08 122.02
CA ARG A 1482 20.30 -46.37 120.78
C ARG A 1482 21.62 -45.79 120.28
N SER A 1483 21.61 -45.33 119.03
CA SER A 1483 22.82 -44.80 118.40
C SER A 1483 23.08 -43.38 118.87
N ASN A 1484 24.31 -42.93 118.64
CA ASN A 1484 24.73 -41.57 118.96
C ASN A 1484 24.40 -40.63 117.82
N CYS A 1485 24.53 -39.33 118.09
CA CYS A 1485 24.50 -38.35 117.01
C CYS A 1485 25.69 -38.57 116.07
N TYR A 1486 26.87 -38.77 116.64
CA TYR A 1486 28.04 -39.21 115.87
C TYR A 1486 28.26 -40.71 116.06
N MET A 1487 27.28 -41.49 115.60
CA MET A 1487 27.34 -42.95 115.71
C MET A 1487 28.18 -43.50 114.56
N VAL A 1488 29.48 -43.20 114.63
CA VAL A 1488 30.41 -43.48 113.55
C VAL A 1488 31.53 -44.36 114.09
N CYS A 1489 31.77 -45.49 113.42
CA CYS A 1489 32.83 -46.39 113.82
C CYS A 1489 34.21 -45.80 113.55
N ALA A 1490 35.14 -46.07 114.45
CA ALA A 1490 36.50 -45.55 114.31
C ALA A 1490 37.24 -46.27 113.20
N GLY A 1491 38.20 -45.57 112.60
CA GLY A 1491 39.01 -46.19 111.55
C GLY A 1491 39.93 -47.27 112.09
N GLU A 1492 40.51 -47.05 113.27
CA GLU A 1492 41.40 -48.00 113.94
C GLU A 1492 42.60 -48.36 113.08
N SER A 1493 43.27 -49.46 113.42
CA SER A 1493 44.45 -49.91 112.69
C SER A 1493 44.03 -50.90 111.60
N MET A 1494 43.34 -50.36 110.59
CA MET A 1494 42.90 -51.18 109.48
C MET A 1494 44.09 -51.62 108.63
N SER A 1495 44.02 -52.86 108.13
CA SER A 1495 45.05 -53.48 107.29
C SER A 1495 46.41 -53.47 107.98
N PRO A 1496 46.60 -54.29 109.01
CA PRO A 1496 47.91 -54.30 109.71
C PRO A 1496 49.06 -54.79 108.84
N GLY A 1497 48.78 -55.47 107.73
CA GLY A 1497 49.82 -55.97 106.86
C GLY A 1497 50.37 -54.99 105.86
N GLN A 1498 49.91 -53.74 105.89
CA GLN A 1498 50.38 -52.67 104.99
C GLN A 1498 50.17 -53.07 103.52
N GLY A 1499 48.90 -53.23 103.16
CA GLY A 1499 48.54 -53.65 101.82
C GLY A 1499 48.58 -52.54 100.79
N ARG A 1500 47.59 -52.52 99.90
CA ARG A 1500 47.56 -51.53 98.84
C ARG A 1500 47.26 -50.15 99.39
N ASN A 1501 47.55 -49.13 98.58
CA ASN A 1501 47.37 -47.75 99.01
C ASN A 1501 45.89 -47.38 99.07
N ASN A 1502 45.21 -47.42 97.93
CA ASN A 1502 43.81 -46.99 97.87
C ASN A 1502 42.85 -48.15 98.06
N SER A 1503 43.08 -48.96 99.09
CA SER A 1503 42.11 -49.98 99.51
C SER A 1503 42.41 -50.31 100.98
N ASN A 1504 41.70 -49.63 101.88
CA ASN A 1504 41.81 -49.91 103.32
C ASN A 1504 40.41 -49.82 103.94
N GLY A 1505 39.65 -50.90 103.86
CA GLY A 1505 38.37 -51.04 104.53
C GLY A 1505 37.44 -49.85 104.53
N LEU A 1506 36.92 -49.47 103.36
CA LEU A 1506 36.10 -48.27 103.25
C LEU A 1506 34.94 -48.51 102.30
N GLU A 1507 34.00 -47.57 102.34
CA GLU A 1507 32.82 -47.46 101.45
C GLU A 1507 32.17 -48.82 101.19
N ILE A 1508 31.68 -49.44 102.27
CA ILE A 1508 30.93 -50.68 102.12
C ILE A 1508 29.59 -50.42 101.45
N GLY A 1509 28.83 -49.45 101.95
CA GLY A 1509 27.60 -48.99 101.31
C GLY A 1509 26.54 -50.04 101.07
N CYS A 1510 26.23 -50.85 102.08
CA CYS A 1510 25.27 -51.94 101.91
C CYS A 1510 24.33 -51.98 103.10
N VAL A 1511 23.15 -52.55 102.88
CA VAL A 1511 22.12 -52.69 103.90
C VAL A 1511 21.55 -54.10 103.83
N VAL A 1512 21.25 -54.68 104.99
CA VAL A 1512 20.72 -56.03 105.08
C VAL A 1512 19.27 -56.05 104.59
N ASP A 1513 18.73 -57.26 104.39
CA ASP A 1513 17.40 -57.41 103.81
C ASP A 1513 16.32 -56.85 104.72
N ALA A 1514 16.41 -57.11 106.02
CA ALA A 1514 15.39 -56.69 106.98
C ALA A 1514 16.03 -55.87 108.09
N ALA A 1515 15.25 -54.95 108.64
CA ALA A 1515 15.74 -54.07 109.70
C ALA A 1515 15.86 -54.84 111.01
N SER A 1516 17.02 -55.47 111.22
CA SER A 1516 17.28 -56.28 112.42
C SER A 1516 18.11 -55.52 113.45
N GLY A 1517 17.92 -54.22 113.55
CA GLY A 1517 18.68 -53.40 114.48
C GLY A 1517 20.02 -52.93 113.96
N LEU A 1518 20.82 -53.85 113.43
CA LEU A 1518 22.12 -53.54 112.86
C LEU A 1518 22.06 -53.69 111.35
N LEU A 1519 22.84 -52.87 110.66
CA LEU A 1519 22.89 -52.86 109.20
C LEU A 1519 24.28 -53.30 108.75
N THR A 1520 24.49 -53.31 107.44
CA THR A 1520 25.82 -53.69 106.93
C THR A 1520 26.73 -52.46 106.92
N PHE A 1521 27.06 -52.04 108.15
CA PHE A 1521 28.13 -51.10 108.42
C PHE A 1521 29.08 -51.61 109.48
N ILE A 1522 28.72 -52.67 110.19
CA ILE A 1522 29.65 -53.35 111.10
C ILE A 1522 30.35 -54.40 110.26
N ALA A 1523 31.36 -53.94 109.51
CA ALA A 1523 32.13 -54.76 108.59
C ALA A 1523 33.31 -53.97 108.08
N ASN A 1524 33.21 -53.49 106.84
CA ASN A 1524 34.23 -52.64 106.21
C ASN A 1524 35.58 -53.36 106.17
N GLY A 1525 35.56 -54.60 105.71
CA GLY A 1525 36.79 -55.36 105.51
C GLY A 1525 36.98 -56.52 106.48
N LYS A 1526 36.66 -56.30 107.75
CA LYS A 1526 36.89 -57.31 108.78
C LYS A 1526 35.94 -57.02 109.94
N GLU A 1527 36.21 -57.63 111.10
CA GLU A 1527 35.40 -57.40 112.28
C GLU A 1527 35.97 -56.25 113.10
N LEU A 1528 35.08 -55.34 113.52
CA LEU A 1528 35.46 -54.21 114.35
C LEU A 1528 34.85 -54.27 115.74
N SER A 1529 34.02 -55.27 116.02
CA SER A 1529 33.43 -55.53 117.34
C SER A 1529 32.54 -54.37 117.79
N THR A 1530 31.46 -54.16 117.04
CA THR A 1530 30.37 -53.28 117.43
C THR A 1530 29.05 -54.00 117.21
N TYR A 1531 28.02 -53.58 117.94
CA TYR A 1531 26.73 -54.25 117.91
C TYR A 1531 25.66 -53.41 117.22
N TYR A 1532 25.44 -52.18 117.69
CA TYR A 1532 24.47 -51.25 117.10
C TYR A 1532 23.08 -51.86 116.99
N GLN A 1533 22.55 -52.25 118.15
CA GLN A 1533 21.18 -52.76 118.26
C GLN A 1533 20.29 -51.59 118.64
N VAL A 1534 19.66 -50.98 117.63
CA VAL A 1534 18.93 -49.74 117.80
C VAL A 1534 17.52 -49.88 117.26
N GLU A 1535 16.74 -48.82 117.40
CA GLU A 1535 15.40 -48.72 116.86
C GLU A 1535 15.46 -48.49 115.35
N PRO A 1536 14.30 -48.51 114.66
CA PRO A 1536 14.31 -48.19 113.23
C PRO A 1536 14.99 -46.87 112.88
N SER A 1537 14.80 -45.84 113.70
CA SER A 1537 15.49 -44.54 113.59
C SER A 1537 15.13 -43.92 112.24
N THR A 1538 16.10 -43.52 111.42
CA THR A 1538 15.83 -42.80 110.18
C THR A 1538 16.80 -43.26 109.09
N LYS A 1539 16.47 -42.90 107.86
CA LYS A 1539 17.32 -43.15 106.70
C LYS A 1539 17.13 -42.01 105.72
N LEU A 1540 18.23 -41.44 105.24
CA LEU A 1540 18.18 -40.22 104.43
C LEU A 1540 19.44 -40.14 103.59
N PHE A 1541 19.74 -38.93 103.09
CA PHE A 1541 20.89 -38.72 102.22
C PHE A 1541 22.18 -39.14 102.92
N PRO A 1542 23.12 -39.77 102.21
CA PRO A 1542 24.30 -40.32 102.87
C PRO A 1542 25.25 -39.22 103.35
N ALA A 1543 25.97 -39.54 104.42
CA ALA A 1543 26.97 -38.64 105.00
C ALA A 1543 27.88 -39.44 105.90
N VAL A 1544 29.19 -39.33 105.69
CA VAL A 1544 30.18 -40.10 106.44
C VAL A 1544 31.32 -39.16 106.82
N PHE A 1545 31.71 -39.19 108.10
CA PHE A 1545 32.79 -38.33 108.57
C PHE A 1545 34.08 -38.63 107.84
N ALA A 1546 34.79 -37.58 107.45
CA ALA A 1546 36.05 -37.73 106.74
C ALA A 1546 36.90 -36.50 106.95
N GLN A 1547 38.22 -36.68 106.83
CA GLN A 1547 39.17 -35.57 106.93
C GLN A 1547 40.46 -36.01 106.28
N ALA A 1548 40.82 -35.37 105.16
CA ALA A 1548 42.00 -35.78 104.41
C ALA A 1548 42.61 -34.59 103.71
N THR A 1549 43.92 -34.68 103.48
CA THR A 1549 44.65 -33.69 102.70
C THR A 1549 44.60 -34.09 101.23
N SER A 1550 45.46 -33.49 100.40
CA SER A 1550 45.56 -33.84 98.98
C SER A 1550 46.91 -34.49 98.74
N PRO A 1551 47.03 -35.82 98.92
CA PRO A 1551 48.30 -36.52 98.72
C PRO A 1551 48.57 -36.82 97.25
N VAL A 1595 28.50 -30.68 102.59
CA VAL A 1595 29.35 -30.00 103.56
C VAL A 1595 28.52 -29.53 104.76
N LEU A 1596 28.96 -29.88 105.95
CA LEU A 1596 28.32 -29.41 107.19
C LEU A 1596 28.79 -27.99 107.45
N TRP A 1597 28.09 -27.01 106.87
CA TRP A 1597 28.48 -25.61 106.95
C TRP A 1597 27.38 -24.79 107.60
N SER A 1598 27.78 -23.87 108.48
CA SER A 1598 26.84 -22.96 109.13
C SER A 1598 26.91 -21.61 108.43
N ARG A 1599 26.22 -21.51 107.30
CA ARG A 1599 26.18 -20.29 106.51
C ARG A 1599 24.77 -20.01 106.02
N MET A 1600 23.77 -20.36 106.83
CA MET A 1600 22.37 -20.14 106.49
C MET A 1600 21.77 -19.11 107.42
N PRO A 1601 21.30 -17.97 106.92
CA PRO A 1601 20.63 -17.00 107.80
C PRO A 1601 19.28 -17.52 108.28
N ASN A 1602 18.85 -17.01 109.42
CA ASN A 1602 17.61 -17.44 110.05
C ASN A 1602 16.89 -16.24 110.64
N GLN A 1603 15.56 -16.28 110.58
CA GLN A 1603 14.71 -15.23 111.13
C GLN A 1603 13.75 -15.85 112.15
N PHE A 1604 13.55 -15.15 113.26
CA PHE A 1604 12.66 -15.62 114.32
C PHE A 1604 11.29 -14.96 114.18
N LEU A 1605 10.36 -15.38 115.03
CA LEU A 1605 8.98 -14.93 114.93
C LEU A 1605 8.86 -13.45 115.29
N LYS A 1606 7.91 -12.79 114.62
CA LYS A 1606 7.64 -11.38 114.93
C LYS A 1606 7.06 -11.22 116.33
N VAL A 1607 6.16 -12.11 116.73
CA VAL A 1607 5.52 -12.07 118.03
C VAL A 1607 5.89 -13.34 118.79
N ASP A 1608 6.45 -13.18 119.99
CA ASP A 1608 6.84 -14.29 120.84
C ASP A 1608 5.82 -14.49 121.94
N VAL A 1609 5.91 -15.65 122.59
CA VAL A 1609 5.03 -15.96 123.70
C VAL A 1609 5.38 -15.07 124.89
N SER A 1610 4.38 -14.71 125.68
CA SER A 1610 4.56 -13.80 126.81
C SER A 1610 5.01 -14.58 128.03
N ARG A 1611 6.13 -14.17 128.62
CA ARG A 1611 6.66 -14.77 129.83
C ARG A 1611 6.40 -13.84 131.01
N ILE A 1612 5.85 -14.39 132.09
CA ILE A 1612 5.47 -13.63 133.27
C ILE A 1612 6.24 -14.15 134.47
N SER A 1613 6.92 -13.25 135.18
CA SER A 1613 7.65 -13.59 136.38
C SER A 1613 7.04 -12.85 137.57
N GLU A 1614 7.16 -13.46 138.75
CA GLU A 1614 6.59 -12.91 139.97
C GLU A 1614 7.59 -13.11 141.10
N ARG A 1615 7.14 -12.90 142.34
CA ARG A 1615 7.95 -13.04 143.53
C ARG A 1615 7.33 -14.08 144.46
N GLN A 1616 8.02 -14.33 145.57
CA GLN A 1616 7.60 -15.30 146.58
C GLN A 1616 7.40 -16.70 145.96
N GLY A 1617 8.32 -17.08 145.09
CA GLY A 1617 8.25 -18.38 144.44
C GLY A 1617 8.51 -18.30 142.95
N TRP A 1618 8.45 -17.09 142.39
CA TRP A 1618 8.67 -16.84 140.97
C TRP A 1618 7.71 -17.66 140.11
N LEU A 1619 6.43 -17.63 140.48
CA LEU A 1619 5.42 -18.35 139.73
C LEU A 1619 5.23 -17.74 138.35
N VAL A 1620 5.11 -18.60 137.34
CA VAL A 1620 4.92 -18.17 135.96
C VAL A 1620 3.45 -18.37 135.60
N GLN A 1621 2.82 -17.30 135.12
CA GLN A 1621 1.41 -17.31 134.73
C GLN A 1621 1.35 -16.96 133.25
N CYS A 1622 1.10 -17.96 132.42
CA CYS A 1622 1.03 -17.79 130.97
C CYS A 1622 -0.34 -18.23 130.48
N LEU A 1623 -1.06 -17.32 129.82
CA LEU A 1623 -2.36 -17.63 129.23
C LEU A 1623 -2.50 -16.79 127.96
N ASP A 1624 -2.05 -17.37 126.83
CA ASP A 1624 -2.11 -16.73 125.52
C ASP A 1624 -1.79 -17.75 124.43
N PRO A 1625 -2.57 -17.80 123.36
CA PRO A 1625 -2.27 -18.73 122.27
C PRO A 1625 -1.37 -18.13 121.21
N LEU A 1626 -0.44 -18.95 120.72
CA LEU A 1626 0.47 -18.53 119.65
C LEU A 1626 0.98 -19.78 118.94
N GLN A 1627 0.59 -19.95 117.68
CA GLN A 1627 1.00 -21.10 116.89
C GLN A 1627 1.53 -20.63 115.55
N PHE A 1628 2.47 -21.40 115.00
CA PHE A 1628 2.99 -21.17 113.66
C PHE A 1628 3.18 -22.51 112.97
N MET A 1629 2.66 -22.62 111.75
CA MET A 1629 2.75 -23.87 111.01
C MET A 1629 4.09 -23.98 110.30
N SER A 1630 4.65 -25.18 110.28
CA SER A 1630 5.98 -25.41 109.75
C SER A 1630 5.98 -26.62 108.84
N LEU A 1631 6.50 -26.46 107.62
CA LEU A 1631 6.72 -27.59 106.74
C LEU A 1631 7.85 -28.46 107.30
N HIS A 1632 7.61 -29.75 107.40
CA HIS A 1632 8.55 -30.63 108.07
C HIS A 1632 8.72 -31.94 107.32
N ILE A 1633 9.96 -32.44 107.32
CA ILE A 1633 10.33 -33.78 106.86
C ILE A 1633 9.88 -34.06 105.43
N PRO A 1634 10.42 -33.40 104.40
CA PRO A 1634 10.17 -33.86 103.03
C PRO A 1634 10.79 -35.23 102.79
N GLU A 1635 12.11 -35.33 102.96
CA GLU A 1635 12.82 -36.60 103.03
C GLU A 1635 13.64 -36.72 104.31
N GLU A 1636 14.42 -35.70 104.64
CA GLU A 1636 15.17 -35.66 105.89
C GLU A 1636 14.37 -34.88 106.93
N ASN A 1637 14.37 -35.40 108.16
CA ASN A 1637 13.60 -34.78 109.23
C ASN A 1637 14.15 -33.38 109.54
N ARG A 1638 13.29 -32.38 109.42
CA ARG A 1638 13.67 -31.00 109.68
C ARG A 1638 12.41 -30.19 109.97
N SER A 1639 12.60 -28.89 110.20
CA SER A 1639 11.49 -27.98 110.41
C SER A 1639 11.93 -26.61 109.90
N VAL A 1640 11.54 -26.28 108.68
CA VAL A 1640 12.02 -25.09 107.99
C VAL A 1640 11.02 -23.94 108.09
N ASP A 1641 10.00 -24.08 108.94
CA ASP A 1641 8.94 -23.08 109.13
C ASP A 1641 8.19 -22.83 107.81
N ILE A 1642 7.38 -21.77 107.78
CA ILE A 1642 6.67 -21.37 106.57
C ILE A 1642 7.09 -19.99 106.09
N LEU A 1643 7.34 -19.07 107.01
CA LEU A 1643 7.75 -17.72 106.63
C LEU A 1643 9.20 -17.65 106.19
N GLU A 1644 10.00 -18.67 106.51
CA GLU A 1644 11.37 -18.73 106.02
C GLU A 1644 11.44 -18.93 104.51
N LEU A 1645 10.37 -19.46 103.90
CA LEU A 1645 10.35 -19.68 102.47
C LEU A 1645 10.24 -18.40 101.66
N THR A 1646 9.98 -17.26 102.30
CA THR A 1646 9.87 -16.00 101.57
C THR A 1646 11.22 -15.54 101.02
N GLU A 1647 12.32 -16.11 101.47
CA GLU A 1647 13.65 -15.80 100.95
C GLU A 1647 14.33 -16.99 100.30
N GLN A 1648 13.77 -18.19 100.42
CA GLN A 1648 14.37 -19.39 99.85
C GLN A 1648 13.55 -19.85 98.65
N GLU A 1649 14.23 -20.06 97.52
CA GLU A 1649 13.58 -20.54 96.32
C GLU A 1649 13.66 -22.06 96.25
N GLU A 1650 13.09 -22.62 95.17
CA GLU A 1650 13.05 -24.06 94.88
C GLU A 1650 12.15 -24.81 95.87
N LEU A 1651 11.65 -24.10 96.88
CA LEU A 1651 10.67 -24.63 97.81
C LEU A 1651 9.35 -23.89 97.76
N LEU A 1652 9.39 -22.56 97.57
CA LEU A 1652 8.15 -21.81 97.38
C LEU A 1652 7.46 -22.21 96.08
N GLN A 1653 8.23 -22.37 95.00
CA GLN A 1653 7.65 -22.79 93.73
C GLN A 1653 7.07 -24.21 93.84
N PHE A 1654 7.80 -25.11 94.48
CA PHE A 1654 7.32 -26.49 94.59
C PHE A 1654 6.07 -26.59 95.46
N HIS A 1655 6.04 -25.85 96.58
CA HIS A 1655 4.84 -25.87 97.42
C HIS A 1655 3.66 -25.18 96.73
N TYR A 1656 3.92 -24.11 95.97
CA TYR A 1656 2.85 -23.48 95.21
C TYR A 1656 2.27 -24.44 94.17
N HIS A 1657 3.15 -25.19 93.48
CA HIS A 1657 2.66 -26.16 92.52
C HIS A 1657 1.96 -27.33 93.21
N THR A 1658 2.37 -27.66 94.43
CA THR A 1658 1.67 -28.69 95.19
C THR A 1658 0.26 -28.23 95.56
N LEU A 1659 0.11 -26.96 95.95
CA LEU A 1659 -1.22 -26.41 96.19
C LEU A 1659 -2.04 -26.40 94.92
N ARG A 1660 -1.42 -26.08 93.79
CA ARG A 1660 -2.12 -26.11 92.51
C ARG A 1660 -2.58 -27.52 92.17
N LEU A 1661 -1.75 -28.52 92.45
CA LEU A 1661 -2.15 -29.90 92.20
C LEU A 1661 -3.29 -30.32 93.14
N TYR A 1662 -3.23 -29.88 94.40
CA TYR A 1662 -4.30 -30.19 95.34
C TYR A 1662 -5.63 -29.59 94.88
N SER A 1663 -5.58 -28.36 94.37
CA SER A 1663 -6.82 -27.72 93.90
C SER A 1663 -7.31 -28.35 92.60
N ALA A 1664 -6.39 -28.68 91.68
CA ALA A 1664 -6.79 -29.17 90.37
C ALA A 1664 -7.29 -30.60 90.42
N VAL A 1665 -6.76 -31.42 91.34
CA VAL A 1665 -7.21 -32.80 91.46
C VAL A 1665 -8.62 -32.88 92.02
N CYS A 1666 -9.12 -31.81 92.62
CA CYS A 1666 -10.47 -31.73 93.16
C CYS A 1666 -11.29 -30.67 92.43
N ALA A 1667 -11.18 -30.64 91.11
CA ALA A 1667 -11.82 -29.61 90.30
C ALA A 1667 -13.10 -30.14 89.65
N LEU A 1668 -14.00 -29.20 89.33
CA LEU A 1668 -15.27 -29.49 88.65
C LEU A 1668 -16.12 -30.46 89.44
N GLY A 1669 -16.01 -30.46 90.76
CA GLY A 1669 -16.83 -31.32 91.60
C GLY A 1669 -16.21 -32.69 91.78
N ASN A 1670 -15.94 -33.06 93.03
CA ASN A 1670 -15.43 -34.39 93.33
C ASN A 1670 -15.86 -34.77 94.73
N HIS A 1671 -15.85 -36.08 95.00
CA HIS A 1671 -16.36 -36.62 96.24
C HIS A 1671 -15.28 -37.25 97.10
N ARG A 1672 -14.56 -38.24 96.57
CA ARG A 1672 -13.51 -38.88 97.35
C ARG A 1672 -12.31 -37.97 97.54
N VAL A 1673 -12.00 -37.17 96.51
CA VAL A 1673 -10.81 -36.32 96.55
C VAL A 1673 -10.96 -35.23 97.61
N ALA A 1674 -12.16 -34.65 97.71
CA ALA A 1674 -12.39 -33.59 98.69
C ALA A 1674 -12.23 -34.10 100.12
N HIS A 1675 -12.87 -35.23 100.42
CA HIS A 1675 -12.77 -35.80 101.76
C HIS A 1675 -11.35 -36.25 102.06
N ALA A 1676 -10.64 -36.79 101.06
CA ALA A 1676 -9.26 -37.21 101.26
C ALA A 1676 -8.35 -36.01 101.54
N LEU A 1677 -8.50 -34.93 100.78
CA LEU A 1677 -7.69 -33.74 101.00
C LEU A 1677 -8.11 -32.96 102.23
N CYS A 1678 -9.29 -33.25 102.80
CA CYS A 1678 -9.65 -32.64 104.07
C CYS A 1678 -8.79 -33.12 105.23
N SER A 1679 -7.97 -34.16 105.03
CA SER A 1679 -7.04 -34.63 106.04
C SER A 1679 -5.71 -33.91 105.97
N HIS A 1680 -5.18 -33.70 104.75
CA HIS A 1680 -3.88 -33.05 104.61
C HIS A 1680 -3.93 -31.59 105.04
N VAL A 1681 -4.99 -30.89 104.69
CA VAL A 1681 -5.22 -29.52 105.12
C VAL A 1681 -6.47 -29.48 105.99
N ASP A 1682 -6.41 -28.73 107.09
CA ASP A 1682 -7.46 -28.73 108.10
C ASP A 1682 -8.08 -27.34 108.21
N GLU A 1683 -9.21 -27.31 108.94
CA GLU A 1683 -9.91 -26.03 109.16
C GLU A 1683 -9.06 -25.02 109.92
N PRO A 1684 -8.46 -25.35 111.08
CA PRO A 1684 -7.62 -24.33 111.74
C PRO A 1684 -6.39 -23.96 110.93
N GLN A 1685 -5.84 -24.91 110.17
CA GLN A 1685 -4.73 -24.60 109.29
C GLN A 1685 -5.13 -23.57 108.25
N LEU A 1686 -6.30 -23.74 107.63
CA LEU A 1686 -6.75 -22.78 106.63
C LEU A 1686 -7.07 -21.43 107.26
N LEU A 1687 -7.65 -21.44 108.46
CA LEU A 1687 -7.95 -20.17 109.14
C LEU A 1687 -6.66 -19.42 109.46
N TYR A 1688 -5.64 -20.12 109.97
CA TYR A 1688 -4.37 -19.48 110.26
C TYR A 1688 -3.67 -19.04 108.99
N ALA A 1689 -3.83 -19.80 107.89
CA ALA A 1689 -3.18 -19.46 106.64
C ALA A 1689 -3.78 -18.19 106.04
N ILE A 1690 -5.10 -18.07 106.04
CA ILE A 1690 -5.72 -16.84 105.57
C ILE A 1690 -5.55 -15.71 106.57
N GLU A 1691 -5.24 -16.03 107.83
CA GLU A 1691 -5.07 -14.99 108.85
C GLU A 1691 -3.72 -14.30 108.75
N ASN A 1692 -2.66 -15.02 108.36
CA ASN A 1692 -1.30 -14.48 108.40
C ASN A 1692 -1.16 -13.28 107.47
N LYS A 1693 -0.49 -12.25 107.96
CA LYS A 1693 -0.23 -11.04 107.19
C LYS A 1693 1.13 -11.06 106.51
N TYR A 1694 2.07 -11.86 106.99
CA TYR A 1694 3.42 -11.94 106.44
C TYR A 1694 3.61 -13.12 105.51
N MET A 1695 2.54 -13.83 105.17
CA MET A 1695 2.67 -14.95 104.25
C MET A 1695 3.03 -14.47 102.85
N PRO A 1696 3.86 -15.21 102.12
CA PRO A 1696 4.13 -14.86 100.72
C PRO A 1696 2.86 -14.88 99.89
N GLY A 1697 2.85 -14.04 98.85
CA GLY A 1697 1.66 -13.89 98.04
C GLY A 1697 1.28 -15.16 97.30
N LEU A 1698 2.28 -15.90 96.81
CA LEU A 1698 2.00 -17.12 96.06
C LEU A 1698 1.32 -18.16 96.94
N LEU A 1699 1.84 -18.37 98.15
CA LEU A 1699 1.22 -19.32 99.07
C LEU A 1699 -0.16 -18.84 99.52
N ARG A 1700 -0.33 -17.53 99.68
CA ARG A 1700 -1.64 -16.99 100.04
C ARG A 1700 -2.67 -17.29 98.95
N ALA A 1701 -2.31 -17.02 97.69
CA ALA A 1701 -3.22 -17.29 96.58
C ALA A 1701 -3.50 -18.78 96.46
N GLY A 1702 -2.47 -19.62 96.62
CA GLY A 1702 -2.68 -21.06 96.55
C GLY A 1702 -3.60 -21.57 97.64
N TYR A 1703 -3.43 -21.07 98.86
CA TYR A 1703 -4.27 -21.53 99.96
C TYR A 1703 -5.70 -21.04 99.81
N TYR A 1704 -5.90 -19.82 99.32
CA TYR A 1704 -7.25 -19.35 99.06
C TYR A 1704 -7.93 -20.18 97.98
N ASP A 1705 -7.20 -20.48 96.90
CA ASP A 1705 -7.75 -21.32 95.83
C ASP A 1705 -8.08 -22.71 96.35
N LEU A 1706 -7.21 -23.26 97.21
CA LEU A 1706 -7.47 -24.60 97.76
C LEU A 1706 -8.70 -24.60 98.64
N LEU A 1707 -8.83 -23.59 99.51
CA LEU A 1707 -10.01 -23.50 100.36
C LEU A 1707 -11.30 -23.39 99.54
N ILE A 1708 -11.27 -22.54 98.51
CA ILE A 1708 -12.45 -22.35 97.67
C ILE A 1708 -12.79 -23.65 96.94
N ASP A 1709 -11.78 -24.30 96.35
CA ASP A 1709 -12.04 -25.47 95.52
C ASP A 1709 -12.38 -26.71 96.35
N ILE A 1710 -12.01 -26.75 97.62
CA ILE A 1710 -12.33 -27.90 98.45
C ILE A 1710 -13.67 -27.69 99.15
N HIS A 1711 -13.79 -26.61 99.91
CA HIS A 1711 -14.93 -26.49 100.82
C HIS A 1711 -16.16 -25.89 100.15
N LEU A 1712 -15.99 -24.78 99.42
CA LEU A 1712 -17.13 -24.07 98.83
C LEU A 1712 -16.90 -23.94 97.33
N SER A 1713 -17.20 -25.00 96.59
CA SER A 1713 -17.06 -24.96 95.13
C SER A 1713 -18.22 -25.60 94.37
N SER A 1714 -18.96 -26.53 94.97
CA SER A 1714 -20.03 -27.22 94.26
C SER A 1714 -21.34 -26.44 94.31
N TYR A 1715 -21.74 -26.02 95.51
CA TYR A 1715 -22.97 -25.25 95.65
C TYR A 1715 -22.87 -23.90 94.96
N ALA A 1716 -21.68 -23.29 94.98
CA ALA A 1716 -21.49 -22.03 94.27
C ALA A 1716 -21.68 -22.21 92.77
N THR A 1717 -21.12 -23.28 92.21
CA THR A 1717 -21.30 -23.55 90.78
C THR A 1717 -22.76 -23.85 90.46
N ALA A 1718 -23.44 -24.61 91.33
CA ALA A 1718 -24.85 -24.91 91.10
C ALA A 1718 -25.70 -23.65 91.12
N ARG A 1719 -25.44 -22.75 92.08
CA ARG A 1719 -26.18 -21.50 92.15
C ARG A 1719 -25.87 -20.61 90.95
N LEU A 1720 -24.62 -20.57 90.51
CA LEU A 1720 -24.27 -19.78 89.33
C LEU A 1720 -24.92 -20.35 88.08
N MET A 1721 -25.09 -21.67 88.01
CA MET A 1721 -25.76 -22.28 86.86
C MET A 1721 -27.25 -21.99 86.87
N MET A 1722 -27.88 -22.02 88.05
CA MET A 1722 -29.32 -21.88 88.17
C MET A 1722 -29.76 -20.45 88.45
N ASN A 1723 -28.82 -19.49 88.44
CA ASN A 1723 -29.18 -18.09 88.68
C ASN A 1723 -30.12 -17.55 87.59
N ASN A 1724 -29.89 -17.93 86.34
CA ASN A 1724 -30.69 -17.38 85.25
C ASN A 1724 -32.15 -17.83 85.29
N GLU A 1725 -32.43 -18.97 85.91
CA GLU A 1725 -33.81 -19.42 86.07
C GLU A 1725 -34.51 -18.60 87.16
N PHE A 1726 -35.82 -18.46 87.02
CA PHE A 1726 -36.63 -17.63 87.92
C PHE A 1726 -37.90 -18.37 88.33
N ILE A 1727 -37.74 -19.61 88.78
CA ILE A 1727 -38.88 -20.40 89.24
C ILE A 1727 -39.39 -19.82 90.55
N VAL A 1728 -40.64 -19.38 90.56
CA VAL A 1728 -41.25 -18.75 91.72
C VAL A 1728 -42.51 -19.53 92.09
N PRO A 1729 -42.63 -20.01 93.33
CA PRO A 1729 -43.84 -20.71 93.74
C PRO A 1729 -44.95 -19.73 94.10
N MET A 1730 -46.09 -20.28 94.52
CA MET A 1730 -47.25 -19.49 94.91
C MET A 1730 -47.44 -19.62 96.42
N THR A 1731 -47.16 -18.54 97.14
CA THR A 1731 -47.31 -18.50 98.59
C THR A 1731 -47.76 -17.09 98.95
N GLU A 1732 -48.37 -16.96 100.14
CA GLU A 1732 -48.84 -15.66 100.60
C GLU A 1732 -47.70 -14.66 100.76
N GLU A 1733 -46.49 -15.15 101.04
CA GLU A 1733 -45.32 -14.28 101.11
C GLU A 1733 -44.83 -13.86 99.73
N THR A 1734 -45.10 -14.67 98.70
CA THR A 1734 -44.67 -14.30 97.35
C THR A 1734 -45.43 -13.09 96.83
N LYS A 1735 -46.74 -13.05 97.06
CA LYS A 1735 -47.56 -11.93 96.62
C LYS A 1735 -47.53 -10.75 97.59
N SER A 1736 -46.86 -10.91 98.74
CA SER A 1736 -46.73 -9.83 99.70
C SER A 1736 -45.57 -8.89 99.40
N ILE A 1737 -44.76 -9.19 98.39
CA ILE A 1737 -43.61 -8.37 98.06
C ILE A 1737 -44.07 -7.16 97.26
N THR A 1738 -43.34 -6.06 97.39
CA THR A 1738 -43.59 -4.84 96.66
C THR A 1738 -42.37 -4.49 95.82
N LEU A 1739 -42.62 -3.82 94.69
CA LEU A 1739 -41.53 -3.42 93.81
C LEU A 1739 -40.61 -2.40 94.50
N PHE A 1740 -41.21 -1.41 95.13
CA PHE A 1740 -40.49 -0.42 95.91
C PHE A 1740 -40.73 -0.66 97.40
N PRO A 1741 -39.76 -0.35 98.27
CA PRO A 1741 -39.92 -0.63 99.70
C PRO A 1741 -41.08 0.12 100.33
N ASP A 1742 -41.11 1.44 100.18
CA ASP A 1742 -42.15 2.28 100.78
C ASP A 1742 -42.49 3.40 99.81
N GLU A 1743 -43.25 4.38 100.29
CA GLU A 1743 -43.63 5.51 99.45
C GLU A 1743 -42.46 6.45 99.18
N ASN A 1744 -41.37 6.35 99.96
CA ASN A 1744 -40.18 7.13 99.65
C ASN A 1744 -39.61 6.72 98.29
N LYS A 1745 -39.38 5.43 98.10
CA LYS A 1745 -39.11 4.83 96.78
C LYS A 1745 -37.93 5.49 96.08
N LYS A 1746 -36.81 5.63 96.79
CA LYS A 1746 -35.66 6.31 96.20
C LYS A 1746 -34.87 5.36 95.29
N HIS A 1747 -34.21 4.37 95.89
CA HIS A 1747 -33.53 3.35 95.09
C HIS A 1747 -33.81 1.95 95.59
N GLY A 1748 -33.86 1.78 96.91
CA GLY A 1748 -33.97 0.47 97.51
C GLY A 1748 -32.65 -0.28 97.51
N LEU A 1749 -32.35 -0.95 98.61
CA LEU A 1749 -31.11 -1.73 98.67
C LEU A 1749 -31.25 -2.99 97.81
N PRO A 1750 -30.26 -3.29 96.95
CA PRO A 1750 -30.40 -4.42 96.03
C PRO A 1750 -30.49 -5.78 96.72
N GLY A 1751 -29.52 -6.08 97.58
CA GLY A 1751 -29.51 -7.37 98.25
C GLY A 1751 -30.44 -7.48 99.43
N ILE A 1752 -30.81 -6.35 100.03
CA ILE A 1752 -31.70 -6.36 101.19
C ILE A 1752 -33.14 -6.44 100.72
N GLY A 1753 -33.91 -7.34 101.32
CA GLY A 1753 -35.30 -7.51 100.97
C GLY A 1753 -35.80 -8.92 101.26
N LEU A 1754 -36.80 -9.37 100.50
CA LEU A 1754 -37.35 -10.71 100.66
C LEU A 1754 -37.27 -11.42 99.32
N SER A 1755 -36.75 -12.65 99.34
CA SER A 1755 -36.63 -13.48 98.15
C SER A 1755 -37.34 -14.80 98.38
N THR A 1756 -37.95 -15.32 97.31
CA THR A 1756 -38.72 -16.55 97.41
C THR A 1756 -38.48 -17.50 96.25
N SER A 1757 -37.47 -17.26 95.41
CA SER A 1757 -37.20 -18.13 94.29
C SER A 1757 -36.70 -19.49 94.78
N LEU A 1758 -37.02 -20.54 94.01
CA LEU A 1758 -36.62 -21.89 94.36
C LEU A 1758 -35.12 -22.10 94.13
N ARG A 1759 -34.33 -21.91 95.17
CA ARG A 1759 -32.89 -22.07 95.11
C ARG A 1759 -32.51 -23.52 95.38
N PRO A 1760 -31.35 -23.96 94.90
CA PRO A 1760 -30.88 -25.32 95.20
C PRO A 1760 -30.61 -25.50 96.69
N ARG A 1761 -30.61 -26.76 97.12
CA ARG A 1761 -30.56 -27.08 98.53
C ARG A 1761 -29.14 -27.00 99.08
N MET A 1762 -28.97 -26.25 100.16
CA MET A 1762 -27.72 -26.23 100.92
C MET A 1762 -27.67 -27.44 101.84
N ARG A 1763 -26.62 -28.26 101.69
CA ARG A 1763 -26.43 -29.41 102.58
C ARG A 1763 -24.96 -29.81 102.53
N PHE A 1764 -24.25 -29.59 103.62
CA PHE A 1764 -22.89 -30.05 103.77
C PHE A 1764 -22.86 -31.37 104.55
N SER A 1765 -21.68 -31.81 104.97
CA SER A 1765 -21.55 -33.08 105.67
C SER A 1765 -20.43 -32.96 106.68
N SER A 1766 -19.93 -34.10 107.17
CA SER A 1766 -18.84 -34.17 108.12
C SER A 1766 -17.80 -35.16 107.63
N PRO A 1767 -16.51 -34.93 107.95
CA PRO A 1767 -15.47 -35.81 107.41
C PRO A 1767 -15.39 -37.15 108.13
N SER A 1768 -15.55 -37.13 109.45
CA SER A 1768 -15.62 -38.32 110.29
C SER A 1768 -14.36 -39.18 110.21
N PHE A 1769 -14.12 -39.76 109.03
CA PHE A 1769 -12.96 -40.57 108.68
C PHE A 1769 -12.99 -41.95 109.34
N VAL A 1770 -13.90 -42.16 110.28
CA VAL A 1770 -14.23 -43.50 110.75
C VAL A 1770 -15.74 -43.69 110.72
N SER A 1771 -16.26 -44.08 109.57
CA SER A 1771 -17.70 -44.23 109.34
C SER A 1771 -17.90 -44.95 108.01
N ILE A 1772 -19.14 -44.96 107.53
CA ILE A 1772 -19.50 -45.52 106.23
C ILE A 1772 -20.23 -44.44 105.46
N SER A 1773 -20.09 -44.48 104.13
CA SER A 1773 -20.75 -43.55 103.20
C SER A 1773 -20.29 -42.12 103.40
N ASN A 1774 -21.22 -41.17 103.30
CA ASN A 1774 -21.01 -39.72 103.37
C ASN A 1774 -20.16 -39.20 102.22
N ASP A 1775 -19.89 -40.01 101.21
CA ASP A 1775 -19.05 -39.59 100.08
C ASP A 1775 -19.87 -39.32 98.82
N CYS A 1776 -20.94 -40.09 98.59
CA CYS A 1776 -21.64 -40.03 97.31
C CYS A 1776 -22.19 -38.64 97.02
N TYR A 1777 -22.70 -37.96 98.04
CA TYR A 1777 -23.16 -36.58 97.92
C TYR A 1777 -22.67 -35.82 99.13
N GLN A 1778 -23.09 -34.56 99.26
CA GLN A 1778 -22.76 -33.71 100.40
C GLN A 1778 -21.24 -33.60 100.57
N TYR A 1779 -20.65 -32.83 99.64
CA TYR A 1779 -19.20 -32.70 99.52
C TYR A 1779 -18.56 -32.09 100.76
N SER A 1780 -17.24 -31.88 100.70
CA SER A 1780 -16.30 -31.63 101.79
C SER A 1780 -16.91 -30.80 102.92
N PRO A 1781 -16.66 -31.19 104.18
CA PRO A 1781 -17.51 -30.74 105.29
C PRO A 1781 -17.53 -29.23 105.47
N GLU A 1782 -18.54 -28.78 106.21
CA GLU A 1782 -18.79 -27.35 106.36
C GLU A 1782 -17.69 -26.70 107.20
N PHE A 1783 -16.69 -26.14 106.53
CA PHE A 1783 -15.76 -25.24 107.20
C PHE A 1783 -16.58 -24.06 107.74
N PRO A 1784 -16.46 -23.74 109.03
CA PRO A 1784 -17.50 -22.96 109.71
C PRO A 1784 -17.77 -21.62 109.05
N LEU A 1785 -19.06 -21.26 109.00
CA LEU A 1785 -19.54 -20.16 108.19
C LEU A 1785 -19.68 -18.85 108.97
N ASP A 1786 -20.01 -18.92 110.26
CA ASP A 1786 -20.16 -17.69 111.04
C ASP A 1786 -18.80 -17.04 111.30
N ILE A 1787 -17.81 -17.84 111.67
CA ILE A 1787 -16.47 -17.29 111.90
C ILE A 1787 -15.88 -16.78 110.58
N LEU A 1788 -16.17 -17.47 109.48
CA LEU A 1788 -15.73 -16.96 108.18
C LEU A 1788 -16.42 -15.65 107.85
N LYS A 1789 -17.73 -15.55 108.13
CA LYS A 1789 -18.48 -14.34 107.86
C LYS A 1789 -17.91 -13.15 108.64
N ALA A 1790 -17.56 -13.37 109.90
CA ALA A 1790 -16.99 -12.29 110.70
C ALA A 1790 -15.58 -11.94 110.22
N LYS A 1791 -14.72 -12.96 110.05
CA LYS A 1791 -13.32 -12.70 109.78
C LYS A 1791 -13.11 -12.08 108.41
N THR A 1792 -13.89 -12.53 107.41
CA THR A 1792 -13.74 -12.01 106.05
C THR A 1792 -14.00 -10.51 106.02
N ILE A 1793 -15.11 -10.06 106.61
CA ILE A 1793 -15.41 -8.64 106.60
C ILE A 1793 -14.43 -7.86 107.49
N GLN A 1794 -13.96 -8.47 108.59
CA GLN A 1794 -13.00 -7.77 109.44
C GLN A 1794 -11.71 -7.49 108.69
N MET A 1795 -11.11 -8.52 108.10
CA MET A 1795 -9.84 -8.24 107.44
C MET A 1795 -10.02 -7.66 106.05
N LEU A 1796 -11.25 -7.64 105.51
CA LEU A 1796 -11.52 -6.81 104.34
C LEU A 1796 -11.55 -5.33 104.71
N THR A 1797 -12.11 -4.98 105.87
CA THR A 1797 -11.98 -3.62 106.37
C THR A 1797 -10.53 -3.26 106.59
N GLU A 1798 -9.76 -4.21 107.15
CA GLU A 1798 -8.32 -3.97 107.31
C GLU A 1798 -7.63 -3.74 105.97
N ALA A 1799 -7.98 -4.55 104.95
CA ALA A 1799 -7.35 -4.44 103.65
C ALA A 1799 -7.71 -3.12 102.97
N VAL A 1800 -8.97 -2.69 103.06
CA VAL A 1800 -9.33 -1.43 102.42
C VAL A 1800 -8.73 -0.26 103.18
N LYS A 1801 -8.56 -0.37 104.50
CA LYS A 1801 -7.86 0.67 105.24
C LYS A 1801 -6.40 0.75 104.82
N GLU A 1802 -5.75 -0.40 104.63
CA GLU A 1802 -4.36 -0.41 104.17
C GLU A 1802 -4.25 0.17 102.77
N GLY A 1803 -5.19 -0.17 101.88
CA GLY A 1803 -5.16 0.37 100.54
C GLY A 1803 -5.38 1.87 100.50
N SER A 1804 -6.31 2.37 101.31
CA SER A 1804 -6.51 3.81 101.42
C SER A 1804 -5.29 4.51 102.01
N LEU A 1805 -4.59 3.84 102.93
CA LEU A 1805 -3.38 4.42 103.49
C LEU A 1805 -2.22 4.43 102.50
N HIS A 1806 -2.31 3.64 101.43
CA HIS A 1806 -1.29 3.56 100.37
C HIS A 1806 0.07 3.19 100.96
N ALA A 1807 0.12 2.00 101.55
CA ALA A 1807 1.36 1.50 102.14
C ALA A 1807 2.27 0.92 101.06
N ARG A 1808 3.54 0.78 101.41
CA ARG A 1808 4.54 0.20 100.53
C ARG A 1808 4.77 -1.28 100.80
N ASP A 1809 4.01 -1.88 101.70
CA ASP A 1809 4.17 -3.29 102.05
C ASP A 1809 2.79 -3.93 102.20
N PRO A 1810 2.26 -4.51 101.12
CA PRO A 1810 0.99 -5.25 101.23
C PRO A 1810 1.15 -6.57 101.99
N VAL A 1811 0.07 -7.35 102.07
CA VAL A 1811 0.12 -8.61 102.80
C VAL A 1811 1.05 -9.60 102.11
N GLY A 1812 0.88 -9.77 100.80
CA GLY A 1812 1.75 -10.66 100.05
C GLY A 1812 2.90 -9.92 99.41
N GLY A 1813 2.95 -9.92 98.08
CA GLY A 1813 3.94 -9.15 97.36
C GLY A 1813 3.36 -7.81 96.95
N THR A 1814 2.99 -7.68 95.67
CA THR A 1814 2.26 -6.51 95.23
C THR A 1814 0.83 -6.55 95.78
N THR A 1815 0.07 -5.48 95.47
CA THR A 1815 -1.30 -5.39 95.96
C THR A 1815 -2.23 -6.41 95.30
N GLU A 1816 -1.81 -7.02 94.19
CA GLU A 1816 -2.62 -8.04 93.54
C GLU A 1816 -2.79 -9.25 94.45
N PHE A 1817 -1.69 -9.74 95.03
CA PHE A 1817 -1.78 -10.86 95.96
C PHE A 1817 -2.56 -10.48 97.23
N LEU A 1818 -2.59 -9.20 97.57
CA LEU A 1818 -3.37 -8.75 98.72
C LEU A 1818 -4.86 -8.77 98.43
N PHE A 1819 -5.25 -8.32 97.24
CA PHE A 1819 -6.67 -8.07 96.97
C PHE A 1819 -7.38 -9.19 96.23
N VAL A 1820 -6.73 -9.81 95.23
CA VAL A 1820 -7.44 -10.76 94.36
C VAL A 1820 -8.02 -11.96 95.12
N PRO A 1821 -7.26 -12.69 95.96
CA PRO A 1821 -7.90 -13.79 96.69
C PRO A 1821 -8.99 -13.33 97.64
N LEU A 1822 -8.84 -12.16 98.26
CA LEU A 1822 -9.87 -11.65 99.15
C LEU A 1822 -11.17 -11.39 98.42
N ILE A 1823 -11.10 -10.66 97.30
CA ILE A 1823 -12.31 -10.36 96.55
C ILE A 1823 -12.89 -11.63 95.93
N LYS A 1824 -12.03 -12.59 95.56
CA LYS A 1824 -12.54 -13.86 95.06
C LYS A 1824 -13.34 -14.62 96.11
N LEU A 1825 -12.80 -14.72 97.33
CA LEU A 1825 -13.53 -15.38 98.41
C LEU A 1825 -14.81 -14.62 98.74
N PHE A 1826 -14.75 -13.29 98.74
CA PHE A 1826 -15.93 -12.48 99.01
C PHE A 1826 -17.02 -12.72 97.96
N TYR A 1827 -16.63 -12.76 96.69
CA TYR A 1827 -17.59 -12.99 95.62
C TYR A 1827 -18.20 -14.39 95.71
N THR A 1828 -17.37 -15.39 96.02
CA THR A 1828 -17.88 -16.76 96.17
C THR A 1828 -18.87 -16.85 97.32
N LEU A 1829 -18.54 -16.22 98.45
CA LEU A 1829 -19.45 -16.23 99.59
C LEU A 1829 -20.75 -15.48 99.26
N LEU A 1830 -20.65 -14.39 98.51
CA LEU A 1830 -21.84 -13.62 98.16
C LEU A 1830 -22.75 -14.42 97.22
N ILE A 1831 -22.18 -15.05 96.20
CA ILE A 1831 -23.01 -15.83 95.29
C ILE A 1831 -23.52 -17.10 95.94
N MET A 1832 -22.89 -17.55 97.04
CA MET A 1832 -23.50 -18.61 97.84
C MET A 1832 -24.76 -18.14 98.57
N GLY A 1833 -24.89 -16.83 98.80
CA GLY A 1833 -26.03 -16.31 99.50
C GLY A 1833 -25.93 -16.33 101.01
N ILE A 1834 -24.74 -16.58 101.56
CA ILE A 1834 -24.58 -16.59 103.01
C ILE A 1834 -24.70 -15.18 103.57
N PHE A 1835 -24.13 -14.20 102.90
CA PHE A 1835 -24.23 -12.81 103.33
C PHE A 1835 -25.66 -12.30 103.16
N HIS A 1836 -26.22 -11.75 104.23
CA HIS A 1836 -27.57 -11.21 104.20
C HIS A 1836 -27.78 -10.34 105.44
N ASN A 1837 -28.86 -9.58 105.41
CA ASN A 1837 -29.39 -8.82 106.56
C ASN A 1837 -28.35 -7.77 106.98
N GLU A 1838 -28.01 -7.68 108.27
CA GLU A 1838 -27.12 -6.63 108.74
C GLU A 1838 -25.71 -6.78 108.20
N ASP A 1839 -25.27 -8.02 107.96
CA ASP A 1839 -23.95 -8.22 107.36
C ASP A 1839 -23.89 -7.63 105.95
N LEU A 1840 -24.94 -7.85 105.15
CA LEU A 1840 -24.98 -7.28 103.81
C LEU A 1840 -25.15 -5.77 103.86
N LYS A 1841 -25.89 -5.26 104.85
CA LYS A 1841 -26.00 -3.81 105.02
C LYS A 1841 -24.64 -3.19 105.34
N HIS A 1842 -23.87 -3.86 106.21
CA HIS A 1842 -22.51 -3.38 106.52
C HIS A 1842 -21.62 -3.47 105.28
N ILE A 1843 -21.78 -4.52 104.48
CA ILE A 1843 -21.01 -4.64 103.25
C ILE A 1843 -21.31 -3.47 102.30
N LEU A 1844 -22.59 -3.16 102.15
CA LEU A 1844 -22.98 -2.04 101.28
C LEU A 1844 -22.47 -0.71 101.84
N GLN A 1845 -22.51 -0.54 103.16
CA GLN A 1845 -21.95 0.65 103.79
C GLN A 1845 -20.43 0.72 103.60
N LEU A 1846 -19.79 -0.43 103.42
CA LEU A 1846 -18.35 -0.48 103.23
C LEU A 1846 -17.91 -0.23 101.79
N ILE A 1847 -18.68 -0.67 100.80
CA ILE A 1847 -18.23 -0.63 99.41
C ILE A 1847 -19.10 0.31 98.60
N GLU A 1848 -19.56 1.40 99.20
CA GLU A 1848 -20.32 2.38 98.41
C GLU A 1848 -19.92 3.82 98.71
N PRO A 1849 -20.33 4.42 99.85
CA PRO A 1849 -20.47 5.87 100.10
C PRO A 1849 -20.18 6.81 98.92
N GLY A 1891 -16.45 3.62 99.72
CA GLY A 1891 -16.13 2.38 99.03
C GLY A 1891 -14.72 2.33 98.49
N LEU A 1892 -14.29 1.13 98.09
CA LEU A 1892 -12.96 0.96 97.52
C LEU A 1892 -12.89 1.26 96.04
N LEU A 1893 -14.04 1.48 95.39
CA LEU A 1893 -14.04 1.78 93.96
C LEU A 1893 -13.40 3.13 93.66
N GLN A 1894 -13.45 4.06 94.61
CA GLN A 1894 -12.82 5.36 94.42
C GLN A 1894 -11.30 5.27 94.44
N MET A 1895 -10.74 4.19 94.99
CA MET A 1895 -9.30 4.02 95.06
C MET A 1895 -8.77 3.50 93.72
N LYS A 1896 -7.48 3.20 93.66
CA LYS A 1896 -6.85 2.71 92.45
C LYS A 1896 -6.63 1.20 92.57
N LEU A 1897 -7.09 0.46 91.57
CA LEU A 1897 -7.05 -0.99 91.57
C LEU A 1897 -6.38 -1.50 90.30
N PRO A 1898 -5.75 -2.67 90.38
CA PRO A 1898 -5.19 -3.30 89.18
C PRO A 1898 -6.28 -4.04 88.40
N GLU A 1899 -5.87 -4.66 87.29
CA GLU A 1899 -6.82 -5.27 86.36
C GLU A 1899 -7.64 -6.40 86.96
N PRO A 1900 -7.05 -7.44 87.60
CA PRO A 1900 -7.91 -8.52 88.12
C PRO A 1900 -8.87 -8.07 89.20
N VAL A 1901 -8.49 -7.09 90.02
CA VAL A 1901 -9.41 -6.53 91.01
C VAL A 1901 -10.59 -5.87 90.31
N LYS A 1902 -10.31 -5.14 89.21
CA LYS A 1902 -11.39 -4.54 88.43
C LYS A 1902 -12.32 -5.60 87.87
N LEU A 1903 -11.75 -6.72 87.39
CA LEU A 1903 -12.57 -7.80 86.86
C LEU A 1903 -13.48 -8.38 87.94
N GLN A 1904 -12.92 -8.61 89.14
CA GLN A 1904 -13.72 -9.19 90.21
C GLN A 1904 -14.80 -8.22 90.70
N MET A 1905 -14.50 -6.91 90.74
CA MET A 1905 -15.54 -5.94 91.09
C MET A 1905 -16.63 -5.88 90.03
N CYS A 1906 -16.26 -6.00 88.75
CA CYS A 1906 -17.26 -6.06 87.70
C CYS A 1906 -18.16 -7.28 87.86
N LEU A 1907 -17.57 -8.43 88.25
CA LEU A 1907 -18.38 -9.61 88.53
C LEU A 1907 -19.32 -9.38 89.70
N LEU A 1908 -18.84 -8.70 90.75
CA LEU A 1908 -19.69 -8.41 91.90
C LEU A 1908 -20.86 -7.51 91.52
N LEU A 1909 -20.59 -6.49 90.70
CA LEU A 1909 -21.66 -5.62 90.24
C LEU A 1909 -22.66 -6.37 89.35
N GLN A 1910 -22.15 -7.31 88.55
CA GLN A 1910 -23.04 -8.15 87.75
C GLN A 1910 -23.96 -8.97 88.65
N TYR A 1911 -23.42 -9.53 89.74
CA TYR A 1911 -24.26 -10.27 90.68
C TYR A 1911 -25.30 -9.38 91.33
N LEU A 1912 -24.91 -8.15 91.70
CA LEU A 1912 -25.87 -7.22 92.29
C LEU A 1912 -27.01 -6.90 91.32
N CYS A 1913 -26.66 -6.66 90.05
CA CYS A 1913 -27.69 -6.38 89.05
C CYS A 1913 -28.58 -7.59 88.82
N ASP A 1914 -28.02 -8.80 88.88
CA ASP A 1914 -28.83 -10.01 88.76
C ASP A 1914 -29.82 -10.11 89.92
N CYS A 1915 -29.37 -9.78 91.13
CA CYS A 1915 -30.28 -9.78 92.29
C CYS A 1915 -31.40 -8.76 92.11
N GLN A 1916 -31.07 -7.58 91.60
CA GLN A 1916 -32.09 -6.56 91.35
C GLN A 1916 -33.10 -7.05 90.31
N VAL A 1917 -32.62 -7.70 89.26
CA VAL A 1917 -33.51 -8.23 88.23
C VAL A 1917 -34.43 -9.30 88.82
N ARG A 1918 -33.88 -10.14 89.71
CA ARG A 1918 -34.71 -11.14 90.37
C ARG A 1918 -35.80 -10.51 91.23
N HIS A 1919 -35.46 -9.42 91.93
CA HIS A 1919 -36.47 -8.70 92.71
C HIS A 1919 -37.57 -8.14 91.81
N ARG A 1920 -37.19 -7.56 90.67
CA ARG A 1920 -38.18 -7.07 89.71
C ARG A 1920 -39.08 -8.20 89.21
N ILE A 1921 -38.48 -9.37 88.94
CA ILE A 1921 -39.25 -10.52 88.46
C ILE A 1921 -40.25 -10.98 89.52
N GLU A 1922 -39.83 -10.99 90.79
CA GLU A 1922 -40.75 -11.38 91.86
C GLU A 1922 -41.91 -10.39 92.00
N ALA A 1923 -41.62 -9.08 91.85
CA ALA A 1923 -42.69 -8.10 91.88
C ALA A 1923 -43.66 -8.31 90.72
N ILE A 1924 -43.13 -8.60 89.53
CA ILE A 1924 -43.98 -8.90 88.38
C ILE A 1924 -44.84 -10.13 88.65
N VAL A 1925 -44.27 -11.14 89.32
CA VAL A 1925 -45.02 -12.35 89.65
C VAL A 1925 -46.18 -12.02 90.59
N ALA A 1926 -45.93 -11.17 91.60
CA ALA A 1926 -47.01 -10.80 92.50
C ALA A 1926 -48.12 -10.04 91.77
N PHE A 1927 -47.75 -9.10 90.91
CA PHE A 1927 -48.75 -8.36 90.16
C PHE A 1927 -49.55 -9.27 89.23
N SER A 1928 -48.87 -10.19 88.55
CA SER A 1928 -49.52 -11.10 87.62
C SER A 1928 -50.20 -12.25 88.33
N ASP A 1929 -50.07 -12.34 89.65
CA ASP A 1929 -50.90 -13.23 90.46
C ASP A 1929 -52.19 -12.55 90.92
N ASP A 1930 -52.13 -11.26 91.26
CA ASP A 1930 -53.36 -10.57 91.67
C ASP A 1930 -54.22 -10.20 90.48
N PHE A 1931 -53.61 -9.58 89.45
CA PHE A 1931 -54.38 -9.08 88.32
C PHE A 1931 -54.96 -10.20 87.48
N VAL A 1932 -54.32 -11.38 87.47
CA VAL A 1932 -54.88 -12.49 86.72
C VAL A 1932 -56.19 -12.95 87.34
N ALA A 1933 -56.27 -12.95 88.67
CA ALA A 1933 -57.53 -13.33 89.33
C ALA A 1933 -58.58 -12.26 89.13
N LYS A 1934 -58.18 -10.99 89.20
CA LYS A 1934 -59.14 -9.91 88.98
C LYS A 1934 -59.74 -9.98 87.58
N LEU A 1935 -58.90 -10.17 86.56
CA LEU A 1935 -59.40 -10.30 85.20
C LEU A 1935 -60.12 -11.62 84.98
N GLN A 1936 -59.77 -12.67 85.74
CA GLN A 1936 -60.53 -13.91 85.65
C GLN A 1936 -61.97 -13.71 86.10
N ASP A 1937 -62.16 -12.97 87.21
CA ASP A 1937 -63.52 -12.63 87.61
C ASP A 1937 -64.21 -11.75 86.58
N ASN A 1938 -63.50 -10.72 86.08
CA ASN A 1938 -64.10 -9.80 85.11
C ASN A 1938 -64.40 -10.46 83.77
N GLN A 1939 -63.79 -11.61 83.48
CA GLN A 1939 -64.10 -12.35 82.28
C GLN A 1939 -65.14 -13.44 82.52
N ARG A 1940 -65.19 -13.98 83.75
CA ARG A 1940 -66.17 -15.02 84.05
C ARG A 1940 -67.56 -14.42 84.22
N PHE A 1941 -67.66 -13.21 84.78
CA PHE A 1941 -68.99 -12.64 84.99
C PHE A 1941 -69.62 -12.20 83.66
N ARG A 1942 -68.81 -11.75 82.71
CA ARG A 1942 -69.31 -11.31 81.40
C ARG A 1942 -69.18 -12.41 80.36
N TYR A 1943 -69.83 -13.55 80.62
CA TYR A 1943 -69.73 -14.68 79.70
C TYR A 1943 -70.60 -14.47 78.47
N ASN A 1944 -71.87 -14.10 78.67
CA ASN A 1944 -72.76 -13.79 77.56
C ASN A 1944 -73.66 -12.60 77.88
N GLU A 1945 -73.37 -11.86 78.94
CA GLU A 1945 -74.22 -10.76 79.36
C GLU A 1945 -73.49 -9.43 79.26
N LEU A 1995 -78.06 -12.01 65.88
CA LEU A 1995 -77.23 -12.68 66.89
C LEU A 1995 -76.63 -11.66 67.85
N LEU A 1996 -75.64 -12.09 68.64
CA LEU A 1996 -75.03 -11.25 69.66
C LEU A 1996 -74.06 -10.26 69.01
N ASP A 1997 -73.25 -9.59 69.84
CA ASP A 1997 -72.22 -8.69 69.34
C ASP A 1997 -71.07 -9.52 68.78
N PHE A 1998 -71.27 -9.98 67.55
CA PHE A 1998 -70.33 -10.85 66.83
C PHE A 1998 -70.06 -12.16 67.58
N HIS A 1999 -70.98 -12.55 68.47
CA HIS A 1999 -70.84 -13.71 69.35
C HIS A 1999 -69.57 -13.65 70.20
N GLU A 2000 -68.98 -12.46 70.34
CA GLU A 2000 -67.71 -12.23 71.01
C GLU A 2000 -66.57 -13.05 70.41
N ASP A 2001 -66.77 -13.57 69.19
CA ASP A 2001 -65.82 -14.46 68.52
C ASP A 2001 -65.46 -15.67 69.40
N LEU A 2002 -66.40 -16.10 70.24
CA LEU A 2002 -66.23 -17.23 71.16
C LEU A 2002 -65.05 -17.03 72.10
N MET A 2003 -64.67 -15.76 72.34
CA MET A 2003 -63.54 -15.47 73.21
C MET A 2003 -63.84 -15.79 74.67
N THR A 2004 -65.11 -15.94 75.03
CA THR A 2004 -65.46 -16.30 76.41
C THR A 2004 -65.01 -17.72 76.75
N HIS A 2005 -65.36 -18.69 75.90
CA HIS A 2005 -65.10 -20.09 76.20
C HIS A 2005 -64.13 -20.73 75.21
N CYS A 2006 -64.38 -20.60 73.90
CA CYS A 2006 -63.52 -21.20 72.90
C CYS A 2006 -62.35 -20.32 72.54
N GLY A 2007 -62.24 -19.14 73.14
CA GLY A 2007 -61.15 -18.24 72.85
C GLY A 2007 -60.55 -17.61 74.09
N ILE A 2008 -60.51 -18.36 75.20
CA ILE A 2008 -60.00 -17.86 76.46
C ILE A 2008 -58.49 -18.06 76.61
N GLU A 2009 -57.83 -18.62 75.60
CA GLU A 2009 -56.42 -18.98 75.66
C GLU A 2009 -55.49 -17.80 75.46
N LEU A 2010 -54.25 -18.08 75.09
CA LEU A 2010 -53.27 -17.05 74.78
C LEU A 2010 -53.78 -16.08 73.73
N ASP A 2011 -54.73 -16.50 72.88
CA ASP A 2011 -55.41 -15.57 71.99
C ASP A 2011 -56.15 -14.49 72.79
N GLU A 2012 -56.86 -14.90 73.84
CA GLU A 2012 -57.48 -13.92 74.73
C GLU A 2012 -56.43 -13.09 75.45
N ASP A 2013 -55.35 -13.73 75.90
CA ASP A 2013 -54.32 -13.02 76.65
C ASP A 2013 -53.70 -11.90 75.81
N GLY A 2014 -53.43 -12.19 74.53
CA GLY A 2014 -53.02 -11.13 73.63
C GLY A 2014 -54.12 -10.13 73.35
N SER A 2015 -55.36 -10.61 73.26
CA SER A 2015 -56.50 -9.72 73.02
C SER A 2015 -56.87 -8.90 74.25
N LEU A 2016 -56.73 -9.48 75.45
CA LEU A 2016 -57.07 -8.76 76.68
C LEU A 2016 -55.92 -7.86 77.11
N ASP A 2017 -55.48 -6.98 76.23
CA ASP A 2017 -54.39 -6.06 76.55
C ASP A 2017 -54.91 -4.87 77.34
N GLY A 2018 -53.98 -4.08 77.85
CA GLY A 2018 -54.31 -2.89 78.61
C GLY A 2018 -54.56 -1.64 77.80
N SER A 2019 -54.70 -1.78 76.47
CA SER A 2019 -54.93 -0.61 75.63
C SER A 2019 -56.33 -0.04 75.82
N ASN A 2020 -57.36 -0.83 75.53
CA ASN A 2020 -58.74 -0.37 75.67
C ASN A 2020 -59.62 -1.57 76.01
N ASP A 2021 -59.82 -1.79 77.31
CA ASP A 2021 -60.73 -2.83 77.78
C ASP A 2021 -61.06 -2.56 79.24
N LEU A 2022 -62.34 -2.28 79.53
CA LEU A 2022 -62.85 -2.02 80.87
C LEU A 2022 -62.07 -0.93 81.61
N THR A 2023 -62.20 -0.90 82.94
CA THR A 2023 -61.45 0.01 83.79
C THR A 2023 -60.33 -0.68 84.55
N ILE A 2024 -60.09 -1.96 84.27
CA ILE A 2024 -59.05 -2.71 84.95
C ILE A 2024 -57.65 -2.24 84.53
N ARG A 2025 -57.53 -1.63 83.35
CA ARG A 2025 -56.24 -1.24 82.81
C ARG A 2025 -55.57 -0.10 83.58
N GLY A 2026 -56.27 0.53 84.52
CA GLY A 2026 -55.64 1.57 85.31
C GLY A 2026 -54.46 1.05 86.12
N ARG A 2027 -54.67 -0.07 86.82
CA ARG A 2027 -53.59 -0.69 87.58
C ARG A 2027 -52.50 -1.21 86.66
N LEU A 2028 -52.87 -1.72 85.49
CA LEU A 2028 -51.88 -2.17 84.51
C LEU A 2028 -50.97 -1.03 84.10
N LEU A 2029 -51.54 0.13 83.75
CA LEU A 2029 -50.73 1.28 83.38
C LEU A 2029 -49.90 1.78 84.55
N ASP A 2030 -50.49 1.79 85.74
CA ASP A 2030 -49.78 2.25 86.94
C ASP A 2030 -48.53 1.40 87.19
N LEU A 2031 -48.68 0.08 87.12
CA LEU A 2031 -47.53 -0.78 87.36
C LEU A 2031 -46.57 -0.81 86.18
N VAL A 2032 -47.04 -0.59 84.96
CA VAL A 2032 -46.12 -0.42 83.83
C VAL A 2032 -45.22 0.78 84.08
N GLU A 2033 -45.80 1.90 84.54
CA GLU A 2033 -45.00 3.05 84.92
C GLU A 2033 -44.08 2.74 86.09
N LYS A 2034 -44.57 2.00 87.09
CA LYS A 2034 -43.77 1.66 88.26
C LYS A 2034 -42.54 0.84 87.87
N VAL A 2035 -42.72 -0.14 86.99
CA VAL A 2035 -41.57 -0.91 86.50
C VAL A 2035 -40.66 -0.03 85.65
N THR A 2036 -41.24 0.74 84.73
CA THR A 2036 -40.48 1.59 83.84
C THR A 2036 -40.42 3.02 84.38
N TYR A 2037 -40.00 3.13 85.64
CA TYR A 2037 -39.40 4.36 86.16
C TYR A 2037 -37.98 4.55 85.65
N LEU A 2038 -37.58 3.78 84.63
CA LEU A 2038 -36.23 3.69 84.05
C LEU A 2038 -35.29 2.94 84.98
N LYS A 2039 -35.74 2.66 86.20
CA LYS A 2039 -35.01 1.86 87.18
C LYS A 2039 -36.03 0.96 87.87
N LYS A 2040 -35.63 0.38 89.00
CA LYS A 2040 -36.51 -0.48 89.77
C LYS A 2040 -37.66 0.30 90.39
N CYS A 2054 -29.20 7.31 87.37
CA CYS A 2054 -29.96 8.55 87.51
C CYS A 2054 -30.41 8.76 88.95
N SER A 2055 -30.97 7.72 89.55
CA SER A 2055 -31.46 7.81 90.92
C SER A 2055 -31.12 6.58 91.76
N SER A 2056 -30.19 5.74 91.30
CA SER A 2056 -29.88 4.50 91.99
C SER A 2056 -28.42 4.16 91.73
N LEU A 2057 -28.06 2.89 91.94
CA LEU A 2057 -26.69 2.43 91.76
C LEU A 2057 -26.21 2.53 90.31
N GLN A 2058 -27.15 2.70 89.36
CA GLN A 2058 -26.78 2.73 87.95
C GLN A 2058 -25.87 3.91 87.63
N GLN A 2059 -26.17 5.09 88.19
CA GLN A 2059 -25.32 6.26 87.92
C GLN A 2059 -23.93 6.07 88.49
N LEU A 2060 -23.81 5.48 89.68
CA LEU A 2060 -22.50 5.20 90.26
C LEU A 2060 -21.73 4.20 89.39
N ILE A 2061 -22.41 3.16 88.93
CA ILE A 2061 -21.76 2.15 88.10
C ILE A 2061 -21.24 2.76 86.81
N SER A 2062 -22.10 3.55 86.15
CA SER A 2062 -21.69 4.17 84.88
C SER A 2062 -20.56 5.17 85.09
N GLU A 2063 -20.62 5.96 86.16
CA GLU A 2063 -19.56 6.93 86.43
C GLU A 2063 -18.23 6.24 86.70
N THR A 2064 -18.26 5.17 87.51
CA THR A 2064 -17.02 4.44 87.80
C THR A 2064 -16.47 3.79 86.53
N MET A 2065 -17.35 3.27 85.67
CA MET A 2065 -16.89 2.66 84.43
C MET A 2065 -16.27 3.68 83.50
N VAL A 2066 -16.89 4.86 83.39
CA VAL A 2066 -16.34 5.93 82.56
C VAL A 2066 -14.98 6.37 83.10
N ARG A 2067 -14.87 6.50 84.42
CA ARG A 2067 -13.58 6.88 85.01
C ARG A 2067 -12.52 5.82 84.76
N TRP A 2068 -12.89 4.54 84.87
CA TRP A 2068 -11.94 3.46 84.59
C TRP A 2068 -11.48 3.49 83.14
N ALA A 2069 -12.40 3.73 82.21
CA ALA A 2069 -12.00 3.85 80.81
C ALA A 2069 -11.14 5.09 80.58
N GLN A 2070 -11.38 6.16 81.33
CA GLN A 2070 -10.64 7.40 81.15
C GLN A 2070 -9.24 7.34 81.74
N GLU A 2071 -9.02 6.51 82.76
CA GLU A 2071 -7.77 6.54 83.50
C GLU A 2071 -6.58 6.19 82.62
N SER A 2072 -6.67 5.10 81.87
CA SER A 2072 -5.57 4.67 81.02
C SER A 2072 -6.11 3.64 80.02
N VAL A 2073 -5.23 3.23 79.10
CA VAL A 2073 -5.56 2.15 78.19
C VAL A 2073 -5.70 0.85 78.98
N ILE A 2074 -6.55 -0.04 78.49
CA ILE A 2074 -6.90 -1.27 79.20
C ILE A 2074 -6.53 -2.46 78.34
N GLU A 2075 -5.65 -3.31 78.86
CA GLU A 2075 -5.33 -4.58 78.22
C GLU A 2075 -6.27 -5.65 78.75
N ASP A 2076 -5.95 -6.93 78.48
CA ASP A 2076 -6.74 -8.07 78.93
C ASP A 2076 -8.17 -7.95 78.39
N PRO A 2077 -8.38 -8.23 77.09
CA PRO A 2077 -9.68 -7.92 76.47
C PRO A 2077 -10.90 -8.51 77.16
N GLU A 2078 -10.72 -9.53 78.00
CA GLU A 2078 -11.83 -10.02 78.82
C GLU A 2078 -12.33 -8.93 79.76
N LEU A 2079 -11.41 -8.15 80.32
CA LEU A 2079 -11.80 -7.05 81.19
C LEU A 2079 -12.60 -6.00 80.43
N VAL A 2080 -12.17 -5.66 79.21
CA VAL A 2080 -12.89 -4.69 78.40
C VAL A 2080 -14.27 -5.21 78.05
N ARG A 2081 -14.37 -6.50 77.69
CA ARG A 2081 -15.65 -7.09 77.36
C ARG A 2081 -16.60 -7.05 78.55
N ALA A 2082 -16.09 -7.40 79.74
CA ALA A 2082 -16.93 -7.35 80.95
C ALA A 2082 -17.35 -5.91 81.26
N MET A 2083 -16.44 -4.96 81.09
CA MET A 2083 -16.74 -3.56 81.33
C MET A 2083 -17.89 -3.09 80.46
N PHE A 2084 -17.79 -3.32 79.15
CA PHE A 2084 -18.81 -2.82 78.24
C PHE A 2084 -20.11 -3.62 78.35
N VAL A 2085 -20.03 -4.91 78.69
CA VAL A 2085 -21.24 -5.69 78.93
C VAL A 2085 -22.00 -5.11 80.13
N LEU A 2086 -21.28 -4.80 81.21
CA LEU A 2086 -21.93 -4.21 82.37
C LEU A 2086 -22.51 -2.84 82.06
N LEU A 2087 -21.79 -2.03 81.28
CA LEU A 2087 -22.29 -0.71 80.92
C LEU A 2087 -23.59 -0.82 80.11
N HIS A 2088 -23.60 -1.70 79.11
CA HIS A 2088 -24.80 -1.88 78.30
C HIS A 2088 -25.95 -2.44 79.13
N ARG A 2089 -25.65 -3.36 80.05
CA ARG A 2089 -26.69 -3.91 80.91
C ARG A 2089 -27.29 -2.83 81.80
N GLN A 2090 -26.46 -1.90 82.28
CA GLN A 2090 -26.99 -0.79 83.07
C GLN A 2090 -27.85 0.14 82.22
N TYR A 2091 -27.45 0.37 80.97
CA TYR A 2091 -28.21 1.28 80.13
C TYR A 2091 -29.40 0.61 79.45
N ASP A 2092 -29.59 -0.70 79.62
CA ASP A 2092 -30.65 -1.44 78.93
C ASP A 2092 -31.36 -2.38 79.91
N GLY A 2093 -31.81 -1.84 81.04
CA GLY A 2093 -32.53 -2.65 82.01
C GLY A 2093 -33.80 -3.26 81.44
N ILE A 2094 -34.44 -2.59 80.48
CA ILE A 2094 -35.58 -3.18 79.78
C ILE A 2094 -35.14 -4.41 79.00
N GLY A 2095 -33.91 -4.39 78.47
CA GLY A 2095 -33.37 -5.58 77.85
C GLY A 2095 -33.24 -6.75 78.82
N GLY A 2096 -32.77 -6.47 80.03
CA GLY A 2096 -32.72 -7.50 81.05
C GLY A 2096 -34.09 -8.02 81.41
N LEU A 2097 -35.08 -7.13 81.49
CA LEU A 2097 -36.44 -7.55 81.79
C LEU A 2097 -37.01 -8.45 80.71
N VAL A 2098 -36.83 -8.08 79.44
CA VAL A 2098 -37.38 -8.86 78.34
C VAL A 2098 -36.59 -10.15 78.15
N ARG A 2099 -35.33 -10.20 78.62
CA ARG A 2099 -34.60 -11.46 78.61
C ARG A 2099 -35.09 -12.39 79.72
N ALA A 2100 -35.34 -11.85 80.91
CA ALA A 2100 -35.71 -12.68 82.06
C ALA A 2100 -37.16 -13.14 82.00
N LEU A 2101 -38.02 -12.39 81.30
CA LEU A 2101 -39.45 -12.72 81.30
C LEU A 2101 -39.80 -14.08 80.70
N PRO A 2102 -39.30 -14.49 79.52
CA PRO A 2102 -39.76 -15.78 78.96
C PRO A 2102 -39.41 -16.99 79.82
N LYS A 2103 -38.30 -16.95 80.54
CA LYS A 2103 -37.89 -18.07 81.38
C LYS A 2103 -38.57 -18.09 82.74
N THR A 2104 -39.39 -17.08 83.04
CA THR A 2104 -40.13 -17.05 84.30
C THR A 2104 -41.30 -18.01 84.24
N TYR A 2105 -41.57 -18.65 85.39
CA TYR A 2105 -42.68 -19.59 85.48
C TYR A 2105 -43.26 -19.52 86.89
N THR A 2106 -44.55 -19.84 87.00
CA THR A 2106 -45.27 -19.82 88.27
C THR A 2106 -45.73 -21.24 88.56
N ILE A 2107 -45.11 -21.87 89.55
CA ILE A 2107 -45.44 -23.23 89.95
C ILE A 2107 -46.35 -23.17 91.18
N ASN A 2108 -47.26 -24.13 91.28
CA ASN A 2108 -48.18 -24.18 92.40
C ASN A 2108 -47.44 -24.52 93.69
N GLY A 2109 -48.05 -24.15 94.80
CA GLY A 2109 -47.46 -24.38 96.11
C GLY A 2109 -47.59 -25.79 96.64
N VAL A 2110 -48.28 -26.67 95.92
CA VAL A 2110 -48.46 -28.05 96.39
C VAL A 2110 -47.37 -28.99 95.87
N SER A 2111 -46.70 -28.64 94.77
CA SER A 2111 -45.66 -29.48 94.18
C SER A 2111 -44.27 -28.86 94.36
N VAL A 2112 -44.08 -28.08 95.42
CA VAL A 2112 -42.81 -27.39 95.63
C VAL A 2112 -41.68 -28.38 95.87
N GLU A 2113 -41.92 -29.40 96.71
CA GLU A 2113 -40.89 -30.40 97.00
C GLU A 2113 -40.54 -31.21 95.76
N ASP A 2114 -41.54 -31.60 94.97
CA ASP A 2114 -41.27 -32.35 93.74
C ASP A 2114 -40.51 -31.49 92.75
N THR A 2115 -40.85 -30.21 92.64
CA THR A 2115 -40.10 -29.31 91.76
C THR A 2115 -38.67 -29.15 92.23
N ILE A 2116 -38.45 -29.08 93.55
CA ILE A 2116 -37.10 -28.98 94.09
C ILE A 2116 -36.30 -30.25 93.75
N ASN A 2117 -36.92 -31.42 93.90
CA ASN A 2117 -36.24 -32.66 93.55
C ASN A 2117 -35.89 -32.72 92.07
N LEU A 2118 -36.83 -32.30 91.21
CA LEU A 2118 -36.56 -32.28 89.78
C LEU A 2118 -35.45 -31.30 89.44
N LEU A 2119 -35.41 -30.15 90.12
CA LEU A 2119 -34.36 -29.17 89.88
C LEU A 2119 -33.00 -29.71 90.33
N ALA A 2120 -32.97 -30.44 91.44
CA ALA A 2120 -31.72 -31.06 91.88
C ALA A 2120 -31.25 -32.11 90.88
N SER A 2121 -32.19 -32.89 90.33
CA SER A 2121 -31.83 -33.88 89.32
C SER A 2121 -31.28 -33.20 88.06
N LEU A 2122 -31.90 -32.10 87.64
CA LEU A 2122 -31.39 -31.36 86.50
C LEU A 2122 -30.02 -30.76 86.78
N GLY A 2123 -29.79 -30.30 88.01
CA GLY A 2123 -28.48 -29.81 88.37
C GLY A 2123 -27.41 -30.88 88.29
N GLN A 2124 -27.75 -32.09 88.74
CA GLN A 2124 -26.82 -33.21 88.60
C GLN A 2124 -26.55 -33.53 87.14
N ILE A 2125 -27.60 -33.50 86.31
CA ILE A 2125 -27.44 -33.77 84.88
C ILE A 2125 -26.55 -32.72 84.23
N ARG A 2126 -26.75 -31.45 84.58
CA ARG A 2126 -25.94 -30.38 84.00
C ARG A 2126 -24.51 -30.43 84.51
N SER A 2127 -24.29 -30.90 85.74
CA SER A 2127 -22.94 -31.09 86.22
C SER A 2127 -22.23 -32.22 85.48
N LEU A 2128 -22.95 -33.31 85.20
CA LEU A 2128 -22.37 -34.41 84.44
C LEU A 2128 -22.34 -34.15 82.94
N LEU A 2129 -22.97 -33.06 82.48
CA LEU A 2129 -23.01 -32.75 81.05
C LEU A 2129 -21.61 -32.59 80.48
N SER A 2130 -21.47 -33.01 79.22
CA SER A 2130 -20.21 -32.98 78.49
C SER A 2130 -19.14 -33.81 79.20
N GLY A 2134 -19.72 -40.00 79.37
CA GLY A 2134 -18.55 -40.37 80.15
C GLY A 2134 -18.23 -41.84 80.12
N LYS A 2135 -17.28 -42.26 80.96
CA LYS A 2135 -16.91 -43.67 81.05
C LYS A 2135 -17.81 -44.44 82.01
N GLU A 2136 -17.84 -44.01 83.27
CA GLU A 2136 -18.73 -44.60 84.27
C GLU A 2136 -19.74 -43.61 84.81
N GLU A 2137 -19.71 -42.35 84.36
CA GLU A 2137 -20.77 -41.40 84.68
C GLU A 2137 -22.05 -41.69 83.91
N GLU A 2138 -22.00 -42.63 82.95
CA GLU A 2138 -23.20 -43.02 82.23
C GLU A 2138 -24.24 -43.62 83.18
N LYS A 2139 -23.79 -44.37 84.18
CA LYS A 2139 -24.72 -44.92 85.16
C LYS A 2139 -25.39 -43.82 85.98
N LEU A 2140 -24.63 -42.80 86.38
CA LEU A 2140 -25.22 -41.68 87.10
C LEU A 2140 -26.21 -40.92 86.24
N MET A 2141 -25.88 -40.73 84.95
CA MET A 2141 -26.81 -40.06 84.05
C MET A 2141 -28.07 -40.89 83.83
N ILE A 2142 -27.92 -42.21 83.75
CA ILE A 2142 -29.08 -43.10 83.63
C ILE A 2142 -29.96 -42.98 84.86
N ARG A 2143 -29.35 -42.95 86.05
CA ARG A 2143 -30.11 -42.78 87.28
C ARG A 2143 -30.85 -41.45 87.29
N GLY A 2144 -30.18 -40.38 86.87
CA GLY A 2144 -30.83 -39.08 86.83
C GLY A 2144 -31.99 -39.02 85.86
N LEU A 2145 -31.82 -39.61 84.68
CA LEU A 2145 -32.90 -39.64 83.70
C LEU A 2145 -34.06 -40.49 84.19
N GLY A 2146 -33.77 -41.62 84.84
CA GLY A 2146 -34.84 -42.42 85.41
C GLY A 2146 -35.58 -41.71 86.52
N ASP A 2147 -34.85 -40.93 87.33
CA ASP A 2147 -35.51 -40.14 88.37
C ASP A 2147 -36.38 -39.05 87.77
N ILE A 2148 -35.92 -38.40 86.69
CA ILE A 2148 -36.73 -37.37 86.05
C ILE A 2148 -37.88 -37.97 85.26
N MET A 2149 -37.82 -39.26 84.94
CA MET A 2149 -38.97 -39.93 84.31
C MET A 2149 -40.17 -39.95 85.25
N ASN A 2150 -39.96 -40.44 86.47
CA ASN A 2150 -41.06 -40.63 87.43
C ASN A 2150 -41.26 -39.35 88.24
N ASN A 2151 -41.67 -38.30 87.54
CA ASN A 2151 -41.98 -37.03 88.16
C ASN A 2151 -43.25 -36.46 87.56
N LYS A 2152 -44.14 -35.97 88.42
CA LYS A 2152 -45.39 -35.40 87.95
C LYS A 2152 -45.18 -34.08 87.22
N VAL A 2153 -44.15 -33.33 87.60
CA VAL A 2153 -43.91 -32.01 87.02
C VAL A 2153 -43.57 -32.11 85.55
N PHE A 2154 -43.03 -33.25 85.10
CA PHE A 2154 -42.66 -33.41 83.70
C PHE A 2154 -43.89 -33.31 82.80
N TYR A 2155 -44.92 -34.09 83.08
CA TYR A 2155 -46.08 -34.09 82.19
C TYR A 2155 -47.15 -33.09 82.61
N GLN A 2156 -47.20 -32.70 83.89
CA GLN A 2156 -48.17 -31.71 84.33
C GLN A 2156 -47.76 -30.29 83.94
N HIS A 2157 -46.47 -30.04 83.70
CA HIS A 2157 -45.97 -28.72 83.34
C HIS A 2157 -44.97 -28.85 82.20
N PRO A 2158 -45.45 -29.07 80.97
CA PRO A 2158 -44.51 -29.23 79.85
C PRO A 2158 -43.86 -27.91 79.42
N ASN A 2159 -44.57 -26.79 79.55
CA ASN A 2159 -43.97 -25.50 79.21
C ASN A 2159 -42.79 -25.18 80.12
N LEU A 2160 -42.89 -25.52 81.41
CA LEU A 2160 -41.77 -25.35 82.32
C LEU A 2160 -40.60 -26.22 81.90
N MET A 2161 -40.87 -27.46 81.48
CA MET A 2161 -39.81 -28.33 80.98
C MET A 2161 -39.11 -27.74 79.77
N ARG A 2162 -39.87 -27.18 78.84
CA ARG A 2162 -39.25 -26.55 77.68
C ARG A 2162 -38.46 -25.31 78.06
N ALA A 2163 -38.98 -24.51 79.00
CA ALA A 2163 -38.28 -23.30 79.43
C ALA A 2163 -36.97 -23.63 80.13
N LEU A 2164 -36.94 -24.74 80.88
CA LEU A 2164 -35.72 -25.16 81.56
C LEU A 2164 -34.64 -25.65 80.60
N GLY A 2165 -34.96 -25.86 79.33
CA GLY A 2165 -33.97 -26.15 78.32
C GLY A 2165 -33.29 -27.50 78.44
N MET A 2166 -34.04 -28.56 78.76
CA MET A 2166 -33.44 -29.89 78.76
C MET A 2166 -33.22 -30.41 77.35
N HIS A 2167 -33.87 -29.81 76.35
CA HIS A 2167 -33.66 -30.24 74.96
C HIS A 2167 -32.20 -30.10 74.56
N GLU A 2168 -31.62 -28.92 74.78
CA GLU A 2168 -30.22 -28.70 74.41
C GLU A 2168 -29.28 -29.51 75.29
N THR A 2169 -29.63 -29.73 76.55
CA THR A 2169 -28.80 -30.55 77.43
C THR A 2169 -28.71 -31.98 76.91
N VAL A 2170 -29.87 -32.58 76.59
CA VAL A 2170 -29.87 -33.94 76.09
C VAL A 2170 -29.21 -34.01 74.72
N MET A 2171 -29.40 -32.98 73.89
CA MET A 2171 -28.75 -32.94 72.58
C MET A 2171 -27.23 -32.91 72.72
N GLU A 2172 -26.72 -32.07 73.62
CA GLU A 2172 -25.28 -32.01 73.83
C GLU A 2172 -24.74 -33.32 74.39
N VAL A 2173 -25.50 -33.95 75.29
CA VAL A 2173 -25.09 -35.24 75.85
C VAL A 2173 -24.99 -36.28 74.73
N MET A 2174 -26.00 -36.33 73.86
CA MET A 2174 -26.00 -37.29 72.76
C MET A 2174 -24.88 -37.02 71.77
N VAL A 2175 -24.62 -35.74 71.49
CA VAL A 2175 -23.53 -35.38 70.58
C VAL A 2175 -22.19 -35.81 71.16
N ASN A 2176 -21.98 -35.57 72.45
CA ASN A 2176 -20.73 -36.00 73.09
C ASN A 2176 -20.61 -37.52 73.12
N VAL A 2177 -21.74 -38.22 73.27
CA VAL A 2177 -21.69 -39.68 73.34
C VAL A 2177 -21.34 -40.29 71.99
N LEU A 2178 -22.09 -39.92 70.95
CA LEU A 2178 -21.89 -40.54 69.64
C LEU A 2178 -20.86 -39.81 68.79
N GLY A 2179 -20.38 -38.66 69.22
CA GLY A 2179 -19.37 -37.95 68.45
C GLY A 2179 -18.03 -38.66 68.50
N GLY A 2180 -17.47 -38.92 67.33
CA GLY A 2180 -16.19 -39.61 67.25
C GLY A 2180 -16.17 -40.71 66.21
N GLY A 2181 -17.34 -41.22 65.85
CA GLY A 2181 -17.44 -42.28 64.86
C GLY A 2181 -17.22 -43.66 65.44
N GLU A 2182 -16.44 -44.49 64.74
CA GLU A 2182 -16.12 -45.84 65.15
C GLU A 2182 -17.37 -46.68 65.39
N SER A 2183 -17.69 -46.96 66.66
CA SER A 2183 -18.83 -47.81 66.97
C SER A 2183 -19.61 -47.32 68.18
N LYS A 2184 -19.45 -46.06 68.58
CA LYS A 2184 -20.16 -45.47 69.73
C LYS A 2184 -19.89 -46.29 71.00
N GLU A 2185 -18.64 -46.20 71.46
CA GLU A 2185 -18.10 -47.09 72.48
C GLU A 2185 -18.99 -47.20 73.71
N ILE A 2186 -19.46 -46.07 74.24
CA ILE A 2186 -20.41 -46.09 75.37
C ILE A 2186 -21.80 -46.10 74.75
N THR A 2187 -22.25 -47.31 74.41
CA THR A 2187 -23.55 -47.52 73.77
C THR A 2187 -24.57 -47.90 74.83
N PHE A 2188 -25.44 -46.95 75.17
CA PHE A 2188 -26.56 -47.18 76.07
C PHE A 2188 -27.60 -46.11 75.78
N PRO A 2189 -28.41 -46.29 74.74
CA PRO A 2189 -29.27 -45.20 74.22
C PRO A 2189 -30.55 -44.97 75.01
N LYS A 2190 -30.42 -44.27 76.14
CA LYS A 2190 -31.58 -43.78 76.88
C LYS A 2190 -31.83 -42.30 76.64
N MET A 2191 -30.80 -41.54 76.27
CA MET A 2191 -31.01 -40.14 75.94
C MET A 2191 -31.91 -39.97 74.73
N VAL A 2192 -31.87 -40.93 73.78
CA VAL A 2192 -32.81 -40.89 72.68
C VAL A 2192 -34.23 -41.17 73.18
N ALA A 2193 -34.36 -42.08 74.16
CA ALA A 2193 -35.68 -42.39 74.70
C ALA A 2193 -36.28 -41.19 75.42
N ASN A 2194 -35.43 -40.38 76.07
CA ASN A 2194 -35.86 -39.17 76.75
C ASN A 2194 -36.12 -38.02 75.77
N CYS A 2195 -35.33 -37.93 74.71
CA CYS A 2195 -35.61 -36.98 73.64
C CYS A 2195 -36.97 -37.27 73.01
N CYS A 2196 -37.23 -38.56 72.77
CA CYS A 2196 -38.54 -39.13 72.53
C CYS A 2196 -39.21 -39.36 73.88
N ARG A 2197 -40.02 -40.41 73.98
CA ARG A 2197 -40.88 -40.74 75.10
C ARG A 2197 -41.67 -39.55 75.64
N PHE A 2198 -41.52 -39.29 76.94
CA PHE A 2198 -42.35 -38.31 77.64
C PHE A 2198 -42.28 -36.95 76.95
N LEU A 2199 -41.07 -36.48 76.65
CA LEU A 2199 -40.92 -35.35 75.75
C LEU A 2199 -41.42 -35.76 74.37
N CYS A 2200 -42.44 -35.03 73.89
CA CYS A 2200 -43.19 -35.20 72.64
C CYS A 2200 -44.25 -36.30 72.73
N TYR A 2201 -44.43 -36.98 73.86
CA TYR A 2201 -45.63 -37.80 74.06
C TYR A 2201 -46.56 -37.21 75.10
N PHE A 2202 -46.08 -37.00 76.32
CA PHE A 2202 -46.93 -36.45 77.39
C PHE A 2202 -47.05 -34.94 77.28
N CYS A 2203 -46.02 -34.27 76.77
CA CYS A 2203 -46.10 -32.84 76.53
C CYS A 2203 -47.12 -32.51 75.45
N ARG A 2204 -47.44 -33.47 74.58
CA ARG A 2204 -48.44 -33.32 73.52
C ARG A 2204 -48.12 -32.15 72.60
N ILE A 2205 -46.83 -31.83 72.46
CA ILE A 2205 -46.32 -30.78 71.57
C ILE A 2205 -46.85 -29.41 71.98
N SER A 2206 -48.18 -29.27 72.02
CA SER A 2206 -48.84 -27.97 72.19
C SER A 2206 -48.44 -27.00 71.10
N ARG A 2207 -48.17 -27.53 69.91
CA ARG A 2207 -47.64 -26.82 68.75
C ARG A 2207 -46.30 -26.14 69.04
N GLN A 2208 -45.65 -26.48 70.15
CA GLN A 2208 -44.39 -25.86 70.52
C GLN A 2208 -43.26 -26.86 70.76
N ASN A 2209 -43.55 -27.96 71.47
CA ASN A 2209 -42.49 -28.91 71.82
C ASN A 2209 -42.01 -29.66 70.59
N GLN A 2210 -42.93 -30.18 69.77
CA GLN A 2210 -42.53 -30.85 68.55
C GLN A 2210 -41.91 -29.88 67.55
N LYS A 2211 -42.38 -28.63 67.53
CA LYS A 2211 -41.76 -27.63 66.66
C LYS A 2211 -40.32 -27.35 67.07
N ALA A 2212 -40.06 -27.25 68.38
CA ALA A 2212 -38.70 -27.07 68.84
C ALA A 2212 -37.84 -28.31 68.58
N MET A 2213 -38.47 -29.49 68.64
CA MET A 2213 -37.72 -30.72 68.39
C MET A 2213 -37.40 -30.89 66.91
N PHE A 2214 -38.22 -30.26 66.04
CA PHE A 2214 -38.02 -30.34 64.60
C PHE A 2214 -36.73 -29.71 64.14
N ASP A 2215 -36.13 -28.83 64.95
CA ASP A 2215 -34.92 -28.13 64.54
C ASP A 2215 -33.74 -29.09 64.38
N HIS A 2216 -33.62 -30.07 65.28
CA HIS A 2216 -32.52 -31.02 65.24
C HIS A 2216 -32.82 -32.24 64.39
N LEU A 2217 -33.81 -32.15 63.49
CA LEU A 2217 -34.20 -33.31 62.69
C LEU A 2217 -33.09 -33.73 61.73
N SER A 2218 -32.40 -32.76 61.13
CA SER A 2218 -31.33 -33.09 60.20
C SER A 2218 -30.21 -33.86 60.89
N TYR A 2219 -29.80 -33.40 62.08
CA TYR A 2219 -28.79 -34.13 62.83
C TYR A 2219 -29.30 -35.48 63.31
N LEU A 2220 -30.58 -35.57 63.65
CA LEU A 2220 -31.14 -36.84 64.11
C LEU A 2220 -31.13 -37.88 63.00
N LEU A 2221 -31.59 -37.51 61.81
CA LEU A 2221 -31.64 -38.46 60.70
C LEU A 2221 -30.28 -38.69 60.07
N GLU A 2222 -29.35 -37.75 60.21
CA GLU A 2222 -28.02 -37.94 59.61
C GLU A 2222 -27.26 -39.06 60.29
N ASN A 2223 -27.27 -39.09 61.62
CA ASN A 2223 -26.56 -40.12 62.38
C ASN A 2223 -27.54 -41.21 62.80
N SER A 2224 -27.95 -42.01 61.82
CA SER A 2224 -28.84 -43.14 62.05
C SER A 2224 -28.01 -44.29 62.62
N SER A 2225 -27.82 -44.27 63.93
CA SER A 2225 -26.98 -45.26 64.60
C SER A 2225 -27.80 -46.53 64.88
N VAL A 2226 -27.19 -47.48 65.59
CA VAL A 2226 -27.79 -48.79 65.81
C VAL A 2226 -27.63 -49.16 67.28
N GLY A 2227 -28.62 -49.88 67.80
CA GLY A 2227 -28.49 -50.43 69.15
C GLY A 2227 -29.69 -50.31 70.05
N LEU A 2228 -30.65 -49.46 69.69
CA LEU A 2228 -31.81 -49.24 70.55
C LEU A 2228 -32.72 -50.46 70.56
N ALA A 2229 -33.30 -50.73 71.74
CA ALA A 2229 -34.19 -51.87 71.91
C ALA A 2229 -35.61 -51.59 71.46
N SER A 2230 -35.95 -50.34 71.17
CA SER A 2230 -37.29 -50.02 70.67
C SER A 2230 -37.62 -50.72 69.35
N PRO A 2231 -36.72 -50.75 68.31
CA PRO A 2231 -36.97 -51.60 67.15
C PRO A 2231 -36.51 -53.05 67.36
N ALA A 2232 -36.90 -53.62 68.49
CA ALA A 2232 -36.45 -54.95 68.94
C ALA A 2232 -34.93 -54.98 69.00
N MET A 2233 -34.30 -55.47 67.93
CA MET A 2233 -32.84 -55.46 67.82
C MET A 2233 -32.37 -54.10 67.32
N ARG A 2234 -31.11 -54.02 66.91
CA ARG A 2234 -30.54 -52.76 66.45
C ARG A 2234 -31.16 -52.34 65.11
N GLY A 2235 -30.77 -51.16 64.64
CA GLY A 2235 -31.21 -50.66 63.36
C GLY A 2235 -31.55 -49.19 63.33
N SER A 2236 -32.11 -48.63 64.40
CA SER A 2236 -32.42 -47.21 64.44
C SER A 2236 -32.59 -46.77 65.88
N THR A 2237 -31.59 -46.06 66.43
CA THR A 2237 -31.80 -45.39 67.71
C THR A 2237 -32.46 -44.02 67.59
N PRO A 2238 -32.06 -43.12 66.67
CA PRO A 2238 -32.69 -41.79 66.67
C PRO A 2238 -33.89 -41.65 65.75
N LEU A 2239 -34.16 -42.64 64.90
CA LEU A 2239 -35.30 -42.54 64.00
C LEU A 2239 -36.63 -42.58 64.75
N ASP A 2240 -36.67 -43.19 65.93
CA ASP A 2240 -37.87 -43.08 66.76
C ASP A 2240 -38.11 -41.63 67.17
N VAL A 2241 -37.05 -40.92 67.54
CA VAL A 2241 -37.18 -39.50 67.87
C VAL A 2241 -37.59 -38.70 66.64
N ALA A 2242 -37.02 -39.04 65.48
CA ALA A 2242 -37.38 -38.34 64.24
C ALA A 2242 -38.85 -38.54 63.90
N ALA A 2243 -39.35 -39.76 64.07
CA ALA A 2243 -40.76 -40.02 63.83
C ALA A 2243 -41.65 -39.33 64.85
N ALA A 2244 -41.25 -39.32 66.12
CA ALA A 2244 -42.03 -38.64 67.15
C ALA A 2244 -42.04 -37.13 66.96
N SER A 2245 -41.03 -36.57 66.30
CA SER A 2245 -41.04 -35.14 66.02
C SER A 2245 -42.18 -34.77 65.07
N VAL A 2246 -42.49 -35.62 64.10
CA VAL A 2246 -43.52 -35.35 63.11
C VAL A 2246 -44.64 -36.37 63.24
N MET A 2247 -44.93 -36.79 64.48
CA MET A 2247 -45.90 -37.85 64.71
C MET A 2247 -47.29 -37.45 64.23
N ASP A 2248 -47.88 -36.43 64.83
CA ASP A 2248 -49.24 -36.02 64.51
C ASP A 2248 -49.33 -34.51 64.37
N ASN A 2249 -48.39 -33.91 63.63
CA ASN A 2249 -48.38 -32.48 63.37
C ASN A 2249 -48.39 -32.26 61.87
N ASN A 2250 -49.55 -31.84 61.35
CA ASN A 2250 -49.68 -31.60 59.91
C ASN A 2250 -48.79 -30.44 59.45
N GLU A 2251 -48.69 -29.40 60.27
CA GLU A 2251 -47.87 -28.25 59.90
C GLU A 2251 -46.39 -28.63 59.82
N LEU A 2252 -45.93 -29.48 60.75
CA LEU A 2252 -44.54 -29.92 60.70
C LEU A 2252 -44.29 -30.87 59.54
N ALA A 2253 -45.27 -31.71 59.21
CA ALA A 2253 -45.14 -32.59 58.06
C ALA A 2253 -45.06 -31.79 56.77
N LEU A 2254 -45.85 -30.72 56.68
CA LEU A 2254 -45.76 -29.82 55.52
C LEU A 2254 -44.42 -29.09 55.51
N ALA A 2255 -43.93 -28.71 56.69
CA ALA A 2255 -42.66 -27.98 56.79
C ALA A 2255 -41.45 -28.86 56.52
N LEU A 2256 -41.62 -30.18 56.40
CA LEU A 2256 -40.50 -31.06 56.11
C LEU A 2256 -39.94 -30.76 54.73
N ARG A 2257 -38.62 -30.62 54.65
CA ARG A 2257 -37.97 -30.22 53.42
C ARG A 2257 -37.71 -31.43 52.52
N GLU A 2258 -37.70 -31.17 51.22
CA GLU A 2258 -37.38 -32.22 50.25
C GLU A 2258 -35.99 -32.81 50.40
N PRO A 2259 -34.91 -32.06 50.65
CA PRO A 2259 -33.60 -32.71 50.81
C PRO A 2259 -33.53 -33.74 51.93
N ASP A 2260 -34.28 -33.55 53.02
CA ASP A 2260 -34.28 -34.56 54.08
C ASP A 2260 -34.90 -35.86 53.59
N LEU A 2261 -36.01 -35.78 52.85
CA LEU A 2261 -36.62 -36.97 52.28
C LEU A 2261 -35.69 -37.62 51.26
N GLU A 2262 -34.97 -36.80 50.49
CA GLU A 2262 -33.99 -37.34 49.55
C GLU A 2262 -32.89 -38.10 50.29
N LYS A 2263 -32.42 -37.53 51.40
CA LYS A 2263 -31.43 -38.23 52.23
C LYS A 2263 -31.97 -39.58 52.69
N VAL A 2264 -33.16 -39.59 53.29
CA VAL A 2264 -33.73 -40.82 53.83
C VAL A 2264 -33.93 -41.85 52.73
N VAL A 2265 -34.31 -41.41 51.53
CA VAL A 2265 -34.42 -42.31 50.39
C VAL A 2265 -33.05 -42.90 50.05
N ARG A 2266 -32.00 -42.08 50.12
CA ARG A 2266 -30.66 -42.60 49.85
C ARG A 2266 -30.23 -43.63 50.90
N TYR A 2267 -30.51 -43.37 52.18
CA TYR A 2267 -30.19 -44.34 53.21
C TYR A 2267 -30.97 -45.64 53.02
N LEU A 2268 -32.22 -45.54 52.58
CA LEU A 2268 -32.98 -46.76 52.27
C LEU A 2268 -32.37 -47.51 51.09
N ALA A 2269 -31.94 -46.77 50.06
CA ALA A 2269 -31.32 -47.40 48.90
C ALA A 2269 -29.95 -47.98 49.20
N GLY A 2270 -29.33 -47.55 50.30
CA GLY A 2270 -28.05 -48.11 50.70
C GLY A 2270 -28.10 -49.58 51.09
N CYS A 2271 -29.29 -50.11 51.36
CA CYS A 2271 -29.45 -51.51 51.73
C CYS A 2271 -29.72 -52.39 50.49
N GLY A 2272 -28.84 -52.29 49.50
CA GLY A 2272 -28.94 -53.12 48.32
C GLY A 2272 -28.10 -54.38 48.41
N LEU A 2273 -28.43 -55.26 49.35
CA LEU A 2273 -27.67 -56.48 49.54
C LEU A 2273 -28.59 -57.56 50.11
N GLN A 2274 -28.14 -58.81 49.98
CA GLN A 2274 -28.88 -59.95 50.49
C GLN A 2274 -27.91 -61.07 50.80
N SER A 2275 -28.23 -61.86 51.83
CA SER A 2275 -27.37 -62.95 52.26
C SER A 2275 -28.22 -64.01 52.95
N CYS A 2276 -27.58 -65.16 53.21
CA CYS A 2276 -28.26 -66.30 53.82
C CYS A 2276 -28.00 -66.41 55.32
N GLN A 2277 -27.31 -65.43 55.92
CA GLN A 2277 -27.05 -65.46 57.34
C GLN A 2277 -28.33 -65.17 58.14
N MET A 2278 -28.22 -65.28 59.45
CA MET A 2278 -29.40 -65.10 60.30
C MET A 2278 -29.78 -63.62 60.42
N LEU A 2279 -28.92 -62.83 61.05
CA LEU A 2279 -29.18 -61.40 61.26
C LEU A 2279 -27.92 -60.59 61.01
N VAL A 2280 -27.22 -60.90 59.93
CA VAL A 2280 -25.95 -60.23 59.64
C VAL A 2280 -26.21 -58.81 59.15
N SER A 2281 -25.26 -57.92 59.43
CA SER A 2281 -25.24 -56.58 58.87
C SER A 2281 -23.99 -56.34 58.04
N LYS A 2282 -22.81 -56.61 58.60
CA LYS A 2282 -21.56 -56.64 57.84
C LYS A 2282 -20.72 -57.87 58.11
N GLY A 2283 -20.97 -58.59 59.21
CA GLY A 2283 -20.23 -59.80 59.53
C GLY A 2283 -20.75 -60.38 60.82
N TYR A 2284 -20.18 -61.53 61.18
CA TYR A 2284 -20.46 -62.23 62.43
C TYR A 2284 -21.94 -62.55 62.61
N PRO A 2285 -22.49 -63.51 61.86
CA PRO A 2285 -23.91 -63.85 62.04
C PRO A 2285 -24.16 -64.59 63.34
N ASP A 2286 -24.26 -63.86 64.44
CA ASP A 2286 -24.40 -64.45 65.77
C ASP A 2286 -25.86 -64.59 66.19
N ILE A 2287 -26.61 -63.50 66.22
CA ILE A 2287 -27.98 -63.52 66.71
C ILE A 2287 -28.89 -64.08 65.62
N GLY A 2288 -29.74 -65.03 66.00
CA GLY A 2288 -30.71 -65.61 65.11
C GLY A 2288 -32.15 -65.18 65.34
N TRP A 2289 -32.38 -64.14 66.13
CA TRP A 2289 -33.73 -63.69 66.45
C TRP A 2289 -34.36 -62.95 65.27
N VAL A 2292 -34.13 -55.81 60.59
CA VAL A 2292 -35.30 -55.14 60.07
C VAL A 2292 -34.92 -54.27 58.87
N GLU A 2293 -33.61 -54.08 58.69
CA GLU A 2293 -32.99 -53.23 57.66
C GLU A 2293 -33.79 -51.97 57.37
N GLY A 2294 -34.37 -51.89 56.17
CA GLY A 2294 -35.07 -50.69 55.72
C GLY A 2294 -36.48 -50.50 56.23
N GLU A 2295 -36.97 -51.43 57.05
CA GLU A 2295 -38.32 -51.29 57.59
C GLU A 2295 -38.46 -50.05 58.46
N ARG A 2296 -37.40 -49.69 59.19
CA ARG A 2296 -37.45 -48.48 60.01
C ARG A 2296 -37.52 -47.22 59.15
N TYR A 2297 -36.76 -47.19 58.05
CA TYR A 2297 -36.86 -46.08 57.11
C TYR A 2297 -38.26 -45.99 56.51
N LEU A 2298 -38.83 -47.13 56.15
CA LEU A 2298 -40.18 -47.14 55.58
C LEU A 2298 -41.21 -46.66 56.60
N ASP A 2299 -41.05 -47.06 57.87
CA ASP A 2299 -41.96 -46.60 58.91
C ASP A 2299 -41.85 -45.10 59.13
N PHE A 2300 -40.61 -44.57 59.12
CA PHE A 2300 -40.43 -43.13 59.25
C PHE A 2300 -41.07 -42.38 58.09
N LEU A 2301 -40.90 -42.90 56.87
CA LEU A 2301 -41.53 -42.27 55.71
C LEU A 2301 -43.04 -42.33 55.79
N ARG A 2302 -43.58 -43.43 56.29
CA ARG A 2302 -45.02 -43.55 56.49
C ARG A 2302 -45.52 -42.52 57.49
N PHE A 2303 -44.79 -42.33 58.59
CA PHE A 2303 -45.18 -41.32 59.57
C PHE A 2303 -45.06 -39.92 58.99
N ALA A 2304 -44.09 -39.69 58.11
CA ALA A 2304 -43.89 -38.36 57.53
C ALA A 2304 -44.92 -38.05 56.45
N VAL A 2305 -45.47 -39.06 55.78
CA VAL A 2305 -46.36 -38.81 54.64
C VAL A 2305 -47.84 -38.89 55.01
N PHE A 2306 -48.19 -39.51 56.14
CA PHE A 2306 -49.59 -39.68 56.54
C PHE A 2306 -49.76 -39.11 57.93
N CYS A 2307 -50.44 -37.97 58.03
CA CYS A 2307 -50.73 -37.31 59.29
C CYS A 2307 -52.24 -37.32 59.52
N ASN A 2308 -52.65 -37.76 60.70
CA ASN A 2308 -54.06 -38.01 61.04
C ASN A 2308 -54.61 -39.00 60.01
N GLY A 2309 -55.90 -38.96 59.70
CA GLY A 2309 -56.37 -39.70 58.55
C GLY A 2309 -56.47 -38.80 57.33
N GLU A 2310 -55.37 -38.72 56.57
CA GLU A 2310 -55.21 -37.79 55.47
C GLU A 2310 -53.82 -38.07 54.90
N SER A 2311 -53.66 -37.82 53.59
CA SER A 2311 -52.40 -38.14 52.91
C SER A 2311 -51.86 -36.88 52.24
N VAL A 2312 -50.71 -36.42 52.73
CA VAL A 2312 -50.15 -35.14 52.29
C VAL A 2312 -49.64 -35.30 50.86
N GLU A 2313 -50.24 -34.55 49.94
CA GLU A 2313 -49.92 -34.71 48.52
C GLU A 2313 -48.51 -34.21 48.21
N GLU A 2314 -48.11 -33.08 48.80
CA GLU A 2314 -46.81 -32.50 48.49
C GLU A 2314 -45.67 -33.44 48.89
N ASN A 2315 -45.78 -34.06 50.06
CA ASN A 2315 -44.77 -35.04 50.46
C ASN A 2315 -44.89 -36.31 49.64
N ALA A 2316 -46.13 -36.72 49.32
CA ALA A 2316 -46.34 -37.98 48.62
C ALA A 2316 -45.73 -37.94 47.23
N ASN A 2317 -45.82 -36.80 46.54
CA ASN A 2317 -45.27 -36.69 45.20
C ASN A 2317 -43.76 -36.94 45.20
N VAL A 2318 -43.03 -36.24 46.06
CA VAL A 2318 -41.58 -36.40 46.09
C VAL A 2318 -41.20 -37.78 46.62
N VAL A 2319 -41.98 -38.33 47.56
CA VAL A 2319 -41.68 -39.65 48.09
C VAL A 2319 -41.81 -40.71 47.00
N VAL A 2320 -42.92 -40.69 46.27
CA VAL A 2320 -43.12 -41.70 45.23
C VAL A 2320 -42.15 -41.48 44.06
N ARG A 2321 -41.83 -40.22 43.75
CA ARG A 2321 -40.88 -39.97 42.66
C ARG A 2321 -39.49 -40.51 43.02
N LEU A 2322 -39.04 -40.27 44.25
CA LEU A 2322 -37.74 -40.76 44.64
C LEU A 2322 -37.74 -42.26 44.90
N LEU A 2323 -38.91 -42.84 45.15
CA LEU A 2323 -38.99 -44.29 45.26
C LEU A 2323 -38.90 -44.96 43.89
N ILE A 2324 -39.55 -44.39 42.89
CA ILE A 2324 -39.53 -45.01 41.56
C ILE A 2324 -38.27 -44.62 40.78
N ARG A 2325 -37.56 -43.57 41.20
CA ARG A 2325 -36.32 -43.21 40.53
C ARG A 2325 -35.15 -44.07 40.98
N ARG A 2326 -35.33 -44.87 42.03
CA ARG A 2326 -34.29 -45.79 42.50
C ARG A 2326 -34.97 -46.98 43.15
N PRO A 2327 -35.07 -48.10 42.44
CA PRO A 2327 -35.70 -49.29 43.03
C PRO A 2327 -34.93 -49.80 44.24
N GLU A 2328 -35.66 -50.33 45.21
CA GLU A 2328 -35.08 -50.72 46.49
C GLU A 2328 -35.13 -52.22 46.72
N CYS A 2329 -36.32 -52.83 46.63
CA CYS A 2329 -36.46 -54.24 46.97
C CYS A 2329 -35.86 -55.13 45.89
N PHE A 2330 -35.66 -56.40 46.27
CA PHE A 2330 -35.13 -57.42 45.37
C PHE A 2330 -36.21 -58.47 45.15
N GLY A 2331 -37.08 -58.22 44.17
CA GLY A 2331 -38.17 -59.11 43.86
C GLY A 2331 -37.79 -60.15 42.83
N PRO A 2332 -37.77 -61.43 43.24
CA PRO A 2332 -37.37 -62.49 42.32
C PRO A 2332 -38.43 -62.85 41.29
N ALA A 2333 -39.70 -62.54 41.55
CA ALA A 2333 -40.74 -62.81 40.56
C ALA A 2333 -40.55 -61.94 39.32
N LEU A 2334 -40.19 -60.68 39.52
CA LEU A 2334 -39.90 -59.81 38.37
C LEU A 2334 -38.58 -60.21 37.71
N ARG A 2335 -37.57 -60.54 38.51
CA ARG A 2335 -36.27 -61.03 38.06
C ARG A 2335 -35.54 -60.00 37.22
N GLY A 2336 -36.03 -59.76 36.00
CA GLY A 2336 -35.39 -58.78 35.13
C GLY A 2336 -35.50 -57.37 35.65
N GLU A 2337 -36.64 -57.03 36.26
CA GLU A 2337 -36.86 -55.69 36.78
C GLU A 2337 -36.06 -55.47 38.06
N GLY A 2338 -36.15 -54.25 38.59
CA GLY A 2338 -35.42 -53.93 39.81
C GLY A 2338 -35.92 -54.69 41.01
N GLY A 2339 -37.23 -54.88 41.12
CA GLY A 2339 -37.80 -55.60 42.24
C GLY A 2339 -39.31 -55.61 42.26
N ASN A 2340 -39.87 -55.56 43.47
CA ASN A 2340 -41.33 -55.57 43.68
C ASN A 2340 -41.98 -56.81 43.05
N GLY A 2341 -41.31 -57.95 43.18
CA GLY A 2341 -41.86 -59.20 42.69
C GLY A 2341 -42.71 -59.90 43.71
N LEU A 2342 -43.86 -59.31 44.06
CA LEU A 2342 -44.70 -59.82 45.13
C LEU A 2342 -45.37 -61.15 44.79
N LEU A 2343 -45.34 -61.58 43.53
CA LEU A 2343 -45.95 -62.84 43.16
C LEU A 2343 -45.25 -64.02 43.82
N ALA A 2344 -43.91 -63.99 43.88
CA ALA A 2344 -43.15 -65.08 44.44
C ALA A 2344 -42.33 -64.71 45.67
N ALA A 2345 -42.22 -63.42 46.01
CA ALA A 2345 -41.40 -63.01 47.14
C ALA A 2345 -41.96 -63.53 48.45
N MET A 2346 -43.28 -63.35 48.67
CA MET A 2346 -43.88 -63.83 49.90
C MET A 2346 -43.92 -65.36 49.96
N GLU A 2347 -44.07 -66.01 48.80
CA GLU A 2347 -44.00 -67.47 48.76
C GLU A 2347 -42.61 -67.97 49.17
N GLU A 2348 -41.56 -67.33 48.65
CA GLU A 2348 -40.20 -67.69 49.04
C GLU A 2348 -39.96 -67.41 50.51
N ALA A 2349 -40.52 -66.30 51.03
CA ALA A 2349 -40.35 -65.98 52.44
C ALA A 2349 -41.02 -67.01 53.33
N ILE A 2350 -42.26 -67.40 52.99
CA ILE A 2350 -42.96 -68.39 53.80
C ILE A 2350 -42.36 -69.77 53.62
N LYS A 2351 -41.66 -70.03 52.51
CA LYS A 2351 -40.94 -71.29 52.37
C LYS A 2351 -39.68 -71.31 53.22
N ILE A 2352 -38.94 -70.20 53.23
CA ILE A 2352 -37.72 -70.11 54.02
C ILE A 2352 -37.98 -69.91 55.51
N ALA A 2353 -39.22 -69.59 55.88
CA ALA A 2353 -39.55 -69.48 57.30
C ALA A 2353 -39.36 -70.81 58.02
N GLU A 2354 -39.78 -71.90 57.41
CA GLU A 2354 -39.54 -73.25 57.95
C GLU A 2354 -38.26 -73.83 57.37
N ASP A 2355 -37.17 -73.09 57.54
CA ASP A 2355 -35.87 -73.46 56.99
C ASP A 2355 -34.78 -72.76 57.77
N PRO A 2356 -33.55 -73.27 57.77
CA PRO A 2356 -32.44 -72.56 58.43
C PRO A 2356 -32.05 -71.28 57.69
N MET A 2383 -34.53 -63.20 61.15
CA MET A 2383 -34.89 -63.72 59.83
C MET A 2383 -36.30 -64.32 59.92
N GLY A 2384 -36.86 -64.68 58.76
CA GLY A 2384 -38.23 -65.16 58.74
C GLY A 2384 -39.22 -64.05 58.44
N ASN A 2385 -39.80 -63.47 59.49
CA ASN A 2385 -40.74 -62.37 59.33
C ASN A 2385 -40.09 -61.08 58.86
N ALA A 2386 -38.76 -61.04 58.77
CA ALA A 2386 -38.07 -59.80 58.40
C ALA A 2386 -38.40 -59.38 56.96
N ILE A 2387 -38.24 -60.30 56.01
CA ILE A 2387 -38.47 -59.95 54.61
C ILE A 2387 -39.95 -59.64 54.36
N MET A 2388 -40.84 -60.46 54.92
CA MET A 2388 -42.27 -60.21 54.77
C MET A 2388 -42.68 -58.88 55.38
N THR A 2389 -42.14 -58.56 56.55
CA THR A 2389 -42.45 -57.29 57.19
C THR A 2389 -41.91 -56.11 56.39
N PHE A 2390 -40.71 -56.27 55.81
CA PHE A 2390 -40.15 -55.21 54.97
C PHE A 2390 -41.03 -54.96 53.75
N TYR A 2391 -41.45 -56.03 53.07
CA TYR A 2391 -42.32 -55.86 51.91
C TYR A 2391 -43.67 -55.27 52.30
N ALA A 2392 -44.22 -55.71 53.43
CA ALA A 2392 -45.49 -55.16 53.90
C ALA A 2392 -45.38 -53.69 54.22
N ALA A 2393 -44.27 -53.28 54.85
CA ALA A 2393 -44.05 -51.87 55.12
C ALA A 2393 -43.91 -51.07 53.84
N LEU A 2394 -43.25 -51.64 52.83
CA LEU A 2394 -43.10 -50.95 51.55
C LEU A 2394 -44.46 -50.73 50.89
N ILE A 2395 -45.29 -51.77 50.82
CA ILE A 2395 -46.58 -51.60 50.14
C ILE A 2395 -47.51 -50.73 50.98
N ASP A 2396 -47.39 -50.78 52.31
CA ASP A 2396 -48.17 -49.88 53.15
C ASP A 2396 -47.79 -48.43 52.92
N LEU A 2397 -46.48 -48.15 52.80
CA LEU A 2397 -46.03 -46.80 52.50
C LEU A 2397 -46.55 -46.35 51.13
N LEU A 2398 -46.51 -47.25 50.14
CA LEU A 2398 -47.02 -46.90 48.82
C LEU A 2398 -48.51 -46.62 48.86
N GLY A 2399 -49.27 -47.41 49.61
CA GLY A 2399 -50.70 -47.20 49.70
C GLY A 2399 -51.07 -45.92 50.41
N ARG A 2400 -50.39 -45.62 51.52
CA ARG A 2400 -50.60 -44.34 52.19
C ARG A 2400 -50.08 -43.18 51.36
N CYS A 2401 -49.19 -43.44 50.42
CA CYS A 2401 -48.67 -42.43 49.50
C CYS A 2401 -49.61 -42.14 48.34
N ALA A 2402 -50.62 -42.99 48.13
CA ALA A 2402 -51.52 -42.81 47.00
C ALA A 2402 -52.39 -41.57 47.19
N PRO A 2403 -52.73 -40.88 46.10
CA PRO A 2403 -53.63 -39.72 46.22
C PRO A 2403 -55.02 -40.15 46.68
N GLU A 2404 -55.69 -39.24 47.39
CA GLU A 2404 -57.02 -39.52 47.92
C GLU A 2404 -58.02 -39.63 46.78
N MET A 2405 -58.62 -40.82 46.63
CA MET A 2405 -59.56 -41.08 45.54
C MET A 2405 -60.86 -40.34 45.81
N HIS A 2406 -61.01 -39.19 45.15
CA HIS A 2406 -62.21 -38.36 45.20
C HIS A 2406 -62.55 -37.85 46.60
N LEU A 2407 -61.65 -38.00 47.57
CA LEU A 2407 -61.90 -37.46 48.90
C LEU A 2407 -61.86 -35.94 48.89
N ILE A 2408 -60.90 -35.36 48.17
CA ILE A 2408 -60.78 -33.92 48.01
C ILE A 2408 -60.86 -33.51 46.55
N HIS A 2409 -60.10 -34.18 45.68
CA HIS A 2409 -60.09 -33.87 44.26
C HIS A 2409 -60.32 -35.14 43.45
N ALA A 2410 -61.14 -35.03 42.41
CA ALA A 2410 -61.39 -36.14 41.51
C ALA A 2410 -61.37 -35.75 40.04
N GLY A 2411 -61.21 -34.47 39.72
CA GLY A 2411 -61.21 -34.04 38.34
C GLY A 2411 -59.99 -34.47 37.56
N LYS A 2412 -58.84 -33.87 37.87
CA LYS A 2412 -57.59 -34.17 37.17
C LYS A 2412 -56.45 -33.47 37.93
N GLY A 2413 -55.23 -33.75 37.47
CA GLY A 2413 -54.06 -33.06 37.97
C GLY A 2413 -53.26 -33.85 38.98
N GLU A 2414 -52.20 -34.51 38.51
CA GLU A 2414 -51.22 -35.22 39.35
C GLU A 2414 -51.87 -36.29 40.24
N ALA A 2415 -53.08 -36.73 39.91
CA ALA A 2415 -53.77 -37.76 40.67
C ALA A 2415 -53.91 -39.04 39.86
N ILE A 2416 -54.51 -38.97 38.68
CA ILE A 2416 -54.56 -40.13 37.79
C ILE A 2416 -53.14 -40.50 37.33
N ARG A 2417 -52.25 -39.52 37.27
CA ARG A 2417 -50.85 -39.79 36.93
C ARG A 2417 -50.20 -40.71 37.94
N ILE A 2418 -50.28 -40.35 39.22
CA ILE A 2418 -49.71 -41.18 40.28
C ILE A 2418 -50.45 -42.50 40.39
N ARG A 2419 -51.77 -42.48 40.16
CA ARG A 2419 -52.54 -43.72 40.20
C ARG A 2419 -52.06 -44.69 39.12
N SER A 2420 -51.82 -44.20 37.91
CA SER A 2420 -51.33 -45.06 36.84
C SER A 2420 -49.92 -45.54 37.12
N ILE A 2421 -49.08 -44.67 37.70
CA ILE A 2421 -47.72 -45.08 38.05
C ILE A 2421 -47.75 -46.20 39.08
N LEU A 2422 -48.64 -46.09 40.08
CA LEU A 2422 -48.77 -47.15 41.07
C LEU A 2422 -49.34 -48.42 40.46
N ARG A 2423 -50.30 -48.29 39.55
CA ARG A 2423 -50.89 -49.45 38.91
C ARG A 2423 -49.91 -50.18 38.01
N SER A 2424 -48.92 -49.45 37.45
CA SER A 2424 -47.93 -50.09 36.59
C SER A 2424 -47.09 -51.09 37.36
N LEU A 2425 -46.75 -50.79 38.61
CA LEU A 2425 -45.98 -51.71 39.44
C LEU A 2425 -46.84 -52.90 39.85
N GLY A 2429 -50.06 -53.67 36.44
CA GLY A 2429 -50.29 -55.06 36.05
C GLY A 2429 -50.09 -56.04 37.19
N ASP A 2430 -48.86 -56.10 37.70
CA ASP A 2430 -48.58 -57.01 38.81
C ASP A 2430 -49.33 -56.60 40.07
N LEU A 2431 -49.37 -55.30 40.37
CA LEU A 2431 -50.11 -54.82 41.53
C LEU A 2431 -51.61 -54.75 41.30
N VAL A 2432 -52.06 -54.86 40.05
CA VAL A 2432 -53.50 -54.93 39.80
C VAL A 2432 -54.06 -56.23 40.36
N GLY A 2433 -53.41 -57.34 40.05
CA GLY A 2433 -53.80 -58.62 40.62
C GLY A 2433 -52.90 -59.02 41.78
N VAL A 2434 -53.37 -58.77 43.00
CA VAL A 2434 -52.66 -59.18 44.20
C VAL A 2434 -53.62 -59.99 45.05
N ILE A 2435 -54.63 -60.57 44.41
CA ILE A 2435 -55.59 -61.42 45.12
C ILE A 2435 -54.88 -62.67 45.67
N SER A 2436 -53.97 -63.24 44.89
CA SER A 2436 -53.25 -64.44 45.32
C SER A 2436 -52.36 -64.18 46.53
N ILE A 2437 -52.12 -62.92 46.87
CA ILE A 2437 -51.35 -62.57 48.06
C ILE A 2437 -52.26 -62.11 49.20
N ALA A 2438 -53.24 -61.26 48.90
CA ALA A 2438 -54.14 -60.76 49.94
C ALA A 2438 -55.02 -61.87 50.49
N PHE A 2439 -55.68 -62.62 49.59
CA PHE A 2439 -56.53 -63.74 49.99
C PHE A 2439 -55.78 -65.07 49.99
N GLN A 2440 -54.45 -65.03 50.13
CA GLN A 2440 -53.68 -66.27 50.23
C GLN A 2440 -54.06 -67.01 51.51
N MET A 2441 -53.86 -68.32 51.50
CA MET A 2441 -54.21 -69.18 52.62
C MET A 2441 -53.03 -69.96 53.20
N PRO A 2442 -51.96 -69.27 53.71
CA PRO A 2442 -51.14 -69.85 54.78
C PRO A 2442 -51.62 -69.36 56.15
N THR A 2443 -52.92 -69.52 56.40
CA THR A 2443 -53.55 -68.87 57.55
C THR A 2443 -52.95 -69.36 58.86
N ILE A 2444 -52.75 -70.67 58.99
CA ILE A 2444 -52.10 -71.31 60.13
C ILE A 2444 -52.87 -71.06 61.41
N ALA A 2445 -53.62 -72.06 61.87
CA ALA A 2445 -54.35 -71.95 63.13
C ALA A 2445 -53.41 -71.78 64.31
N LYS A 2446 -52.12 -72.05 64.14
CA LYS A 2446 -51.08 -71.84 65.14
C LYS A 2446 -51.38 -72.63 66.41
N ASP A 2447 -52.02 -71.99 67.38
CA ASP A 2447 -52.35 -72.68 68.62
C ASP A 2447 -53.29 -73.85 68.36
N GLY A 2448 -54.27 -73.65 67.48
CA GLY A 2448 -55.17 -74.71 67.07
C GLY A 2448 -55.87 -75.39 68.22
N LYS A 2449 -55.57 -76.68 68.40
CA LYS A 2449 -56.10 -77.41 69.54
C LYS A 2449 -55.56 -76.89 70.86
N VAL A 2450 -54.27 -77.12 71.14
CA VAL A 2450 -53.69 -76.74 72.43
C VAL A 2450 -52.42 -75.90 72.31
N VAL A 2451 -51.49 -76.26 71.42
CA VAL A 2451 -50.13 -75.70 71.49
C VAL A 2451 -49.64 -75.17 70.15
N GLU A 2452 -48.36 -74.77 70.12
CA GLU A 2452 -47.61 -74.17 69.02
C GLU A 2452 -48.14 -72.78 68.67
N PRO A 2453 -48.06 -71.79 69.59
CA PRO A 2453 -48.46 -70.41 69.26
C PRO A 2453 -47.29 -69.56 68.76
N ASP A 2454 -46.86 -69.83 67.52
CA ASP A 2454 -45.68 -69.16 66.98
C ASP A 2454 -45.94 -67.70 66.65
N MET A 2455 -45.61 -66.81 67.58
CA MET A 2455 -45.70 -65.37 67.33
C MET A 2455 -44.54 -64.87 66.47
N SER A 2456 -43.34 -65.41 66.70
CA SER A 2456 -42.14 -64.86 66.07
C SER A 2456 -42.10 -65.13 64.57
N ALA A 2457 -42.37 -66.38 64.17
CA ALA A 2457 -42.28 -66.78 62.77
C ALA A 2457 -43.68 -67.07 62.26
N GLY A 2458 -44.02 -66.48 61.13
CA GLY A 2458 -45.33 -66.64 60.52
C GLY A 2458 -45.93 -65.27 60.21
N PHE A 2459 -46.83 -65.25 59.23
CA PHE A 2459 -47.47 -64.01 58.85
C PHE A 2459 -48.44 -63.55 59.94
N CYS A 2460 -48.53 -62.24 60.13
CA CYS A 2460 -49.43 -61.69 61.13
C CYS A 2460 -50.82 -61.53 60.56
N PRO A 2461 -51.84 -61.53 61.42
CA PRO A 2461 -53.20 -61.19 60.92
C PRO A 2461 -53.27 -59.80 60.32
N ASP A 2462 -52.48 -58.86 60.84
CA ASP A 2462 -52.40 -57.51 60.29
C ASP A 2462 -51.35 -57.39 59.18
N HIS A 2463 -50.77 -58.52 58.74
CA HIS A 2463 -49.84 -58.46 57.61
C HIS A 2463 -50.57 -58.18 56.31
N LYS A 2464 -51.82 -58.63 56.18
CA LYS A 2464 -52.66 -58.35 55.03
C LYS A 2464 -53.35 -57.00 55.13
N ALA A 2465 -53.16 -56.28 56.25
CA ALA A 2465 -53.68 -54.93 56.35
C ALA A 2465 -53.04 -54.02 55.32
N ALA A 2466 -51.75 -54.23 55.02
CA ALA A 2466 -51.11 -53.48 53.94
C ALA A 2466 -51.75 -53.81 52.59
N MET A 2467 -52.06 -55.09 52.36
CA MET A 2467 -52.73 -55.48 51.12
C MET A 2467 -54.05 -54.75 50.96
N VAL A 2468 -54.90 -54.82 52.00
CA VAL A 2468 -56.23 -54.23 51.90
C VAL A 2468 -56.15 -52.71 51.87
N LEU A 2469 -55.14 -52.11 52.51
CA LEU A 2469 -54.98 -50.67 52.47
C LEU A 2469 -54.60 -50.20 51.07
N PHE A 2470 -53.67 -50.90 50.42
CA PHE A 2470 -53.32 -50.58 49.05
C PHE A 2470 -54.53 -50.74 48.14
N LEU A 2471 -55.29 -51.82 48.33
CA LEU A 2471 -56.47 -52.05 47.49
C LEU A 2471 -57.49 -50.93 47.66
N ASP A 2472 -57.80 -50.56 48.91
CA ASP A 2472 -58.79 -49.52 49.15
C ASP A 2472 -58.31 -48.15 48.68
N ARG A 2473 -57.01 -47.88 48.80
CA ARG A 2473 -56.50 -46.56 48.43
C ARG A 2473 -56.40 -46.39 46.92
N VAL A 2474 -56.04 -47.45 46.19
CA VAL A 2474 -55.82 -47.32 44.76
C VAL A 2474 -57.03 -47.81 43.98
N TYR A 2475 -57.38 -49.09 44.14
CA TYR A 2475 -58.44 -49.68 43.34
C TYR A 2475 -59.80 -49.58 44.03
N GLY A 2476 -59.92 -50.20 45.20
CA GLY A 2476 -61.17 -50.22 45.93
C GLY A 2476 -62.21 -51.12 45.27
N ILE A 2477 -63.37 -51.26 45.91
CA ILE A 2477 -64.47 -52.04 45.32
C ILE A 2477 -65.31 -51.05 44.54
N GLU A 2478 -64.87 -50.79 43.30
CA GLU A 2478 -65.60 -49.88 42.42
C GLU A 2478 -66.85 -50.52 41.84
N VAL A 2479 -66.95 -51.85 41.89
CA VAL A 2479 -68.12 -52.55 41.37
C VAL A 2479 -68.27 -53.85 42.16
N GLN A 2480 -69.51 -54.35 42.22
CA GLN A 2480 -69.77 -55.59 42.92
C GLN A 2480 -69.28 -56.82 42.17
N ASP A 2481 -68.93 -56.68 40.89
CA ASP A 2481 -68.39 -57.81 40.14
C ASP A 2481 -67.06 -58.27 40.71
N PHE A 2482 -66.17 -57.33 41.05
CA PHE A 2482 -64.90 -57.69 41.66
C PHE A 2482 -65.12 -58.31 43.04
N LEU A 2483 -66.09 -57.81 43.80
CA LEU A 2483 -66.41 -58.40 45.09
C LEU A 2483 -66.89 -59.83 44.95
N LEU A 2484 -67.73 -60.09 43.94
CA LEU A 2484 -68.21 -61.45 43.71
C LEU A 2484 -67.08 -62.35 43.22
N HIS A 2485 -66.16 -61.82 42.41
CA HIS A 2485 -64.99 -62.58 41.99
C HIS A 2485 -64.15 -62.96 43.20
N LEU A 2486 -63.95 -62.03 44.13
CA LEU A 2486 -63.27 -62.35 45.38
C LEU A 2486 -64.17 -63.09 46.36
N LEU A 2487 -65.49 -63.03 46.16
CA LEU A 2487 -66.48 -63.62 47.08
C LEU A 2487 -66.25 -63.10 48.50
N GLU A 2488 -65.58 -63.90 49.31
CA GLU A 2488 -65.14 -63.46 50.64
C GLU A 2488 -63.71 -62.99 50.53
N VAL A 2489 -63.44 -61.77 51.01
CA VAL A 2489 -62.10 -61.20 50.91
C VAL A 2489 -61.10 -62.06 51.66
N GLY A 2490 -61.29 -62.18 52.97
CA GLY A 2490 -60.51 -63.12 53.76
C GLY A 2490 -61.24 -64.43 53.95
N PHE A 2491 -61.47 -65.17 52.86
CA PHE A 2491 -62.25 -66.40 52.92
C PHE A 2491 -61.61 -67.41 53.85
N LEU A 2492 -60.33 -67.68 53.67
CA LEU A 2492 -59.60 -68.57 54.57
C LEU A 2492 -59.39 -67.89 55.94
N PRO A 2493 -59.11 -66.58 56.00
CA PRO A 2493 -59.23 -65.90 57.31
C PRO A 2493 -60.60 -66.02 57.94
N ASP A 2494 -61.68 -65.98 57.14
CA ASP A 2494 -63.01 -66.19 57.70
C ASP A 2494 -63.16 -67.59 58.27
N LEU A 2495 -62.64 -68.60 57.55
CA LEU A 2495 -62.68 -69.97 58.06
C LEU A 2495 -61.87 -70.09 59.36
N ARG A 2496 -60.72 -69.43 59.42
CA ARG A 2496 -59.90 -69.46 60.64
C ARG A 2496 -60.63 -68.79 61.80
N ALA A 2497 -61.31 -67.66 61.53
CA ALA A 2497 -62.07 -66.99 62.57
C ALA A 2497 -63.23 -67.84 63.05
N ALA A 2498 -63.89 -68.56 62.13
CA ALA A 2498 -64.95 -69.49 62.52
C ALA A 2498 -64.39 -70.61 63.38
N ALA A 2499 -63.22 -71.14 63.01
CA ALA A 2499 -62.58 -72.18 63.80
C ALA A 2499 -62.01 -71.67 65.11
N SER A 2500 -61.89 -70.35 65.28
CA SER A 2500 -61.39 -69.78 66.52
C SER A 2500 -62.41 -69.82 67.65
N LEU A 2501 -63.67 -70.12 67.36
CA LEU A 2501 -64.70 -70.21 68.39
C LEU A 2501 -64.49 -71.43 69.28
N SER A 2507 -61.35 -70.98 72.03
CA SER A 2507 -59.94 -71.25 72.27
C SER A 2507 -59.22 -70.01 72.80
N ALA A 2508 -59.20 -68.96 71.98
CA ALA A 2508 -58.61 -67.67 72.32
C ALA A 2508 -57.11 -67.76 72.60
N THR A 2509 -56.50 -66.63 72.95
CA THR A 2509 -55.06 -66.52 73.23
C THR A 2509 -54.24 -67.10 72.08
N ASP A 2510 -54.56 -66.67 70.87
CA ASP A 2510 -54.02 -67.27 69.66
C ASP A 2510 -54.13 -66.26 68.52
N MET A 2511 -54.05 -66.77 67.28
CA MET A 2511 -54.30 -65.96 66.08
C MET A 2511 -55.56 -65.11 66.18
N ALA A 2512 -56.57 -65.56 66.93
CA ALA A 2512 -57.84 -64.84 66.97
C ALA A 2512 -57.70 -63.45 67.59
N LEU A 2513 -56.74 -63.27 68.50
CA LEU A 2513 -56.60 -61.99 69.19
C LEU A 2513 -56.29 -60.86 68.22
N ALA A 2514 -55.40 -61.09 67.26
CA ALA A 2514 -55.10 -60.08 66.24
C ALA A 2514 -55.97 -60.24 64.99
N LEU A 2515 -56.51 -61.43 64.75
CA LEU A 2515 -57.44 -61.60 63.62
C LEU A 2515 -58.73 -60.83 63.85
N ASN A 2516 -59.14 -60.67 65.11
CA ASN A 2516 -60.30 -59.83 65.42
C ASN A 2516 -60.04 -58.39 65.00
N ARG A 2517 -58.85 -57.86 65.32
CA ARG A 2517 -58.50 -56.51 64.91
C ARG A 2517 -58.39 -56.41 63.39
N TYR A 2518 -57.83 -57.44 62.76
CA TYR A 2518 -57.71 -57.43 61.30
C TYR A 2518 -59.08 -57.40 60.62
N LEU A 2519 -60.02 -58.18 61.14
CA LEU A 2519 -61.38 -58.18 60.58
C LEU A 2519 -62.11 -56.89 60.91
N CYS A 2520 -61.82 -56.28 62.07
CA CYS A 2520 -62.41 -54.99 62.39
C CYS A 2520 -61.90 -53.90 61.49
N THR A 2521 -60.64 -53.99 61.05
CA THR A 2521 -60.11 -53.03 60.09
C THR A 2521 -60.70 -53.24 58.70
N ALA A 2522 -61.34 -54.38 58.45
CA ALA A 2522 -61.99 -54.66 57.17
C ALA A 2522 -63.37 -53.99 57.15
N VAL A 2523 -63.33 -52.65 57.06
CA VAL A 2523 -64.56 -51.87 57.01
C VAL A 2523 -65.05 -51.72 55.57
N LEU A 2524 -64.23 -52.10 54.59
CA LEU A 2524 -64.56 -51.99 53.17
C LEU A 2524 -65.85 -52.69 52.74
N PRO A 2525 -66.37 -53.68 53.48
CA PRO A 2525 -67.77 -54.07 53.23
C PRO A 2525 -68.77 -52.94 53.46
N LEU A 2526 -68.44 -51.93 54.27
CA LEU A 2526 -69.35 -50.81 54.54
C LEU A 2526 -69.18 -49.72 53.47
N LEU A 2527 -69.22 -50.16 52.21
CA LEU A 2527 -69.15 -49.24 51.07
C LEU A 2527 -70.17 -49.65 50.01
N GLN A 2578 -76.21 -64.32 42.68
CA GLN A 2578 -75.11 -65.28 42.57
C GLN A 2578 -75.43 -66.56 43.32
N LEU A 2579 -75.36 -66.48 44.65
CA LEU A 2579 -75.66 -67.62 45.52
C LEU A 2579 -76.03 -67.08 46.89
N ARG A 2580 -76.12 -67.98 47.87
CA ARG A 2580 -76.44 -67.63 49.26
C ARG A 2580 -75.26 -68.01 50.14
N PRO A 2581 -74.33 -67.09 50.41
CA PRO A 2581 -73.19 -67.42 51.27
C PRO A 2581 -73.59 -67.49 52.74
N SER A 2582 -72.60 -67.72 53.61
CA SER A 2582 -72.83 -67.82 55.04
C SER A 2582 -72.73 -66.48 55.75
N MET A 2583 -72.87 -65.37 55.02
CA MET A 2583 -72.73 -64.05 55.61
C MET A 2583 -73.80 -63.76 56.66
N MET A 2584 -74.93 -64.45 56.60
CA MET A 2584 -75.98 -64.24 57.59
C MET A 2584 -75.60 -64.84 58.95
N GLN A 2585 -74.80 -65.90 58.95
CA GLN A 2585 -74.43 -66.60 60.18
C GLN A 2585 -72.97 -66.48 60.55
N HIS A 2586 -72.07 -66.34 59.59
CA HIS A 2586 -70.65 -66.23 59.90
C HIS A 2586 -70.34 -64.97 60.69
N LEU A 2587 -70.98 -63.85 60.31
CA LEU A 2587 -70.75 -62.60 61.03
C LEU A 2587 -71.26 -62.69 62.46
N LEU A 2588 -72.42 -63.32 62.68
CA LEU A 2588 -72.93 -63.48 64.03
C LEU A 2588 -72.05 -64.44 64.83
N ARG A 2589 -71.53 -65.48 64.20
CA ARG A 2589 -70.64 -66.41 64.89
C ARG A 2589 -69.34 -65.71 65.30
N ARG A 2590 -68.84 -64.82 64.46
CA ARG A 2590 -67.67 -64.03 64.86
C ARG A 2590 -68.02 -63.00 65.93
N LEU A 2591 -69.26 -62.51 65.92
CA LEU A 2591 -69.67 -61.49 66.88
C LEU A 2591 -69.85 -62.06 68.28
N VAL A 2592 -70.40 -63.28 68.38
CA VAL A 2592 -70.71 -63.85 69.70
C VAL A 2592 -69.48 -64.28 70.48
N PHE A 2593 -68.28 -64.11 69.93
CA PHE A 2593 -67.06 -64.38 70.68
C PHE A 2593 -66.90 -63.34 71.78
N ASP A 2594 -67.00 -63.78 73.03
CA ASP A 2594 -66.97 -62.86 74.17
C ASP A 2594 -65.55 -62.46 74.57
N VAL A 2595 -64.53 -63.08 73.98
CA VAL A 2595 -63.15 -62.76 74.37
C VAL A 2595 -62.78 -61.31 74.05
N PRO A 2596 -63.02 -60.78 72.84
CA PRO A 2596 -62.72 -59.35 72.62
C PRO A 2596 -63.74 -58.46 73.31
N LEU A 2597 -63.26 -57.32 73.78
CA LEU A 2597 -64.09 -56.32 74.44
C LEU A 2597 -63.98 -55.00 73.70
N LEU A 2598 -65.14 -54.36 73.48
CA LEU A 2598 -65.27 -53.10 72.74
C LEU A 2598 -64.75 -53.20 71.31
N ASN A 2599 -64.52 -54.42 70.82
CA ASN A 2599 -64.15 -54.65 69.43
C ASN A 2599 -65.35 -54.94 68.56
N GLU A 2600 -66.53 -55.17 69.15
CA GLU A 2600 -67.73 -55.38 68.38
C GLU A 2600 -68.20 -54.13 67.65
N HIS A 2601 -67.72 -52.95 68.06
CA HIS A 2601 -68.23 -51.69 67.53
C HIS A 2601 -68.06 -51.57 66.01
N ALA A 2602 -67.20 -52.39 65.41
CA ALA A 2602 -67.10 -52.50 63.97
C ALA A 2602 -67.93 -53.64 63.40
N LYS A 2603 -68.87 -54.19 64.17
CA LYS A 2603 -69.68 -55.32 63.70
C LYS A 2603 -71.16 -54.97 63.50
N MET A 2604 -71.82 -54.34 64.47
CA MET A 2604 -73.25 -54.08 64.30
C MET A 2604 -73.57 -53.07 63.20
N PRO A 2605 -72.81 -51.98 62.97
CA PRO A 2605 -73.14 -51.15 61.79
C PRO A 2605 -72.98 -51.89 60.48
N LEU A 2606 -71.93 -52.72 60.37
CA LEU A 2606 -71.76 -53.56 59.19
C LEU A 2606 -72.94 -54.50 59.02
N LYS A 2607 -73.38 -55.15 60.10
CA LYS A 2607 -74.49 -56.09 60.00
C LYS A 2607 -75.78 -55.37 59.63
N LEU A 2608 -76.05 -54.22 60.26
CA LEU A 2608 -77.28 -53.49 59.99
C LEU A 2608 -77.33 -52.97 58.57
N LEU A 2609 -76.20 -52.51 58.04
CA LEU A 2609 -76.20 -52.02 56.66
C LEU A 2609 -76.21 -53.15 55.64
N THR A 2610 -75.52 -54.26 55.92
CA THR A 2610 -75.50 -55.37 54.97
C THR A 2610 -76.79 -56.19 55.00
N ASN A 2611 -77.59 -56.08 56.06
CA ASN A 2611 -78.91 -56.70 56.05
C ASN A 2611 -79.87 -55.92 55.18
N HIS A 2612 -79.82 -54.58 55.25
CA HIS A 2612 -80.68 -53.76 54.42
C HIS A 2612 -80.24 -53.78 52.96
N TYR A 2613 -78.92 -53.81 52.72
CA TYR A 2613 -78.42 -53.87 51.35
C TYR A 2613 -78.79 -55.18 50.67
N GLU A 2614 -78.70 -56.29 51.39
CA GLU A 2614 -79.08 -57.58 50.84
C GLU A 2614 -80.58 -57.66 50.63
N ARG A 2615 -80.99 -58.24 49.51
CA ARG A 2615 -82.40 -58.37 49.20
C ARG A 2615 -83.05 -59.40 50.11
N CYS A 2616 -84.35 -59.20 50.37
CA CYS A 2616 -85.09 -60.14 51.21
C CYS A 2616 -85.25 -61.48 50.54
N TRP A 2617 -85.25 -61.52 49.21
CA TRP A 2617 -85.35 -62.79 48.49
C TRP A 2617 -84.11 -63.65 48.73
N LYS A 2618 -82.92 -63.04 48.67
CA LYS A 2618 -81.70 -63.79 48.95
C LYS A 2618 -81.50 -64.03 50.45
N TYR A 2619 -82.17 -63.26 51.30
CA TYR A 2619 -82.08 -63.43 52.75
C TYR A 2619 -83.10 -64.48 53.17
N TYR A 2620 -82.69 -65.75 53.11
CA TYR A 2620 -83.55 -66.87 53.45
C TYR A 2620 -83.13 -67.61 54.71
N CYS A 2621 -81.87 -67.52 55.12
CA CYS A 2621 -81.39 -68.19 56.32
C CYS A 2621 -81.55 -67.34 57.57
N LEU A 2622 -82.49 -66.40 57.57
CA LEU A 2622 -82.69 -65.56 58.75
C LEU A 2622 -83.31 -66.31 59.92
N PRO A 2623 -84.51 -66.95 59.82
CA PRO A 2623 -85.13 -67.53 61.02
C PRO A 2623 -84.29 -68.62 61.67
N GLY A 2624 -84.05 -69.73 60.97
CA GLY A 2624 -83.30 -70.82 61.57
C GLY A 2624 -81.84 -70.47 61.82
N GLY A 2625 -81.29 -69.56 61.02
CA GLY A 2625 -79.90 -69.17 61.21
C GLY A 2625 -79.69 -68.36 62.48
N TRP A 2626 -80.48 -67.31 62.67
CA TRP A 2626 -80.22 -66.42 63.80
C TRP A 2626 -81.46 -66.11 64.64
N GLY A 2627 -82.64 -66.08 64.03
CA GLY A 2627 -83.81 -65.60 64.75
C GLY A 2627 -84.31 -66.59 65.78
N ASN A 2628 -84.19 -67.89 65.51
CA ASN A 2628 -84.57 -68.88 66.50
C ASN A 2628 -83.67 -68.80 67.73
N PHE A 2629 -82.36 -68.63 67.52
CA PHE A 2629 -81.44 -68.48 68.65
C PHE A 2629 -81.70 -67.17 69.39
N GLY A 2630 -82.02 -66.10 68.66
CA GLY A 2630 -82.33 -64.84 69.32
C GLY A 2630 -83.62 -64.91 70.12
N ALA A 2631 -84.61 -65.65 69.63
CA ALA A 2631 -85.85 -65.85 70.38
C ALA A 2631 -85.62 -66.72 71.60
N ALA A 2632 -84.78 -67.75 71.47
CA ALA A 2632 -84.47 -68.59 72.62
C ALA A 2632 -83.66 -67.84 73.67
N SER A 2633 -82.94 -66.79 73.26
CA SER A 2633 -82.15 -65.97 74.17
C SER A 2633 -83.02 -64.85 74.74
N GLU A 2634 -82.98 -64.69 76.06
CA GLU A 2634 -83.77 -63.67 76.73
C GLU A 2634 -83.01 -62.35 76.84
N GLU A 2635 -81.84 -62.37 77.47
CA GLU A 2635 -81.02 -61.19 77.69
C GLU A 2635 -79.56 -61.47 77.34
N GLU A 2636 -79.35 -62.04 76.16
CA GLU A 2636 -78.00 -62.42 75.73
C GLU A 2636 -77.23 -61.17 75.31
N LEU A 2637 -76.02 -61.39 74.77
CA LEU A 2637 -75.17 -60.27 74.38
C LEU A 2637 -75.73 -59.51 73.18
N HIS A 2638 -76.54 -60.16 72.36
CA HIS A 2638 -77.13 -59.52 71.18
C HIS A 2638 -78.41 -58.80 71.61
N LEU A 2639 -78.21 -57.65 72.27
CA LEU A 2639 -79.35 -56.86 72.70
C LEU A 2639 -80.07 -56.21 71.53
N SER A 2640 -79.35 -55.87 70.47
CA SER A 2640 -79.93 -55.25 69.28
C SER A 2640 -80.41 -56.29 68.27
N ARG A 2641 -80.70 -57.51 68.72
CA ARG A 2641 -81.20 -58.54 67.81
C ARG A 2641 -82.57 -58.18 67.24
N LYS A 2642 -83.44 -57.60 68.08
CA LYS A 2642 -84.75 -57.19 67.60
C LYS A 2642 -84.65 -56.11 66.53
N LEU A 2643 -83.78 -55.12 66.75
CA LEU A 2643 -83.58 -54.07 65.74
C LEU A 2643 -82.98 -54.65 64.47
N PHE A 2644 -82.01 -55.56 64.60
CA PHE A 2644 -81.39 -56.17 63.43
C PHE A 2644 -82.41 -56.97 62.63
N TRP A 2645 -83.32 -57.66 63.31
CA TRP A 2645 -84.37 -58.39 62.61
C TRP A 2645 -85.37 -57.44 61.95
N GLY A 2646 -85.73 -56.36 62.64
CA GLY A 2646 -86.72 -55.44 62.13
C GLY A 2646 -86.22 -54.36 61.19
N ILE A 2647 -84.92 -54.34 60.88
CA ILE A 2647 -84.40 -53.37 59.92
C ILE A 2647 -85.10 -53.52 58.57
N PHE A 2648 -85.22 -54.74 58.07
CA PHE A 2648 -85.78 -54.98 56.76
C PHE A 2648 -87.25 -55.41 56.81
N ASP A 2649 -87.86 -55.44 57.99
CA ASP A 2649 -89.26 -55.82 58.10
C ASP A 2649 -90.18 -54.79 57.45
N ALA A 2650 -90.00 -53.52 57.81
CA ALA A 2650 -90.79 -52.39 57.30
C ALA A 2650 -92.26 -52.65 57.57
N LEU A 2651 -93.14 -52.19 56.67
CA LEU A 2651 -94.58 -52.43 56.83
C LEU A 2651 -95.23 -52.87 55.52
N SER A 2652 -94.46 -53.34 54.55
CA SER A 2652 -95.00 -53.77 53.28
C SER A 2652 -94.08 -54.80 52.65
N GLN A 2653 -94.64 -55.62 51.76
CA GLN A 2653 -93.89 -56.62 51.00
C GLN A 2653 -94.04 -56.26 49.52
N LYS A 2654 -92.98 -55.72 48.93
CA LYS A 2654 -93.03 -55.19 47.57
C LYS A 2654 -92.34 -56.10 46.56
N LYS A 2655 -91.09 -56.48 46.82
CA LYS A 2655 -90.28 -57.21 45.85
C LYS A 2655 -90.86 -58.59 45.53
N TYR A 2656 -90.85 -59.50 46.49
CA TYR A 2656 -91.34 -60.86 46.25
C TYR A 2656 -91.71 -61.49 47.59
N GLU A 2657 -93.00 -61.54 47.90
CA GLU A 2657 -93.50 -62.28 49.05
C GLU A 2657 -94.15 -63.56 48.51
N GLN A 2658 -93.32 -64.56 48.23
CA GLN A 2658 -93.76 -65.78 47.58
C GLN A 2658 -93.96 -66.94 48.56
N GLU A 2659 -92.91 -67.30 49.29
CA GLU A 2659 -92.95 -68.47 50.16
C GLU A 2659 -93.06 -68.03 51.62
N LEU A 2660 -94.03 -68.61 52.34
CA LEU A 2660 -94.20 -68.31 53.75
C LEU A 2660 -93.21 -69.10 54.61
N PHE A 2661 -93.32 -70.43 54.57
CA PHE A 2661 -92.49 -71.34 55.36
C PHE A 2661 -92.48 -70.96 56.82
N LYS A 2662 -91.41 -70.31 57.28
CA LYS A 2662 -91.34 -69.74 58.62
C LYS A 2662 -91.72 -68.27 58.55
N LEU A 2663 -93.01 -68.04 58.26
CA LEU A 2663 -93.49 -66.68 58.05
C LEU A 2663 -93.51 -65.90 59.36
N ALA A 2664 -94.32 -66.34 60.32
CA ALA A 2664 -94.44 -65.65 61.59
C ALA A 2664 -93.82 -66.41 62.76
N LEU A 2665 -93.44 -67.67 62.56
CA LEU A 2665 -92.85 -68.46 63.63
C LEU A 2665 -91.61 -67.84 64.26
N PRO A 2666 -90.67 -67.23 63.52
CA PRO A 2666 -89.54 -66.55 64.19
C PRO A 2666 -89.96 -65.52 65.23
N CYS A 2667 -91.08 -64.83 65.02
CA CYS A 2667 -91.58 -63.90 66.03
C CYS A 2667 -92.71 -64.47 66.86
N LEU A 2668 -93.44 -65.48 66.36
CA LEU A 2668 -94.45 -66.14 67.18
C LEU A 2668 -93.82 -66.98 68.28
N SER A 2669 -92.56 -67.37 68.13
CA SER A 2669 -91.89 -68.15 69.16
C SER A 2669 -91.63 -67.32 70.42
N ALA A 2670 -91.35 -66.03 70.27
CA ALA A 2670 -91.01 -65.20 71.42
C ALA A 2670 -91.70 -63.85 71.40
N VAL A 2671 -92.94 -63.79 70.88
CA VAL A 2671 -93.75 -62.59 71.08
C VAL A 2671 -93.97 -62.32 72.56
N ALA A 2672 -94.03 -63.36 73.39
CA ALA A 2672 -94.05 -63.21 74.84
C ALA A 2672 -92.63 -63.35 75.41
N GLY A 2673 -91.73 -62.51 74.89
CA GLY A 2673 -90.34 -62.56 75.29
C GLY A 2673 -89.98 -61.55 76.35
N ALA A 2674 -90.74 -60.46 76.42
CA ALA A 2674 -90.52 -59.40 77.40
C ALA A 2674 -91.25 -59.66 78.72
N LEU A 2675 -91.63 -60.91 78.98
CA LEU A 2675 -92.32 -61.27 80.22
C LEU A 2675 -91.36 -61.42 81.42
N PRO A 2676 -90.18 -62.03 81.28
CA PRO A 2676 -89.23 -62.03 82.42
C PRO A 2676 -88.83 -60.64 82.87
N PRO A 2677 -88.26 -59.78 82.01
CA PRO A 2677 -87.66 -58.55 82.54
C PRO A 2677 -88.71 -57.52 82.94
N ASP A 2678 -88.31 -56.65 83.86
CA ASP A 2678 -89.25 -55.65 84.38
C ASP A 2678 -89.25 -54.38 83.54
N TYR A 2679 -88.08 -53.81 83.30
CA TYR A 2679 -87.97 -52.55 82.56
C TYR A 2679 -86.58 -52.45 81.96
N MET A 2680 -86.20 -51.24 81.53
CA MET A 2680 -84.90 -50.93 80.97
C MET A 2680 -84.61 -51.74 79.71
N GLU A 2681 -83.32 -51.89 79.39
CA GLU A 2681 -82.82 -52.61 78.21
C GLU A 2681 -83.20 -51.95 76.90
N SER A 2682 -82.43 -52.22 75.85
CA SER A 2682 -82.66 -51.63 74.54
C SER A 2682 -83.45 -52.54 73.62
N ASN A 2683 -84.01 -53.63 74.13
CA ASN A 2683 -84.80 -54.54 73.31
C ASN A 2683 -86.11 -53.92 72.84
N TYR A 2684 -86.60 -52.90 73.52
CA TYR A 2684 -87.84 -52.22 73.14
C TYR A 2684 -87.59 -51.36 71.91
N VAL A 2685 -87.87 -51.91 70.73
CA VAL A 2685 -87.68 -51.21 69.46
C VAL A 2685 -89.01 -50.92 68.79
N SER A 2686 -89.77 -51.95 68.45
CA SER A 2686 -91.06 -51.78 67.80
C SER A 2686 -91.86 -53.06 67.96
N MET A 2687 -93.17 -52.95 67.71
CA MET A 2687 -94.07 -54.09 67.82
C MET A 2687 -94.95 -54.30 66.59
N MET A 2688 -94.99 -53.36 65.65
CA MET A 2688 -95.80 -53.54 64.45
C MET A 2688 -95.21 -54.61 63.53
N GLU A 2689 -93.88 -54.72 63.50
CA GLU A 2689 -93.22 -55.74 62.69
C GLU A 2689 -93.37 -57.14 63.26
N LYS A 2690 -93.85 -57.27 64.51
CA LYS A 2690 -94.00 -58.58 65.13
C LYS A 2690 -95.09 -59.38 64.45
N GLN A 2691 -95.03 -60.70 64.66
CA GLN A 2691 -95.93 -61.66 64.01
C GLN A 2691 -95.88 -61.51 62.49
N SER A 2692 -94.65 -61.40 61.97
CA SER A 2692 -94.36 -61.23 60.54
C SER A 2692 -94.98 -59.97 59.95
N SER A 2693 -95.24 -58.97 60.80
CA SER A 2693 -95.88 -57.71 60.44
C SER A 2693 -97.32 -57.86 59.96
N MET A 2694 -97.96 -58.99 60.25
CA MET A 2694 -99.41 -59.07 60.14
C MET A 2694 -100.01 -59.50 61.48
N PHE A 2700 -72.69 -78.87 66.92
CA PHE A 2700 -72.36 -79.94 65.99
C PHE A 2700 -73.11 -81.21 66.34
N ASN A 2701 -73.34 -82.07 65.34
CA ASN A 2701 -74.06 -83.33 65.51
C ASN A 2701 -73.22 -84.45 64.92
N PRO A 2702 -72.24 -84.96 65.68
CA PRO A 2702 -71.39 -86.04 65.15
C PRO A 2702 -72.16 -87.32 64.86
N GLN A 2703 -73.19 -87.63 65.65
CA GLN A 2703 -73.98 -88.85 65.48
C GLN A 2703 -75.45 -88.47 65.44
N PRO A 2704 -75.95 -87.98 64.30
CA PRO A 2704 -77.36 -87.59 64.25
C PRO A 2704 -78.31 -88.78 64.26
N VAL A 2705 -78.02 -89.83 63.50
CA VAL A 2705 -78.87 -91.01 63.39
C VAL A 2705 -78.02 -92.25 63.64
N ASP A 2706 -78.47 -93.11 64.53
CA ASP A 2706 -77.79 -94.35 64.85
C ASP A 2706 -78.44 -95.49 64.08
N THR A 2707 -77.65 -96.22 63.31
CA THR A 2707 -78.11 -97.34 62.50
C THR A 2707 -77.41 -98.62 62.90
N SER A 2708 -77.10 -98.77 64.19
CA SER A 2708 -76.40 -99.97 64.66
C SER A 2708 -77.29 -101.20 64.62
N ASN A 2709 -78.59 -101.03 64.84
CA ASN A 2709 -79.54 -102.14 64.87
C ASN A 2709 -80.68 -101.89 63.89
N ILE A 2710 -80.33 -101.50 62.67
CA ILE A 2710 -81.29 -101.28 61.59
C ILE A 2710 -80.98 -102.28 60.48
N THR A 2711 -81.99 -103.06 60.10
CA THR A 2711 -81.83 -104.10 59.08
C THR A 2711 -82.48 -103.64 57.78
N ILE A 2712 -81.73 -103.72 56.69
CA ILE A 2712 -82.23 -103.36 55.37
C ILE A 2712 -83.15 -104.46 54.87
N PRO A 2713 -84.40 -104.14 54.51
CA PRO A 2713 -85.29 -105.18 53.96
C PRO A 2713 -84.82 -105.68 52.62
N GLU A 2714 -85.14 -106.94 52.33
CA GLU A 2714 -84.72 -107.60 51.09
C GLU A 2714 -85.73 -107.30 49.97
N LYS A 2715 -85.79 -106.02 49.60
CA LYS A 2715 -86.64 -105.57 48.52
C LYS A 2715 -85.84 -105.21 47.27
N LEU A 2716 -84.60 -105.69 47.17
CA LEU A 2716 -83.73 -105.41 46.04
C LEU A 2716 -83.58 -106.66 45.19
N GLU A 2717 -83.94 -106.56 43.91
CA GLU A 2717 -83.79 -107.68 43.00
C GLU A 2717 -83.09 -107.32 41.70
N TYR A 2718 -83.38 -106.17 41.12
CA TYR A 2718 -82.85 -105.82 39.80
C TYR A 2718 -82.24 -104.44 39.74
N PHE A 2719 -82.80 -103.45 40.44
CA PHE A 2719 -82.32 -102.08 40.30
C PHE A 2719 -80.92 -101.90 40.86
N ILE A 2720 -80.61 -102.58 41.97
CA ILE A 2720 -79.26 -102.50 42.53
C ILE A 2720 -78.24 -103.12 41.57
N ASN A 2721 -78.61 -104.24 40.94
CA ASN A 2721 -77.71 -104.85 39.96
C ASN A 2721 -77.52 -103.95 38.75
N LYS A 2722 -78.59 -103.30 38.30
CA LYS A 2722 -78.47 -102.36 37.18
C LYS A 2722 -77.57 -101.19 37.53
N TYR A 2723 -77.73 -100.64 38.73
CA TYR A 2723 -76.89 -99.52 39.17
C TYR A 2723 -75.42 -99.96 39.28
N ALA A 2724 -75.18 -101.15 39.82
CA ALA A 2724 -73.82 -101.66 39.92
C ALA A 2724 -73.20 -101.87 38.55
N GLU A 2725 -73.98 -102.41 37.60
CA GLU A 2725 -73.48 -102.58 36.23
C GLU A 2725 -73.17 -101.24 35.59
N HIS A 2726 -74.04 -100.24 35.79
CA HIS A 2726 -73.78 -98.91 35.24
C HIS A 2726 -72.52 -98.29 35.82
N SER A 2727 -72.33 -98.42 37.14
CA SER A 2727 -71.15 -97.87 37.77
C SER A 2727 -69.88 -98.58 37.30
N HIS A 2728 -69.94 -99.91 37.15
CA HIS A 2728 -68.79 -100.66 36.67
C HIS A 2728 -68.46 -100.28 35.23
N ASP A 2729 -69.49 -100.11 34.39
CA ASP A 2729 -69.25 -99.70 33.01
C ASP A 2729 -68.64 -98.31 32.94
N LYS A 2730 -69.13 -97.39 33.78
CA LYS A 2730 -68.56 -96.04 33.81
C LYS A 2730 -67.10 -96.06 34.27
N TRP A 2731 -66.79 -96.85 35.30
CA TRP A 2731 -65.42 -96.96 35.77
C TRP A 2731 -64.52 -97.58 34.72
N SER A 2732 -65.01 -98.60 34.02
CA SER A 2732 -64.21 -99.24 32.96
C SER A 2732 -63.98 -98.27 31.80
N MET A 2733 -65.00 -97.48 31.45
CA MET A 2733 -64.83 -96.48 30.39
C MET A 2733 -63.81 -95.42 30.80
N ASP A 2734 -63.86 -94.98 32.07
CA ASP A 2734 -62.88 -94.01 32.56
C ASP A 2734 -61.47 -94.58 32.52
N LYS A 2735 -61.31 -95.85 32.94
CA LYS A 2735 -59.98 -96.45 32.92
C LYS A 2735 -59.51 -96.73 31.50
N LEU A 2736 -60.43 -96.94 30.56
CA LEU A 2736 -60.03 -97.11 29.17
C LEU A 2736 -59.61 -95.78 28.56
N ALA A 2737 -60.30 -94.69 28.93
CA ALA A 2737 -59.87 -93.36 28.51
C ALA A 2737 -58.53 -92.99 29.15
N ASN A 2738 -58.24 -93.52 30.34
CA ASN A 2738 -56.96 -93.27 30.97
C ASN A 2738 -55.82 -94.01 30.28
N GLY A 2739 -56.12 -95.09 29.56
CA GLY A 2739 -55.09 -95.82 28.83
C GLY A 2739 -54.93 -97.26 29.27
N TRP A 2740 -56.00 -97.87 29.75
CA TRP A 2740 -55.98 -99.26 30.19
C TRP A 2740 -56.85 -100.12 29.27
N ILE A 2741 -56.43 -101.37 29.07
CA ILE A 2741 -57.13 -102.31 28.21
C ILE A 2741 -57.36 -103.61 28.98
N TYR A 2742 -58.36 -104.36 28.52
CA TYR A 2742 -58.68 -105.63 29.15
C TYR A 2742 -57.65 -106.69 28.77
N GLY A 2743 -57.30 -107.53 29.74
CA GLY A 2743 -56.34 -108.60 29.51
C GLY A 2743 -56.57 -109.78 30.41
N GLU A 2744 -55.60 -110.69 30.49
CA GLU A 2744 -55.69 -111.87 31.32
C GLU A 2744 -54.74 -111.85 32.51
N ILE A 2745 -53.58 -111.20 32.39
CA ILE A 2745 -52.60 -111.11 33.46
C ILE A 2745 -52.45 -109.65 33.85
N TYR A 2746 -52.61 -109.35 35.13
CA TYR A 2746 -52.49 -107.99 35.62
C TYR A 2746 -51.04 -107.51 35.53
N SER A 2747 -50.86 -106.26 35.10
CA SER A 2747 -49.54 -105.67 34.97
C SER A 2747 -49.67 -104.16 35.14
N ASP A 2748 -48.97 -103.61 36.13
CA ASP A 2748 -49.01 -102.17 36.37
C ASP A 2748 -48.22 -101.40 35.32
N SER A 2749 -47.05 -101.91 34.94
CA SER A 2749 -46.21 -101.22 33.96
C SER A 2749 -46.86 -101.22 32.58
N SER A 2750 -47.42 -102.35 32.17
CA SER A 2750 -48.07 -102.45 30.86
C SER A 2750 -49.49 -101.89 30.86
N LYS A 2751 -50.02 -101.51 32.02
CA LYS A 2751 -51.36 -100.94 32.17
C LYS A 2751 -52.42 -101.91 31.61
N ILE A 2752 -52.46 -103.10 32.21
CA ILE A 2752 -53.40 -104.14 31.83
C ILE A 2752 -54.34 -104.38 33.01
N GLN A 2753 -55.63 -104.23 32.78
CA GLN A 2753 -56.65 -104.40 33.82
C GLN A 2753 -57.57 -105.56 33.46
N PRO A 2754 -57.39 -106.73 34.07
CA PRO A 2754 -58.27 -107.86 33.80
C PRO A 2754 -59.62 -107.80 34.52
N LEU A 2755 -59.95 -106.68 35.16
CA LEU A 2755 -61.20 -106.57 35.90
C LEU A 2755 -62.41 -106.30 35.02
N MET A 2756 -62.22 -106.12 33.72
CA MET A 2756 -63.33 -105.91 32.81
C MET A 2756 -64.11 -107.21 32.62
N LYS A 2757 -65.16 -107.39 33.41
CA LYS A 2757 -65.94 -108.62 33.41
C LYS A 2757 -67.34 -108.30 33.89
N PRO A 2758 -68.33 -109.14 33.58
CA PRO A 2758 -69.68 -108.91 34.09
C PRO A 2758 -69.73 -109.00 35.60
N TYR A 2759 -70.73 -108.32 36.17
CA TYR A 2759 -70.86 -108.24 37.63
C TYR A 2759 -71.14 -109.59 38.27
N LYS A 2760 -71.65 -110.56 37.50
CA LYS A 2760 -71.91 -111.89 38.05
C LYS A 2760 -70.62 -112.61 38.40
N LEU A 2761 -69.58 -112.43 37.58
CA LEU A 2761 -68.30 -113.09 37.80
C LEU A 2761 -67.26 -112.16 38.41
N LEU A 2762 -67.67 -111.00 38.91
CA LEU A 2762 -66.72 -110.08 39.51
C LEU A 2762 -66.28 -110.58 40.89
N SER A 2763 -65.21 -109.98 41.39
CA SER A 2763 -64.66 -110.36 42.69
C SER A 2763 -65.60 -109.94 43.81
N GLU A 2764 -65.55 -110.69 44.91
CA GLU A 2764 -66.38 -110.36 46.07
C GLU A 2764 -65.94 -109.07 46.74
N LYS A 2765 -64.62 -108.82 46.78
CA LYS A 2765 -64.10 -107.62 47.42
C LYS A 2765 -64.53 -106.36 46.68
N GLU A 2766 -64.40 -106.37 45.35
CA GLU A 2766 -64.81 -105.21 44.55
C GLU A 2766 -66.32 -105.01 44.60
N LYS A 2767 -67.08 -106.11 44.61
CA LYS A 2767 -68.53 -106.01 44.74
C LYS A 2767 -68.93 -105.40 46.07
N GLU A 2768 -68.27 -105.82 47.16
CA GLU A 2768 -68.56 -105.25 48.47
C GLU A 2768 -68.15 -103.77 48.53
N ILE A 2769 -67.03 -103.42 47.90
CA ILE A 2769 -66.59 -102.03 47.86
C ILE A 2769 -67.61 -101.17 47.13
N TYR A 2770 -68.12 -101.66 46.00
CA TYR A 2770 -69.14 -100.92 45.27
C TYR A 2770 -70.45 -100.84 46.03
N ARG A 2771 -70.82 -101.89 46.77
CA ARG A 2771 -72.11 -101.96 47.42
C ARG A 2771 -72.16 -101.23 48.76
N TRP A 2772 -71.01 -101.06 49.42
CA TRP A 2772 -71.02 -100.47 50.76
C TRP A 2772 -71.57 -99.05 50.81
N PRO A 2773 -71.17 -98.10 49.94
CA PRO A 2773 -71.84 -96.78 49.99
C PRO A 2773 -73.32 -96.85 49.68
N ILE A 2774 -73.72 -97.70 48.75
CA ILE A 2774 -75.14 -97.83 48.42
C ILE A 2774 -75.91 -98.41 49.60
N LYS A 2775 -75.37 -99.43 50.26
CA LYS A 2775 -76.03 -100.00 51.42
C LYS A 2775 -76.11 -98.99 52.56
N GLU A 2776 -75.04 -98.20 52.76
CA GLU A 2776 -75.06 -97.18 53.79
C GLU A 2776 -76.11 -96.12 53.50
N SER A 2777 -76.21 -95.69 52.23
CA SER A 2777 -77.22 -94.71 51.86
C SER A 2777 -78.63 -95.27 52.06
N LEU A 2778 -78.85 -96.53 51.70
CA LEU A 2778 -80.15 -97.15 51.88
C LEU A 2778 -80.51 -97.25 53.36
N LYS A 2779 -79.53 -97.63 54.20
CA LYS A 2779 -79.78 -97.70 55.64
C LYS A 2779 -80.11 -96.33 56.20
N THR A 2780 -79.40 -95.29 55.76
CA THR A 2780 -79.67 -93.95 56.26
C THR A 2780 -81.07 -93.47 55.85
N MET A 2781 -81.47 -93.71 54.61
CA MET A 2781 -82.80 -93.26 54.20
C MET A 2781 -83.91 -94.11 54.79
N LEU A 2782 -83.62 -95.36 55.16
CA LEU A 2782 -84.62 -96.21 55.78
C LEU A 2782 -84.73 -96.00 57.29
N ALA A 2783 -83.67 -95.50 57.94
CA ALA A 2783 -83.73 -95.27 59.38
C ALA A 2783 -84.73 -94.18 59.73
N TRP A 2784 -84.76 -93.10 58.96
CA TRP A 2784 -85.71 -92.02 59.22
C TRP A 2784 -87.15 -92.49 59.00
N GLY A 2785 -87.39 -93.24 57.93
CA GLY A 2785 -88.71 -93.73 57.63
C GLY A 2785 -89.48 -92.83 56.69
N TRP A 2786 -89.67 -93.27 55.45
CA TRP A 2786 -90.35 -92.47 54.44
C TRP A 2786 -91.07 -93.39 53.47
N ARG A 2787 -92.02 -92.82 52.75
CA ARG A 2787 -92.76 -93.56 51.74
C ARG A 2787 -91.86 -93.86 50.54
N ILE A 2788 -92.10 -95.02 49.93
CA ILE A 2788 -91.34 -95.47 48.77
C ILE A 2788 -92.29 -95.63 47.60
N GLU A 2789 -91.97 -94.98 46.48
CA GLU A 2789 -92.80 -95.01 45.28
C GLU A 2789 -92.23 -96.03 44.29
N ARG A 2790 -93.10 -96.90 43.78
CA ARG A 2790 -92.73 -97.94 42.83
C ARG A 2790 -93.67 -97.92 41.63
N THR A 2791 -93.89 -96.74 41.07
CA THR A 2791 -94.80 -96.59 39.94
C THR A 2791 -94.23 -97.29 38.70
N ARG A 2792 -95.11 -97.93 37.94
CA ARG A 2792 -94.71 -98.65 36.75
C ARG A 2792 -94.37 -97.72 35.58
N GLU A 2793 -94.83 -96.48 35.62
CA GLU A 2793 -94.55 -95.53 34.54
C GLU A 2793 -93.14 -94.97 34.59
N GLY A 2794 -92.41 -95.20 35.67
CA GLY A 2794 -91.07 -94.69 35.83
C GLY A 2794 -89.96 -95.63 35.43
N ASP A 2795 -90.25 -96.69 34.69
CA ASP A 2795 -89.25 -97.68 34.28
C ASP A 2795 -88.42 -97.08 33.14
N SER A 2796 -87.47 -96.22 33.53
CA SER A 2796 -86.57 -95.55 32.59
C SER A 2796 -85.13 -96.03 32.79
N MET A 2797 -84.95 -97.31 33.07
CA MET A 2797 -83.62 -97.86 33.27
C MET A 2797 -82.81 -97.83 31.98
N ALA A 2798 -83.42 -98.21 30.86
CA ALA A 2798 -82.76 -98.23 29.55
C ALA A 2798 -83.67 -97.50 28.56
N LEU A 2799 -83.52 -96.18 28.50
CA LEU A 2799 -84.30 -95.36 27.57
C LEU A 2799 -83.39 -94.45 26.77
N TYR A 2800 -82.26 -94.06 27.35
CA TYR A 2800 -81.33 -93.16 26.68
C TYR A 2800 -80.64 -93.86 25.52
N ASN A 2801 -80.37 -93.09 24.47
CA ASN A 2801 -79.72 -93.61 23.29
C ASN A 2801 -78.21 -93.72 23.49
N ALA A 2816 -65.87 -105.52 22.38
CA ALA A 2816 -64.84 -106.12 23.20
C ALA A 2816 -65.22 -107.54 23.60
N ALA A 2817 -64.61 -108.01 24.69
CA ALA A 2817 -64.89 -109.37 25.17
C ALA A 2817 -66.25 -109.44 25.85
N HIS A 2818 -66.96 -110.55 25.62
CA HIS A 2818 -68.27 -110.82 26.22
C HIS A 2818 -69.30 -109.75 25.85
N GLY A 2819 -69.15 -109.15 24.68
CA GLY A 2819 -70.11 -108.15 24.22
C GLY A 2819 -70.16 -106.89 25.07
N TYR A 2820 -69.01 -106.36 25.46
CA TYR A 2820 -68.95 -105.17 26.30
C TYR A 2820 -69.08 -103.94 25.40
N SER A 2821 -70.20 -103.22 25.52
CA SER A 2821 -70.47 -102.03 24.71
C SER A 2821 -70.90 -100.90 25.64
N PRO A 2822 -69.93 -100.18 26.22
CA PRO A 2822 -70.28 -99.08 27.13
C PRO A 2822 -70.85 -97.89 26.39
N ARG A 2823 -71.57 -97.05 27.13
CA ARG A 2823 -72.16 -95.83 26.58
C ARG A 2823 -72.21 -94.78 27.67
N ALA A 2824 -72.25 -93.52 27.24
CA ALA A 2824 -72.30 -92.38 28.16
C ALA A 2824 -73.69 -91.77 28.14
N ILE A 2825 -74.25 -91.53 29.32
CA ILE A 2825 -75.60 -90.99 29.47
C ILE A 2825 -75.50 -89.66 30.20
N ASP A 2826 -76.07 -88.62 29.59
CA ASP A 2826 -76.09 -87.27 30.16
C ASP A 2826 -77.52 -86.97 30.58
N MET A 2827 -77.84 -87.29 31.84
CA MET A 2827 -79.18 -87.11 32.39
C MET A 2827 -79.22 -86.02 33.46
N SER A 2828 -78.22 -85.14 33.49
CA SER A 2828 -78.17 -84.08 34.49
C SER A 2828 -79.13 -82.93 34.19
N ASN A 2829 -79.72 -82.90 32.99
CA ASN A 2829 -80.64 -81.84 32.61
C ASN A 2829 -82.05 -82.05 33.15
N VAL A 2830 -82.32 -83.19 33.77
CA VAL A 2830 -83.66 -83.49 34.28
C VAL A 2830 -83.86 -82.76 35.60
N THR A 2831 -84.87 -81.90 35.65
CA THR A 2831 -85.20 -81.19 36.89
C THR A 2831 -85.85 -82.14 37.88
N LEU A 2832 -85.57 -81.92 39.16
CA LEU A 2832 -86.07 -82.77 40.23
C LEU A 2832 -86.85 -81.95 41.24
N SER A 2833 -87.62 -82.66 42.07
CA SER A 2833 -88.47 -82.02 43.05
C SER A 2833 -87.66 -81.48 44.23
N ARG A 2834 -88.29 -80.61 45.01
CA ARG A 2834 -87.62 -80.01 46.16
C ARG A 2834 -87.46 -80.99 47.32
N ASP A 2835 -88.40 -81.93 47.47
CA ASP A 2835 -88.29 -82.93 48.53
C ASP A 2835 -87.07 -83.83 48.32
N LEU A 2836 -86.84 -84.27 47.08
CA LEU A 2836 -85.66 -85.06 46.79
C LEU A 2836 -84.38 -84.23 46.95
N HIS A 2837 -84.44 -82.94 46.64
CA HIS A 2837 -83.29 -82.07 46.88
C HIS A 2837 -82.97 -81.97 48.36
N ALA A 2838 -84.01 -81.84 49.20
CA ALA A 2838 -83.79 -81.80 50.65
C ALA A 2838 -83.25 -83.13 51.16
N MET A 2839 -83.75 -84.24 50.62
CA MET A 2839 -83.23 -85.56 51.01
C MET A 2839 -81.76 -85.71 50.63
N ALA A 2840 -81.39 -85.24 49.44
CA ALA A 2840 -80.00 -85.29 49.02
C ALA A 2840 -79.12 -84.39 49.87
N GLU A 2841 -79.64 -83.22 50.25
CA GLU A 2841 -78.90 -82.33 51.15
C GLU A 2841 -78.68 -82.99 52.51
N MET A 2842 -79.70 -83.67 53.03
CA MET A 2842 -79.56 -84.37 54.30
C MET A 2842 -78.54 -85.52 54.18
N MET A 2843 -78.57 -86.24 53.06
CA MET A 2843 -77.60 -87.31 52.84
C MET A 2843 -76.19 -86.76 52.76
N ALA A 2844 -76.01 -85.62 52.07
CA ALA A 2844 -74.69 -85.01 51.99
C ALA A 2844 -74.21 -84.52 53.35
N GLU A 2845 -75.12 -83.97 54.16
CA GLU A 2845 -74.76 -83.57 55.52
C GLU A 2845 -74.35 -84.76 56.36
N ASN A 2846 -75.06 -85.89 56.23
CA ASN A 2846 -74.70 -87.10 56.96
C ASN A 2846 -73.34 -87.62 56.50
N TYR A 2847 -73.07 -87.58 55.20
CA TYR A 2847 -71.77 -88.00 54.69
C TYR A 2847 -70.66 -87.11 55.22
N HIS A 2848 -70.89 -85.79 55.26
CA HIS A 2848 -69.90 -84.87 55.79
C HIS A 2848 -69.66 -85.11 57.28
N ASN A 2849 -70.73 -85.40 58.03
CA ASN A 2849 -70.58 -85.71 59.45
C ASN A 2849 -69.79 -86.99 59.66
N ILE A 2850 -70.05 -88.01 58.83
CA ILE A 2850 -69.30 -89.27 58.94
C ILE A 2850 -67.83 -89.04 58.62
N TRP A 2851 -67.55 -88.26 57.58
CA TRP A 2851 -66.16 -87.97 57.21
C TRP A 2851 -65.46 -87.19 58.31
N ALA A 2852 -66.16 -86.21 58.92
CA ALA A 2852 -65.56 -85.44 60.01
C ALA A 2852 -65.30 -86.31 61.22
N LYS A 2853 -66.22 -87.24 61.53
CA LYS A 2853 -66.01 -88.15 62.65
C LYS A 2853 -64.82 -89.06 62.39
N LYS A 2854 -64.68 -89.56 61.16
CA LYS A 2854 -63.53 -90.39 60.81
C LYS A 2854 -62.23 -89.60 60.91
N LYS A 2855 -62.23 -88.35 60.46
CA LYS A 2855 -61.05 -87.50 60.57
C LYS A 2855 -60.68 -87.24 62.03
N LYS A 2856 -61.68 -86.98 62.86
CA LYS A 2856 -61.42 -86.77 64.29
C LYS A 2856 -60.87 -88.03 64.94
N LEU A 2857 -61.42 -89.19 64.57
CA LEU A 2857 -60.95 -90.45 65.14
C LEU A 2857 -59.51 -90.73 64.73
N GLU A 2858 -59.17 -90.50 63.45
CA GLU A 2858 -57.80 -90.75 63.02
C GLU A 2858 -56.83 -89.72 63.59
N LEU A 2859 -57.30 -88.49 63.84
CA LEU A 2859 -56.46 -87.50 64.49
C LEU A 2859 -56.19 -87.87 65.95
N GLU A 2860 -57.21 -88.39 66.65
CA GLU A 2860 -57.02 -88.86 68.01
C GLU A 2860 -56.09 -90.06 68.05
N SER A 2861 -56.20 -90.95 67.06
CA SER A 2861 -55.30 -92.10 66.97
C SER A 2861 -53.87 -91.66 66.70
N LYS A 2862 -53.70 -90.61 65.87
CA LYS A 2862 -52.35 -90.11 65.59
C LYS A 2862 -51.72 -89.46 66.82
N GLY A 2863 -52.54 -88.86 67.69
CA GLY A 2863 -52.04 -88.21 68.88
C GLY A 2863 -51.70 -86.75 68.74
N GLY A 2864 -51.81 -86.18 67.54
CA GLY A 2864 -51.51 -84.78 67.34
C GLY A 2864 -51.73 -84.32 65.91
N GLY A 2865 -52.34 -83.16 65.75
CA GLY A 2865 -52.60 -82.61 64.44
C GLY A 2865 -53.88 -81.80 64.44
N ASN A 2866 -54.16 -81.19 63.29
CA ASN A 2866 -55.34 -80.37 63.12
C ASN A 2866 -55.68 -80.31 61.63
N HIS A 2867 -56.93 -79.92 61.36
CA HIS A 2867 -57.40 -79.79 59.99
C HIS A 2867 -58.51 -78.74 59.96
N PRO A 2868 -58.44 -77.77 59.05
CA PRO A 2868 -59.47 -76.72 59.02
C PRO A 2868 -60.68 -77.09 58.17
N LEU A 2869 -60.83 -78.38 57.84
CA LEU A 2869 -61.91 -78.83 56.98
C LEU A 2869 -63.25 -78.95 57.71
N LEU A 2870 -63.26 -78.82 59.04
CA LEU A 2870 -64.51 -78.88 59.81
C LEU A 2870 -65.26 -77.57 59.60
N VAL A 2871 -65.97 -77.50 58.49
CA VAL A 2871 -66.66 -76.28 58.06
C VAL A 2871 -68.11 -76.61 57.75
N PRO A 2872 -69.07 -75.80 58.22
CA PRO A 2872 -70.47 -76.04 57.86
C PRO A 2872 -70.71 -75.85 56.37
N TYR A 2873 -71.83 -76.42 55.90
CA TYR A 2873 -72.12 -76.47 54.47
C TYR A 2873 -72.29 -75.08 53.88
N ASP A 2874 -72.95 -74.18 54.62
CA ASP A 2874 -73.14 -72.82 54.11
C ASP A 2874 -71.84 -72.02 54.09
N THR A 2875 -70.88 -72.37 54.94
CA THR A 2875 -69.61 -71.66 55.03
C THR A 2875 -68.57 -72.23 54.07
N LEU A 2876 -68.87 -73.35 53.40
CA LEU A 2876 -67.92 -73.97 52.49
C LEU A 2876 -67.57 -73.06 51.32
N THR A 2877 -66.35 -73.20 50.83
CA THR A 2877 -65.85 -72.41 49.71
C THR A 2877 -66.23 -73.08 48.39
N ALA A 2878 -65.83 -72.43 47.29
CA ALA A 2878 -66.22 -72.92 45.96
C ALA A 2878 -65.50 -74.22 45.59
N LYS A 2879 -64.28 -74.41 46.09
CA LYS A 2879 -63.52 -75.61 45.74
C LYS A 2879 -64.21 -76.86 46.25
N GLU A 2880 -64.70 -76.83 47.48
CA GLU A 2880 -65.51 -77.93 48.00
C GLU A 2880 -66.95 -77.86 47.54
N LYS A 2881 -67.44 -76.67 47.13
CA LYS A 2881 -68.77 -76.58 46.58
C LYS A 2881 -68.89 -77.32 45.25
N ALA A 2882 -67.82 -77.33 44.47
CA ALA A 2882 -67.82 -78.11 43.22
C ALA A 2882 -67.99 -79.60 43.51
N LYS A 2883 -67.27 -80.11 44.51
CA LYS A 2883 -67.42 -81.51 44.90
C LYS A 2883 -68.81 -81.79 45.46
N ASP A 2884 -69.35 -80.85 46.23
CA ASP A 2884 -70.71 -81.01 46.75
C ASP A 2884 -71.73 -81.07 45.62
N ARG A 2885 -71.57 -80.20 44.60
CA ARG A 2885 -72.49 -80.23 43.46
C ARG A 2885 -72.34 -81.51 42.66
N GLU A 2886 -71.11 -82.01 42.51
CA GLU A 2886 -70.90 -83.28 41.82
C GLU A 2886 -71.57 -84.42 42.57
N LYS A 2887 -71.44 -84.44 43.90
CA LYS A 2887 -72.08 -85.47 44.70
C LYS A 2887 -73.61 -85.36 44.62
N ALA A 2888 -74.13 -84.13 44.61
CA ALA A 2888 -75.58 -83.95 44.48
C ALA A 2888 -76.07 -84.43 43.12
N GLN A 2889 -75.31 -84.15 42.06
CA GLN A 2889 -75.69 -84.64 40.73
C GLN A 2889 -75.64 -86.16 40.67
N ASP A 2890 -74.63 -86.76 41.29
CA ASP A 2890 -74.55 -88.22 41.32
C ASP A 2890 -75.73 -88.82 42.07
N ILE A 2891 -76.11 -88.20 43.20
CA ILE A 2891 -77.25 -88.68 43.97
C ILE A 2891 -78.54 -88.54 43.15
N PHE A 2892 -78.70 -87.43 42.46
CA PHE A 2892 -79.89 -87.23 41.63
C PHE A 2892 -79.97 -88.25 40.50
N LYS A 2893 -78.84 -88.53 39.85
CA LYS A 2893 -78.84 -89.52 38.78
C LYS A 2893 -79.06 -90.93 39.34
N PHE A 2894 -78.59 -91.20 40.56
CA PHE A 2894 -78.81 -92.51 41.16
C PHE A 2894 -80.28 -92.71 41.54
N LEU A 2895 -80.93 -91.65 42.02
CA LEU A 2895 -82.29 -91.78 42.52
C LEU A 2895 -83.36 -91.52 41.46
N GLN A 2896 -83.00 -90.93 40.32
CA GLN A 2896 -84.00 -90.68 39.28
C GLN A 2896 -84.38 -91.94 38.52
N ILE A 2897 -83.44 -92.87 38.35
CA ILE A 2897 -83.68 -94.07 37.56
C ILE A 2897 -84.70 -94.95 38.29
N SER A 2898 -85.54 -95.64 37.51
CA SER A 2898 -86.58 -96.57 37.96
C SER A 2898 -87.69 -95.90 38.76
N GLY A 2899 -87.76 -94.57 38.74
CA GLY A 2899 -88.87 -93.85 39.38
C GLY A 2899 -88.96 -94.03 40.88
N TYR A 2900 -87.82 -93.97 41.57
CA TYR A 2900 -87.79 -94.07 43.03
C TYR A 2900 -87.76 -92.66 43.61
N VAL A 2901 -88.88 -92.22 44.19
CA VAL A 2901 -89.01 -90.89 44.76
C VAL A 2901 -89.35 -91.04 46.24
N VAL A 2902 -88.56 -90.38 47.08
CA VAL A 2902 -88.77 -90.41 48.53
C VAL A 2902 -89.74 -89.30 48.90
N SER A 2903 -90.83 -89.67 49.58
CA SER A 2903 -91.85 -88.72 49.98
C SER A 2903 -92.17 -88.90 51.46
N ARG A 2904 -92.58 -87.80 52.10
CA ARG A 2904 -92.93 -87.83 53.52
C ARG A 2904 -94.40 -88.22 53.71
N CYS A 2990 -106.29 -75.72 59.52
CA CYS A 2990 -105.32 -75.08 58.63
C CYS A 2990 -104.53 -74.00 59.36
N THR A 2991 -103.39 -73.60 58.78
CA THR A 2991 -102.58 -72.55 59.37
C THR A 2991 -103.23 -71.18 59.27
N GLY A 2992 -104.21 -71.03 58.37
CA GLY A 2992 -104.90 -69.75 58.26
C GLY A 2992 -105.70 -69.42 59.51
N GLY A 2993 -106.40 -70.41 60.08
CA GLY A 2993 -107.13 -70.18 61.31
C GLY A 2993 -106.21 -69.86 62.48
N HIS A 2994 -105.06 -70.53 62.55
CA HIS A 2994 -104.09 -70.24 63.59
C HIS A 2994 -103.53 -68.82 63.45
N ALA A 2995 -103.19 -68.42 62.23
CA ALA A 2995 -102.69 -67.07 62.00
C ALA A 2995 -103.76 -66.03 62.29
N SER A 2996 -105.04 -66.36 62.04
CA SER A 2996 -106.12 -65.43 62.34
C SER A 2996 -106.32 -65.28 63.85
N ASN A 2997 -106.40 -66.39 64.57
CA ASN A 2997 -106.71 -66.33 65.99
C ASN A 2997 -105.52 -65.90 66.84
N LYS A 2998 -104.29 -66.05 66.34
CA LYS A 2998 -103.12 -65.61 67.11
C LYS A 2998 -103.06 -64.11 67.27
N GLU A 2999 -103.77 -63.34 66.44
CA GLU A 2999 -103.74 -61.89 66.53
C GLU A 2999 -104.80 -61.35 67.48
N LYS A 3000 -105.80 -62.13 67.86
CA LYS A 3000 -106.88 -61.65 68.70
C LYS A 3000 -107.03 -62.42 70.01
N GLU A 3001 -106.99 -63.76 69.96
CA GLU A 3001 -107.16 -64.54 71.18
C GLU A 3001 -106.04 -64.29 72.18
N MET A 3002 -104.82 -64.03 71.69
CA MET A 3002 -103.70 -63.77 72.59
C MET A 3002 -103.93 -62.52 73.43
N VAL A 3003 -104.30 -61.41 72.79
CA VAL A 3003 -104.55 -60.19 73.56
C VAL A 3003 -105.84 -60.32 74.37
N THR A 3004 -106.83 -61.05 73.87
CA THR A 3004 -108.06 -61.24 74.63
C THR A 3004 -107.80 -61.99 75.93
N SER A 3005 -106.94 -63.02 75.88
CA SER A 3005 -106.58 -63.76 77.08
C SER A 3005 -105.63 -62.98 77.98
N LEU A 3006 -104.73 -62.19 77.39
CA LEU A 3006 -103.78 -61.43 78.20
C LEU A 3006 -104.46 -60.25 78.90
N PHE A 3007 -105.58 -59.76 78.37
CA PHE A 3007 -106.31 -58.69 79.04
C PHE A 3007 -107.20 -59.25 80.14
N CYS A 3008 -106.63 -60.07 81.02
CA CYS A 3008 -107.36 -60.61 82.17
C CYS A 3008 -106.59 -60.56 83.48
N LYS A 3009 -105.26 -60.51 83.45
CA LYS A 3009 -104.47 -60.42 84.67
C LYS A 3009 -104.25 -58.96 85.09
N LEU A 3010 -103.82 -58.11 84.15
CA LEU A 3010 -103.66 -56.69 84.43
C LEU A 3010 -105.00 -55.97 84.56
N GLY A 3011 -106.11 -56.62 84.19
CA GLY A 3011 -107.42 -56.05 84.44
C GLY A 3011 -107.77 -55.95 85.91
N VAL A 3012 -107.12 -56.74 86.75
CA VAL A 3012 -107.31 -56.65 88.20
C VAL A 3012 -106.02 -56.35 88.95
N LEU A 3013 -104.85 -56.67 88.38
CA LEU A 3013 -103.60 -56.34 89.06
C LEU A 3013 -103.33 -54.85 89.06
N VAL A 3014 -103.56 -54.18 87.92
CA VAL A 3014 -103.37 -52.74 87.84
C VAL A 3014 -104.39 -52.01 88.70
N ARG A 3015 -105.62 -52.53 88.78
CA ARG A 3015 -106.64 -51.90 89.61
C ARG A 3015 -106.25 -51.90 91.07
N HIS A 3016 -105.65 -52.98 91.56
CA HIS A 3016 -105.17 -53.12 92.93
C HIS A 3016 -106.29 -52.89 93.96
N LEU A 3035 -94.64 -59.22 86.92
CA LEU A 3035 -93.50 -58.35 87.21
C LEU A 3035 -93.30 -57.33 86.10
N GLY A 3036 -92.95 -57.81 84.91
CA GLY A 3036 -92.72 -56.94 83.78
C GLY A 3036 -93.92 -56.85 82.85
N GLN A 3037 -95.10 -57.17 83.38
CA GLN A 3037 -96.32 -57.13 82.55
C GLN A 3037 -96.63 -55.72 82.10
N THR A 3038 -96.38 -54.72 82.95
CA THR A 3038 -96.65 -53.33 82.59
C THR A 3038 -95.72 -52.84 81.49
N LEU A 3039 -94.62 -53.53 81.24
CA LEU A 3039 -93.71 -53.21 80.15
C LEU A 3039 -93.96 -54.04 78.90
N ASP A 3040 -94.29 -55.32 79.05
CA ASP A 3040 -94.55 -56.15 77.88
C ASP A 3040 -95.94 -55.92 77.30
N ALA A 3041 -96.86 -55.34 78.06
CA ALA A 3041 -98.18 -55.05 77.51
C ALA A 3041 -98.10 -54.06 76.35
N ARG A 3042 -97.16 -53.12 76.42
CA ARG A 3042 -97.00 -52.13 75.35
C ARG A 3042 -96.68 -52.81 74.02
N THR A 3043 -95.84 -53.85 74.05
CA THR A 3043 -95.61 -54.64 72.85
C THR A 3043 -96.83 -55.50 72.52
N VAL A 3044 -97.52 -55.99 73.56
CA VAL A 3044 -98.57 -56.99 73.36
C VAL A 3044 -99.77 -56.39 72.63
N MET A 3045 -100.28 -55.25 73.09
CA MET A 3045 -101.49 -54.76 72.44
C MET A 3045 -101.19 -54.18 71.06
N LYS A 3046 -99.96 -53.73 70.82
CA LYS A 3046 -99.58 -53.30 69.49
C LYS A 3046 -99.42 -54.48 68.54
N THR A 3047 -98.97 -55.62 69.07
CA THR A 3047 -98.91 -56.83 68.26
C THR A 3047 -100.30 -57.37 67.98
N GLY A 3048 -101.24 -57.17 68.90
CA GLY A 3048 -102.60 -57.65 68.71
C GLY A 3048 -103.36 -56.96 67.59
N LEU A 3049 -103.26 -55.63 67.51
CA LEU A 3049 -104.03 -54.84 66.55
C LEU A 3049 -103.17 -54.10 65.55
N ASP A 3050 -102.18 -53.34 66.01
CA ASP A 3050 -101.39 -52.49 65.12
C ASP A 3050 -100.33 -53.25 64.35
N SER A 3051 -100.11 -54.53 64.65
CA SER A 3051 -99.15 -55.31 63.87
C SER A 3051 -99.61 -55.47 62.43
N VAL A 3052 -100.91 -55.69 62.22
CA VAL A 3052 -101.49 -55.78 60.89
C VAL A 3052 -102.19 -54.46 60.58
N LYS A 3053 -101.80 -53.84 59.46
CA LYS A 3053 -102.42 -52.57 59.07
C LYS A 3053 -103.85 -52.77 58.61
N SER A 3054 -104.09 -53.75 57.75
CA SER A 3054 -105.43 -54.04 57.25
C SER A 3054 -106.04 -55.19 58.05
N ALA A 3055 -106.35 -54.90 59.31
CA ALA A 3055 -106.98 -55.89 60.18
C ALA A 3055 -108.40 -56.22 59.73
N LEU A 3056 -109.04 -55.33 58.97
CA LEU A 3056 -110.37 -55.61 58.45
C LEU A 3056 -110.36 -56.80 57.50
N ARG A 3057 -109.28 -56.96 56.73
CA ARG A 3057 -109.16 -58.11 55.85
C ARG A 3057 -109.17 -59.41 56.65
N ALA A 3058 -108.34 -59.48 57.70
CA ALA A 3058 -108.31 -60.67 58.55
C ALA A 3058 -109.64 -60.86 59.29
N PHE A 3059 -110.34 -59.77 59.59
CA PHE A 3059 -111.64 -59.88 60.23
C PHE A 3059 -112.67 -60.53 59.29
N LEU A 3060 -112.78 -60.00 58.07
CA LEU A 3060 -113.87 -60.39 57.17
C LEU A 3060 -113.49 -61.50 56.20
N ASP A 3061 -112.48 -61.25 55.35
CA ASP A 3061 -112.23 -62.16 54.24
C ASP A 3061 -111.45 -63.39 54.67
N ASN A 3062 -110.50 -63.24 55.59
CA ASN A 3062 -109.65 -64.36 55.97
C ASN A 3062 -110.39 -65.35 56.85
N ALA A 3063 -110.85 -64.90 58.02
CA ALA A 3063 -111.57 -65.78 58.94
C ALA A 3063 -112.57 -64.94 59.72
N ALA A 3064 -113.85 -65.28 59.58
CA ALA A 3064 -114.93 -64.59 60.29
C ALA A 3064 -115.24 -65.21 61.64
N GLU A 3065 -114.48 -66.22 62.06
CA GLU A 3065 -114.72 -66.84 63.36
C GLU A 3065 -114.36 -65.89 64.50
N ASP A 3066 -113.17 -65.29 64.43
CA ASP A 3066 -112.74 -64.35 65.46
C ASP A 3066 -113.62 -63.11 65.48
N LEU A 3067 -113.58 -62.33 64.38
CA LEU A 3067 -114.47 -61.21 64.09
C LEU A 3067 -114.82 -60.35 65.29
N GLU A 3068 -116.10 -59.99 65.42
CA GLU A 3068 -116.54 -59.15 66.53
C GLU A 3068 -116.45 -59.88 67.86
N LYS A 3069 -116.62 -61.22 67.85
CA LYS A 3069 -116.58 -61.99 69.08
C LYS A 3069 -115.25 -61.83 69.81
N THR A 3070 -114.18 -61.56 69.07
CA THR A 3070 -112.88 -61.26 69.67
C THR A 3070 -112.57 -59.77 69.71
N MET A 3071 -113.00 -59.01 68.69
CA MET A 3071 -112.70 -57.58 68.65
C MET A 3071 -113.38 -56.84 69.80
N GLU A 3072 -114.67 -57.11 70.02
CA GLU A 3072 -115.39 -56.46 71.11
C GLU A 3072 -114.90 -56.92 72.47
N ASN A 3073 -114.45 -58.18 72.58
CA ASN A 3073 -113.87 -58.64 73.83
C ASN A 3073 -112.58 -57.91 74.14
N LEU A 3074 -111.72 -57.74 73.14
CA LEU A 3074 -110.48 -56.98 73.34
C LEU A 3074 -110.79 -55.52 73.67
N LYS A 3075 -111.79 -54.95 73.00
CA LYS A 3075 -112.18 -53.57 73.28
C LYS A 3075 -112.71 -53.42 74.71
N GLN A 3076 -113.49 -54.40 75.17
CA GLN A 3076 -113.99 -54.37 76.55
C GLN A 3076 -112.85 -54.51 77.55
N GLY A 3077 -111.87 -55.36 77.25
CA GLY A 3077 -110.69 -55.45 78.09
C GLY A 3077 -109.94 -54.13 78.15
N GLN A 3078 -109.81 -53.45 77.01
CA GLN A 3078 -109.17 -52.14 76.99
C GLN A 3078 -109.97 -51.12 77.79
N PHE A 3079 -111.30 -51.18 77.70
CA PHE A 3079 -112.15 -50.27 78.48
C PHE A 3079 -111.98 -50.51 79.98
N THR A 3080 -111.90 -51.79 80.38
CA THR A 3080 -111.66 -52.09 81.79
C THR A 3080 -110.28 -51.61 82.24
N HIS A 3081 -109.28 -51.73 81.36
CA HIS A 3081 -107.94 -51.23 81.69
C HIS A 3081 -107.95 -49.71 81.85
N THR A 3082 -108.68 -49.00 80.98
CA THR A 3082 -108.82 -47.56 81.15
C THR A 3082 -109.60 -47.20 82.41
N ARG A 3083 -110.54 -48.07 82.81
CA ARG A 3083 -111.23 -47.87 84.09
C ARG A 3083 -110.27 -48.07 85.26
N SER A 3084 -109.21 -48.85 85.07
CA SER A 3084 -108.21 -49.07 86.11
C SER A 3084 -107.28 -47.87 86.19
N GLN A 3085 -106.17 -48.03 86.90
CA GLN A 3085 -105.26 -46.90 87.11
C GLN A 3085 -104.16 -46.90 86.07
N PRO A 3086 -104.33 -46.17 84.96
CA PRO A 3086 -103.29 -46.09 83.95
C PRO A 3086 -102.23 -45.05 84.32
N LYS A 3087 -101.10 -45.13 83.62
CA LYS A 3087 -99.98 -44.23 83.86
C LYS A 3087 -99.62 -43.40 82.64
N GLY A 3088 -99.49 -44.03 81.46
CA GLY A 3088 -99.12 -43.34 80.25
C GLY A 3088 -100.26 -43.30 79.25
N VAL A 3089 -100.06 -42.48 78.22
CA VAL A 3089 -101.04 -42.33 77.16
C VAL A 3089 -100.87 -43.48 76.18
N THR A 3090 -101.94 -44.24 75.97
CA THR A 3090 -101.95 -45.38 75.06
C THR A 3090 -103.16 -45.34 74.15
N GLN A 3091 -103.52 -44.14 73.70
CA GLN A 3091 -104.70 -43.98 72.85
C GLN A 3091 -104.43 -44.34 71.40
N ILE A 3092 -103.17 -44.39 70.97
CA ILE A 3092 -102.87 -44.63 69.56
C ILE A 3092 -103.39 -45.99 69.12
N ILE A 3093 -103.18 -47.01 69.95
CA ILE A 3093 -103.57 -48.37 69.58
C ILE A 3093 -105.09 -48.50 69.52
N ASN A 3094 -105.80 -47.84 70.44
CA ASN A 3094 -107.26 -47.93 70.45
C ASN A 3094 -107.88 -47.11 69.33
N TYR A 3095 -107.23 -46.00 68.95
CA TYR A 3095 -107.76 -45.13 67.90
C TYR A 3095 -107.39 -45.60 66.50
N THR A 3096 -106.36 -46.44 66.35
CA THR A 3096 -105.96 -46.94 65.04
C THR A 3096 -106.77 -48.14 64.58
N THR A 3097 -107.87 -48.48 65.25
CA THR A 3097 -108.73 -49.60 64.87
C THR A 3097 -110.17 -49.13 64.74
N VAL A 3098 -110.37 -47.98 64.09
CA VAL A 3098 -111.70 -47.39 63.96
C VAL A 3098 -112.38 -47.82 62.67
N ALA A 3099 -111.68 -47.66 61.54
CA ALA A 3099 -112.25 -47.98 60.23
C ALA A 3099 -112.12 -49.44 59.86
N LEU A 3100 -111.52 -50.26 60.71
CA LEU A 3100 -111.30 -51.67 60.41
C LEU A 3100 -112.47 -52.55 60.79
N LEU A 3101 -113.51 -52.00 61.41
CA LEU A 3101 -114.68 -52.79 61.77
C LEU A 3101 -115.61 -53.04 60.58
N PRO A 3102 -116.11 -52.01 59.85
CA PRO A 3102 -117.08 -52.31 58.78
C PRO A 3102 -116.45 -52.59 57.43
N MET A 3103 -115.20 -52.15 57.22
CA MET A 3103 -114.53 -52.33 55.94
C MET A 3103 -113.02 -52.19 56.09
N LEU A 3174 -121.82 -58.92 57.60
CA LEU A 3174 -121.49 -58.10 58.76
C LEU A 3174 -121.27 -58.96 60.00
N ASP A 3175 -121.11 -58.29 61.14
CA ASP A 3175 -120.89 -59.00 62.40
C ASP A 3175 -122.21 -59.52 62.93
N LYS A 3176 -122.21 -60.80 63.35
CA LYS A 3176 -123.41 -61.44 63.90
C LYS A 3176 -123.41 -61.21 65.41
N HIS A 3177 -123.96 -60.05 65.82
CA HIS A 3177 -124.00 -59.71 67.23
C HIS A 3177 -124.97 -60.56 68.02
N ASN A 3178 -125.90 -61.25 67.35
CA ASN A 3178 -126.87 -62.08 68.06
C ASN A 3178 -126.24 -63.35 68.62
N VAL A 3179 -125.18 -63.85 67.97
CA VAL A 3179 -124.52 -65.06 68.45
C VAL A 3179 -123.81 -64.79 69.77
N TYR A 3180 -123.08 -63.68 69.87
CA TYR A 3180 -122.39 -63.30 71.09
C TYR A 3180 -122.54 -61.81 71.31
N SER A 3181 -123.03 -61.43 72.49
CA SER A 3181 -123.24 -60.03 72.85
C SER A 3181 -122.13 -59.61 73.80
N ILE A 3182 -121.08 -59.02 73.25
CA ILE A 3182 -119.96 -58.54 74.04
C ILE A 3182 -120.04 -57.03 74.25
N TYR A 3183 -121.22 -56.45 74.09
CA TYR A 3183 -121.43 -55.02 74.25
C TYR A 3183 -121.90 -54.65 75.65
N ASN A 3184 -121.94 -55.61 76.59
CA ASN A 3184 -122.46 -55.33 77.92
C ASN A 3184 -121.58 -54.34 78.67
N THR A 3185 -120.26 -54.49 78.60
CA THR A 3185 -119.37 -53.57 79.29
C THR A 3185 -119.45 -52.16 78.71
N ARG A 3186 -119.50 -52.05 77.38
CA ARG A 3186 -119.64 -50.74 76.76
C ARG A 3186 -120.99 -50.10 77.09
N SER A 3187 -122.05 -50.90 77.16
CA SER A 3187 -123.35 -50.38 77.54
C SER A 3187 -123.34 -49.90 78.98
N SER A 3188 -122.67 -50.63 79.87
CA SER A 3188 -122.56 -50.18 81.27
C SER A 3188 -121.78 -48.88 81.36
N ARG A 3189 -120.68 -48.76 80.60
CA ARG A 3189 -119.92 -47.51 80.59
C ARG A 3189 -120.75 -46.36 80.04
N GLU A 3190 -121.56 -46.61 79.01
CA GLU A 3190 -122.40 -45.57 78.45
C GLU A 3190 -123.51 -45.16 79.42
N ARG A 3191 -124.06 -46.12 80.17
CA ARG A 3191 -125.03 -45.77 81.21
C ARG A 3191 -124.38 -44.93 82.31
N ALA A 3192 -123.14 -45.28 82.70
CA ALA A 3192 -122.43 -44.52 83.71
C ALA A 3192 -122.08 -43.12 83.21
N ALA A 3193 -121.90 -42.96 81.89
CA ALA A 3193 -121.59 -41.68 81.28
C ALA A 3193 -122.71 -41.24 80.34
N LEU A 3194 -123.96 -41.40 80.79
CA LEU A 3194 -125.11 -41.05 79.95
C LEU A 3194 -125.19 -39.56 79.69
N SER A 3195 -124.89 -38.73 80.71
CA SER A 3195 -124.97 -37.28 80.59
C SER A 3195 -123.67 -36.70 81.14
N LEU A 3196 -122.71 -36.45 80.25
CA LEU A 3196 -121.43 -35.89 80.67
C LEU A 3196 -121.55 -34.53 81.37
N PRO A 3197 -122.34 -33.56 80.89
CA PRO A 3197 -122.52 -32.32 81.68
C PRO A 3197 -123.19 -32.54 83.03
N ALA A 3198 -123.94 -33.64 83.20
CA ALA A 3198 -124.66 -33.88 84.43
C ALA A 3198 -124.01 -34.90 85.35
N ASN A 3199 -123.04 -35.67 84.86
CA ASN A 3199 -122.35 -36.67 85.66
C ASN A 3199 -120.96 -36.20 86.12
N VAL A 3200 -120.80 -34.90 86.33
CA VAL A 3200 -119.52 -34.36 86.81
C VAL A 3200 -119.58 -34.38 88.34
N GLU A 3201 -119.30 -35.56 88.90
CA GLU A 3201 -119.34 -35.77 90.34
C GLU A 3201 -118.49 -36.99 90.68
N ASP A 3202 -118.62 -37.49 91.90
CA ASP A 3202 -117.89 -38.65 92.37
C ASP A 3202 -118.66 -39.95 92.19
N VAL A 3203 -119.57 -40.01 91.22
CA VAL A 3203 -120.31 -41.24 90.96
C VAL A 3203 -119.40 -42.30 90.37
N CYS A 3204 -118.38 -41.91 89.62
CA CYS A 3204 -117.41 -42.85 89.11
C CYS A 3204 -116.50 -43.33 90.23
N PRO A 3205 -116.08 -44.60 90.20
CA PRO A 3205 -115.26 -45.13 91.29
C PRO A 3205 -113.88 -44.48 91.35
N ASN A 3206 -113.35 -44.38 92.57
CA ASN A 3206 -112.00 -43.91 92.88
C ASN A 3206 -111.76 -42.46 92.48
N ILE A 3207 -112.81 -41.71 92.15
CA ILE A 3207 -112.74 -40.30 91.76
C ILE A 3207 -111.72 -40.09 90.66
N PRO A 3208 -112.01 -40.49 89.41
CA PRO A 3208 -111.02 -40.33 88.33
C PRO A 3208 -110.97 -38.89 87.85
N SER A 3209 -109.88 -38.20 88.19
CA SER A 3209 -109.70 -36.83 87.75
C SER A 3209 -109.45 -36.76 86.24
N LEU A 3210 -108.61 -37.66 85.72
CA LEU A 3210 -108.32 -37.69 84.29
C LEU A 3210 -108.33 -39.09 83.70
N GLU A 3211 -108.64 -40.12 84.48
CA GLU A 3211 -108.64 -41.48 83.95
C GLU A 3211 -109.77 -41.69 82.95
N LYS A 3212 -110.98 -41.27 83.31
CA LYS A 3212 -112.13 -41.44 82.42
C LYS A 3212 -112.88 -40.14 82.24
N LEU A 3213 -112.90 -39.29 83.27
CA LEU A 3213 -113.62 -38.02 83.22
C LEU A 3213 -112.74 -36.96 82.55
N MET A 3214 -112.61 -37.11 81.23
CA MET A 3214 -111.84 -36.19 80.40
C MET A 3214 -112.29 -36.35 78.96
N THR A 3215 -111.54 -35.74 78.03
CA THR A 3215 -111.84 -35.84 76.61
C THR A 3215 -111.36 -37.17 76.01
N GLU A 3216 -110.61 -37.96 76.78
CA GLU A 3216 -110.09 -39.22 76.27
C GLU A 3216 -111.22 -40.17 75.89
N ILE A 3217 -112.18 -40.36 76.78
CA ILE A 3217 -113.31 -41.25 76.46
C ILE A 3217 -114.20 -40.64 75.39
N ILE A 3218 -114.26 -39.29 75.32
CA ILE A 3218 -115.06 -38.63 74.29
C ILE A 3218 -114.50 -38.93 72.91
N GLU A 3219 -113.17 -38.82 72.76
CA GLU A 3219 -112.56 -39.15 71.47
C GLU A 3219 -112.50 -40.64 71.23
N LEU A 3220 -112.50 -41.45 72.29
CA LEU A 3220 -112.52 -42.90 72.12
C LEU A 3220 -113.87 -43.40 71.63
N ALA A 3221 -114.95 -42.72 72.02
CA ALA A 3221 -116.27 -43.09 71.53
C ALA A 3221 -116.39 -42.90 70.02
N GLU A 3222 -115.61 -41.98 69.46
CA GLU A 3222 -115.59 -41.81 68.00
C GLU A 3222 -115.04 -43.05 67.30
N SER A 3223 -113.94 -43.60 67.84
CA SER A 3223 -113.33 -44.77 67.22
C SER A 3223 -114.14 -46.03 67.50
N GLY A 3224 -114.65 -46.17 68.73
CA GLY A 3224 -115.41 -47.36 69.07
C GLY A 3224 -116.74 -47.46 68.34
N ILE A 3225 -117.45 -46.34 68.24
CA ILE A 3225 -118.75 -46.29 67.57
C ILE A 3225 -118.54 -45.63 66.22
N ARG A 3226 -118.56 -46.44 65.16
CA ARG A 3226 -118.39 -45.92 63.81
C ARG A 3226 -119.00 -46.94 62.84
N TYR A 3227 -120.09 -46.56 62.18
CA TYR A 3227 -120.79 -47.41 61.23
C TYR A 3227 -121.05 -46.64 59.94
N THR A 3228 -120.00 -45.98 59.43
CA THR A 3228 -120.13 -45.19 58.21
C THR A 3228 -120.47 -46.07 57.01
N GLN A 3229 -119.84 -47.25 56.92
CA GLN A 3229 -120.12 -48.14 55.80
C GLN A 3229 -121.47 -48.81 55.94
N MET A 3230 -121.66 -49.59 57.01
CA MET A 3230 -122.92 -50.27 57.27
C MET A 3230 -122.96 -50.67 58.73
N PRO A 3231 -124.10 -50.58 59.39
CA PRO A 3231 -124.20 -51.04 60.79
C PRO A 3231 -123.91 -52.52 60.90
N TYR A 3232 -123.24 -52.90 61.99
CA TYR A 3232 -122.88 -54.28 62.27
C TYR A 3232 -123.25 -54.65 63.70
N MET A 3233 -124.48 -54.29 64.10
CA MET A 3233 -124.95 -54.50 65.45
C MET A 3233 -126.35 -55.12 65.40
N MET A 3234 -126.85 -55.50 66.58
CA MET A 3234 -128.19 -56.06 66.69
C MET A 3234 -129.28 -55.00 66.68
N GLU A 3235 -128.91 -53.72 66.75
CA GLU A 3235 -129.85 -52.60 66.75
C GLU A 3235 -130.88 -52.72 67.88
N VAL A 3236 -130.42 -53.17 69.04
CA VAL A 3236 -131.27 -53.33 70.22
C VAL A 3236 -131.04 -52.18 71.21
N VAL A 3237 -129.78 -51.90 71.53
CA VAL A 3237 -129.46 -50.81 72.46
C VAL A 3237 -128.94 -49.57 71.74
N LEU A 3238 -128.41 -49.71 70.52
CA LEU A 3238 -127.90 -48.55 69.80
C LEU A 3238 -128.97 -47.52 69.46
N PRO A 3239 -130.13 -47.88 68.89
CA PRO A 3239 -131.14 -46.84 68.62
C PRO A 3239 -131.67 -46.18 69.88
N MET A 3240 -131.88 -46.95 70.95
CA MET A 3240 -132.35 -46.35 72.20
C MET A 3240 -131.31 -45.40 72.78
N LEU A 3241 -130.03 -45.80 72.72
CA LEU A 3241 -128.97 -44.92 73.21
C LEU A 3241 -128.88 -43.65 72.37
N CYS A 3242 -129.00 -43.78 71.05
CA CYS A 3242 -128.97 -42.60 70.18
C CYS A 3242 -130.14 -41.67 70.46
N SER A 3243 -131.33 -42.23 70.67
CA SER A 3243 -132.49 -41.41 71.00
C SER A 3243 -132.31 -40.71 72.33
N TYR A 3244 -131.76 -41.41 73.33
CA TYR A 3244 -131.53 -40.80 74.64
C TYR A 3244 -130.52 -39.66 74.54
N MET A 3245 -129.42 -39.87 73.80
CA MET A 3245 -128.43 -38.81 73.64
C MET A 3245 -129.01 -37.62 72.88
N SER A 3246 -129.82 -37.88 71.85
CA SER A 3246 -130.44 -36.79 71.10
C SER A 3246 -131.40 -36.00 71.98
N ARG A 3247 -132.18 -36.69 72.82
CA ARG A 3247 -133.08 -36.00 73.73
C ARG A 3247 -132.32 -35.18 74.75
N TRP A 3248 -131.21 -35.73 75.28
CA TRP A 3248 -130.41 -34.98 76.24
C TRP A 3248 -129.79 -33.75 75.62
N TRP A 3249 -129.30 -33.87 74.37
CA TRP A 3249 -128.73 -32.71 73.70
C TRP A 3249 -129.79 -31.68 73.34
N GLU A 3250 -131.02 -32.13 73.05
CA GLU A 3250 -132.11 -31.19 72.82
C GLU A 3250 -132.47 -30.45 74.10
N HIS A 3251 -132.49 -31.16 75.23
CA HIS A 3251 -132.78 -30.51 76.51
C HIS A 3251 -131.67 -29.55 76.92
N GLY A 3252 -130.41 -29.96 76.78
CA GLY A 3252 -129.29 -29.13 77.14
C GLY A 3252 -128.73 -28.37 75.96
N PRO A 3253 -129.12 -27.09 75.81
CA PRO A 3253 -128.62 -26.32 74.67
C PRO A 3253 -127.16 -25.93 74.81
N GLU A 3254 -126.73 -25.52 75.99
CA GLU A 3254 -125.35 -25.13 76.20
C GLU A 3254 -124.47 -26.36 76.40
N ASN A 3255 -123.15 -26.11 76.43
CA ASN A 3255 -122.21 -27.21 76.59
C ASN A 3255 -122.19 -27.72 78.02
N HIS A 3256 -121.85 -26.84 78.98
CA HIS A 3256 -121.75 -27.13 80.40
C HIS A 3256 -120.80 -28.30 80.65
N PRO A 3257 -119.63 -28.32 80.00
CA PRO A 3257 -118.69 -29.43 80.22
C PRO A 3257 -117.77 -29.18 81.40
N GLU A 3258 -116.84 -30.09 81.64
CA GLU A 3258 -115.89 -29.95 82.73
C GLU A 3258 -114.65 -29.22 82.24
N ARG A 3259 -113.62 -29.15 83.08
CA ARG A 3259 -112.39 -28.45 82.72
C ARG A 3259 -111.58 -29.27 81.72
N ALA A 3260 -110.91 -28.54 80.82
CA ALA A 3260 -110.04 -29.13 79.78
C ALA A 3260 -110.80 -30.12 78.91
N GLU A 3261 -112.06 -29.82 78.63
CA GLU A 3261 -112.91 -30.65 77.78
C GLU A 3261 -113.64 -29.78 76.77
N MET A 3262 -112.89 -28.89 76.11
CA MET A 3262 -113.48 -27.99 75.12
C MET A 3262 -114.00 -28.78 73.92
N CYS A 3263 -113.17 -29.65 73.35
CA CYS A 3263 -113.54 -30.40 72.15
C CYS A 3263 -114.45 -31.57 72.52
N CYS A 3264 -115.67 -31.21 72.92
CA CYS A 3264 -116.70 -32.19 73.24
C CYS A 3264 -117.60 -32.50 72.06
N THR A 3265 -117.43 -31.81 70.93
CA THR A 3265 -118.30 -32.05 69.77
C THR A 3265 -118.01 -33.40 69.14
N ALA A 3266 -116.74 -33.78 69.03
CA ALA A 3266 -116.35 -35.04 68.41
C ALA A 3266 -116.52 -36.18 69.41
N LEU A 3267 -117.79 -36.53 69.65
CA LEU A 3267 -118.14 -37.60 70.57
C LEU A 3267 -118.90 -38.73 69.89
N ASN A 3268 -119.93 -38.42 69.11
CA ASN A 3268 -120.75 -39.41 68.44
C ASN A 3268 -120.62 -39.25 66.94
N SER A 3269 -120.33 -40.35 66.25
CA SER A 3269 -120.18 -40.36 64.79
C SER A 3269 -121.28 -41.18 64.11
N GLU A 3270 -122.35 -41.51 64.83
CA GLU A 3270 -123.47 -42.27 64.29
C GLU A 3270 -124.79 -41.61 64.67
N HIS A 3271 -124.86 -40.30 64.52
CA HIS A 3271 -126.10 -39.55 64.83
C HIS A 3271 -126.98 -39.59 63.59
N MET A 3272 -127.96 -40.50 63.60
CA MET A 3272 -128.86 -40.66 62.47
C MET A 3272 -130.17 -41.25 62.96
N ASN A 3273 -131.19 -41.17 62.12
CA ASN A 3273 -132.51 -41.70 62.47
C ASN A 3273 -132.47 -43.21 62.53
N THR A 3274 -133.09 -43.77 63.58
CA THR A 3274 -133.17 -45.22 63.80
C THR A 3274 -131.78 -45.86 63.81
N LEU A 3275 -130.81 -45.18 64.42
CA LEU A 3275 -129.45 -45.68 64.50
C LEU A 3275 -128.79 -45.26 65.81
N LYS A 3281 -138.55 -33.28 75.47
CA LYS A 3281 -139.93 -33.27 74.98
C LYS A 3281 -140.24 -34.53 74.19
N ILE A 3282 -139.28 -35.46 74.16
CA ILE A 3282 -139.46 -36.70 73.42
C ILE A 3282 -140.44 -37.60 74.16
N ILE A 3283 -141.09 -38.50 73.42
CA ILE A 3283 -142.02 -39.46 74.00
C ILE A 3283 -141.49 -40.87 73.78
N TYR A 3284 -140.16 -41.00 73.71
CA TYR A 3284 -139.55 -42.31 73.51
C TYR A 3284 -139.78 -43.22 74.70
N ASN A 3285 -139.73 -42.68 75.91
CA ASN A 3285 -139.96 -43.49 77.11
C ASN A 3285 -141.39 -44.03 77.14
N ASN A 3286 -142.38 -43.17 76.83
CA ASN A 3286 -143.77 -43.61 76.83
C ASN A 3286 -144.01 -44.64 75.74
N LEU A 3287 -143.42 -44.44 74.55
CA LEU A 3287 -143.57 -45.42 73.47
C LEU A 3287 -142.94 -46.76 73.84
N GLY A 3288 -141.77 -46.73 74.46
CA GLY A 3288 -141.13 -47.96 74.89
C GLY A 3288 -141.91 -48.68 75.98
N ILE A 3289 -142.52 -47.91 76.89
CA ILE A 3289 -143.33 -48.53 77.94
C ILE A 3289 -144.60 -49.13 77.36
N ASP A 3290 -145.21 -48.45 76.38
CA ASP A 3290 -146.43 -48.97 75.76
C ASP A 3290 -146.13 -50.22 74.92
N GLU A 3291 -145.01 -50.23 74.21
CA GLU A 3291 -144.65 -51.39 73.40
C GLU A 3291 -144.31 -52.59 74.26
N GLY A 3292 -143.64 -52.36 75.39
CA GLY A 3292 -143.25 -53.44 76.28
C GLY A 3292 -144.42 -54.02 77.05
N PHE A 3301 -143.27 -54.13 70.32
CA PHE A 3301 -142.76 -54.87 69.17
C PHE A 3301 -141.95 -53.96 68.24
N SER A 3302 -142.60 -52.94 67.71
CA SER A 3302 -141.96 -51.99 66.80
C SER A 3302 -141.68 -50.69 67.55
N GLN A 3303 -140.42 -50.27 67.54
CA GLN A 3303 -140.03 -49.03 68.20
C GLN A 3303 -140.57 -47.83 67.42
N PRO A 3304 -140.83 -46.72 68.10
CA PRO A 3304 -141.30 -45.51 67.39
C PRO A 3304 -140.29 -44.93 66.44
N ILE A 3305 -139.00 -45.26 66.59
CA ILE A 3305 -137.98 -44.75 65.67
C ILE A 3305 -138.08 -45.40 64.30
N ILE A 3306 -138.77 -46.53 64.18
CA ILE A 3306 -138.93 -47.18 62.89
C ILE A 3306 -139.82 -46.33 61.97
N ASN A 3307 -140.86 -45.72 62.53
CA ASN A 3307 -141.72 -44.86 61.75
C ASN A 3307 -141.00 -43.57 61.38
N LYS A 3308 -141.28 -43.06 60.18
CA LYS A 3308 -140.62 -41.87 59.67
C LYS A 3308 -141.24 -40.57 60.16
N VAL A 3309 -142.34 -40.65 60.93
CA VAL A 3309 -142.97 -39.43 61.42
C VAL A 3309 -142.10 -38.75 62.47
N LYS A 3310 -141.51 -39.54 63.37
CA LYS A 3310 -140.68 -38.97 64.44
C LYS A 3310 -139.43 -38.26 63.92
N PRO A 3311 -138.61 -38.83 63.03
CA PRO A 3311 -137.46 -38.05 62.52
C PRO A 3311 -137.87 -36.81 61.75
N GLN A 3312 -138.97 -36.89 60.99
CA GLN A 3312 -139.44 -35.71 60.26
C GLN A 3312 -139.88 -34.61 61.22
N LEU A 3313 -140.60 -34.97 62.29
CA LEU A 3313 -141.02 -34.00 63.29
C LEU A 3313 -139.81 -33.40 63.99
N LEU A 3314 -138.82 -34.22 64.33
CA LEU A 3314 -137.61 -33.72 64.97
C LEU A 3314 -136.86 -32.75 64.07
N LYS A 3315 -136.76 -33.08 62.77
CA LYS A 3315 -136.09 -32.19 61.83
C LYS A 3315 -136.84 -30.88 61.66
N THR A 3316 -138.17 -30.94 61.58
CA THR A 3316 -138.95 -29.70 61.45
C THR A 3316 -138.88 -28.86 62.71
N HIS A 3317 -138.74 -29.48 63.88
CA HIS A 3317 -138.60 -28.72 65.11
C HIS A 3317 -137.20 -28.13 65.25
N PHE A 3318 -136.17 -28.83 64.77
CA PHE A 3318 -134.81 -28.36 64.85
C PHE A 3318 -134.44 -27.37 63.75
N LEU A 3319 -135.25 -27.29 62.69
CA LEU A 3319 -134.95 -26.34 61.62
C LEU A 3319 -134.92 -24.88 62.08
N PRO A 3320 -135.88 -24.35 62.86
CA PRO A 3320 -135.74 -22.97 63.33
C PRO A 3320 -134.55 -22.76 64.25
N LEU A 3321 -134.17 -23.78 65.03
CA LEU A 3321 -133.07 -23.64 65.98
C LEU A 3321 -131.75 -23.34 65.25
N MET A 3322 -131.49 -24.08 64.17
CA MET A 3322 -130.29 -23.83 63.36
C MET A 3322 -130.50 -22.72 62.34
N GLU A 3323 -131.75 -22.33 62.06
CA GLU A 3323 -131.99 -21.20 61.18
C GLU A 3323 -131.70 -19.88 61.88
N LYS A 3324 -132.08 -19.76 63.15
CA LYS A 3324 -131.85 -18.54 63.92
C LYS A 3324 -130.53 -18.54 64.66
N LEU A 3325 -129.70 -19.55 64.45
CA LEU A 3325 -128.40 -19.66 65.13
C LEU A 3325 -127.43 -18.70 64.45
N LYS A 3326 -127.30 -17.49 65.01
CA LYS A 3326 -126.38 -16.49 64.47
C LYS A 3326 -125.97 -15.57 65.60
N LYS A 3327 -124.71 -15.66 66.02
CA LYS A 3327 -124.17 -14.82 67.08
C LYS A 3327 -122.80 -14.32 66.68
N LYS A 3328 -122.42 -13.16 67.25
CA LYS A 3328 -121.15 -12.52 66.94
C LYS A 3328 -120.06 -12.87 67.94
N ALA A 3329 -120.32 -13.78 68.87
CA ALA A 3329 -119.32 -14.19 69.84
C ALA A 3329 -118.26 -15.05 69.18
N ALA A 3330 -117.14 -15.22 69.88
CA ALA A 3330 -116.01 -15.98 69.37
C ALA A 3330 -115.88 -17.36 70.01
N MET A 3331 -116.22 -17.49 71.29
CA MET A 3331 -116.11 -18.76 72.00
C MET A 3331 -117.43 -19.54 71.98
N VAL A 3332 -118.47 -18.97 72.60
CA VAL A 3332 -119.72 -19.68 72.78
C VAL A 3332 -120.46 -19.83 71.45
N VAL A 3333 -120.38 -18.81 70.59
CA VAL A 3333 -121.01 -18.91 69.27
C VAL A 3333 -120.35 -20.00 68.44
N SER A 3334 -119.01 -20.09 68.49
CA SER A 3334 -118.31 -21.13 67.75
C SER A 3334 -118.64 -22.52 68.28
N GLU A 3335 -118.67 -22.68 69.61
CA GLU A 3335 -119.01 -23.99 70.16
C GLU A 3335 -120.44 -24.38 69.86
N GLU A 3336 -121.36 -23.40 69.85
CA GLU A 3336 -122.75 -23.69 69.52
C GLU A 3336 -122.90 -24.07 68.05
N ASP A 3337 -122.17 -23.39 67.16
CA ASP A 3337 -122.21 -23.75 65.75
C ASP A 3337 -121.64 -25.15 65.52
N HIS A 3338 -120.55 -25.48 66.21
CA HIS A 3338 -119.98 -26.82 66.10
C HIS A 3338 -120.95 -27.88 66.62
N LEU A 3339 -121.61 -27.60 67.74
CA LEU A 3339 -122.59 -28.55 68.29
C LEU A 3339 -123.77 -28.73 67.35
N LYS A 3340 -124.25 -27.64 66.75
CA LYS A 3340 -125.36 -27.73 65.80
C LYS A 3340 -124.96 -28.51 64.54
N ALA A 3341 -123.73 -28.31 64.07
CA ALA A 3341 -123.27 -29.05 62.90
C ALA A 3341 -123.06 -30.53 63.22
N GLU A 3342 -122.65 -30.86 64.44
CA GLU A 3342 -122.46 -32.25 64.82
C GLU A 3342 -123.79 -32.96 65.02
N ALA A 3343 -124.73 -32.31 65.71
CA ALA A 3343 -126.01 -32.95 66.01
C ALA A 3343 -126.94 -32.98 64.79
N ARG A 3344 -126.85 -31.98 63.91
CA ARG A 3344 -127.73 -31.91 62.75
C ARG A 3344 -126.92 -31.92 61.46
N GLY A 3345 -125.97 -32.84 61.35
CA GLY A 3345 -125.11 -32.91 60.20
C GLY A 3345 -125.81 -33.48 58.97
N ASP A 3346 -125.06 -33.51 57.88
CA ASP A 3346 -125.57 -34.02 56.61
C ASP A 3346 -125.55 -35.53 56.52
N MET A 3347 -124.99 -36.22 57.52
CA MET A 3347 -124.91 -37.68 57.49
C MET A 3347 -126.28 -38.28 57.76
N SER A 3348 -127.07 -38.47 56.70
CA SER A 3348 -128.40 -39.07 56.78
C SER A 3348 -128.49 -40.11 55.68
N GLU A 3349 -128.07 -41.34 56.00
CA GLU A 3349 -128.09 -42.43 55.02
C GLU A 3349 -129.47 -43.04 54.83
N ALA A 3350 -130.46 -42.63 55.61
CA ALA A 3350 -131.82 -43.17 55.51
C ALA A 3350 -132.57 -42.40 54.43
N GLU A 3351 -132.38 -42.84 53.19
CA GLU A 3351 -133.08 -42.30 52.01
C GLU A 3351 -132.84 -40.80 51.85
N LEU A 3352 -131.57 -40.46 51.64
CA LEU A 3352 -131.20 -39.05 51.43
C LEU A 3352 -131.76 -38.54 50.10
N LEU A 3353 -131.72 -39.37 49.06
CA LEU A 3353 -132.17 -38.92 47.75
C LEU A 3353 -133.69 -38.83 47.64
N ILE A 3354 -134.42 -39.55 48.49
CA ILE A 3354 -135.88 -39.50 48.44
C ILE A 3354 -136.38 -38.13 48.89
N LEU A 3355 -135.85 -37.62 49.99
CA LEU A 3355 -136.23 -36.29 50.49
C LEU A 3355 -135.38 -35.25 49.76
N ASP A 3356 -135.78 -34.96 48.53
CA ASP A 3356 -135.05 -33.99 47.72
C ASP A 3356 -135.16 -32.58 48.29
N GLU A 3357 -136.36 -32.19 48.74
CA GLU A 3357 -136.54 -30.86 49.32
C GLU A 3357 -135.75 -30.71 50.61
N PHE A 3358 -135.74 -31.74 51.46
CA PHE A 3358 -134.96 -31.69 52.69
C PHE A 3358 -133.47 -31.61 52.39
N THR A 3359 -133.01 -32.36 51.39
CA THR A 3359 -131.59 -32.32 51.01
C THR A 3359 -131.21 -30.95 50.48
N THR A 3360 -132.07 -30.34 49.65
CA THR A 3360 -131.78 -29.00 49.14
C THR A 3360 -131.76 -27.97 50.25
N LEU A 3361 -132.71 -28.05 51.19
CA LEU A 3361 -132.72 -27.13 52.32
C LEU A 3361 -131.47 -27.30 53.18
N ALA A 3362 -131.06 -28.54 53.43
CA ALA A 3362 -129.85 -28.78 54.22
C ALA A 3362 -128.62 -28.25 53.51
N ARG A 3363 -128.52 -28.45 52.20
CA ARG A 3363 -127.38 -27.93 51.45
C ARG A 3363 -127.35 -26.41 51.46
N ASP A 3364 -128.51 -25.78 51.29
CA ASP A 3364 -128.58 -24.32 51.33
C ASP A 3364 -128.18 -23.78 52.69
N LEU A 3365 -128.63 -24.44 53.77
CA LEU A 3365 -128.26 -23.99 55.11
C LEU A 3365 -126.77 -24.19 55.37
N TYR A 3366 -126.21 -25.33 54.95
CA TYR A 3366 -124.79 -25.60 55.14
C TYR A 3366 -123.92 -24.73 54.23
N ALA A 3367 -124.50 -24.13 53.19
CA ALA A 3367 -123.76 -23.16 52.39
C ALA A 3367 -123.87 -21.75 52.94
N PHE A 3368 -125.03 -21.40 53.54
CA PHE A 3368 -125.22 -20.06 54.06
C PHE A 3368 -124.58 -19.87 55.43
N TYR A 3369 -124.42 -20.94 56.20
CA TYR A 3369 -123.82 -20.81 57.53
C TYR A 3369 -122.38 -20.32 57.50
N PRO A 3370 -121.47 -20.86 56.67
CA PRO A 3370 -120.10 -20.30 56.64
C PRO A 3370 -120.06 -18.87 56.16
N LEU A 3371 -121.00 -18.44 55.32
CA LEU A 3371 -121.05 -17.05 54.90
C LEU A 3371 -121.33 -16.13 56.08
N LEU A 3372 -122.30 -16.51 56.93
CA LEU A 3372 -122.59 -15.72 58.12
C LEU A 3372 -121.46 -15.82 59.13
N ILE A 3373 -120.75 -16.94 59.19
CA ILE A 3373 -119.61 -17.06 60.10
C ILE A 3373 -118.47 -16.14 59.67
N ARG A 3374 -118.16 -16.13 58.38
CA ARG A 3374 -117.06 -15.33 57.85
C ARG A 3374 -117.46 -13.90 57.51
N PHE A 3375 -118.72 -13.52 57.73
CA PHE A 3375 -119.12 -12.13 57.54
C PHE A 3375 -118.38 -11.21 58.49
N VAL A 3376 -118.15 -11.65 59.72
CA VAL A 3376 -117.38 -10.89 60.70
C VAL A 3376 -115.91 -10.97 60.33
N ASP A 3377 -115.08 -10.14 60.98
CA ASP A 3377 -113.66 -10.12 60.69
C ASP A 3377 -113.00 -11.45 61.05
N TYR A 3378 -113.22 -11.94 62.27
CA TYR A 3378 -112.72 -13.22 62.75
C TYR A 3378 -111.19 -13.29 62.64
N ASN A 3379 -110.54 -12.44 63.43
CA ASN A 3379 -109.08 -12.38 63.42
C ASN A 3379 -108.48 -13.69 63.88
N ARG A 3380 -109.05 -14.30 64.92
CA ARG A 3380 -108.59 -15.60 65.40
C ARG A 3380 -109.33 -16.70 64.66
N ALA A 3381 -108.60 -17.50 63.89
CA ALA A 3381 -109.18 -18.58 63.09
C ALA A 3381 -108.96 -19.95 63.71
N LYS A 3382 -108.55 -20.02 64.97
CA LYS A 3382 -108.25 -21.28 65.63
C LYS A 3382 -109.45 -21.87 66.36
N TRP A 3383 -110.62 -21.24 66.28
CA TRP A 3383 -111.78 -21.75 66.99
C TRP A 3383 -112.36 -22.99 66.30
N LEU A 3384 -112.36 -22.99 64.96
CA LEU A 3384 -112.83 -24.13 64.18
C LEU A 3384 -111.60 -24.94 63.78
N LYS A 3385 -111.41 -26.08 64.46
CA LYS A 3385 -110.26 -26.94 64.16
C LYS A 3385 -110.37 -27.56 62.77
N GLU A 3386 -111.56 -28.03 62.40
CA GLU A 3386 -111.77 -28.65 61.10
C GLU A 3386 -113.23 -28.53 60.71
N PRO A 3387 -113.61 -27.46 60.02
CA PRO A 3387 -115.01 -27.31 59.58
C PRO A 3387 -115.37 -28.34 58.54
N ASN A 3388 -116.64 -28.73 58.55
CA ASN A 3388 -117.13 -29.72 57.60
C ASN A 3388 -117.24 -29.11 56.22
N PRO A 3389 -116.62 -29.72 55.18
CA PRO A 3389 -116.69 -29.24 53.80
C PRO A 3389 -118.12 -29.14 53.27
N TYR A 3404 -125.89 -23.39 43.96
CA TYR A 3404 -126.72 -22.75 42.95
C TYR A 3404 -126.18 -21.36 42.62
N TRP A 3405 -127.06 -20.51 42.07
CA TRP A 3405 -126.65 -19.16 41.69
C TRP A 3405 -126.40 -18.30 42.92
N SER A 3406 -127.28 -18.39 43.92
CA SER A 3406 -127.14 -17.56 45.12
C SER A 3406 -125.88 -17.92 45.91
N LYS A 3407 -125.62 -19.21 46.09
CA LYS A 3407 -124.44 -19.63 46.83
C LYS A 3407 -123.16 -19.25 46.09
N SER A 3408 -123.15 -19.40 44.77
CA SER A 3408 -121.98 -19.02 43.98
C SER A 3408 -121.75 -17.52 44.05
N HIS A 3409 -122.82 -16.72 43.97
CA HIS A 3409 -122.69 -15.28 44.07
C HIS A 3409 -122.19 -14.86 45.45
N ASN A 3410 -122.69 -15.51 46.51
CA ASN A 3410 -122.21 -15.20 47.86
C ASN A 3410 -120.74 -15.55 48.02
N PHE A 3411 -120.33 -16.70 47.49
CA PHE A 3411 -118.93 -17.09 47.57
C PHE A 3411 -118.04 -16.12 46.79
N LYS A 3412 -118.50 -15.70 45.61
CA LYS A 3412 -117.72 -14.75 44.81
C LYS A 3412 -117.61 -13.40 45.52
N ARG A 3413 -118.70 -12.94 46.13
CA ARG A 3413 -118.66 -11.67 46.86
C ARG A 3413 -117.72 -11.76 48.07
N GLU A 3414 -117.78 -12.87 48.80
CA GLU A 3414 -116.88 -13.05 49.94
C GLU A 3414 -115.42 -13.11 49.49
N GLU A 3415 -115.15 -13.80 48.38
CA GLU A 3415 -113.79 -13.87 47.87
C GLU A 3415 -113.29 -12.51 47.41
N GLN A 3416 -114.16 -11.72 46.77
CA GLN A 3416 -113.77 -10.37 46.35
C GLN A 3416 -113.50 -9.48 47.56
N ASN A 3417 -114.34 -9.57 48.60
CA ASN A 3417 -114.12 -8.78 49.81
C ASN A 3417 -112.81 -9.17 50.49
N PHE A 3418 -112.53 -10.47 50.57
CA PHE A 3418 -111.28 -10.91 51.19
C PHE A 3418 -110.07 -10.50 50.34
N VAL A 3419 -110.20 -10.52 49.02
CA VAL A 3419 -109.11 -10.09 48.15
C VAL A 3419 -108.85 -8.59 48.33
N VAL A 3420 -109.92 -7.80 48.45
CA VAL A 3420 -109.77 -6.37 48.70
C VAL A 3420 -109.09 -6.13 50.05
N GLN A 3421 -109.50 -6.88 51.08
CA GLN A 3421 -108.88 -6.74 52.40
C GLN A 3421 -107.40 -7.13 52.35
N ASN A 3422 -107.07 -8.21 51.64
CA ASN A 3422 -105.68 -8.64 51.54
C ASN A 3422 -104.85 -7.63 50.76
N GLU A 3423 -105.41 -7.04 49.71
CA GLU A 3423 -104.69 -5.99 48.98
C GLU A 3423 -104.46 -4.77 49.85
N ILE A 3424 -105.46 -4.38 50.65
CA ILE A 3424 -105.31 -3.26 51.56
C ILE A 3424 -104.22 -3.55 52.59
N ASN A 3425 -104.20 -4.77 53.12
CA ASN A 3425 -103.16 -5.16 54.08
C ASN A 3425 -101.78 -5.14 53.42
N ASN A 3426 -101.70 -5.58 52.16
CA ASN A 3426 -100.41 -5.57 51.46
C ASN A 3426 -99.91 -4.15 51.25
N MET A 3427 -100.79 -3.24 50.84
CA MET A 3427 -100.36 -1.84 50.67
C MET A 3427 -100.06 -1.18 52.02
N SER A 3428 -100.70 -1.64 53.09
CA SER A 3428 -100.39 -1.09 54.42
C SER A 3428 -99.04 -1.58 54.92
N PHE A 3429 -98.70 -2.84 54.63
CA PHE A 3429 -97.44 -3.42 55.07
C PHE A 3429 -96.30 -3.17 54.10
N LEU A 3430 -96.57 -2.60 52.93
CA LEU A 3430 -95.50 -2.26 52.00
C LEU A 3430 -94.58 -1.19 52.59
N ILE A 3431 -95.16 -0.18 53.23
CA ILE A 3431 -94.38 0.87 53.88
C ILE A 3431 -94.79 0.92 55.36
N THR A 3432 -94.18 1.84 56.11
CA THR A 3432 -94.46 2.02 57.54
C THR A 3432 -94.21 0.72 58.31
N ASP A 3433 -92.94 0.34 58.35
CA ASP A 3433 -92.52 -0.92 58.94
C ASP A 3433 -92.97 -1.03 60.40
N THR A 3434 -93.52 -2.19 60.75
CA THR A 3434 -94.06 -2.45 62.07
C THR A 3434 -92.96 -2.85 63.05
N LYS A 3435 -93.37 -3.44 64.18
CA LYS A 3435 -92.45 -3.82 65.24
C LYS A 3435 -91.66 -5.07 64.88
N SER A 3436 -91.04 -5.70 65.87
CA SER A 3436 -90.15 -6.85 65.67
C SER A 3436 -90.88 -7.99 64.97
N LYS A 3437 -90.08 -8.97 64.53
CA LYS A 3437 -90.56 -10.04 63.66
C LYS A 3437 -91.56 -10.97 64.32
N MET A 3438 -91.71 -10.92 65.64
CA MET A 3438 -92.67 -11.80 66.32
C MET A 3438 -94.10 -11.43 65.94
N SER A 3439 -94.45 -10.15 66.01
CA SER A 3439 -95.79 -9.72 65.66
C SER A 3439 -96.08 -9.94 64.18
N LYS A 3440 -95.09 -9.66 63.32
CA LYS A 3440 -95.27 -9.90 61.88
C LYS A 3440 -95.46 -11.38 61.60
N ALA A 3441 -94.70 -12.24 62.27
CA ALA A 3441 -94.85 -13.68 62.09
C ALA A 3441 -96.22 -14.15 62.56
N ALA A 3442 -96.71 -13.62 63.68
CA ALA A 3442 -98.04 -13.99 64.17
C ALA A 3442 -99.12 -13.54 63.20
N ILE A 3443 -99.00 -12.32 62.66
CA ILE A 3443 -99.98 -11.82 61.69
C ILE A 3443 -99.96 -12.67 60.42
N SER A 3444 -98.76 -13.02 59.94
CA SER A 3444 -98.64 -13.85 58.74
C SER A 3444 -99.20 -15.24 58.98
N ASP A 3445 -98.97 -15.81 60.17
CA ASP A 3445 -99.52 -17.13 60.49
C ASP A 3445 -101.04 -17.10 60.55
N GLN A 3446 -101.62 -16.05 61.15
CA GLN A 3446 -103.06 -15.92 61.18
C GLN A 3446 -103.64 -15.75 59.77
N GLU A 3447 -102.97 -14.96 58.94
CA GLU A 3447 -103.42 -14.78 57.56
C GLU A 3447 -103.33 -16.08 56.77
N ARG A 3448 -102.27 -16.85 56.99
CA ARG A 3448 -102.12 -18.14 56.31
C ARG A 3448 -103.18 -19.13 56.78
N LYS A 3449 -103.51 -19.12 58.07
CA LYS A 3449 -104.56 -19.99 58.57
C LYS A 3449 -105.92 -19.62 57.97
N LYS A 3450 -106.21 -18.32 57.89
CA LYS A 3450 -107.45 -17.88 57.26
C LYS A 3450 -107.49 -18.25 55.77
N MET A 3451 -106.35 -18.11 55.09
CA MET A 3451 -106.27 -18.47 53.68
C MET A 3451 -106.50 -19.97 53.48
N LYS A 3452 -105.94 -20.79 54.36
CA LYS A 3452 -106.14 -22.23 54.26
C LYS A 3452 -107.60 -22.60 54.55
N ARG A 3453 -108.21 -21.94 55.55
CA ARG A 3453 -109.60 -22.21 55.86
C ARG A 3453 -110.51 -21.84 54.69
N LYS A 3454 -110.21 -20.72 54.01
CA LYS A 3454 -110.98 -20.35 52.83
C LYS A 3454 -110.72 -21.32 51.68
N GLY A 3455 -109.45 -21.72 51.49
CA GLY A 3455 -109.09 -22.59 50.39
C GLY A 3455 -109.63 -23.99 50.51
N ASP A 3456 -109.89 -24.45 51.73
CA ASP A 3456 -110.56 -25.74 51.90
C ASP A 3456 -111.93 -25.75 51.22
N ARG A 3457 -112.76 -24.76 51.54
CA ARG A 3457 -114.07 -24.65 50.90
C ARG A 3457 -113.93 -24.29 49.42
N TYR A 3458 -112.90 -23.54 49.05
CA TYR A 3458 -112.66 -23.21 47.65
C TYR A 3458 -112.41 -24.48 46.84
N SER A 3459 -111.54 -25.36 47.34
CA SER A 3459 -111.28 -26.62 46.66
C SER A 3459 -112.48 -27.55 46.70
N MET A 3460 -113.28 -27.48 47.77
CA MET A 3460 -114.49 -28.28 47.84
C MET A 3460 -115.51 -27.86 46.77
N GLN A 3461 -115.64 -26.56 46.54
CA GLN A 3461 -116.62 -26.05 45.58
C GLN A 3461 -116.04 -25.82 44.19
N THR A 3462 -114.74 -26.09 43.99
CA THR A 3462 -114.14 -25.89 42.67
C THR A 3462 -114.76 -26.81 41.63
N SER A 3463 -115.04 -28.06 41.98
CA SER A 3463 -115.67 -28.99 41.04
C SER A 3463 -117.06 -28.50 40.64
N LEU A 3464 -117.85 -28.05 41.61
CA LEU A 3464 -119.18 -27.53 41.31
C LEU A 3464 -119.10 -26.28 40.44
N ILE A 3465 -118.15 -25.39 40.73
CA ILE A 3465 -117.99 -24.17 39.94
C ILE A 3465 -117.62 -24.50 38.51
N VAL A 3466 -116.69 -25.45 38.33
CA VAL A 3466 -116.26 -25.85 36.99
C VAL A 3466 -117.43 -26.50 36.23
N ALA A 3467 -118.20 -27.35 36.92
CA ALA A 3467 -119.34 -27.99 36.28
C ALA A 3467 -120.39 -26.97 35.85
N ALA A 3468 -120.62 -25.95 36.69
CA ALA A 3468 -121.59 -24.91 36.33
C ALA A 3468 -121.08 -24.05 35.18
N LEU A 3469 -119.78 -23.72 35.17
CA LEU A 3469 -119.21 -22.83 34.17
C LEU A 3469 -118.91 -23.51 32.84
N LYS A 3470 -118.89 -24.86 32.82
CA LYS A 3470 -118.55 -25.55 31.57
C LYS A 3470 -119.61 -25.33 30.49
N ARG A 3471 -120.89 -25.31 30.87
CA ARG A 3471 -121.95 -25.31 29.86
C ARG A 3471 -122.21 -23.91 29.31
N LEU A 3472 -122.71 -23.00 30.15
CA LEU A 3472 -123.13 -21.69 29.66
C LEU A 3472 -122.87 -20.55 30.63
N LEU A 3473 -122.18 -20.78 31.75
CA LEU A 3473 -122.03 -19.76 32.77
C LEU A 3473 -120.72 -19.02 32.58
N PRO A 3474 -120.72 -17.79 32.09
CA PRO A 3474 -119.48 -17.01 32.03
C PRO A 3474 -119.36 -16.05 33.21
N ILE A 3475 -120.44 -15.91 33.98
CA ILE A 3475 -120.43 -15.01 35.12
C ILE A 3475 -119.49 -15.53 36.20
N GLY A 3476 -119.42 -16.85 36.37
CA GLY A 3476 -118.47 -17.41 37.32
C GLY A 3476 -117.03 -17.12 36.92
N LEU A 3477 -116.73 -17.19 35.63
CA LEU A 3477 -115.39 -16.86 35.15
C LEU A 3477 -115.10 -15.38 35.35
N ASN A 3478 -116.08 -14.52 35.05
CA ASN A 3478 -115.90 -13.08 35.25
C ASN A 3478 -115.73 -12.71 36.71
N ILE A 3479 -116.28 -13.50 37.62
CA ILE A 3479 -116.10 -13.25 39.05
C ILE A 3479 -114.79 -13.86 39.58
N CYS A 3480 -114.36 -14.99 39.02
CA CYS A 3480 -113.15 -15.64 39.48
C CYS A 3480 -111.88 -15.03 38.90
N ALA A 3481 -111.99 -14.32 37.77
CA ALA A 3481 -110.81 -13.67 37.20
C ALA A 3481 -110.17 -12.64 38.12
N PRO A 3482 -110.90 -11.72 38.76
CA PRO A 3482 -110.24 -10.86 39.76
C PRO A 3482 -109.63 -11.62 40.92
N GLY A 3483 -110.27 -12.72 41.35
CA GLY A 3483 -109.68 -13.52 42.42
C GLY A 3483 -108.36 -14.15 42.02
N ASP A 3484 -108.30 -14.72 40.82
CA ASP A 3484 -107.05 -15.29 40.33
C ASP A 3484 -105.99 -14.21 40.13
N GLN A 3485 -106.40 -13.02 39.65
CA GLN A 3485 -105.46 -11.92 39.49
C GLN A 3485 -104.89 -11.49 40.84
N GLU A 3486 -105.74 -11.38 41.86
CA GLU A 3486 -105.27 -11.01 43.19
C GLU A 3486 -104.37 -12.07 43.78
N LEU A 3487 -104.69 -13.35 43.56
CA LEU A 3487 -103.85 -14.44 44.06
C LEU A 3487 -102.49 -14.45 43.37
N ILE A 3488 -102.45 -14.14 42.08
CA ILE A 3488 -101.19 -14.08 41.36
C ILE A 3488 -100.37 -12.87 41.82
N ALA A 3489 -101.04 -11.73 42.05
CA ALA A 3489 -100.33 -10.53 42.48
C ALA A 3489 -99.78 -10.68 43.90
N LEU A 3490 -100.52 -11.37 44.77
CA LEU A 3490 -100.06 -11.55 46.14
C LEU A 3490 -98.82 -12.44 46.20
N ALA A 3491 -98.75 -13.46 45.35
CA ALA A 3491 -97.64 -14.38 45.31
C ALA A 3491 -96.54 -13.94 44.34
N LYS A 3492 -96.69 -12.77 43.71
CA LYS A 3492 -95.66 -12.31 42.78
C LYS A 3492 -94.36 -11.98 43.50
N ASN A 3493 -94.45 -11.34 44.67
CA ASN A 3493 -93.26 -10.97 45.44
C ASN A 3493 -93.64 -10.97 46.92
N ARG A 3494 -93.35 -12.08 47.59
CA ARG A 3494 -93.66 -12.21 49.02
C ARG A 3494 -92.54 -13.01 49.69
N PHE A 3495 -92.08 -12.52 50.84
CA PHE A 3495 -91.03 -13.19 51.60
C PHE A 3495 -91.46 -13.57 53.01
N SER A 3496 -92.16 -12.66 53.72
CA SER A 3496 -92.61 -12.96 55.07
C SER A 3496 -93.61 -14.10 55.08
N LEU A 3497 -94.58 -14.06 54.17
CA LEU A 3497 -95.52 -15.16 54.04
C LEU A 3497 -94.80 -16.45 53.64
N LYS A 3498 -93.79 -16.33 52.79
CA LYS A 3498 -93.03 -17.50 52.35
C LYS A 3498 -92.32 -18.17 53.51
N ASP A 3499 -91.69 -17.38 54.39
CA ASP A 3499 -90.99 -17.99 55.51
C ASP A 3499 -91.94 -18.45 56.62
N THR A 3500 -93.09 -17.79 56.78
CA THR A 3500 -94.04 -18.23 57.79
C THR A 3500 -94.87 -19.44 57.34
N GLU A 3501 -94.94 -19.71 56.03
CA GLU A 3501 -95.67 -20.88 55.57
C GLU A 3501 -95.04 -22.17 56.07
N GLU A 3502 -93.70 -22.19 56.18
CA GLU A 3502 -93.02 -23.38 56.66
C GLU A 3502 -93.41 -23.70 58.10
N GLU A 3503 -93.39 -22.70 58.98
CA GLU A 3503 -93.75 -22.94 60.37
C GLU A 3503 -95.26 -23.17 60.52
N VAL A 3504 -96.07 -22.58 59.64
CA VAL A 3504 -97.51 -22.86 59.66
C VAL A 3504 -97.77 -24.32 59.33
N ARG A 3505 -97.10 -24.84 58.30
CA ARG A 3505 -97.24 -26.24 57.95
C ARG A 3505 -96.65 -27.15 59.01
N ASP A 3506 -95.57 -26.73 59.67
CA ASP A 3506 -94.97 -27.54 60.73
C ASP A 3506 -95.90 -27.62 61.95
N ILE A 3507 -96.57 -26.52 62.29
CA ILE A 3507 -97.47 -26.52 63.43
C ILE A 3507 -98.67 -27.42 63.17
N ILE A 3508 -99.29 -27.29 62.00
CA ILE A 3508 -100.45 -28.09 61.65
C ILE A 3508 -99.98 -29.41 61.04
N ARG A 3509 -99.86 -30.44 61.90
CA ARG A 3509 -99.42 -31.75 61.42
C ARG A 3509 -100.51 -32.47 60.62
N SER A 3510 -101.77 -32.11 60.82
CA SER A 3510 -102.87 -32.75 60.10
C SER A 3510 -102.88 -32.31 58.65
N ASN A 3511 -103.21 -33.24 57.76
CA ASN A 3511 -103.31 -32.97 56.34
C ASN A 3511 -104.59 -33.59 55.79
N ILE A 3512 -105.24 -32.88 54.87
CA ILE A 3512 -106.50 -33.35 54.29
C ILE A 3512 -106.22 -34.03 52.96
N HIS A 3513 -105.56 -33.31 52.05
CA HIS A 3513 -105.21 -33.80 50.71
C HIS A 3513 -106.46 -34.27 49.96
N LEU A 3514 -107.42 -33.36 49.85
CA LEU A 3514 -108.68 -33.64 49.16
C LEU A 3514 -108.60 -33.38 47.66
N GLN A 3515 -107.47 -32.89 47.16
CA GLN A 3515 -107.33 -32.64 45.72
C GLN A 3515 -107.32 -33.95 44.94
N GLY A 3516 -106.66 -34.98 45.46
CA GLY A 3516 -106.61 -36.26 44.78
C GLY A 3516 -107.90 -37.05 44.86
N LYS A 3517 -108.78 -36.73 45.81
CA LYS A 3517 -110.05 -37.45 45.93
C LYS A 3517 -110.96 -37.16 44.75
N LEU A 3518 -110.96 -35.91 44.26
CA LEU A 3518 -111.80 -35.48 43.14
C LEU A 3518 -113.28 -35.74 43.41
N GLU A 3519 -113.70 -35.47 44.64
CA GLU A 3519 -115.09 -35.67 45.03
C GLU A 3519 -115.52 -34.66 46.10
N LEU A 3551 -100.49 -29.29 57.42
CA LEU A 3551 -100.92 -28.45 56.32
C LEU A 3551 -102.15 -29.03 55.63
N GLY A 3552 -103.31 -28.42 55.89
CA GLY A 3552 -104.53 -28.90 55.26
C GLY A 3552 -104.55 -28.65 53.75
N ILE A 3553 -104.03 -27.50 53.32
CA ILE A 3553 -103.98 -27.16 51.90
C ILE A 3553 -102.74 -26.31 51.67
N ALA A 3554 -102.22 -26.37 50.45
CA ALA A 3554 -101.02 -25.64 50.06
C ALA A 3554 -101.40 -24.48 49.14
N ASN A 3555 -100.38 -23.69 48.77
CA ASN A 3555 -100.61 -22.54 47.90
C ASN A 3555 -100.92 -22.99 46.47
N VAL A 3556 -100.16 -23.95 45.95
CA VAL A 3556 -100.33 -24.46 44.59
C VAL A 3556 -100.70 -25.93 44.69
N LEU A 3557 -101.87 -26.28 44.15
CA LEU A 3557 -102.36 -27.65 44.17
C LEU A 3557 -103.19 -27.87 42.91
N PHE A 3558 -104.01 -28.93 42.92
CA PHE A 3558 -104.85 -29.23 41.76
C PHE A 3558 -105.91 -28.16 41.54
N HIS A 3559 -106.43 -27.55 42.62
CA HIS A 3559 -107.42 -26.50 42.47
C HIS A 3559 -106.84 -25.28 41.78
N LEU A 3560 -105.59 -24.93 42.09
CA LEU A 3560 -104.94 -23.81 41.42
C LEU A 3560 -104.74 -24.08 39.94
N GLU A 3561 -104.36 -25.31 39.59
CA GLU A 3561 -104.21 -25.68 38.18
C GLU A 3561 -105.55 -25.63 37.45
N GLN A 3562 -106.62 -26.10 38.12
CA GLN A 3562 -107.95 -26.03 37.51
C GLN A 3562 -108.39 -24.58 37.30
N LYS A 3563 -108.09 -23.71 38.28
CA LYS A 3563 -108.46 -22.30 38.14
C LYS A 3563 -107.66 -21.63 37.02
N SER A 3564 -106.38 -21.94 36.90
CA SER A 3564 -105.53 -21.33 35.88
C SER A 3564 -105.75 -21.95 34.50
N LYS A 3565 -106.38 -23.12 34.41
CA LYS A 3565 -106.61 -23.74 33.12
C LYS A 3565 -107.64 -22.95 32.30
N TYR A 3566 -108.67 -22.44 32.96
CA TYR A 3566 -109.75 -21.67 32.33
C TYR A 3566 -110.41 -22.43 31.18
N PRO A 3611 -55.53 -19.96 88.23
CA PRO A 3611 -54.35 -19.19 88.60
C PRO A 3611 -53.05 -19.95 88.36
N ARG A 3612 -53.16 -21.28 88.30
CA ARG A 3612 -51.97 -22.11 88.04
C ARG A 3612 -51.40 -21.84 86.65
N HIS A 3613 -52.27 -21.73 85.66
CA HIS A 3613 -51.84 -21.45 84.28
C HIS A 3613 -51.89 -19.94 84.01
N ARG A 3614 -51.16 -19.20 84.84
CA ARG A 3614 -51.09 -17.74 84.72
C ARG A 3614 -50.17 -17.39 83.56
N ALA A 3615 -50.75 -17.38 82.36
CA ALA A 3615 -50.02 -17.02 81.15
C ALA A 3615 -49.90 -15.51 80.97
N VAL A 3616 -50.37 -14.72 81.93
CA VAL A 3616 -50.24 -13.27 81.87
C VAL A 3616 -48.77 -12.86 81.94
N ASN A 3617 -47.95 -13.60 82.69
CA ASN A 3617 -46.53 -13.28 82.78
C ASN A 3617 -45.83 -13.40 81.43
N LEU A 3618 -46.32 -14.25 80.53
CA LEU A 3618 -45.79 -14.33 79.17
C LEU A 3618 -46.54 -13.43 78.20
N PHE A 3619 -47.81 -13.12 78.47
CA PHE A 3619 -48.54 -12.22 77.59
C PHE A 3619 -48.03 -10.78 77.73
N LEU A 3620 -47.63 -10.39 78.94
CA LEU A 3620 -47.06 -9.07 79.16
C LEU A 3620 -45.73 -8.88 78.44
N GLN A 3621 -45.06 -9.98 78.07
CA GLN A 3621 -43.82 -9.85 77.32
C GLN A 3621 -44.06 -9.21 75.96
N GLY A 3622 -45.17 -9.55 75.30
CA GLY A 3622 -45.47 -8.93 74.02
C GLY A 3622 -45.74 -7.45 74.14
N TYR A 3623 -46.38 -7.03 75.24
CA TYR A 3623 -46.65 -5.63 75.48
C TYR A 3623 -45.40 -4.85 75.92
N GLU A 3624 -44.45 -5.54 76.55
CA GLU A 3624 -43.27 -4.88 77.09
C GLU A 3624 -42.05 -4.92 76.17
N LYS A 3625 -42.04 -5.80 75.17
CA LYS A 3625 -40.84 -5.99 74.37
C LYS A 3625 -40.57 -4.79 73.46
N SER A 3626 -41.61 -4.23 72.85
CA SER A 3626 -41.40 -3.18 71.86
C SER A 3626 -42.20 -1.92 72.16
N TRP A 3627 -43.42 -2.09 72.72
CA TRP A 3627 -44.27 -0.93 72.97
C TRP A 3627 -43.67 0.00 74.02
N ILE A 3628 -43.09 -0.56 75.08
CA ILE A 3628 -42.44 0.25 76.10
C ILE A 3628 -40.96 0.50 75.78
N GLU A 3629 -40.37 -0.30 74.89
CA GLU A 3629 -38.97 -0.12 74.52
C GLU A 3629 -38.75 1.17 73.74
N THR A 3630 -39.81 1.80 73.23
CA THR A 3630 -39.66 3.02 72.45
C THR A 3630 -39.12 4.17 73.30
N GLU A 3631 -39.49 4.22 74.58
CA GLU A 3631 -38.99 5.27 75.46
C GLU A 3631 -37.48 5.15 75.64
N GLU A 3632 -36.99 3.93 75.87
CA GLU A 3632 -35.56 3.73 76.01
C GLU A 3632 -34.82 3.91 74.69
N HIS A 3633 -35.47 3.56 73.57
CA HIS A 3633 -34.87 3.80 72.27
C HIS A 3633 -34.70 5.29 72.00
N TYR A 3634 -35.71 6.09 72.37
CA TYR A 3634 -35.57 7.55 72.30
C TYR A 3634 -34.51 8.04 73.29
N PHE A 3635 -34.37 7.37 74.42
CA PHE A 3635 -33.31 7.68 75.37
C PHE A 3635 -32.00 7.06 74.89
N GLU A 3636 -30.96 7.13 75.73
CA GLU A 3636 -29.59 6.69 75.47
C GLU A 3636 -29.15 6.94 74.03
N ASP A 3637 -28.52 5.94 73.41
CA ASP A 3637 -28.07 6.02 72.02
C ASP A 3637 -27.12 7.19 71.81
N LYS A 3638 -27.66 8.32 71.34
CA LYS A 3638 -26.83 9.50 71.13
C LYS A 3638 -26.29 10.03 72.45
N LEU A 3639 -27.08 9.97 73.52
CA LEU A 3639 -26.65 10.49 74.82
C LEU A 3639 -25.43 9.74 75.33
N ILE A 3640 -25.52 8.41 75.41
CA ILE A 3640 -24.38 7.61 75.87
C ILE A 3640 -23.25 7.66 74.86
N GLU A 3641 -23.57 7.77 73.57
CA GLU A 3641 -22.55 7.82 72.54
C GLU A 3641 -21.67 9.06 72.67
N ASP A 3642 -22.28 10.21 72.99
CA ASP A 3642 -21.52 11.42 73.20
C ASP A 3642 -20.95 11.53 74.61
N LEU A 3643 -21.58 10.88 75.59
CA LEU A 3643 -21.07 10.93 76.95
C LEU A 3643 -19.80 10.10 77.10
N ALA A 3644 -19.77 8.92 76.51
CA ALA A 3644 -18.61 8.05 76.64
C ALA A 3644 -17.45 8.46 75.73
N LYS A 3645 -17.64 9.47 74.88
CA LYS A 3645 -16.58 10.04 74.05
C LYS A 3645 -16.53 11.55 74.25
N PRO A 3646 -16.06 12.02 75.41
CA PRO A 3646 -15.92 13.47 75.63
C PRO A 3646 -14.56 13.99 75.19
N GLY A 3647 -14.26 13.82 73.90
CA GLY A 3647 -12.98 14.27 73.37
C GLY A 3647 -11.84 13.39 73.88
N ALA A 3648 -10.79 14.03 74.39
CA ALA A 3648 -9.62 13.32 74.91
C ALA A 3648 -9.72 13.05 76.41
N GLU A 3649 -10.93 12.91 76.93
CA GLU A 3649 -11.21 12.63 78.35
C GLU A 3649 -10.61 13.78 79.18
N LEU A 3650 -10.24 13.49 80.44
CA LEU A 3650 -9.58 14.45 81.32
C LEU A 3650 -8.33 13.78 81.88
N PRO A 3651 -7.27 13.67 81.08
CA PRO A 3651 -6.07 12.94 81.54
C PRO A 3651 -5.25 13.71 82.56
N GLU A 3652 -5.21 15.04 82.41
CA GLU A 3652 -4.41 15.91 83.28
C GLU A 3652 -2.95 15.49 83.31
N GLU A 3653 -2.42 15.12 82.14
CA GLU A 3653 -1.03 14.68 82.04
C GLU A 3653 -0.09 15.87 81.88
N ALA A 3656 0.74 11.43 74.12
CA ALA A 3656 0.51 11.91 72.77
C ALA A 3656 -0.93 11.64 72.32
N MET A 3657 -1.38 10.41 72.52
CA MET A 3657 -2.73 10.00 72.16
C MET A 3657 -3.75 10.29 73.24
N LYS A 3658 -3.33 10.88 74.38
CA LYS A 3658 -4.20 11.21 75.50
C LYS A 3658 -4.95 9.98 76.01
N ARG A 3659 -4.21 8.87 76.12
CA ARG A 3659 -4.66 7.58 76.67
C ARG A 3659 -5.76 6.93 75.85
N VAL A 3660 -6.06 7.45 74.65
CA VAL A 3660 -6.98 6.88 73.67
C VAL A 3660 -8.43 6.94 74.16
N ASP A 3661 -9.36 7.25 73.26
CA ASP A 3661 -10.76 7.33 73.61
C ASP A 3661 -11.29 5.96 74.02
N PRO A 3662 -12.26 5.91 74.93
CA PRO A 3662 -12.82 4.59 75.32
C PRO A 3662 -13.48 3.85 74.17
N LEU A 3663 -14.25 4.54 73.33
CA LEU A 3663 -14.87 3.86 72.20
C LEU A 3663 -13.84 3.50 71.14
N HIS A 3664 -12.73 4.23 71.07
CA HIS A 3664 -11.63 3.77 70.23
C HIS A 3664 -11.12 2.42 70.70
N GLN A 3665 -10.98 2.24 72.01
CA GLN A 3665 -10.60 0.94 72.55
C GLN A 3665 -11.67 -0.11 72.27
N LEU A 3666 -12.94 0.26 72.34
CA LEU A 3666 -14.01 -0.69 72.04
C LEU A 3666 -13.97 -1.14 70.58
N ILE A 3667 -13.78 -0.20 69.66
CA ILE A 3667 -13.71 -0.53 68.24
C ILE A 3667 -12.47 -1.37 67.96
N LEU A 3668 -11.36 -1.06 68.63
CA LEU A 3668 -10.16 -1.88 68.49
C LEU A 3668 -10.39 -3.30 69.00
N LEU A 3669 -11.12 -3.43 70.11
CA LEU A 3669 -11.44 -4.76 70.63
C LEU A 3669 -12.29 -5.54 69.64
N PHE A 3670 -13.30 -4.90 69.06
CA PHE A 3670 -14.13 -5.58 68.08
C PHE A 3670 -13.33 -5.96 66.83
N SER A 3671 -12.46 -5.07 66.38
CA SER A 3671 -11.64 -5.35 65.20
C SER A 3671 -10.67 -6.50 65.45
N ARG A 3672 -10.05 -6.54 66.63
CA ARG A 3672 -9.11 -7.62 66.92
C ARG A 3672 -9.83 -8.93 67.20
N THR A 3673 -11.07 -8.87 67.69
CA THR A 3673 -11.86 -10.09 67.81
C THR A 3673 -12.25 -10.63 66.44
N ALA A 3674 -12.61 -9.74 65.51
CA ALA A 3674 -12.90 -10.17 64.14
C ALA A 3674 -11.65 -10.67 63.43
N LEU A 3675 -10.48 -10.14 63.80
CA LEU A 3675 -9.24 -10.59 63.17
C LEU A 3675 -8.87 -12.00 63.63
N THR A 3676 -9.15 -12.34 64.88
CA THR A 3676 -8.88 -13.68 65.37
C THR A 3676 -9.88 -14.66 64.76
N GLU A 3677 -9.51 -15.25 63.63
CA GLU A 3677 -10.43 -16.09 62.88
C GLU A 3677 -10.57 -17.46 63.52
N LYS A 3678 -11.77 -18.04 63.38
CA LYS A 3678 -12.03 -19.41 63.83
C LYS A 3678 -12.86 -20.18 62.80
N CYS A 3679 -12.90 -19.70 61.55
CA CYS A 3679 -13.68 -20.29 60.45
C CYS A 3679 -15.17 -20.34 60.76
N LYS A 3680 -15.63 -19.52 61.71
CA LYS A 3680 -17.03 -19.46 62.08
C LYS A 3680 -17.30 -18.21 62.90
N LEU A 3681 -18.32 -17.44 62.52
CA LEU A 3681 -18.68 -16.24 63.27
C LEU A 3681 -19.52 -16.62 64.48
N GLU A 3682 -19.17 -16.06 65.63
CA GLU A 3682 -19.83 -16.39 66.89
C GLU A 3682 -21.15 -15.63 67.00
N GLU A 3683 -21.75 -15.66 68.19
CA GLU A 3683 -23.01 -14.99 68.43
C GLU A 3683 -22.89 -14.04 69.62
N ASP A 3684 -21.85 -13.21 69.61
CA ASP A 3684 -21.60 -12.29 70.73
C ASP A 3684 -22.73 -11.27 70.83
N PHE A 3685 -23.24 -11.10 72.05
CA PHE A 3685 -24.32 -10.15 72.29
C PHE A 3685 -23.81 -8.71 72.32
N LEU A 3686 -22.55 -8.50 72.71
CA LEU A 3686 -22.00 -7.15 72.75
C LEU A 3686 -21.97 -6.53 71.37
N TYR A 3687 -21.62 -7.33 70.36
CA TYR A 3687 -21.66 -6.84 68.99
C TYR A 3687 -23.06 -6.37 68.62
N MET A 3688 -24.07 -7.18 68.97
CA MET A 3688 -25.45 -6.82 68.67
C MET A 3688 -25.82 -5.49 69.31
N ALA A 3689 -25.59 -5.39 70.63
CA ALA A 3689 -26.01 -4.21 71.38
C ALA A 3689 -25.31 -2.96 70.88
N TYR A 3690 -23.98 -3.03 70.70
CA TYR A 3690 -23.27 -1.81 70.35
C TYR A 3690 -23.41 -1.45 68.88
N ALA A 3691 -23.53 -2.43 67.98
CA ALA A 3691 -23.84 -2.11 66.59
C ALA A 3691 -25.19 -1.41 66.49
N ASP A 3692 -26.18 -1.90 67.24
CA ASP A 3692 -27.47 -1.22 67.28
C ASP A 3692 -27.34 0.18 67.88
N ILE A 3693 -26.49 0.33 68.90
CA ILE A 3693 -26.33 1.64 69.54
C ILE A 3693 -25.71 2.65 68.56
N MET A 3694 -24.63 2.26 67.88
CA MET A 3694 -24.04 3.18 66.91
C MET A 3694 -24.98 3.43 65.73
N ALA A 3695 -25.72 2.42 65.28
CA ALA A 3695 -26.65 2.62 64.18
C ALA A 3695 -27.74 3.62 64.55
N LYS A 3696 -28.28 3.50 65.77
CA LYS A 3696 -29.29 4.44 66.22
C LYS A 3696 -28.70 5.83 66.45
N SER A 3697 -27.45 5.91 66.88
CA SER A 3697 -26.82 7.21 67.08
C SER A 3697 -26.59 7.93 65.76
N CYS A 3698 -26.24 7.19 64.71
CA CYS A 3698 -25.88 7.79 63.43
C CYS A 3698 -27.05 7.89 62.46
N HIS A 3699 -28.25 7.51 62.88
CA HIS A 3699 -29.43 7.51 62.00
C HIS A 3699 -30.58 8.26 62.66
N ASP A 3700 -30.31 9.48 63.09
CA ASP A 3700 -31.34 10.33 63.68
C ASP A 3700 -32.41 10.74 62.69
N GLU A 3701 -32.20 10.52 61.39
CA GLU A 3701 -33.18 10.85 60.36
C GLU A 3701 -34.45 10.03 60.53
N GLU A 3708 -42.00 17.71 56.52
CA GLU A 3708 -42.75 18.63 55.67
C GLU A 3708 -41.83 19.60 54.98
N GLU A 3709 -42.39 20.71 54.49
CA GLU A 3709 -41.61 21.73 53.81
C GLU A 3709 -40.84 22.56 54.83
N VAL A 3710 -39.51 22.55 54.74
CA VAL A 3710 -38.66 23.30 55.65
C VAL A 3710 -37.72 24.18 54.83
N LYS A 3711 -36.80 24.87 55.51
CA LYS A 3711 -35.82 25.71 54.83
C LYS A 3711 -34.93 24.85 53.95
N SER A 3712 -35.08 24.99 52.63
CA SER A 3712 -34.40 24.10 51.69
C SER A 3712 -32.90 24.27 51.69
N PHE A 3713 -32.39 25.38 52.22
CA PHE A 3713 -30.94 25.62 52.25
C PHE A 3713 -30.40 25.82 53.66
N GLU A 3714 -31.25 25.82 54.69
CA GLU A 3714 -30.80 25.99 56.06
C GLU A 3714 -31.06 24.76 56.91
N GLU A 3715 -32.30 24.29 56.97
CA GLU A 3715 -32.59 23.08 57.75
C GLU A 3715 -31.92 21.86 57.14
N LYS A 3716 -31.95 21.73 55.81
CA LYS A 3716 -31.30 20.62 55.15
C LYS A 3716 -29.80 20.64 55.37
N GLU A 3717 -29.18 21.81 55.26
CA GLU A 3717 -27.74 21.92 55.47
C GLU A 3717 -27.36 21.64 56.92
N MET A 3718 -28.19 22.09 57.87
CA MET A 3718 -27.91 21.80 59.28
C MET A 3718 -28.02 20.31 59.56
N GLU A 3719 -29.03 19.65 58.99
CA GLU A 3719 -29.15 18.20 59.17
C GLU A 3719 -27.98 17.47 58.55
N LYS A 3720 -27.54 17.90 57.36
CA LYS A 3720 -26.39 17.27 56.71
C LYS A 3720 -25.13 17.47 57.53
N GLN A 3721 -24.95 18.66 58.10
CA GLN A 3721 -23.77 18.91 58.93
C GLN A 3721 -23.78 18.07 60.19
N LYS A 3722 -24.94 17.93 60.83
CA LYS A 3722 -25.03 17.09 62.03
C LYS A 3722 -24.75 15.63 61.70
N LEU A 3723 -25.30 15.14 60.58
CA LEU A 3723 -25.03 13.76 60.18
C LEU A 3723 -23.56 13.56 59.86
N LEU A 3724 -22.93 14.53 59.18
CA LEU A 3724 -21.52 14.41 58.87
C LEU A 3724 -20.67 14.43 60.13
N TYR A 3725 -21.05 15.24 61.11
CA TYR A 3725 -20.33 15.26 62.39
C TYR A 3725 -20.43 13.92 63.10
N GLN A 3726 -21.63 13.33 63.13
CA GLN A 3726 -21.80 12.04 63.79
C GLN A 3726 -21.02 10.95 63.06
N GLN A 3727 -21.07 10.95 61.73
CA GLN A 3727 -20.32 9.96 60.94
C GLN A 3727 -18.82 10.13 61.15
N ALA A 3728 -18.34 11.37 61.22
CA ALA A 3728 -16.92 11.61 61.46
C ALA A 3728 -16.51 11.14 62.84
N ARG A 3729 -17.34 11.38 63.85
CA ARG A 3729 -17.04 10.91 65.19
C ARG A 3729 -16.95 9.39 65.23
N LEU A 3730 -17.86 8.71 64.53
CA LEU A 3730 -17.83 7.24 64.54
C LEU A 3730 -16.63 6.70 63.76
N HIS A 3731 -16.39 7.21 62.56
CA HIS A 3731 -15.41 6.62 61.66
C HIS A 3731 -13.99 7.17 61.86
N ASP A 3732 -13.80 8.15 62.74
CA ASP A 3732 -12.46 8.62 63.04
C ASP A 3732 -11.68 7.65 63.92
N ARG A 3733 -12.33 6.60 64.42
CA ARG A 3733 -11.72 5.63 65.30
C ARG A 3733 -11.74 4.24 64.68
N GLY A 3734 -11.58 4.17 63.36
CA GLY A 3734 -11.52 2.90 62.65
C GLY A 3734 -12.81 2.11 62.62
N ALA A 3735 -13.94 2.78 62.48
CA ALA A 3735 -15.21 2.07 62.42
C ALA A 3735 -15.40 1.38 61.08
N ALA A 3736 -14.83 1.93 60.01
CA ALA A 3736 -14.93 1.29 58.70
C ALA A 3736 -14.18 -0.03 58.67
N GLU A 3737 -13.00 -0.07 59.30
CA GLU A 3737 -12.20 -1.30 59.33
C GLU A 3737 -12.94 -2.41 60.06
N MET A 3738 -13.63 -2.08 61.15
CA MET A 3738 -14.38 -3.09 61.90
C MET A 3738 -15.47 -3.71 61.03
N VAL A 3739 -16.24 -2.87 60.34
CA VAL A 3739 -17.31 -3.37 59.48
C VAL A 3739 -16.74 -4.22 58.35
N LEU A 3740 -15.66 -3.74 57.72
CA LEU A 3740 -15.06 -4.47 56.61
C LEU A 3740 -14.54 -5.84 57.06
N GLN A 3741 -13.85 -5.88 58.20
CA GLN A 3741 -13.32 -7.14 58.70
C GLN A 3741 -14.44 -8.10 59.11
N THR A 3742 -15.50 -7.59 59.74
CA THR A 3742 -16.60 -8.45 60.12
C THR A 3742 -17.31 -9.02 58.91
N ILE A 3743 -17.47 -8.21 57.85
CA ILE A 3743 -18.07 -8.74 56.62
C ILE A 3743 -17.16 -9.78 55.99
N SER A 3744 -15.85 -9.52 55.95
CA SER A 3744 -14.92 -10.48 55.37
C SER A 3744 -14.79 -11.76 56.19
N ALA A 3745 -15.14 -11.72 57.47
CA ALA A 3745 -15.00 -12.90 58.32
C ALA A 3745 -16.05 -13.96 57.96
N SER A 3746 -17.33 -13.60 58.05
CA SER A 3746 -18.41 -14.54 57.76
C SER A 3746 -18.47 -14.80 56.26
N LYS A 3747 -17.95 -15.95 55.84
CA LYS A 3747 -17.90 -16.30 54.41
C LYS A 3747 -19.23 -16.91 54.01
N GLY A 3748 -20.20 -16.05 53.74
CA GLY A 3748 -21.50 -16.47 53.24
C GLY A 3748 -22.51 -16.83 54.31
N GLU A 3749 -22.13 -16.84 55.58
CA GLU A 3749 -23.07 -17.15 56.65
C GLU A 3749 -23.98 -15.96 56.90
N THR A 3750 -25.28 -16.16 56.69
CA THR A 3750 -26.25 -15.06 56.82
C THR A 3750 -26.84 -15.03 58.22
N GLY A 3751 -25.95 -14.90 59.20
CA GLY A 3751 -26.37 -14.74 60.57
C GLY A 3751 -26.79 -13.32 60.88
N PRO A 3752 -27.30 -13.12 62.10
CA PRO A 3752 -27.70 -11.77 62.50
C PRO A 3752 -26.53 -10.82 62.71
N MET A 3753 -25.32 -11.34 62.91
CA MET A 3753 -24.15 -10.48 63.01
C MET A 3753 -23.91 -9.72 61.70
N VAL A 3754 -24.08 -10.40 60.56
CA VAL A 3754 -23.94 -9.72 59.28
C VAL A 3754 -25.02 -8.67 59.11
N ALA A 3755 -26.23 -8.94 59.60
CA ALA A 3755 -27.31 -7.96 59.54
C ALA A 3755 -26.97 -6.72 60.35
N ALA A 3756 -26.47 -6.91 61.57
CA ALA A 3756 -26.09 -5.77 62.40
C ALA A 3756 -24.94 -4.99 61.78
N THR A 3757 -23.96 -5.71 61.21
CA THR A 3757 -22.83 -5.04 60.58
C THR A 3757 -23.26 -4.24 59.35
N LEU A 3758 -24.19 -4.78 58.57
CA LEU A 3758 -24.69 -4.03 57.41
C LEU A 3758 -25.52 -2.83 57.84
N LYS A 3759 -26.28 -2.95 58.93
CA LYS A 3759 -27.00 -1.80 59.46
C LYS A 3759 -26.03 -0.70 59.90
N LEU A 3760 -24.94 -1.09 60.57
CA LEU A 3760 -23.92 -0.12 60.95
C LEU A 3760 -23.27 0.51 59.72
N GLY A 3761 -23.04 -0.30 58.68
CA GLY A 3761 -22.44 0.21 57.47
C GLY A 3761 -23.31 1.23 56.76
N ILE A 3762 -24.61 0.95 56.65
CA ILE A 3762 -25.50 1.91 56.00
C ILE A 3762 -25.71 3.13 56.88
N ALA A 3763 -25.61 2.98 58.20
CA ALA A 3763 -25.66 4.15 59.08
C ALA A 3763 -24.43 5.02 58.90
N ILE A 3764 -23.27 4.41 58.69
CA ILE A 3764 -22.04 5.17 58.47
C ILE A 3764 -22.08 5.86 57.11
N LEU A 3765 -22.49 5.14 56.07
CA LEU A 3765 -22.44 5.65 54.70
C LEU A 3765 -23.71 6.38 54.29
N ASN A 3766 -24.56 6.78 55.25
CA ASN A 3766 -25.78 7.50 54.93
C ASN A 3766 -25.43 8.85 54.32
N GLY A 3767 -25.90 9.09 53.10
CA GLY A 3767 -25.53 10.27 52.34
C GLY A 3767 -24.31 10.09 51.47
N GLY A 3768 -23.58 8.99 51.62
CA GLY A 3768 -22.43 8.72 50.79
C GLY A 3768 -21.25 9.63 51.04
N ASN A 3769 -20.65 9.54 52.21
CA ASN A 3769 -19.45 10.32 52.51
C ASN A 3769 -18.29 9.83 51.65
N SER A 3770 -17.49 10.78 51.16
CA SER A 3770 -16.31 10.41 50.38
C SER A 3770 -15.18 9.92 51.26
N THR A 3771 -15.12 10.38 52.52
CA THR A 3771 -14.03 10.00 53.41
C THR A 3771 -14.09 8.52 53.76
N VAL A 3772 -15.27 8.02 54.12
CA VAL A 3772 -15.39 6.61 54.49
C VAL A 3772 -15.17 5.72 53.27
N GLN A 3773 -15.65 6.15 52.10
CA GLN A 3773 -15.41 5.39 50.88
C GLN A 3773 -13.92 5.32 50.56
N GLN A 3774 -13.22 6.45 50.70
CA GLN A 3774 -11.78 6.45 50.47
C GLN A 3774 -11.05 5.56 51.47
N LYS A 3775 -11.47 5.59 52.74
CA LYS A 3775 -10.83 4.76 53.75
C LYS A 3775 -11.03 3.28 53.46
N MET A 3776 -12.27 2.88 53.11
CA MET A 3776 -12.50 1.48 52.78
C MET A 3776 -11.72 1.07 51.53
N LEU A 3777 -11.65 1.93 50.53
CA LEU A 3777 -10.92 1.60 49.31
C LEU A 3777 -9.44 1.42 49.59
N ASP A 3778 -8.83 2.34 50.34
CA ASP A 3778 -7.40 2.21 50.59
C ASP A 3778 -7.09 1.04 51.51
N TYR A 3779 -7.99 0.74 52.45
CA TYR A 3779 -7.82 -0.44 53.29
C TYR A 3779 -7.86 -1.72 52.45
N LEU A 3780 -8.86 -1.85 51.57
CA LEU A 3780 -8.97 -3.03 50.74
C LEU A 3780 -7.81 -3.13 49.75
N LYS A 3781 -7.26 -1.99 49.32
CA LYS A 3781 -6.12 -2.02 48.41
C LYS A 3781 -4.85 -2.45 49.13
N GLU A 3782 -4.61 -1.91 50.33
CA GLU A 3782 -3.37 -2.20 51.03
C GLU A 3782 -3.38 -3.58 51.68
N LYS A 3783 -4.53 -4.09 52.08
CA LYS A 3783 -4.60 -5.40 52.72
C LYS A 3783 -4.80 -6.54 51.75
N LYS A 3784 -5.17 -6.25 50.49
CA LYS A 3784 -5.42 -7.27 49.47
C LYS A 3784 -6.43 -8.29 49.95
N ASP A 3785 -7.49 -7.82 50.61
CA ASP A 3785 -8.50 -8.69 51.17
C ASP A 3785 -9.31 -9.33 50.05
N VAL A 3786 -9.19 -10.66 49.93
CA VAL A 3786 -9.93 -11.38 48.90
C VAL A 3786 -11.22 -11.97 49.47
N GLY A 3787 -11.22 -12.36 50.74
CA GLY A 3787 -12.39 -12.99 51.35
C GLY A 3787 -13.57 -12.07 51.51
N PHE A 3788 -13.36 -10.75 51.43
CA PHE A 3788 -14.47 -9.80 51.55
C PHE A 3788 -15.43 -9.93 50.37
N PHE A 3789 -14.90 -9.91 49.15
CA PHE A 3789 -15.76 -10.02 47.97
C PHE A 3789 -16.37 -11.40 47.86
N GLN A 3790 -15.63 -12.44 48.25
CA GLN A 3790 -16.18 -13.79 48.26
C GLN A 3790 -17.33 -13.90 49.27
N SER A 3791 -17.17 -13.28 50.44
CA SER A 3791 -18.24 -13.27 51.43
C SER A 3791 -19.46 -12.51 50.91
N LEU A 3792 -19.23 -11.40 50.22
CA LEU A 3792 -20.34 -10.65 49.64
C LEU A 3792 -21.08 -11.48 48.60
N ALA A 3793 -20.34 -12.17 47.73
CA ALA A 3793 -20.96 -13.02 46.72
C ALA A 3793 -21.75 -14.15 47.35
N GLY A 3794 -21.20 -14.77 48.40
CA GLY A 3794 -21.93 -15.81 49.10
C GLY A 3794 -23.19 -15.30 49.78
N LEU A 3795 -23.11 -14.11 50.39
CA LEU A 3795 -24.27 -13.53 51.03
C LEU A 3795 -25.37 -13.22 50.02
N MET A 3796 -25.00 -12.69 48.85
CA MET A 3796 -26.00 -12.42 47.83
C MET A 3796 -26.55 -13.70 47.23
N GLN A 3797 -25.74 -14.74 47.12
CA GLN A 3797 -26.23 -16.01 46.61
C GLN A 3797 -27.19 -16.68 47.59
N SER A 3798 -26.97 -16.50 48.89
CA SER A 3798 -27.82 -17.11 49.91
C SER A 3798 -29.06 -16.28 50.22
N CYS A 3799 -29.27 -15.17 49.51
CA CYS A 3799 -30.46 -14.36 49.74
C CYS A 3799 -31.72 -15.11 49.32
N SER A 3800 -32.81 -14.82 50.02
CA SER A 3800 -34.06 -15.54 49.82
C SER A 3800 -34.76 -15.06 48.54
N VAL A 3801 -35.91 -15.67 48.26
CA VAL A 3801 -36.71 -15.37 47.08
C VAL A 3801 -38.18 -15.44 47.49
N LEU A 3802 -39.07 -15.09 46.55
CA LEU A 3802 -40.50 -15.06 46.86
C LEU A 3802 -41.03 -16.44 47.24
N ASP A 3803 -40.58 -17.49 46.54
CA ASP A 3803 -40.84 -18.88 46.92
C ASP A 3803 -42.34 -19.17 46.99
N LEU A 3804 -42.97 -19.17 45.80
CA LEU A 3804 -44.40 -19.38 45.69
C LEU A 3804 -44.86 -20.69 46.33
N ASN A 3805 -44.00 -21.72 46.30
CA ASN A 3805 -44.37 -23.00 46.90
C ASN A 3805 -44.61 -22.88 48.40
N ALA A 3806 -43.84 -22.01 49.09
CA ALA A 3806 -44.07 -21.78 50.50
C ALA A 3806 -45.45 -21.18 50.75
N PHE A 3807 -45.86 -20.22 49.91
CA PHE A 3807 -47.20 -19.65 50.04
C PHE A 3807 -48.28 -20.70 49.73
N GLU A 3808 -48.01 -21.56 48.75
CA GLU A 3808 -48.96 -22.62 48.41
C GLU A 3808 -49.15 -23.57 49.58
N ARG A 3809 -48.07 -23.92 50.27
CA ARG A 3809 -48.19 -24.76 51.45
C ARG A 3809 -48.82 -24.00 52.62
N GLN A 3810 -48.60 -22.69 52.70
CA GLN A 3810 -49.08 -21.92 53.84
C GLN A 3810 -50.59 -21.69 53.77
N ASN A 3811 -51.13 -21.39 52.59
CA ASN A 3811 -52.56 -21.12 52.49
C ASN A 3811 -53.40 -22.36 52.77
N LYS A 3812 -52.82 -23.55 52.67
CA LYS A 3812 -53.50 -24.78 53.09
C LYS A 3812 -53.14 -25.11 54.54
N ALA A 3813 -53.50 -24.17 55.42
CA ALA A 3813 -53.20 -24.29 56.83
C ALA A 3813 -54.29 -25.12 57.53
N GLU A 3814 -54.32 -25.07 58.86
CA GLU A 3814 -55.31 -25.79 59.65
C GLU A 3814 -56.71 -25.31 59.28
N GLY A 3815 -57.49 -26.17 58.63
CA GLY A 3815 -58.76 -25.76 58.07
C GLY A 3815 -58.56 -24.77 56.94
N LEU A 3816 -58.89 -23.51 57.19
CA LEU A 3816 -58.60 -22.43 56.25
C LEU A 3816 -58.09 -21.23 57.05
N GLY A 3817 -56.95 -20.68 56.64
CA GLY A 3817 -56.34 -19.60 57.36
C GLY A 3817 -55.57 -20.07 58.58
N MET A 3818 -54.96 -19.11 59.28
CA MET A 3818 -54.15 -19.39 60.46
C MET A 3818 -55.05 -19.53 61.68
N VAL A 3819 -55.79 -20.64 61.70
CA VAL A 3819 -56.71 -20.90 62.82
C VAL A 3819 -55.94 -21.24 64.08
N THR A 3820 -54.89 -22.06 63.96
CA THR A 3820 -54.15 -22.47 65.15
C THR A 3820 -53.33 -21.33 65.74
N GLU A 3821 -52.88 -20.40 64.90
CA GLU A 3821 -52.11 -19.22 65.33
C GLU A 3821 -50.91 -19.59 66.17
N GLU A 3822 -50.26 -20.72 65.86
CA GLU A 3822 -49.10 -21.16 66.63
C GLU A 3822 -47.91 -20.24 66.40
N GLY A 3823 -47.70 -19.82 65.15
CA GLY A 3823 -46.61 -18.91 64.83
C GLY A 3823 -46.88 -18.10 63.59
N SER A 3824 -46.70 -16.78 63.69
CA SER A 3824 -46.93 -15.87 62.57
C SER A 3824 -45.66 -15.64 61.74
N GLY A 3825 -44.74 -16.59 61.73
CA GLY A 3825 -43.54 -16.43 60.94
C GLY A 3825 -43.83 -16.40 59.46
N GLU A 3826 -42.98 -15.69 58.72
CA GLU A 3826 -43.20 -15.51 57.30
C GLU A 3826 -42.99 -16.81 56.53
N LYS A 3827 -41.76 -17.33 56.54
CA LYS A 3827 -41.38 -18.61 55.95
C LYS A 3827 -41.61 -18.66 54.43
N VAL A 3828 -42.05 -17.55 53.85
CA VAL A 3828 -42.24 -17.43 52.41
C VAL A 3828 -41.26 -16.44 51.79
N LEU A 3829 -41.08 -15.29 52.42
CA LEU A 3829 -40.00 -14.35 52.10
C LEU A 3829 -39.18 -14.22 53.38
N GLN A 3830 -38.08 -14.96 53.46
CA GLN A 3830 -37.34 -15.16 54.70
C GLN A 3830 -36.78 -13.86 55.27
N ASP A 3831 -35.83 -13.24 54.57
CA ASP A 3831 -35.14 -12.05 55.05
C ASP A 3831 -35.15 -10.98 53.96
N ASP A 3832 -36.26 -10.24 53.89
CA ASP A 3832 -36.32 -9.11 52.98
C ASP A 3832 -35.55 -7.91 53.52
N GLU A 3833 -35.58 -7.72 54.84
CA GLU A 3833 -34.85 -6.62 55.46
C GLU A 3833 -33.35 -6.77 55.28
N PHE A 3834 -32.84 -8.00 55.43
CA PHE A 3834 -31.41 -8.24 55.26
C PHE A 3834 -30.98 -7.99 53.82
N THR A 3835 -31.76 -8.45 52.85
CA THR A 3835 -31.43 -8.23 51.45
C THR A 3835 -31.47 -6.75 51.10
N CYS A 3836 -32.50 -6.05 51.60
CA CYS A 3836 -32.59 -4.61 51.35
C CYS A 3836 -31.42 -3.87 51.96
N ASP A 3837 -31.03 -4.24 53.19
CA ASP A 3837 -29.89 -3.58 53.83
C ASP A 3837 -28.59 -3.85 53.08
N LEU A 3838 -28.40 -5.10 52.60
CA LEU A 3838 -27.19 -5.43 51.87
C LEU A 3838 -27.10 -4.66 50.56
N PHE A 3839 -28.21 -4.59 49.83
CA PHE A 3839 -28.18 -3.89 48.55
C PHE A 3839 -28.09 -2.38 48.75
N ARG A 3840 -28.67 -1.85 49.83
CA ARG A 3840 -28.49 -0.44 50.15
C ARG A 3840 -27.04 -0.14 50.51
N PHE A 3841 -26.39 -1.05 51.24
CA PHE A 3841 -24.97 -0.89 51.53
C PHE A 3841 -24.14 -0.89 50.26
N LEU A 3842 -24.45 -1.80 49.33
CA LEU A 3842 -23.72 -1.83 48.07
C LEU A 3842 -23.95 -0.56 47.25
N GLN A 3843 -25.18 -0.04 47.27
CA GLN A 3843 -25.47 1.19 46.54
C GLN A 3843 -24.75 2.38 47.15
N LEU A 3844 -24.78 2.51 48.48
CA LEU A 3844 -24.06 3.59 49.15
C LEU A 3844 -22.55 3.44 49.01
N LEU A 3845 -22.07 2.24 48.76
CA LEU A 3845 -20.63 2.03 48.56
C LEU A 3845 -20.13 2.70 47.29
N CYS A 3846 -21.03 2.94 46.32
CA CYS A 3846 -20.66 3.56 45.06
C CYS A 3846 -21.42 4.86 44.79
N GLU A 3847 -22.08 5.42 45.80
CA GLU A 3847 -22.84 6.65 45.60
C GLU A 3847 -21.90 7.83 45.38
N GLY A 3848 -22.43 8.89 44.76
CA GLY A 3848 -21.66 10.06 44.46
C GLY A 3848 -20.83 9.98 43.21
N HIS A 3849 -20.98 8.91 42.43
CA HIS A 3849 -20.21 8.69 41.20
C HIS A 3849 -18.70 8.75 41.46
N ASN A 3850 -18.28 8.06 42.53
CA ASN A 3850 -16.86 7.99 42.85
C ASN A 3850 -16.08 7.29 41.75
N SER A 3851 -16.63 6.17 41.25
CA SER A 3851 -16.15 5.43 40.07
C SER A 3851 -14.84 4.70 40.34
N ASP A 3852 -14.16 5.02 41.44
CA ASP A 3852 -13.01 4.23 41.85
C ASP A 3852 -13.45 2.90 42.43
N PHE A 3853 -14.49 2.93 43.28
CA PHE A 3853 -15.10 1.68 43.72
C PHE A 3853 -15.75 0.95 42.55
N GLN A 3854 -16.39 1.71 41.65
CA GLN A 3854 -17.07 1.09 40.51
C GLN A 3854 -16.09 0.34 39.62
N ASN A 3855 -14.90 0.92 39.40
CA ASN A 3855 -13.87 0.20 38.66
C ASN A 3855 -13.25 -0.92 39.49
N TYR A 3856 -13.11 -0.72 40.81
CA TYR A 3856 -12.51 -1.73 41.67
C TYR A 3856 -13.45 -2.89 41.90
N LEU A 3857 -14.74 -2.60 42.16
CA LEU A 3857 -15.71 -3.65 42.48
C LEU A 3857 -15.97 -4.58 41.29
N ARG A 3858 -15.75 -4.11 40.06
CA ARG A 3858 -16.02 -4.94 38.89
C ARG A 3858 -14.96 -6.02 38.72
N THR A 3859 -13.69 -5.67 38.91
CA THR A 3859 -12.58 -6.58 38.60
C THR A 3859 -11.72 -6.93 39.79
N GLN A 3860 -11.44 -5.98 40.68
CA GLN A 3860 -10.47 -6.14 41.76
C GLN A 3860 -9.11 -6.56 41.21
N THR A 3861 -8.54 -5.68 40.38
CA THR A 3861 -7.28 -5.98 39.71
C THR A 3861 -6.11 -6.08 40.69
N GLY A 3862 -6.24 -5.48 41.88
CA GLY A 3862 -5.16 -5.59 42.86
C GLY A 3862 -5.00 -7.00 43.39
N ASN A 3863 -6.11 -7.70 43.61
CA ASN A 3863 -6.09 -9.04 44.15
C ASN A 3863 -5.90 -10.08 43.04
N ASN A 3864 -5.51 -11.29 43.45
CA ASN A 3864 -5.29 -12.36 42.49
C ASN A 3864 -6.61 -12.91 41.96
N THR A 3865 -7.63 -12.96 42.80
CA THR A 3865 -8.93 -13.51 42.43
C THR A 3865 -9.87 -12.39 42.02
N THR A 3866 -10.55 -12.56 40.89
CA THR A 3866 -11.46 -11.56 40.35
C THR A 3866 -12.88 -12.09 40.37
N VAL A 3867 -13.78 -11.34 40.98
CA VAL A 3867 -15.21 -11.67 41.00
C VAL A 3867 -16.00 -10.44 40.60
N ASN A 3868 -17.13 -10.67 39.94
CA ASN A 3868 -17.98 -9.61 39.40
C ASN A 3868 -19.27 -9.56 40.20
N ILE A 3869 -19.33 -8.66 41.19
CA ILE A 3869 -20.54 -8.49 41.98
C ILE A 3869 -21.68 -7.92 41.17
N ILE A 3870 -21.36 -7.15 40.12
CA ILE A 3870 -22.41 -6.62 39.24
C ILE A 3870 -23.16 -7.76 38.56
N ILE A 3871 -22.42 -8.76 38.07
CA ILE A 3871 -23.05 -9.92 37.43
C ILE A 3871 -23.94 -10.66 38.41
N SER A 3872 -23.44 -10.89 39.63
CA SER A 3872 -24.23 -11.61 40.63
C SER A 3872 -25.49 -10.83 41.01
N THR A 3873 -25.39 -9.50 41.04
CA THR A 3873 -26.58 -8.68 41.24
C THR A 3873 -27.55 -8.86 40.08
N VAL A 3874 -27.04 -9.00 38.85
CA VAL A 3874 -27.91 -9.24 37.70
C VAL A 3874 -28.63 -10.57 37.84
N ASP A 3875 -27.93 -11.63 38.27
CA ASP A 3875 -28.61 -12.91 38.48
C ASP A 3875 -29.63 -12.85 39.60
N TYR A 3876 -29.34 -12.10 40.67
CA TYR A 3876 -30.34 -11.96 41.73
C TYR A 3876 -31.57 -11.22 41.21
N LEU A 3877 -31.37 -10.21 40.37
CA LEU A 3877 -32.50 -9.53 39.74
C LEU A 3877 -33.30 -10.50 38.87
N LEU A 3878 -32.61 -11.38 38.14
CA LEU A 3878 -33.29 -12.39 37.35
C LEU A 3878 -34.14 -13.30 38.23
N ARG A 3879 -33.58 -13.71 39.38
CA ARG A 3879 -34.31 -14.59 40.29
C ARG A 3879 -35.57 -13.91 40.83
N VAL A 3880 -35.44 -12.67 41.29
CA VAL A 3880 -36.61 -12.01 41.85
C VAL A 3880 -37.63 -11.69 40.77
N GLN A 3881 -37.18 -11.38 39.56
CA GLN A 3881 -38.11 -11.15 38.46
C GLN A 3881 -38.90 -12.41 38.12
N GLU A 3882 -38.21 -13.55 38.04
CA GLU A 3882 -38.89 -14.82 37.77
C GLU A 3882 -39.88 -15.16 38.87
N SER A 3883 -39.48 -14.92 40.13
CA SER A 3883 -40.37 -15.21 41.25
C SER A 3883 -41.62 -14.33 41.22
N ILE A 3884 -41.45 -13.04 40.92
CA ILE A 3884 -42.59 -12.13 40.87
C ILE A 3884 -43.52 -12.50 39.71
N SER A 3885 -42.93 -12.85 38.56
CA SER A 3885 -43.75 -13.26 37.41
C SER A 3885 -44.53 -14.54 37.72
N ASP A 3886 -43.90 -15.50 38.39
CA ASP A 3886 -44.59 -16.73 38.76
C ASP A 3886 -45.72 -16.45 39.74
N PHE A 3887 -45.48 -15.56 40.71
CA PHE A 3887 -46.53 -15.20 41.65
C PHE A 3887 -47.71 -14.54 40.95
N TYR A 3888 -47.42 -13.63 40.00
CA TYR A 3888 -48.50 -12.98 39.27
C TYR A 3888 -49.28 -13.98 38.44
N TRP A 3889 -48.60 -14.92 37.78
CA TRP A 3889 -49.32 -15.88 36.95
C TRP A 3889 -50.12 -16.85 37.81
N TYR A 3890 -49.66 -17.16 39.02
CA TYR A 3890 -50.49 -17.93 39.93
C TYR A 3890 -51.72 -17.14 40.34
N TYR A 3891 -51.57 -15.82 40.52
CA TYR A 3891 -52.73 -15.00 40.81
C TYR A 3891 -53.59 -14.71 39.59
N SER A 3892 -53.14 -15.09 38.39
CA SER A 3892 -53.89 -14.80 37.18
C SER A 3892 -55.19 -15.61 37.15
N GLY A 3893 -56.25 -14.98 36.66
CA GLY A 3893 -57.57 -15.56 36.66
C GLY A 3893 -58.39 -15.28 37.90
N LYS A 3894 -57.76 -14.83 38.98
CA LYS A 3894 -58.47 -14.48 40.19
C LYS A 3894 -59.01 -13.06 40.08
N ASP A 3895 -59.87 -12.69 41.03
CA ASP A 3895 -60.59 -11.42 40.98
C ASP A 3895 -60.10 -10.42 42.03
N ILE A 3896 -60.00 -10.84 43.28
CA ILE A 3896 -59.69 -9.93 44.39
C ILE A 3896 -58.39 -10.37 45.04
N ILE A 3897 -57.47 -9.43 45.20
CA ILE A 3897 -56.18 -9.71 45.85
C ILE A 3897 -56.40 -9.76 47.36
N ASP A 3898 -55.92 -10.85 47.98
CA ASP A 3898 -56.01 -10.96 49.42
C ASP A 3898 -54.92 -10.14 50.09
N GLU A 3899 -55.05 -9.99 51.41
CA GLU A 3899 -54.12 -9.12 52.15
C GLU A 3899 -52.73 -9.73 52.24
N GLN A 3900 -52.64 -11.06 52.37
CA GLN A 3900 -51.33 -11.71 52.47
C GLN A 3900 -50.58 -11.60 51.15
N GLY A 3901 -51.26 -11.84 50.03
CA GLY A 3901 -50.65 -11.61 48.74
C GLY A 3901 -50.29 -10.16 48.52
N GLN A 3902 -51.09 -9.24 49.05
CA GLN A 3902 -50.77 -7.81 48.96
C GLN A 3902 -49.48 -7.49 49.68
N ARG A 3903 -49.30 -8.03 50.90
CA ARG A 3903 -48.09 -7.79 51.66
C ARG A 3903 -46.87 -8.41 50.98
N ASN A 3904 -47.02 -9.64 50.47
CA ASN A 3904 -45.90 -10.30 49.79
C ASN A 3904 -45.51 -9.53 48.53
N PHE A 3905 -46.50 -9.08 47.76
CA PHE A 3905 -46.22 -8.28 46.57
C PHE A 3905 -45.55 -6.97 46.93
N SER A 3906 -46.00 -6.31 48.00
CA SER A 3906 -45.38 -5.05 48.41
C SER A 3906 -43.92 -5.25 48.80
N LYS A 3907 -43.63 -6.32 49.54
CA LYS A 3907 -42.25 -6.61 49.92
C LYS A 3907 -41.40 -6.90 48.69
N ALA A 3908 -41.94 -7.67 47.74
CA ALA A 3908 -41.20 -7.96 46.52
C ALA A 3908 -40.94 -6.68 45.71
N ILE A 3909 -41.93 -5.80 45.64
CA ILE A 3909 -41.74 -4.52 44.93
C ILE A 3909 -40.67 -3.69 45.61
N GLN A 3910 -40.66 -3.66 46.95
CA GLN A 3910 -39.64 -2.89 47.66
C GLN A 3910 -38.25 -3.46 47.39
N VAL A 3911 -38.10 -4.78 47.41
CA VAL A 3911 -36.80 -5.38 47.14
C VAL A 3911 -36.35 -5.10 45.71
N ALA A 3912 -37.29 -5.18 44.76
CA ALA A 3912 -36.95 -4.88 43.36
C ALA A 3912 -36.55 -3.42 43.20
N LYS A 3913 -37.23 -2.52 43.91
CA LYS A 3913 -36.88 -1.10 43.87
C LYS A 3913 -35.48 -0.87 44.40
N GLN A 3914 -35.13 -1.53 45.51
CA GLN A 3914 -33.79 -1.38 46.06
C GLN A 3914 -32.73 -1.93 45.11
N VAL A 3915 -33.01 -3.07 44.49
CA VAL A 3915 -32.06 -3.65 43.53
C VAL A 3915 -31.87 -2.72 42.34
N PHE A 3916 -32.96 -2.15 41.83
CA PHE A 3916 -32.86 -1.23 40.69
C PHE A 3916 -32.11 0.03 41.06
N ASN A 3917 -32.33 0.56 42.27
CA ASN A 3917 -31.57 1.72 42.72
C ASN A 3917 -30.08 1.41 42.84
N THR A 3918 -29.76 0.21 43.32
CA THR A 3918 -28.36 -0.21 43.39
C THR A 3918 -27.74 -0.28 42.00
N LEU A 3919 -28.49 -0.81 41.03
CA LEU A 3919 -27.97 -0.88 39.67
C LEU A 3919 -27.78 0.52 39.08
N THR A 3920 -28.73 1.44 39.34
CA THR A 3920 -28.57 2.80 38.88
C THR A 3920 -27.30 3.42 39.44
N GLU A 3921 -27.13 3.35 40.77
CA GLU A 3921 -25.93 3.92 41.38
C GLU A 3921 -24.67 3.19 40.94
N TYR A 3922 -24.79 1.96 40.43
CA TYR A 3922 -23.67 1.32 39.77
C TYR A 3922 -23.35 2.03 38.45
N ILE A 3923 -24.37 2.37 37.67
CA ILE A 3923 -24.11 2.94 36.34
C ILE A 3923 -24.74 4.32 36.16
N GLN A 3924 -24.91 5.07 37.26
CA GLN A 3924 -25.39 6.45 37.12
C GLN A 3924 -24.36 7.32 36.42
N GLY A 3925 -23.12 7.30 36.91
CA GLY A 3925 -22.04 7.99 36.24
C GLY A 3925 -21.59 7.23 35.01
N PRO A 3926 -20.90 7.91 34.10
CA PRO A 3926 -20.39 7.22 32.91
C PRO A 3926 -19.23 6.29 33.29
N CYS A 3927 -19.50 4.99 33.32
CA CYS A 3927 -18.51 4.01 33.72
C CYS A 3927 -18.01 3.14 32.57
N THR A 3928 -18.72 3.10 31.45
CA THR A 3928 -18.33 2.39 30.23
C THR A 3928 -18.19 0.89 30.46
N GLY A 3929 -17.23 0.50 31.30
CA GLY A 3929 -17.02 -0.92 31.56
C GLY A 3929 -18.23 -1.59 32.19
N ASN A 3930 -18.80 -0.95 33.21
CA ASN A 3930 -20.01 -1.49 33.84
C ASN A 3930 -21.18 -1.49 32.87
N GLN A 3931 -21.29 -0.45 32.04
CA GLN A 3931 -22.36 -0.40 31.06
C GLN A 3931 -22.26 -1.56 30.07
N GLN A 3932 -21.05 -1.85 29.59
CA GLN A 3932 -20.86 -3.00 28.71
C GLN A 3932 -21.11 -4.31 29.45
N SER A 3933 -20.75 -4.37 30.73
CA SER A 3933 -20.96 -5.60 31.50
C SER A 3933 -22.44 -5.92 31.63
N LEU A 3934 -23.26 -4.92 31.97
CA LEU A 3934 -24.71 -5.16 32.01
C LEU A 3934 -25.33 -5.25 30.62
N ALA A 3935 -24.66 -4.74 29.59
CA ALA A 3935 -25.14 -4.94 28.23
C ALA A 3935 -24.99 -6.39 27.81
N HIS A 3936 -23.86 -7.01 28.15
CA HIS A 3936 -23.61 -8.42 27.83
C HIS A 3936 -23.99 -9.32 29.01
N SER A 3937 -25.28 -9.28 29.36
CA SER A 3937 -25.77 -10.06 30.49
C SER A 3937 -27.25 -10.39 30.25
N ARG A 3938 -27.89 -10.96 31.25
CA ARG A 3938 -29.27 -11.39 31.17
C ARG A 3938 -30.26 -10.29 31.56
N LEU A 3939 -29.81 -9.04 31.59
CA LEU A 3939 -30.64 -7.95 32.07
C LEU A 3939 -31.85 -7.71 31.17
N TRP A 3940 -31.67 -7.88 29.86
CA TRP A 3940 -32.75 -7.57 28.92
C TRP A 3940 -33.94 -8.50 29.09
N ASP A 3941 -33.68 -9.79 29.35
CA ASP A 3941 -34.78 -10.72 29.56
C ASP A 3941 -35.56 -10.38 30.82
N ALA A 3942 -34.86 -10.03 31.90
CA ALA A 3942 -35.53 -9.62 33.12
C ALA A 3942 -36.34 -8.36 32.91
N VAL A 3943 -35.81 -7.41 32.13
CA VAL A 3943 -36.54 -6.18 31.84
C VAL A 3943 -37.80 -6.50 31.04
N VAL A 3944 -37.70 -7.38 30.05
CA VAL A 3944 -38.86 -7.73 29.23
C VAL A 3944 -39.95 -8.38 30.07
N GLY A 3945 -39.55 -9.34 30.92
CA GLY A 3945 -40.52 -9.95 31.81
C GLY A 3945 -41.13 -8.95 32.76
N PHE A 3946 -40.33 -7.98 33.22
CA PHE A 3946 -40.84 -6.95 34.12
C PHE A 3946 -41.88 -6.09 33.43
N LEU A 3947 -41.64 -5.68 32.18
CA LEU A 3947 -42.65 -4.90 31.48
C LEU A 3947 -43.90 -5.72 31.22
N HIS A 3948 -43.74 -7.03 30.97
CA HIS A 3948 -44.91 -7.88 30.77
C HIS A 3948 -45.78 -7.91 32.02
N VAL A 3949 -45.16 -8.18 33.18
CA VAL A 3949 -45.95 -8.25 34.40
C VAL A 3949 -46.49 -6.87 34.76
N PHE A 3950 -45.75 -5.80 34.44
CA PHE A 3950 -46.25 -4.45 34.68
C PHE A 3950 -47.52 -4.18 33.88
N ALA A 3951 -47.49 -4.46 32.58
CA ALA A 3951 -48.65 -4.21 31.73
C ALA A 3951 -49.85 -5.03 32.21
N HIS A 3952 -49.63 -6.33 32.44
CA HIS A 3952 -50.75 -7.19 32.79
C HIS A 3952 -51.29 -6.89 34.19
N MET A 3953 -50.42 -6.58 35.14
CA MET A 3953 -50.87 -6.24 36.48
C MET A 3953 -51.59 -4.90 36.51
N GLN A 3954 -51.12 -3.93 35.73
CA GLN A 3954 -51.83 -2.66 35.64
C GLN A 3954 -53.21 -2.84 35.03
N MET A 3955 -53.31 -3.65 33.96
CA MET A 3955 -54.61 -3.93 33.35
C MET A 3955 -55.55 -4.64 34.31
N LYS A 3956 -55.01 -5.59 35.08
CA LYS A 3956 -55.85 -6.35 36.01
C LYS A 3956 -56.28 -5.50 37.20
N LEU A 3957 -55.39 -4.66 37.71
CA LEU A 3957 -55.63 -3.90 38.92
C LEU A 3957 -56.20 -2.52 38.65
N SER A 3958 -56.47 -2.17 37.38
CA SER A 3958 -57.15 -0.92 37.09
C SER A 3958 -58.53 -0.87 37.74
N GLN A 3959 -59.18 -2.02 37.89
CA GLN A 3959 -60.49 -2.09 38.52
C GLN A 3959 -60.32 -2.08 40.04
N ASP A 3960 -61.40 -2.40 40.76
CA ASP A 3960 -61.45 -2.49 42.21
C ASP A 3960 -61.12 -1.18 42.90
N SER A 3961 -61.09 -1.18 44.23
CA SER A 3961 -60.80 0.02 45.00
C SER A 3961 -59.92 -0.22 46.21
N SER A 3962 -59.42 -1.44 46.42
CA SER A 3962 -58.60 -1.75 47.57
C SER A 3962 -57.13 -1.94 47.25
N GLN A 3963 -56.77 -2.03 45.96
CA GLN A 3963 -55.39 -2.23 45.54
C GLN A 3963 -54.71 -0.94 45.10
N ILE A 3964 -55.09 0.19 45.69
CA ILE A 3964 -54.54 1.48 45.27
C ILE A 3964 -53.09 1.61 45.70
N GLU A 3965 -52.75 1.16 46.92
CA GLU A 3965 -51.38 1.26 47.40
C GLU A 3965 -50.44 0.35 46.60
N LEU A 3966 -50.91 -0.87 46.29
CA LEU A 3966 -50.10 -1.76 45.47
C LEU A 3966 -49.89 -1.17 44.09
N LEU A 3967 -50.92 -0.54 43.53
CA LEU A 3967 -50.78 0.12 42.24
C LEU A 3967 -49.78 1.27 42.31
N LYS A 3968 -49.80 2.02 43.41
CA LYS A 3968 -48.85 3.12 43.58
C LYS A 3968 -47.41 2.61 43.61
N GLU A 3969 -47.16 1.56 44.41
CA GLU A 3969 -45.83 0.96 44.43
C GLU A 3969 -45.47 0.36 43.07
N LEU A 3970 -46.48 -0.12 42.34
CA LEU A 3970 -46.26 -0.69 41.02
C LEU A 3970 -45.74 0.37 40.05
N MET A 3971 -46.42 1.51 39.97
CA MET A 3971 -45.93 2.60 39.14
C MET A 3971 -44.61 3.16 39.64
N ASP A 3972 -44.36 3.11 40.96
CA ASP A 3972 -43.07 3.54 41.47
C ASP A 3972 -41.94 2.66 40.96
N LEU A 3973 -42.15 1.33 40.97
CA LEU A 3973 -41.15 0.43 40.41
C LEU A 3973 -40.99 0.63 38.91
N GLN A 3974 -42.08 0.95 38.21
CA GLN A 3974 -41.99 1.27 36.79
C GLN A 3974 -41.08 2.48 36.57
N LYS A 3975 -41.30 3.54 37.36
CA LYS A 3975 -40.47 4.73 37.27
C LYS A 3975 -39.01 4.41 37.55
N ASP A 3976 -38.75 3.57 38.56
CA ASP A 3976 -37.37 3.21 38.88
C ASP A 3976 -36.71 2.46 37.73
N MET A 3977 -37.43 1.52 37.11
CA MET A 3977 -36.82 0.78 36.01
C MET A 3977 -36.55 1.71 34.83
N VAL A 3978 -37.48 2.62 34.52
CA VAL A 3978 -37.26 3.53 33.40
C VAL A 3978 -36.08 4.46 33.69
N VAL A 3979 -35.93 4.89 34.95
CA VAL A 3979 -34.75 5.67 35.33
C VAL A 3979 -33.48 4.87 35.09
N MET A 3980 -33.50 3.59 35.46
CA MET A 3980 -32.34 2.73 35.23
C MET A 3980 -32.03 2.60 33.74
N LEU A 3981 -33.07 2.41 32.93
CA LEU A 3981 -32.89 2.25 31.49
C LEU A 3981 -32.32 3.52 30.87
N LEU A 3982 -32.80 4.68 31.32
CA LEU A 3982 -32.24 5.94 30.86
C LEU A 3982 -30.79 6.09 31.30
N SER A 3983 -30.46 5.59 32.50
CA SER A 3983 -29.08 5.62 32.96
C SER A 3983 -28.18 4.74 32.11
N MET A 3984 -28.75 3.69 31.47
CA MET A 3984 -27.98 2.93 30.50
C MET A 3984 -27.57 3.78 29.30
N LEU A 3985 -28.48 4.60 28.79
CA LEU A 3985 -28.20 5.34 27.56
C LEU A 3985 -27.33 6.57 27.79
N GLU A 3986 -26.80 6.76 28.99
CA GLU A 3986 -25.95 7.91 29.26
C GLU A 3986 -24.61 7.74 28.55
N GLY A 3987 -24.23 8.74 27.76
CA GLY A 3987 -23.00 8.67 27.00
C GLY A 3987 -23.10 7.98 25.65
N ASN A 3988 -24.32 7.73 25.16
CA ASN A 3988 -24.49 7.06 23.88
C ASN A 3988 -24.17 8.01 22.73
N VAL A 3989 -23.99 7.42 21.55
CA VAL A 3989 -23.82 8.17 20.31
C VAL A 3989 -24.90 7.74 19.34
N VAL A 3990 -24.92 8.33 18.14
CA VAL A 3990 -25.87 7.93 17.12
C VAL A 3990 -25.51 6.54 16.61
N ASN A 3991 -26.53 5.70 16.42
CA ASN A 3991 -26.36 4.31 15.98
C ASN A 3991 -25.46 3.53 16.93
N GLY A 3992 -25.64 3.77 18.22
CA GLY A 3992 -24.88 3.04 19.22
C GLY A 3992 -25.38 1.62 19.41
N THR A 3993 -24.48 0.78 19.93
CA THR A 3993 -24.85 -0.61 20.18
C THR A 3993 -25.89 -0.72 21.29
N ILE A 3994 -25.81 0.17 22.29
CA ILE A 3994 -26.80 0.18 23.36
C ILE A 3994 -28.17 0.48 22.79
N GLY A 3995 -28.25 1.35 21.77
CA GLY A 3995 -29.51 1.60 21.11
C GLY A 3995 -30.05 0.37 20.39
N LYS A 3996 -29.15 -0.43 19.80
CA LYS A 3996 -29.57 -1.66 19.14
C LYS A 3996 -30.14 -2.66 20.15
N GLN A 3997 -29.44 -2.83 21.28
CA GLN A 3997 -29.96 -3.69 22.33
C GLN A 3997 -31.30 -3.15 22.85
N MET A 3998 -31.42 -1.83 22.94
CA MET A 3998 -32.64 -1.21 23.42
C MET A 3998 -33.81 -1.53 22.51
N VAL A 3999 -33.66 -1.28 21.20
CA VAL A 3999 -34.75 -1.50 20.26
C VAL A 3999 -35.07 -2.99 20.15
N ASP A 4000 -34.07 -3.86 20.28
CA ASP A 4000 -34.35 -5.29 20.36
C ASP A 4000 -35.21 -5.60 21.58
N MET A 4001 -34.94 -4.92 22.70
CA MET A 4001 -35.73 -5.15 23.92
C MET A 4001 -37.16 -4.66 23.73
N LEU A 4002 -37.35 -3.50 23.08
CA LEU A 4002 -38.72 -3.05 22.78
C LEU A 4002 -39.45 -4.03 21.89
N VAL A 4003 -38.81 -4.49 20.79
CA VAL A 4003 -39.54 -5.34 19.87
C VAL A 4003 -39.74 -6.75 20.42
N GLU A 4004 -38.98 -7.14 21.44
CA GLU A 4004 -39.22 -8.42 22.08
C GLU A 4004 -40.49 -8.41 22.93
N SER A 4005 -40.98 -7.23 23.31
CA SER A 4005 -42.16 -7.09 24.18
C SER A 4005 -43.09 -6.02 23.63
N SER A 4006 -43.40 -6.11 22.34
CA SER A 4006 -44.21 -5.08 21.68
C SER A 4006 -45.63 -5.03 22.26
N ASN A 4007 -46.20 -6.20 22.57
CA ASN A 4007 -47.56 -6.23 23.09
C ASN A 4007 -47.66 -5.54 24.46
N ASN A 4008 -46.69 -5.78 25.33
CA ASN A 4008 -46.70 -5.14 26.64
C ASN A 4008 -46.52 -3.64 26.53
N VAL A 4009 -45.66 -3.19 25.60
CA VAL A 4009 -45.47 -1.76 25.38
C VAL A 4009 -46.76 -1.12 24.88
N GLU A 4010 -47.44 -1.79 23.94
CA GLU A 4010 -48.72 -1.28 23.47
C GLU A 4010 -49.74 -1.22 24.60
N MET A 4011 -49.74 -2.23 25.48
CA MET A 4011 -50.69 -2.26 26.59
C MET A 4011 -50.45 -1.10 27.55
N ILE A 4012 -49.19 -0.86 27.93
CA ILE A 4012 -48.92 0.21 28.88
C ILE A 4012 -49.18 1.57 28.23
N LEU A 4013 -48.89 1.71 26.94
CA LEU A 4013 -49.17 2.97 26.27
C LEU A 4013 -50.67 3.24 26.19
N LYS A 4014 -51.46 2.20 25.89
CA LYS A 4014 -52.91 2.37 25.86
C LYS A 4014 -53.46 2.69 27.25
N PHE A 4015 -52.90 2.07 28.29
CA PHE A 4015 -53.34 2.39 29.64
C PHE A 4015 -52.96 3.82 30.03
N PHE A 4016 -51.78 4.28 29.62
CA PHE A 4016 -51.36 5.63 29.96
C PHE A 4016 -52.16 6.68 29.19
N ASP A 4017 -52.59 6.36 27.97
CA ASP A 4017 -53.38 7.33 27.21
C ASP A 4017 -54.78 7.48 27.78
N MET A 4018 -55.38 6.38 28.26
CA MET A 4018 -56.74 6.44 28.77
C MET A 4018 -56.80 7.22 30.07
N PHE A 4019 -56.11 6.73 31.10
CA PHE A 4019 -56.03 7.43 32.38
C PHE A 4019 -54.89 8.44 32.31
N LEU A 4020 -55.24 9.72 32.36
CA LEU A 4020 -54.31 10.84 32.26
C LEU A 4020 -53.61 10.85 30.91
N LYS A 4021 -52.63 11.74 30.76
CA LYS A 4021 -51.94 11.96 29.48
C LYS A 4021 -52.95 12.23 28.38
N LEU A 4022 -53.68 13.34 28.55
CA LEU A 4022 -54.86 13.71 27.75
C LEU A 4022 -55.98 12.69 27.93
N LYS A 4023 -57.16 13.00 27.38
CA LYS A 4023 -58.36 12.18 27.46
C LYS A 4023 -58.84 11.96 28.90
N ASP A 4024 -58.27 12.68 29.86
CA ASP A 4024 -58.67 12.57 31.26
C ASP A 4024 -58.13 13.80 31.99
N LEU A 4025 -58.99 14.46 32.76
CA LEU A 4025 -58.71 15.73 33.44
C LEU A 4025 -58.42 16.84 32.42
N THR A 4026 -58.64 16.55 31.14
CA THR A 4026 -58.55 17.52 30.05
C THR A 4026 -59.87 17.73 29.36
N SER A 4027 -60.62 16.65 29.13
CA SER A 4027 -61.96 16.76 28.57
C SER A 4027 -62.88 17.52 29.52
N SER A 4028 -62.76 17.27 30.82
CA SER A 4028 -63.61 17.85 31.86
C SER A 4028 -65.08 17.63 31.53
N ASP A 4029 -65.46 16.36 31.58
CA ASP A 4029 -66.75 15.91 31.09
C ASP A 4029 -67.90 16.62 31.80
N THR A 4030 -68.88 17.05 31.00
CA THR A 4030 -70.12 17.73 31.38
C THR A 4030 -69.90 19.13 31.94
N PHE A 4031 -68.66 19.56 32.13
CA PHE A 4031 -68.39 20.91 32.65
C PHE A 4031 -68.31 21.92 31.51
N LYS A 4032 -67.38 21.71 30.57
CA LYS A 4032 -67.28 22.53 29.38
C LYS A 4032 -68.18 22.04 28.26
N GLU A 4033 -68.90 20.94 28.46
CA GLU A 4033 -69.79 20.38 27.46
C GLU A 4033 -71.25 20.36 27.88
N TYR A 4034 -71.55 20.33 29.18
CA TYR A 4034 -72.94 20.31 29.64
C TYR A 4034 -73.25 21.30 30.75
N ASP A 4035 -72.25 21.76 31.53
CA ASP A 4035 -72.41 22.77 32.58
C ASP A 4035 -73.44 22.32 33.60
N PRO A 4036 -73.10 21.38 34.49
CA PRO A 4036 -74.10 20.76 35.37
C PRO A 4036 -74.52 21.62 36.55
N ASP A 4037 -74.15 22.90 36.58
CA ASP A 4037 -74.54 23.84 37.64
C ASP A 4037 -74.08 23.34 39.00
N GLY A 4038 -72.77 23.13 39.12
CA GLY A 4038 -72.21 22.66 40.38
C GLY A 4038 -70.83 22.05 40.14
N LYS A 4039 -70.42 21.21 41.08
CA LYS A 4039 -69.14 20.53 41.01
C LYS A 4039 -69.28 19.31 40.09
N GLY A 4040 -68.21 18.52 40.00
CA GLY A 4040 -68.22 17.34 39.16
C GLY A 4040 -68.88 16.14 39.80
N VAL A 4041 -70.12 16.32 40.28
CA VAL A 4041 -70.84 15.23 40.92
C VAL A 4041 -71.16 14.14 39.91
N ILE A 4042 -71.72 14.53 38.76
CA ILE A 4042 -72.08 13.66 37.63
C ILE A 4042 -73.22 12.72 38.02
N SER A 4043 -74.17 12.52 37.09
CA SER A 4043 -75.33 11.68 37.32
C SER A 4043 -75.11 10.24 36.88
N LYS A 4044 -73.87 9.74 36.97
CA LYS A 4044 -73.51 8.37 36.61
C LYS A 4044 -73.77 8.09 35.14
N ARG A 4045 -75.06 8.08 34.73
CA ARG A 4045 -75.40 7.91 33.33
C ARG A 4045 -74.93 9.07 32.47
N ASP A 4046 -74.67 10.23 33.06
CA ASP A 4046 -74.15 11.35 32.30
C ASP A 4046 -72.73 11.09 31.80
N PHE A 4047 -71.98 10.25 32.51
CA PHE A 4047 -70.63 9.89 32.07
C PHE A 4047 -70.68 9.12 30.75
N HIS A 4048 -71.60 8.16 30.64
CA HIS A 4048 -71.78 7.46 29.37
C HIS A 4048 -72.46 8.36 28.33
N LYS A 4049 -73.33 9.27 28.78
CA LYS A 4049 -73.87 10.27 27.87
C LYS A 4049 -72.77 11.21 27.37
N ALA A 4050 -71.73 11.40 28.16
CA ALA A 4050 -70.54 12.12 27.74
C ALA A 4050 -69.63 11.15 26.98
N MET A 4051 -68.37 11.56 26.78
CA MET A 4051 -67.36 10.75 26.11
C MET A 4051 -67.77 10.41 24.66
N GLU A 4052 -68.30 11.42 23.96
CA GLU A 4052 -68.51 11.34 22.52
C GLU A 4052 -67.35 11.94 21.74
N SER A 4053 -66.14 11.84 22.28
CA SER A 4053 -64.96 12.55 21.80
C SER A 4053 -63.93 11.55 21.28
N HIS A 4054 -62.71 12.04 21.07
CA HIS A 4054 -61.61 11.24 20.51
C HIS A 4054 -61.38 9.92 21.25
N LYS A 4055 -61.80 9.80 22.50
CA LYS A 4055 -61.72 8.52 23.19
C LYS A 4055 -62.58 7.48 22.49
N HIS A 4056 -62.02 6.27 22.34
CA HIS A 4056 -62.70 5.22 21.61
C HIS A 4056 -63.92 4.73 22.38
N TYR A 4057 -64.87 4.16 21.65
CA TYR A 4057 -66.11 3.63 22.22
C TYR A 4057 -65.96 2.20 22.72
N THR A 4058 -64.77 1.63 22.66
CA THR A 4058 -64.56 0.27 23.11
C THR A 4058 -64.71 0.17 24.63
N GLN A 4059 -64.97 -1.05 25.10
CA GLN A 4059 -65.11 -1.27 26.53
C GLN A 4059 -63.80 -1.03 27.28
N SER A 4060 -62.67 -1.19 26.60
CA SER A 4060 -61.37 -0.90 27.19
C SER A 4060 -61.01 0.58 27.13
N GLU A 4061 -61.84 1.41 26.50
CA GLU A 4061 -61.60 2.84 26.44
C GLU A 4061 -62.70 3.65 27.11
N THR A 4062 -63.97 3.42 26.73
CA THR A 4062 -65.07 4.17 27.31
C THR A 4062 -65.64 3.49 28.55
N GLU A 4063 -66.03 2.22 28.43
CA GLU A 4063 -66.56 1.49 29.57
C GLU A 4063 -65.48 1.16 30.59
N PHE A 4064 -64.21 1.23 30.21
CA PHE A 4064 -63.12 1.00 31.16
C PHE A 4064 -63.15 2.03 32.29
N LEU A 4065 -63.33 3.31 31.93
CA LEU A 4065 -63.40 4.36 32.95
C LEU A 4065 -64.64 4.19 33.82
N LEU A 4066 -65.76 3.80 33.21
CA LEU A 4066 -66.99 3.59 33.99
C LEU A 4066 -66.82 2.44 34.99
N SER A 4067 -66.16 1.36 34.57
CA SER A 4067 -65.92 0.24 35.47
C SER A 4067 -64.93 0.60 36.57
N CYS A 4068 -63.90 1.38 36.23
CA CYS A 4068 -62.88 1.73 37.21
C CYS A 4068 -63.38 2.79 38.19
N ALA A 4069 -64.34 3.61 37.77
CA ALA A 4069 -64.84 4.72 38.59
C ALA A 4069 -66.20 4.42 39.19
N GLU A 4070 -66.42 3.20 39.68
CA GLU A 4070 -67.67 2.87 40.34
C GLU A 4070 -67.90 3.74 41.57
N THR A 4071 -66.90 3.79 42.47
CA THR A 4071 -66.89 4.65 43.64
C THR A 4071 -68.15 4.51 44.49
N ASP A 4072 -69.00 5.52 44.48
CA ASP A 4072 -70.23 5.51 45.26
C ASP A 4072 -71.25 4.56 44.65
N GLU A 4073 -72.31 4.29 45.40
CA GLU A 4073 -73.26 3.26 45.00
C GLU A 4073 -74.28 3.79 44.00
N ASN A 4074 -75.11 4.74 44.42
CA ASN A 4074 -76.30 5.11 43.64
C ASN A 4074 -75.98 5.76 42.29
N GLU A 4075 -75.53 7.01 42.31
CA GLU A 4075 -75.27 7.69 41.04
C GLU A 4075 -74.14 8.73 41.11
N THR A 4076 -73.45 8.89 42.23
CA THR A 4076 -72.59 10.05 42.45
C THR A 4076 -71.13 9.71 42.20
N LEU A 4077 -70.44 10.61 41.52
CA LEU A 4077 -68.99 10.60 41.36
C LEU A 4077 -68.44 11.93 41.88
N ASP A 4078 -67.13 12.14 41.70
CA ASP A 4078 -66.50 13.36 42.15
C ASP A 4078 -65.14 13.49 41.49
N TYR A 4079 -64.49 14.63 41.74
CA TYR A 4079 -63.12 14.84 41.29
C TYR A 4079 -62.11 14.00 42.06
N GLU A 4080 -62.51 13.38 43.16
CA GLU A 4080 -61.62 12.47 43.87
C GLU A 4080 -61.26 11.27 43.00
N GLU A 4081 -62.16 10.89 42.08
CA GLU A 4081 -61.80 9.87 41.09
C GLU A 4081 -60.64 10.33 40.22
N PHE A 4082 -60.69 11.59 39.77
CA PHE A 4082 -59.60 12.13 38.97
C PHE A 4082 -58.32 12.26 39.79
N VAL A 4083 -58.44 12.52 41.09
CA VAL A 4083 -57.25 12.58 41.94
C VAL A 4083 -56.64 11.20 42.12
N LYS A 4084 -57.48 10.19 42.36
CA LYS A 4084 -56.99 8.84 42.63
C LYS A 4084 -56.46 8.18 41.37
N ARG A 4085 -57.31 7.96 40.38
CA ARG A 4085 -56.89 7.44 39.10
C ARG A 4085 -56.64 8.59 38.15
N PHE A 4086 -55.57 8.48 37.37
CA PHE A 4086 -55.15 9.50 36.41
C PHE A 4086 -54.77 10.81 37.10
N HIS A 4087 -54.48 11.84 36.31
CA HIS A 4087 -54.01 13.14 36.78
C HIS A 4087 -52.71 13.02 37.57
N GLU A 4088 -52.81 12.94 38.91
CA GLU A 4088 -51.59 12.97 39.73
C GLU A 4088 -50.71 11.75 39.50
N PRO A 4089 -51.21 10.51 39.51
CA PRO A 4089 -50.43 9.41 38.95
C PRO A 4089 -50.52 9.41 37.43
N ALA A 4090 -49.65 8.60 36.82
CA ALA A 4090 -49.52 8.40 35.38
C ALA A 4090 -49.02 9.65 34.65
N LYS A 4091 -48.80 10.76 35.36
CA LYS A 4091 -48.18 11.94 34.76
C LYS A 4091 -46.68 11.94 35.00
N ASP A 4092 -46.26 11.89 36.27
CA ASP A 4092 -44.84 11.76 36.57
C ASP A 4092 -44.30 10.39 36.16
N ILE A 4093 -45.12 9.35 36.28
CA ILE A 4093 -44.69 8.01 35.89
C ILE A 4093 -44.51 7.92 34.38
N GLY A 4094 -45.49 8.42 33.63
CA GLY A 4094 -45.41 8.38 32.17
C GLY A 4094 -44.44 9.38 31.58
N PHE A 4095 -44.04 10.39 32.36
CA PHE A 4095 -43.08 11.36 31.87
C PHE A 4095 -41.74 10.72 31.56
N ASN A 4096 -41.29 9.80 32.42
CA ASN A 4096 -40.04 9.10 32.16
C ASN A 4096 -40.14 8.22 30.93
N VAL A 4097 -41.30 7.60 30.71
CA VAL A 4097 -41.51 6.81 29.49
C VAL A 4097 -41.44 7.70 28.26
N ALA A 4098 -42.05 8.88 28.32
CA ALA A 4098 -41.97 9.82 27.21
C ALA A 4098 -40.53 10.28 26.96
N VAL A 4099 -39.78 10.51 28.04
CA VAL A 4099 -38.37 10.89 27.93
C VAL A 4099 -37.57 9.79 27.25
N LEU A 4100 -37.82 8.54 27.65
CA LEU A 4100 -37.11 7.41 27.05
C LEU A 4100 -37.43 7.28 25.58
N LEU A 4101 -38.71 7.43 25.22
CA LEU A 4101 -39.10 7.34 23.81
C LEU A 4101 -38.49 8.46 22.99
N THR A 4102 -38.46 9.68 23.54
CA THR A 4102 -37.84 10.80 22.84
C THR A 4102 -36.34 10.58 22.66
N ASN A 4103 -35.67 10.08 23.69
CA ASN A 4103 -34.24 9.80 23.60
C ASN A 4103 -33.96 8.74 22.54
N LEU A 4104 -34.77 7.68 22.50
CA LEU A 4104 -34.57 6.64 21.51
C LEU A 4104 -34.83 7.14 20.10
N SER A 4105 -35.86 7.97 19.91
CA SER A 4105 -36.16 8.48 18.58
C SER A 4105 -35.08 9.44 18.10
N GLU A 4106 -34.56 10.29 18.98
CA GLU A 4106 -33.56 11.26 18.55
C GLU A 4106 -32.19 10.60 18.36
N HIS A 4107 -31.83 9.65 19.21
CA HIS A 4107 -30.53 8.99 19.08
C HIS A 4107 -30.51 7.97 17.94
N MET A 4108 -31.65 7.33 17.67
CA MET A 4108 -31.76 6.38 16.56
C MET A 4108 -32.62 6.99 15.46
N PRO A 4109 -32.02 7.52 14.40
CA PRO A 4109 -32.81 8.25 13.40
C PRO A 4109 -33.64 7.35 12.50
N ASN A 4110 -33.07 6.20 12.12
CA ASN A 4110 -33.69 5.32 11.12
C ASN A 4110 -33.96 3.96 11.76
N ASP A 4111 -35.21 3.77 12.20
CA ASP A 4111 -35.65 2.46 12.70
C ASP A 4111 -37.17 2.41 12.57
N THR A 4112 -37.66 1.55 11.68
CA THR A 4112 -39.10 1.48 11.43
C THR A 4112 -39.87 1.02 12.65
N ARG A 4113 -39.26 0.19 13.48
CA ARG A 4113 -39.91 -0.28 14.71
C ARG A 4113 -40.13 0.88 15.67
N LEU A 4114 -39.11 1.72 15.86
CA LEU A 4114 -39.27 2.93 16.66
C LEU A 4114 -40.27 3.87 16.03
N GLN A 4115 -40.33 3.91 14.69
CA GLN A 4115 -41.33 4.74 14.02
C GLN A 4115 -42.75 4.26 14.36
N THR A 4116 -42.97 2.95 14.35
CA THR A 4116 -44.28 2.41 14.71
C THR A 4116 -44.60 2.72 16.17
N PHE A 4117 -43.60 2.63 17.05
CA PHE A 4117 -43.83 2.99 18.45
C PHE A 4117 -44.20 4.46 18.59
N LEU A 4118 -43.58 5.33 17.78
CA LEU A 4118 -43.92 6.74 17.82
C LEU A 4118 -45.33 7.00 17.31
N GLU A 4119 -45.73 6.34 16.22
CA GLU A 4119 -47.12 6.48 15.77
C GLU A 4119 -48.11 5.81 16.71
N LEU A 4120 -47.65 4.96 17.62
CA LEU A 4120 -48.52 4.44 18.67
C LEU A 4120 -48.62 5.37 19.87
N ALA A 4121 -47.55 6.08 20.21
CA ALA A 4121 -47.50 6.89 21.42
C ALA A 4121 -47.47 8.40 21.13
N GLU A 4122 -47.88 8.81 19.93
CA GLU A 4122 -47.88 10.24 19.61
C GLU A 4122 -48.78 11.04 20.53
N SER A 4123 -49.84 10.44 21.07
CA SER A 4123 -50.74 11.18 21.96
C SER A 4123 -50.05 11.52 23.27
N VAL A 4124 -49.40 10.54 23.89
CA VAL A 4124 -48.68 10.81 25.13
C VAL A 4124 -47.47 11.69 24.87
N LEU A 4125 -46.86 11.60 23.68
CA LEU A 4125 -45.77 12.50 23.34
C LEU A 4125 -46.25 13.93 23.21
N ASN A 4126 -47.42 14.13 22.61
CA ASN A 4126 -48.00 15.47 22.51
C ASN A 4126 -48.36 16.01 23.87
N TYR A 4127 -48.91 15.17 24.76
CA TYR A 4127 -49.24 15.64 26.10
C TYR A 4127 -47.99 16.03 26.88
N PHE A 4128 -46.93 15.22 26.81
CA PHE A 4128 -45.72 15.49 27.56
C PHE A 4128 -44.73 16.38 26.81
N GLN A 4129 -45.18 17.07 25.78
CA GLN A 4129 -44.33 17.98 25.03
C GLN A 4129 -44.13 19.33 25.74
N PRO A 4130 -45.16 19.97 26.30
CA PRO A 4130 -44.90 21.22 27.04
C PRO A 4130 -44.04 21.04 28.29
N PHE A 4131 -43.94 19.84 28.83
CA PHE A 4131 -43.20 19.60 30.07
C PHE A 4131 -41.78 19.12 29.83
N LEU A 4132 -41.44 18.70 28.62
CA LEU A 4132 -40.13 18.11 28.33
C LEU A 4132 -39.23 19.16 27.70
N GLY A 4133 -38.01 19.28 28.23
CA GLY A 4133 -37.01 20.19 27.71
C GLY A 4133 -36.04 19.49 26.76
N ARG A 4134 -35.06 20.27 26.31
CA ARG A 4134 -34.02 19.77 25.41
C ARG A 4134 -32.84 20.73 25.47
N ILE A 4135 -31.67 20.21 25.84
CA ILE A 4135 -30.50 21.04 26.06
C ILE A 4135 -29.25 20.24 25.66
N GLU A 4136 -28.33 20.91 24.98
CA GLU A 4136 -27.09 20.32 24.52
C GLU A 4136 -25.91 20.93 25.27
N ILE A 4137 -25.03 20.07 25.79
CA ILE A 4137 -23.90 20.51 26.59
C ILE A 4137 -22.63 19.81 26.11
N MET A 4138 -21.49 20.31 26.59
CA MET A 4138 -20.19 19.66 26.42
C MET A 4138 -19.86 18.73 27.59
N GLY A 4139 -20.80 18.54 28.51
CA GLY A 4139 -20.48 17.90 29.78
C GLY A 4139 -20.01 16.47 29.58
N SER A 4140 -18.83 16.17 30.14
CA SER A 4140 -18.18 14.85 30.11
C SER A 4140 -17.71 14.49 28.72
N ALA A 4141 -16.58 13.78 28.65
CA ALA A 4141 -15.95 13.39 27.38
C ALA A 4141 -15.68 14.66 26.57
N LYS A 4142 -15.75 14.57 25.24
CA LYS A 4142 -15.53 15.71 24.35
C LYS A 4142 -16.60 15.76 23.27
N ARG A 4143 -17.84 15.44 23.61
CA ARG A 4143 -18.92 15.35 22.64
C ARG A 4143 -20.17 16.05 23.16
N ILE A 4144 -21.02 16.47 22.20
CA ILE A 4144 -22.33 17.02 22.51
C ILE A 4144 -23.24 15.90 23.00
N GLU A 4145 -23.94 16.17 24.10
CA GLU A 4145 -24.93 15.26 24.65
C GLU A 4145 -26.30 15.95 24.69
N ARG A 4146 -27.27 15.25 25.28
CA ARG A 4146 -28.62 15.77 25.43
C ARG A 4146 -29.06 15.59 26.88
N VAL A 4147 -29.73 16.61 27.43
CA VAL A 4147 -29.93 16.72 28.87
C VAL A 4147 -31.43 16.81 29.17
N TYR A 4148 -32.24 15.97 28.50
CA TYR A 4148 -33.68 15.92 28.73
C TYR A 4148 -34.02 15.94 30.21
N PHE A 4149 -34.97 16.78 30.58
CA PHE A 4149 -35.33 17.00 31.98
C PHE A 4149 -36.81 17.38 32.05
N GLU A 4150 -37.24 17.82 33.22
CA GLU A 4150 -38.64 18.11 33.50
C GLU A 4150 -38.84 19.60 33.79
N ILE A 4151 -39.94 20.15 33.28
CA ILE A 4151 -40.34 21.53 33.53
C ILE A 4151 -41.67 21.52 34.23
N SER A 4152 -41.74 22.17 35.40
CA SER A 4152 -42.98 22.24 36.14
C SER A 4152 -43.96 23.21 35.47
N GLU A 4153 -45.23 23.07 35.84
CA GLU A 4153 -46.25 23.98 35.33
C GLU A 4153 -46.05 25.40 35.86
N SER A 4154 -45.67 25.51 37.14
CA SER A 4154 -45.50 26.83 37.76
C SER A 4154 -44.37 27.61 37.11
N SER A 4155 -43.27 26.92 36.75
CA SER A 4155 -42.16 27.60 36.10
C SER A 4155 -42.56 28.18 34.75
N ARG A 4156 -43.38 27.44 33.99
CA ARG A 4156 -43.84 27.94 32.70
C ARG A 4156 -44.89 29.03 32.84
N THR A 4157 -45.74 28.95 33.88
CA THR A 4157 -46.77 29.96 34.05
C THR A 4157 -46.26 31.22 34.74
N GLN A 4158 -45.07 31.20 35.32
CA GLN A 4158 -44.44 32.39 35.88
C GLN A 4158 -43.36 32.96 34.98
N TRP A 4159 -43.03 32.27 33.88
CA TRP A 4159 -42.07 32.81 32.92
C TRP A 4159 -42.69 33.92 32.08
N GLU A 4160 -44.01 33.91 31.92
CA GLU A 4160 -44.71 34.87 31.08
C GLU A 4160 -45.22 36.09 31.86
N LYS A 4161 -44.77 36.27 33.09
CA LYS A 4161 -45.14 37.46 33.85
C LYS A 4161 -44.48 38.69 33.24
N PRO A 4162 -45.15 39.86 33.30
CA PRO A 4162 -44.58 41.06 32.66
C PRO A 4162 -43.23 41.48 33.20
N GLN A 4163 -43.01 41.32 34.52
CA GLN A 4163 -41.73 41.68 35.10
C GLN A 4163 -40.61 40.82 34.53
N VAL A 4164 -40.87 39.51 34.38
CA VAL A 4164 -39.88 38.60 33.82
C VAL A 4164 -39.58 38.97 32.37
N LYS A 4165 -40.62 39.32 31.60
CA LYS A 4165 -40.41 39.72 30.21
C LYS A 4165 -39.57 40.98 30.12
N GLU A 4166 -39.86 41.97 30.97
CA GLU A 4166 -39.08 43.20 30.96
C GLU A 4166 -37.62 42.95 31.35
N SER A 4167 -37.40 42.12 32.37
CA SER A 4167 -36.04 41.79 32.78
C SER A 4167 -35.31 41.05 31.67
N LYS A 4168 -36.00 40.14 30.97
CA LYS A 4168 -35.39 39.42 29.86
C LYS A 4168 -34.99 40.37 28.74
N ARG A 4169 -35.88 41.31 28.40
CA ARG A 4169 -35.57 42.27 27.35
C ARG A 4169 -34.36 43.12 27.73
N GLN A 4170 -34.35 43.63 28.96
CA GLN A 4170 -33.24 44.47 29.41
C GLN A 4170 -31.92 43.69 29.40
N PHE A 4171 -31.95 42.45 29.89
CA PHE A 4171 -30.73 41.65 29.92
C PHE A 4171 -30.23 41.35 28.51
N ILE A 4172 -31.15 41.00 27.60
CA ILE A 4172 -30.74 40.68 26.23
C ILE A 4172 -30.09 41.90 25.58
N PHE A 4173 -30.72 43.06 25.73
CA PHE A 4173 -30.17 44.28 25.14
C PHE A 4173 -28.81 44.61 25.74
N ASP A 4174 -28.68 44.53 27.07
CA ASP A 4174 -27.43 44.92 27.72
C ASP A 4174 -26.33 43.90 27.54
N VAL A 4175 -26.65 42.65 27.21
CA VAL A 4175 -25.63 41.62 27.05
C VAL A 4175 -25.25 41.38 25.60
N VAL A 4176 -26.07 41.82 24.64
CA VAL A 4176 -25.68 41.72 23.24
C VAL A 4176 -25.29 43.08 22.65
N ASN A 4177 -25.55 44.18 23.37
CA ASN A 4177 -25.09 45.48 22.89
C ASN A 4177 -23.59 45.64 23.11
N GLU A 4178 -23.15 45.57 24.36
CA GLU A 4178 -21.73 45.67 24.70
C GLU A 4178 -21.06 44.30 24.64
N GLY A 4179 -21.60 43.34 25.39
CA GLY A 4179 -21.19 41.94 25.32
C GLY A 4179 -20.00 41.54 26.16
N GLY A 4180 -18.78 41.78 25.68
CA GLY A 4180 -17.61 41.23 26.34
C GLY A 4180 -17.70 39.72 26.45
N GLU A 4181 -17.55 39.01 25.34
CA GLU A 4181 -18.13 37.68 25.22
C GLU A 4181 -17.39 36.57 25.98
N LYS A 4182 -17.14 36.82 27.25
CA LYS A 4182 -17.04 35.86 28.35
C LYS A 4182 -17.86 36.32 29.52
N GLU A 4183 -17.87 37.63 29.78
CA GLU A 4183 -18.90 38.23 30.60
C GLU A 4183 -20.29 38.02 30.00
N LYS A 4184 -20.37 37.71 28.70
CA LYS A 4184 -21.64 37.28 28.11
C LYS A 4184 -22.20 36.07 28.85
N MET A 4185 -21.40 35.01 28.95
CA MET A 4185 -21.86 33.80 29.66
C MET A 4185 -21.98 34.06 31.17
N GLU A 4186 -21.05 34.84 31.73
CA GLU A 4186 -21.11 35.12 33.16
C GLU A 4186 -22.41 35.86 33.52
N LEU A 4187 -22.74 36.90 32.77
CA LEU A 4187 -23.96 37.65 32.99
C LEU A 4187 -25.20 36.87 32.58
N PHE A 4188 -25.08 35.92 31.65
CA PHE A 4188 -26.21 35.04 31.38
C PHE A 4188 -26.53 34.19 32.59
N VAL A 4189 -25.50 33.63 33.24
CA VAL A 4189 -25.72 32.84 34.45
C VAL A 4189 -26.27 33.73 35.57
N ASN A 4190 -25.73 34.95 35.69
CA ASN A 4190 -26.23 35.87 36.72
C ASN A 4190 -27.69 36.24 36.47
N PHE A 4191 -28.05 36.48 35.22
CA PHE A 4191 -29.45 36.76 34.86
C PHE A 4191 -30.33 35.56 35.14
N CYS A 4192 -29.80 34.35 34.93
CA CYS A 4192 -30.54 33.15 35.28
C CYS A 4192 -30.85 33.10 36.77
N GLU A 4193 -29.84 33.38 37.60
CA GLU A 4193 -30.06 33.39 39.04
C GLU A 4193 -31.07 34.46 39.46
N ASP A 4194 -30.94 35.66 38.88
CA ASP A 4194 -31.84 36.75 39.23
C ASP A 4194 -33.28 36.43 38.80
N THR A 4195 -33.44 35.82 37.63
CA THR A 4195 -34.78 35.47 37.17
C THR A 4195 -35.38 34.33 37.98
N ILE A 4196 -34.54 33.40 38.45
CA ILE A 4196 -35.02 32.38 39.38
C ILE A 4196 -35.54 33.03 40.65
N PHE A 4197 -34.79 34.00 41.18
CA PHE A 4197 -35.25 34.72 42.37
C PHE A 4197 -36.56 35.46 42.10
N GLU A 4198 -36.70 36.06 40.92
CA GLU A 4198 -37.92 36.77 40.59
C GLU A 4198 -39.11 35.85 40.42
N MET A 4199 -38.91 34.66 39.84
CA MET A 4199 -39.99 33.68 39.79
C MET A 4199 -40.40 33.23 41.19
N GLN A 4200 -39.41 33.04 42.08
CA GLN A 4200 -39.71 32.69 43.46
C GLN A 4200 -40.50 33.80 44.14
N LEU A 4201 -40.13 35.06 43.90
CA LEU A 4201 -40.85 36.19 44.49
C LEU A 4201 -42.26 36.28 43.94
N ALA A 4202 -42.43 36.11 42.63
CA ALA A 4202 -43.74 36.19 42.00
C ALA A 4202 -44.63 35.02 42.38
N ALA A 4203 -44.05 33.93 42.89
CA ALA A 4203 -44.86 32.84 43.42
C ALA A 4203 -45.72 33.29 44.59
N GLN A 4204 -45.29 34.34 45.31
CA GLN A 4204 -46.07 34.90 46.41
C GLN A 4204 -47.14 35.84 45.84
N ILE A 4205 -48.15 35.23 45.24
CA ILE A 4205 -49.24 35.97 44.62
C ILE A 4205 -50.45 35.99 45.55
N ILE A 4483 -50.27 41.47 60.81
CA ILE A 4483 -51.64 41.44 60.29
C ILE A 4483 -51.66 40.85 58.89
N ALA A 4484 -52.57 39.91 58.66
CA ALA A 4484 -52.68 39.28 57.35
C ALA A 4484 -53.21 40.26 56.31
N TYR A 4485 -54.08 41.19 56.71
CA TYR A 4485 -54.61 42.15 55.75
C TYR A 4485 -53.54 43.10 55.23
N GLN A 4486 -52.58 43.47 56.08
CA GLN A 4486 -51.48 44.32 55.63
C GLN A 4486 -50.65 43.61 54.56
N GLN A 4487 -50.33 42.34 54.78
CA GLN A 4487 -49.58 41.58 53.78
C GLN A 4487 -50.38 41.39 52.51
N LYS A 4488 -51.70 41.16 52.63
CA LYS A 4488 -52.54 41.02 51.46
C LYS A 4488 -52.57 42.31 50.65
N LEU A 4489 -52.70 43.46 51.33
CA LEU A 4489 -52.70 44.74 50.63
C LEU A 4489 -51.36 45.02 49.97
N LEU A 4490 -50.26 44.70 50.64
CA LEU A 4490 -48.94 44.91 50.05
C LEU A 4490 -48.74 44.03 48.83
N ASN A 4491 -49.17 42.77 48.88
CA ASN A 4491 -49.05 41.90 47.72
C ASN A 4491 -49.95 42.35 46.59
N TYR A 4492 -51.14 42.87 46.91
CA TYR A 4492 -52.02 43.41 45.88
C TYR A 4492 -51.40 44.61 45.20
N PHE A 4493 -50.77 45.50 45.98
CA PHE A 4493 -50.11 46.66 45.39
C PHE A 4493 -48.91 46.24 44.55
N ALA A 4494 -48.17 45.22 45.00
CA ALA A 4494 -47.06 44.71 44.21
C ALA A 4494 -47.52 43.96 42.97
N ARG A 4495 -48.77 43.52 42.94
CA ARG A 4495 -49.29 42.87 41.73
C ARG A 4495 -49.68 43.90 40.68
N ASN A 4496 -50.63 44.77 41.01
CA ASN A 4496 -51.10 45.80 40.08
C ASN A 4496 -50.24 47.04 40.28
N PHE A 4497 -49.22 47.18 39.44
CA PHE A 4497 -48.30 48.30 39.48
C PHE A 4497 -48.34 49.12 38.20
N TYR A 4498 -48.17 48.47 37.04
CA TYR A 4498 -48.25 49.19 35.78
C TYR A 4498 -49.64 49.74 35.51
N ASN A 4499 -50.68 49.05 36.00
CA ASN A 4499 -52.03 49.59 35.90
C ASN A 4499 -52.15 50.88 36.71
N MET A 4500 -51.56 50.92 37.90
CA MET A 4500 -51.55 52.14 38.70
C MET A 4500 -50.77 53.24 38.00
N ARG A 4501 -49.67 52.89 37.33
CA ARG A 4501 -48.91 53.90 36.59
C ARG A 4501 -49.72 54.49 35.44
N MET A 4502 -50.42 53.63 34.69
CA MET A 4502 -51.27 54.13 33.60
C MET A 4502 -52.41 54.98 34.14
N LEU A 4503 -52.97 54.60 35.28
CA LEU A 4503 -54.02 55.42 35.90
C LEU A 4503 -53.47 56.78 36.29
N ALA A 4504 -52.26 56.83 36.85
CA ALA A 4504 -51.64 58.10 37.20
C ALA A 4504 -51.43 58.96 35.96
N LEU A 4505 -50.99 58.35 34.86
CA LEU A 4505 -50.79 59.10 33.62
C LEU A 4505 -52.10 59.67 33.10
N PHE A 4506 -53.17 58.87 33.11
CA PHE A 4506 -54.46 59.36 32.63
C PHE A 4506 -55.00 60.49 33.52
N VAL A 4507 -54.83 60.37 34.83
CA VAL A 4507 -55.29 61.42 35.73
C VAL A 4507 -54.47 62.69 35.53
N ALA A 4508 -53.18 62.55 35.26
CA ALA A 4508 -52.35 63.72 34.93
C ALA A 4508 -52.84 64.38 33.66
N PHE A 4509 -53.20 63.59 32.65
CA PHE A 4509 -53.75 64.15 31.41
C PHE A 4509 -55.03 64.94 31.68
N ALA A 4510 -55.93 64.36 32.48
CA ALA A 4510 -57.19 65.05 32.78
C ALA A 4510 -56.96 66.34 33.56
N ILE A 4511 -56.06 66.30 34.55
CA ILE A 4511 -55.75 67.49 35.33
C ILE A 4511 -55.14 68.57 34.43
N ASN A 4512 -54.28 68.17 33.49
CA ASN A 4512 -53.68 69.15 32.61
C ASN A 4512 -54.68 69.72 31.61
N PHE A 4513 -55.68 68.94 31.21
CA PHE A 4513 -56.79 69.50 30.43
C PHE A 4513 -57.53 70.57 31.22
N ILE A 4514 -57.89 70.25 32.47
CA ILE A 4514 -58.55 71.22 33.33
C ILE A 4514 -57.69 72.46 33.50
N LEU A 4515 -56.36 72.28 33.58
CA LEU A 4515 -55.46 73.42 33.66
C LEU A 4515 -55.48 74.21 32.35
N LEU A 4516 -55.61 73.51 31.22
CA LEU A 4516 -55.72 74.18 29.93
C LEU A 4516 -56.97 75.02 29.83
N PHE A 4517 -57.97 74.77 30.68
CA PHE A 4517 -59.17 75.60 30.70
C PHE A 4517 -59.11 76.76 31.71
N TYR A 4518 -57.94 77.33 31.98
CA TYR A 4518 -57.80 78.44 32.91
C TYR A 4518 -58.00 79.80 32.23
N LYS A 4519 -57.95 80.85 33.05
CA LYS A 4519 -58.14 82.24 32.64
C LYS A 4519 -57.78 83.15 33.80
N VAL A 4520 -57.16 84.29 33.51
CA VAL A 4520 -56.91 85.32 34.51
C VAL A 4520 -57.86 86.49 34.29
N SER A 4521 -57.88 87.40 35.26
CA SER A 4521 -58.71 88.60 35.16
C SER A 4521 -58.05 89.78 35.89
N VAL A 4556 -57.00 85.86 41.61
CA VAL A 4556 -57.13 86.35 40.24
C VAL A 4556 -57.30 85.19 39.28
N HIS A 4557 -56.51 84.13 39.47
CA HIS A 4557 -56.60 82.95 38.63
C HIS A 4557 -57.86 82.17 38.97
N TYR A 4558 -58.80 82.13 38.04
CA TYR A 4558 -60.03 81.34 38.21
C TYR A 4558 -60.31 80.56 36.93
N VAL A 4559 -60.79 79.33 37.10
CA VAL A 4559 -61.06 78.46 35.97
C VAL A 4559 -62.31 78.94 35.26
N LEU A 4560 -62.15 79.35 34.00
CA LEU A 4560 -63.31 79.65 33.16
C LEU A 4560 -64.06 78.37 32.84
N GLU A 4561 -65.34 78.32 33.18
CA GLU A 4561 -66.17 77.14 32.97
C GLU A 4561 -67.35 77.53 32.09
N GLU A 4562 -67.65 76.70 31.09
CA GLU A 4562 -68.74 76.96 30.15
C GLU A 4562 -70.08 76.57 30.80
N SER A 4563 -70.48 77.41 31.76
CA SER A 4563 -71.75 77.25 32.50
C SER A 4563 -71.84 75.88 33.17
N SER A 4564 -70.74 75.45 33.79
CA SER A 4564 -70.71 74.17 34.49
C SER A 4564 -69.76 74.30 35.68
N GLY A 4565 -70.31 74.38 36.89
CA GLY A 4565 -69.52 74.54 38.08
C GLY A 4565 -68.83 73.30 38.57
N TYR A 4566 -68.92 72.20 37.84
CA TYR A 4566 -68.29 70.95 38.24
C TYR A 4566 -66.77 70.96 38.07
N MET A 4567 -66.22 71.96 37.39
CA MET A 4567 -64.80 71.92 37.02
C MET A 4567 -63.89 71.95 38.24
N GLU A 4568 -64.13 72.89 39.17
CA GLU A 4568 -63.27 72.98 40.35
C GLU A 4568 -63.37 71.78 41.26
N PRO A 4569 -64.56 71.25 41.61
CA PRO A 4569 -64.58 70.00 42.39
C PRO A 4569 -63.92 68.84 41.66
N THR A 4570 -64.08 68.78 40.34
CA THR A 4570 -63.40 67.74 39.56
C THR A 4570 -61.89 67.87 39.69
N LEU A 4571 -61.37 69.09 39.61
CA LEU A 4571 -59.94 69.30 39.78
C LEU A 4571 -59.47 68.90 41.17
N ARG A 4572 -60.25 69.25 42.20
CA ARG A 4572 -59.87 68.91 43.56
C ARG A 4572 -59.82 67.40 43.77
N ILE A 4573 -60.88 66.69 43.37
CA ILE A 4573 -60.91 65.25 43.56
C ILE A 4573 -59.86 64.56 42.70
N LEU A 4574 -59.58 65.11 41.50
CA LEU A 4574 -58.55 64.52 40.65
C LEU A 4574 -57.17 64.69 41.26
N ALA A 4575 -56.89 65.85 41.86
CA ALA A 4575 -55.60 66.03 42.53
C ALA A 4575 -55.45 65.09 43.72
N ILE A 4576 -56.51 64.95 44.53
CA ILE A 4576 -56.44 64.06 45.68
C ILE A 4576 -56.24 62.61 45.24
N LEU A 4577 -57.01 62.17 44.25
CA LEU A 4577 -56.90 60.81 43.77
C LEU A 4577 -55.57 60.56 43.07
N HIS A 4578 -55.00 61.58 42.42
CA HIS A 4578 -53.68 61.42 41.81
C HIS A 4578 -52.61 61.25 42.88
N THR A 4579 -52.69 62.02 43.97
CA THR A 4579 -51.72 61.84 45.05
C THR A 4579 -51.84 60.44 45.66
N ILE A 4580 -53.08 59.97 45.85
CA ILE A 4580 -53.29 58.64 46.40
C ILE A 4580 -52.73 57.57 45.46
N ILE A 4581 -52.97 57.72 44.16
CA ILE A 4581 -52.52 56.73 43.18
C ILE A 4581 -51.00 56.72 43.09
N SER A 4582 -50.37 57.90 43.18
CA SER A 4582 -48.91 57.94 43.15
C SER A 4582 -48.31 57.32 44.41
N PHE A 4583 -48.96 57.51 45.56
CA PHE A 4583 -48.51 56.83 46.78
C PHE A 4583 -48.64 55.32 46.63
N PHE A 4584 -49.73 54.86 46.04
CA PHE A 4584 -49.88 53.43 45.78
C PHE A 4584 -48.79 52.94 44.83
N CYS A 4585 -48.43 53.77 43.84
CA CYS A 4585 -47.38 53.40 42.91
C CYS A 4585 -46.04 53.23 43.61
N ILE A 4586 -45.67 54.17 44.48
CA ILE A 4586 -44.37 54.08 45.14
C ILE A 4586 -44.34 52.91 46.11
N ILE A 4587 -45.46 52.66 46.81
CA ILE A 4587 -45.51 51.51 47.71
C ILE A 4587 -45.39 50.20 46.92
N GLY A 4588 -46.09 50.12 45.78
CA GLY A 4588 -46.01 48.92 44.96
C GLY A 4588 -44.62 48.69 44.40
N TYR A 4589 -43.94 49.76 43.99
CA TYR A 4589 -42.58 49.60 43.50
C TYR A 4589 -41.63 49.17 44.62
N TYR A 4590 -41.80 49.73 45.82
CA TYR A 4590 -40.95 49.31 46.92
C TYR A 4590 -41.17 47.85 47.28
N CYS A 4591 -42.40 47.37 47.15
CA CYS A 4591 -42.67 45.96 47.42
C CYS A 4591 -42.20 45.05 46.27
N LEU A 4592 -42.22 45.55 45.04
CA LEU A 4592 -41.99 44.67 43.88
C LEU A 4592 -40.51 44.44 43.59
N LYS A 4593 -39.80 45.51 43.21
CA LYS A 4593 -38.49 45.36 42.58
C LYS A 4593 -37.32 45.73 43.47
N VAL A 4594 -37.57 46.30 44.65
CA VAL A 4594 -36.47 46.50 45.61
C VAL A 4594 -35.81 45.19 46.00
N PRO A 4595 -36.53 44.09 46.24
CA PRO A 4595 -35.83 42.81 46.49
C PRO A 4595 -34.88 42.40 45.40
N LEU A 4596 -35.16 42.72 44.13
CA LEU A 4596 -34.21 42.39 43.07
C LEU A 4596 -32.89 43.12 43.26
N VAL A 4597 -32.93 44.42 43.55
CA VAL A 4597 -31.71 45.17 43.77
C VAL A 4597 -30.97 44.67 45.00
N ILE A 4598 -31.71 44.39 46.08
CA ILE A 4598 -31.10 43.88 47.31
C ILE A 4598 -30.42 42.55 47.05
N PHE A 4599 -31.09 41.65 46.32
CA PHE A 4599 -30.52 40.34 46.03
C PHE A 4599 -29.30 40.46 45.13
N LYS A 4600 -29.34 41.34 44.12
CA LYS A 4600 -28.20 41.52 43.24
C LYS A 4600 -26.99 42.03 44.01
N ARG A 4601 -27.18 43.03 44.86
CA ARG A 4601 -26.05 43.57 45.61
C ARG A 4601 -25.52 42.56 46.62
N GLU A 4602 -26.42 41.83 47.29
CA GLU A 4602 -25.97 40.81 48.25
C GLU A 4602 -25.19 39.71 47.55
N LYS A 4603 -25.67 39.27 46.38
CA LYS A 4603 -24.96 38.25 45.61
C LYS A 4603 -23.58 38.74 45.21
N GLU A 4604 -23.50 39.98 44.72
CA GLU A 4604 -22.22 40.52 44.27
C GLU A 4604 -21.23 40.61 45.43
N VAL A 4605 -21.66 41.17 46.57
CA VAL A 4605 -20.73 41.36 47.68
C VAL A 4605 -20.34 40.02 48.28
N ALA A 4606 -21.27 39.06 48.36
CA ALA A 4606 -20.96 37.76 48.93
C ALA A 4606 -19.99 36.99 48.03
N ARG A 4607 -20.23 37.00 46.72
CA ARG A 4607 -19.33 36.29 45.81
C ARG A 4607 -17.95 36.94 45.79
N LYS A 4608 -17.89 38.27 45.85
CA LYS A 4608 -16.60 38.95 45.92
C LYS A 4608 -15.85 38.57 47.18
N LEU A 4609 -16.52 38.66 48.34
CA LEU A 4609 -15.88 38.35 49.61
C LEU A 4609 -15.44 36.89 49.68
N GLU A 4610 -16.20 35.98 49.06
CA GLU A 4610 -15.82 34.58 49.08
C GLU A 4610 -14.66 34.30 48.14
N PHE A 4611 -14.84 34.56 46.85
CA PHE A 4611 -13.86 34.14 45.86
C PHE A 4611 -12.59 34.98 45.94
N ASP A 4612 -12.74 36.31 45.98
CA ASP A 4612 -11.57 37.19 46.04
C ASP A 4612 -11.32 37.69 47.45
N GLY A 4613 -12.29 38.39 48.04
CA GLY A 4613 -12.14 38.91 49.38
C GLY A 4613 -11.62 40.33 49.37
N LEU A 4614 -12.49 41.30 49.63
CA LEU A 4614 -12.10 42.70 49.58
C LEU A 4614 -11.80 43.26 50.97
N TYR A 4615 -12.78 43.18 51.89
CA TYR A 4615 -12.61 43.80 53.20
C TYR A 4615 -11.66 43.03 54.10
N ILE A 4616 -11.20 41.85 53.69
CA ILE A 4616 -10.32 41.03 54.52
C ILE A 4616 -8.88 41.11 54.07
N THR A 4617 -8.62 41.18 52.75
CA THR A 4617 -7.25 41.17 52.27
C THR A 4617 -7.02 42.08 51.07
N GLU A 4618 -7.94 42.97 50.73
CA GLU A 4618 -7.72 43.80 49.56
C GLU A 4618 -7.86 45.29 49.84
N GLN A 4619 -8.79 45.68 50.74
CA GLN A 4619 -9.01 47.07 51.12
C GLN A 4619 -9.29 47.94 49.90
N PRO A 4620 -10.53 47.94 49.40
CA PRO A 4620 -10.83 48.52 48.08
C PRO A 4620 -10.39 49.97 47.90
N SER A 4621 -10.46 50.41 46.65
CA SER A 4621 -9.78 51.61 46.18
C SER A 4621 -10.35 52.87 46.83
N GLU A 4622 -9.74 54.01 46.48
CA GLU A 4622 -10.05 55.27 47.15
C GLU A 4622 -11.48 55.71 46.92
N ASP A 4623 -11.93 55.69 45.66
CA ASP A 4623 -13.29 56.16 45.39
C ASP A 4623 -14.32 55.11 45.80
N ASP A 4624 -14.37 54.00 45.04
CA ASP A 4624 -15.04 52.74 45.38
C ASP A 4624 -16.29 52.88 46.24
N ILE A 4625 -17.19 53.79 45.84
CA ILE A 4625 -18.31 54.17 46.71
C ILE A 4625 -19.19 52.97 47.03
N LYS A 4626 -19.39 52.09 46.05
CA LYS A 4626 -20.22 50.91 46.26
C LYS A 4626 -19.62 50.01 47.34
N GLY A 4627 -18.31 49.75 47.25
CA GLY A 4627 -17.65 48.93 48.26
C GLY A 4627 -17.61 49.60 49.62
N GLN A 4628 -17.38 50.91 49.65
CA GLN A 4628 -17.34 51.63 50.92
C GLN A 4628 -18.70 51.59 51.61
N TRP A 4629 -19.79 51.69 50.84
CA TRP A 4629 -21.11 51.58 51.45
C TRP A 4629 -21.42 50.15 51.86
N ASP A 4630 -21.01 49.17 51.04
CA ASP A 4630 -21.27 47.78 51.36
C ASP A 4630 -20.43 47.26 52.51
N ARG A 4631 -19.39 48.00 52.92
CA ARG A 4631 -18.61 47.62 54.09
C ARG A 4631 -19.48 47.58 55.35
N LEU A 4632 -20.57 48.35 55.39
CA LEU A 4632 -21.42 48.41 56.56
C LEU A 4632 -22.31 47.19 56.72
N VAL A 4633 -22.40 46.33 55.71
CA VAL A 4633 -23.34 45.21 55.77
C VAL A 4633 -22.70 43.89 56.17
N ILE A 4634 -21.38 43.78 56.11
CA ILE A 4634 -20.74 42.51 56.46
C ILE A 4634 -20.85 42.23 57.96
N ASN A 4635 -20.85 43.28 58.78
CA ASN A 4635 -20.95 43.13 60.23
C ASN A 4635 -22.40 43.29 60.68
N THR A 4636 -23.26 42.45 60.13
CA THR A 4636 -24.68 42.48 60.43
C THR A 4636 -25.16 41.06 60.73
N GLN A 4637 -26.27 40.97 61.47
CA GLN A 4637 -26.83 39.69 61.86
C GLN A 4637 -27.74 39.08 60.80
N SER A 4638 -28.08 39.82 59.75
CA SER A 4638 -28.95 39.33 58.69
C SER A 4638 -28.41 39.75 57.33
N PHE A 4639 -27.10 39.60 57.14
CA PHE A 4639 -26.47 40.00 55.88
C PHE A 4639 -26.99 39.21 54.67
N PRO A 4640 -27.04 37.86 54.68
CA PRO A 4640 -27.60 37.20 53.49
C PRO A 4640 -29.10 36.98 53.61
N ASN A 4641 -29.84 38.08 53.59
CA ASN A 4641 -31.29 38.01 53.77
C ASN A 4641 -32.00 37.48 52.53
N ASN A 4642 -31.41 37.67 51.34
CA ASN A 4642 -32.06 37.30 50.10
C ASN A 4642 -31.23 36.36 49.21
N TYR A 4643 -29.95 36.15 49.53
CA TYR A 4643 -29.09 35.35 48.68
C TYR A 4643 -29.33 33.85 48.80
N TRP A 4644 -30.20 33.42 49.71
CA TRP A 4644 -30.55 32.01 49.97
C TRP A 4644 -29.31 31.13 50.20
N ASP A 4645 -28.20 31.72 50.59
CA ASP A 4645 -26.93 31.02 50.77
C ASP A 4645 -26.30 31.43 52.10
N LYS A 4646 -27.07 31.34 53.17
CA LYS A 4646 -26.62 31.85 54.47
C LYS A 4646 -25.60 30.91 55.12
N PHE A 4647 -24.56 30.54 54.37
CA PHE A 4647 -23.45 29.76 54.91
C PHE A 4647 -22.11 30.18 54.32
N VAL A 4648 -22.07 31.23 53.50
CA VAL A 4648 -20.80 31.73 52.96
C VAL A 4648 -19.91 32.27 54.08
N LYS A 4649 -20.51 32.70 55.19
CA LYS A 4649 -19.72 33.13 56.35
C LYS A 4649 -18.83 32.00 56.85
N ARG A 4650 -19.34 30.76 56.83
CA ARG A 4650 -18.55 29.63 57.31
C ARG A 4650 -17.34 29.37 56.43
N LYS A 4651 -17.54 29.33 55.11
CA LYS A 4651 -16.41 29.08 54.21
C LYS A 4651 -15.38 30.20 54.30
N VAL A 4652 -15.85 31.45 54.31
CA VAL A 4652 -14.94 32.59 54.41
C VAL A 4652 -14.16 32.54 55.72
N MET A 4653 -14.87 32.28 56.83
CA MET A 4653 -14.21 32.22 58.13
C MET A 4653 -13.18 31.12 58.15
N ASP A 4654 -13.53 29.95 57.61
CA ASP A 4654 -12.61 28.83 57.53
C ASP A 4654 -11.31 29.22 56.83
N LYS A 4655 -11.39 29.58 55.55
CA LYS A 4655 -10.16 29.78 54.79
C LYS A 4655 -9.39 31.01 55.27
N TYR A 4656 -10.09 32.13 55.48
CA TYR A 4656 -9.38 33.35 55.82
C TYR A 4656 -9.00 33.45 57.29
N GLY A 4657 -9.50 32.56 58.14
CA GLY A 4657 -9.03 32.51 59.52
C GLY A 4657 -7.91 31.50 59.64
N GLU A 4658 -7.90 30.50 58.76
CA GLU A 4658 -6.72 29.64 58.70
C GLU A 4658 -5.55 30.34 58.05
N PHE A 4659 -5.78 31.37 57.23
CA PHE A 4659 -4.62 32.11 56.72
C PHE A 4659 -4.35 33.34 57.58
N TYR A 4660 -5.31 34.28 57.64
CA TYR A 4660 -5.07 35.58 58.27
C TYR A 4660 -5.52 35.63 59.73
N GLY A 4661 -5.66 34.47 60.38
CA GLY A 4661 -6.07 34.47 61.77
C GLY A 4661 -7.57 34.55 61.98
N ARG A 4662 -8.06 33.84 63.00
CA ARG A 4662 -9.50 33.76 63.22
C ARG A 4662 -10.07 35.03 63.83
N ASP A 4663 -9.26 35.77 64.61
CA ASP A 4663 -9.78 36.91 65.36
C ASP A 4663 -10.24 38.02 64.43
N ARG A 4664 -9.46 38.34 63.40
CA ARG A 4664 -9.83 39.42 62.49
C ARG A 4664 -11.09 39.06 61.71
N ILE A 4665 -11.22 37.80 61.30
CA ILE A 4665 -12.42 37.34 60.61
C ILE A 4665 -13.64 37.45 61.55
N SER A 4666 -13.46 37.05 62.81
CA SER A 4666 -14.58 37.08 63.76
C SER A 4666 -15.03 38.50 64.03
N GLU A 4667 -14.09 39.44 64.18
CA GLU A 4667 -14.48 40.83 64.43
C GLU A 4667 -15.09 41.46 63.18
N LEU A 4668 -14.51 41.19 62.01
CA LEU A 4668 -15.02 41.78 60.77
C LEU A 4668 -16.40 41.24 60.42
N LEU A 4669 -16.55 39.91 60.41
CA LEU A 4669 -17.81 39.31 60.03
C LEU A 4669 -18.86 39.37 61.14
N GLY A 4670 -18.42 39.35 62.40
CA GLY A 4670 -19.32 39.51 63.53
C GLY A 4670 -20.35 38.41 63.69
N MET A 4671 -19.92 37.15 63.61
CA MET A 4671 -20.85 36.03 63.80
C MET A 4671 -21.18 35.78 65.26
N ASP A 4672 -20.20 35.91 66.16
CA ASP A 4672 -20.45 35.75 67.59
C ASP A 4672 -19.31 36.36 68.41
N SER A 4694 -47.82 40.78 69.07
CA SER A 4694 -47.60 42.18 69.41
C SER A 4694 -46.52 42.79 68.51
N ALA A 4695 -45.65 41.93 67.98
CA ALA A 4695 -44.54 42.32 67.11
C ALA A 4695 -43.65 43.38 67.78
N VAL A 4696 -43.04 42.97 68.89
CA VAL A 4696 -42.19 43.86 69.67
C VAL A 4696 -40.91 44.16 68.90
N LEU A 4697 -40.18 45.17 69.34
CA LEU A 4697 -38.97 45.61 68.65
C LEU A 4697 -37.84 44.65 68.97
N ASN A 4698 -37.43 43.85 67.98
CA ASN A 4698 -36.26 42.99 68.08
C ASN A 4698 -35.01 43.65 67.52
N SER A 4699 -34.96 44.98 67.55
CA SER A 4699 -33.87 45.83 67.04
C SER A 4699 -33.86 45.86 65.51
N ILE A 4700 -34.65 44.98 64.88
CA ILE A 4700 -34.94 44.95 63.44
C ILE A 4700 -33.70 45.09 62.57
N ASP A 4701 -32.53 44.77 63.13
CA ASP A 4701 -31.24 44.90 62.43
C ASP A 4701 -31.07 46.31 61.86
N VAL A 4702 -30.93 47.27 62.79
CA VAL A 4702 -30.94 48.68 62.43
C VAL A 4702 -29.83 49.00 61.43
N LYS A 4703 -28.64 48.41 61.62
CA LYS A 4703 -27.56 48.61 60.67
C LYS A 4703 -27.94 48.10 59.28
N TYR A 4704 -28.55 46.91 59.22
CA TYR A 4704 -28.98 46.36 57.93
C TYR A 4704 -30.07 47.21 57.31
N GLN A 4705 -30.99 47.74 58.12
CA GLN A 4705 -32.03 48.61 57.59
C GLN A 4705 -31.45 49.90 57.04
N MET A 4706 -30.44 50.47 57.72
CA MET A 4706 -29.80 51.67 57.21
C MET A 4706 -29.07 51.39 55.90
N TRP A 4707 -28.40 50.24 55.80
CA TRP A 4707 -27.75 49.87 54.54
C TRP A 4707 -28.78 49.69 53.43
N LYS A 4708 -29.91 49.06 53.74
CA LYS A 4708 -30.97 48.88 52.77
C LYS A 4708 -31.54 50.21 52.30
N LEU A 4709 -31.75 51.15 53.23
CA LEU A 4709 -32.26 52.46 52.84
C LEU A 4709 -31.25 53.21 52.00
N GLY A 4710 -29.96 53.08 52.33
CA GLY A 4710 -28.93 53.73 51.53
C GLY A 4710 -28.86 53.20 50.12
N VAL A 4711 -28.99 51.88 49.95
CA VAL A 4711 -28.96 51.34 48.59
C VAL A 4711 -30.29 51.61 47.88
N VAL A 4712 -31.38 51.78 48.62
CA VAL A 4712 -32.66 52.11 47.99
C VAL A 4712 -32.63 53.54 47.45
N PHE A 4713 -32.11 54.49 48.23
CA PHE A 4713 -32.03 55.86 47.74
C PHE A 4713 -30.80 56.06 46.87
N THR A 4714 -30.57 55.13 45.95
CA THR A 4714 -29.57 55.29 44.88
C THR A 4714 -30.07 54.79 43.54
N ASP A 4715 -31.04 53.88 43.50
CA ASP A 4715 -31.57 53.37 42.24
C ASP A 4715 -32.30 54.47 41.49
N ASN A 4716 -32.14 54.47 40.16
CA ASN A 4716 -32.69 55.54 39.34
C ASN A 4716 -34.20 55.57 39.37
N SER A 4717 -34.84 54.40 39.30
CA SER A 4717 -36.30 54.35 39.27
C SER A 4717 -36.90 54.84 40.58
N PHE A 4718 -36.28 54.49 41.71
CA PHE A 4718 -36.79 54.97 43.00
C PHE A 4718 -36.63 56.47 43.14
N LEU A 4719 -35.52 57.03 42.64
CA LEU A 4719 -35.36 58.48 42.67
C LEU A 4719 -36.39 59.16 41.78
N TYR A 4720 -36.68 58.57 40.62
CA TYR A 4720 -37.71 59.12 39.74
C TYR A 4720 -39.08 59.10 40.41
N LEU A 4721 -39.40 58.00 41.11
CA LEU A 4721 -40.69 57.92 41.79
C LEU A 4721 -40.74 58.86 43.00
N ALA A 4722 -39.60 59.10 43.66
CA ALA A 4722 -39.55 60.08 44.73
C ALA A 4722 -39.80 61.49 44.18
N TRP A 4723 -39.23 61.80 43.01
CA TRP A 4723 -39.50 63.08 42.37
C TRP A 4723 -40.98 63.19 41.99
N TYR A 4724 -41.57 62.09 41.53
CA TYR A 4724 -43.00 62.06 41.25
C TYR A 4724 -43.81 62.37 42.50
N MET A 4725 -43.45 61.76 43.63
CA MET A 4725 -44.08 62.06 44.91
C MET A 4725 -43.96 63.54 45.27
N THR A 4726 -42.74 64.09 45.12
CA THR A 4726 -42.51 65.49 45.48
C THR A 4726 -43.36 66.42 44.63
N MET A 4727 -43.41 66.19 43.32
CA MET A 4727 -44.20 67.04 42.45
C MET A 4727 -45.69 66.90 42.71
N SER A 4728 -46.16 65.67 42.97
CA SER A 4728 -47.58 65.49 43.27
C SER A 4728 -47.97 66.16 44.58
N VAL A 4729 -47.07 66.13 45.57
CA VAL A 4729 -47.35 66.83 46.84
C VAL A 4729 -47.36 68.34 46.62
N LEU A 4730 -46.38 68.85 45.86
CA LEU A 4730 -46.33 70.30 45.60
C LEU A 4730 -47.49 70.77 44.73
N GLY A 4731 -48.13 69.86 43.99
CA GLY A 4731 -49.27 70.26 43.17
C GLY A 4731 -50.44 70.78 43.97
N HIS A 4732 -50.56 70.37 45.24
CA HIS A 4732 -51.65 70.86 46.07
C HIS A 4732 -51.39 72.29 46.56
N TYR A 4733 -50.14 72.69 46.67
CA TYR A 4733 -49.82 74.07 47.03
C TYR A 4733 -50.26 75.02 45.93
N ASN A 4734 -49.68 74.87 44.73
CA ASN A 4734 -50.11 75.57 43.54
C ASN A 4734 -50.53 74.52 42.52
N ASN A 4735 -51.75 74.64 42.01
CA ASN A 4735 -52.27 73.61 41.11
C ASN A 4735 -51.77 73.82 39.69
N PHE A 4736 -50.46 73.98 39.54
CA PHE A 4736 -49.81 74.01 38.24
C PHE A 4736 -48.64 73.04 38.14
N PHE A 4737 -48.15 72.53 39.27
CA PHE A 4737 -47.03 71.59 39.27
C PHE A 4737 -47.41 70.23 38.69
N PHE A 4738 -48.69 69.98 38.46
CA PHE A 4738 -49.11 68.77 37.77
C PHE A 4738 -48.74 68.77 36.30
N ALA A 4739 -48.28 69.91 35.77
CA ALA A 4739 -47.79 69.93 34.39
C ALA A 4739 -46.51 69.12 34.24
N ALA A 4740 -45.68 69.07 35.28
CA ALA A 4740 -44.45 68.32 35.22
C ALA A 4740 -44.67 66.82 35.13
N HIS A 4741 -45.85 66.33 35.53
CA HIS A 4741 -46.17 64.91 35.42
C HIS A 4741 -46.40 64.47 33.98
N LEU A 4742 -46.56 65.40 33.05
CA LEU A 4742 -46.71 65.04 31.65
C LEU A 4742 -45.45 64.40 31.09
N LEU A 4743 -44.28 64.69 31.66
CA LEU A 4743 -43.04 64.11 31.20
C LEU A 4743 -42.93 62.62 31.48
N ASP A 4744 -43.87 62.06 32.24
CA ASP A 4744 -43.90 60.60 32.44
C ASP A 4744 -44.19 59.87 31.14
N ILE A 4745 -44.77 60.54 30.14
CA ILE A 4745 -44.97 59.93 28.84
C ILE A 4745 -43.63 59.64 28.17
N ALA A 4746 -42.57 60.34 28.56
CA ALA A 4746 -41.25 60.10 27.99
C ALA A 4746 -40.56 58.88 28.57
N MET A 4747 -41.03 58.37 29.72
CA MET A 4747 -40.54 57.12 30.27
C MET A 4747 -41.40 55.93 29.88
N GLY A 4748 -42.29 56.12 28.90
CA GLY A 4748 -43.20 55.10 28.41
C GLY A 4748 -42.67 54.54 27.11
N PHE A 4749 -43.15 55.07 25.98
CA PHE A 4749 -42.74 54.60 24.66
C PHE A 4749 -41.22 54.70 24.50
N LYS A 4750 -40.66 53.73 23.78
CA LYS A 4750 -39.20 53.59 23.71
C LYS A 4750 -38.55 54.76 22.97
N THR A 4751 -39.17 55.22 21.89
CA THR A 4751 -38.53 56.26 21.07
C THR A 4751 -38.42 57.57 21.84
N LEU A 4752 -39.34 57.84 22.77
CA LEU A 4752 -39.20 59.01 23.62
C LEU A 4752 -37.97 58.88 24.52
N ARG A 4753 -37.74 57.69 25.07
CA ARG A 4753 -36.57 57.46 25.89
C ARG A 4753 -35.29 57.60 25.08
N THR A 4754 -35.30 57.13 23.83
CA THR A 4754 -34.13 57.30 22.97
C THR A 4754 -33.88 58.77 22.66
N ILE A 4755 -34.95 59.53 22.41
CA ILE A 4755 -34.79 60.96 22.15
C ILE A 4755 -34.22 61.66 23.37
N LEU A 4756 -34.71 61.34 24.56
CA LEU A 4756 -34.21 61.98 25.77
C LEU A 4756 -32.76 61.56 26.05
N SER A 4757 -32.42 60.29 25.83
CA SER A 4757 -31.06 59.83 26.08
C SER A 4757 -30.08 60.32 25.02
N SER A 4758 -30.58 60.76 23.86
CA SER A 4758 -29.70 61.29 22.83
C SER A 4758 -28.98 62.54 23.28
N VAL A 4759 -29.60 63.34 24.15
CA VAL A 4759 -28.97 64.57 24.63
C VAL A 4759 -27.72 64.26 25.44
N THR A 4760 -27.82 63.26 26.34
CA THR A 4760 -26.71 62.91 27.22
C THR A 4760 -25.80 61.83 26.65
N HIS A 4761 -26.16 61.23 25.51
CA HIS A 4761 -25.30 60.21 24.91
C HIS A 4761 -23.95 60.79 24.50
N ASN A 4762 -23.95 61.99 23.93
CA ASN A 4762 -22.73 62.72 23.61
C ASN A 4762 -22.71 63.94 24.53
N GLY A 4763 -22.19 63.75 25.74
CA GLY A 4763 -22.25 64.77 26.75
C GLY A 4763 -21.03 65.66 26.81
N LYS A 4764 -19.84 65.05 26.86
CA LYS A 4764 -18.62 65.84 26.97
C LYS A 4764 -18.38 66.67 25.71
N GLN A 4765 -18.59 66.09 24.54
CA GLN A 4765 -18.38 66.81 23.28
C GLN A 4765 -19.34 67.98 23.15
N LEU A 4766 -20.60 67.79 23.56
CA LEU A 4766 -21.58 68.87 23.48
C LEU A 4766 -21.21 70.02 24.39
N VAL A 4767 -20.82 69.72 25.63
CA VAL A 4767 -20.43 70.77 26.58
C VAL A 4767 -19.20 71.52 26.07
N LEU A 4768 -18.22 70.79 25.53
CA LEU A 4768 -17.01 71.44 25.04
C LEU A 4768 -17.30 72.29 23.81
N THR A 4769 -18.22 71.85 22.94
CA THR A 4769 -18.59 72.67 21.79
C THR A 4769 -19.32 73.94 22.22
N VAL A 4770 -20.19 73.83 23.23
CA VAL A 4770 -20.85 75.02 23.76
C VAL A 4770 -19.82 75.97 24.37
N GLY A 4771 -18.80 75.43 25.03
CA GLY A 4771 -17.74 76.28 25.55
C GLY A 4771 -16.96 76.98 24.45
N LEU A 4772 -16.68 76.28 23.35
CA LEU A 4772 -16.00 76.90 22.22
C LEU A 4772 -16.85 78.02 21.62
N LEU A 4773 -18.17 77.78 21.51
CA LEU A 4773 -19.08 78.84 21.07
C LEU A 4773 -19.00 80.04 21.99
N ALA A 4774 -18.97 79.80 23.31
CA ALA A 4774 -18.90 80.90 24.26
C ALA A 4774 -17.62 81.70 24.10
N VAL A 4775 -16.48 81.03 23.91
CA VAL A 4775 -15.22 81.76 23.84
C VAL A 4775 -15.09 82.52 22.51
N VAL A 4776 -15.60 81.95 21.42
CA VAL A 4776 -15.52 82.69 20.15
C VAL A 4776 -16.46 83.89 20.17
N VAL A 4777 -17.64 83.75 20.78
CA VAL A 4777 -18.54 84.89 20.92
C VAL A 4777 -17.90 85.95 21.82
N TYR A 4778 -17.16 85.52 22.84
CA TYR A 4778 -16.46 86.47 23.68
C TYR A 4778 -15.38 87.23 22.92
N LEU A 4779 -14.65 86.54 22.04
CA LEU A 4779 -13.64 87.22 21.23
C LEU A 4779 -14.29 88.26 20.31
N TYR A 4780 -15.41 87.89 19.68
CA TYR A 4780 -16.13 88.85 18.86
C TYR A 4780 -16.64 90.02 19.70
N THR A 4781 -17.05 89.75 20.94
CA THR A 4781 -17.50 90.80 21.85
C THR A 4781 -16.36 91.75 22.18
N VAL A 4782 -15.16 91.22 22.41
CA VAL A 4782 -14.01 92.07 22.69
C VAL A 4782 -13.70 92.97 21.51
N VAL A 4783 -13.71 92.39 20.30
CA VAL A 4783 -13.42 93.19 19.11
C VAL A 4783 -14.46 94.30 18.92
N ALA A 4784 -15.75 93.96 19.07
CA ALA A 4784 -16.81 94.96 18.91
C ALA A 4784 -16.72 96.03 19.99
N PHE A 4785 -16.42 95.64 21.22
CA PHE A 4785 -16.25 96.59 22.32
C PHE A 4785 -15.12 97.57 22.02
N ASN A 4786 -14.00 97.06 21.51
CA ASN A 4786 -12.86 97.94 21.25
C ASN A 4786 -13.14 98.88 20.09
N PHE A 4787 -13.62 98.34 18.96
CA PHE A 4787 -13.65 99.11 17.72
C PHE A 4787 -15.02 99.69 17.40
N PHE A 4788 -16.03 98.83 17.22
CA PHE A 4788 -17.35 99.26 16.75
C PHE A 4788 -18.31 99.36 17.93
N ARG A 4789 -18.35 100.53 18.56
CA ARG A 4789 -19.28 100.78 19.65
C ARG A 4789 -20.38 101.75 19.28
N LYS A 4790 -20.16 102.64 18.32
CA LYS A 4790 -21.20 103.58 17.88
C LYS A 4790 -22.30 102.88 17.10
N PHE A 4791 -22.06 101.69 16.57
CA PHE A 4791 -23.03 100.99 15.76
C PHE A 4791 -24.12 100.30 16.57
N TYR A 4792 -23.87 100.05 17.85
CA TYR A 4792 -24.80 99.29 18.68
C TYR A 4792 -25.86 100.20 19.31
N ASN A 4793 -26.52 101.00 18.48
CA ASN A 4793 -27.55 101.93 18.97
C ASN A 4793 -28.94 101.31 18.78
N LYS A 4794 -29.25 100.35 19.65
CA LYS A 4794 -30.54 99.66 19.62
C LYS A 4794 -31.59 100.54 20.29
N SER A 4795 -31.93 101.63 19.59
CA SER A 4795 -32.89 102.60 20.07
C SER A 4795 -34.15 102.56 19.20
N GLU A 4796 -35.26 102.97 19.79
CA GLU A 4796 -36.55 102.93 19.11
C GLU A 4796 -36.63 104.09 18.13
N ASP A 4797 -36.16 103.86 16.91
CA ASP A 4797 -36.26 104.81 15.80
C ASP A 4797 -35.54 106.12 16.10
N GLY A 4798 -34.28 106.01 16.54
CA GLY A 4798 -33.40 107.15 16.61
C GLY A 4798 -33.54 108.03 17.84
N ASP A 4799 -34.17 109.20 17.66
CA ASP A 4799 -34.13 110.26 18.67
C ASP A 4799 -34.99 109.94 19.89
N THR A 4800 -34.51 109.00 20.71
CA THR A 4800 -35.10 108.66 22.00
C THR A 4800 -33.97 108.64 23.03
N PRO A 4801 -34.27 108.47 24.33
CA PRO A 4801 -33.19 108.14 25.28
C PRO A 4801 -32.39 106.93 24.80
N ASP A 4802 -31.11 107.14 24.52
CA ASP A 4802 -30.30 106.15 23.84
C ASP A 4802 -30.09 104.92 24.72
N MET A 4803 -30.40 103.75 24.18
CA MET A 4803 -30.17 102.47 24.85
C MET A 4803 -29.06 101.77 24.07
N LYS A 4804 -27.83 101.92 24.55
CA LYS A 4804 -26.65 101.40 23.88
C LYS A 4804 -26.13 100.17 24.63
N CYS A 4805 -25.03 99.62 24.13
CA CYS A 4805 -24.32 98.51 24.76
C CYS A 4805 -22.89 98.99 25.00
N ASP A 4806 -22.66 99.59 26.16
CA ASP A 4806 -21.38 100.22 26.46
C ASP A 4806 -20.44 99.29 27.23
N ASP A 4807 -20.89 98.76 28.36
CA ASP A 4807 -20.03 97.93 29.20
C ASP A 4807 -19.88 96.52 28.61
N MET A 4808 -18.92 95.77 29.17
CA MET A 4808 -18.61 94.44 28.68
C MET A 4808 -19.80 93.50 28.79
N LEU A 4809 -20.45 93.48 29.96
CA LEU A 4809 -21.45 92.46 30.24
C LEU A 4809 -22.68 92.63 29.35
N THR A 4810 -23.09 93.88 29.10
CA THR A 4810 -24.23 94.12 28.23
C THR A 4810 -23.94 93.68 26.81
N CYS A 4811 -22.73 93.99 26.31
CA CYS A 4811 -22.35 93.55 24.96
C CYS A 4811 -22.30 92.02 24.88
N TYR A 4812 -21.77 91.37 25.91
CA TYR A 4812 -21.67 89.91 25.88
C TYR A 4812 -23.06 89.26 25.90
N MET A 4813 -23.97 89.77 26.74
CA MET A 4813 -25.33 89.24 26.75
C MET A 4813 -26.06 89.54 25.45
N PHE A 4814 -25.79 90.71 24.85
CA PHE A 4814 -26.40 91.04 23.57
C PHE A 4814 -25.93 90.08 22.47
N HIS A 4815 -24.64 89.74 22.49
CA HIS A 4815 -24.11 88.84 21.46
C HIS A 4815 -24.59 87.40 21.69
N MET A 4816 -24.63 86.94 22.94
CA MET A 4816 -25.06 85.58 23.21
C MET A 4816 -26.57 85.41 23.18
N TYR A 4817 -27.33 86.50 23.21
CA TYR A 4817 -28.79 86.41 23.23
C TYR A 4817 -29.41 86.68 21.86
N VAL A 4818 -28.93 87.68 21.14
CA VAL A 4818 -29.48 88.04 19.84
C VAL A 4818 -28.57 87.62 18.70
N GLY A 4819 -27.25 87.62 18.93
CA GLY A 4819 -26.32 87.31 17.86
C GLY A 4819 -26.37 85.86 17.42
N VAL A 4820 -26.47 84.93 18.38
CA VAL A 4820 -26.43 83.51 18.04
C VAL A 4820 -27.76 82.98 17.54
N ARG A 4821 -28.83 83.76 17.66
CA ARG A 4821 -30.18 83.31 17.31
C ARG A 4821 -30.63 83.78 15.93
N ALA A 4822 -30.32 85.02 15.57
CA ALA A 4822 -30.82 85.58 14.32
C ALA A 4822 -30.25 84.84 13.12
N GLY A 4823 -31.06 84.77 12.06
CA GLY A 4823 -30.68 84.07 10.85
C GLY A 4823 -29.79 84.90 9.94
N GLY A 4824 -28.51 85.02 10.29
CA GLY A 4824 -27.59 85.84 9.53
C GLY A 4824 -26.52 86.49 10.39
N GLY A 4825 -26.64 86.36 11.69
CA GLY A 4825 -25.64 86.85 12.61
C GLY A 4825 -26.02 88.14 13.28
N ILE A 4826 -25.00 88.84 13.79
CA ILE A 4826 -25.21 90.11 14.47
C ILE A 4826 -25.50 91.25 13.50
N GLY A 4827 -25.33 91.03 12.20
CA GLY A 4827 -25.58 92.09 11.23
C GLY A 4827 -27.04 92.43 11.03
N ASP A 4828 -27.94 91.51 11.40
CA ASP A 4828 -29.37 91.75 11.21
C ASP A 4828 -29.95 92.73 12.22
N GLU A 4829 -29.20 93.09 13.25
CA GLU A 4829 -29.67 94.01 14.27
C GLU A 4829 -28.85 95.28 14.39
N ILE A 4830 -27.55 95.22 14.08
CA ILE A 4830 -26.70 96.40 14.12
C ILE A 4830 -27.08 97.35 12.98
N GLU A 4831 -26.91 98.65 13.22
CA GLU A 4831 -27.16 99.65 12.19
C GLU A 4831 -26.28 99.41 10.97
N ASP A 4832 -26.78 99.86 9.82
CA ASP A 4832 -26.09 99.59 8.56
C ASP A 4832 -24.79 100.39 8.48
N PRO A 4833 -23.67 99.75 8.19
CA PRO A 4833 -22.37 100.45 8.06
C PRO A 4833 -22.10 100.98 6.66
N ALA A 4834 -22.74 102.11 6.35
CA ALA A 4834 -22.59 102.77 5.05
C ALA A 4834 -21.97 104.14 5.28
N GLY A 4835 -20.80 104.37 4.65
CA GLY A 4835 -20.14 105.65 4.69
C GLY A 4835 -19.06 105.77 5.75
N ASP A 4836 -19.06 104.90 6.76
CA ASP A 4836 -18.05 104.97 7.81
C ASP A 4836 -16.70 104.53 7.28
N GLU A 4837 -15.63 105.02 7.92
CA GLU A 4837 -14.28 104.60 7.56
C GLU A 4837 -14.06 103.13 7.89
N TYR A 4838 -14.71 102.63 8.94
CA TYR A 4838 -14.65 101.21 9.29
C TYR A 4838 -15.78 100.47 8.57
N GLU A 4839 -15.63 100.35 7.26
CA GLU A 4839 -16.61 99.66 6.42
C GLU A 4839 -16.16 98.26 6.03
N ILE A 4840 -14.96 98.13 5.47
CA ILE A 4840 -14.47 96.81 5.08
C ILE A 4840 -14.19 95.95 6.31
N TYR A 4841 -13.62 96.56 7.36
CA TYR A 4841 -13.40 95.82 8.60
C TYR A 4841 -14.72 95.36 9.20
N ARG A 4842 -15.73 96.22 9.19
CA ARG A 4842 -17.04 95.84 9.71
C ARG A 4842 -17.67 94.72 8.89
N ILE A 4843 -17.53 94.79 7.56
CA ILE A 4843 -18.09 93.75 6.70
C ILE A 4843 -17.40 92.41 6.96
N ILE A 4844 -16.07 92.44 7.11
CA ILE A 4844 -15.33 91.21 7.42
C ILE A 4844 -15.75 90.65 8.77
N PHE A 4845 -15.90 91.53 9.77
CA PHE A 4845 -16.38 91.12 11.09
C PHE A 4845 -17.72 90.43 10.98
N ASP A 4846 -18.66 91.05 10.26
CA ASP A 4846 -20.02 90.52 10.14
C ASP A 4846 -20.02 89.17 9.45
N ILE A 4847 -19.35 89.06 8.30
CA ILE A 4847 -19.36 87.82 7.53
C ILE A 4847 -18.68 86.70 8.31
N THR A 4848 -17.52 87.00 8.93
CA THR A 4848 -16.80 85.98 9.68
C THR A 4848 -17.62 85.50 10.87
N PHE A 4849 -18.25 86.42 11.60
CA PHE A 4849 -19.14 86.03 12.69
C PHE A 4849 -20.21 85.09 12.19
N PHE A 4850 -21.04 85.56 11.25
CA PHE A 4850 -22.13 84.76 10.72
C PHE A 4850 -21.65 83.36 10.33
N PHE A 4851 -20.72 83.30 9.37
CA PHE A 4851 -20.22 82.03 8.85
C PHE A 4851 -19.72 81.15 9.98
N PHE A 4852 -18.64 81.56 10.66
CA PHE A 4852 -18.00 80.73 11.66
C PHE A 4852 -19.00 80.29 12.71
N VAL A 4853 -19.50 81.21 13.56
CA VAL A 4853 -20.24 80.75 14.73
C VAL A 4853 -21.54 80.08 14.29
N ILE A 4854 -22.38 80.77 13.50
CA ILE A 4854 -23.69 80.21 13.20
C ILE A 4854 -23.53 78.91 12.43
N VAL A 4855 -22.96 78.97 11.22
CA VAL A 4855 -22.90 77.79 10.36
C VAL A 4855 -22.18 76.66 11.09
N ILE A 4856 -20.89 76.85 11.38
CA ILE A 4856 -20.08 75.73 11.83
C ILE A 4856 -20.58 75.24 13.19
N LEU A 4857 -20.69 76.13 14.18
CA LEU A 4857 -20.94 75.64 15.53
C LEU A 4857 -22.39 75.18 15.73
N LEU A 4858 -23.37 75.93 15.22
CA LEU A 4858 -24.75 75.46 15.38
C LEU A 4858 -24.98 74.17 14.61
N ALA A 4859 -24.44 74.07 13.39
CA ALA A 4859 -24.58 72.83 12.64
C ALA A 4859 -23.87 71.68 13.35
N ILE A 4860 -22.73 71.95 14.00
CA ILE A 4860 -22.01 70.88 14.69
C ILE A 4860 -22.79 70.39 15.91
N ILE A 4861 -23.38 71.30 16.67
CA ILE A 4861 -24.18 70.89 17.84
C ILE A 4861 -25.40 70.08 17.38
N GLN A 4862 -26.10 70.59 16.37
CA GLN A 4862 -27.27 69.89 15.84
C GLN A 4862 -26.88 68.52 15.32
N GLY A 4863 -25.76 68.43 14.60
CA GLY A 4863 -25.30 67.14 14.09
C GLY A 4863 -24.90 66.19 15.20
N LEU A 4864 -24.32 66.71 16.28
CA LEU A 4864 -23.98 65.86 17.42
C LEU A 4864 -25.22 65.20 18.00
N ILE A 4865 -26.26 66.00 18.26
CA ILE A 4865 -27.47 65.43 18.85
C ILE A 4865 -28.15 64.46 17.88
N ILE A 4866 -28.27 64.85 16.61
CA ILE A 4866 -28.96 64.00 15.64
C ILE A 4866 -28.20 62.71 15.41
N ASP A 4867 -26.86 62.79 15.34
CA ASP A 4867 -26.06 61.58 15.14
C ASP A 4867 -26.10 60.67 16.36
N ALA A 4868 -26.20 61.24 17.57
CA ALA A 4868 -26.42 60.41 18.75
C ALA A 4868 -27.73 59.64 18.65
N PHE A 4869 -28.80 60.32 18.23
CA PHE A 4869 -30.09 59.66 18.08
C PHE A 4869 -30.01 58.56 17.02
N GLY A 4870 -29.40 58.86 15.88
CA GLY A 4870 -29.29 57.87 14.81
C GLY A 4870 -28.43 56.68 15.21
N GLU A 4871 -27.34 56.93 15.94
CA GLU A 4871 -26.48 55.86 16.40
C GLU A 4871 -27.21 54.95 17.40
N LEU A 4872 -28.00 55.54 18.30
CA LEU A 4872 -28.77 54.72 19.23
C LEU A 4872 -29.79 53.86 18.50
N ARG A 4873 -30.50 54.45 17.53
CA ARG A 4873 -31.48 53.67 16.77
C ARG A 4873 -30.81 52.56 15.97
N ASP A 4874 -29.63 52.84 15.40
CA ASP A 4874 -28.90 51.83 14.65
C ASP A 4874 -28.41 50.71 15.55
N GLN A 4875 -27.99 51.05 16.77
CA GLN A 4875 -27.59 50.02 17.72
C GLN A 4875 -28.75 49.11 18.08
N GLN A 4876 -29.94 49.69 18.30
CA GLN A 4876 -31.11 48.87 18.59
C GLN A 4876 -31.46 47.97 17.41
N GLU A 4877 -31.40 48.52 16.19
CA GLU A 4877 -31.70 47.70 15.01
C GLU A 4877 -30.69 46.58 14.84
N GLN A 4878 -29.42 46.86 15.11
CA GLN A 4878 -28.39 45.82 15.00
C GLN A 4878 -28.59 44.74 16.05
N VAL A 4879 -29.01 45.13 17.27
CA VAL A 4879 -29.31 44.14 18.29
C VAL A 4879 -30.44 43.23 17.83
N LYS A 4880 -31.50 43.83 17.28
CA LYS A 4880 -32.62 43.02 16.79
C LYS A 4880 -32.19 42.09 15.66
N GLU A 4881 -31.38 42.60 14.73
CA GLU A 4881 -30.92 41.78 13.61
C GLU A 4881 -30.04 40.63 14.08
N ASP A 4882 -29.14 40.89 15.05
CA ASP A 4882 -28.30 39.83 15.59
C ASP A 4882 -29.13 38.77 16.30
N MET A 4883 -30.19 39.20 17.02
CA MET A 4883 -31.08 38.23 17.64
C MET A 4883 -31.85 37.43 16.60
N GLU A 4884 -32.17 38.03 15.46
CA GLU A 4884 -32.96 37.36 14.45
C GLU A 4884 -32.14 36.54 13.44
N THR A 4885 -30.80 36.68 13.44
CA THR A 4885 -30.00 35.96 12.47
C THR A 4885 -28.85 35.15 13.07
N LYS A 4886 -28.61 35.26 14.38
CA LYS A 4886 -27.50 34.58 15.01
C LYS A 4886 -27.98 33.82 16.25
N CYS A 4887 -27.46 32.60 16.41
CA CYS A 4887 -27.70 31.83 17.62
C CYS A 4887 -27.06 32.54 18.80
N PHE A 4888 -27.86 32.88 19.82
CA PHE A 4888 -27.37 33.61 20.98
C PHE A 4888 -26.30 32.79 21.71
N ILE A 4889 -26.69 31.66 22.28
CA ILE A 4889 -25.71 30.66 22.64
C ILE A 4889 -25.26 29.96 21.37
N CYS A 4890 -24.12 29.26 21.46
CA CYS A 4890 -23.69 28.32 20.44
C CYS A 4890 -23.17 29.00 19.17
N GLY A 4891 -23.43 30.31 19.03
CA GLY A 4891 -22.81 31.19 18.05
C GLY A 4891 -22.48 30.68 16.67
N ILE A 4892 -23.47 30.19 15.91
CA ILE A 4892 -23.19 29.67 14.57
C ILE A 4892 -23.61 30.66 13.51
N GLY A 4893 -24.91 30.93 13.42
CA GLY A 4893 -25.44 31.79 12.39
C GLY A 4893 -26.69 31.18 11.79
N ASN A 4894 -27.13 31.76 10.68
CA ASN A 4894 -28.39 31.39 10.03
C ASN A 4894 -28.20 30.44 8.85
N ASP A 4895 -27.15 30.63 8.06
CA ASP A 4895 -26.96 29.84 6.85
C ASP A 4895 -26.64 28.38 7.12
N TYR A 4896 -26.29 28.01 8.35
CA TYR A 4896 -25.95 26.64 8.69
C TYR A 4896 -27.17 25.81 9.05
N PHE A 4897 -28.02 26.32 9.96
CA PHE A 4897 -29.21 25.58 10.36
C PHE A 4897 -30.31 25.61 9.32
N ASP A 4898 -30.26 26.53 8.36
CA ASP A 4898 -31.33 26.72 7.40
C ASP A 4898 -31.21 25.80 6.18
N THR A 4899 -30.25 24.88 6.17
CA THR A 4899 -30.17 23.91 5.08
C THR A 4899 -31.37 22.98 5.05
N VAL A 4900 -32.06 22.80 6.17
CA VAL A 4900 -33.29 22.02 6.24
C VAL A 4900 -34.46 22.99 6.33
N PRO A 4901 -35.66 22.60 5.90
CA PRO A 4901 -36.81 23.51 6.05
C PRO A 4901 -37.12 23.81 7.51
N HIS A 4902 -37.35 25.09 7.79
CA HIS A 4902 -37.63 25.60 9.13
C HIS A 4902 -36.54 25.16 10.13
N GLY A 4903 -35.30 25.50 9.79
CA GLY A 4903 -34.17 25.06 10.58
C GLY A 4903 -33.83 25.95 11.76
N PHE A 4904 -33.58 27.23 11.50
CA PHE A 4904 -33.13 28.14 12.56
C PHE A 4904 -34.22 28.38 13.58
N GLU A 4905 -35.47 28.52 13.13
CA GLU A 4905 -36.58 28.74 14.06
C GLU A 4905 -36.74 27.55 15.01
N THR A 4906 -36.69 26.33 14.47
CA THR A 4906 -36.80 25.15 15.31
C THR A 4906 -35.59 25.03 16.24
N HIS A 4907 -34.40 25.38 15.74
CA HIS A 4907 -33.21 25.34 16.57
C HIS A 4907 -33.35 26.25 17.78
N THR A 4908 -33.73 27.51 17.54
CA THR A 4908 -33.89 28.45 18.65
C THR A 4908 -35.05 28.07 19.56
N LEU A 4909 -36.12 27.50 19.01
CA LEU A 4909 -37.30 27.20 19.81
C LEU A 4909 -37.09 25.98 20.70
N GLN A 4910 -36.43 24.94 20.19
CA GLN A 4910 -36.33 23.68 20.93
C GLN A 4910 -34.93 23.31 21.34
N GLU A 4911 -33.94 23.48 20.45
CA GLU A 4911 -32.62 22.90 20.70
C GLU A 4911 -31.79 23.78 21.64
N HIS A 4912 -31.41 24.97 21.18
CA HIS A 4912 -30.66 25.93 21.98
C HIS A 4912 -31.60 27.06 22.39
N ASN A 4913 -32.44 26.79 23.39
CA ASN A 4913 -33.37 27.78 23.88
C ASN A 4913 -32.75 28.55 25.05
N LEU A 4914 -33.55 29.43 25.65
CA LEU A 4914 -33.14 30.23 26.80
C LEU A 4914 -33.93 29.87 28.05
N ALA A 4915 -35.26 29.88 27.94
CA ALA A 4915 -36.10 29.45 29.05
C ALA A 4915 -35.84 28.00 29.42
N ASN A 4916 -35.43 27.18 28.44
CA ASN A 4916 -35.07 25.80 28.75
C ASN A 4916 -33.85 25.74 29.65
N TYR A 4917 -32.83 26.55 29.37
CA TYR A 4917 -31.66 26.61 30.23
C TYR A 4917 -32.01 27.13 31.61
N LEU A 4918 -32.88 28.14 31.68
CA LEU A 4918 -33.37 28.63 32.96
C LEU A 4918 -34.04 27.51 33.76
N PHE A 4919 -34.96 26.79 33.13
CA PHE A 4919 -35.70 25.75 33.84
C PHE A 4919 -34.78 24.60 34.23
N PHE A 4920 -33.74 24.33 33.44
CA PHE A 4920 -32.78 23.30 33.80
C PHE A 4920 -31.96 23.71 35.02
N LEU A 4921 -31.54 24.97 35.09
CA LEU A 4921 -30.84 25.44 36.27
C LEU A 4921 -31.73 25.38 37.51
N MET A 4922 -32.99 25.79 37.36
CA MET A 4922 -33.92 25.73 38.48
C MET A 4922 -34.17 24.30 38.91
N TYR A 4923 -34.25 23.37 37.95
CA TYR A 4923 -34.43 21.96 38.25
C TYR A 4923 -33.22 21.39 39.00
N LEU A 4924 -32.01 21.80 38.59
CA LEU A 4924 -30.80 21.37 39.30
C LEU A 4924 -30.80 21.89 40.73
N ILE A 4925 -31.20 23.15 40.93
CA ILE A 4925 -31.22 23.71 42.27
C ILE A 4925 -32.25 22.99 43.14
N ASN A 4926 -33.41 22.65 42.56
CA ASN A 4926 -34.48 22.05 43.36
C ASN A 4926 -34.16 20.63 43.78
N LYS A 4927 -33.57 19.84 42.88
CA LYS A 4927 -33.35 18.43 43.16
C LYS A 4927 -32.23 18.23 44.17
N ASP A 4928 -32.28 17.10 44.87
CA ASP A 4928 -31.25 16.75 45.84
C ASP A 4928 -29.97 16.32 45.13
N GLU A 4929 -28.86 16.43 45.86
CA GLU A 4929 -27.56 16.06 45.30
C GLU A 4929 -27.42 14.56 45.12
N THR A 4930 -28.16 13.75 45.90
CA THR A 4930 -28.03 12.31 45.82
C THR A 4930 -28.68 11.73 44.57
N GLU A 4931 -29.70 12.41 44.03
CA GLU A 4931 -30.45 11.90 42.90
C GLU A 4931 -29.95 12.41 41.55
N HIS A 4932 -28.86 13.17 41.53
CA HIS A 4932 -28.33 13.69 40.28
C HIS A 4932 -27.75 12.57 39.43
N THR A 4933 -28.02 12.62 38.13
CA THR A 4933 -27.44 11.68 37.19
C THR A 4933 -26.00 12.10 36.89
N GLY A 4934 -25.36 11.42 35.94
CA GLY A 4934 -23.98 11.77 35.61
C GLY A 4934 -23.86 13.16 35.01
N GLN A 4935 -24.67 13.46 33.99
CA GLN A 4935 -24.62 14.76 33.35
C GLN A 4935 -25.06 15.86 34.31
N GLU A 4936 -26.11 15.61 35.08
CA GLU A 4936 -26.60 16.61 36.02
C GLU A 4936 -25.57 16.89 37.12
N SER A 4937 -24.92 15.85 37.62
CA SER A 4937 -23.88 16.06 38.63
C SER A 4937 -22.68 16.80 38.05
N TYR A 4938 -22.31 16.49 36.81
CA TYR A 4938 -21.20 17.20 36.16
C TYR A 4938 -21.53 18.68 36.00
N VAL A 4939 -22.73 18.99 35.52
CA VAL A 4939 -23.13 20.38 35.33
C VAL A 4939 -23.21 21.09 36.68
N TRP A 4940 -23.72 20.41 37.71
CA TRP A 4940 -23.79 21.00 39.03
C TRP A 4940 -22.39 21.32 39.57
N LYS A 4941 -21.44 20.41 39.36
CA LYS A 4941 -20.07 20.65 39.81
C LYS A 4941 -19.45 21.84 39.08
N MET A 4942 -19.63 21.91 37.77
CA MET A 4942 -19.07 23.03 37.02
C MET A 4942 -19.72 24.35 37.43
N TYR A 4943 -21.02 24.34 37.68
CA TYR A 4943 -21.70 25.55 38.11
C TYR A 4943 -21.28 25.96 39.52
N GLN A 4944 -21.04 24.99 40.39
CA GLN A 4944 -20.57 25.30 41.74
C GLN A 4944 -19.16 25.88 41.70
N GLU A 4945 -18.31 25.39 40.80
CA GLU A 4945 -16.98 25.94 40.64
C GLU A 4945 -16.93 27.17 39.74
N ARG A 4946 -18.09 27.60 39.20
CA ARG A 4946 -18.19 28.77 38.34
C ARG A 4946 -17.24 28.66 37.15
N CYS A 4947 -17.23 27.50 36.52
CA CYS A 4947 -16.32 27.19 35.42
C CYS A 4947 -17.19 26.70 34.25
N TRP A 4948 -17.46 27.59 33.29
CA TRP A 4948 -18.47 27.34 32.27
C TRP A 4948 -17.81 26.92 30.97
N GLU A 4949 -17.61 25.61 30.82
CA GLU A 4949 -17.29 25.01 29.53
C GLU A 4949 -18.37 24.05 29.04
N PHE A 4950 -19.36 23.74 29.87
CA PHE A 4950 -20.45 22.87 29.44
C PHE A 4950 -21.38 23.56 28.46
N PHE A 4951 -21.34 24.88 28.38
CA PHE A 4951 -22.10 25.58 27.35
C PHE A 4951 -21.49 25.28 25.98
N PRO A 4952 -22.31 25.16 24.93
CA PRO A 4952 -21.75 24.97 23.58
C PRO A 4952 -20.92 26.18 23.16
N ALA A 4953 -19.83 25.91 22.46
CA ALA A 4953 -18.85 26.91 22.07
C ALA A 4953 -18.61 26.87 20.57
N GLY A 4954 -19.70 26.86 19.80
CA GLY A 4954 -19.61 26.73 18.36
C GLY A 4954 -19.88 25.34 17.83
N ASP A 4955 -20.35 24.43 18.67
CA ASP A 4955 -20.69 23.07 18.25
C ASP A 4955 -22.12 22.77 18.69
N CYS A 4956 -22.81 21.96 17.89
CA CYS A 4956 -24.17 21.54 18.19
C CYS A 4956 -24.29 20.05 17.90
N PHE A 4957 -25.50 19.52 18.08
CA PHE A 4957 -25.75 18.11 17.78
C PHE A 4957 -25.56 17.83 16.29
N ARG A 4958 -26.07 18.72 15.44
CA ARG A 4958 -26.01 18.49 14.00
C ARG A 4958 -24.58 18.56 13.46
N LYS A 4959 -23.66 19.18 14.19
CA LYS A 4959 -22.27 19.25 13.75
C LYS A 4959 -21.44 18.09 14.25
N GLN A 4960 -21.46 17.84 15.56
CA GLN A 4960 -20.72 16.70 16.12
C GLN A 4960 -21.36 15.38 15.69
N TYR A 4961 -22.61 15.16 16.09
CA TYR A 4961 -23.34 13.95 15.73
C TYR A 4961 -24.10 14.24 14.45
N GLU A 4962 -23.37 14.18 13.33
CA GLU A 4962 -23.85 14.69 12.04
C GLU A 4962 -24.95 13.79 11.50
N ASP A 4963 -26.16 13.97 12.06
CA ASP A 4963 -27.36 13.24 11.68
C ASP A 4963 -27.12 11.73 11.73
N GLN A 4964 -27.04 11.10 10.56
CA GLN A 4964 -26.67 9.69 10.46
C GLN A 4964 -25.17 9.52 10.30
N LEU A 4965 -24.41 10.14 11.20
CA LEU A 4965 -22.95 10.16 11.17
C LEU A 4965 -22.43 10.68 9.82
N ASN A 4966 -23.07 11.73 9.32
CA ASN A 4966 -22.75 12.35 8.03
C ASN A 4966 -22.78 11.34 6.89
N GLU B 10 22.33 6.81 -19.86
CA GLU B 10 23.62 6.83 -19.18
C GLU B 10 24.74 7.18 -20.14
N ILE B 11 25.49 8.23 -19.83
CA ILE B 11 26.60 8.69 -20.64
C ILE B 11 27.84 8.79 -19.76
N GLN B 12 28.91 8.09 -20.14
CA GLN B 12 30.17 8.11 -19.42
C GLN B 12 31.30 8.37 -20.39
N PHE B 13 32.27 9.17 -19.97
CA PHE B 13 33.42 9.49 -20.81
C PHE B 13 34.65 9.62 -19.92
N LEU B 14 35.76 10.04 -20.52
CA LEU B 14 37.04 10.17 -19.84
C LEU B 14 37.49 11.62 -19.90
N ARG B 15 37.88 12.15 -18.74
CA ARG B 15 38.43 13.49 -18.61
C ARG B 15 39.83 13.40 -18.02
N THR B 16 40.39 14.54 -17.65
CA THR B 16 41.69 14.55 -16.99
C THR B 16 41.56 14.06 -15.55
N ASP B 17 42.71 13.70 -14.96
CA ASP B 17 42.76 13.22 -13.57
C ASP B 17 41.95 11.93 -13.39
N ASP B 18 41.96 11.08 -14.40
CA ASP B 18 41.04 9.95 -14.48
C ASP B 18 41.78 8.62 -14.38
N GLU B 19 41.06 7.54 -14.68
CA GLU B 19 41.49 6.19 -14.38
C GLU B 19 41.78 5.41 -15.66
N VAL B 20 42.54 6.01 -16.56
CA VAL B 20 42.84 5.39 -17.85
C VAL B 20 43.77 4.19 -17.64
N VAL B 21 43.54 3.13 -18.40
CA VAL B 21 44.43 1.98 -18.43
C VAL B 21 44.30 1.35 -19.81
N LEU B 22 45.38 0.76 -20.31
CA LEU B 22 45.49 0.43 -21.72
C LEU B 22 45.36 -1.07 -21.93
N GLN B 23 44.52 -1.46 -22.88
CA GLN B 23 44.19 -2.86 -23.10
C GLN B 23 44.02 -3.12 -24.59
N CYS B 24 44.43 -4.30 -25.04
CA CYS B 24 44.19 -4.66 -26.44
C CYS B 24 44.19 -6.17 -26.57
N THR B 25 43.32 -6.66 -27.45
CA THR B 25 43.15 -8.09 -27.70
C THR B 25 43.67 -8.43 -29.10
N ALA B 26 44.53 -9.44 -29.17
CA ALA B 26 45.06 -9.88 -30.45
C ALA B 26 45.32 -11.38 -30.41
N THR B 27 44.68 -12.11 -31.31
CA THR B 27 44.80 -13.57 -31.33
C THR B 27 46.12 -13.93 -32.00
N ILE B 28 47.10 -14.33 -31.18
CA ILE B 28 48.42 -14.75 -31.66
C ILE B 28 48.59 -16.22 -31.33
N HIS B 29 48.98 -17.01 -32.34
CA HIS B 29 49.14 -18.46 -32.22
C HIS B 29 47.84 -19.11 -31.75
N LYS B 30 46.72 -18.68 -32.35
CA LYS B 30 45.39 -19.22 -32.06
C LYS B 30 45.04 -19.10 -30.58
N GLU B 31 45.40 -17.97 -29.98
CA GLU B 31 45.08 -17.70 -28.58
C GLU B 31 44.72 -16.23 -28.47
N GLN B 32 43.48 -15.93 -28.10
CA GLN B 32 43.08 -14.56 -27.81
C GLN B 32 43.41 -14.22 -26.36
N GLN B 33 44.06 -13.08 -26.15
CA GLN B 33 44.42 -12.62 -24.81
C GLN B 33 44.35 -11.11 -24.75
N LYS B 34 43.97 -10.57 -23.59
CA LYS B 34 43.92 -9.12 -23.41
C LYS B 34 45.16 -8.63 -22.67
N LEU B 35 46.08 -8.05 -23.43
CA LEU B 35 47.35 -7.62 -22.87
C LEU B 35 47.23 -6.20 -22.35
N CYS B 36 47.99 -5.92 -21.30
CA CYS B 36 47.99 -4.60 -20.70
C CYS B 36 49.38 -3.99 -20.78
N LEU B 37 49.45 -2.68 -20.95
CA LEU B 37 50.73 -2.00 -21.05
C LEU B 37 51.31 -1.80 -19.66
N ALA B 38 52.54 -2.26 -19.45
CA ALA B 38 53.19 -2.15 -18.15
C ALA B 38 54.58 -1.55 -18.30
N ALA B 39 54.97 -0.75 -17.31
CA ALA B 39 56.27 -0.10 -17.29
C ALA B 39 56.62 0.28 -15.85
N GLU B 40 57.92 0.44 -15.62
CA GLU B 40 58.43 0.89 -14.33
C GLU B 40 59.77 1.60 -14.56
N GLY B 41 59.88 2.81 -14.03
CA GLY B 41 61.05 3.63 -14.30
C GLY B 41 62.25 3.32 -13.44
N PHE B 42 62.04 2.71 -12.27
CA PHE B 42 63.13 2.48 -11.33
C PHE B 42 64.05 1.32 -11.74
N GLY B 43 63.58 0.42 -12.61
CA GLY B 43 64.37 -0.73 -12.98
C GLY B 43 64.75 -0.76 -14.44
N ASN B 44 63.96 -0.12 -15.29
CA ASN B 44 64.18 -0.16 -16.73
C ASN B 44 63.51 1.07 -17.36
N ARG B 45 63.58 1.14 -18.67
CA ARG B 45 62.91 2.20 -19.43
C ARG B 45 61.86 1.67 -20.38
N LEU B 46 62.23 0.73 -21.26
CA LEU B 46 61.30 0.18 -22.24
C LEU B 46 60.16 -0.56 -21.55
N CYS B 47 58.99 -0.53 -22.17
CA CYS B 47 57.80 -1.13 -21.60
C CYS B 47 57.67 -2.59 -22.00
N PHE B 48 56.78 -3.30 -21.30
CA PHE B 48 56.50 -4.71 -21.61
C PHE B 48 55.03 -4.99 -21.35
N LEU B 49 54.43 -5.81 -22.21
CA LEU B 49 53.04 -6.19 -22.04
C LEU B 49 52.88 -7.12 -20.84
N GLU B 50 51.65 -7.16 -20.32
CA GLU B 50 51.30 -8.00 -19.19
C GLU B 50 50.10 -8.85 -19.57
N SER B 51 50.33 -10.12 -19.85
CA SER B 51 49.24 -11.03 -20.19
C SER B 51 48.35 -11.26 -18.99
N THR B 52 47.04 -11.30 -19.22
CA THR B 52 46.03 -11.39 -18.16
C THR B 52 44.99 -12.42 -18.60
N SER B 53 45.13 -13.64 -18.08
CA SER B 53 44.20 -14.73 -18.42
C SER B 53 43.14 -14.96 -17.35
N ASN B 54 43.41 -14.53 -16.11
CA ASN B 54 42.54 -14.75 -14.95
C ASN B 54 42.18 -16.23 -14.81
N SER B 55 43.17 -17.02 -14.43
CA SER B 55 42.95 -18.42 -14.06
C SER B 55 43.09 -18.64 -12.56
N LYS B 56 42.85 -17.59 -11.77
CA LYS B 56 42.74 -17.66 -10.30
C LYS B 56 43.97 -18.28 -9.63
N ASN B 57 45.05 -18.44 -10.38
CA ASN B 57 46.24 -19.13 -9.87
C ASN B 57 47.50 -18.35 -10.19
N VAL B 58 47.47 -17.57 -11.27
CA VAL B 58 48.56 -16.68 -11.62
C VAL B 58 47.99 -15.28 -11.71
N PRO B 59 48.00 -14.51 -10.63
CA PRO B 59 47.43 -13.16 -10.64
C PRO B 59 48.18 -12.24 -11.57
N PRO B 60 47.54 -11.20 -12.10
CA PRO B 60 48.27 -10.19 -12.87
C PRO B 60 48.72 -9.05 -11.97
N ASP B 61 49.50 -8.15 -12.56
CA ASP B 61 49.91 -6.91 -11.92
C ASP B 61 49.24 -5.72 -12.60
N LEU B 62 48.92 -4.70 -11.80
CA LEU B 62 48.17 -3.57 -12.31
C LEU B 62 48.82 -2.24 -11.95
N SER B 63 49.60 -2.22 -10.87
CA SER B 63 50.34 -1.02 -10.47
C SER B 63 51.23 -0.51 -11.60
N ILE B 64 51.99 -1.41 -12.23
CA ILE B 64 52.83 -1.05 -13.38
C ILE B 64 52.01 -0.68 -14.60
N CYS B 65 50.70 -0.93 -14.59
CA CYS B 65 49.81 -0.64 -15.71
C CYS B 65 48.87 0.52 -15.48
N THR B 66 48.61 0.91 -14.23
CA THR B 66 47.68 2.00 -13.95
C THR B 66 48.31 3.33 -14.37
N PHE B 67 47.73 3.97 -15.37
CA PHE B 67 48.19 5.26 -15.85
C PHE B 67 47.24 6.36 -15.42
N VAL B 68 47.78 7.55 -15.22
CA VAL B 68 47.01 8.74 -14.93
C VAL B 68 47.31 9.75 -16.02
N LEU B 69 46.26 10.22 -16.71
CA LEU B 69 46.49 11.18 -17.77
C LEU B 69 46.40 12.60 -17.20
N GLU B 70 46.77 13.57 -18.02
CA GLU B 70 46.98 14.93 -17.57
C GLU B 70 46.37 15.87 -18.61
N GLN B 71 46.79 17.14 -18.57
CA GLN B 71 46.19 18.21 -19.35
C GLN B 71 46.12 17.86 -20.83
N SER B 72 44.92 17.94 -21.39
CA SER B 72 44.67 17.64 -22.79
C SER B 72 44.43 18.94 -23.54
N LEU B 73 45.27 19.20 -24.54
CA LEU B 73 45.19 20.39 -25.37
C LEU B 73 44.94 20.00 -26.82
N SER B 74 44.61 20.98 -27.64
CA SER B 74 44.41 20.76 -29.06
C SER B 74 45.76 20.74 -29.78
N VAL B 75 45.73 20.29 -31.04
CA VAL B 75 46.98 20.18 -31.80
C VAL B 75 47.52 21.57 -32.13
N ARG B 76 46.63 22.51 -32.49
CA ARG B 76 47.01 23.91 -32.64
C ARG B 76 47.39 24.56 -31.31
N ALA B 77 46.93 24.02 -30.18
CA ALA B 77 47.53 24.42 -28.91
C ALA B 77 48.78 23.58 -28.69
N LEU B 78 49.89 24.00 -29.29
CA LEU B 78 51.13 23.24 -29.21
C LEU B 78 52.06 23.71 -28.10
N GLN B 79 51.85 24.92 -27.58
CA GLN B 79 52.77 25.56 -26.63
C GLN B 79 54.16 25.67 -27.22
N GLU B 80 55.18 25.92 -26.37
CA GLU B 80 56.56 26.12 -26.80
C GLU B 80 56.65 27.25 -27.83
N MET B 81 56.25 28.44 -27.40
CA MET B 81 56.65 29.68 -28.06
C MET B 81 58.03 30.06 -27.55
N LEU B 82 59.05 29.65 -28.30
CA LEU B 82 60.46 29.80 -27.90
C LEU B 82 60.71 29.13 -26.56
N ALA B 83 60.62 29.91 -25.48
CA ALA B 83 60.84 29.41 -24.12
C ALA B 83 59.48 29.35 -23.42
N ASN B 84 59.05 28.15 -23.06
CA ASN B 84 57.77 27.90 -22.40
C ASN B 84 56.60 28.47 -23.22
N MET B 102 58.27 27.91 -15.57
CA MET B 102 58.02 26.49 -15.37
C MET B 102 56.80 26.03 -16.17
N LYS B 103 55.81 25.47 -15.49
CA LYS B 103 54.60 25.02 -16.18
C LYS B 103 53.68 26.21 -16.49
N THR B 104 53.18 26.88 -15.44
CA THR B 104 52.20 27.96 -15.56
C THR B 104 51.04 27.54 -16.46
N ALA B 105 50.30 26.53 -15.98
CA ALA B 105 49.18 26.00 -16.76
C ALA B 105 48.02 26.97 -16.76
N GLN B 106 47.32 27.04 -17.90
CA GLN B 106 46.20 27.94 -18.10
C GLN B 106 44.90 27.16 -18.26
N GLY B 107 44.72 26.10 -17.49
CA GLY B 107 43.53 25.28 -17.59
C GLY B 107 42.89 24.96 -16.25
N GLY B 108 41.56 25.06 -16.19
CA GLY B 108 40.86 24.72 -14.96
C GLY B 108 40.94 23.25 -14.62
N GLY B 109 40.82 22.39 -15.63
CA GLY B 109 40.91 20.96 -15.45
C GLY B 109 39.55 20.28 -15.64
N HIS B 110 39.60 18.94 -15.57
CA HIS B 110 38.43 18.07 -15.74
C HIS B 110 37.78 18.26 -17.11
N ARG B 111 38.55 18.67 -18.10
CA ARG B 111 38.05 18.79 -19.46
C ARG B 111 37.98 17.41 -20.10
N THR B 112 36.86 17.09 -20.72
CA THR B 112 36.70 15.77 -21.32
C THR B 112 37.52 15.69 -22.60
N LEU B 113 38.20 14.56 -22.79
CA LEU B 113 39.14 14.42 -23.90
C LEU B 113 38.38 14.12 -25.18
N LEU B 114 38.56 14.97 -26.18
CA LEU B 114 37.91 14.81 -27.48
C LEU B 114 38.89 14.24 -28.49
N TYR B 115 38.35 13.52 -29.46
CA TYR B 115 39.14 12.90 -30.52
C TYR B 115 39.98 13.95 -31.23
N GLY B 116 41.30 13.74 -31.24
CA GLY B 116 42.23 14.67 -31.85
C GLY B 116 42.97 15.55 -30.86
N HIS B 117 42.57 15.57 -29.60
CA HIS B 117 43.26 16.37 -28.59
C HIS B 117 44.61 15.74 -28.25
N ALA B 118 45.63 16.57 -28.10
CA ALA B 118 46.93 16.08 -27.68
C ALA B 118 46.90 15.78 -26.18
N ILE B 119 47.32 14.57 -25.82
CA ILE B 119 47.17 14.07 -24.47
C ILE B 119 48.55 13.80 -23.87
N LEU B 120 48.60 13.78 -22.54
CA LEU B 120 49.82 13.46 -21.80
C LEU B 120 49.50 12.35 -20.81
N LEU B 121 50.34 11.33 -20.79
CA LEU B 121 50.18 10.19 -19.89
C LEU B 121 51.24 10.23 -18.81
N ARG B 122 50.83 9.94 -17.58
CA ARG B 122 51.74 9.90 -16.43
C ARG B 122 51.53 8.61 -15.66
N HIS B 123 52.62 8.01 -15.21
CA HIS B 123 52.54 6.75 -14.48
C HIS B 123 52.13 7.03 -13.04
N SER B 124 51.11 6.30 -12.56
CA SER B 124 50.65 6.47 -11.19
C SER B 124 51.66 5.96 -10.17
N TYR B 125 52.58 5.08 -10.57
CA TYR B 125 53.59 4.54 -9.67
C TYR B 125 54.97 5.11 -9.97
N SER B 126 55.43 4.98 -11.22
CA SER B 126 56.80 5.37 -11.55
C SER B 126 56.99 6.88 -11.58
N GLY B 127 55.90 7.65 -11.61
CA GLY B 127 55.95 9.10 -11.57
C GLY B 127 56.40 9.75 -12.87
N MET B 128 56.71 8.98 -13.90
CA MET B 128 57.23 9.48 -15.15
C MET B 128 56.13 9.55 -16.20
N TYR B 129 56.51 9.88 -17.43
CA TYR B 129 55.57 10.04 -18.53
C TYR B 129 55.95 9.10 -19.66
N LEU B 130 54.95 8.40 -20.20
CA LEU B 130 55.18 7.53 -21.34
C LEU B 130 55.50 8.36 -22.58
N CYS B 131 56.57 8.00 -23.27
CA CYS B 131 57.07 8.81 -24.37
C CYS B 131 57.63 7.91 -25.47
N CYS B 132 57.90 8.52 -26.62
CA CYS B 132 58.58 7.85 -27.72
C CYS B 132 60.06 8.22 -27.67
N LEU B 133 60.90 7.28 -27.31
CA LEU B 133 62.33 7.54 -27.16
C LEU B 133 62.98 7.82 -28.50
N SER B 134 64.00 8.70 -28.47
CA SER B 134 64.75 9.05 -29.67
C SER B 134 65.70 7.94 -30.11
N THR B 135 65.86 6.90 -29.30
CA THR B 135 66.76 5.80 -29.63
C THR B 135 66.07 4.88 -30.65
N SER B 136 66.64 3.70 -30.87
CA SER B 136 66.19 2.81 -31.93
C SER B 136 66.41 1.38 -31.45
N ARG B 137 66.44 0.44 -32.40
CA ARG B 137 66.69 -0.98 -32.15
C ARG B 137 65.55 -1.59 -31.32
N SER B 138 65.77 -1.72 -30.01
CA SER B 138 64.83 -2.39 -29.11
C SER B 138 64.47 -3.79 -29.62
N SER B 139 65.50 -4.51 -30.07
CA SER B 139 65.36 -5.86 -30.64
C SER B 139 64.43 -5.88 -31.85
N THR B 140 64.41 -4.80 -32.62
CA THR B 140 63.62 -4.71 -33.84
C THR B 140 64.51 -4.29 -35.00
N ASP B 141 64.11 -4.68 -36.21
CA ASP B 141 64.85 -4.38 -37.43
C ASP B 141 63.90 -3.68 -38.39
N LYS B 142 63.78 -2.36 -38.25
CA LYS B 142 62.90 -1.54 -39.07
C LYS B 142 63.30 -0.08 -38.86
N LEU B 143 62.47 0.83 -39.37
CA LEU B 143 62.62 2.26 -39.14
C LEU B 143 61.91 2.73 -37.88
N ALA B 144 61.33 1.81 -37.11
CA ALA B 144 60.53 2.15 -35.95
C ALA B 144 61.41 2.64 -34.80
N PHE B 145 60.74 3.20 -33.78
CA PHE B 145 61.38 3.68 -32.57
C PHE B 145 60.95 2.80 -31.40
N ASP B 146 61.35 3.18 -30.20
CA ASP B 146 61.04 2.44 -28.98
C ASP B 146 60.31 3.33 -27.99
N VAL B 147 59.44 2.71 -27.19
CA VAL B 147 58.64 3.42 -26.20
C VAL B 147 59.33 3.31 -24.84
N GLY B 148 59.19 4.37 -24.05
CA GLY B 148 59.79 4.36 -22.72
C GLY B 148 59.26 5.50 -21.88
N LEU B 149 59.85 5.65 -20.70
CA LEU B 149 59.43 6.65 -19.73
C LEU B 149 60.57 7.63 -19.48
N GLN B 150 60.21 8.88 -19.19
CA GLN B 150 61.17 9.91 -18.85
C GLN B 150 60.48 10.97 -18.01
N GLU B 151 61.26 11.92 -17.50
CA GLU B 151 60.77 12.91 -16.55
C GLU B 151 60.48 14.26 -17.20
N ASP B 152 61.36 14.76 -18.06
CA ASP B 152 61.17 16.07 -18.65
C ASP B 152 59.99 16.04 -19.63
N THR B 153 59.14 17.05 -19.55
CA THR B 153 57.96 17.16 -20.40
C THR B 153 58.15 18.16 -21.54
N THR B 154 59.30 18.84 -21.58
CA THR B 154 59.55 19.82 -22.62
C THR B 154 59.72 19.14 -23.98
N GLY B 155 59.55 19.94 -25.03
CA GLY B 155 59.66 19.45 -26.39
C GLY B 155 58.36 18.85 -26.89
N GLU B 156 58.36 18.51 -28.19
CA GLU B 156 57.18 17.94 -28.81
C GLU B 156 56.87 16.54 -28.31
N ALA B 157 57.84 15.87 -27.68
CA ALA B 157 57.61 14.55 -27.11
C ALA B 157 56.67 14.65 -25.92
N CYS B 158 56.41 13.49 -25.30
CA CYS B 158 55.53 13.31 -24.14
C CYS B 158 54.07 13.61 -24.46
N TRP B 159 53.72 13.79 -25.74
CA TRP B 159 52.37 14.13 -26.14
C TRP B 159 51.84 13.07 -27.10
N TRP B 160 50.57 12.72 -26.95
CA TRP B 160 49.92 11.73 -27.80
C TRP B 160 48.57 12.26 -28.26
N THR B 161 48.24 12.00 -29.52
CA THR B 161 46.98 12.42 -30.11
C THR B 161 46.10 11.20 -30.33
N ILE B 162 44.85 11.28 -29.89
CA ILE B 162 43.90 10.19 -30.00
C ILE B 162 43.12 10.34 -31.30
N HIS B 163 43.11 9.29 -32.12
CA HIS B 163 42.34 9.30 -33.34
C HIS B 163 41.37 8.12 -33.34
N PRO B 164 40.13 8.31 -33.81
CA PRO B 164 39.13 7.25 -33.71
C PRO B 164 39.33 6.19 -34.79
N ALA B 165 39.40 4.93 -34.38
CA ALA B 165 39.52 3.85 -35.34
C ALA B 165 38.22 3.62 -36.09
N SER B 166 37.09 3.80 -35.42
CA SER B 166 35.78 3.59 -36.02
C SER B 166 35.24 4.88 -36.61
N LYS B 167 34.50 4.75 -37.71
CA LYS B 167 33.87 5.88 -38.36
C LYS B 167 32.58 6.31 -37.68
N GLN B 168 32.12 5.56 -36.66
CA GLN B 168 30.89 5.91 -35.97
C GLN B 168 31.05 7.19 -35.14
N ARG B 169 32.23 7.39 -34.56
CA ARG B 169 32.46 8.54 -33.69
C ARG B 169 33.08 9.72 -34.43
N SER B 170 34.07 9.46 -35.30
CA SER B 170 34.79 10.48 -36.05
C SER B 170 35.46 11.50 -35.14
N GLU B 171 35.87 12.63 -35.69
CA GLU B 171 36.62 13.62 -34.94
C GLU B 171 35.67 14.49 -34.10
N GLY B 172 36.16 14.91 -32.95
CA GLY B 172 35.43 15.84 -32.10
C GLY B 172 34.21 15.26 -31.42
N GLU B 173 34.42 14.26 -30.55
CA GLU B 173 33.33 13.66 -29.80
C GLU B 173 33.83 13.30 -28.40
N LYS B 174 32.90 13.25 -27.46
CA LYS B 174 33.20 12.81 -26.10
C LYS B 174 33.54 11.32 -26.13
N VAL B 175 34.80 10.99 -25.88
CA VAL B 175 35.26 9.60 -25.99
C VAL B 175 34.69 8.82 -24.82
N ARG B 176 33.76 7.91 -25.12
CA ARG B 176 33.13 7.10 -24.09
C ARG B 176 34.00 5.89 -23.76
N VAL B 177 33.56 5.10 -22.78
CA VAL B 177 34.31 3.91 -22.38
C VAL B 177 34.01 2.77 -23.35
N GLY B 178 34.95 1.82 -23.40
CA GLY B 178 34.79 0.66 -24.25
C GLY B 178 35.00 0.89 -25.73
N ASP B 179 35.49 2.08 -26.12
CA ASP B 179 35.71 2.38 -27.52
C ASP B 179 37.10 1.91 -27.95
N ASP B 180 37.44 2.16 -29.22
CA ASP B 180 38.74 1.84 -29.77
C ASP B 180 39.44 3.12 -30.18
N LEU B 181 40.69 3.28 -29.75
CA LEU B 181 41.45 4.49 -30.01
C LEU B 181 42.78 4.14 -30.67
N ILE B 182 43.27 5.07 -31.48
CA ILE B 182 44.58 4.94 -32.14
C ILE B 182 45.42 6.12 -31.70
N LEU B 183 46.63 5.84 -31.22
CA LEU B 183 47.53 6.86 -30.71
C LEU B 183 48.66 7.09 -31.71
N VAL B 184 48.79 8.33 -32.18
CA VAL B 184 49.78 8.69 -33.19
C VAL B 184 50.24 10.14 -32.99
N SER B 185 51.52 10.32 -32.70
CA SER B 185 52.04 11.63 -32.32
C SER B 185 53.58 11.56 -32.33
N VAL B 186 54.19 12.57 -31.70
CA VAL B 186 55.64 12.70 -31.49
C VAL B 186 56.33 12.89 -32.84
N SER B 187 57.36 12.08 -33.11
CA SER B 187 58.31 12.39 -34.17
C SER B 187 58.36 11.36 -35.30
N SER B 188 57.45 10.40 -35.33
CA SER B 188 57.43 9.44 -36.42
C SER B 188 56.03 9.05 -36.87
N GLU B 189 54.98 9.69 -36.34
CA GLU B 189 53.59 9.28 -36.57
C GLU B 189 53.40 7.80 -36.29
N ARG B 190 54.05 7.30 -35.25
CA ARG B 190 54.04 5.89 -34.96
C ARG B 190 52.74 5.48 -34.28
N TYR B 191 52.56 4.18 -34.11
CA TYR B 191 51.39 3.63 -33.43
C TYR B 191 51.86 2.61 -32.40
N LEU B 192 51.04 2.43 -31.36
CA LEU B 192 51.34 1.46 -30.31
C LEU B 192 51.08 0.06 -30.87
N HIS B 193 52.03 -0.40 -31.68
CA HIS B 193 51.88 -1.62 -32.44
C HIS B 193 52.34 -2.83 -31.62
N LEU B 194 51.59 -3.93 -31.73
CA LEU B 194 51.91 -5.18 -31.05
C LEU B 194 52.77 -6.02 -32.00
N SER B 195 54.09 -5.95 -31.83
CA SER B 195 55.01 -6.72 -32.65
C SER B 195 55.15 -8.10 -32.06
N TYR B 196 54.45 -9.08 -32.65
CA TYR B 196 54.50 -10.46 -32.19
C TYR B 196 55.69 -11.23 -32.76
N GLY B 197 56.49 -10.61 -33.63
CA GLY B 197 57.61 -11.30 -34.24
C GLY B 197 58.81 -11.50 -33.34
N ASN B 198 58.85 -10.84 -32.19
CA ASN B 198 59.96 -11.00 -31.24
C ASN B 198 59.66 -12.10 -30.23
N SER B 199 59.24 -13.26 -30.73
CA SER B 199 58.96 -14.48 -29.95
C SER B 199 57.80 -14.30 -28.97
N SER B 200 57.22 -13.11 -28.94
CA SER B 200 56.12 -12.76 -28.03
C SER B 200 55.63 -11.38 -28.43
N TRP B 201 54.62 -10.88 -27.70
CA TRP B 201 54.14 -9.53 -27.92
C TRP B 201 55.20 -8.51 -27.51
N HIS B 202 55.30 -7.45 -28.30
CA HIS B 202 56.32 -6.43 -28.07
C HIS B 202 55.81 -5.10 -28.61
N VAL B 203 55.69 -4.10 -27.73
CA VAL B 203 55.24 -2.78 -28.16
C VAL B 203 56.44 -1.99 -28.65
N ASP B 204 56.32 -1.46 -29.87
CA ASP B 204 57.34 -0.60 -30.44
C ASP B 204 56.65 0.46 -31.27
N ALA B 205 57.39 1.54 -31.56
CA ALA B 205 56.84 2.68 -32.29
C ALA B 205 56.83 2.41 -33.80
N ALA B 206 56.08 1.39 -34.18
CA ALA B 206 55.99 0.98 -35.58
C ALA B 206 55.03 1.89 -36.34
N PHE B 207 55.04 1.75 -37.67
CA PHE B 207 54.25 2.58 -38.56
C PHE B 207 52.94 1.94 -38.97
N GLN B 208 52.61 0.76 -38.43
CA GLN B 208 51.35 0.10 -38.72
C GLN B 208 50.42 0.27 -37.53
N GLN B 209 49.21 0.76 -37.80
CA GLN B 209 48.26 1.03 -36.73
C GLN B 209 47.77 -0.28 -36.10
N THR B 210 47.41 -0.20 -34.82
CA THR B 210 46.94 -1.35 -34.07
C THR B 210 45.85 -0.89 -33.11
N LEU B 211 44.82 -1.74 -32.95
CA LEU B 211 43.72 -1.44 -32.04
C LEU B 211 44.24 -1.30 -30.62
N TRP B 212 43.62 -0.39 -29.87
CA TRP B 212 43.97 -0.18 -28.47
C TRP B 212 42.75 0.36 -27.74
N SER B 213 42.16 -0.47 -26.88
CA SER B 213 40.98 -0.09 -26.13
C SER B 213 41.38 0.63 -24.85
N VAL B 214 40.39 1.14 -24.13
CA VAL B 214 40.59 1.83 -22.87
C VAL B 214 39.59 1.29 -21.86
N ALA B 215 39.96 1.36 -20.58
CA ALA B 215 39.10 0.91 -19.50
C ALA B 215 39.25 1.85 -18.31
N PRO B 216 38.21 2.00 -17.49
CA PRO B 216 38.38 2.72 -16.24
C PRO B 216 38.90 1.81 -15.13
N ILE B 217 40.07 2.10 -14.59
CA ILE B 217 40.69 1.14 -13.68
C ILE B 217 40.13 1.27 -12.26
N SER B 218 40.28 2.44 -11.63
CA SER B 218 39.89 2.59 -10.23
C SER B 218 38.76 3.58 -10.02
N SER B 219 38.99 4.87 -10.24
CA SER B 219 38.03 5.94 -9.95
C SER B 219 38.69 7.26 -10.34
N GLY B 220 37.88 8.31 -10.40
CA GLY B 220 38.39 9.65 -10.64
C GLY B 220 37.63 10.72 -9.90
N SER B 221 36.75 10.32 -8.98
CA SER B 221 35.86 11.25 -8.31
C SER B 221 36.09 11.34 -6.81
N GLU B 222 36.08 10.21 -6.09
CA GLU B 222 36.08 10.21 -4.64
C GLU B 222 37.50 10.05 -4.09
N ALA B 223 37.77 10.74 -2.99
CA ALA B 223 39.01 10.61 -2.26
C ALA B 223 38.91 9.43 -1.29
N ALA B 224 39.85 9.33 -0.35
CA ALA B 224 39.82 8.27 0.63
C ALA B 224 38.56 8.35 1.49
N GLN B 225 38.47 9.40 2.31
CA GLN B 225 37.25 9.73 3.07
C GLN B 225 36.76 8.55 3.91
N GLY B 226 37.68 7.74 4.41
CA GLY B 226 37.31 6.53 5.13
C GLY B 226 36.57 5.53 4.27
N TYR B 227 37.10 5.27 3.07
CA TYR B 227 36.51 4.31 2.14
C TYR B 227 37.64 3.53 1.49
N LEU B 228 37.73 2.24 1.83
CA LEU B 228 38.78 1.39 1.30
C LEU B 228 38.61 1.22 -0.21
N ILE B 229 39.59 1.69 -0.97
CA ILE B 229 39.55 1.61 -2.42
C ILE B 229 40.21 0.30 -2.85
N GLY B 230 39.89 -0.13 -4.07
CA GLY B 230 40.46 -1.35 -4.60
C GLY B 230 41.88 -1.13 -5.12
N GLY B 231 42.85 -1.62 -4.37
CA GLY B 231 44.24 -1.47 -4.73
C GLY B 231 44.91 -0.35 -3.97
N ASP B 232 45.61 -0.71 -2.90
CA ASP B 232 46.27 0.25 -2.01
C ASP B 232 47.06 -0.54 -0.98
N VAL B 233 48.01 0.14 -0.35
CA VAL B 233 48.81 -0.45 0.72
C VAL B 233 48.12 -0.15 2.04
N LEU B 234 47.87 -1.20 2.83
CA LEU B 234 47.13 -1.05 4.08
C LEU B 234 47.73 -1.96 5.14
N ARG B 235 47.36 -1.68 6.39
CA ARG B 235 47.82 -2.44 7.55
C ARG B 235 46.77 -3.47 7.95
N LEU B 236 47.17 -4.39 8.83
CA LEU B 236 46.34 -5.47 9.30
C LEU B 236 46.45 -5.62 10.81
N LEU B 237 46.30 -4.51 11.53
CA LEU B 237 46.37 -4.54 12.99
C LEU B 237 45.20 -5.32 13.56
N HIS B 238 45.48 -6.19 14.52
CA HIS B 238 44.47 -7.06 15.12
C HIS B 238 44.02 -6.54 16.49
N GLY B 239 44.94 -6.37 17.42
CA GLY B 239 44.62 -5.89 18.75
C GLY B 239 44.51 -4.40 18.89
N HIS B 240 44.48 -3.67 17.77
CA HIS B 240 44.35 -2.22 17.66
C HIS B 240 45.56 -1.47 18.20
N MET B 241 46.57 -2.17 18.74
CA MET B 241 47.78 -1.50 19.22
C MET B 241 49.02 -2.23 18.72
N ASP B 242 48.92 -3.53 18.52
CA ASP B 242 50.07 -4.37 18.20
C ASP B 242 49.57 -5.65 17.52
N GLU B 243 50.43 -6.67 17.50
CA GLU B 243 50.15 -8.02 16.99
C GLU B 243 49.46 -8.00 15.62
N CYS B 244 50.11 -7.36 14.67
CA CYS B 244 49.71 -7.44 13.27
C CYS B 244 50.45 -8.56 12.57
N LEU B 245 49.92 -8.99 11.43
CA LEU B 245 50.54 -10.06 10.66
C LEU B 245 51.89 -9.60 10.12
N THR B 246 52.90 -10.44 10.27
CA THR B 246 54.27 -10.06 9.95
C THR B 246 54.98 -11.21 9.24
N VAL B 247 55.79 -10.86 8.25
CA VAL B 247 56.64 -11.81 7.53
C VAL B 247 58.07 -11.65 8.05
N PRO B 248 58.78 -12.73 8.35
CA PRO B 248 60.14 -12.59 8.89
C PRO B 248 61.10 -12.02 7.86
N SER B 249 62.19 -11.47 8.37
CA SER B 249 63.21 -10.83 7.55
C SER B 249 64.56 -11.06 8.23
N GLY B 250 65.56 -10.28 7.83
CA GLY B 250 66.91 -10.46 8.33
C GLY B 250 67.52 -11.77 7.85
N GLU B 251 67.43 -12.00 6.54
CA GLU B 251 67.84 -13.20 5.81
C GLU B 251 66.95 -14.41 6.13
N HIS B 252 66.00 -14.28 7.05
CA HIS B 252 65.01 -15.33 7.23
C HIS B 252 64.02 -15.36 6.07
N GLY B 253 63.66 -14.18 5.56
CA GLY B 253 62.85 -14.12 4.37
C GLY B 253 63.62 -14.54 3.13
N GLU B 254 62.87 -14.95 2.11
CA GLU B 254 63.34 -15.45 0.82
C GLU B 254 64.10 -16.77 0.95
N GLU B 255 64.28 -17.30 2.16
CA GLU B 255 64.82 -18.64 2.37
C GLU B 255 63.74 -19.56 2.93
N GLN B 256 63.13 -19.20 4.05
CA GLN B 256 61.89 -19.84 4.46
C GLN B 256 60.70 -19.22 3.75
N ARG B 257 60.46 -17.93 4.00
CA ARG B 257 59.46 -17.11 3.30
C ARG B 257 58.06 -17.69 3.37
N ARG B 258 57.75 -18.43 4.44
CA ARG B 258 56.43 -19.03 4.59
C ARG B 258 55.74 -18.63 5.88
N THR B 259 56.48 -18.44 6.97
CA THR B 259 55.89 -18.16 8.26
C THR B 259 55.17 -16.81 8.25
N VAL B 260 53.95 -16.79 8.79
CA VAL B 260 53.20 -15.56 8.96
C VAL B 260 53.14 -15.23 10.44
N HIS B 261 54.10 -14.44 10.91
CA HIS B 261 54.18 -14.11 12.32
C HIS B 261 53.05 -13.15 12.70
N TYR B 262 52.34 -13.47 13.78
CA TYR B 262 51.30 -12.60 14.30
C TYR B 262 51.87 -11.67 15.38
N GLU B 263 52.95 -10.98 15.03
CA GLU B 263 53.75 -10.22 15.99
C GLU B 263 53.76 -8.75 15.60
N GLY B 264 53.55 -7.89 16.59
CA GLY B 264 53.62 -6.45 16.42
C GLY B 264 54.89 -5.87 16.97
N GLY B 265 54.80 -4.65 17.49
CA GLY B 265 55.94 -3.98 18.07
C GLY B 265 56.50 -2.88 17.18
N ALA B 266 57.82 -2.80 17.07
CA ALA B 266 58.47 -1.80 16.22
C ALA B 266 58.22 -2.04 14.75
N VAL B 267 57.82 -3.26 14.36
CA VAL B 267 57.49 -3.57 12.98
C VAL B 267 56.27 -2.77 12.51
N SER B 268 55.38 -2.39 13.44
CA SER B 268 54.14 -1.73 13.08
C SER B 268 54.39 -0.40 12.37
N VAL B 269 54.98 0.57 13.07
CA VAL B 269 55.16 1.89 12.46
C VAL B 269 56.29 1.88 11.43
N HIS B 270 57.33 1.05 11.62
CA HIS B 270 58.31 0.79 10.56
C HIS B 270 57.77 -0.34 9.70
N ALA B 271 56.78 0.01 8.90
CA ALA B 271 55.78 -0.93 8.40
C ALA B 271 56.37 -1.83 7.30
N ARG B 272 57.12 -2.84 7.74
CA ARG B 272 57.34 -3.99 6.89
C ARG B 272 56.05 -4.77 6.68
N SER B 273 55.21 -4.83 7.72
CA SER B 273 53.92 -5.49 7.68
C SER B 273 52.94 -4.64 6.87
N LEU B 274 53.02 -4.76 5.56
CA LEU B 274 52.13 -4.06 4.66
C LEU B 274 51.72 -4.99 3.53
N TRP B 275 50.43 -5.00 3.21
CA TRP B 275 49.88 -5.86 2.17
C TRP B 275 49.08 -5.03 1.19
N ARG B 276 49.33 -5.24 -0.09
CA ARG B 276 48.60 -4.57 -1.16
C ARG B 276 47.58 -5.54 -1.73
N LEU B 277 46.34 -5.10 -1.83
CA LEU B 277 45.24 -5.93 -2.28
C LEU B 277 44.93 -5.66 -3.75
N GLU B 278 44.55 -6.72 -4.47
CA GLU B 278 44.16 -6.63 -5.86
C GLU B 278 42.80 -7.29 -6.05
N THR B 279 42.02 -6.76 -6.99
CA THR B 279 40.68 -7.26 -7.26
C THR B 279 40.68 -8.09 -8.53
N LEU B 280 39.77 -9.07 -8.59
CA LEU B 280 39.65 -9.92 -9.77
C LEU B 280 39.18 -9.13 -10.98
N ARG B 281 38.23 -8.22 -10.78
CA ARG B 281 37.74 -7.41 -11.89
C ARG B 281 38.79 -6.38 -12.31
N VAL B 282 38.82 -6.10 -13.61
CA VAL B 282 39.79 -5.15 -14.16
C VAL B 282 39.11 -3.79 -14.31
N ALA B 283 37.99 -3.75 -15.03
CA ALA B 283 37.25 -2.51 -15.19
C ALA B 283 36.63 -2.11 -13.86
N TRP B 284 36.83 -0.86 -13.46
CA TRP B 284 36.42 -0.34 -12.15
C TRP B 284 36.95 -1.22 -11.02
N SER B 285 38.23 -1.59 -11.14
CA SER B 285 38.87 -2.42 -10.12
C SER B 285 38.93 -1.71 -8.77
N GLY B 286 39.26 -0.42 -8.78
CA GLY B 286 39.35 0.34 -7.56
C GLY B 286 38.03 0.93 -7.11
N SER B 287 37.07 0.06 -6.84
CA SER B 287 35.78 0.50 -6.32
C SER B 287 35.89 0.79 -4.82
N HIS B 288 34.80 1.34 -4.27
CA HIS B 288 34.76 1.62 -2.84
C HIS B 288 34.66 0.35 -2.00
N ILE B 289 34.43 -0.80 -2.62
CA ILE B 289 34.43 -2.12 -1.99
C ILE B 289 33.26 -2.26 -1.03
N ARG B 290 32.33 -3.16 -1.34
CA ARG B 290 31.21 -3.44 -0.46
C ARG B 290 31.70 -4.21 0.77
N TRP B 291 30.74 -4.58 1.64
CA TRP B 291 31.11 -5.30 2.85
C TRP B 291 31.63 -6.71 2.55
N GLY B 292 31.33 -7.26 1.38
CA GLY B 292 31.87 -8.55 1.00
C GLY B 292 32.16 -8.70 -0.47
N GLN B 293 33.42 -9.00 -0.79
CA GLN B 293 33.89 -9.27 -2.15
C GLN B 293 35.31 -9.82 -2.09
N PRO B 294 35.66 -10.76 -2.97
CA PRO B 294 37.00 -11.34 -2.93
C PRO B 294 38.07 -10.35 -3.39
N PHE B 295 39.27 -10.52 -2.85
CA PHE B 295 40.42 -9.73 -3.27
C PHE B 295 41.70 -10.48 -2.93
N ARG B 296 42.59 -10.59 -3.91
CA ARG B 296 43.88 -11.24 -3.69
C ARG B 296 44.81 -10.32 -2.91
N LEU B 297 45.70 -10.92 -2.13
CA LEU B 297 46.60 -10.19 -1.26
C LEU B 297 48.05 -10.58 -1.57
N ARG B 298 48.91 -9.58 -1.71
CA ARG B 298 50.33 -9.79 -1.95
C ARG B 298 51.13 -8.90 -1.02
N HIS B 299 52.17 -9.47 -0.39
CA HIS B 299 53.04 -8.68 0.48
C HIS B 299 53.84 -7.68 -0.34
N VAL B 300 54.04 -6.49 0.23
CA VAL B 300 54.72 -5.42 -0.51
C VAL B 300 56.20 -5.67 -0.64
N THR B 301 56.80 -6.49 0.23
CA THR B 301 58.22 -6.78 0.18
C THR B 301 58.55 -8.15 -0.39
N THR B 302 57.66 -9.12 -0.23
CA THR B 302 57.87 -10.47 -0.74
C THR B 302 56.78 -10.80 -1.75
N GLY B 303 57.16 -11.45 -2.84
CA GLY B 303 56.23 -11.80 -3.88
C GLY B 303 55.32 -12.97 -3.58
N LYS B 304 55.44 -13.55 -2.38
CA LYS B 304 54.60 -14.67 -1.98
C LYS B 304 53.18 -14.18 -1.76
N TYR B 305 52.26 -14.60 -2.63
CA TYR B 305 50.86 -14.25 -2.46
C TYR B 305 50.28 -14.97 -1.25
N LEU B 306 49.39 -14.28 -0.54
CA LEU B 306 48.73 -14.88 0.62
C LEU B 306 47.74 -15.94 0.15
N SER B 307 48.02 -17.19 0.49
CA SER B 307 47.16 -18.31 0.13
C SER B 307 46.97 -19.19 1.36
N LEU B 308 45.82 -19.86 1.43
CA LEU B 308 45.46 -20.68 2.57
C LEU B 308 45.74 -22.16 2.29
N MET B 309 46.18 -22.87 3.31
CA MET B 309 46.43 -24.30 3.23
C MET B 309 45.23 -25.07 3.79
N GLU B 310 45.33 -26.40 3.76
CA GLU B 310 44.23 -27.24 4.21
C GLU B 310 44.11 -27.31 5.73
N ASP B 311 45.12 -26.84 6.47
CA ASP B 311 45.13 -26.90 7.93
C ASP B 311 44.65 -25.61 8.57
N LYS B 312 43.77 -24.86 7.91
CA LYS B 312 43.22 -23.60 8.41
C LYS B 312 44.30 -22.55 8.69
N ASN B 313 45.44 -22.65 8.03
CA ASN B 313 46.53 -21.69 8.17
C ASN B 313 47.00 -21.26 6.79
N LEU B 314 47.64 -20.09 6.73
CA LEU B 314 48.01 -19.51 5.45
C LEU B 314 49.38 -20.02 4.98
N LEU B 315 50.43 -19.71 5.73
CA LEU B 315 51.81 -20.09 5.42
C LEU B 315 52.27 -19.64 4.04
N LEU B 316 51.54 -18.69 3.42
CA LEU B 316 51.88 -18.09 2.13
C LEU B 316 51.95 -19.09 0.98
N MET B 317 52.17 -18.58 -0.23
CA MET B 317 52.36 -19.38 -1.43
C MET B 317 52.93 -18.47 -2.51
N ASP B 318 53.57 -19.09 -3.50
CA ASP B 318 54.20 -18.33 -4.56
C ASP B 318 53.15 -17.64 -5.44
N LYS B 319 53.60 -16.61 -6.17
CA LYS B 319 52.70 -15.87 -7.05
C LYS B 319 52.19 -16.74 -8.19
N GLU B 320 53.05 -17.58 -8.75
CA GLU B 320 52.65 -18.43 -9.87
C GLU B 320 51.85 -19.65 -9.44
N LYS B 321 51.68 -19.87 -8.13
CA LYS B 321 50.91 -21.01 -7.64
C LYS B 321 49.95 -20.50 -6.57
N ALA B 322 48.71 -20.23 -6.98
CA ALA B 322 47.68 -19.74 -6.08
C ALA B 322 46.42 -20.60 -6.22
N ASP B 323 45.64 -20.65 -5.14
CA ASP B 323 44.42 -21.43 -5.13
C ASP B 323 43.24 -20.60 -5.62
N VAL B 324 42.14 -21.28 -5.92
CA VAL B 324 40.96 -20.60 -6.46
C VAL B 324 40.01 -20.14 -5.36
N LYS B 325 39.95 -20.85 -4.23
CA LYS B 325 39.11 -20.45 -3.10
C LYS B 325 39.91 -20.10 -1.86
N SER B 326 41.18 -20.48 -1.78
CA SER B 326 42.03 -20.13 -0.66
C SER B 326 42.78 -18.82 -0.88
N THR B 327 42.54 -18.14 -2.00
CA THR B 327 43.12 -16.84 -2.27
C THR B 327 42.09 -15.74 -2.49
N ALA B 328 40.80 -16.08 -2.53
CA ALA B 328 39.77 -15.07 -2.78
C ALA B 328 39.69 -14.07 -1.64
N PHE B 329 39.58 -14.56 -0.40
CA PHE B 329 39.57 -13.75 0.81
C PHE B 329 38.48 -12.67 0.75
N ALA B 330 37.23 -13.12 0.65
CA ALA B 330 36.10 -12.21 0.61
C ALA B 330 35.94 -11.49 1.94
N PHE B 331 35.77 -10.17 1.89
CA PHE B 331 35.62 -9.38 3.11
C PHE B 331 34.33 -9.77 3.83
N ARG B 332 34.32 -9.55 5.14
CA ARG B 332 33.20 -9.96 5.98
C ARG B 332 32.50 -8.75 6.57
N SER B 333 31.17 -8.79 6.56
CA SER B 333 30.36 -7.72 7.11
C SER B 333 30.38 -7.77 8.63
N SER B 334 29.54 -6.96 9.27
CA SER B 334 29.53 -6.86 10.73
C SER B 334 29.00 -8.11 11.41
N LYS B 335 28.33 -9.00 10.66
CA LYS B 335 27.73 -10.20 11.24
C LYS B 335 28.37 -11.44 10.62
N GLU B 336 28.52 -12.47 11.44
CA GLU B 336 29.11 -13.74 11.00
C GLU B 336 28.03 -14.61 10.35
N LYS B 337 28.36 -15.88 10.14
CA LYS B 337 27.46 -16.86 9.53
C LYS B 337 27.03 -16.43 8.12
N LEU B 338 28.02 -16.31 7.24
CA LEU B 338 27.83 -15.93 5.84
C LEU B 338 27.09 -14.60 5.68
N ARG B 343 24.98 -9.71 -6.81
CA ARG B 343 25.81 -8.55 -7.10
C ARG B 343 27.10 -8.97 -7.78
N LYS B 344 27.08 -9.04 -9.11
CA LYS B 344 28.24 -9.44 -9.91
C LYS B 344 28.84 -8.31 -10.73
N GLU B 345 28.01 -7.44 -11.29
CA GLU B 345 28.50 -6.36 -12.13
C GLU B 345 28.98 -5.20 -11.25
N VAL B 346 30.25 -4.84 -11.38
CA VAL B 346 30.85 -3.74 -10.63
C VAL B 346 31.41 -2.77 -11.64
N ASP B 347 30.66 -1.70 -11.92
CA ASP B 347 31.06 -0.65 -12.84
C ASP B 347 30.78 0.72 -12.25
N GLY B 348 31.09 0.89 -10.96
CA GLY B 348 30.80 2.12 -10.25
C GLY B 348 30.48 1.85 -8.80
N MET B 349 30.97 2.71 -7.90
CA MET B 349 30.76 2.49 -6.48
C MET B 349 30.61 3.82 -5.77
N GLY B 350 29.65 3.88 -4.85
CA GLY B 350 29.45 5.02 -3.98
C GLY B 350 29.14 4.58 -2.57
N THR B 351 29.68 3.43 -2.18
CA THR B 351 29.33 2.81 -0.91
C THR B 351 30.03 3.47 0.27
N SER B 352 31.36 3.46 0.25
CA SER B 352 32.18 3.92 1.39
C SER B 352 31.81 3.18 2.66
N GLU B 353 31.67 1.85 2.56
CA GLU B 353 31.16 1.05 3.65
C GLU B 353 32.18 0.88 4.77
N ILE B 354 33.45 0.66 4.44
CA ILE B 354 34.49 0.36 5.41
C ILE B 354 35.38 1.58 5.58
N LYS B 355 35.59 1.98 6.82
CA LYS B 355 36.50 3.08 7.13
C LYS B 355 37.94 2.59 7.19
N TYR B 356 38.87 3.52 6.99
CA TYR B 356 40.29 3.18 6.99
C TYR B 356 40.81 2.91 8.41
N GLY B 357 40.28 3.62 9.40
CA GLY B 357 40.74 3.44 10.77
C GLY B 357 39.63 3.49 11.79
N ASP B 358 38.37 3.47 11.30
CA ASP B 358 37.21 3.52 12.17
C ASP B 358 36.29 2.32 11.95
N SER B 359 36.87 1.19 11.54
CA SER B 359 36.11 -0.02 11.30
C SER B 359 36.92 -1.22 11.75
N ILE B 360 36.21 -2.30 12.09
CA ILE B 360 36.81 -3.55 12.52
C ILE B 360 36.46 -4.63 11.50
N CYS B 361 37.48 -5.34 11.02
CA CYS B 361 37.31 -6.38 10.01
C CYS B 361 37.38 -7.75 10.67
N TYR B 362 36.54 -8.65 10.19
CA TYR B 362 36.48 -10.03 10.66
C TYR B 362 36.60 -10.99 9.49
N ILE B 363 37.65 -10.78 8.68
CA ILE B 363 37.87 -11.41 7.38
C ILE B 363 37.56 -12.91 7.41
N GLN B 364 36.69 -13.34 6.50
CA GLN B 364 36.19 -14.71 6.47
C GLN B 364 36.57 -15.34 5.13
N HIS B 365 37.28 -16.45 5.19
CA HIS B 365 37.60 -17.19 3.97
C HIS B 365 36.36 -17.81 3.39
N VAL B 366 36.37 -17.99 2.07
CA VAL B 366 35.19 -18.51 1.37
C VAL B 366 34.90 -19.95 1.76
N ASP B 367 35.95 -20.75 2.02
CA ASP B 367 35.76 -22.17 2.28
C ASP B 367 35.73 -22.53 3.76
N THR B 368 36.44 -21.80 4.62
CA THR B 368 36.56 -22.19 6.02
C THR B 368 35.45 -21.57 6.88
N GLY B 369 35.42 -20.24 6.97
CA GLY B 369 34.41 -19.53 7.71
C GLY B 369 34.96 -18.50 8.69
N LEU B 370 36.01 -18.84 9.44
CA LEU B 370 36.65 -17.85 10.29
C LEU B 370 38.13 -17.69 9.98
N TRP B 371 38.88 -18.79 10.06
CA TRP B 371 40.31 -18.86 9.74
C TRP B 371 41.15 -17.93 10.61
N LEU B 372 40.99 -16.62 10.46
CA LEU B 372 41.86 -15.65 11.11
C LEU B 372 41.46 -15.47 12.57
N THR B 373 42.38 -15.78 13.48
CA THR B 373 42.17 -15.68 14.92
C THR B 373 43.54 -15.90 15.59
N TYR B 374 43.82 -15.14 16.64
CA TYR B 374 45.09 -15.30 17.33
C TYR B 374 45.16 -16.66 18.03
N GLN B 375 46.37 -17.16 18.20
CA GLN B 375 46.62 -18.43 18.87
C GLN B 375 47.93 -18.30 19.66
N ALA B 376 47.81 -17.99 20.94
CA ALA B 376 48.98 -17.82 21.80
C ALA B 376 49.59 -19.17 22.16
N ILE B 387 54.00 -12.78 21.88
CA ILE B 387 53.80 -11.98 20.68
C ILE B 387 53.78 -12.88 19.44
N GLN B 388 54.30 -14.09 19.60
CA GLN B 388 54.38 -15.06 18.51
C GLN B 388 53.11 -15.91 18.51
N ARG B 389 52.21 -15.64 17.56
CA ARG B 389 50.96 -16.39 17.46
C ARG B 389 50.79 -16.98 16.07
N LYS B 390 49.63 -17.55 15.79
CA LYS B 390 49.36 -18.20 14.52
C LYS B 390 47.87 -18.13 14.24
N ALA B 391 47.50 -18.31 12.96
CA ALA B 391 46.11 -18.30 12.56
C ALA B 391 45.33 -19.45 13.19
N ILE B 392 45.66 -20.68 12.80
CA ILE B 392 45.01 -21.89 13.30
C ILE B 392 43.50 -21.75 13.19
N MET B 393 42.81 -21.95 14.32
CA MET B 393 41.37 -21.69 14.45
C MET B 393 40.57 -22.52 13.45
N HIS B 394 40.62 -23.84 13.65
CA HIS B 394 39.83 -24.76 12.84
C HIS B 394 38.35 -24.46 12.99
N HIS B 395 37.66 -24.34 11.86
CA HIS B 395 36.25 -23.96 11.80
C HIS B 395 36.01 -22.65 12.52
N GLU B 396 35.61 -22.72 13.80
CA GLU B 396 35.37 -21.55 14.62
C GLU B 396 36.44 -21.47 15.70
N GLY B 397 37.16 -20.35 15.75
CA GLY B 397 38.18 -20.15 16.75
C GLY B 397 37.69 -19.37 17.96
N HIS B 398 38.25 -18.20 18.19
CA HIS B 398 37.82 -17.32 19.27
C HIS B 398 37.00 -16.18 18.69
N MET B 399 35.82 -15.93 19.29
CA MET B 399 34.92 -14.92 18.77
C MET B 399 35.46 -13.51 18.96
N ASP B 400 36.26 -13.29 20.00
CA ASP B 400 36.81 -11.97 20.29
C ASP B 400 38.05 -11.73 19.42
N ASP B 401 37.80 -11.64 18.12
CA ASP B 401 38.86 -11.44 17.13
C ASP B 401 38.35 -10.51 16.03
N GLY B 402 38.99 -9.36 15.88
CA GLY B 402 38.63 -8.42 14.83
C GLY B 402 39.82 -7.62 14.34
N LEU B 403 40.03 -7.61 13.03
CA LEU B 403 41.14 -6.89 12.43
C LEU B 403 40.79 -5.41 12.36
N ASN B 404 41.44 -4.60 13.19
CA ASN B 404 41.23 -3.15 13.18
C ASN B 404 42.12 -2.54 12.12
N LEU B 405 41.52 -2.06 11.03
CA LEU B 405 42.29 -1.47 9.95
C LEU B 405 42.93 -0.16 10.40
N SER B 406 44.11 0.11 9.86
CA SER B 406 44.85 1.33 10.14
C SER B 406 44.91 2.21 8.91
N ARG B 407 44.93 3.52 9.12
CA ARG B 407 44.92 4.47 8.03
C ARG B 407 46.28 4.55 7.35
N SER B 408 46.56 3.60 6.46
CA SER B 408 47.79 3.63 5.66
C SER B 408 47.63 4.45 4.39
N GLN B 409 46.41 4.65 3.91
CA GLN B 409 46.18 5.63 2.86
C GLN B 409 46.46 7.02 3.42
N HIS B 410 47.02 7.89 2.56
CA HIS B 410 47.58 9.18 2.94
C HIS B 410 48.76 8.99 3.90
N GLU B 411 49.39 10.09 4.30
CA GLU B 411 50.58 10.07 5.16
C GLU B 411 51.67 9.21 4.54
N GLU B 412 51.60 7.89 4.77
CA GLU B 412 52.51 6.96 4.11
C GLU B 412 52.28 6.98 2.61
N SER B 413 51.11 6.50 2.18
CA SER B 413 50.58 6.70 0.83
C SER B 413 51.55 6.33 -0.29
N ARG B 414 51.63 7.23 -1.28
CA ARG B 414 52.49 7.02 -2.45
C ARG B 414 53.95 6.87 -2.04
N THR B 415 54.38 7.62 -1.02
CA THR B 415 55.77 7.56 -0.58
C THR B 415 56.15 6.17 -0.10
N ALA B 416 55.39 5.63 0.87
CA ALA B 416 55.69 4.30 1.38
C ALA B 416 55.44 3.23 0.33
N ARG B 417 54.46 3.44 -0.55
CA ARG B 417 54.19 2.48 -1.61
C ARG B 417 55.39 2.33 -2.53
N VAL B 418 55.95 3.46 -2.99
CA VAL B 418 57.10 3.36 -3.88
C VAL B 418 58.35 2.96 -3.11
N ILE B 419 58.41 3.24 -1.81
CA ILE B 419 59.53 2.72 -1.00
C ILE B 419 59.50 1.20 -1.01
N ARG B 420 58.34 0.61 -0.74
CA ARG B 420 58.22 -0.84 -0.73
C ARG B 420 58.48 -1.43 -2.11
N SER B 421 57.96 -0.79 -3.16
CA SER B 421 58.16 -1.31 -4.51
C SER B 421 59.62 -1.23 -4.94
N THR B 422 60.30 -0.13 -4.59
CA THR B 422 61.72 -0.01 -4.91
C THR B 422 62.55 -1.02 -4.12
N VAL B 423 62.18 -1.26 -2.86
CA VAL B 423 62.87 -2.28 -2.07
C VAL B 423 62.70 -3.65 -2.73
N PHE B 424 61.47 -3.96 -3.16
CA PHE B 424 61.19 -5.21 -3.86
C PHE B 424 62.04 -5.35 -5.12
N LEU B 425 62.02 -4.33 -5.99
CA LEU B 425 62.72 -4.41 -7.26
C LEU B 425 64.22 -4.51 -7.06
N PHE B 426 64.77 -3.67 -6.18
CA PHE B 426 66.21 -3.71 -5.92
C PHE B 426 66.62 -5.05 -5.32
N ASN B 427 65.83 -5.57 -4.37
CA ASN B 427 66.15 -6.84 -3.74
C ASN B 427 66.19 -7.96 -4.77
N ARG B 428 65.13 -8.05 -5.60
CA ARG B 428 65.09 -9.11 -6.60
C ARG B 428 66.24 -8.98 -7.60
N PHE B 429 66.51 -7.75 -8.05
CA PHE B 429 67.54 -7.54 -9.07
C PHE B 429 68.93 -7.89 -8.53
N ILE B 430 69.26 -7.40 -7.34
CA ILE B 430 70.60 -7.64 -6.82
C ILE B 430 70.74 -9.09 -6.34
N ARG B 431 69.63 -9.72 -5.95
CA ARG B 431 69.68 -11.15 -5.63
C ARG B 431 69.98 -11.97 -6.87
N GLY B 432 69.32 -11.65 -7.99
CA GLY B 432 69.68 -12.29 -9.25
C GLY B 432 71.12 -12.03 -9.64
N LEU B 433 71.60 -10.82 -9.38
CA LEU B 433 72.99 -10.47 -9.68
C LEU B 433 73.96 -11.33 -8.87
N ASP B 434 73.78 -11.37 -7.55
CA ASP B 434 74.73 -12.10 -6.71
C ASP B 434 74.62 -13.60 -6.90
N ALA B 435 73.43 -14.11 -7.24
CA ALA B 435 73.32 -15.50 -7.66
C ALA B 435 74.09 -15.73 -8.95
N LEU B 436 74.03 -14.78 -9.88
CA LEU B 436 74.84 -14.86 -11.08
C LEU B 436 76.30 -14.53 -10.80
N SER B 437 76.58 -13.72 -9.78
CA SER B 437 77.95 -13.34 -9.45
C SER B 437 78.73 -14.48 -8.80
N LYS B 438 78.08 -15.58 -8.43
CA LYS B 438 78.79 -16.71 -7.86
C LYS B 438 79.59 -17.41 -8.96
N LYS B 439 80.86 -17.01 -9.10
CA LYS B 439 81.77 -17.49 -10.13
C LYS B 439 81.32 -17.15 -11.54
N VAL B 440 82.22 -17.26 -12.51
CA VAL B 440 81.89 -16.94 -13.90
C VAL B 440 81.13 -18.10 -14.53
N ILE B 445 74.13 -17.69 -18.46
CA ILE B 445 73.57 -16.39 -18.80
C ILE B 445 74.55 -15.27 -18.46
N ASP B 446 74.53 -14.21 -19.25
CA ASP B 446 75.50 -13.13 -19.12
C ASP B 446 75.14 -12.21 -17.96
N LEU B 447 76.17 -11.57 -17.40
CA LEU B 447 75.96 -10.63 -16.30
C LEU B 447 75.35 -9.34 -16.83
N PRO B 448 74.24 -8.88 -16.24
CA PRO B 448 73.70 -7.57 -16.63
C PRO B 448 74.67 -6.45 -16.25
N ILE B 449 74.72 -5.43 -17.10
CA ILE B 449 75.59 -4.28 -16.86
C ILE B 449 74.78 -2.99 -16.97
N GLU B 450 74.07 -2.85 -18.10
CA GLU B 450 73.26 -1.65 -18.31
C GLU B 450 72.15 -1.55 -17.28
N SER B 451 71.52 -2.68 -16.93
CA SER B 451 70.51 -2.68 -15.88
C SER B 451 71.12 -2.27 -14.54
N VAL B 452 72.33 -2.74 -14.25
CA VAL B 452 73.02 -2.37 -13.02
C VAL B 452 73.23 -0.87 -12.97
N SER B 453 73.74 -0.29 -14.07
CA SER B 453 74.01 1.14 -14.10
C SER B 453 72.72 1.94 -13.96
N LEU B 454 71.66 1.52 -14.65
CA LEU B 454 70.39 2.24 -14.58
C LEU B 454 69.79 2.19 -13.17
N SER B 455 69.81 1.01 -12.55
CA SER B 455 69.28 0.88 -11.20
C SER B 455 70.11 1.68 -10.20
N LEU B 456 71.43 1.68 -10.37
CA LEU B 456 72.28 2.45 -9.47
C LEU B 456 72.03 3.94 -9.61
N GLN B 457 71.87 4.43 -10.84
CA GLN B 457 71.59 5.84 -11.04
C GLN B 457 70.22 6.22 -10.47
N ASP B 458 69.22 5.34 -10.63
CA ASP B 458 67.90 5.61 -10.06
C ASP B 458 67.96 5.63 -8.54
N LEU B 459 68.74 4.74 -7.94
CA LEU B 459 68.88 4.75 -6.49
C LEU B 459 69.65 5.97 -6.00
N ILE B 460 70.62 6.44 -6.77
CA ILE B 460 71.32 7.69 -6.44
C ILE B 460 70.34 8.85 -6.44
N GLY B 461 69.53 8.95 -7.50
CA GLY B 461 68.52 9.99 -7.57
C GLY B 461 67.44 9.85 -6.52
N TYR B 462 67.22 8.64 -5.99
CA TYR B 462 66.20 8.44 -4.97
C TYR B 462 66.65 8.99 -3.63
N PHE B 463 67.93 8.82 -3.28
CA PHE B 463 68.47 9.27 -2.01
C PHE B 463 69.29 10.55 -2.13
N HIS B 464 68.93 11.41 -3.08
CA HIS B 464 69.69 12.64 -3.30
C HIS B 464 69.48 13.61 -2.14
N PRO B 465 70.51 14.40 -1.80
CA PRO B 465 70.33 15.45 -0.81
C PRO B 465 69.33 16.48 -1.29
N PRO B 466 68.60 17.13 -0.37
CA PRO B 466 67.52 18.03 -0.77
C PRO B 466 67.95 19.39 -1.27
N ASP B 467 69.26 19.62 -1.46
CA ASP B 467 69.84 20.88 -1.94
C ASP B 467 69.60 22.03 -0.96
N GLU B 468 70.28 23.15 -1.19
CA GLU B 468 70.20 24.29 -0.28
C GLU B 468 69.43 25.47 -0.83
N HIS B 469 69.24 25.54 -2.15
CA HIS B 469 68.56 26.69 -2.77
C HIS B 469 67.05 26.47 -2.80
N LEU B 470 66.49 26.29 -1.60
CA LEU B 470 65.07 26.06 -1.43
C LEU B 470 64.60 26.69 -0.13
N GLU B 471 63.29 26.81 0.00
CA GLU B 471 62.70 27.35 1.23
C GLU B 471 62.91 26.38 2.39
N HIS B 472 62.83 26.93 3.60
CA HIS B 472 63.12 26.12 4.78
C HIS B 472 62.09 25.01 4.98
N GLU B 473 60.80 25.32 4.75
CA GLU B 473 59.77 24.31 4.97
C GLU B 473 59.86 23.20 3.93
N ASP B 474 60.19 23.54 2.68
CA ASP B 474 60.37 22.52 1.66
C ASP B 474 61.58 21.65 1.96
N LYS B 475 62.67 22.25 2.43
CA LYS B 475 63.85 21.48 2.82
C LYS B 475 63.54 20.55 3.98
N GLN B 476 62.78 21.03 4.97
CA GLN B 476 62.42 20.19 6.10
C GLN B 476 61.52 19.05 5.68
N ASN B 477 60.55 19.30 4.78
CA ASN B 477 59.69 18.23 4.29
C ASN B 477 60.50 17.19 3.52
N ARG B 478 61.43 17.65 2.69
CA ARG B 478 62.26 16.71 1.93
C ARG B 478 63.15 15.89 2.86
N LEU B 479 63.70 16.52 3.90
CA LEU B 479 64.53 15.80 4.86
C LEU B 479 63.71 14.76 5.62
N ARG B 480 62.49 15.12 6.03
CA ARG B 480 61.63 14.16 6.71
C ARG B 480 61.27 12.99 5.81
N ALA B 481 60.95 13.27 4.54
CA ALA B 481 60.65 12.20 3.59
C ALA B 481 61.86 11.30 3.39
N LEU B 482 63.05 11.89 3.28
CA LEU B 482 64.26 11.09 3.11
C LEU B 482 64.55 10.24 4.34
N LYS B 483 64.29 10.79 5.53
CA LYS B 483 64.47 10.01 6.75
C LYS B 483 63.50 8.83 6.81
N ASN B 484 62.24 9.05 6.41
CA ASN B 484 61.30 7.94 6.35
C ASN B 484 61.75 6.91 5.32
N ARG B 485 62.26 7.37 4.17
CA ARG B 485 62.81 6.46 3.17
C ARG B 485 63.90 5.58 3.75
N GLN B 486 64.85 6.20 4.46
CA GLN B 486 65.97 5.44 5.01
C GLN B 486 65.51 4.48 6.10
N ASN B 487 64.60 4.91 6.98
CA ASN B 487 64.14 4.04 8.04
C ASN B 487 63.37 2.84 7.49
N LEU B 488 62.54 3.07 6.47
CA LEU B 488 61.82 1.96 5.87
C LEU B 488 62.74 1.08 5.03
N PHE B 489 63.85 1.64 4.53
CA PHE B 489 64.83 0.83 3.83
C PHE B 489 65.65 -0.01 4.80
N GLN B 490 65.78 0.45 6.05
CA GLN B 490 66.65 -0.23 7.02
C GLN B 490 65.91 -1.27 7.85
N GLU B 491 64.82 -0.86 8.53
CA GLU B 491 64.16 -1.79 9.44
C GLU B 491 63.45 -2.92 8.71
N GLU B 492 63.08 -2.72 7.44
CA GLU B 492 62.60 -3.80 6.59
C GLU B 492 63.80 -4.61 6.10
N GLY B 493 63.62 -5.36 5.01
CA GLY B 493 64.74 -6.03 4.37
C GLY B 493 65.88 -5.05 4.17
N MET B 494 66.96 -5.26 4.94
CA MET B 494 67.95 -4.21 5.15
C MET B 494 68.69 -3.85 3.87
N ILE B 495 69.00 -4.85 3.03
CA ILE B 495 69.63 -4.69 1.72
C ILE B 495 71.07 -4.20 1.87
N ASN B 496 71.29 -3.24 2.78
CA ASN B 496 72.63 -2.72 3.02
C ASN B 496 73.61 -3.81 3.45
N LEU B 497 73.13 -4.84 4.15
CA LEU B 497 74.03 -5.92 4.55
C LEU B 497 74.45 -6.76 3.35
N VAL B 498 73.53 -7.01 2.41
CA VAL B 498 73.88 -7.70 1.18
C VAL B 498 74.35 -6.75 0.09
N LEU B 499 74.15 -5.44 0.26
CA LEU B 499 74.89 -4.47 -0.55
C LEU B 499 76.38 -4.61 -0.29
N GLU B 500 76.75 -4.83 0.97
CA GLU B 500 78.14 -5.13 1.28
C GLU B 500 78.57 -6.47 0.68
N CYS B 501 77.63 -7.41 0.55
CA CYS B 501 77.95 -8.65 -0.15
C CYS B 501 78.22 -8.42 -1.63
N ILE B 502 77.50 -7.46 -2.24
CA ILE B 502 77.82 -7.07 -3.61
C ILE B 502 79.19 -6.42 -3.68
N ASP B 503 79.49 -5.56 -2.70
CA ASP B 503 80.80 -4.90 -2.64
C ASP B 503 81.92 -5.89 -2.36
N ARG B 504 81.59 -7.07 -1.82
CA ARG B 504 82.60 -8.06 -1.44
C ARG B 504 83.42 -8.53 -2.64
N LEU B 505 82.86 -8.52 -3.84
CA LEU B 505 83.61 -8.96 -5.01
C LEU B 505 84.72 -7.98 -5.39
N HIS B 506 85.73 -7.89 -4.53
CA HIS B 506 86.99 -7.20 -4.82
C HIS B 506 88.12 -8.18 -5.13
N VAL B 507 87.78 -9.40 -5.52
CA VAL B 507 88.77 -10.44 -5.81
C VAL B 507 89.40 -10.17 -7.17
N TYR B 508 88.90 -9.16 -7.88
CA TYR B 508 89.40 -8.84 -9.20
C TYR B 508 90.75 -8.10 -9.13
N SER B 509 90.80 -7.00 -8.37
CA SER B 509 92.02 -6.26 -8.05
C SER B 509 92.87 -5.86 -9.26
N SER B 510 92.33 -5.95 -10.48
CA SER B 510 93.09 -5.61 -11.67
C SER B 510 92.34 -4.78 -12.70
N ALA B 511 91.00 -4.82 -12.72
CA ALA B 511 90.14 -4.10 -13.65
C ALA B 511 90.37 -4.50 -15.11
N ALA B 512 91.14 -5.56 -15.36
CA ALA B 512 91.40 -6.01 -16.73
C ALA B 512 91.15 -7.49 -16.93
N HIS B 513 91.48 -8.34 -15.94
CA HIS B 513 91.37 -9.78 -16.14
C HIS B 513 89.99 -10.31 -15.77
N PHE B 514 89.40 -9.84 -14.67
CA PHE B 514 88.05 -10.25 -14.33
C PHE B 514 87.04 -9.71 -15.32
N ALA B 515 87.30 -8.51 -15.84
CA ALA B 515 86.40 -7.89 -16.81
C ALA B 515 86.28 -8.75 -18.07
N ASP B 516 87.41 -9.27 -18.56
CA ASP B 516 87.36 -10.03 -19.80
C ASP B 516 87.18 -11.53 -19.58
N VAL B 517 87.31 -12.03 -18.35
CA VAL B 517 86.96 -13.43 -18.14
C VAL B 517 85.46 -13.55 -17.85
N ALA B 518 84.86 -12.50 -17.29
CA ALA B 518 83.45 -12.53 -16.94
C ALA B 518 82.55 -11.88 -18.00
N GLY B 519 83.13 -11.22 -19.01
CA GLY B 519 82.32 -10.57 -20.01
C GLY B 519 82.98 -9.38 -20.66
N ARG B 520 82.31 -8.22 -20.64
CA ARG B 520 82.79 -7.00 -21.26
C ARG B 520 82.63 -5.83 -20.31
N GLU B 521 83.66 -4.99 -20.25
CA GLU B 521 83.67 -3.72 -19.51
C GLU B 521 83.49 -4.04 -18.03
N ALA B 522 82.75 -3.21 -17.28
CA ALA B 522 82.57 -3.32 -15.83
C ALA B 522 83.89 -3.24 -15.08
N GLY B 523 83.85 -3.43 -13.76
CA GLY B 523 85.04 -3.35 -12.94
C GLY B 523 85.51 -1.96 -12.64
N GLU B 524 84.86 -0.93 -13.18
CA GLU B 524 85.23 0.47 -12.94
C GLU B 524 84.13 1.27 -12.28
N SER B 525 82.86 0.95 -12.54
CA SER B 525 81.72 1.63 -11.92
C SER B 525 81.52 1.25 -10.45
N TRP B 526 82.46 0.48 -9.88
CA TRP B 526 82.39 0.13 -8.47
C TRP B 526 82.54 1.36 -7.57
N LYS B 527 83.26 2.37 -8.04
CA LYS B 527 83.38 3.61 -7.28
C LYS B 527 82.02 4.28 -7.10
N SER B 528 81.18 4.22 -8.13
CA SER B 528 79.82 4.75 -8.01
C SER B 528 79.06 4.03 -6.92
N ILE B 529 79.16 2.70 -6.87
CA ILE B 529 78.50 1.92 -5.82
C ILE B 529 79.00 2.36 -4.45
N LEU B 530 80.32 2.39 -4.28
CA LEU B 530 80.90 2.71 -2.97
C LEU B 530 80.46 4.08 -2.50
N ASN B 531 80.65 5.11 -3.32
CA ASN B 531 80.32 6.47 -2.91
C ASN B 531 78.81 6.64 -2.70
N SER B 532 78.00 6.07 -3.60
CA SER B 532 76.56 6.27 -3.53
C SER B 532 75.96 5.65 -2.28
N LEU B 533 76.26 4.37 -2.03
CA LEU B 533 75.70 3.80 -0.81
C LEU B 533 76.44 4.23 0.46
N TYR B 534 77.65 4.78 0.34
CA TYR B 534 78.25 5.46 1.48
C TYR B 534 77.43 6.68 1.89
N GLU B 535 77.04 7.49 0.89
CA GLU B 535 76.18 8.63 1.20
C GLU B 535 74.80 8.17 1.66
N LEU B 536 74.31 7.05 1.14
CA LEU B 536 73.06 6.46 1.63
C LEU B 536 73.15 6.16 3.12
N LEU B 537 74.21 5.44 3.53
CA LEU B 537 74.37 5.10 4.93
C LEU B 537 74.55 6.35 5.79
N ALA B 538 75.27 7.34 5.26
CA ALA B 538 75.49 8.59 5.98
C ALA B 538 74.17 9.29 6.27
N ALA B 539 73.35 9.49 5.24
CA ALA B 539 72.06 10.14 5.43
C ALA B 539 71.13 9.28 6.26
N LEU B 540 71.30 7.95 6.20
CA LEU B 540 70.50 7.04 7.00
C LEU B 540 70.75 7.22 8.49
N ILE B 541 72.03 7.35 8.88
CA ILE B 541 72.33 7.59 10.29
C ILE B 541 72.09 9.05 10.68
N ARG B 542 72.15 9.97 9.71
CA ARG B 542 72.23 11.40 10.01
C ARG B 542 71.04 11.91 10.81
N GLY B 543 69.88 11.28 10.70
CA GLY B 543 68.69 11.83 11.31
C GLY B 543 68.61 11.76 12.82
N ASN B 544 68.38 10.57 13.36
CA ASN B 544 68.09 10.41 14.79
C ASN B 544 68.83 9.21 15.37
N ARG B 545 70.11 9.08 15.03
CA ARG B 545 70.98 8.02 15.54
C ARG B 545 70.41 6.63 15.21
N LYS B 546 70.33 6.36 13.91
CA LYS B 546 69.60 5.17 13.45
C LYS B 546 70.41 3.89 13.63
N ASN B 547 71.54 3.78 12.94
CA ASN B 547 72.25 2.51 12.85
C ASN B 547 73.76 2.70 12.95
N CYS B 548 74.21 3.55 13.88
CA CYS B 548 75.64 3.67 14.11
C CYS B 548 76.21 2.38 14.69
N ALA B 549 75.50 1.77 15.64
CA ALA B 549 75.95 0.52 16.23
C ALA B 549 75.79 -0.65 15.27
N GLN B 550 74.85 -0.55 14.33
CA GLN B 550 74.65 -1.62 13.35
C GLN B 550 75.87 -1.75 12.44
N PHE B 551 76.45 -0.62 12.02
CA PHE B 551 77.64 -0.66 11.19
C PHE B 551 78.92 -0.78 12.00
N SER B 552 78.93 -0.27 13.23
CA SER B 552 80.09 -0.43 14.11
C SER B 552 80.27 -1.88 14.54
N GLY B 553 79.20 -2.68 14.54
CA GLY B 553 79.32 -4.09 14.85
C GLY B 553 80.10 -4.87 13.81
N SER B 554 80.19 -4.35 12.59
CA SER B 554 81.01 -4.96 11.54
C SER B 554 82.45 -4.46 11.63
N LEU B 555 83.05 -4.68 12.80
CA LEU B 555 84.42 -4.22 13.03
C LEU B 555 85.40 -4.91 12.10
N ASP B 556 85.21 -6.21 11.86
CA ASP B 556 86.04 -6.92 10.90
C ASP B 556 85.87 -6.35 9.50
N TRP B 557 84.62 -6.05 9.11
CA TRP B 557 84.43 -5.42 7.81
C TRP B 557 84.80 -3.95 7.83
N LEU B 558 84.84 -3.30 9.00
CA LEU B 558 85.44 -1.97 9.06
C LEU B 558 86.93 -2.03 8.77
N ILE B 559 87.62 -3.05 9.30
CA ILE B 559 89.02 -3.25 8.96
C ILE B 559 89.17 -3.59 7.48
N SER B 560 88.23 -4.36 6.93
CA SER B 560 88.25 -4.67 5.51
C SER B 560 88.10 -3.41 4.65
N ARG B 561 87.17 -2.53 5.04
CA ARG B 561 87.01 -1.25 4.36
C ARG B 561 88.25 -0.38 4.52
N LEU B 562 88.97 -0.54 5.63
CA LEU B 562 90.27 0.09 5.80
C LEU B 562 91.25 -0.57 4.85
N GLU B 563 91.50 0.08 3.71
CA GLU B 563 92.34 -0.48 2.66
C GLU B 563 92.84 0.66 1.79
N ARG B 564 93.97 0.40 1.11
CA ARG B 564 94.54 1.37 0.16
C ARG B 564 94.83 0.63 -1.15
N LEU B 565 93.78 0.44 -1.97
CA LEU B 565 93.95 -0.07 -3.32
C LEU B 565 92.70 0.32 -4.11
N GLU B 566 92.81 1.40 -4.90
CA GLU B 566 91.71 1.97 -5.67
C GLU B 566 90.47 2.13 -4.79
N ALA B 567 90.61 2.95 -3.75
CA ALA B 567 89.59 3.08 -2.72
C ALA B 567 89.28 4.55 -2.44
N SER B 568 88.04 4.79 -2.02
CA SER B 568 87.60 6.10 -1.57
C SER B 568 87.21 6.00 -0.10
N SER B 569 87.69 6.93 0.71
CA SER B 569 87.46 6.93 2.15
C SER B 569 86.23 7.73 2.54
N GLY B 570 85.23 7.81 1.66
CA GLY B 570 84.03 8.57 1.99
C GLY B 570 83.22 7.95 3.12
N ILE B 571 83.10 6.62 3.13
CA ILE B 571 82.27 5.96 4.14
C ILE B 571 82.88 6.14 5.53
N LEU B 572 84.21 6.10 5.63
CA LEU B 572 84.84 6.29 6.94
C LEU B 572 84.66 7.72 7.43
N GLU B 573 84.82 8.69 6.53
CA GLU B 573 84.64 10.09 6.91
C GLU B 573 83.22 10.36 7.36
N VAL B 574 82.23 9.87 6.62
CA VAL B 574 80.85 10.16 6.98
C VAL B 574 80.47 9.42 8.27
N LEU B 575 80.99 8.20 8.46
CA LEU B 575 80.71 7.49 9.71
C LEU B 575 81.30 8.21 10.91
N HIS B 576 82.53 8.72 10.78
CA HIS B 576 83.13 9.42 11.91
C HIS B 576 82.48 10.78 12.13
N CYS B 577 81.99 11.42 11.08
CA CYS B 577 81.39 12.74 11.21
C CYS B 577 79.97 12.68 11.79
N VAL B 578 79.22 11.63 11.43
CA VAL B 578 77.77 11.68 11.66
C VAL B 578 77.43 11.59 13.15
N LEU B 579 78.09 10.70 13.88
CA LEU B 579 77.61 10.36 15.22
C LEU B 579 78.63 9.48 15.92
N VAL B 580 78.79 9.69 17.23
CA VAL B 580 79.62 8.80 18.03
C VAL B 580 78.80 7.60 18.51
N GLU B 581 77.60 7.83 19.04
CA GLU B 581 76.70 6.80 19.58
C GLU B 581 77.45 6.04 20.67
N SER B 582 77.50 4.71 20.58
CA SER B 582 78.32 3.93 21.51
C SER B 582 79.79 4.27 21.31
N PRO B 583 80.60 4.16 22.36
CA PRO B 583 82.03 4.53 22.25
C PRO B 583 82.80 3.71 21.22
N GLU B 584 82.23 2.63 20.70
CA GLU B 584 82.93 1.81 19.72
C GLU B 584 83.25 2.61 18.46
N ALA B 585 82.28 3.40 17.97
CA ALA B 585 82.45 4.10 16.70
C ALA B 585 83.58 5.12 16.73
N LEU B 586 84.04 5.52 17.92
CA LEU B 586 85.15 6.45 18.04
C LEU B 586 86.33 5.89 18.82
N ASN B 587 86.28 4.62 19.25
CA ASN B 587 87.38 4.03 20.01
C ASN B 587 87.87 2.69 19.47
N ILE B 588 87.13 2.01 18.60
CA ILE B 588 87.66 0.80 17.99
C ILE B 588 88.76 1.11 16.98
N ILE B 589 88.94 2.38 16.62
CA ILE B 589 90.06 2.80 15.80
C ILE B 589 91.28 2.74 16.71
N LYS B 590 92.01 1.63 16.65
CA LYS B 590 93.11 1.38 17.57
C LYS B 590 94.41 1.91 16.97
N GLU B 591 95.54 1.53 17.57
CA GLU B 591 96.83 1.93 17.05
C GLU B 591 97.06 1.38 15.64
N GLY B 592 96.64 0.14 15.40
CA GLY B 592 96.79 -0.44 14.07
C GLY B 592 96.00 0.30 13.01
N HIS B 593 94.76 0.68 13.33
CA HIS B 593 93.93 1.41 12.37
C HIS B 593 94.52 2.78 12.06
N ILE B 594 94.97 3.49 13.09
CA ILE B 594 95.58 4.81 12.90
C ILE B 594 96.84 4.69 12.06
N LYS B 595 97.67 3.69 12.36
CA LYS B 595 98.90 3.51 11.60
C LYS B 595 98.61 3.11 10.16
N SER B 596 97.54 2.35 9.92
CA SER B 596 97.21 1.96 8.55
C SER B 596 96.69 3.16 7.76
N ILE B 597 95.89 4.02 8.39
CA ILE B 597 95.43 5.23 7.70
C ILE B 597 96.62 6.15 7.44
N ILE B 598 97.56 6.23 8.38
CA ILE B 598 98.73 7.08 8.21
C ILE B 598 99.60 6.54 7.09
N SER B 599 99.71 5.21 6.97
CA SER B 599 100.41 4.59 5.86
C SER B 599 99.66 4.76 4.55
N LEU B 600 98.33 4.87 4.58
CA LEU B 600 97.59 5.25 3.38
C LEU B 600 97.99 6.65 2.92
N LEU B 601 98.12 7.58 3.86
CA LEU B 601 98.62 8.91 3.51
C LEU B 601 100.04 8.86 2.97
N ASP B 602 100.89 8.05 3.60
CA ASP B 602 102.30 7.99 3.20
C ASP B 602 102.47 7.36 1.82
N LYS B 603 101.75 6.26 1.55
CA LYS B 603 101.87 5.55 0.29
C LYS B 603 101.33 6.38 -0.87
N HIS B 604 100.04 6.72 -0.82
CA HIS B 604 99.43 7.51 -1.87
C HIS B 604 99.88 8.96 -1.75
N GLY B 605 99.35 9.80 -2.63
CA GLY B 605 99.66 11.22 -2.61
C GLY B 605 98.91 11.95 -1.53
N ARG B 606 99.08 13.28 -1.53
CA ARG B 606 98.38 14.14 -0.59
C ARG B 606 96.91 14.20 -1.00
N ASN B 607 96.09 13.34 -0.40
CA ASN B 607 94.70 13.20 -0.81
C ASN B 607 93.85 14.39 -0.39
N HIS B 608 94.21 15.06 0.71
CA HIS B 608 93.55 16.25 1.24
C HIS B 608 92.20 15.92 1.85
N LYS B 609 91.71 14.69 1.63
CA LYS B 609 90.49 14.22 2.25
C LYS B 609 90.75 13.35 3.48
N VAL B 610 91.91 12.70 3.54
CA VAL B 610 92.27 11.93 4.73
C VAL B 610 92.49 12.86 5.91
N LEU B 611 92.96 14.09 5.65
CA LEU B 611 93.11 15.06 6.73
C LEU B 611 91.76 15.44 7.32
N ASP B 612 90.71 15.48 6.49
CA ASP B 612 89.38 15.82 6.99
C ASP B 612 88.83 14.74 7.91
N VAL B 613 88.98 13.46 7.54
CA VAL B 613 88.49 12.40 8.41
C VAL B 613 89.36 12.28 9.66
N LEU B 614 90.66 12.57 9.53
CA LEU B 614 91.51 12.60 10.72
C LEU B 614 91.11 13.73 11.67
N CYS B 615 90.66 14.85 11.10
CA CYS B 615 90.06 15.91 11.92
C CYS B 615 88.79 15.40 12.60
N SER B 616 87.96 14.66 11.85
CA SER B 616 86.73 14.13 12.42
C SER B 616 87.00 13.02 13.43
N LEU B 617 88.17 12.37 13.33
CA LEU B 617 88.53 11.36 14.32
C LEU B 617 88.87 11.99 15.66
N CYS B 618 89.15 13.28 15.69
CA CYS B 618 89.19 14.07 16.91
C CYS B 618 87.76 14.42 17.32
N VAL B 619 87.59 15.46 18.15
CA VAL B 619 86.29 15.92 18.61
C VAL B 619 85.26 15.96 17.48
N CYS B 620 84.10 15.35 17.71
CA CYS B 620 83.10 15.15 16.68
C CYS B 620 81.94 16.13 16.79
N HIS B 621 81.22 16.13 17.91
CA HIS B 621 80.06 16.99 18.10
C HIS B 621 80.25 17.97 19.25
N GLY B 622 81.47 18.13 19.74
CA GLY B 622 81.71 18.83 20.98
C GLY B 622 81.53 17.98 22.21
N VAL B 623 80.92 16.79 22.08
CA VAL B 623 80.76 15.90 23.22
C VAL B 623 82.08 15.21 23.56
N ALA B 624 83.06 15.25 22.66
CA ALA B 624 84.37 14.69 22.96
C ALA B 624 85.21 15.72 23.71
N VAL B 625 84.66 16.23 24.81
CA VAL B 625 85.43 17.11 25.70
C VAL B 625 86.08 16.20 26.73
N ARG B 626 87.20 15.59 26.30
CA ARG B 626 87.97 14.63 27.09
C ARG B 626 87.10 13.49 27.62
N SER B 627 86.11 13.06 26.84
CA SER B 627 85.29 11.90 27.22
C SER B 627 85.87 10.64 26.58
N ASN B 628 85.82 10.56 25.24
CA ASN B 628 86.60 9.57 24.49
C ASN B 628 87.22 10.31 23.30
N GLN B 629 88.28 11.07 23.59
CA GLN B 629 89.07 11.71 22.55
C GLN B 629 90.57 11.73 22.84
N HIS B 630 90.99 11.62 24.10
CA HIS B 630 92.39 11.84 24.45
C HIS B 630 93.29 10.76 23.89
N LEU B 631 92.81 9.51 23.85
CA LEU B 631 93.60 8.44 23.27
C LEU B 631 93.87 8.68 21.78
N ILE B 632 92.84 9.08 21.04
CA ILE B 632 93.02 9.36 19.62
C ILE B 632 93.90 10.60 19.42
N CYS B 633 93.73 11.61 20.26
CA CYS B 633 94.54 12.82 20.13
C CYS B 633 96.01 12.53 20.39
N ASP B 634 96.31 11.73 21.40
CA ASP B 634 97.69 11.38 21.72
C ASP B 634 98.25 10.29 20.80
N ASN B 635 97.39 9.58 20.07
CA ASN B 635 97.86 8.60 19.09
C ASN B 635 98.14 9.22 17.73
N LEU B 636 97.36 10.24 17.33
CA LEU B 636 97.57 10.89 16.06
C LEU B 636 98.79 11.79 16.04
N LEU B 637 99.37 12.09 17.20
CA LEU B 637 100.52 12.99 17.28
C LEU B 637 101.82 12.31 16.87
N PRO B 638 102.16 11.10 17.32
CA PRO B 638 103.36 10.44 16.80
C PRO B 638 103.12 9.65 15.52
N GLY B 639 101.97 9.77 14.88
CA GLY B 639 101.70 9.05 13.66
C GLY B 639 102.57 9.52 12.50
N ARG B 640 102.33 10.75 12.04
CA ARG B 640 103.17 11.35 10.99
C ARG B 640 103.51 12.80 11.30
N ASP B 641 103.54 13.20 12.57
CA ASP B 641 103.92 14.55 12.95
C ASP B 641 105.29 14.59 13.61
N LEU B 642 106.12 13.57 13.41
CA LEU B 642 107.45 13.60 14.00
C LEU B 642 108.34 14.57 13.24
N LEU B 643 108.71 14.20 12.00
CA LEU B 643 109.14 15.18 10.99
C LEU B 643 109.04 14.49 9.62
N LEU B 644 107.91 14.71 8.95
CA LEU B 644 107.76 14.23 7.58
C LEU B 644 107.10 15.22 6.63
N GLN B 645 106.21 16.09 7.10
CA GLN B 645 105.41 16.93 6.23
C GLN B 645 106.09 18.28 6.03
N THR B 646 105.33 19.25 5.50
CA THR B 646 105.86 20.53 5.07
C THR B 646 106.43 21.34 6.24
N ARG B 647 107.76 21.43 6.31
CA ARG B 647 108.44 22.29 7.26
C ARG B 647 108.63 23.67 6.66
N LEU B 648 109.19 24.60 7.44
CA LEU B 648 109.34 25.96 6.95
C LEU B 648 110.40 26.68 7.77
N VAL B 649 111.05 27.67 7.14
CA VAL B 649 112.01 28.56 7.79
C VAL B 649 112.00 29.88 7.02
N ASN B 650 112.62 30.91 7.59
CA ASN B 650 112.58 32.25 7.02
C ASN B 650 113.93 32.94 7.11
N HIS B 651 114.48 33.32 5.95
CA HIS B 651 115.69 34.13 5.85
C HIS B 651 115.87 34.55 4.40
N VAL B 652 116.74 35.55 4.19
CA VAL B 652 117.06 36.05 2.85
C VAL B 652 118.51 36.49 2.84
N SER B 653 119.09 36.54 1.64
CA SER B 653 120.53 36.79 1.48
C SER B 653 120.79 37.27 0.05
N SER B 654 122.07 37.17 -0.38
CA SER B 654 122.59 37.25 -1.75
C SER B 654 123.18 38.62 -2.08
N MET B 655 124.39 38.62 -2.65
CA MET B 655 125.13 39.82 -3.02
C MET B 655 126.36 39.39 -3.82
N ARG B 656 126.74 40.19 -4.81
CA ARG B 656 127.83 39.83 -5.71
C ARG B 656 128.49 41.09 -6.23
N PRO B 657 129.74 40.98 -6.75
CA PRO B 657 130.35 42.11 -7.46
C PRO B 657 130.07 42.11 -8.96
N ASN B 658 130.70 43.03 -9.69
CA ASN B 658 130.39 43.28 -11.10
C ASN B 658 131.42 42.77 -12.09
N ILE B 659 132.71 42.74 -11.72
CA ILE B 659 133.77 42.55 -12.70
C ILE B 659 133.68 41.16 -13.33
N PHE B 660 133.71 41.13 -14.66
CA PHE B 660 133.65 39.89 -15.45
C PHE B 660 135.08 39.39 -15.67
N LEU B 661 135.45 38.33 -14.96
CA LEU B 661 136.75 37.70 -15.18
C LEU B 661 136.81 37.11 -16.59
N GLY B 662 136.02 36.06 -16.83
CA GLY B 662 135.85 35.48 -18.15
C GLY B 662 137.12 35.11 -18.90
N VAL B 663 138.05 34.43 -18.22
CA VAL B 663 139.36 34.12 -18.78
C VAL B 663 139.42 32.63 -19.11
N SER B 664 139.91 32.33 -20.31
CA SER B 664 140.07 30.95 -20.77
C SER B 664 141.29 30.91 -21.68
N GLU B 665 141.41 29.85 -22.49
CA GLU B 665 142.51 29.75 -23.43
C GLU B 665 142.24 30.64 -24.64
N GLY B 666 143.22 30.73 -25.53
CA GLY B 666 143.09 31.55 -26.72
C GLY B 666 143.52 32.99 -26.50
N SER B 667 142.76 33.93 -27.06
CA SER B 667 143.08 35.36 -26.92
C SER B 667 142.57 35.86 -25.57
N ALA B 668 143.32 35.48 -24.53
CA ALA B 668 142.98 35.84 -23.16
C ALA B 668 144.24 35.84 -22.33
N GLN B 669 144.07 35.86 -21.01
CA GLN B 669 145.16 35.99 -20.05
C GLN B 669 145.39 34.64 -19.34
N TYR B 670 146.25 34.68 -18.31
CA TYR B 670 146.60 33.47 -17.57
C TYR B 670 145.50 33.14 -16.57
N LYS B 671 145.79 32.21 -15.66
CA LYS B 671 144.77 31.61 -14.80
C LYS B 671 145.21 31.57 -13.35
N LYS B 672 145.78 32.67 -12.85
CA LYS B 672 146.21 32.76 -11.46
C LYS B 672 145.59 34.01 -10.83
N TRP B 673 144.97 33.84 -9.66
CA TRP B 673 144.33 34.96 -8.98
C TRP B 673 144.42 34.74 -7.48
N TYR B 674 144.02 35.77 -6.73
CA TYR B 674 144.15 35.76 -5.27
C TYR B 674 143.13 36.74 -4.69
N TYR B 675 142.42 36.31 -3.65
CA TYR B 675 141.40 37.14 -3.02
C TYR B 675 141.58 37.11 -1.50
N GLU B 676 141.22 38.24 -0.87
CA GLU B 676 141.23 38.35 0.58
C GLU B 676 140.37 39.55 0.97
N LEU B 677 139.51 39.36 1.96
CA LEU B 677 138.52 40.37 2.34
C LEU B 677 138.83 40.93 3.72
N MET B 678 138.07 41.95 4.11
CA MET B 678 138.24 42.64 5.38
C MET B 678 136.87 42.75 6.03
N VAL B 679 136.80 42.48 7.33
CA VAL B 679 135.54 42.43 8.07
C VAL B 679 135.59 43.43 9.22
N ASP B 680 134.52 44.20 9.38
CA ASP B 680 134.42 45.18 10.45
C ASP B 680 133.29 44.90 11.43
N HIS B 681 132.18 44.31 10.99
CA HIS B 681 131.01 44.17 11.86
C HIS B 681 130.26 42.91 11.48
N THR B 682 130.29 41.91 12.36
CA THR B 682 129.51 40.68 12.21
C THR B 682 128.84 40.38 13.54
N GLU B 683 127.51 40.38 13.56
CA GLU B 683 126.76 40.09 14.77
C GLU B 683 125.63 39.14 14.47
N PRO B 684 125.34 38.21 15.38
CA PRO B 684 124.14 37.36 15.23
C PRO B 684 122.93 37.99 15.89
N PHE B 685 121.82 37.26 15.91
CA PHE B 685 120.61 37.61 16.65
C PHE B 685 119.93 38.88 16.17
N VAL B 686 120.29 39.39 14.99
CA VAL B 686 119.52 40.49 14.41
C VAL B 686 118.12 40.01 14.04
N THR B 687 118.03 38.85 13.40
CA THR B 687 116.80 38.12 13.16
C THR B 687 116.89 36.68 13.67
N ALA B 688 118.06 36.06 13.55
CA ALA B 688 118.30 34.71 14.04
C ALA B 688 119.78 34.57 14.34
N GLU B 689 120.16 33.42 14.90
CA GLU B 689 121.57 33.16 15.17
C GLU B 689 122.37 33.03 13.88
N ALA B 690 121.75 32.53 12.82
CA ALA B 690 122.44 32.29 11.55
C ALA B 690 122.42 33.57 10.72
N THR B 691 123.58 34.20 10.60
CA THR B 691 123.78 35.35 9.71
C THR B 691 124.63 34.89 8.54
N HIS B 692 124.11 35.08 7.33
CA HIS B 692 124.75 34.52 6.14
C HIS B 692 125.96 35.37 5.75
N LEU B 693 127.13 34.73 5.69
CA LEU B 693 128.35 35.37 5.17
C LEU B 693 129.21 34.25 4.61
N ARG B 694 129.10 34.04 3.29
CA ARG B 694 129.76 32.91 2.66
C ARG B 694 130.38 33.34 1.33
N VAL B 695 131.49 32.70 0.98
CA VAL B 695 132.16 32.87 -0.30
C VAL B 695 132.30 31.48 -0.92
N GLY B 696 131.60 31.24 -2.04
CA GLY B 696 131.53 29.94 -2.63
C GLY B 696 132.52 29.74 -3.78
N TRP B 697 132.73 28.47 -4.11
CA TRP B 697 133.63 28.08 -5.19
C TRP B 697 133.12 28.57 -6.54
N ALA B 698 131.98 28.06 -6.97
CA ALA B 698 131.41 28.36 -8.28
C ALA B 698 130.17 29.23 -8.08
N SER B 699 130.31 30.53 -8.39
CA SER B 699 129.17 31.43 -8.29
C SER B 699 128.22 31.26 -9.46
N THR B 700 128.76 30.95 -10.64
CA THR B 700 127.97 30.82 -11.85
C THR B 700 127.38 29.42 -12.01
N GLU B 701 128.20 28.39 -11.81
CA GLU B 701 127.77 27.01 -12.04
C GLU B 701 127.32 26.30 -10.77
N GLY B 702 127.71 26.81 -9.60
CA GLY B 702 127.38 26.11 -8.36
C GLY B 702 125.89 26.08 -8.08
N TYR B 703 125.19 27.19 -8.28
CA TYR B 703 123.76 27.25 -8.03
C TYR B 703 123.13 28.28 -8.95
N SER B 704 121.82 28.14 -9.13
CA SER B 704 121.03 29.09 -9.93
C SER B 704 120.44 30.16 -9.04
N PRO B 705 120.53 31.44 -9.42
CA PRO B 705 119.94 32.51 -8.59
C PRO B 705 118.43 32.41 -8.47
N TYR B 706 117.76 31.70 -9.37
CA TYR B 706 116.31 31.55 -9.31
C TYR B 706 115.90 30.72 -8.11
N ASN B 716 119.24 28.09 -0.76
CA ASN B 716 119.03 29.45 -1.25
C ASN B 716 120.05 30.42 -0.64
N GLY B 717 120.87 31.03 -1.49
CA GLY B 717 121.85 31.98 -1.01
C GLY B 717 123.20 31.87 -1.70
N VAL B 718 123.82 33.04 -1.96
CA VAL B 718 125.14 33.06 -2.57
C VAL B 718 126.18 32.58 -1.56
N GLY B 719 127.21 31.91 -2.05
CA GLY B 719 128.22 31.32 -1.19
C GLY B 719 127.93 29.87 -0.91
N ASP B 720 126.76 29.57 -0.33
CA ASP B 720 126.29 28.20 -0.18
C ASP B 720 125.62 27.74 -1.47
N ASP B 721 126.42 27.73 -2.54
CA ASP B 721 125.91 27.48 -3.89
C ASP B 721 125.85 25.98 -4.18
N LEU B 722 124.99 25.30 -3.40
CA LEU B 722 124.72 23.87 -3.55
C LEU B 722 126.00 23.05 -3.44
N PHE B 723 126.76 22.96 -4.54
CA PHE B 723 128.01 22.21 -4.51
C PHE B 723 129.10 22.98 -3.77
N SER B 724 129.06 24.31 -3.81
CA SER B 724 130.08 25.11 -3.15
C SER B 724 129.94 25.03 -1.64
N TYR B 725 131.08 24.91 -0.95
CA TYR B 725 131.06 24.82 0.50
C TYR B 725 130.74 26.16 1.14
N GLY B 726 131.26 27.25 0.57
CA GLY B 726 131.03 28.58 1.12
C GLY B 726 132.04 28.92 2.19
N PHE B 727 132.84 29.96 1.98
CA PHE B 727 133.87 30.34 2.94
C PHE B 727 133.23 31.05 4.12
N ASP B 728 133.47 30.54 5.31
CA ASP B 728 132.93 31.11 6.54
C ASP B 728 133.96 30.85 7.64
N GLY B 729 133.51 30.93 8.90
CA GLY B 729 134.38 30.76 10.04
C GLY B 729 135.23 29.51 10.03
N LEU B 730 134.60 28.34 10.20
CA LEU B 730 135.35 27.09 10.17
C LEU B 730 134.57 25.97 9.48
N HIS B 731 133.49 26.29 8.78
CA HIS B 731 132.58 25.30 8.24
C HIS B 731 132.87 25.03 6.76
N LEU B 732 132.47 23.84 6.31
CA LEU B 732 132.54 23.48 4.89
C LEU B 732 131.27 22.75 4.48
N TRP B 733 130.15 23.06 5.14
CA TRP B 733 128.85 22.46 4.84
C TRP B 733 128.31 23.09 3.57
N SER B 734 128.38 22.36 2.46
CA SER B 734 127.85 22.84 1.20
C SER B 734 126.33 22.81 1.22
N GLY B 735 125.72 23.27 0.14
CA GLY B 735 124.27 23.23 0.02
C GLY B 735 123.76 21.81 -0.04
N CYS B 736 123.11 21.36 1.04
CA CYS B 736 122.54 20.03 1.22
C CYS B 736 123.59 18.92 1.24
N ILE B 737 124.87 19.26 1.26
CA ILE B 737 125.96 18.30 1.39
C ILE B 737 126.90 18.77 2.48
N ALA B 738 127.20 17.89 3.43
CA ALA B 738 128.04 18.22 4.58
C ALA B 738 129.46 17.72 4.33
N ARG B 739 130.43 18.63 4.37
CA ARG B 739 131.83 18.28 4.20
C ARG B 739 132.73 19.08 5.13
N THR B 740 132.23 19.46 6.30
CA THR B 740 133.00 20.28 7.23
C THR B 740 134.05 19.46 7.95
N VAL B 741 135.14 20.13 8.32
CA VAL B 741 136.22 19.51 9.09
C VAL B 741 136.59 20.42 10.26
N SER B 742 137.64 20.05 10.99
CA SER B 742 138.08 20.81 12.15
C SER B 742 139.53 21.22 12.00
N SER B 743 139.86 21.83 10.86
CA SER B 743 141.23 22.23 10.58
C SER B 743 141.71 23.27 11.60
N PRO B 744 143.00 23.28 11.92
CA PRO B 744 143.52 24.24 12.91
C PRO B 744 143.45 25.67 12.40
N ASN B 745 143.78 26.60 13.30
CA ASN B 745 143.69 28.04 13.05
C ASN B 745 142.29 28.43 12.61
N GLN B 746 141.30 27.99 13.38
CA GLN B 746 139.90 28.19 13.05
C GLN B 746 139.21 28.98 14.16
N HIS B 747 138.26 29.82 13.75
CA HIS B 747 137.46 30.64 14.65
C HIS B 747 136.33 31.23 13.81
N LEU B 748 135.51 32.06 14.46
CA LEU B 748 134.43 32.74 13.76
C LEU B 748 135.00 33.88 12.90
N LEU B 749 134.11 34.54 12.17
CA LEU B 749 134.52 35.68 11.34
C LEU B 749 134.84 36.88 12.21
N ARG B 750 135.99 36.85 12.88
CA ARG B 750 136.39 37.88 13.81
C ARG B 750 137.28 38.90 13.10
N THR B 751 137.63 39.97 13.81
CA THR B 751 138.44 41.04 13.23
C THR B 751 139.82 40.52 12.83
N ASP B 752 140.45 41.25 11.90
CA ASP B 752 141.74 40.89 11.32
C ASP B 752 141.68 39.52 10.64
N ASP B 753 140.84 39.44 9.61
CA ASP B 753 140.63 38.20 8.85
C ASP B 753 141.79 38.03 7.88
N VAL B 754 142.91 37.53 8.42
CA VAL B 754 144.08 37.24 7.60
C VAL B 754 143.83 35.93 6.86
N ILE B 755 143.31 36.02 5.64
CA ILE B 755 142.86 34.87 4.89
C ILE B 755 143.55 34.86 3.52
N SER B 756 143.34 33.78 2.79
CA SER B 756 143.92 33.63 1.46
C SER B 756 143.03 32.73 0.61
N CYS B 757 142.76 33.15 -0.62
CA CYS B 757 141.95 32.38 -1.55
C CYS B 757 142.85 31.78 -2.63
N CYS B 758 142.60 30.51 -2.95
CA CYS B 758 143.39 29.77 -3.92
C CYS B 758 142.55 29.38 -5.12
N LEU B 759 143.09 29.64 -6.31
CA LEU B 759 142.44 29.26 -7.56
C LEU B 759 143.46 28.63 -8.50
N ASP B 760 142.99 27.67 -9.28
CA ASP B 760 143.84 27.01 -10.28
C ASP B 760 142.93 26.43 -11.35
N LEU B 761 142.92 27.03 -12.53
CA LEU B 761 142.07 26.53 -13.61
C LEU B 761 142.55 25.20 -14.16
N SER B 762 143.85 24.90 -14.04
CA SER B 762 144.36 23.61 -14.51
C SER B 762 143.92 22.48 -13.58
N ALA B 763 144.02 22.68 -12.27
CA ALA B 763 143.61 21.68 -11.29
C ALA B 763 143.20 22.42 -10.02
N PRO B 764 141.89 22.60 -9.80
CA PRO B 764 141.45 23.46 -8.70
C PRO B 764 141.70 22.87 -7.32
N SER B 765 142.95 22.93 -6.88
CA SER B 765 143.31 22.60 -5.51
C SER B 765 143.05 23.79 -4.60
N ILE B 766 143.18 23.56 -3.30
CA ILE B 766 142.94 24.61 -2.31
C ILE B 766 144.16 24.70 -1.38
N SER B 767 144.58 25.93 -1.10
CA SER B 767 145.52 26.24 -0.02
C SER B 767 145.00 27.52 0.61
N PHE B 768 144.09 27.37 1.59
CA PHE B 768 143.39 28.50 2.18
C PHE B 768 144.08 28.89 3.48
N ARG B 769 145.25 29.52 3.32
CA ARG B 769 146.08 29.86 4.47
C ARG B 769 145.42 30.94 5.31
N ILE B 770 145.12 30.61 6.56
CA ILE B 770 144.63 31.58 7.54
C ILE B 770 145.61 31.54 8.71
N ASN B 771 146.62 32.40 8.66
CA ASN B 771 147.64 32.52 9.71
C ASN B 771 148.32 31.17 10.00
N GLY B 772 148.73 30.49 8.93
CA GLY B 772 149.41 29.22 9.09
C GLY B 772 148.78 28.07 8.35
N GLN B 773 148.24 27.11 9.09
CA GLN B 773 147.71 25.89 8.49
C GLN B 773 146.50 26.21 7.61
N PRO B 774 146.49 25.79 6.36
CA PRO B 774 145.38 26.11 5.46
C PRO B 774 144.26 25.07 5.56
N VAL B 775 143.11 25.44 5.00
CA VAL B 775 141.97 24.54 4.94
C VAL B 775 142.24 23.46 3.88
N GLN B 776 141.90 22.23 4.20
CA GLN B 776 142.14 21.08 3.34
C GLN B 776 140.84 20.61 2.71
N GLY B 777 140.97 19.73 1.73
CA GLY B 777 139.83 19.25 0.98
C GLY B 777 139.69 19.95 -0.36
N MET B 778 140.08 19.25 -1.43
CA MET B 778 140.08 19.87 -2.74
C MET B 778 138.70 19.85 -3.37
N PHE B 779 138.57 20.56 -4.49
CA PHE B 779 137.32 20.59 -5.26
C PHE B 779 137.72 20.88 -6.70
N GLU B 780 137.85 19.83 -7.50
CA GLU B 780 138.39 19.93 -8.85
C GLU B 780 137.27 20.04 -9.87
N ASN B 781 137.69 20.28 -11.13
CA ASN B 781 136.79 20.31 -12.28
C ASN B 781 135.72 21.38 -12.09
N PHE B 782 136.18 22.63 -12.08
CA PHE B 782 135.33 23.78 -11.80
C PHE B 782 135.44 24.82 -12.91
N ASN B 783 134.31 25.46 -13.23
CA ASN B 783 134.22 26.51 -14.24
C ASN B 783 134.76 26.01 -15.59
N ILE B 784 134.04 25.02 -16.14
CA ILE B 784 134.53 24.31 -17.32
C ILE B 784 134.46 25.20 -18.56
N ASP B 785 133.30 25.80 -18.80
CA ASP B 785 133.13 26.63 -19.99
C ASP B 785 133.82 27.98 -19.85
N GLY B 786 133.82 28.54 -18.64
CA GLY B 786 134.42 29.82 -18.35
C GLY B 786 133.46 30.70 -17.57
N LEU B 787 133.73 32.00 -17.62
CA LEU B 787 132.90 33.02 -16.98
C LEU B 787 132.79 32.79 -15.47
N PHE B 788 133.93 32.87 -14.79
CA PHE B 788 134.01 32.67 -13.36
C PHE B 788 133.88 34.01 -12.64
N PHE B 789 133.27 33.98 -11.46
CA PHE B 789 133.07 35.18 -10.66
C PHE B 789 133.41 34.89 -9.19
N PRO B 790 134.39 35.59 -8.63
CA PRO B 790 134.56 35.56 -7.16
C PRO B 790 133.55 36.49 -6.51
N VAL B 791 132.81 35.96 -5.52
CA VAL B 791 131.70 36.68 -4.94
C VAL B 791 131.81 36.69 -3.42
N VAL B 792 131.16 37.68 -2.81
CA VAL B 792 131.03 37.80 -1.36
C VAL B 792 129.57 38.04 -1.04
N SER B 793 129.02 37.22 -0.15
CA SER B 793 127.59 37.25 0.16
C SER B 793 127.35 37.71 1.60
N PHE B 794 126.26 38.43 1.78
CA PHE B 794 125.84 38.90 3.09
C PHE B 794 124.32 38.96 3.14
N SER B 795 123.78 38.86 4.35
CA SER B 795 122.33 38.84 4.56
C SER B 795 121.83 40.08 5.30
N ALA B 796 122.34 40.34 6.49
CA ALA B 796 121.90 41.48 7.29
C ALA B 796 122.93 41.76 8.37
N GLY B 797 122.99 43.03 8.78
CA GLY B 797 123.90 43.43 9.84
C GLY B 797 125.36 43.24 9.51
N ILE B 798 125.75 43.56 8.28
CA ILE B 798 127.12 43.35 7.81
C ILE B 798 127.66 44.69 7.31
N LYS B 799 128.83 45.08 7.79
CA LYS B 799 129.51 46.29 7.35
C LYS B 799 130.93 45.91 6.95
N VAL B 800 131.13 45.63 5.66
CA VAL B 800 132.44 45.22 5.14
C VAL B 800 132.75 46.05 3.91
N ARG B 801 134.03 46.07 3.55
CA ARG B 801 134.50 46.78 2.37
C ARG B 801 135.13 45.79 1.40
N PHE B 802 134.86 45.99 0.11
CA PHE B 802 135.39 45.10 -0.91
C PHE B 802 136.89 45.27 -1.05
N LEU B 803 137.61 44.14 -1.16
CA LEU B 803 139.06 44.13 -1.31
C LEU B 803 139.41 43.06 -2.34
N LEU B 804 139.50 43.46 -3.60
CA LEU B 804 139.88 42.57 -4.70
C LEU B 804 141.00 43.27 -5.49
N GLY B 805 142.24 43.07 -5.06
CA GLY B 805 143.39 43.67 -5.67
C GLY B 805 143.70 45.08 -5.21
N GLY B 806 142.71 45.79 -4.67
CA GLY B 806 142.92 47.14 -4.18
C GLY B 806 143.23 48.14 -5.27
N ARG B 807 142.65 47.98 -6.46
CA ARG B 807 142.83 48.98 -7.50
C ARG B 807 142.11 50.28 -7.15
N HIS B 808 140.84 50.17 -6.75
CA HIS B 808 140.11 51.32 -6.25
C HIS B 808 140.51 51.68 -4.82
N GLY B 809 140.83 50.68 -4.00
CA GLY B 809 141.22 50.90 -2.63
C GLY B 809 142.70 50.65 -2.38
N GLU B 810 143.01 49.88 -1.35
CA GLU B 810 144.39 49.57 -1.00
C GLU B 810 144.47 48.10 -0.61
N PHE B 811 145.33 47.34 -1.28
CA PHE B 811 145.56 45.94 -0.95
C PHE B 811 146.41 45.88 0.32
N LYS B 812 145.83 45.39 1.41
CA LYS B 812 146.52 45.41 2.70
C LYS B 812 147.73 44.48 2.70
N PHE B 813 147.54 43.24 2.26
CA PHE B 813 148.63 42.27 2.24
C PHE B 813 149.27 42.25 0.85
N LEU B 814 150.14 41.28 0.62
CA LEU B 814 150.83 41.14 -0.66
C LEU B 814 150.64 39.73 -1.19
N PRO B 815 150.59 39.57 -2.51
CA PRO B 815 150.45 38.23 -3.08
C PRO B 815 151.76 37.46 -2.97
N PRO B 816 151.71 36.15 -2.74
CA PRO B 816 152.93 35.35 -2.71
C PRO B 816 153.44 35.09 -4.12
N PRO B 817 154.66 34.57 -4.27
CA PRO B 817 155.10 34.12 -5.59
C PRO B 817 154.16 33.05 -6.15
N GLY B 818 153.91 33.12 -7.45
CA GLY B 818 152.88 32.29 -8.04
C GLY B 818 151.55 33.02 -8.12
N TYR B 819 150.70 32.82 -7.11
CA TYR B 819 149.41 33.50 -7.03
C TYR B 819 149.59 35.02 -6.98
N ALA B 820 149.24 35.71 -8.05
CA ALA B 820 149.30 37.16 -8.07
C ALA B 820 147.99 37.75 -7.57
N ALA B 821 148.06 39.02 -7.16
CA ALA B 821 146.91 39.70 -6.58
C ALA B 821 145.82 39.91 -7.64
N CYS B 822 144.69 40.46 -7.20
CA CYS B 822 143.55 40.70 -8.08
C CYS B 822 143.61 42.07 -8.76
N TYR B 823 144.82 42.62 -8.93
CA TYR B 823 144.96 43.87 -9.67
C TYR B 823 144.55 43.71 -11.12
N GLU B 824 144.80 42.54 -11.70
CA GLU B 824 144.43 42.26 -13.08
C GLU B 824 142.93 41.98 -13.16
N ALA B 825 142.48 41.52 -14.33
CA ALA B 825 141.09 41.24 -14.68
C ALA B 825 140.21 42.48 -14.67
N VAL B 826 140.75 43.66 -14.39
CA VAL B 826 140.00 44.91 -14.45
C VAL B 826 140.13 45.42 -15.88
N LEU B 827 139.07 45.25 -16.66
CA LEU B 827 139.11 45.61 -18.07
C LEU B 827 139.20 47.12 -18.23
N PRO B 828 140.10 47.62 -19.07
CA PRO B 828 140.18 49.06 -19.32
C PRO B 828 139.03 49.50 -20.23
N LYS B 829 139.05 50.79 -20.57
CA LYS B 829 138.08 51.46 -21.46
C LYS B 829 136.69 51.52 -20.86
N GLU B 830 136.47 51.00 -19.66
CA GLU B 830 135.15 50.95 -19.04
C GLU B 830 135.27 51.27 -17.56
N LYS B 831 134.15 51.66 -16.97
CA LYS B 831 134.08 51.98 -15.56
C LYS B 831 134.02 50.71 -14.71
N LEU B 832 134.66 50.76 -13.56
CA LEU B 832 134.64 49.66 -12.60
C LEU B 832 133.68 50.00 -11.46
N LYS B 833 132.80 49.05 -11.14
CA LYS B 833 131.76 49.28 -10.15
C LYS B 833 131.33 47.92 -9.60
N VAL B 834 130.17 47.88 -8.94
CA VAL B 834 129.64 46.68 -8.31
C VAL B 834 128.20 46.50 -8.77
N GLU B 835 127.84 45.28 -9.13
CA GLU B 835 126.53 44.91 -9.65
C GLU B 835 125.85 43.94 -8.68
N HIS B 836 124.76 43.33 -9.13
CA HIS B 836 123.99 42.42 -8.31
C HIS B 836 124.30 40.96 -8.69
N SER B 837 123.63 40.03 -8.02
CA SER B 837 123.84 38.60 -8.23
C SER B 837 123.00 38.13 -9.42
N ARG B 838 123.36 38.66 -10.60
CA ARG B 838 122.60 38.45 -11.83
C ARG B 838 121.14 38.83 -11.64
N GLU B 839 120.91 39.90 -10.90
CA GLU B 839 119.57 40.35 -10.52
C GLU B 839 119.27 41.68 -11.19
N TYR B 840 118.07 41.80 -11.75
CA TYR B 840 117.65 43.02 -12.43
C TYR B 840 116.66 43.84 -11.62
N LYS B 841 116.08 43.27 -10.57
CA LYS B 841 115.08 43.95 -9.76
C LYS B 841 115.68 44.29 -8.40
N GLN B 842 115.53 45.54 -7.98
CA GLN B 842 116.11 46.02 -6.72
C GLN B 842 115.08 46.92 -6.05
N GLU B 843 115.53 47.70 -5.07
CA GLU B 843 114.65 48.59 -4.32
C GLU B 843 114.07 49.68 -5.21
N ARG B 844 112.79 49.56 -5.52
CA ARG B 844 112.09 50.53 -6.36
C ARG B 844 110.72 50.79 -5.77
N THR B 845 110.13 51.93 -6.15
CA THR B 845 108.80 52.31 -5.68
C THR B 845 107.77 52.27 -6.81
N TYR B 846 108.00 53.03 -7.88
CA TYR B 846 107.11 53.00 -9.03
C TYR B 846 107.85 53.02 -10.36
N THR B 847 109.15 53.32 -10.38
CA THR B 847 109.94 53.35 -11.61
C THR B 847 110.75 52.07 -11.79
N ARG B 848 110.15 50.93 -11.44
CA ARG B 848 110.85 49.65 -11.50
C ARG B 848 111.34 49.35 -12.92
N ASP B 849 112.62 48.98 -13.02
CA ASP B 849 113.19 48.63 -14.30
C ASP B 849 112.76 47.22 -14.70
N LEU B 850 112.61 47.01 -16.01
CA LEU B 850 112.21 45.72 -16.56
C LEU B 850 113.24 45.32 -17.61
N LEU B 851 114.21 44.51 -17.20
CA LEU B 851 115.29 44.09 -18.08
C LEU B 851 115.08 42.67 -18.57
N GLY B 852 115.50 42.41 -19.80
CA GLY B 852 115.46 41.07 -20.34
C GLY B 852 116.65 40.25 -19.92
N PRO B 853 116.72 39.02 -20.45
CA PRO B 853 117.85 38.13 -20.12
C PRO B 853 119.15 38.68 -20.69
N THR B 854 120.09 38.99 -19.81
CA THR B 854 121.40 39.48 -20.21
C THR B 854 122.46 39.15 -19.17
N LEU B 878 151.23 38.74 -63.50
CA LEU B 878 150.54 39.70 -62.65
C LEU B 878 151.38 40.03 -61.42
N GLU B 879 152.37 39.17 -61.14
CA GLU B 879 153.21 39.37 -59.96
C GLU B 879 154.21 40.50 -60.16
N ARG B 880 154.81 40.58 -61.35
CA ARG B 880 155.87 41.56 -61.60
C ARG B 880 155.35 42.99 -61.47
N ILE B 881 154.20 43.28 -62.10
CA ILE B 881 153.63 44.63 -62.04
C ILE B 881 153.25 44.97 -60.61
N ARG B 882 152.75 44.00 -59.85
CA ARG B 882 152.47 44.22 -58.43
C ARG B 882 153.74 44.17 -57.58
N GLU B 883 154.79 43.48 -58.04
CA GLU B 883 156.07 43.54 -57.35
C GLU B 883 156.66 44.94 -57.41
N ARG B 884 156.48 45.63 -58.55
CA ARG B 884 156.91 47.01 -58.63
C ARG B 884 156.15 47.90 -57.65
N LEU B 885 154.84 47.65 -57.49
CA LEU B 885 154.06 48.40 -56.51
C LEU B 885 154.46 48.07 -55.08
N ALA B 886 154.84 46.83 -54.81
CA ALA B 886 155.34 46.46 -53.49
C ALA B 886 156.66 47.18 -53.19
N GLU B 887 157.53 47.26 -54.20
CA GLU B 887 158.77 48.03 -54.04
C GLU B 887 158.48 49.50 -53.82
N ASN B 888 157.48 50.04 -54.51
CA ASN B 888 157.09 51.43 -54.31
C ASN B 888 156.52 51.65 -52.91
N ILE B 889 155.80 50.67 -52.37
CA ILE B 889 155.27 50.77 -51.02
C ILE B 889 156.40 50.69 -49.99
N HIS B 890 157.39 49.84 -50.23
CA HIS B 890 158.57 49.82 -49.37
C HIS B 890 159.30 51.17 -49.42
N GLU B 891 159.39 51.76 -50.61
CA GLU B 891 159.95 53.10 -50.74
C GLU B 891 159.11 54.12 -49.97
N LEU B 892 157.79 53.95 -49.99
CA LEU B 892 156.90 54.84 -49.23
C LEU B 892 157.20 54.75 -47.74
N TRP B 893 157.37 53.53 -47.24
CA TRP B 893 157.70 53.35 -45.83
C TRP B 893 159.04 53.98 -45.49
N VAL B 894 160.06 53.75 -46.32
CA VAL B 894 161.39 54.25 -45.97
C VAL B 894 161.44 55.77 -46.08
N MET B 895 160.87 56.37 -47.14
CA MET B 895 160.88 57.82 -47.17
C MET B 895 159.84 58.44 -46.24
N ASN B 896 158.97 57.63 -45.63
CA ASN B 896 158.21 58.10 -44.48
C ASN B 896 159.08 58.12 -43.23
N LYS B 897 160.04 57.20 -43.12
CA LYS B 897 160.94 57.24 -41.96
C LYS B 897 162.29 57.91 -42.26
N ILE B 898 162.66 58.13 -43.52
CA ILE B 898 163.83 58.94 -43.81
C ILE B 898 163.62 60.38 -43.37
N GLU B 899 162.44 60.94 -43.64
CA GLU B 899 162.16 62.33 -43.32
C GLU B 899 162.14 62.60 -41.82
N LEU B 900 162.09 61.57 -40.98
CA LEU B 900 162.20 61.78 -39.54
C LEU B 900 163.57 62.33 -39.15
N GLY B 901 164.61 61.96 -39.89
CA GLY B 901 165.94 62.48 -39.65
C GLY B 901 166.97 61.41 -39.34
N TRP B 902 166.72 60.19 -39.79
CA TRP B 902 167.66 59.10 -39.56
C TRP B 902 168.74 59.09 -40.63
N GLN B 903 169.69 58.17 -40.49
CA GLN B 903 170.81 58.04 -41.42
C GLN B 903 171.05 56.56 -41.68
N TYR B 904 171.66 56.28 -42.83
CA TYR B 904 171.99 54.89 -43.17
C TYR B 904 173.05 54.36 -42.22
N GLY B 905 172.87 53.12 -41.77
CA GLY B 905 173.78 52.50 -40.84
C GLY B 905 173.57 51.00 -40.72
N PRO B 906 174.65 50.26 -40.48
CA PRO B 906 174.54 48.80 -40.35
C PRO B 906 173.93 48.35 -39.03
N VAL B 907 173.81 49.22 -38.04
CA VAL B 907 173.30 48.87 -36.72
C VAL B 907 171.96 49.57 -36.51
N ARG B 908 170.97 48.83 -36.04
CA ARG B 908 169.60 49.36 -35.90
C ARG B 908 169.49 50.13 -34.59
N ASP B 909 169.49 51.46 -34.68
CA ASP B 909 169.29 52.33 -33.54
C ASP B 909 168.32 53.44 -33.92
N ASP B 910 167.39 53.76 -33.01
CA ASP B 910 166.41 54.79 -33.30
C ASP B 910 166.93 56.18 -32.99
N ASN B 911 167.41 56.40 -31.77
CA ASN B 911 167.89 57.72 -31.38
C ASN B 911 169.24 58.05 -32.02
N LYS B 912 170.03 57.04 -32.34
CA LYS B 912 171.34 57.25 -32.96
C LYS B 912 171.25 57.45 -34.48
N ARG B 913 170.04 57.36 -35.05
CA ARG B 913 169.81 57.61 -36.47
C ARG B 913 170.61 56.64 -37.35
N GLN B 914 170.29 55.35 -37.21
CA GLN B 914 170.95 54.31 -37.99
C GLN B 914 170.01 53.12 -38.10
N HIS B 915 169.67 52.75 -39.33
CA HIS B 915 168.77 51.62 -39.58
C HIS B 915 169.26 50.85 -40.81
N PRO B 916 169.43 49.52 -40.70
CA PRO B 916 169.80 48.74 -41.88
C PRO B 916 168.74 48.76 -42.98
N CYS B 917 167.47 48.89 -42.62
CA CYS B 917 166.40 48.99 -43.61
C CYS B 917 166.32 50.37 -44.25
N LEU B 918 167.01 51.36 -43.69
CA LEU B 918 167.01 52.72 -44.23
C LEU B 918 168.04 52.91 -45.33
N VAL B 919 168.94 51.94 -45.53
CA VAL B 919 170.00 52.04 -46.53
C VAL B 919 169.41 51.94 -47.92
N GLU B 920 170.23 52.19 -48.94
CA GLU B 920 169.81 52.17 -50.33
C GLU B 920 169.22 50.81 -50.71
N PHE B 921 168.46 50.81 -51.81
CA PHE B 921 167.74 49.60 -52.22
C PHE B 921 168.69 48.48 -52.60
N CYS B 922 169.82 48.81 -53.22
CA CYS B 922 170.76 47.79 -53.67
C CYS B 922 171.48 47.10 -52.51
N LYS B 923 171.52 47.72 -51.34
CA LYS B 923 172.24 47.17 -50.19
C LYS B 923 171.32 46.80 -49.03
N LEU B 924 170.03 46.56 -49.31
CA LEU B 924 169.12 46.18 -48.26
C LEU B 924 169.44 44.77 -47.75
N PRO B 925 169.28 44.52 -46.46
CA PRO B 925 169.50 43.18 -45.93
C PRO B 925 168.49 42.18 -46.48
N GLU B 926 168.93 40.93 -46.61
CA GLU B 926 168.09 39.88 -47.18
C GLU B 926 166.92 39.54 -46.24
N GLN B 927 167.16 39.59 -44.93
CA GLN B 927 166.10 39.25 -43.98
C GLN B 927 164.95 40.24 -44.06
N GLU B 928 165.25 41.53 -44.01
CA GLU B 928 164.20 42.53 -44.12
C GLU B 928 163.56 42.54 -45.50
N ARG B 929 164.34 42.23 -46.55
CA ARG B 929 163.79 42.18 -47.89
C ARG B 929 162.77 41.05 -48.04
N ASN B 930 163.10 39.86 -47.52
CA ASN B 930 162.15 38.76 -47.62
C ASN B 930 160.97 38.96 -46.66
N TYR B 931 161.18 39.65 -45.55
CA TYR B 931 160.05 40.03 -44.70
C TYR B 931 159.11 40.97 -45.44
N ASN B 932 159.67 41.94 -46.17
CA ASN B 932 158.85 42.84 -46.98
C ASN B 932 158.11 42.08 -48.07
N LEU B 933 158.77 41.13 -48.72
CA LEU B 933 158.11 40.33 -49.74
C LEU B 933 156.98 39.49 -49.15
N GLN B 934 157.19 38.91 -47.97
CA GLN B 934 156.15 38.13 -47.32
C GLN B 934 154.96 38.99 -46.93
N MET B 935 155.23 40.18 -46.36
CA MET B 935 154.13 41.08 -46.01
C MET B 935 153.39 41.52 -47.26
N SER B 936 154.11 41.75 -48.36
CA SER B 936 153.50 42.10 -49.62
C SER B 936 152.53 41.02 -50.08
N LEU B 937 153.03 39.77 -50.20
CA LEU B 937 152.18 38.71 -50.73
C LEU B 937 150.99 38.43 -49.80
N GLU B 938 151.19 38.55 -48.49
CA GLU B 938 150.08 38.39 -47.56
C GLU B 938 149.05 39.50 -47.74
N THR B 939 149.49 40.72 -48.00
CA THR B 939 148.54 41.82 -48.21
C THR B 939 147.77 41.64 -49.51
N LEU B 940 148.44 41.20 -50.59
CA LEU B 940 147.71 40.88 -51.82
C LEU B 940 146.68 39.78 -51.59
N LYS B 941 147.06 38.71 -50.88
CA LYS B 941 146.09 37.65 -50.62
C LYS B 941 144.91 38.15 -49.79
N THR B 942 145.18 38.96 -48.77
CA THR B 942 144.11 39.49 -47.93
C THR B 942 143.19 40.42 -48.71
N LEU B 943 143.74 41.30 -49.54
CA LEU B 943 142.90 42.23 -50.27
C LEU B 943 142.16 41.54 -51.41
N LEU B 944 142.71 40.46 -51.95
CA LEU B 944 141.98 39.66 -52.94
C LEU B 944 140.83 38.91 -52.29
N ALA B 945 141.04 38.43 -51.05
CA ALA B 945 139.96 37.83 -50.30
C ALA B 945 138.87 38.84 -49.98
N LEU B 946 139.26 40.07 -49.62
CA LEU B 946 138.29 41.10 -49.31
C LEU B 946 137.60 41.62 -50.57
N GLY B 947 138.32 41.70 -51.68
CA GLY B 947 137.75 42.19 -52.92
C GLY B 947 137.95 43.67 -53.13
N CYS B 948 139.19 44.13 -53.03
CA CYS B 948 139.55 45.53 -53.23
C CYS B 948 140.67 45.65 -54.24
N HIS B 949 140.49 45.01 -55.39
CA HIS B 949 141.48 45.01 -56.46
C HIS B 949 141.62 46.42 -57.03
N VAL B 950 142.73 47.08 -56.71
CA VAL B 950 143.00 48.44 -57.17
C VAL B 950 144.34 48.51 -57.91
N GLY B 951 144.83 47.38 -58.40
CA GLY B 951 146.09 47.35 -59.12
C GLY B 951 146.11 46.28 -60.20
N ILE B 952 147.29 46.04 -60.78
CA ILE B 952 147.53 45.00 -61.78
C ILE B 952 146.70 45.24 -63.05
N ALA B 953 145.37 45.30 -62.89
CA ALA B 953 144.50 45.54 -64.04
C ALA B 953 144.77 46.91 -64.66
N ASP B 954 144.95 47.93 -63.84
CA ASP B 954 145.31 49.24 -64.33
C ASP B 954 146.83 49.39 -64.34
N GLU B 955 147.30 50.43 -65.04
CA GLU B 955 148.74 50.65 -65.17
C GLU B 955 149.35 51.03 -63.83
N HIS B 956 150.53 50.49 -63.56
CA HIS B 956 151.23 50.76 -62.32
C HIS B 956 152.02 52.06 -62.43
N ALA B 957 152.31 52.64 -61.27
CA ALA B 957 152.97 53.96 -61.18
C ALA B 957 154.30 53.80 -60.46
N GLU B 958 155.34 53.44 -61.22
CA GLU B 958 156.72 53.34 -60.73
C GLU B 958 157.64 53.13 -61.93
N GLU B 959 158.86 53.65 -61.79
CA GLU B 959 159.92 53.47 -62.77
C GLU B 959 159.54 53.97 -64.15
N LYS B 960 159.18 53.05 -65.06
CA LYS B 960 158.93 53.42 -66.45
C LYS B 960 157.58 54.12 -66.62
N VAL B 961 156.60 53.83 -65.77
CA VAL B 961 155.30 54.49 -65.83
C VAL B 961 155.13 55.24 -64.51
N LYS B 962 156.24 55.75 -63.97
CA LYS B 962 156.19 56.48 -62.71
C LYS B 962 155.36 57.74 -62.84
N LYS B 963 154.60 58.05 -61.79
CA LYS B 963 153.73 59.22 -61.74
C LYS B 963 154.43 60.45 -61.21
N MET B 964 155.76 60.52 -61.34
CA MET B 964 156.61 61.65 -60.91
C MET B 964 156.32 62.10 -59.48
N LYS B 965 155.83 61.18 -58.65
CA LYS B 965 155.55 61.51 -57.25
C LYS B 965 156.83 61.79 -56.49
N LEU B 966 157.88 61.01 -56.72
CA LEU B 966 159.14 61.21 -56.02
C LEU B 966 159.80 62.55 -56.33
N PRO B 967 159.99 62.97 -57.59
CA PRO B 967 160.62 64.28 -57.82
C PRO B 967 159.73 65.47 -57.50
N LYS B 968 158.45 65.24 -57.18
CA LYS B 968 157.54 66.35 -56.92
C LYS B 968 157.93 67.10 -55.64
N ASN B 969 158.30 66.38 -54.59
CA ASN B 969 158.66 66.98 -53.32
C ASN B 969 160.02 66.43 -52.87
N TYR B 970 160.84 67.31 -52.31
CA TYR B 970 162.18 66.94 -51.87
C TYR B 970 162.43 67.43 -50.45
N GLN B 971 163.21 66.66 -49.70
CA GLN B 971 163.59 67.00 -48.33
C GLN B 971 165.09 66.78 -48.17
N LEU B 972 165.71 67.61 -47.33
CA LEU B 972 167.15 67.55 -47.12
C LEU B 972 167.44 66.80 -45.81
N THR B 973 167.47 65.47 -45.92
CA THR B 973 167.87 64.61 -44.83
C THR B 973 168.78 63.51 -45.38
N SER B 974 169.49 62.84 -44.47
CA SER B 974 170.49 61.85 -44.85
C SER B 974 169.82 60.55 -45.30
N GLY B 975 170.64 59.58 -45.66
CA GLY B 975 170.17 58.30 -46.13
C GLY B 975 170.18 58.20 -47.64
N TYR B 976 169.38 57.26 -48.14
CA TYR B 976 169.21 57.11 -49.59
C TYR B 976 168.56 58.35 -50.20
N LYS B 977 167.54 58.88 -49.52
CA LYS B 977 166.77 60.04 -49.95
C LYS B 977 166.24 59.87 -51.37
N PRO B 978 165.22 59.05 -51.58
CA PRO B 978 164.51 59.03 -52.86
C PRO B 978 163.52 60.16 -53.06
N ALA B 979 163.56 61.18 -52.18
CA ALA B 979 162.69 62.36 -52.11
C ALA B 979 161.28 61.94 -51.69
N PRO B 980 160.65 62.66 -50.77
CA PRO B 980 159.40 62.18 -50.15
C PRO B 980 158.25 62.10 -51.13
N MET B 981 157.20 61.41 -50.68
CA MET B 981 156.02 61.17 -51.51
C MET B 981 155.23 62.45 -51.73
N ASP B 982 154.52 62.48 -52.86
CA ASP B 982 153.62 63.60 -53.17
C ASP B 982 152.58 63.08 -54.15
N LEU B 983 151.35 62.90 -53.66
CA LEU B 983 150.26 62.36 -54.47
C LEU B 983 148.97 63.10 -54.11
N SER B 984 148.53 63.99 -54.99
CA SER B 984 147.29 64.73 -54.80
C SER B 984 146.29 64.46 -55.93
N PHE B 985 146.50 63.42 -56.71
CA PHE B 985 145.63 63.08 -57.84
C PHE B 985 144.58 62.04 -57.48
N ILE B 986 144.55 61.57 -56.22
CA ILE B 986 143.60 60.55 -55.80
C ILE B 986 143.14 60.87 -54.40
N LYS B 987 141.94 60.40 -54.05
CA LYS B 987 141.35 60.56 -52.73
C LYS B 987 141.14 59.18 -52.10
N LEU B 988 140.46 59.15 -50.97
CA LEU B 988 140.19 57.93 -50.25
C LEU B 988 138.68 57.73 -50.10
N THR B 989 138.28 56.45 -49.98
CA THR B 989 136.90 56.03 -49.81
C THR B 989 136.78 55.23 -48.52
N PRO B 990 135.66 55.36 -47.78
CA PRO B 990 135.52 54.58 -46.55
C PRO B 990 135.55 53.08 -46.74
N SER B 991 135.34 52.57 -47.96
CA SER B 991 135.56 51.15 -48.21
C SER B 991 137.02 50.77 -47.98
N GLN B 992 137.94 51.59 -48.51
CA GLN B 992 139.35 51.35 -48.21
C GLN B 992 139.70 51.68 -46.76
N GLU B 993 138.90 52.52 -46.08
CA GLU B 993 139.09 52.70 -44.65
C GLU B 993 138.76 51.42 -43.90
N ALA B 994 137.68 50.74 -44.29
CA ALA B 994 137.36 49.45 -43.69
C ALA B 994 138.41 48.40 -44.05
N MET B 995 138.97 48.47 -45.26
CA MET B 995 140.04 47.55 -45.62
C MET B 995 141.30 47.83 -44.81
N VAL B 996 141.57 49.10 -44.52
CA VAL B 996 142.64 49.46 -43.57
C VAL B 996 142.35 48.87 -42.20
N ASP B 997 141.09 48.93 -41.76
CA ASP B 997 140.72 48.37 -40.47
C ASP B 997 140.95 46.86 -40.45
N LYS B 998 140.62 46.16 -41.54
CA LYS B 998 140.83 44.72 -41.59
C LYS B 998 142.31 44.35 -41.67
N LEU B 999 143.10 45.16 -42.39
CA LEU B 999 144.55 44.96 -42.39
C LEU B 999 145.12 45.16 -40.98
N ALA B 1000 144.60 46.15 -40.25
CA ALA B 1000 144.98 46.32 -38.87
C ALA B 1000 144.54 45.14 -38.02
N GLU B 1001 143.36 44.57 -38.33
CA GLU B 1001 142.91 43.37 -37.63
C GLU B 1001 143.94 42.25 -37.77
N ASN B 1002 144.39 41.99 -39.00
CA ASN B 1002 145.37 40.93 -39.22
C ASN B 1002 146.71 41.26 -38.56
N ALA B 1003 147.17 42.51 -38.68
CA ALA B 1003 148.45 42.90 -38.12
C ALA B 1003 148.45 42.80 -36.60
N HIS B 1004 147.39 43.28 -35.95
CA HIS B 1004 147.31 43.16 -34.51
C HIS B 1004 147.01 41.75 -34.07
N ASN B 1005 146.40 40.92 -34.93
CA ASN B 1005 146.26 39.51 -34.64
C ASN B 1005 147.61 38.83 -34.51
N VAL B 1006 148.49 39.03 -35.51
CA VAL B 1006 149.81 38.41 -35.41
C VAL B 1006 150.64 39.07 -34.32
N TRP B 1007 150.44 40.38 -34.07
CA TRP B 1007 151.15 41.05 -32.99
C TRP B 1007 150.76 40.47 -31.62
N ALA B 1008 149.45 40.29 -31.39
CA ALA B 1008 149.00 39.70 -30.14
C ALA B 1008 149.40 38.25 -30.03
N ARG B 1009 149.47 37.52 -31.15
CA ARG B 1009 150.00 36.16 -31.13
C ARG B 1009 151.46 36.16 -30.66
N ASP B 1010 152.26 37.08 -31.17
CA ASP B 1010 153.64 37.19 -30.73
C ASP B 1010 153.73 37.57 -29.25
N ARG B 1011 152.87 38.49 -28.80
CA ARG B 1011 152.90 38.94 -27.41
C ARG B 1011 152.48 37.82 -26.45
N ILE B 1012 151.48 37.03 -26.84
CA ILE B 1012 150.92 36.04 -25.93
C ILE B 1012 151.75 34.76 -25.93
N ARG B 1013 152.21 34.32 -27.11
CA ARG B 1013 153.00 33.10 -27.20
C ARG B 1013 154.31 33.23 -26.44
N GLN B 1014 154.95 34.40 -26.51
CA GLN B 1014 156.18 34.66 -25.78
C GLN B 1014 155.93 35.26 -24.40
N GLY B 1015 154.70 35.64 -24.08
CA GLY B 1015 154.44 36.29 -22.81
C GLY B 1015 155.03 37.67 -22.68
N TRP B 1016 155.27 38.36 -23.80
CA TRP B 1016 155.94 39.65 -23.80
C TRP B 1016 154.93 40.78 -23.62
N THR B 1017 155.41 41.88 -23.03
CA THR B 1017 154.69 43.12 -22.76
C THR B 1017 153.54 42.96 -21.77
N TYR B 1018 153.31 41.77 -21.22
CA TYR B 1018 152.25 41.57 -20.25
C TYR B 1018 152.55 40.32 -19.44
N GLY B 1019 151.86 40.21 -18.31
CA GLY B 1019 152.00 39.04 -17.45
C GLY B 1019 151.02 39.03 -16.31
N ILE B 1020 150.35 37.90 -16.11
CA ILE B 1020 149.42 37.74 -15.00
C ILE B 1020 150.05 37.01 -13.83
N GLN B 1021 150.80 35.94 -14.11
CA GLN B 1021 151.50 35.20 -13.07
C GLN B 1021 152.89 35.78 -12.82
N GLN B 1022 153.63 36.08 -13.88
CA GLN B 1022 155.01 36.52 -13.77
C GLN B 1022 155.15 38.04 -13.76
N ASP B 1023 154.31 38.77 -14.50
CA ASP B 1023 154.33 40.23 -14.58
C ASP B 1023 155.72 40.72 -15.00
N VAL B 1024 156.06 40.39 -16.25
CA VAL B 1024 157.38 40.71 -16.79
C VAL B 1024 157.65 42.20 -16.78
N LYS B 1025 156.61 43.01 -16.93
CA LYS B 1025 156.76 44.47 -16.88
C LYS B 1025 155.42 45.09 -16.53
N ASN B 1026 155.48 46.20 -15.80
CA ASN B 1026 154.28 46.96 -15.49
C ASN B 1026 153.73 47.62 -16.76
N ARG B 1027 152.49 48.10 -16.66
CA ARG B 1027 151.76 48.68 -17.80
C ARG B 1027 151.68 47.67 -18.95
N ARG B 1028 150.90 46.62 -18.68
CA ARG B 1028 150.67 45.56 -19.66
C ARG B 1028 150.08 46.13 -20.95
N ASN B 1029 150.10 45.31 -22.00
CA ASN B 1029 149.69 45.76 -23.32
C ASN B 1029 148.24 46.22 -23.29
N PRO B 1030 147.96 47.47 -23.68
CA PRO B 1030 146.57 47.96 -23.63
C PRO B 1030 145.63 47.20 -24.54
N ARG B 1031 146.15 46.55 -25.59
CA ARG B 1031 145.32 45.80 -26.51
C ARG B 1031 144.63 44.62 -25.85
N LEU B 1032 145.40 43.64 -25.40
CA LEU B 1032 144.90 42.32 -25.01
C LEU B 1032 144.08 41.75 -26.16
N VAL B 1033 142.83 42.18 -26.28
CA VAL B 1033 142.09 42.00 -27.53
C VAL B 1033 142.76 42.85 -28.60
N PRO B 1034 143.11 42.30 -29.76
CA PRO B 1034 144.01 43.01 -30.68
C PRO B 1034 143.52 44.36 -31.18
N TYR B 1035 142.22 44.60 -31.19
CA TYR B 1035 141.70 45.87 -31.70
C TYR B 1035 140.65 46.54 -30.82
N THR B 1036 140.02 45.82 -29.89
CA THR B 1036 138.89 46.39 -29.15
C THR B 1036 139.34 47.48 -28.20
N LEU B 1037 140.38 47.21 -27.41
CA LEU B 1037 140.83 48.18 -26.40
C LEU B 1037 141.85 49.15 -26.95
N LEU B 1038 142.83 48.67 -27.71
CA LEU B 1038 143.83 49.53 -28.34
C LEU B 1038 143.24 50.05 -29.65
N ASP B 1039 142.54 51.17 -29.57
CA ASP B 1039 141.90 51.76 -30.73
C ASP B 1039 142.92 52.51 -31.59
N ASP B 1040 142.43 53.10 -32.68
CA ASP B 1040 143.30 53.81 -33.61
C ASP B 1040 143.90 55.09 -33.02
N ARG B 1041 143.35 55.57 -31.91
CA ARG B 1041 143.88 56.79 -31.29
C ARG B 1041 145.27 56.56 -30.72
N THR B 1042 145.56 55.35 -30.24
CA THR B 1042 146.88 55.03 -29.71
C THR B 1042 147.85 54.57 -30.79
N LYS B 1043 147.38 53.75 -31.72
CA LYS B 1043 148.21 53.27 -32.83
C LYS B 1043 148.12 54.19 -34.04
N LYS B 1044 148.33 55.48 -33.79
CA LYS B 1044 148.22 56.49 -34.85
C LYS B 1044 149.30 56.30 -35.90
N SER B 1045 150.48 55.82 -35.51
CA SER B 1045 151.54 55.56 -36.47
C SER B 1045 151.10 54.50 -37.49
N ASN B 1046 150.58 53.38 -37.01
CA ASN B 1046 150.11 52.33 -37.90
C ASN B 1046 148.90 52.80 -38.71
N LYS B 1047 148.01 53.59 -38.09
CA LYS B 1047 146.83 54.07 -38.80
C LYS B 1047 147.23 54.98 -39.96
N ASP B 1048 148.13 55.93 -39.71
CA ASP B 1048 148.59 56.83 -40.75
C ASP B 1048 149.40 56.09 -41.81
N SER B 1049 150.20 55.10 -41.40
CA SER B 1049 150.93 54.30 -42.38
C SER B 1049 149.99 53.55 -43.31
N LEU B 1050 148.94 52.94 -42.75
CA LEU B 1050 147.97 52.22 -43.59
C LEU B 1050 147.20 53.19 -44.49
N ARG B 1051 146.85 54.37 -43.97
CA ARG B 1051 146.14 55.35 -44.78
C ARG B 1051 147.00 55.84 -45.95
N GLU B 1052 148.27 56.13 -45.68
CA GLU B 1052 149.17 56.53 -46.76
C GLU B 1052 149.39 55.39 -47.75
N ALA B 1053 149.47 54.15 -47.25
CA ALA B 1053 149.66 53.00 -48.12
C ALA B 1053 148.47 52.84 -49.07
N VAL B 1054 147.26 52.96 -48.54
CA VAL B 1054 146.09 52.75 -49.40
C VAL B 1054 145.90 53.93 -50.36
N ARG B 1055 146.24 55.15 -49.91
CA ARG B 1055 146.19 56.29 -50.82
C ARG B 1055 147.18 56.12 -51.97
N THR B 1056 148.41 55.68 -51.66
CA THR B 1056 149.39 55.45 -52.71
C THR B 1056 148.97 54.30 -53.62
N LEU B 1057 148.37 53.26 -53.06
CA LEU B 1057 147.90 52.14 -53.88
C LEU B 1057 146.79 52.57 -54.83
N LEU B 1058 145.87 53.42 -54.35
CA LEU B 1058 144.84 53.95 -55.24
C LEU B 1058 145.45 54.84 -56.32
N GLY B 1059 146.49 55.61 -55.96
CA GLY B 1059 147.17 56.43 -56.95
C GLY B 1059 148.02 55.65 -57.93
N TYR B 1060 148.38 54.41 -57.58
CA TYR B 1060 149.21 53.61 -58.46
C TYR B 1060 148.43 53.16 -59.70
N GLY B 1061 147.39 52.37 -59.49
CA GLY B 1061 146.60 51.82 -60.58
C GLY B 1061 146.94 50.37 -60.85
N GLY B 1082 114.26 32.67 -30.63
CA GLY B 1082 112.92 32.24 -30.26
C GLY B 1082 112.68 32.24 -28.76
N GLU B 1083 113.72 31.90 -28.01
CA GLU B 1083 113.64 31.86 -26.55
C GLU B 1083 113.91 33.24 -25.96
N ARG B 1084 114.16 33.30 -24.66
CA ARG B 1084 114.53 34.47 -23.87
C ARG B 1084 113.38 35.44 -23.67
N PHE B 1085 112.17 35.14 -24.15
CA PHE B 1085 111.03 35.98 -23.86
C PHE B 1085 110.55 35.74 -22.43
N ARG B 1086 110.20 36.82 -21.74
CA ARG B 1086 109.72 36.76 -20.37
C ARG B 1086 108.39 37.51 -20.29
N ILE B 1087 107.30 36.77 -20.11
CA ILE B 1087 105.98 37.39 -19.98
C ILE B 1087 105.82 37.82 -18.53
N PHE B 1088 105.92 39.13 -18.28
CA PHE B 1088 105.83 39.69 -16.94
C PHE B 1088 104.36 39.75 -16.55
N ARG B 1089 103.87 38.64 -15.99
CA ARG B 1089 102.48 38.53 -15.59
C ARG B 1089 102.24 39.23 -14.25
N ALA B 1090 100.98 39.27 -13.85
CA ALA B 1090 100.57 39.78 -12.55
C ALA B 1090 99.89 38.66 -11.76
N GLU B 1091 99.61 38.96 -10.49
CA GLU B 1091 98.89 37.99 -9.67
C GLU B 1091 97.45 37.87 -10.16
N LYS B 1092 97.00 36.63 -10.31
CA LYS B 1092 95.65 36.38 -10.81
C LYS B 1092 94.57 36.59 -9.76
N THR B 1093 94.96 36.88 -8.51
CA THR B 1093 93.97 37.07 -7.45
C THR B 1093 93.10 38.30 -7.71
N TYR B 1094 93.70 39.40 -8.17
CA TYR B 1094 92.92 40.59 -8.51
C TYR B 1094 92.58 40.61 -10.00
N ALA B 1095 91.98 39.53 -10.47
CA ALA B 1095 91.53 39.45 -11.85
C ALA B 1095 90.31 40.35 -12.06
N VAL B 1096 89.94 40.52 -13.32
CA VAL B 1096 88.84 41.41 -13.69
C VAL B 1096 87.71 40.58 -14.30
N LYS B 1097 86.48 41.08 -14.15
CA LYS B 1097 85.34 40.47 -14.80
C LYS B 1097 84.35 41.48 -15.37
N ALA B 1098 84.56 42.77 -15.14
CA ALA B 1098 83.66 43.83 -15.59
C ALA B 1098 84.41 45.15 -15.47
N GLY B 1099 83.73 46.25 -15.78
CA GLY B 1099 84.32 47.56 -15.63
C GLY B 1099 85.36 47.88 -16.70
N ARG B 1100 86.08 48.96 -16.47
CA ARG B 1100 87.11 49.41 -17.39
C ARG B 1100 88.20 50.15 -16.60
N TRP B 1101 89.43 50.02 -17.08
CA TRP B 1101 90.58 50.64 -16.42
C TRP B 1101 91.59 51.09 -17.47
N TYR B 1102 92.47 51.99 -17.05
CA TYR B 1102 93.55 52.48 -17.90
C TYR B 1102 94.85 51.77 -17.53
N PHE B 1103 95.71 51.59 -18.55
CA PHE B 1103 97.00 50.95 -18.35
C PHE B 1103 97.95 51.41 -19.44
N GLU B 1104 99.12 51.90 -19.05
CA GLU B 1104 100.14 52.33 -19.98
C GLU B 1104 101.46 51.65 -19.63
N PHE B 1105 102.25 51.36 -20.66
CA PHE B 1105 103.55 50.72 -20.51
C PHE B 1105 104.61 51.66 -21.06
N GLU B 1106 105.49 52.13 -20.20
CA GLU B 1106 106.56 53.03 -20.63
C GLU B 1106 107.65 52.23 -21.33
N ALA B 1107 107.94 52.60 -22.58
CA ALA B 1107 108.93 51.90 -23.40
C ALA B 1107 110.20 52.71 -23.46
N VAL B 1108 111.32 52.09 -23.12
CA VAL B 1108 112.63 52.73 -23.16
C VAL B 1108 113.44 52.27 -24.37
N THR B 1109 113.47 50.97 -24.62
CA THR B 1109 114.20 50.42 -25.75
C THR B 1109 113.27 50.28 -26.95
N ALA B 1110 113.64 50.90 -28.06
CA ALA B 1110 112.87 50.77 -29.29
C ALA B 1110 113.04 49.38 -29.89
N GLY B 1111 112.06 48.99 -30.70
CA GLY B 1111 112.09 47.69 -31.34
C GLY B 1111 110.94 46.80 -30.91
N ASP B 1112 111.24 45.71 -30.22
CA ASP B 1112 110.24 44.75 -29.77
C ASP B 1112 109.77 45.15 -28.38
N MET B 1113 108.56 45.72 -28.31
CA MET B 1113 107.94 46.11 -27.05
C MET B 1113 106.54 45.50 -26.93
N ARG B 1114 106.42 44.24 -27.35
CA ARG B 1114 105.13 43.54 -27.37
C ARG B 1114 104.55 43.41 -25.97
N VAL B 1115 103.51 44.21 -25.69
CA VAL B 1115 102.87 44.24 -24.38
C VAL B 1115 101.36 44.19 -24.58
N GLY B 1116 100.66 43.81 -23.52
CA GLY B 1116 99.22 43.72 -23.56
C GLY B 1116 98.64 43.07 -22.31
N TRP B 1117 97.73 42.11 -22.50
CA TRP B 1117 97.14 41.40 -21.38
C TRP B 1117 96.79 39.99 -21.80
N SER B 1118 96.60 39.12 -20.81
CA SER B 1118 96.23 37.74 -21.06
C SER B 1118 95.47 37.19 -19.87
N ARG B 1119 94.70 36.14 -20.13
CA ARG B 1119 94.06 35.40 -19.06
C ARG B 1119 95.12 34.62 -18.28
N PRO B 1120 94.82 34.24 -17.02
CA PRO B 1120 95.72 33.34 -16.30
C PRO B 1120 95.98 32.06 -17.08
N GLY B 1121 94.91 31.32 -17.38
CA GLY B 1121 94.91 30.22 -18.33
C GLY B 1121 96.08 29.27 -18.29
N CYS B 1122 96.84 29.23 -19.38
CA CYS B 1122 98.00 28.35 -19.50
C CYS B 1122 99.01 29.04 -20.40
N GLN B 1123 99.96 28.26 -20.94
CA GLN B 1123 100.99 28.74 -21.87
C GLN B 1123 101.84 29.85 -21.23
N PRO B 1124 102.55 29.47 -20.17
CA PRO B 1124 103.48 30.38 -19.52
C PRO B 1124 104.80 30.50 -20.26
N ASP B 1125 105.03 29.68 -21.30
CA ASP B 1125 106.20 29.78 -22.15
C ASP B 1125 105.74 29.47 -23.59
N LEU B 1126 105.35 30.50 -24.31
CA LEU B 1126 104.86 30.38 -25.67
C LEU B 1126 104.85 31.77 -26.30
N GLU B 1127 104.40 31.85 -27.55
CA GLU B 1127 104.33 33.12 -28.25
C GLU B 1127 103.25 34.00 -27.61
N LEU B 1128 103.62 35.23 -27.25
CA LEU B 1128 102.67 36.13 -26.62
C LEU B 1128 101.64 36.62 -27.63
N GLY B 1129 100.37 36.49 -27.27
CA GLY B 1129 99.31 36.89 -28.18
C GLY B 1129 99.11 35.98 -29.37
N SER B 1130 99.61 34.74 -29.30
CA SER B 1130 99.48 33.82 -30.43
C SER B 1130 98.01 33.40 -30.62
N ASP B 1131 97.34 33.05 -29.54
CA ASP B 1131 95.94 32.66 -29.59
C ASP B 1131 95.06 33.78 -29.05
N ASP B 1132 93.76 33.51 -28.97
CA ASP B 1132 92.83 34.47 -28.40
C ASP B 1132 92.95 34.58 -26.88
N ARG B 1133 93.68 33.67 -26.24
CA ARG B 1133 93.87 33.73 -24.79
C ARG B 1133 94.66 34.98 -24.40
N ALA B 1134 95.66 35.35 -25.20
CA ALA B 1134 96.51 36.49 -24.92
C ALA B 1134 96.31 37.57 -25.97
N PHE B 1135 96.44 38.83 -25.55
CA PHE B 1135 96.35 39.96 -26.45
C PHE B 1135 97.59 40.83 -26.23
N ALA B 1136 98.23 41.23 -27.33
CA ALA B 1136 99.44 42.03 -27.25
C ALA B 1136 99.59 42.82 -28.54
N PHE B 1137 100.47 43.82 -28.50
CA PHE B 1137 100.77 44.66 -29.66
C PHE B 1137 102.25 45.00 -29.64
N ASP B 1138 102.92 44.73 -30.76
CA ASP B 1138 104.36 44.98 -30.90
C ASP B 1138 104.60 46.20 -31.77
N GLY B 1139 105.85 46.66 -31.76
CA GLY B 1139 106.24 47.82 -32.54
C GLY B 1139 107.31 47.52 -33.56
N PHE B 1140 108.11 46.48 -33.32
CA PHE B 1140 109.13 46.08 -34.29
C PHE B 1140 108.48 45.63 -35.60
N LYS B 1141 107.42 44.82 -35.49
CA LYS B 1141 106.64 44.43 -36.66
C LYS B 1141 105.45 45.34 -36.90
N ALA B 1142 105.18 46.27 -35.99
CA ALA B 1142 104.07 47.22 -36.08
C ALA B 1142 102.74 46.49 -36.28
N GLN B 1143 102.41 45.64 -35.31
CA GLN B 1143 101.21 44.81 -35.40
C GLN B 1143 100.75 44.46 -34.00
N ARG B 1144 99.50 44.02 -33.92
CA ARG B 1144 98.94 43.48 -32.68
C ARG B 1144 99.24 41.99 -32.61
N TRP B 1145 98.64 41.30 -31.64
CA TRP B 1145 98.83 39.85 -31.53
C TRP B 1145 97.58 39.25 -30.89
N HIS B 1146 96.70 38.72 -31.73
CA HIS B 1146 95.50 38.03 -31.24
C HIS B 1146 95.01 37.13 -32.37
N GLN B 1147 95.13 35.81 -32.17
CA GLN B 1147 94.70 34.81 -33.15
C GLN B 1147 95.37 35.03 -34.51
N GLY B 1148 96.63 35.43 -34.49
CA GLY B 1148 97.39 35.71 -35.68
C GLY B 1148 98.15 37.02 -35.56
N ASN B 1149 98.81 37.39 -36.65
CA ASN B 1149 99.60 38.62 -36.66
C ASN B 1149 98.69 39.84 -36.72
N GLU B 1150 97.91 39.99 -37.79
CA GLU B 1150 96.92 41.05 -37.96
C GLU B 1150 97.57 42.43 -37.82
N HIS B 1151 98.39 42.76 -38.82
CA HIS B 1151 99.13 44.01 -38.91
C HIS B 1151 98.27 45.21 -38.53
N TYR B 1152 98.71 45.95 -37.52
CA TYR B 1152 97.90 46.99 -36.91
C TYR B 1152 98.79 48.10 -36.36
N GLY B 1153 98.34 49.33 -36.50
CA GLY B 1153 99.05 50.46 -35.93
C GLY B 1153 100.33 50.80 -36.66
N ARG B 1154 101.16 51.57 -35.98
CA ARG B 1154 102.44 52.03 -36.50
C ARG B 1154 103.55 51.67 -35.54
N SER B 1155 104.78 51.65 -36.05
CA SER B 1155 105.94 51.31 -35.24
C SER B 1155 106.21 52.39 -34.20
N TRP B 1156 106.68 51.96 -33.03
CA TRP B 1156 107.02 52.86 -31.95
C TRP B 1156 108.53 53.05 -31.87
N GLN B 1157 108.97 53.81 -30.87
CA GLN B 1157 110.38 54.10 -30.69
C GLN B 1157 110.64 54.28 -29.20
N ALA B 1158 111.79 54.84 -28.85
CA ALA B 1158 112.11 55.10 -27.46
C ALA B 1158 111.22 56.20 -26.90
N GLY B 1159 110.78 56.02 -25.65
CA GLY B 1159 109.92 56.98 -25.01
C GLY B 1159 108.51 56.97 -25.58
N ASP B 1160 107.81 55.84 -25.44
CA ASP B 1160 106.46 55.70 -25.95
C ASP B 1160 105.62 54.91 -24.96
N VAL B 1161 104.32 55.18 -24.95
CA VAL B 1161 103.36 54.48 -24.10
C VAL B 1161 102.29 53.87 -24.98
N VAL B 1162 102.04 52.56 -24.79
CA VAL B 1162 101.07 51.87 -25.63
C VAL B 1162 99.65 52.30 -25.30
N GLY B 1163 99.35 52.53 -24.03
CA GLY B 1163 98.04 53.02 -23.63
C GLY B 1163 96.91 52.02 -23.81
N CYS B 1164 96.91 50.97 -22.99
CA CYS B 1164 95.92 49.91 -23.08
C CYS B 1164 94.78 50.15 -22.09
N MET B 1165 93.54 50.10 -22.58
CA MET B 1165 92.37 50.18 -21.72
C MET B 1165 91.43 49.02 -22.04
N VAL B 1166 90.90 48.41 -20.99
CA VAL B 1166 89.89 47.38 -21.15
C VAL B 1166 88.51 48.03 -21.28
N ASP B 1167 87.58 47.32 -21.90
CA ASP B 1167 86.19 47.76 -22.03
C ASP B 1167 85.33 46.49 -21.94
N MET B 1168 84.91 46.15 -20.73
CA MET B 1168 84.19 44.91 -20.49
C MET B 1168 82.69 45.04 -20.64
N ASN B 1169 82.15 46.26 -20.78
CA ASN B 1169 80.73 46.44 -21.00
C ASN B 1169 80.33 46.31 -22.46
N GLU B 1170 81.31 46.25 -23.38
CA GLU B 1170 81.02 46.00 -24.77
C GLU B 1170 82.03 45.05 -25.42
N HIS B 1171 83.07 44.62 -24.70
CA HIS B 1171 84.04 43.63 -25.18
C HIS B 1171 84.76 44.10 -26.44
N THR B 1172 85.11 45.37 -26.49
CA THR B 1172 85.90 45.94 -27.58
C THR B 1172 87.15 46.60 -27.01
N MET B 1173 88.30 46.04 -27.32
CA MET B 1173 89.58 46.56 -26.84
C MET B 1173 90.13 47.62 -27.79
N MET B 1174 91.07 48.42 -27.29
CA MET B 1174 91.68 49.48 -28.07
C MET B 1174 92.99 49.88 -27.41
N PHE B 1175 93.82 50.60 -28.18
CA PHE B 1175 95.08 51.13 -27.70
C PHE B 1175 95.25 52.55 -28.22
N THR B 1176 95.90 53.39 -27.41
CA THR B 1176 96.22 54.78 -27.79
C THR B 1176 97.72 55.00 -27.62
N LEU B 1177 98.45 55.00 -28.73
CA LEU B 1177 99.89 55.24 -28.70
C LEU B 1177 100.15 56.71 -28.42
N ASN B 1178 100.61 57.00 -27.20
CA ASN B 1178 100.89 58.37 -26.76
C ASN B 1178 99.68 59.28 -26.93
N GLY B 1179 98.51 58.76 -26.55
CA GLY B 1179 97.26 59.48 -26.69
C GLY B 1179 96.65 59.44 -28.08
N GLU B 1180 97.29 58.75 -29.02
CA GLU B 1180 96.79 58.63 -30.39
C GLU B 1180 96.41 57.19 -30.66
N ILE B 1181 95.15 56.98 -31.08
CA ILE B 1181 94.66 55.64 -31.35
C ILE B 1181 95.34 55.09 -32.60
N LEU B 1182 95.89 53.89 -32.50
CA LEU B 1182 96.59 53.28 -33.62
C LEU B 1182 95.59 52.78 -34.66
N LEU B 1183 95.78 53.16 -35.91
CA LEU B 1183 94.90 52.74 -36.98
C LEU B 1183 95.11 51.28 -37.31
N ASP B 1184 94.04 50.52 -37.40
CA ASP B 1184 94.13 49.07 -37.64
C ASP B 1184 94.26 48.80 -39.14
N ASP B 1185 94.20 47.51 -39.50
CA ASP B 1185 94.31 47.13 -40.90
C ASP B 1185 93.09 47.55 -41.70
N SER B 1186 91.91 47.60 -41.05
CA SER B 1186 90.67 47.99 -41.70
C SER B 1186 90.42 49.49 -41.63
N GLY B 1187 91.34 50.27 -41.07
CA GLY B 1187 91.16 51.70 -40.95
C GLY B 1187 90.04 52.10 -40.00
N SER B 1188 89.89 51.38 -38.90
CA SER B 1188 88.87 51.68 -37.91
C SER B 1188 89.45 52.01 -36.53
N GLU B 1189 90.77 52.09 -36.41
CA GLU B 1189 91.51 52.33 -35.16
C GLU B 1189 90.89 51.61 -33.97
N LEU B 1190 90.77 50.29 -34.12
CA LEU B 1190 90.24 49.42 -33.08
C LEU B 1190 91.09 48.16 -33.02
N ALA B 1191 91.24 47.59 -31.82
CA ALA B 1191 92.16 46.47 -31.63
C ALA B 1191 91.45 45.12 -31.74
N PHE B 1192 90.54 44.82 -30.81
CA PHE B 1192 89.93 43.51 -30.72
C PHE B 1192 88.45 43.65 -30.34
N LYS B 1193 87.67 42.65 -30.72
CA LYS B 1193 86.24 42.60 -30.41
C LYS B 1193 85.79 41.16 -30.24
N ASP B 1194 84.62 41.01 -29.60
CA ASP B 1194 83.85 39.77 -29.57
C ASP B 1194 84.66 38.59 -28.99
N PHE B 1195 84.93 38.71 -27.69
CA PHE B 1195 85.54 37.63 -26.92
C PHE B 1195 84.75 37.39 -25.65
N ASP B 1196 84.81 36.17 -25.14
CA ASP B 1196 84.20 35.84 -23.87
C ASP B 1196 85.07 36.32 -22.72
N VAL B 1197 84.42 36.77 -21.65
CA VAL B 1197 85.17 37.23 -20.47
C VAL B 1197 85.93 36.08 -19.84
N GLY B 1198 85.25 34.96 -19.60
CA GLY B 1198 85.90 33.80 -19.01
C GLY B 1198 86.38 34.11 -17.60
N ASP B 1199 87.68 33.89 -17.37
CA ASP B 1199 88.30 34.20 -16.09
C ASP B 1199 88.87 35.60 -16.03
N GLY B 1200 88.71 36.40 -17.09
CA GLY B 1200 89.26 37.73 -17.13
C GLY B 1200 90.69 37.75 -17.61
N PHE B 1201 91.22 38.96 -17.76
CA PHE B 1201 92.56 39.18 -18.29
C PHE B 1201 93.33 40.13 -17.38
N ILE B 1202 94.63 39.91 -17.30
CA ILE B 1202 95.53 40.74 -16.49
C ILE B 1202 96.68 41.20 -17.40
N PRO B 1203 97.25 42.38 -17.16
CA PRO B 1203 98.27 42.91 -18.08
C PRO B 1203 99.50 41.99 -18.16
N VAL B 1204 100.00 41.83 -19.38
CA VAL B 1204 101.13 40.94 -19.66
C VAL B 1204 102.08 41.66 -20.61
N CYS B 1205 103.36 41.65 -20.28
CA CYS B 1205 104.43 42.22 -21.11
C CYS B 1205 105.22 41.10 -21.77
N SER B 1206 106.23 41.49 -22.56
CA SER B 1206 107.13 40.53 -23.18
C SER B 1206 108.38 41.26 -23.64
N LEU B 1207 109.54 40.77 -23.22
CA LEU B 1207 110.83 41.34 -23.59
C LEU B 1207 111.71 40.22 -24.11
N GLY B 1208 112.04 40.26 -25.40
CA GLY B 1208 112.84 39.23 -26.01
C GLY B 1208 114.30 39.23 -25.61
N VAL B 1209 115.06 40.23 -26.07
CA VAL B 1209 116.49 40.31 -25.81
C VAL B 1209 116.87 41.77 -25.62
N ALA B 1210 117.47 42.09 -24.47
CA ALA B 1210 118.02 43.41 -24.18
C ALA B 1210 116.99 44.53 -24.37
N GLN B 1211 115.77 44.28 -23.90
CA GLN B 1211 114.69 45.25 -24.01
C GLN B 1211 114.35 45.78 -22.62
N VAL B 1212 114.32 47.10 -22.49
CA VAL B 1212 114.03 47.78 -21.23
C VAL B 1212 112.58 48.25 -21.24
N GLY B 1213 111.83 47.88 -20.20
CA GLY B 1213 110.45 48.29 -20.09
C GLY B 1213 110.12 48.87 -18.73
N ARG B 1214 108.83 49.15 -18.49
CA ARG B 1214 108.41 49.70 -17.21
C ARG B 1214 106.98 49.28 -16.96
N MET B 1215 106.76 48.47 -15.93
CA MET B 1215 105.43 47.97 -15.56
C MET B 1215 104.79 49.00 -14.64
N ASN B 1216 103.84 49.77 -15.17
CA ASN B 1216 103.22 50.86 -14.43
C ASN B 1216 101.71 50.76 -14.55
N PHE B 1217 101.04 50.59 -13.42
CA PHE B 1217 99.59 50.69 -13.33
C PHE B 1217 99.12 52.01 -12.75
N GLY B 1218 99.86 52.56 -11.78
CA GLY B 1218 99.54 53.86 -11.23
C GLY B 1218 98.80 53.80 -9.91
N LYS B 1219 99.51 54.06 -8.81
CA LYS B 1219 98.84 54.21 -7.53
C LYS B 1219 98.13 55.55 -7.44
N ASP B 1220 98.61 56.56 -8.17
CA ASP B 1220 98.02 57.88 -8.20
C ASP B 1220 97.95 58.35 -9.65
N VAL B 1221 97.20 59.43 -9.86
CA VAL B 1221 97.07 60.00 -11.20
C VAL B 1221 98.40 60.58 -11.66
N SER B 1222 99.13 61.22 -10.75
CA SER B 1222 100.42 61.83 -11.10
C SER B 1222 101.49 60.80 -11.42
N THR B 1223 101.28 59.53 -11.05
CA THR B 1223 102.24 58.49 -11.39
C THR B 1223 102.34 58.30 -12.90
N LEU B 1224 101.21 58.29 -13.59
CA LEU B 1224 101.17 58.18 -15.03
C LEU B 1224 101.13 59.56 -15.68
N LYS B 1225 101.59 59.62 -16.92
CA LYS B 1225 101.68 60.87 -17.66
C LYS B 1225 100.60 61.01 -18.73
N TYR B 1226 100.36 59.98 -19.53
CA TYR B 1226 99.37 60.01 -20.58
C TYR B 1226 98.02 59.47 -20.13
N PHE B 1227 97.84 59.22 -18.83
CA PHE B 1227 96.55 58.77 -18.32
C PHE B 1227 95.49 59.86 -18.46
N THR B 1228 95.88 61.13 -18.32
CA THR B 1228 94.96 62.25 -18.39
C THR B 1228 94.68 62.71 -19.82
N ILE B 1229 94.92 61.85 -20.81
CA ILE B 1229 94.71 62.21 -22.20
C ILE B 1229 93.35 61.73 -22.68
N CYS B 1230 93.10 60.43 -22.55
CA CYS B 1230 91.85 59.83 -22.99
C CYS B 1230 91.16 59.00 -21.92
N GLY B 1231 91.92 58.30 -21.08
CA GLY B 1231 91.31 57.45 -20.07
C GLY B 1231 90.59 58.24 -19.00
N LEU B 1232 91.19 59.35 -18.55
CA LEU B 1232 90.57 60.16 -17.50
C LEU B 1232 89.30 60.83 -17.99
N GLN B 1233 89.31 61.33 -19.22
CA GLN B 1233 88.15 62.06 -19.76
C GLN B 1233 86.99 61.16 -20.14
N GLU B 1234 87.23 59.86 -20.31
CA GLU B 1234 86.17 58.93 -20.71
C GLU B 1234 85.60 58.13 -19.55
N GLY B 1235 86.37 57.92 -18.49
CA GLY B 1235 85.88 57.18 -17.34
C GLY B 1235 86.71 55.96 -17.00
N TYR B 1236 87.99 55.98 -17.38
CA TYR B 1236 88.90 54.89 -17.09
C TYR B 1236 89.74 55.24 -15.87
N GLU B 1237 89.96 54.26 -15.01
CA GLU B 1237 90.69 54.42 -13.76
C GLU B 1237 92.00 53.65 -13.80
N PRO B 1238 92.98 54.03 -12.99
CA PRO B 1238 94.20 53.22 -12.89
C PRO B 1238 93.91 51.86 -12.30
N PHE B 1239 94.76 50.88 -12.64
CA PHE B 1239 94.55 49.51 -12.18
C PHE B 1239 94.73 49.37 -10.67
N ALA B 1240 95.41 50.33 -10.03
CA ALA B 1240 95.61 50.33 -8.58
C ALA B 1240 95.02 51.57 -7.94
N VAL B 1241 93.82 51.96 -8.39
CA VAL B 1241 93.18 53.16 -7.86
C VAL B 1241 92.69 52.92 -6.44
N ASN B 1242 92.15 51.74 -6.16
CA ASN B 1242 91.55 51.45 -4.86
C ASN B 1242 92.47 50.70 -3.91
N THR B 1243 93.50 50.02 -4.43
CA THR B 1243 94.38 49.23 -3.58
C THR B 1243 95.27 50.14 -2.74
N ASN B 1244 95.35 49.85 -1.44
CA ASN B 1244 96.20 50.61 -0.53
C ASN B 1244 97.58 49.98 -0.36
N ARG B 1245 97.88 48.92 -1.11
CA ARG B 1245 99.17 48.27 -1.03
C ARG B 1245 99.76 48.16 -2.43
N ASP B 1246 101.08 47.97 -2.50
CA ASP B 1246 101.75 47.85 -3.78
C ASP B 1246 101.32 46.56 -4.49
N ILE B 1247 101.19 46.65 -5.81
CA ILE B 1247 100.74 45.51 -6.61
C ILE B 1247 101.97 44.75 -7.10
N THR B 1248 102.03 43.47 -6.78
CA THR B 1248 103.14 42.62 -7.18
C THR B 1248 102.88 41.98 -8.54
N MET B 1249 103.96 41.71 -9.27
CA MET B 1249 103.87 41.16 -10.61
C MET B 1249 104.72 39.89 -10.71
N TRP B 1250 104.24 38.95 -11.50
CA TRP B 1250 104.94 37.70 -11.73
C TRP B 1250 105.86 37.81 -12.95
N LEU B 1251 106.65 36.76 -13.16
CA LEU B 1251 107.55 36.72 -14.31
C LEU B 1251 107.88 35.26 -14.62
N SER B 1252 108.37 35.03 -15.83
CA SER B 1252 108.72 33.69 -16.25
C SER B 1252 109.97 33.20 -15.53
N LYS B 1253 110.03 31.89 -15.30
CA LYS B 1253 111.17 31.29 -14.63
C LYS B 1253 112.35 31.15 -15.57
N ARG B 1254 113.53 30.95 -14.98
CA ARG B 1254 114.74 30.73 -15.75
C ARG B 1254 115.20 29.28 -15.76
N LEU B 1255 114.80 28.49 -14.78
CA LEU B 1255 115.17 27.09 -14.69
C LEU B 1255 113.94 26.20 -14.79
N PRO B 1256 114.03 25.03 -15.43
CA PRO B 1256 112.87 24.14 -15.52
C PRO B 1256 112.65 23.40 -14.20
N GLN B 1257 111.38 23.35 -13.78
CA GLN B 1257 111.02 22.61 -12.58
C GLN B 1257 111.23 21.12 -12.79
N PHE B 1258 111.56 20.42 -11.70
CA PHE B 1258 112.00 19.04 -11.81
C PHE B 1258 110.86 18.11 -12.20
N LEU B 1259 109.84 17.99 -11.34
CA LEU B 1259 108.80 16.99 -11.56
C LEU B 1259 107.92 17.37 -12.73
N GLN B 1260 107.14 18.44 -12.58
CA GLN B 1260 106.28 19.00 -13.63
C GLN B 1260 105.47 17.91 -14.33
N VAL B 1261 104.57 17.30 -13.56
CA VAL B 1261 103.77 16.16 -14.03
C VAL B 1261 102.95 16.58 -15.24
N PRO B 1262 103.06 15.89 -16.37
CA PRO B 1262 102.37 16.32 -17.59
C PRO B 1262 100.96 15.76 -17.70
N SER B 1263 100.06 16.60 -18.19
CA SER B 1263 98.66 16.22 -18.33
C SER B 1263 98.20 16.20 -19.78
N ASN B 1264 98.34 17.30 -20.52
CA ASN B 1264 97.78 17.43 -21.86
C ASN B 1264 98.78 18.11 -22.79
N HIS B 1265 100.03 17.66 -22.76
CA HIS B 1265 101.05 18.24 -23.62
C HIS B 1265 100.86 17.77 -25.07
N GLU B 1266 101.78 18.20 -25.93
CA GLU B 1266 101.61 17.97 -27.38
C GLU B 1266 101.70 16.50 -27.73
N HIS B 1267 102.76 15.82 -27.28
CA HIS B 1267 102.98 14.42 -27.61
C HIS B 1267 103.48 13.65 -26.40
N ILE B 1268 102.87 13.91 -25.24
CA ILE B 1268 103.29 13.30 -23.98
C ILE B 1268 102.13 12.45 -23.48
N GLU B 1269 102.40 11.17 -23.21
CA GLU B 1269 101.36 10.26 -22.74
C GLU B 1269 102.02 9.09 -22.03
N VAL B 1270 101.64 8.85 -20.78
CA VAL B 1270 102.17 7.75 -19.99
C VAL B 1270 101.05 6.75 -19.74
N THR B 1271 101.41 5.47 -19.68
CA THR B 1271 100.46 4.38 -19.51
C THR B 1271 100.87 3.50 -18.33
N ARG B 1272 99.87 2.90 -17.70
CA ARG B 1272 100.09 1.99 -16.58
C ARG B 1272 99.28 0.72 -16.78
N ILE B 1273 99.80 -0.39 -16.26
CA ILE B 1273 99.13 -1.68 -16.34
C ILE B 1273 98.93 -2.22 -14.93
N ASP B 1274 98.12 -3.27 -14.82
CA ASP B 1274 97.75 -3.85 -13.54
C ASP B 1274 98.30 -5.27 -13.37
N GLY B 1275 99.28 -5.66 -14.17
CA GLY B 1275 99.93 -6.96 -14.00
C GLY B 1275 100.67 -7.00 -12.68
N THR B 1276 100.31 -7.97 -11.81
CA THR B 1276 100.86 -7.99 -10.47
C THR B 1276 101.50 -9.33 -10.11
N ILE B 1277 100.95 -10.42 -10.63
CA ILE B 1277 101.41 -11.76 -10.28
C ILE B 1277 101.44 -12.62 -11.53
N ASP B 1278 102.35 -13.60 -11.52
CA ASP B 1278 102.55 -14.57 -12.61
C ASP B 1278 102.85 -13.89 -13.95
N SER B 1279 103.33 -12.65 -13.90
CA SER B 1279 103.60 -11.85 -15.10
C SER B 1279 104.47 -10.68 -14.66
N SER B 1280 104.65 -9.71 -15.56
CA SER B 1280 105.39 -8.47 -15.33
C SER B 1280 106.82 -8.78 -14.88
N PRO B 1281 107.69 -9.25 -15.79
CA PRO B 1281 109.09 -9.49 -15.42
C PRO B 1281 109.82 -8.24 -14.97
N CYS B 1282 109.34 -7.06 -15.35
CA CYS B 1282 109.90 -5.82 -14.83
C CYS B 1282 109.61 -5.63 -13.35
N LEU B 1283 108.63 -6.36 -12.81
CA LEU B 1283 108.27 -6.40 -11.40
C LEU B 1283 107.82 -5.04 -10.84
N LYS B 1284 107.54 -4.08 -11.71
CA LYS B 1284 107.11 -2.76 -11.24
C LYS B 1284 105.63 -2.73 -10.86
N VAL B 1285 104.87 -3.76 -11.24
CA VAL B 1285 103.42 -3.84 -11.02
C VAL B 1285 102.75 -2.63 -11.67
N THR B 1286 103.36 -2.14 -12.75
CA THR B 1286 102.84 -1.02 -13.53
C THR B 1286 103.61 -0.97 -14.83
N GLN B 1287 103.05 -0.24 -15.80
CA GLN B 1287 103.74 -0.08 -17.07
C GLN B 1287 104.76 1.05 -17.00
N LYS B 1288 104.28 2.27 -16.75
CA LYS B 1288 105.09 3.50 -16.86
C LYS B 1288 105.70 3.64 -18.25
N SER B 1289 104.94 3.21 -19.27
CA SER B 1289 105.42 3.27 -20.65
C SER B 1289 105.21 4.67 -21.21
N PHE B 1290 106.19 5.15 -21.97
CA PHE B 1290 106.16 6.48 -22.54
C PHE B 1290 106.38 6.40 -24.05
N GLY B 1291 105.50 7.02 -24.82
CA GLY B 1291 105.63 7.04 -26.26
C GLY B 1291 105.26 8.37 -26.88
N SER B 1292 106.13 8.90 -27.73
CA SER B 1292 105.87 10.14 -28.45
C SER B 1292 105.03 9.86 -29.70
N GLN B 1293 104.57 10.93 -30.34
CA GLN B 1293 103.72 10.76 -31.51
C GLN B 1293 104.54 10.49 -32.77
N ASN B 1294 105.29 11.50 -33.23
CA ASN B 1294 106.11 11.37 -34.43
C ASN B 1294 107.00 12.60 -34.65
N ASN B 1295 108.27 12.37 -35.00
CA ASN B 1295 109.16 13.39 -35.56
C ASN B 1295 109.28 14.63 -34.67
N ASN B 1296 109.29 14.44 -33.35
CA ASN B 1296 109.40 15.56 -32.41
C ASN B 1296 110.25 15.11 -31.23
N THR B 1297 111.53 15.46 -31.24
CA THR B 1297 112.42 15.17 -30.12
C THR B 1297 113.59 16.16 -30.16
N ASP B 1298 113.97 16.65 -28.98
CA ASP B 1298 115.09 17.57 -28.86
C ASP B 1298 115.92 17.27 -27.61
N ILE B 1299 115.95 16.01 -27.19
CA ILE B 1299 116.67 15.55 -25.99
C ILE B 1299 116.16 16.27 -24.75
N MET B 1300 115.13 15.72 -24.12
CA MET B 1300 114.52 16.28 -22.92
C MET B 1300 114.62 15.28 -21.79
N PHE B 1301 114.66 15.79 -20.57
CA PHE B 1301 114.98 15.00 -19.39
C PHE B 1301 113.70 14.51 -18.71
N TYR B 1302 113.56 13.18 -18.61
CA TYR B 1302 112.33 12.55 -18.16
C TYR B 1302 112.02 12.91 -16.72
N ARG B 1303 110.73 13.01 -16.42
CA ARG B 1303 110.27 13.25 -15.05
C ARG B 1303 108.84 12.74 -14.96
N LEU B 1304 108.68 11.55 -14.38
CA LEU B 1304 107.38 10.90 -14.25
C LEU B 1304 106.98 10.83 -12.78
N SER B 1305 105.68 10.64 -12.56
CA SER B 1305 105.12 10.58 -11.22
C SER B 1305 104.95 9.12 -10.79
N MET B 1306 105.35 8.83 -9.56
CA MET B 1306 105.22 7.50 -8.97
C MET B 1306 104.55 7.62 -7.61
N PRO B 1307 103.24 7.86 -7.58
CA PRO B 1307 102.54 7.97 -6.28
C PRO B 1307 102.52 6.65 -5.53
N ILE B 1308 102.02 5.59 -6.17
CA ILE B 1308 102.00 4.27 -5.55
C ILE B 1308 103.24 3.50 -5.95
N SER B 1424 119.20 -7.28 -3.20
CA SER B 1424 118.66 -5.96 -3.45
C SER B 1424 117.19 -5.89 -3.02
N THR B 1425 116.68 -4.67 -2.83
CA THR B 1425 115.30 -4.43 -2.46
C THR B 1425 114.65 -3.50 -3.46
N TYR B 1426 113.33 -3.33 -3.30
CA TYR B 1426 112.53 -2.40 -4.11
C TYR B 1426 112.66 -2.72 -5.60
N TYR B 1427 112.18 -3.91 -5.97
CA TYR B 1427 112.23 -4.38 -7.35
C TYR B 1427 111.16 -3.67 -8.17
N TYR B 1428 111.54 -2.60 -8.86
CA TYR B 1428 110.68 -1.88 -9.77
C TYR B 1428 111.42 -1.63 -11.08
N SER B 1429 110.71 -1.05 -12.05
CA SER B 1429 111.31 -0.73 -13.33
C SER B 1429 110.51 0.39 -13.99
N VAL B 1430 111.22 1.34 -14.59
CA VAL B 1430 110.60 2.44 -15.33
C VAL B 1430 110.70 2.11 -16.82
N ARG B 1431 109.56 2.04 -17.49
CA ARG B 1431 109.53 1.65 -18.90
C ARG B 1431 110.04 2.82 -19.74
N ILE B 1432 111.36 2.91 -19.83
CA ILE B 1432 112.03 3.82 -20.76
C ILE B 1432 111.82 3.27 -22.17
N PHE B 1433 112.18 4.06 -23.19
CA PHE B 1433 112.01 3.62 -24.56
C PHE B 1433 112.74 2.29 -24.78
N PRO B 1434 112.11 1.31 -25.40
CA PRO B 1434 112.59 -0.08 -25.28
C PRO B 1434 113.86 -0.38 -26.06
N GLY B 1435 114.99 0.11 -25.57
CA GLY B 1435 116.30 -0.40 -25.96
C GLY B 1435 116.65 -0.35 -27.42
N GLN B 1436 116.00 0.51 -28.20
CA GLN B 1436 116.32 0.60 -29.62
C GLN B 1436 117.59 1.40 -29.89
N GLU B 1437 118.10 2.11 -28.88
CA GLU B 1437 119.33 2.91 -28.95
C GLU B 1437 119.31 3.87 -30.13
N PRO B 1438 118.42 4.87 -30.14
CA PRO B 1438 118.46 5.85 -31.24
C PRO B 1438 119.74 6.66 -31.26
N ALA B 1439 120.30 6.97 -30.09
CA ALA B 1439 121.56 7.70 -30.02
C ALA B 1439 122.46 7.18 -28.89
N ASN B 1440 122.23 5.95 -28.44
CA ASN B 1440 122.91 5.38 -27.27
C ASN B 1440 122.75 6.31 -26.05
N VAL B 1441 121.50 6.47 -25.63
CA VAL B 1441 121.18 7.43 -24.59
C VAL B 1441 121.72 6.95 -23.24
N TRP B 1442 121.83 7.89 -22.31
CA TRP B 1442 122.52 7.68 -21.04
C TRP B 1442 121.50 7.53 -19.92
N VAL B 1443 121.70 6.54 -19.06
CA VAL B 1443 120.76 6.20 -18.00
C VAL B 1443 121.50 6.22 -16.66
N GLY B 1444 120.94 6.91 -15.68
CA GLY B 1444 121.54 6.96 -14.37
C GLY B 1444 120.61 7.62 -13.37
N TRP B 1445 121.04 7.62 -12.11
CA TRP B 1445 120.26 8.19 -11.02
C TRP B 1445 120.55 9.68 -10.89
N ILE B 1446 119.49 10.49 -10.87
CA ILE B 1446 119.61 11.94 -10.84
C ILE B 1446 119.38 12.43 -9.42
N THR B 1447 120.10 13.48 -9.04
CA THR B 1447 120.01 14.07 -7.72
C THR B 1447 119.07 15.27 -7.72
N SER B 1448 118.69 15.70 -6.51
CA SER B 1448 117.84 16.88 -6.37
C SER B 1448 118.59 18.17 -6.65
N ASP B 1449 119.91 18.12 -6.71
CA ASP B 1449 120.73 19.29 -6.98
C ASP B 1449 120.79 19.65 -8.45
N PHE B 1450 120.13 18.87 -9.31
CA PHE B 1450 120.22 19.06 -10.76
C PHE B 1450 119.40 20.28 -11.18
N HIS B 1451 120.08 21.29 -11.73
CA HIS B 1451 119.39 22.43 -12.35
C HIS B 1451 120.27 22.94 -13.48
N GLN B 1452 120.08 22.37 -14.67
CA GLN B 1452 120.76 22.80 -15.89
C GLN B 1452 120.12 22.11 -17.09
N TYR B 1453 119.72 22.86 -18.10
CA TYR B 1453 119.02 22.29 -19.24
C TYR B 1453 119.53 22.88 -20.54
N ASP B 1454 119.80 22.01 -21.52
CA ASP B 1454 120.21 22.41 -22.85
C ASP B 1454 119.98 21.24 -23.78
N THR B 1455 120.12 21.49 -25.09
CA THR B 1455 119.94 20.42 -26.07
C THR B 1455 121.02 19.35 -25.92
N GLY B 1456 122.27 19.77 -25.75
CA GLY B 1456 123.34 18.82 -25.57
C GLY B 1456 123.35 18.20 -24.19
N PHE B 1457 124.00 17.04 -24.09
CA PHE B 1457 124.09 16.30 -22.84
C PHE B 1457 125.37 15.47 -22.85
N ASP B 1458 125.59 14.76 -21.74
CA ASP B 1458 126.76 13.90 -21.54
C ASP B 1458 128.07 14.69 -21.64
N LEU B 1459 128.01 15.98 -21.35
CA LEU B 1459 129.18 16.84 -21.31
C LEU B 1459 129.81 16.74 -19.92
N ASP B 1460 130.68 17.70 -19.58
CA ASP B 1460 131.22 17.77 -18.22
C ASP B 1460 130.11 17.81 -17.18
N ARG B 1461 129.04 18.57 -17.47
CA ARG B 1461 127.80 18.56 -16.70
C ARG B 1461 128.04 18.92 -15.23
N VAL B 1462 128.45 20.17 -15.04
CA VAL B 1462 128.69 20.79 -13.73
C VAL B 1462 129.85 20.09 -13.03
N ARG B 1463 130.32 20.65 -11.92
CA ARG B 1463 131.49 20.13 -11.22
C ARG B 1463 131.22 18.72 -10.69
N THR B 1464 132.26 17.89 -10.74
CA THR B 1464 132.16 16.49 -10.32
C THR B 1464 132.28 16.30 -8.82
N VAL B 1465 132.77 17.31 -8.09
CA VAL B 1465 132.94 17.28 -6.64
C VAL B 1465 133.87 16.14 -6.22
N THR B 1466 135.16 16.45 -6.12
CA THR B 1466 136.16 15.48 -5.67
C THR B 1466 136.87 16.08 -4.46
N VAL B 1467 136.53 15.61 -3.27
CA VAL B 1467 137.05 16.16 -2.02
C VAL B 1467 137.99 15.14 -1.39
N THR B 1468 139.16 15.61 -0.95
CA THR B 1468 140.15 14.77 -0.29
C THR B 1468 140.50 15.36 1.07
N LEU B 1469 139.48 15.66 1.88
CA LEU B 1469 139.68 16.32 3.16
C LEU B 1469 140.60 15.51 4.06
N GLY B 1470 141.55 16.21 4.70
CA GLY B 1470 142.60 15.58 5.48
C GLY B 1470 143.64 16.59 5.89
N ASP B 1471 144.91 16.30 5.62
CA ASP B 1471 145.97 17.27 5.82
C ASP B 1471 146.44 17.94 4.53
N GLU B 1472 146.01 17.43 3.37
CA GLU B 1472 146.31 18.01 2.06
C GLU B 1472 147.81 18.12 1.81
N LYS B 1473 148.38 19.29 2.10
CA LYS B 1473 149.81 19.51 1.88
C LYS B 1473 150.65 18.58 2.74
N GLY B 1474 150.22 18.33 3.97
CA GLY B 1474 150.91 17.38 4.83
C GLY B 1474 150.77 15.96 4.34
N LYS B 1475 149.54 15.44 4.37
CA LYS B 1475 149.27 14.08 3.90
C LYS B 1475 147.79 13.98 3.59
N VAL B 1476 147.46 13.65 2.34
CA VAL B 1476 146.05 13.53 1.95
C VAL B 1476 145.42 12.33 2.65
N HIS B 1477 144.10 12.33 2.68
CA HIS B 1477 143.32 11.31 3.36
C HIS B 1477 142.32 10.69 2.38
N GLU B 1478 141.38 9.92 2.92
CA GLU B 1478 140.38 9.24 2.09
C GLU B 1478 139.56 10.25 1.30
N SER B 1479 139.40 9.99 0.01
CA SER B 1479 138.72 10.91 -0.87
C SER B 1479 137.20 10.80 -0.72
N ILE B 1480 136.51 11.87 -1.09
CA ILE B 1480 135.05 11.94 -1.06
C ILE B 1480 134.62 12.50 -2.41
N LYS B 1481 134.26 11.62 -3.34
CA LYS B 1481 133.83 12.02 -4.68
C LYS B 1481 132.31 11.95 -4.73
N ARG B 1482 131.66 13.09 -4.53
CA ARG B 1482 130.21 13.16 -4.56
C ARG B 1482 129.70 13.07 -6.00
N SER B 1483 128.39 12.87 -6.13
CA SER B 1483 127.78 12.71 -7.44
C SER B 1483 127.60 14.07 -8.12
N ASN B 1484 127.37 14.02 -9.42
CA ASN B 1484 127.12 15.21 -10.22
C ASN B 1484 125.62 15.54 -10.20
N CYS B 1485 125.30 16.74 -10.70
CA CYS B 1485 123.90 17.05 -10.98
C CYS B 1485 123.35 16.13 -12.05
N TYR B 1486 124.11 15.93 -13.12
CA TYR B 1486 123.81 14.89 -14.12
C TYR B 1486 124.68 13.66 -13.88
N MET B 1487 124.49 13.04 -12.72
CA MET B 1487 125.26 11.84 -12.34
C MET B 1487 124.61 10.61 -13.00
N VAL B 1488 124.73 10.57 -14.32
CA VAL B 1488 124.04 9.59 -15.14
C VAL B 1488 125.07 8.81 -15.95
N CYS B 1489 125.03 7.48 -15.85
CA CYS B 1489 125.96 6.65 -16.59
C CYS B 1489 125.66 6.67 -18.08
N ALA B 1490 126.71 6.63 -18.89
CA ALA B 1490 126.55 6.66 -20.33
C ALA B 1490 126.02 5.32 -20.84
N GLY B 1491 125.31 5.38 -21.97
CA GLY B 1491 124.79 4.17 -22.57
C GLY B 1491 125.89 3.27 -23.13
N GLU B 1492 126.91 3.87 -23.74
CA GLU B 1492 128.06 3.16 -24.30
C GLU B 1492 127.65 2.14 -25.36
N SER B 1493 128.54 1.21 -25.66
CA SER B 1493 128.28 0.17 -26.67
C SER B 1493 127.71 -1.07 -25.99
N MET B 1494 126.48 -0.91 -25.50
CA MET B 1494 125.79 -2.02 -24.84
C MET B 1494 125.41 -3.09 -25.86
N SER B 1495 125.53 -4.36 -25.44
CA SER B 1495 125.23 -5.54 -26.24
C SER B 1495 126.04 -5.55 -27.53
N PRO B 1496 127.35 -5.80 -27.47
CA PRO B 1496 128.15 -5.81 -28.70
C PRO B 1496 127.78 -6.93 -29.66
N GLY B 1497 127.06 -7.97 -29.21
CA GLY B 1497 126.67 -9.07 -30.06
C GLY B 1497 125.44 -8.85 -30.90
N GLN B 1498 124.83 -7.67 -30.83
CA GLN B 1498 123.63 -7.32 -31.59
C GLN B 1498 122.49 -8.29 -31.29
N GLY B 1499 122.05 -8.27 -30.04
CA GLY B 1499 121.01 -9.18 -29.57
C GLY B 1499 119.61 -8.74 -29.96
N ARG B 1500 118.66 -8.90 -29.03
CA ARG B 1500 117.28 -8.56 -29.30
C ARG B 1500 117.11 -7.05 -29.42
N ASN B 1501 115.97 -6.66 -30.01
CA ASN B 1501 115.71 -5.24 -30.23
C ASN B 1501 115.37 -4.52 -28.93
N ASN B 1502 114.29 -4.93 -28.28
CA ASN B 1502 113.82 -4.24 -27.07
C ASN B 1502 114.37 -4.88 -25.80
N SER B 1503 115.67 -5.13 -25.78
CA SER B 1503 116.36 -5.54 -24.54
C SER B 1503 117.84 -5.19 -24.71
N ASN B 1504 118.23 -4.01 -24.24
CA ASN B 1504 119.64 -3.61 -24.23
C ASN B 1504 119.93 -2.86 -22.93
N GLY B 1505 120.24 -3.63 -21.87
CA GLY B 1505 120.71 -3.10 -20.60
C GLY B 1505 120.02 -1.85 -20.06
N LEU B 1506 118.75 -1.96 -19.70
CA LEU B 1506 117.99 -0.79 -19.27
C LEU B 1506 117.09 -1.15 -18.09
N GLU B 1507 116.55 -0.09 -17.47
CA GLU B 1507 115.55 -0.14 -16.39
C GLU B 1507 115.83 -1.23 -15.36
N ILE B 1508 117.00 -1.11 -14.71
CA ILE B 1508 117.32 -2.04 -13.63
C ILE B 1508 116.42 -1.80 -12.43
N GLY B 1509 116.30 -0.54 -11.98
CA GLY B 1509 115.35 -0.16 -10.96
C GLY B 1509 115.45 -0.88 -9.63
N CYS B 1510 116.67 -1.01 -9.09
CA CYS B 1510 116.85 -1.75 -7.84
C CYS B 1510 117.79 -0.98 -6.93
N VAL B 1511 117.67 -1.28 -5.64
CA VAL B 1511 118.48 -0.64 -4.60
C VAL B 1511 118.97 -1.72 -3.63
N VAL B 1512 120.21 -1.57 -3.18
CA VAL B 1512 120.81 -2.54 -2.27
C VAL B 1512 120.19 -2.42 -0.87
N ASP B 1513 120.47 -3.39 -0.01
CA ASP B 1513 119.83 -3.45 1.30
C ASP B 1513 120.21 -2.27 2.18
N ALA B 1514 121.50 -1.90 2.18
CA ALA B 1514 121.99 -0.83 3.04
C ALA B 1514 122.70 0.22 2.20
N ALA B 1515 122.65 1.47 2.68
CA ALA B 1515 123.26 2.57 1.96
C ALA B 1515 124.78 2.52 2.08
N SER B 1516 125.42 1.79 1.17
CA SER B 1516 126.86 1.62 1.18
C SER B 1516 127.56 2.53 0.17
N GLY B 1517 127.03 3.73 -0.04
CA GLY B 1517 127.60 4.67 -1.00
C GLY B 1517 127.12 4.48 -2.42
N LEU B 1518 127.20 3.25 -2.93
CA LEU B 1518 126.74 2.90 -4.26
C LEU B 1518 125.48 2.07 -4.17
N LEU B 1519 124.61 2.23 -5.16
CA LEU B 1519 123.33 1.54 -5.23
C LEU B 1519 123.35 0.59 -6.43
N THR B 1520 122.22 -0.09 -6.65
CA THR B 1520 122.14 -0.99 -7.80
C THR B 1520 121.72 -0.18 -9.04
N PHE B 1521 122.65 0.67 -9.46
CA PHE B 1521 122.62 1.32 -10.76
C PHE B 1521 123.93 1.14 -11.51
N ILE B 1522 124.98 0.68 -10.84
CA ILE B 1522 126.23 0.31 -11.53
C ILE B 1522 126.06 -1.16 -11.90
N ALA B 1523 125.35 -1.39 -13.00
CA ALA B 1523 125.03 -2.72 -13.50
C ALA B 1523 124.39 -2.59 -14.88
N ASN B 1524 123.07 -2.74 -14.93
CA ASN B 1524 122.29 -2.59 -16.16
C ASN B 1524 122.78 -3.56 -17.24
N GLY B 1525 122.93 -4.82 -16.86
CA GLY B 1525 123.29 -5.87 -17.81
C GLY B 1525 124.68 -6.43 -17.64
N LYS B 1526 125.65 -5.56 -17.39
CA LYS B 1526 127.05 -5.98 -17.30
C LYS B 1526 127.80 -4.94 -16.47
N GLU B 1527 129.14 -4.98 -16.54
CA GLU B 1527 129.94 -4.02 -15.82
C GLU B 1527 130.23 -2.80 -16.68
N LEU B 1528 130.06 -1.61 -16.11
CA LEU B 1528 130.33 -0.36 -16.80
C LEU B 1528 131.50 0.40 -16.18
N SER B 1529 132.07 -0.10 -15.08
CA SER B 1529 133.26 0.47 -14.44
C SER B 1529 133.00 1.89 -13.91
N THR B 1530 132.09 1.98 -12.96
CA THR B 1530 131.88 3.19 -12.18
C THR B 1530 131.81 2.81 -10.70
N TYR B 1531 132.11 3.77 -9.84
CA TYR B 1531 132.20 3.52 -8.40
C TYR B 1531 131.06 4.17 -7.64
N TYR B 1532 130.87 5.49 -7.78
CA TYR B 1532 129.79 6.24 -7.14
C TYR B 1532 129.77 6.03 -5.62
N GLN B 1533 130.89 6.39 -4.99
CA GLN B 1533 131.02 6.35 -3.53
C GLN B 1533 130.69 7.75 -3.02
N VAL B 1534 129.42 7.95 -2.61
CA VAL B 1534 128.90 9.27 -2.29
C VAL B 1534 128.28 9.24 -0.90
N GLU B 1535 127.82 10.40 -0.47
CA GLU B 1535 127.10 10.58 0.78
C GLU B 1535 125.67 10.04 0.65
N PRO B 1536 124.90 9.98 1.74
CA PRO B 1536 123.49 9.57 1.62
C PRO B 1536 122.70 10.35 0.58
N SER B 1537 122.93 11.66 0.47
CA SER B 1537 122.34 12.52 -0.57
C SER B 1537 120.82 12.48 -0.43
N THR B 1538 120.07 12.19 -1.48
CA THR B 1538 118.61 12.27 -1.44
C THR B 1538 118.01 11.12 -2.24
N LYS B 1539 116.71 10.93 -2.05
CA LYS B 1539 115.93 9.95 -2.80
C LYS B 1539 114.51 10.48 -2.96
N LEU B 1540 114.00 10.45 -4.18
CA LEU B 1540 112.74 11.11 -4.50
C LEU B 1540 112.14 10.46 -5.75
N PHE B 1541 111.20 11.16 -6.39
CA PHE B 1541 110.52 10.64 -7.57
C PHE B 1541 111.52 10.28 -8.66
N PRO B 1542 111.31 9.18 -9.38
CA PRO B 1542 112.32 8.74 -10.35
C PRO B 1542 112.38 9.65 -11.57
N ALA B 1543 113.58 9.70 -12.16
CA ALA B 1543 113.83 10.49 -13.36
C ALA B 1543 115.12 10.00 -13.99
N VAL B 1544 115.08 9.66 -15.27
CA VAL B 1544 116.23 9.12 -15.99
C VAL B 1544 116.32 9.79 -17.35
N PHE B 1545 117.51 10.28 -17.70
CA PHE B 1545 117.70 10.95 -18.98
C PHE B 1545 117.38 10.01 -20.13
N ALA B 1546 116.67 10.54 -21.13
CA ALA B 1546 116.30 9.75 -22.29
C ALA B 1546 116.05 10.68 -23.47
N GLN B 1547 116.23 10.13 -24.67
CA GLN B 1547 115.96 10.87 -25.90
C GLN B 1547 115.77 9.86 -27.02
N ALA B 1548 114.56 9.78 -27.56
CA ALA B 1548 114.25 8.77 -28.57
C ALA B 1548 113.19 9.30 -29.52
N THR B 1549 113.22 8.76 -30.74
CA THR B 1549 112.20 9.04 -31.75
C THR B 1549 111.08 8.02 -31.59
N SER B 1550 110.20 7.92 -32.59
CA SER B 1550 109.13 6.93 -32.61
C SER B 1550 109.41 5.91 -33.70
N PRO B 1551 110.18 4.86 -33.43
CA PRO B 1551 110.51 3.85 -34.44
C PRO B 1551 109.40 2.82 -34.63
N VAL B 1595 108.34 15.66 -17.20
CA VAL B 1595 109.02 16.46 -18.20
C VAL B 1595 109.72 17.65 -17.53
N LEU B 1596 111.01 17.81 -17.83
CA LEU B 1596 111.79 18.95 -17.35
C LEU B 1596 111.44 20.15 -18.22
N TRP B 1597 110.40 20.87 -17.85
CA TRP B 1597 109.89 21.99 -18.64
C TRP B 1597 109.93 23.27 -17.81
N SER B 1598 110.34 24.36 -18.46
CA SER B 1598 110.38 25.68 -17.82
C SER B 1598 109.16 26.47 -18.30
N ARG B 1599 108.02 26.19 -17.67
CA ARG B 1599 106.76 26.85 -18.01
C ARG B 1599 106.00 27.21 -16.75
N MET B 1600 106.72 27.55 -15.69
CA MET B 1600 106.11 27.93 -14.41
C MET B 1600 106.38 29.40 -14.13
N PRO B 1601 105.35 30.25 -14.03
CA PRO B 1601 105.58 31.64 -13.66
C PRO B 1601 106.04 31.78 -12.21
N ASN B 1602 106.75 32.87 -11.94
CA ASN B 1602 107.32 33.12 -10.63
C ASN B 1602 107.19 34.60 -10.29
N GLN B 1603 106.95 34.86 -9.01
CA GLN B 1603 106.85 36.23 -8.50
C GLN B 1603 107.87 36.44 -7.39
N PHE B 1604 108.51 37.60 -7.39
CA PHE B 1604 109.51 37.95 -6.40
C PHE B 1604 108.89 38.78 -5.28
N LEU B 1605 109.69 39.06 -4.26
CA LEU B 1605 109.20 39.75 -3.07
C LEU B 1605 108.83 41.20 -3.38
N LYS B 1606 107.80 41.68 -2.68
CA LYS B 1606 107.40 43.08 -2.84
C LYS B 1606 108.47 44.03 -2.32
N VAL B 1607 109.09 43.70 -1.19
CA VAL B 1607 110.12 44.52 -0.58
C VAL B 1607 111.42 43.71 -0.55
N ASP B 1608 112.47 44.28 -1.12
CA ASP B 1608 113.78 43.64 -1.16
C ASP B 1608 114.70 44.25 -0.11
N VAL B 1609 115.80 43.57 0.15
CA VAL B 1609 116.79 44.07 1.10
C VAL B 1609 117.49 45.29 0.51
N SER B 1610 117.87 46.22 1.37
CA SER B 1610 118.48 47.47 0.94
C SER B 1610 119.97 47.28 0.75
N ARG B 1611 120.47 47.63 -0.44
CA ARG B 1611 121.89 47.56 -0.75
C ARG B 1611 122.47 48.96 -0.76
N ILE B 1612 123.59 49.15 -0.07
CA ILE B 1612 124.22 50.46 0.09
C ILE B 1612 125.63 50.38 -0.48
N SER B 1613 125.95 51.31 -1.39
CA SER B 1613 127.27 51.42 -1.98
C SER B 1613 127.90 52.75 -1.60
N GLU B 1614 129.22 52.76 -1.52
CA GLU B 1614 129.96 53.96 -1.13
C GLU B 1614 131.20 54.07 -2.02
N ARG B 1615 132.12 54.95 -1.63
CA ARG B 1615 133.35 55.19 -2.36
C ARG B 1615 134.54 54.92 -1.45
N GLN B 1616 135.74 55.05 -2.03
CA GLN B 1616 137.01 54.81 -1.32
C GLN B 1616 137.06 53.41 -0.73
N GLY B 1617 136.61 52.43 -1.50
CA GLY B 1617 136.61 51.05 -1.05
C GLY B 1617 135.30 50.34 -1.35
N TRP B 1618 134.26 51.11 -1.67
CA TRP B 1618 132.92 50.59 -1.95
C TRP B 1618 132.39 49.73 -0.79
N LEU B 1619 132.51 50.26 0.42
CA LEU B 1619 132.03 49.56 1.60
C LEU B 1619 130.51 49.46 1.57
N VAL B 1620 130.00 48.29 1.94
CA VAL B 1620 128.56 48.04 1.98
C VAL B 1620 128.12 48.08 3.44
N GLN B 1621 127.12 48.92 3.72
CA GLN B 1621 126.57 49.07 5.06
C GLN B 1621 125.10 48.69 5.01
N CYS B 1622 124.78 47.51 5.54
CA CYS B 1622 123.42 46.99 5.53
C CYS B 1622 122.98 46.74 6.97
N LEU B 1623 121.88 47.37 7.37
CA LEU B 1623 121.31 47.15 8.70
C LEU B 1623 119.79 47.29 8.57
N ASP B 1624 119.13 46.17 8.30
CA ASP B 1624 117.69 46.10 8.16
C ASP B 1624 117.23 44.64 8.14
N PRO B 1625 116.18 44.29 8.89
CA PRO B 1625 115.70 42.91 8.88
C PRO B 1625 114.63 42.68 7.82
N LEU B 1626 114.70 41.53 7.18
CA LEU B 1626 113.72 41.13 6.17
C LEU B 1626 113.72 39.62 6.05
N GLN B 1627 112.63 38.97 6.45
CA GLN B 1627 112.51 37.53 6.40
C GLN B 1627 111.20 37.13 5.74
N PHE B 1628 111.21 35.99 5.07
CA PHE B 1628 110.01 35.42 4.48
C PHE B 1628 110.03 33.91 4.68
N MET B 1629 108.93 33.37 5.20
CA MET B 1629 108.85 31.94 5.48
C MET B 1629 108.47 31.18 4.22
N SER B 1630 109.09 30.01 4.05
CA SER B 1630 108.93 29.22 2.83
C SER B 1630 108.67 27.78 3.19
N LEU B 1631 107.60 27.20 2.62
CA LEU B 1631 107.37 25.77 2.74
C LEU B 1631 108.41 25.02 1.92
N HIS B 1632 109.05 24.04 2.54
CA HIS B 1632 110.18 23.37 1.90
C HIS B 1632 110.14 21.87 2.11
N ILE B 1633 110.55 21.14 1.08
CA ILE B 1633 110.79 19.70 1.12
C ILE B 1633 109.60 18.90 1.62
N PRO B 1634 108.47 18.84 0.89
CA PRO B 1634 107.44 17.86 1.24
C PRO B 1634 107.94 16.43 1.06
N GLU B 1635 108.33 16.09 -0.16
CA GLU B 1635 109.07 14.88 -0.47
C GLU B 1635 110.37 15.17 -1.20
N GLU B 1636 110.31 15.99 -2.24
CA GLU B 1636 111.51 16.42 -2.96
C GLU B 1636 111.96 17.77 -2.41
N ASN B 1637 113.27 17.93 -2.24
CA ASN B 1637 113.83 19.15 -1.68
C ASN B 1637 113.55 20.33 -2.62
N ARG B 1638 112.87 21.34 -2.10
CA ARG B 1638 112.52 22.53 -2.87
C ARG B 1638 112.23 23.67 -1.90
N SER B 1639 111.87 24.82 -2.46
CA SER B 1639 111.47 25.98 -1.66
C SER B 1639 110.48 26.78 -2.50
N VAL B 1640 109.19 26.57 -2.24
CA VAL B 1640 108.12 27.12 -3.05
C VAL B 1640 107.55 28.40 -2.43
N ASP B 1641 108.20 28.94 -1.41
CA ASP B 1641 107.76 30.14 -0.69
C ASP B 1641 106.38 29.92 -0.07
N ILE B 1642 105.75 31.00 0.40
CA ILE B 1642 104.41 30.94 0.95
C ILE B 1642 103.42 31.77 0.14
N LEU B 1643 103.85 32.92 -0.37
CA LEU B 1643 102.97 33.78 -1.15
C LEU B 1643 102.76 33.25 -2.57
N GLU B 1644 103.63 32.34 -3.03
CA GLU B 1644 103.42 31.71 -4.33
C GLU B 1644 102.20 30.81 -4.35
N LEU B 1645 101.75 30.34 -3.18
CA LEU B 1645 100.58 29.47 -3.10
C LEU B 1645 99.27 30.20 -3.39
N THR B 1646 99.29 31.53 -3.47
CA THR B 1646 98.06 32.28 -3.75
C THR B 1646 97.55 32.06 -5.17
N GLU B 1647 98.38 31.51 -6.05
CA GLU B 1647 97.98 31.19 -7.41
C GLU B 1647 98.03 29.70 -7.73
N GLN B 1648 98.60 28.89 -6.84
CA GLN B 1648 98.74 27.46 -7.05
C GLN B 1648 97.77 26.71 -6.15
N GLU B 1649 96.97 25.83 -6.75
CA GLU B 1649 96.03 25.02 -6.00
C GLU B 1649 96.67 23.68 -5.63
N GLU B 1650 95.90 22.84 -4.93
CA GLU B 1650 96.28 21.50 -4.47
C GLU B 1650 97.35 21.57 -3.37
N LEU B 1651 97.85 22.77 -3.11
CA LEU B 1651 98.76 23.02 -2.00
C LEU B 1651 98.18 23.96 -0.96
N LEU B 1652 97.42 24.98 -1.39
CA LEU B 1652 96.73 25.84 -0.43
C LEU B 1652 95.67 25.06 0.34
N GLN B 1653 94.90 24.21 -0.36
CA GLN B 1653 93.90 23.39 0.30
C GLN B 1653 94.53 22.41 1.27
N PHE B 1654 95.63 21.76 0.85
CA PHE B 1654 96.27 20.77 1.72
C PHE B 1654 96.89 21.44 2.94
N HIS B 1655 97.53 22.59 2.78
CA HIS B 1655 98.10 23.27 3.93
C HIS B 1655 97.02 23.83 4.84
N TYR B 1656 95.90 24.30 4.28
CA TYR B 1656 94.79 24.75 5.10
C TYR B 1656 94.23 23.60 5.93
N HIS B 1657 94.07 22.42 5.31
CA HIS B 1657 93.60 21.26 6.05
C HIS B 1657 94.63 20.78 7.07
N THR B 1658 95.92 20.98 6.79
CA THR B 1658 96.95 20.65 7.77
C THR B 1658 96.85 21.57 8.99
N LEU B 1659 96.60 22.85 8.76
CA LEU B 1659 96.38 23.77 9.87
C LEU B 1659 95.12 23.39 10.65
N ARG B 1660 94.08 22.97 9.93
CA ARG B 1660 92.86 22.52 10.60
C ARG B 1660 93.13 21.29 11.46
N LEU B 1661 93.95 20.36 10.96
CA LEU B 1661 94.30 19.19 11.76
C LEU B 1661 95.14 19.57 12.97
N TYR B 1662 96.06 20.52 12.80
CA TYR B 1662 96.87 20.98 13.93
C TYR B 1662 95.99 21.61 15.00
N SER B 1663 94.99 22.39 14.60
CA SER B 1663 94.11 23.02 15.57
C SER B 1663 93.18 21.99 16.22
N ALA B 1664 92.66 21.05 15.44
CA ALA B 1664 91.66 20.12 15.95
C ALA B 1664 92.29 19.05 16.85
N VAL B 1665 93.54 18.67 16.59
CA VAL B 1665 94.19 17.68 17.43
C VAL B 1665 94.53 18.24 18.81
N CYS B 1666 94.49 19.56 18.97
CA CYS B 1666 94.73 20.22 20.25
C CYS B 1666 93.49 20.98 20.70
N ALA B 1667 92.33 20.35 20.58
CA ALA B 1667 91.05 20.99 20.88
C ALA B 1667 90.54 20.56 22.25
N LEU B 1668 89.70 21.44 22.84
CA LEU B 1668 89.04 21.20 24.12
C LEU B 1668 90.05 20.96 25.25
N GLY B 1669 91.23 21.57 25.14
CA GLY B 1669 92.23 21.45 26.18
C GLY B 1669 93.09 20.23 26.00
N ASN B 1670 94.41 20.43 25.88
CA ASN B 1670 95.34 19.33 25.77
C ASN B 1670 96.69 19.78 26.30
N HIS B 1671 97.51 18.80 26.69
CA HIS B 1671 98.78 19.08 27.35
C HIS B 1671 99.98 18.67 26.51
N ARG B 1672 100.06 17.40 26.10
CA ARG B 1672 101.19 16.96 25.31
C ARG B 1672 101.11 17.52 23.89
N VAL B 1673 99.91 17.62 23.34
CA VAL B 1673 99.74 18.05 21.96
C VAL B 1673 100.14 19.51 21.80
N ALA B 1674 99.81 20.36 22.77
CA ALA B 1674 100.15 21.78 22.68
C ALA B 1674 101.66 21.98 22.71
N HIS B 1675 102.34 21.34 23.66
CA HIS B 1675 103.79 21.46 23.73
C HIS B 1675 104.47 20.85 22.51
N ALA B 1676 103.93 19.75 21.98
CA ALA B 1676 104.52 19.15 20.78
C ALA B 1676 104.36 20.05 19.57
N LEU B 1677 103.17 20.64 19.39
CA LEU B 1677 102.95 21.54 18.26
C LEU B 1677 103.63 22.89 18.44
N CYS B 1678 104.07 23.21 19.66
CA CYS B 1678 104.86 24.43 19.85
C CYS B 1678 106.23 24.35 19.16
N SER B 1679 106.64 23.17 18.71
CA SER B 1679 107.88 23.02 17.96
C SER B 1679 107.69 23.26 16.46
N HIS B 1680 106.61 22.72 15.89
CA HIS B 1680 106.38 22.86 14.45
C HIS B 1680 106.09 24.31 14.07
N VAL B 1681 105.31 25.01 14.89
CA VAL B 1681 105.04 26.43 14.69
C VAL B 1681 105.60 27.18 15.89
N ASP B 1682 106.24 28.33 15.62
CA ASP B 1682 106.96 29.07 16.63
C ASP B 1682 106.36 30.46 16.82
N GLU B 1683 106.81 31.12 17.90
CA GLU B 1683 106.32 32.47 18.19
C GLU B 1683 106.66 33.48 17.10
N PRO B 1684 107.91 33.60 16.63
CA PRO B 1684 108.17 34.55 15.53
C PRO B 1684 107.47 34.17 14.24
N GLN B 1685 107.31 32.86 13.99
CA GLN B 1685 106.56 32.42 12.81
C GLN B 1685 105.12 32.90 12.88
N LEU B 1686 104.47 32.76 14.05
CA LEU B 1686 103.10 33.21 14.20
C LEU B 1686 103.00 34.72 14.10
N LEU B 1687 103.96 35.44 14.67
CA LEU B 1687 103.95 36.91 14.58
C LEU B 1687 104.09 37.37 13.14
N TYR B 1688 105.00 36.76 12.39
CA TYR B 1688 105.15 37.11 10.98
C TYR B 1688 103.94 36.68 10.17
N ALA B 1689 103.30 35.57 10.53
CA ALA B 1689 102.13 35.10 9.81
C ALA B 1689 100.95 36.04 9.98
N ILE B 1690 100.70 36.47 11.22
CA ILE B 1690 99.63 37.44 11.45
C ILE B 1690 100.03 38.84 10.96
N GLU B 1691 101.32 39.07 10.76
CA GLU B 1691 101.77 40.39 10.31
C GLU B 1691 101.59 40.58 8.80
N ASN B 1692 101.72 39.52 8.01
CA ASN B 1692 101.72 39.66 6.56
C ASN B 1692 100.38 40.18 6.06
N LYS B 1693 100.45 41.12 5.12
CA LYS B 1693 99.26 41.70 4.50
C LYS B 1693 98.87 41.01 3.20
N TYR B 1694 99.80 40.33 2.55
CA TYR B 1694 99.54 39.67 1.27
C TYR B 1694 99.29 38.17 1.43
N MET B 1695 99.15 37.69 2.65
CA MET B 1695 98.87 36.27 2.86
C MET B 1695 97.47 35.92 2.36
N PRO B 1696 97.29 34.73 1.77
CA PRO B 1696 95.94 34.29 1.40
C PRO B 1696 95.03 34.20 2.61
N GLY B 1697 93.74 34.43 2.36
CA GLY B 1697 92.77 34.47 3.45
C GLY B 1697 92.64 33.15 4.18
N LEU B 1698 92.69 32.04 3.44
CA LEU B 1698 92.54 30.73 4.05
C LEU B 1698 93.68 30.44 5.02
N LEU B 1699 94.92 30.70 4.59
CA LEU B 1699 96.07 30.50 5.48
C LEU B 1699 96.04 31.46 6.65
N ARG B 1700 95.57 32.69 6.44
CA ARG B 1700 95.43 33.65 7.54
C ARG B 1700 94.47 33.15 8.59
N ALA B 1701 93.29 32.68 8.16
CA ALA B 1701 92.31 32.16 9.10
C ALA B 1701 92.84 30.91 9.81
N GLY B 1702 93.50 30.03 9.07
CA GLY B 1702 94.05 28.83 9.69
C GLY B 1702 95.11 29.14 10.73
N TYR B 1703 95.99 30.11 10.43
CA TYR B 1703 97.03 30.47 11.38
C TYR B 1703 96.46 31.16 12.61
N TYR B 1704 95.45 32.02 12.42
CA TYR B 1704 94.81 32.63 13.59
C TYR B 1704 94.12 31.59 14.46
N ASP B 1705 93.43 30.63 13.83
CA ASP B 1705 92.78 29.57 14.60
C ASP B 1705 93.82 28.72 15.34
N LEU B 1706 94.95 28.44 14.68
CA LEU B 1706 96.00 27.64 15.32
C LEU B 1706 96.60 28.38 16.51
N LEU B 1707 96.88 29.67 16.36
CA LEU B 1707 97.43 30.46 17.46
C LEU B 1707 96.46 30.49 18.64
N ILE B 1708 95.17 30.71 18.35
CA ILE B 1708 94.18 30.77 19.42
C ILE B 1708 94.06 29.41 20.12
N ASP B 1709 93.98 28.33 19.34
CA ASP B 1709 93.76 27.02 19.92
C ASP B 1709 94.98 26.45 20.62
N ILE B 1710 96.19 26.93 20.29
CA ILE B 1710 97.38 26.43 20.96
C ILE B 1710 97.70 27.28 22.18
N HIS B 1711 97.86 28.59 21.98
CA HIS B 1711 98.44 29.40 23.04
C HIS B 1711 97.39 29.90 24.03
N LEU B 1712 96.28 30.45 23.55
CA LEU B 1712 95.27 31.06 24.41
C LEU B 1712 93.92 30.41 24.13
N SER B 1713 93.70 29.24 24.73
CA SER B 1713 92.42 28.54 24.57
C SER B 1713 91.89 27.94 25.85
N SER B 1714 92.72 27.62 26.85
CA SER B 1714 92.24 26.98 28.06
C SER B 1714 91.75 28.00 29.08
N TYR B 1715 92.55 29.02 29.35
CA TYR B 1715 92.14 30.05 30.31
C TYR B 1715 90.93 30.83 29.80
N ALA B 1716 90.85 31.06 28.49
CA ALA B 1716 89.69 31.73 27.92
C ALA B 1716 88.42 30.92 28.15
N THR B 1717 88.50 29.60 27.92
CA THR B 1717 87.34 28.75 28.16
C THR B 1717 86.97 28.70 29.64
N ALA B 1718 87.98 28.66 30.52
CA ALA B 1718 87.70 28.66 31.95
C ALA B 1718 87.02 29.95 32.39
N ARG B 1719 87.50 31.09 31.89
CA ARG B 1719 86.88 32.36 32.23
C ARG B 1719 85.48 32.46 31.66
N LEU B 1720 85.26 31.97 30.44
CA LEU B 1720 83.92 31.98 29.88
C LEU B 1720 82.97 31.07 30.65
N MET B 1721 83.49 29.97 31.20
CA MET B 1721 82.65 29.09 32.00
C MET B 1721 82.31 29.72 33.35
N MET B 1722 83.27 30.41 33.97
CA MET B 1722 83.09 30.96 35.30
C MET B 1722 82.62 32.41 35.30
N ASN B 1723 82.32 32.97 34.12
CA ASN B 1723 81.84 34.35 34.06
C ASN B 1723 80.52 34.53 34.79
N ASN B 1724 79.61 33.56 34.66
CA ASN B 1724 78.28 33.71 35.25
C ASN B 1724 78.31 33.72 36.78
N GLU B 1725 79.34 33.13 37.40
CA GLU B 1725 79.48 33.19 38.84
C GLU B 1725 79.95 34.56 39.28
N PHE B 1726 79.57 34.95 40.50
CA PHE B 1726 79.86 36.27 41.03
C PHE B 1726 80.37 36.17 42.46
N ILE B 1727 81.35 35.30 42.69
CA ILE B 1727 81.94 35.14 44.01
C ILE B 1727 82.76 36.39 44.34
N VAL B 1728 82.39 37.09 45.41
CA VAL B 1728 83.02 38.33 45.82
C VAL B 1728 83.52 38.15 47.25
N PRO B 1729 84.80 38.38 47.52
CA PRO B 1729 85.31 38.28 48.89
C PRO B 1729 85.02 39.57 49.66
N MET B 1730 85.46 39.59 50.91
CA MET B 1730 85.28 40.74 51.80
C MET B 1730 86.64 41.39 52.03
N THR B 1731 86.82 42.58 51.45
CA THR B 1731 88.06 43.34 51.60
C THR B 1731 87.68 44.82 51.62
N GLU B 1732 88.57 45.64 52.17
CA GLU B 1732 88.32 47.08 52.25
C GLU B 1732 88.19 47.70 50.86
N GLU B 1733 88.84 47.12 49.84
CA GLU B 1733 88.67 47.58 48.48
C GLU B 1733 87.34 47.16 47.87
N THR B 1734 86.76 46.05 48.35
CA THR B 1734 85.47 45.61 47.82
C THR B 1734 84.35 46.58 48.19
N LYS B 1735 84.33 47.06 49.43
CA LYS B 1735 83.33 48.00 49.87
C LYS B 1735 83.66 49.45 49.51
N SER B 1736 84.84 49.69 48.94
CA SER B 1736 85.21 51.03 48.50
C SER B 1736 84.70 51.37 47.12
N ILE B 1737 84.08 50.43 46.41
CA ILE B 1737 83.58 50.68 45.07
C ILE B 1737 82.25 51.44 45.15
N THR B 1738 81.99 52.24 44.12
CA THR B 1738 80.75 52.99 44.00
C THR B 1738 80.04 52.56 42.73
N LEU B 1739 78.70 52.64 42.75
CA LEU B 1739 77.92 52.29 41.58
C LEU B 1739 78.19 53.24 40.41
N PHE B 1740 78.21 54.53 40.69
CA PHE B 1740 78.56 55.56 39.72
C PHE B 1740 79.95 56.11 40.04
N PRO B 1741 80.71 56.54 39.02
CA PRO B 1741 82.08 57.04 39.28
C PRO B 1741 82.12 58.27 40.17
N ASP B 1742 81.38 59.31 39.80
CA ASP B 1742 81.38 60.56 40.57
C ASP B 1742 79.97 61.13 40.55
N GLU B 1743 79.84 62.39 40.99
CA GLU B 1743 78.54 63.04 41.00
C GLU B 1743 78.05 63.40 39.61
N ASN B 1744 78.93 63.40 38.61
CA ASN B 1744 78.49 63.60 37.24
C ASN B 1744 77.56 62.48 36.80
N LYS B 1745 78.02 61.23 36.96
CA LYS B 1745 77.17 60.04 36.87
C LYS B 1745 76.42 59.95 35.54
N LYS B 1746 77.15 60.13 34.44
CA LYS B 1746 76.50 60.12 33.13
C LYS B 1746 76.25 58.69 32.64
N HIS B 1747 77.32 57.97 32.31
CA HIS B 1747 77.17 56.56 31.95
C HIS B 1747 78.20 55.69 32.65
N GLY B 1748 79.43 56.19 32.76
CA GLY B 1748 80.53 55.39 33.26
C GLY B 1748 81.07 54.43 32.21
N LEU B 1749 82.39 54.31 32.12
CA LEU B 1749 82.97 53.37 31.18
C LEU B 1749 82.76 51.94 31.67
N PRO B 1750 82.31 51.03 30.81
CA PRO B 1750 81.97 49.67 31.27
C PRO B 1750 83.17 48.88 31.75
N GLY B 1751 84.21 48.77 30.92
CA GLY B 1751 85.39 48.01 31.30
C GLY B 1751 86.33 48.72 32.25
N ILE B 1752 86.30 50.04 32.27
CA ILE B 1752 87.19 50.82 33.13
C ILE B 1752 86.59 50.89 34.53
N GLY B 1753 87.42 50.62 35.53
CA GLY B 1753 86.98 50.65 36.91
C GLY B 1753 87.80 49.74 37.80
N LEU B 1754 87.19 49.26 38.88
CA LEU B 1754 87.84 48.35 39.80
C LEU B 1754 87.00 47.08 39.92
N SER B 1755 87.66 45.93 39.78
CA SER B 1755 87.00 44.64 39.90
C SER B 1755 87.68 43.82 40.98
N THR B 1756 86.89 43.03 41.70
CA THR B 1756 87.42 42.24 42.81
C THR B 1756 86.86 40.81 42.84
N SER B 1757 86.17 40.37 41.80
CA SER B 1757 85.62 39.02 41.79
C SER B 1757 86.74 37.98 41.72
N LEU B 1758 86.48 36.82 42.32
CA LEU B 1758 87.46 35.74 42.34
C LEU B 1758 87.57 35.09 40.98
N ARG B 1759 88.52 35.54 40.16
CA ARG B 1759 88.76 35.00 38.84
C ARG B 1759 89.71 33.81 38.90
N PRO B 1760 89.65 32.92 37.92
CA PRO B 1760 90.60 31.80 37.88
C PRO B 1760 92.03 32.29 37.68
N ARG B 1761 92.97 31.43 38.07
CA ARG B 1761 94.37 31.82 38.13
C ARG B 1761 95.03 31.78 36.75
N MET B 1762 95.67 32.89 36.38
CA MET B 1762 96.51 32.93 35.18
C MET B 1762 97.88 32.34 35.49
N ARG B 1763 98.28 31.31 34.74
CA ARG B 1763 99.60 30.73 34.91
C ARG B 1763 99.95 29.98 33.63
N PHE B 1764 100.93 30.51 32.90
CA PHE B 1764 101.47 29.84 31.72
C PHE B 1764 102.75 29.09 32.10
N SER B 1765 103.49 28.63 31.11
CA SER B 1765 104.69 27.85 31.36
C SER B 1765 105.70 28.15 30.26
N SER B 1766 106.71 27.29 30.12
CA SER B 1766 107.75 27.41 29.12
C SER B 1766 107.91 26.08 28.40
N PRO B 1767 108.29 26.09 27.11
CA PRO B 1767 108.37 24.83 26.37
C PRO B 1767 109.62 24.02 26.69
N SER B 1768 110.75 24.71 26.85
CA SER B 1768 112.02 24.12 27.29
C SER B 1768 112.51 23.04 26.33
N PHE B 1769 111.77 21.93 26.26
CA PHE B 1769 112.00 20.78 25.39
C PHE B 1769 113.20 19.94 25.83
N VAL B 1770 113.99 20.44 26.78
CA VAL B 1770 114.96 19.61 27.49
C VAL B 1770 114.79 19.83 28.98
N SER B 1771 113.89 19.09 29.59
CA SER B 1771 113.53 19.23 31.01
C SER B 1771 112.66 18.03 31.39
N ILE B 1772 112.06 18.12 32.58
CA ILE B 1772 111.11 17.12 33.07
C ILE B 1772 109.83 17.85 33.46
N SER B 1773 108.70 17.15 33.31
CA SER B 1773 107.37 17.65 33.66
C SER B 1773 106.97 18.84 32.79
N ASN B 1774 106.31 19.83 33.41
CA ASN B 1774 105.76 21.03 32.78
C ASN B 1774 104.64 20.71 31.80
N ASP B 1775 104.15 19.47 31.77
CA ASP B 1775 103.09 19.08 30.84
C ASP B 1775 101.73 18.92 31.52
N CYS B 1776 101.72 18.43 32.76
CA CYS B 1776 100.47 18.05 33.41
C CYS B 1776 99.51 19.23 33.52
N TYR B 1777 100.02 20.41 33.82
CA TYR B 1777 99.23 21.63 33.85
C TYR B 1777 100.01 22.73 33.17
N GLN B 1778 99.50 23.96 33.20
CA GLN B 1778 100.17 25.12 32.65
C GLN B 1778 100.49 24.92 31.16
N TYR B 1779 99.42 24.97 30.37
CA TYR B 1779 99.46 24.66 28.94
C TYR B 1779 100.37 25.59 28.17
N SER B 1780 100.42 25.40 26.83
CA SER B 1780 101.41 25.89 25.87
C SER B 1780 101.95 27.28 26.23
N PRO B 1781 103.26 27.48 26.12
CA PRO B 1781 103.90 28.61 26.80
C PRO B 1781 103.38 29.97 26.38
N GLU B 1782 103.68 30.96 27.22
CA GLU B 1782 103.13 32.30 27.03
C GLU B 1782 103.74 32.97 25.81
N PHE B 1783 103.05 32.87 24.68
CA PHE B 1783 103.37 33.71 23.54
C PHE B 1783 103.20 35.16 23.98
N PRO B 1784 104.20 36.02 23.78
CA PRO B 1784 104.29 37.27 24.55
C PRO B 1784 103.06 38.15 24.40
N LEU B 1785 102.66 38.75 25.52
CA LEU B 1785 101.37 39.42 25.66
C LEU B 1785 101.46 40.93 25.41
N ASP B 1786 102.58 41.57 25.76
CA ASP B 1786 102.69 43.01 25.55
C ASP B 1786 102.82 43.33 24.06
N ILE B 1787 103.66 42.58 23.34
CA ILE B 1787 103.81 42.82 21.91
C ILE B 1787 102.51 42.47 21.19
N LEU B 1788 101.80 41.44 21.65
CA LEU B 1788 100.50 41.14 21.08
C LEU B 1788 99.51 42.26 21.34
N LYS B 1789 99.53 42.80 22.56
CA LYS B 1789 98.63 43.89 22.91
C LYS B 1789 98.86 45.11 22.04
N ALA B 1790 100.12 45.45 21.78
CA ALA B 1790 100.42 46.58 20.92
C ALA B 1790 100.05 46.30 19.46
N LYS B 1791 100.49 45.14 18.94
CA LYS B 1791 100.35 44.88 17.52
C LYS B 1791 98.89 44.68 17.13
N THR B 1792 98.09 44.03 17.99
CA THR B 1792 96.69 43.79 17.68
C THR B 1792 95.94 45.10 17.49
N ILE B 1793 96.10 46.04 18.43
CA ILE B 1793 95.40 47.31 18.29
C ILE B 1793 95.98 48.14 17.14
N GLN B 1794 97.29 48.03 16.88
CA GLN B 1794 97.87 48.77 15.76
C GLN B 1794 97.28 48.33 14.43
N MET B 1795 97.31 47.03 14.15
CA MET B 1795 96.79 46.63 12.85
C MET B 1795 95.27 46.51 12.86
N LEU B 1796 94.61 46.59 14.01
CA LEU B 1796 93.17 46.79 14.02
C LEU B 1796 92.81 48.21 13.61
N THR B 1797 93.60 49.20 14.05
CA THR B 1797 93.44 50.56 13.54
C THR B 1797 93.70 50.59 12.04
N GLU B 1798 94.72 49.87 11.59
CA GLU B 1798 94.98 49.77 10.15
C GLU B 1798 93.80 49.15 9.41
N ALA B 1799 93.22 48.08 9.98
CA ALA B 1799 92.11 47.40 9.32
C ALA B 1799 90.86 48.28 9.27
N VAL B 1800 90.55 48.99 10.35
CA VAL B 1800 89.37 49.85 10.31
C VAL B 1800 89.60 51.05 9.40
N LYS B 1801 90.83 51.53 9.29
CA LYS B 1801 91.13 52.58 8.32
C LYS B 1801 90.93 52.08 6.89
N GLU B 1802 91.39 50.85 6.61
CA GLU B 1802 91.19 50.28 5.28
C GLU B 1802 89.71 50.06 4.98
N GLY B 1803 88.95 49.60 5.98
CA GLY B 1803 87.52 49.41 5.78
C GLY B 1803 86.78 50.71 5.55
N SER B 1804 87.14 51.76 6.30
CA SER B 1804 86.55 53.07 6.07
C SER B 1804 86.94 53.63 4.71
N LEU B 1805 88.14 53.32 4.24
CA LEU B 1805 88.56 53.77 2.91
C LEU B 1805 87.86 53.01 1.79
N HIS B 1806 87.26 51.85 2.10
CA HIS B 1806 86.52 51.04 1.15
C HIS B 1806 87.40 50.65 -0.04
N ALA B 1807 88.46 49.91 0.27
CA ALA B 1807 89.39 49.46 -0.76
C ALA B 1807 88.84 48.23 -1.47
N ARG B 1808 89.40 47.95 -2.65
CA ARG B 1808 89.03 46.78 -3.44
C ARG B 1808 89.97 45.61 -3.22
N ASP B 1809 90.92 45.72 -2.30
CA ASP B 1809 91.89 44.66 -2.03
C ASP B 1809 92.11 44.54 -0.53
N PRO B 1810 91.34 43.69 0.14
CA PRO B 1810 91.59 43.43 1.57
C PRO B 1810 92.86 42.63 1.81
N VAL B 1811 93.13 42.30 3.08
CA VAL B 1811 94.35 41.57 3.40
C VAL B 1811 94.33 40.18 2.81
N GLY B 1812 93.22 39.45 3.00
CA GLY B 1812 93.10 38.12 2.42
C GLY B 1812 92.37 38.15 1.10
N GLY B 1813 91.21 37.51 1.05
CA GLY B 1813 90.37 37.57 -0.14
C GLY B 1813 89.32 38.65 0.02
N THR B 1814 88.09 38.25 0.32
CA THR B 1814 87.06 39.21 0.67
C THR B 1814 87.34 39.80 2.05
N THR B 1815 86.48 40.73 2.46
CA THR B 1815 86.67 41.40 3.75
C THR B 1815 86.41 40.46 4.92
N GLU B 1816 85.77 39.31 4.69
CA GLU B 1816 85.54 38.36 5.76
C GLU B 1816 86.86 37.80 6.29
N PHE B 1817 87.75 37.40 5.39
CA PHE B 1817 89.06 36.93 5.82
C PHE B 1817 89.89 38.03 6.46
N LEU B 1818 89.61 39.29 6.12
CA LEU B 1818 90.32 40.40 6.75
C LEU B 1818 89.84 40.63 8.16
N PHE B 1819 88.54 40.55 8.40
CA PHE B 1819 87.96 40.99 9.67
C PHE B 1819 87.72 39.87 10.67
N VAL B 1820 87.23 38.71 10.23
CA VAL B 1820 86.78 37.68 11.18
C VAL B 1820 87.89 37.18 12.10
N PRO B 1821 89.08 36.77 11.59
CA PRO B 1821 90.13 36.35 12.53
C PRO B 1821 90.59 37.47 13.45
N LEU B 1822 90.63 38.70 12.97
CA LEU B 1822 91.03 39.83 13.81
C LEU B 1822 90.07 40.03 14.97
N ILE B 1823 88.77 40.09 14.67
CA ILE B 1823 87.79 40.30 15.74
C ILE B 1823 87.74 39.08 16.66
N LYS B 1824 87.98 37.89 16.12
CA LYS B 1824 88.03 36.69 16.98
C LYS B 1824 89.18 36.77 17.97
N LEU B 1825 90.38 37.13 17.50
CA LEU B 1825 91.52 37.27 18.40
C LEU B 1825 91.29 38.39 19.41
N PHE B 1826 90.68 39.50 18.95
CA PHE B 1826 90.38 40.60 19.86
C PHE B 1826 89.41 40.18 20.95
N TYR B 1827 88.36 39.45 20.58
CA TYR B 1827 87.38 38.99 21.55
C TYR B 1827 88.01 38.00 22.54
N THR B 1828 88.85 37.10 22.05
CA THR B 1828 89.51 36.15 22.94
C THR B 1828 90.42 36.87 23.92
N LEU B 1829 91.18 37.85 23.44
CA LEU B 1829 92.05 38.63 24.32
C LEU B 1829 91.24 39.43 25.34
N LEU B 1830 90.10 39.96 24.92
CA LEU B 1830 89.27 40.75 25.83
C LEU B 1830 88.66 39.87 26.92
N ILE B 1831 88.14 38.70 26.54
CA ILE B 1831 87.56 37.82 27.56
C ILE B 1831 88.64 37.19 28.44
N MET B 1832 89.90 37.18 27.98
CA MET B 1832 90.98 36.82 28.87
C MET B 1832 91.23 37.88 29.94
N GLY B 1833 90.82 39.11 29.69
CA GLY B 1833 91.04 40.20 30.63
C GLY B 1833 92.39 40.87 30.56
N ILE B 1834 93.17 40.61 29.50
CA ILE B 1834 94.47 41.25 29.37
C ILE B 1834 94.32 42.73 29.08
N PHE B 1835 93.36 43.10 28.22
CA PHE B 1835 93.11 44.49 27.92
C PHE B 1835 92.51 45.20 29.13
N HIS B 1836 93.11 46.32 29.51
CA HIS B 1836 92.65 47.11 30.65
C HIS B 1836 93.31 48.48 30.60
N ASN B 1837 92.77 49.39 31.41
CA ASN B 1837 93.37 50.71 31.70
C ASN B 1837 93.43 51.52 30.40
N GLU B 1838 94.56 52.13 30.06
CA GLU B 1838 94.64 53.01 28.91
C GLU B 1838 94.44 52.26 27.60
N ASP B 1839 94.85 50.99 27.55
CA ASP B 1839 94.61 50.20 26.34
C ASP B 1839 93.11 50.02 26.09
N LEU B 1840 92.36 49.71 27.15
CA LEU B 1840 90.91 49.58 27.00
C LEU B 1840 90.25 50.92 26.73
N LYS B 1841 90.78 52.01 27.30
CA LYS B 1841 90.26 53.33 26.97
C LYS B 1841 90.47 53.65 25.50
N HIS B 1842 91.64 53.32 24.96
CA HIS B 1842 91.91 53.51 23.53
C HIS B 1842 90.99 52.63 22.69
N ILE B 1843 90.72 51.40 23.14
CA ILE B 1843 89.81 50.52 22.43
C ILE B 1843 88.41 51.13 22.36
N LEU B 1844 87.94 51.65 23.49
CA LEU B 1844 86.62 52.28 23.52
C LEU B 1844 86.59 53.52 22.64
N GLN B 1845 87.67 54.31 22.66
CA GLN B 1845 87.77 55.47 21.77
C GLN B 1845 87.79 55.05 20.31
N LEU B 1846 88.24 53.83 20.02
CA LEU B 1846 88.32 53.33 18.66
C LEU B 1846 87.01 52.76 18.15
N ILE B 1847 86.22 52.10 19.02
CA ILE B 1847 85.06 51.36 18.55
C ILE B 1847 83.77 51.99 19.10
N GLU B 1848 83.74 53.31 19.23
CA GLU B 1848 82.50 53.96 19.66
C GLU B 1848 82.17 55.21 18.84
N PRO B 1849 82.84 56.37 19.08
CA PRO B 1849 82.38 57.74 18.78
C PRO B 1849 80.96 57.90 18.22
N GLY B 1891 83.67 54.63 15.59
CA GLY B 1891 83.66 53.18 15.66
C GLY B 1891 83.42 52.53 14.31
N LEU B 1892 83.67 51.21 14.25
CA LEU B 1892 83.45 50.46 13.02
C LEU B 1892 82.01 49.99 12.86
N LEU B 1893 81.17 50.16 13.89
CA LEU B 1893 79.78 49.73 13.78
C LEU B 1893 79.01 50.56 12.77
N GLN B 1894 79.41 51.81 12.56
CA GLN B 1894 78.76 52.66 11.57
C GLN B 1894 79.04 52.21 10.14
N MET B 1895 80.09 51.42 9.93
CA MET B 1895 80.45 50.94 8.61
C MET B 1895 79.57 49.74 8.24
N LYS B 1896 79.85 49.12 7.09
CA LYS B 1896 79.10 47.97 6.62
C LYS B 1896 79.91 46.70 6.85
N LEU B 1897 79.30 45.71 7.49
CA LEU B 1897 79.97 44.49 7.90
C LEU B 1897 79.19 43.28 7.39
N PRO B 1898 79.87 42.17 7.14
CA PRO B 1898 79.18 40.93 6.78
C PRO B 1898 78.66 40.22 8.03
N GLU B 1899 78.04 39.07 7.81
CA GLU B 1899 77.34 38.36 8.89
C GLU B 1899 78.26 37.88 10.01
N PRO B 1900 79.38 37.18 9.76
CA PRO B 1900 80.20 36.73 10.90
C PRO B 1900 80.81 37.86 11.70
N VAL B 1901 81.14 38.98 11.06
CA VAL B 1901 81.63 40.15 11.78
C VAL B 1901 80.53 40.68 12.70
N LYS B 1902 79.28 40.71 12.21
CA LYS B 1902 78.17 41.11 13.06
C LYS B 1902 78.01 40.19 14.25
N LEU B 1903 78.18 38.88 14.04
CA LEU B 1903 78.07 37.92 15.13
C LEU B 1903 79.15 38.16 16.18
N GLN B 1904 80.39 38.41 15.73
CA GLN B 1904 81.48 38.64 16.67
C GLN B 1904 81.31 39.96 17.43
N MET B 1905 80.81 41.01 16.76
CA MET B 1905 80.52 42.25 17.46
C MET B 1905 79.40 42.07 18.48
N CYS B 1906 78.38 41.27 18.15
CA CYS B 1906 77.33 40.97 19.11
C CYS B 1906 77.90 40.26 20.33
N LEU B 1907 78.84 39.33 20.10
CA LEU B 1907 79.50 38.66 21.22
C LEU B 1907 80.28 39.67 22.07
N LEU B 1908 80.97 40.60 21.43
CA LEU B 1908 81.73 41.62 22.16
C LEU B 1908 80.81 42.49 23.01
N LEU B 1909 79.68 42.89 22.45
CA LEU B 1909 78.70 43.69 23.21
C LEU B 1909 78.12 42.88 24.37
N GLN B 1910 77.91 41.58 24.16
CA GLN B 1910 77.47 40.72 25.24
C GLN B 1910 78.49 40.69 26.38
N TYR B 1911 79.78 40.60 26.03
CA TYR B 1911 80.82 40.63 27.06
C TYR B 1911 80.83 41.96 27.81
N LEU B 1912 80.66 43.07 27.08
CA LEU B 1912 80.62 44.38 27.72
C LEU B 1912 79.45 44.48 28.70
N CYS B 1913 78.27 43.99 28.29
CA CYS B 1913 77.12 44.02 29.18
C CYS B 1913 77.33 43.12 30.40
N ASP B 1914 78.01 41.98 30.21
CA ASP B 1914 78.33 41.11 31.35
C ASP B 1914 79.25 41.83 32.33
N CYS B 1915 80.23 42.57 31.81
CA CYS B 1915 81.12 43.34 32.69
C CYS B 1915 80.34 44.40 33.46
N GLN B 1916 79.40 45.07 32.78
CA GLN B 1916 78.57 46.07 33.46
C GLN B 1916 77.72 45.43 34.57
N VAL B 1917 77.16 44.26 34.28
CA VAL B 1917 76.37 43.54 35.29
C VAL B 1917 77.23 43.15 36.48
N ARG B 1918 78.47 42.75 36.22
CA ARG B 1918 79.39 42.42 37.31
C ARG B 1918 79.69 43.64 38.16
N HIS B 1919 79.86 44.80 37.53
CA HIS B 1919 80.08 46.03 38.29
C HIS B 1919 78.87 46.36 39.18
N ARG B 1920 77.66 46.20 38.63
CA ARG B 1920 76.45 46.41 39.42
C ARG B 1920 76.39 45.46 40.60
N ILE B 1921 76.77 44.19 40.38
CA ILE B 1921 76.75 43.20 41.44
C ILE B 1921 77.73 43.57 42.54
N GLU B 1922 78.92 44.06 42.16
CA GLU B 1922 79.90 44.47 43.16
C GLU B 1922 79.40 45.67 43.97
N ALA B 1923 78.74 46.61 43.31
CA ALA B 1923 78.15 47.74 44.04
C ALA B 1923 77.08 47.26 45.03
N ILE B 1924 76.25 46.31 44.60
CA ILE B 1924 75.24 45.73 45.48
C ILE B 1924 75.90 45.04 46.67
N VAL B 1925 77.03 44.36 46.43
CA VAL B 1925 77.76 43.69 47.50
C VAL B 1925 78.26 44.70 48.53
N ALA B 1926 78.81 45.83 48.05
CA ALA B 1926 79.27 46.86 48.98
C ALA B 1926 78.13 47.43 49.81
N PHE B 1927 77.00 47.72 49.16
CA PHE B 1927 75.84 48.25 49.90
C PHE B 1927 75.33 47.24 50.92
N SER B 1928 75.24 45.97 50.54
CA SER B 1928 74.74 44.92 51.42
C SER B 1928 75.79 44.47 52.42
N ASP B 1929 77.00 44.99 52.33
CA ASP B 1929 78.00 44.83 53.39
C ASP B 1929 77.91 45.95 54.42
N ASP B 1930 77.64 47.18 54.00
CA ASP B 1930 77.50 48.27 54.97
C ASP B 1930 76.15 48.24 55.67
N PHE B 1931 75.07 48.12 54.91
CA PHE B 1931 73.72 48.20 55.47
C PHE B 1931 73.41 47.00 56.36
N VAL B 1932 74.02 45.84 56.09
CA VAL B 1932 73.78 44.69 56.94
C VAL B 1932 74.34 44.93 58.33
N ALA B 1933 75.50 45.58 58.43
CA ALA B 1933 76.06 45.89 59.74
C ALA B 1933 75.25 46.98 60.43
N LYS B 1934 74.80 47.98 59.68
CA LYS B 1934 73.97 49.03 60.27
C LYS B 1934 72.69 48.45 60.86
N LEU B 1935 72.00 47.60 60.09
CA LEU B 1935 70.78 46.97 60.60
C LEU B 1935 71.08 45.94 61.67
N GLN B 1936 72.27 45.33 61.66
CA GLN B 1936 72.64 44.43 62.75
C GLN B 1936 72.74 45.18 64.06
N ASP B 1937 73.35 46.37 64.05
CA ASP B 1937 73.35 47.21 65.25
C ASP B 1937 71.94 47.63 65.64
N ASN B 1938 71.14 48.07 64.65
CA ASN B 1938 69.79 48.54 64.94
C ASN B 1938 68.86 47.43 65.41
N GLN B 1939 69.21 46.16 65.16
CA GLN B 1939 68.43 45.04 65.67
C GLN B 1939 69.00 44.52 66.99
N ARG B 1940 70.31 44.65 67.20
CA ARG B 1940 70.90 44.18 68.44
C ARG B 1940 70.58 45.11 69.60
N PHE B 1941 70.50 46.42 69.35
CA PHE B 1941 70.22 47.34 70.45
C PHE B 1941 68.77 47.24 70.91
N ARG B 1942 67.85 46.96 69.99
CA ARG B 1942 66.43 46.84 70.32
C ARG B 1942 66.02 45.38 70.52
N TYR B 1943 66.67 44.71 71.48
CA TYR B 1943 66.39 43.30 71.71
C TYR B 1943 65.08 43.12 72.46
N ASN B 1944 64.90 43.85 73.56
CA ASN B 1944 63.65 43.81 74.31
C ASN B 1944 63.25 45.19 74.83
N GLU B 1945 63.90 46.24 74.35
CA GLU B 1945 63.65 47.59 74.84
C GLU B 1945 63.07 48.48 73.74
N LEU B 1995 51.79 41.11 78.74
CA LEU B 1995 53.10 40.82 78.16
C LEU B 1995 53.57 41.97 77.28
N LEU B 1996 54.60 41.73 76.47
CA LEU B 1996 55.21 42.78 75.66
C LEU B 1996 54.34 43.05 74.43
N ASP B 1997 54.89 43.79 73.46
CA ASP B 1997 54.19 44.07 72.22
C ASP B 1997 54.24 42.81 71.35
N PHE B 1998 53.34 41.87 71.66
CA PHE B 1998 53.24 40.56 71.02
C PHE B 1998 54.53 39.76 71.15
N HIS B 1999 55.35 40.07 72.15
CA HIS B 1999 56.67 39.48 72.37
C HIS B 1999 57.58 39.61 71.15
N GLU B 2000 57.26 40.54 70.25
CA GLU B 2000 57.94 40.73 68.97
C GLU B 2000 57.95 39.46 68.11
N ASP B 2001 57.09 38.49 68.45
CA ASP B 2001 57.04 37.17 67.79
C ASP B 2001 58.40 36.49 67.80
N LEU B 2002 59.20 36.77 68.85
CA LEU B 2002 60.54 36.20 69.03
C LEU B 2002 61.45 36.52 67.83
N MET B 2003 61.15 37.60 67.12
CA MET B 2003 61.95 37.97 65.96
C MET B 2003 63.34 38.47 66.36
N THR B 2004 63.53 38.84 67.61
CA THR B 2004 64.85 39.28 68.07
C THR B 2004 65.86 38.14 68.06
N HIS B 2005 65.50 37.00 68.68
CA HIS B 2005 66.43 35.89 68.84
C HIS B 2005 66.00 34.65 68.10
N CYS B 2006 64.75 34.20 68.29
CA CYS B 2006 64.27 32.99 67.63
C CYS B 2006 63.72 33.26 66.23
N GLY B 2007 63.73 34.52 65.80
CA GLY B 2007 63.23 34.86 64.48
C GLY B 2007 64.13 35.83 63.74
N ILE B 2008 65.45 35.71 63.94
CA ILE B 2008 66.42 36.61 63.30
C ILE B 2008 66.85 36.12 61.93
N GLU B 2009 66.32 35.00 61.46
CA GLU B 2009 66.75 34.37 60.22
C GLU B 2009 66.17 35.03 58.98
N LEU B 2010 66.17 34.30 57.87
CA LEU B 2010 65.57 34.78 56.63
C LEU B 2010 64.12 35.23 56.82
N ASP B 2011 63.44 34.70 57.84
CA ASP B 2011 62.13 35.24 58.19
C ASP B 2011 62.23 36.71 58.60
N GLU B 2012 63.24 37.05 59.41
CA GLU B 2012 63.49 38.45 59.72
C GLU B 2012 63.90 39.23 58.49
N ASP B 2013 64.75 38.63 57.65
CA ASP B 2013 65.23 39.33 56.45
C ASP B 2013 64.09 39.70 55.52
N GLY B 2014 63.13 38.79 55.35
CA GLY B 2014 61.91 39.14 54.63
C GLY B 2014 61.07 40.14 55.39
N SER B 2015 61.02 40.02 56.71
CA SER B 2015 60.23 40.94 57.52
C SER B 2015 60.90 42.31 57.65
N LEU B 2016 62.22 42.36 57.71
CA LEU B 2016 62.94 43.62 57.83
C LEU B 2016 63.09 44.29 56.47
N ASP B 2017 61.98 44.51 55.78
CA ASP B 2017 62.00 45.14 54.48
C ASP B 2017 62.09 46.67 54.63
N GLY B 2018 62.31 47.34 53.51
CA GLY B 2018 62.40 48.79 53.47
C GLY B 2018 61.07 49.51 53.35
N SER B 2019 59.95 48.80 53.51
CA SER B 2019 58.66 49.44 53.36
C SER B 2019 58.37 50.37 54.54
N ASN B 2020 58.31 49.82 55.76
CA ASN B 2020 58.01 50.64 56.93
C ASN B 2020 58.73 50.02 58.14
N ASP B 2021 59.94 50.49 58.41
CA ASP B 2021 60.69 50.08 59.60
C ASP B 2021 61.80 51.08 59.85
N LEU B 2022 61.73 51.78 60.98
CA LEU B 2022 62.73 52.77 61.41
C LEU B 2022 63.00 53.83 60.35
N THR B 2023 64.14 54.51 60.48
CA THR B 2023 64.58 55.50 59.51
C THR B 2023 65.73 55.00 58.65
N ILE B 2024 66.10 53.72 58.79
CA ILE B 2024 67.19 53.15 58.02
C ILE B 2024 66.82 52.99 56.55
N ARG B 2025 65.52 52.92 56.24
CA ARG B 2025 65.06 52.65 54.88
C ARG B 2025 65.32 53.81 53.91
N GLY B 2026 65.76 54.97 54.41
CA GLY B 2026 66.09 56.06 53.49
C GLY B 2026 67.21 55.70 52.55
N ARG B 2027 68.30 55.16 53.08
CA ARG B 2027 69.41 54.72 52.23
C ARG B 2027 68.99 53.56 51.34
N LEU B 2028 68.13 52.67 51.83
CA LEU B 2028 67.63 51.57 51.01
C LEU B 2028 66.89 52.10 49.79
N LEU B 2029 65.97 53.05 50.00
CA LEU B 2029 65.24 53.63 48.88
C LEU B 2029 66.16 54.41 47.95
N ASP B 2030 67.14 55.13 48.52
CA ASP B 2030 68.07 55.91 47.72
C ASP B 2030 68.87 55.00 46.79
N LEU B 2031 69.38 53.88 47.31
CA LEU B 2031 70.15 52.99 46.46
C LEU B 2031 69.27 52.15 45.54
N VAL B 2032 68.02 51.88 45.92
CA VAL B 2032 67.10 51.26 44.98
C VAL B 2032 66.91 52.15 43.77
N GLU B 2033 66.72 53.46 44.00
CA GLU B 2033 66.65 54.41 42.89
C GLU B 2033 67.97 54.47 42.12
N LYS B 2034 69.10 54.44 42.82
CA LYS B 2034 70.40 54.50 42.16
C LYS B 2034 70.61 53.33 41.22
N VAL B 2035 70.25 52.12 41.67
CA VAL B 2035 70.34 50.95 40.80
C VAL B 2035 69.33 51.06 39.67
N THR B 2036 68.09 51.41 40.00
CA THR B 2036 67.03 51.51 38.99
C THR B 2036 66.87 52.95 38.53
N TYR B 2037 68.00 53.54 38.11
CA TYR B 2037 67.99 54.66 37.18
C TYR B 2037 67.66 54.23 35.76
N LEU B 2038 67.16 52.99 35.59
CA LEU B 2038 66.90 52.30 34.32
C LEU B 2038 68.20 51.87 33.65
N LYS B 2039 69.32 52.33 34.18
CA LYS B 2039 70.66 51.94 33.73
C LYS B 2039 71.53 51.76 34.97
N LYS B 2040 72.84 51.72 34.77
CA LYS B 2040 73.78 51.57 35.87
C LYS B 2040 73.80 52.82 36.75
N CYS B 2054 69.23 55.13 26.57
CA CYS B 2054 68.68 56.43 26.93
C CYS B 2054 69.78 57.41 27.31
N SER B 2055 70.70 56.96 28.17
CA SER B 2055 71.80 57.81 28.61
C SER B 2055 73.14 57.09 28.67
N SER B 2056 73.25 55.93 28.03
CA SER B 2056 74.48 55.13 28.09
C SER B 2056 74.61 54.35 26.80
N LEU B 2057 75.43 53.29 26.83
CA LEU B 2057 75.68 52.47 25.65
C LEU B 2057 74.43 51.74 25.16
N GLN B 2058 73.38 51.67 25.98
CA GLN B 2058 72.17 50.93 25.61
C GLN B 2058 71.49 51.54 24.39
N GLN B 2059 71.41 52.87 24.33
CA GLN B 2059 70.77 53.51 23.19
C GLN B 2059 71.57 53.26 21.90
N LEU B 2060 72.90 53.31 21.98
CA LEU B 2060 73.72 53.01 20.82
C LEU B 2060 73.53 51.57 20.37
N ILE B 2061 73.50 50.64 21.32
CA ILE B 2061 73.32 49.23 20.99
C ILE B 2061 71.98 48.99 20.31
N SER B 2062 70.91 49.57 20.88
CA SER B 2062 69.58 49.39 20.31
C SER B 2062 69.48 50.04 18.92
N GLU B 2063 70.06 51.23 18.75
CA GLU B 2063 70.00 51.90 17.46
C GLU B 2063 70.76 51.11 16.40
N THR B 2064 71.94 50.60 16.75
CA THR B 2064 72.71 49.81 15.79
C THR B 2064 71.97 48.52 15.44
N MET B 2065 71.33 47.89 16.42
CA MET B 2065 70.58 46.67 16.15
C MET B 2065 69.38 46.94 15.25
N VAL B 2066 68.67 48.03 15.49
CA VAL B 2066 67.54 48.40 14.65
C VAL B 2066 68.01 48.68 13.22
N ARG B 2067 69.13 49.39 13.08
CA ARG B 2067 69.67 49.67 11.75
C ARG B 2067 70.09 48.38 11.04
N TRP B 2068 70.70 47.45 11.78
CA TRP B 2068 71.09 46.17 11.18
C TRP B 2068 69.89 45.38 10.72
N ALA B 2069 68.81 45.38 11.51
CA ALA B 2069 67.59 44.71 11.09
C ALA B 2069 66.95 45.42 9.90
N GLN B 2070 67.09 46.74 9.82
CA GLN B 2070 66.48 47.52 8.75
C GLN B 2070 67.23 47.40 7.43
N GLU B 2071 68.53 47.12 7.48
CA GLU B 2071 69.37 47.18 6.28
C GLU B 2071 68.91 46.17 5.23
N SER B 2072 68.75 44.91 5.64
CA SER B 2072 68.35 43.86 4.72
C SER B 2072 67.86 42.66 5.51
N VAL B 2073 67.36 41.66 4.79
CA VAL B 2073 67.00 40.39 5.41
C VAL B 2073 68.26 39.71 5.93
N ILE B 2074 68.10 38.94 7.02
CA ILE B 2074 69.23 38.34 7.70
C ILE B 2074 69.06 36.83 7.69
N GLU B 2075 70.04 36.14 7.13
CA GLU B 2075 70.10 34.69 7.17
C GLU B 2075 70.91 34.27 8.40
N ASP B 2076 71.30 32.98 8.46
CA ASP B 2076 72.08 32.44 9.57
C ASP B 2076 71.34 32.65 10.89
N PRO B 2077 70.31 31.85 11.16
CA PRO B 2077 69.41 32.15 12.30
C PRO B 2077 70.11 32.28 13.64
N GLU B 2078 71.34 31.78 13.79
CA GLU B 2078 72.11 32.05 15.00
C GLU B 2078 72.37 33.53 15.16
N LEU B 2079 72.65 34.23 14.06
CA LEU B 2079 72.86 35.67 14.12
C LEU B 2079 71.60 36.39 14.57
N VAL B 2080 70.44 35.98 14.04
CA VAL B 2080 69.18 36.61 14.43
C VAL B 2080 68.90 36.36 15.91
N ARG B 2081 69.14 35.12 16.37
CA ARG B 2081 68.94 34.79 17.77
C ARG B 2081 69.83 35.63 18.68
N ALA B 2082 71.11 35.78 18.31
CA ALA B 2082 72.01 36.60 19.11
C ALA B 2082 71.57 38.07 19.09
N MET B 2083 71.14 38.55 17.93
CA MET B 2083 70.67 39.93 17.80
C MET B 2083 69.52 40.21 18.76
N PHE B 2084 68.49 39.36 18.72
CA PHE B 2084 67.32 39.61 19.54
C PHE B 2084 67.59 39.33 21.02
N VAL B 2085 68.47 38.38 21.33
CA VAL B 2085 68.86 38.14 22.71
C VAL B 2085 69.54 39.38 23.28
N LEU B 2086 70.45 39.99 22.51
CA LEU B 2086 71.12 41.19 22.97
C LEU B 2086 70.14 42.35 23.11
N LEU B 2087 69.19 42.48 22.18
CA LEU B 2087 68.21 43.55 22.28
C LEU B 2087 67.35 43.40 23.53
N HIS B 2088 66.86 42.19 23.80
CA HIS B 2088 66.05 41.96 24.99
C HIS B 2088 66.86 42.17 26.26
N ARG B 2089 68.13 41.76 26.25
CA ARG B 2089 68.99 41.98 27.42
C ARG B 2089 69.19 43.46 27.68
N GLN B 2090 69.32 44.26 26.62
CA GLN B 2090 69.44 45.70 26.81
C GLN B 2090 68.14 46.30 27.34
N TYR B 2091 67.00 45.81 26.88
CA TYR B 2091 65.72 46.36 27.33
C TYR B 2091 65.25 45.77 28.66
N ASP B 2092 65.96 44.80 29.22
CA ASP B 2092 65.54 44.13 30.44
C ASP B 2092 66.72 43.98 31.41
N GLY B 2093 67.39 45.09 31.70
CA GLY B 2093 68.51 45.05 32.64
C GLY B 2093 68.10 44.58 34.02
N ILE B 2094 66.86 44.86 34.43
CA ILE B 2094 66.34 44.32 35.68
C ILE B 2094 66.28 42.80 35.61
N GLY B 2095 65.98 42.24 34.43
CA GLY B 2095 66.05 40.81 34.26
C GLY B 2095 67.44 40.26 34.49
N GLY B 2096 68.46 40.95 33.97
CA GLY B 2096 69.83 40.55 34.24
C GLY B 2096 70.18 40.62 35.71
N LEU B 2097 69.71 41.67 36.39
CA LEU B 2097 69.96 41.81 37.83
C LEU B 2097 69.33 40.68 38.61
N VAL B 2098 68.06 40.35 38.31
CA VAL B 2098 67.38 39.31 39.06
C VAL B 2098 67.90 37.93 38.69
N ARG B 2099 68.52 37.79 37.51
CA ARG B 2099 69.20 36.54 37.18
C ARG B 2099 70.52 36.41 37.94
N ALA B 2100 71.28 37.49 38.02
CA ALA B 2100 72.61 37.42 38.63
C ALA B 2100 72.55 37.39 40.16
N LEU B 2101 71.47 37.90 40.75
CA LEU B 2101 71.41 37.99 42.21
C LEU B 2101 71.45 36.65 42.94
N PRO B 2102 70.66 35.62 42.57
CA PRO B 2102 70.68 34.38 43.38
C PRO B 2102 72.03 33.68 43.41
N LYS B 2103 72.82 33.78 42.35
CA LYS B 2103 74.13 33.12 42.29
C LYS B 2103 75.23 33.93 42.97
N THR B 2104 74.92 35.13 43.45
CA THR B 2104 75.90 35.93 44.16
C THR B 2104 76.12 35.40 45.57
N TYR B 2105 77.36 35.47 46.03
CA TYR B 2105 77.71 35.01 47.36
C TYR B 2105 78.83 35.89 47.91
N THR B 2106 78.88 36.01 49.23
CA THR B 2106 79.88 36.80 49.93
C THR B 2106 80.72 35.87 50.79
N ILE B 2107 81.96 35.65 50.39
CA ILE B 2107 82.87 34.77 51.13
C ILE B 2107 83.79 35.64 51.98
N ASN B 2108 84.17 35.11 53.14
CA ASN B 2108 85.05 35.83 54.05
C ASN B 2108 86.45 35.96 53.46
N GLY B 2109 87.18 36.97 53.93
CA GLY B 2109 88.52 37.25 53.46
C GLY B 2109 89.59 36.34 54.00
N VAL B 2110 89.26 35.43 54.91
CA VAL B 2110 90.26 34.55 55.49
C VAL B 2110 90.40 33.24 54.72
N SER B 2111 89.36 32.83 53.96
CA SER B 2111 89.38 31.58 53.21
C SER B 2111 89.47 31.82 51.71
N VAL B 2112 90.08 32.93 51.30
CA VAL B 2112 90.13 33.29 49.89
C VAL B 2112 90.97 32.29 49.11
N GLU B 2113 92.13 31.89 49.65
CA GLU B 2113 92.98 30.93 48.96
C GLU B 2113 92.31 29.56 48.85
N ASP B 2114 91.65 29.12 49.92
CA ASP B 2114 90.95 27.84 49.87
C ASP B 2114 89.79 27.88 48.87
N THR B 2115 89.07 29.01 48.81
CA THR B 2115 88.01 29.15 47.83
C THR B 2115 88.56 29.14 46.41
N ILE B 2116 89.72 29.77 46.21
CA ILE B 2116 90.36 29.77 44.89
C ILE B 2116 90.74 28.35 44.49
N ASN B 2117 91.30 27.58 45.43
CA ASN B 2117 91.67 26.19 45.15
C ASN B 2117 90.44 25.35 44.81
N LEU B 2118 89.36 25.54 45.58
CA LEU B 2118 88.13 24.80 45.30
C LEU B 2118 87.55 25.18 43.95
N LEU B 2119 87.63 26.46 43.59
CA LEU B 2119 87.15 26.91 42.29
C LEU B 2119 87.97 26.33 41.15
N ALA B 2120 89.29 26.23 41.34
CA ALA B 2120 90.14 25.59 40.34
C ALA B 2120 89.79 24.11 40.20
N SER B 2121 89.54 23.43 41.31
CA SER B 2121 89.13 22.03 41.25
C SER B 2121 87.81 21.87 40.52
N LEU B 2122 86.85 22.76 40.78
CA LEU B 2122 85.59 22.71 40.06
C LEU B 2122 85.77 22.99 38.58
N GLY B 2123 86.68 23.91 38.24
CA GLY B 2123 86.97 24.16 36.84
C GLY B 2123 87.55 22.95 36.14
N GLN B 2124 88.43 22.22 36.82
CA GLN B 2124 88.95 20.98 36.27
C GLN B 2124 87.85 19.94 36.09
N ILE B 2125 86.96 19.84 37.07
CA ILE B 2125 85.85 18.90 36.98
C ILE B 2125 84.93 19.25 35.81
N ARG B 2126 84.63 20.53 35.64
CA ARG B 2126 83.76 20.95 34.54
C ARG B 2126 84.44 20.78 33.19
N SER B 2127 85.76 20.92 33.14
CA SER B 2127 86.49 20.65 31.90
C SER B 2127 86.44 19.17 31.56
N LEU B 2128 86.58 18.29 32.56
CA LEU B 2128 86.50 16.86 32.31
C LEU B 2128 85.06 16.35 32.20
N LEU B 2129 84.08 17.21 32.47
CA LEU B 2129 82.68 16.82 32.41
C LEU B 2129 82.30 16.31 31.01
N SER B 2130 81.41 15.33 30.99
CA SER B 2130 80.93 14.68 29.77
C SER B 2130 82.10 14.05 29.00
N GLY B 2134 84.96 9.06 31.38
CA GLY B 2134 85.98 8.83 30.38
C GLY B 2134 86.66 7.49 30.51
N LYS B 2135 87.74 7.30 29.74
CA LYS B 2135 88.50 6.05 29.79
C LYS B 2135 89.56 6.10 30.89
N GLU B 2136 90.48 7.06 30.81
CA GLU B 2136 91.48 7.26 31.85
C GLU B 2136 91.36 8.62 32.53
N GLU B 2137 90.41 9.45 32.12
CA GLU B 2137 90.10 10.67 32.86
C GLU B 2137 89.36 10.39 34.16
N GLU B 2138 88.94 9.14 34.38
CA GLU B 2138 88.31 8.77 35.64
C GLU B 2138 89.26 8.98 36.81
N LYS B 2139 90.56 8.71 36.61
CA LYS B 2139 91.53 8.95 37.68
C LYS B 2139 91.65 10.44 38.00
N LEU B 2140 91.65 11.29 36.98
CA LEU B 2140 91.69 12.73 37.21
C LEU B 2140 90.44 13.21 37.93
N MET B 2141 89.28 12.67 37.55
CA MET B 2141 88.04 13.05 38.23
C MET B 2141 88.03 12.56 39.67
N ILE B 2142 88.58 11.37 39.92
CA ILE B 2142 88.71 10.86 41.29
C ILE B 2142 89.60 11.78 42.10
N ARG B 2143 90.73 12.21 41.53
CA ARG B 2143 91.62 13.13 42.21
C ARG B 2143 90.93 14.44 42.53
N GLY B 2144 90.16 14.98 41.56
CA GLY B 2144 89.45 16.22 41.80
C GLY B 2144 88.39 16.10 42.88
N LEU B 2145 87.64 15.00 42.88
CA LEU B 2145 86.63 14.79 43.91
C LEU B 2145 87.28 14.60 45.29
N GLY B 2146 88.41 13.89 45.34
CA GLY B 2146 89.11 13.75 46.61
C GLY B 2146 89.65 15.07 47.12
N ASP B 2147 90.12 15.93 46.21
CA ASP B 2147 90.58 17.24 46.60
C ASP B 2147 89.43 18.10 47.11
N ILE B 2148 88.27 18.02 46.46
CA ILE B 2148 87.12 18.78 46.92
C ILE B 2148 86.53 18.20 48.20
N MET B 2149 86.83 16.95 48.53
CA MET B 2149 86.40 16.38 49.81
C MET B 2149 87.07 17.11 50.96
N ASN B 2150 88.39 17.23 50.94
CA ASN B 2150 89.15 17.80 52.04
C ASN B 2150 89.26 19.32 51.86
N ASN B 2151 88.11 19.97 51.95
CA ASN B 2151 88.03 21.42 51.85
C ASN B 2151 87.06 21.93 52.91
N LYS B 2152 87.47 22.99 53.62
CA LYS B 2152 86.60 23.56 54.65
C LYS B 2152 85.40 24.28 54.05
N VAL B 2153 85.55 24.82 52.84
CA VAL B 2153 84.49 25.61 52.22
C VAL B 2153 83.29 24.73 51.90
N PHE B 2154 83.49 23.42 51.73
CA PHE B 2154 82.39 22.52 51.40
C PHE B 2154 81.35 22.49 52.53
N TYR B 2155 81.80 22.22 53.77
CA TYR B 2155 80.85 22.10 54.87
C TYR B 2155 80.62 23.42 55.58
N GLN B 2156 81.55 24.37 55.53
CA GLN B 2156 81.34 25.66 56.17
C GLN B 2156 80.43 26.57 55.36
N HIS B 2157 80.30 26.34 54.06
CA HIS B 2157 79.46 27.15 53.18
C HIS B 2157 78.66 26.23 52.25
N PRO B 2158 77.61 25.59 52.76
CA PRO B 2158 76.82 24.69 51.90
C PRO B 2158 75.96 25.42 50.88
N ASN B 2159 75.46 26.61 51.23
CA ASN B 2159 74.67 27.39 50.28
C ASN B 2159 75.49 27.80 49.06
N LEU B 2160 76.77 28.15 49.28
CA LEU B 2160 77.66 28.43 48.16
C LEU B 2160 77.86 27.20 47.29
N MET B 2161 78.00 26.03 47.92
CA MET B 2161 78.13 24.78 47.16
C MET B 2161 76.89 24.52 46.30
N ARG B 2162 75.71 24.75 46.85
CA ARG B 2162 74.49 24.57 46.06
C ARG B 2162 74.38 25.60 44.95
N ALA B 2163 74.78 26.85 45.21
CA ALA B 2163 74.71 27.89 44.19
C ALA B 2163 75.68 27.61 43.05
N LEU B 2164 76.83 27.03 43.35
CA LEU B 2164 77.80 26.68 42.32
C LEU B 2164 77.34 25.55 41.42
N GLY B 2165 76.26 24.85 41.78
CA GLY B 2165 75.66 23.86 40.91
C GLY B 2165 76.47 22.61 40.65
N MET B 2166 77.13 22.07 41.68
CA MET B 2166 77.81 20.79 41.51
C MET B 2166 76.84 19.62 41.44
N HIS B 2167 75.58 19.82 41.86
CA HIS B 2167 74.60 18.75 41.78
C HIS B 2167 74.40 18.30 40.34
N GLU B 2168 74.15 19.24 39.44
CA GLU B 2168 73.93 18.91 38.04
C GLU B 2168 75.20 18.40 37.38
N THR B 2169 76.37 18.91 37.80
CA THR B 2169 77.63 18.42 37.25
C THR B 2169 77.84 16.95 37.59
N VAL B 2170 77.66 16.58 38.85
CA VAL B 2170 77.82 15.19 39.27
C VAL B 2170 76.74 14.32 38.64
N MET B 2171 75.52 14.84 38.50
CA MET B 2171 74.45 14.09 37.87
C MET B 2171 74.78 13.79 36.40
N GLU B 2172 75.28 14.79 35.67
CA GLU B 2172 75.64 14.58 34.28
C GLU B 2172 76.82 13.60 34.16
N VAL B 2173 77.78 13.70 35.08
CA VAL B 2173 78.90 12.76 35.07
C VAL B 2173 78.41 11.34 35.27
N MET B 2174 77.51 11.14 36.25
CA MET B 2174 76.99 9.81 36.52
C MET B 2174 76.16 9.29 35.35
N VAL B 2175 75.36 10.16 34.72
CA VAL B 2175 74.57 9.76 33.58
C VAL B 2175 75.47 9.32 32.43
N ASN B 2176 76.53 10.09 32.16
CA ASN B 2176 77.46 9.71 31.11
C ASN B 2176 78.20 8.42 31.45
N VAL B 2177 78.48 8.18 32.73
CA VAL B 2177 79.22 6.98 33.11
C VAL B 2177 78.34 5.73 32.95
N LEU B 2178 77.15 5.73 33.55
CA LEU B 2178 76.31 4.55 33.53
C LEU B 2178 75.39 4.49 32.32
N GLY B 2179 75.31 5.54 31.52
CA GLY B 2179 74.47 5.52 30.34
C GLY B 2179 75.04 4.60 29.27
N GLY B 2180 74.21 3.67 28.79
CA GLY B 2180 74.64 2.73 27.77
C GLY B 2180 74.22 1.30 28.07
N GLY B 2181 73.96 1.01 29.34
CA GLY B 2181 73.55 -0.32 29.73
C GLY B 2181 74.72 -1.27 29.94
N GLU B 2182 74.58 -2.49 29.43
CA GLU B 2182 75.61 -3.53 29.53
C GLU B 2182 76.01 -3.80 30.98
N SER B 2183 77.21 -3.35 31.36
CA SER B 2183 77.70 -3.63 32.70
C SER B 2183 78.42 -2.44 33.34
N LYS B 2184 78.24 -1.23 32.81
CA LYS B 2184 78.87 -0.02 33.32
C LYS B 2184 80.39 -0.16 33.33
N GLU B 2185 80.94 -0.19 32.11
CA GLU B 2185 82.33 -0.59 31.85
C GLU B 2185 83.33 0.13 32.76
N ILE B 2186 83.22 1.45 32.87
CA ILE B 2186 84.07 2.22 33.80
C ILE B 2186 83.33 2.25 35.13
N THR B 2187 83.50 1.20 35.92
CA THR B 2187 82.84 1.05 37.21
C THR B 2187 83.80 1.50 38.30
N PHE B 2188 83.54 2.68 38.85
CA PHE B 2188 84.26 3.19 40.01
C PHE B 2188 83.38 4.22 40.68
N PRO B 2189 82.42 3.79 41.51
CA PRO B 2189 81.35 4.68 42.00
C PRO B 2189 81.75 5.57 43.17
N LYS B 2190 82.44 6.66 42.84
CA LYS B 2190 82.71 7.72 43.80
C LYS B 2190 81.79 8.92 43.62
N MET B 2191 81.27 9.13 42.40
CA MET B 2191 80.32 10.20 42.18
C MET B 2191 79.04 9.99 42.98
N VAL B 2192 78.65 8.73 43.21
CA VAL B 2192 77.52 8.48 44.10
C VAL B 2192 77.87 8.84 45.53
N ALA B 2193 79.12 8.58 45.94
CA ALA B 2193 79.55 8.90 47.30
C ALA B 2193 79.55 10.41 47.51
N ASN B 2194 79.89 11.18 46.47
CA ASN B 2194 79.87 12.64 46.54
C ASN B 2194 78.45 13.20 46.43
N CYS B 2195 77.59 12.57 45.64
CA CYS B 2195 76.18 12.94 45.62
C CYS B 2195 75.56 12.74 47.00
N CYS B 2196 75.89 11.62 47.62
CA CYS B 2196 75.75 11.35 49.04
C CYS B 2196 76.93 11.98 49.77
N ARG B 2197 77.37 11.34 50.86
CA ARG B 2197 78.39 11.82 51.78
C ARG B 2197 78.20 13.28 52.18
N PHE B 2198 79.26 14.07 51.97
CA PHE B 2198 79.29 15.44 52.49
C PHE B 2198 78.09 16.24 52.01
N LEU B 2199 77.80 16.17 50.71
CA LEU B 2199 76.52 16.66 50.23
C LEU B 2199 75.41 15.80 50.82
N CYS B 2200 74.51 16.43 51.57
CA CYS B 2200 73.38 15.89 52.32
C CYS B 2200 73.79 15.29 53.67
N TYR B 2201 75.07 15.29 54.05
CA TYR B 2201 75.44 15.01 55.44
C TYR B 2201 75.94 16.23 56.17
N PHE B 2202 77.00 16.87 55.66
CA PHE B 2202 77.56 18.05 56.32
C PHE B 2202 76.78 19.30 55.98
N CYS B 2203 76.18 19.36 54.79
CA CYS B 2203 75.30 20.47 54.45
C CYS B 2203 74.05 20.51 55.31
N ARG B 2204 73.67 19.36 55.89
CA ARG B 2204 72.52 19.24 56.80
C ARG B 2204 71.23 19.70 56.13
N ILE B 2205 71.15 19.57 54.82
CA ILE B 2205 69.98 19.92 54.01
C ILE B 2205 69.63 21.40 54.10
N SER B 2206 69.42 21.88 55.34
CA SER B 2206 68.88 23.22 55.60
C SER B 2206 67.54 23.42 54.90
N ARG B 2207 66.77 22.33 54.79
CA ARG B 2207 65.51 22.24 54.06
C ARG B 2207 65.66 22.61 52.59
N GLN B 2208 66.88 22.69 52.08
CA GLN B 2208 67.11 23.06 50.68
C GLN B 2208 67.95 22.04 49.92
N ASN B 2209 69.02 21.53 50.52
CA ASN B 2209 69.92 20.62 49.80
C ASN B 2209 69.25 19.28 49.54
N GLN B 2210 68.63 18.70 50.57
CA GLN B 2210 67.91 17.44 50.37
C GLN B 2210 66.68 17.63 49.49
N LYS B 2211 66.03 18.80 49.56
CA LYS B 2211 64.91 19.06 48.67
C LYS B 2211 65.36 19.13 47.22
N ALA B 2212 66.51 19.77 46.95
CA ALA B 2212 67.04 19.80 45.58
C ALA B 2212 67.49 18.41 45.15
N MET B 2213 67.99 17.60 46.08
CA MET B 2213 68.43 16.25 45.74
C MET B 2213 67.24 15.33 45.48
N PHE B 2214 66.09 15.65 46.06
CA PHE B 2214 64.88 14.85 45.88
C PHE B 2214 64.38 14.84 44.44
N ASP B 2215 64.79 15.81 43.62
CA ASP B 2215 64.29 15.89 42.25
C ASP B 2215 64.75 14.71 41.41
N HIS B 2216 66.00 14.28 41.59
CA HIS B 2216 66.56 13.19 40.82
C HIS B 2216 66.32 11.81 41.46
N LEU B 2217 65.35 11.72 42.37
CA LEU B 2217 65.11 10.47 43.08
C LEU B 2217 64.62 9.38 42.14
N SER B 2218 63.75 9.74 41.19
CA SER B 2218 63.23 8.74 40.24
C SER B 2218 64.36 8.14 39.40
N TYR B 2219 65.25 8.98 38.90
CA TYR B 2219 66.40 8.47 38.15
C TYR B 2219 67.35 7.68 39.04
N LEU B 2220 67.51 8.10 40.31
CA LEU B 2220 68.40 7.40 41.21
C LEU B 2220 67.90 5.98 41.50
N LEU B 2221 66.61 5.85 41.81
CA LEU B 2221 66.07 4.53 42.14
C LEU B 2221 65.81 3.69 40.89
N GLU B 2222 65.65 4.31 39.72
CA GLU B 2222 65.40 3.54 38.51
C GLU B 2222 66.62 2.72 38.12
N ASN B 2223 67.80 3.33 38.15
CA ASN B 2223 69.04 2.64 37.78
C ASN B 2223 69.76 2.16 39.04
N SER B 2224 69.19 1.14 39.66
CA SER B 2224 69.78 0.52 40.85
C SER B 2224 70.92 -0.39 40.41
N SER B 2225 72.09 0.20 40.22
CA SER B 2225 73.25 -0.53 39.73
C SER B 2225 73.94 -1.25 40.88
N VAL B 2226 75.08 -1.88 40.59
CA VAL B 2226 75.78 -2.72 41.55
C VAL B 2226 77.26 -2.38 41.53
N GLY B 2227 77.92 -2.48 42.69
CA GLY B 2227 79.35 -2.34 42.73
C GLY B 2227 79.92 -1.49 43.86
N LEU B 2228 79.07 -0.71 44.53
CA LEU B 2228 79.56 0.18 45.58
C LEU B 2228 79.99 -0.61 46.80
N ALA B 2229 81.06 -0.13 47.45
CA ALA B 2229 81.59 -0.79 48.63
C ALA B 2229 80.86 -0.41 49.91
N SER B 2230 79.98 0.60 49.86
CA SER B 2230 79.21 0.97 51.04
C SER B 2230 78.31 -0.16 51.54
N PRO B 2231 77.55 -0.91 50.70
CA PRO B 2231 76.87 -2.12 51.17
C PRO B 2231 77.77 -3.35 51.16
N ALA B 2232 78.98 -3.20 51.72
CA ALA B 2232 80.03 -4.21 51.67
C ALA B 2232 80.32 -4.61 50.23
N MET B 2233 79.70 -5.68 49.76
CA MET B 2233 79.82 -6.10 48.37
C MET B 2233 78.83 -5.31 47.51
N ARG B 2234 78.61 -5.76 46.28
CA ARG B 2234 77.73 -5.06 45.36
C ARG B 2234 76.28 -5.18 45.81
N GLY B 2235 75.39 -4.51 45.08
CA GLY B 2235 73.97 -4.59 45.35
C GLY B 2235 73.21 -3.28 45.23
N SER B 2236 73.83 -2.16 45.61
CA SER B 2236 73.18 -0.86 45.49
C SER B 2236 74.23 0.24 45.53
N THR B 2237 74.53 0.84 44.39
CA THR B 2237 75.33 2.07 44.40
C THR B 2237 74.51 3.34 44.62
N PRO B 2238 73.36 3.56 43.97
CA PRO B 2238 72.66 4.83 44.17
C PRO B 2238 71.60 4.82 45.27
N LEU B 2239 71.26 3.65 45.82
CA LEU B 2239 70.26 3.60 46.87
C LEU B 2239 70.73 4.26 48.16
N ASP B 2240 72.04 4.31 48.39
CA ASP B 2240 72.55 5.11 49.51
C ASP B 2240 72.22 6.58 49.32
N VAL B 2241 72.37 7.09 48.09
CA VAL B 2241 72.01 8.47 47.80
C VAL B 2241 70.51 8.66 47.95
N ALA B 2242 69.72 7.69 47.50
CA ALA B 2242 68.27 7.79 47.62
C ALA B 2242 67.84 7.82 49.08
N ALA B 2243 68.47 7.01 49.92
CA ALA B 2243 68.17 7.02 51.35
C ALA B 2243 68.61 8.33 52.00
N ALA B 2244 69.79 8.83 51.63
CA ALA B 2244 70.27 10.09 52.17
C ALA B 2244 69.42 11.28 51.75
N SER B 2245 68.73 11.18 50.61
CA SER B 2245 67.83 12.25 50.18
C SER B 2245 66.67 12.41 51.16
N VAL B 2246 66.16 11.30 51.69
CA VAL B 2246 65.01 11.33 52.59
C VAL B 2246 65.42 10.82 53.97
N MET B 2247 66.65 11.12 54.37
CA MET B 2247 67.19 10.60 55.62
C MET B 2247 66.38 11.05 56.82
N ASP B 2248 66.36 12.35 57.09
CA ASP B 2248 65.69 12.89 58.27
C ASP B 2248 64.87 14.13 57.91
N ASN B 2249 64.10 14.03 56.83
CA ASN B 2249 63.22 15.11 56.39
C ASN B 2249 61.80 14.59 56.32
N ASN B 2250 60.98 14.99 57.30
CA ASN B 2250 59.59 14.54 57.34
C ASN B 2250 58.79 15.06 56.14
N GLU B 2251 59.05 16.32 55.75
CA GLU B 2251 58.33 16.90 54.62
C GLU B 2251 58.65 16.16 53.32
N LEU B 2252 59.92 15.76 53.14
CA LEU B 2252 60.29 15.02 51.94
C LEU B 2252 59.73 13.60 51.96
N ALA B 2253 59.69 12.99 53.14
CA ALA B 2253 59.08 11.67 53.26
C ALA B 2253 57.60 11.71 52.95
N LEU B 2254 56.91 12.77 53.39
CA LEU B 2254 55.51 12.95 53.02
C LEU B 2254 55.36 13.22 51.53
N ALA B 2255 56.31 13.97 50.95
CA ALA B 2255 56.25 14.31 49.54
C ALA B 2255 56.58 13.13 48.63
N LEU B 2256 57.05 12.01 49.19
CA LEU B 2256 57.36 10.84 48.38
C LEU B 2256 56.09 10.29 47.74
N ARG B 2257 56.16 10.05 46.43
CA ARG B 2257 55.00 9.63 45.67
C ARG B 2257 54.79 8.12 45.77
N GLU B 2258 53.51 7.72 45.67
CA GLU B 2258 53.18 6.29 45.68
C GLU B 2258 53.80 5.50 44.52
N PRO B 2259 53.85 5.99 43.27
CA PRO B 2259 54.47 5.18 42.20
C PRO B 2259 55.93 4.83 42.46
N ASP B 2260 56.69 5.70 43.12
CA ASP B 2260 58.08 5.35 43.44
C ASP B 2260 58.15 4.18 44.42
N LEU B 2261 57.29 4.19 45.44
CA LEU B 2261 57.24 3.06 46.36
C LEU B 2261 56.77 1.79 45.66
N GLU B 2262 55.82 1.92 44.73
CA GLU B 2262 55.39 0.78 43.93
C GLU B 2262 56.55 0.21 43.12
N LYS B 2263 57.35 1.09 42.51
CA LYS B 2263 58.52 0.65 41.79
C LYS B 2263 59.46 -0.13 42.69
N VAL B 2264 59.82 0.46 43.85
CA VAL B 2264 60.76 -0.18 44.76
C VAL B 2264 60.24 -1.53 45.23
N VAL B 2265 58.92 -1.62 45.46
CA VAL B 2265 58.31 -2.89 45.82
C VAL B 2265 58.48 -3.90 44.68
N ARG B 2266 58.33 -3.46 43.43
CA ARG B 2266 58.52 -4.36 42.30
C ARG B 2266 59.97 -4.84 42.21
N TYR B 2267 60.94 -3.93 42.41
CA TYR B 2267 62.34 -4.34 42.41
C TYR B 2267 62.64 -5.33 43.53
N LEU B 2268 62.02 -5.14 44.69
CA LEU B 2268 62.19 -6.11 45.78
C LEU B 2268 61.58 -7.46 45.40
N ALA B 2269 60.40 -7.45 44.77
CA ALA B 2269 59.75 -8.68 44.35
C ALA B 2269 60.49 -9.37 43.21
N GLY B 2270 61.36 -8.65 42.50
CA GLY B 2270 62.14 -9.26 41.45
C GLY B 2270 63.14 -10.30 41.93
N CYS B 2271 63.45 -10.31 43.23
CA CYS B 2271 64.37 -11.28 43.80
C CYS B 2271 63.64 -12.53 44.30
N GLY B 2272 62.86 -13.15 43.42
CA GLY B 2272 62.17 -14.38 43.75
C GLY B 2272 62.95 -15.61 43.33
N LEU B 2273 64.13 -15.82 43.91
CA LEU B 2273 64.96 -16.96 43.54
C LEU B 2273 65.81 -17.36 44.74
N GLN B 2274 66.31 -18.59 44.69
CA GLN B 2274 67.18 -19.11 45.73
C GLN B 2274 68.10 -20.16 45.13
N SER B 2275 69.31 -20.26 45.68
CA SER B 2275 70.31 -21.20 45.18
C SER B 2275 71.27 -21.54 46.31
N CYS B 2276 72.11 -22.55 46.06
CA CYS B 2276 73.07 -23.04 47.04
C CYS B 2276 74.48 -22.49 46.84
N GLN B 2277 74.65 -21.55 45.91
CA GLN B 2277 75.97 -20.97 45.68
C GLN B 2277 76.33 -20.02 46.81
N MET B 2278 77.57 -19.52 46.76
CA MET B 2278 78.06 -18.66 47.84
C MET B 2278 77.44 -17.27 47.78
N LEU B 2279 77.76 -16.52 46.73
CA LEU B 2279 77.26 -15.15 46.56
C LEU B 2279 76.87 -14.91 45.11
N VAL B 2280 76.16 -15.87 44.52
CA VAL B 2280 75.80 -15.76 43.11
C VAL B 2280 74.69 -14.72 42.93
N SER B 2281 74.67 -14.09 41.76
CA SER B 2281 73.58 -13.22 41.34
C SER B 2281 72.92 -13.74 40.08
N LYS B 2282 73.71 -14.00 39.03
CA LYS B 2282 73.24 -14.70 37.84
C LYS B 2282 74.16 -15.82 37.40
N GLY B 2283 75.41 -15.85 37.86
CA GLY B 2283 76.34 -16.90 37.51
C GLY B 2283 77.67 -16.65 38.19
N TYR B 2284 78.59 -17.60 37.99
CA TYR B 2284 79.97 -17.52 38.48
C TYR B 2284 80.04 -17.31 39.99
N PRO B 2285 79.74 -18.34 40.79
CA PRO B 2285 79.84 -18.18 42.24
C PRO B 2285 81.28 -18.13 42.73
N ASP B 2286 81.91 -16.96 42.61
CA ASP B 2286 83.32 -16.79 42.93
C ASP B 2286 83.54 -16.35 44.38
N ILE B 2287 82.96 -15.21 44.76
CA ILE B 2287 83.19 -14.65 46.09
C ILE B 2287 82.35 -15.40 47.11
N GLY B 2288 82.99 -15.82 48.21
CA GLY B 2288 82.32 -16.48 49.30
C GLY B 2288 82.12 -15.64 50.54
N TRP B 2289 82.32 -14.33 50.46
CA TRP B 2289 82.19 -13.46 51.63
C TRP B 2289 80.73 -13.23 51.99
N VAL B 2292 73.42 -9.49 49.63
CA VAL B 2292 72.48 -8.88 50.55
C VAL B 2292 71.10 -8.81 49.91
N GLU B 2293 71.04 -9.08 48.60
CA GLU B 2293 69.86 -9.01 47.75
C GLU B 2293 68.90 -7.88 48.14
N GLY B 2294 67.72 -8.23 48.65
CA GLY B 2294 66.69 -7.26 48.96
C GLY B 2294 66.83 -6.51 50.26
N GLU B 2295 67.90 -6.76 51.01
CA GLU B 2295 68.11 -6.05 52.27
C GLU B 2295 68.29 -4.55 52.04
N ARG B 2296 68.94 -4.17 50.94
CA ARG B 2296 69.11 -2.75 50.64
C ARG B 2296 67.76 -2.08 50.32
N TYR B 2297 66.90 -2.77 49.58
CA TYR B 2297 65.56 -2.25 49.33
C TYR B 2297 64.79 -2.10 50.63
N LEU B 2298 64.90 -3.10 51.52
CA LEU B 2298 64.20 -3.03 52.80
C LEU B 2298 64.73 -1.88 53.65
N ASP B 2299 66.04 -1.65 53.63
CA ASP B 2299 66.62 -0.54 54.38
C ASP B 2299 66.15 0.80 53.82
N PHE B 2300 66.08 0.93 52.49
CA PHE B 2300 65.58 2.15 51.89
C PHE B 2300 64.13 2.39 52.27
N LEU B 2301 63.31 1.33 52.25
CA LEU B 2301 61.91 1.48 52.64
C LEU B 2301 61.79 1.86 54.12
N ARG B 2302 62.65 1.29 54.97
CA ARG B 2302 62.67 1.66 56.38
C ARG B 2302 63.00 3.13 56.56
N PHE B 2303 63.99 3.63 55.82
CA PHE B 2303 64.34 5.04 55.90
C PHE B 2303 63.21 5.92 55.37
N ALA B 2304 62.47 5.44 54.36
CA ALA B 2304 61.40 6.23 53.78
C ALA B 2304 60.15 6.25 54.66
N VAL B 2305 59.94 5.22 55.48
CA VAL B 2305 58.69 5.12 56.24
C VAL B 2305 58.83 5.60 57.68
N PHE B 2306 60.05 5.71 58.21
CA PHE B 2306 60.27 6.11 59.60
C PHE B 2306 61.22 7.30 59.62
N CYS B 2307 60.69 8.47 59.93
CA CYS B 2307 61.46 9.70 60.03
C CYS B 2307 61.44 10.18 61.47
N ASN B 2308 62.63 10.48 62.00
CA ASN B 2308 62.83 10.79 63.43
C ASN B 2308 62.27 9.60 64.23
N GLY B 2309 61.80 9.83 65.45
CA GLY B 2309 61.04 8.78 66.10
C GLY B 2309 59.56 8.98 65.92
N GLU B 2310 59.02 8.41 64.84
CA GLU B 2310 57.65 8.62 64.39
C GLU B 2310 57.47 7.76 63.16
N SER B 2311 56.24 7.31 62.91
CA SER B 2311 55.97 6.41 61.80
C SER B 2311 54.90 7.00 60.90
N VAL B 2312 55.28 7.34 59.67
CA VAL B 2312 54.41 8.06 58.75
C VAL B 2312 53.29 7.12 58.30
N GLU B 2313 52.06 7.45 58.64
CA GLU B 2313 50.93 6.57 58.37
C GLU B 2313 50.63 6.48 56.87
N GLU B 2314 50.71 7.61 56.16
CA GLU B 2314 50.37 7.62 54.74
C GLU B 2314 51.30 6.74 53.94
N ASN B 2315 52.61 6.80 54.23
CA ASN B 2315 53.55 5.91 53.56
C ASN B 2315 53.40 4.48 54.05
N ALA B 2316 53.11 4.29 55.34
CA ALA B 2316 53.02 2.95 55.91
C ALA B 2316 51.87 2.16 55.31
N ASN B 2317 50.74 2.83 55.05
CA ASN B 2317 49.60 2.14 54.47
C ASN B 2317 49.93 1.54 53.11
N VAL B 2318 50.48 2.37 52.21
CA VAL B 2318 50.80 1.87 50.87
C VAL B 2318 51.94 0.86 50.93
N VAL B 2319 52.90 1.03 51.85
CA VAL B 2319 54.01 0.10 51.94
C VAL B 2319 53.52 -1.28 52.37
N VAL B 2320 52.69 -1.32 53.42
CA VAL B 2320 52.20 -2.62 53.90
C VAL B 2320 51.22 -3.23 52.91
N ARG B 2321 50.41 -2.41 52.21
CA ARG B 2321 49.49 -2.95 51.22
C ARG B 2321 50.24 -3.59 50.06
N LEU B 2322 51.29 -2.92 49.58
CA LEU B 2322 52.05 -3.47 48.47
C LEU B 2322 52.96 -4.61 48.92
N LEU B 2323 53.27 -4.69 50.21
CA LEU B 2323 54.02 -5.84 50.71
C LEU B 2323 53.12 -7.07 50.81
N ILE B 2324 51.87 -6.90 51.27
CA ILE B 2324 51.00 -8.06 51.40
C ILE B 2324 50.33 -8.42 50.08
N ARG B 2325 50.33 -7.52 49.10
CA ARG B 2325 49.75 -7.85 47.80
C ARG B 2325 50.71 -8.67 46.94
N ARG B 2326 51.96 -8.80 47.35
CA ARG B 2326 52.96 -9.60 46.64
C ARG B 2326 53.96 -10.12 47.65
N PRO B 2327 53.83 -11.39 48.07
CA PRO B 2327 54.79 -11.95 49.03
C PRO B 2327 56.20 -12.00 48.45
N GLU B 2328 57.18 -11.79 49.33
CA GLU B 2328 58.57 -11.66 48.90
C GLU B 2328 59.45 -12.81 49.39
N CYS B 2329 59.47 -13.06 50.69
CA CYS B 2329 60.39 -14.04 51.26
C CYS B 2329 59.93 -15.47 50.93
N PHE B 2330 60.85 -16.41 51.12
CA PHE B 2330 60.61 -17.83 50.90
C PHE B 2330 60.72 -18.54 52.25
N GLY B 2331 59.61 -18.58 52.99
CA GLY B 2331 59.58 -19.20 54.29
C GLY B 2331 59.21 -20.66 54.22
N PRO B 2332 60.15 -21.54 54.58
CA PRO B 2332 59.87 -22.98 54.51
C PRO B 2332 58.97 -23.50 55.62
N ALA B 2333 58.88 -22.79 56.75
CA ALA B 2333 57.97 -23.21 57.80
C ALA B 2333 56.51 -23.12 57.36
N LEU B 2334 56.16 -22.06 56.64
CA LEU B 2334 54.82 -21.95 56.09
C LEU B 2334 54.61 -22.93 54.95
N ARG B 2335 55.62 -23.09 54.09
CA ARG B 2335 55.64 -24.05 52.99
C ARG B 2335 54.53 -23.76 51.98
N GLY B 2336 53.28 -24.02 52.36
CA GLY B 2336 52.17 -23.78 51.45
C GLY B 2336 51.97 -22.30 51.15
N GLU B 2337 52.19 -21.44 52.14
CA GLU B 2337 52.00 -20.01 51.96
C GLU B 2337 53.15 -19.42 51.15
N GLY B 2338 53.05 -18.12 50.87
CA GLY B 2338 54.09 -17.46 50.09
C GLY B 2338 55.42 -17.40 50.81
N GLY B 2339 55.41 -17.18 52.12
CA GLY B 2339 56.63 -17.10 52.88
C GLY B 2339 56.43 -16.70 54.33
N ASN B 2340 57.39 -15.95 54.87
CA ASN B 2340 57.37 -15.49 56.26
C ASN B 2340 57.27 -16.67 57.24
N GLY B 2341 58.00 -17.74 56.95
CA GLY B 2341 58.04 -18.88 57.83
C GLY B 2341 59.14 -18.78 58.87
N LEU B 2342 59.00 -17.82 59.78
CA LEU B 2342 60.05 -17.52 60.76
C LEU B 2342 60.26 -18.63 61.77
N LEU B 2343 59.35 -19.60 61.86
CA LEU B 2343 59.50 -20.69 62.82
C LEU B 2343 60.72 -21.54 62.50
N ALA B 2344 60.95 -21.83 61.22
CA ALA B 2344 62.05 -22.68 60.81
C ALA B 2344 63.09 -21.99 59.93
N ALA B 2345 62.81 -20.77 59.45
CA ALA B 2345 63.75 -20.09 58.57
C ALA B 2345 65.06 -19.77 59.27
N MET B 2346 64.98 -19.18 60.47
CA MET B 2346 66.19 -18.85 61.20
C MET B 2346 66.91 -20.10 61.69
N GLU B 2347 66.17 -21.16 62.01
CA GLU B 2347 66.80 -22.42 62.38
C GLU B 2347 67.59 -22.99 61.21
N GLU B 2348 67.00 -22.97 60.01
CA GLU B 2348 67.71 -23.45 58.82
C GLU B 2348 68.92 -22.56 58.52
N ALA B 2349 68.79 -21.25 58.72
CA ALA B 2349 69.90 -20.34 58.48
C ALA B 2349 71.06 -20.61 59.45
N ILE B 2350 70.75 -20.79 60.73
CA ILE B 2350 71.80 -21.07 61.71
C ILE B 2350 72.37 -22.47 61.55
N LYS B 2351 71.61 -23.39 60.94
CA LYS B 2351 72.16 -24.70 60.62
C LYS B 2351 73.10 -24.64 59.43
N ILE B 2352 72.73 -23.88 58.40
CA ILE B 2352 73.57 -23.75 57.21
C ILE B 2352 74.74 -22.81 57.41
N ALA B 2353 74.74 -22.03 58.51
CA ALA B 2353 75.89 -21.18 58.81
C ALA B 2353 77.15 -22.02 59.02
N GLU B 2354 77.04 -23.12 59.74
CA GLU B 2354 78.16 -24.06 59.91
C GLU B 2354 78.10 -25.16 58.85
N ASP B 2355 78.09 -24.72 57.59
CA ASP B 2355 77.95 -25.63 56.46
C ASP B 2355 78.49 -24.93 55.22
N PRO B 2356 78.90 -25.69 54.19
CA PRO B 2356 79.32 -25.07 52.93
C PRO B 2356 78.16 -24.43 52.17
N MET B 2383 77.19 -15.36 52.19
CA MET B 2383 76.21 -16.32 52.68
C MET B 2383 76.34 -16.44 54.20
N GLY B 2384 75.40 -17.13 54.84
CA GLY B 2384 75.40 -17.21 56.29
C GLY B 2384 74.49 -16.17 56.90
N ASN B 2385 75.06 -15.03 57.29
CA ASN B 2385 74.29 -13.93 57.87
C ASN B 2385 73.39 -13.25 56.86
N ALA B 2386 73.48 -13.59 55.57
CA ALA B 2386 72.70 -12.90 54.54
C ALA B 2386 71.21 -13.14 54.73
N ILE B 2387 70.80 -14.40 54.83
CA ILE B 2387 69.38 -14.73 54.94
C ILE B 2387 68.80 -14.20 56.25
N MET B 2388 69.53 -14.38 57.36
CA MET B 2388 69.08 -13.90 58.65
C MET B 2388 68.95 -12.38 58.65
N THR B 2389 69.92 -11.69 58.05
CA THR B 2389 69.86 -10.23 57.98
C THR B 2389 68.71 -9.77 57.10
N PHE B 2390 68.44 -10.47 56.00
CA PHE B 2390 67.31 -10.14 55.15
C PHE B 2390 65.99 -10.27 55.90
N TYR B 2391 65.81 -11.38 56.62
CA TYR B 2391 64.59 -11.58 57.38
C TYR B 2391 64.46 -10.56 58.50
N ALA B 2392 65.58 -10.24 59.18
CA ALA B 2392 65.56 -9.23 60.23
C ALA B 2392 65.18 -7.87 59.68
N ALA B 2393 65.72 -7.51 58.51
CA ALA B 2393 65.36 -6.24 57.89
C ALA B 2393 63.88 -6.22 57.51
N LEU B 2394 63.36 -7.35 57.03
CA LEU B 2394 61.94 -7.41 56.68
C LEU B 2394 61.05 -7.19 57.90
N ILE B 2395 61.34 -7.89 59.01
CA ILE B 2395 60.47 -7.74 60.17
C ILE B 2395 60.67 -6.38 60.81
N ASP B 2396 61.89 -5.81 60.73
CA ASP B 2396 62.11 -4.45 61.22
C ASP B 2396 61.31 -3.44 60.41
N LEU B 2397 61.27 -3.60 59.09
CA LEU B 2397 60.46 -2.72 58.26
C LEU B 2397 58.98 -2.85 58.61
N LEU B 2398 58.52 -4.08 58.82
CA LEU B 2398 57.12 -4.30 59.20
C LEU B 2398 56.80 -3.66 60.54
N GLY B 2399 57.72 -3.78 61.51
CA GLY B 2399 57.49 -3.20 62.82
C GLY B 2399 57.48 -1.67 62.79
N ARG B 2400 58.43 -1.07 62.07
CA ARG B 2400 58.40 0.37 61.89
C ARG B 2400 57.22 0.83 61.06
N CYS B 2401 56.64 -0.07 60.26
CA CYS B 2401 55.46 0.22 59.47
C CYS B 2401 54.17 0.15 60.27
N ALA B 2402 54.21 -0.41 61.47
CA ALA B 2402 53.01 -0.57 62.27
C ALA B 2402 52.48 0.79 62.74
N PRO B 2403 51.17 0.94 62.85
CA PRO B 2403 50.62 2.19 63.37
C PRO B 2403 51.02 2.41 64.82
N GLU B 2404 51.12 3.68 65.20
CA GLU B 2404 51.51 4.04 66.56
C GLU B 2404 50.42 3.66 67.54
N MET B 2405 50.73 2.74 68.45
CA MET B 2405 49.75 2.24 69.42
C MET B 2405 49.46 3.33 70.45
N HIS B 2406 48.35 4.02 70.26
CA HIS B 2406 47.83 5.05 71.16
C HIS B 2406 48.77 6.23 71.35
N LEU B 2407 49.83 6.34 70.54
CA LEU B 2407 50.72 7.49 70.63
C LEU B 2407 50.04 8.76 70.14
N ILE B 2408 49.28 8.65 69.05
CA ILE B 2408 48.51 9.76 68.50
C ILE B 2408 47.02 9.44 68.46
N HIS B 2409 46.67 8.27 67.92
CA HIS B 2409 45.29 7.84 67.79
C HIS B 2409 45.12 6.45 68.38
N ALA B 2410 44.03 6.27 69.12
CA ALA B 2410 43.71 4.96 69.69
C ALA B 2410 42.24 4.59 69.54
N GLY B 2411 41.40 5.47 68.99
CA GLY B 2411 39.98 5.18 68.86
C GLY B 2411 39.68 4.13 67.81
N LYS B 2412 39.86 4.50 66.54
CA LYS B 2412 39.56 3.60 65.42
C LYS B 2412 40.08 4.23 64.14
N GLY B 2413 39.99 3.48 63.05
CA GLY B 2413 40.28 4.00 61.73
C GLY B 2413 41.65 3.62 61.20
N GLU B 2414 41.69 2.57 60.39
CA GLU B 2414 42.90 2.11 59.68
C GLU B 2414 44.07 1.80 60.62
N ALA B 2415 43.80 1.59 61.90
CA ALA B 2415 44.82 1.25 62.87
C ALA B 2415 44.68 -0.18 63.37
N ILE B 2416 43.51 -0.52 63.92
CA ILE B 2416 43.24 -1.91 64.29
C ILE B 2416 43.22 -2.80 63.04
N ARG B 2417 42.86 -2.23 61.89
CA ARG B 2417 42.88 -2.98 60.64
C ARG B 2417 44.29 -3.44 60.30
N ILE B 2418 45.24 -2.50 60.28
CA ILE B 2418 46.63 -2.85 59.99
C ILE B 2418 47.22 -3.71 61.09
N ARG B 2419 46.81 -3.47 62.34
CA ARG B 2419 47.29 -4.30 63.45
C ARG B 2419 46.85 -5.76 63.27
N SER B 2420 45.59 -5.98 62.88
CA SER B 2420 45.11 -7.34 62.65
C SER B 2420 45.78 -7.97 61.44
N ILE B 2421 46.03 -7.18 60.40
CA ILE B 2421 46.72 -7.70 59.22
C ILE B 2421 48.13 -8.15 59.59
N LEU B 2422 48.83 -7.35 60.41
CA LEU B 2422 50.16 -7.74 60.86
C LEU B 2422 50.11 -8.95 61.78
N ARG B 2423 49.10 -9.03 62.64
CA ARG B 2423 48.98 -10.17 63.55
C ARG B 2423 48.67 -11.46 62.80
N SER B 2424 48.00 -11.36 61.66
CA SER B 2424 47.66 -12.56 60.88
C SER B 2424 48.92 -13.25 60.39
N LEU B 2425 49.93 -12.49 59.98
CA LEU B 2425 51.19 -13.07 59.53
C LEU B 2425 51.97 -13.66 60.70
N GLY B 2429 48.83 -15.11 63.97
CA GLY B 2429 49.08 -16.39 64.60
C GLY B 2429 50.55 -16.74 64.71
N ASP B 2430 51.22 -16.85 63.56
CA ASP B 2430 52.65 -17.16 63.56
C ASP B 2430 53.46 -16.03 64.18
N LEU B 2431 53.13 -14.79 63.84
CA LEU B 2431 53.83 -13.64 64.40
C LEU B 2431 53.37 -13.31 65.82
N VAL B 2432 52.24 -13.87 66.28
CA VAL B 2432 51.84 -13.69 67.67
C VAL B 2432 52.85 -14.38 68.60
N GLY B 2433 53.17 -15.63 68.30
CA GLY B 2433 54.19 -16.33 69.04
C GLY B 2433 55.52 -16.35 68.31
N VAL B 2434 56.42 -15.44 68.71
CA VAL B 2434 57.77 -15.40 68.16
C VAL B 2434 58.74 -15.42 69.32
N ILE B 2435 58.29 -15.97 70.46
CA ILE B 2435 59.16 -16.10 71.63
C ILE B 2435 60.30 -17.06 71.33
N SER B 2436 60.01 -18.15 70.62
CA SER B 2436 61.04 -19.14 70.29
C SER B 2436 62.11 -18.58 69.37
N ILE B 2437 61.88 -17.41 68.77
CA ILE B 2437 62.88 -16.75 67.95
C ILE B 2437 63.54 -15.59 68.68
N ALA B 2438 62.76 -14.76 69.37
CA ALA B 2438 63.31 -13.63 70.10
C ALA B 2438 64.15 -14.08 71.28
N PHE B 2439 63.62 -14.97 72.11
CA PHE B 2439 64.34 -15.50 73.25
C PHE B 2439 65.05 -16.81 72.93
N GLN B 2440 65.35 -17.06 71.67
CA GLN B 2440 66.12 -18.23 71.29
C GLN B 2440 67.51 -18.16 71.88
N MET B 2441 68.14 -19.32 72.08
CA MET B 2441 69.46 -19.42 72.68
C MET B 2441 70.50 -20.10 71.79
N PRO B 2442 70.78 -19.55 70.57
CA PRO B 2442 72.11 -19.74 69.96
C PRO B 2442 73.01 -18.56 70.29
N THR B 2443 73.13 -18.24 71.59
CA THR B 2443 73.75 -16.99 72.01
C THR B 2443 75.21 -16.93 71.59
N ILE B 2444 75.95 -18.03 71.79
CA ILE B 2444 77.33 -18.19 71.36
C ILE B 2444 78.24 -17.17 72.05
N ALA B 2445 78.98 -17.62 73.06
CA ALA B 2445 79.92 -16.72 73.73
C ALA B 2445 81.04 -16.25 72.80
N LYS B 2446 81.20 -16.90 71.65
CA LYS B 2446 82.14 -16.51 70.60
C LYS B 2446 83.56 -16.51 71.13
N ASP B 2447 84.05 -15.34 71.56
CA ASP B 2447 85.40 -15.24 72.09
C ASP B 2447 85.55 -16.12 73.34
N GLY B 2448 84.54 -16.11 74.20
CA GLY B 2448 84.51 -16.97 75.37
C GLY B 2448 85.74 -16.83 76.25
N LYS B 2449 86.53 -17.89 76.35
CA LYS B 2449 87.78 -17.84 77.09
C LYS B 2449 88.78 -16.91 76.42
N VAL B 2450 89.32 -17.30 75.26
CA VAL B 2450 90.37 -16.52 74.61
C VAL B 2450 90.07 -16.19 73.14
N VAL B 2451 89.60 -17.16 72.35
CA VAL B 2451 89.61 -17.00 70.90
C VAL B 2451 88.26 -17.31 70.26
N GLU B 2452 88.25 -17.32 68.91
CA GLU B 2452 87.11 -17.52 68.01
C GLU B 2452 86.10 -16.37 68.11
N PRO B 2453 86.48 -15.13 67.74
CA PRO B 2453 85.50 -14.02 67.72
C PRO B 2453 84.85 -13.84 66.34
N ASP B 2454 83.95 -14.76 66.00
CA ASP B 2454 83.34 -14.76 64.67
C ASP B 2454 82.36 -13.61 64.48
N MET B 2455 82.83 -12.51 63.90
CA MET B 2455 81.95 -11.40 63.57
C MET B 2455 81.14 -11.68 62.31
N SER B 2456 81.75 -12.34 61.32
CA SER B 2456 81.14 -12.47 60.01
C SER B 2456 79.94 -13.42 60.03
N ALA B 2457 80.11 -14.60 60.65
CA ALA B 2457 79.08 -15.62 60.68
C ALA B 2457 78.55 -15.74 62.09
N GLY B 2458 77.22 -15.70 62.23
CA GLY B 2458 76.58 -15.79 63.52
C GLY B 2458 75.60 -14.64 63.69
N PHE B 2459 74.59 -14.86 64.53
CA PHE B 2459 73.61 -13.82 64.79
C PHE B 2459 74.22 -12.67 65.58
N CYS B 2460 73.78 -11.46 65.28
CA CYS B 2460 74.28 -10.29 65.97
C CYS B 2460 73.49 -10.06 67.26
N PRO B 2461 74.09 -9.40 68.25
CA PRO B 2461 73.31 -9.01 69.43
C PRO B 2461 72.14 -8.11 69.08
N ASP B 2462 72.28 -7.26 68.06
CA ASP B 2462 71.20 -6.43 67.58
C ASP B 2462 70.34 -7.11 66.53
N HIS B 2463 70.53 -8.41 66.30
CA HIS B 2463 69.66 -9.14 65.38
C HIS B 2463 68.28 -9.34 65.99
N LYS B 2464 68.19 -9.46 67.32
CA LYS B 2464 66.92 -9.55 68.02
C LYS B 2464 66.30 -8.19 68.29
N ALA B 2465 66.98 -7.10 67.92
CA ALA B 2465 66.38 -5.78 68.02
C ALA B 2465 65.15 -5.67 67.12
N ALA B 2466 65.18 -6.32 65.94
CA ALA B 2466 63.99 -6.37 65.10
C ALA B 2466 62.86 -7.11 65.80
N MET B 2467 63.18 -8.22 66.46
CA MET B 2467 62.16 -8.97 67.21
C MET B 2467 61.51 -8.09 68.26
N VAL B 2468 62.33 -7.45 69.09
CA VAL B 2468 61.78 -6.66 70.19
C VAL B 2468 61.08 -5.41 69.67
N LEU B 2469 61.52 -4.87 68.53
CA LEU B 2469 60.85 -3.71 67.95
C LEU B 2469 59.47 -4.08 67.43
N PHE B 2470 59.36 -5.21 66.74
CA PHE B 2470 58.05 -5.68 66.30
C PHE B 2470 57.15 -5.94 67.50
N LEU B 2471 57.68 -6.56 68.55
CA LEU B 2471 56.88 -6.85 69.73
C LEU B 2471 56.37 -5.57 70.38
N ASP B 2472 57.25 -4.58 70.57
CA ASP B 2472 56.85 -3.34 71.22
C ASP B 2472 55.89 -2.54 70.35
N ARG B 2473 56.06 -2.59 69.03
CA ARG B 2473 55.22 -1.78 68.15
C ARG B 2473 53.83 -2.38 67.99
N VAL B 2474 53.72 -3.71 67.95
CA VAL B 2474 52.44 -4.34 67.68
C VAL B 2474 51.79 -4.80 68.97
N TYR B 2475 52.45 -5.71 69.69
CA TYR B 2475 51.86 -6.33 70.87
C TYR B 2475 52.22 -5.57 72.15
N GLY B 2476 53.52 -5.50 72.46
CA GLY B 2476 53.97 -4.86 73.67
C GLY B 2476 53.65 -5.66 74.92
N ILE B 2477 54.11 -5.18 76.07
CA ILE B 2477 53.78 -5.83 77.35
C ILE B 2477 52.51 -5.16 77.85
N GLU B 2478 51.37 -5.64 77.34
CA GLU B 2478 50.08 -5.12 77.76
C GLU B 2478 49.67 -5.60 79.14
N VAL B 2479 50.30 -6.66 79.64
CA VAL B 2479 49.99 -7.22 80.95
C VAL B 2479 51.24 -7.88 81.49
N GLN B 2480 51.33 -7.97 82.82
CA GLN B 2480 52.48 -8.62 83.45
C GLN B 2480 52.43 -10.14 83.32
N ASP B 2481 51.30 -10.72 82.93
CA ASP B 2481 51.23 -12.16 82.75
C ASP B 2481 52.14 -12.62 81.61
N PHE B 2482 52.15 -11.89 80.50
CA PHE B 2482 53.04 -12.22 79.39
C PHE B 2482 54.50 -12.04 79.79
N LEU B 2483 54.79 -11.00 80.59
CA LEU B 2483 56.15 -10.80 81.07
C LEU B 2483 56.60 -11.96 81.96
N LEU B 2484 55.71 -12.44 82.82
CA LEU B 2484 56.04 -13.58 83.68
C LEU B 2484 56.18 -14.86 82.87
N HIS B 2485 55.36 -15.02 81.83
CA HIS B 2485 55.53 -16.16 80.92
C HIS B 2485 56.89 -16.12 80.25
N LEU B 2486 57.32 -14.95 79.79
CA LEU B 2486 58.66 -14.79 79.24
C LEU B 2486 59.72 -14.72 80.33
N LEU B 2487 59.33 -14.43 81.57
CA LEU B 2487 60.25 -14.24 82.69
C LEU B 2487 61.29 -13.19 82.35
N GLU B 2488 62.48 -13.64 81.95
CA GLU B 2488 63.51 -12.76 81.42
C GLU B 2488 63.41 -12.78 79.89
N VAL B 2489 63.32 -11.59 79.29
CA VAL B 2489 63.18 -11.49 77.85
C VAL B 2489 64.38 -12.12 77.16
N GLY B 2490 65.56 -11.55 77.38
CA GLY B 2490 66.79 -12.16 76.92
C GLY B 2490 67.43 -13.00 78.01
N PHE B 2491 66.77 -14.08 78.43
CA PHE B 2491 67.27 -14.88 79.55
C PHE B 2491 68.64 -15.46 79.24
N LEU B 2492 68.79 -16.10 78.08
CA LEU B 2492 70.10 -16.60 77.67
C LEU B 2492 71.01 -15.44 77.28
N PRO B 2493 70.53 -14.38 76.63
CA PRO B 2493 71.35 -13.15 76.55
C PRO B 2493 71.75 -12.60 77.91
N ASP B 2494 70.87 -12.68 78.92
CA ASP B 2494 71.27 -12.24 80.25
C ASP B 2494 72.38 -13.12 80.82
N LEU B 2495 72.29 -14.43 80.61
CA LEU B 2495 73.35 -15.33 81.05
C LEU B 2495 74.66 -15.04 80.34
N ARG B 2496 74.59 -14.75 79.03
CA ARG B 2496 75.79 -14.39 78.28
C ARG B 2496 76.40 -13.09 78.79
N ALA B 2497 75.56 -12.10 79.10
CA ALA B 2497 76.05 -10.84 79.64
C ALA B 2497 76.69 -11.05 81.01
N ALA B 2498 76.10 -11.91 81.84
CA ALA B 2498 76.70 -12.23 83.13
C ALA B 2498 78.06 -12.92 82.94
N ALA B 2499 78.14 -13.84 81.97
CA ALA B 2499 79.40 -14.51 81.67
C ALA B 2499 80.41 -13.60 80.99
N SER B 2500 79.98 -12.44 80.49
CA SER B 2500 80.89 -11.49 79.86
C SER B 2500 81.75 -10.73 80.85
N LEU B 2501 81.44 -10.81 82.14
CA LEU B 2501 82.24 -10.12 83.16
C LEU B 2501 83.60 -10.78 83.33
N SER B 2507 86.28 -9.90 80.22
CA SER B 2507 86.83 -10.37 78.96
C SER B 2507 86.85 -9.26 77.92
N ALA B 2508 85.65 -8.77 77.58
CA ALA B 2508 85.45 -7.67 76.63
C ALA B 2508 85.96 -7.99 75.24
N THR B 2509 85.85 -7.03 74.32
CA THR B 2509 86.27 -7.18 72.92
C THR B 2509 85.64 -8.41 72.28
N ASP B 2510 84.33 -8.55 72.46
CA ASP B 2510 83.61 -9.77 72.10
C ASP B 2510 82.14 -9.43 71.91
N MET B 2511 81.29 -10.47 71.95
CA MET B 2511 79.84 -10.31 71.96
C MET B 2511 79.34 -9.21 72.90
N ALA B 2512 80.06 -8.98 74.01
CA ALA B 2512 79.60 -8.02 75.01
C ALA B 2512 79.52 -6.61 74.46
N LEU B 2513 80.39 -6.26 73.51
CA LEU B 2513 80.44 -4.89 73.01
C LEU B 2513 79.11 -4.47 72.37
N ALA B 2514 78.51 -5.35 71.58
CA ALA B 2514 77.21 -5.07 70.99
C ALA B 2514 76.05 -5.56 71.84
N LEU B 2515 76.29 -6.55 72.72
CA LEU B 2515 75.24 -6.99 73.63
C LEU B 2515 74.89 -5.90 74.64
N ASN B 2516 75.87 -5.07 75.01
CA ASN B 2516 75.59 -3.92 75.87
C ASN B 2516 74.62 -2.97 75.19
N ARG B 2517 74.83 -2.67 73.90
CA ARG B 2517 73.91 -1.82 73.17
C ARG B 2517 72.54 -2.48 73.01
N TYR B 2518 72.53 -3.79 72.78
CA TYR B 2518 71.27 -4.52 72.64
C TYR B 2518 70.46 -4.46 73.93
N LEU B 2519 71.12 -4.63 75.07
CA LEU B 2519 70.42 -4.55 76.35
C LEU B 2519 70.03 -3.12 76.68
N CYS B 2520 70.81 -2.13 76.24
CA CYS B 2520 70.44 -0.74 76.44
C CYS B 2520 69.22 -0.38 75.61
N THR B 2521 69.06 -0.98 74.42
CA THR B 2521 67.86 -0.77 73.63
C THR B 2521 66.64 -1.45 74.24
N ALA B 2522 66.85 -2.37 75.18
CA ALA B 2522 65.75 -3.04 75.87
C ALA B 2522 65.23 -2.13 76.99
N VAL B 2523 64.55 -1.06 76.55
CA VAL B 2523 63.96 -0.12 77.50
C VAL B 2523 62.57 -0.55 77.91
N LEU B 2524 61.99 -1.55 77.23
CA LEU B 2524 60.65 -2.04 77.49
C LEU B 2524 60.40 -2.51 78.93
N PRO B 2525 61.41 -2.86 79.74
CA PRO B 2525 61.16 -2.94 81.19
C PRO B 2525 60.70 -1.63 81.81
N LEU B 2526 61.01 -0.48 81.20
CA LEU B 2526 60.60 0.82 81.74
C LEU B 2526 59.20 1.18 81.24
N LEU B 2527 58.28 0.23 81.40
CA LEU B 2527 56.87 0.45 81.07
C LEU B 2527 55.98 -0.14 82.14
N GLN B 2578 55.24 -14.45 92.16
CA GLN B 2578 55.73 -15.57 91.39
C GLN B 2578 56.94 -16.22 92.08
N LEU B 2579 58.08 -15.55 92.00
CA LEU B 2579 59.31 -16.01 92.64
C LEU B 2579 60.22 -14.81 92.86
N ARG B 2580 61.48 -15.08 93.20
CA ARG B 2580 62.49 -14.04 93.42
C ARG B 2580 63.61 -14.25 92.42
N PRO B 2581 63.58 -13.58 91.26
CA PRO B 2581 64.66 -13.74 90.28
C PRO B 2581 65.91 -13.00 90.69
N SER B 2582 66.93 -13.03 89.83
CA SER B 2582 68.21 -12.38 90.10
C SER B 2582 68.24 -10.94 89.60
N MET B 2583 67.07 -10.32 89.41
CA MET B 2583 67.01 -8.95 88.89
C MET B 2583 67.65 -7.94 89.84
N MET B 2584 67.74 -8.27 91.13
CA MET B 2584 68.37 -7.35 92.07
C MET B 2584 69.88 -7.31 91.90
N GLN B 2585 70.48 -8.41 91.44
CA GLN B 2585 71.93 -8.50 91.33
C GLN B 2585 72.43 -8.59 89.88
N HIS B 2586 71.64 -9.17 88.97
CA HIS B 2586 72.08 -9.29 87.58
C HIS B 2586 72.26 -7.93 86.93
N LEU B 2587 71.33 -7.00 87.20
CA LEU B 2587 71.43 -5.67 86.63
C LEU B 2587 72.66 -4.93 87.15
N LEU B 2588 72.94 -5.06 88.45
CA LEU B 2588 74.15 -4.43 89.00
C LEU B 2588 75.41 -5.07 88.45
N ARG B 2589 75.40 -6.39 88.25
CA ARG B 2589 76.56 -7.07 87.67
C ARG B 2589 76.81 -6.62 86.24
N ARG B 2590 75.73 -6.40 85.48
CA ARG B 2590 75.89 -5.84 84.14
C ARG B 2590 76.33 -4.38 84.19
N LEU B 2591 75.91 -3.65 85.22
CA LEU B 2591 76.24 -2.22 85.32
C LEU B 2591 77.70 -2.01 85.68
N VAL B 2592 78.26 -2.85 86.55
CA VAL B 2592 79.63 -2.62 87.04
C VAL B 2592 80.69 -2.91 86.00
N PHE B 2593 80.31 -3.34 84.80
CA PHE B 2593 81.27 -3.52 83.71
C PHE B 2593 81.79 -2.17 83.27
N ASP B 2594 83.08 -1.92 83.51
CA ASP B 2594 83.67 -0.62 83.22
C ASP B 2594 84.06 -0.45 81.75
N VAL B 2595 83.97 -1.51 80.95
CA VAL B 2595 84.37 -1.41 79.54
C VAL B 2595 83.49 -0.43 78.76
N PRO B 2596 82.14 -0.50 78.81
CA PRO B 2596 81.36 0.52 78.11
C PRO B 2596 81.41 1.86 78.83
N LEU B 2597 81.37 2.92 78.03
CA LEU B 2597 81.39 4.29 78.54
C LEU B 2597 80.14 5.03 78.05
N LEU B 2598 79.49 5.75 78.96
CA LEU B 2598 78.27 6.50 78.70
C LEU B 2598 77.13 5.60 78.22
N ASN B 2599 77.28 4.28 78.36
CA ASN B 2599 76.22 3.33 78.06
C ASN B 2599 75.39 2.98 79.28
N GLU B 2600 75.84 3.37 80.48
CA GLU B 2600 75.07 3.13 81.68
C GLU B 2600 73.81 3.96 81.75
N HIS B 2601 73.71 5.03 80.95
CA HIS B 2601 72.59 5.96 81.07
C HIS B 2601 71.24 5.31 80.86
N ALA B 2602 71.21 4.11 80.27
CA ALA B 2602 70.00 3.31 80.19
C ALA B 2602 69.89 2.29 81.32
N LYS B 2603 70.68 2.42 82.38
CA LYS B 2603 70.64 1.46 83.48
C LYS B 2603 70.10 2.03 84.78
N MET B 2604 70.57 3.20 85.24
CA MET B 2604 70.08 3.69 86.53
C MET B 2604 68.61 4.11 86.53
N PRO B 2605 68.04 4.72 85.47
CA PRO B 2605 66.58 4.95 85.54
C PRO B 2605 65.79 3.66 85.59
N LEU B 2606 66.22 2.64 84.83
CA LEU B 2606 65.58 1.33 84.90
C LEU B 2606 65.67 0.75 86.31
N LYS B 2607 66.85 0.83 86.93
CA LYS B 2607 67.04 0.29 88.27
C LYS B 2607 66.19 1.04 89.28
N LEU B 2608 66.18 2.38 89.21
CA LEU B 2608 65.43 3.18 90.16
C LEU B 2608 63.94 2.95 90.05
N LEU B 2609 63.43 2.80 88.82
CA LEU B 2609 62.00 2.55 88.66
C LEU B 2609 61.61 1.12 89.00
N THR B 2610 62.45 0.14 88.68
CA THR B 2610 62.13 -1.25 88.97
C THR B 2610 62.33 -1.60 90.44
N ASN B 2611 63.10 -0.79 91.19
CA ASN B 2611 63.17 -0.98 92.63
C ASN B 2611 61.91 -0.49 93.32
N HIS B 2612 61.38 0.65 92.86
CA HIS B 2612 60.15 1.18 93.44
C HIS B 2612 58.94 0.35 93.00
N TYR B 2613 58.93 -0.13 91.76
CA TYR B 2613 57.82 -0.95 91.28
C TYR B 2613 57.77 -2.28 92.02
N GLU B 2614 58.92 -2.91 92.26
CA GLU B 2614 58.96 -4.16 92.99
C GLU B 2614 58.58 -3.94 94.45
N ARG B 2615 57.80 -4.86 95.00
CA ARG B 2615 57.37 -4.76 96.39
C ARG B 2615 58.54 -5.02 97.33
N CYS B 2616 58.49 -4.40 98.51
CA CYS B 2616 59.54 -4.59 99.50
C CYS B 2616 59.54 -6.02 100.05
N TRP B 2617 58.37 -6.68 100.04
CA TRP B 2617 58.30 -8.07 100.50
C TRP B 2617 59.10 -8.99 99.57
N LYS B 2618 58.95 -8.81 98.25
CA LYS B 2618 59.71 -9.61 97.31
C LYS B 2618 61.16 -9.16 97.22
N TYR B 2619 61.47 -7.94 97.63
CA TYR B 2619 62.83 -7.40 97.61
C TYR B 2619 63.53 -7.84 98.90
N TYR B 2620 64.10 -9.04 98.87
CA TYR B 2620 64.78 -9.60 100.04
C TYR B 2620 66.29 -9.72 99.87
N CYS B 2621 66.80 -9.78 98.64
CA CYS B 2621 68.23 -9.90 98.39
C CYS B 2621 68.92 -8.55 98.30
N LEU B 2622 68.36 -7.52 98.93
CA LEU B 2622 68.98 -6.20 98.89
C LEU B 2622 70.27 -6.11 99.70
N PRO B 2623 70.28 -6.40 101.05
CA PRO B 2623 71.50 -6.16 101.82
C PRO B 2623 72.70 -6.98 101.34
N GLY B 2624 72.61 -8.31 101.43
CA GLY B 2624 73.75 -9.14 101.05
C GLY B 2624 74.03 -9.10 99.55
N GLY B 2625 73.00 -8.84 98.75
CA GLY B 2625 73.19 -8.77 97.31
C GLY B 2625 73.97 -7.55 96.88
N TRP B 2626 73.54 -6.37 97.32
CA TRP B 2626 74.18 -5.15 96.82
C TRP B 2626 74.60 -4.18 97.92
N GLY B 2627 73.88 -4.13 99.04
CA GLY B 2627 74.12 -3.09 100.02
C GLY B 2627 75.39 -3.31 100.80
N ASN B 2628 75.76 -4.56 101.06
CA ASN B 2628 77.02 -4.84 101.73
C ASN B 2628 78.20 -4.41 100.86
N PHE B 2629 78.14 -4.70 99.56
CA PHE B 2629 79.19 -4.27 98.66
C PHE B 2629 79.22 -2.76 98.52
N GLY B 2630 78.05 -2.12 98.50
CA GLY B 2630 78.01 -0.67 98.44
C GLY B 2630 78.56 -0.01 99.69
N ALA B 2631 78.31 -0.62 100.85
CA ALA B 2631 78.87 -0.11 102.10
C ALA B 2631 80.38 -0.32 102.15
N ALA B 2632 80.85 -1.46 101.65
CA ALA B 2632 82.29 -1.71 101.61
C ALA B 2632 82.99 -0.78 100.62
N SER B 2633 82.26 -0.27 99.63
CA SER B 2633 82.82 0.64 98.65
C SER B 2633 82.69 2.07 99.14
N GLU B 2634 83.78 2.82 99.07
CA GLU B 2634 83.79 4.21 99.53
C GLU B 2634 83.40 5.18 98.42
N GLU B 2635 84.14 5.16 97.31
CA GLU B 2635 83.92 6.06 96.18
C GLU B 2635 83.96 5.28 94.88
N GLU B 2636 83.22 4.17 94.82
CA GLU B 2636 83.21 3.31 93.65
C GLU B 2636 82.39 3.97 92.53
N LEU B 2637 82.19 3.23 91.45
CA LEU B 2637 81.47 3.77 90.29
C LEU B 2637 79.99 3.98 90.59
N HIS B 2638 79.44 3.24 91.55
CA HIS B 2638 78.03 3.37 91.91
C HIS B 2638 77.89 4.51 92.93
N LEU B 2639 77.98 5.74 92.41
CA LEU B 2639 77.83 6.91 93.26
C LEU B 2639 76.40 7.09 93.75
N SER B 2640 75.42 6.68 92.94
CA SER B 2640 74.01 6.78 93.30
C SER B 2640 73.51 5.56 94.07
N ARG B 2641 74.42 4.81 94.71
CA ARG B 2641 74.00 3.63 95.48
C ARG B 2641 73.15 4.02 96.67
N LYS B 2642 73.49 5.13 97.33
CA LYS B 2642 72.69 5.58 98.48
C LYS B 2642 71.27 5.95 98.04
N LEU B 2643 71.15 6.67 96.93
CA LEU B 2643 69.82 7.03 96.42
C LEU B 2643 69.05 5.78 95.99
N PHE B 2644 69.73 4.84 95.34
CA PHE B 2644 69.07 3.60 94.92
C PHE B 2644 68.56 2.81 96.12
N TRP B 2645 69.35 2.78 97.20
CA TRP B 2645 68.90 2.10 98.41
C TRP B 2645 67.74 2.83 99.08
N GLY B 2646 67.80 4.17 99.12
CA GLY B 2646 66.79 4.96 99.79
C GLY B 2646 65.56 5.29 98.98
N ILE B 2647 65.48 4.83 97.73
CA ILE B 2647 64.26 5.05 96.92
C ILE B 2647 63.04 4.48 97.64
N PHE B 2648 63.13 3.23 98.09
CA PHE B 2648 61.99 2.56 98.70
C PHE B 2648 62.01 2.60 100.22
N ASP B 2649 62.98 3.29 100.83
CA ASP B 2649 63.04 3.37 102.29
C ASP B 2649 61.87 4.17 102.84
N ALA B 2650 61.63 5.36 102.30
CA ALA B 2650 60.56 6.27 102.72
C ALA B 2650 60.70 6.55 104.21
N LEU B 2651 59.57 6.74 104.91
CA LEU B 2651 59.60 6.98 106.35
C LEU B 2651 58.55 6.16 107.10
N SER B 2652 58.04 5.10 106.48
CA SER B 2652 57.02 4.27 107.12
C SER B 2652 57.07 2.86 106.53
N GLN B 2653 56.58 1.91 107.30
CA GLN B 2653 56.46 0.51 106.87
C GLN B 2653 54.99 0.15 106.89
N LYS B 2654 54.37 0.04 105.71
CA LYS B 2654 52.93 -0.14 105.60
C LYS B 2654 52.56 -1.57 105.20
N LYS B 2655 53.15 -2.07 104.11
CA LYS B 2655 52.73 -3.36 103.55
C LYS B 2655 52.98 -4.53 104.50
N TYR B 2656 54.25 -4.84 104.77
CA TYR B 2656 54.58 -5.97 105.63
C TYR B 2656 55.99 -5.77 106.18
N GLU B 2657 56.09 -5.34 107.43
CA GLU B 2657 57.36 -5.29 108.15
C GLU B 2657 57.37 -6.45 109.15
N GLN B 2658 57.70 -7.64 108.63
CA GLN B 2658 57.61 -8.87 109.41
C GLN B 2658 58.95 -9.33 109.95
N GLU B 2659 59.93 -9.55 109.07
CA GLU B 2659 61.22 -10.11 109.45
C GLU B 2659 62.28 -9.02 109.46
N LEU B 2660 63.03 -8.93 110.55
CA LEU B 2660 64.11 -7.95 110.64
C LEU B 2660 65.37 -8.46 109.94
N PHE B 2661 65.93 -9.57 110.43
CA PHE B 2661 67.15 -10.18 109.91
C PHE B 2661 68.27 -9.15 109.81
N LYS B 2662 68.54 -8.68 108.60
CA LYS B 2662 69.48 -7.58 108.38
C LYS B 2662 68.69 -6.27 108.31
N LEU B 2663 68.14 -5.89 109.47
CA LEU B 2663 67.27 -4.72 109.52
C LEU B 2663 68.06 -3.44 109.32
N ALA B 2664 68.99 -3.14 110.23
CA ALA B 2664 69.78 -1.93 110.16
C ALA B 2664 71.25 -2.17 109.81
N LEU B 2665 71.69 -3.43 109.82
CA LEU B 2665 73.08 -3.73 109.50
C LEU B 2665 73.54 -3.23 108.13
N PRO B 2666 72.74 -3.30 107.05
CA PRO B 2666 73.20 -2.71 105.78
C PRO B 2666 73.59 -1.24 105.88
N CYS B 2667 72.93 -0.46 106.75
CA CYS B 2667 73.32 0.92 106.96
C CYS B 2667 74.15 1.12 108.22
N LEU B 2668 74.04 0.22 109.20
CA LEU B 2668 74.91 0.31 110.36
C LEU B 2668 76.36 -0.02 110.03
N SER B 2669 76.58 -0.75 108.93
CA SER B 2669 77.95 -1.08 108.54
C SER B 2669 78.73 0.13 108.06
N ALA B 2670 78.05 1.08 107.40
CA ALA B 2670 78.74 2.24 106.85
C ALA B 2670 77.99 3.54 107.12
N VAL B 2671 77.34 3.67 108.28
CA VAL B 2671 76.85 4.98 108.70
C VAL B 2671 78.00 5.97 108.84
N ALA B 2672 79.18 5.49 109.21
CA ALA B 2672 80.39 6.32 109.20
C ALA B 2672 81.17 6.11 107.89
N GLY B 2673 80.47 6.34 106.79
CA GLY B 2673 81.05 6.14 105.48
C GLY B 2673 81.58 7.40 104.85
N ALA B 2674 81.03 8.54 105.26
CA ALA B 2674 81.46 9.84 104.73
C ALA B 2674 82.62 10.43 105.52
N LEU B 2675 83.37 9.61 106.25
CA LEU B 2675 84.52 10.07 107.03
C LEU B 2675 85.76 10.27 106.17
N PRO B 2676 86.10 9.39 105.22
CA PRO B 2676 87.24 9.67 104.32
C PRO B 2676 87.07 10.97 103.54
N PRO B 2677 86.02 11.13 102.73
CA PRO B 2677 86.02 12.27 101.80
C PRO B 2677 85.74 13.59 102.51
N ASP B 2678 86.21 14.67 101.89
CA ASP B 2678 86.09 16.00 102.48
C ASP B 2678 84.78 16.66 102.10
N TYR B 2679 84.47 16.73 100.81
CA TYR B 2679 83.28 17.42 100.34
C TYR B 2679 82.91 16.86 98.96
N MET B 2680 82.04 17.58 98.25
CA MET B 2680 81.60 17.24 96.89
C MET B 2680 80.90 15.89 96.85
N GLU B 2681 80.88 15.28 95.66
CA GLU B 2681 80.26 13.98 95.39
C GLU B 2681 78.73 14.02 95.53
N SER B 2682 78.05 13.09 94.87
CA SER B 2682 76.60 13.02 94.90
C SER B 2682 76.08 12.02 95.92
N ASN B 2683 76.94 11.50 96.78
CA ASN B 2683 76.51 10.53 97.80
C ASN B 2683 75.62 11.17 98.86
N TYR B 2684 75.68 12.48 99.03
CA TYR B 2684 74.87 13.18 100.01
C TYR B 2684 73.43 13.25 99.50
N VAL B 2685 72.60 12.30 99.93
CA VAL B 2685 71.20 12.25 99.52
C VAL B 2685 70.28 12.52 100.70
N SER B 2686 70.33 11.67 101.73
CA SER B 2686 69.49 11.84 102.91
C SER B 2686 70.09 11.05 104.05
N MET B 2687 69.63 11.34 105.27
CA MET B 2687 70.10 10.66 106.46
C MET B 2687 68.99 10.13 107.35
N MET B 2688 67.72 10.50 107.10
CA MET B 2688 66.63 9.98 107.92
C MET B 2688 66.38 8.49 107.65
N GLU B 2689 66.62 8.04 106.43
CA GLU B 2689 66.46 6.62 106.10
C GLU B 2689 67.58 5.76 106.66
N LYS B 2690 68.65 6.36 107.16
CA LYS B 2690 69.77 5.60 107.69
C LYS B 2690 69.38 4.87 108.97
N GLN B 2691 70.16 3.85 109.31
CA GLN B 2691 69.88 2.95 110.43
C GLN B 2691 68.49 2.35 110.33
N SER B 2692 68.16 1.88 109.11
CA SER B 2692 66.88 1.27 108.77
C SER B 2692 65.70 2.21 108.99
N SER B 2693 65.95 3.53 108.95
CA SER B 2693 64.96 4.58 109.18
C SER B 2693 64.40 4.59 110.60
N MET B 2694 65.07 3.95 111.55
CA MET B 2694 64.80 4.19 112.96
C MET B 2694 66.08 4.62 113.67
N PHE B 2700 83.66 -16.08 93.33
CA PHE B 2700 83.37 -17.51 93.33
C PHE B 2700 84.15 -18.22 94.43
N ASN B 2701 83.62 -19.36 94.88
CA ASN B 2701 84.23 -20.15 95.95
C ASN B 2701 84.35 -21.59 95.47
N PRO B 2702 85.37 -21.91 94.68
CA PRO B 2702 85.53 -23.29 94.20
C PRO B 2702 85.74 -24.31 95.30
N GLN B 2703 86.42 -23.94 96.38
CA GLN B 2703 86.71 -24.85 97.50
C GLN B 2703 86.29 -24.17 98.79
N PRO B 2704 84.99 -24.16 99.12
CA PRO B 2704 84.55 -23.51 100.35
C PRO B 2704 84.95 -24.26 101.60
N VAL B 2705 84.80 -25.58 101.63
CA VAL B 2705 85.11 -26.40 102.79
C VAL B 2705 86.01 -27.54 102.34
N ASP B 2706 87.13 -27.73 103.04
CA ASP B 2706 88.08 -28.80 102.75
C ASP B 2706 87.82 -29.96 103.70
N THR B 2707 87.57 -31.15 103.15
CA THR B 2707 87.31 -32.35 103.92
C THR B 2707 88.34 -33.43 103.62
N SER B 2708 89.59 -33.02 103.39
CA SER B 2708 90.64 -33.98 103.08
C SER B 2708 91.03 -34.81 104.29
N ASN B 2709 90.95 -34.23 105.49
CA ASN B 2709 91.34 -34.90 106.73
C ASN B 2709 90.19 -34.87 107.73
N ILE B 2710 89.00 -35.21 107.27
CA ILE B 2710 87.81 -35.29 108.12
C ILE B 2710 87.33 -36.73 108.09
N THR B 2711 87.19 -37.32 109.29
CA THR B 2711 86.79 -38.72 109.43
C THR B 2711 85.35 -38.78 109.90
N ILE B 2712 84.54 -39.56 109.20
CA ILE B 2712 83.13 -39.76 109.56
C ILE B 2712 83.05 -40.69 110.76
N PRO B 2713 82.40 -40.27 111.85
CA PRO B 2713 82.26 -41.17 113.00
C PRO B 2713 81.37 -42.37 112.69
N GLU B 2714 81.64 -43.47 113.37
CA GLU B 2714 80.90 -44.73 113.15
C GLU B 2714 79.65 -44.75 114.02
N LYS B 2715 78.73 -43.83 113.68
CA LYS B 2715 77.44 -43.75 114.36
C LYS B 2715 76.30 -44.24 113.47
N LEU B 2716 76.61 -45.02 112.43
CA LEU B 2716 75.62 -45.54 111.50
C LEU B 2716 75.46 -47.04 111.72
N GLU B 2717 74.24 -47.46 112.01
CA GLU B 2717 73.96 -48.88 112.20
C GLU B 2717 72.76 -49.38 111.41
N TYR B 2718 71.69 -48.59 111.34
CA TYR B 2718 70.45 -49.07 110.72
C TYR B 2718 69.86 -48.08 109.72
N PHE B 2719 69.96 -46.78 109.97
CA PHE B 2719 69.28 -45.81 109.12
C PHE B 2719 69.91 -45.76 107.73
N ILE B 2720 71.24 -45.88 107.65
CA ILE B 2720 71.89 -45.89 106.35
C ILE B 2720 71.48 -47.12 105.55
N ASN B 2721 71.37 -48.28 106.21
CA ASN B 2721 70.92 -49.49 105.53
C ASN B 2721 69.48 -49.35 105.06
N LYS B 2722 68.62 -48.74 105.89
CA LYS B 2722 67.23 -48.52 105.48
C LYS B 2722 67.14 -47.59 104.29
N TYR B 2723 67.94 -46.52 104.29
CA TYR B 2723 67.94 -45.59 103.15
C TYR B 2723 68.45 -46.26 101.89
N ALA B 2724 69.50 -47.09 102.01
CA ALA B 2724 70.02 -47.81 100.86
C ALA B 2724 69.00 -48.80 100.32
N GLU B 2725 68.29 -49.49 101.21
CA GLU B 2725 67.24 -50.42 100.78
C GLU B 2725 66.11 -49.68 100.08
N HIS B 2726 65.71 -48.52 100.61
CA HIS B 2726 64.66 -47.74 99.97
C HIS B 2726 65.09 -47.26 98.59
N SER B 2727 66.33 -46.78 98.47
CA SER B 2727 66.82 -46.32 97.17
C SER B 2727 66.91 -47.47 96.17
N HIS B 2728 67.38 -48.63 96.62
CA HIS B 2728 67.45 -49.80 95.73
C HIS B 2728 66.06 -50.24 95.29
N ASP B 2729 65.09 -50.24 96.21
CA ASP B 2729 63.73 -50.61 95.85
C ASP B 2729 63.13 -49.62 94.86
N LYS B 2730 63.39 -48.32 95.05
CA LYS B 2730 62.89 -47.32 94.11
C LYS B 2730 63.52 -47.49 92.74
N TRP B 2731 64.83 -47.75 92.69
CA TRP B 2731 65.50 -47.96 91.40
C TRP B 2731 64.99 -49.22 90.72
N SER B 2732 64.76 -50.29 91.48
CA SER B 2732 64.23 -51.52 90.90
C SER B 2732 62.81 -51.32 90.39
N MET B 2733 61.99 -50.56 91.12
CA MET B 2733 60.64 -50.26 90.65
C MET B 2733 60.67 -49.43 89.37
N ASP B 2734 61.58 -48.46 89.30
CA ASP B 2734 61.71 -47.65 88.08
C ASP B 2734 62.16 -48.52 86.90
N LYS B 2735 63.11 -49.42 87.13
CA LYS B 2735 63.58 -50.28 86.04
C LYS B 2735 62.52 -51.30 85.65
N LEU B 2736 61.65 -51.69 86.59
CA LEU B 2736 60.55 -52.60 86.24
C LEU B 2736 59.48 -51.87 85.44
N ALA B 2737 59.21 -50.60 85.78
CA ALA B 2737 58.31 -49.80 84.98
C ALA B 2737 58.89 -49.52 83.59
N ASN B 2738 60.23 -49.47 83.48
CA ASN B 2738 60.87 -49.30 82.19
C ASN B 2738 60.76 -50.54 81.31
N GLY B 2739 60.57 -51.71 81.91
CA GLY B 2739 60.41 -52.93 81.13
C GLY B 2739 61.47 -53.98 81.40
N TRP B 2740 62.01 -53.99 82.62
CA TRP B 2740 63.03 -54.96 83.02
C TRP B 2740 62.48 -55.90 84.08
N ILE B 2741 62.93 -57.15 84.06
CA ILE B 2741 62.48 -58.17 84.99
C ILE B 2741 63.71 -58.84 85.60
N TYR B 2742 63.50 -59.44 86.77
CA TYR B 2742 64.58 -60.14 87.46
C TYR B 2742 64.88 -61.46 86.79
N GLY B 2743 66.16 -61.80 86.71
CA GLY B 2743 66.59 -63.05 86.11
C GLY B 2743 67.89 -63.57 86.68
N GLU B 2744 68.50 -64.55 86.02
CA GLU B 2744 69.76 -65.12 86.47
C GLU B 2744 70.93 -64.78 85.56
N ILE B 2745 70.70 -64.58 84.26
CA ILE B 2745 71.75 -64.24 83.32
C ILE B 2745 71.46 -62.87 82.74
N TYR B 2746 72.43 -61.98 82.82
CA TYR B 2746 72.26 -60.62 82.30
C TYR B 2746 72.18 -60.63 80.78
N SER B 2747 71.27 -59.83 80.24
CA SER B 2747 71.08 -59.72 78.80
C SER B 2747 70.53 -58.34 78.48
N ASP B 2748 71.26 -57.59 77.65
CA ASP B 2748 70.81 -56.26 77.28
C ASP B 2748 69.66 -56.31 76.28
N SER B 2749 69.73 -57.22 75.31
CA SER B 2749 68.68 -57.30 74.30
C SER B 2749 67.38 -57.80 74.90
N SER B 2750 67.44 -58.81 75.78
CA SER B 2750 66.24 -59.34 76.41
C SER B 2750 65.77 -58.51 77.59
N LYS B 2751 66.54 -57.50 78.00
CA LYS B 2751 66.22 -56.62 79.12
C LYS B 2751 66.00 -57.41 80.41
N ILE B 2752 67.06 -58.12 80.80
CA ILE B 2752 67.06 -58.95 82.01
C ILE B 2752 68.06 -58.35 82.98
N GLN B 2753 67.60 -58.00 84.18
CA GLN B 2753 68.44 -57.39 85.20
C GLN B 2753 68.51 -58.30 86.42
N PRO B 2754 69.60 -59.05 86.60
CA PRO B 2754 69.74 -59.91 87.79
C PRO B 2754 70.15 -59.18 89.05
N LEU B 2755 70.16 -57.84 89.05
CA LEU B 2755 70.58 -57.07 90.20
C LEU B 2755 69.50 -56.96 91.27
N MET B 2756 68.29 -57.47 91.03
CA MET B 2756 67.23 -57.45 92.02
C MET B 2756 67.54 -58.43 93.14
N LYS B 2757 68.16 -57.94 94.21
CA LYS B 2757 68.60 -58.77 95.32
C LYS B 2757 68.67 -57.92 96.57
N PRO B 2758 68.63 -58.53 97.76
CA PRO B 2758 68.78 -57.75 98.99
C PRO B 2758 70.14 -57.09 99.07
N TYR B 2759 70.19 -55.98 99.83
CA TYR B 2759 71.41 -55.20 99.95
C TYR B 2759 72.55 -55.96 100.63
N LYS B 2760 72.23 -57.01 101.40
CA LYS B 2760 73.27 -57.80 102.04
C LYS B 2760 74.10 -58.57 101.03
N LEU B 2761 73.46 -59.07 99.98
CA LEU B 2761 74.13 -59.86 98.94
C LEU B 2761 74.40 -59.05 97.68
N LEU B 2762 74.26 -57.72 97.73
CA LEU B 2762 74.51 -56.90 96.56
C LEU B 2762 76.01 -56.78 96.30
N SER B 2763 76.35 -56.31 95.10
CA SER B 2763 77.74 -56.15 94.71
C SER B 2763 78.40 -55.02 95.49
N GLU B 2764 79.72 -55.14 95.68
CA GLU B 2764 80.47 -54.11 96.39
C GLU B 2764 80.54 -52.83 95.59
N LYS B 2765 80.65 -52.93 94.26
CA LYS B 2765 80.75 -51.74 93.42
C LYS B 2765 79.47 -50.93 93.45
N GLU B 2766 78.32 -51.60 93.31
CA GLU B 2766 77.04 -50.90 93.35
C GLU B 2766 76.77 -50.32 94.74
N LYS B 2767 77.16 -51.05 95.79
CA LYS B 2767 77.01 -50.53 97.14
C LYS B 2767 77.85 -49.28 97.35
N GLU B 2768 79.09 -49.29 96.86
CA GLU B 2768 79.94 -48.10 96.98
C GLU B 2768 79.40 -46.95 96.15
N ILE B 2769 78.84 -47.24 94.97
CA ILE B 2769 78.25 -46.19 94.15
C ILE B 2769 77.07 -45.55 94.86
N TYR B 2770 76.23 -46.38 95.49
CA TYR B 2770 75.09 -45.85 96.23
C TYR B 2770 75.53 -45.07 97.48
N ARG B 2771 76.60 -45.52 98.13
CA ARG B 2771 77.01 -44.94 99.40
C ARG B 2771 77.84 -43.68 99.24
N TRP B 2772 78.52 -43.50 98.10
CA TRP B 2772 79.44 -42.37 97.95
C TRP B 2772 78.76 -41.01 98.06
N PRO B 2773 77.62 -40.73 97.39
CA PRO B 2773 76.98 -39.42 97.63
C PRO B 2773 76.51 -39.24 99.06
N ILE B 2774 76.02 -40.31 99.70
CA ILE B 2774 75.58 -40.22 101.08
C ILE B 2774 76.75 -39.94 102.00
N LYS B 2775 77.88 -40.62 101.78
CA LYS B 2775 79.07 -40.38 102.59
C LYS B 2775 79.61 -38.98 102.39
N GLU B 2776 79.58 -38.49 101.14
CA GLU B 2776 80.02 -37.13 100.86
C GLU B 2776 79.13 -36.11 101.55
N SER B 2777 77.81 -36.32 101.51
CA SER B 2777 76.88 -35.42 102.19
C SER B 2777 77.11 -35.43 103.69
N LEU B 2778 77.32 -36.62 104.27
CA LEU B 2778 77.58 -36.72 105.70
C LEU B 2778 78.87 -36.01 106.09
N LYS B 2779 79.92 -36.18 105.28
CA LYS B 2779 81.18 -35.49 105.55
C LYS B 2779 81.02 -33.98 105.46
N THR B 2780 80.25 -33.50 104.47
CA THR B 2780 80.05 -32.06 104.35
C THR B 2780 79.26 -31.50 105.53
N MET B 2781 78.22 -32.20 105.98
CA MET B 2781 77.46 -31.67 107.11
C MET B 2781 78.20 -31.82 108.43
N LEU B 2782 79.14 -32.77 108.53
CA LEU B 2782 79.92 -32.93 109.75
C LEU B 2782 81.13 -32.01 109.80
N ALA B 2783 81.63 -31.56 108.65
CA ALA B 2783 82.78 -30.66 108.64
C ALA B 2783 82.46 -29.32 109.28
N TRP B 2784 81.28 -28.77 108.98
CA TRP B 2784 80.88 -27.49 109.58
C TRP B 2784 80.69 -27.62 111.09
N GLY B 2785 80.05 -28.71 111.53
CA GLY B 2785 79.82 -28.92 112.94
C GLY B 2785 78.46 -28.42 113.39
N TRP B 2786 77.55 -29.32 113.69
CA TRP B 2786 76.20 -28.95 114.09
C TRP B 2786 75.65 -30.02 115.04
N ARG B 2787 74.62 -29.62 115.78
CA ARG B 2787 73.96 -30.55 116.69
C ARG B 2787 73.17 -31.60 115.91
N ILE B 2788 73.11 -32.80 116.47
CA ILE B 2788 72.41 -33.93 115.86
C ILE B 2788 71.31 -34.37 116.81
N GLU B 2789 70.08 -34.44 116.30
CA GLU B 2789 68.91 -34.83 117.09
C GLU B 2789 68.59 -36.29 116.84
N ARG B 2790 68.40 -37.05 117.92
CA ARG B 2790 68.09 -38.47 117.86
C ARG B 2790 66.89 -38.79 118.75
N THR B 2791 65.83 -38.00 118.61
CA THR B 2791 64.63 -38.19 119.41
C THR B 2791 63.94 -39.50 119.07
N ARG B 2792 63.43 -40.18 120.09
CA ARG B 2792 62.77 -41.46 119.90
C ARG B 2792 61.37 -41.32 119.30
N GLU B 2793 60.77 -40.13 119.37
CA GLU B 2793 59.44 -39.92 118.82
C GLU B 2793 59.44 -39.78 117.31
N GLY B 2794 60.61 -39.65 116.68
CA GLY B 2794 60.71 -39.48 115.24
C GLY B 2794 60.95 -40.76 114.45
N ASP B 2795 60.74 -41.93 115.06
CA ASP B 2795 60.96 -43.20 114.37
C ASP B 2795 59.82 -43.45 113.39
N SER B 2796 59.91 -42.78 112.24
CA SER B 2796 58.93 -42.89 111.17
C SER B 2796 59.53 -43.57 109.93
N MET B 2797 60.38 -44.56 110.16
CA MET B 2797 61.00 -45.27 109.04
C MET B 2797 59.97 -46.07 108.24
N ALA B 2798 59.07 -46.76 108.93
CA ALA B 2798 58.02 -47.57 108.29
C ALA B 2798 56.69 -47.18 108.93
N LEU B 2799 56.05 -46.14 108.40
CA LEU B 2799 54.75 -45.70 108.90
C LEU B 2799 53.77 -45.53 107.75
N TYR B 2800 54.28 -45.23 106.56
CA TYR B 2800 53.43 -45.01 105.40
C TYR B 2800 52.81 -46.33 104.93
N ASN B 2801 51.58 -46.25 104.44
CA ASN B 2801 50.87 -47.43 103.96
C ASN B 2801 51.32 -47.81 102.55
N ALA B 2816 57.50 -61.41 94.24
CA ALA B 2816 58.66 -61.80 93.43
C ALA B 2816 59.59 -62.71 94.21
N ALA B 2817 60.85 -62.75 93.79
CA ALA B 2817 61.85 -63.59 94.45
C ALA B 2817 62.27 -62.98 95.79
N HIS B 2818 62.47 -63.84 96.78
CA HIS B 2818 62.92 -63.45 98.12
C HIS B 2818 61.97 -62.46 98.79
N GLY B 2819 60.68 -62.54 98.45
CA GLY B 2819 59.69 -61.67 99.07
C GLY B 2819 59.86 -60.20 98.77
N TYR B 2820 60.14 -59.87 97.51
CA TYR B 2820 60.34 -58.48 97.12
C TYR B 2820 58.98 -57.83 96.86
N SER B 2821 58.58 -56.89 97.72
CA SER B 2821 57.31 -56.20 97.62
C SER B 2821 57.56 -54.70 97.70
N PRO B 2822 57.87 -54.06 96.58
CA PRO B 2822 58.13 -52.62 96.60
C PRO B 2822 56.85 -51.81 96.78
N ARG B 2823 57.03 -50.58 97.23
CA ARG B 2823 55.90 -49.66 97.43
C ARG B 2823 56.37 -48.24 97.18
N ALA B 2824 55.43 -47.37 96.84
CA ALA B 2824 55.70 -45.97 96.56
C ALA B 2824 55.21 -45.11 97.72
N ILE B 2825 56.06 -44.21 98.19
CA ILE B 2825 55.75 -43.33 99.31
C ILE B 2825 55.80 -41.89 98.84
N ASP B 2826 54.71 -41.16 99.06
CA ASP B 2826 54.61 -39.75 98.69
C ASP B 2826 54.63 -38.93 99.97
N MET B 2827 55.84 -38.52 100.40
CA MET B 2827 56.03 -37.76 101.62
C MET B 2827 56.48 -36.33 101.35
N SER B 2828 56.26 -35.83 100.14
CA SER B 2828 56.66 -34.47 99.78
C SER B 2828 55.74 -33.41 100.35
N ASN B 2829 54.58 -33.80 100.90
CA ASN B 2829 53.63 -32.85 101.46
C ASN B 2829 53.99 -32.41 102.88
N VAL B 2830 55.01 -33.00 103.48
CA VAL B 2830 55.39 -32.67 104.85
C VAL B 2830 56.20 -31.39 104.84
N THR B 2831 55.70 -30.37 105.56
CA THR B 2831 56.43 -29.11 105.67
C THR B 2831 57.62 -29.26 106.59
N LEU B 2832 58.70 -28.55 106.26
CA LEU B 2832 59.95 -28.63 106.99
C LEU B 2832 60.35 -27.27 107.52
N SER B 2833 61.29 -27.27 108.46
CA SER B 2833 61.74 -26.04 109.10
C SER B 2833 62.65 -25.24 108.17
N ARG B 2834 62.86 -23.97 108.54
CA ARG B 2834 63.70 -23.09 107.72
C ARG B 2834 65.18 -23.41 107.88
N ASP B 2835 65.59 -23.90 109.05
CA ASP B 2835 67.00 -24.26 109.25
C ASP B 2835 67.40 -25.42 108.35
N LEU B 2836 66.53 -26.44 108.25
CA LEU B 2836 66.82 -27.54 107.34
C LEU B 2836 66.77 -27.10 105.89
N HIS B 2837 65.90 -26.14 105.56
CA HIS B 2837 65.90 -25.59 104.20
C HIS B 2837 67.20 -24.89 103.89
N ALA B 2838 67.73 -24.11 104.84
CA ALA B 2838 69.02 -23.45 104.64
C ALA B 2838 70.14 -24.46 104.52
N MET B 2839 70.10 -25.53 105.32
CA MET B 2839 71.11 -26.58 105.22
C MET B 2839 71.07 -27.26 103.86
N ALA B 2840 69.85 -27.53 103.35
CA ALA B 2840 69.72 -28.13 102.04
C ALA B 2840 70.19 -27.18 100.94
N GLU B 2841 69.93 -25.88 101.09
CA GLU B 2841 70.43 -24.91 100.14
C GLU B 2841 71.95 -24.86 100.12
N MET B 2842 72.57 -24.92 101.31
CA MET B 2842 74.03 -24.95 101.39
C MET B 2842 74.59 -26.22 100.76
N MET B 2843 73.92 -27.37 100.99
CA MET B 2843 74.36 -28.62 100.37
C MET B 2843 74.24 -28.56 98.86
N ALA B 2844 73.16 -27.97 98.35
CA ALA B 2844 73.00 -27.83 96.91
C ALA B 2844 74.05 -26.89 96.32
N GLU B 2845 74.38 -25.81 97.04
CA GLU B 2845 75.44 -24.92 96.59
C GLU B 2845 76.79 -25.63 96.56
N ASN B 2846 77.06 -26.46 97.57
CA ASN B 2846 78.31 -27.23 97.58
C ASN B 2846 78.35 -28.23 96.43
N TYR B 2847 77.22 -28.88 96.14
CA TYR B 2847 77.16 -29.82 95.03
C TYR B 2847 77.39 -29.10 93.71
N HIS B 2848 76.79 -27.90 93.54
CA HIS B 2848 77.00 -27.13 92.33
C HIS B 2848 78.45 -26.69 92.19
N ASN B 2849 79.08 -26.30 93.30
CA ASN B 2849 80.49 -25.93 93.27
C ASN B 2849 81.37 -27.11 92.89
N ILE B 2850 81.07 -28.30 93.42
CA ILE B 2850 81.84 -29.48 93.08
C ILE B 2850 81.67 -29.83 91.61
N TRP B 2851 80.45 -29.74 91.10
CA TRP B 2851 80.20 -30.02 89.68
C TRP B 2851 80.91 -29.01 88.79
N ALA B 2852 80.91 -27.74 89.17
CA ALA B 2852 81.61 -26.72 88.40
C ALA B 2852 83.11 -26.94 88.42
N LYS B 2853 83.65 -27.33 89.57
CA LYS B 2853 85.09 -27.63 89.64
C LYS B 2853 85.44 -28.83 88.78
N LYS B 2854 84.60 -29.86 88.78
CA LYS B 2854 84.85 -31.02 87.92
C LYS B 2854 84.77 -30.64 86.44
N LYS B 2855 83.81 -29.79 86.08
CA LYS B 2855 83.70 -29.33 84.69
C LYS B 2855 84.92 -28.52 84.28
N LYS B 2856 85.39 -27.64 85.17
CA LYS B 2856 86.58 -26.85 84.87
C LYS B 2856 87.81 -27.75 84.72
N LEU B 2857 87.94 -28.76 85.59
CA LEU B 2857 89.07 -29.67 85.51
C LEU B 2857 89.04 -30.47 84.21
N GLU B 2858 87.87 -30.97 83.81
CA GLU B 2858 87.80 -31.73 82.57
C GLU B 2858 87.98 -30.84 81.35
N LEU B 2859 87.58 -29.57 81.44
CA LEU B 2859 87.83 -28.64 80.34
C LEU B 2859 89.32 -28.32 80.22
N GLU B 2860 90.01 -28.17 81.35
CA GLU B 2860 91.45 -27.97 81.31
C GLU B 2860 92.18 -29.21 80.79
N SER B 2861 91.68 -30.39 81.15
CA SER B 2861 92.26 -31.63 80.63
C SER B 2861 92.03 -31.75 79.12
N LYS B 2862 90.86 -31.31 78.64
CA LYS B 2862 90.59 -31.36 77.21
C LYS B 2862 91.47 -30.40 76.43
N GLY B 2863 91.84 -29.27 77.04
CA GLY B 2863 92.68 -28.28 76.39
C GLY B 2863 91.94 -27.20 75.63
N GLY B 2864 90.61 -27.27 75.54
CA GLY B 2864 89.84 -26.27 74.84
C GLY B 2864 88.35 -26.50 74.90
N GLY B 2865 87.59 -25.43 75.15
CA GLY B 2865 86.16 -25.53 75.22
C GLY B 2865 85.61 -24.52 76.19
N ASN B 2866 84.28 -24.48 76.27
CA ASN B 2866 83.58 -23.58 77.17
C ASN B 2866 82.20 -24.14 77.46
N HIS B 2867 81.58 -23.62 78.53
CA HIS B 2867 80.25 -24.04 78.93
C HIS B 2867 79.59 -22.89 79.67
N PRO B 2868 78.36 -22.52 79.32
CA PRO B 2868 77.70 -21.39 79.99
C PRO B 2868 76.94 -21.80 81.25
N LEU B 2869 77.22 -23.00 81.76
CA LEU B 2869 76.50 -23.50 82.92
C LEU B 2869 77.01 -22.93 84.24
N LEU B 2870 78.11 -22.18 84.23
CA LEU B 2870 78.63 -21.55 85.45
C LEU B 2870 77.74 -20.35 85.78
N VAL B 2871 76.63 -20.64 86.43
CA VAL B 2871 75.59 -19.65 86.72
C VAL B 2871 75.25 -19.70 88.20
N PRO B 2872 75.16 -18.56 88.88
CA PRO B 2872 74.74 -18.57 90.29
C PRO B 2872 73.32 -19.05 90.46
N TYR B 2873 73.00 -19.47 91.69
CA TYR B 2873 71.71 -20.12 91.95
C TYR B 2873 70.54 -19.18 91.71
N ASP B 2874 70.68 -17.90 92.07
CA ASP B 2874 69.60 -16.95 91.86
C ASP B 2874 69.41 -16.62 90.38
N THR B 2875 70.46 -16.76 89.57
CA THR B 2875 70.40 -16.44 88.15
C THR B 2875 69.98 -17.64 87.30
N LEU B 2876 69.84 -18.82 87.92
CA LEU B 2876 69.46 -20.03 87.19
C LEU B 2876 68.07 -19.90 86.57
N THR B 2877 67.89 -20.57 85.44
CA THR B 2877 66.63 -20.55 84.72
C THR B 2877 65.70 -21.64 85.27
N ALA B 2878 64.51 -21.73 84.69
CA ALA B 2878 63.50 -22.67 85.19
C ALA B 2878 63.87 -24.12 84.88
N LYS B 2879 64.56 -24.36 83.77
CA LYS B 2879 64.92 -25.73 83.39
C LYS B 2879 65.82 -26.36 84.44
N GLU B 2880 66.82 -25.62 84.91
CA GLU B 2880 67.66 -26.11 86.00
C GLU B 2880 67.00 -25.90 87.36
N LYS B 2881 66.05 -24.97 87.46
CA LYS B 2881 65.32 -24.81 88.72
C LYS B 2881 64.46 -26.02 89.02
N ALA B 2882 63.93 -26.69 88.00
CA ALA B 2882 63.19 -27.93 88.23
C ALA B 2882 64.09 -29.01 88.83
N LYS B 2883 65.31 -29.15 88.29
CA LYS B 2883 66.27 -30.11 88.85
C LYS B 2883 66.68 -29.72 90.27
N ASP B 2884 66.84 -28.42 90.52
CA ASP B 2884 67.17 -27.97 91.87
C ASP B 2884 66.05 -28.29 92.85
N ARG B 2885 64.79 -28.09 92.43
CA ARG B 2885 63.67 -28.41 93.30
C ARG B 2885 63.56 -29.91 93.54
N GLU B 2886 63.84 -30.72 92.50
CA GLU B 2886 63.83 -32.17 92.67
C GLU B 2886 64.91 -32.60 93.66
N LYS B 2887 66.11 -32.02 93.55
CA LYS B 2887 67.18 -32.35 94.48
C LYS B 2887 66.83 -31.92 95.90
N ALA B 2888 66.20 -30.75 96.04
CA ALA B 2888 65.78 -30.28 97.37
C ALA B 2888 64.73 -31.21 97.97
N GLN B 2889 63.78 -31.67 97.15
CA GLN B 2889 62.77 -32.61 97.64
C GLN B 2889 63.41 -33.93 98.04
N ASP B 2890 64.38 -34.41 97.25
CA ASP B 2890 65.07 -35.64 97.61
C ASP B 2890 65.84 -35.49 98.92
N ILE B 2891 66.49 -34.33 99.12
CA ILE B 2891 67.22 -34.08 100.36
C ILE B 2891 66.25 -34.03 101.54
N PHE B 2892 65.11 -33.37 101.36
CA PHE B 2892 64.11 -33.29 102.43
C PHE B 2892 63.58 -34.67 102.80
N LYS B 2893 63.28 -35.50 101.79
CA LYS B 2893 62.80 -36.85 102.07
C LYS B 2893 63.89 -37.71 102.71
N PHE B 2894 65.15 -37.49 102.35
CA PHE B 2894 66.24 -38.23 102.94
C PHE B 2894 66.45 -37.86 104.41
N LEU B 2895 66.30 -36.57 104.73
CA LEU B 2895 66.59 -36.09 106.08
C LEU B 2895 65.38 -36.11 107.01
N GLN B 2896 64.16 -36.25 106.48
CA GLN B 2896 62.99 -36.27 107.35
C GLN B 2896 62.83 -37.60 108.07
N ILE B 2897 63.23 -38.70 107.44
CA ILE B 2897 63.05 -40.02 108.03
C ILE B 2897 63.94 -40.16 109.26
N SER B 2898 63.44 -40.89 110.26
CA SER B 2898 64.10 -41.19 111.53
C SER B 2898 64.33 -39.97 112.40
N GLY B 2899 63.71 -38.84 112.08
CA GLY B 2899 63.79 -37.66 112.93
C GLY B 2899 65.18 -37.07 113.09
N TYR B 2900 65.92 -36.97 111.99
CA TYR B 2900 67.26 -36.38 112.00
C TYR B 2900 67.14 -34.92 111.56
N VAL B 2901 67.28 -34.00 112.51
CA VAL B 2901 67.16 -32.57 112.25
C VAL B 2901 68.47 -31.90 112.63
N VAL B 2902 69.04 -31.15 111.70
CA VAL B 2902 70.30 -30.44 111.92
C VAL B 2902 69.98 -29.07 112.52
N SER B 2903 70.59 -28.78 113.67
CA SER B 2903 70.37 -27.53 114.37
C SER B 2903 71.70 -26.90 114.75
N ARG B 2904 71.70 -25.57 114.82
CA ARG B 2904 72.91 -24.83 115.19
C ARG B 2904 73.03 -24.69 116.70
N CYS B 2990 70.74 -8.37 124.42
CA CYS B 2990 69.81 -8.51 123.31
C CYS B 2990 70.09 -7.45 122.24
N THR B 2991 69.56 -7.67 121.03
CA THR B 2991 69.73 -6.71 119.95
C THR B 2991 68.91 -5.45 120.17
N GLY B 2992 67.91 -5.49 121.05
CA GLY B 2992 67.14 -4.30 121.34
C GLY B 2992 67.97 -3.22 122.01
N GLY B 2993 68.81 -3.61 122.98
CA GLY B 2993 69.69 -2.64 123.61
C GLY B 2993 70.71 -2.06 122.66
N HIS B 2994 71.24 -2.88 121.76
CA HIS B 2994 72.18 -2.38 120.75
C HIS B 2994 71.49 -1.40 119.81
N ALA B 2995 70.28 -1.73 119.35
CA ALA B 2995 69.55 -0.82 118.48
C ALA B 2995 69.18 0.47 119.19
N SER B 2996 68.92 0.39 120.50
CA SER B 2996 68.60 1.60 121.26
C SER B 2996 69.82 2.49 121.43
N ASN B 2997 70.96 1.91 121.84
CA ASN B 2997 72.13 2.72 122.12
C ASN B 2997 72.87 3.18 120.87
N LYS B 2998 72.67 2.50 119.73
CA LYS B 2998 73.32 2.94 118.51
C LYS B 2998 72.80 4.28 118.00
N GLU B 2999 71.61 4.69 118.45
CA GLU B 2999 71.04 5.95 118.00
C GLU B 2999 71.48 7.13 118.85
N LYS B 3000 72.02 6.90 120.04
CA LYS B 3000 72.39 8.00 120.93
C LYS B 3000 73.86 8.00 121.33
N GLU B 3001 74.43 6.84 121.67
CA GLU B 3001 75.83 6.80 122.09
C GLU B 3001 76.75 7.20 120.95
N MET B 3002 76.39 6.88 119.71
CA MET B 3002 77.23 7.23 118.57
C MET B 3002 77.37 8.75 118.44
N VAL B 3003 76.25 9.47 118.45
CA VAL B 3003 76.34 10.93 118.34
C VAL B 3003 76.92 11.54 119.60
N THR B 3004 76.67 10.94 120.78
CA THR B 3004 77.24 11.45 122.01
C THR B 3004 78.76 11.36 121.99
N SER B 3005 79.30 10.26 121.47
CA SER B 3005 80.75 10.11 121.36
C SER B 3005 81.33 10.96 120.22
N LEU B 3006 80.59 11.11 119.13
CA LEU B 3006 81.09 11.90 118.01
C LEU B 3006 81.09 13.39 118.32
N PHE B 3007 80.23 13.83 119.24
CA PHE B 3007 80.22 15.24 119.63
C PHE B 3007 81.32 15.53 120.66
N CYS B 3008 82.54 15.11 120.36
CA CYS B 3008 83.69 15.38 121.23
C CYS B 3008 84.94 15.85 120.49
N LYS B 3009 85.09 15.55 119.20
CA LYS B 3009 86.23 16.00 118.44
C LYS B 3009 85.99 17.36 117.80
N LEU B 3010 84.84 17.53 117.14
CA LEU B 3010 84.47 18.82 116.57
C LEU B 3010 84.06 19.83 117.64
N GLY B 3011 83.86 19.38 118.89
CA GLY B 3011 83.62 20.32 119.96
C GLY B 3011 84.81 21.19 120.29
N VAL B 3012 86.02 20.76 119.90
CA VAL B 3012 87.21 21.57 120.08
C VAL B 3012 87.93 21.85 118.75
N LEU B 3013 87.75 21.02 117.72
CA LEU B 3013 88.39 21.29 116.44
C LEU B 3013 87.75 22.48 115.75
N VAL B 3014 86.41 22.56 115.77
CA VAL B 3014 85.72 23.69 115.15
C VAL B 3014 86.00 24.98 115.92
N ARG B 3015 86.12 24.89 117.25
CA ARG B 3015 86.41 26.07 118.05
C ARG B 3015 87.76 26.67 117.69
N HIS B 3016 88.77 25.83 117.44
CA HIS B 3016 90.11 26.25 117.04
C HIS B 3016 90.74 27.21 118.04
N LEU B 3035 89.14 15.57 108.70
CA LEU B 3035 89.17 16.15 107.37
C LEU B 3035 87.75 16.44 106.87
N GLY B 3036 86.98 15.37 106.66
CA GLY B 3036 85.63 15.51 106.17
C GLY B 3036 84.59 15.46 107.28
N GLN B 3037 85.02 15.73 108.52
CA GLN B 3037 84.11 15.67 109.65
C GLN B 3037 83.01 16.73 109.54
N THR B 3038 83.35 17.92 109.02
CA THR B 3038 82.36 18.98 108.86
C THR B 3038 81.31 18.64 107.80
N LEU B 3039 81.58 17.64 106.95
CA LEU B 3039 80.60 17.17 105.98
C LEU B 3039 79.84 15.95 106.45
N ASP B 3040 80.50 15.02 107.16
CA ASP B 3040 79.81 13.83 107.63
C ASP B 3040 78.99 14.09 108.88
N ALA B 3041 79.25 15.20 109.60
CA ALA B 3041 78.44 15.51 110.77
C ALA B 3041 77.00 15.78 110.40
N ARG B 3042 76.77 16.37 109.21
CA ARG B 3042 75.40 16.64 108.76
C ARG B 3042 74.59 15.36 108.64
N THR B 3043 75.21 14.29 108.15
CA THR B 3043 74.55 12.99 108.15
C THR B 3043 74.47 12.43 109.56
N VAL B 3044 75.49 12.67 110.38
CA VAL B 3044 75.61 12.00 111.67
C VAL B 3044 74.52 12.46 112.64
N MET B 3045 74.34 13.78 112.79
CA MET B 3045 73.36 14.18 113.80
C MET B 3045 71.93 13.96 113.33
N LYS B 3046 71.71 13.91 112.01
CA LYS B 3046 70.38 13.53 111.51
C LYS B 3046 70.12 12.05 111.69
N THR B 3047 71.16 11.22 111.60
CA THR B 3047 71.00 9.81 111.90
C THR B 3047 70.79 9.57 113.40
N GLY B 3048 71.37 10.42 114.24
CA GLY B 3048 71.22 10.28 115.68
C GLY B 3048 69.81 10.52 116.19
N LEU B 3049 69.16 11.57 115.69
CA LEU B 3049 67.84 11.97 116.19
C LEU B 3049 66.75 11.90 115.14
N ASP B 3050 66.96 12.51 113.97
CA ASP B 3050 65.91 12.60 112.97
C ASP B 3050 65.73 11.33 112.15
N SER B 3051 66.61 10.34 112.33
CA SER B 3051 66.41 9.06 111.64
C SER B 3051 65.14 8.36 112.11
N VAL B 3052 64.88 8.40 113.41
CA VAL B 3052 63.65 7.85 113.98
C VAL B 3052 62.68 8.99 114.25
N LYS B 3053 61.47 8.88 113.70
CA LYS B 3053 60.47 9.92 113.90
C LYS B 3053 59.94 9.91 115.32
N SER B 3054 59.59 8.72 115.83
CA SER B 3054 59.08 8.58 117.20
C SER B 3054 60.21 8.14 118.13
N ALA B 3055 61.15 9.08 118.35
CA ALA B 3055 62.26 8.81 119.25
C ALA B 3055 61.81 8.69 120.70
N LEU B 3056 60.64 9.24 121.05
CA LEU B 3056 60.12 9.09 122.40
C LEU B 3056 59.81 7.64 122.73
N ARG B 3057 59.38 6.87 121.73
CA ARG B 3057 59.14 5.44 121.94
C ARG B 3057 60.43 4.73 122.34
N ALA B 3058 61.50 4.96 121.59
CA ALA B 3058 62.79 4.36 121.92
C ALA B 3058 63.33 4.88 123.24
N PHE B 3059 62.99 6.13 123.60
CA PHE B 3059 63.42 6.66 124.89
C PHE B 3059 62.73 5.95 126.05
N LEU B 3060 61.41 5.83 125.99
CA LEU B 3060 60.62 5.37 127.14
C LEU B 3060 60.32 3.87 127.08
N ASP B 3061 59.63 3.41 126.04
CA ASP B 3061 59.09 2.05 126.07
C ASP B 3061 60.14 1.02 125.69
N ASN B 3062 61.03 1.35 124.74
CA ASN B 3062 61.99 0.37 124.25
C ASN B 3062 63.10 0.14 125.27
N ALA B 3063 63.86 1.19 125.59
CA ALA B 3063 64.96 1.08 126.54
C ALA B 3063 65.12 2.40 127.27
N ALA B 3064 64.95 2.38 128.59
CA ALA B 3064 65.10 3.56 129.41
C ALA B 3064 66.53 3.77 129.90
N GLU B 3065 67.47 2.93 129.49
CA GLU B 3065 68.86 3.08 129.91
C GLU B 3065 69.49 4.33 129.30
N ASP B 3066 69.33 4.50 127.99
CA ASP B 3066 69.87 5.67 127.30
C ASP B 3066 69.20 6.95 127.78
N LEU B 3067 67.89 7.07 127.50
CA LEU B 3067 66.99 8.10 128.02
C LEU B 3067 67.62 9.49 128.11
N GLU B 3068 67.37 10.18 129.23
CA GLU B 3068 67.91 11.52 129.41
C GLU B 3068 69.42 11.51 129.56
N LYS B 3069 69.98 10.43 130.11
CA LYS B 3069 71.44 10.36 130.32
C LYS B 3069 72.19 10.49 129.00
N THR B 3070 71.58 10.11 127.89
CA THR B 3070 72.16 10.31 126.57
C THR B 3070 71.57 11.50 125.83
N MET B 3071 70.27 11.77 126.01
CA MET B 3071 69.64 12.88 125.30
C MET B 3071 70.21 14.22 125.75
N GLU B 3072 70.33 14.43 127.06
CA GLU B 3072 70.89 15.68 127.57
C GLU B 3072 72.37 15.81 127.25
N ASN B 3073 73.10 14.68 127.20
CA ASN B 3073 74.50 14.75 126.79
C ASN B 3073 74.64 15.18 125.34
N LEU B 3074 73.80 14.63 124.45
CA LEU B 3074 73.82 15.04 123.06
C LEU B 3074 73.40 16.50 122.92
N LYS B 3075 72.41 16.93 123.70
CA LYS B 3075 71.98 18.32 123.66
C LYS B 3075 73.09 19.25 124.14
N GLN B 3076 73.83 18.85 125.19
CA GLN B 3076 74.94 19.66 125.66
C GLN B 3076 76.07 19.72 124.63
N GLY B 3077 76.33 18.61 123.94
CA GLY B 3077 77.28 18.65 122.84
C GLY B 3077 76.86 19.59 121.75
N GLN B 3078 75.57 19.58 121.41
CA GLN B 3078 75.05 20.52 120.40
C GLN B 3078 75.17 21.97 120.88
N PHE B 3079 74.92 22.21 122.17
CA PHE B 3079 75.07 23.55 122.71
C PHE B 3079 76.51 24.02 122.65
N THR B 3080 77.46 23.12 122.94
CA THR B 3080 78.88 23.47 122.82
C THR B 3080 79.26 23.73 121.37
N HIS B 3081 78.69 22.97 120.44
CA HIS B 3081 78.95 23.21 119.02
C HIS B 3081 78.41 24.57 118.58
N THR B 3082 77.21 24.94 119.06
CA THR B 3082 76.69 26.26 118.77
C THR B 3082 77.53 27.35 119.41
N ARG B 3083 78.13 27.07 120.57
CA ARG B 3083 79.06 28.01 121.18
C ARG B 3083 80.32 28.16 120.34
N SER B 3084 80.66 27.14 119.56
CA SER B 3084 81.82 27.19 118.68
C SER B 3084 81.49 28.00 117.43
N GLN B 3085 82.35 27.92 116.42
CA GLN B 3085 82.17 28.74 115.23
C GLN B 3085 81.41 27.98 114.16
N PRO B 3086 80.08 28.11 114.11
CA PRO B 3086 79.32 27.42 113.06
C PRO B 3086 79.32 28.20 111.76
N LYS B 3087 78.92 27.51 110.70
CA LYS B 3087 78.88 28.10 109.36
C LYS B 3087 77.49 28.13 108.77
N GLY B 3088 76.76 27.01 108.82
CA GLY B 3088 75.44 26.91 108.24
C GLY B 3088 74.36 26.76 109.31
N VAL B 3089 73.12 26.92 108.86
CA VAL B 3089 71.96 26.79 109.75
C VAL B 3089 71.65 25.31 109.92
N THR B 3090 71.65 24.84 111.16
CA THR B 3090 71.37 23.45 111.49
C THR B 3090 70.37 23.36 112.62
N GLN B 3091 69.37 24.25 112.62
CA GLN B 3091 68.39 24.29 113.69
C GLN B 3091 67.30 23.23 113.53
N ILE B 3092 67.14 22.66 112.33
CA ILE B 3092 66.05 21.71 112.11
C ILE B 3092 66.20 20.48 112.99
N ILE B 3093 67.42 19.97 113.10
CA ILE B 3093 67.66 18.75 113.87
C ILE B 3093 67.45 19.00 115.36
N ASN B 3094 67.84 20.18 115.86
CA ASN B 3094 67.67 20.48 117.27
C ASN B 3094 66.23 20.79 117.61
N TYR B 3095 65.49 21.37 116.67
CA TYR B 3095 64.09 21.74 116.90
C TYR B 3095 63.13 20.58 116.68
N THR B 3096 63.53 19.56 115.94
CA THR B 3096 62.66 18.41 115.69
C THR B 3096 62.67 17.38 116.82
N THR B 3097 63.26 17.70 117.96
CA THR B 3097 63.30 16.80 119.11
C THR B 3097 62.75 17.49 120.36
N VAL B 3098 61.64 18.20 120.20
CA VAL B 3098 61.07 18.97 121.29
C VAL B 3098 60.01 18.18 122.05
N ALA B 3099 59.06 17.59 121.34
CA ALA B 3099 57.96 16.86 121.95
C ALA B 3099 58.31 15.40 122.26
N LEU B 3100 59.52 14.96 121.93
CA LEU B 3100 59.93 13.58 122.13
C LEU B 3100 60.49 13.32 123.53
N LEU B 3101 60.62 14.34 124.36
CA LEU B 3101 61.13 14.15 125.72
C LEU B 3101 60.05 13.60 126.67
N PRO B 3102 58.87 14.25 126.83
CA PRO B 3102 57.92 13.75 127.83
C PRO B 3102 56.95 12.70 127.30
N MET B 3103 56.75 12.65 125.98
CA MET B 3103 55.80 11.73 125.37
C MET B 3103 56.10 11.53 123.90
N LEU B 3174 59.17 8.82 134.30
CA LEU B 3174 59.85 9.98 133.75
C LEU B 3174 61.37 9.80 133.81
N ASP B 3175 62.10 10.85 133.47
CA ASP B 3175 63.56 10.81 133.49
C ASP B 3175 64.07 10.95 134.91
N LYS B 3176 65.01 10.08 135.29
CA LYS B 3176 65.61 10.10 136.62
C LYS B 3176 66.82 11.01 136.58
N HIS B 3177 66.59 12.32 136.76
CA HIS B 3177 67.67 13.29 136.70
C HIS B 3177 68.60 13.20 137.91
N ASN B 3178 68.18 12.53 138.99
CA ASN B 3178 69.04 12.42 140.17
C ASN B 3178 70.20 11.46 139.93
N VAL B 3179 70.01 10.46 139.07
CA VAL B 3179 71.08 9.50 138.79
C VAL B 3179 72.23 10.17 138.05
N TYR B 3180 71.91 10.96 137.03
CA TYR B 3180 72.92 11.69 136.26
C TYR B 3180 72.41 13.09 135.98
N SER B 3181 73.21 14.09 136.36
CA SER B 3181 72.87 15.49 136.14
C SER B 3181 73.68 16.01 134.97
N ILE B 3182 73.09 15.98 133.78
CA ILE B 3182 73.73 16.47 132.57
C ILE B 3182 73.23 17.87 132.20
N TYR B 3183 72.64 18.58 133.16
CA TYR B 3183 72.11 19.92 132.95
C TYR B 3183 73.11 21.02 133.30
N ASN B 3184 74.35 20.66 133.63
CA ASN B 3184 75.33 21.66 134.05
C ASN B 3184 75.67 22.63 132.94
N THR B 3185 75.87 22.13 131.71
CA THR B 3185 76.20 23.01 130.60
C THR B 3185 75.04 23.94 130.26
N ARG B 3186 73.81 23.42 130.26
CA ARG B 3186 72.65 24.26 130.00
C ARG B 3186 72.46 25.30 131.10
N SER B 3187 72.71 24.92 132.35
CA SER B 3187 72.63 25.88 133.44
C SER B 3187 73.68 26.97 133.30
N SER B 3188 74.89 26.61 132.89
CA SER B 3188 75.93 27.61 132.67
C SER B 3188 75.54 28.56 131.53
N ARG B 3189 74.98 28.02 130.45
CA ARG B 3189 74.52 28.87 129.35
C ARG B 3189 73.40 29.80 129.79
N GLU B 3190 72.49 29.29 130.63
CA GLU B 3190 71.40 30.12 131.13
C GLU B 3190 71.89 31.20 132.08
N ARG B 3191 72.92 30.90 132.88
CA ARG B 3191 73.53 31.94 133.72
C ARG B 3191 74.22 33.00 132.86
N ALA B 3192 74.90 32.57 131.80
CA ALA B 3192 75.55 33.52 130.90
C ALA B 3192 74.53 34.36 130.14
N ALA B 3193 73.33 33.82 129.91
CA ALA B 3193 72.25 34.53 129.23
C ALA B 3193 71.06 34.74 130.17
N LEU B 3194 71.34 35.14 131.41
CA LEU B 3194 70.28 35.33 132.39
C LEU B 3194 69.37 36.49 132.03
N SER B 3195 69.93 37.59 131.52
CA SER B 3195 69.16 38.77 131.16
C SER B 3195 69.58 39.20 129.75
N LEU B 3196 68.82 38.73 128.75
CA LEU B 3196 69.12 39.08 127.37
C LEU B 3196 69.11 40.58 127.09
N PRO B 3197 68.13 41.38 127.56
CA PRO B 3197 68.25 42.84 127.36
C PRO B 3197 69.42 43.46 128.08
N ALA B 3198 69.96 42.81 129.12
CA ALA B 3198 71.05 43.39 129.90
C ALA B 3198 72.41 42.79 129.58
N ASN B 3199 72.47 41.66 128.88
CA ASN B 3199 73.74 41.03 128.52
C ASN B 3199 74.12 41.29 127.07
N VAL B 3200 73.76 42.45 126.53
CA VAL B 3200 74.13 42.81 125.15
C VAL B 3200 75.48 43.52 125.24
N GLU B 3201 76.53 42.72 125.32
CA GLU B 3201 77.89 43.24 125.44
C GLU B 3201 78.86 42.15 124.98
N ASP B 3202 80.15 42.36 125.27
CA ASP B 3202 81.19 41.41 124.92
C ASP B 3202 81.50 40.42 126.03
N VAL B 3203 80.54 40.15 126.91
CA VAL B 3203 80.77 39.18 127.99
C VAL B 3203 80.87 37.77 127.41
N CYS B 3204 80.17 37.50 126.32
CA CYS B 3204 80.29 36.20 125.66
C CYS B 3204 81.64 36.10 124.94
N PRO B 3205 82.24 34.91 124.92
CA PRO B 3205 83.57 34.77 124.30
C PRO B 3205 83.52 34.98 122.80
N ASN B 3206 84.63 35.52 122.27
CA ASN B 3206 84.89 35.72 120.85
C ASN B 3206 83.91 36.68 120.18
N ILE B 3207 83.13 37.42 120.97
CA ILE B 3207 82.17 38.42 120.49
C ILE B 3207 81.25 37.81 119.43
N PRO B 3208 80.30 36.96 119.81
CA PRO B 3208 79.42 36.32 118.82
C PRO B 3208 78.36 37.30 118.33
N SER B 3209 78.50 37.76 117.08
CA SER B 3209 77.51 38.66 116.51
C SER B 3209 76.20 37.94 116.23
N LEU B 3210 76.27 36.73 115.69
CA LEU B 3210 75.07 35.95 115.41
C LEU B 3210 75.18 34.48 115.82
N GLU B 3211 76.29 34.06 116.43
CA GLU B 3211 76.44 32.67 116.83
C GLU B 3211 75.48 32.31 117.95
N LYS B 3212 75.43 33.13 119.00
CA LYS B 3212 74.55 32.86 120.14
C LYS B 3212 73.69 34.07 120.46
N LEU B 3213 74.22 35.27 120.24
CA LEU B 3213 73.50 36.50 120.56
C LEU B 3213 72.55 36.85 119.40
N MET B 3214 71.47 36.07 119.31
CA MET B 3214 70.45 36.26 118.29
C MET B 3214 69.19 35.55 118.75
N THR B 3215 68.21 35.43 117.85
CA THR B 3215 66.96 34.75 118.15
C THR B 3215 67.09 33.23 118.07
N GLU B 3216 68.25 32.73 117.60
CA GLU B 3216 68.44 31.29 117.47
C GLU B 3216 68.36 30.59 118.83
N ILE B 3217 69.09 31.10 119.82
CA ILE B 3217 69.04 30.50 121.15
C ILE B 3217 67.69 30.74 121.80
N ILE B 3218 67.01 31.84 121.46
CA ILE B 3218 65.70 32.11 122.03
C ILE B 3218 64.70 31.06 121.56
N GLU B 3219 64.72 30.74 120.26
CA GLU B 3219 63.82 29.70 119.76
C GLU B 3219 64.29 28.31 120.15
N LEU B 3220 65.59 28.13 120.39
CA LEU B 3220 66.10 26.84 120.83
C LEU B 3220 65.68 26.53 122.26
N ALA B 3221 65.56 27.57 123.10
CA ALA B 3221 65.10 27.36 124.47
C ALA B 3221 63.67 26.83 124.51
N GLU B 3222 62.87 27.14 123.49
CA GLU B 3222 61.52 26.59 123.41
C GLU B 3222 61.55 25.07 123.22
N SER B 3223 62.42 24.59 122.35
CA SER B 3223 62.50 23.14 122.11
C SER B 3223 63.20 22.43 123.26
N GLY B 3224 64.27 23.02 123.79
CA GLY B 3224 64.99 22.38 124.88
C GLY B 3224 64.19 22.28 126.16
N ILE B 3225 63.50 23.36 126.52
CA ILE B 3225 62.70 23.42 127.74
C ILE B 3225 61.24 23.27 127.33
N ARG B 3226 60.67 22.09 127.58
CA ARG B 3226 59.26 21.84 127.25
C ARG B 3226 58.78 20.69 128.12
N TYR B 3227 57.88 20.97 129.05
CA TYR B 3227 57.31 19.98 129.95
C TYR B 3227 55.79 20.08 129.96
N THR B 3228 55.20 20.12 128.76
CA THR B 3228 53.75 20.25 128.65
C THR B 3228 53.04 19.02 129.21
N GLN B 3229 53.58 17.83 128.96
CA GLN B 3229 52.96 16.61 129.47
C GLN B 3229 53.18 16.47 130.97
N MET B 3230 54.46 16.36 131.39
CA MET B 3230 54.80 16.24 132.79
C MET B 3230 56.26 16.60 132.96
N PRO B 3231 56.64 17.29 134.04
CA PRO B 3231 58.06 17.59 134.28
C PRO B 3231 58.87 16.31 134.45
N TYR B 3232 60.10 16.33 133.93
CA TYR B 3232 61.02 15.21 133.98
C TYR B 3232 62.39 15.69 134.47
N MET B 3233 62.38 16.48 135.53
CA MET B 3233 63.60 17.08 136.07
C MET B 3233 63.63 16.88 137.58
N MET B 3234 64.76 17.25 138.19
CA MET B 3234 64.93 17.18 139.63
C MET B 3234 64.27 18.34 140.37
N GLU B 3235 63.82 19.36 139.62
CA GLU B 3235 63.17 20.54 140.20
C GLU B 3235 64.06 21.23 141.24
N VAL B 3236 65.36 21.30 140.93
CA VAL B 3236 66.34 21.95 141.80
C VAL B 3236 66.73 23.31 141.26
N VAL B 3237 67.08 23.39 139.98
CA VAL B 3237 67.44 24.66 139.36
C VAL B 3237 66.33 25.24 138.48
N LEU B 3238 65.40 24.41 138.01
CA LEU B 3238 64.32 24.90 137.16
C LEU B 3238 63.39 25.87 137.88
N PRO B 3239 62.88 25.61 139.11
CA PRO B 3239 62.02 26.61 139.74
C PRO B 3239 62.75 27.90 140.08
N MET B 3240 64.01 27.82 140.52
CA MET B 3240 64.78 29.03 140.80
C MET B 3240 65.01 29.83 139.53
N LEU B 3241 65.33 29.16 138.42
CA LEU B 3241 65.51 29.85 137.15
C LEU B 3241 64.22 30.50 136.68
N CYS B 3242 63.09 29.79 136.83
CA CYS B 3242 61.80 30.37 136.44
C CYS B 3242 61.46 31.59 137.29
N SER B 3243 61.72 31.52 138.59
CA SER B 3243 61.46 32.66 139.46
C SER B 3243 62.36 33.84 139.10
N TYR B 3244 63.62 33.58 138.79
CA TYR B 3244 64.53 34.66 138.40
C TYR B 3244 64.10 35.31 137.10
N MET B 3245 63.70 34.51 136.11
CA MET B 3245 63.22 35.07 134.84
C MET B 3245 61.93 35.85 135.04
N SER B 3246 61.02 35.35 135.87
CA SER B 3246 59.78 36.07 136.14
C SER B 3246 60.06 37.40 136.83
N ARG B 3247 60.98 37.41 137.80
CA ARG B 3247 61.33 38.66 138.47
C ARG B 3247 61.99 39.65 137.50
N TRP B 3248 62.86 39.15 136.62
CA TRP B 3248 63.49 40.03 135.64
C TRP B 3248 62.47 40.61 134.67
N TRP B 3249 61.51 39.80 134.23
CA TRP B 3249 60.47 40.31 133.33
C TRP B 3249 59.55 41.28 134.04
N GLU B 3250 59.30 41.07 135.34
CA GLU B 3250 58.51 42.03 136.10
C GLU B 3250 59.26 43.36 136.24
N HIS B 3251 60.57 43.30 136.47
CA HIS B 3251 61.36 44.53 136.58
C HIS B 3251 61.44 45.25 135.25
N GLY B 3252 61.70 44.52 134.16
CA GLY B 3252 61.80 45.11 132.85
C GLY B 3252 60.49 45.04 132.08
N PRO B 3253 59.74 46.14 132.07
CA PRO B 3253 58.46 46.12 131.36
C PRO B 3253 58.62 46.14 129.85
N GLU B 3254 59.54 46.95 129.33
CA GLU B 3254 59.76 47.03 127.89
C GLU B 3254 60.62 45.86 127.42
N ASN B 3255 60.73 45.74 126.09
CA ASN B 3255 61.51 44.65 125.51
C ASN B 3255 63.00 44.90 125.65
N HIS B 3256 63.49 46.01 125.08
CA HIS B 3256 64.89 46.41 125.08
C HIS B 3256 65.78 45.31 124.52
N PRO B 3257 65.39 44.68 123.41
CA PRO B 3257 66.22 43.61 122.84
C PRO B 3257 67.29 44.15 121.90
N GLU B 3258 68.04 43.26 121.29
CA GLU B 3258 69.09 43.64 120.35
C GLU B 3258 68.50 43.71 118.93
N ARG B 3259 69.37 43.91 117.94
CA ARG B 3259 68.92 44.01 116.56
C ARG B 3259 68.53 42.65 116.02
N ALA B 3260 67.51 42.65 115.15
CA ALA B 3260 66.99 41.45 114.48
C ALA B 3260 66.56 40.39 115.49
N GLU B 3261 65.98 40.83 116.60
CA GLU B 3261 65.49 39.94 117.65
C GLU B 3261 64.10 40.39 118.09
N MET B 3262 63.22 40.63 117.10
CA MET B 3262 61.87 41.07 117.39
C MET B 3262 61.08 39.97 118.10
N CYS B 3263 61.10 38.76 117.57
CA CYS B 3263 60.33 37.64 118.12
C CYS B 3263 61.04 37.07 119.34
N CYS B 3264 61.06 37.87 120.40
CA CYS B 3264 61.63 37.46 121.68
C CYS B 3264 60.59 36.86 122.63
N THR B 3265 59.31 36.87 122.24
CA THR B 3265 58.28 36.34 123.13
C THR B 3265 58.37 34.83 123.25
N ALA B 3266 58.62 34.14 122.14
CA ALA B 3266 58.71 32.67 122.13
C ALA B 3266 60.09 32.25 122.64
N LEU B 3267 60.26 32.38 123.96
CA LEU B 3267 61.50 32.00 124.63
C LEU B 3267 61.30 30.92 125.67
N ASN B 3268 60.32 31.08 126.56
CA ASN B 3268 60.06 30.14 127.64
C ASN B 3268 58.68 29.52 127.45
N SER B 3269 58.61 28.19 127.49
CA SER B 3269 57.36 27.46 127.34
C SER B 3269 56.97 26.73 128.62
N GLU B 3270 57.59 27.06 129.75
CA GLU B 3270 57.29 26.45 131.03
C GLU B 3270 57.14 27.51 132.10
N HIS B 3271 56.40 28.58 131.79
CA HIS B 3271 56.15 29.66 132.74
C HIS B 3271 54.95 29.27 133.59
N MET B 3272 55.22 28.75 134.79
CA MET B 3272 54.16 28.30 135.69
C MET B 3272 54.67 28.38 137.12
N ASN B 3273 53.74 28.31 138.07
CA ASN B 3273 54.09 28.38 139.48
C ASN B 3273 54.83 27.11 139.89
N THR B 3274 55.91 27.30 140.65
CA THR B 3274 56.75 26.20 141.15
C THR B 3274 57.26 25.31 140.02
N LEU B 3275 57.63 25.93 138.90
CA LEU B 3275 58.14 25.20 137.75
C LEU B 3275 59.19 26.00 137.01
N LYS B 3281 60.83 43.17 142.90
CA LYS B 3281 60.19 43.30 144.20
C LYS B 3281 60.02 41.93 144.87
N ILE B 3282 60.55 40.90 144.22
CA ILE B 3282 60.43 39.55 144.76
C ILE B 3282 61.35 39.39 145.97
N ILE B 3283 61.00 38.44 146.84
CA ILE B 3283 61.80 38.15 148.03
C ILE B 3283 62.33 36.73 147.93
N TYR B 3284 62.53 36.26 146.70
CA TYR B 3284 63.03 34.90 146.50
C TYR B 3284 64.46 34.75 147.01
N ASN B 3285 65.29 35.77 146.81
CA ASN B 3285 66.67 35.71 147.28
C ASN B 3285 66.73 35.64 148.80
N ASN B 3286 65.92 36.47 149.48
CA ASN B 3286 65.90 36.45 150.95
C ASN B 3286 65.37 35.12 151.48
N LEU B 3287 64.33 34.58 150.84
CA LEU B 3287 63.80 33.28 151.27
C LEU B 3287 64.82 32.17 151.06
N GLY B 3288 65.53 32.19 149.93
CA GLY B 3288 66.56 31.19 149.70
C GLY B 3288 67.73 31.31 150.66
N ILE B 3289 68.10 32.53 151.02
CA ILE B 3289 69.17 32.73 151.99
C ILE B 3289 68.75 32.26 153.37
N ASP B 3290 67.49 32.52 153.75
CA ASP B 3290 67.00 32.10 155.06
C ASP B 3290 66.87 30.58 155.14
N GLU B 3291 66.41 29.94 154.05
CA GLU B 3291 66.26 28.50 154.05
C GLU B 3291 67.63 27.80 154.08
N GLY B 3292 68.61 28.35 153.38
CA GLY B 3292 69.95 27.77 153.34
C GLY B 3292 70.71 27.96 154.65
N PHE B 3301 65.00 24.37 153.50
CA PHE B 3301 64.40 23.07 153.22
C PHE B 3301 63.30 23.19 152.17
N SER B 3302 62.27 23.96 152.49
CA SER B 3302 61.13 24.17 151.59
C SER B 3302 61.25 25.54 150.94
N GLN B 3303 61.25 25.58 149.61
CA GLN B 3303 61.32 26.83 148.89
C GLN B 3303 60.01 27.60 149.04
N PRO B 3304 60.07 28.94 148.97
CA PRO B 3304 58.83 29.73 149.06
C PRO B 3304 57.87 29.51 147.90
N ILE B 3305 58.35 28.98 146.77
CA ILE B 3305 57.47 28.72 145.64
C ILE B 3305 56.54 27.55 145.91
N ILE B 3306 56.85 26.71 146.91
CA ILE B 3306 55.96 25.59 147.24
C ILE B 3306 54.66 26.09 147.83
N ASN B 3307 54.72 27.14 148.65
CA ASN B 3307 53.51 27.72 149.21
C ASN B 3307 52.71 28.44 148.13
N LYS B 3308 51.39 28.37 148.25
CA LYS B 3308 50.49 28.96 147.26
C LYS B 3308 50.25 30.45 147.47
N VAL B 3309 50.80 31.03 148.54
CA VAL B 3309 50.58 32.45 148.80
C VAL B 3309 51.34 33.30 147.78
N LYS B 3310 52.57 32.92 147.46
CA LYS B 3310 53.37 33.69 146.51
C LYS B 3310 52.78 33.72 145.10
N PRO B 3311 52.38 32.61 144.47
CA PRO B 3311 51.75 32.73 143.15
C PRO B 3311 50.45 33.51 143.16
N GLN B 3312 49.66 33.37 144.22
CA GLN B 3312 48.41 34.13 144.32
C GLN B 3312 48.69 35.63 144.43
N LEU B 3313 49.69 36.00 145.23
CA LEU B 3313 50.07 37.41 145.35
C LEU B 3313 50.60 37.95 144.02
N LEU B 3314 51.41 37.15 143.33
CA LEU B 3314 51.93 37.58 142.03
C LEU B 3314 50.80 37.77 141.01
N LYS B 3315 49.83 36.86 141.01
CA LYS B 3315 48.70 36.98 140.09
C LYS B 3315 47.85 38.20 140.42
N THR B 3316 47.61 38.46 141.71
CA THR B 3316 46.81 39.63 142.09
C THR B 3316 47.56 40.92 141.78
N HIS B 3317 48.88 40.91 141.85
CA HIS B 3317 49.65 42.10 141.50
C HIS B 3317 49.71 42.31 139.99
N PHE B 3318 49.76 41.23 139.22
CA PHE B 3318 49.83 41.32 137.76
C PHE B 3318 48.47 41.53 137.11
N LEU B 3319 47.37 41.31 137.85
CA LEU B 3319 46.04 41.53 137.27
C LEU B 3319 45.80 42.96 136.81
N PRO B 3320 46.10 44.01 137.59
CA PRO B 3320 45.91 45.38 137.05
C PRO B 3320 46.81 45.69 135.86
N LEU B 3321 48.01 45.10 135.82
CA LEU B 3321 48.93 45.39 134.72
C LEU B 3321 48.36 44.95 133.38
N MET B 3322 47.79 43.75 133.32
CA MET B 3322 47.14 43.27 132.11
C MET B 3322 45.70 43.77 131.96
N GLU B 3323 45.10 44.29 133.04
CA GLU B 3323 43.78 44.89 132.92
C GLU B 3323 43.84 46.26 132.26
N LYS B 3324 44.84 47.07 132.60
CA LYS B 3324 45.00 48.39 132.04
C LYS B 3324 45.86 48.41 130.78
N LEU B 3325 46.26 47.25 130.29
CA LEU B 3325 47.08 47.15 129.09
C LEU B 3325 46.20 47.40 127.86
N LYS B 3326 46.17 48.63 127.39
CA LYS B 3326 45.38 48.99 126.21
C LYS B 3326 46.02 50.20 125.56
N LYS B 3327 46.62 50.00 124.38
CA LYS B 3327 47.25 51.08 123.64
C LYS B 3327 46.88 50.96 122.17
N LYS B 3328 46.91 52.09 121.47
CA LYS B 3328 46.54 52.17 120.07
C LYS B 3328 47.74 52.07 119.13
N ALA B 3329 48.94 51.82 119.67
CA ALA B 3329 50.12 51.68 118.85
C ALA B 3329 50.08 50.37 118.07
N ALA B 3330 50.95 50.27 117.05
CA ALA B 3330 51.01 49.10 116.20
C ALA B 3330 52.20 48.21 116.49
N MET B 3331 53.34 48.80 116.88
CA MET B 3331 54.56 48.04 117.15
C MET B 3331 54.69 47.71 118.63
N VAL B 3332 54.83 48.73 119.46
CA VAL B 3332 55.12 48.54 120.87
C VAL B 3332 53.91 47.98 121.60
N VAL B 3333 52.70 48.41 121.22
CA VAL B 3333 51.50 47.87 121.84
C VAL B 3333 51.37 46.37 121.52
N SER B 3334 51.64 45.99 120.27
CA SER B 3334 51.57 44.58 119.91
C SER B 3334 52.61 43.75 120.63
N GLU B 3335 53.85 44.25 120.73
CA GLU B 3335 54.87 43.48 121.43
C GLU B 3335 54.57 43.39 122.92
N GLU B 3336 53.98 44.44 123.50
CA GLU B 3336 53.62 44.39 124.92
C GLU B 3336 52.48 43.41 125.16
N ASP B 3337 51.49 43.38 124.25
CA ASP B 3337 50.41 42.42 124.38
C ASP B 3337 50.92 40.99 124.25
N HIS B 3338 51.84 40.76 123.32
CA HIS B 3338 52.43 39.43 123.16
C HIS B 3338 53.22 39.03 124.40
N LEU B 3339 53.98 39.97 124.96
CA LEU B 3339 54.75 39.68 126.18
C LEU B 3339 53.83 39.38 127.35
N LYS B 3340 52.73 40.13 127.48
CA LYS B 3340 51.78 39.89 128.57
C LYS B 3340 51.08 38.54 128.40
N ALA B 3341 50.76 38.17 127.16
CA ALA B 3341 50.13 36.86 126.92
C ALA B 3341 51.11 35.72 127.17
N GLU B 3342 52.39 35.93 126.89
CA GLU B 3342 53.38 34.87 127.11
C GLU B 3342 53.69 34.72 128.60
N ALA B 3343 53.86 35.83 129.31
CA ALA B 3343 54.22 35.76 130.73
C ALA B 3343 53.03 35.39 131.61
N ARG B 3344 51.82 35.79 131.22
CA ARG B 3344 50.63 35.53 132.03
C ARG B 3344 49.61 34.70 131.25
N GLY B 3345 50.08 33.63 130.61
CA GLY B 3345 49.22 32.80 129.79
C GLY B 3345 48.30 31.92 130.62
N ASP B 3346 47.45 31.19 129.90
CA ASP B 3346 46.49 30.28 130.53
C ASP B 3346 47.10 28.96 130.95
N MET B 3347 48.38 28.71 130.63
CA MET B 3347 49.02 27.45 130.98
C MET B 3347 49.33 27.42 132.47
N SER B 3348 48.36 26.96 133.27
CA SER B 3348 48.51 26.84 134.72
C SER B 3348 48.00 25.45 135.11
N GLU B 3349 48.88 24.46 135.08
CA GLU B 3349 48.51 23.09 135.40
C GLU B 3349 48.41 22.83 136.89
N ALA B 3350 48.78 23.81 137.73
CA ALA B 3350 48.73 23.64 139.18
C ALA B 3350 47.33 23.98 139.67
N GLU B 3351 46.45 22.97 139.60
CA GLU B 3351 45.08 23.03 140.10
C GLU B 3351 44.30 24.16 139.42
N LEU B 3352 44.14 24.03 138.10
CA LEU B 3352 43.37 25.02 137.34
C LEU B 3352 41.89 24.97 137.70
N LEU B 3353 41.35 23.76 137.90
CA LEU B 3353 39.93 23.63 138.19
C LEU B 3353 39.58 24.04 139.61
N ILE B 3354 40.53 24.03 140.53
CA ILE B 3354 40.24 24.42 141.91
C ILE B 3354 39.94 25.91 142.00
N LEU B 3355 40.76 26.73 141.35
CA LEU B 3355 40.56 28.18 141.32
C LEU B 3355 39.57 28.50 140.19
N ASP B 3356 38.29 28.26 140.48
CA ASP B 3356 37.25 28.51 139.49
C ASP B 3356 37.10 29.99 139.18
N GLU B 3357 37.14 30.84 140.22
CA GLU B 3357 37.02 32.27 140.01
C GLU B 3357 38.21 32.82 139.21
N PHE B 3358 39.42 32.35 139.52
CA PHE B 3358 40.60 32.78 138.77
C PHE B 3358 40.52 32.33 137.32
N THR B 3359 40.05 31.10 137.09
CA THR B 3359 39.91 30.59 135.72
C THR B 3359 38.88 31.40 134.94
N THR B 3360 37.75 31.74 135.58
CA THR B 3360 36.74 32.54 134.90
C THR B 3360 37.25 33.94 134.60
N LEU B 3361 37.97 34.55 135.54
CA LEU B 3361 38.55 35.87 135.29
C LEU B 3361 39.57 35.83 134.15
N ALA B 3362 40.41 34.79 134.12
CA ALA B 3362 41.39 34.65 133.05
C ALA B 3362 40.72 34.46 131.70
N ARG B 3363 39.66 33.64 131.66
CA ARG B 3363 38.94 33.42 130.41
C ARG B 3363 38.27 34.70 129.94
N ASP B 3364 37.66 35.45 130.86
CA ASP B 3364 37.02 36.72 130.49
C ASP B 3364 38.04 37.71 129.97
N LEU B 3365 39.22 37.79 130.60
CA LEU B 3365 40.25 38.70 130.11
C LEU B 3365 40.79 38.28 128.76
N TYR B 3366 41.02 36.98 128.57
CA TYR B 3366 41.52 36.47 127.29
C TYR B 3366 40.46 36.55 126.19
N ALA B 3367 39.19 36.72 126.55
CA ALA B 3367 38.15 36.97 125.56
C ALA B 3367 37.98 38.45 125.25
N PHE B 3368 38.18 39.31 126.26
CA PHE B 3368 38.00 40.74 126.04
C PHE B 3368 39.22 41.39 125.39
N TYR B 3369 40.41 40.82 125.57
CA TYR B 3369 41.60 41.40 124.96
C TYR B 3369 41.57 41.43 123.44
N PRO B 3370 41.23 40.35 122.72
CA PRO B 3370 41.15 40.46 121.26
C PRO B 3370 40.08 41.44 120.79
N LEU B 3371 39.00 41.62 121.55
CA LEU B 3371 38.00 42.61 121.18
C LEU B 3371 38.59 44.02 121.20
N LEU B 3372 39.36 44.35 122.24
CA LEU B 3372 40.01 45.64 122.30
C LEU B 3372 41.12 45.77 121.25
N ILE B 3373 41.77 44.66 120.91
CA ILE B 3373 42.80 44.70 119.87
C ILE B 3373 42.19 44.99 118.51
N ARG B 3374 41.08 44.32 118.19
CA ARG B 3374 40.43 44.45 116.90
C ARG B 3374 39.42 45.59 116.85
N PHE B 3375 39.25 46.34 117.95
CA PHE B 3375 38.39 47.52 117.92
C PHE B 3375 38.92 48.56 116.95
N VAL B 3376 40.25 48.71 116.87
CA VAL B 3376 40.88 49.62 115.93
C VAL B 3376 40.81 49.01 114.53
N ASP B 3377 41.14 49.80 113.51
CA ASP B 3377 41.08 49.31 112.13
C ASP B 3377 42.08 48.19 111.91
N TYR B 3378 43.34 48.43 112.27
CA TYR B 3378 44.43 47.44 112.17
C TYR B 3378 44.58 46.94 110.73
N ASN B 3379 44.98 47.87 109.87
CA ASN B 3379 45.18 47.54 108.46
C ASN B 3379 46.27 46.50 108.27
N ARG B 3380 47.36 46.61 109.02
CA ARG B 3380 48.45 45.65 108.96
C ARG B 3380 48.17 44.55 109.99
N ALA B 3381 47.97 43.33 109.51
CA ALA B 3381 47.67 42.19 110.38
C ALA B 3381 48.86 41.27 110.59
N LYS B 3382 50.06 41.71 110.21
CA LYS B 3382 51.26 40.89 110.31
C LYS B 3382 51.99 41.03 111.64
N TRP B 3383 51.45 41.83 112.58
CA TRP B 3383 52.14 42.03 113.84
C TRP B 3383 52.01 40.80 114.74
N LEU B 3384 50.84 40.17 114.74
CA LEU B 3384 50.58 38.96 115.51
C LEU B 3384 50.79 37.77 114.59
N LYS B 3385 51.92 37.08 114.73
CA LYS B 3385 52.22 35.94 113.89
C LYS B 3385 51.26 34.79 114.15
N GLU B 3386 50.97 34.51 115.43
CA GLU B 3386 50.08 33.42 115.81
C GLU B 3386 49.46 33.71 117.16
N PRO B 3387 48.31 34.39 117.19
CA PRO B 3387 47.66 34.65 118.48
C PRO B 3387 47.15 33.38 119.13
N ASN B 3388 47.14 33.39 120.46
CA ASN B 3388 46.69 32.22 121.20
C ASN B 3388 45.17 32.11 121.11
N PRO B 3389 44.63 30.95 120.69
CA PRO B 3389 43.19 30.71 120.60
C PRO B 3389 42.47 30.90 121.94
N TYR B 3404 30.52 33.31 127.58
CA TYR B 3404 29.22 33.58 128.16
C TYR B 3404 28.38 34.46 127.24
N TRP B 3405 27.38 35.13 127.82
CA TRP B 3405 26.51 35.99 127.02
C TRP B 3405 27.23 37.23 126.55
N SER B 3406 28.03 37.86 127.42
CA SER B 3406 28.72 39.09 127.06
C SER B 3406 29.77 38.85 125.98
N LYS B 3407 30.56 37.77 126.11
CA LYS B 3407 31.57 37.46 125.11
C LYS B 3407 30.93 37.12 123.76
N SER B 3408 29.84 36.34 123.78
CA SER B 3408 29.15 36.00 122.54
C SER B 3408 28.56 37.24 121.88
N HIS B 3409 27.97 38.14 122.67
CA HIS B 3409 27.43 39.38 122.12
C HIS B 3409 28.53 40.25 121.53
N ASN B 3410 29.68 40.35 122.21
CA ASN B 3410 30.80 41.12 121.69
C ASN B 3410 31.31 40.53 120.38
N PHE B 3411 31.44 39.21 120.32
CA PHE B 3411 31.89 38.56 119.09
C PHE B 3411 30.89 38.77 117.96
N LYS B 3412 29.60 38.68 118.25
CA LYS B 3412 28.58 38.90 117.23
C LYS B 3412 28.62 40.34 116.72
N ARG B 3413 28.79 41.31 117.64
CA ARG B 3413 28.86 42.71 117.24
C ARG B 3413 30.10 42.98 116.38
N GLU B 3414 31.24 42.39 116.76
CA GLU B 3414 32.46 42.56 115.97
C GLU B 3414 32.31 41.93 114.59
N GLU B 3415 31.68 40.75 114.53
CA GLU B 3415 31.46 40.09 113.24
C GLU B 3415 30.52 40.91 112.36
N GLN B 3416 29.47 41.49 112.95
CA GLN B 3416 28.55 42.33 112.18
C GLN B 3416 29.25 43.58 111.67
N ASN B 3417 30.09 44.20 112.50
CA ASN B 3417 30.83 45.39 112.07
C ASN B 3417 31.79 45.05 110.94
N PHE B 3418 32.50 43.92 111.06
CA PHE B 3418 33.42 43.54 110.00
C PHE B 3418 32.68 43.16 108.72
N VAL B 3419 31.50 42.55 108.84
CA VAL B 3419 30.70 42.23 107.65
C VAL B 3419 30.22 43.50 106.97
N VAL B 3420 29.81 44.50 107.76
CA VAL B 3420 29.41 45.78 107.19
C VAL B 3420 30.58 46.45 106.49
N GLN B 3421 31.77 46.42 107.11
CA GLN B 3421 32.96 47.00 106.49
C GLN B 3421 33.32 46.27 105.19
N ASN B 3422 33.22 44.95 105.19
CA ASN B 3422 33.54 44.19 103.99
C ASN B 3422 32.53 44.46 102.88
N GLU B 3423 31.25 44.59 103.23
CA GLU B 3423 30.23 44.94 102.23
C GLU B 3423 30.49 46.33 101.66
N ILE B 3424 30.87 47.29 102.52
CA ILE B 3424 31.18 48.63 102.04
C ILE B 3424 32.38 48.60 101.11
N ASN B 3425 33.41 47.80 101.45
CA ASN B 3425 34.57 47.68 100.58
C ASN B 3425 34.20 47.03 99.25
N ASN B 3426 33.30 46.04 99.28
CA ASN B 3426 32.86 45.39 98.05
C ASN B 3426 32.11 46.34 97.15
N MET B 3427 31.21 47.15 97.71
CA MET B 3427 30.50 48.13 96.90
C MET B 3427 31.42 49.25 96.42
N SER B 3428 32.49 49.55 97.18
CA SER B 3428 33.45 50.56 96.74
C SER B 3428 34.31 50.04 95.60
N PHE B 3429 34.69 48.75 95.64
CA PHE B 3429 35.52 48.16 94.61
C PHE B 3429 34.72 47.61 93.43
N LEU B 3430 33.39 47.61 93.51
CA LEU B 3430 32.59 47.17 92.38
C LEU B 3430 32.75 48.12 91.19
N ILE B 3431 32.77 49.43 91.45
CA ILE B 3431 32.99 50.43 90.41
C ILE B 3431 34.21 51.26 90.80
N THR B 3432 34.54 52.24 89.96
CA THR B 3432 35.67 53.15 90.19
C THR B 3432 36.98 52.35 90.35
N ASP B 3433 37.37 51.73 89.23
CA ASP B 3433 38.53 50.85 89.21
C ASP B 3433 39.78 51.56 89.69
N THR B 3434 40.54 50.88 90.56
CA THR B 3434 41.74 51.43 91.17
C THR B 3434 42.94 51.28 90.25
N LYS B 3435 44.15 51.42 90.81
CA LYS B 3435 45.39 51.37 90.06
C LYS B 3435 45.75 49.94 89.68
N SER B 3436 47.01 49.73 89.28
CA SER B 3436 47.46 48.44 88.76
C SER B 3436 47.26 47.33 89.79
N LYS B 3437 47.43 46.09 89.32
CA LYS B 3437 47.08 44.90 90.08
C LYS B 3437 47.93 44.69 91.31
N MET B 3438 49.06 45.40 91.46
CA MET B 3438 49.90 45.22 92.63
C MET B 3438 49.20 45.71 93.90
N SER B 3439 48.63 46.92 93.85
CA SER B 3439 47.92 47.46 95.00
C SER B 3439 46.67 46.64 95.32
N LYS B 3440 45.94 46.21 94.29
CA LYS B 3440 44.76 45.39 94.51
C LYS B 3440 45.14 44.04 95.13
N ALA B 3441 46.24 43.44 94.66
CA ALA B 3441 46.70 42.18 95.23
C ALA B 3441 47.13 42.36 96.69
N ALA B 3442 47.80 43.47 97.00
CA ALA B 3442 48.20 43.72 98.39
C ALA B 3442 46.98 43.91 99.28
N ILE B 3443 45.98 44.65 98.80
CA ILE B 3443 44.76 44.86 99.58
C ILE B 3443 44.02 43.54 99.80
N SER B 3444 43.94 42.72 98.75
CA SER B 3444 43.27 41.42 98.87
C SER B 3444 44.03 40.50 99.82
N ASP B 3445 45.37 40.54 99.78
CA ASP B 3445 46.15 39.71 100.69
C ASP B 3445 45.97 40.16 102.14
N GLN B 3446 45.94 41.47 102.39
CA GLN B 3446 45.70 41.95 103.73
C GLN B 3446 44.30 41.58 104.22
N GLU B 3447 43.30 41.68 103.33
CA GLU B 3447 41.94 41.30 103.70
C GLU B 3447 41.85 39.80 103.99
N ARG B 3448 42.55 38.98 103.20
CA ARG B 3448 42.56 37.54 103.44
C ARG B 3448 43.25 37.20 104.75
N LYS B 3449 44.34 37.90 105.07
CA LYS B 3449 45.02 37.67 106.34
C LYS B 3449 44.12 38.04 107.52
N LYS B 3450 43.41 39.17 107.41
CA LYS B 3450 42.48 39.56 108.46
C LYS B 3450 41.33 38.56 108.58
N MET B 3451 40.83 38.06 107.45
CA MET B 3451 39.77 37.07 107.48
C MET B 3451 40.24 35.77 108.13
N LYS B 3452 41.47 35.35 107.84
CA LYS B 3452 42.00 34.14 108.47
C LYS B 3452 42.20 34.34 109.97
N ARG B 3453 42.69 35.51 110.37
CA ARG B 3453 42.88 35.80 111.78
C ARG B 3453 41.55 35.79 112.53
N LYS B 3454 40.50 36.34 111.90
CA LYS B 3454 39.17 36.28 112.52
C LYS B 3454 38.64 34.85 112.54
N GLY B 3455 38.83 34.10 111.45
CA GLY B 3455 38.31 32.75 111.34
C GLY B 3455 38.98 31.77 112.28
N ASP B 3456 40.22 32.03 112.68
CA ASP B 3456 40.85 31.19 113.70
C ASP B 3456 40.04 31.21 114.99
N ARG B 3457 39.76 32.40 115.51
CA ARG B 3457 38.95 32.53 116.71
C ARG B 3457 37.51 32.10 116.46
N TYR B 3458 37.00 32.30 115.25
CA TYR B 3458 35.66 31.83 114.92
C TYR B 3458 35.54 30.32 115.03
N SER B 3459 36.52 29.59 114.48
CA SER B 3459 36.52 28.14 114.59
C SER B 3459 36.80 27.70 116.01
N MET B 3460 37.59 28.46 116.77
CA MET B 3460 37.83 28.13 118.17
C MET B 3460 36.56 28.22 118.99
N GLN B 3461 35.75 29.25 118.74
CA GLN B 3461 34.52 29.48 119.51
C GLN B 3461 33.29 28.86 118.88
N THR B 3462 33.42 28.21 117.72
CA THR B 3462 32.27 27.59 117.07
C THR B 3462 31.66 26.49 117.92
N SER B 3463 32.50 25.67 118.56
CA SER B 3463 31.99 24.60 119.42
C SER B 3463 31.22 25.17 120.61
N LEU B 3464 31.75 26.22 121.23
CA LEU B 3464 31.05 26.85 122.35
C LEU B 3464 29.74 27.48 121.90
N ILE B 3465 29.73 28.12 120.73
CA ILE B 3465 28.52 28.74 120.22
C ILE B 3465 27.46 27.67 119.93
N VAL B 3466 27.87 26.55 119.34
CA VAL B 3466 26.93 25.47 119.03
C VAL B 3466 26.38 24.86 120.32
N ALA B 3467 27.26 24.67 121.32
CA ALA B 3467 26.81 24.11 122.59
C ALA B 3467 25.82 25.04 123.29
N ALA B 3468 26.06 26.36 123.22
CA ALA B 3468 25.14 27.30 123.83
C ALA B 3468 23.81 27.36 123.08
N LEU B 3469 23.85 27.30 121.74
CA LEU B 3469 22.64 27.43 120.93
C LEU B 3469 21.83 26.15 120.83
N LYS B 3470 22.42 25.00 121.21
CA LYS B 3470 21.69 23.74 121.07
C LYS B 3470 20.48 23.67 122.01
N ARG B 3471 20.61 24.20 123.22
CA ARG B 3471 19.56 23.99 124.23
C ARG B 3471 18.41 24.97 124.06
N LEU B 3472 18.67 26.27 124.28
CA LEU B 3472 17.58 27.25 124.28
C LEU B 3472 17.96 28.60 123.71
N LEU B 3473 19.15 28.75 123.13
CA LEU B 3473 19.61 30.07 122.70
C LEU B 3473 19.30 30.26 121.22
N PRO B 3474 18.31 31.07 120.86
CA PRO B 3474 18.10 31.38 119.44
C PRO B 3474 18.71 32.72 119.05
N ILE B 3475 19.16 33.48 120.05
CA ILE B 3475 19.78 34.78 119.79
C ILE B 3475 21.09 34.61 119.05
N GLY B 3476 21.85 33.58 119.38
CA GLY B 3476 23.08 33.30 118.64
C GLY B 3476 22.82 32.99 117.19
N LEU B 3477 21.76 32.23 116.91
CA LEU B 3477 21.39 31.95 115.52
C LEU B 3477 20.94 33.21 114.81
N ASN B 3478 20.15 34.05 115.49
CA ASN B 3478 19.69 35.31 114.90
C ASN B 3478 20.84 36.26 114.64
N ILE B 3479 21.92 36.18 115.41
CA ILE B 3479 23.08 37.02 115.18
C ILE B 3479 24.02 36.42 114.11
N CYS B 3480 24.10 35.09 114.03
CA CYS B 3480 24.98 34.45 113.07
C CYS B 3480 24.37 34.37 111.67
N ALA B 3481 23.05 34.47 111.55
CA ALA B 3481 22.42 34.44 110.23
C ALA B 3481 22.87 35.58 109.32
N PRO B 3482 22.92 36.85 109.76
CA PRO B 3482 23.50 37.89 108.88
C PRO B 3482 24.95 37.63 108.54
N GLY B 3483 25.74 37.08 109.46
CA GLY B 3483 27.12 36.76 109.15
C GLY B 3483 27.26 35.70 108.07
N ASP B 3484 26.46 34.63 108.17
CA ASP B 3484 26.47 33.61 107.14
C ASP B 3484 25.96 34.15 105.81
N GLN B 3485 24.95 35.03 105.86
CA GLN B 3485 24.45 35.63 104.62
C GLN B 3485 25.51 36.50 103.96
N GLU B 3486 26.24 37.29 104.75
CA GLU B 3486 27.31 38.11 104.20
C GLU B 3486 28.46 37.27 103.66
N LEU B 3487 28.78 36.16 104.35
CA LEU B 3487 29.84 35.28 103.87
C LEU B 3487 29.45 34.60 102.56
N ILE B 3488 28.16 34.24 102.43
CA ILE B 3488 27.70 33.63 101.19
C ILE B 3488 27.67 34.64 100.06
N ALA B 3489 27.28 35.88 100.37
CA ALA B 3489 27.22 36.93 99.34
C ALA B 3489 28.61 37.32 98.87
N LEU B 3490 29.58 37.36 99.78
CA LEU B 3490 30.94 37.73 99.41
C LEU B 3490 31.58 36.69 98.49
N ALA B 3491 31.29 35.41 98.74
CA ALA B 3491 31.84 34.33 97.93
C ALA B 3491 30.96 33.97 96.75
N LYS B 3492 29.85 34.68 96.53
CA LYS B 3492 28.98 34.38 95.41
C LYS B 3492 29.65 34.66 94.07
N ASN B 3493 30.38 35.79 93.98
CA ASN B 3493 31.07 36.15 92.74
C ASN B 3493 32.31 36.94 93.13
N ARG B 3494 33.46 36.26 93.18
CA ARG B 3494 34.72 36.91 93.52
C ARG B 3494 35.83 36.27 92.71
N PHE B 3495 36.69 37.10 92.13
CA PHE B 3495 37.83 36.63 91.34
C PHE B 3495 39.16 37.11 91.87
N SER B 3496 39.28 38.38 92.27
CA SER B 3496 40.53 38.89 92.80
C SER B 3496 40.92 38.19 94.10
N LEU B 3497 39.94 38.03 95.00
CA LEU B 3497 40.20 37.28 96.23
C LEU B 3497 40.52 35.83 95.92
N LYS B 3498 39.87 35.26 94.90
CA LYS B 3498 40.13 33.87 94.52
C LYS B 3498 41.57 33.68 94.05
N ASP B 3499 42.07 34.60 93.23
CA ASP B 3499 43.44 34.44 92.75
C ASP B 3499 44.47 34.83 93.81
N THR B 3500 44.15 35.75 94.71
CA THR B 3500 45.09 36.10 95.76
C THR B 3500 45.13 35.09 96.90
N GLU B 3501 44.09 34.25 97.03
CA GLU B 3501 44.09 33.23 98.07
C GLU B 3501 45.21 32.22 97.86
N GLU B 3502 45.51 31.91 96.59
CA GLU B 3502 46.58 30.97 96.29
C GLU B 3502 47.93 31.47 96.77
N GLU B 3503 48.25 32.74 96.47
CA GLU B 3503 49.53 33.29 96.90
C GLU B 3503 49.54 33.56 98.41
N VAL B 3504 48.38 33.83 99.00
CA VAL B 3504 48.32 33.99 100.45
C VAL B 3504 48.65 32.66 101.14
N ARG B 3505 48.07 31.56 100.63
CA ARG B 3505 48.38 30.24 101.19
C ARG B 3505 49.81 29.83 100.90
N ASP B 3506 50.36 30.22 99.74
CA ASP B 3506 51.75 29.90 99.43
C ASP B 3506 52.72 30.64 100.33
N ILE B 3507 52.41 31.90 100.67
CA ILE B 3507 53.29 32.67 101.54
C ILE B 3507 53.29 32.09 102.95
N ILE B 3508 52.11 31.81 103.49
CA ILE B 3508 51.99 31.26 104.83
C ILE B 3508 52.12 29.74 104.77
N ARG B 3509 53.35 29.25 104.95
CA ARG B 3509 53.59 27.81 104.93
C ARG B 3509 53.06 27.11 106.17
N SER B 3510 52.87 27.83 107.27
CA SER B 3510 52.37 27.22 108.50
C SER B 3510 50.88 26.91 108.36
N ASN B 3511 50.48 25.78 108.96
CA ASN B 3511 49.09 25.36 108.95
C ASN B 3511 48.70 24.91 110.34
N ILE B 3512 47.47 25.23 110.75
CA ILE B 3512 46.98 24.88 112.08
C ILE B 3512 46.16 23.61 112.01
N HIS B 3513 45.14 23.61 111.15
CA HIS B 3513 44.23 22.48 110.96
C HIS B 3513 43.60 22.03 112.28
N LEU B 3514 42.95 23.00 112.93
CA LEU B 3514 42.28 22.76 114.20
C LEU B 3514 40.85 22.24 114.04
N GLN B 3515 40.36 22.13 112.80
CA GLN B 3515 39.01 21.62 112.58
C GLN B 3515 38.90 20.15 112.95
N GLY B 3516 39.93 19.36 112.64
CA GLY B 3516 39.92 17.94 112.96
C GLY B 3516 40.15 17.64 114.43
N LYS B 3517 40.71 18.60 115.18
CA LYS B 3517 40.95 18.37 116.60
C LYS B 3517 39.64 18.28 117.38
N LEU B 3518 38.66 19.10 117.00
CA LEU B 3518 37.35 19.14 117.66
C LEU B 3518 37.48 19.43 119.15
N GLU B 3519 38.38 20.36 119.50
CA GLU B 3519 38.61 20.73 120.89
C GLU B 3519 39.02 22.19 121.00
N LEU B 3551 48.81 28.26 105.18
CA LEU B 3551 47.38 28.56 105.33
C LEU B 3551 46.86 28.05 106.67
N GLY B 3552 46.65 28.98 107.61
CA GLY B 3552 46.12 28.59 108.90
C GLY B 3552 44.68 28.09 108.83
N ILE B 3553 43.86 28.73 108.00
CA ILE B 3553 42.48 28.33 107.83
C ILE B 3553 42.07 28.61 106.38
N ALA B 3554 41.10 27.85 105.89
CA ALA B 3554 40.60 27.97 104.53
C ALA B 3554 39.21 28.61 104.54
N ASN B 3555 38.68 28.84 103.34
CA ASN B 3555 37.36 29.44 103.22
C ASN B 3555 36.26 28.46 103.62
N VAL B 3556 36.35 27.22 103.17
CA VAL B 3556 35.35 26.19 103.47
C VAL B 3556 36.05 25.09 104.26
N LEU B 3557 35.56 24.84 105.47
CA LEU B 3557 36.13 23.82 106.34
C LEU B 3557 34.99 23.25 107.19
N PHE B 3558 35.35 22.57 108.29
CA PHE B 3558 34.35 21.98 109.17
C PHE B 3558 33.51 23.06 109.86
N HIS B 3559 34.11 24.20 110.19
CA HIS B 3559 33.36 25.28 110.83
C HIS B 3559 32.28 25.83 109.91
N LEU B 3560 32.59 25.94 108.61
CA LEU B 3560 31.59 26.41 107.66
C LEU B 3560 30.43 25.42 107.53
N GLU B 3561 30.74 24.12 107.52
CA GLU B 3561 29.70 23.10 107.47
C GLU B 3561 28.83 23.15 108.73
N GLN B 3562 29.46 23.35 109.89
CA GLN B 3562 28.70 23.45 111.14
C GLN B 3562 27.80 24.68 111.14
N LYS B 3563 28.31 25.80 110.61
CA LYS B 3563 27.50 27.02 110.53
C LYS B 3563 26.33 26.85 109.58
N SER B 3564 26.56 26.20 108.43
CA SER B 3564 25.51 26.01 107.44
C SER B 3564 24.54 24.88 107.80
N LYS B 3565 24.90 24.02 108.76
CA LYS B 3565 24.00 22.95 109.15
C LYS B 3565 22.78 23.49 109.88
N TYR B 3566 22.97 24.50 110.73
CA TYR B 3566 21.91 25.12 111.53
C TYR B 3566 21.14 24.10 112.37
N PRO B 3611 78.39 39.28 59.79
CA PRO B 3611 78.54 39.81 58.42
C PRO B 3611 78.86 38.72 57.42
N ARG B 3612 79.39 37.59 57.90
CA ARG B 3612 79.71 36.48 57.01
C ARG B 3612 78.46 35.90 56.37
N HIS B 3613 77.40 35.74 57.16
CA HIS B 3613 76.14 35.21 56.65
C HIS B 3613 75.20 36.37 56.26
N ARG B 3614 75.71 37.20 55.34
CA ARG B 3614 74.95 38.35 54.85
C ARG B 3614 73.91 37.86 53.86
N ALA B 3615 72.76 37.45 54.39
CA ALA B 3615 71.64 37.00 53.58
C ALA B 3615 70.82 38.14 53.01
N VAL B 3616 71.25 39.39 53.25
CA VAL B 3616 70.55 40.55 52.69
C VAL B 3616 70.64 40.55 51.17
N ASN B 3617 71.77 40.07 50.61
CA ASN B 3617 71.92 40.02 49.15
C ASN B 3617 70.89 39.10 48.50
N LEU B 3618 70.41 38.08 49.21
CA LEU B 3618 69.33 37.24 48.72
C LEU B 3618 67.95 37.73 49.16
N PHE B 3619 67.85 38.43 50.28
CA PHE B 3619 66.57 38.98 50.72
C PHE B 3619 66.12 40.12 49.80
N LEU B 3620 67.07 40.92 49.30
CA LEU B 3620 66.74 41.99 48.38
C LEU B 3620 66.22 41.47 47.05
N GLN B 3621 66.48 40.21 46.73
CA GLN B 3621 65.96 39.63 45.50
C GLN B 3621 64.44 39.59 45.52
N GLY B 3622 63.85 39.27 46.68
CA GLY B 3622 62.40 39.26 46.77
C GLY B 3622 61.79 40.64 46.60
N TYR B 3623 62.49 41.67 47.09
CA TYR B 3623 62.01 43.04 46.93
C TYR B 3623 62.24 43.58 45.52
N GLU B 3624 63.24 43.06 44.82
CA GLU B 3624 63.59 43.57 43.51
C GLU B 3624 62.99 42.79 42.34
N LYS B 3625 62.51 41.56 42.58
CA LYS B 3625 62.06 40.72 41.48
C LYS B 3625 60.76 41.23 40.86
N SER B 3626 59.82 41.68 41.69
CA SER B 3626 58.50 42.04 41.17
C SER B 3626 58.08 43.45 41.57
N TRP B 3627 58.47 43.89 42.77
CA TRP B 3627 58.04 45.19 43.25
C TRP B 3627 58.63 46.32 42.41
N ILE B 3628 59.91 46.20 42.03
CA ILE B 3628 60.53 47.21 41.18
C ILE B 3628 60.36 46.89 39.70
N GLU B 3629 60.03 45.64 39.36
CA GLU B 3629 59.82 45.26 37.96
C GLU B 3629 58.58 45.92 37.36
N THR B 3630 57.70 46.47 38.19
CA THR B 3630 56.49 47.10 37.68
C THR B 3630 56.80 48.32 36.83
N GLU B 3631 57.84 49.08 37.19
CA GLU B 3631 58.22 50.25 36.41
C GLU B 3631 58.65 49.85 35.00
N GLU B 3632 59.49 48.81 34.90
CA GLU B 3632 59.92 48.34 33.58
C GLU B 3632 58.77 47.67 32.81
N HIS B 3633 57.85 47.02 33.53
CA HIS B 3633 56.68 46.45 32.87
C HIS B 3633 55.80 47.54 32.27
N TYR B 3634 55.61 48.63 32.99
CA TYR B 3634 54.93 49.79 32.43
C TYR B 3634 55.72 50.40 31.29
N PHE B 3635 57.05 50.35 31.36
CA PHE B 3635 57.90 50.79 30.28
C PHE B 3635 57.95 49.70 29.20
N GLU B 3636 58.81 49.90 28.19
CA GLU B 3636 58.98 49.06 27.01
C GLU B 3636 57.67 48.47 26.50
N ASP B 3637 57.67 47.17 26.19
CA ASP B 3637 56.48 46.46 25.72
C ASP B 3637 55.91 47.11 24.47
N LYS B 3638 54.91 47.98 24.64
CA LYS B 3638 54.31 48.66 23.50
C LYS B 3638 55.31 49.59 22.83
N LEU B 3639 56.17 50.25 23.62
CA LEU B 3639 57.12 51.19 23.07
C LEU B 3639 58.11 50.49 22.13
N ILE B 3640 58.76 49.43 22.61
CA ILE B 3640 59.69 48.69 21.76
C ILE B 3640 58.95 47.98 20.65
N GLU B 3641 57.72 47.53 20.92
CA GLU B 3641 56.94 46.82 19.91
C GLU B 3641 56.63 47.71 18.72
N ASP B 3642 56.30 48.97 18.96
CA ASP B 3642 56.05 49.91 17.87
C ASP B 3642 57.32 50.53 17.32
N LEU B 3643 58.39 50.60 18.12
CA LEU B 3643 59.64 51.16 17.63
C LEU B 3643 60.33 50.21 16.66
N ALA B 3644 60.35 48.91 16.97
CA ALA B 3644 61.03 47.95 16.12
C ALA B 3644 60.22 47.58 14.89
N LYS B 3645 58.99 48.07 14.77
CA LYS B 3645 58.16 47.89 13.57
C LYS B 3645 57.66 49.23 13.08
N PRO B 3646 58.54 50.07 12.51
CA PRO B 3646 58.09 51.36 11.95
C PRO B 3646 57.67 51.23 10.48
N GLY B 3647 56.66 50.40 10.24
CA GLY B 3647 56.19 50.21 8.87
C GLY B 3647 57.19 49.42 8.06
N ALA B 3648 57.52 49.93 6.88
CA ALA B 3648 58.46 49.28 5.97
C ALA B 3648 59.89 49.79 6.15
N GLU B 3649 60.24 50.23 7.35
CA GLU B 3649 61.57 50.74 7.71
C GLU B 3649 61.88 51.96 6.81
N LEU B 3650 63.16 52.21 6.56
CA LEU B 3650 63.60 53.26 5.66
C LEU B 3650 64.58 52.65 4.67
N PRO B 3651 64.09 51.90 3.67
CA PRO B 3651 65.00 51.20 2.76
C PRO B 3651 65.66 52.13 1.75
N GLU B 3652 64.95 53.16 1.32
CA GLU B 3652 65.43 54.11 0.31
C GLU B 3652 65.86 53.39 -0.97
N GLU B 3653 65.09 52.39 -1.37
CA GLU B 3653 65.41 51.62 -2.57
C GLU B 3653 64.87 52.31 -3.82
N ALA B 3656 60.16 44.69 -3.38
CA ALA B 3656 58.72 44.49 -3.32
C ALA B 3656 58.24 44.41 -1.87
N MET B 3657 58.90 43.59 -1.07
CA MET B 3657 58.56 43.42 0.33
C MET B 3657 59.24 44.45 1.23
N LYS B 3658 60.03 45.35 0.67
CA LYS B 3658 60.74 46.40 1.42
C LYS B 3658 61.64 45.79 2.50
N ARG B 3659 62.35 44.73 2.12
CA ARG B 3659 63.35 44.03 2.94
C ARG B 3659 62.75 43.35 4.16
N VAL B 3660 61.42 43.31 4.28
CA VAL B 3660 60.68 42.59 5.33
C VAL B 3660 60.87 43.25 6.70
N ASP B 3661 59.79 43.32 7.48
CA ASP B 3661 59.86 43.91 8.81
C ASP B 3661 60.76 43.08 9.72
N PRO B 3662 61.44 43.72 10.68
CA PRO B 3662 62.29 42.94 11.61
C PRO B 3662 61.52 41.94 12.45
N LEU B 3663 60.35 42.32 12.97
CA LEU B 3663 59.58 41.37 13.74
C LEU B 3663 58.95 40.30 12.86
N HIS B 3664 58.73 40.59 11.58
CA HIS B 3664 58.36 39.53 10.65
C HIS B 3664 59.45 38.48 10.57
N GLN B 3665 60.72 38.92 10.51
CA GLN B 3665 61.84 37.99 10.53
C GLN B 3665 61.89 37.23 11.85
N LEU B 3666 61.60 37.91 12.97
CA LEU B 3666 61.61 37.23 14.26
C LEU B 3666 60.54 36.16 14.34
N ILE B 3667 59.33 36.47 13.87
CA ILE B 3667 58.24 35.49 13.89
C ILE B 3667 58.55 34.33 12.95
N LEU B 3668 59.18 34.63 11.80
CA LEU B 3668 59.59 33.56 10.89
C LEU B 3668 60.66 32.67 11.54
N LEU B 3669 61.58 33.27 12.29
CA LEU B 3669 62.59 32.49 13.00
C LEU B 3669 61.94 31.57 14.02
N PHE B 3670 60.99 32.10 14.80
CA PHE B 3670 60.31 31.27 15.78
C PHE B 3670 59.51 30.15 15.13
N SER B 3671 58.84 30.47 14.01
CA SER B 3671 58.04 29.46 13.31
C SER B 3671 58.93 28.37 12.72
N ARG B 3672 60.08 28.74 12.14
CA ARG B 3672 60.96 27.72 11.57
C ARG B 3672 61.69 26.93 12.65
N THR B 3673 61.91 27.53 13.82
CA THR B 3673 62.45 26.76 14.95
C THR B 3673 61.42 25.75 15.45
N ALA B 3674 60.15 26.16 15.53
CA ALA B 3674 59.11 25.22 15.91
C ALA B 3674 58.90 24.15 14.86
N LEU B 3675 59.14 24.46 13.59
CA LEU B 3675 58.99 23.47 12.54
C LEU B 3675 60.07 22.40 12.60
N THR B 3676 61.28 22.79 12.98
CA THR B 3676 62.37 21.82 13.13
C THR B 3676 62.12 20.97 14.36
N GLU B 3677 61.45 19.83 14.17
CA GLU B 3677 61.03 19.00 15.29
C GLU B 3677 62.20 18.18 15.84
N LYS B 3678 62.15 17.93 17.16
CA LYS B 3678 63.12 17.06 17.80
C LYS B 3678 62.44 16.15 18.81
N CYS B 3679 61.13 15.95 18.70
CA CYS B 3679 60.31 15.14 19.60
C CYS B 3679 60.38 15.63 21.05
N LYS B 3680 60.77 16.88 21.26
CA LYS B 3680 60.87 17.47 22.58
C LYS B 3680 60.98 18.99 22.49
N LEU B 3681 60.14 19.71 23.22
CA LEU B 3681 60.21 21.16 23.23
C LEU B 3681 61.33 21.63 24.15
N GLU B 3682 62.14 22.56 23.66
CA GLU B 3682 63.30 23.05 24.40
C GLU B 3682 62.86 24.08 25.45
N GLU B 3683 63.83 24.77 26.03
CA GLU B 3683 63.55 25.78 27.05
C GLU B 3683 64.19 27.11 26.66
N ASP B 3684 63.96 27.54 25.42
CA ASP B 3684 64.56 28.78 24.93
C ASP B 3684 64.03 29.97 25.70
N PHE B 3685 64.95 30.84 26.15
CA PHE B 3685 64.56 32.02 26.90
C PHE B 3685 64.02 33.12 26.00
N LEU B 3686 64.46 33.16 24.74
CA LEU B 3686 63.97 34.17 23.82
C LEU B 3686 62.47 34.04 23.58
N TYR B 3687 61.99 32.79 23.47
CA TYR B 3687 60.56 32.56 23.35
C TYR B 3687 59.82 33.14 24.56
N MET B 3688 60.34 32.88 25.76
CA MET B 3688 59.71 33.39 26.97
C MET B 3688 59.62 34.91 26.93
N ALA B 3689 60.76 35.56 26.70
CA ALA B 3689 60.83 37.01 26.76
C ALA B 3689 59.94 37.66 25.71
N TYR B 3690 60.01 37.18 24.47
CA TYR B 3690 59.26 37.85 23.42
C TYR B 3690 57.77 37.48 23.43
N ALA B 3691 57.41 36.26 23.83
CA ALA B 3691 55.99 35.96 24.02
C ALA B 3691 55.39 36.84 25.10
N ASP B 3692 56.13 37.04 26.20
CA ASP B 3692 55.67 37.97 27.23
C ASP B 3692 55.57 39.39 26.69
N ILE B 3693 56.53 39.79 25.86
CA ILE B 3693 56.53 41.15 25.31
C ILE B 3693 55.31 41.38 24.42
N MET B 3694 55.04 40.45 23.50
CA MET B 3694 53.86 40.61 22.65
C MET B 3694 52.57 40.51 23.46
N ALA B 3695 52.52 39.63 24.45
CA ALA B 3695 51.32 39.51 25.27
C ALA B 3695 51.04 40.81 26.03
N LYS B 3696 52.08 41.42 26.60
CA LYS B 3696 51.90 42.69 27.29
C LYS B 3696 51.57 43.82 26.33
N SER B 3697 52.09 43.77 25.10
CA SER B 3697 51.78 44.80 24.12
C SER B 3697 50.33 44.73 23.68
N CYS B 3698 49.79 43.51 23.55
CA CYS B 3698 48.45 43.32 23.01
C CYS B 3698 47.37 43.23 24.09
N HIS B 3699 47.73 43.42 25.36
CA HIS B 3699 46.79 43.30 26.47
C HIS B 3699 46.85 44.54 27.36
N ASP B 3700 46.72 45.72 26.74
CA ASP B 3700 46.72 46.97 27.49
C ASP B 3700 45.49 47.11 28.39
N GLU B 3701 44.48 46.26 28.22
CA GLU B 3701 43.28 46.29 29.06
C GLU B 3701 43.61 46.03 30.52
N GLU B 3708 35.50 52.50 35.43
CA GLU B 3708 34.23 53.07 35.87
C GLU B 3708 33.31 53.32 34.68
N GLU B 3709 32.30 54.17 34.88
CA GLU B 3709 31.36 54.50 33.83
C GLU B 3709 32.00 55.49 32.87
N VAL B 3710 32.11 55.10 31.59
CA VAL B 3710 32.70 55.94 30.57
C VAL B 3710 31.73 56.06 29.40
N LYS B 3711 32.15 56.73 28.34
CA LYS B 3711 31.32 56.86 27.14
C LYS B 3711 31.07 55.49 26.54
N SER B 3712 29.81 55.02 26.62
CA SER B 3712 29.49 53.65 26.23
C SER B 3712 29.63 53.41 24.74
N PHE B 3713 29.68 54.46 23.93
CA PHE B 3713 29.81 54.32 22.49
C PHE B 3713 31.04 55.01 21.92
N GLU B 3714 31.82 55.72 22.74
CA GLU B 3714 33.02 56.41 22.27
C GLU B 3714 34.28 55.83 22.88
N GLU B 3715 34.37 55.79 24.22
CA GLU B 3715 35.55 55.21 24.86
C GLU B 3715 35.67 53.72 24.56
N LYS B 3716 34.54 52.99 24.62
CA LYS B 3716 34.56 51.57 24.33
C LYS B 3716 34.98 51.31 22.88
N GLU B 3717 34.44 52.09 21.95
CA GLU B 3717 34.79 51.91 20.54
C GLU B 3717 36.25 52.26 20.28
N MET B 3718 36.75 53.31 20.94
CA MET B 3718 38.17 53.66 20.78
C MET B 3718 39.08 52.57 21.32
N GLU B 3719 38.73 52.00 22.48
CA GLU B 3719 39.51 50.90 23.03
C GLU B 3719 39.47 49.68 22.12
N LYS B 3720 38.29 49.37 21.56
CA LYS B 3720 38.18 48.24 20.64
C LYS B 3720 39.00 48.48 19.38
N GLN B 3721 39.00 49.71 18.86
CA GLN B 3721 39.78 50.01 17.67
C GLN B 3721 41.27 49.91 17.94
N LYS B 3722 41.73 50.39 19.10
CA LYS B 3722 43.14 50.27 19.45
C LYS B 3722 43.56 48.80 19.60
N LEU B 3723 42.71 48.01 20.26
CA LEU B 3723 43.02 46.58 20.41
C LEU B 3723 43.04 45.89 19.05
N LEU B 3724 42.11 46.22 18.17
CA LEU B 3724 42.09 45.61 16.84
C LEU B 3724 43.32 46.01 16.04
N TYR B 3725 43.77 47.26 16.18
CA TYR B 3725 44.97 47.70 15.49
C TYR B 3725 46.20 46.93 16.00
N GLN B 3726 46.32 46.76 17.32
CA GLN B 3726 47.45 46.02 17.86
C GLN B 3726 47.42 44.56 17.43
N GLN B 3727 46.23 43.94 17.47
CA GLN B 3727 46.11 42.55 17.04
C GLN B 3727 46.44 42.40 15.56
N ALA B 3728 46.00 43.35 14.73
CA ALA B 3728 46.31 43.32 13.31
C ALA B 3728 47.81 43.47 13.06
N ARG B 3729 48.46 44.36 13.81
CA ARG B 3729 49.91 44.53 13.67
C ARG B 3729 50.63 43.24 14.03
N LEU B 3730 50.19 42.57 15.09
CA LEU B 3730 50.87 41.33 15.49
C LEU B 3730 50.60 40.20 14.50
N HIS B 3731 49.34 39.99 14.11
CA HIS B 3731 48.97 38.82 13.33
C HIS B 3731 49.11 39.02 11.82
N ASP B 3732 49.47 40.22 11.37
CA ASP B 3732 49.72 40.41 9.94
C ASP B 3732 51.05 39.82 9.50
N ARG B 3733 51.86 39.33 10.43
CA ARG B 3733 53.18 38.77 10.13
C ARG B 3733 53.25 37.31 10.56
N GLY B 3734 52.14 36.58 10.42
CA GLY B 3734 52.10 35.16 10.72
C GLY B 3734 52.25 34.81 12.19
N ALA B 3735 51.65 35.61 13.08
CA ALA B 3735 51.72 35.29 14.51
C ALA B 3735 50.82 34.13 14.88
N ALA B 3736 49.71 33.93 14.15
CA ALA B 3736 48.84 32.80 14.43
C ALA B 3736 49.51 31.48 14.09
N GLU B 3737 50.27 31.45 12.99
CA GLU B 3737 50.96 30.23 12.60
C GLU B 3737 52.01 29.82 13.62
N MET B 3738 52.71 30.80 14.19
CA MET B 3738 53.71 30.50 15.22
C MET B 3738 53.07 29.83 16.44
N VAL B 3739 51.96 30.41 16.92
CA VAL B 3739 51.27 29.85 18.08
C VAL B 3739 50.75 28.46 17.77
N LEU B 3740 50.14 28.28 16.59
CA LEU B 3740 49.58 26.99 16.23
C LEU B 3740 50.67 25.93 16.13
N GLN B 3741 51.80 26.25 15.50
CA GLN B 3741 52.89 25.29 15.37
C GLN B 3741 53.51 24.97 16.72
N THR B 3742 53.68 25.97 17.58
CA THR B 3742 54.25 25.71 18.91
C THR B 3742 53.32 24.82 19.74
N ILE B 3743 52.01 25.04 19.65
CA ILE B 3743 51.07 24.17 20.36
C ILE B 3743 51.12 22.76 19.79
N SER B 3744 51.17 22.63 18.47
CA SER B 3744 51.22 21.30 17.85
C SER B 3744 52.54 20.58 18.11
N ALA B 3745 53.60 21.32 18.46
CA ALA B 3745 54.90 20.69 18.68
C ALA B 3745 54.91 19.90 19.98
N SER B 3746 54.63 20.55 21.10
CA SER B 3746 54.64 19.92 22.41
C SER B 3746 53.43 18.99 22.52
N LYS B 3747 53.65 17.70 22.37
CA LYS B 3747 52.56 16.71 22.40
C LYS B 3747 52.29 16.33 23.86
N GLY B 3748 51.51 17.19 24.52
CA GLY B 3748 51.08 16.93 25.88
C GLY B 3748 52.03 17.38 26.97
N GLU B 3749 53.20 17.89 26.62
CA GLU B 3749 54.15 18.37 27.62
C GLU B 3749 53.69 19.72 28.14
N THR B 3750 53.41 19.79 29.44
CA THR B 3750 52.88 21.02 30.04
C THR B 3750 54.01 21.87 30.61
N GLY B 3751 54.95 22.22 29.73
CA GLY B 3751 56.03 23.11 30.11
C GLY B 3751 55.60 24.56 30.09
N PRO B 3752 56.50 25.43 30.52
CA PRO B 3752 56.18 26.87 30.51
C PRO B 3752 56.11 27.46 29.12
N MET B 3753 56.70 26.81 28.11
CA MET B 3753 56.57 27.29 26.74
C MET B 3753 55.13 27.25 26.28
N VAL B 3754 54.40 26.19 26.63
CA VAL B 3754 52.98 26.10 26.28
C VAL B 3754 52.20 27.19 27.01
N ALA B 3755 52.58 27.49 28.25
CA ALA B 3755 51.92 28.57 28.99
C ALA B 3755 52.12 29.91 28.30
N ALA B 3756 53.36 30.20 27.89
CA ALA B 3756 53.62 31.47 27.20
C ALA B 3756 52.90 31.53 25.87
N THR B 3757 52.87 30.41 25.14
CA THR B 3757 52.18 30.38 23.85
C THR B 3757 50.67 30.58 24.02
N LEU B 3758 50.09 29.99 25.06
CA LEU B 3758 48.66 30.20 25.30
C LEU B 3758 48.37 31.63 25.75
N LYS B 3759 49.27 32.23 26.52
CA LYS B 3759 49.11 33.64 26.87
C LYS B 3759 49.14 34.52 25.63
N LEU B 3760 50.08 34.24 24.71
CA LEU B 3760 50.12 34.98 23.45
C LEU B 3760 48.86 34.75 22.64
N GLY B 3761 48.34 33.52 22.64
CA GLY B 3761 47.13 33.23 21.90
C GLY B 3761 45.91 33.96 22.43
N ILE B 3762 45.75 34.01 23.75
CA ILE B 3762 44.61 34.74 24.32
C ILE B 3762 44.81 36.24 24.16
N ALA B 3763 46.06 36.71 24.11
CA ALA B 3763 46.30 38.12 23.84
C ALA B 3763 45.93 38.47 22.40
N ILE B 3764 46.19 37.55 21.47
CA ILE B 3764 45.83 37.77 20.07
C ILE B 3764 44.32 37.72 19.89
N LEU B 3765 43.66 36.72 20.49
CA LEU B 3765 42.24 36.49 20.27
C LEU B 3765 41.36 37.24 21.27
N ASN B 3766 41.90 38.24 21.96
CA ASN B 3766 41.11 39.00 22.92
C ASN B 3766 40.02 39.77 22.18
N GLY B 3767 38.77 39.51 22.56
CA GLY B 3767 37.62 40.05 21.84
C GLY B 3767 37.12 39.18 20.71
N GLY B 3768 37.85 38.14 20.34
CA GLY B 3768 37.41 37.22 19.32
C GLY B 3768 37.39 37.80 17.92
N ASN B 3769 38.57 38.13 17.38
CA ASN B 3769 38.65 38.61 16.02
C ASN B 3769 38.29 37.51 15.04
N SER B 3770 37.54 37.87 14.00
CA SER B 3770 37.20 36.89 12.97
C SER B 3770 38.37 36.61 12.04
N THR B 3771 39.27 37.57 11.86
CA THR B 3771 40.39 37.40 10.94
C THR B 3771 41.35 36.33 11.43
N VAL B 3772 41.72 36.39 12.71
CA VAL B 3772 42.67 35.41 13.25
C VAL B 3772 42.04 34.01 13.30
N GLN B 3773 40.74 33.95 13.61
CA GLN B 3773 40.04 32.66 13.60
C GLN B 3773 40.02 32.07 12.19
N GLN B 3774 39.74 32.90 11.19
CA GLN B 3774 39.74 32.44 9.80
C GLN B 3774 41.13 31.98 9.38
N LYS B 3775 42.17 32.71 9.78
CA LYS B 3775 43.53 32.33 9.43
C LYS B 3775 43.92 31.00 10.06
N MET B 3776 43.61 30.81 11.35
CA MET B 3776 43.91 29.53 11.98
C MET B 3776 43.11 28.40 11.35
N LEU B 3777 41.85 28.63 11.02
CA LEU B 3777 41.04 27.58 10.41
C LEU B 3777 41.58 27.18 9.04
N ASP B 3778 41.93 28.17 8.20
CA ASP B 3778 42.41 27.80 6.87
C ASP B 3778 43.79 27.18 6.94
N TYR B 3779 44.63 27.60 7.90
CA TYR B 3779 45.92 26.96 8.08
C TYR B 3779 45.76 25.50 8.49
N LEU B 3780 44.89 25.23 9.48
CA LEU B 3780 44.67 23.86 9.91
C LEU B 3780 44.02 23.02 8.83
N LYS B 3781 43.21 23.63 7.97
CA LYS B 3781 42.60 22.88 6.89
C LYS B 3781 43.60 22.54 5.79
N GLU B 3782 44.46 23.50 5.42
CA GLU B 3782 45.38 23.27 4.32
C GLU B 3782 46.58 22.41 4.75
N LYS B 3783 46.99 22.47 6.01
CA LYS B 3783 48.14 21.70 6.46
C LYS B 3783 47.77 20.32 6.99
N LYS B 3784 46.47 20.07 7.24
CA LYS B 3784 45.99 18.79 7.76
C LYS B 3784 46.73 18.41 9.05
N ASP B 3785 46.93 19.40 9.92
CA ASP B 3785 47.68 19.19 11.15
C ASP B 3785 46.86 18.30 12.09
N VAL B 3786 47.36 17.10 12.36
CA VAL B 3786 46.69 16.20 13.28
C VAL B 3786 47.26 16.30 14.69
N GLY B 3787 48.56 16.58 14.82
CA GLY B 3787 49.18 16.64 16.13
C GLY B 3787 48.74 17.80 17.00
N PHE B 3788 48.11 18.81 16.40
CA PHE B 3788 47.63 19.95 17.18
C PHE B 3788 46.51 19.53 18.13
N PHE B 3789 45.49 18.83 17.60
CA PHE B 3789 44.38 18.40 18.44
C PHE B 3789 44.82 17.33 19.43
N GLN B 3790 45.74 16.45 19.03
CA GLN B 3790 46.28 15.46 19.96
C GLN B 3790 47.03 16.14 21.10
N SER B 3791 47.82 17.18 20.78
CA SER B 3791 48.53 17.92 21.81
C SER B 3791 47.55 18.63 22.74
N LEU B 3792 46.46 19.19 22.19
CA LEU B 3792 45.45 19.83 23.03
C LEU B 3792 44.80 18.82 23.96
N ALA B 3793 44.46 17.63 23.45
CA ALA B 3793 43.86 16.60 24.28
C ALA B 3793 44.81 16.16 25.38
N GLY B 3794 46.10 15.99 25.05
CA GLY B 3794 47.07 15.63 26.07
C GLY B 3794 47.25 16.70 27.12
N LEU B 3795 47.26 17.96 26.69
CA LEU B 3795 47.39 19.07 27.64
C LEU B 3795 46.21 19.13 28.59
N MET B 3796 45.00 18.91 28.06
CA MET B 3796 43.82 18.93 28.93
C MET B 3796 43.78 17.70 29.83
N GLN B 3797 44.28 16.56 29.36
CA GLN B 3797 44.34 15.37 30.20
C GLN B 3797 45.36 15.51 31.32
N SER B 3798 46.45 16.24 31.07
CA SER B 3798 47.49 16.42 32.08
C SER B 3798 47.21 17.58 33.02
N CYS B 3799 46.05 18.23 32.89
CA CYS B 3799 45.70 19.33 33.78
C CYS B 3799 45.50 18.82 35.21
N SER B 3800 45.81 19.68 36.17
CA SER B 3800 45.77 19.29 37.58
C SER B 3800 44.34 19.26 38.09
N VAL B 3801 44.19 18.92 39.36
CA VAL B 3801 42.90 18.81 40.03
C VAL B 3801 43.08 19.31 41.46
N LEU B 3802 41.97 19.39 42.20
CA LEU B 3802 42.00 19.93 43.56
C LEU B 3802 42.88 19.09 44.48
N ASP B 3803 42.81 17.76 44.35
CA ASP B 3803 43.73 16.82 45.00
C ASP B 3803 43.70 17.00 46.53
N LEU B 3804 42.56 16.60 47.11
CA LEU B 3804 42.34 16.72 48.55
C LEU B 3804 43.43 16.05 49.37
N ASN B 3805 44.00 14.95 48.86
CA ASN B 3805 45.06 14.25 49.60
C ASN B 3805 46.28 15.13 49.80
N ALA B 3806 46.60 15.99 48.83
CA ALA B 3806 47.71 16.92 48.98
C ALA B 3806 47.45 17.88 50.14
N PHE B 3807 46.22 18.39 50.24
CA PHE B 3807 45.88 19.27 51.35
C PHE B 3807 45.92 18.53 52.67
N GLU B 3808 45.48 17.26 52.68
CA GLU B 3808 45.51 16.46 53.89
C GLU B 3808 46.95 16.25 54.37
N ARG B 3809 47.87 16.02 53.43
CA ARG B 3809 49.28 15.91 53.81
C ARG B 3809 49.86 17.25 54.20
N GLN B 3810 49.37 18.34 53.60
CA GLN B 3810 49.96 19.65 53.85
C GLN B 3810 49.59 20.20 55.22
N ASN B 3811 48.32 20.03 55.64
CA ASN B 3811 47.90 20.57 56.92
C ASN B 3811 48.59 19.89 58.10
N LYS B 3812 49.12 18.68 57.89
CA LYS B 3812 49.94 18.01 58.90
C LYS B 3812 51.42 18.34 58.68
N ALA B 3813 51.71 19.64 58.75
CA ALA B 3813 53.05 20.14 58.51
C ALA B 3813 53.88 20.04 59.80
N GLU B 3814 55.02 20.73 59.83
CA GLU B 3814 55.88 20.75 61.00
C GLU B 3814 55.15 21.33 62.20
N GLY B 3815 54.85 20.49 63.18
CA GLY B 3815 53.98 20.91 64.27
C GLY B 3815 52.57 21.14 63.77
N LEU B 3816 52.16 22.41 63.73
CA LEU B 3816 50.89 22.79 63.12
C LEU B 3816 51.13 24.05 62.30
N GLY B 3817 50.71 24.03 61.03
CA GLY B 3817 50.94 25.14 60.14
C GLY B 3817 52.34 25.11 59.55
N MET B 3818 52.60 26.11 58.69
CA MET B 3818 53.89 26.22 58.01
C MET B 3818 54.89 26.92 58.93
N VAL B 3819 55.31 26.19 59.96
CA VAL B 3819 56.26 26.72 60.93
C VAL B 3819 57.65 26.84 60.30
N THR B 3820 58.07 25.83 59.54
CA THR B 3820 59.42 25.85 58.96
C THR B 3820 59.55 26.88 57.86
N GLU B 3821 58.45 27.16 57.14
CA GLU B 3821 58.40 28.16 56.08
C GLU B 3821 59.50 27.94 55.03
N GLU B 3822 59.82 26.68 54.74
CA GLU B 3822 60.87 26.38 53.78
C GLU B 3822 60.43 26.74 52.36
N GLY B 3823 59.18 26.44 52.02
CA GLY B 3823 58.65 26.78 50.72
C GLY B 3823 57.15 26.94 50.72
N SER B 3824 56.67 28.05 50.16
CA SER B 3824 55.24 28.34 50.09
C SER B 3824 54.60 27.84 48.81
N GLY B 3825 55.15 26.78 48.21
CA GLY B 3825 54.56 26.23 47.00
C GLY B 3825 53.19 25.63 47.26
N GLU B 3826 52.36 25.66 46.22
CA GLU B 3826 50.98 25.20 46.37
C GLU B 3826 50.93 23.68 46.55
N LYS B 3827 51.36 22.94 45.52
CA LYS B 3827 51.47 21.48 45.54
C LYS B 3827 50.12 20.78 45.76
N VAL B 3828 49.04 21.55 45.84
CA VAL B 3828 47.70 21.00 45.98
C VAL B 3828 46.85 21.30 44.74
N LEU B 3829 46.92 22.53 44.23
CA LEU B 3829 46.37 22.89 42.92
C LEU B 3829 47.55 23.40 42.11
N GLN B 3830 48.12 22.52 41.27
CA GLN B 3830 49.42 22.76 40.65
C GLN B 3830 49.42 23.98 39.73
N ASP B 3831 48.66 23.92 38.63
CA ASP B 3831 48.65 25.00 37.63
C ASP B 3831 47.21 25.38 37.32
N ASP B 3832 46.64 26.25 38.15
CA ASP B 3832 45.31 26.78 37.87
C ASP B 3832 45.37 27.85 36.78
N GLU B 3833 46.45 28.65 36.77
CA GLU B 3833 46.59 29.68 35.76
C GLU B 3833 46.73 29.07 34.37
N PHE B 3834 47.50 27.99 34.24
CA PHE B 3834 47.67 27.34 32.95
C PHE B 3834 46.35 26.76 32.44
N THR B 3835 45.59 26.11 33.32
CA THR B 3835 44.31 25.55 32.91
C THR B 3835 43.33 26.64 32.53
N CYS B 3836 43.29 27.73 33.30
CA CYS B 3836 42.42 28.85 32.97
C CYS B 3836 42.80 29.47 31.63
N ASP B 3837 44.09 29.63 31.38
CA ASP B 3837 44.53 30.20 30.10
C ASP B 3837 44.19 29.28 28.94
N LEU B 3838 44.37 27.96 29.11
CA LEU B 3838 44.05 27.03 28.05
C LEU B 3838 42.55 27.03 27.73
N PHE B 3839 41.72 27.02 28.76
CA PHE B 3839 40.28 27.01 28.51
C PHE B 3839 39.79 28.35 27.98
N ARG B 3840 40.41 29.45 28.39
CA ARG B 3840 40.09 30.74 27.80
C ARG B 3840 40.48 30.80 26.33
N PHE B 3841 41.63 30.21 25.99
CA PHE B 3841 42.03 30.13 24.58
C PHE B 3841 41.03 29.31 23.78
N LEU B 3842 40.58 28.18 24.34
CA LEU B 3842 39.58 27.37 23.64
C LEU B 3842 38.26 28.10 23.48
N GLN B 3843 37.86 28.87 24.50
CA GLN B 3843 36.62 29.64 24.41
C GLN B 3843 36.73 30.74 23.36
N LEU B 3844 37.84 31.49 23.37
CA LEU B 3844 38.05 32.54 22.38
C LEU B 3844 38.21 31.97 20.97
N LEU B 3845 38.60 30.70 20.86
CA LEU B 3845 38.74 30.07 19.55
C LEU B 3845 37.38 29.89 18.87
N CYS B 3846 36.30 29.87 19.64
CA CYS B 3846 34.96 29.70 19.08
C CYS B 3846 34.03 30.85 19.43
N GLU B 3847 34.56 31.98 19.90
CA GLU B 3847 33.72 33.11 20.26
C GLU B 3847 33.13 33.77 19.01
N GLY B 3848 32.04 34.49 19.21
CA GLY B 3848 31.36 35.15 18.12
C GLY B 3848 30.41 34.27 17.33
N HIS B 3849 30.19 33.03 17.78
CA HIS B 3849 29.32 32.07 17.10
C HIS B 3849 29.75 31.86 15.66
N ASN B 3850 31.06 31.68 15.46
CA ASN B 3850 31.59 31.41 14.13
C ASN B 3850 31.05 30.10 13.58
N SER B 3851 31.03 29.06 14.43
CA SER B 3851 30.40 27.76 14.19
C SER B 3851 31.16 26.93 13.14
N ASP B 3852 32.08 27.56 12.41
CA ASP B 3852 32.97 26.79 11.55
C ASP B 3852 34.02 26.06 12.37
N PHE B 3853 34.60 26.75 13.36
CA PHE B 3853 35.46 26.06 14.32
C PHE B 3853 34.66 25.06 15.14
N GLN B 3854 33.44 25.42 15.52
CA GLN B 3854 32.62 24.53 16.35
C GLN B 3854 32.30 23.24 15.61
N ASN B 3855 32.03 23.31 14.31
CA ASN B 3855 31.86 22.09 13.53
C ASN B 3855 33.20 21.40 13.27
N TYR B 3856 34.27 22.16 13.09
CA TYR B 3856 35.57 21.55 12.82
C TYR B 3856 36.17 20.93 14.08
N LEU B 3857 36.07 21.61 15.21
CA LEU B 3857 36.68 21.13 16.45
C LEU B 3857 36.01 19.86 16.97
N ARG B 3858 34.75 19.61 16.61
CA ARG B 3858 34.06 18.42 17.10
C ARG B 3858 34.55 17.16 16.40
N THR B 3859 34.76 17.23 15.09
CA THR B 3859 35.05 16.03 14.30
C THR B 3859 36.39 16.08 13.59
N GLN B 3860 36.78 17.23 13.05
CA GLN B 3860 37.95 17.36 12.18
C GLN B 3860 37.86 16.39 11.00
N THR B 3861 36.81 16.60 10.19
CA THR B 3861 36.56 15.71 9.06
C THR B 3861 37.62 15.80 7.99
N GLY B 3862 38.39 16.89 7.94
CA GLY B 3862 39.46 16.99 6.96
C GLY B 3862 40.59 16.02 7.23
N ASN B 3863 40.93 15.82 8.50
CA ASN B 3863 42.02 14.93 8.88
C ASN B 3863 41.54 13.49 8.98
N ASN B 3864 42.49 12.56 8.98
CA ASN B 3864 42.16 11.15 9.07
C ASN B 3864 41.75 10.77 10.49
N THR B 3865 42.36 11.39 11.49
CA THR B 3865 42.09 11.08 12.89
C THR B 3865 41.10 12.08 13.45
N THR B 3866 40.08 11.56 14.14
CA THR B 3866 39.01 12.37 14.70
C THR B 3866 39.06 12.30 16.23
N VAL B 3867 39.11 13.46 16.88
CA VAL B 3867 39.07 13.55 18.32
C VAL B 3867 38.05 14.60 18.72
N ASN B 3868 37.41 14.39 19.86
CA ASN B 3868 36.32 15.24 20.35
C ASN B 3868 36.82 15.98 21.58
N ILE B 3869 37.27 17.23 21.38
CA ILE B 3869 37.72 18.05 22.49
C ILE B 3869 36.57 18.44 23.41
N ILE B 3870 35.34 18.52 22.87
CA ILE B 3870 34.18 18.80 23.71
C ILE B 3870 33.98 17.71 24.75
N ILE B 3871 34.11 16.45 24.34
CA ILE B 3871 33.97 15.34 25.27
C ILE B 3871 35.05 15.40 26.35
N SER B 3872 36.29 15.65 25.96
CA SER B 3872 37.38 15.72 26.93
C SER B 3872 37.17 16.88 27.90
N THR B 3873 36.63 17.99 27.42
CA THR B 3873 36.23 19.08 28.31
C THR B 3873 35.16 18.63 29.29
N VAL B 3874 34.23 17.80 28.83
CA VAL B 3874 33.19 17.27 29.71
C VAL B 3874 33.81 16.41 30.80
N ASP B 3875 34.76 15.53 30.45
CA ASP B 3875 35.42 14.72 31.48
C ASP B 3875 36.22 15.58 32.44
N TYR B 3876 36.88 16.63 31.96
CA TYR B 3876 37.59 17.51 32.88
C TYR B 3876 36.62 18.21 33.84
N LEU B 3877 35.45 18.60 33.33
CA LEU B 3877 34.42 19.16 34.20
C LEU B 3877 33.98 18.14 35.25
N LEU B 3878 33.83 16.88 34.84
CA LEU B 3878 33.51 15.82 35.78
C LEU B 3878 34.57 15.70 36.87
N ARG B 3879 35.84 15.75 36.48
CA ARG B 3879 36.93 15.62 37.44
C ARG B 3879 36.91 16.77 38.44
N VAL B 3880 36.78 18.01 37.96
CA VAL B 3880 36.81 19.13 38.89
C VAL B 3880 35.55 19.14 39.77
N GLN B 3881 34.40 18.71 39.23
CA GLN B 3881 33.20 18.62 40.04
C GLN B 3881 33.35 17.60 41.16
N GLU B 3882 33.90 16.42 40.83
CA GLU B 3882 34.13 15.41 41.85
C GLU B 3882 35.11 15.90 42.91
N SER B 3883 36.17 16.59 42.48
CA SER B 3883 37.15 17.11 43.43
C SER B 3883 36.53 18.14 44.36
N ILE B 3884 35.73 19.06 43.82
CA ILE B 3884 35.10 20.08 44.63
C ILE B 3884 34.10 19.46 45.61
N SER B 3885 33.33 18.47 45.14
CA SER B 3885 32.40 17.78 46.04
C SER B 3885 33.12 17.06 47.16
N ASP B 3886 34.24 16.40 46.84
CA ASP B 3886 35.01 15.72 47.87
C ASP B 3886 35.59 16.71 48.88
N PHE B 3887 36.08 17.86 48.40
CA PHE B 3887 36.58 18.89 49.31
C PHE B 3887 35.48 19.40 50.23
N TYR B 3888 34.30 19.64 49.67
CA TYR B 3888 33.20 20.12 50.50
C TYR B 3888 32.80 19.08 51.55
N TRP B 3889 32.74 17.81 51.15
CA TRP B 3889 32.35 16.79 52.13
C TRP B 3889 33.41 16.57 53.19
N TYR B 3890 34.69 16.78 52.84
CA TYR B 3890 35.72 16.76 53.87
C TYR B 3890 35.54 17.94 54.82
N TYR B 3891 35.12 19.09 54.30
CA TYR B 3891 34.84 20.23 55.17
C TYR B 3891 33.49 20.11 55.89
N SER B 3892 32.69 19.11 55.56
CA SER B 3892 31.38 18.96 56.18
C SER B 3892 31.53 18.61 57.65
N GLY B 3893 30.64 19.17 58.47
CA GLY B 3893 30.71 19.02 59.91
C GLY B 3893 31.55 20.05 60.62
N LYS B 3894 32.40 20.77 59.90
CA LYS B 3894 33.20 21.83 60.48
C LYS B 3894 32.38 23.12 60.59
N ASP B 3895 32.92 24.09 61.31
CA ASP B 3895 32.20 25.32 61.62
C ASP B 3895 32.74 26.54 60.87
N ILE B 3896 34.06 26.76 60.90
CA ILE B 3896 34.66 27.96 60.35
C ILE B 3896 35.62 27.57 59.25
N ILE B 3897 35.48 28.21 58.09
CA ILE B 3897 36.36 27.96 56.95
C ILE B 3897 37.69 28.68 57.18
N ASP B 3898 38.79 27.95 57.06
CA ASP B 3898 40.10 28.55 57.19
C ASP B 3898 40.49 29.29 55.91
N GLU B 3899 41.55 30.08 56.00
CA GLU B 3899 41.95 30.91 54.87
C GLU B 3899 42.51 30.09 53.72
N GLN B 3900 43.24 29.02 54.04
CA GLN B 3900 43.81 28.18 52.97
C GLN B 3900 42.72 27.46 52.20
N GLY B 3901 41.74 26.89 52.92
CA GLY B 3901 40.59 26.31 52.26
C GLY B 3901 39.80 27.34 51.47
N GLN B 3902 39.73 28.58 51.99
CA GLN B 3902 39.06 29.65 51.26
C GLN B 3902 39.75 29.93 49.93
N ARG B 3903 41.07 30.01 49.94
CA ARG B 3903 41.82 30.26 48.70
C ARG B 3903 41.67 29.11 47.72
N ASN B 3904 41.77 27.87 48.22
CA ASN B 3904 41.62 26.72 47.34
C ASN B 3904 40.23 26.66 46.72
N PHE B 3905 39.20 26.92 47.54
CA PHE B 3905 37.83 26.96 47.02
C PHE B 3905 37.66 28.07 45.99
N SER B 3906 38.25 29.24 46.24
CA SER B 3906 38.12 30.34 45.29
C SER B 3906 38.77 29.99 43.96
N LYS B 3907 39.95 29.36 44.00
CA LYS B 3907 40.61 28.95 42.77
C LYS B 3907 39.80 27.89 42.03
N ALA B 3908 39.23 26.94 42.76
CA ALA B 3908 38.39 25.93 42.12
C ALA B 3908 37.15 26.54 41.49
N ILE B 3909 36.53 27.52 42.17
CA ILE B 3909 35.37 28.20 41.62
C ILE B 3909 35.74 28.96 40.35
N GLN B 3910 36.91 29.61 40.35
CA GLN B 3910 37.35 30.34 39.16
C GLN B 3910 37.56 29.38 37.98
N VAL B 3911 38.20 28.24 38.24
CA VAL B 3911 38.44 27.26 37.18
C VAL B 3911 37.12 26.72 36.65
N ALA B 3912 36.17 26.43 37.55
CA ALA B 3912 34.87 25.94 37.13
C ALA B 3912 34.12 26.99 36.31
N LYS B 3913 34.23 28.27 36.71
CA LYS B 3913 33.60 29.34 35.95
C LYS B 3913 34.18 29.43 34.54
N GLN B 3914 35.50 29.31 34.42
CA GLN B 3914 36.12 29.37 33.09
C GLN B 3914 35.69 28.18 32.24
N VAL B 3915 35.62 26.99 32.84
CA VAL B 3915 35.18 25.81 32.10
C VAL B 3915 33.73 25.97 31.63
N PHE B 3916 32.87 26.49 32.50
CA PHE B 3916 31.47 26.70 32.13
C PHE B 3916 31.35 27.75 31.03
N ASN B 3917 32.13 28.81 31.10
CA ASN B 3917 32.12 29.83 30.03
C ASN B 3917 32.58 29.23 28.71
N THR B 3918 33.60 28.37 28.75
CA THR B 3918 34.06 27.70 27.54
C THR B 3918 32.96 26.82 26.96
N LEU B 3919 32.24 26.10 27.82
CA LEU B 3919 31.13 25.26 27.33
C LEU B 3919 30.02 26.11 26.73
N THR B 3920 29.70 27.25 27.37
CA THR B 3920 28.69 28.15 26.80
C THR B 3920 29.10 28.61 25.41
N GLU B 3921 30.33 29.13 25.29
CA GLU B 3921 30.78 29.59 23.98
C GLU B 3921 30.92 28.45 22.99
N TYR B 3922 31.00 27.20 23.47
CA TYR B 3922 30.86 26.06 22.57
C TYR B 3922 29.44 25.95 22.04
N ILE B 3923 28.44 26.14 22.91
CA ILE B 3923 27.06 25.92 22.48
C ILE B 3923 26.19 27.16 22.68
N GLN B 3924 26.79 28.35 22.63
CA GLN B 3924 25.98 29.57 22.68
C GLN B 3924 25.12 29.71 21.43
N GLY B 3925 25.74 29.60 20.26
CA GLY B 3925 25.00 29.59 19.01
C GLY B 3925 24.33 28.25 18.80
N PRO B 3926 23.32 28.22 17.93
CA PRO B 3926 22.68 26.94 17.63
C PRO B 3926 23.58 26.05 16.80
N CYS B 3927 24.17 25.03 17.44
CA CYS B 3927 25.10 24.14 16.77
C CYS B 3927 24.55 22.74 16.55
N THR B 3928 23.48 22.36 17.23
CA THR B 3928 22.78 21.08 17.06
C THR B 3928 23.69 19.89 17.37
N GLY B 3929 24.75 19.71 16.58
CA GLY B 3929 25.65 18.58 16.80
C GLY B 3929 26.33 18.63 18.16
N ASN B 3930 26.85 19.80 18.52
CA ASN B 3930 27.47 19.95 19.84
C ASN B 3930 26.44 19.79 20.95
N GLN B 3931 25.22 20.30 20.74
CA GLN B 3931 24.18 20.15 21.74
C GLN B 3931 23.85 18.68 21.98
N GLN B 3932 23.74 17.90 20.90
CA GLN B 3932 23.51 16.46 21.05
C GLN B 3932 24.71 15.77 21.69
N SER B 3933 25.92 16.23 21.37
CA SER B 3933 27.12 15.62 21.95
C SER B 3933 27.16 15.79 23.46
N LEU B 3934 26.89 17.00 23.95
CA LEU B 3934 26.82 17.19 25.40
C LEU B 3934 25.55 16.61 26.00
N ALA B 3935 24.50 16.38 25.19
CA ALA B 3935 23.33 15.69 25.71
C ALA B 3935 23.63 14.22 25.99
N HIS B 3936 24.38 13.59 25.10
CA HIS B 3936 24.77 12.18 25.28
C HIS B 3936 26.15 12.09 25.91
N SER B 3937 26.26 12.60 27.13
CA SER B 3937 27.53 12.61 27.85
C SER B 3937 27.25 12.59 29.35
N ARG B 3938 28.29 12.75 30.14
CA ARG B 3938 28.22 12.71 31.60
C ARG B 3938 27.91 14.07 32.21
N LEU B 3939 27.43 15.02 31.41
CA LEU B 3939 27.25 16.39 31.89
C LEU B 3939 26.16 16.46 32.96
N TRP B 3940 25.11 15.65 32.84
CA TRP B 3940 23.98 15.73 33.75
C TRP B 3940 24.38 15.34 35.18
N ASP B 3941 25.22 14.31 35.31
CA ASP B 3941 25.67 13.90 36.65
C ASP B 3941 26.51 15.00 37.30
N ALA B 3942 27.40 15.62 36.53
CA ALA B 3942 28.20 16.72 37.06
C ALA B 3942 27.32 17.89 37.47
N VAL B 3943 26.29 18.19 36.67
CA VAL B 3943 25.36 19.27 37.01
C VAL B 3943 24.62 18.95 38.29
N VAL B 3944 24.17 17.71 38.45
CA VAL B 3944 23.42 17.31 39.64
C VAL B 3944 24.30 17.44 40.88
N GLY B 3945 25.53 16.93 40.80
CA GLY B 3945 26.46 17.09 41.92
C GLY B 3945 26.76 18.54 42.22
N PHE B 3946 26.83 19.36 41.17
CA PHE B 3946 27.09 20.79 41.36
C PHE B 3946 25.93 21.46 42.09
N LEU B 3947 24.68 21.15 41.73
CA LEU B 3947 23.57 21.73 42.46
C LEU B 3947 23.52 21.23 43.89
N HIS B 3948 23.91 19.97 44.11
CA HIS B 3948 23.94 19.46 45.48
C HIS B 3948 24.93 20.24 46.33
N VAL B 3949 26.16 20.42 45.84
CA VAL B 3949 27.16 21.14 46.63
C VAL B 3949 26.77 22.61 46.75
N PHE B 3950 26.12 23.17 45.72
CA PHE B 3950 25.64 24.54 45.80
C PHE B 3950 24.63 24.71 46.92
N ALA B 3951 23.61 23.86 46.96
CA ALA B 3951 22.58 23.96 47.99
C ALA B 3951 23.19 23.79 49.37
N HIS B 3952 24.02 22.76 49.56
CA HIS B 3952 24.55 22.49 50.89
C HIS B 3952 25.55 23.54 51.33
N MET B 3953 26.39 24.04 50.41
CA MET B 3953 27.35 25.08 50.76
C MET B 3953 26.65 26.40 51.05
N GLN B 3954 25.60 26.73 50.31
CA GLN B 3954 24.84 27.94 50.61
C GLN B 3954 24.19 27.83 51.99
N MET B 3955 23.60 26.67 52.30
CA MET B 3955 22.99 26.49 53.61
C MET B 3955 24.03 26.58 54.73
N LYS B 3956 25.21 26.01 54.51
CA LYS B 3956 26.24 26.03 55.54
C LYS B 3956 26.85 27.42 55.72
N LEU B 3957 27.05 28.15 54.62
CA LEU B 3957 27.73 29.42 54.64
C LEU B 3957 26.78 30.61 54.77
N SER B 3958 25.48 30.35 54.92
CA SER B 3958 24.54 31.44 55.19
C SER B 3958 24.89 32.15 56.50
N GLN B 3959 25.44 31.42 57.47
CA GLN B 3959 25.85 32.00 58.74
C GLN B 3959 27.20 32.68 58.59
N ASP B 3960 27.82 33.02 59.73
CA ASP B 3960 29.14 33.65 59.81
C ASP B 3960 29.18 35.00 59.12
N SER B 3961 30.37 35.62 59.11
CA SER B 3961 30.54 36.93 58.48
C SER B 3961 31.85 37.07 57.72
N SER B 3962 32.65 36.01 57.61
CA SER B 3962 33.94 36.09 56.93
C SER B 3962 33.95 35.41 55.58
N GLN B 3963 32.91 34.63 55.25
CA GLN B 3963 32.84 33.90 53.98
C GLN B 3963 31.97 34.61 52.95
N ILE B 3964 31.93 35.94 53.00
CA ILE B 3964 31.06 36.69 52.08
C ILE B 3964 31.59 36.62 50.65
N GLU B 3965 32.91 36.74 50.48
CA GLU B 3965 33.49 36.70 49.14
C GLU B 3965 33.35 35.32 48.50
N LEU B 3966 33.55 34.27 49.30
CA LEU B 3966 33.35 32.92 48.79
C LEU B 3966 31.90 32.70 48.41
N LEU B 3967 30.96 33.24 49.19
CA LEU B 3967 29.55 33.14 48.85
C LEU B 3967 29.25 33.90 47.56
N LYS B 3968 29.88 35.06 47.36
CA LYS B 3968 29.67 35.82 46.13
C LYS B 3968 30.15 35.04 44.91
N GLU B 3969 31.36 34.47 44.99
CA GLU B 3969 31.84 33.63 43.90
C GLU B 3969 30.98 32.39 43.72
N LEU B 3970 30.40 31.89 44.82
CA LEU B 3970 29.52 30.73 44.77
C LEU B 3970 28.27 31.02 43.94
N MET B 3971 27.59 32.13 44.25
CA MET B 3971 26.43 32.52 43.46
C MET B 3971 26.82 32.89 42.03
N ASP B 3972 28.03 33.41 41.82
CA ASP B 3972 28.49 33.69 40.47
C ASP B 3972 28.60 32.41 39.64
N LEU B 3973 29.18 31.36 40.24
CA LEU B 3973 29.25 30.08 39.54
C LEU B 3973 27.85 29.50 39.31
N GLN B 3974 26.93 29.71 40.26
CA GLN B 3974 25.55 29.28 40.05
C GLN B 3974 24.95 29.96 38.83
N LYS B 3975 25.14 31.28 38.73
CA LYS B 3975 24.64 32.03 37.59
C LYS B 3975 25.25 31.54 36.29
N ASP B 3976 26.54 31.24 36.30
CA ASP B 3976 27.20 30.73 35.10
C ASP B 3976 26.63 29.38 34.67
N MET B 3977 26.40 28.47 35.64
CA MET B 3977 25.85 27.18 35.26
C MET B 3977 24.43 27.33 34.72
N VAL B 3978 23.62 28.19 35.32
CA VAL B 3978 22.25 28.37 34.85
C VAL B 3978 22.25 28.99 33.45
N VAL B 3979 23.20 29.89 33.19
CA VAL B 3979 23.35 30.45 31.84
C VAL B 3979 23.69 29.34 30.84
N MET B 3980 24.59 28.44 31.24
CA MET B 3980 24.95 27.31 30.38
C MET B 3980 23.75 26.41 30.12
N LEU B 3981 22.97 26.13 31.17
CA LEU B 3981 21.80 25.26 31.02
C LEU B 3981 20.77 25.90 30.10
N LEU B 3982 20.56 27.21 30.22
CA LEU B 3982 19.67 27.92 29.31
C LEU B 3982 20.21 27.88 27.88
N SER B 3983 21.54 27.95 27.73
CA SER B 3983 22.13 27.84 26.41
C SER B 3983 21.92 26.45 25.81
N MET B 3984 21.74 25.43 26.65
CA MET B 3984 21.35 24.12 26.12
C MET B 3984 19.97 24.16 25.46
N LEU B 3985 19.01 24.84 26.08
CA LEU B 3985 17.64 24.82 25.59
C LEU B 3985 17.41 25.73 24.40
N GLU B 3986 18.47 26.33 23.85
CA GLU B 3986 18.32 27.21 22.70
C GLU B 3986 17.96 26.38 21.46
N GLY B 3987 16.88 26.75 20.80
CA GLY B 3987 16.41 26.01 19.64
C GLY B 3987 15.53 24.83 19.93
N ASN B 3988 15.03 24.69 21.16
CA ASN B 3988 14.18 23.57 21.49
C ASN B 3988 12.78 23.73 20.91
N VAL B 3989 12.04 22.63 20.90
CA VAL B 3989 10.64 22.63 20.49
C VAL B 3989 9.81 22.09 21.65
N VAL B 3990 8.50 22.01 21.47
CA VAL B 3990 7.65 21.44 22.50
C VAL B 3990 7.86 19.93 22.56
N ASN B 3991 7.92 19.39 23.78
CA ASN B 3991 8.18 17.97 24.02
C ASN B 3991 9.52 17.54 23.40
N GLY B 3992 10.52 18.40 23.51
CA GLY B 3992 11.83 18.06 23.00
C GLY B 3992 12.57 17.09 23.91
N THR B 3993 13.54 16.39 23.31
CA THR B 3993 14.33 15.44 24.08
C THR B 3993 15.20 16.14 25.11
N ILE B 3994 15.70 17.34 24.78
CA ILE B 3994 16.48 18.11 25.73
C ILE B 3994 15.64 18.44 26.95
N GLY B 3995 14.34 18.71 26.75
CA GLY B 3995 13.46 18.92 27.88
C GLY B 3995 13.31 17.69 28.75
N LYS B 3996 13.27 16.51 28.12
CA LYS B 3996 13.18 15.27 28.89
C LYS B 3996 14.43 15.05 29.72
N GLN B 3997 15.61 15.26 29.12
CA GLN B 3997 16.85 15.18 29.89
C GLN B 3997 16.87 16.21 31.01
N MET B 3998 16.34 17.40 30.74
CA MET B 3998 16.30 18.46 31.73
C MET B 3998 15.47 18.05 32.93
N VAL B 3999 14.22 17.60 32.69
CA VAL B 3999 13.34 17.25 33.80
C VAL B 3999 13.85 16.02 34.54
N ASP B 4000 14.51 15.09 33.84
CA ASP B 4000 15.19 14.01 34.53
C ASP B 4000 16.26 14.55 35.46
N MET B 4001 17.00 15.58 35.01
CA MET B 4001 18.05 16.17 35.83
C MET B 4001 17.45 16.85 37.06
N LEU B 4002 16.33 17.57 36.90
CA LEU B 4002 15.66 18.15 38.06
C LEU B 4002 15.20 17.09 39.05
N VAL B 4003 14.55 16.03 38.57
CA VAL B 4003 14.01 15.05 39.49
C VAL B 4003 15.10 14.18 40.11
N GLU B 4004 16.29 14.14 39.51
CA GLU B 4004 17.40 13.43 40.13
C GLU B 4004 17.95 14.16 41.35
N SER B 4005 17.69 15.46 41.47
CA SER B 4005 18.21 16.29 42.55
C SER B 4005 17.10 17.17 43.12
N SER B 4006 15.95 16.56 43.44
CA SER B 4006 14.80 17.33 43.90
C SER B 4006 15.07 18.00 45.25
N ASN B 4007 15.79 17.31 46.14
CA ASN B 4007 16.06 17.88 47.47
C ASN B 4007 16.92 19.13 47.36
N ASN B 4008 17.95 19.09 46.52
CA ASN B 4008 18.81 20.26 46.35
C ASN B 4008 18.06 21.42 45.73
N VAL B 4009 17.18 21.15 44.77
CA VAL B 4009 16.36 22.20 44.16
C VAL B 4009 15.44 22.82 45.20
N GLU B 4010 14.82 21.99 46.04
CA GLU B 4010 13.98 22.52 47.12
C GLU B 4010 14.79 23.37 48.08
N MET B 4011 16.02 22.93 48.39
CA MET B 4011 16.88 23.69 49.31
C MET B 4011 17.24 25.05 48.75
N ILE B 4012 17.65 25.11 47.48
CA ILE B 4012 18.04 26.40 46.91
C ILE B 4012 16.81 27.30 46.75
N LEU B 4013 15.66 26.73 46.42
CA LEU B 4013 14.45 27.54 46.31
C LEU B 4013 14.05 28.11 47.67
N LYS B 4014 14.14 27.30 48.73
CA LYS B 4014 13.81 27.80 50.07
C LYS B 4014 14.80 28.87 50.51
N PHE B 4015 16.09 28.70 50.16
CA PHE B 4015 17.07 29.72 50.50
C PHE B 4015 16.82 31.02 49.73
N PHE B 4016 16.44 30.90 48.46
CA PHE B 4016 16.18 32.10 47.65
C PHE B 4016 14.91 32.82 48.10
N ASP B 4017 13.92 32.09 48.60
CA ASP B 4017 12.70 32.74 49.06
C ASP B 4017 12.92 33.49 50.36
N MET B 4018 13.74 32.94 51.26
CA MET B 4018 13.97 33.58 52.55
C MET B 4018 14.75 34.88 52.39
N PHE B 4019 15.98 34.78 51.88
CA PHE B 4019 16.81 35.95 51.61
C PHE B 4019 16.45 36.47 50.23
N LEU B 4020 15.87 37.68 50.18
CA LEU B 4020 15.42 38.34 48.96
C LEU B 4020 14.33 37.53 48.28
N LYS B 4021 13.94 37.95 47.07
CA LYS B 4021 12.82 37.36 46.34
C LYS B 4021 11.57 37.31 47.22
N LEU B 4022 11.12 38.51 47.59
CA LEU B 4022 10.07 38.74 48.59
C LEU B 4022 10.52 38.26 49.97
N LYS B 4023 9.72 38.56 50.99
CA LYS B 4023 9.98 38.22 52.39
C LYS B 4023 11.27 38.83 52.93
N ASP B 4024 11.89 39.76 52.19
CA ASP B 4024 13.11 40.43 52.60
C ASP B 4024 13.27 41.66 51.73
N LEU B 4025 13.53 42.81 52.37
CA LEU B 4025 13.59 44.13 51.73
C LEU B 4025 12.24 44.51 51.12
N THR B 4026 11.21 43.72 51.41
CA THR B 4026 9.83 43.99 51.02
C THR B 4026 8.92 44.18 52.22
N SER B 4027 9.10 43.33 53.25
CA SER B 4027 8.36 43.52 54.49
C SER B 4027 8.72 44.84 55.15
N SER B 4028 10.00 45.21 55.12
CA SER B 4028 10.52 46.43 55.78
C SER B 4028 10.10 46.46 57.25
N ASP B 4029 10.67 45.49 57.98
CA ASP B 4029 10.25 45.21 59.35
C ASP B 4029 10.39 46.44 60.24
N THR B 4030 9.34 46.68 61.04
CA THR B 4030 9.20 47.74 62.03
C THR B 4030 9.09 49.14 61.41
N PHE B 4031 9.24 49.28 60.09
CA PHE B 4031 9.12 50.58 59.45
C PHE B 4031 7.67 50.87 59.06
N LYS B 4032 7.09 50.02 58.22
CA LYS B 4032 5.68 50.11 57.87
C LYS B 4032 4.78 49.40 58.87
N GLU B 4033 5.35 48.76 59.88
CA GLU B 4033 4.59 48.03 60.90
C GLU B 4033 4.74 48.59 62.30
N TYR B 4034 5.86 49.25 62.61
CA TYR B 4034 6.08 49.82 63.94
C TYR B 4034 6.56 51.26 63.96
N ASP B 4035 7.18 51.75 62.88
CA ASP B 4035 7.63 53.14 62.75
C ASP B 4035 8.58 53.52 63.87
N PRO B 4036 9.83 53.05 63.83
CA PRO B 4036 10.73 53.21 64.97
C PRO B 4036 11.33 54.60 65.14
N ASP B 4037 10.83 55.60 64.41
CA ASP B 4037 11.27 56.98 64.50
C ASP B 4037 12.77 57.11 64.24
N GLY B 4038 13.17 56.65 63.05
CA GLY B 4038 14.57 56.70 62.66
C GLY B 4038 14.83 55.73 61.53
N LYS B 4039 16.11 55.37 61.39
CA LYS B 4039 16.54 54.43 60.37
C LYS B 4039 16.26 53.01 60.84
N GLY B 4040 16.70 52.02 60.06
CA GLY B 4040 16.48 50.63 60.41
C GLY B 4040 17.50 50.10 61.40
N VAL B 4041 17.65 50.79 62.53
CA VAL B 4041 18.60 50.36 63.55
C VAL B 4041 18.16 49.05 64.18
N ILE B 4042 16.88 48.97 64.58
CA ILE B 4042 16.24 47.79 65.16
C ILE B 4042 16.82 47.47 66.54
N SER B 4043 15.96 47.10 67.49
CA SER B 4043 16.37 46.81 68.85
C SER B 4043 16.66 45.33 69.06
N LYS B 4044 17.15 44.63 68.03
CA LYS B 4044 17.51 43.21 68.08
C LYS B 4044 16.30 42.34 68.40
N ARG B 4045 15.75 42.47 69.62
CA ARG B 4045 14.56 41.75 69.99
C ARG B 4045 13.34 42.19 69.18
N ASP B 4046 13.37 43.39 68.61
CA ASP B 4046 12.26 43.84 67.76
C ASP B 4046 12.16 43.01 66.48
N PHE B 4047 13.29 42.46 66.02
CA PHE B 4047 13.25 41.60 64.84
C PHE B 4047 12.44 40.34 65.10
N HIS B 4048 12.63 39.71 66.26
CA HIS B 4048 11.80 38.57 66.63
C HIS B 4048 10.40 39.00 67.00
N LYS B 4049 10.24 40.20 67.56
CA LYS B 4049 8.91 40.76 67.77
C LYS B 4049 8.20 41.02 66.45
N ALA B 4050 8.98 41.31 65.40
CA ALA B 4050 8.45 41.41 64.04
C ALA B 4050 8.36 39.99 63.46
N MET B 4051 8.18 39.92 62.13
CA MET B 4051 8.10 38.65 61.40
C MET B 4051 6.93 37.80 61.87
N GLU B 4052 5.78 38.45 62.07
CA GLU B 4052 4.51 37.76 62.28
C GLU B 4052 3.72 37.59 60.99
N SER B 4053 4.42 37.46 59.87
CA SER B 4053 3.86 37.51 58.53
C SER B 4053 4.01 36.16 57.84
N HIS B 4054 3.79 36.16 56.52
CA HIS B 4054 3.81 34.95 55.70
C HIS B 4054 5.08 34.12 55.88
N LYS B 4055 6.18 34.73 56.33
CA LYS B 4055 7.38 33.96 56.64
C LYS B 4055 7.10 32.97 57.75
N HIS B 4056 7.60 31.75 57.58
CA HIS B 4056 7.34 30.68 58.53
C HIS B 4056 8.06 30.95 59.85
N TYR B 4057 7.52 30.35 60.92
CA TYR B 4057 8.08 30.50 62.25
C TYR B 4057 9.19 29.49 62.54
N THR B 4058 9.56 28.68 61.58
CA THR B 4058 10.61 27.69 61.78
C THR B 4058 11.97 28.37 61.96
N GLN B 4059 12.90 27.64 62.58
CA GLN B 4059 14.24 28.17 62.79
C GLN B 4059 14.97 28.39 61.48
N SER B 4060 14.61 27.64 60.44
CA SER B 4060 15.20 27.83 59.12
C SER B 4060 14.54 28.95 58.34
N GLU B 4061 13.49 29.57 58.87
CA GLU B 4061 12.82 30.69 58.23
C GLU B 4061 12.88 31.96 59.05
N THR B 4062 12.47 31.92 60.32
CA THR B 4062 12.47 33.11 61.16
C THR B 4062 13.79 33.27 61.92
N GLU B 4063 14.19 32.24 62.66
CA GLU B 4063 15.44 32.31 63.40
C GLU B 4063 16.66 32.24 62.48
N PHE B 4064 16.47 31.79 61.23
CA PHE B 4064 17.58 31.77 60.27
C PHE B 4064 18.09 33.18 60.01
N LEU B 4065 17.18 34.13 59.80
CA LEU B 4065 17.59 35.51 59.57
C LEU B 4065 18.26 36.11 60.81
N LEU B 4066 17.73 35.78 61.99
CA LEU B 4066 18.34 36.27 63.23
C LEU B 4066 19.75 35.74 63.42
N SER B 4067 19.97 34.46 63.11
CA SER B 4067 21.30 33.89 63.22
C SER B 4067 22.25 34.47 62.17
N CYS B 4068 21.75 34.68 60.95
CA CYS B 4068 22.61 35.20 59.89
C CYS B 4068 22.91 36.68 60.07
N ALA B 4069 22.03 37.42 60.74
CA ALA B 4069 22.18 38.87 60.90
C ALA B 4069 22.65 39.26 62.29
N GLU B 4070 23.60 38.50 62.86
CA GLU B 4070 24.14 38.86 64.16
C GLU B 4070 24.79 40.24 64.13
N THR B 4071 25.71 40.45 63.17
CA THR B 4071 26.36 41.73 62.93
C THR B 4071 26.98 42.33 64.18
N ASP B 4072 26.38 43.41 64.69
CA ASP B 4072 26.89 44.08 65.88
C ASP B 4072 26.62 43.24 67.12
N GLU B 4073 27.26 43.64 68.22
CA GLU B 4073 27.23 42.83 69.43
C GLU B 4073 25.96 43.05 70.25
N ASN B 4074 25.77 44.27 70.76
CA ASN B 4074 24.75 44.51 71.78
C ASN B 4074 23.33 44.34 71.27
N GLU B 4075 22.83 45.29 70.48
CA GLU B 4075 21.45 45.20 70.00
C GLU B 4075 21.21 45.81 68.63
N THR B 4076 22.22 46.30 67.93
CA THR B 4076 22.01 47.16 66.78
C THR B 4076 22.17 46.40 65.47
N LEU B 4077 21.27 46.65 64.53
CA LEU B 4077 21.36 46.19 63.16
C LEU B 4077 21.29 47.42 62.24
N ASP B 4078 21.23 47.18 60.93
CA ASP B 4078 21.17 48.26 59.96
C ASP B 4078 20.73 47.71 58.62
N TYR B 4079 20.55 48.62 57.66
CA TYR B 4079 20.25 48.24 56.29
C TYR B 4079 21.45 47.63 55.58
N GLU B 4080 22.65 47.74 56.15
CA GLU B 4080 23.81 47.08 55.59
C GLU B 4080 23.64 45.56 55.59
N GLU B 4081 22.87 45.03 56.55
CA GLU B 4081 22.52 43.62 56.50
C GLU B 4081 21.70 43.30 55.25
N PHE B 4082 20.75 44.16 54.91
CA PHE B 4082 19.95 43.95 53.70
C PHE B 4082 20.81 44.13 52.45
N VAL B 4083 21.82 45.00 52.50
CA VAL B 4083 22.71 45.14 51.36
C VAL B 4083 23.59 43.91 51.19
N LYS B 4084 24.13 43.38 52.30
CA LYS B 4084 25.05 42.25 52.22
C LYS B 4084 24.31 40.96 51.88
N ARG B 4085 23.41 40.54 52.77
CA ARG B 4085 22.59 39.37 52.50
C ARG B 4085 21.27 39.83 51.91
N PHE B 4086 20.79 39.09 50.91
CA PHE B 4086 19.55 39.40 50.19
C PHE B 4086 19.63 40.73 49.46
N HIS B 4087 18.51 41.14 48.87
CA HIS B 4087 18.41 42.34 48.04
C HIS B 4087 19.35 42.28 46.85
N GLU B 4088 20.55 42.88 46.98
CA GLU B 4088 21.43 42.99 45.81
C GLU B 4088 21.92 41.62 45.33
N PRO B 4089 22.41 40.71 46.17
CA PRO B 4089 22.53 39.31 45.74
C PRO B 4089 21.17 38.62 45.81
N ALA B 4090 21.13 37.42 45.22
CA ALA B 4090 19.97 36.54 45.14
C ALA B 4090 18.85 37.11 44.29
N LYS B 4091 19.00 38.32 43.75
CA LYS B 4091 18.04 38.88 42.81
C LYS B 4091 18.46 38.62 41.37
N ASP B 4092 19.67 39.06 41.00
CA ASP B 4092 20.20 38.74 39.69
C ASP B 4092 20.54 37.26 39.58
N ILE B 4093 20.99 36.64 40.66
CA ILE B 4093 21.32 35.22 40.64
C ILE B 4093 20.05 34.39 40.49
N GLY B 4094 19.02 34.69 41.27
CA GLY B 4094 17.77 33.95 41.18
C GLY B 4094 16.94 34.27 39.96
N PHE B 4095 17.23 35.38 39.28
CA PHE B 4095 16.50 35.72 38.07
C PHE B 4095 16.73 34.68 36.98
N ASN B 4096 17.97 34.22 36.84
CA ASN B 4096 18.25 33.18 35.84
C ASN B 4096 17.53 31.87 36.19
N VAL B 4097 17.44 31.55 37.48
CA VAL B 4097 16.70 30.36 37.90
C VAL B 4097 15.23 30.50 37.55
N ALA B 4098 14.65 31.69 37.79
CA ALA B 4098 13.26 31.93 37.42
C ALA B 4098 13.07 31.83 35.92
N VAL B 4099 14.02 32.35 35.14
CA VAL B 4099 13.94 32.25 33.68
C VAL B 4099 13.97 30.80 33.23
N LEU B 4100 14.85 30.00 33.83
CA LEU B 4100 14.94 28.58 33.48
C LEU B 4100 13.64 27.85 33.82
N LEU B 4101 13.07 28.14 35.00
CA LEU B 4101 11.82 27.50 35.38
C LEU B 4101 10.68 27.89 34.45
N THR B 4102 10.63 29.17 34.07
CA THR B 4102 9.59 29.63 33.14
C THR B 4102 9.75 28.97 31.77
N ASN B 4103 10.99 28.87 31.29
CA ASN B 4103 11.25 28.22 30.01
C ASN B 4103 10.83 26.75 30.04
N LEU B 4104 11.16 26.06 31.13
CA LEU B 4104 10.79 24.65 31.24
C LEU B 4104 9.28 24.47 31.32
N SER B 4105 8.59 25.35 32.07
CA SER B 4105 7.14 25.22 32.18
C SER B 4105 6.44 25.52 30.86
N GLU B 4106 6.91 26.53 30.12
CA GLU B 4106 6.24 26.87 28.87
C GLU B 4106 6.57 25.89 27.76
N HIS B 4107 7.81 25.40 27.71
CA HIS B 4107 8.19 24.45 26.67
C HIS B 4107 7.65 23.05 26.94
N MET B 4108 7.53 22.66 28.20
CA MET B 4108 6.97 21.36 28.57
C MET B 4108 5.60 21.58 29.20
N PRO B 4109 4.50 21.37 28.47
CA PRO B 4109 3.18 21.71 29.00
C PRO B 4109 2.68 20.73 30.05
N ASN B 4110 2.94 19.44 29.84
CA ASN B 4110 2.37 18.38 30.67
C ASN B 4110 3.51 17.61 31.35
N ASP B 4111 3.79 17.97 32.59
CA ASP B 4111 4.75 17.23 33.41
C ASP B 4111 4.44 17.52 34.87
N THR B 4112 3.97 16.49 35.59
CA THR B 4112 3.56 16.67 36.98
C THR B 4112 4.74 17.06 37.87
N ARG B 4113 5.94 16.60 37.54
CA ARG B 4113 7.12 16.96 38.31
C ARG B 4113 7.42 18.46 38.19
N LEU B 4114 7.36 18.98 36.96
CA LEU B 4114 7.49 20.42 36.76
C LEU B 4114 6.36 21.18 37.44
N GLN B 4115 5.16 20.58 37.47
CA GLN B 4115 4.05 21.22 38.18
C GLN B 4115 4.35 21.34 39.68
N THR B 4116 4.90 20.28 40.27
CA THR B 4116 5.27 20.34 41.68
C THR B 4116 6.37 21.38 41.92
N PHE B 4117 7.33 21.46 41.00
CA PHE B 4117 8.36 22.49 41.12
C PHE B 4117 7.76 23.89 41.05
N LEU B 4118 6.75 24.08 40.19
CA LEU B 4118 6.10 25.37 40.10
C LEU B 4118 5.33 25.71 41.36
N GLU B 4119 4.60 24.73 41.93
CA GLU B 4119 3.95 24.99 43.21
C GLU B 4119 4.93 25.13 44.37
N LEU B 4120 6.18 24.73 44.19
CA LEU B 4120 7.20 25.01 45.18
C LEU B 4120 7.83 26.39 45.02
N ALA B 4121 7.97 26.88 43.79
CA ALA B 4121 8.67 28.13 43.52
C ALA B 4121 7.74 29.24 43.03
N GLU B 4122 6.44 29.13 43.29
CA GLU B 4122 5.51 30.17 42.88
C GLU B 4122 5.83 31.52 43.50
N SER B 4123 6.42 31.54 44.70
CA SER B 4123 6.72 32.81 45.35
C SER B 4123 7.83 33.56 44.60
N VAL B 4124 8.92 32.85 44.27
CA VAL B 4124 10.00 33.48 43.52
C VAL B 4124 9.55 33.80 42.10
N LEU B 4125 8.63 33.00 41.54
CA LEU B 4125 8.09 33.31 40.23
C LEU B 4125 7.25 34.58 40.26
N ASN B 4126 6.45 34.76 41.32
CA ASN B 4126 5.69 35.99 41.47
C ASN B 4126 6.59 37.19 41.67
N TYR B 4127 7.67 37.03 42.44
CA TYR B 4127 8.58 38.15 42.64
C TYR B 4127 9.28 38.53 41.34
N PHE B 4128 9.74 37.55 40.57
CA PHE B 4128 10.47 37.83 39.33
C PHE B 4128 9.55 37.95 38.13
N GLN B 4129 8.25 38.17 38.34
CA GLN B 4129 7.32 38.36 37.24
C GLN B 4129 7.36 39.78 36.66
N PRO B 4130 7.42 40.86 37.47
CA PRO B 4130 7.54 42.19 36.86
C PRO B 4130 8.84 42.41 36.11
N PHE B 4131 9.88 41.64 36.38
CA PHE B 4131 11.18 41.83 35.75
C PHE B 4131 11.41 40.96 34.52
N LEU B 4132 10.58 39.94 34.31
CA LEU B 4132 10.78 38.97 33.24
C LEU B 4132 9.89 39.32 32.05
N GLY B 4133 10.49 39.36 30.86
CA GLY B 4133 9.76 39.62 29.64
C GLY B 4133 9.39 38.35 28.90
N ARG B 4134 8.78 38.54 27.73
CA ARG B 4134 8.37 37.43 26.87
C ARG B 4134 8.17 37.96 25.47
N ILE B 4135 8.90 37.40 24.50
CA ILE B 4135 8.89 37.90 23.13
C ILE B 4135 9.09 36.74 22.19
N GLU B 4136 8.32 36.74 21.10
CA GLU B 4136 8.37 35.69 20.08
C GLU B 4136 8.93 36.27 18.79
N ILE B 4137 9.91 35.58 18.19
CA ILE B 4137 10.59 36.03 16.99
C ILE B 4137 10.67 34.89 15.99
N MET B 4138 11.04 35.24 14.76
CA MET B 4138 11.37 34.28 13.71
C MET B 4138 12.87 33.98 13.66
N GLY B 4139 13.62 34.50 14.63
CA GLY B 4139 15.08 34.47 14.54
C GLY B 4139 15.61 33.06 14.51
N SER B 4140 16.42 32.76 13.48
CA SER B 4140 17.09 31.48 13.24
C SER B 4140 16.09 30.39 12.88
N ALA B 4141 16.51 29.47 12.02
CA ALA B 4141 15.67 28.38 11.50
C ALA B 4141 14.43 28.99 10.86
N LYS B 4142 13.28 28.31 10.96
CA LYS B 4142 12.03 28.79 10.40
C LYS B 4142 10.89 28.59 11.39
N ARG B 4143 11.16 28.80 12.67
CA ARG B 4143 10.17 28.54 13.72
C ARG B 4143 10.12 29.68 14.72
N ILE B 4144 8.98 29.81 15.39
CA ILE B 4144 8.80 30.75 16.49
C ILE B 4144 9.61 30.28 17.70
N GLU B 4145 10.35 31.21 18.29
CA GLU B 4145 11.10 30.96 19.52
C GLU B 4145 10.62 31.90 20.62
N ARG B 4146 11.30 31.84 21.76
CA ARG B 4146 11.00 32.70 22.91
C ARG B 4146 12.30 33.34 23.39
N VAL B 4147 12.21 34.63 23.72
CA VAL B 4147 13.40 35.44 23.91
C VAL B 4147 13.41 36.05 25.32
N TYR B 4148 13.07 35.24 26.33
CA TYR B 4148 13.09 35.67 27.73
C TYR B 4148 14.33 36.48 28.05
N PHE B 4149 14.13 37.61 28.72
CA PHE B 4149 15.21 38.55 29.02
C PHE B 4149 14.89 39.28 30.31
N GLU B 4150 15.65 40.33 30.60
CA GLU B 4150 15.55 41.05 31.86
C GLU B 4150 15.11 42.49 31.62
N ILE B 4151 14.24 42.99 32.50
CA ILE B 4151 13.79 44.37 32.47
C ILE B 4151 14.21 45.04 33.77
N SER B 4152 14.93 46.15 33.64
CA SER B 4152 15.37 46.89 34.82
C SER B 4152 14.21 47.63 35.46
N GLU B 4153 14.39 48.02 36.72
CA GLU B 4153 13.38 48.80 37.42
C GLU B 4153 13.25 50.20 36.81
N SER B 4154 14.38 50.80 36.43
CA SER B 4154 14.35 52.16 35.88
C SER B 4154 13.59 52.23 34.57
N SER B 4155 13.75 51.20 33.72
CA SER B 4155 13.04 51.18 32.45
C SER B 4155 11.53 51.12 32.66
N ARG B 4156 11.08 50.35 33.64
CA ARG B 4156 9.65 50.27 33.92
C ARG B 4156 9.13 51.53 34.60
N THR B 4157 9.94 52.17 35.45
CA THR B 4157 9.49 53.37 36.13
C THR B 4157 9.60 54.63 35.28
N GLN B 4158 10.30 54.57 34.15
CA GLN B 4158 10.34 55.68 33.22
C GLN B 4158 9.45 55.46 32.00
N TRP B 4159 8.84 54.28 31.89
CA TRP B 4159 7.90 54.03 30.81
C TRP B 4159 6.57 54.72 31.05
N GLU B 4160 6.24 54.98 32.32
CA GLU B 4160 4.96 55.57 32.68
C GLU B 4160 5.02 57.08 32.82
N LYS B 4161 6.09 57.72 32.35
CA LYS B 4161 6.17 59.17 32.37
C LYS B 4161 5.17 59.75 31.37
N PRO B 4162 4.60 60.92 31.66
CA PRO B 4162 3.58 61.49 30.77
C PRO B 4162 4.07 61.76 29.35
N GLN B 4163 5.32 62.20 29.20
CA GLN B 4163 5.87 62.45 27.88
C GLN B 4163 5.93 61.16 27.05
N VAL B 4164 6.34 60.06 27.69
CA VAL B 4164 6.40 58.78 27.01
C VAL B 4164 5.02 58.31 26.59
N LYS B 4165 4.03 58.51 27.47
CA LYS B 4165 2.66 58.14 27.14
C LYS B 4165 2.12 58.94 25.97
N GLU B 4166 2.39 60.25 25.96
CA GLU B 4166 1.93 61.08 24.85
C GLU B 4166 2.60 60.69 23.54
N SER B 4167 3.91 60.42 23.58
CA SER B 4167 4.62 59.99 22.38
C SER B 4167 4.09 58.64 21.90
N LYS B 4168 3.79 57.73 22.81
CA LYS B 4168 3.23 56.44 22.43
C LYS B 4168 1.86 56.60 21.76
N ARG B 4169 1.01 57.46 22.33
CA ARG B 4169 -0.31 57.70 21.74
C ARG B 4169 -0.18 58.28 20.33
N GLN B 4170 0.68 59.29 20.19
CA GLN B 4170 0.86 59.92 18.88
C GLN B 4170 1.40 58.94 17.86
N PHE B 4171 2.40 58.13 18.25
CA PHE B 4171 2.96 57.15 17.32
C PHE B 4171 1.93 56.11 16.93
N ILE B 4172 1.14 55.61 17.89
CA ILE B 4172 0.15 54.59 17.58
C ILE B 4172 -0.87 55.14 16.60
N PHE B 4173 -1.37 56.36 16.86
CA PHE B 4173 -2.34 56.96 15.96
C PHE B 4173 -1.76 57.17 14.57
N ASP B 4174 -0.55 57.71 14.49
CA ASP B 4174 0.04 58.02 13.19
C ASP B 4174 0.51 56.80 12.43
N VAL B 4175 0.72 55.67 13.11
CA VAL B 4175 1.21 54.47 12.44
C VAL B 4175 0.09 53.48 12.13
N VAL B 4176 -1.07 53.60 12.77
CA VAL B 4176 -2.20 52.75 12.40
C VAL B 4176 -3.27 53.52 11.63
N ASN B 4177 -3.19 54.85 11.56
CA ASN B 4177 -4.12 55.61 10.74
C ASN B 4177 -3.77 55.47 9.26
N GLU B 4178 -2.57 55.88 8.86
CA GLU B 4178 -2.11 55.77 7.48
C GLU B 4178 -1.45 54.41 7.25
N GLY B 4179 -0.44 54.09 8.05
CA GLY B 4179 0.20 52.80 8.08
C GLY B 4179 1.31 52.54 7.06
N GLY B 4180 0.95 52.21 5.82
CA GLY B 4180 1.95 51.76 4.87
C GLY B 4180 2.71 50.56 5.40
N GLU B 4181 2.08 49.40 5.46
CA GLU B 4181 2.48 48.35 6.41
C GLU B 4181 3.76 47.61 6.04
N LYS B 4182 4.81 48.36 5.73
CA LYS B 4182 6.22 48.03 5.94
C LYS B 4182 6.93 49.21 6.60
N GLU B 4183 6.55 50.43 6.22
CA GLU B 4183 6.86 51.58 7.05
C GLU B 4183 6.22 51.47 8.41
N LYS B 4184 5.20 50.62 8.58
CA LYS B 4184 4.69 50.30 9.91
C LYS B 4184 5.80 49.77 10.81
N MET B 4185 6.50 48.72 10.36
CA MET B 4185 7.59 48.16 11.15
C MET B 4185 8.78 49.11 11.21
N GLU B 4186 9.06 49.81 10.10
CA GLU B 4186 10.18 50.75 10.09
C GLU B 4186 9.98 51.86 11.11
N LEU B 4187 8.79 52.48 11.11
CA LEU B 4187 8.47 53.52 12.06
C LEU B 4187 8.28 52.99 13.47
N PHE B 4188 7.90 51.71 13.63
CA PHE B 4188 7.89 51.13 14.96
C PHE B 4188 9.31 51.06 15.53
N VAL B 4189 10.27 50.64 14.72
CA VAL B 4189 11.66 50.62 15.18
C VAL B 4189 12.17 52.03 15.45
N ASN B 4190 11.82 52.98 14.58
CA ASN B 4190 12.22 54.37 14.80
C ASN B 4190 11.62 54.94 16.08
N PHE B 4191 10.34 54.64 16.34
CA PHE B 4191 9.70 55.06 17.59
C PHE B 4191 10.36 54.41 18.78
N CYS B 4192 10.80 53.15 18.64
CA CYS B 4192 11.54 52.49 19.70
C CYS B 4192 12.82 53.24 20.02
N GLU B 4193 13.58 53.62 19.00
CA GLU B 4193 14.82 54.36 19.22
C GLU B 4193 14.55 55.71 19.86
N ASP B 4194 13.52 56.42 19.38
CA ASP B 4194 13.19 57.73 19.93
C ASP B 4194 12.75 57.63 21.39
N THR B 4195 11.97 56.60 21.72
CA THR B 4195 11.51 56.43 23.09
C THR B 4195 12.66 56.01 24.00
N ILE B 4196 13.62 55.23 23.49
CA ILE B 4196 14.82 54.93 24.26
C ILE B 4196 15.58 56.21 24.57
N PHE B 4197 15.72 57.10 23.57
CA PHE B 4197 16.37 58.39 23.81
C PHE B 4197 15.61 59.21 24.84
N GLU B 4198 14.27 59.18 24.78
CA GLU B 4198 13.48 59.96 25.74
C GLU B 4198 13.57 59.40 27.15
N MET B 4199 13.63 58.07 27.30
CA MET B 4199 13.87 57.49 28.63
C MET B 4199 15.24 57.89 29.15
N GLN B 4200 16.25 57.89 28.28
CA GLN B 4200 17.59 58.33 28.69
C GLN B 4200 17.57 59.79 29.12
N LEU B 4201 16.84 60.64 28.39
CA LEU B 4201 16.74 62.05 28.76
C LEU B 4201 16.00 62.23 30.07
N ALA B 4202 14.90 61.51 30.26
CA ALA B 4202 14.12 61.62 31.49
C ALA B 4202 14.85 61.02 32.69
N ALA B 4203 15.88 60.21 32.45
CA ALA B 4203 16.71 59.75 33.56
C ALA B 4203 17.41 60.91 34.26
N GLN B 4204 17.64 62.01 33.55
CA GLN B 4204 18.24 63.22 34.15
C GLN B 4204 17.16 64.00 34.88
N ILE B 4205 16.75 63.46 36.02
CA ILE B 4205 15.71 64.08 36.84
C ILE B 4205 16.34 64.85 37.99
N ILE B 4483 27.31 76.66 36.36
CA ILE B 4483 26.68 76.74 37.66
C ILE B 4483 25.70 75.58 37.84
N ALA B 4484 25.80 74.91 38.99
CA ALA B 4484 24.90 73.79 39.27
C ALA B 4484 23.47 74.25 39.48
N TYR B 4485 23.27 75.44 40.04
CA TYR B 4485 21.92 75.94 40.26
C TYR B 4485 21.19 76.22 38.95
N GLN B 4486 21.91 76.69 37.93
CA GLN B 4486 21.30 76.90 36.62
C GLN B 4486 20.79 75.60 36.03
N GLN B 4487 21.61 74.54 36.10
CA GLN B 4487 21.19 73.24 35.59
C GLN B 4487 20.03 72.68 36.40
N LYS B 4488 20.06 72.87 37.73
CA LYS B 4488 18.95 72.42 38.57
C LYS B 4488 17.66 73.12 38.21
N LEU B 4489 17.71 74.44 38.00
CA LEU B 4489 16.52 75.19 37.61
C LEU B 4489 16.01 74.77 36.25
N LEU B 4490 16.92 74.54 35.29
CA LEU B 4490 16.50 74.11 33.96
C LEU B 4490 15.85 72.73 34.02
N ASN B 4491 16.40 71.81 34.80
CA ASN B 4491 15.80 70.49 34.93
C ASN B 4491 14.45 70.57 35.65
N TYR B 4492 14.33 71.47 36.64
CA TYR B 4492 13.05 71.64 37.31
C TYR B 4492 11.99 72.18 36.35
N PHE B 4493 12.37 73.13 35.50
CA PHE B 4493 11.43 73.67 34.52
C PHE B 4493 11.06 72.61 33.49
N ALA B 4494 12.02 71.77 33.08
CA ALA B 4494 11.72 70.69 32.16
C ALA B 4494 10.91 69.59 32.82
N ARG B 4495 10.89 69.51 34.14
CA ARG B 4495 10.05 68.52 34.82
C ARG B 4495 8.60 69.00 34.88
N ASN B 4496 8.36 70.12 35.53
CA ASN B 4496 7.00 70.67 35.67
C ASN B 4496 6.74 71.59 34.48
N PHE B 4497 6.09 71.05 33.45
CA PHE B 4497 5.76 71.78 32.24
C PHE B 4497 4.26 71.88 32.02
N TYR B 4498 3.55 70.74 32.05
CA TYR B 4498 2.10 70.75 31.89
C TYR B 4498 1.42 71.45 33.06
N ASN B 4499 2.01 71.36 34.26
CA ASN B 4499 1.48 72.12 35.38
C ASN B 4499 1.58 73.62 35.14
N MET B 4500 2.71 74.06 34.57
CA MET B 4500 2.85 75.47 34.21
C MET B 4500 1.85 75.87 33.13
N ARG B 4501 1.59 74.98 32.17
CA ARG B 4501 0.60 75.28 31.14
C ARG B 4501 -0.80 75.43 31.74
N MET B 4502 -1.18 74.54 32.65
CA MET B 4502 -2.49 74.65 33.30
C MET B 4502 -2.57 75.91 34.15
N LEU B 4503 -1.47 76.28 34.82
CA LEU B 4503 -1.45 77.53 35.57
C LEU B 4503 -1.65 78.73 34.65
N ALA B 4504 -0.99 78.72 33.49
CA ALA B 4504 -1.17 79.80 32.53
C ALA B 4504 -2.61 79.89 32.06
N LEU B 4505 -3.24 78.74 31.81
CA LEU B 4505 -4.63 78.73 31.38
C LEU B 4505 -5.56 79.29 32.46
N PHE B 4506 -5.33 78.91 33.72
CA PHE B 4506 -6.17 79.42 34.80
C PHE B 4506 -5.98 80.92 35.00
N VAL B 4507 -4.74 81.40 34.88
CA VAL B 4507 -4.49 82.83 35.02
C VAL B 4507 -5.13 83.60 33.86
N ALA B 4508 -5.11 83.02 32.66
CA ALA B 4508 -5.80 83.64 31.53
C ALA B 4508 -7.30 83.71 31.78
N PHE B 4509 -7.88 82.66 32.35
CA PHE B 4509 -9.30 82.69 32.69
C PHE B 4509 -9.62 83.80 33.69
N ALA B 4510 -8.78 83.93 34.73
CA ALA B 4510 -9.02 84.97 35.73
C ALA B 4510 -8.88 86.37 35.13
N ILE B 4511 -7.86 86.58 34.30
CA ILE B 4511 -7.67 87.87 33.66
C ILE B 4511 -8.84 88.19 32.76
N ASN B 4512 -9.36 87.20 32.03
CA ASN B 4512 -10.50 87.45 31.16
C ASN B 4512 -11.77 87.71 31.94
N PHE B 4513 -11.92 87.12 33.13
CA PHE B 4513 -13.03 87.50 34.01
C PHE B 4513 -12.92 88.97 34.41
N ILE B 4514 -11.73 89.38 34.86
CA ILE B 4514 -11.51 90.78 35.22
C ILE B 4514 -11.80 91.69 34.02
N LEU B 4515 -11.45 91.23 32.82
CA LEU B 4515 -11.76 91.99 31.62
C LEU B 4515 -13.26 92.04 31.38
N LEU B 4516 -13.97 90.96 31.71
CA LEU B 4516 -15.42 90.94 31.60
C LEU B 4516 -16.08 91.91 32.56
N PHE B 4517 -15.36 92.37 33.59
CA PHE B 4517 -15.91 93.38 34.49
C PHE B 4517 -15.53 94.81 34.10
N TYR B 4518 -15.37 95.12 32.81
CA TYR B 4518 -15.04 96.47 32.37
C TYR B 4518 -16.27 97.34 32.16
N LYS B 4519 -16.02 98.60 31.79
CA LYS B 4519 -17.04 99.62 31.57
C LYS B 4519 -16.37 100.85 30.97
N VAL B 4520 -17.05 101.51 30.04
CA VAL B 4520 -16.60 102.79 29.50
C VAL B 4520 -17.45 103.92 30.06
N SER B 4521 -17.03 105.14 29.82
CA SER B 4521 -17.77 106.32 30.27
C SER B 4521 -17.57 107.49 29.30
N VAL B 4556 -10.61 106.64 29.50
CA VAL B 4556 -12.06 106.44 29.47
C VAL B 4556 -12.40 105.05 29.96
N HIS B 4557 -11.63 104.05 29.53
CA HIS B 4557 -11.85 102.68 29.94
C HIS B 4557 -11.40 102.50 31.38
N TYR B 4558 -12.33 102.26 32.29
CA TYR B 4558 -12.01 102.00 33.69
C TYR B 4558 -12.82 100.81 34.18
N VAL B 4559 -12.19 99.98 35.01
CA VAL B 4559 -12.83 98.77 35.51
C VAL B 4559 -13.87 99.16 36.55
N LEU B 4560 -15.13 98.86 36.27
CA LEU B 4560 -16.18 99.02 37.28
C LEU B 4560 -15.99 97.96 38.36
N GLU B 4561 -15.86 98.41 39.61
CA GLU B 4561 -15.65 97.53 40.75
C GLU B 4561 -16.76 97.75 41.75
N GLU B 4562 -17.31 96.64 42.27
CA GLU B 4562 -18.42 96.70 43.23
C GLU B 4562 -17.87 97.02 44.62
N SER B 4563 -17.46 98.29 44.78
CA SER B 4563 -16.93 98.82 46.04
C SER B 4563 -15.73 98.01 46.53
N SER B 4564 -14.83 97.67 45.63
CA SER B 4564 -13.63 96.91 45.98
C SER B 4564 -12.50 97.33 45.04
N GLY B 4565 -11.57 98.13 45.56
CA GLY B 4565 -10.46 98.63 44.77
C GLY B 4565 -9.36 97.64 44.48
N TYR B 4566 -9.53 96.39 44.88
CA TYR B 4566 -8.52 95.37 44.65
C TYR B 4566 -8.45 94.90 43.20
N MET B 4567 -9.41 95.29 42.37
CA MET B 4567 -9.52 94.71 41.02
C MET B 4567 -8.32 95.09 40.15
N GLU B 4568 -7.96 96.38 40.11
CA GLU B 4568 -6.84 96.80 39.27
C GLU B 4568 -5.50 96.23 39.74
N PRO B 4569 -5.14 96.27 41.04
CA PRO B 4569 -3.89 95.58 41.43
C PRO B 4569 -3.91 94.10 41.15
N THR B 4570 -5.07 93.45 41.28
CA THR B 4570 -5.18 92.04 40.94
C THR B 4570 -4.90 91.82 39.46
N LEU B 4571 -5.44 92.68 38.60
CA LEU B 4571 -5.18 92.57 37.17
C LEU B 4571 -3.71 92.78 36.86
N ARG B 4572 -3.07 93.76 37.51
CA ARG B 4572 -1.67 94.03 37.26
C ARG B 4572 -0.79 92.84 37.66
N ILE B 4573 -0.99 92.32 38.87
CA ILE B 4573 -0.17 91.21 39.33
C ILE B 4573 -0.47 89.95 38.52
N LEU B 4574 -1.72 89.78 38.08
CA LEU B 4574 -2.05 88.62 37.27
C LEU B 4574 -1.38 88.69 35.91
N ALA B 4575 -1.34 89.88 35.30
CA ALA B 4575 -0.64 90.03 34.02
C ALA B 4575 0.85 89.75 34.17
N ILE B 4576 1.47 90.29 35.22
CA ILE B 4576 2.90 90.07 35.44
C ILE B 4576 3.19 88.59 35.66
N LEU B 4577 2.40 87.95 36.52
CA LEU B 4577 2.61 86.55 36.82
C LEU B 4577 2.31 85.67 35.62
N HIS B 4578 1.36 86.06 34.76
CA HIS B 4578 1.10 85.32 33.54
C HIS B 4578 2.27 85.39 32.59
N THR B 4579 2.86 86.59 32.43
CA THR B 4579 4.04 86.70 31.58
C THR B 4579 5.19 85.84 32.11
N ILE B 4580 5.39 85.85 33.44
CA ILE B 4580 6.45 85.04 34.03
C ILE B 4580 6.18 83.56 33.80
N ILE B 4581 4.92 83.12 33.99
CA ILE B 4581 4.58 81.72 33.83
C ILE B 4581 4.74 81.28 32.38
N SER B 4582 4.38 82.14 31.43
CA SER B 4582 4.54 81.81 30.03
C SER B 4582 6.03 81.72 29.65
N PHE B 4583 6.85 82.59 30.22
CA PHE B 4583 8.30 82.48 30.00
C PHE B 4583 8.84 81.17 30.57
N PHE B 4584 8.36 80.78 31.74
CA PHE B 4584 8.76 79.50 32.30
C PHE B 4584 8.30 78.35 31.41
N CYS B 4585 7.12 78.49 30.80
CA CYS B 4585 6.61 77.47 29.89
C CYS B 4585 7.51 77.31 28.67
N ILE B 4586 7.90 78.43 28.06
CA ILE B 4586 8.70 78.33 26.84
C ILE B 4586 10.11 77.81 27.17
N ILE B 4587 10.67 78.21 28.31
CA ILE B 4587 11.97 77.68 28.72
C ILE B 4587 11.88 76.17 28.97
N GLY B 4588 10.82 75.74 29.66
CA GLY B 4588 10.64 74.32 29.93
C GLY B 4588 10.46 73.50 28.66
N TYR B 4589 9.72 74.05 27.69
CA TYR B 4589 9.57 73.32 26.43
C TYR B 4589 10.87 73.26 25.67
N TYR B 4590 11.66 74.34 25.67
CA TYR B 4590 12.95 74.30 24.99
C TYR B 4590 13.88 73.29 25.64
N CYS B 4591 13.80 73.13 26.96
CA CYS B 4591 14.63 72.14 27.63
C CYS B 4591 14.11 70.72 27.44
N LEU B 4592 12.80 70.55 27.30
CA LEU B 4592 12.21 69.20 27.34
C LEU B 4592 12.28 68.50 25.98
N LYS B 4593 11.57 69.03 24.98
CA LYS B 4593 11.27 68.27 23.78
C LYS B 4593 12.06 68.70 22.55
N VAL B 4594 12.81 69.82 22.63
CA VAL B 4594 13.72 70.16 21.54
C VAL B 4594 14.76 69.08 21.29
N PRO B 4595 15.36 68.44 22.32
CA PRO B 4595 16.26 67.31 22.02
C PRO B 4595 15.62 66.19 21.23
N LEU B 4596 14.32 65.94 21.38
CA LEU B 4596 13.66 64.91 20.56
C LEU B 4596 13.71 65.27 19.09
N VAL B 4597 13.38 66.53 18.75
CA VAL B 4597 13.41 66.96 17.36
C VAL B 4597 14.84 66.93 16.82
N ILE B 4598 15.79 67.39 17.62
CA ILE B 4598 17.19 67.39 17.20
C ILE B 4598 17.67 65.97 16.92
N PHE B 4599 17.35 65.04 17.83
CA PHE B 4599 17.75 63.65 17.67
C PHE B 4599 17.09 63.01 16.46
N LYS B 4600 15.81 63.29 16.24
CA LYS B 4600 15.12 62.73 15.08
C LYS B 4600 15.75 63.21 13.78
N ARG B 4601 16.00 64.52 13.68
CA ARG B 4601 16.60 65.04 12.45
C ARG B 4601 18.02 64.52 12.24
N GLU B 4602 18.81 64.46 13.32
CA GLU B 4602 20.17 63.94 13.20
C GLU B 4602 20.17 62.48 12.78
N LYS B 4603 19.27 61.67 13.36
CA LYS B 4603 19.16 60.27 12.97
C LYS B 4603 18.79 60.14 11.50
N GLU B 4604 17.80 60.94 11.06
CA GLU B 4604 17.36 60.85 9.67
C GLU B 4604 18.49 61.22 8.70
N VAL B 4605 19.16 62.35 8.97
CA VAL B 4605 20.20 62.80 8.03
C VAL B 4605 21.40 61.85 8.05
N ALA B 4606 21.75 61.32 9.24
CA ALA B 4606 22.90 60.41 9.32
C ALA B 4606 22.59 59.10 8.62
N ARG B 4607 21.40 58.54 8.83
CA ARG B 4607 21.05 57.28 8.17
C ARG B 4607 20.94 57.47 6.67
N LYS B 4608 20.40 58.61 6.21
CA LYS B 4608 20.35 58.88 4.78
C LYS B 4608 21.74 58.97 4.19
N LEU B 4609 22.62 59.76 4.81
CA LEU B 4609 23.98 59.94 4.30
C LEU B 4609 24.76 58.64 4.32
N GLU B 4610 24.52 57.77 5.30
CA GLU B 4610 25.22 56.50 5.36
C GLU B 4610 24.70 55.52 4.32
N PHE B 4611 23.41 55.17 4.41
CA PHE B 4611 22.88 54.10 3.58
C PHE B 4611 22.76 54.52 2.12
N ASP B 4612 22.18 55.70 1.87
CA ASP B 4612 22.00 56.17 0.50
C ASP B 4612 23.06 57.20 0.13
N GLY B 4613 23.11 58.31 0.85
CA GLY B 4613 24.09 59.35 0.56
C GLY B 4613 23.50 60.40 -0.35
N LEU B 4614 23.18 61.57 0.20
CA LEU B 4614 22.56 62.63 -0.59
C LEU B 4614 23.57 63.68 -1.02
N TYR B 4615 24.27 64.30 -0.06
CA TYR B 4615 25.16 65.40 -0.38
C TYR B 4615 26.45 64.94 -1.07
N ILE B 4616 26.69 63.64 -1.16
CA ILE B 4616 27.92 63.11 -1.74
C ILE B 4616 27.70 62.60 -3.16
N THR B 4617 26.55 61.97 -3.43
CA THR B 4617 26.33 61.37 -4.74
C THR B 4617 24.90 61.51 -5.25
N GLU B 4618 24.07 62.34 -4.63
CA GLU B 4618 22.69 62.43 -5.09
C GLU B 4618 22.25 63.86 -5.40
N GLN B 4619 22.72 64.84 -4.62
CA GLN B 4619 22.40 66.26 -4.82
C GLN B 4619 20.90 66.48 -4.82
N PRO B 4620 20.27 66.56 -3.64
CA PRO B 4620 18.80 66.49 -3.54
C PRO B 4620 18.05 67.51 -4.38
N SER B 4621 16.73 67.31 -4.46
CA SER B 4621 15.88 67.93 -5.46
C SER B 4621 15.81 69.45 -5.29
N GLU B 4622 15.08 70.09 -6.21
CA GLU B 4622 15.05 71.54 -6.29
C GLU B 4622 14.43 72.16 -5.04
N ASP B 4623 13.27 71.66 -4.61
CA ASP B 4623 12.61 72.28 -3.46
C ASP B 4623 13.30 71.84 -2.16
N ASP B 4624 13.13 70.56 -1.79
CA ASP B 4624 13.90 69.83 -0.78
C ASP B 4624 14.40 70.69 0.38
N ILE B 4625 13.51 71.49 0.97
CA ILE B 4625 13.92 72.50 1.93
C ILE B 4625 14.62 71.88 3.13
N LYS B 4626 14.12 70.71 3.57
CA LYS B 4626 14.73 70.04 4.71
C LYS B 4626 16.16 69.64 4.42
N GLY B 4627 16.40 69.05 3.24
CA GLY B 4627 17.75 68.67 2.87
C GLY B 4627 18.66 69.86 2.64
N GLN B 4628 18.12 70.92 2.03
CA GLN B 4628 18.92 72.12 1.80
C GLN B 4628 19.35 72.76 3.12
N TRP B 4629 18.46 72.76 4.11
CA TRP B 4629 18.85 73.30 5.42
C TRP B 4629 19.81 72.36 6.15
N ASP B 4630 19.59 71.04 6.03
CA ASP B 4630 20.47 70.09 6.70
C ASP B 4630 21.84 69.98 6.05
N ARG B 4631 22.01 70.54 4.84
CA ARG B 4631 23.33 70.58 4.23
C ARG B 4631 24.33 71.35 5.09
N LEU B 4632 23.85 72.31 5.89
CA LEU B 4632 24.74 73.13 6.70
C LEU B 4632 25.29 72.41 7.92
N VAL B 4633 24.79 71.22 8.25
CA VAL B 4633 25.19 70.56 9.49
C VAL B 4633 26.24 69.46 9.27
N ILE B 4634 26.44 69.00 8.02
CA ILE B 4634 27.41 67.94 7.79
C ILE B 4634 28.83 68.45 8.00
N ASN B 4635 29.09 69.72 7.69
CA ASN B 4635 30.42 70.30 7.84
C ASN B 4635 30.53 71.02 9.18
N THR B 4636 30.29 70.27 10.26
CA THR B 4636 30.34 70.81 11.61
C THR B 4636 31.16 69.87 12.49
N GLN B 4637 31.69 70.43 13.58
CA GLN B 4637 32.53 69.68 14.49
C GLN B 4637 31.74 68.89 15.53
N SER B 4638 30.43 69.11 15.63
CA SER B 4638 29.59 68.41 16.60
C SER B 4638 28.28 67.98 15.93
N PHE B 4639 28.38 67.43 14.73
CA PHE B 4639 27.17 67.01 14.01
C PHE B 4639 26.40 65.91 14.72
N PRO B 4640 27.00 64.78 15.16
CA PRO B 4640 26.17 63.80 15.88
C PRO B 4640 26.15 64.06 17.38
N ASN B 4641 25.52 65.17 17.77
CA ASN B 4641 25.51 65.56 19.18
C ASN B 4641 24.56 64.70 19.99
N ASN B 4642 23.51 64.16 19.37
CA ASN B 4642 22.49 63.41 20.09
C ASN B 4642 22.25 62.00 19.56
N TYR B 4643 22.82 61.64 18.41
CA TYR B 4643 22.55 60.34 17.80
C TYR B 4643 23.30 59.19 18.47
N TRP B 4644 24.17 59.49 19.45
CA TRP B 4644 24.98 58.52 20.20
C TRP B 4644 25.76 57.57 19.28
N ASP B 4645 26.01 57.97 18.04
CA ASP B 4645 26.68 57.13 17.04
C ASP B 4645 27.74 57.94 16.33
N LYS B 4646 28.62 58.58 17.10
CA LYS B 4646 29.59 59.50 16.53
C LYS B 4646 30.74 58.77 15.85
N PHE B 4647 30.40 57.84 14.95
CA PHE B 4647 31.39 57.16 14.12
C PHE B 4647 30.89 56.89 12.71
N VAL B 4648 29.70 57.38 12.35
CA VAL B 4648 29.19 57.21 10.99
C VAL B 4648 30.06 57.97 9.99
N LYS B 4649 30.75 59.01 10.45
CA LYS B 4649 31.69 59.72 9.59
C LYS B 4649 32.77 58.79 9.07
N ARG B 4650 33.24 57.86 9.93
CA ARG B 4650 34.30 56.94 9.51
C ARG B 4650 33.82 55.99 8.42
N LYS B 4651 32.65 55.38 8.61
CA LYS B 4651 32.13 54.46 7.59
C LYS B 4651 31.86 55.18 6.28
N VAL B 4652 31.23 56.36 6.36
CA VAL B 4652 30.94 57.14 5.17
C VAL B 4652 32.23 57.52 4.45
N MET B 4653 33.22 58.00 5.21
CA MET B 4653 34.49 58.41 4.60
C MET B 4653 35.16 57.21 3.94
N ASP B 4654 35.16 56.06 4.62
CA ASP B 4654 35.73 54.85 4.06
C ASP B 4654 35.14 54.51 2.71
N LYS B 4655 33.83 54.24 2.67
CA LYS B 4655 33.25 53.73 1.42
C LYS B 4655 33.23 54.79 0.33
N TYR B 4656 32.81 56.02 0.67
CA TYR B 4656 32.66 57.03 -0.37
C TYR B 4656 33.97 57.70 -0.75
N GLY B 4657 35.05 57.50 0.00
CA GLY B 4657 36.35 57.98 -0.42
C GLY B 4657 37.08 56.91 -1.19
N GLU B 4658 36.76 55.65 -0.91
CA GLU B 4658 37.27 54.59 -1.78
C GLU B 4658 36.56 54.57 -3.12
N PHE B 4659 35.34 55.11 -3.21
CA PHE B 4659 34.73 55.19 -4.54
C PHE B 4659 34.97 56.58 -5.15
N TYR B 4660 34.46 57.64 -4.52
CA TYR B 4660 34.45 58.97 -5.11
C TYR B 4660 35.66 59.81 -4.68
N GLY B 4661 36.73 59.19 -4.20
CA GLY B 4661 37.89 59.95 -3.80
C GLY B 4661 37.82 60.49 -2.38
N ARG B 4662 38.96 60.51 -1.70
CA ARG B 4662 38.98 60.92 -0.29
C ARG B 4662 38.86 62.43 -0.13
N ASP B 4663 39.34 63.20 -1.10
CA ASP B 4663 39.40 64.66 -0.94
C ASP B 4663 38.01 65.27 -0.83
N ARG B 4664 37.08 64.85 -1.69
CA ARG B 4664 35.73 65.42 -1.65
C ARG B 4664 35.02 65.07 -0.35
N ILE B 4665 35.21 63.84 0.13
CA ILE B 4665 34.63 63.44 1.42
C ILE B 4665 35.23 64.28 2.55
N SER B 4666 36.55 64.50 2.51
CA SER B 4666 37.19 65.26 3.57
C SER B 4666 36.73 66.71 3.60
N GLU B 4667 36.58 67.32 2.42
CA GLU B 4667 36.10 68.71 2.39
C GLU B 4667 34.63 68.80 2.77
N LEU B 4668 33.81 67.87 2.28
CA LEU B 4668 32.38 67.92 2.58
C LEU B 4668 32.12 67.65 4.07
N LEU B 4669 32.68 66.56 4.60
CA LEU B 4669 32.43 66.19 5.98
C LEU B 4669 33.22 67.04 6.97
N GLY B 4670 34.41 67.52 6.57
CA GLY B 4670 35.19 68.41 7.40
C GLY B 4670 35.68 67.82 8.70
N MET B 4671 36.23 66.61 8.67
CA MET B 4671 36.77 66.00 9.88
C MET B 4671 38.12 66.56 10.29
N ASP B 4672 39.00 66.85 9.33
CA ASP B 4672 40.30 67.46 9.62
C ASP B 4672 40.90 68.07 8.36
N SER B 4694 35.27 79.38 34.30
CA SER B 4694 34.96 80.66 33.68
C SER B 4694 34.06 80.47 32.46
N ALA B 4695 34.11 79.27 31.88
CA ALA B 4695 33.32 78.90 30.70
C ALA B 4695 33.57 79.90 29.54
N VAL B 4696 34.82 79.91 29.09
CA VAL B 4696 35.24 80.82 28.02
C VAL B 4696 34.62 80.39 26.70
N LEU B 4697 34.66 81.26 25.71
CA LEU B 4697 34.03 80.99 24.42
C LEU B 4697 34.91 80.04 23.62
N ASN B 4698 34.47 78.80 23.46
CA ASN B 4698 35.12 77.82 22.60
C ASN B 4698 34.51 77.79 21.20
N SER B 4699 33.94 78.92 20.76
CA SER B 4699 33.26 79.11 19.47
C SER B 4699 31.92 78.40 19.43
N ILE B 4700 31.63 77.57 20.44
CA ILE B 4700 30.35 76.93 20.72
C ILE B 4700 29.70 76.31 19.48
N ASP B 4701 30.50 76.02 18.45
CA ASP B 4701 30.03 75.46 17.19
C ASP B 4701 28.91 76.34 16.60
N VAL B 4702 29.31 77.55 16.19
CA VAL B 4702 28.37 78.58 15.77
C VAL B 4702 27.50 78.08 14.61
N LYS B 4703 28.11 77.37 13.66
CA LYS B 4703 27.34 76.81 12.54
C LYS B 4703 26.30 75.81 13.05
N TYR B 4704 26.69 74.95 13.98
CA TYR B 4704 25.75 73.98 14.54
C TYR B 4704 24.65 74.69 15.32
N GLN B 4705 24.99 75.75 16.05
CA GLN B 4705 23.98 76.49 16.80
C GLN B 4705 22.99 77.17 15.85
N MET B 4706 23.48 77.71 14.73
CA MET B 4706 22.59 78.32 13.75
C MET B 4706 21.66 77.28 13.12
N TRP B 4707 22.20 76.09 12.81
CA TRP B 4707 21.36 75.01 12.30
C TRP B 4707 20.30 74.59 13.33
N LYS B 4708 20.71 74.50 14.60
CA LYS B 4708 19.76 74.16 15.66
C LYS B 4708 18.67 75.20 15.79
N LEU B 4709 19.03 76.49 15.74
CA LEU B 4709 18.03 77.54 15.83
C LEU B 4709 17.09 77.53 14.62
N GLY B 4710 17.64 77.23 13.44
CA GLY B 4710 16.80 77.13 12.26
C GLY B 4710 15.80 76.00 12.33
N VAL B 4711 16.23 74.84 12.84
CA VAL B 4711 15.28 73.74 12.97
C VAL B 4711 14.34 73.96 14.14
N VAL B 4712 14.75 74.74 15.15
CA VAL B 4712 13.85 75.04 16.27
C VAL B 4712 12.74 75.98 15.81
N PHE B 4713 13.07 77.02 15.04
CA PHE B 4713 12.04 77.92 14.56
C PHE B 4713 11.36 77.36 13.30
N THR B 4714 11.00 76.08 13.35
CA THR B 4714 10.14 75.46 12.35
C THR B 4714 9.11 74.52 12.95
N ASP B 4715 9.35 73.99 14.15
CA ASP B 4715 8.39 73.09 14.79
C ASP B 4715 7.12 73.85 15.16
N ASN B 4716 5.98 73.18 14.99
CA ASN B 4716 4.68 73.83 15.19
C ASN B 4716 4.48 74.26 16.64
N SER B 4717 4.85 73.40 17.59
CA SER B 4717 4.62 73.72 19.00
C SER B 4717 5.48 74.90 19.44
N PHE B 4718 6.72 74.99 18.96
CA PHE B 4718 7.56 76.13 19.32
C PHE B 4718 7.02 77.42 18.73
N LEU B 4719 6.51 77.37 17.49
CA LEU B 4719 5.90 78.56 16.92
C LEU B 4719 4.65 78.98 17.69
N TYR B 4720 3.85 78.01 18.13
CA TYR B 4720 2.68 78.33 18.94
C TYR B 4720 3.08 78.96 20.26
N LEU B 4721 4.13 78.45 20.90
CA LEU B 4721 4.58 79.04 22.16
C LEU B 4721 5.21 80.42 21.94
N ALA B 4722 5.86 80.64 20.80
CA ALA B 4722 6.36 81.96 20.46
C ALA B 4722 5.21 82.95 20.27
N TRP B 4723 4.13 82.51 19.63
CA TRP B 4723 2.95 83.36 19.51
C TRP B 4723 2.34 83.64 20.88
N TYR B 4724 2.34 82.64 21.77
CA TYR B 4724 1.90 82.86 23.13
C TYR B 4724 2.74 83.92 23.84
N MET B 4725 4.06 83.85 23.67
CA MET B 4725 4.95 84.87 24.21
C MET B 4725 4.63 86.25 23.65
N THR B 4726 4.42 86.33 22.34
CA THR B 4726 4.14 87.62 21.71
C THR B 4726 2.85 88.22 22.23
N MET B 4727 1.79 87.42 22.34
CA MET B 4727 0.52 87.92 22.82
C MET B 4727 0.60 88.31 24.30
N SER B 4728 1.31 87.52 25.11
CA SER B 4728 1.44 87.87 26.52
C SER B 4728 2.23 89.16 26.71
N VAL B 4729 3.26 89.38 25.88
CA VAL B 4729 4.01 90.63 25.94
C VAL B 4729 3.14 91.80 25.51
N LEU B 4730 2.39 91.63 24.42
CA LEU B 4730 1.51 92.70 23.94
C LEU B 4730 0.36 92.99 24.90
N GLY B 4731 0.02 92.04 25.77
CA GLY B 4731 -1.05 92.28 26.73
C GLY B 4731 -0.75 93.40 27.71
N HIS B 4732 0.54 93.68 27.95
CA HIS B 4732 0.88 94.77 28.85
C HIS B 4732 0.71 96.14 28.20
N TYR B 4733 0.82 96.21 26.87
CA TYR B 4733 0.55 97.46 26.18
C TYR B 4733 -0.92 97.85 26.29
N ASN B 4734 -1.80 97.01 25.78
CA ASN B 4734 -3.24 97.14 25.98
C ASN B 4734 -3.73 95.87 26.67
N ASN B 4735 -4.42 96.04 27.80
CA ASN B 4735 -4.82 94.88 28.59
C ASN B 4735 -6.09 94.26 28.04
N PHE B 4736 -6.10 93.99 26.74
CA PHE B 4736 -7.16 93.23 26.10
C PHE B 4736 -6.63 92.07 25.25
N PHE B 4737 -5.33 92.05 24.95
CA PHE B 4737 -4.75 90.97 24.16
C PHE B 4737 -4.70 89.65 24.91
N PHE B 4738 -4.98 89.65 26.21
CA PHE B 4738 -5.10 88.41 26.97
C PHE B 4738 -6.35 87.62 26.60
N ALA B 4739 -7.26 88.21 25.82
CA ALA B 4739 -8.41 87.46 25.33
C ALA B 4739 -7.99 86.38 24.34
N ALA B 4740 -6.92 86.61 23.59
CA ALA B 4740 -6.45 85.63 22.61
C ALA B 4740 -5.87 84.38 23.28
N HIS B 4741 -5.49 84.46 24.55
CA HIS B 4741 -4.99 83.30 25.26
C HIS B 4741 -6.09 82.30 25.60
N LEU B 4742 -7.36 82.70 25.47
CA LEU B 4742 -8.45 81.76 25.70
C LEU B 4742 -8.48 80.63 24.68
N LEU B 4743 -7.91 80.84 23.49
CA LEU B 4743 -7.88 79.82 22.47
C LEU B 4743 -6.94 78.67 22.81
N ASP B 4744 -6.15 78.80 23.88
CA ASP B 4744 -5.34 77.68 24.35
C ASP B 4744 -6.19 76.51 24.82
N ILE B 4745 -7.46 76.76 25.17
CA ILE B 4745 -8.36 75.67 25.52
C ILE B 4745 -8.62 74.76 24.34
N ALA B 4746 -8.42 75.26 23.11
CA ALA B 4746 -8.62 74.46 21.92
C ALA B 4746 -7.46 73.53 21.63
N MET B 4747 -6.30 73.76 22.23
CA MET B 4747 -5.17 72.85 22.13
C MET B 4747 -5.12 71.89 23.31
N GLY B 4748 -6.19 71.80 24.09
CA GLY B 4748 -6.29 70.95 25.25
C GLY B 4748 -7.11 69.72 24.91
N PHE B 4749 -8.41 69.75 25.20
CA PHE B 4749 -9.29 68.62 24.93
C PHE B 4749 -9.26 68.25 23.45
N LYS B 4750 -9.38 66.94 23.18
CA LYS B 4750 -9.15 66.43 21.83
C LYS B 4750 -10.23 66.89 20.86
N THR B 4751 -11.49 66.92 21.30
CA THR B 4751 -12.57 67.25 20.38
C THR B 4751 -12.48 68.69 19.90
N LEU B 4752 -11.92 69.59 20.70
CA LEU B 4752 -11.67 70.95 20.23
C LEU B 4752 -10.65 70.95 19.10
N ARG B 4753 -9.59 70.15 19.25
CA ARG B 4753 -8.59 70.05 18.20
C ARG B 4753 -9.17 69.45 16.93
N THR B 4754 -10.07 68.46 17.06
CA THR B 4754 -10.72 67.90 15.89
C THR B 4754 -11.62 68.93 15.21
N ILE B 4755 -12.35 69.72 16.00
CA ILE B 4755 -13.20 70.76 15.43
C ILE B 4755 -12.36 71.79 14.68
N LEU B 4756 -11.24 72.20 15.27
CA LEU B 4756 -10.38 73.19 14.61
C LEU B 4756 -9.74 72.61 13.35
N SER B 4757 -9.31 71.35 13.39
CA SER B 4757 -8.67 70.74 12.23
C SER B 4757 -9.68 70.39 11.15
N SER B 4758 -10.97 70.34 11.49
CA SER B 4758 -11.99 70.07 10.48
C SER B 4758 -12.05 71.16 9.41
N VAL B 4759 -11.74 72.39 9.78
CA VAL B 4759 -11.79 73.49 8.82
C VAL B 4759 -10.72 73.30 7.74
N THR B 4760 -9.52 72.91 8.14
CA THR B 4760 -8.42 72.76 7.19
C THR B 4760 -8.29 71.35 6.63
N HIS B 4761 -9.08 70.39 7.13
CA HIS B 4761 -9.01 69.03 6.61
C HIS B 4761 -9.44 68.97 5.14
N ASN B 4762 -10.48 69.72 4.79
CA ASN B 4762 -10.92 69.87 3.41
C ASN B 4762 -10.65 71.33 3.04
N GLY B 4763 -9.42 71.61 2.61
CA GLY B 4763 -9.00 72.96 2.37
C GLY B 4763 -9.18 73.43 0.94
N LYS B 4764 -8.68 72.65 -0.02
CA LYS B 4764 -8.75 73.03 -1.42
C LYS B 4764 -10.20 73.09 -1.90
N GLN B 4765 -11.00 72.08 -1.53
CA GLN B 4765 -12.39 72.04 -1.96
C GLN B 4765 -13.19 73.22 -1.39
N LEU B 4766 -12.93 73.57 -0.13
CA LEU B 4766 -13.63 74.69 0.49
C LEU B 4766 -13.29 76.01 -0.19
N VAL B 4767 -12.01 76.24 -0.47
CA VAL B 4767 -11.59 77.47 -1.14
C VAL B 4767 -12.19 77.54 -2.54
N LEU B 4768 -12.19 76.42 -3.27
CA LEU B 4768 -12.74 76.43 -4.61
C LEU B 4768 -14.25 76.63 -4.61
N THR B 4769 -14.95 76.09 -3.60
CA THR B 4769 -16.39 76.33 -3.51
C THR B 4769 -16.69 77.78 -3.18
N VAL B 4770 -15.88 78.39 -2.31
CA VAL B 4770 -16.05 79.82 -2.02
C VAL B 4770 -15.80 80.65 -3.28
N GLY B 4771 -14.81 80.24 -4.09
CA GLY B 4771 -14.59 80.93 -5.35
C GLY B 4771 -15.75 80.81 -6.31
N LEU B 4772 -16.36 79.62 -6.39
CA LEU B 4772 -17.54 79.44 -7.22
C LEU B 4772 -18.69 80.31 -6.74
N LEU B 4773 -18.87 80.39 -5.43
CA LEU B 4773 -19.88 81.31 -4.86
C LEU B 4773 -19.60 82.74 -5.29
N ALA B 4774 -18.33 83.15 -5.23
CA ALA B 4774 -17.97 84.51 -5.61
C ALA B 4774 -18.29 84.78 -7.08
N VAL B 4775 -17.98 83.83 -7.97
CA VAL B 4775 -18.18 84.10 -9.39
C VAL B 4775 -19.67 84.07 -9.75
N VAL B 4776 -20.46 83.21 -9.10
CA VAL B 4776 -21.89 83.21 -9.42
C VAL B 4776 -22.56 84.47 -8.86
N VAL B 4777 -22.13 84.93 -7.69
CA VAL B 4777 -22.66 86.19 -7.17
C VAL B 4777 -22.25 87.34 -8.08
N TYR B 4778 -21.05 87.28 -8.65
CA TYR B 4778 -20.63 88.32 -9.59
C TYR B 4778 -21.49 88.30 -10.86
N LEU B 4779 -21.84 87.11 -11.36
CA LEU B 4779 -22.71 87.06 -12.53
C LEU B 4779 -24.08 87.65 -12.23
N TYR B 4780 -24.64 87.33 -11.05
CA TYR B 4780 -25.91 87.93 -10.66
C TYR B 4780 -25.77 89.45 -10.51
N THR B 4781 -24.61 89.90 -10.02
CA THR B 4781 -24.36 91.34 -9.91
C THR B 4781 -24.34 92.02 -11.27
N VAL B 4782 -23.71 91.37 -12.25
CA VAL B 4782 -23.66 91.93 -13.60
C VAL B 4782 -25.07 92.04 -14.18
N VAL B 4783 -25.87 90.99 -13.99
CA VAL B 4783 -27.24 91.01 -14.52
C VAL B 4783 -28.06 92.13 -13.86
N ALA B 4784 -27.96 92.24 -12.53
CA ALA B 4784 -28.70 93.27 -11.82
C ALA B 4784 -28.24 94.67 -12.20
N PHE B 4785 -26.92 94.85 -12.37
CA PHE B 4785 -26.37 96.12 -12.79
C PHE B 4785 -26.90 96.52 -14.17
N ASN B 4786 -26.95 95.57 -15.10
CA ASN B 4786 -27.41 95.90 -16.44
C ASN B 4786 -28.90 96.20 -16.46
N PHE B 4787 -29.72 95.35 -15.86
CA PHE B 4787 -31.16 95.40 -16.07
C PHE B 4787 -31.92 96.09 -14.92
N PHE B 4788 -31.82 95.55 -13.71
CA PHE B 4788 -32.64 96.01 -12.58
C PHE B 4788 -31.79 96.90 -11.68
N ARG B 4789 -31.77 98.19 -11.99
CA ARG B 4789 -31.07 99.16 -11.16
C ARG B 4789 -31.99 100.09 -10.39
N LYS B 4790 -33.21 100.32 -10.89
CA LYS B 4790 -34.16 101.16 -10.18
C LYS B 4790 -34.70 100.49 -8.91
N PHE B 4791 -34.59 99.18 -8.82
CA PHE B 4791 -35.14 98.44 -7.68
C PHE B 4791 -34.27 98.53 -6.43
N TYR B 4792 -32.99 98.87 -6.58
CA TYR B 4792 -32.05 98.86 -5.45
C TYR B 4792 -32.07 100.19 -4.71
N ASN B 4793 -33.26 100.65 -4.31
CA ASN B 4793 -33.40 101.92 -3.60
C ASN B 4793 -33.50 101.66 -2.10
N LYS B 4794 -32.35 101.34 -1.51
CA LYS B 4794 -32.25 101.08 -0.08
C LYS B 4794 -32.21 102.41 0.67
N SER B 4795 -33.37 103.08 0.67
CA SER B 4795 -33.53 104.38 1.31
C SER B 4795 -34.46 104.23 2.51
N GLU B 4796 -34.29 105.15 3.47
CA GLU B 4796 -35.07 105.11 4.71
C GLU B 4796 -36.46 105.66 4.43
N ASP B 4797 -37.37 104.75 4.04
CA ASP B 4797 -38.79 105.05 3.84
C ASP B 4797 -39.01 106.12 2.76
N GLY B 4798 -38.39 105.91 1.60
CA GLY B 4798 -38.71 106.68 0.42
C GLY B 4798 -38.04 108.04 0.30
N ASP B 4799 -38.82 109.11 0.56
CA ASP B 4799 -38.40 110.46 0.22
C ASP B 4799 -37.32 110.99 1.14
N THR B 4800 -36.11 110.47 0.98
CA THR B 4800 -34.90 110.95 1.65
C THR B 4800 -33.81 111.13 0.59
N PRO B 4801 -32.63 111.69 0.93
CA PRO B 4801 -31.49 111.58 0.02
C PRO B 4801 -31.26 110.13 -0.40
N ASP B 4802 -31.40 109.85 -1.69
CA ASP B 4802 -31.43 108.48 -2.18
C ASP B 4802 -30.07 107.81 -2.00
N MET B 4803 -30.06 106.65 -1.36
CA MET B 4803 -28.86 105.83 -1.20
C MET B 4803 -29.07 104.59 -2.07
N LYS B 4804 -28.54 104.63 -3.28
CA LYS B 4804 -28.70 103.57 -4.26
C LYS B 4804 -27.42 102.76 -4.38
N CYS B 4805 -27.45 101.79 -5.28
CA CYS B 4805 -26.28 100.96 -5.62
C CYS B 4805 -26.08 101.11 -7.13
N ASP B 4806 -25.30 102.12 -7.52
CA ASP B 4806 -25.12 102.46 -8.92
C ASP B 4806 -23.89 101.81 -9.54
N ASP B 4807 -22.71 102.01 -8.94
CA ASP B 4807 -21.48 101.49 -9.51
C ASP B 4807 -21.34 99.99 -9.24
N MET B 4808 -20.37 99.38 -9.93
CA MET B 4808 -20.16 97.94 -9.84
C MET B 4808 -19.80 97.50 -8.42
N LEU B 4809 -18.86 98.21 -7.79
CA LEU B 4809 -18.32 97.73 -6.52
C LEU B 4809 -19.35 97.77 -5.42
N THR B 4810 -20.19 98.81 -5.39
CA THR B 4810 -21.24 98.89 -4.38
C THR B 4810 -22.25 97.77 -4.55
N CYS B 4811 -22.65 97.48 -5.79
CA CYS B 4811 -23.58 96.38 -6.04
C CYS B 4811 -22.96 95.04 -5.65
N TYR B 4812 -21.67 94.85 -5.94
CA TYR B 4812 -21.03 93.58 -5.60
C TYR B 4812 -20.93 93.39 -4.10
N MET B 4813 -20.56 94.45 -3.37
CA MET B 4813 -20.50 94.35 -1.92
C MET B 4813 -21.89 94.18 -1.32
N PHE B 4814 -22.91 94.81 -1.91
CA PHE B 4814 -24.27 94.63 -1.45
C PHE B 4814 -24.73 93.19 -1.63
N HIS B 4815 -24.38 92.57 -2.76
CA HIS B 4815 -24.79 91.20 -3.00
C HIS B 4815 -24.02 90.22 -2.12
N MET B 4816 -22.72 90.44 -1.94
CA MET B 4816 -21.93 89.53 -1.12
C MET B 4816 -22.10 89.75 0.37
N TYR B 4817 -22.67 90.88 0.78
CA TYR B 4817 -22.84 91.17 2.20
C TYR B 4817 -24.25 90.92 2.70
N VAL B 4818 -25.27 91.29 1.93
CA VAL B 4818 -26.66 91.13 2.34
C VAL B 4818 -27.33 90.00 1.58
N GLY B 4819 -26.94 89.77 0.33
CA GLY B 4819 -27.60 88.77 -0.48
C GLY B 4819 -27.34 87.34 -0.01
N VAL B 4820 -26.09 87.04 0.37
CA VAL B 4820 -25.74 85.68 0.75
C VAL B 4820 -26.14 85.34 2.17
N ARG B 4821 -26.55 86.32 2.97
CA ARG B 4821 -26.85 86.11 4.38
C ARG B 4821 -28.34 85.97 4.67
N ALA B 4822 -29.18 86.76 4.00
CA ALA B 4822 -30.60 86.77 4.30
C ALA B 4822 -31.24 85.43 3.96
N GLY B 4823 -32.26 85.07 4.74
CA GLY B 4823 -32.96 83.81 4.56
C GLY B 4823 -34.00 83.86 3.46
N GLY B 4824 -33.55 83.80 2.21
CA GLY B 4824 -34.45 83.89 1.09
C GLY B 4824 -33.84 84.57 -0.12
N GLY B 4825 -32.65 85.12 0.05
CA GLY B 4825 -31.91 85.70 -1.05
C GLY B 4825 -31.96 87.21 -1.05
N ILE B 4826 -31.68 87.78 -2.24
CA ILE B 4826 -31.69 89.23 -2.41
C ILE B 4826 -33.09 89.80 -2.47
N GLY B 4827 -34.12 88.95 -2.58
CA GLY B 4827 -35.47 89.45 -2.67
C GLY B 4827 -36.01 90.01 -1.37
N ASP B 4828 -35.42 89.65 -0.24
CA ASP B 4828 -35.90 90.12 1.05
C ASP B 4828 -35.55 91.57 1.32
N GLU B 4829 -34.69 92.19 0.51
CA GLU B 4829 -34.28 93.56 0.71
C GLU B 4829 -34.63 94.47 -0.46
N ILE B 4830 -34.68 93.95 -1.67
CA ILE B 4830 -35.05 94.74 -2.84
C ILE B 4830 -36.54 95.09 -2.76
N GLU B 4831 -36.89 96.26 -3.31
CA GLU B 4831 -38.28 96.68 -3.38
C GLU B 4831 -39.12 95.67 -4.15
N ASP B 4832 -40.40 95.63 -3.83
CA ASP B 4832 -41.30 94.63 -4.41
C ASP B 4832 -41.53 94.93 -5.89
N PRO B 4833 -41.32 93.97 -6.78
CA PRO B 4833 -41.56 94.17 -8.23
C PRO B 4833 -43.00 93.89 -8.65
N ALA B 4834 -43.88 94.84 -8.38
CA ALA B 4834 -45.29 94.74 -8.73
C ALA B 4834 -45.63 95.85 -9.73
N GLY B 4835 -46.09 95.46 -10.91
CA GLY B 4835 -46.54 96.38 -11.93
C GLY B 4835 -45.51 96.71 -12.99
N ASP B 4836 -44.23 96.46 -12.72
CA ASP B 4836 -43.19 96.76 -13.69
C ASP B 4836 -43.25 95.78 -14.86
N GLU B 4837 -42.75 96.23 -16.02
CA GLU B 4837 -42.68 95.36 -17.18
C GLU B 4837 -41.69 94.22 -16.96
N TYR B 4838 -40.63 94.46 -16.18
CA TYR B 4838 -39.68 93.41 -15.81
C TYR B 4838 -40.15 92.74 -14.53
N GLU B 4839 -41.23 91.97 -14.65
CA GLU B 4839 -41.80 91.25 -13.52
C GLU B 4839 -41.44 89.78 -13.53
N ILE B 4840 -41.69 89.09 -14.65
CA ILE B 4840 -41.37 87.67 -14.73
C ILE B 4840 -39.86 87.46 -14.74
N TYR B 4841 -39.13 88.32 -15.45
CA TYR B 4841 -37.67 88.24 -15.43
C TYR B 4841 -37.13 88.47 -14.03
N ARG B 4842 -37.69 89.45 -13.31
CA ARG B 4842 -37.24 89.71 -11.95
C ARG B 4842 -37.56 88.54 -11.02
N ILE B 4843 -38.73 87.93 -11.18
CA ILE B 4843 -39.10 86.78 -10.36
C ILE B 4843 -38.16 85.61 -10.62
N ILE B 4844 -37.84 85.36 -11.89
CA ILE B 4844 -36.92 84.28 -12.24
C ILE B 4844 -35.54 84.57 -11.65
N PHE B 4845 -35.07 85.82 -11.77
CA PHE B 4845 -33.80 86.22 -11.17
C PHE B 4845 -33.78 85.93 -9.67
N ASP B 4846 -34.84 86.34 -8.98
CA ASP B 4846 -34.90 86.19 -7.53
C ASP B 4846 -34.90 84.72 -7.12
N ILE B 4847 -35.76 83.92 -7.76
CA ILE B 4847 -35.88 82.51 -7.39
C ILE B 4847 -34.60 81.77 -7.71
N THR B 4848 -34.02 82.02 -8.89
CA THR B 4848 -32.78 81.33 -9.27
C THR B 4848 -31.64 81.70 -8.32
N PHE B 4849 -31.50 82.99 -7.99
CA PHE B 4849 -30.51 83.40 -7.01
C PHE B 4849 -30.68 82.64 -5.71
N PHE B 4850 -31.84 82.80 -5.08
CA PHE B 4850 -32.11 82.14 -3.80
C PHE B 4850 -31.74 80.67 -3.86
N PHE B 4851 -32.42 79.92 -4.73
CA PHE B 4851 -32.24 78.49 -4.85
C PHE B 4851 -30.78 78.15 -5.05
N PHE B 4852 -30.21 78.54 -6.20
CA PHE B 4852 -28.84 78.15 -6.54
C PHE B 4852 -27.87 78.53 -5.44
N VAL B 4853 -27.62 79.84 -5.25
CA VAL B 4853 -26.50 80.20 -4.39
C VAL B 4853 -26.77 79.76 -2.94
N ILE B 4854 -27.90 80.17 -2.36
CA ILE B 4854 -28.11 79.89 -0.94
C ILE B 4854 -28.17 78.39 -0.72
N VAL B 4855 -29.19 77.72 -1.30
CA VAL B 4855 -29.40 76.32 -1.01
C VAL B 4855 -28.14 75.52 -1.36
N ILE B 4856 -27.78 75.49 -2.65
CA ILE B 4856 -26.75 74.55 -3.08
C ILE B 4856 -25.40 74.91 -2.46
N LEU B 4857 -24.96 76.16 -2.59
CA LEU B 4857 -23.58 76.46 -2.20
C LEU B 4857 -23.42 76.53 -0.68
N LEU B 4858 -24.35 77.17 0.04
CA LEU B 4858 -24.21 77.21 1.49
C LEU B 4858 -24.34 75.81 2.09
N ALA B 4859 -25.27 75.00 1.58
CA ALA B 4859 -25.39 73.64 2.07
C ALA B 4859 -24.15 72.82 1.74
N ILE B 4860 -23.53 73.08 0.58
CA ILE B 4860 -22.34 72.32 0.21
C ILE B 4860 -21.16 72.68 1.12
N ILE B 4861 -20.99 73.97 1.43
CA ILE B 4861 -19.90 74.37 2.33
C ILE B 4861 -20.11 73.80 3.72
N GLN B 4862 -21.34 73.92 4.22
CA GLN B 4862 -21.66 73.37 5.54
C GLN B 4862 -21.44 71.86 5.58
N GLY B 4863 -21.86 71.16 4.52
CA GLY B 4863 -21.66 69.73 4.46
C GLY B 4863 -20.20 69.35 4.37
N LEU B 4864 -19.40 70.15 3.67
CA LEU B 4864 -17.96 69.89 3.61
C LEU B 4864 -17.34 69.93 5.00
N ILE B 4865 -17.62 70.98 5.75
CA ILE B 4865 -17.02 71.10 7.08
C ILE B 4865 -17.54 69.99 8.01
N ILE B 4866 -18.85 69.75 8.00
CA ILE B 4866 -19.43 68.75 8.90
C ILE B 4866 -18.93 67.36 8.54
N ASP B 4867 -18.83 67.04 7.25
CA ASP B 4867 -18.34 65.74 6.84
C ASP B 4867 -16.87 65.57 7.16
N ALA B 4868 -16.07 66.64 7.09
CA ALA B 4868 -14.70 66.55 7.55
C ALA B 4868 -14.63 66.19 9.03
N PHE B 4869 -15.47 66.84 9.85
CA PHE B 4869 -15.50 66.53 11.29
C PHE B 4869 -15.91 65.09 11.52
N GLY B 4870 -16.97 64.64 10.84
CA GLY B 4870 -17.43 63.28 11.01
C GLY B 4870 -16.43 62.24 10.55
N GLU B 4871 -15.74 62.52 9.44
CA GLU B 4871 -14.71 61.62 8.94
C GLU B 4871 -13.55 61.51 9.91
N LEU B 4872 -13.13 62.64 10.50
CA LEU B 4872 -12.05 62.60 11.49
C LEU B 4872 -12.46 61.78 12.72
N ARG B 4873 -13.69 62.00 13.22
CA ARG B 4873 -14.15 61.22 14.36
C ARG B 4873 -14.24 59.74 14.03
N ASP B 4874 -14.71 59.41 12.82
CA ASP B 4874 -14.80 58.02 12.42
C ASP B 4874 -13.43 57.38 12.29
N GLN B 4875 -12.44 58.13 11.80
CA GLN B 4875 -11.08 57.61 11.73
C GLN B 4875 -10.54 57.32 13.12
N GLN B 4876 -10.78 58.21 14.07
CA GLN B 4876 -10.33 57.96 15.44
C GLN B 4876 -11.01 56.73 16.03
N GLU B 4877 -12.32 56.59 15.80
CA GLU B 4877 -13.03 55.43 16.32
C GLU B 4877 -12.54 54.13 15.68
N GLN B 4878 -12.23 54.17 14.38
CA GLN B 4878 -11.70 52.99 13.70
C GLN B 4878 -10.32 52.63 14.22
N VAL B 4879 -9.50 53.64 14.53
CA VAL B 4879 -8.18 53.38 15.12
C VAL B 4879 -8.34 52.68 16.46
N LYS B 4880 -9.26 53.18 17.30
CA LYS B 4880 -9.50 52.56 18.59
C LYS B 4880 -10.01 51.13 18.45
N GLU B 4881 -10.93 50.91 17.50
CA GLU B 4881 -11.47 49.57 17.30
C GLU B 4881 -10.41 48.61 16.80
N ASP B 4882 -9.55 49.05 15.89
CA ASP B 4882 -8.47 48.20 15.40
C ASP B 4882 -7.49 47.87 16.51
N MET B 4883 -7.21 48.83 17.39
CA MET B 4883 -6.35 48.54 18.54
C MET B 4883 -7.02 47.56 19.50
N GLU B 4884 -8.34 47.61 19.62
CA GLU B 4884 -9.05 46.76 20.57
C GLU B 4884 -9.44 45.39 20.00
N THR B 4885 -9.31 45.16 18.70
CA THR B 4885 -9.72 43.88 18.12
C THR B 4885 -8.65 43.20 17.27
N LYS B 4886 -7.52 43.86 17.02
CA LYS B 4886 -6.48 43.29 16.17
C LYS B 4886 -5.14 43.36 16.86
N CYS B 4887 -4.36 42.28 16.74
CA CYS B 4887 -2.98 42.27 17.21
C CYS B 4887 -2.16 43.27 16.39
N PHE B 4888 -1.55 44.23 17.07
CA PHE B 4888 -0.79 45.28 16.40
C PHE B 4888 0.38 44.67 15.62
N ILE B 4889 1.34 44.09 16.34
CA ILE B 4889 2.26 43.17 15.70
C ILE B 4889 1.52 41.85 15.45
N CYS B 4890 2.09 41.02 14.58
CA CYS B 4890 1.68 39.63 14.43
C CYS B 4890 0.32 39.46 13.73
N GLY B 4891 -0.42 40.57 13.58
CA GLY B 4891 -1.59 40.69 12.72
C GLY B 4891 -2.52 39.51 12.54
N ILE B 4892 -3.12 39.00 13.62
CA ILE B 4892 -4.01 37.85 13.50
C ILE B 4892 -5.47 38.29 13.60
N GLY B 4893 -5.85 38.80 14.75
CA GLY B 4893 -7.23 39.18 15.01
C GLY B 4893 -7.67 38.70 16.37
N ASN B 4894 -8.97 38.78 16.61
CA ASN B 4894 -9.56 38.47 17.91
C ASN B 4894 -10.15 37.07 18.00
N ASP B 4895 -10.78 36.58 16.92
CA ASP B 4895 -11.45 35.29 16.97
C ASP B 4895 -10.51 34.10 17.10
N TYR B 4896 -9.21 34.29 16.88
CA TYR B 4896 -8.24 33.22 16.96
C TYR B 4896 -7.72 33.00 18.39
N PHE B 4897 -7.29 34.07 19.06
CA PHE B 4897 -6.78 33.94 20.41
C PHE B 4897 -7.87 33.75 21.45
N ASP B 4898 -9.12 34.06 21.11
CA ASP B 4898 -10.22 34.03 22.07
C ASP B 4898 -10.86 32.66 22.22
N THR B 4899 -10.30 31.63 21.57
CA THR B 4899 -10.80 30.27 21.77
C THR B 4899 -10.60 29.78 23.19
N VAL B 4900 -9.63 30.34 23.91
CA VAL B 4900 -9.41 30.02 25.32
C VAL B 4900 -9.94 31.18 26.15
N PRO B 4901 -10.31 30.97 27.41
CA PRO B 4901 -10.77 32.09 28.25
C PRO B 4901 -9.66 33.11 28.46
N HIS B 4902 -10.02 34.40 28.30
CA HIS B 4902 -9.10 35.52 28.44
C HIS B 4902 -7.88 35.35 27.55
N GLY B 4903 -8.15 35.15 26.26
CA GLY B 4903 -7.08 34.87 25.31
C GLY B 4903 -6.39 36.10 24.73
N PHE B 4904 -7.17 36.99 24.10
CA PHE B 4904 -6.58 38.13 23.43
C PHE B 4904 -5.95 39.12 24.41
N GLU B 4905 -6.60 39.33 25.55
CA GLU B 4905 -6.04 40.25 26.55
C GLU B 4905 -4.70 39.74 27.08
N THR B 4906 -4.61 38.44 27.39
CA THR B 4906 -3.35 37.87 27.84
C THR B 4906 -2.31 37.89 26.73
N HIS B 4907 -2.72 37.64 25.49
CA HIS B 4907 -1.80 37.70 24.37
C HIS B 4907 -1.17 39.08 24.25
N THR B 4908 -2.00 40.13 24.23
CA THR B 4908 -1.47 41.49 24.12
C THR B 4908 -0.67 41.90 25.35
N LEU B 4909 -1.07 41.42 26.53
CA LEU B 4909 -0.39 41.86 27.76
C LEU B 4909 0.97 41.20 27.93
N GLN B 4910 1.09 39.92 27.61
CA GLN B 4910 2.33 39.18 27.89
C GLN B 4910 3.05 38.71 26.65
N GLU B 4911 2.35 38.17 25.66
CA GLU B 4911 3.03 37.47 24.57
C GLU B 4911 3.57 38.45 23.53
N HIS B 4912 2.69 39.13 22.81
CA HIS B 4912 3.08 40.12 21.81
C HIS B 4912 2.79 41.51 22.38
N ASN B 4913 3.66 41.97 23.28
CA ASN B 4913 3.51 43.28 23.88
C ASN B 4913 4.28 44.32 23.08
N LEU B 4914 4.30 45.55 23.58
CA LEU B 4914 5.01 46.68 22.97
C LEU B 4914 6.16 47.17 23.84
N ALA B 4915 5.86 47.46 25.10
CA ALA B 4915 6.90 47.84 26.05
C ALA B 4915 7.91 46.72 26.22
N ASN B 4916 7.49 45.47 26.07
CA ASN B 4916 8.44 44.36 26.13
C ASN B 4916 9.44 44.42 24.99
N TYR B 4917 8.97 44.71 23.77
CA TYR B 4917 9.88 44.87 22.64
C TYR B 4917 10.82 46.06 22.85
N LEU B 4918 10.28 47.16 23.37
CA LEU B 4918 11.12 48.30 23.72
C LEU B 4918 12.23 47.92 24.70
N PHE B 4919 11.86 47.24 25.79
CA PHE B 4919 12.84 46.89 26.80
C PHE B 4919 13.84 45.87 26.27
N PHE B 4920 13.42 45.01 25.35
CA PHE B 4920 14.36 44.06 24.74
C PHE B 4920 15.36 44.78 23.84
N LEU B 4921 14.90 45.77 23.07
CA LEU B 4921 15.84 46.55 22.26
C LEU B 4921 16.83 47.32 23.15
N MET B 4922 16.32 47.92 24.23
CA MET B 4922 17.19 48.63 25.16
C MET B 4922 18.20 47.68 25.82
N TYR B 4923 17.75 46.47 26.16
CA TYR B 4923 18.63 45.47 26.75
C TYR B 4923 19.71 45.05 25.76
N LEU B 4924 19.35 44.88 24.49
CA LEU B 4924 20.35 44.55 23.48
C LEU B 4924 21.37 45.67 23.32
N ILE B 4925 20.92 46.92 23.35
CA ILE B 4925 21.85 48.04 23.21
C ILE B 4925 22.79 48.11 24.41
N ASN B 4926 22.26 47.86 25.62
CA ASN B 4926 23.07 48.00 26.83
C ASN B 4926 24.13 46.91 26.93
N LYS B 4927 23.79 45.67 26.60
CA LYS B 4927 24.70 44.55 26.81
C LYS B 4927 25.84 44.58 25.80
N ASP B 4928 26.96 43.97 26.19
CA ASP B 4928 28.12 43.89 25.32
C ASP B 4928 27.89 42.86 24.22
N GLU B 4929 28.64 43.01 23.13
CA GLU B 4929 28.52 42.10 22.00
C GLU B 4929 29.06 40.71 22.31
N THR B 4930 29.98 40.59 23.26
CA THR B 4930 30.59 39.30 23.55
C THR B 4930 29.65 38.39 24.34
N GLU B 4931 28.72 38.96 25.11
CA GLU B 4931 27.84 38.18 25.97
C GLU B 4931 26.49 37.86 25.32
N HIS B 4932 26.31 38.20 24.05
CA HIS B 4932 25.05 37.92 23.38
C HIS B 4932 24.89 36.42 23.14
N THR B 4933 23.69 35.92 23.38
CA THR B 4933 23.37 34.52 23.09
C THR B 4933 23.14 34.38 21.59
N GLY B 4934 22.69 33.19 21.16
CA GLY B 4934 22.45 32.97 19.74
C GLY B 4934 21.32 33.83 19.21
N GLN B 4935 20.16 33.80 19.89
CA GLN B 4935 19.01 34.58 19.45
C GLN B 4935 19.30 36.08 19.55
N GLU B 4936 19.94 36.50 20.65
CA GLU B 4936 20.24 37.92 20.82
C GLU B 4936 21.23 38.40 19.77
N SER B 4937 22.24 37.61 19.46
CA SER B 4937 23.19 38.00 18.41
C SER B 4937 22.52 38.04 17.05
N TYR B 4938 21.62 37.09 16.77
CA TYR B 4938 20.91 37.11 15.50
C TYR B 4938 20.04 38.35 15.37
N VAL B 4939 19.30 38.69 16.42
CA VAL B 4939 18.45 39.87 16.40
C VAL B 4939 19.29 41.13 16.27
N TRP B 4940 20.44 41.18 16.96
CA TRP B 4940 21.32 42.32 16.87
C TRP B 4940 21.87 42.49 15.45
N LYS B 4941 22.23 41.38 14.80
CA LYS B 4941 22.72 41.45 13.43
C LYS B 4941 21.64 41.94 12.49
N MET B 4942 20.42 41.42 12.61
CA MET B 4942 19.34 41.87 11.75
C MET B 4942 19.00 43.34 11.98
N TYR B 4943 19.04 43.79 13.24
CA TYR B 4943 18.77 45.19 13.53
C TYR B 4943 19.89 46.09 13.02
N GLN B 4944 21.13 45.62 13.08
CA GLN B 4944 22.25 46.40 12.56
C GLN B 4944 22.16 46.52 11.04
N GLU B 4945 21.71 45.47 10.37
CA GLU B 4945 21.52 45.51 8.93
C GLU B 4945 20.19 46.11 8.52
N ARG B 4946 19.35 46.50 9.48
CA ARG B 4946 18.04 47.11 9.22
C ARG B 4946 17.18 46.21 8.34
N CYS B 4947 17.17 44.92 8.66
CA CYS B 4947 16.46 43.91 7.88
C CYS B 4947 15.53 43.17 8.83
N TRP B 4948 14.25 43.53 8.82
CA TRP B 4948 13.30 43.09 9.86
C TRP B 4948 12.44 41.95 9.33
N GLU B 4949 12.94 40.73 9.53
CA GLU B 4949 12.13 39.53 9.39
C GLU B 4949 11.96 38.77 10.69
N PHE B 4950 12.68 39.15 11.74
CA PHE B 4950 12.55 38.49 13.03
C PHE B 4950 11.23 38.84 13.71
N PHE B 4951 10.56 39.91 13.28
CA PHE B 4951 9.23 40.20 13.79
C PHE B 4951 8.26 39.13 13.28
N PRO B 4952 7.26 38.75 14.09
CA PRO B 4952 6.25 37.81 13.60
C PRO B 4952 5.45 38.42 12.45
N ALA B 4953 5.12 37.57 11.48
CA ALA B 4953 4.47 37.99 10.24
C ALA B 4953 3.20 37.18 10.01
N GLY B 4954 2.37 37.08 11.04
CA GLY B 4954 1.17 36.27 10.98
C GLY B 4954 1.28 34.92 11.65
N ASP B 4955 2.37 34.66 12.37
CA ASP B 4955 2.56 33.42 13.10
C ASP B 4955 2.87 33.73 14.55
N CYS B 4956 2.44 32.84 15.44
CA CYS B 4956 2.68 32.98 16.86
C CYS B 4956 3.08 31.61 17.42
N PHE B 4957 3.30 31.57 18.73
CA PHE B 4957 3.63 30.29 19.38
C PHE B 4957 2.49 29.30 19.27
N ARG B 4958 1.25 29.77 19.49
CA ARG B 4958 0.10 28.89 19.48
C ARG B 4958 -0.20 28.32 18.09
N LYS B 4959 0.31 28.96 17.03
CA LYS B 4959 0.09 28.45 15.68
C LYS B 4959 1.19 27.50 15.24
N GLN B 4960 2.45 27.92 15.34
CA GLN B 4960 3.56 27.04 14.98
C GLN B 4960 3.69 25.89 15.97
N TYR B 4961 3.95 26.21 17.24
CA TYR B 4961 4.07 25.20 18.30
C TYR B 4961 2.69 25.02 18.92
N GLU B 4962 1.84 24.26 18.24
CA GLU B 4962 0.41 24.21 18.53
C GLU B 4962 0.18 23.47 19.84
N ASP B 4963 0.42 24.19 20.94
CA ASP B 4963 0.24 23.70 22.30
C ASP B 4963 0.98 22.40 22.53
N GLN B 4964 0.26 21.29 22.61
CA GLN B 4964 0.86 19.96 22.68
C GLN B 4964 1.01 19.36 21.29
N LEU B 4965 1.64 20.12 20.39
CA LEU B 4965 1.82 19.75 18.98
C LEU B 4965 0.49 19.41 18.32
N ASN B 4966 -0.52 20.22 18.63
CA ASN B 4966 -1.90 20.04 18.12
C ASN B 4966 -2.46 18.66 18.44
N GLU C 10 -17.17 -9.43 -23.51
CA GLU C 10 -16.39 -9.42 -24.74
C GLU C 10 -17.22 -9.87 -25.93
N ILE C 11 -17.32 -9.03 -26.95
CA ILE C 11 -18.07 -9.32 -28.16
C ILE C 11 -17.16 -9.12 -29.36
N GLN C 12 -17.02 -10.16 -30.17
CA GLN C 12 -16.20 -10.13 -31.38
C GLN C 12 -17.01 -10.67 -32.55
N PHE C 13 -16.86 -10.03 -33.71
CA PHE C 13 -17.57 -10.46 -34.91
C PHE C 13 -16.67 -10.24 -36.11
N LEU C 14 -17.22 -10.47 -37.31
CA LEU C 14 -16.49 -10.35 -38.55
C LEU C 14 -17.12 -9.27 -39.42
N ARG C 15 -16.29 -8.37 -39.93
CA ARG C 15 -16.71 -7.32 -40.86
C ARG C 15 -15.93 -7.49 -42.16
N THR C 16 -16.04 -6.48 -43.03
CA THR C 16 -15.28 -6.50 -44.27
C THR C 16 -13.81 -6.19 -43.98
N ASP C 17 -12.95 -6.50 -44.96
CA ASP C 17 -11.51 -6.27 -44.87
C ASP C 17 -10.89 -7.05 -43.71
N ASP C 18 -11.38 -8.26 -43.47
CA ASP C 18 -11.08 -9.00 -42.27
C ASP C 18 -10.28 -10.27 -42.58
N GLU C 19 -10.17 -11.12 -41.57
CA GLU C 19 -9.22 -12.24 -41.59
C GLU C 19 -9.95 -13.58 -41.63
N VAL C 20 -10.91 -13.69 -42.55
CA VAL C 20 -11.71 -14.90 -42.67
C VAL C 20 -10.85 -16.04 -43.21
N VAL C 21 -11.07 -17.25 -42.67
CA VAL C 21 -10.45 -18.46 -43.19
C VAL C 21 -11.40 -19.61 -42.88
N LEU C 22 -11.40 -20.63 -43.76
CA LEU C 22 -12.49 -21.60 -43.78
C LEU C 22 -12.01 -22.93 -43.21
N GLN C 23 -12.79 -23.50 -42.30
CA GLN C 23 -12.40 -24.69 -41.57
C GLN C 23 -13.61 -25.58 -41.35
N CYS C 24 -13.42 -26.89 -41.39
CA CYS C 24 -14.52 -27.79 -41.07
C CYS C 24 -13.96 -29.13 -40.62
N THR C 25 -14.64 -29.74 -39.66
CA THR C 25 -14.24 -31.01 -39.07
C THR C 25 -15.23 -32.10 -39.49
N ALA C 26 -14.72 -33.20 -40.01
CA ALA C 26 -15.56 -34.32 -40.40
C ALA C 26 -14.80 -35.63 -40.21
N THR C 27 -15.36 -36.51 -39.38
CA THR C 27 -14.70 -37.77 -39.07
C THR C 27 -14.93 -38.74 -40.23
N ILE C 28 -13.89 -38.93 -41.05
CA ILE C 28 -13.93 -39.85 -42.18
C ILE C 28 -12.94 -40.98 -41.91
N HIS C 29 -13.41 -42.22 -42.07
CA HIS C 29 -12.62 -43.42 -41.78
C HIS C 29 -12.11 -43.42 -40.34
N LYS C 30 -13.00 -43.06 -39.40
CA LYS C 30 -12.70 -43.03 -37.97
C LYS C 30 -11.51 -42.14 -37.66
N GLU C 31 -11.43 -40.99 -38.33
CA GLU C 31 -10.38 -40.02 -38.09
C GLU C 31 -11.00 -38.63 -38.19
N GLN C 32 -10.98 -37.88 -37.08
CA GLN C 32 -11.42 -36.50 -37.10
C GLN C 32 -10.24 -35.61 -37.50
N GLN C 33 -10.48 -34.71 -38.46
CA GLN C 33 -9.45 -33.78 -38.93
C GLN C 33 -10.10 -32.46 -39.31
N LYS C 34 -9.39 -31.35 -39.09
CA LYS C 34 -9.88 -30.03 -39.47
C LYS C 34 -9.27 -29.60 -40.79
N LEU C 35 -10.06 -29.70 -41.84
CA LEU C 35 -9.57 -29.40 -43.18
C LEU C 35 -9.78 -27.92 -43.47
N CYS C 36 -8.87 -27.39 -44.28
CA CYS C 36 -8.94 -25.98 -44.66
C CYS C 36 -9.08 -25.87 -46.17
N LEU C 37 -9.82 -24.87 -46.63
CA LEU C 37 -10.02 -24.67 -48.05
C LEU C 37 -8.79 -23.98 -48.65
N ALA C 38 -8.21 -24.59 -49.69
CA ALA C 38 -7.03 -24.04 -50.34
C ALA C 38 -7.23 -23.97 -51.85
N ALA C 39 -6.67 -22.92 -52.44
CA ALA C 39 -6.75 -22.68 -53.88
C ALA C 39 -5.60 -21.77 -54.31
N GLU C 40 -5.28 -21.86 -55.59
CA GLU C 40 -4.27 -21.00 -56.21
C GLU C 40 -4.60 -20.85 -57.69
N GLY C 41 -4.66 -19.61 -58.15
CA GLY C 41 -5.10 -19.35 -59.51
C GLY C 41 -4.02 -19.51 -60.56
N PHE C 42 -2.75 -19.42 -60.17
CA PHE C 42 -1.65 -19.44 -61.13
C PHE C 42 -1.37 -20.83 -61.67
N GLY C 43 -1.78 -21.88 -60.96
CA GLY C 43 -1.48 -23.23 -61.39
C GLY C 43 -2.69 -24.06 -61.76
N ASN C 44 -3.84 -23.72 -61.20
CA ASN C 44 -5.06 -24.49 -61.41
C ASN C 44 -6.26 -23.59 -61.14
N ARG C 45 -7.45 -24.18 -61.23
CA ARG C 45 -8.69 -23.48 -60.93
C ARG C 45 -9.44 -24.10 -59.77
N LEU C 46 -9.73 -25.40 -59.86
CA LEU C 46 -10.47 -26.10 -58.81
C LEU C 46 -9.71 -26.09 -57.50
N CYS C 47 -10.45 -26.07 -56.39
CA CYS C 47 -9.85 -25.99 -55.07
C CYS C 47 -9.56 -27.39 -54.52
N PHE C 48 -8.76 -27.43 -53.46
CA PHE C 48 -8.42 -28.67 -52.78
C PHE C 48 -8.29 -28.42 -51.28
N LEU C 49 -8.77 -29.37 -50.48
CA LEU C 49 -8.65 -29.24 -49.04
C LEU C 49 -7.20 -29.42 -48.60
N GLU C 50 -6.91 -28.90 -47.41
CA GLU C 50 -5.57 -28.97 -46.81
C GLU C 50 -5.71 -29.56 -45.42
N SER C 51 -5.34 -30.83 -45.26
CA SER C 51 -5.39 -31.48 -43.96
C SER C 51 -4.36 -30.86 -43.02
N THR C 52 -4.75 -30.68 -41.76
CA THR C 52 -3.93 -29.99 -40.77
C THR C 52 -3.99 -30.80 -39.48
N SER C 53 -2.97 -31.62 -39.23
CA SER C 53 -2.91 -32.45 -38.04
C SER C 53 -2.02 -31.87 -36.95
N ASN C 54 -1.09 -30.99 -37.31
CA ASN C 54 -0.10 -30.40 -36.42
C ASN C 54 0.65 -31.48 -35.63
N SER C 55 1.48 -32.22 -36.35
CA SER C 55 2.40 -33.17 -35.72
C SER C 55 3.85 -32.67 -35.76
N LYS C 56 4.03 -31.35 -35.84
CA LYS C 56 5.33 -30.68 -35.71
C LYS C 56 6.39 -31.20 -36.68
N ASN C 57 5.97 -31.97 -37.68
CA ASN C 57 6.90 -32.61 -38.60
C ASN C 57 6.46 -32.43 -40.04
N VAL C 58 5.15 -32.28 -40.25
CA VAL C 58 4.60 -31.97 -41.57
C VAL C 58 3.80 -30.68 -41.43
N PRO C 59 4.41 -29.53 -41.66
CA PRO C 59 3.69 -28.26 -41.50
C PRO C 59 2.57 -28.12 -42.52
N PRO C 60 1.55 -27.33 -42.21
CA PRO C 60 0.52 -27.02 -43.21
C PRO C 60 0.86 -25.76 -43.98
N ASP C 61 0.04 -25.48 -44.99
CA ASP C 61 0.11 -24.23 -45.74
C ASP C 61 -1.12 -23.39 -45.46
N LEU C 62 -0.92 -22.07 -45.45
CA LEU C 62 -2.00 -21.16 -45.06
C LEU C 62 -2.19 -20.05 -46.08
N SER C 63 -1.12 -19.71 -46.82
CA SER C 63 -1.22 -18.70 -47.87
C SER C 63 -2.30 -19.04 -48.89
N ILE C 64 -2.34 -20.29 -49.36
CA ILE C 64 -3.39 -20.74 -50.27
C ILE C 64 -4.76 -20.81 -49.61
N CYS C 65 -4.82 -20.67 -48.27
CA CYS C 65 -6.08 -20.74 -47.54
C CYS C 65 -6.54 -19.41 -46.97
N THR C 66 -5.65 -18.43 -46.83
CA THR C 66 -6.03 -17.14 -46.25
C THR C 66 -6.90 -16.38 -47.25
N PHE C 67 -8.16 -16.18 -46.89
CA PHE C 67 -9.11 -15.44 -47.72
C PHE C 67 -9.35 -14.06 -47.13
N VAL C 68 -9.64 -13.10 -48.01
CA VAL C 68 -10.05 -11.76 -47.62
C VAL C 68 -11.42 -11.50 -48.20
N LEU C 69 -12.38 -11.18 -47.35
CA LEU C 69 -13.72 -10.92 -47.87
C LEU C 69 -13.89 -9.44 -48.19
N GLU C 70 -14.99 -9.12 -48.84
CA GLU C 70 -15.18 -7.80 -49.44
C GLU C 70 -16.61 -7.35 -49.15
N GLN C 71 -17.07 -6.38 -49.91
CA GLN C 71 -18.34 -5.69 -49.66
C GLN C 71 -19.49 -6.67 -49.51
N SER C 72 -20.20 -6.56 -48.39
CA SER C 72 -21.33 -7.41 -48.08
C SER C 72 -22.62 -6.62 -48.25
N LEU C 73 -23.49 -7.10 -49.13
CA LEU C 73 -24.77 -6.46 -49.42
C LEU C 73 -25.90 -7.43 -49.07
N SER C 74 -27.12 -6.90 -49.06
CA SER C 74 -28.29 -7.71 -48.81
C SER C 74 -28.72 -8.41 -50.10
N VAL C 75 -29.62 -9.38 -49.95
CA VAL C 75 -30.07 -10.15 -51.11
C VAL C 75 -30.91 -9.28 -52.05
N ARG C 76 -31.78 -8.44 -51.48
CA ARG C 76 -32.47 -7.43 -52.26
C ARG C 76 -31.55 -6.35 -52.80
N ALA C 77 -30.38 -6.13 -52.20
CA ALA C 77 -29.36 -5.35 -52.88
C ALA C 77 -28.60 -6.27 -53.81
N LEU C 78 -29.15 -6.49 -55.00
CA LEU C 78 -28.57 -7.41 -55.97
C LEU C 78 -27.64 -6.72 -56.98
N GLN C 79 -27.78 -5.40 -57.14
CA GLN C 79 -27.10 -4.65 -58.19
C GLN C 79 -27.45 -5.19 -59.57
N GLU C 80 -26.67 -4.84 -60.59
CA GLU C 80 -26.93 -5.22 -61.98
C GLU C 80 -28.34 -4.80 -62.41
N MET C 81 -28.56 -3.48 -62.38
CA MET C 81 -29.64 -2.86 -63.13
C MET C 81 -29.16 -2.64 -64.55
N LEU C 82 -29.48 -3.61 -65.42
CA LEU C 82 -28.99 -3.65 -66.80
C LEU C 82 -27.47 -3.64 -66.83
N ALA C 83 -26.88 -2.45 -66.97
CA ALA C 83 -25.43 -2.28 -67.02
C ALA C 83 -25.00 -1.65 -65.69
N ASN C 84 -24.19 -2.38 -64.93
CA ASN C 84 -23.70 -1.94 -63.62
C ASN C 84 -24.84 -1.55 -62.68
N MET C 102 -17.60 1.20 -64.04
CA MET C 102 -16.83 0.15 -63.37
C MET C 102 -17.51 -0.30 -62.09
N LYS C 103 -16.80 -0.20 -60.96
CA LYS C 103 -17.38 -0.59 -59.69
C LYS C 103 -18.32 0.48 -59.17
N THR C 104 -17.79 1.67 -58.87
CA THR C 104 -18.53 2.78 -58.25
C THR C 104 -19.29 2.30 -57.02
N ALA C 105 -18.54 1.87 -56.01
CA ALA C 105 -19.14 1.33 -54.81
C ALA C 105 -19.76 2.45 -53.97
N GLN C 106 -20.90 2.14 -53.35
CA GLN C 106 -21.64 3.09 -52.54
C GLN C 106 -21.63 2.70 -51.06
N GLY C 107 -20.49 2.21 -50.57
CA GLY C 107 -20.38 1.78 -49.19
C GLY C 107 -19.16 2.31 -48.48
N GLY C 108 -19.35 2.76 -47.24
CA GLY C 108 -18.21 3.24 -46.47
C GLY C 108 -17.24 2.14 -46.09
N GLY C 109 -17.75 0.97 -45.74
CA GLY C 109 -16.94 -0.17 -45.39
C GLY C 109 -17.00 -0.49 -43.91
N HIS C 110 -16.32 -1.60 -43.56
CA HIS C 110 -16.26 -2.11 -42.19
C HIS C 110 -17.64 -2.43 -41.62
N ARG C 111 -18.59 -2.76 -42.50
CA ARG C 111 -19.91 -3.17 -42.06
C ARG C 111 -19.85 -4.63 -41.60
N THR C 112 -20.43 -4.91 -40.44
CA THR C 112 -20.37 -6.26 -39.90
C THR C 112 -21.35 -7.14 -40.67
N LEU C 113 -20.89 -8.35 -40.99
CA LEU C 113 -21.66 -9.24 -41.86
C LEU C 113 -22.77 -9.90 -41.06
N LEU C 114 -24.02 -9.71 -41.49
CA LEU C 114 -25.17 -10.29 -40.83
C LEU C 114 -25.67 -11.51 -41.61
N TYR C 115 -26.28 -12.45 -40.88
CA TYR C 115 -26.80 -13.68 -41.47
C TYR C 115 -27.77 -13.34 -42.59
N GLY C 116 -27.50 -13.86 -43.79
CA GLY C 116 -28.32 -13.60 -44.96
C GLY C 116 -27.74 -12.58 -45.91
N HIS C 117 -26.69 -11.87 -45.53
CA HIS C 117 -26.07 -10.89 -46.41
C HIS C 117 -25.28 -11.60 -47.51
N ALA C 118 -25.38 -11.08 -48.73
CA ALA C 118 -24.59 -11.63 -49.82
C ALA C 118 -23.14 -11.17 -49.69
N ILE C 119 -22.21 -12.13 -49.74
CA ILE C 119 -20.81 -11.86 -49.43
C ILE C 119 -19.98 -12.16 -50.66
N LEU C 120 -18.79 -11.56 -50.70
CA LEU C 120 -17.80 -11.77 -51.75
C LEU C 120 -16.48 -12.16 -51.12
N LEU C 121 -15.87 -13.22 -51.61
CA LEU C 121 -14.60 -13.71 -51.12
C LEU C 121 -13.51 -13.43 -52.14
N ARG C 122 -12.34 -12.99 -51.64
CA ARG C 122 -11.20 -12.70 -52.49
C ARG C 122 -9.96 -13.37 -51.90
N HIS C 123 -9.13 -13.94 -52.76
CA HIS C 123 -7.93 -14.63 -52.31
C HIS C 123 -6.84 -13.61 -51.99
N SER C 124 -6.26 -13.74 -50.79
CA SER C 124 -5.19 -12.82 -50.39
C SER C 124 -3.91 -13.03 -51.19
N TYR C 125 -3.74 -14.19 -51.81
CA TYR C 125 -2.55 -14.46 -52.61
C TYR C 125 -2.86 -14.49 -54.11
N SER C 126 -3.83 -15.31 -54.52
CA SER C 126 -4.10 -15.48 -55.94
C SER C 126 -4.78 -14.28 -56.57
N GLY C 127 -5.32 -13.37 -55.75
CA GLY C 127 -5.94 -12.15 -56.24
C GLY C 127 -7.30 -12.33 -56.86
N MET C 128 -7.81 -13.55 -56.94
CA MET C 128 -9.06 -13.85 -57.61
C MET C 128 -10.17 -14.01 -56.58
N TYR C 129 -11.35 -14.42 -57.05
CA TYR C 129 -12.53 -14.57 -56.21
C TYR C 129 -13.05 -16.00 -56.30
N LEU C 130 -13.36 -16.58 -55.15
CA LEU C 130 -13.92 -17.93 -55.13
C LEU C 130 -15.34 -17.90 -55.69
N CYS C 131 -15.63 -18.80 -56.61
CA CYS C 131 -16.90 -18.78 -57.33
C CYS C 131 -17.36 -20.19 -57.61
N CYS C 132 -18.61 -20.30 -58.07
CA CYS C 132 -19.18 -21.56 -58.53
C CYS C 132 -19.09 -21.59 -60.05
N LEU C 133 -18.21 -22.44 -60.57
CA LEU C 133 -17.99 -22.51 -62.00
C LEU C 133 -19.20 -23.08 -62.73
N SER C 134 -19.43 -22.58 -63.95
CA SER C 134 -20.51 -23.05 -64.78
C SER C 134 -20.26 -24.43 -65.37
N THR C 135 -19.05 -24.96 -65.21
CA THR C 135 -18.71 -26.28 -65.74
C THR C 135 -19.29 -27.35 -64.82
N SER C 136 -18.88 -28.61 -65.03
CA SER C 136 -19.46 -29.74 -64.35
C SER C 136 -18.37 -30.78 -64.13
N ARG C 137 -18.77 -32.03 -63.88
CA ARG C 137 -17.88 -33.17 -63.70
C ARG C 137 -17.04 -32.99 -62.44
N SER C 138 -15.79 -32.54 -62.58
CA SER C 138 -14.83 -32.43 -61.48
C SER C 138 -14.70 -33.76 -60.74
N SER C 139 -14.63 -34.85 -61.51
CA SER C 139 -14.54 -36.22 -60.99
C SER C 139 -15.72 -36.57 -60.10
N THR C 140 -16.90 -36.02 -60.41
CA THR C 140 -18.13 -36.32 -59.68
C THR C 140 -19.20 -36.75 -60.67
N ASP C 141 -20.14 -37.56 -60.19
CA ASP C 141 -21.26 -38.07 -60.99
C ASP C 141 -22.56 -37.69 -60.30
N LYS C 142 -23.04 -36.49 -60.57
CA LYS C 142 -24.28 -35.96 -59.99
C LYS C 142 -24.68 -34.73 -60.80
N LEU C 143 -25.67 -33.99 -60.27
CA LEU C 143 -26.09 -32.73 -60.84
C LEU C 143 -25.30 -31.55 -60.28
N ALA C 144 -24.30 -31.81 -59.46
CA ALA C 144 -23.56 -30.76 -58.78
C ALA C 144 -22.63 -30.03 -59.75
N PHE C 145 -22.08 -28.91 -59.27
CA PHE C 145 -21.14 -28.09 -60.01
C PHE C 145 -19.77 -28.17 -59.33
N ASP C 146 -18.82 -27.36 -59.82
CA ASP C 146 -17.48 -27.33 -59.29
C ASP C 146 -17.11 -25.93 -58.85
N VAL C 147 -16.26 -25.84 -57.83
CA VAL C 147 -15.82 -24.58 -57.26
C VAL C 147 -14.48 -24.20 -57.87
N GLY C 148 -14.28 -22.89 -58.05
CA GLY C 148 -13.03 -22.42 -58.60
C GLY C 148 -12.88 -20.93 -58.43
N LEU C 149 -11.82 -20.40 -59.02
CA LEU C 149 -11.48 -18.98 -58.91
C LEU C 149 -11.54 -18.32 -60.29
N GLN C 150 -11.89 -17.04 -60.31
CA GLN C 150 -11.93 -16.26 -61.54
C GLN C 150 -11.76 -14.79 -61.17
N GLU C 151 -11.63 -13.95 -62.19
CA GLU C 151 -11.31 -12.54 -62.01
C GLU C 151 -12.54 -11.64 -62.13
N ASP C 152 -13.38 -11.85 -63.14
CA ASP C 152 -14.54 -10.99 -63.33
C ASP C 152 -15.55 -11.17 -62.22
N THR C 153 -16.07 -10.06 -61.70
CA THR C 153 -17.05 -10.07 -60.62
C THR C 153 -18.47 -9.82 -61.10
N THR C 154 -18.64 -9.57 -62.40
CA THR C 154 -19.97 -9.30 -62.94
C THR C 154 -20.83 -10.56 -62.91
N GLY C 155 -22.14 -10.34 -63.00
CA GLY C 155 -23.09 -11.44 -62.96
C GLY C 155 -23.47 -11.84 -61.55
N GLU C 156 -24.45 -12.74 -61.47
CA GLU C 156 -24.91 -13.23 -60.17
C GLU C 156 -23.88 -14.09 -59.47
N ALA C 157 -22.87 -14.59 -60.19
CA ALA C 157 -21.82 -15.38 -59.57
C ALA C 157 -20.95 -14.49 -58.69
N CYS C 158 -19.92 -15.10 -58.10
CA CYS C 158 -18.95 -14.48 -57.19
C CYS C 158 -19.58 -14.01 -55.88
N TRP C 159 -20.83 -14.37 -55.62
CA TRP C 159 -21.54 -13.93 -54.42
C TRP C 159 -21.99 -15.14 -53.63
N TRP C 160 -21.89 -15.04 -52.30
CA TRP C 160 -22.28 -16.11 -51.40
C TRP C 160 -23.13 -15.54 -50.27
N THR C 161 -24.16 -16.28 -49.89
CA THR C 161 -25.07 -15.88 -48.81
C THR C 161 -24.83 -16.79 -47.62
N ILE C 162 -24.67 -16.18 -46.44
CA ILE C 162 -24.42 -16.93 -45.21
C ILE C 162 -25.74 -17.21 -44.52
N HIS C 163 -25.99 -18.48 -44.21
CA HIS C 163 -27.18 -18.88 -43.48
C HIS C 163 -26.80 -19.62 -42.21
N PRO C 164 -27.47 -19.35 -41.09
CA PRO C 164 -27.05 -19.95 -39.82
C PRO C 164 -27.50 -21.39 -39.72
N ALA C 165 -26.55 -22.28 -39.39
CA ALA C 165 -26.89 -23.69 -39.20
C ALA C 165 -27.64 -23.90 -37.90
N SER C 166 -27.30 -23.14 -36.86
CA SER C 166 -27.93 -23.27 -35.56
C SER C 166 -29.12 -22.32 -35.44
N LYS C 167 -30.12 -22.77 -34.69
CA LYS C 167 -31.30 -21.96 -34.44
C LYS C 167 -31.09 -20.95 -33.32
N GLN C 168 -29.93 -20.98 -32.66
CA GLN C 168 -29.66 -20.03 -31.58
C GLN C 168 -29.48 -18.61 -32.10
N ARG C 169 -28.89 -18.47 -33.29
CA ARG C 169 -28.62 -17.14 -33.83
C ARG C 169 -29.71 -16.66 -34.78
N SER C 170 -30.20 -17.54 -35.65
CA SER C 170 -31.22 -17.24 -36.65
C SER C 170 -30.77 -16.11 -37.58
N GLU C 171 -31.72 -15.53 -38.31
CA GLU C 171 -31.40 -14.52 -39.31
C GLU C 171 -31.19 -13.15 -38.66
N GLY C 172 -30.29 -12.37 -39.24
CA GLY C 172 -30.07 -11.01 -38.81
C GLY C 172 -29.39 -10.86 -37.46
N GLU C 173 -28.15 -11.34 -37.36
CA GLU C 173 -27.37 -11.21 -36.14
C GLU C 173 -25.91 -10.98 -36.49
N LYS C 174 -25.20 -10.33 -35.58
CA LYS C 174 -23.76 -10.13 -35.73
C LYS C 174 -23.06 -11.48 -35.61
N VAL C 175 -22.50 -11.96 -36.71
CA VAL C 175 -21.90 -13.30 -36.75
C VAL C 175 -20.60 -13.26 -35.96
N ARG C 176 -20.59 -13.92 -34.81
CA ARG C 176 -19.42 -13.96 -33.95
C ARG C 176 -18.45 -15.04 -34.43
N VAL C 177 -17.30 -15.12 -33.77
CA VAL C 177 -16.30 -16.12 -34.12
C VAL C 177 -16.67 -17.47 -33.52
N GLY C 178 -16.16 -18.53 -34.12
CA GLY C 178 -16.41 -19.88 -33.64
C GLY C 178 -17.77 -20.44 -33.93
N ASP C 179 -18.58 -19.76 -34.75
CA ASP C 179 -19.91 -20.23 -35.07
C ASP C 179 -19.87 -21.18 -36.26
N ASP C 180 -21.05 -21.66 -36.66
CA ASP C 180 -21.19 -22.53 -37.82
C ASP C 180 -22.04 -21.82 -38.86
N LEU C 181 -21.55 -21.81 -40.10
CA LEU C 181 -22.22 -21.10 -41.19
C LEU C 181 -22.43 -22.05 -42.36
N ILE C 182 -23.49 -21.79 -43.12
CA ILE C 182 -23.82 -22.53 -44.32
C ILE C 182 -23.85 -21.54 -45.48
N LEU C 183 -23.12 -21.87 -46.55
CA LEU C 183 -23.00 -20.99 -47.71
C LEU C 183 -23.81 -21.56 -48.86
N VAL C 184 -24.78 -20.78 -49.35
CA VAL C 184 -25.67 -21.21 -50.41
C VAL C 184 -26.08 -20.01 -51.27
N SER C 185 -25.71 -20.04 -52.55
CA SER C 185 -25.90 -18.90 -53.45
C SER C 185 -25.65 -19.35 -54.88
N VAL C 186 -25.46 -18.35 -55.76
CA VAL C 186 -25.12 -18.51 -57.18
C VAL C 186 -26.28 -19.18 -57.91
N SER C 187 -26.01 -20.25 -58.65
CA SER C 187 -26.94 -20.73 -59.67
C SER C 187 -27.46 -22.14 -59.43
N SER C 188 -27.18 -22.74 -58.27
CA SER C 188 -27.72 -24.06 -57.97
C SER C 188 -28.14 -24.25 -56.53
N GLU C 189 -28.12 -23.19 -55.71
CA GLU C 189 -28.35 -23.29 -54.26
C GLU C 189 -27.46 -24.36 -53.63
N ARG C 190 -26.21 -24.44 -54.10
CA ARG C 190 -25.32 -25.50 -53.68
C ARG C 190 -24.74 -25.17 -52.30
N TYR C 191 -24.03 -26.14 -51.74
CA TYR C 191 -23.35 -25.99 -50.47
C TYR C 191 -21.92 -26.47 -50.60
N LEU C 192 -21.05 -25.93 -49.75
CA LEU C 192 -19.63 -26.30 -49.74
C LEU C 192 -19.54 -27.68 -49.09
N HIS C 193 -19.90 -28.70 -49.87
CA HIS C 193 -20.03 -30.06 -49.37
C HIS C 193 -18.69 -30.80 -49.44
N LEU C 194 -18.41 -31.58 -48.40
CA LEU C 194 -17.19 -32.40 -48.35
C LEU C 194 -17.53 -33.77 -48.92
N SER C 195 -17.22 -33.97 -50.20
CA SER C 195 -17.46 -35.25 -50.87
C SER C 195 -16.28 -36.17 -50.58
N TYR C 196 -16.47 -37.10 -49.63
CA TYR C 196 -15.43 -38.05 -49.26
C TYR C 196 -15.41 -39.27 -50.17
N GLY C 197 -16.33 -39.36 -51.13
CA GLY C 197 -16.39 -40.53 -52.01
C GLY C 197 -15.32 -40.57 -53.08
N ASN C 198 -14.61 -39.48 -53.31
CA ASN C 198 -13.54 -39.44 -54.31
C ASN C 198 -12.19 -39.81 -53.69
N SER C 199 -12.17 -40.93 -52.95
CA SER C 199 -10.98 -41.50 -52.32
C SER C 199 -10.37 -40.58 -51.26
N SER C 200 -10.97 -39.42 -51.04
CA SER C 200 -10.49 -38.41 -50.09
C SER C 200 -11.54 -37.32 -50.03
N TRP C 201 -11.27 -36.31 -49.21
CA TRP C 201 -12.14 -35.15 -49.15
C TRP C 201 -12.09 -34.37 -50.46
N HIS C 202 -13.25 -33.86 -50.89
CA HIS C 202 -13.36 -33.15 -52.15
C HIS C 202 -14.51 -32.17 -52.06
N VAL C 203 -14.21 -30.88 -52.23
CA VAL C 203 -15.24 -29.85 -52.20
C VAL C 203 -15.86 -29.73 -53.59
N ASP C 204 -17.19 -29.83 -53.64
CA ASP C 204 -17.93 -29.65 -54.88
C ASP C 204 -19.24 -28.96 -54.53
N ALA C 205 -19.88 -28.39 -55.55
CA ALA C 205 -21.12 -27.63 -55.38
C ALA C 205 -22.32 -28.57 -55.30
N ALA C 206 -22.30 -29.44 -54.29
CA ALA C 206 -23.36 -30.42 -54.09
C ALA C 206 -24.58 -29.76 -53.45
N PHE C 207 -25.68 -30.52 -53.44
CA PHE C 207 -26.96 -30.04 -52.94
C PHE C 207 -27.23 -30.44 -51.49
N GLN C 208 -26.28 -31.10 -50.83
CA GLN C 208 -26.41 -31.48 -49.43
C GLN C 208 -25.58 -30.53 -48.58
N GLN C 209 -26.22 -29.92 -47.58
CA GLN C 209 -25.55 -28.95 -46.73
C GLN C 209 -24.47 -29.62 -45.88
N THR C 210 -23.44 -28.85 -45.55
CA THR C 210 -22.32 -29.34 -44.75
C THR C 210 -21.85 -28.23 -43.83
N LEU C 211 -21.48 -28.60 -42.60
CA LEU C 211 -20.98 -27.64 -41.62
C LEU C 211 -19.72 -26.98 -42.14
N TRP C 212 -19.56 -25.69 -41.82
CA TRP C 212 -18.37 -24.94 -42.21
C TRP C 212 -18.16 -23.83 -41.19
N SER C 213 -17.12 -23.97 -40.38
CA SER C 213 -16.80 -22.98 -39.35
C SER C 213 -15.94 -21.86 -39.93
N VAL C 214 -15.68 -20.84 -39.13
CA VAL C 214 -14.86 -19.71 -39.52
C VAL C 214 -13.88 -19.43 -38.40
N ALA C 215 -12.73 -18.87 -38.75
CA ALA C 215 -11.70 -18.50 -37.79
C ALA C 215 -11.06 -17.20 -38.20
N PRO C 216 -10.56 -16.42 -37.25
CA PRO C 216 -9.75 -15.24 -37.60
C PRO C 216 -8.30 -15.62 -37.81
N ILE C 217 -7.77 -15.41 -39.02
CA ILE C 217 -6.44 -15.94 -39.32
C ILE C 217 -5.34 -15.01 -38.82
N SER C 218 -5.30 -13.77 -39.30
CA SER C 218 -4.19 -12.89 -38.96
C SER C 218 -4.62 -11.66 -38.17
N SER C 219 -5.36 -10.73 -38.77
CA SER C 219 -5.74 -9.45 -38.17
C SER C 219 -6.58 -8.70 -39.19
N GLY C 220 -7.22 -7.63 -38.73
CA GLY C 220 -7.96 -6.76 -39.60
C GLY C 220 -7.91 -5.31 -39.19
N SER C 221 -7.05 -4.98 -38.23
CA SER C 221 -7.01 -3.64 -37.65
C SER C 221 -5.70 -2.92 -37.88
N GLU C 222 -4.57 -3.52 -37.53
CA GLU C 222 -3.29 -2.83 -37.52
C GLU C 222 -2.52 -3.07 -38.81
N ALA C 223 -1.82 -2.03 -39.26
CA ALA C 223 -0.94 -2.12 -40.42
C ALA C 223 0.43 -2.62 -39.95
N ALA C 224 1.45 -2.50 -40.81
CA ALA C 224 2.79 -2.92 -40.47
C ALA C 224 3.32 -2.11 -39.28
N GLN C 225 3.54 -0.81 -39.49
CA GLN C 225 3.89 0.14 -38.42
C GLN C 225 5.09 -0.33 -37.59
N GLY C 226 6.04 -1.02 -38.22
CA GLY C 226 7.15 -1.59 -37.51
C GLY C 226 6.75 -2.66 -36.52
N TYR C 227 5.88 -3.57 -36.96
CA TYR C 227 5.40 -4.67 -36.12
C TYR C 227 5.37 -5.94 -36.97
N LEU C 228 6.27 -6.88 -36.68
CA LEU C 228 6.33 -8.12 -37.44
C LEU C 228 5.06 -8.93 -37.23
N ILE C 229 4.33 -9.15 -38.32
CA ILE C 229 3.08 -9.90 -38.26
C ILE C 229 3.38 -11.38 -38.51
N GLY C 230 2.46 -12.24 -38.09
CA GLY C 230 2.63 -13.66 -38.29
C GLY C 230 2.29 -14.09 -39.71
N GLY C 231 3.32 -14.39 -40.49
CA GLY C 231 3.13 -14.79 -41.87
C GLY C 231 3.40 -13.66 -42.83
N ASP C 232 4.61 -13.62 -43.38
CA ASP C 232 5.05 -12.57 -44.28
C ASP C 232 6.43 -12.95 -44.80
N VAL C 233 6.81 -12.31 -45.90
CA VAL C 233 8.14 -12.50 -46.48
C VAL C 233 9.06 -11.44 -45.89
N LEU C 234 10.19 -11.89 -45.33
CA LEU C 234 11.12 -10.98 -44.66
C LEU C 234 12.55 -11.40 -44.95
N ARG C 235 13.47 -10.47 -44.68
CA ARG C 235 14.89 -10.68 -44.88
C ARG C 235 15.56 -11.09 -43.57
N LEU C 236 16.81 -11.54 -43.68
CA LEU C 236 17.60 -12.02 -42.55
C LEU C 236 19.01 -11.45 -42.61
N LEU C 237 19.11 -10.14 -42.78
CA LEU C 237 20.41 -9.49 -42.83
C LEU C 237 21.10 -9.57 -41.47
N HIS C 238 22.38 -9.92 -41.47
CA HIS C 238 23.16 -10.09 -40.25
C HIS C 238 24.05 -8.90 -39.96
N GLY C 239 24.93 -8.55 -40.88
CA GLY C 239 25.83 -7.44 -40.71
C GLY C 239 25.26 -6.08 -41.03
N HIS C 240 23.95 -5.99 -41.23
CA HIS C 240 23.18 -4.79 -41.54
C HIS C 240 23.49 -4.22 -42.91
N MET C 241 24.44 -4.80 -43.66
CA MET C 241 24.73 -4.32 -45.01
C MET C 241 24.80 -5.48 -45.99
N ASP C 242 25.21 -6.65 -45.51
CA ASP C 242 25.47 -7.80 -46.37
C ASP C 242 25.39 -9.07 -45.52
N GLU C 243 25.95 -10.16 -46.03
CA GLU C 243 26.07 -11.47 -45.37
C GLU C 243 24.75 -11.93 -44.73
N CYS C 244 23.72 -12.01 -45.56
CA CYS C 244 22.46 -12.64 -45.16
C CYS C 244 22.47 -14.12 -45.54
N LEU C 245 21.59 -14.88 -44.91
CA LEU C 245 21.49 -16.30 -45.20
C LEU C 245 20.99 -16.52 -46.63
N THR C 246 21.67 -17.41 -47.36
CA THR C 246 21.42 -17.59 -48.78
C THR C 246 21.42 -19.07 -49.13
N VAL C 247 20.51 -19.47 -50.01
CA VAL C 247 20.44 -20.83 -50.54
C VAL C 247 21.02 -20.80 -51.94
N PRO C 248 21.88 -21.75 -52.31
CA PRO C 248 22.50 -21.73 -53.64
C PRO C 248 21.48 -21.99 -54.74
N SER C 249 21.85 -21.54 -55.94
CA SER C 249 20.98 -21.66 -57.12
C SER C 249 21.88 -21.87 -58.33
N GLY C 250 21.32 -21.67 -59.53
CA GLY C 250 22.05 -21.93 -60.75
C GLY C 250 22.31 -23.41 -60.95
N GLU C 251 21.24 -24.21 -60.80
CA GLU C 251 21.22 -25.68 -60.85
C GLU C 251 21.90 -26.30 -59.64
N HIS C 252 22.52 -25.52 -58.76
CA HIS C 252 23.01 -26.07 -57.49
C HIS C 252 21.85 -26.38 -56.56
N GLY C 253 20.82 -25.55 -56.56
CA GLY C 253 19.61 -25.85 -55.82
C GLY C 253 18.83 -26.99 -56.45
N GLU C 254 18.01 -27.64 -55.62
CA GLU C 254 17.17 -28.79 -55.94
C GLU C 254 18.00 -30.04 -56.26
N GLU C 255 19.32 -29.96 -56.28
CA GLU C 255 20.20 -31.12 -56.39
C GLU C 255 20.94 -31.36 -55.09
N GLN C 256 21.67 -30.35 -54.60
CA GLN C 256 22.15 -30.38 -53.21
C GLN C 256 21.06 -29.90 -52.27
N ARG C 257 20.66 -28.62 -52.42
CA ARG C 257 19.53 -28.01 -51.72
C ARG C 257 19.65 -28.12 -50.20
N ARG C 258 20.87 -28.14 -49.68
CA ARG C 258 21.09 -28.24 -48.24
C ARG C 258 21.94 -27.12 -47.69
N THR C 259 22.92 -26.63 -48.45
CA THR C 259 23.85 -25.62 -47.95
C THR C 259 23.11 -24.32 -47.66
N VAL C 260 23.40 -23.73 -46.50
CA VAL C 260 22.87 -22.42 -46.14
C VAL C 260 24.01 -21.42 -46.17
N HIS C 261 24.22 -20.78 -47.31
CA HIS C 261 25.32 -19.84 -47.47
C HIS C 261 25.05 -18.57 -46.68
N TYR C 262 26.04 -18.15 -45.89
CA TYR C 262 25.95 -16.90 -45.14
C TYR C 262 26.55 -15.75 -45.95
N GLU C 263 26.11 -15.61 -47.20
CA GLU C 263 26.72 -14.72 -48.17
C GLU C 263 25.72 -13.67 -48.62
N GLY C 264 26.16 -12.42 -48.66
CA GLY C 264 25.37 -11.30 -49.15
C GLY C 264 25.78 -10.89 -50.54
N GLY C 265 25.68 -9.58 -50.80
CA GLY C 265 26.04 -9.03 -52.10
C GLY C 265 24.85 -8.67 -52.96
N ALA C 266 24.92 -9.00 -54.24
CA ALA C 266 23.82 -8.72 -55.16
C ALA C 266 22.59 -9.57 -54.87
N VAL C 267 22.75 -10.68 -54.13
CA VAL C 267 21.62 -11.51 -53.74
C VAL C 267 20.66 -10.75 -52.82
N SER C 268 21.17 -9.76 -52.07
CA SER C 268 20.38 -9.06 -51.08
C SER C 268 19.18 -8.35 -51.71
N VAL C 269 19.45 -7.35 -52.57
CA VAL C 269 18.35 -6.58 -53.13
C VAL C 269 17.62 -7.36 -54.22
N HIS C 270 18.31 -8.23 -54.96
CA HIS C 270 17.65 -9.19 -55.84
C HIS C 270 17.32 -10.43 -54.99
N ALA C 271 16.30 -10.26 -54.15
CA ALA C 271 16.14 -11.04 -52.92
C ALA C 271 15.68 -12.46 -53.24
N ARG C 272 16.63 -13.30 -53.65
CA ARG C 272 16.43 -14.73 -53.53
C ARG C 272 16.41 -15.14 -52.06
N SER C 273 17.22 -14.48 -51.24
CA SER C 273 17.30 -14.75 -49.80
C SER C 273 16.06 -14.15 -49.13
N LEU C 274 14.97 -14.91 -49.19
CA LEU C 274 13.72 -14.52 -48.55
C LEU C 274 13.10 -15.74 -47.90
N TRP C 275 12.64 -15.56 -46.66
CA TRP C 275 12.03 -16.64 -45.89
C TRP C 275 10.67 -16.20 -45.38
N ARG C 276 9.67 -17.05 -45.58
CA ARG C 276 8.32 -16.81 -45.09
C ARG C 276 8.10 -17.64 -43.83
N LEU C 277 7.64 -16.99 -42.77
CA LEU C 277 7.45 -17.64 -41.48
C LEU C 277 5.99 -18.03 -41.27
N GLU C 278 5.79 -19.16 -40.61
CA GLU C 278 4.45 -19.65 -40.27
C GLU C 278 4.40 -19.94 -38.77
N THR C 279 3.21 -19.76 -38.20
CA THR C 279 3.00 -19.96 -36.77
C THR C 279 2.26 -21.27 -36.54
N LEU C 280 2.51 -21.88 -35.38
CA LEU C 280 1.85 -23.13 -35.04
C LEU C 280 0.35 -22.92 -34.83
N ARG C 281 -0.03 -21.82 -34.19
CA ARG C 281 -1.44 -21.52 -33.96
C ARG C 281 -2.12 -21.14 -35.28
N VAL C 282 -3.39 -21.53 -35.41
CA VAL C 282 -4.16 -21.24 -36.60
C VAL C 282 -5.01 -20.00 -36.37
N ALA C 283 -5.83 -20.02 -35.31
CA ALA C 283 -6.63 -18.86 -34.97
C ALA C 283 -5.73 -17.73 -34.48
N TRP C 284 -5.92 -16.54 -35.05
CA TRP C 284 -5.06 -15.38 -34.79
C TRP C 284 -3.60 -15.72 -35.03
N SER C 285 -3.34 -16.41 -36.14
CA SER C 285 -1.98 -16.79 -36.50
C SER C 285 -1.11 -15.56 -36.76
N GLY C 286 -1.65 -14.57 -37.45
CA GLY C 286 -0.89 -13.37 -37.76
C GLY C 286 -0.96 -12.32 -36.66
N SER C 287 -0.48 -12.67 -35.47
CA SER C 287 -0.41 -11.73 -34.38
C SER C 287 0.79 -10.80 -34.55
N HIS C 288 0.87 -9.80 -33.67
CA HIS C 288 1.99 -8.87 -33.70
C HIS C 288 3.29 -9.51 -33.23
N ILE C 289 3.23 -10.73 -32.67
CA ILE C 289 4.38 -11.53 -32.27
C ILE C 289 5.12 -10.88 -31.11
N ARG C 290 5.11 -11.57 -29.96
CA ARG C 290 5.84 -11.09 -28.79
C ARG C 290 7.35 -11.27 -29.02
N TRP C 291 8.14 -10.93 -27.99
CA TRP C 291 9.58 -11.06 -28.12
C TRP C 291 10.03 -12.51 -28.20
N GLY C 292 9.21 -13.46 -27.76
CA GLY C 292 9.55 -14.86 -27.89
C GLY C 292 8.36 -15.77 -28.14
N GLN C 293 8.40 -16.49 -29.27
CA GLN C 293 7.39 -17.47 -29.65
C GLN C 293 7.91 -18.28 -30.84
N PRO C 294 7.61 -19.58 -30.90
CA PRO C 294 8.11 -20.39 -32.02
C PRO C 294 7.41 -20.05 -33.33
N PHE C 295 8.15 -20.24 -34.42
CA PHE C 295 7.58 -20.07 -35.76
C PHE C 295 8.41 -20.87 -36.76
N ARG C 296 7.73 -21.65 -37.59
CA ARG C 296 8.41 -22.42 -38.62
C ARG C 296 8.82 -21.52 -39.78
N LEU C 297 9.90 -21.88 -40.45
CA LEU C 297 10.48 -21.08 -41.52
C LEU C 297 10.61 -21.92 -42.78
N ARG C 298 10.16 -21.36 -43.91
CA ARG C 298 10.24 -22.03 -45.20
C ARG C 298 10.79 -21.03 -46.22
N HIS C 299 11.74 -21.48 -47.03
CA HIS C 299 12.28 -20.63 -48.09
C HIS C 299 11.22 -20.38 -49.16
N VAL C 300 11.21 -19.16 -49.70
CA VAL C 300 10.19 -18.78 -50.66
C VAL C 300 10.40 -19.44 -52.02
N THR C 301 11.63 -19.86 -52.33
CA THR C 301 11.92 -20.49 -53.61
C THR C 301 12.09 -22.00 -53.53
N THR C 302 12.54 -22.52 -52.39
CA THR C 302 12.73 -23.95 -52.19
C THR C 302 11.83 -24.42 -51.05
N GLY C 303 11.23 -25.59 -51.25
CA GLY C 303 10.32 -26.15 -50.26
C GLY C 303 10.99 -26.74 -49.04
N LYS C 304 12.32 -26.69 -48.97
CA LYS C 304 13.06 -27.23 -47.85
C LYS C 304 12.83 -26.36 -46.62
N TYR C 305 12.11 -26.89 -45.63
CA TYR C 305 11.90 -26.16 -44.40
C TYR C 305 13.20 -26.04 -43.62
N LEU C 306 13.38 -24.89 -42.96
CA LEU C 306 14.57 -24.67 -42.15
C LEU C 306 14.49 -25.53 -40.90
N SER C 307 15.40 -26.50 -40.78
CA SER C 307 15.47 -27.38 -39.64
C SER C 307 16.91 -27.51 -39.18
N LEU C 308 17.10 -27.73 -37.89
CA LEU C 308 18.43 -27.79 -37.29
C LEU C 308 18.88 -29.24 -37.12
N MET C 309 20.18 -29.46 -37.32
CA MET C 309 20.79 -30.76 -37.14
C MET C 309 21.45 -30.84 -35.77
N GLU C 310 22.04 -32.01 -35.47
CA GLU C 310 22.66 -32.22 -34.16
C GLU C 310 24.00 -31.51 -34.01
N ASP C 311 24.59 -31.03 -35.11
CA ASP C 311 25.90 -30.39 -35.08
C ASP C 311 25.81 -28.88 -35.01
N LYS C 312 24.76 -28.33 -34.40
CA LYS C 312 24.54 -26.89 -34.24
C LYS C 312 24.48 -26.15 -35.57
N ASN C 313 24.11 -26.85 -36.64
CA ASN C 313 23.96 -26.25 -37.96
C ASN C 313 22.62 -26.66 -38.55
N LEU C 314 22.14 -25.87 -39.50
CA LEU C 314 20.80 -26.09 -40.05
C LEU C 314 20.82 -27.09 -41.20
N LEU C 315 21.50 -26.74 -42.29
CA LEU C 315 21.61 -27.56 -43.50
C LEU C 315 20.25 -27.96 -44.08
N LEU C 316 19.17 -27.27 -43.68
CA LEU C 316 17.82 -27.46 -44.19
C LEU C 316 17.27 -28.86 -43.97
N MET C 317 16.01 -29.07 -44.35
CA MET C 317 15.34 -30.37 -44.31
C MET C 317 14.07 -30.26 -45.13
N ASP C 318 13.57 -31.42 -45.56
CA ASP C 318 12.38 -31.44 -46.41
C ASP C 318 11.14 -31.01 -45.61
N LYS C 319 10.10 -30.61 -46.35
CA LYS C 319 8.86 -30.17 -45.72
C LYS C 319 8.18 -31.31 -44.98
N GLU C 320 8.18 -32.51 -45.56
CA GLU C 320 7.53 -33.66 -44.94
C GLU C 320 8.34 -34.27 -43.81
N LYS C 321 9.57 -33.80 -43.57
CA LYS C 321 10.42 -34.32 -42.49
C LYS C 321 10.98 -33.13 -41.72
N ALA C 322 10.31 -32.79 -40.61
CA ALA C 322 10.72 -31.68 -39.76
C ALA C 322 10.80 -32.15 -38.32
N ASP C 323 11.66 -31.48 -37.54
CA ASP C 323 11.85 -31.81 -36.14
C ASP C 323 10.86 -31.06 -35.27
N VAL C 324 10.74 -31.49 -34.02
CA VAL C 324 9.78 -30.88 -33.10
C VAL C 324 10.40 -29.71 -32.31
N LYS C 325 11.70 -29.76 -32.03
CA LYS C 325 12.39 -28.68 -31.35
C LYS C 325 13.44 -27.99 -32.20
N SER C 326 13.87 -28.60 -33.29
CA SER C 326 14.83 -27.99 -34.20
C SER C 326 14.15 -27.18 -35.31
N THR C 327 12.82 -27.08 -35.29
CA THR C 327 12.08 -26.27 -36.23
C THR C 327 11.25 -25.18 -35.57
N ALA C 328 11.17 -25.15 -34.24
CA ALA C 328 10.34 -24.17 -33.56
C ALA C 328 10.87 -22.75 -33.77
N PHE C 329 12.17 -22.56 -33.50
CA PHE C 329 12.86 -21.28 -33.72
C PHE C 329 12.16 -20.13 -32.99
N ALA C 330 12.10 -20.24 -31.67
CA ALA C 330 11.48 -19.20 -30.86
C ALA C 330 12.31 -17.92 -30.92
N PHE C 331 11.64 -16.80 -31.14
CA PHE C 331 12.32 -15.52 -31.21
C PHE C 331 12.94 -15.17 -29.87
N ARG C 332 13.99 -14.36 -29.91
CA ARG C 332 14.76 -14.02 -28.71
C ARG C 332 14.63 -12.54 -28.39
N SER C 333 14.43 -12.24 -27.11
CA SER C 333 14.31 -10.87 -26.64
C SER C 333 15.69 -10.19 -26.64
N SER C 334 15.75 -8.98 -26.07
CA SER C 334 16.98 -8.21 -26.07
C SER C 334 18.07 -8.81 -25.19
N LYS C 335 17.72 -9.73 -24.30
CA LYS C 335 18.68 -10.32 -23.37
C LYS C 335 18.78 -11.82 -23.60
N GLU C 336 20.00 -12.34 -23.45
CA GLU C 336 20.27 -13.76 -23.64
C GLU C 336 19.92 -14.52 -22.36
N LYS C 337 20.37 -15.78 -22.30
CA LYS C 337 20.14 -16.67 -21.16
C LYS C 337 18.65 -16.86 -20.88
N LEU C 338 17.97 -17.43 -21.88
CA LEU C 338 16.53 -17.74 -21.82
C LEU C 338 15.69 -16.51 -21.51
N ARG C 343 2.17 -17.80 -21.04
CA ARG C 343 1.52 -17.17 -22.18
C ARG C 343 1.31 -18.17 -23.31
N LYS C 344 0.16 -18.86 -23.27
CA LYS C 344 -0.19 -19.87 -24.27
C LYS C 344 -1.33 -19.47 -25.18
N GLU C 345 -2.35 -18.80 -24.65
CA GLU C 345 -3.50 -18.40 -25.45
C GLU C 345 -3.18 -17.14 -26.23
N VAL C 346 -3.27 -17.22 -27.56
CA VAL C 346 -3.01 -16.09 -28.45
C VAL C 346 -4.26 -15.89 -29.29
N ASP C 347 -5.09 -14.93 -28.88
CA ASP C 347 -6.33 -14.59 -29.59
C ASP C 347 -6.47 -13.09 -29.72
N GLY C 348 -5.36 -12.42 -30.05
CA GLY C 348 -5.34 -10.97 -30.13
C GLY C 348 -4.00 -10.42 -29.73
N MET C 349 -3.51 -9.40 -30.44
CA MET C 349 -2.20 -8.85 -30.17
C MET C 349 -2.20 -7.34 -30.41
N GLY C 350 -1.55 -6.62 -29.50
CA GLY C 350 -1.34 -5.19 -29.64
C GLY C 350 0.06 -4.81 -29.20
N THR C 351 1.00 -5.74 -29.38
CA THR C 351 2.34 -5.57 -28.84
C THR C 351 3.19 -4.63 -29.70
N SER C 352 3.38 -4.98 -30.97
CA SER C 352 4.28 -4.27 -31.87
C SER C 352 5.69 -4.18 -31.29
N GLU C 353 6.17 -5.31 -30.76
CA GLU C 353 7.43 -5.33 -30.03
C GLU C 353 8.64 -5.20 -30.96
N ILE C 354 8.62 -5.87 -32.10
CA ILE C 354 9.78 -5.94 -32.99
C ILE C 354 9.50 -5.06 -34.20
N LYS C 355 10.45 -4.17 -34.51
CA LYS C 355 10.35 -3.33 -35.70
C LYS C 355 10.84 -4.09 -36.93
N TYR C 356 10.38 -3.64 -38.10
CA TYR C 356 10.75 -4.28 -39.35
C TYR C 356 12.19 -3.97 -39.76
N GLY C 357 12.67 -2.77 -39.46
CA GLY C 357 14.02 -2.39 -39.82
C GLY C 357 14.73 -1.57 -38.76
N ASP C 358 14.13 -1.50 -37.57
CA ASP C 358 14.69 -0.75 -36.46
C ASP C 358 14.91 -1.63 -35.24
N SER C 359 15.14 -2.93 -35.46
CA SER C 359 15.36 -3.87 -34.37
C SER C 359 16.43 -4.87 -34.78
N ILE C 360 17.10 -5.44 -33.78
CA ILE C 360 18.14 -6.43 -33.99
C ILE C 360 17.68 -7.73 -33.36
N CYS C 361 17.72 -8.82 -34.12
CA CYS C 361 17.29 -10.13 -33.67
C CYS C 361 18.49 -10.99 -33.31
N TYR C 362 18.37 -11.77 -32.25
CA TYR C 362 19.39 -12.69 -31.77
C TYR C 362 18.80 -14.08 -31.62
N ILE C 363 18.17 -14.56 -32.70
CA ILE C 363 17.34 -15.77 -32.73
C ILE C 363 18.00 -16.93 -31.99
N GLN C 364 17.26 -17.51 -31.04
CA GLN C 364 17.77 -18.54 -30.15
C GLN C 364 16.94 -19.80 -30.35
N HIS C 365 17.61 -20.90 -30.70
CA HIS C 365 16.92 -22.18 -30.81
C HIS C 365 16.49 -22.67 -29.43
N VAL C 366 15.42 -23.46 -29.41
CA VAL C 366 14.86 -23.92 -28.13
C VAL C 366 15.82 -24.86 -27.43
N ASP C 367 16.56 -25.68 -28.18
CA ASP C 367 17.41 -26.71 -27.59
C ASP C 367 18.86 -26.30 -27.44
N THR C 368 19.38 -25.45 -28.32
CA THR C 368 20.81 -25.15 -28.30
C THR C 368 21.14 -23.94 -27.43
N GLY C 369 20.60 -22.77 -27.80
CA GLY C 369 20.78 -21.55 -27.02
C GLY C 369 21.26 -20.36 -27.84
N LEU C 370 22.23 -20.57 -28.73
CA LEU C 370 22.62 -19.48 -29.63
C LEU C 370 22.50 -19.88 -31.10
N TRP C 371 23.18 -20.96 -31.48
CA TRP C 371 23.14 -21.53 -32.83
C TRP C 371 23.61 -20.55 -33.91
N LEU C 372 22.87 -19.48 -34.14
CA LEU C 372 23.13 -18.57 -35.26
C LEU C 372 24.26 -17.62 -34.90
N THR C 373 25.35 -17.69 -35.68
CA THR C 373 26.54 -16.87 -35.52
C THR C 373 27.42 -17.08 -36.74
N TYR C 374 28.05 -16.01 -37.23
CA TYR C 374 28.91 -16.14 -38.39
C TYR C 374 30.15 -16.97 -38.04
N GLN C 375 30.72 -17.62 -39.06
CA GLN C 375 31.92 -18.44 -38.92
C GLN C 375 32.74 -18.29 -40.19
N ALA C 376 33.71 -17.38 -40.16
CA ALA C 376 34.56 -17.13 -41.32
C ALA C 376 35.58 -18.25 -41.50
N ILE C 387 33.10 -14.13 -47.60
CA ILE C 387 31.65 -13.98 -47.66
C ILE C 387 30.97 -15.32 -47.39
N GLN C 388 31.73 -16.40 -47.52
CA GLN C 388 31.22 -17.75 -47.32
C GLN C 388 31.41 -18.14 -45.86
N ARG C 389 30.33 -18.13 -45.09
CA ARG C 389 30.40 -18.50 -43.68
C ARG C 389 29.41 -19.61 -43.35
N LYS C 390 29.26 -19.93 -42.06
CA LYS C 390 28.38 -21.01 -41.64
C LYS C 390 27.89 -20.70 -40.23
N ALA C 391 26.80 -21.38 -39.85
CA ALA C 391 26.22 -21.20 -38.52
C ALA C 391 27.19 -21.67 -37.44
N ILE C 392 27.46 -22.98 -37.39
CA ILE C 392 28.35 -23.59 -36.40
C ILE C 392 27.97 -23.14 -35.00
N MET C 393 28.94 -22.59 -34.27
CA MET C 393 28.73 -21.94 -32.97
C MET C 393 28.10 -22.91 -31.96
N HIS C 394 28.89 -23.94 -31.63
CA HIS C 394 28.46 -24.90 -30.62
C HIS C 394 28.25 -24.19 -29.29
N HIS C 395 27.09 -24.45 -28.68
CA HIS C 395 26.66 -23.80 -27.43
C HIS C 395 26.67 -22.29 -27.58
N GLU C 396 27.76 -21.65 -27.17
CA GLU C 396 27.92 -20.21 -27.28
C GLU C 396 28.99 -19.90 -28.32
N GLY C 397 28.63 -19.12 -29.33
CA GLY C 397 29.58 -18.74 -30.36
C GLY C 397 30.21 -17.39 -30.11
N HIS C 398 29.97 -16.42 -30.99
CA HIS C 398 30.46 -15.07 -30.83
C HIS C 398 29.31 -14.16 -30.38
N MET C 399 29.55 -13.38 -29.34
CA MET C 399 28.49 -12.54 -28.77
C MET C 399 28.11 -11.40 -29.70
N ASP C 400 29.05 -10.93 -30.53
CA ASP C 400 28.78 -9.81 -31.44
C ASP C 400 28.09 -10.35 -32.69
N ASP C 401 26.87 -10.82 -32.50
CA ASP C 401 26.07 -11.39 -33.58
C ASP C 401 24.61 -11.01 -33.37
N GLY C 402 24.05 -10.28 -34.33
CA GLY C 402 22.65 -9.89 -34.28
C GLY C 402 22.03 -9.76 -35.65
N LEU C 403 20.90 -10.43 -35.87
CA LEU C 403 20.22 -10.39 -37.15
C LEU C 403 19.43 -9.09 -37.25
N ASN C 404 19.89 -8.17 -38.10
CA ASN C 404 19.20 -6.91 -38.32
C ASN C 404 18.12 -7.12 -39.37
N LEU C 405 16.86 -7.09 -38.95
CA LEU C 405 15.75 -7.30 -39.87
C LEU C 405 15.65 -6.15 -40.86
N SER C 406 15.23 -6.48 -42.07
CA SER C 406 15.04 -5.51 -43.14
C SER C 406 13.56 -5.38 -43.46
N ARG C 407 13.16 -4.17 -43.86
CA ARG C 407 11.76 -3.89 -44.15
C ARG C 407 11.34 -4.49 -45.48
N SER C 408 11.02 -5.79 -45.47
CA SER C 408 10.49 -6.46 -46.66
C SER C 408 8.98 -6.33 -46.77
N GLN C 409 8.28 -6.08 -45.66
CA GLN C 409 6.88 -5.69 -45.74
C GLN C 409 6.77 -4.34 -46.42
N HIS C 410 5.72 -4.16 -47.22
CA HIS C 410 5.55 -3.03 -48.13
C HIS C 410 6.66 -3.03 -49.18
N GLU C 411 6.60 -2.08 -50.11
CA GLU C 411 7.54 -2.00 -51.23
C GLU C 411 7.55 -3.29 -52.02
N GLU C 412 8.34 -4.27 -51.58
CA GLU C 412 8.33 -5.60 -52.17
C GLU C 412 6.96 -6.24 -51.97
N SER C 413 6.62 -6.55 -50.71
CA SER C 413 5.27 -6.89 -50.27
C SER C 413 4.59 -7.98 -51.11
N ARG C 414 3.32 -7.72 -51.46
CA ARG C 414 2.53 -8.66 -52.23
C ARG C 414 3.17 -8.97 -53.57
N THR C 415 3.78 -7.97 -54.20
CA THR C 415 4.41 -8.15 -55.51
C THR C 415 5.51 -9.20 -55.44
N ALA C 416 6.50 -8.99 -54.56
CA ALA C 416 7.60 -9.95 -54.45
C ALA C 416 7.12 -11.29 -53.90
N ARG C 417 6.11 -11.28 -53.03
CA ARG C 417 5.57 -12.53 -52.50
C ARG C 417 5.00 -13.39 -53.62
N VAL C 418 4.17 -12.80 -54.49
CA VAL C 418 3.60 -13.60 -55.57
C VAL C 418 4.64 -13.90 -56.64
N ILE C 419 5.67 -13.06 -56.77
CA ILE C 419 6.78 -13.39 -57.66
C ILE C 419 7.45 -14.67 -57.20
N ARG C 420 7.79 -14.75 -55.91
CA ARG C 420 8.44 -15.92 -55.37
C ARG C 420 7.53 -17.15 -55.46
N SER C 421 6.25 -16.98 -55.15
CA SER C 421 5.31 -18.11 -55.20
C SER C 421 5.12 -18.61 -56.63
N THR C 422 5.03 -17.70 -57.60
CA THR C 422 4.91 -18.11 -59.00
C THR C 422 6.18 -18.80 -59.47
N VAL C 423 7.34 -18.30 -59.05
CA VAL C 423 8.60 -18.97 -59.39
C VAL C 423 8.61 -20.39 -58.83
N PHE C 424 8.19 -20.54 -57.58
CA PHE C 424 8.10 -21.85 -56.95
C PHE C 424 7.18 -22.78 -57.74
N LEU C 425 5.96 -22.33 -58.01
CA LEU C 425 4.98 -23.18 -58.67
C LEU C 425 5.42 -23.56 -60.07
N PHE C 426 5.90 -22.58 -60.84
CA PHE C 426 6.36 -22.85 -62.20
C PHE C 426 7.55 -23.80 -62.19
N ASN C 427 8.50 -23.58 -61.28
CA ASN C 427 9.68 -24.44 -61.20
C ASN C 427 9.29 -25.88 -60.91
N ARG C 428 8.45 -26.09 -59.89
CA ARG C 428 8.03 -27.43 -59.55
C ARG C 428 7.27 -28.09 -60.69
N PHE C 429 6.35 -27.35 -61.31
CA PHE C 429 5.53 -27.92 -62.37
C PHE C 429 6.35 -28.31 -63.59
N ILE C 430 7.23 -27.41 -64.05
CA ILE C 430 8.00 -27.71 -65.24
C ILE C 430 9.10 -28.73 -64.94
N ARG C 431 9.56 -28.80 -63.68
CA ARG C 431 10.49 -29.86 -63.32
C ARG C 431 9.82 -31.22 -63.37
N GLY C 432 8.59 -31.31 -62.86
CA GLY C 432 7.83 -32.54 -63.01
C GLY C 432 7.58 -32.87 -64.47
N LEU C 433 7.34 -31.85 -65.29
CA LEU C 433 7.12 -32.07 -66.72
C LEU C 433 8.36 -32.65 -67.38
N ASP C 434 9.52 -32.01 -67.18
CA ASP C 434 10.72 -32.47 -67.87
C ASP C 434 11.21 -33.80 -67.33
N ALA C 435 10.98 -34.08 -66.04
CA ALA C 435 11.22 -35.42 -65.53
C ALA C 435 10.30 -36.43 -66.21
N LEU C 436 9.04 -36.05 -66.45
CA LEU C 436 8.14 -36.90 -67.21
C LEU C 436 8.46 -36.86 -68.70
N SER C 437 9.03 -35.76 -69.18
CA SER C 437 9.36 -35.64 -70.60
C SER C 437 10.56 -36.48 -71.01
N LYS C 438 11.28 -37.06 -70.06
CA LYS C 438 12.40 -37.93 -70.39
C LYS C 438 11.88 -39.25 -70.96
N LYS C 439 11.74 -39.30 -72.29
CA LYS C 439 11.20 -40.43 -73.05
C LYS C 439 9.74 -40.70 -72.71
N VAL C 440 9.07 -41.48 -73.55
CA VAL C 440 7.66 -41.79 -73.35
C VAL C 440 7.51 -42.88 -72.30
N ILE C 445 2.83 -42.61 -65.76
CA ILE C 445 1.85 -41.53 -65.60
C ILE C 445 1.80 -40.68 -66.87
N ASP C 446 0.62 -40.16 -67.17
CA ASP C 446 0.39 -39.44 -68.42
C ASP C 446 0.94 -38.02 -68.33
N LEU C 447 1.30 -37.48 -69.50
CA LEU C 447 1.80 -36.12 -69.58
C LEU C 447 0.67 -35.12 -69.37
N PRO C 448 0.81 -34.17 -68.44
CA PRO C 448 -0.20 -33.12 -68.32
C PRO C 448 -0.23 -32.23 -69.57
N ILE C 449 -1.43 -31.80 -69.94
CA ILE C 449 -1.62 -30.94 -71.10
C ILE C 449 -2.41 -29.70 -70.70
N GLU C 450 -3.58 -29.93 -70.07
CA GLU C 450 -4.43 -28.82 -69.65
C GLU C 450 -3.73 -27.96 -68.62
N SER C 451 -3.00 -28.59 -67.68
CA SER C 451 -2.23 -27.83 -66.71
C SER C 451 -1.14 -27.01 -67.39
N VAL C 452 -0.51 -27.58 -68.42
CA VAL C 452 0.52 -26.84 -69.17
C VAL C 452 -0.09 -25.61 -69.82
N SER C 453 -1.23 -25.78 -70.48
CA SER C 453 -1.88 -24.66 -71.15
C SER C 453 -2.31 -23.58 -70.16
N LEU C 454 -2.88 -24.00 -69.02
CA LEU C 454 -3.34 -23.03 -68.02
C LEU C 454 -2.16 -22.26 -67.43
N SER C 455 -1.07 -22.96 -67.09
CA SER C 455 0.10 -22.29 -66.53
C SER C 455 0.74 -21.35 -67.55
N LEU C 456 0.79 -21.77 -68.82
CA LEU C 456 1.35 -20.91 -69.86
C LEU C 456 0.51 -19.66 -70.06
N GLN C 457 -0.82 -19.79 -70.06
CA GLN C 457 -1.67 -18.62 -70.20
C GLN C 457 -1.54 -17.68 -69.01
N ASP C 458 -1.44 -18.25 -67.80
CA ASP C 458 -1.25 -17.42 -66.61
C ASP C 458 0.09 -16.68 -66.66
N LEU C 459 1.14 -17.35 -67.14
CA LEU C 459 2.44 -16.69 -67.25
C LEU C 459 2.42 -15.62 -68.35
N ILE C 460 1.66 -15.85 -69.42
CA ILE C 460 1.50 -14.81 -70.44
C ILE C 460 0.83 -13.59 -69.86
N GLY C 461 -0.26 -13.80 -69.12
CA GLY C 461 -0.94 -12.70 -68.46
C GLY C 461 -0.13 -12.04 -67.38
N TYR C 462 0.86 -12.75 -66.82
CA TYR C 462 1.69 -12.17 -65.77
C TYR C 462 2.69 -11.18 -66.36
N PHE C 463 3.26 -11.49 -67.52
CA PHE C 463 4.27 -10.63 -68.15
C PHE C 463 3.69 -9.84 -69.32
N HIS C 464 2.42 -9.47 -69.24
CA HIS C 464 1.79 -8.74 -70.32
C HIS C 464 2.32 -7.31 -70.41
N PRO C 465 2.42 -6.75 -71.61
CA PRO C 465 2.80 -5.34 -71.74
C PRO C 465 1.75 -4.46 -71.09
N PRO C 466 2.16 -3.29 -70.59
CA PRO C 466 1.24 -2.44 -69.82
C PRO C 466 0.25 -1.65 -70.64
N ASP C 467 0.18 -1.88 -71.97
CA ASP C 467 -0.74 -1.19 -72.89
C ASP C 467 -0.43 0.30 -72.99
N GLU C 468 -1.04 0.97 -73.97
CA GLU C 468 -0.76 2.38 -74.23
C GLU C 468 -1.90 3.30 -73.84
N HIS C 469 -3.12 2.79 -73.70
CA HIS C 469 -4.27 3.62 -73.40
C HIS C 469 -4.42 3.82 -71.88
N LEU C 470 -3.37 4.39 -71.29
CA LEU C 470 -3.34 4.63 -69.85
C LEU C 470 -2.55 5.90 -69.59
N GLU C 471 -2.68 6.40 -68.36
CA GLU C 471 -1.94 7.59 -67.95
C GLU C 471 -0.45 7.27 -67.85
N HIS C 472 0.37 8.33 -67.93
CA HIS C 472 1.81 8.14 -67.95
C HIS C 472 2.33 7.56 -66.64
N GLU C 473 1.81 8.04 -65.51
CA GLU C 473 2.29 7.56 -64.22
C GLU C 473 1.90 6.10 -63.99
N ASP C 474 0.70 5.71 -64.41
CA ASP C 474 0.29 4.32 -64.30
C ASP C 474 1.14 3.42 -65.18
N LYS C 475 1.43 3.88 -66.40
CA LYS C 475 2.28 3.11 -67.31
C LYS C 475 3.68 2.96 -66.72
N GLN C 476 4.22 4.03 -66.12
CA GLN C 476 5.55 3.96 -65.52
C GLN C 476 5.56 3.01 -64.33
N ASN C 477 4.52 3.06 -63.49
CA ASN C 477 4.44 2.14 -62.35
C ASN C 477 4.35 0.69 -62.82
N ARG C 478 3.55 0.43 -63.86
CA ARG C 478 3.43 -0.92 -64.39
C ARG C 478 4.76 -1.39 -64.98
N LEU C 479 5.47 -0.51 -65.69
CA LEU C 479 6.76 -0.88 -66.26
C LEU C 479 7.78 -1.17 -65.16
N ARG C 480 7.79 -0.38 -64.09
CA ARG C 480 8.70 -0.63 -62.98
C ARG C 480 8.38 -1.96 -62.30
N ALA C 481 7.09 -2.24 -62.10
CA ALA C 481 6.70 -3.51 -61.51
C ALA C 481 7.10 -4.68 -62.39
N LEU C 482 6.92 -4.54 -63.71
CA LEU C 482 7.31 -5.60 -64.63
C LEU C 482 8.82 -5.80 -64.63
N LYS C 483 9.59 -4.71 -64.54
CA LYS C 483 11.04 -4.83 -64.47
C LYS C 483 11.47 -5.55 -63.20
N ASN C 484 10.84 -5.23 -62.07
CA ASN C 484 11.14 -5.96 -60.83
C ASN C 484 10.78 -7.44 -60.96
N ARG C 485 9.64 -7.71 -61.61
CA ARG C 485 9.23 -9.10 -61.87
C ARG C 485 10.32 -9.84 -62.65
N GLN C 486 10.80 -9.23 -63.73
CA GLN C 486 11.80 -9.88 -64.57
C GLN C 486 13.12 -10.06 -63.84
N ASN C 487 13.56 -9.05 -63.09
CA ASN C 487 14.82 -9.16 -62.38
C ASN C 487 14.77 -10.22 -61.30
N LEU C 488 13.65 -10.31 -60.58
CA LEU C 488 13.51 -11.35 -59.57
C LEU C 488 13.31 -12.72 -60.20
N PHE C 489 12.78 -12.77 -61.42
CA PHE C 489 12.68 -14.03 -62.14
C PHE C 489 14.03 -14.50 -62.65
N GLN C 490 14.94 -13.56 -62.91
CA GLN C 490 16.22 -13.88 -63.53
C GLN C 490 17.32 -14.17 -62.51
N GLU C 491 17.56 -13.23 -61.58
CA GLU C 491 18.69 -13.40 -60.66
C GLU C 491 18.46 -14.53 -59.67
N GLU C 492 17.20 -14.86 -59.38
CA GLU C 492 16.86 -16.05 -58.61
C GLU C 492 16.96 -17.27 -59.52
N GLY C 493 16.33 -18.37 -59.14
CA GLY C 493 16.24 -19.53 -60.02
C GLY C 493 15.79 -19.10 -61.40
N MET C 494 16.70 -19.18 -62.36
CA MET C 494 16.58 -18.45 -63.62
C MET C 494 15.39 -18.95 -64.44
N ILE C 495 15.16 -20.26 -64.45
CA ILE C 495 14.03 -20.92 -65.11
C ILE C 495 14.14 -20.79 -66.63
N ASN C 496 14.55 -19.61 -67.12
CA ASN C 496 14.72 -19.40 -68.55
C ASN C 496 15.74 -20.37 -69.16
N LEU C 497 16.75 -20.79 -68.38
CA LEU C 497 17.73 -21.73 -68.92
C LEU C 497 17.11 -23.11 -69.08
N VAL C 498 16.25 -23.53 -68.14
CA VAL C 498 15.55 -24.79 -68.29
C VAL C 498 14.22 -24.63 -69.03
N LEU C 499 13.75 -23.39 -69.21
CA LEU C 499 12.72 -23.16 -70.22
C LEU C 499 13.22 -23.53 -71.60
N GLU C 500 14.49 -23.21 -71.88
CA GLU C 500 15.10 -23.67 -73.12
C GLU C 500 15.24 -25.19 -73.13
N CYS C 501 15.41 -25.81 -71.96
CA CYS C 501 15.41 -27.26 -71.91
C CYS C 501 14.04 -27.84 -72.24
N ILE C 502 12.97 -27.15 -71.85
CA ILE C 502 11.63 -27.56 -72.28
C ILE C 502 11.48 -27.37 -73.78
N ASP C 503 11.99 -26.26 -74.32
CA ASP C 503 11.94 -26.02 -75.75
C ASP C 503 12.80 -27.00 -76.53
N ARG C 504 13.76 -27.65 -75.87
CA ARG C 504 14.69 -28.56 -76.53
C ARG C 504 13.98 -29.74 -77.19
N LEU C 505 12.83 -30.16 -76.67
CA LEU C 505 12.11 -31.28 -77.27
C LEU C 505 11.50 -30.92 -78.62
N HIS C 506 12.37 -30.71 -79.61
CA HIS C 506 11.98 -30.58 -81.01
C HIS C 506 12.32 -31.83 -81.80
N VAL C 507 12.48 -32.96 -81.12
CA VAL C 507 12.84 -34.22 -81.76
C VAL C 507 11.63 -34.81 -82.46
N TYR C 508 10.47 -34.16 -82.30
CA TYR C 508 9.23 -34.66 -82.88
C TYR C 508 9.17 -34.34 -84.37
N SER C 509 9.34 -33.07 -84.75
CA SER C 509 9.47 -32.61 -86.13
C SER C 509 8.34 -33.06 -87.07
N SER C 510 7.24 -33.57 -86.52
CA SER C 510 6.14 -34.05 -87.38
C SER C 510 4.75 -33.66 -86.91
N ALA C 511 4.56 -33.35 -85.63
CA ALA C 511 3.28 -32.98 -85.02
C ALA C 511 2.22 -34.07 -85.15
N ALA C 512 2.59 -35.27 -85.56
CA ALA C 512 1.64 -36.36 -85.69
C ALA C 512 2.09 -37.64 -85.02
N HIS C 513 3.38 -37.98 -85.07
CA HIS C 513 3.84 -39.25 -84.54
C HIS C 513 4.21 -39.17 -83.06
N PHE C 514 4.87 -38.09 -82.63
CA PHE C 514 5.17 -37.94 -81.21
C PHE C 514 3.89 -37.70 -80.42
N ALA C 515 2.94 -37.00 -81.02
CA ALA C 515 1.67 -36.72 -80.35
C ALA C 515 0.92 -38.00 -80.01
N ASP C 516 0.90 -38.97 -80.93
CA ASP C 516 0.14 -40.18 -80.66
C ASP C 516 0.98 -41.30 -80.06
N VAL C 517 2.32 -41.16 -80.03
CA VAL C 517 3.09 -42.15 -79.27
C VAL C 517 3.18 -41.73 -77.80
N ALA C 518 3.11 -40.42 -77.53
CA ALA C 518 3.21 -39.93 -76.17
C ALA C 518 1.86 -39.66 -75.51
N GLY C 519 0.76 -39.73 -76.27
CA GLY C 519 -0.54 -39.46 -75.70
C GLY C 519 -1.55 -38.92 -76.69
N ARG C 520 -2.16 -37.78 -76.38
CA ARG C 520 -3.18 -37.17 -77.21
C ARG C 520 -2.91 -35.68 -77.40
N GLU C 521 -3.09 -35.21 -78.63
CA GLU C 521 -3.01 -33.79 -79.01
C GLU C 521 -1.58 -33.30 -78.72
N ALA C 522 -1.41 -32.06 -78.26
CA ALA C 522 -0.11 -31.42 -78.04
C ALA C 522 0.70 -31.33 -79.32
N GLY C 523 1.94 -30.86 -79.21
CA GLY C 523 2.81 -30.71 -80.36
C GLY C 523 2.51 -29.50 -81.22
N GLU C 524 1.47 -28.74 -80.91
CA GLU C 524 1.12 -27.54 -81.68
C GLU C 524 1.17 -26.26 -80.85
N SER C 525 0.89 -26.33 -79.55
CA SER C 525 0.96 -25.18 -78.65
C SER C 525 2.40 -24.75 -78.34
N TRP C 526 3.39 -25.37 -79.00
CA TRP C 526 4.78 -24.97 -78.82
C TRP C 526 5.03 -23.55 -79.31
N LYS C 527 4.26 -23.09 -80.31
CA LYS C 527 4.40 -21.72 -80.78
C LYS C 527 4.05 -20.73 -79.68
N SER C 528 3.05 -21.05 -78.87
CA SER C 528 2.72 -20.21 -77.73
C SER C 528 3.89 -20.10 -76.77
N ILE C 529 4.55 -21.22 -76.48
CA ILE C 529 5.72 -21.21 -75.60
C ILE C 529 6.80 -20.31 -76.20
N LEU C 530 7.13 -20.54 -77.47
CA LEU C 530 8.22 -19.80 -78.10
C LEU C 530 7.96 -18.30 -78.09
N ASN C 531 6.80 -17.89 -78.58
CA ASN C 531 6.49 -16.46 -78.66
C ASN C 531 6.37 -15.83 -77.27
N SER C 532 5.72 -16.53 -76.33
CA SER C 532 5.47 -15.96 -75.01
C SER C 532 6.77 -15.74 -74.24
N LEU C 533 7.62 -16.76 -74.15
CA LEU C 533 8.86 -16.52 -73.43
C LEU C 533 9.88 -15.75 -74.26
N TYR C 534 9.72 -15.65 -75.58
CA TYR C 534 10.51 -14.69 -76.34
C TYR C 534 10.18 -13.26 -75.92
N GLU C 535 8.89 -12.95 -75.79
CA GLU C 535 8.50 -11.63 -75.30
C GLU C 535 8.92 -11.44 -73.85
N LEU C 536 8.89 -12.51 -73.05
CA LEU C 536 9.41 -12.45 -71.69
C LEU C 536 10.87 -12.02 -71.67
N LEU C 537 11.71 -12.69 -72.46
CA LEU C 537 13.13 -12.36 -72.50
C LEU C 537 13.34 -10.94 -73.03
N ALA C 538 12.54 -10.55 -74.02
CA ALA C 538 12.63 -9.21 -74.59
C ALA C 538 12.37 -8.14 -73.53
N ALA C 539 11.24 -8.25 -72.83
CA ALA C 539 10.94 -7.28 -71.78
C ALA C 539 11.92 -7.39 -70.61
N LEU C 540 12.49 -8.57 -70.39
CA LEU C 540 13.49 -8.76 -69.35
C LEU C 540 14.76 -7.95 -69.64
N ILE C 541 15.23 -7.99 -70.88
CA ILE C 541 16.41 -7.19 -71.23
C ILE C 541 16.05 -5.71 -71.44
N ARG C 542 14.79 -5.41 -71.76
CA ARG C 542 14.41 -4.09 -72.27
C ARG C 542 14.72 -2.97 -71.28
N GLY C 543 14.73 -3.26 -69.99
CA GLY C 543 14.85 -2.21 -68.99
C GLY C 543 16.19 -1.52 -68.88
N ASN C 544 17.18 -2.21 -68.31
CA ASN C 544 18.46 -1.58 -67.97
C ASN C 544 19.62 -2.51 -68.33
N ARG C 545 19.57 -3.12 -69.51
CA ARG C 545 20.62 -3.99 -70.02
C ARG C 545 20.88 -5.16 -69.08
N LYS C 546 19.85 -6.00 -68.93
CA LYS C 546 19.87 -7.02 -67.89
C LYS C 546 20.73 -8.22 -68.27
N ASN C 547 20.34 -8.93 -69.33
CA ASN C 547 20.94 -10.23 -69.64
C ASN C 547 21.17 -10.40 -71.14
N CYS C 548 21.67 -9.36 -71.80
CA CYS C 548 22.03 -9.52 -73.21
C CYS C 548 23.21 -10.47 -73.37
N ALA C 549 24.22 -10.34 -72.50
CA ALA C 549 25.37 -11.24 -72.56
C ALA C 549 25.03 -12.63 -72.06
N GLN C 550 24.02 -12.76 -71.19
CA GLN C 550 23.61 -14.07 -70.71
C GLN C 550 23.04 -14.93 -71.84
N PHE C 551 22.25 -14.33 -72.73
CA PHE C 551 21.72 -15.06 -73.86
C PHE C 551 22.68 -15.10 -75.05
N SER C 552 23.53 -14.09 -75.19
CA SER C 552 24.54 -14.10 -76.24
C SER C 552 25.60 -15.17 -75.99
N GLY C 553 25.81 -15.56 -74.73
CA GLY C 553 26.74 -16.63 -74.43
C GLY C 553 26.30 -17.98 -74.94
N SER C 554 25.00 -18.15 -75.20
CA SER C 554 24.48 -19.38 -75.81
C SER C 554 24.53 -19.28 -77.33
N LEU C 555 25.76 -19.06 -77.83
CA LEU C 555 25.96 -18.91 -79.27
C LEU C 555 25.60 -20.19 -80.01
N ASP C 556 25.95 -21.34 -79.45
CA ASP C 556 25.54 -22.62 -80.04
C ASP C 556 24.02 -22.75 -80.06
N TRP C 557 23.36 -22.37 -78.96
CA TRP C 557 21.91 -22.40 -78.97
C TRP C 557 21.31 -21.25 -79.77
N LEU C 558 22.05 -20.17 -79.99
CA LEU C 558 21.60 -19.17 -80.95
C LEU C 558 21.58 -19.74 -82.36
N ILE C 559 22.60 -20.52 -82.71
CA ILE C 559 22.62 -21.21 -84.00
C ILE C 559 21.49 -22.24 -84.05
N SER C 560 21.22 -22.90 -82.93
CA SER C 560 20.11 -23.86 -82.87
C SER C 560 18.77 -23.16 -83.10
N ARG C 561 18.57 -22.00 -82.48
CA ARG C 561 17.37 -21.20 -82.72
C ARG C 561 17.30 -20.72 -84.15
N LEU C 562 18.46 -20.50 -84.78
CA LEU C 562 18.52 -20.21 -86.21
C LEU C 562 18.12 -21.48 -86.96
N GLU C 563 16.86 -21.54 -87.39
CA GLU C 563 16.31 -22.72 -88.04
C GLU C 563 15.11 -22.31 -88.87
N ARG C 564 14.79 -23.13 -89.88
CA ARG C 564 13.61 -22.93 -90.71
C ARG C 564 12.84 -24.25 -90.77
N LEU C 565 12.06 -24.53 -89.73
CA LEU C 565 11.10 -25.64 -89.75
C LEU C 565 10.05 -25.36 -88.68
N GLU C 566 8.89 -24.87 -89.12
CA GLU C 566 7.79 -24.47 -88.23
C GLU C 566 8.31 -23.59 -87.09
N ALA C 567 8.87 -22.45 -87.46
CA ALA C 567 9.56 -21.59 -86.51
C ALA C 567 9.10 -20.15 -86.64
N SER C 568 9.18 -19.42 -85.54
CA SER C 568 8.92 -17.99 -85.49
C SER C 568 10.19 -17.28 -85.08
N SER C 569 10.56 -16.22 -85.81
CA SER C 569 11.78 -15.49 -85.57
C SER C 569 11.59 -14.31 -84.62
N GLY C 570 10.64 -14.41 -83.70
CA GLY C 570 10.40 -13.31 -82.78
C GLY C 570 11.55 -13.08 -81.82
N ILE C 571 12.14 -14.16 -81.31
CA ILE C 571 13.20 -14.03 -80.32
C ILE C 571 14.44 -13.38 -80.93
N LEU C 572 14.75 -13.69 -82.19
CA LEU C 572 15.90 -13.07 -82.84
C LEU C 572 15.66 -11.59 -83.08
N GLU C 573 14.46 -11.24 -83.52
CA GLU C 573 14.12 -9.84 -83.77
C GLU C 573 14.19 -9.03 -82.48
N VAL C 574 13.61 -9.55 -81.41
CA VAL C 574 13.60 -8.79 -80.16
C VAL C 574 15.00 -8.69 -79.58
N LEU C 575 15.81 -9.75 -79.70
CA LEU C 575 17.18 -9.69 -79.22
C LEU C 575 17.99 -8.66 -79.98
N HIS C 576 17.84 -8.61 -81.30
CA HIS C 576 18.60 -7.64 -82.08
C HIS C 576 18.09 -6.22 -81.87
N CYS C 577 16.79 -6.05 -81.59
CA CYS C 577 16.23 -4.73 -81.40
C CYS C 577 16.55 -4.15 -80.03
N VAL C 578 16.60 -5.00 -78.99
CA VAL C 578 16.56 -4.49 -77.63
C VAL C 578 17.86 -3.77 -77.27
N LEU C 579 19.01 -4.34 -77.62
CA LEU C 579 20.26 -3.86 -77.05
C LEU C 579 21.44 -4.53 -77.76
N VAL C 580 22.51 -3.77 -77.95
CA VAL C 580 23.74 -4.35 -78.48
C VAL C 580 24.59 -4.93 -77.35
N GLU C 581 24.77 -4.17 -76.27
CA GLU C 581 25.58 -4.55 -75.09
C GLU C 581 27.00 -4.87 -75.58
N SER C 582 27.53 -6.05 -75.23
CA SER C 582 28.81 -6.46 -75.77
C SER C 582 28.70 -6.64 -77.28
N PRO C 583 29.81 -6.44 -78.02
CA PRO C 583 29.74 -6.55 -79.49
C PRO C 583 29.33 -7.92 -79.99
N GLU C 584 29.27 -8.94 -79.13
CA GLU C 584 28.88 -10.27 -79.57
C GLU C 584 27.45 -10.27 -80.12
N ALA C 585 26.53 -9.60 -79.43
CA ALA C 585 25.12 -9.65 -79.82
C ALA C 585 24.85 -9.08 -81.20
N LEU C 586 25.79 -8.28 -81.74
CA LEU C 586 25.64 -7.74 -83.08
C LEU C 586 26.76 -8.14 -84.03
N ASN C 587 27.69 -8.98 -83.61
CA ASN C 587 28.79 -9.40 -84.47
C ASN C 587 29.01 -10.90 -84.55
N ILE C 588 28.43 -11.71 -83.65
CA ILE C 588 28.52 -13.16 -83.80
C ILE C 588 27.66 -13.65 -84.96
N ILE C 589 26.79 -12.80 -85.50
CA ILE C 589 26.05 -13.14 -86.71
C ILE C 589 27.06 -13.06 -87.85
N LYS C 590 27.61 -14.20 -88.23
CA LYS C 590 28.69 -14.26 -89.19
C LYS C 590 28.12 -14.43 -90.59
N GLU C 591 28.99 -14.75 -91.56
CA GLU C 591 28.53 -14.99 -92.92
C GLU C 591 27.59 -16.18 -92.98
N GLY C 592 27.87 -17.23 -92.21
CA GLY C 592 26.99 -18.39 -92.20
C GLY C 592 25.61 -18.07 -91.67
N HIS C 593 25.53 -17.28 -90.59
CA HIS C 593 24.23 -16.91 -90.03
C HIS C 593 23.42 -16.06 -91.00
N ILE C 594 24.08 -15.09 -91.63
CA ILE C 594 23.40 -14.23 -92.60
C ILE C 594 22.91 -15.05 -93.78
N LYS C 595 23.75 -15.96 -94.28
CA LYS C 595 23.35 -16.80 -95.41
C LYS C 595 22.21 -17.73 -95.02
N SER C 596 22.19 -18.22 -93.78
CA SER C 596 21.12 -19.10 -93.36
C SER C 596 19.80 -18.35 -93.22
N ILE C 597 19.84 -17.12 -92.70
CA ILE C 597 18.63 -16.31 -92.64
C ILE C 597 18.15 -15.96 -94.05
N ILE C 598 19.08 -15.69 -94.96
CA ILE C 598 18.72 -15.35 -96.33
C ILE C 598 18.12 -16.57 -97.01
N SER C 599 18.63 -17.76 -96.73
CA SER C 599 18.03 -19.00 -97.21
C SER C 599 16.69 -19.29 -96.56
N LEU C 600 16.47 -18.84 -95.33
CA LEU C 600 15.13 -18.90 -94.74
C LEU C 600 14.15 -18.04 -95.54
N LEU C 601 14.58 -16.84 -95.93
CA LEU C 601 13.74 -16.01 -96.79
C LEU C 601 13.50 -16.69 -98.15
N ASP C 602 14.55 -17.29 -98.72
CA ASP C 602 14.43 -17.89 -100.05
C ASP C 602 13.53 -19.12 -100.04
N LYS C 603 13.68 -19.97 -99.03
CA LYS C 603 12.91 -21.22 -98.95
C LYS C 603 11.44 -20.93 -98.68
N HIS C 604 11.14 -20.29 -97.56
CA HIS C 604 9.77 -19.97 -97.21
C HIS C 604 9.28 -18.81 -98.07
N GLY C 605 8.05 -18.38 -97.82
CA GLY C 605 7.47 -17.26 -98.54
C GLY C 605 7.99 -15.93 -98.02
N ARG C 606 7.40 -14.87 -98.57
CA ARG C 606 7.73 -13.51 -98.15
C ARG C 606 7.13 -13.28 -96.78
N ASN C 607 7.92 -13.51 -95.73
CA ASN C 607 7.42 -13.47 -94.37
C ASN C 607 7.12 -12.05 -93.90
N HIS C 608 7.85 -11.05 -94.44
CA HIS C 608 7.68 -9.63 -94.16
C HIS C 608 8.16 -9.27 -92.74
N LYS C 609 8.45 -10.29 -91.93
CA LYS C 609 9.03 -10.07 -90.61
C LYS C 609 10.54 -10.29 -90.59
N VAL C 610 11.07 -11.11 -91.51
CA VAL C 610 12.51 -11.27 -91.62
C VAL C 610 13.16 -9.99 -92.09
N LEU C 611 12.45 -9.20 -92.90
CA LEU C 611 12.97 -7.91 -93.32
C LEU C 611 13.12 -6.97 -92.14
N ASP C 612 12.22 -7.05 -91.16
CA ASP C 612 12.31 -6.19 -89.99
C ASP C 612 13.53 -6.52 -89.14
N VAL C 613 13.80 -7.81 -88.90
CA VAL C 613 14.98 -8.17 -88.11
C VAL C 613 16.26 -7.90 -88.89
N LEU C 614 16.21 -8.05 -90.22
CA LEU C 614 17.37 -7.67 -91.03
C LEU C 614 17.62 -6.16 -90.97
N CYS C 615 16.55 -5.37 -90.89
CA CYS C 615 16.71 -3.95 -90.62
C CYS C 615 17.33 -3.72 -89.24
N SER C 616 16.90 -4.49 -88.24
CA SER C 616 17.45 -4.35 -86.91
C SER C 616 18.89 -4.88 -86.83
N LEU C 617 19.27 -5.76 -87.75
CA LEU C 617 20.65 -6.23 -87.79
C LEU C 617 21.60 -5.16 -88.28
N CYS C 618 21.08 -4.12 -88.94
CA CYS C 618 21.80 -2.89 -89.20
C CYS C 618 21.78 -2.04 -87.94
N VAL C 619 22.02 -0.72 -88.07
CA VAL C 619 22.03 0.22 -86.95
C VAL C 619 20.86 -0.03 -85.99
N CYS C 620 21.17 -0.13 -84.70
CA CYS C 620 20.20 -0.54 -83.69
C CYS C 620 19.68 0.64 -82.88
N HIS C 621 20.56 1.36 -82.18
CA HIS C 621 20.17 2.47 -81.32
C HIS C 621 20.77 3.79 -81.78
N GLY C 622 21.30 3.84 -82.99
CA GLY C 622 22.10 4.96 -83.42
C GLY C 622 23.56 4.88 -82.98
N VAL C 623 23.89 3.97 -82.05
CA VAL C 623 25.26 3.80 -81.63
C VAL C 623 26.07 3.05 -82.67
N ALA C 624 25.41 2.41 -83.63
CA ALA C 624 26.11 1.74 -84.72
C ALA C 624 26.44 2.75 -85.81
N VAL C 625 27.10 3.84 -85.43
CA VAL C 625 27.58 4.82 -86.42
C VAL C 625 29.00 4.36 -86.76
N ARG C 626 29.07 3.37 -87.65
CA ARG C 626 30.32 2.75 -88.10
C ARG C 626 31.17 2.26 -86.92
N SER C 627 30.53 1.78 -85.87
CA SER C 627 31.26 1.18 -84.74
C SER C 627 31.35 -0.33 -84.92
N ASN C 628 30.21 -1.02 -84.86
CA ASN C 628 30.11 -2.40 -85.32
C ASN C 628 28.83 -2.50 -86.15
N GLN C 629 28.89 -2.00 -87.37
CA GLN C 629 27.80 -2.17 -88.34
C GLN C 629 28.27 -2.39 -89.76
N HIS C 630 29.49 -2.00 -90.12
CA HIS C 630 29.90 -1.99 -91.52
C HIS C 630 30.03 -3.40 -92.07
N LEU C 631 30.49 -4.34 -91.25
CA LEU C 631 30.59 -5.73 -91.69
C LEU C 631 29.21 -6.29 -92.03
N ILE C 632 28.22 -6.05 -91.18
CA ILE C 632 26.87 -6.54 -91.43
C ILE C 632 26.27 -5.83 -92.64
N CYS C 633 26.53 -4.53 -92.77
CA CYS C 633 25.98 -3.78 -93.91
C CYS C 633 26.56 -4.26 -95.23
N ASP C 634 27.87 -4.54 -95.27
CA ASP C 634 28.50 -5.05 -96.47
C ASP C 634 28.27 -6.53 -96.70
N ASN C 635 27.81 -7.27 -95.68
CA ASN C 635 27.48 -8.67 -95.85
C ASN C 635 26.04 -8.86 -96.31
N LEU C 636 25.12 -8.01 -95.87
CA LEU C 636 23.72 -8.10 -96.26
C LEU C 636 23.49 -7.67 -97.70
N LEU C 637 24.45 -7.02 -98.34
CA LEU C 637 24.29 -6.52 -99.69
C LEU C 637 24.42 -7.62 -100.75
N PRO C 638 25.42 -8.51 -100.70
CA PRO C 638 25.44 -9.62 -101.66
C PRO C 638 24.64 -10.84 -101.22
N GLY C 639 23.86 -10.74 -100.16
CA GLY C 639 23.06 -11.86 -99.70
C GLY C 639 21.96 -12.23 -100.67
N ARG C 640 20.96 -11.36 -100.82
CA ARG C 640 19.90 -11.57 -101.80
C ARG C 640 19.56 -10.29 -102.56
N ASP C 641 20.50 -9.36 -102.69
CA ASP C 641 20.28 -8.14 -103.44
C ASP C 641 21.04 -8.14 -104.76
N LEU C 642 21.46 -9.31 -105.25
CA LEU C 642 22.16 -9.34 -106.53
C LEU C 642 21.18 -9.12 -107.68
N LEU C 643 20.31 -10.10 -107.92
CA LEU C 643 19.05 -9.88 -108.64
C LEU C 643 18.14 -11.07 -108.34
N LEU C 644 17.28 -10.92 -107.34
CA LEU C 644 16.28 -11.94 -107.06
C LEU C 644 14.89 -11.39 -106.73
N GLN C 645 14.78 -10.22 -106.15
CA GLN C 645 13.52 -9.71 -105.63
C GLN C 645 12.82 -8.85 -106.68
N THR C 646 11.81 -8.09 -106.24
CA THR C 646 10.94 -7.34 -107.14
C THR C 646 11.67 -6.25 -107.92
N ARG C 647 11.90 -6.49 -109.21
CA ARG C 647 12.45 -5.49 -110.10
C ARG C 647 11.31 -4.66 -110.70
N LEU C 648 11.67 -3.65 -111.49
CA LEU C 648 10.65 -2.78 -112.05
C LEU C 648 11.20 -2.05 -113.27
N VAL C 649 10.29 -1.69 -114.18
CA VAL C 649 10.60 -0.88 -115.36
C VAL C 649 9.32 -0.13 -115.75
N ASN C 650 9.46 0.86 -116.63
CA ASN C 650 8.35 1.72 -117.00
C ASN C 650 8.31 2.00 -118.49
N HIS C 651 7.20 1.63 -119.13
CA HIS C 651 6.93 1.96 -120.53
C HIS C 651 5.49 1.57 -120.85
N VAL C 652 4.98 2.09 -121.97
CA VAL C 652 3.63 1.80 -122.43
C VAL C 652 3.62 1.79 -123.96
N SER C 653 2.63 1.11 -124.54
CA SER C 653 2.59 0.88 -125.98
C SER C 653 1.15 0.53 -126.39
N SER C 654 1.02 -0.09 -127.57
CA SER C 654 -0.15 -0.80 -128.13
C SER C 654 -0.98 0.04 -129.09
N MET C 655 -1.30 -0.54 -130.26
CA MET C 655 -2.05 0.11 -131.32
C MET C 655 -2.38 -0.95 -132.38
N ARG C 656 -3.56 -0.83 -132.99
CA ARG C 656 -4.02 -1.85 -133.92
C ARG C 656 -4.95 -1.21 -134.93
N PRO C 657 -5.18 -1.87 -136.09
CA PRO C 657 -6.22 -1.41 -137.03
C PRO C 657 -7.58 -2.06 -136.76
N ASN C 658 -8.55 -1.79 -137.65
CA ASN C 658 -9.94 -2.17 -137.44
C ASN C 658 -10.42 -3.34 -138.29
N ILE C 659 -9.91 -3.51 -139.50
CA ILE C 659 -10.52 -4.41 -140.47
C ILE C 659 -10.46 -5.85 -139.99
N PHE C 660 -11.62 -6.53 -140.01
CA PHE C 660 -11.76 -7.92 -139.60
C PHE C 660 -11.50 -8.81 -140.81
N LEU C 661 -10.34 -9.46 -140.85
CA LEU C 661 -10.07 -10.43 -141.90
C LEU C 661 -11.03 -11.62 -141.80
N GLY C 662 -10.88 -12.41 -140.74
CA GLY C 662 -11.81 -13.49 -140.42
C GLY C 662 -12.11 -14.48 -141.53
N VAL C 663 -11.07 -14.96 -142.21
CA VAL C 663 -11.23 -15.82 -143.37
C VAL C 663 -10.84 -17.24 -143.00
N SER C 664 -11.67 -18.21 -143.38
CA SER C 664 -11.43 -19.62 -143.13
C SER C 664 -12.02 -20.41 -144.30
N GLU C 665 -12.24 -21.70 -144.11
CA GLU C 665 -12.87 -22.52 -145.13
C GLU C 665 -14.38 -22.28 -145.15
N GLY C 666 -15.06 -22.88 -146.13
CA GLY C 666 -16.49 -22.73 -146.25
C GLY C 666 -16.89 -21.52 -147.09
N SER C 667 -17.91 -20.80 -146.65
CA SER C 667 -18.39 -19.61 -147.37
C SER C 667 -17.50 -18.42 -147.02
N ALA C 668 -16.31 -18.43 -147.61
CA ALA C 668 -15.32 -17.39 -147.37
C ALA C 668 -14.40 -17.31 -148.58
N GLN C 669 -13.27 -16.62 -148.41
CA GLN C 669 -12.32 -16.35 -149.47
C GLN C 669 -11.06 -17.19 -149.29
N TYR C 670 -10.05 -16.89 -150.12
CA TYR C 670 -8.79 -17.64 -150.10
C TYR C 670 -7.93 -17.16 -148.94
N LYS C 671 -6.66 -17.59 -148.92
CA LYS C 671 -5.79 -17.43 -147.77
C LYS C 671 -4.43 -16.87 -148.15
N LYS C 672 -4.40 -15.87 -149.02
CA LYS C 672 -3.16 -15.23 -149.45
C LYS C 672 -3.27 -13.73 -149.22
N TRP C 673 -2.25 -13.15 -148.57
CA TRP C 673 -2.24 -11.73 -148.28
C TRP C 673 -0.81 -11.21 -148.28
N TYR C 674 -0.68 -9.89 -148.20
CA TYR C 674 0.62 -9.24 -148.31
C TYR C 674 0.54 -7.87 -147.63
N TYR C 675 1.54 -7.56 -146.80
CA TYR C 675 1.58 -6.29 -146.07
C TYR C 675 2.94 -5.65 -146.23
N GLU C 676 2.94 -4.31 -146.20
CA GLU C 676 4.16 -3.52 -146.23
C GLU C 676 3.84 -2.12 -145.76
N LEU C 677 4.67 -1.58 -144.87
CA LEU C 677 4.40 -0.30 -144.22
C LEU C 677 5.40 0.74 -144.68
N MET C 678 5.16 1.99 -144.25
CA MET C 678 6.00 3.13 -144.59
C MET C 678 6.31 3.89 -143.31
N VAL C 679 7.58 4.29 -143.15
CA VAL C 679 8.06 4.92 -141.94
C VAL C 679 8.63 6.30 -142.27
N ASP C 680 8.26 7.29 -141.47
CA ASP C 680 8.74 8.66 -141.65
C ASP C 680 9.56 9.18 -140.48
N HIS C 681 9.28 8.76 -139.25
CA HIS C 681 9.93 9.35 -138.08
C HIS C 681 10.06 8.29 -137.00
N THR C 682 11.30 7.87 -136.72
CA THR C 682 11.60 6.97 -135.61
C THR C 682 12.81 7.52 -134.87
N GLU C 683 12.62 7.86 -133.60
CA GLU C 683 13.71 8.39 -132.79
C GLU C 683 13.71 7.73 -131.42
N PRO C 684 14.88 7.45 -130.87
CA PRO C 684 14.96 6.99 -129.48
C PRO C 684 15.08 8.14 -128.50
N PHE C 685 15.25 7.82 -127.22
CA PHE C 685 15.58 8.77 -126.16
C PHE C 685 14.48 9.78 -125.89
N VAL C 686 13.27 9.55 -126.40
CA VAL C 686 12.14 10.40 -126.00
C VAL C 686 11.82 10.17 -124.53
N THR C 687 11.77 8.92 -124.09
CA THR C 687 11.71 8.50 -122.70
C THR C 687 12.82 7.52 -122.36
N ALA C 688 13.17 6.63 -123.29
CA ALA C 688 14.25 5.68 -123.12
C ALA C 688 14.80 5.32 -124.50
N GLU C 689 15.87 4.52 -124.51
CA GLU C 689 16.43 4.07 -125.78
C GLU C 689 15.48 3.14 -126.52
N ALA C 690 14.67 2.37 -125.79
CA ALA C 690 13.77 1.39 -126.39
C ALA C 690 12.46 2.08 -126.76
N THR C 691 12.23 2.25 -128.05
CA THR C 691 10.97 2.76 -128.59
C THR C 691 10.27 1.59 -129.27
N HIS C 692 9.04 1.30 -128.84
CA HIS C 692 8.34 0.11 -129.31
C HIS C 692 7.80 0.33 -130.72
N LEU C 693 8.21 -0.53 -131.65
CA LEU C 693 7.64 -0.55 -133.00
C LEU C 693 7.77 -1.99 -133.50
N ARG C 694 6.70 -2.77 -133.35
CA ARG C 694 6.75 -4.19 -133.65
C ARG C 694 5.47 -4.62 -134.38
N VAL C 695 5.63 -5.61 -135.25
CA VAL C 695 4.52 -6.25 -135.95
C VAL C 695 4.63 -7.73 -135.69
N GLY C 696 3.65 -8.29 -134.95
CA GLY C 696 3.71 -9.66 -134.51
C GLY C 696 2.94 -10.62 -135.41
N TRP C 697 3.25 -11.91 -135.24
CA TRP C 697 2.61 -12.97 -136.00
C TRP C 697 1.13 -13.08 -135.66
N ALA C 698 0.81 -13.42 -134.42
CA ALA C 698 -0.56 -13.64 -133.98
C ALA C 698 -0.96 -12.50 -133.05
N SER C 699 -1.79 -11.59 -133.57
CA SER C 699 -2.29 -10.48 -132.74
C SER C 699 -3.40 -10.95 -131.81
N THR C 700 -4.20 -11.91 -132.24
CA THR C 700 -5.33 -12.39 -131.46
C THR C 700 -4.92 -13.50 -130.48
N GLU C 701 -4.16 -14.48 -130.96
CA GLU C 701 -3.80 -15.64 -130.15
C GLU C 701 -2.43 -15.51 -129.50
N GLY C 702 -1.57 -14.63 -130.00
CA GLY C 702 -0.21 -14.54 -129.46
C GLY C 702 -0.17 -14.06 -128.03
N TYR C 703 -0.96 -13.04 -127.69
CA TYR C 703 -0.97 -12.51 -126.35
C TYR C 703 -2.34 -11.91 -126.05
N SER C 704 -2.64 -11.78 -124.77
CA SER C 704 -3.88 -11.17 -124.30
C SER C 704 -3.67 -9.68 -124.04
N PRO C 705 -4.57 -8.82 -124.52
CA PRO C 705 -4.41 -7.38 -124.25
C PRO C 705 -4.49 -7.01 -122.78
N TYR C 706 -5.06 -7.87 -121.94
CA TYR C 706 -5.16 -7.60 -120.51
C TYR C 706 -3.78 -7.60 -119.86
N ASN C 716 4.37 -7.18 -122.20
CA ASN C 716 3.28 -6.22 -122.42
C ASN C 716 3.54 -5.38 -123.66
N GLY C 717 2.64 -5.47 -124.63
CA GLY C 717 2.78 -4.70 -125.85
C GLY C 717 2.42 -5.46 -127.12
N VAL C 718 1.76 -4.76 -128.04
CA VAL C 718 1.40 -5.36 -129.33
C VAL C 718 2.66 -5.55 -130.16
N GLY C 719 2.69 -6.62 -130.96
CA GLY C 719 3.86 -6.96 -131.74
C GLY C 719 4.73 -7.98 -131.03
N ASP C 720 5.18 -7.65 -129.83
CA ASP C 720 5.87 -8.61 -128.97
C ASP C 720 4.84 -9.44 -128.20
N ASP C 721 4.03 -10.16 -128.98
CA ASP C 721 2.88 -10.89 -128.44
C ASP C 721 3.30 -12.27 -127.93
N LEU C 722 4.16 -12.26 -126.91
CA LEU C 722 4.63 -13.46 -126.23
C LEU C 722 5.29 -14.43 -127.20
N PHE C 723 4.48 -15.22 -127.91
CA PHE C 723 5.04 -16.16 -128.88
C PHE C 723 5.50 -15.44 -130.15
N SER C 724 4.85 -14.33 -130.50
CA SER C 724 5.22 -13.60 -131.71
C SER C 724 6.57 -12.91 -131.54
N TYR C 725 7.39 -12.97 -132.58
CA TYR C 725 8.71 -12.35 -132.52
C TYR C 725 8.62 -10.83 -132.61
N GLY C 726 7.69 -10.33 -133.43
CA GLY C 726 7.55 -8.90 -133.60
C GLY C 726 8.49 -8.36 -134.66
N PHE C 727 7.94 -7.78 -135.72
CA PHE C 727 8.77 -7.27 -136.81
C PHE C 727 9.39 -5.94 -136.40
N ASP C 728 10.71 -5.87 -136.47
CA ASP C 728 11.46 -4.66 -136.11
C ASP C 728 12.69 -4.61 -137.01
N GLY C 729 13.70 -3.84 -136.59
CA GLY C 729 14.90 -3.65 -137.36
C GLY C 729 15.58 -4.94 -137.81
N LEU C 730 16.18 -5.68 -136.87
CA LEU C 730 16.82 -6.94 -137.19
C LEU C 730 16.60 -8.01 -136.13
N HIS C 731 15.68 -7.80 -135.20
CA HIS C 731 15.52 -8.66 -134.04
C HIS C 731 14.38 -9.65 -134.25
N LEU C 732 14.47 -10.77 -133.53
CA LEU C 732 13.40 -11.77 -133.50
C LEU C 732 13.18 -12.25 -132.07
N TRP C 733 13.45 -11.40 -131.09
CA TRP C 733 13.27 -11.71 -129.68
C TRP C 733 11.79 -11.65 -129.36
N SER C 734 11.16 -12.81 -129.22
CA SER C 734 9.74 -12.86 -128.87
C SER C 734 9.56 -12.50 -127.40
N GLY C 735 8.30 -12.45 -126.97
CA GLY C 735 8.01 -12.18 -125.57
C GLY C 735 8.51 -13.27 -124.66
N CYS C 736 9.57 -12.98 -123.90
CA CYS C 736 10.25 -13.87 -122.96
C CYS C 736 10.93 -15.05 -123.64
N ILE C 737 10.98 -15.09 -124.97
CA ILE C 737 11.69 -16.12 -125.71
C ILE C 737 12.57 -15.44 -126.75
N ALA C 738 13.86 -15.81 -126.75
CA ALA C 738 14.83 -15.19 -127.65
C ALA C 738 15.05 -16.09 -128.86
N ARG C 739 14.81 -15.55 -130.05
CA ARG C 739 15.03 -16.29 -131.29
C ARG C 739 15.62 -15.41 -132.38
N THR C 740 16.41 -14.40 -132.00
CA THR C 740 16.97 -13.47 -132.97
C THR C 740 18.13 -14.08 -133.73
N VAL C 741 18.31 -13.61 -134.96
CA VAL C 741 19.42 -14.05 -135.81
C VAL C 741 20.11 -12.83 -136.41
N SER C 742 21.06 -13.05 -137.31
CA SER C 742 21.81 -11.98 -137.94
C SER C 742 21.70 -12.07 -139.45
N SER C 743 20.48 -12.19 -139.96
CA SER C 743 20.25 -12.33 -141.39
C SER C 743 20.75 -11.09 -142.14
N PRO C 744 21.23 -11.26 -143.37
CA PRO C 744 21.74 -10.12 -144.13
C PRO C 744 20.62 -9.14 -144.50
N ASN C 745 21.05 -8.02 -145.08
CA ASN C 745 20.16 -6.90 -145.43
C ASN C 745 19.39 -6.41 -144.20
N GLN C 746 20.11 -6.18 -143.12
CA GLN C 746 19.53 -5.80 -141.85
C GLN C 746 20.05 -4.44 -141.42
N HIS C 747 19.17 -3.68 -140.75
CA HIS C 747 19.47 -2.36 -140.22
C HIS C 747 18.30 -1.96 -139.34
N LEU C 748 18.37 -0.75 -138.79
CA LEU C 748 17.29 -0.23 -137.96
C LEU C 748 16.10 0.17 -138.85
N LEU C 749 15.02 0.61 -138.20
CA LEU C 749 13.84 1.05 -138.93
C LEU C 749 14.10 2.41 -139.58
N ARG C 750 14.89 2.41 -140.66
CA ARG C 750 15.31 3.61 -141.35
C ARG C 750 14.34 3.90 -142.50
N THR C 751 14.53 5.05 -143.15
CA THR C 751 13.66 5.48 -144.24
C THR C 751 13.75 4.49 -145.41
N ASP C 752 12.69 4.50 -146.24
CA ASP C 752 12.53 3.59 -147.37
C ASP C 752 12.55 2.13 -146.91
N ASP C 753 11.55 1.79 -146.09
CA ASP C 753 11.41 0.44 -145.54
C ASP C 753 10.82 -0.47 -146.62
N VAL C 754 11.67 -0.92 -147.52
CA VAL C 754 11.26 -1.85 -148.56
C VAL C 754 11.18 -3.23 -147.94
N ILE C 755 9.98 -3.60 -147.49
CA ILE C 755 9.77 -4.82 -146.72
C ILE C 755 8.67 -5.65 -147.38
N SER C 756 8.49 -6.87 -146.88
CA SER C 756 7.47 -7.77 -147.40
C SER C 756 7.01 -8.70 -146.29
N CYS C 757 5.69 -8.86 -146.17
CA CYS C 757 5.09 -9.75 -145.19
C CYS C 757 4.55 -11.00 -145.86
N CYS C 758 4.81 -12.15 -145.26
CA CYS C 758 4.41 -13.44 -145.81
C CYS C 758 3.40 -14.12 -144.90
N LEU C 759 2.32 -14.62 -145.50
CA LEU C 759 1.30 -15.36 -144.78
C LEU C 759 0.91 -16.59 -145.57
N ASP C 760 0.58 -17.66 -144.85
CA ASP C 760 0.13 -18.90 -145.47
C ASP C 760 -0.68 -19.68 -144.44
N LEU C 761 -2.00 -19.73 -144.63
CA LEU C 761 -2.84 -20.44 -143.67
C LEU C 761 -2.65 -21.95 -143.74
N SER C 762 -2.21 -22.48 -144.89
CA SER C 762 -1.96 -23.91 -145.01
C SER C 762 -0.70 -24.31 -144.25
N ALA C 763 0.37 -23.55 -144.40
CA ALA C 763 1.63 -23.81 -143.69
C ALA C 763 2.34 -22.49 -143.51
N PRO C 764 2.25 -21.89 -142.31
CA PRO C 764 2.77 -20.53 -142.12
C PRO C 764 4.28 -20.44 -142.18
N SER C 765 4.84 -20.49 -143.39
CA SER C 765 6.25 -20.22 -143.62
C SER C 765 6.47 -18.72 -143.71
N ILE C 766 7.73 -18.32 -143.77
CA ILE C 766 8.10 -16.90 -143.84
C ILE C 766 9.05 -16.70 -145.01
N SER C 767 8.80 -15.64 -145.78
CA SER C 767 9.74 -15.09 -146.76
C SER C 767 9.65 -13.58 -146.63
N PHE C 768 10.45 -13.02 -145.73
CA PHE C 768 10.35 -11.61 -145.37
C PHE C 768 11.42 -10.84 -146.13
N ARG C 769 11.17 -10.68 -147.44
CA ARG C 769 12.15 -10.06 -148.32
C ARG C 769 12.30 -8.58 -148.01
N ILE C 770 13.50 -8.18 -147.62
CA ILE C 770 13.85 -6.78 -147.42
C ILE C 770 15.05 -6.51 -148.32
N ASN C 771 14.76 -6.06 -149.56
CA ASN C 771 15.78 -5.72 -150.55
C ASN C 771 16.74 -6.88 -150.80
N GLY C 772 16.18 -8.08 -151.01
CA GLY C 772 16.99 -9.24 -151.28
C GLY C 772 16.76 -10.41 -150.34
N GLN C 773 17.77 -10.72 -149.53
CA GLN C 773 17.71 -11.90 -148.67
C GLN C 773 16.63 -11.74 -147.62
N PRO C 774 15.70 -12.69 -147.50
CA PRO C 774 14.61 -12.56 -146.53
C PRO C 774 15.01 -13.10 -145.16
N VAL C 775 14.18 -12.77 -144.17
CA VAL C 775 14.36 -13.27 -142.82
C VAL C 775 13.95 -14.73 -142.77
N GLN C 776 14.75 -15.54 -142.08
CA GLN C 776 14.54 -16.97 -141.98
C GLN C 776 14.00 -17.33 -140.60
N GLY C 777 13.56 -18.58 -140.48
CA GLY C 777 12.95 -19.05 -139.25
C GLY C 777 11.44 -19.07 -139.33
N MET C 778 10.87 -20.26 -139.51
CA MET C 778 9.44 -20.37 -139.71
C MET C 778 8.69 -20.32 -138.39
N PHE C 779 7.36 -20.23 -138.49
CA PHE C 779 6.49 -20.25 -137.31
C PHE C 779 5.15 -20.79 -137.79
N GLU C 780 4.94 -22.10 -137.61
CA GLU C 780 3.79 -22.79 -138.16
C GLU C 780 2.67 -22.90 -137.14
N ASN C 781 1.53 -23.40 -137.61
CA ASN C 781 0.35 -23.71 -136.78
C ASN C 781 -0.11 -22.43 -136.08
N PHE C 782 -0.61 -21.49 -136.89
CA PHE C 782 -1.00 -20.17 -136.41
C PHE C 782 -2.43 -19.85 -136.83
N ASN C 783 -3.16 -19.18 -135.94
CA ASN C 783 -4.55 -18.76 -136.18
C ASN C 783 -5.43 -19.96 -136.55
N ILE C 784 -5.58 -20.86 -135.58
CA ILE C 784 -6.22 -22.15 -135.85
C ILE C 784 -7.71 -21.97 -136.06
N ASP C 785 -8.37 -21.29 -135.13
CA ASP C 785 -9.82 -21.11 -135.22
C ASP C 785 -10.20 -20.08 -136.28
N GLY C 786 -9.39 -19.03 -136.43
CA GLY C 786 -9.64 -17.97 -137.38
C GLY C 786 -9.49 -16.63 -136.73
N LEU C 787 -10.08 -15.61 -137.37
CA LEU C 787 -10.10 -14.23 -136.86
C LEU C 787 -8.69 -13.69 -136.67
N PHE C 788 -7.95 -13.60 -137.78
CA PHE C 788 -6.59 -13.09 -137.78
C PHE C 788 -6.58 -11.59 -138.05
N PHE C 789 -5.63 -10.90 -137.44
CA PHE C 789 -5.49 -9.46 -137.60
C PHE C 789 -4.03 -9.08 -137.83
N PRO C 790 -3.69 -8.48 -138.98
CA PRO C 790 -2.38 -7.86 -139.11
C PRO C 790 -2.37 -6.50 -138.40
N VAL C 791 -1.37 -6.29 -137.54
CA VAL C 791 -1.34 -5.12 -136.68
C VAL C 791 0.00 -4.42 -136.78
N VAL C 792 0.00 -3.13 -136.44
CA VAL C 792 1.20 -2.31 -136.35
C VAL C 792 1.16 -1.58 -135.01
N SER C 793 2.23 -1.70 -134.23
CA SER C 793 2.28 -1.17 -132.88
C SER C 793 3.29 -0.04 -132.77
N PHE C 794 2.96 0.94 -131.93
CA PHE C 794 3.84 2.07 -131.67
C PHE C 794 3.63 2.51 -130.23
N SER C 795 4.67 3.16 -129.66
CA SER C 795 4.65 3.60 -128.29
C SER C 795 4.66 5.12 -128.17
N ALA C 796 5.67 5.79 -128.72
CA ALA C 796 5.79 7.24 -128.62
C ALA C 796 6.76 7.73 -129.68
N GLY C 797 6.56 8.97 -130.10
CA GLY C 797 7.45 9.58 -131.09
C GLY C 797 7.45 8.89 -132.44
N ILE C 798 6.29 8.47 -132.92
CA ILE C 798 6.16 7.74 -134.16
C ILE C 798 5.19 8.47 -135.07
N LYS C 799 5.63 8.73 -136.31
CA LYS C 799 4.80 9.37 -137.32
C LYS C 799 4.83 8.49 -138.57
N VAL C 800 3.85 7.59 -138.68
CA VAL C 800 3.76 6.67 -139.81
C VAL C 800 2.35 6.70 -140.36
N ARG C 801 2.21 6.22 -141.60
CA ARG C 801 0.92 6.14 -142.28
C ARG C 801 0.61 4.68 -142.59
N PHE C 802 -0.65 4.30 -142.40
CA PHE C 802 -1.06 2.92 -142.65
C PHE C 802 -1.05 2.62 -144.14
N LEU C 803 -0.52 1.44 -144.49
CA LEU C 803 -0.44 0.99 -145.88
C LEU C 803 -0.79 -0.50 -145.91
N LEU C 804 -2.09 -0.78 -146.13
CA LEU C 804 -2.59 -2.14 -146.24
C LEU C 804 -3.43 -2.22 -147.51
N GLY C 805 -2.77 -2.50 -148.63
CA GLY C 805 -3.43 -2.58 -149.93
C GLY C 805 -3.59 -1.25 -150.63
N GLY C 806 -3.60 -0.15 -149.89
CA GLY C 806 -3.75 1.17 -150.48
C GLY C 806 -5.11 1.41 -151.09
N ARG C 807 -6.17 0.86 -150.50
CA ARG C 807 -7.52 1.17 -150.97
C ARG C 807 -7.90 2.61 -150.66
N HIS C 808 -7.68 3.03 -149.41
CA HIS C 808 -7.87 4.43 -149.05
C HIS C 808 -6.72 5.30 -149.52
N GLY C 809 -5.51 4.76 -149.52
CA GLY C 809 -4.34 5.51 -149.96
C GLY C 809 -3.80 5.04 -151.29
N GLU C 810 -2.48 4.80 -151.35
CA GLU C 810 -1.83 4.35 -152.57
C GLU C 810 -0.81 3.29 -152.21
N PHE C 811 -0.94 2.11 -152.82
CA PHE C 811 0.02 1.03 -152.62
C PHE C 811 1.29 1.36 -153.41
N LYS C 812 2.39 1.62 -152.70
CA LYS C 812 3.62 2.08 -153.35
C LYS C 812 4.22 0.98 -154.23
N PHE C 813 4.37 -0.22 -153.70
CA PHE C 813 4.95 -1.33 -154.44
C PHE C 813 3.83 -2.17 -155.06
N LEU C 814 4.19 -3.32 -155.62
CA LEU C 814 3.23 -4.22 -156.24
C LEU C 814 3.38 -5.62 -155.64
N PRO C 815 2.28 -6.37 -155.57
CA PRO C 815 2.37 -7.73 -155.04
C PRO C 815 3.00 -8.66 -156.07
N PRO C 816 3.79 -9.63 -155.62
CA PRO C 816 4.36 -10.61 -156.56
C PRO C 816 3.32 -11.62 -156.97
N PRO C 817 3.60 -12.45 -157.98
CA PRO C 817 2.70 -13.56 -158.28
C PRO C 817 2.57 -14.49 -157.08
N GLY C 818 1.35 -14.99 -156.87
CA GLY C 818 1.05 -15.70 -155.65
C GLY C 818 0.46 -14.79 -154.60
N TYR C 819 1.30 -14.26 -153.71
CA TYR C 819 0.88 -13.33 -152.69
C TYR C 819 0.26 -12.07 -153.30
N ALA C 820 -1.04 -11.90 -153.18
CA ALA C 820 -1.71 -10.71 -153.67
C ALA C 820 -1.73 -9.64 -152.59
N ALA C 821 -1.94 -8.39 -153.02
CA ALA C 821 -1.90 -7.25 -152.12
C ALA C 821 -3.09 -7.30 -151.15
N CYS C 822 -3.12 -6.34 -150.23
CA CYS C 822 -4.17 -6.26 -149.22
C CYS C 822 -5.37 -5.46 -149.69
N TYR C 823 -5.60 -5.38 -151.01
CA TYR C 823 -6.80 -4.71 -151.52
C TYR C 823 -8.06 -5.44 -151.09
N GLU C 824 -7.99 -6.76 -150.99
CA GLU C 824 -9.15 -7.55 -150.56
C GLU C 824 -9.30 -7.45 -149.06
N ALA C 825 -10.20 -8.27 -148.50
CA ALA C 825 -10.58 -8.33 -147.08
C ALA C 825 -11.27 -7.06 -146.61
N VAL C 826 -11.47 -6.07 -147.48
CA VAL C 826 -12.21 -4.85 -147.13
C VAL C 826 -13.67 -5.13 -147.42
N LEU C 827 -14.43 -5.37 -146.36
CA LEU C 827 -15.82 -5.76 -146.52
C LEU C 827 -16.65 -4.59 -147.05
N PRO C 828 -17.47 -4.79 -148.07
CA PRO C 828 -18.33 -3.71 -148.57
C PRO C 828 -19.51 -3.49 -147.62
N LYS C 829 -20.39 -2.57 -148.01
CA LYS C 829 -21.61 -2.18 -147.31
C LYS C 829 -21.32 -1.50 -145.97
N GLU C 830 -20.06 -1.30 -145.60
CA GLU C 830 -19.70 -0.71 -144.33
C GLU C 830 -18.52 0.23 -144.52
N LYS C 831 -18.34 1.13 -143.55
CA LYS C 831 -17.26 2.09 -143.57
C LYS C 831 -15.95 1.44 -143.13
N LEU C 832 -14.85 1.87 -143.75
CA LEU C 832 -13.52 1.40 -143.39
C LEU C 832 -12.81 2.47 -142.57
N LYS C 833 -12.24 2.04 -141.44
CA LYS C 833 -11.62 2.98 -140.51
C LYS C 833 -10.58 2.21 -139.68
N VAL C 834 -10.16 2.80 -138.57
CA VAL C 834 -9.15 2.21 -137.70
C VAL C 834 -9.67 2.21 -136.27
N GLU C 835 -9.50 1.10 -135.57
CA GLU C 835 -9.98 0.88 -134.22
C GLU C 835 -8.79 0.70 -133.27
N HIS C 836 -9.07 0.25 -132.05
CA HIS C 836 -8.04 0.06 -131.04
C HIS C 836 -7.69 -1.42 -130.91
N SER C 837 -6.76 -1.72 -130.00
CA SER C 837 -6.28 -3.07 -129.76
C SER C 837 -7.23 -3.82 -128.84
N ARG C 838 -8.46 -4.03 -129.36
CA ARG C 838 -9.56 -4.60 -128.58
C ARG C 838 -9.78 -3.80 -127.29
N GLU C 839 -9.64 -2.49 -127.38
CA GLU C 839 -9.71 -1.60 -126.24
C GLU C 839 -10.95 -0.72 -126.35
N TYR C 840 -11.68 -0.58 -125.24
CA TYR C 840 -12.88 0.23 -125.20
C TYR C 840 -12.69 1.56 -124.49
N LYS C 841 -11.60 1.72 -123.75
CA LYS C 841 -11.33 2.94 -123.00
C LYS C 841 -10.20 3.72 -123.65
N GLN C 842 -10.42 5.01 -123.87
CA GLN C 842 -9.45 5.86 -124.56
C GLN C 842 -9.41 7.21 -123.84
N GLU C 843 -8.85 8.21 -124.50
CA GLU C 843 -8.72 9.54 -123.91
C GLU C 843 -10.08 10.19 -123.69
N ARG C 844 -10.50 10.26 -122.42
CA ARG C 844 -11.77 10.86 -122.05
C ARG C 844 -11.57 11.71 -120.81
N THR C 845 -12.50 12.65 -120.59
CA THR C 845 -12.47 13.52 -119.43
C THR C 845 -13.59 13.21 -118.45
N TYR C 846 -14.84 13.29 -118.90
CA TYR C 846 -15.97 12.94 -118.05
C TYR C 846 -17.05 12.13 -118.77
N THR C 847 -17.01 12.04 -120.09
CA THR C 847 -17.98 11.28 -120.89
C THR C 847 -17.44 9.92 -121.28
N ARG C 848 -16.71 9.26 -120.36
CA ARG C 848 -16.08 7.99 -120.65
C ARG C 848 -17.11 6.94 -121.05
N ASP C 849 -16.85 6.26 -122.16
CA ASP C 849 -17.73 5.20 -122.61
C ASP C 849 -17.51 3.93 -121.79
N LEU C 850 -18.58 3.17 -121.60
CA LEU C 850 -18.55 1.93 -120.84
C LEU C 850 -19.14 0.83 -121.72
N LEU C 851 -18.27 0.10 -122.40
CA LEU C 851 -18.68 -0.95 -123.32
C LEU C 851 -18.49 -2.33 -122.69
N GLY C 852 -19.40 -3.24 -123.03
CA GLY C 852 -19.30 -4.61 -122.60
C GLY C 852 -18.37 -5.41 -123.50
N PRO C 853 -18.27 -6.71 -123.21
CA PRO C 853 -17.41 -7.59 -124.02
C PRO C 853 -17.97 -7.75 -125.43
N THR C 854 -17.19 -7.30 -126.41
CA THR C 854 -17.58 -7.41 -127.81
C THR C 854 -16.34 -7.46 -128.71
N LEU C 878 -50.87 -36.27 -156.49
CA LEU C 878 -50.67 -34.87 -156.11
C LEU C 878 -49.61 -34.22 -157.00
N GLU C 879 -48.83 -35.06 -157.68
CA GLU C 879 -47.75 -34.55 -158.53
C GLU C 879 -48.29 -33.96 -159.82
N ARG C 880 -49.29 -34.60 -160.44
CA ARG C 880 -49.79 -34.16 -161.74
C ARG C 880 -50.41 -32.77 -161.65
N ILE C 881 -51.27 -32.53 -160.65
CA ILE C 881 -51.90 -31.22 -160.51
C ILE C 881 -50.85 -30.16 -160.24
N ARG C 882 -49.82 -30.48 -159.46
CA ARG C 882 -48.72 -29.55 -159.25
C ARG C 882 -47.76 -29.52 -160.44
N GLU C 883 -47.70 -30.59 -161.24
CA GLU C 883 -46.92 -30.53 -162.47
C GLU C 883 -47.53 -29.53 -163.45
N ARG C 884 -48.85 -29.45 -163.50
CA ARG C 884 -49.50 -28.42 -164.32
C ARG C 884 -49.14 -27.03 -163.84
N LEU C 885 -49.08 -26.83 -162.51
CA LEU C 885 -48.69 -25.52 -161.98
C LEU C 885 -47.22 -25.22 -162.26
N ALA C 886 -46.36 -26.25 -162.24
CA ALA C 886 -44.96 -26.05 -162.61
C ALA C 886 -44.82 -25.65 -164.07
N GLU C 887 -45.62 -26.27 -164.94
CA GLU C 887 -45.64 -25.87 -166.35
C GLU C 887 -46.16 -24.44 -166.50
N ASN C 888 -47.17 -24.07 -165.71
CA ASN C 888 -47.67 -22.71 -165.74
C ASN C 888 -46.63 -21.71 -165.25
N ILE C 889 -45.82 -22.10 -164.27
CA ILE C 889 -44.74 -21.23 -163.79
C ILE C 889 -43.64 -21.09 -164.83
N HIS C 890 -43.32 -22.18 -165.53
CA HIS C 890 -42.38 -22.09 -166.65
C HIS C 890 -42.92 -21.16 -167.73
N GLU C 891 -44.23 -21.26 -168.01
CA GLU C 891 -44.86 -20.32 -168.95
C GLU C 891 -44.77 -18.89 -168.43
N LEU C 892 -44.91 -18.71 -167.12
CA LEU C 892 -44.78 -17.37 -166.53
C LEU C 892 -43.38 -16.82 -166.77
N TRP C 893 -42.36 -17.64 -166.57
CA TRP C 893 -40.98 -17.21 -166.82
C TRP C 893 -40.78 -16.86 -168.29
N VAL C 894 -41.26 -17.71 -169.19
CA VAL C 894 -40.98 -17.46 -170.61
C VAL C 894 -41.75 -16.24 -171.11
N MET C 895 -43.04 -16.10 -170.75
CA MET C 895 -43.73 -14.89 -171.19
C MET C 895 -43.34 -13.66 -170.37
N ASN C 896 -42.57 -13.83 -169.29
CA ASN C 896 -41.88 -12.70 -168.70
C ASN C 896 -40.66 -12.31 -169.52
N LYS C 897 -40.00 -13.27 -170.18
CA LYS C 897 -38.88 -12.92 -171.04
C LYS C 897 -39.23 -12.84 -172.52
N ILE C 898 -40.39 -13.35 -172.95
CA ILE C 898 -40.83 -13.11 -174.31
C ILE C 898 -41.13 -11.63 -174.53
N GLU C 899 -41.80 -10.99 -173.57
CA GLU C 899 -42.19 -9.59 -173.70
C GLU C 899 -40.99 -8.64 -173.75
N LEU C 900 -39.79 -9.10 -173.40
CA LEU C 900 -38.61 -8.27 -173.55
C LEU C 900 -38.31 -7.98 -175.01
N GLY C 901 -38.65 -8.90 -175.91
CA GLY C 901 -38.46 -8.68 -177.33
C GLY C 901 -37.56 -9.71 -178.00
N TRP C 902 -37.44 -10.88 -177.40
CA TRP C 902 -36.61 -11.92 -177.98
C TRP C 902 -37.38 -12.72 -179.02
N GLN C 903 -36.70 -13.67 -179.65
CA GLN C 903 -37.29 -14.51 -180.69
C GLN C 903 -36.81 -15.94 -180.50
N TYR C 904 -37.61 -16.89 -180.99
CA TYR C 904 -37.23 -18.29 -180.91
C TYR C 904 -35.99 -18.55 -181.75
N GLY C 905 -35.06 -19.33 -181.20
CA GLY C 905 -33.83 -19.65 -181.89
C GLY C 905 -33.08 -20.80 -181.24
N PRO C 906 -32.37 -21.59 -182.06
CA PRO C 906 -31.62 -22.73 -181.51
C PRO C 906 -30.34 -22.33 -180.79
N VAL C 907 -29.88 -21.09 -180.93
CA VAL C 907 -28.64 -20.62 -180.31
C VAL C 907 -28.98 -19.59 -179.25
N ARG C 908 -28.38 -19.74 -178.08
CA ARG C 908 -28.68 -18.87 -176.93
C ARG C 908 -27.90 -17.58 -177.04
N ASP C 909 -28.59 -16.50 -177.43
CA ASP C 909 -28.00 -15.17 -177.47
C ASP C 909 -28.99 -14.17 -176.89
N ASP C 910 -28.47 -13.23 -176.09
CA ASP C 910 -29.33 -12.26 -175.44
C ASP C 910 -29.61 -11.07 -176.36
N ASN C 911 -28.56 -10.43 -176.88
CA ASN C 911 -28.76 -9.25 -177.72
C ASN C 911 -29.27 -9.61 -179.10
N LYS C 912 -28.97 -10.84 -179.57
CA LYS C 912 -29.41 -11.28 -180.88
C LYS C 912 -30.84 -11.81 -180.87
N ARG C 913 -31.49 -11.85 -179.71
CA ARG C 913 -32.89 -12.26 -179.56
C ARG C 913 -33.10 -13.70 -180.04
N GLN C 914 -32.45 -14.63 -179.36
CA GLN C 914 -32.56 -16.05 -179.69
C GLN C 914 -32.26 -16.87 -178.44
N HIS C 915 -33.22 -17.68 -178.01
CA HIS C 915 -33.08 -18.52 -176.84
C HIS C 915 -33.73 -19.88 -177.08
N PRO C 916 -33.01 -20.98 -176.85
CA PRO C 916 -33.64 -22.30 -176.98
C PRO C 916 -34.77 -22.53 -175.98
N CYS C 917 -34.70 -21.92 -174.80
CA CYS C 917 -35.78 -22.04 -173.82
C CYS C 917 -36.98 -21.16 -174.17
N LEU C 918 -36.82 -20.23 -175.11
CA LEU C 918 -37.91 -19.35 -175.51
C LEU C 918 -38.82 -19.98 -176.56
N VAL C 919 -38.42 -21.11 -177.14
CA VAL C 919 -39.19 -21.78 -178.19
C VAL C 919 -40.46 -22.38 -177.61
N GLU C 920 -41.34 -22.86 -178.48
CA GLU C 920 -42.62 -23.43 -178.08
C GLU C 920 -42.42 -24.61 -177.12
N PHE C 921 -43.51 -24.94 -176.40
CA PHE C 921 -43.43 -25.96 -175.37
C PHE C 921 -43.11 -27.33 -175.95
N CYS C 922 -43.64 -27.63 -177.13
CA CYS C 922 -43.43 -28.96 -177.73
C CYS C 922 -42.00 -29.16 -178.20
N LYS C 923 -41.23 -28.09 -178.41
CA LYS C 923 -39.88 -28.19 -178.93
C LYS C 923 -38.82 -27.72 -177.93
N LEU C 924 -39.16 -27.72 -176.63
CA LEU C 924 -38.19 -27.31 -175.63
C LEU C 924 -37.06 -28.34 -175.52
N PRO C 925 -35.84 -27.89 -175.28
CA PRO C 925 -34.72 -28.82 -175.09
C PRO C 925 -34.91 -29.67 -173.83
N GLU C 926 -34.38 -30.90 -173.90
CA GLU C 926 -34.54 -31.83 -172.78
C GLU C 926 -33.74 -31.37 -171.56
N GLN C 927 -32.57 -30.78 -171.79
CA GLN C 927 -31.73 -30.34 -170.67
C GLN C 927 -32.43 -29.26 -169.85
N GLU C 928 -32.92 -28.21 -170.53
CA GLU C 928 -33.63 -27.15 -169.82
C GLU C 928 -34.95 -27.65 -169.23
N ARG C 929 -35.61 -28.60 -169.89
CA ARG C 929 -36.86 -29.14 -169.36
C ARG C 929 -36.61 -29.90 -168.06
N ASN C 930 -35.58 -30.74 -168.02
CA ASN C 930 -35.30 -31.47 -166.78
C ASN C 930 -34.73 -30.55 -165.71
N TYR C 931 -34.02 -29.48 -166.10
CA TYR C 931 -33.62 -28.48 -165.13
C TYR C 931 -34.84 -27.79 -164.51
N ASN C 932 -35.85 -27.47 -165.34
CA ASN C 932 -37.08 -26.89 -164.84
C ASN C 932 -37.80 -27.86 -163.90
N LEU C 933 -37.84 -29.14 -164.26
CA LEU C 933 -38.47 -30.13 -163.40
C LEU C 933 -37.75 -30.26 -162.07
N GLN C 934 -36.42 -30.25 -162.09
CA GLN C 934 -35.65 -30.33 -160.86
C GLN C 934 -35.87 -29.11 -159.98
N MET C 935 -35.86 -27.91 -160.57
CA MET C 935 -36.13 -26.71 -159.79
C MET C 935 -37.54 -26.74 -159.23
N SER C 936 -38.49 -27.26 -160.00
CA SER C 936 -39.86 -27.40 -159.51
C SER C 936 -39.92 -28.29 -158.29
N LEU C 937 -39.38 -29.51 -158.39
CA LEU C 937 -39.49 -30.44 -157.26
C LEU C 937 -38.73 -29.94 -156.05
N GLU C 938 -37.59 -29.27 -156.27
CA GLU C 938 -36.87 -28.67 -155.14
C GLU C 938 -37.69 -27.56 -154.49
N THR C 939 -38.40 -26.76 -155.28
CA THR C 939 -39.23 -25.70 -154.70
C THR C 939 -40.40 -26.27 -153.91
N LEU C 940 -41.05 -27.32 -154.43
CA LEU C 940 -42.09 -28.00 -153.65
C LEU C 940 -41.55 -28.55 -152.34
N LYS C 941 -40.39 -29.21 -152.37
CA LYS C 941 -39.81 -29.74 -151.14
C LYS C 941 -39.49 -28.62 -150.15
N THR C 942 -38.93 -27.51 -150.65
CA THR C 942 -38.58 -26.40 -149.77
C THR C 942 -39.82 -25.76 -149.16
N LEU C 943 -40.86 -25.54 -149.96
CA LEU C 943 -42.07 -24.90 -149.44
C LEU C 943 -42.86 -25.84 -148.53
N LEU C 944 -42.76 -27.15 -148.75
CA LEU C 944 -43.39 -28.09 -147.83
C LEU C 944 -42.63 -28.13 -146.50
N ALA C 945 -41.30 -28.00 -146.55
CA ALA C 945 -40.53 -27.87 -145.33
C ALA C 945 -40.87 -26.58 -144.59
N LEU C 946 -41.04 -25.48 -145.32
CA LEU C 946 -41.39 -24.21 -144.69
C LEU C 946 -42.83 -24.19 -144.20
N GLY C 947 -43.73 -24.84 -144.92
CA GLY C 947 -45.14 -24.88 -144.53
C GLY C 947 -45.97 -23.78 -145.16
N CYS C 948 -45.90 -23.67 -146.48
CA CYS C 948 -46.65 -22.67 -147.24
C CYS C 948 -47.44 -23.34 -148.36
N HIS C 949 -48.18 -24.39 -148.01
CA HIS C 949 -48.98 -25.14 -148.96
C HIS C 949 -50.09 -24.26 -149.51
N VAL C 950 -49.94 -23.84 -150.77
CA VAL C 950 -50.92 -22.98 -151.43
C VAL C 950 -51.40 -23.61 -152.74
N GLY C 951 -51.25 -24.92 -152.88
CA GLY C 951 -51.69 -25.62 -154.08
C GLY C 951 -52.15 -27.04 -153.80
N ILE C 952 -52.38 -27.81 -154.85
CA ILE C 952 -52.75 -29.23 -154.78
C ILE C 952 -54.09 -29.42 -154.08
N ALA C 953 -54.18 -28.96 -152.82
CA ALA C 953 -55.43 -29.07 -152.08
C ALA C 953 -56.56 -28.29 -152.74
N ASP C 954 -56.26 -27.08 -153.20
CA ASP C 954 -57.24 -26.30 -153.95
C ASP C 954 -57.09 -26.58 -155.44
N GLU C 955 -58.10 -26.16 -156.21
CA GLU C 955 -58.11 -26.40 -157.64
C GLU C 955 -57.01 -25.60 -158.33
N HIS C 956 -56.35 -26.24 -159.29
CA HIS C 956 -55.27 -25.60 -160.03
C HIS C 956 -55.84 -24.74 -161.17
N ALA C 957 -55.05 -23.76 -161.61
CA ALA C 957 -55.47 -22.80 -162.62
C ALA C 957 -54.57 -22.93 -163.85
N GLU C 958 -54.91 -23.85 -164.74
CA GLU C 958 -54.24 -24.05 -166.01
C GLU C 958 -55.05 -25.03 -166.85
N GLU C 959 -54.99 -24.85 -168.16
CA GLU C 959 -55.62 -25.74 -169.15
C GLU C 959 -57.11 -25.88 -168.93
N LYS C 960 -57.54 -26.99 -168.33
CA LYS C 960 -58.97 -27.28 -168.20
C LYS C 960 -59.64 -26.42 -167.12
N VAL C 961 -58.90 -26.02 -166.09
CA VAL C 961 -59.45 -25.15 -165.05
C VAL C 961 -58.66 -23.85 -165.10
N LYS C 962 -58.25 -23.45 -166.30
CA LYS C 962 -57.47 -22.23 -166.46
C LYS C 962 -58.28 -21.01 -166.04
N LYS C 963 -57.61 -20.06 -165.39
CA LYS C 963 -58.23 -18.83 -164.91
C LYS C 963 -58.21 -17.71 -165.94
N MET C 964 -58.16 -18.06 -167.23
CA MET C 964 -58.18 -17.13 -168.37
C MET C 964 -57.16 -15.99 -168.22
N LYS C 965 -56.09 -16.24 -167.46
CA LYS C 965 -55.06 -15.23 -167.28
C LYS C 965 -54.31 -14.95 -168.58
N LEU C 966 -54.02 -16.00 -169.36
CA LEU C 966 -53.29 -15.81 -170.61
C LEU C 966 -54.08 -14.99 -171.64
N PRO C 967 -55.35 -15.30 -171.96
CA PRO C 967 -56.06 -14.46 -172.95
C PRO C 967 -56.43 -13.09 -172.44
N LYS C 968 -56.24 -12.80 -171.15
CA LYS C 968 -56.65 -11.50 -170.61
C LYS C 968 -55.81 -10.36 -171.18
N ASN C 969 -54.50 -10.56 -171.31
CA ASN C 969 -53.60 -9.55 -171.83
C ASN C 969 -52.76 -10.14 -172.96
N TYR C 970 -52.54 -9.35 -174.01
CA TYR C 970 -51.79 -9.80 -175.17
C TYR C 970 -50.72 -8.76 -175.54
N GLN C 971 -49.60 -9.25 -176.05
CA GLN C 971 -48.49 -8.42 -176.50
C GLN C 971 -48.03 -8.90 -177.86
N LEU C 972 -47.57 -7.97 -178.70
CA LEU C 972 -47.15 -8.28 -180.06
C LEU C 972 -45.62 -8.37 -180.10
N THR C 973 -45.12 -9.55 -179.74
CA THR C 973 -43.70 -9.85 -179.85
C THR C 973 -43.55 -11.27 -180.41
N SER C 974 -42.34 -11.58 -180.87
CA SER C 974 -42.08 -12.84 -181.54
C SER C 974 -41.98 -13.98 -180.52
N GLY C 975 -41.74 -15.18 -181.02
CA GLY C 975 -41.65 -16.37 -180.19
C GLY C 975 -42.93 -17.18 -180.19
N TYR C 976 -43.06 -18.01 -179.15
CA TYR C 976 -44.29 -18.78 -178.96
C TYR C 976 -45.48 -17.85 -178.72
N LYS C 977 -45.28 -16.82 -177.89
CA LYS C 977 -46.30 -15.85 -177.51
C LYS C 977 -47.55 -16.53 -176.96
N PRO C 978 -47.51 -17.06 -175.74
CA PRO C 978 -48.74 -17.52 -175.08
C PRO C 978 -49.57 -16.39 -174.47
N ALA C 979 -49.25 -15.13 -174.79
CA ALA C 979 -49.84 -13.89 -174.30
C ALA C 979 -49.50 -13.68 -172.83
N PRO C 980 -49.10 -12.47 -172.44
CA PRO C 980 -48.53 -12.27 -171.10
C PRO C 980 -49.53 -12.51 -169.97
N MET C 981 -48.98 -12.60 -168.77
CA MET C 981 -49.77 -12.90 -167.58
C MET C 981 -50.68 -11.73 -167.20
N ASP C 982 -51.78 -12.05 -166.55
CA ASP C 982 -52.69 -11.04 -166.02
C ASP C 982 -53.47 -11.67 -164.87
N LEU C 983 -53.15 -11.27 -163.64
CA LEU C 983 -53.77 -11.83 -162.45
C LEU C 983 -53.97 -10.71 -161.44
N SER C 984 -55.23 -10.28 -161.28
CA SER C 984 -55.58 -9.24 -160.32
C SER C 984 -56.59 -9.74 -159.29
N PHE C 985 -56.78 -11.06 -159.20
CA PHE C 985 -57.74 -11.65 -158.27
C PHE C 985 -57.11 -12.09 -156.96
N ILE C 986 -55.80 -11.88 -156.78
CA ILE C 986 -55.12 -12.30 -155.56
C ILE C 986 -54.09 -11.23 -155.21
N LYS C 987 -53.75 -11.16 -153.92
CA LYS C 987 -52.75 -10.26 -153.39
C LYS C 987 -51.60 -11.06 -152.77
N LEU C 988 -50.69 -10.36 -152.11
CA LEU C 988 -49.54 -10.99 -151.48
C LEU C 988 -49.54 -10.70 -149.98
N THR C 989 -48.93 -11.61 -149.22
CA THR C 989 -48.79 -11.54 -147.79
C THR C 989 -47.31 -11.55 -147.42
N PRO C 990 -46.89 -10.82 -146.38
CA PRO C 990 -45.47 -10.84 -145.99
C PRO C 990 -44.95 -12.22 -145.58
N SER C 991 -45.83 -13.17 -145.25
CA SER C 991 -45.37 -14.54 -145.04
C SER C 991 -44.79 -15.12 -146.32
N GLN C 992 -45.47 -14.92 -147.44
CA GLN C 992 -44.90 -15.33 -148.72
C GLN C 992 -43.73 -14.45 -149.14
N GLU C 993 -43.63 -13.23 -148.62
CA GLU C 993 -42.42 -12.44 -148.84
C GLU C 993 -41.22 -13.07 -148.13
N ALA C 994 -41.42 -13.55 -146.91
CA ALA C 994 -40.36 -14.28 -146.22
C ALA C 994 -40.05 -15.60 -146.91
N MET C 995 -41.06 -16.26 -147.47
CA MET C 995 -40.80 -17.48 -148.24
C MET C 995 -40.02 -17.18 -149.51
N VAL C 996 -40.30 -16.03 -150.15
CA VAL C 996 -39.48 -15.56 -151.26
C VAL C 996 -38.04 -15.33 -150.80
N ASP C 997 -37.88 -14.75 -149.62
CA ASP C 997 -36.54 -14.51 -149.08
C ASP C 997 -35.80 -15.83 -148.86
N LYS C 998 -36.50 -16.85 -148.35
CA LYS C 998 -35.85 -18.14 -148.11
C LYS C 998 -35.54 -18.86 -149.43
N LEU C 999 -36.42 -18.73 -150.42
CA LEU C 999 -36.11 -19.27 -151.75
C LEU C 999 -34.89 -18.58 -152.34
N ALA C 1000 -34.78 -17.27 -152.13
CA ALA C 1000 -33.58 -16.55 -152.54
C ALA C 1000 -32.36 -17.03 -151.76
N GLU C 1001 -32.54 -17.36 -150.47
CA GLU C 1001 -31.45 -17.92 -149.68
C GLU C 1001 -30.92 -19.19 -150.32
N ASN C 1002 -31.81 -20.12 -150.69
CA ASN C 1002 -31.38 -21.36 -151.32
C ASN C 1002 -30.76 -21.11 -152.69
N ALA C 1003 -31.36 -20.23 -153.49
CA ALA C 1003 -30.86 -19.97 -154.83
C ALA C 1003 -29.47 -19.34 -154.79
N HIS C 1004 -29.28 -18.35 -153.91
CA HIS C 1004 -27.97 -17.73 -153.79
C HIS C 1004 -26.98 -18.65 -153.07
N ASN C 1005 -27.46 -19.59 -152.26
CA ASN C 1005 -26.58 -20.61 -151.70
C ASN C 1005 -25.96 -21.45 -152.79
N VAL C 1006 -26.80 -21.98 -153.70
CA VAL C 1006 -26.24 -22.81 -154.77
C VAL C 1006 -25.45 -21.94 -155.76
N TRP C 1007 -25.85 -20.67 -155.94
CA TRP C 1007 -25.11 -19.77 -156.81
C TRP C 1007 -23.70 -19.51 -156.25
N ALA C 1008 -23.61 -19.22 -154.95
CA ALA C 1008 -22.31 -19.00 -154.33
C ALA C 1008 -21.49 -20.28 -154.29
N ARG C 1009 -22.14 -21.44 -154.15
CA ARG C 1009 -21.43 -22.69 -154.25
C ARG C 1009 -20.80 -22.86 -155.64
N ASP C 1010 -21.55 -22.53 -156.68
CA ASP C 1010 -21.00 -22.58 -158.04
C ASP C 1010 -19.86 -21.58 -158.22
N ARG C 1011 -20.01 -20.37 -157.66
CA ARG C 1011 -18.98 -19.35 -157.81
C ARG C 1011 -17.71 -19.72 -157.07
N ILE C 1012 -17.82 -20.31 -155.89
CA ILE C 1012 -16.66 -20.57 -155.05
C ILE C 1012 -15.97 -21.86 -155.48
N ARG C 1013 -16.74 -22.90 -155.79
CA ARG C 1013 -16.14 -24.18 -156.18
C ARG C 1013 -15.34 -24.03 -157.47
N GLN C 1014 -15.84 -23.25 -158.42
CA GLN C 1014 -15.13 -23.00 -159.66
C GLN C 1014 -14.22 -21.78 -159.60
N GLY C 1015 -14.29 -20.98 -158.53
CA GLY C 1015 -13.51 -19.77 -158.46
C GLY C 1015 -13.94 -18.69 -159.44
N TRP C 1016 -15.19 -18.71 -159.87
CA TRP C 1016 -15.67 -17.79 -160.89
C TRP C 1016 -16.18 -16.50 -160.25
N THR C 1017 -16.09 -15.42 -161.03
CA THR C 1017 -16.52 -14.06 -160.72
C THR C 1017 -15.75 -13.43 -159.56
N TYR C 1018 -14.76 -14.11 -158.99
CA TYR C 1018 -13.98 -13.54 -157.91
C TYR C 1018 -12.66 -14.29 -157.81
N GLY C 1019 -11.71 -13.67 -157.11
CA GLY C 1019 -10.41 -14.29 -156.89
C GLY C 1019 -9.55 -13.49 -155.94
N ILE C 1020 -8.96 -14.17 -154.97
CA ILE C 1020 -8.05 -13.55 -154.01
C ILE C 1020 -6.60 -13.77 -154.40
N GLN C 1021 -6.24 -14.99 -154.79
CA GLN C 1021 -4.89 -15.29 -155.24
C GLN C 1021 -4.72 -15.05 -156.74
N GLN C 1022 -5.68 -15.50 -157.54
CA GLN C 1022 -5.59 -15.41 -158.99
C GLN C 1022 -6.24 -14.17 -159.58
N ASP C 1023 -7.35 -13.69 -158.98
CA ASP C 1023 -8.07 -12.51 -159.45
C ASP C 1023 -8.46 -12.66 -160.92
N VAL C 1024 -9.36 -13.61 -161.16
CA VAL C 1024 -9.78 -13.94 -162.52
C VAL C 1024 -10.41 -12.74 -163.21
N LYS C 1025 -11.07 -11.86 -162.46
CA LYS C 1025 -11.65 -10.66 -163.04
C LYS C 1025 -11.82 -9.62 -161.94
N ASN C 1026 -11.68 -8.35 -162.31
CA ASN C 1026 -11.93 -7.26 -161.38
C ASN C 1026 -13.42 -7.18 -161.07
N ARG C 1027 -13.74 -6.41 -160.03
CA ARG C 1027 -15.10 -6.28 -159.52
C ARG C 1027 -15.67 -7.64 -159.14
N ARG C 1028 -15.08 -8.21 -158.09
CA ARG C 1028 -15.50 -9.50 -157.57
C ARG C 1028 -16.98 -9.48 -157.18
N ASN C 1029 -17.52 -10.68 -156.98
CA ASN C 1029 -18.94 -10.84 -156.72
C ASN C 1029 -19.35 -10.05 -155.47
N PRO C 1030 -20.31 -9.12 -155.57
CA PRO C 1030 -20.69 -8.33 -154.40
C PRO C 1030 -21.28 -9.17 -153.28
N ARG C 1031 -21.82 -10.34 -153.59
CA ARG C 1031 -22.42 -11.20 -152.59
C ARG C 1031 -21.41 -11.70 -151.57
N LEU C 1032 -20.45 -12.52 -152.02
CA LEU C 1032 -19.59 -13.31 -151.14
C LEU C 1032 -20.46 -14.12 -150.20
N VAL C 1033 -20.95 -13.49 -149.13
CA VAL C 1033 -22.08 -14.06 -148.39
C VAL C 1033 -23.31 -14.02 -149.29
N PRO C 1034 -24.03 -15.13 -149.47
CA PRO C 1034 -25.02 -15.21 -150.55
C PRO C 1034 -26.14 -14.18 -150.49
N TYR C 1035 -26.45 -13.64 -149.31
CA TYR C 1035 -27.55 -12.68 -149.20
C TYR C 1035 -27.24 -11.44 -148.38
N THR C 1036 -26.19 -11.44 -147.56
CA THR C 1036 -25.96 -10.32 -146.64
C THR C 1036 -25.55 -9.06 -147.39
N LEU C 1037 -24.58 -9.18 -148.30
CA LEU C 1037 -24.07 -8.01 -148.99
C LEU C 1037 -24.84 -7.70 -150.28
N LEU C 1038 -25.14 -8.72 -151.07
CA LEU C 1038 -25.95 -8.55 -152.28
C LEU C 1038 -27.41 -8.59 -151.89
N ASP C 1039 -27.96 -7.43 -151.54
CA ASP C 1039 -29.34 -7.32 -151.12
C ASP C 1039 -30.28 -7.35 -152.32
N ASP C 1040 -31.58 -7.25 -152.04
CA ASP C 1040 -32.59 -7.32 -153.09
C ASP C 1040 -32.56 -6.12 -154.02
N ARG C 1041 -31.88 -5.04 -153.64
CA ARG C 1041 -31.81 -3.86 -154.50
C ARG C 1041 -30.99 -4.13 -155.76
N THR C 1042 -29.99 -5.01 -155.66
CA THR C 1042 -29.18 -5.35 -156.83
C THR C 1042 -29.77 -6.51 -157.63
N LYS C 1043 -30.30 -7.52 -156.95
CA LYS C 1043 -30.93 -8.66 -157.61
C LYS C 1043 -32.43 -8.44 -157.80
N LYS C 1044 -32.76 -7.29 -158.39
CA LYS C 1044 -34.16 -6.93 -158.59
C LYS C 1044 -34.84 -7.85 -159.58
N SER C 1045 -34.10 -8.37 -160.57
CA SER C 1045 -34.68 -9.32 -161.50
C SER C 1045 -35.16 -10.58 -160.79
N ASN C 1046 -34.30 -11.17 -159.95
CA ASN C 1046 -34.69 -12.35 -159.19
C ASN C 1046 -35.78 -12.03 -158.19
N LYS C 1047 -35.72 -10.85 -157.56
CA LYS C 1047 -36.75 -10.47 -156.59
C LYS C 1047 -38.12 -10.36 -157.24
N ASP C 1048 -38.19 -9.67 -158.39
CA ASP C 1048 -39.46 -9.53 -159.10
C ASP C 1048 -39.93 -10.87 -159.67
N SER C 1049 -39.00 -11.72 -160.12
CA SER C 1049 -39.39 -13.04 -160.61
C SER C 1049 -40.01 -13.87 -159.50
N LEU C 1050 -39.41 -13.85 -158.30
CA LEU C 1050 -39.96 -14.59 -157.18
C LEU C 1050 -41.30 -14.03 -156.73
N ARG C 1051 -41.43 -12.70 -156.74
CA ARG C 1051 -42.69 -12.06 -156.36
C ARG C 1051 -43.81 -12.44 -157.32
N GLU C 1052 -43.52 -12.39 -158.63
CA GLU C 1052 -44.52 -12.79 -159.61
C GLU C 1052 -44.83 -14.28 -159.50
N ALA C 1053 -43.82 -15.11 -159.22
CA ALA C 1053 -44.05 -16.54 -159.06
C ALA C 1053 -44.97 -16.82 -157.89
N VAL C 1054 -44.74 -16.16 -156.75
CA VAL C 1054 -45.59 -16.44 -155.58
C VAL C 1054 -46.98 -15.85 -155.76
N ARG C 1055 -47.10 -14.71 -156.44
CA ARG C 1055 -48.42 -14.17 -156.74
C ARG C 1055 -49.20 -15.11 -157.64
N THR C 1056 -48.56 -15.65 -158.69
CA THR C 1056 -49.22 -16.60 -159.56
C THR C 1056 -49.57 -17.89 -158.83
N LEU C 1057 -48.69 -18.35 -157.94
CA LEU C 1057 -48.97 -19.56 -157.18
C LEU C 1057 -50.17 -19.36 -156.25
N LEU C 1058 -50.27 -18.19 -155.62
CA LEU C 1058 -51.44 -17.89 -154.81
C LEU C 1058 -52.70 -17.82 -155.66
N GLY C 1059 -52.58 -17.26 -156.87
CA GLY C 1059 -53.72 -17.22 -157.77
C GLY C 1059 -54.11 -18.56 -158.36
N TYR C 1060 -53.19 -19.53 -158.33
CA TYR C 1060 -53.48 -20.84 -158.90
C TYR C 1060 -54.47 -21.60 -158.04
N GLY C 1061 -54.08 -21.90 -156.80
CA GLY C 1061 -54.91 -22.68 -155.91
C GLY C 1061 -54.44 -24.12 -155.79
N GLY C 1082 -24.70 -16.28 -119.07
CA GLY C 1082 -24.38 -16.13 -117.67
C GLY C 1082 -23.11 -15.35 -117.43
N GLU C 1083 -22.14 -15.54 -118.31
CA GLU C 1083 -20.85 -14.85 -118.20
C GLU C 1083 -20.92 -13.48 -118.86
N ARG C 1084 -19.75 -12.88 -119.11
CA ARG C 1084 -19.53 -11.61 -119.80
C ARG C 1084 -19.98 -10.40 -118.99
N PHE C 1085 -20.44 -10.58 -117.75
CA PHE C 1085 -20.74 -9.44 -116.90
C PHE C 1085 -19.44 -8.84 -116.37
N ARG C 1086 -19.38 -7.52 -116.33
CA ARG C 1086 -18.20 -6.79 -115.85
C ARG C 1086 -18.67 -5.78 -114.80
N ILE C 1087 -18.35 -6.04 -113.55
CA ILE C 1087 -18.71 -5.12 -112.46
C ILE C 1087 -17.65 -4.01 -112.42
N PHE C 1088 -18.01 -2.84 -112.91
CA PHE C 1088 -17.10 -1.70 -112.97
C PHE C 1088 -17.00 -1.09 -111.57
N ARG C 1089 -16.08 -1.62 -110.78
CA ARG C 1089 -15.88 -1.17 -109.41
C ARG C 1089 -15.05 0.11 -109.38
N ALA C 1090 -14.92 0.66 -108.18
CA ALA C 1090 -14.06 1.81 -107.94
C ALA C 1090 -12.96 1.43 -106.95
N GLU C 1091 -12.02 2.34 -106.75
CA GLU C 1091 -10.97 2.11 -105.77
C GLU C 1091 -11.54 2.14 -104.37
N LYS C 1092 -11.19 1.13 -103.57
CA LYS C 1092 -11.72 1.04 -102.20
C LYS C 1092 -11.04 1.99 -101.24
N THR C 1093 -10.01 2.72 -101.67
CA THR C 1093 -9.33 3.64 -100.78
C THR C 1093 -10.24 4.77 -100.31
N TYR C 1094 -11.05 5.32 -101.20
CA TYR C 1094 -12.00 6.37 -100.83
C TYR C 1094 -13.37 5.78 -100.51
N ALA C 1095 -13.39 4.78 -99.62
CA ALA C 1095 -14.64 4.18 -99.18
C ALA C 1095 -15.41 5.14 -98.29
N VAL C 1096 -16.66 4.78 -98.00
CA VAL C 1096 -17.54 5.62 -97.20
C VAL C 1096 -17.86 4.93 -95.90
N LYS C 1097 -18.14 5.73 -94.87
CA LYS C 1097 -18.61 5.21 -93.60
C LYS C 1097 -19.71 6.05 -92.96
N ALA C 1098 -20.06 7.19 -93.54
CA ALA C 1098 -21.07 8.09 -92.99
C ALA C 1098 -21.45 9.07 -94.10
N GLY C 1099 -22.32 10.02 -93.78
CA GLY C 1099 -22.70 11.05 -94.73
C GLY C 1099 -23.64 10.53 -95.81
N ARG C 1100 -23.81 11.38 -96.83
CA ARG C 1100 -24.67 11.05 -97.97
C ARG C 1100 -24.15 11.76 -99.21
N TRP C 1101 -24.32 11.11 -100.35
CA TRP C 1101 -23.85 11.66 -101.63
C TRP C 1101 -24.84 11.28 -102.73
N TYR C 1102 -24.75 12.01 -103.84
CA TYR C 1102 -25.55 11.75 -105.02
C TYR C 1102 -24.72 10.99 -106.05
N PHE C 1103 -25.39 10.14 -106.82
CA PHE C 1103 -24.74 9.36 -107.87
C PHE C 1103 -25.77 8.98 -108.92
N GLU C 1104 -25.46 9.29 -110.18
CA GLU C 1104 -26.34 8.95 -111.29
C GLU C 1104 -25.52 8.20 -112.35
N PHE C 1105 -26.18 7.27 -113.03
CA PHE C 1105 -25.56 6.46 -114.08
C PHE C 1105 -26.32 6.72 -115.38
N GLU C 1106 -25.64 7.31 -116.36
CA GLU C 1106 -26.27 7.58 -117.64
C GLU C 1106 -26.37 6.30 -118.45
N ALA C 1107 -27.59 5.94 -118.85
CA ALA C 1107 -27.84 4.71 -119.59
C ALA C 1107 -28.08 5.04 -121.05
N VAL C 1108 -27.33 4.39 -121.93
CA VAL C 1108 -27.46 4.58 -123.37
C VAL C 1108 -28.20 3.42 -124.02
N THR C 1109 -27.83 2.19 -123.67
CA THR C 1109 -28.46 1.00 -124.21
C THR C 1109 -29.58 0.55 -123.30
N ALA C 1110 -30.79 0.44 -123.84
CA ALA C 1110 -31.93 -0.05 -123.08
C ALA C 1110 -31.81 -1.55 -122.84
N GLY C 1111 -32.47 -2.02 -121.79
CA GLY C 1111 -32.44 -3.42 -121.45
C GLY C 1111 -31.84 -3.68 -120.08
N ASP C 1112 -30.69 -4.34 -120.05
CA ASP C 1112 -30.02 -4.67 -118.79
C ASP C 1112 -29.05 -3.55 -118.44
N MET C 1113 -29.42 -2.73 -117.46
CA MET C 1113 -28.58 -1.65 -116.97
C MET C 1113 -28.41 -1.76 -115.46
N ARG C 1114 -28.23 -2.98 -114.96
CA ARG C 1114 -28.12 -3.25 -113.53
C ARG C 1114 -26.92 -2.53 -112.93
N VAL C 1115 -27.18 -1.47 -112.16
CA VAL C 1115 -26.14 -0.65 -111.54
C VAL C 1115 -26.52 -0.41 -110.09
N GLY C 1116 -25.51 -0.04 -109.30
CA GLY C 1116 -25.72 0.23 -107.90
C GLY C 1116 -24.42 0.42 -107.15
N TRP C 1117 -24.29 -0.24 -105.99
CA TRP C 1117 -23.06 -0.15 -105.22
C TRP C 1117 -22.85 -1.46 -104.46
N SER C 1118 -21.61 -1.66 -104.02
CA SER C 1118 -21.26 -2.86 -103.26
C SER C 1118 -20.09 -2.55 -102.35
N ARG C 1119 -19.94 -3.36 -101.31
CA ARG C 1119 -18.76 -3.30 -100.48
C ARG C 1119 -17.56 -3.86 -101.25
N PRO C 1120 -16.34 -3.51 -100.84
CA PRO C 1120 -15.15 -4.16 -101.44
C PRO C 1120 -15.23 -5.67 -101.31
N GLY C 1121 -15.32 -6.16 -100.08
CA GLY C 1121 -15.66 -7.54 -99.76
C GLY C 1121 -15.01 -8.63 -100.59
N CYS C 1122 -15.84 -9.36 -101.31
CA CYS C 1122 -15.38 -10.46 -102.16
C CYS C 1122 -16.34 -10.57 -103.35
N GLN C 1123 -16.31 -11.72 -104.02
CA GLN C 1123 -17.19 -12.02 -105.16
C GLN C 1123 -17.01 -11.01 -106.29
N PRO C 1124 -15.79 -11.00 -106.84
CA PRO C 1124 -15.50 -10.15 -108.00
C PRO C 1124 -16.02 -10.76 -109.31
N ASP C 1125 -16.52 -11.99 -109.28
CA ASP C 1125 -17.14 -12.62 -110.44
C ASP C 1125 -18.32 -13.45 -109.93
N LEU C 1126 -19.49 -12.81 -109.86
CA LEU C 1126 -20.71 -13.44 -109.37
C LEU C 1126 -21.89 -12.56 -109.79
N GLU C 1127 -23.09 -12.99 -109.39
CA GLU C 1127 -24.29 -12.22 -109.69
C GLU C 1127 -24.28 -10.91 -108.92
N LEU C 1128 -24.47 -9.81 -109.63
CA LEU C 1128 -24.47 -8.50 -108.99
C LEU C 1128 -25.73 -8.31 -108.16
N GLY C 1129 -25.55 -7.92 -106.91
CA GLY C 1129 -26.68 -7.74 -106.02
C GLY C 1129 -27.34 -9.02 -105.57
N SER C 1130 -26.65 -10.16 -105.68
CA SER C 1130 -27.24 -11.43 -105.28
C SER C 1130 -27.44 -11.50 -103.78
N ASP C 1131 -26.42 -11.11 -103.01
CA ASP C 1131 -26.51 -11.12 -101.57
C ASP C 1131 -26.66 -9.69 -101.04
N ASP C 1132 -26.66 -9.54 -99.71
CA ASP C 1132 -26.73 -8.21 -99.11
C ASP C 1132 -25.44 -7.44 -99.24
N ARG C 1133 -24.35 -8.09 -99.67
CA ARG C 1133 -23.08 -7.40 -99.86
C ARG C 1133 -23.18 -6.36 -100.97
N ALA C 1134 -23.90 -6.69 -102.05
CA ALA C 1134 -24.04 -5.81 -103.19
C ALA C 1134 -25.49 -5.36 -103.33
N PHE C 1135 -25.67 -4.13 -103.82
CA PHE C 1135 -26.98 -3.57 -104.08
C PHE C 1135 -27.01 -3.05 -105.51
N ALA C 1136 -28.06 -3.41 -106.25
CA ALA C 1136 -28.17 -3.00 -107.65
C ALA C 1136 -29.64 -3.00 -108.04
N PHE C 1137 -29.92 -2.36 -109.17
CA PHE C 1137 -31.28 -2.28 -109.72
C PHE C 1137 -31.20 -2.37 -111.23
N ASP C 1138 -31.96 -3.29 -111.80
CA ASP C 1138 -31.99 -3.52 -113.24
C ASP C 1138 -33.26 -2.97 -113.85
N GLY C 1139 -33.27 -2.89 -115.18
CA GLY C 1139 -34.43 -2.39 -115.90
C GLY C 1139 -35.04 -3.40 -116.84
N PHE C 1140 -34.23 -4.37 -117.31
CA PHE C 1140 -34.76 -5.42 -118.16
C PHE C 1140 -35.79 -6.25 -117.42
N LYS C 1141 -35.50 -6.62 -116.17
CA LYS C 1141 -36.46 -7.30 -115.32
C LYS C 1141 -37.26 -6.35 -114.45
N ALA C 1142 -36.93 -5.06 -114.46
CA ALA C 1142 -37.60 -4.02 -113.68
C ALA C 1142 -37.64 -4.39 -112.20
N GLN C 1143 -36.45 -4.56 -111.62
CA GLN C 1143 -36.34 -4.99 -110.24
C GLN C 1143 -35.01 -4.51 -109.68
N ARG C 1144 -34.92 -4.51 -108.35
CA ARG C 1144 -33.68 -4.24 -107.65
C ARG C 1144 -32.89 -5.54 -107.50
N TRP C 1145 -31.82 -5.51 -106.71
CA TRP C 1145 -31.03 -6.72 -106.47
C TRP C 1145 -30.38 -6.59 -105.09
N HIS C 1146 -31.01 -7.22 -104.09
CA HIS C 1146 -30.46 -7.27 -102.74
C HIS C 1146 -31.11 -8.44 -102.02
N GLN C 1147 -30.32 -9.49 -101.73
CA GLN C 1147 -30.80 -10.68 -101.04
C GLN C 1147 -31.98 -11.32 -101.75
N GLY C 1148 -31.95 -11.29 -103.08
CA GLY C 1148 -33.03 -11.81 -103.91
C GLY C 1148 -33.40 -10.85 -105.01
N ASN C 1149 -34.43 -11.23 -105.76
CA ASN C 1149 -34.88 -10.40 -106.88
C ASN C 1149 -35.62 -9.15 -106.38
N GLU C 1150 -36.75 -9.36 -105.69
CA GLU C 1150 -37.51 -8.28 -105.05
C GLU C 1150 -37.93 -7.22 -106.07
N HIS C 1151 -38.83 -7.63 -106.97
CA HIS C 1151 -39.37 -6.81 -108.05
C HIS C 1151 -39.70 -5.40 -107.57
N TYR C 1152 -39.08 -4.41 -108.21
CA TYR C 1152 -39.13 -3.03 -107.73
C TYR C 1152 -39.02 -2.07 -108.90
N GLY C 1153 -39.78 -0.99 -108.84
CA GLY C 1153 -39.67 0.05 -109.84
C GLY C 1153 -40.29 -0.33 -111.17
N ARG C 1154 -39.90 0.43 -112.20
CA ARG C 1154 -40.39 0.23 -113.56
C ARG C 1154 -39.20 0.11 -114.50
N SER C 1155 -39.47 -0.46 -115.67
CA SER C 1155 -38.43 -0.66 -116.67
C SER C 1155 -37.96 0.67 -117.23
N TRP C 1156 -36.68 0.75 -117.54
CA TRP C 1156 -36.08 1.94 -118.12
C TRP C 1156 -35.87 1.74 -119.63
N GLN C 1157 -35.28 2.74 -120.26
CA GLN C 1157 -35.03 2.71 -121.70
C GLN C 1157 -33.77 3.52 -121.98
N ALA C 1158 -33.54 3.86 -123.24
CA ALA C 1158 -32.39 4.66 -123.61
C ALA C 1158 -32.52 6.07 -123.09
N GLY C 1159 -31.41 6.63 -122.60
CA GLY C 1159 -31.41 7.96 -122.04
C GLY C 1159 -32.11 8.05 -120.71
N ASP C 1160 -31.58 7.35 -119.70
CA ASP C 1160 -32.17 7.33 -118.37
C ASP C 1160 -31.07 7.34 -117.34
N VAL C 1161 -31.37 7.91 -116.17
CA VAL C 1161 -30.45 7.97 -115.05
C VAL C 1161 -31.11 7.31 -113.84
N VAL C 1162 -30.39 6.37 -113.23
CA VAL C 1162 -30.95 5.62 -112.09
C VAL C 1162 -31.08 6.52 -110.87
N GLY C 1163 -30.09 7.39 -110.63
CA GLY C 1163 -30.17 8.31 -109.52
C GLY C 1163 -30.03 7.68 -108.15
N CYS C 1164 -28.84 7.20 -107.83
CA CYS C 1164 -28.59 6.50 -106.57
C CYS C 1164 -28.00 7.47 -105.55
N MET C 1165 -28.59 7.51 -104.35
CA MET C 1165 -28.05 8.28 -103.24
C MET C 1165 -27.94 7.41 -102.00
N VAL C 1166 -26.82 7.53 -101.31
CA VAL C 1166 -26.64 6.83 -100.04
C VAL C 1166 -27.26 7.69 -98.93
N ASP C 1167 -27.62 7.03 -97.83
CA ASP C 1167 -28.13 7.68 -96.63
C ASP C 1167 -27.61 6.88 -95.43
N MET C 1168 -26.46 7.28 -94.92
CA MET C 1168 -25.80 6.53 -93.86
C MET C 1168 -26.21 6.96 -92.47
N ASN C 1169 -26.95 8.05 -92.32
CA ASN C 1169 -27.43 8.47 -91.02
C ASN C 1169 -28.73 7.76 -90.62
N GLU C 1170 -29.36 7.03 -91.54
CA GLU C 1170 -30.52 6.21 -91.20
C GLU C 1170 -30.50 4.85 -91.89
N HIS C 1171 -29.52 4.57 -92.74
CA HIS C 1171 -29.35 3.26 -93.39
C HIS C 1171 -30.57 2.86 -94.23
N THR C 1172 -31.14 3.83 -94.94
CA THR C 1172 -32.24 3.58 -95.87
C THR C 1172 -31.85 4.10 -97.25
N MET C 1173 -31.70 3.18 -98.20
CA MET C 1173 -31.32 3.52 -99.56
C MET C 1173 -32.56 3.81 -100.41
N MET C 1174 -32.33 4.49 -101.53
CA MET C 1174 -33.41 4.86 -102.44
C MET C 1174 -32.82 5.17 -103.81
N PHE C 1175 -33.69 5.20 -104.81
CA PHE C 1175 -33.33 5.56 -106.17
C PHE C 1175 -34.40 6.46 -106.77
N THR C 1176 -33.98 7.38 -107.62
CA THR C 1176 -34.89 8.29 -108.34
C THR C 1176 -34.62 8.17 -109.83
N LEU C 1177 -35.49 7.45 -110.54
CA LEU C 1177 -35.36 7.30 -111.99
C LEU C 1177 -35.74 8.61 -112.66
N ASN C 1178 -34.72 9.33 -113.18
CA ASN C 1178 -34.91 10.62 -113.85
C ASN C 1178 -35.66 11.61 -112.96
N GLY C 1179 -35.26 11.65 -111.69
CA GLY C 1179 -35.91 12.49 -110.72
C GLY C 1179 -37.19 11.96 -110.14
N GLU C 1180 -37.62 10.76 -110.55
CA GLU C 1180 -38.85 10.15 -110.04
C GLU C 1180 -38.48 8.90 -109.25
N ILE C 1181 -38.94 8.85 -108.00
CA ILE C 1181 -38.64 7.72 -107.14
C ILE C 1181 -39.39 6.49 -107.63
N LEU C 1182 -38.68 5.38 -107.80
CA LEU C 1182 -39.28 4.16 -108.30
C LEU C 1182 -40.11 3.50 -107.20
N LEU C 1183 -41.36 3.17 -107.52
CA LEU C 1183 -42.25 2.54 -106.55
C LEU C 1183 -41.85 1.08 -106.34
N ASP C 1184 -41.73 0.68 -105.08
CA ASP C 1184 -41.28 -0.66 -104.74
C ASP C 1184 -42.45 -1.64 -104.80
N ASP C 1185 -42.19 -2.88 -104.37
CA ASP C 1185 -43.25 -3.90 -104.38
C ASP C 1185 -44.31 -3.62 -103.33
N SER C 1186 -43.94 -2.96 -102.24
CA SER C 1186 -44.88 -2.63 -101.18
C SER C 1186 -45.54 -1.27 -101.37
N GLY C 1187 -45.25 -0.59 -102.47
CA GLY C 1187 -45.82 0.73 -102.71
C GLY C 1187 -45.34 1.80 -101.76
N SER C 1188 -44.05 1.76 -101.39
CA SER C 1188 -43.46 2.74 -100.49
C SER C 1188 -42.33 3.53 -101.13
N GLU C 1189 -42.06 3.31 -102.42
CA GLU C 1189 -40.97 3.92 -103.19
C GLU C 1189 -39.68 4.03 -102.37
N LEU C 1190 -39.23 2.88 -101.87
CA LEU C 1190 -38.00 2.78 -101.09
C LEU C 1190 -37.26 1.53 -101.53
N ALA C 1191 -35.93 1.59 -101.50
CA ALA C 1191 -35.11 0.50 -102.05
C ALA C 1191 -34.70 -0.51 -100.97
N PHE C 1192 -33.89 -0.07 -100.01
CA PHE C 1192 -33.31 -0.98 -99.03
C PHE C 1192 -33.25 -0.31 -97.66
N LYS C 1193 -33.24 -1.13 -96.61
CA LYS C 1193 -33.16 -0.65 -95.23
C LYS C 1193 -32.43 -1.68 -94.38
N ASP C 1194 -31.97 -1.20 -93.22
CA ASP C 1194 -31.49 -2.04 -92.11
C ASP C 1194 -30.33 -2.94 -92.53
N PHE C 1195 -29.20 -2.30 -92.82
CA PHE C 1195 -27.96 -3.01 -93.06
C PHE C 1195 -26.84 -2.39 -92.23
N ASP C 1196 -25.83 -3.21 -91.92
CA ASP C 1196 -24.65 -2.71 -91.23
C ASP C 1196 -23.74 -1.98 -92.20
N VAL C 1197 -23.09 -0.93 -91.70
CA VAL C 1197 -22.16 -0.17 -92.53
C VAL C 1197 -20.96 -1.03 -92.92
N GLY C 1198 -20.35 -1.69 -91.94
CA GLY C 1198 -19.20 -2.55 -92.21
C GLY C 1198 -18.04 -1.74 -92.74
N ASP C 1199 -17.54 -2.14 -93.91
CA ASP C 1199 -16.46 -1.44 -94.58
C ASP C 1199 -16.97 -0.37 -95.54
N GLY C 1200 -18.27 -0.17 -95.64
CA GLY C 1200 -18.83 0.79 -96.56
C GLY C 1200 -19.05 0.22 -97.94
N PHE C 1201 -19.65 1.04 -98.80
CA PHE C 1201 -20.01 0.62 -100.15
C PHE C 1201 -19.54 1.65 -101.15
N ILE C 1202 -19.17 1.17 -102.34
CA ILE C 1202 -18.70 2.02 -103.44
C ILE C 1202 -19.53 1.69 -104.67
N PRO C 1203 -19.79 2.65 -105.56
CA PRO C 1203 -20.68 2.39 -106.71
C PRO C 1203 -20.15 1.28 -107.60
N VAL C 1204 -21.08 0.42 -108.06
CA VAL C 1204 -20.76 -0.74 -108.87
C VAL C 1204 -21.78 -0.83 -110.00
N CYS C 1205 -21.29 -1.00 -111.23
CA CYS C 1205 -22.11 -1.19 -112.41
C CYS C 1205 -22.08 -2.66 -112.84
N SER C 1206 -22.78 -2.96 -113.93
CA SER C 1206 -22.77 -4.30 -114.51
C SER C 1206 -23.32 -4.21 -115.93
N LEU C 1207 -22.55 -4.72 -116.89
CA LEU C 1207 -22.95 -4.75 -118.30
C LEU C 1207 -22.77 -6.17 -118.82
N GLY C 1208 -23.88 -6.83 -119.15
CA GLY C 1208 -23.83 -8.20 -119.61
C GLY C 1208 -23.25 -8.37 -121.00
N VAL C 1209 -24.00 -7.95 -122.02
CA VAL C 1209 -23.60 -8.13 -123.42
C VAL C 1209 -24.03 -6.90 -124.20
N ALA C 1210 -23.08 -6.23 -124.85
CA ALA C 1210 -23.34 -5.13 -125.79
C ALA C 1210 -24.16 -4.02 -125.12
N GLN C 1211 -23.82 -3.68 -123.89
CA GLN C 1211 -24.51 -2.65 -123.13
C GLN C 1211 -23.58 -1.45 -122.95
N VAL C 1212 -24.07 -0.26 -123.31
CA VAL C 1212 -23.30 0.97 -123.23
C VAL C 1212 -23.75 1.74 -121.99
N GLY C 1213 -22.78 2.11 -121.15
CA GLY C 1213 -23.08 2.86 -119.95
C GLY C 1213 -22.19 4.07 -119.78
N ARG C 1214 -22.29 4.75 -118.65
CA ARG C 1214 -21.48 5.95 -118.39
C ARG C 1214 -21.29 6.07 -116.88
N MET C 1215 -20.04 5.93 -116.45
CA MET C 1215 -19.69 6.02 -115.02
C MET C 1215 -19.44 7.49 -114.70
N ASN C 1216 -20.39 8.13 -114.03
CA ASN C 1216 -20.33 9.55 -113.74
C ASN C 1216 -20.62 9.81 -112.27
N PHE C 1217 -19.64 10.38 -111.57
CA PHE C 1217 -19.83 10.88 -110.21
C PHE C 1217 -19.98 12.38 -110.15
N GLY C 1218 -19.27 13.11 -111.01
CA GLY C 1218 -19.42 14.55 -111.08
C GLY C 1218 -18.34 15.32 -110.35
N LYS C 1219 -17.38 15.88 -111.09
CA LYS C 1219 -16.42 16.79 -110.49
C LYS C 1219 -17.06 18.15 -110.21
N ASP C 1220 -18.08 18.51 -110.97
CA ASP C 1220 -18.80 19.77 -110.80
C ASP C 1220 -20.30 19.48 -110.88
N VAL C 1221 -21.09 20.49 -110.47
CA VAL C 1221 -22.53 20.36 -110.54
C VAL C 1221 -23.00 20.30 -111.99
N SER C 1222 -22.39 21.08 -112.87
CA SER C 1222 -22.79 21.10 -114.28
C SER C 1222 -22.44 19.80 -115.00
N THR C 1223 -21.58 18.96 -114.42
CA THR C 1223 -21.26 17.68 -115.04
C THR C 1223 -22.48 16.78 -115.09
N LEU C 1224 -23.25 16.73 -114.00
CA LEU C 1224 -24.47 15.95 -113.95
C LEU C 1224 -25.67 16.82 -114.34
N LYS C 1225 -26.73 16.16 -114.80
CA LYS C 1225 -27.94 16.84 -115.26
C LYS C 1225 -29.09 16.73 -114.28
N TYR C 1226 -29.36 15.54 -113.76
CA TYR C 1226 -30.45 15.32 -112.83
C TYR C 1226 -30.01 15.42 -111.37
N PHE C 1227 -28.78 15.88 -111.12
CA PHE C 1227 -28.32 16.07 -109.75
C PHE C 1227 -29.09 17.20 -109.06
N THR C 1228 -29.49 18.22 -109.81
CA THR C 1228 -30.19 19.37 -109.26
C THR C 1228 -31.70 19.15 -109.14
N ILE C 1229 -32.15 17.89 -109.12
CA ILE C 1229 -33.57 17.59 -109.05
C ILE C 1229 -33.96 17.31 -107.60
N CYS C 1230 -33.30 16.33 -106.99
CA CYS C 1230 -33.60 15.94 -105.61
C CYS C 1230 -32.39 15.92 -104.70
N GLY C 1231 -31.22 15.54 -105.21
CA GLY C 1231 -30.04 15.47 -104.37
C GLY C 1231 -29.56 16.83 -103.91
N LEU C 1232 -29.58 17.82 -104.80
CA LEU C 1232 -29.11 19.16 -104.45
C LEU C 1232 -30.04 19.82 -103.42
N GLN C 1233 -31.34 19.64 -103.59
CA GLN C 1233 -32.31 20.30 -102.71
C GLN C 1233 -32.41 19.65 -101.34
N GLU C 1234 -31.94 18.42 -101.18
CA GLU C 1234 -32.03 17.72 -99.90
C GLU C 1234 -30.73 17.74 -99.10
N GLY C 1235 -29.59 17.88 -99.77
CA GLY C 1235 -28.32 17.93 -99.07
C GLY C 1235 -27.34 16.85 -99.51
N TYR C 1236 -27.50 16.35 -100.73
CA TYR C 1236 -26.62 15.35 -101.28
C TYR C 1236 -25.57 16.01 -102.18
N GLU C 1237 -24.34 15.54 -102.08
CA GLU C 1237 -23.22 16.08 -102.82
C GLU C 1237 -22.71 15.07 -103.85
N PRO C 1238 -22.02 15.53 -104.89
CA PRO C 1238 -21.38 14.59 -105.82
C PRO C 1238 -20.29 13.79 -105.12
N PHE C 1239 -20.02 12.60 -105.65
CA PHE C 1239 -19.02 11.72 -105.04
C PHE C 1239 -17.61 12.28 -105.16
N ALA C 1240 -17.37 13.20 -106.08
CA ALA C 1240 -16.07 13.84 -106.27
C ALA C 1240 -16.16 15.35 -106.06
N VAL C 1241 -16.91 15.76 -105.04
CA VAL C 1241 -17.09 17.18 -104.76
C VAL C 1241 -15.80 17.80 -104.22
N ASN C 1242 -15.09 17.06 -103.36
CA ASN C 1242 -13.91 17.60 -102.69
C ASN C 1242 -12.60 17.18 -103.34
N THR C 1243 -12.60 16.10 -104.11
CA THR C 1243 -11.37 15.61 -104.72
C THR C 1243 -10.91 16.56 -105.84
N ASN C 1244 -9.63 16.91 -105.82
CA ASN C 1244 -9.03 17.76 -106.83
C ASN C 1244 -8.40 16.97 -107.97
N ARG C 1245 -8.53 15.64 -107.95
CA ARG C 1245 -7.98 14.79 -108.99
C ARG C 1245 -9.08 13.89 -109.53
N ASP C 1246 -8.85 13.37 -110.74
CA ASP C 1246 -9.82 12.47 -111.35
C ASP C 1246 -9.92 11.18 -110.57
N ILE C 1247 -11.15 10.64 -110.48
CA ILE C 1247 -11.40 9.42 -109.73
C ILE C 1247 -11.30 8.24 -110.69
N THR C 1248 -10.44 7.28 -110.35
CA THR C 1248 -10.24 6.10 -111.17
C THR C 1248 -11.19 4.98 -110.74
N MET C 1249 -11.54 4.13 -111.70
CA MET C 1249 -12.49 3.06 -111.48
C MET C 1249 -11.87 1.73 -111.91
N TRP C 1250 -12.22 0.68 -111.18
CA TRP C 1250 -11.74 -0.67 -111.48
C TRP C 1250 -12.73 -1.39 -112.40
N LEU C 1251 -12.33 -2.57 -112.85
CA LEU C 1251 -13.18 -3.38 -113.71
C LEU C 1251 -12.74 -4.83 -113.60
N SER C 1252 -13.64 -5.73 -114.00
CA SER C 1252 -13.35 -7.17 -113.95
C SER C 1252 -12.31 -7.54 -115.00
N LYS C 1253 -11.51 -8.55 -114.66
CA LYS C 1253 -10.47 -9.02 -115.56
C LYS C 1253 -11.07 -9.90 -116.66
N ARG C 1254 -10.28 -10.09 -117.72
CA ARG C 1254 -10.67 -10.95 -118.83
C ARG C 1254 -9.96 -12.29 -118.84
N LEU C 1255 -8.79 -12.39 -118.20
CA LEU C 1255 -8.03 -13.63 -118.15
C LEU C 1255 -7.90 -14.10 -116.71
N PRO C 1256 -7.91 -15.41 -116.47
CA PRO C 1256 -7.76 -15.91 -115.10
C PRO C 1256 -6.31 -15.84 -114.65
N GLN C 1257 -6.11 -15.37 -113.42
CA GLN C 1257 -4.76 -15.32 -112.85
C GLN C 1257 -4.24 -16.73 -112.61
N PHE C 1258 -2.92 -16.88 -112.70
CA PHE C 1258 -2.33 -18.22 -112.73
C PHE C 1258 -2.43 -18.89 -111.35
N LEU C 1259 -1.76 -18.31 -110.34
CA LEU C 1259 -1.65 -19.00 -109.05
C LEU C 1259 -2.98 -19.02 -108.33
N GLN C 1260 -3.46 -17.83 -107.90
CA GLN C 1260 -4.76 -17.65 -107.26
C GLN C 1260 -5.00 -18.70 -106.17
N VAL C 1261 -4.18 -18.61 -105.12
CA VAL C 1261 -4.19 -19.58 -104.02
C VAL C 1261 -5.57 -19.59 -103.37
N PRO C 1262 -6.24 -20.75 -103.30
CA PRO C 1262 -7.61 -20.80 -102.78
C PRO C 1262 -7.66 -20.96 -101.26
N SER C 1263 -8.60 -20.26 -100.65
CA SER C 1263 -8.77 -20.28 -99.20
C SER C 1263 -10.09 -20.87 -98.77
N ASN C 1264 -11.22 -20.32 -99.23
CA ASN C 1264 -12.54 -20.71 -98.75
C ASN C 1264 -13.52 -20.84 -99.91
N HIS C 1265 -13.10 -21.53 -100.97
CA HIS C 1265 -13.97 -21.71 -102.13
C HIS C 1265 -15.06 -22.75 -101.83
N GLU C 1266 -15.88 -23.03 -102.83
CA GLU C 1266 -17.07 -23.86 -102.62
C GLU C 1266 -16.70 -25.30 -102.28
N HIS C 1267 -15.85 -25.92 -103.08
CA HIS C 1267 -15.47 -27.32 -102.88
C HIS C 1267 -13.98 -27.51 -103.12
N ILE C 1268 -13.16 -26.59 -102.62
CA ILE C 1268 -11.72 -26.61 -102.82
C ILE C 1268 -11.07 -26.79 -101.45
N GLU C 1269 -10.22 -27.81 -101.33
CA GLU C 1269 -9.54 -28.08 -100.06
C GLU C 1269 -8.29 -28.90 -100.33
N VAL C 1270 -7.13 -28.41 -99.89
CA VAL C 1270 -5.87 -29.09 -100.06
C VAL C 1270 -5.36 -29.53 -98.70
N THR C 1271 -4.67 -30.66 -98.67
CA THR C 1271 -4.18 -31.26 -97.43
C THR C 1271 -2.68 -31.54 -97.56
N ARG C 1272 -1.99 -31.49 -96.42
CA ARG C 1272 -0.57 -31.78 -96.34
C ARG C 1272 -0.30 -32.74 -95.20
N ILE C 1273 0.73 -33.56 -95.36
CA ILE C 1273 1.16 -34.52 -94.35
C ILE C 1273 2.61 -34.24 -93.98
N ASP C 1274 3.06 -34.88 -92.90
CA ASP C 1274 4.40 -34.67 -92.36
C ASP C 1274 5.28 -35.91 -92.46
N GLY C 1275 4.89 -36.88 -93.30
CA GLY C 1275 5.72 -38.04 -93.53
C GLY C 1275 7.01 -37.64 -94.21
N THR C 1276 8.16 -37.95 -93.58
CA THR C 1276 9.43 -37.47 -94.09
C THR C 1276 10.45 -38.59 -94.29
N ILE C 1277 10.40 -39.61 -93.45
CA ILE C 1277 11.39 -40.69 -93.49
C ILE C 1277 10.69 -42.03 -93.28
N ASP C 1278 11.27 -43.09 -93.86
CA ASP C 1278 10.77 -44.46 -93.77
C ASP C 1278 9.33 -44.60 -94.27
N SER C 1279 8.89 -43.66 -95.10
CA SER C 1279 7.51 -43.63 -95.61
C SER C 1279 7.49 -42.65 -96.77
N SER C 1280 6.29 -42.31 -97.24
CA SER C 1280 6.06 -41.36 -98.32
C SER C 1280 6.79 -41.76 -99.58
N PRO C 1281 6.33 -42.81 -100.29
CA PRO C 1281 6.99 -43.19 -101.55
C PRO C 1281 6.92 -42.12 -102.62
N CYS C 1282 5.98 -41.18 -102.51
CA CYS C 1282 5.95 -40.03 -103.41
C CYS C 1282 7.13 -39.09 -103.17
N LEU C 1283 7.79 -39.20 -102.01
CA LEU C 1283 9.00 -38.47 -101.65
C LEU C 1283 8.80 -36.95 -101.60
N LYS C 1284 7.56 -36.47 -101.63
CA LYS C 1284 7.31 -35.04 -101.61
C LYS C 1284 7.41 -34.45 -100.21
N VAL C 1285 7.43 -35.30 -99.16
CA VAL C 1285 7.45 -34.90 -97.76
C VAL C 1285 6.23 -34.02 -97.48
N THR C 1286 5.15 -34.27 -98.22
CA THR C 1286 3.88 -33.57 -98.06
C THR C 1286 2.83 -34.34 -98.82
N GLN C 1287 1.57 -34.04 -98.52
CA GLN C 1287 0.47 -34.69 -99.24
C GLN C 1287 0.17 -33.97 -100.54
N LYS C 1288 -0.22 -32.69 -100.45
CA LYS C 1288 -0.76 -31.93 -101.58
C LYS C 1288 -1.95 -32.63 -102.21
N SER C 1289 -2.77 -33.28 -101.37
CA SER C 1289 -3.94 -34.01 -101.86
C SER C 1289 -5.10 -33.04 -102.08
N PHE C 1290 -5.84 -33.26 -103.16
CA PHE C 1290 -6.95 -32.39 -103.53
C PHE C 1290 -8.20 -33.24 -103.73
N GLY C 1291 -9.29 -32.86 -103.08
CA GLY C 1291 -10.55 -33.55 -103.22
C GLY C 1291 -11.75 -32.64 -103.27
N SER C 1292 -12.61 -32.82 -104.27
CA SER C 1292 -13.84 -32.05 -104.38
C SER C 1292 -14.93 -32.67 -103.52
N GLN C 1293 -16.06 -31.96 -103.40
CA GLN C 1293 -17.14 -32.44 -102.54
C GLN C 1293 -18.00 -33.47 -103.27
N ASN C 1294 -18.75 -33.04 -104.28
CA ASN C 1294 -19.62 -33.92 -105.05
C ASN C 1294 -20.24 -33.23 -106.25
N ASN C 1295 -20.25 -33.91 -107.39
CA ASN C 1295 -21.07 -33.54 -108.56
C ASN C 1295 -20.84 -32.10 -109.02
N ASN C 1296 -19.59 -31.64 -108.98
CA ASN C 1296 -19.25 -30.29 -109.40
C ASN C 1296 -17.88 -30.31 -110.05
N THR C 1297 -17.86 -30.35 -111.39
CA THR C 1297 -16.62 -30.28 -112.15
C THR C 1297 -16.93 -29.78 -113.55
N ASP C 1298 -16.06 -28.89 -114.05
CA ASP C 1298 -16.19 -28.36 -115.40
C ASP C 1298 -14.84 -28.22 -116.09
N ILE C 1299 -13.89 -29.10 -115.74
CA ILE C 1299 -12.53 -29.10 -116.28
C ILE C 1299 -11.84 -27.76 -116.00
N MET C 1300 -11.18 -27.67 -114.84
CA MET C 1300 -10.47 -26.46 -114.41
C MET C 1300 -9.01 -26.80 -114.20
N PHE C 1301 -8.17 -25.78 -114.38
CA PHE C 1301 -6.73 -25.98 -114.44
C PHE C 1301 -6.10 -25.75 -113.07
N TYR C 1302 -5.43 -26.78 -112.55
CA TYR C 1302 -4.93 -26.77 -111.17
C TYR C 1302 -3.87 -25.70 -110.97
N ARG C 1303 -3.84 -25.15 -109.76
CA ARG C 1303 -2.82 -24.19 -109.39
C ARG C 1303 -2.71 -24.21 -107.86
N LEU C 1304 -1.68 -24.88 -107.36
CA LEU C 1304 -1.47 -25.04 -105.92
C LEU C 1304 -0.21 -24.30 -105.51
N SER C 1305 -0.12 -24.02 -104.21
CA SER C 1305 1.00 -23.30 -103.63
C SER C 1305 2.00 -24.26 -103.05
N MET C 1306 3.28 -24.03 -103.34
CA MET C 1306 4.38 -24.84 -102.81
C MET C 1306 5.43 -23.92 -102.20
N PRO C 1307 5.15 -23.36 -101.01
CA PRO C 1307 6.14 -22.48 -100.36
C PRO C 1307 7.39 -23.23 -99.95
N ILE C 1308 7.24 -24.29 -99.16
CA ILE C 1308 8.38 -25.10 -98.75
C ILE C 1308 8.55 -26.27 -99.71
N SER C 1424 18.22 -38.10 -111.76
CA SER C 1424 17.31 -36.96 -111.62
C SER C 1424 17.45 -36.33 -110.24
N THR C 1425 16.99 -35.09 -110.11
CA THR C 1425 17.01 -34.35 -108.86
C THR C 1425 15.61 -33.88 -108.52
N TYR C 1426 15.47 -33.31 -107.31
CA TYR C 1426 14.22 -32.72 -106.82
C TYR C 1426 13.08 -33.73 -106.86
N TYR C 1427 13.22 -34.78 -106.05
CA TYR C 1427 12.23 -35.85 -105.98
C TYR C 1427 11.03 -35.36 -105.17
N TYR C 1428 9.99 -34.90 -105.88
CA TYR C 1428 8.73 -34.50 -105.26
C TYR C 1428 7.58 -35.10 -106.05
N SER C 1429 6.36 -34.91 -105.56
CA SER C 1429 5.18 -35.39 -106.24
C SER C 1429 3.98 -34.55 -105.81
N VAL C 1430 3.12 -34.23 -106.78
CA VAL C 1430 1.89 -33.50 -106.52
C VAL C 1430 0.74 -34.51 -106.54
N ARG C 1431 0.01 -34.59 -105.42
CA ARG C 1431 -1.06 -35.58 -105.30
C ARG C 1431 -2.25 -35.13 -106.13
N ILE C 1432 -2.18 -35.44 -107.43
CA ILE C 1432 -3.30 -35.29 -108.34
C ILE C 1432 -4.33 -36.36 -107.99
N PHE C 1433 -5.52 -36.28 -108.58
CA PHE C 1433 -6.56 -37.26 -108.29
C PHE C 1433 -6.05 -38.66 -108.60
N PRO C 1434 -6.24 -39.64 -107.71
CA PRO C 1434 -5.43 -40.86 -107.77
C PRO C 1434 -5.80 -41.82 -108.89
N GLY C 1435 -5.43 -41.46 -110.12
CA GLY C 1435 -5.34 -42.40 -111.22
C GLY C 1435 -6.60 -43.15 -111.58
N GLN C 1436 -7.77 -42.63 -111.22
CA GLN C 1436 -9.00 -43.31 -111.57
C GLN C 1436 -9.42 -43.08 -113.02
N GLU C 1437 -8.77 -42.14 -113.71
CA GLU C 1437 -9.01 -41.82 -115.11
C GLU C 1437 -10.49 -41.56 -115.40
N PRO C 1438 -11.08 -40.51 -114.84
CA PRO C 1438 -12.49 -40.21 -115.18
C PRO C 1438 -12.68 -39.85 -116.64
N ALA C 1439 -11.71 -39.18 -117.26
CA ALA C 1439 -11.79 -38.87 -118.68
C ALA C 1439 -10.43 -39.00 -119.36
N ASN C 1440 -9.51 -39.75 -118.78
CA ASN C 1440 -8.12 -39.85 -119.25
C ASN C 1440 -7.50 -38.45 -119.36
N VAL C 1441 -7.38 -37.80 -118.21
CA VAL C 1441 -6.95 -36.41 -118.19
C VAL C 1441 -5.48 -36.32 -118.54
N TRP C 1442 -5.05 -35.11 -118.91
CA TRP C 1442 -3.74 -34.85 -119.50
C TRP C 1442 -2.85 -34.17 -118.47
N VAL C 1443 -1.60 -34.65 -118.36
CA VAL C 1443 -0.66 -34.19 -117.35
C VAL C 1443 0.62 -33.74 -118.05
N GLY C 1444 1.09 -32.55 -117.71
CA GLY C 1444 2.31 -32.02 -118.30
C GLY C 1444 2.74 -30.76 -117.59
N TRP C 1445 3.91 -30.27 -117.99
CA TRP C 1445 4.50 -29.07 -117.40
C TRP C 1445 3.98 -27.83 -118.12
N ILE C 1446 3.48 -26.87 -117.35
CA ILE C 1446 2.87 -25.66 -117.89
C ILE C 1446 3.86 -24.52 -117.80
N THR C 1447 3.82 -23.63 -118.79
CA THR C 1447 4.71 -22.49 -118.86
C THR C 1447 4.02 -21.24 -118.33
N SER C 1448 4.83 -20.21 -118.07
CA SER C 1448 4.31 -18.93 -117.61
C SER C 1448 3.58 -18.17 -118.71
N ASP C 1449 3.75 -18.58 -119.96
CA ASP C 1449 3.10 -17.92 -121.09
C ASP C 1449 1.65 -18.34 -121.27
N PHE C 1450 1.15 -19.23 -120.41
CA PHE C 1450 -0.19 -19.79 -120.57
C PHE C 1450 -1.24 -18.76 -120.15
N HIS C 1451 -2.07 -18.33 -121.10
CA HIS C 1451 -3.24 -17.50 -120.78
C HIS C 1451 -4.33 -17.83 -121.79
N GLN C 1452 -5.15 -18.83 -121.45
CA GLN C 1452 -6.32 -19.23 -122.23
C GLN C 1452 -7.16 -20.21 -121.42
N TYR C 1453 -8.45 -19.96 -121.28
CA TYR C 1453 -9.29 -20.81 -120.44
C TYR C 1453 -10.63 -21.06 -121.13
N ASP C 1454 -11.04 -22.31 -121.14
CA ASP C 1454 -12.34 -22.71 -121.66
C ASP C 1454 -12.66 -24.10 -121.10
N THR C 1455 -13.91 -24.54 -121.32
CA THR C 1455 -14.31 -25.87 -120.84
C THR C 1455 -13.54 -26.97 -121.55
N GLY C 1456 -13.39 -26.85 -122.87
CA GLY C 1456 -12.64 -27.84 -123.62
C GLY C 1456 -11.15 -27.71 -123.42
N PHE C 1457 -10.44 -28.80 -123.71
CA PHE C 1457 -9.00 -28.85 -123.56
C PHE C 1457 -8.44 -29.88 -124.54
N ASP C 1458 -7.10 -30.01 -124.52
CA ASP C 1458 -6.37 -30.94 -125.39
C ASP C 1458 -6.61 -30.65 -126.87
N LEU C 1459 -6.97 -29.41 -127.20
CA LEU C 1459 -7.14 -28.97 -128.57
C LEU C 1459 -5.78 -28.56 -129.13
N ASP C 1460 -5.78 -27.81 -130.25
CA ASP C 1460 -4.55 -27.24 -130.77
C ASP C 1460 -3.81 -26.42 -129.71
N ARG C 1461 -4.56 -25.65 -128.91
CA ARG C 1461 -4.06 -24.98 -127.71
C ARG C 1461 -2.90 -24.04 -128.04
N VAL C 1462 -3.23 -23.00 -128.80
CA VAL C 1462 -2.34 -21.90 -129.19
C VAL C 1462 -1.23 -22.46 -130.10
N ARG C 1463 -0.44 -21.58 -130.70
CA ARG C 1463 0.59 -21.99 -131.65
C ARG C 1463 1.65 -22.85 -130.97
N THR C 1464 2.14 -23.84 -131.73
CA THR C 1464 3.13 -24.79 -131.21
C THR C 1464 4.56 -24.27 -131.27
N VAL C 1465 4.81 -23.20 -132.02
CA VAL C 1465 6.11 -22.57 -132.16
C VAL C 1465 7.14 -23.56 -132.70
N THR C 1466 7.29 -23.60 -134.02
CA THR C 1466 8.28 -24.45 -134.70
C THR C 1466 9.17 -23.55 -135.55
N VAL C 1467 10.38 -23.30 -135.07
CA VAL C 1467 11.31 -22.37 -135.71
C VAL C 1467 12.46 -23.17 -136.30
N THR C 1468 12.80 -22.87 -137.56
CA THR C 1468 13.92 -23.50 -138.24
C THR C 1468 14.89 -22.45 -138.74
N LEU C 1469 15.31 -21.55 -137.85
CA LEU C 1469 16.18 -20.44 -138.22
C LEU C 1469 17.47 -20.93 -138.86
N GLY C 1470 17.85 -20.28 -139.96
CA GLY C 1470 18.98 -20.71 -140.77
C GLY C 1470 19.04 -19.92 -142.06
N ASP C 1471 19.11 -20.62 -143.20
CA ASP C 1471 19.02 -19.97 -144.50
C ASP C 1471 17.65 -20.16 -145.16
N GLU C 1472 16.79 -21.02 -144.59
CA GLU C 1472 15.43 -21.24 -145.07
C GLU C 1472 15.38 -21.65 -146.53
N LYS C 1473 15.19 -20.66 -147.42
CA LYS C 1473 15.11 -20.96 -148.85
C LYS C 1473 16.41 -21.54 -149.37
N GLY C 1474 17.54 -21.07 -148.88
CA GLY C 1474 18.82 -21.62 -149.26
C GLY C 1474 19.02 -23.01 -148.70
N LYS C 1475 19.09 -23.12 -147.38
CA LYS C 1475 19.26 -24.42 -146.72
C LYS C 1475 18.81 -24.28 -145.27
N VAL C 1476 17.80 -25.06 -144.87
CA VAL C 1476 17.32 -24.99 -143.50
C VAL C 1476 18.38 -25.51 -142.54
N HIS C 1477 18.21 -25.16 -141.27
CA HIS C 1477 19.16 -25.49 -140.22
C HIS C 1477 18.43 -26.23 -139.09
N GLU C 1478 19.11 -26.38 -137.96
CA GLU C 1478 18.55 -27.08 -136.82
C GLU C 1478 17.26 -26.40 -136.34
N SER C 1479 16.23 -27.19 -136.11
CA SER C 1479 14.93 -26.67 -135.73
C SER C 1479 14.89 -26.31 -134.26
N ILE C 1480 13.98 -25.40 -133.92
CA ILE C 1480 13.76 -24.96 -132.55
C ILE C 1480 12.25 -25.01 -132.30
N LYS C 1481 11.78 -26.10 -131.72
CA LYS C 1481 10.35 -26.29 -131.44
C LYS C 1481 10.13 -25.99 -129.96
N ARG C 1482 9.67 -24.77 -129.68
CA ARG C 1482 9.40 -24.36 -128.32
C ARG C 1482 8.10 -24.99 -127.82
N SER C 1483 7.89 -24.89 -126.51
CA SER C 1483 6.72 -25.48 -125.89
C SER C 1483 5.48 -24.62 -126.12
N ASN C 1484 4.32 -25.22 -125.90
CA ASN C 1484 3.05 -24.54 -126.01
C ASN C 1484 2.69 -23.86 -124.69
N CYS C 1485 1.66 -23.01 -124.74
CA CYS C 1485 1.07 -22.53 -123.49
C CYS C 1485 0.46 -23.67 -122.71
N TYR C 1486 -0.28 -24.55 -123.38
CA TYR C 1486 -0.73 -25.81 -122.80
C TYR C 1486 0.17 -26.97 -123.26
N MET C 1487 1.45 -26.88 -122.89
CA MET C 1487 2.43 -27.90 -123.27
C MET C 1487 2.32 -29.09 -122.30
N VAL C 1488 1.19 -29.78 -122.41
CA VAL C 1488 0.81 -30.82 -121.47
C VAL C 1488 0.60 -32.13 -122.23
N CYS C 1489 1.28 -33.19 -121.80
CA CYS C 1489 1.15 -34.48 -122.44
C CYS C 1489 -0.22 -35.09 -122.17
N ALA C 1490 -0.75 -35.78 -123.17
CA ALA C 1490 -2.06 -36.41 -123.04
C ALA C 1490 -1.99 -37.64 -122.15
N GLY C 1491 -3.11 -37.94 -121.50
CA GLY C 1491 -3.16 -39.12 -120.65
C GLY C 1491 -3.08 -40.42 -121.43
N GLU C 1492 -3.75 -40.46 -122.60
CA GLU C 1492 -3.75 -41.61 -123.49
C GLU C 1492 -4.28 -42.88 -122.81
N SER C 1493 -3.99 -44.04 -123.38
CA SER C 1493 -4.45 -45.31 -122.83
C SER C 1493 -3.37 -45.89 -121.92
N MET C 1494 -3.19 -45.22 -120.79
CA MET C 1494 -2.22 -45.66 -119.79
C MET C 1494 -2.68 -46.95 -119.13
N SER C 1495 -1.72 -47.85 -118.87
CA SER C 1495 -1.93 -49.14 -118.24
C SER C 1495 -2.95 -49.97 -119.01
N PRO C 1496 -2.58 -50.49 -120.19
CA PRO C 1496 -3.54 -51.30 -120.96
C PRO C 1496 -3.93 -52.59 -120.29
N GLY C 1497 -3.17 -53.07 -119.31
CA GLY C 1497 -3.48 -54.30 -118.61
C GLY C 1497 -4.50 -54.20 -117.49
N GLN C 1498 -5.06 -53.01 -117.27
CA GLN C 1498 -6.07 -52.78 -116.23
C GLN C 1498 -5.53 -53.16 -114.85
N GLY C 1499 -4.50 -52.43 -114.42
CA GLY C 1499 -3.85 -52.72 -113.16
C GLY C 1499 -4.59 -52.18 -111.95
N ARG C 1500 -3.84 -51.62 -110.99
CA ARG C 1500 -4.44 -51.11 -109.77
C ARG C 1500 -5.25 -49.85 -110.05
N ASN C 1501 -6.12 -49.51 -109.09
CA ASN C 1501 -6.99 -48.35 -109.27
C ASN C 1501 -6.21 -47.05 -109.14
N ASN C 1502 -5.63 -46.79 -107.97
CA ASN C 1502 -4.94 -45.53 -107.73
C ASN C 1502 -3.45 -45.60 -108.05
N SER C 1503 -3.12 -46.14 -109.22
CA SER C 1503 -1.75 -46.07 -109.75
C SER C 1503 -1.85 -46.24 -111.26
N ASN C 1504 -1.90 -45.11 -111.98
CA ASN C 1504 -1.87 -45.13 -113.45
C ASN C 1504 -1.01 -43.96 -113.93
N GLY C 1505 0.31 -44.18 -113.99
CA GLY C 1505 1.25 -43.25 -114.59
C GLY C 1505 1.06 -41.77 -114.29
N LEU C 1506 1.24 -41.35 -113.04
CA LEU C 1506 0.98 -39.98 -112.65
C LEU C 1506 2.04 -39.48 -111.68
N GLU C 1507 2.03 -38.17 -111.47
CA GLU C 1507 2.85 -37.43 -110.49
C GLU C 1507 4.29 -37.94 -110.43
N ILE C 1508 4.99 -37.82 -111.57
CA ILE C 1508 6.40 -38.17 -111.59
C ILE C 1508 7.22 -37.16 -110.79
N GLY C 1509 7.03 -35.87 -111.05
CA GLY C 1509 7.60 -34.81 -110.25
C GLY C 1509 9.11 -34.81 -110.12
N CYS C 1510 9.84 -34.98 -111.23
CA CYS C 1510 11.29 -35.06 -111.18
C CYS C 1510 11.88 -34.21 -112.29
N VAL C 1511 13.14 -33.82 -112.08
CA VAL C 1511 13.88 -32.99 -113.04
C VAL C 1511 15.29 -33.56 -113.17
N VAL C 1512 15.81 -33.55 -114.40
CA VAL C 1512 17.14 -34.07 -114.68
C VAL C 1512 18.21 -33.15 -114.10
N ASP C 1513 19.46 -33.64 -114.08
CA ASP C 1513 20.54 -32.89 -113.44
C ASP C 1513 20.83 -31.58 -114.15
N ALA C 1514 20.86 -31.59 -115.48
CA ALA C 1514 21.21 -30.42 -116.25
C ALA C 1514 20.10 -30.10 -117.25
N ALA C 1515 19.95 -28.82 -117.57
CA ALA C 1515 18.90 -28.38 -118.49
C ALA C 1515 19.26 -28.76 -119.92
N SER C 1516 18.89 -29.97 -120.33
CA SER C 1516 19.18 -30.49 -121.66
C SER C 1516 17.99 -30.37 -122.60
N GLY C 1517 17.18 -29.33 -122.46
CA GLY C 1517 16.00 -29.14 -123.28
C GLY C 1517 14.76 -29.86 -122.78
N LEU C 1518 14.89 -31.15 -122.50
CA LEU C 1518 13.80 -31.96 -121.98
C LEU C 1518 14.06 -32.30 -120.51
N LEU C 1519 12.99 -32.41 -119.74
CA LEU C 1519 13.06 -32.69 -118.32
C LEU C 1519 12.44 -34.06 -118.06
N THR C 1520 12.38 -34.46 -116.79
CA THR C 1520 11.77 -35.75 -116.46
C THR C 1520 10.25 -35.55 -116.30
N PHE C 1521 9.63 -35.27 -117.45
CA PHE C 1521 8.19 -35.33 -117.63
C PHE C 1521 7.80 -36.18 -118.83
N ILE C 1522 8.76 -36.51 -119.70
CA ILE C 1522 8.51 -37.47 -120.79
C ILE C 1522 8.82 -38.84 -120.19
N ALA C 1523 7.85 -39.37 -119.45
CA ALA C 1523 7.96 -40.65 -118.76
C ALA C 1523 6.60 -41.03 -118.20
N ASN C 1524 6.43 -40.85 -116.89
CA ASN C 1524 5.17 -41.12 -116.20
C ASN C 1524 4.72 -42.56 -116.39
N GLY C 1525 5.66 -43.49 -116.16
CA GLY C 1525 5.34 -44.90 -116.20
C GLY C 1525 5.96 -45.65 -117.37
N LYS C 1526 5.92 -45.05 -118.55
CA LYS C 1526 6.40 -45.73 -119.76
C LYS C 1526 6.78 -44.65 -120.79
N GLU C 1527 6.93 -45.05 -122.04
CA GLU C 1527 7.25 -44.10 -123.10
C GLU C 1527 5.97 -43.56 -123.74
N LEU C 1528 5.91 -42.25 -123.92
CA LEU C 1528 4.79 -41.59 -124.55
C LEU C 1528 5.16 -40.95 -125.89
N SER C 1529 6.43 -41.00 -126.28
CA SER C 1529 6.92 -40.52 -127.58
C SER C 1529 6.70 -39.01 -127.74
N THR C 1530 7.36 -38.25 -126.88
CA THR C 1530 7.47 -36.81 -127.03
C THR C 1530 8.92 -36.40 -126.84
N TYR C 1531 9.29 -35.26 -127.41
CA TYR C 1531 10.68 -34.81 -127.41
C TYR C 1531 10.89 -33.60 -126.49
N TYR C 1532 10.16 -32.52 -126.71
CA TYR C 1532 10.21 -31.31 -125.89
C TYR C 1532 11.64 -30.75 -125.80
N GLN C 1533 12.20 -30.43 -126.96
CA GLN C 1533 13.51 -29.80 -127.06
C GLN C 1533 13.28 -28.30 -127.15
N VAL C 1534 13.36 -27.61 -126.00
CA VAL C 1534 12.98 -26.22 -125.89
C VAL C 1534 14.12 -25.42 -125.27
N GLU C 1535 13.90 -24.11 -125.18
CA GLU C 1535 14.82 -23.19 -124.53
C GLU C 1535 14.73 -23.35 -123.02
N PRO C 1536 15.60 -22.67 -122.25
CA PRO C 1536 15.47 -22.72 -120.78
C PRO C 1536 14.09 -22.35 -120.26
N SER C 1537 13.43 -21.37 -120.87
CA SER C 1537 12.04 -20.99 -120.58
C SER C 1537 11.95 -20.56 -119.11
N THR C 1538 11.05 -21.12 -118.31
CA THR C 1538 10.83 -20.65 -116.94
C THR C 1538 10.56 -21.85 -116.03
N LYS C 1539 10.63 -21.59 -114.73
CA LYS C 1539 10.29 -22.58 -113.71
C LYS C 1539 9.69 -21.83 -112.51
N LEU C 1540 8.56 -22.32 -112.03
CA LEU C 1540 7.80 -21.59 -111.02
C LEU C 1540 6.90 -22.58 -110.27
N PHE C 1541 5.89 -22.06 -109.58
CA PHE C 1541 4.99 -22.88 -108.78
C PHE C 1541 4.33 -23.95 -109.65
N PRO C 1542 4.17 -25.17 -109.13
CA PRO C 1542 3.67 -26.26 -109.97
C PRO C 1542 2.20 -26.10 -110.31
N ALA C 1543 1.83 -26.63 -111.47
CA ALA C 1543 0.45 -26.61 -111.95
C ALA C 1543 0.32 -27.66 -113.06
N VAL C 1544 -0.67 -28.53 -112.92
CA VAL C 1544 -0.88 -29.63 -113.86
C VAL C 1544 -2.37 -29.72 -114.16
N PHE C 1545 -2.72 -29.80 -115.45
CA PHE C 1545 -4.12 -29.88 -115.84
C PHE C 1545 -4.77 -31.14 -115.28
N ALA C 1546 -5.98 -30.98 -114.75
CA ALA C 1546 -6.70 -32.12 -114.17
C ALA C 1546 -8.20 -31.83 -114.22
N GLN C 1547 -8.98 -32.90 -114.25
CA GLN C 1547 -10.44 -32.80 -114.21
C GLN C 1547 -10.99 -34.14 -113.75
N ALA C 1548 -11.62 -34.16 -112.57
CA ALA C 1548 -12.09 -35.40 -112.00
C ALA C 1548 -13.32 -35.15 -111.15
N THR C 1549 -14.15 -36.18 -111.02
CA THR C 1549 -15.31 -36.16 -110.15
C THR C 1549 -14.88 -36.67 -108.76
N SER C 1550 -15.85 -37.00 -107.91
CA SER C 1550 -15.57 -37.57 -106.59
C SER C 1550 -16.02 -39.02 -106.57
N PRO C 1551 -15.19 -39.97 -106.99
CA PRO C 1551 -15.57 -41.40 -107.02
C PRO C 1551 -15.44 -42.05 -105.66
N VAL C 1595 -6.07 -22.69 -108.27
CA VAL C 1595 -7.22 -22.66 -109.17
C VAL C 1595 -7.07 -21.53 -110.19
N LEU C 1596 -7.21 -21.86 -111.47
CA LEU C 1596 -7.19 -20.87 -112.53
C LEU C 1596 -8.55 -20.19 -112.57
N TRP C 1597 -8.71 -19.13 -111.78
CA TRP C 1597 -9.98 -18.44 -111.63
C TRP C 1597 -9.83 -16.99 -112.04
N SER C 1598 -10.83 -16.47 -112.76
CA SER C 1598 -10.86 -15.07 -113.18
C SER C 1598 -11.82 -14.32 -112.25
N ARG C 1599 -11.31 -13.96 -111.08
CA ARG C 1599 -12.09 -13.25 -110.08
C ARG C 1599 -11.26 -12.14 -109.44
N MET C 1600 -10.37 -11.53 -110.22
CA MET C 1600 -9.51 -10.46 -109.74
C MET C 1600 -9.90 -9.16 -110.43
N PRO C 1601 -10.34 -8.13 -109.69
CA PRO C 1601 -10.61 -6.84 -110.33
C PRO C 1601 -9.33 -6.16 -110.79
N ASN C 1602 -9.48 -5.29 -111.78
CA ASN C 1602 -8.36 -4.60 -112.39
C ASN C 1602 -8.74 -3.16 -112.69
N GLN C 1603 -7.77 -2.27 -112.55
CA GLN C 1603 -7.96 -0.85 -112.84
C GLN C 1603 -6.92 -0.41 -113.87
N PHE C 1604 -7.36 0.40 -114.82
CA PHE C 1604 -6.49 0.91 -115.87
C PHE C 1604 -5.98 2.31 -115.51
N LEU C 1605 -5.09 2.83 -116.35
CA LEU C 1605 -4.43 4.09 -116.08
C LEU C 1605 -5.41 5.26 -116.15
N LYS C 1606 -5.18 6.27 -115.31
CA LYS C 1606 -6.01 7.47 -115.34
C LYS C 1606 -5.81 8.24 -116.64
N VAL C 1607 -4.58 8.34 -117.11
CA VAL C 1607 -4.25 9.06 -118.34
C VAL C 1607 -3.68 8.06 -119.33
N ASP C 1608 -4.28 7.99 -120.52
CA ASP C 1608 -3.83 7.11 -121.58
C ASP C 1608 -3.05 7.89 -122.63
N VAL C 1609 -2.34 7.15 -123.48
CA VAL C 1609 -1.58 7.77 -124.57
C VAL C 1609 -2.56 8.34 -125.60
N SER C 1610 -2.16 9.44 -126.23
CA SER C 1610 -3.02 10.13 -127.18
C SER C 1610 -2.87 9.50 -128.56
N ARG C 1611 -4.00 9.10 -129.14
CA ARG C 1611 -4.04 8.53 -130.48
C ARG C 1611 -4.60 9.56 -131.46
N ILE C 1612 -3.90 9.76 -132.58
CA ILE C 1612 -4.26 10.77 -133.56
C ILE C 1612 -4.53 10.07 -134.88
N SER C 1613 -5.69 10.34 -135.47
CA SER C 1613 -6.06 9.81 -136.77
C SER C 1613 -6.24 10.95 -137.76
N GLU C 1614 -5.98 10.67 -139.03
CA GLU C 1614 -6.07 11.67 -140.08
C GLU C 1614 -6.73 11.03 -141.31
N ARG C 1615 -6.65 11.72 -142.44
CA ARG C 1615 -7.21 11.25 -143.70
C ARG C 1615 -6.11 11.15 -144.75
N GLN C 1616 -6.49 10.69 -145.94
CA GLN C 1616 -5.58 10.51 -147.08
C GLN C 1616 -4.42 9.59 -146.71
N GLY C 1617 -4.73 8.51 -145.98
CA GLY C 1617 -3.71 7.56 -145.57
C GLY C 1617 -3.83 7.16 -144.12
N TRP C 1618 -4.61 7.93 -143.35
CA TRP C 1618 -4.83 7.69 -141.93
C TRP C 1618 -3.50 7.66 -141.16
N LEU C 1619 -2.66 8.65 -141.42
CA LEU C 1619 -1.37 8.74 -140.74
C LEU C 1619 -1.58 9.04 -139.26
N VAL C 1620 -0.80 8.36 -138.43
CA VAL C 1620 -0.87 8.53 -136.97
C VAL C 1620 0.33 9.37 -136.56
N GLN C 1621 0.06 10.46 -135.84
CA GLN C 1621 1.09 11.38 -135.35
C GLN C 1621 0.99 11.40 -133.83
N CYS C 1622 1.94 10.74 -133.17
CA CYS C 1622 1.97 10.65 -131.72
C CYS C 1622 3.28 11.24 -131.22
N LEU C 1623 3.19 12.24 -130.34
CA LEU C 1623 4.37 12.84 -129.72
C LEU C 1623 3.98 13.28 -128.32
N ASP C 1624 4.14 12.37 -127.36
CA ASP C 1624 3.83 12.61 -125.95
C ASP C 1624 4.42 11.49 -125.10
N PRO C 1625 5.08 11.83 -123.98
CA PRO C 1625 5.61 10.78 -123.10
C PRO C 1625 4.63 10.36 -122.02
N LEU C 1626 4.60 9.06 -121.76
CA LEU C 1626 3.74 8.51 -120.70
C LEU C 1626 4.32 7.17 -120.28
N GLN C 1627 4.80 7.10 -119.04
CA GLN C 1627 5.40 5.88 -118.50
C GLN C 1627 4.79 5.58 -117.13
N PHE C 1628 4.72 4.29 -116.81
CA PHE C 1628 4.29 3.83 -115.50
C PHE C 1628 5.16 2.66 -115.07
N MET C 1629 5.70 2.73 -113.86
CA MET C 1629 6.57 1.69 -113.36
C MET C 1629 5.75 0.54 -112.79
N SER C 1630 6.22 -0.69 -113.03
CA SER C 1630 5.49 -1.88 -112.65
C SER C 1630 6.42 -2.87 -111.97
N LEU C 1631 6.02 -3.34 -110.79
CA LEU C 1631 6.73 -4.43 -110.14
C LEU C 1631 6.51 -5.72 -110.93
N HIS C 1632 7.59 -6.42 -111.25
CA HIS C 1632 7.50 -7.57 -112.14
C HIS C 1632 8.36 -8.72 -111.64
N ILE C 1633 7.85 -9.93 -111.83
CA ILE C 1633 8.56 -11.20 -111.64
C ILE C 1633 9.19 -11.32 -110.26
N PRO C 1634 8.41 -11.44 -109.17
CA PRO C 1634 9.02 -11.83 -107.90
C PRO C 1634 9.58 -13.25 -107.95
N GLU C 1635 8.70 -14.22 -108.23
CA GLU C 1635 9.09 -15.57 -108.58
C GLU C 1635 8.52 -16.00 -109.92
N GLU C 1636 7.22 -15.79 -110.12
CA GLU C 1636 6.57 -16.07 -111.40
C GLU C 1636 6.51 -14.80 -112.22
N ASN C 1637 6.77 -14.92 -113.52
CA ASN C 1637 6.79 -13.76 -114.40
C ASN C 1637 5.41 -13.14 -114.50
N ARG C 1638 5.29 -11.87 -114.13
CA ARG C 1638 4.04 -11.15 -114.17
C ARG C 1638 4.33 -9.66 -114.21
N SER C 1639 3.26 -8.86 -114.22
CA SER C 1639 3.38 -7.40 -114.17
C SER C 1639 2.13 -6.87 -113.47
N VAL C 1640 2.27 -6.60 -112.17
CA VAL C 1640 1.14 -6.24 -111.32
C VAL C 1640 1.02 -4.73 -111.14
N ASP C 1641 1.77 -3.95 -111.92
CA ASP C 1641 1.80 -2.50 -111.84
C ASP C 1641 2.24 -2.02 -110.46
N ILE C 1642 2.07 -0.73 -110.17
CA ILE C 1642 2.39 -0.18 -108.86
C ILE C 1642 1.15 0.38 -108.17
N LEU C 1643 0.24 1.00 -108.92
CA LEU C 1643 -0.97 1.57 -108.34
C LEU C 1643 -2.00 0.51 -108.00
N GLU C 1644 -1.87 -0.70 -108.56
CA GLU C 1644 -2.76 -1.79 -108.19
C GLU C 1644 -2.54 -2.25 -106.76
N LEU C 1645 -1.37 -1.96 -106.18
CA LEU C 1645 -1.09 -2.37 -104.81
C LEU C 1645 -1.86 -1.56 -103.77
N THR C 1646 -2.53 -0.48 -104.18
CA THR C 1646 -3.29 0.33 -103.24
C THR C 1646 -4.52 -0.40 -102.70
N GLU C 1647 -4.92 -1.50 -103.34
CA GLU C 1647 -6.03 -2.31 -102.87
C GLU C 1647 -5.63 -3.73 -102.49
N GLN C 1648 -4.40 -4.14 -102.78
CA GLN C 1648 -3.92 -5.48 -102.50
C GLN C 1648 -2.94 -5.43 -101.33
N GLU C 1649 -3.18 -6.26 -100.31
CA GLU C 1649 -2.29 -6.34 -99.17
C GLU C 1649 -1.26 -7.44 -99.39
N GLU C 1650 -0.38 -7.62 -98.39
CA GLU C 1650 0.68 -8.63 -98.36
C GLU C 1650 1.76 -8.32 -99.39
N LEU C 1651 1.55 -7.31 -100.21
CA LEU C 1651 2.54 -6.80 -101.15
C LEU C 1651 2.94 -5.37 -100.87
N LEU C 1652 1.99 -4.53 -100.45
CA LEU C 1652 2.33 -3.17 -100.03
C LEU C 1652 3.21 -3.19 -98.78
N GLN C 1653 2.86 -4.04 -97.81
CA GLN C 1653 3.67 -4.16 -96.60
C GLN C 1653 5.06 -4.68 -96.90
N PHE C 1654 5.15 -5.71 -97.76
CA PHE C 1654 6.45 -6.28 -98.08
C PHE C 1654 7.32 -5.31 -98.86
N HIS C 1655 6.75 -4.58 -99.81
CA HIS C 1655 7.54 -3.60 -100.54
C HIS C 1655 7.93 -2.42 -99.67
N TYR C 1656 7.06 -2.01 -98.74
CA TYR C 1656 7.41 -0.96 -97.80
C TYR C 1656 8.58 -1.39 -96.92
N HIS C 1657 8.54 -2.64 -96.43
CA HIS C 1657 9.65 -3.14 -95.63
C HIS C 1657 10.91 -3.32 -96.46
N THR C 1658 10.77 -3.62 -97.76
CA THR C 1658 11.93 -3.68 -98.64
C THR C 1658 12.58 -2.31 -98.80
N LEU C 1659 11.74 -1.27 -98.95
CA LEU C 1659 12.28 0.09 -99.00
C LEU C 1659 12.95 0.46 -97.68
N ARG C 1660 12.35 0.03 -96.55
CA ARG C 1660 12.97 0.29 -95.25
C ARG C 1660 14.32 -0.41 -95.14
N LEU C 1661 14.42 -1.65 -95.65
CA LEU C 1661 15.70 -2.35 -95.64
C LEU C 1661 16.72 -1.65 -96.53
N TYR C 1662 16.28 -1.18 -97.70
CA TYR C 1662 17.18 -0.46 -98.60
C TYR C 1662 17.71 0.81 -97.93
N SER C 1663 16.85 1.53 -97.21
CA SER C 1663 17.30 2.74 -96.54
C SER C 1663 18.19 2.43 -95.35
N ALA C 1664 17.86 1.39 -94.58
CA ALA C 1664 18.58 1.11 -93.35
C ALA C 1664 19.95 0.48 -93.62
N VAL C 1665 20.08 -0.27 -94.71
CA VAL C 1665 21.36 -0.89 -95.04
C VAL C 1665 22.37 0.16 -95.51
N CYS C 1666 21.90 1.36 -95.86
CA CYS C 1666 22.76 2.46 -96.27
C CYS C 1666 22.65 3.64 -95.30
N ALA C 1667 22.64 3.34 -94.00
CA ALA C 1667 22.43 4.36 -92.99
C ALA C 1667 23.75 4.78 -92.35
N LEU C 1668 23.74 5.99 -91.81
CA LEU C 1668 24.89 6.58 -91.09
C LEU C 1668 26.13 6.66 -91.97
N GLY C 1669 25.94 6.81 -93.28
CA GLY C 1669 27.06 6.95 -94.18
C GLY C 1669 27.58 5.62 -94.66
N ASN C 1670 27.57 5.40 -95.97
CA ASN C 1670 28.12 4.18 -96.54
C ASN C 1670 28.58 4.47 -97.96
N HIS C 1671 29.48 3.62 -98.45
CA HIS C 1671 30.13 3.84 -99.74
C HIS C 1671 29.75 2.79 -100.77
N ARG C 1672 29.98 1.52 -100.48
CA ARG C 1672 29.64 0.46 -101.43
C ARG C 1672 28.14 0.29 -101.54
N VAL C 1673 27.43 0.42 -100.42
CA VAL C 1673 25.99 0.17 -100.41
C VAL C 1673 25.26 1.21 -101.22
N ALA C 1674 25.68 2.48 -101.13
CA ALA C 1674 25.00 3.54 -101.88
C ALA C 1674 25.16 3.34 -103.39
N HIS C 1675 26.39 3.08 -103.84
CA HIS C 1675 26.61 2.84 -105.26
C HIS C 1675 25.92 1.58 -105.75
N ALA C 1676 25.87 0.54 -104.91
CA ALA C 1676 25.18 -0.68 -105.30
C ALA C 1676 23.67 -0.46 -105.43
N LEU C 1677 23.07 0.25 -104.47
CA LEU C 1677 21.65 0.53 -104.53
C LEU C 1677 21.30 1.57 -105.57
N CYS C 1678 22.28 2.31 -106.08
CA CYS C 1678 22.02 3.22 -107.20
C CYS C 1678 21.66 2.48 -108.48
N SER C 1679 21.84 1.17 -108.54
CA SER C 1679 21.44 0.37 -109.68
C SER C 1679 19.99 -0.10 -109.58
N HIS C 1680 19.57 -0.54 -108.40
CA HIS C 1680 18.21 -1.06 -108.24
C HIS C 1680 17.18 0.05 -108.39
N VAL C 1681 17.46 1.24 -107.84
CA VAL C 1681 16.61 2.41 -108.00
C VAL C 1681 17.40 3.47 -108.76
N ASP C 1682 16.74 4.14 -109.69
CA ASP C 1682 17.40 5.06 -110.60
C ASP C 1682 16.84 6.48 -110.43
N GLU C 1683 17.56 7.43 -111.05
CA GLU C 1683 17.14 8.83 -110.98
C GLU C 1683 15.77 9.06 -111.61
N PRO C 1684 15.49 8.63 -112.85
CA PRO C 1684 14.13 8.84 -113.39
C PRO C 1684 13.06 8.07 -112.62
N GLN C 1685 13.40 6.91 -112.08
CA GLN C 1685 12.46 6.16 -111.24
C GLN C 1685 12.09 6.97 -110.00
N LEU C 1686 13.09 7.57 -109.35
CA LEU C 1686 12.81 8.36 -108.16
C LEU C 1686 12.02 9.63 -108.51
N LEU C 1687 12.35 10.25 -109.63
CA LEU C 1687 11.61 11.44 -110.05
C LEU C 1687 10.14 11.11 -110.34
N TYR C 1688 9.89 10.01 -111.04
CA TYR C 1688 8.52 9.59 -111.30
C TYR C 1688 7.81 9.16 -110.02
N ALA C 1689 8.55 8.56 -109.08
CA ALA C 1689 7.94 8.11 -107.83
C ALA C 1689 7.51 9.29 -106.97
N ILE C 1690 8.36 10.32 -106.86
CA ILE C 1690 7.97 11.51 -106.12
C ILE C 1690 6.96 12.35 -106.91
N GLU C 1691 6.87 12.13 -108.23
CA GLU C 1691 5.94 12.90 -109.05
C GLU C 1691 4.50 12.39 -108.94
N ASN C 1692 4.31 11.08 -108.77
CA ASN C 1692 2.97 10.51 -108.81
C ASN C 1692 2.09 11.06 -107.69
N LYS C 1693 0.85 11.38 -108.04
CA LYS C 1693 -0.12 11.88 -107.09
C LYS C 1693 -1.02 10.78 -106.52
N TYR C 1694 -1.15 9.66 -107.22
CA TYR C 1694 -2.00 8.55 -106.78
C TYR C 1694 -1.22 7.44 -106.10
N MET C 1695 0.05 7.65 -105.81
CA MET C 1695 0.83 6.63 -105.14
C MET C 1695 0.34 6.45 -103.69
N PRO C 1696 0.34 5.22 -103.18
CA PRO C 1696 0.00 5.02 -101.75
C PRO C 1696 0.97 5.76 -100.85
N GLY C 1697 0.45 6.16 -99.68
CA GLY C 1697 1.26 6.95 -98.76
C GLY C 1697 2.47 6.22 -98.24
N LEU C 1698 2.33 4.92 -97.96
CA LEU C 1698 3.45 4.15 -97.43
C LEU C 1698 4.60 4.07 -98.44
N LEU C 1699 4.29 3.78 -99.69
CA LEU C 1699 5.33 3.74 -100.72
C LEU C 1699 5.92 5.11 -100.97
N ARG C 1700 5.11 6.17 -100.88
CA ARG C 1700 5.62 7.52 -101.03
C ARG C 1700 6.63 7.86 -99.94
N ALA C 1701 6.28 7.56 -98.69
CA ALA C 1701 7.20 7.81 -97.58
C ALA C 1701 8.47 6.97 -97.71
N GLY C 1702 8.31 5.70 -98.09
CA GLY C 1702 9.48 4.85 -98.26
C GLY C 1702 10.41 5.34 -99.36
N TYR C 1703 9.85 5.79 -100.48
CA TYR C 1703 10.67 6.27 -101.58
C TYR C 1703 11.36 7.58 -101.23
N TYR C 1704 10.66 8.47 -100.51
CA TYR C 1704 11.30 9.71 -100.08
C TYR C 1704 12.44 9.42 -99.11
N ASP C 1705 12.23 8.50 -98.16
CA ASP C 1705 13.29 8.14 -97.23
C ASP C 1705 14.46 7.50 -97.96
N LEU C 1706 14.19 6.66 -98.97
CA LEU C 1706 15.25 6.04 -99.73
C LEU C 1706 16.07 7.06 -100.50
N LEU C 1707 15.38 8.01 -101.16
CA LEU C 1707 16.09 9.05 -101.89
C LEU C 1707 16.96 9.88 -100.97
N ILE C 1708 16.42 10.26 -99.80
CA ILE C 1708 17.19 11.08 -98.86
C ILE C 1708 18.39 10.29 -98.34
N ASP C 1709 18.19 9.04 -97.96
CA ASP C 1709 19.27 8.28 -97.35
C ASP C 1709 20.31 7.81 -98.35
N ILE C 1710 19.99 7.76 -99.65
CA ILE C 1710 20.98 7.34 -100.64
C ILE C 1710 21.71 8.56 -101.18
N HIS C 1711 20.96 9.52 -101.72
CA HIS C 1711 21.62 10.57 -102.50
C HIS C 1711 22.10 11.73 -101.64
N LEU C 1712 21.27 12.24 -100.74
CA LEU C 1712 21.59 13.42 -99.95
C LEU C 1712 21.45 13.08 -98.47
N SER C 1713 22.47 12.44 -97.91
CA SER C 1713 22.46 12.11 -96.48
C SER C 1713 23.79 12.34 -95.78
N SER C 1714 24.92 12.34 -96.48
CA SER C 1714 26.21 12.50 -95.82
C SER C 1714 26.58 13.97 -95.64
N TYR C 1715 26.47 14.76 -96.70
CA TYR C 1715 26.78 16.18 -96.60
C TYR C 1715 25.80 16.90 -95.69
N ALA C 1716 24.53 16.49 -95.69
CA ALA C 1716 23.56 17.09 -94.78
C ALA C 1716 23.94 16.83 -93.33
N THR C 1717 24.35 15.60 -93.02
CA THR C 1717 24.78 15.29 -91.65
C THR C 1717 26.04 16.04 -91.28
N ALA C 1718 26.98 16.17 -92.22
CA ALA C 1718 28.20 16.92 -91.93
C ALA C 1718 27.89 18.39 -91.67
N ARG C 1719 27.02 18.99 -92.46
CA ARG C 1719 26.64 20.39 -92.25
C ARG C 1719 25.89 20.56 -90.94
N LEU C 1720 25.01 19.62 -90.60
CA LEU C 1720 24.31 19.70 -89.33
C LEU C 1720 25.26 19.55 -88.15
N MET C 1721 26.31 18.74 -88.30
CA MET C 1721 27.31 18.60 -87.24
C MET C 1721 28.15 19.86 -87.09
N MET C 1722 28.52 20.49 -88.21
CA MET C 1722 29.42 21.64 -88.18
C MET C 1722 28.69 22.97 -88.16
N ASN C 1723 27.36 22.96 -88.06
CA ASN C 1723 26.60 24.22 -88.00
C ASN C 1723 26.97 25.04 -86.79
N ASN C 1724 27.17 24.41 -85.63
CA ASN C 1724 27.43 25.16 -84.40
C ASN C 1724 28.77 25.88 -84.42
N GLU C 1725 29.73 25.41 -85.21
CA GLU C 1725 30.99 26.11 -85.35
C GLU C 1725 30.83 27.36 -86.21
N PHE C 1726 31.66 28.36 -85.95
CA PHE C 1726 31.58 29.66 -86.62
C PHE C 1726 32.96 30.13 -87.06
N ILE C 1727 33.69 29.25 -87.74
CA ILE C 1727 35.02 29.60 -88.24
C ILE C 1727 34.86 30.59 -89.38
N VAL C 1728 35.43 31.78 -89.22
CA VAL C 1728 35.32 32.85 -90.20
C VAL C 1728 36.73 33.26 -90.61
N PRO C 1729 37.06 33.25 -91.90
CA PRO C 1729 38.38 33.70 -92.34
C PRO C 1729 38.44 35.22 -92.44
N MET C 1730 39.59 35.73 -92.86
CA MET C 1730 39.83 37.15 -93.01
C MET C 1730 39.93 37.47 -94.50
N THR C 1731 38.92 38.14 -95.03
CA THR C 1731 38.88 38.55 -96.43
C THR C 1731 38.18 39.89 -96.51
N GLU C 1732 38.43 40.62 -97.60
CA GLU C 1732 37.80 41.93 -97.78
C GLU C 1732 36.28 41.82 -97.85
N GLU C 1733 35.75 40.69 -98.31
CA GLU C 1733 34.31 40.48 -98.30
C GLU C 1733 33.77 40.17 -96.91
N THR C 1734 34.61 39.62 -96.02
CA THR C 1734 34.16 39.32 -94.67
C THR C 1734 33.87 40.60 -93.88
N LYS C 1735 34.75 41.58 -93.99
CA LYS C 1735 34.55 42.86 -93.30
C LYS C 1735 33.64 43.80 -94.05
N SER C 1736 33.19 43.44 -95.25
CA SER C 1736 32.26 44.27 -96.02
C SER C 1736 30.81 44.03 -95.64
N ILE C 1737 30.53 43.06 -94.77
CA ILE C 1737 29.17 42.76 -94.37
C ILE C 1737 28.69 43.76 -93.34
N THR C 1738 27.38 44.02 -93.34
CA THR C 1738 26.75 44.90 -92.37
C THR C 1738 25.71 44.12 -91.58
N LEU C 1739 25.50 44.55 -90.32
CA LEU C 1739 24.52 43.89 -89.47
C LEU C 1739 23.11 44.07 -90.04
N PHE C 1740 22.77 45.28 -90.43
CA PHE C 1740 21.50 45.59 -91.08
C PHE C 1740 21.74 45.86 -92.57
N PRO C 1741 20.76 45.54 -93.43
CA PRO C 1741 20.97 45.73 -94.87
C PRO C 1741 21.21 47.18 -95.27
N ASP C 1742 20.30 48.08 -94.88
CA ASP C 1742 20.40 49.49 -95.24
C ASP C 1742 19.91 50.31 -94.06
N GLU C 1743 19.72 51.62 -94.29
CA GLU C 1743 19.24 52.51 -93.24
C GLU C 1743 17.79 52.28 -92.90
N ASN C 1744 17.03 51.58 -93.76
CA ASN C 1744 15.66 51.20 -93.41
C ASN C 1744 15.65 50.28 -92.19
N LYS C 1745 16.43 49.19 -92.26
CA LYS C 1745 16.76 48.36 -91.10
C LYS C 1745 15.52 47.85 -90.37
N LYS C 1746 14.58 47.28 -91.14
CA LYS C 1746 13.34 46.82 -90.51
C LYS C 1746 13.51 45.45 -89.86
N HIS C 1747 13.72 44.41 -90.67
CA HIS C 1747 14.01 43.09 -90.12
C HIS C 1747 15.17 42.43 -90.84
N GLY C 1748 15.22 42.59 -92.17
CA GLY C 1748 16.18 41.88 -92.98
C GLY C 1748 15.78 40.44 -93.21
N LEU C 1749 15.96 39.95 -94.44
CA LEU C 1749 15.64 38.56 -94.73
C LEU C 1749 16.69 37.65 -94.10
N PRO C 1750 16.27 36.58 -93.40
CA PRO C 1750 17.24 35.74 -92.67
C PRO C 1750 18.20 35.00 -93.59
N GLY C 1751 17.67 34.25 -94.55
CA GLY C 1751 18.54 33.49 -95.45
C GLY C 1751 19.18 34.29 -96.56
N ILE C 1752 18.60 35.43 -96.91
CA ILE C 1752 19.14 36.26 -97.98
C ILE C 1752 20.23 37.15 -97.42
N GLY C 1753 21.37 37.18 -98.13
CA GLY C 1753 22.50 37.98 -97.71
C GLY C 1753 23.82 37.43 -98.20
N LEU C 1754 24.90 37.70 -97.47
CA LEU C 1754 26.22 37.19 -97.81
C LEU C 1754 26.78 36.40 -96.64
N SER C 1755 27.27 35.20 -96.92
CA SER C 1755 27.85 34.34 -95.91
C SER C 1755 29.28 33.99 -96.32
N THR C 1756 30.16 33.87 -95.32
CA THR C 1756 31.56 33.59 -95.58
C THR C 1756 32.16 32.55 -94.63
N SER C 1757 31.34 31.86 -93.84
CA SER C 1757 31.85 30.86 -92.92
C SER C 1757 32.43 29.67 -93.68
N LEU C 1758 33.44 29.05 -93.08
CA LEU C 1758 34.09 27.90 -93.71
C LEU C 1758 33.21 26.66 -93.63
N ARG C 1759 32.44 26.42 -94.67
CA ARG C 1759 31.54 25.27 -94.75
C ARG C 1759 32.28 24.05 -95.31
N PRO C 1760 31.81 22.84 -95.00
CA PRO C 1760 32.42 21.65 -95.59
C PRO C 1760 32.25 21.61 -97.09
N ARG C 1761 33.10 20.82 -97.74
CA ARG C 1761 33.19 20.82 -99.20
C ARG C 1761 32.09 19.97 -99.82
N MET C 1762 31.35 20.55 -100.76
CA MET C 1762 30.41 19.81 -101.59
C MET C 1762 31.17 19.11 -102.71
N ARG C 1763 31.02 17.79 -102.79
CA ARG C 1763 31.63 17.04 -103.89
C ARG C 1763 30.89 15.71 -104.03
N PHE C 1764 30.15 15.54 -105.12
CA PHE C 1764 29.50 14.29 -105.44
C PHE C 1764 30.37 13.52 -106.44
N SER C 1765 29.81 12.47 -107.02
CA SER C 1765 30.56 11.63 -107.94
C SER C 1765 29.61 11.10 -109.01
N SER C 1766 30.03 10.05 -109.71
CA SER C 1766 29.25 9.40 -110.76
C SER C 1766 29.24 7.90 -110.53
N PRO C 1767 28.16 7.20 -110.90
CA PRO C 1767 28.10 5.76 -110.60
C PRO C 1767 28.92 4.92 -111.56
N SER C 1768 28.92 5.29 -112.84
CA SER C 1768 29.76 4.67 -113.88
C SER C 1768 29.47 3.19 -114.04
N PHE C 1769 29.81 2.40 -113.00
CA PHE C 1769 29.60 0.96 -112.90
C PHE C 1769 30.54 0.16 -113.78
N VAL C 1770 31.27 0.84 -114.67
CA VAL C 1770 32.40 0.22 -115.36
C VAL C 1770 33.60 1.17 -115.25
N SER C 1771 34.34 1.06 -114.15
CA SER C 1771 35.46 1.94 -113.84
C SER C 1771 36.21 1.35 -112.66
N ILE C 1772 37.12 2.13 -112.09
CA ILE C 1772 37.87 1.77 -110.89
C ILE C 1772 37.69 2.89 -109.88
N SER C 1773 37.72 2.53 -108.59
CA SER C 1773 37.60 3.45 -107.47
C SER C 1773 36.25 4.14 -107.44
N ASN C 1774 36.24 5.43 -107.10
CA ASN C 1774 35.05 6.29 -106.94
C ASN C 1774 34.17 5.82 -105.78
N ASP C 1775 34.64 4.90 -104.94
CA ASP C 1775 33.84 4.41 -103.82
C ASP C 1775 34.31 4.94 -102.48
N CYS C 1776 35.62 5.13 -102.31
CA CYS C 1776 36.18 5.44 -100.99
C CYS C 1776 35.59 6.72 -100.41
N TYR C 1777 35.39 7.73 -101.26
CA TYR C 1777 34.76 8.97 -100.85
C TYR C 1777 33.77 9.36 -101.95
N GLN C 1778 33.18 10.54 -101.81
CA GLN C 1778 32.26 11.10 -102.80
C GLN C 1778 31.10 10.14 -103.07
N TYR C 1779 30.22 10.07 -102.06
CA TYR C 1779 29.11 9.12 -102.02
C TYR C 1779 28.14 9.30 -103.18
N SER C 1780 27.06 8.49 -103.18
CA SER C 1780 26.14 8.20 -104.28
C SER C 1780 25.91 9.40 -105.19
N PRO C 1781 25.91 9.19 -106.51
CA PRO C 1781 26.09 10.29 -107.46
C PRO C 1781 25.03 11.37 -107.35
N GLU C 1782 25.36 12.52 -107.93
CA GLU C 1782 24.52 13.70 -107.80
C GLU C 1782 23.22 13.54 -108.59
N PHE C 1783 22.18 13.09 -107.91
CA PHE C 1783 20.84 13.17 -108.48
C PHE C 1783 20.54 14.64 -108.73
N PRO C 1784 20.12 15.00 -109.95
CA PRO C 1784 20.26 16.41 -110.40
C PRO C 1784 19.54 17.39 -109.48
N LEU C 1785 20.20 18.53 -109.27
CA LEU C 1785 19.82 19.49 -108.25
C LEU C 1785 18.94 20.62 -108.77
N ASP C 1786 19.12 21.04 -110.02
CA ASP C 1786 18.30 22.12 -110.55
C ASP C 1786 16.86 21.66 -110.79
N ILE C 1787 16.69 20.48 -111.39
CA ILE C 1787 15.35 19.95 -111.60
C ILE C 1787 14.68 19.64 -110.27
N LEU C 1788 15.44 19.17 -109.28
CA LEU C 1788 14.89 18.98 -107.95
C LEU C 1788 14.46 20.31 -107.34
N LYS C 1789 15.29 21.34 -107.50
CA LYS C 1789 14.97 22.66 -106.96
C LYS C 1789 13.69 23.21 -107.55
N ALA C 1790 13.50 23.04 -108.86
CA ALA C 1790 12.27 23.51 -109.49
C ALA C 1790 11.07 22.67 -109.07
N LYS C 1791 11.20 21.34 -109.14
CA LYS C 1791 10.04 20.47 -108.94
C LYS C 1791 9.57 20.49 -107.49
N THR C 1792 10.51 20.56 -106.53
CA THR C 1792 10.14 20.57 -105.12
C THR C 1792 9.27 21.78 -104.80
N ILE C 1793 9.69 22.97 -105.22
CA ILE C 1793 8.88 24.16 -104.93
C ILE C 1793 7.59 24.14 -105.73
N GLN C 1794 7.61 23.61 -106.96
CA GLN C 1794 6.37 23.55 -107.74
C GLN C 1794 5.31 22.70 -107.06
N MET C 1795 5.66 21.46 -106.71
CA MET C 1795 4.63 20.64 -106.10
C MET C 1795 4.45 20.92 -104.62
N LEU C 1796 5.34 21.71 -104.00
CA LEU C 1796 5.04 22.25 -102.68
C LEU C 1796 3.97 23.34 -102.76
N THR C 1797 4.04 24.18 -103.81
CA THR C 1797 2.95 25.12 -104.06
C THR C 1797 1.65 24.37 -104.33
N GLU C 1798 1.74 23.29 -105.09
CA GLU C 1798 0.56 22.46 -105.33
C GLU C 1798 0.02 21.88 -104.02
N ALA C 1799 0.90 21.40 -103.14
CA ALA C 1799 0.47 20.80 -101.89
C ALA C 1799 -0.16 21.83 -100.95
N VAL C 1800 0.42 23.02 -100.87
CA VAL C 1800 -0.16 24.04 -99.99
C VAL C 1800 -1.48 24.54 -100.57
N LYS C 1801 -1.62 24.59 -101.90
CA LYS C 1801 -2.90 24.93 -102.49
C LYS C 1801 -3.95 23.87 -102.17
N GLU C 1802 -3.58 22.60 -102.25
CA GLU C 1802 -4.51 21.53 -101.90
C GLU C 1802 -4.90 21.59 -100.43
N GLY C 1803 -3.93 21.87 -99.55
CA GLY C 1803 -4.24 21.97 -98.14
C GLY C 1803 -5.13 23.15 -97.81
N SER C 1804 -4.89 24.29 -98.46
CA SER C 1804 -5.78 25.44 -98.28
C SER C 1804 -7.17 25.16 -98.83
N LEU C 1805 -7.27 24.37 -99.90
CA LEU C 1805 -8.57 24.01 -100.44
C LEU C 1805 -9.31 23.02 -99.56
N HIS C 1806 -8.61 22.35 -98.64
CA HIS C 1806 -9.19 21.39 -97.70
C HIS C 1806 -9.93 20.27 -98.44
N ALA C 1807 -9.17 19.53 -99.23
CA ALA C 1807 -9.73 18.43 -100.00
C ALA C 1807 -9.88 17.19 -99.11
N ARG C 1808 -10.69 16.25 -99.58
CA ARG C 1808 -10.93 14.99 -98.89
C ARG C 1808 -10.06 13.86 -99.43
N ASP C 1809 -9.16 14.16 -100.37
CA ASP C 1809 -8.30 13.15 -100.98
C ASP C 1809 -6.90 13.70 -101.14
N PRO C 1810 -6.03 13.50 -100.15
CA PRO C 1810 -4.62 13.90 -100.29
C PRO C 1810 -3.87 13.02 -101.28
N VAL C 1811 -2.56 13.27 -101.42
CA VAL C 1811 -1.76 12.50 -102.37
C VAL C 1811 -1.66 11.05 -101.94
N GLY C 1812 -1.32 10.82 -100.67
CA GLY C 1812 -1.24 9.46 -100.17
C GLY C 1812 -2.53 9.04 -99.49
N GLY C 1813 -2.46 8.76 -98.19
CA GLY C 1813 -3.66 8.46 -97.42
C GLY C 1813 -4.16 9.72 -96.74
N THR C 1814 -3.90 9.84 -95.43
CA THR C 1814 -4.18 11.07 -94.73
C THR C 1814 -3.19 12.15 -95.16
N THR C 1815 -3.38 13.36 -94.61
CA THR C 1815 -2.52 14.49 -94.98
C THR C 1815 -1.09 14.32 -94.45
N GLU C 1816 -0.89 13.41 -93.49
CA GLU C 1816 0.46 13.17 -92.97
C GLU C 1816 1.37 12.62 -94.07
N PHE C 1817 0.90 11.63 -94.81
CA PHE C 1817 1.68 11.09 -95.92
C PHE C 1817 1.87 12.12 -97.04
N LEU C 1818 0.96 13.09 -97.14
CA LEU C 1818 1.11 14.14 -98.14
C LEU C 1818 2.19 15.14 -97.74
N PHE C 1819 2.24 15.51 -96.46
CA PHE C 1819 3.07 16.63 -96.04
C PHE C 1819 4.42 16.23 -95.46
N VAL C 1820 4.48 15.16 -94.65
CA VAL C 1820 5.71 14.87 -93.91
C VAL C 1820 6.90 14.59 -94.82
N PRO C 1821 6.83 13.71 -95.83
CA PRO C 1821 8.00 13.54 -96.71
C PRO C 1821 8.38 14.80 -97.47
N LEU C 1822 7.39 15.59 -97.88
CA LEU C 1822 7.68 16.84 -98.59
C LEU C 1822 8.47 17.81 -97.71
N ILE C 1823 7.99 18.04 -96.49
CA ILE C 1823 8.69 18.98 -95.62
C ILE C 1823 10.04 18.41 -95.20
N LYS C 1824 10.15 17.09 -95.07
CA LYS C 1824 11.44 16.47 -94.77
C LYS C 1824 12.45 16.72 -95.88
N LEU C 1825 12.05 16.49 -97.13
CA LEU C 1825 12.95 16.75 -98.25
C LEU C 1825 13.29 18.22 -98.36
N PHE C 1826 12.32 19.09 -98.11
CA PHE C 1826 12.55 20.54 -98.14
C PHE C 1826 13.56 20.95 -97.07
N TYR C 1827 13.41 20.41 -95.86
CA TYR C 1827 14.34 20.74 -94.78
C TYR C 1827 15.74 20.23 -95.07
N THR C 1828 15.84 19.01 -95.62
CA THR C 1828 17.15 18.48 -95.96
C THR C 1828 17.83 19.31 -97.04
N LEU C 1829 17.07 19.72 -98.06
CA LEU C 1829 17.63 20.57 -99.11
C LEU C 1829 18.04 21.94 -98.56
N LEU C 1830 17.25 22.48 -97.63
CA LEU C 1830 17.58 23.78 -97.06
C LEU C 1830 18.85 23.72 -96.22
N ILE C 1831 18.97 22.69 -95.37
CA ILE C 1831 20.17 22.58 -94.55
C ILE C 1831 21.38 22.19 -95.39
N MET C 1832 21.17 21.64 -96.59
CA MET C 1832 22.29 21.49 -97.51
C MET C 1832 22.78 22.82 -98.05
N GLY C 1833 21.94 23.85 -98.03
CA GLY C 1833 22.32 25.15 -98.55
C GLY C 1833 22.15 25.34 -100.03
N ILE C 1834 21.44 24.42 -100.71
CA ILE C 1834 21.23 24.56 -102.15
C ILE C 1834 20.28 25.72 -102.44
N PHE C 1835 19.23 25.85 -101.64
CA PHE C 1835 18.29 26.96 -101.81
C PHE C 1835 18.95 28.28 -101.44
N HIS C 1836 18.87 29.24 -102.35
CA HIS C 1836 19.44 30.57 -102.12
C HIS C 1836 18.88 31.53 -103.16
N ASN C 1837 19.09 32.82 -102.91
CA ASN C 1837 18.84 33.91 -103.86
C ASN C 1837 17.35 33.96 -104.17
N GLU C 1838 16.94 34.02 -105.45
CA GLU C 1838 15.53 34.20 -105.79
C GLU C 1838 14.69 32.99 -105.38
N ASP C 1839 15.27 31.80 -105.41
CA ASP C 1839 14.54 30.61 -104.95
C ASP C 1839 14.19 30.73 -103.47
N LEU C 1840 15.14 31.16 -102.65
CA LEU C 1840 14.86 31.35 -101.23
C LEU C 1840 13.91 32.52 -100.99
N LYS C 1841 14.00 33.57 -101.82
CA LYS C 1841 13.04 34.66 -101.71
C LYS C 1841 11.62 34.18 -102.02
N HIS C 1842 11.47 33.34 -103.05
CA HIS C 1842 10.18 32.75 -103.37
C HIS C 1842 9.69 31.85 -102.24
N ILE C 1843 10.61 31.10 -101.63
CA ILE C 1843 10.24 30.24 -100.49
C ILE C 1843 9.71 31.08 -99.34
N LEU C 1844 10.39 32.18 -99.03
CA LEU C 1844 9.94 33.07 -97.96
C LEU C 1844 8.60 33.71 -98.31
N GLN C 1845 8.41 34.10 -99.57
CA GLN C 1845 7.12 34.62 -100.01
C GLN C 1845 6.03 33.56 -99.93
N LEU C 1846 6.40 32.29 -100.00
CA LEU C 1846 5.44 31.20 -99.94
C LEU C 1846 5.06 30.81 -98.51
N ILE C 1847 6.00 30.87 -97.57
CA ILE C 1847 5.75 30.33 -96.23
C ILE C 1847 5.76 31.44 -95.19
N GLU C 1848 5.27 32.62 -95.55
CA GLU C 1848 5.17 33.69 -94.55
C GLU C 1848 3.83 34.44 -94.62
N PRO C 1849 3.62 35.36 -95.60
CA PRO C 1849 2.68 36.48 -95.57
C PRO C 1849 1.90 36.72 -94.27
N GLY C 1891 1.46 32.02 -95.91
CA GLY C 1891 2.18 30.84 -95.47
C GLY C 1891 1.25 29.71 -95.05
N LEU C 1892 1.83 28.50 -94.90
CA LEU C 1892 1.05 27.35 -94.49
C LEU C 1892 0.91 27.25 -92.98
N LEU C 1893 1.61 28.08 -92.22
CA LEU C 1893 1.52 28.04 -90.76
C LEU C 1893 0.14 28.44 -90.27
N GLN C 1894 -0.56 29.30 -91.04
CA GLN C 1894 -1.91 29.71 -90.67
C GLN C 1894 -2.92 28.57 -90.82
N MET C 1895 -2.59 27.54 -91.59
CA MET C 1895 -3.48 26.41 -91.80
C MET C 1895 -3.39 25.45 -90.61
N LYS C 1896 -4.09 24.32 -90.71
CA LYS C 1896 -4.09 23.31 -89.65
C LYS C 1896 -3.19 22.15 -90.06
N LEU C 1897 -2.27 21.78 -89.18
CA LEU C 1897 -1.26 20.77 -89.44
C LEU C 1897 -1.27 19.71 -88.36
N PRO C 1898 -0.90 18.49 -88.67
CA PRO C 1898 -0.76 17.44 -87.65
C PRO C 1898 0.60 17.58 -86.94
N GLU C 1899 0.83 16.66 -86.00
CA GLU C 1899 1.99 16.75 -85.12
C GLU C 1899 3.34 16.65 -85.85
N PRO C 1900 3.60 15.65 -86.71
CA PRO C 1900 4.93 15.61 -87.35
C PRO C 1900 5.21 16.80 -88.26
N VAL C 1901 4.18 17.33 -88.91
CA VAL C 1901 4.36 18.55 -89.71
C VAL C 1901 4.76 19.71 -88.82
N LYS C 1902 4.15 19.82 -87.64
CA LYS C 1902 4.53 20.85 -86.69
C LYS C 1902 5.99 20.67 -86.25
N LEU C 1903 6.41 19.43 -86.02
CA LEU C 1903 7.79 19.18 -85.64
C LEU C 1903 8.76 19.60 -86.73
N GLN C 1904 8.44 19.28 -87.99
CA GLN C 1904 9.33 19.64 -89.09
C GLN C 1904 9.37 21.16 -89.31
N MET C 1905 8.23 21.84 -89.14
CA MET C 1905 8.24 23.30 -89.22
C MET C 1905 9.05 23.92 -88.09
N CYS C 1906 8.97 23.35 -86.88
CA CYS C 1906 9.79 23.83 -85.79
C CYS C 1906 11.28 23.66 -86.10
N LEU C 1907 11.64 22.53 -86.73
CA LEU C 1907 13.02 22.34 -87.15
C LEU C 1907 13.44 23.38 -88.19
N LEU C 1908 12.54 23.69 -89.14
CA LEU C 1908 12.85 24.69 -90.15
C LEU C 1908 13.06 26.06 -89.52
N LEU C 1909 12.22 26.44 -88.56
CA LEU C 1909 12.38 27.71 -87.86
C LEU C 1909 13.67 27.73 -87.06
N GLN C 1910 14.04 26.59 -86.47
CA GLN C 1910 15.34 26.49 -85.78
C GLN C 1910 16.49 26.75 -86.75
N TYR C 1911 16.42 26.19 -87.95
CA TYR C 1911 17.46 26.42 -88.94
C TYR C 1911 17.52 27.90 -89.34
N LEU C 1912 16.35 28.53 -89.51
CA LEU C 1912 16.31 29.95 -89.85
C LEU C 1912 16.95 30.79 -88.76
N CYS C 1913 16.65 30.48 -87.49
CA CYS C 1913 17.25 31.23 -86.38
C CYS C 1913 18.75 31.00 -86.31
N ASP C 1914 19.20 29.77 -86.62
CA ASP C 1914 20.64 29.51 -86.67
C ASP C 1914 21.32 30.34 -87.75
N CYS C 1915 20.68 30.47 -88.92
CA CYS C 1915 21.23 31.31 -89.98
C CYS C 1915 21.31 32.77 -89.54
N GLN C 1916 20.28 33.26 -88.85
CA GLN C 1916 20.30 34.63 -88.35
C GLN C 1916 21.42 34.83 -87.34
N VAL C 1917 21.63 33.85 -86.45
CA VAL C 1917 22.71 33.94 -85.47
C VAL C 1917 24.07 33.95 -86.17
N ARG C 1918 24.21 33.16 -87.24
CA ARG C 1918 25.45 33.17 -88.01
C ARG C 1918 25.69 34.54 -88.65
N HIS C 1919 24.64 35.17 -89.16
CA HIS C 1919 24.78 36.52 -89.72
C HIS C 1919 25.23 37.52 -88.66
N ARG C 1920 24.64 37.43 -87.47
CA ARG C 1920 25.06 38.29 -86.37
C ARG C 1920 26.53 38.06 -86.01
N ILE C 1921 26.96 36.80 -86.00
CA ILE C 1921 28.35 36.48 -85.68
C ILE C 1921 29.29 37.05 -86.72
N GLU C 1922 28.91 36.99 -88.00
CA GLU C 1922 29.75 37.56 -89.05
C GLU C 1922 29.84 39.08 -88.92
N ALA C 1923 28.74 39.74 -88.57
CA ALA C 1923 28.79 41.18 -88.33
C ALA C 1923 29.70 41.52 -87.17
N ILE C 1924 29.63 40.72 -86.10
CA ILE C 1924 30.53 40.92 -84.95
C ILE C 1924 31.98 40.73 -85.38
N VAL C 1925 32.24 39.76 -86.25
CA VAL C 1925 33.59 39.52 -86.73
C VAL C 1925 34.11 40.73 -87.50
N ALA C 1926 33.26 41.31 -88.37
CA ALA C 1926 33.69 42.50 -89.11
C ALA C 1926 33.99 43.66 -88.17
N PHE C 1927 33.12 43.89 -87.17
CA PHE C 1927 33.36 44.98 -86.23
C PHE C 1927 34.64 44.76 -85.44
N SER C 1928 34.86 43.52 -84.98
CA SER C 1928 36.04 43.19 -84.19
C SER C 1928 37.28 43.01 -85.04
N ASP C 1929 37.15 43.10 -86.36
CA ASP C 1929 38.29 43.22 -87.24
C ASP C 1929 38.68 44.68 -87.48
N ASP C 1930 37.71 45.58 -87.59
CA ASP C 1930 38.05 47.00 -87.77
C ASP C 1930 38.48 47.65 -86.46
N PHE C 1931 37.70 47.46 -85.40
CA PHE C 1931 37.96 48.14 -84.14
C PHE C 1931 39.23 47.63 -83.47
N VAL C 1932 39.62 46.37 -83.72
CA VAL C 1932 40.86 45.87 -83.14
C VAL C 1932 42.06 46.59 -83.73
N ALA C 1933 42.02 46.89 -85.04
CA ALA C 1933 43.11 47.63 -85.65
C ALA C 1933 43.11 49.08 -85.19
N LYS C 1934 41.92 49.68 -85.06
CA LYS C 1934 41.85 51.06 -84.58
C LYS C 1934 42.43 51.18 -83.17
N LEU C 1935 42.04 50.27 -82.26
CA LEU C 1935 42.60 50.29 -80.92
C LEU C 1935 44.05 49.86 -80.88
N GLN C 1936 44.49 49.04 -81.84
CA GLN C 1936 45.91 48.70 -81.92
C GLN C 1936 46.75 49.94 -82.22
N ASP C 1937 46.27 50.77 -83.15
CA ASP C 1937 46.96 52.05 -83.39
C ASP C 1937 46.89 52.96 -82.16
N ASN C 1938 45.71 53.06 -81.55
CA ASN C 1938 45.56 53.94 -80.39
C ASN C 1938 46.34 53.46 -79.17
N GLN C 1939 46.73 52.19 -79.13
CA GLN C 1939 47.58 51.68 -78.07
C GLN C 1939 49.06 51.72 -78.43
N ARG C 1940 49.38 51.62 -79.72
CA ARG C 1940 50.78 51.65 -80.13
C ARG C 1940 51.33 53.07 -80.09
N PHE C 1941 50.50 54.07 -80.41
CA PHE C 1941 51.01 55.44 -80.41
C PHE C 1941 51.24 55.95 -78.98
N ARG C 1942 50.43 55.50 -78.03
CA ARG C 1942 50.56 55.92 -76.64
C ARG C 1942 51.33 54.90 -75.81
N TYR C 1943 52.57 54.62 -76.23
CA TYR C 1943 53.37 53.62 -75.53
C TYR C 1943 53.93 54.15 -74.22
N ASN C 1944 54.54 55.35 -74.25
CA ASN C 1944 55.03 55.98 -73.04
C ASN C 1944 54.80 57.49 -73.07
N GLU C 1945 53.99 57.98 -74.00
CA GLU C 1945 53.78 59.41 -74.16
C GLU C 1945 52.33 59.79 -73.87
N LEU C 1995 58.38 58.85 -60.87
CA LEU C 1995 58.20 57.99 -62.04
C LEU C 1995 56.97 58.43 -62.85
N LEU C 1996 56.53 57.58 -63.77
CA LEU C 1996 55.43 57.91 -64.66
C LEU C 1996 54.09 57.77 -63.92
N ASP C 1997 52.99 57.81 -64.68
CA ASP C 1997 51.66 57.62 -64.11
C ASP C 1997 51.48 56.14 -63.79
N PHE C 1998 52.04 55.73 -62.65
CA PHE C 1998 52.06 54.34 -62.17
C PHE C 1998 52.74 53.39 -63.17
N HIS C 1999 53.59 53.93 -64.04
CA HIS C 1999 54.24 53.20 -65.12
C HIS C 1999 53.25 52.50 -66.04
N GLU C 2000 51.98 52.92 -66.01
CA GLU C 2000 50.87 52.30 -66.73
C GLU C 2000 50.69 50.82 -66.37
N ASP C 2001 51.30 50.39 -65.26
CA ASP C 2001 51.31 48.99 -64.83
C ASP C 2001 51.85 48.06 -65.93
N LEU C 2002 52.75 48.60 -66.76
CA LEU C 2002 53.36 47.86 -67.87
C LEU C 2002 52.31 47.33 -68.85
N MET C 2003 51.14 47.97 -68.89
CA MET C 2003 50.07 47.53 -69.78
C MET C 2003 50.40 47.78 -71.24
N THR C 2004 51.37 48.65 -71.53
CA THR C 2004 51.76 48.89 -72.92
C THR C 2004 52.43 47.67 -73.54
N HIS C 2005 53.42 47.11 -72.86
CA HIS C 2005 54.22 46.01 -73.42
C HIS C 2005 54.06 44.72 -72.64
N CYS C 2006 54.23 44.75 -71.32
CA CYS C 2006 54.14 43.54 -70.50
C CYS C 2006 52.72 43.25 -70.08
N GLY C 2007 51.76 44.08 -70.46
CA GLY C 2007 50.37 43.89 -70.10
C GLY C 2007 49.42 44.12 -71.25
N ILE C 2008 49.84 43.76 -72.47
CA ILE C 2008 49.01 43.98 -73.67
C ILE C 2008 48.10 42.80 -73.95
N GLU C 2009 48.10 41.77 -73.11
CA GLU C 2009 47.37 40.53 -73.35
C GLU C 2009 45.89 40.66 -73.01
N LEU C 2010 45.24 39.50 -72.80
CA LEU C 2010 43.84 39.47 -72.37
C LEU C 2010 43.60 40.31 -71.13
N ASP C 2011 44.63 40.53 -70.31
CA ASP C 2011 44.50 41.49 -69.21
C ASP C 2011 44.22 42.89 -69.74
N GLU C 2012 44.92 43.31 -70.80
CA GLU C 2012 44.60 44.58 -71.45
C GLU C 2012 43.22 44.53 -72.08
N ASP C 2013 42.88 43.41 -72.72
CA ASP C 2013 41.59 43.31 -73.41
C ASP C 2013 40.43 43.47 -72.42
N GLY C 2014 40.54 42.87 -71.24
CA GLY C 2014 39.57 43.13 -70.19
C GLY C 2014 39.66 44.55 -69.67
N SER C 2015 40.88 45.09 -69.57
CA SER C 2015 41.06 46.45 -69.08
C SER C 2015 40.66 47.49 -70.12
N LEU C 2016 40.87 47.22 -71.41
CA LEU C 2016 40.51 48.16 -72.45
C LEU C 2016 39.04 48.04 -72.82
N ASP C 2017 38.16 48.17 -71.82
CA ASP C 2017 36.73 48.09 -72.04
C ASP C 2017 36.19 49.42 -72.58
N GLY C 2018 34.93 49.39 -72.99
CA GLY C 2018 34.27 50.58 -73.51
C GLY C 2018 33.64 51.45 -72.47
N SER C 2019 33.92 51.23 -71.18
CA SER C 2019 33.32 52.03 -70.13
C SER C 2019 33.89 53.44 -70.12
N ASN C 2020 35.19 53.58 -69.89
CA ASN C 2020 35.83 54.90 -69.84
C ASN C 2020 37.27 54.77 -70.32
N ASP C 2021 37.47 54.99 -71.62
CA ASP C 2021 38.81 55.01 -72.20
C ASP C 2021 38.74 55.70 -73.56
N LEU C 2022 39.41 56.83 -73.69
CA LEU C 2022 39.49 57.61 -74.93
C LEU C 2022 38.12 57.93 -75.51
N THR C 2023 38.09 58.29 -76.80
CA THR C 2023 36.85 58.54 -77.53
C THR C 2023 36.50 57.40 -78.47
N ILE C 2024 37.26 56.31 -78.45
CA ILE C 2024 37.00 55.19 -79.34
C ILE C 2024 35.73 54.44 -78.95
N ARG C 2025 35.29 54.57 -77.68
CA ARG C 2025 34.15 53.82 -77.18
C ARG C 2025 32.82 54.26 -77.78
N GLY C 2026 32.78 55.36 -78.54
CA GLY C 2026 31.54 55.77 -79.18
C GLY C 2026 31.03 54.73 -80.16
N ARG C 2027 31.92 54.24 -81.03
CA ARG C 2027 31.53 53.18 -81.96
C ARG C 2027 31.20 51.89 -81.24
N LEU C 2028 31.92 51.59 -80.15
CA LEU C 2028 31.62 50.41 -79.34
C LEU C 2028 30.19 50.46 -78.81
N LEU C 2029 29.81 51.59 -78.22
CA LEU C 2029 28.45 51.74 -77.70
C LEU C 2029 27.42 51.72 -78.83
N ASP C 2030 27.75 52.35 -79.95
CA ASP C 2030 26.82 52.37 -81.09
C ASP C 2030 26.53 50.97 -81.59
N LEU C 2031 27.57 50.15 -81.75
CA LEU C 2031 27.35 48.80 -82.22
C LEU C 2031 26.79 47.87 -81.14
N VAL C 2032 27.06 48.14 -79.87
CA VAL C 2032 26.37 47.41 -78.80
C VAL C 2032 24.87 47.64 -78.89
N GLU C 2033 24.46 48.89 -79.10
CA GLU C 2033 23.05 49.18 -79.33
C GLU C 2033 22.53 48.53 -80.61
N LYS C 2034 23.34 48.54 -81.68
CA LYS C 2034 22.92 47.96 -82.95
C LYS C 2034 22.66 46.46 -82.80
N VAL C 2035 23.54 45.76 -82.10
CA VAL C 2035 23.33 44.33 -81.86
C VAL C 2035 22.13 44.14 -80.93
N THR C 2036 22.07 44.91 -79.85
CA THR C 2036 20.99 44.78 -78.87
C THR C 2036 19.90 45.82 -79.16
N TYR C 2037 19.44 45.82 -80.41
CA TYR C 2037 18.11 46.33 -80.73
C TYR C 2037 17.00 45.37 -80.31
N LEU C 2038 17.34 44.37 -79.47
CA LEU C 2038 16.50 43.26 -79.02
C LEU C 2038 16.31 42.24 -80.15
N LYS C 2039 16.73 42.60 -81.35
CA LYS C 2039 16.70 41.71 -82.51
C LYS C 2039 18.00 41.94 -83.28
N LYS C 2040 18.04 41.46 -84.52
CA LYS C 2040 19.22 41.63 -85.36
C LYS C 2040 19.43 43.10 -85.75
N CYS C 2054 8.75 41.35 -82.16
CA CYS C 2054 8.40 42.76 -82.01
C CYS C 2054 8.45 43.49 -83.35
N SER C 2055 9.55 43.28 -84.09
CA SER C 2055 9.72 43.94 -85.38
C SER C 2055 10.28 43.00 -86.44
N SER C 2056 10.26 41.69 -86.23
CA SER C 2056 10.86 40.75 -87.16
C SER C 2056 10.10 39.44 -87.07
N LEU C 2057 10.73 38.35 -87.53
CA LEU C 2057 10.09 37.03 -87.54
C LEU C 2057 9.81 36.50 -86.13
N GLN C 2058 10.42 37.11 -85.10
CA GLN C 2058 10.25 36.63 -83.74
C GLN C 2058 8.80 36.72 -83.28
N GLN C 2059 8.13 37.83 -83.60
CA GLN C 2059 6.73 37.99 -83.19
C GLN C 2059 5.83 36.98 -83.88
N LEU C 2060 6.09 36.71 -85.17
CA LEU C 2060 5.31 35.68 -85.87
C LEU C 2060 5.55 34.31 -85.27
N ILE C 2061 6.80 33.99 -84.95
CA ILE C 2061 7.12 32.69 -84.37
C ILE C 2061 6.42 32.51 -83.03
N SER C 2062 6.51 33.54 -82.17
CA SER C 2062 5.88 33.46 -80.85
C SER C 2062 4.36 33.38 -80.96
N GLU C 2063 3.76 34.15 -81.86
CA GLU C 2063 2.31 34.11 -82.03
C GLU C 2063 1.84 32.75 -82.52
N THR C 2064 2.55 32.18 -83.51
CA THR C 2064 2.19 30.86 -84.01
C THR C 2064 2.36 29.79 -82.93
N MET C 2065 3.41 29.91 -82.12
CA MET C 2065 3.62 28.93 -81.05
C MET C 2065 2.53 29.04 -79.99
N VAL C 2066 2.14 30.26 -79.63
CA VAL C 2066 1.06 30.45 -78.67
C VAL C 2066 -0.25 29.89 -79.21
N ARG C 2067 -0.52 30.13 -80.50
CA ARG C 2067 -1.74 29.60 -81.11
C ARG C 2067 -1.73 28.07 -81.13
N TRP C 2068 -0.57 27.48 -81.42
CA TRP C 2068 -0.45 26.02 -81.43
C TRP C 2068 -0.68 25.44 -80.04
N ALA C 2069 -0.13 26.09 -79.01
CA ALA C 2069 -0.39 25.64 -77.65
C ALA C 2069 -1.86 25.83 -77.26
N GLN C 2070 -2.50 26.87 -77.79
CA GLN C 2070 -3.89 27.17 -77.44
C GLN C 2070 -4.88 26.25 -78.13
N GLU C 2071 -4.51 25.71 -79.31
CA GLU C 2071 -5.47 24.98 -80.12
C GLU C 2071 -6.00 23.73 -79.41
N SER C 2072 -5.10 22.92 -78.86
CA SER C 2072 -5.50 21.69 -78.19
C SER C 2072 -4.32 21.19 -77.35
N VAL C 2073 -4.59 20.13 -76.59
CA VAL C 2073 -3.52 19.45 -75.86
C VAL C 2073 -2.56 18.81 -76.86
N ILE C 2074 -1.30 18.72 -76.48
CA ILE C 2074 -0.24 18.26 -77.37
C ILE C 2074 0.41 17.01 -76.76
N GLU C 2075 0.36 15.90 -77.50
CA GLU C 2075 1.07 14.69 -77.14
C GLU C 2075 2.46 14.72 -77.77
N ASP C 2076 3.15 13.57 -77.76
CA ASP C 2076 4.49 13.45 -78.34
C ASP C 2076 5.45 14.43 -77.69
N PRO C 2077 5.89 14.16 -76.45
CA PRO C 2077 6.62 15.18 -75.67
C PRO C 2077 7.86 15.75 -76.37
N GLU C 2078 8.39 15.08 -77.39
CA GLU C 2078 9.45 15.69 -78.20
C GLU C 2078 8.96 16.95 -78.88
N LEU C 2079 7.72 16.94 -79.37
CA LEU C 2079 7.15 18.13 -80.00
C LEU C 2079 7.02 19.27 -79.00
N VAL C 2080 6.58 18.97 -77.78
CA VAL C 2080 6.45 20.01 -76.75
C VAL C 2080 7.82 20.57 -76.40
N ARG C 2081 8.82 19.68 -76.26
CA ARG C 2081 10.17 20.13 -75.95
C ARG C 2081 10.72 21.04 -77.05
N ALA C 2082 10.52 20.66 -78.31
CA ALA C 2082 10.98 21.50 -79.42
C ALA C 2082 10.25 22.84 -79.44
N MET C 2083 8.93 22.80 -79.17
CA MET C 2083 8.13 24.03 -79.14
C MET C 2083 8.68 25.01 -78.10
N PHE C 2084 8.88 24.54 -76.87
CA PHE C 2084 9.31 25.43 -75.81
C PHE C 2084 10.77 25.84 -75.97
N VAL C 2085 11.61 24.95 -76.54
CA VAL C 2085 12.99 25.32 -76.83
C VAL C 2085 13.03 26.46 -77.84
N LEU C 2086 12.21 26.36 -78.89
CA LEU C 2086 12.18 27.43 -79.88
C LEU C 2086 11.63 28.73 -79.28
N LEU C 2087 10.61 28.64 -78.43
CA LEU C 2087 10.06 29.83 -77.80
C LEU C 2087 11.11 30.53 -76.93
N HIS C 2088 11.82 29.75 -76.10
CA HIS C 2088 12.84 30.33 -75.24
C HIS C 2088 13.99 30.91 -76.07
N ARG C 2089 14.35 30.23 -77.16
CA ARG C 2089 15.41 30.75 -78.03
C ARG C 2089 15.01 32.08 -78.66
N GLN C 2090 13.73 32.21 -79.03
CA GLN C 2090 13.26 33.48 -79.57
C GLN C 2090 13.27 34.57 -78.50
N TYR C 2091 12.91 34.23 -77.27
CA TYR C 2091 12.87 35.23 -76.21
C TYR C 2091 14.24 35.49 -75.58
N ASP C 2092 15.28 34.76 -75.97
CA ASP C 2092 16.60 34.89 -75.35
C ASP C 2092 17.69 34.91 -76.41
N GLY C 2093 17.53 35.82 -77.39
CA GLY C 2093 18.54 35.95 -78.44
C GLY C 2093 19.92 36.32 -77.90
N ILE C 2094 19.97 37.06 -76.79
CA ILE C 2094 21.22 37.33 -76.12
C ILE C 2094 21.84 36.03 -75.62
N GLY C 2095 21.01 35.09 -75.18
CA GLY C 2095 21.52 33.77 -74.82
C GLY C 2095 22.18 33.06 -75.99
N GLY C 2096 21.56 33.15 -77.17
CA GLY C 2096 22.18 32.59 -78.36
C GLY C 2096 23.49 33.26 -78.70
N LEU C 2097 23.55 34.59 -78.54
CA LEU C 2097 24.78 35.32 -78.82
C LEU C 2097 25.90 34.90 -77.87
N VAL C 2098 25.59 34.81 -76.57
CA VAL C 2098 26.63 34.46 -75.60
C VAL C 2098 26.99 32.99 -75.70
N ARG C 2099 26.11 32.15 -76.26
CA ARG C 2099 26.49 30.78 -76.54
C ARG C 2099 27.41 30.68 -77.75
N ALA C 2100 27.11 31.44 -78.81
CA ALA C 2100 27.86 31.34 -80.05
C ALA C 2100 29.22 32.05 -79.96
N LEU C 2101 29.35 33.04 -79.08
CA LEU C 2101 30.58 33.83 -79.03
C LEU C 2101 31.83 33.03 -78.68
N PRO C 2102 31.86 32.19 -77.63
CA PRO C 2102 33.14 31.54 -77.27
C PRO C 2102 33.68 30.62 -78.35
N LYS C 2103 32.82 29.99 -79.14
CA LYS C 2103 33.26 29.08 -80.19
C LYS C 2103 33.65 29.79 -81.47
N THR C 2104 33.50 31.11 -81.53
CA THR C 2104 33.89 31.88 -82.70
C THR C 2104 35.41 32.04 -82.74
N TYR C 2105 35.96 32.00 -83.94
CA TYR C 2105 37.40 32.16 -84.13
C TYR C 2105 37.65 32.88 -85.45
N THR C 2106 38.77 33.60 -85.52
CA THR C 2106 39.17 34.34 -86.71
C THR C 2106 40.48 33.74 -87.22
N ILE C 2107 40.41 33.06 -88.34
CA ILE C 2107 41.58 32.44 -88.96
C ILE C 2107 42.07 33.33 -90.08
N ASN C 2108 43.39 33.33 -90.28
CA ASN C 2108 44.00 34.16 -91.32
C ASN C 2108 43.61 33.63 -92.71
N GLY C 2109 43.69 34.52 -93.69
CA GLY C 2109 43.35 34.18 -95.05
C GLY C 2109 44.38 33.40 -95.82
N VAL C 2110 45.56 33.16 -95.22
CA VAL C 2110 46.61 32.43 -95.90
C VAL C 2110 46.54 30.92 -95.65
N SER C 2111 45.92 30.49 -94.56
CA SER C 2111 45.83 29.08 -94.21
C SER C 2111 44.40 28.54 -94.37
N VAL C 2112 43.64 29.13 -95.30
CA VAL C 2112 42.24 28.75 -95.46
C VAL C 2112 42.13 27.31 -95.98
N GLU C 2113 42.96 26.94 -96.96
CA GLU C 2113 42.91 25.59 -97.50
C GLU C 2113 43.33 24.55 -96.45
N ASP C 2114 44.38 24.86 -95.68
CA ASP C 2114 44.80 23.94 -94.63
C ASP C 2114 43.74 23.79 -93.55
N THR C 2115 43.07 24.90 -93.19
CA THR C 2115 41.98 24.83 -92.23
C THR C 2115 40.82 24.00 -92.77
N ILE C 2116 40.53 24.13 -94.07
CA ILE C 2116 39.47 23.34 -94.69
C ILE C 2116 39.82 21.85 -94.63
N ASN C 2117 41.07 21.52 -94.94
CA ASN C 2117 41.50 20.12 -94.89
C ASN C 2117 41.42 19.57 -93.46
N LEU C 2118 41.85 20.36 -92.47
CA LEU C 2118 41.75 19.92 -91.08
C LEU C 2118 40.30 19.74 -90.66
N LEU C 2119 39.42 20.63 -91.12
CA LEU C 2119 38.00 20.52 -90.79
C LEU C 2119 37.39 19.27 -91.43
N ALA C 2120 37.79 18.95 -92.66
CA ALA C 2120 37.32 17.72 -93.28
C ALA C 2120 37.81 16.49 -92.52
N SER C 2121 39.07 16.51 -92.07
CA SER C 2121 39.59 15.41 -91.28
C SER C 2121 38.83 15.26 -89.97
N LEU C 2122 38.51 16.39 -89.31
CA LEU C 2122 37.71 16.32 -88.09
C LEU C 2122 36.30 15.81 -88.37
N GLY C 2123 35.73 16.19 -89.51
CA GLY C 2123 34.43 15.66 -89.87
C GLY C 2123 34.45 14.15 -90.06
N GLN C 2124 35.51 13.64 -90.70
CA GLN C 2124 35.65 12.19 -90.84
C GLN C 2124 35.80 11.53 -89.47
N ILE C 2125 36.59 12.13 -88.58
CA ILE C 2125 36.77 11.58 -87.24
C ILE C 2125 35.44 11.55 -86.48
N ARG C 2126 34.66 12.63 -86.57
CA ARG C 2126 33.38 12.68 -85.88
C ARG C 2126 32.37 11.72 -86.49
N SER C 2127 32.46 11.47 -87.80
CA SER C 2127 31.60 10.47 -88.41
C SER C 2127 31.96 9.07 -87.93
N LEU C 2128 33.26 8.79 -87.81
CA LEU C 2128 33.68 7.48 -87.30
C LEU C 2128 33.60 7.36 -85.79
N LEU C 2129 33.30 8.46 -85.09
CA LEU C 2129 33.21 8.46 -83.64
C LEU C 2129 32.16 7.47 -83.15
N SER C 2130 32.45 6.86 -82.00
CA SER C 2130 31.60 5.85 -81.37
C SER C 2130 31.39 4.67 -82.30
N GLY C 2134 36.16 0.87 -83.55
CA GLY C 2134 35.52 -0.07 -84.46
C GLY C 2134 36.36 -1.31 -84.71
N LYS C 2135 35.93 -2.11 -85.69
CA LYS C 2135 36.64 -3.33 -86.05
C LYS C 2135 37.76 -3.04 -87.07
N GLU C 2136 37.39 -2.50 -88.22
CA GLU C 2136 38.35 -2.10 -89.24
C GLU C 2136 38.32 -0.60 -89.52
N GLU C 2137 37.44 0.15 -88.86
CA GLU C 2137 37.49 1.60 -88.91
C GLU C 2137 38.65 2.17 -88.11
N GLU C 2138 39.35 1.34 -87.34
CA GLU C 2138 40.53 1.79 -86.62
C GLU C 2138 41.61 2.28 -87.58
N LYS C 2139 41.74 1.63 -88.74
CA LYS C 2139 42.72 2.08 -89.73
C LYS C 2139 42.35 3.46 -90.28
N LEU C 2140 41.06 3.69 -90.55
CA LEU C 2140 40.63 5.00 -91.00
C LEU C 2140 40.86 6.07 -89.94
N MET C 2141 40.59 5.74 -88.68
CA MET C 2141 40.83 6.68 -87.60
C MET C 2141 42.32 6.98 -87.43
N ILE C 2142 43.16 5.95 -87.61
CA ILE C 2142 44.61 6.13 -87.57
C ILE C 2142 45.05 7.07 -88.68
N ARG C 2143 44.51 6.86 -89.88
CA ARG C 2143 44.84 7.74 -91.00
C ARG C 2143 44.40 9.18 -90.73
N GLY C 2144 43.21 9.36 -90.17
CA GLY C 2144 42.75 10.70 -89.86
C GLY C 2144 43.60 11.39 -88.80
N LEU C 2145 43.98 10.65 -87.76
CA LEU C 2145 44.83 11.22 -86.72
C LEU C 2145 46.22 11.55 -87.26
N GLY C 2146 46.77 10.70 -88.13
CA GLY C 2146 48.04 10.99 -88.75
C GLY C 2146 47.98 12.21 -89.66
N ASP C 2147 46.85 12.38 -90.36
CA ASP C 2147 46.67 13.56 -91.19
C ASP C 2147 46.56 14.82 -90.34
N ILE C 2148 45.86 14.73 -89.21
CA ILE C 2148 45.74 15.90 -88.33
C ILE C 2148 47.04 16.17 -87.58
N MET C 2149 47.95 15.18 -87.50
CA MET C 2149 49.26 15.43 -86.91
C MET C 2149 50.06 16.43 -87.75
N ASN C 2150 50.16 16.18 -89.05
CA ASN C 2150 50.99 16.98 -89.93
C ASN C 2150 50.17 18.14 -90.50
N ASN C 2151 49.77 19.03 -89.58
CA ASN C 2151 49.02 20.23 -89.94
C ASN C 2151 49.58 21.41 -89.15
N LYS C 2152 49.78 22.53 -89.84
CA LYS C 2152 50.30 23.72 -89.18
C LYS C 2152 49.27 24.34 -88.25
N VAL C 2153 47.98 24.19 -88.56
CA VAL C 2153 46.93 24.82 -87.78
C VAL C 2153 46.87 24.24 -86.37
N PHE C 2154 47.33 23.01 -86.19
CA PHE C 2154 47.30 22.38 -84.87
C PHE C 2154 48.15 23.15 -83.86
N TYR C 2155 49.42 23.40 -84.20
CA TYR C 2155 50.30 24.06 -83.25
C TYR C 2155 50.30 25.58 -83.41
N GLN C 2156 49.96 26.10 -84.58
CA GLN C 2156 49.91 27.55 -84.75
C GLN C 2156 48.65 28.16 -84.17
N HIS C 2157 47.59 27.38 -83.98
CA HIS C 2157 46.33 27.87 -83.42
C HIS C 2157 45.81 26.86 -82.40
N PRO C 2158 46.39 26.83 -81.20
CA PRO C 2158 45.92 25.87 -80.20
C PRO C 2158 44.57 26.21 -79.60
N ASN C 2159 44.26 27.51 -79.46
CA ASN C 2159 42.95 27.90 -78.95
C ASN C 2159 41.83 27.47 -79.87
N LEU C 2160 42.05 27.54 -81.18
CA LEU C 2160 41.07 27.02 -82.13
C LEU C 2160 40.89 25.51 -81.97
N MET C 2161 41.98 24.79 -81.75
CA MET C 2161 41.90 23.34 -81.51
C MET C 2161 41.09 23.03 -80.26
N ARG C 2162 41.30 23.80 -79.19
CA ARG C 2162 40.50 23.58 -77.98
C ARG C 2162 39.04 23.95 -78.20
N ALA C 2163 38.77 25.01 -78.95
CA ALA C 2163 37.39 25.43 -79.19
C ALA C 2163 36.65 24.40 -80.04
N LEU C 2164 37.35 23.75 -80.97
CA LEU C 2164 36.74 22.72 -81.81
C LEU C 2164 36.39 21.46 -81.03
N GLY C 2165 36.87 21.32 -79.80
CA GLY C 2165 36.46 20.23 -78.94
C GLY C 2165 36.91 18.85 -79.35
N MET C 2166 38.16 18.71 -79.80
CA MET C 2166 38.70 17.39 -80.08
C MET C 2166 39.02 16.61 -78.81
N HIS C 2167 39.12 17.30 -77.66
CA HIS C 2167 39.39 16.61 -76.41
C HIS C 2167 38.30 15.60 -76.10
N GLU C 2168 37.04 16.03 -76.15
CA GLU C 2168 35.92 15.14 -75.85
C GLU C 2168 35.76 14.07 -76.92
N THR C 2169 36.07 14.40 -78.18
CA THR C 2169 35.99 13.41 -79.25
C THR C 2169 36.99 12.27 -79.01
N VAL C 2170 38.25 12.62 -78.72
CA VAL C 2170 39.26 11.60 -78.46
C VAL C 2170 38.95 10.84 -77.18
N MET C 2171 38.41 11.53 -76.17
CA MET C 2171 38.03 10.87 -74.93
C MET C 2171 36.93 9.84 -75.17
N GLU C 2172 35.91 10.20 -75.94
CA GLU C 2172 34.82 9.27 -76.24
C GLU C 2172 35.35 8.10 -77.07
N VAL C 2173 36.25 8.36 -78.02
CA VAL C 2173 36.84 7.28 -78.82
C VAL C 2173 37.58 6.30 -77.92
N MET C 2174 38.39 6.84 -76.99
CA MET C 2174 39.16 5.97 -76.10
C MET C 2174 38.25 5.19 -75.16
N VAL C 2175 37.18 5.83 -74.67
CA VAL C 2175 36.23 5.15 -73.80
C VAL C 2175 35.55 4.01 -74.54
N ASN C 2176 35.14 4.25 -75.78
CA ASN C 2176 34.52 3.19 -76.58
C ASN C 2176 35.51 2.07 -76.89
N VAL C 2177 36.78 2.41 -77.08
CA VAL C 2177 37.78 1.39 -77.42
C VAL C 2177 38.05 0.50 -76.22
N LEU C 2178 38.41 1.09 -75.08
CA LEU C 2178 38.80 0.30 -73.92
C LEU C 2178 37.63 -0.09 -73.03
N GLY C 2179 36.43 0.43 -73.29
CA GLY C 2179 35.29 0.06 -72.48
C GLY C 2179 34.85 -1.37 -72.76
N GLY C 2180 34.72 -2.16 -71.70
CA GLY C 2180 34.32 -3.54 -71.84
C GLY C 2180 35.16 -4.50 -71.02
N GLY C 2181 36.38 -4.08 -70.68
CA GLY C 2181 37.26 -4.90 -69.89
C GLY C 2181 38.04 -5.90 -70.73
N GLU C 2182 38.14 -7.14 -70.23
CA GLU C 2182 38.84 -8.23 -70.91
C GLU C 2182 40.30 -7.87 -71.20
N SER C 2183 40.61 -7.61 -72.47
CA SER C 2183 42.00 -7.33 -72.85
C SER C 2183 42.11 -6.21 -73.88
N LYS C 2184 41.07 -5.40 -74.07
CA LYS C 2184 41.07 -4.29 -75.03
C LYS C 2184 41.37 -4.81 -76.44
N GLU C 2185 40.39 -5.56 -76.97
CA GLU C 2185 40.55 -6.35 -78.18
C GLU C 2185 41.16 -5.58 -79.34
N ILE C 2186 40.66 -4.39 -79.61
CA ILE C 2186 41.25 -3.53 -80.65
C ILE C 2186 42.29 -2.66 -79.94
N THR C 2187 43.50 -3.23 -79.79
CA THR C 2187 44.59 -2.56 -79.10
C THR C 2187 45.50 -1.91 -80.14
N PHE C 2188 45.41 -0.59 -80.24
CA PHE C 2188 46.29 0.21 -81.07
C PHE C 2188 46.29 1.63 -80.52
N PRO C 2189 47.07 1.89 -79.46
CA PRO C 2189 46.94 3.15 -78.70
C PRO C 2189 47.63 4.35 -79.34
N LYS C 2190 46.95 4.94 -80.32
CA LYS C 2190 47.36 6.22 -80.89
C LYS C 2190 46.51 7.38 -80.36
N MET C 2191 45.27 7.10 -79.94
CA MET C 2191 44.44 8.15 -79.34
C MET C 2191 45.06 8.67 -78.06
N VAL C 2192 45.78 7.83 -77.31
CA VAL C 2192 46.50 8.33 -76.14
C VAL C 2192 47.66 9.22 -76.58
N ALA C 2193 48.32 8.87 -77.69
CA ALA C 2193 49.42 9.69 -78.17
C ALA C 2193 48.94 11.06 -78.62
N ASN C 2194 47.72 11.12 -79.18
CA ASN C 2194 47.12 12.39 -79.59
C ASN C 2194 46.55 13.18 -78.42
N CYS C 2195 46.01 12.48 -77.40
CA CYS C 2195 45.62 13.16 -76.17
C CYS C 2195 46.84 13.79 -75.51
N CYS C 2196 47.94 13.07 -75.48
CA CYS C 2196 49.29 13.55 -75.25
C CYS C 2196 49.82 14.12 -76.56
N ARG C 2197 51.12 13.97 -76.78
CA ARG C 2197 51.87 14.57 -77.89
C ARG C 2197 51.55 16.04 -78.13
N PHE C 2198 51.16 16.34 -79.38
CA PHE C 2198 50.99 17.72 -79.82
C PHE C 2198 50.03 18.47 -78.92
N LEU C 2199 48.89 17.88 -78.62
CA LEU C 2199 48.04 18.38 -77.55
C LEU C 2199 48.79 18.23 -76.23
N CYS C 2200 49.03 19.35 -75.56
CA CYS C 2200 49.77 19.54 -74.30
C CYS C 2200 51.29 19.57 -74.50
N TYR C 2201 51.81 19.42 -75.72
CA TYR C 2201 53.21 19.74 -75.97
C TYR C 2201 53.37 21.00 -76.82
N PHE C 2202 52.78 21.03 -78.02
CA PHE C 2202 52.92 22.18 -78.89
C PHE C 2202 51.94 23.29 -78.52
N CYS C 2203 50.78 22.92 -77.97
CA CYS C 2203 49.85 23.91 -77.47
C CYS C 2203 50.42 24.67 -76.28
N ARG C 2204 51.38 24.08 -75.57
CA ARG C 2204 52.05 24.71 -74.43
C ARG C 2204 51.08 25.12 -73.33
N ILE C 2205 49.96 24.39 -73.24
CA ILE C 2205 48.93 24.59 -72.22
C ILE C 2205 48.29 25.98 -72.33
N SER C 2206 49.12 27.02 -72.25
CA SER C 2206 48.66 28.41 -72.13
C SER C 2206 47.77 28.59 -70.92
N ARG C 2207 48.05 27.82 -69.86
CA ARG C 2207 47.26 27.72 -68.64
C ARG C 2207 45.82 27.29 -68.91
N GLN C 2208 45.52 26.80 -70.10
CA GLN C 2208 44.16 26.39 -70.44
C GLN C 2208 44.07 24.96 -70.95
N ASN C 2209 44.99 24.53 -71.82
CA ASN C 2209 44.89 23.21 -72.41
C ASN C 2209 45.18 22.12 -71.38
N GLN C 2210 46.24 22.28 -70.61
CA GLN C 2210 46.54 21.31 -69.55
C GLN C 2210 45.49 21.37 -68.45
N LYS C 2211 44.93 22.54 -68.17
CA LYS C 2211 43.86 22.64 -67.18
C LYS C 2211 42.62 21.87 -67.64
N ALA C 2212 42.27 21.99 -68.93
CA ALA C 2212 41.14 21.24 -69.45
C ALA C 2212 41.44 19.74 -69.48
N MET C 2213 42.71 19.38 -69.72
CA MET C 2213 43.07 17.97 -69.74
C MET C 2213 43.08 17.38 -68.33
N PHE C 2214 43.28 18.21 -67.32
CA PHE C 2214 43.31 17.76 -65.93
C PHE C 2214 41.97 17.19 -65.46
N ASP C 2215 40.88 17.51 -66.15
CA ASP C 2215 39.56 17.07 -65.71
C ASP C 2215 39.43 15.55 -65.82
N HIS C 2216 39.96 14.95 -66.87
CA HIS C 2216 39.87 13.52 -67.09
C HIS C 2216 41.01 12.74 -66.45
N LEU C 2217 41.71 13.35 -65.49
CA LEU C 2217 42.87 12.69 -64.88
C LEU C 2217 42.46 11.45 -64.09
N SER C 2218 41.33 11.51 -63.39
CA SER C 2218 40.87 10.36 -62.61
C SER C 2218 40.58 9.18 -63.51
N TYR C 2219 39.89 9.41 -64.63
CA TYR C 2219 39.63 8.33 -65.57
C TYR C 2219 40.91 7.85 -66.24
N LEU C 2220 41.85 8.76 -66.50
CA LEU C 2220 43.11 8.37 -67.14
C LEU C 2220 43.92 7.45 -66.24
N LEU C 2221 44.07 7.81 -64.97
CA LEU C 2221 44.86 7.00 -64.06
C LEU C 2221 44.12 5.76 -63.57
N GLU C 2222 42.78 5.77 -63.60
CA GLU C 2222 42.03 4.61 -63.16
C GLU C 2222 42.24 3.42 -64.09
N ASN C 2223 42.17 3.64 -65.39
CA ASN C 2223 42.34 2.58 -66.37
C ASN C 2223 43.76 2.59 -66.92
N SER C 2224 44.69 2.16 -66.07
CA SER C 2224 46.10 2.06 -66.43
C SER C 2224 46.29 0.79 -67.25
N SER C 2225 46.04 0.90 -68.54
CA SER C 2225 46.10 -0.24 -69.44
C SER C 2225 47.54 -0.47 -69.88
N VAL C 2226 47.75 -1.43 -70.79
CA VAL C 2226 49.08 -1.86 -71.20
C VAL C 2226 49.11 -1.96 -72.72
N GLY C 2227 50.28 -1.67 -73.30
CA GLY C 2227 50.47 -1.90 -74.72
C GLY C 2227 51.16 -0.80 -75.50
N LEU C 2228 51.27 0.40 -74.91
CA LEU C 2228 51.86 1.52 -75.63
C LEU C 2228 53.36 1.34 -75.80
N ALA C 2229 53.87 1.76 -76.95
CA ALA C 2229 55.29 1.65 -77.26
C ALA C 2229 56.13 2.77 -76.65
N SER C 2230 55.49 3.81 -76.11
CA SER C 2230 56.26 4.89 -75.48
C SER C 2230 57.08 4.41 -74.28
N PRO C 2231 56.56 3.56 -73.34
CA PRO C 2231 57.41 2.94 -72.32
C PRO C 2231 58.10 1.67 -72.83
N ALA C 2232 58.69 1.75 -74.02
CA ALA C 2232 59.27 0.61 -74.72
C ALA C 2232 58.23 -0.48 -74.90
N MET C 2233 58.21 -1.45 -73.99
CA MET C 2233 57.19 -2.50 -73.99
C MET C 2233 55.94 -1.98 -73.29
N ARG C 2234 55.02 -2.89 -72.97
CA ARG C 2234 53.76 -2.51 -72.34
C ARG C 2234 54.00 -2.04 -70.90
N GLY C 2235 52.93 -1.59 -70.27
CA GLY C 2235 52.99 -1.16 -68.88
C GLY C 2235 52.17 0.08 -68.55
N SER C 2236 52.11 1.04 -69.47
CA SER C 2236 51.31 2.24 -69.22
C SER C 2236 51.01 2.93 -70.56
N THR C 2237 49.77 2.81 -71.03
CA THR C 2237 49.34 3.63 -72.16
C THR C 2237 48.84 5.02 -71.75
N PRO C 2238 48.00 5.19 -70.71
CA PRO C 2238 47.50 6.54 -70.41
C PRO C 2238 48.32 7.32 -69.40
N LEU C 2239 49.27 6.68 -68.72
CA LEU C 2239 50.07 7.39 -67.74
C LEU C 2239 50.97 8.44 -68.37
N ASP C 2240 51.35 8.27 -69.64
CA ASP C 2240 52.05 9.34 -70.35
C ASP C 2240 51.17 10.57 -70.47
N VAL C 2241 49.89 10.37 -70.78
CA VAL C 2241 48.94 11.49 -70.84
C VAL C 2241 48.76 12.11 -69.46
N ALA C 2242 48.69 11.27 -68.43
CA ALA C 2242 48.53 11.78 -67.07
C ALA C 2242 49.73 12.62 -66.66
N ALA C 2243 50.94 12.18 -67.01
CA ALA C 2243 52.14 12.95 -66.71
C ALA C 2243 52.19 14.24 -67.51
N ALA C 2244 51.81 14.18 -68.79
CA ALA C 2244 51.80 15.38 -69.62
C ALA C 2244 50.76 16.40 -69.16
N SER C 2245 49.70 15.95 -68.49
CA SER C 2245 48.71 16.87 -67.95
C SER C 2245 49.32 17.77 -66.88
N VAL C 2246 50.21 17.22 -66.06
CA VAL C 2246 50.83 17.96 -64.96
C VAL C 2246 52.33 18.08 -65.18
N MET C 2247 52.73 18.22 -66.45
CA MET C 2247 54.14 18.23 -66.79
C MET C 2247 54.88 19.40 -66.14
N ASP C 2248 54.51 20.62 -66.51
CA ASP C 2248 55.21 21.81 -66.02
C ASP C 2248 54.21 22.89 -65.61
N ASN C 2249 53.20 22.49 -64.84
CA ASN C 2249 52.19 23.41 -64.33
C ASN C 2249 52.16 23.30 -62.81
N ASN C 2250 52.71 24.32 -62.14
CA ASN C 2250 52.74 24.30 -60.67
C ASN C 2250 51.34 24.39 -60.08
N GLU C 2251 50.46 25.19 -60.70
CA GLU C 2251 49.10 25.32 -60.21
C GLU C 2251 48.34 23.99 -60.31
N LEU C 2252 48.55 23.26 -61.40
CA LEU C 2252 47.88 21.96 -61.54
C LEU C 2252 48.46 20.93 -60.59
N ALA C 2253 49.77 20.98 -60.35
CA ALA C 2253 50.39 20.08 -59.39
C ALA C 2253 49.87 20.35 -57.98
N LEU C 2254 49.68 21.62 -57.64
CA LEU C 2254 49.06 21.96 -56.35
C LEU C 2254 47.61 21.52 -56.30
N ALA C 2255 46.89 21.63 -57.43
CA ALA C 2255 45.49 21.26 -57.49
C ALA C 2255 45.28 19.75 -57.48
N LEU C 2256 46.34 18.95 -57.59
CA LEU C 2256 46.20 17.50 -57.54
C LEU C 2256 45.70 17.06 -56.18
N ARG C 2257 44.68 16.22 -56.18
CA ARG C 2257 44.03 15.80 -54.94
C ARG C 2257 44.76 14.64 -54.30
N GLU C 2258 44.68 14.57 -52.98
CA GLU C 2258 45.27 13.46 -52.23
C GLU C 2258 44.70 12.09 -52.60
N PRO C 2259 43.39 11.89 -52.79
CA PRO C 2259 42.92 10.54 -53.16
C PRO C 2259 43.51 9.99 -54.45
N ASP C 2260 43.82 10.84 -55.44
CA ASP C 2260 44.45 10.35 -56.66
C ASP C 2260 45.85 9.81 -56.37
N LEU C 2261 46.62 10.51 -55.55
CA LEU C 2261 47.94 10.02 -55.15
C LEU C 2261 47.83 8.74 -54.33
N GLU C 2262 46.80 8.66 -53.48
CA GLU C 2262 46.56 7.42 -52.73
C GLU C 2262 46.27 6.26 -53.67
N LYS C 2263 45.45 6.51 -54.70
CA LYS C 2263 45.19 5.49 -55.71
C LYS C 2263 46.49 5.03 -56.36
N VAL C 2264 47.29 5.98 -56.86
CA VAL C 2264 48.51 5.64 -57.58
C VAL C 2264 49.47 4.87 -56.67
N VAL C 2265 49.52 5.23 -55.38
CA VAL C 2265 50.31 4.48 -54.41
C VAL C 2265 49.80 3.05 -54.29
N ARG C 2266 48.48 2.88 -54.29
CA ARG C 2266 47.92 1.52 -54.23
C ARG C 2266 48.26 0.71 -55.47
N TYR C 2267 48.19 1.32 -56.65
CA TYR C 2267 48.57 0.60 -57.87
C TYR C 2267 50.05 0.23 -57.86
N LEU C 2268 50.90 1.11 -57.31
CA LEU C 2268 52.31 0.76 -57.17
C LEU C 2268 52.50 -0.40 -56.20
N ALA C 2269 51.76 -0.38 -55.08
CA ALA C 2269 51.86 -1.46 -54.10
C ALA C 2269 51.27 -2.76 -54.61
N GLY C 2270 50.45 -2.72 -55.66
CA GLY C 2270 49.92 -3.94 -56.24
C GLY C 2270 50.96 -4.83 -56.88
N CYS C 2271 52.15 -4.30 -57.16
CA CYS C 2271 53.23 -5.09 -57.75
C CYS C 2271 54.13 -5.71 -56.69
N GLY C 2272 53.52 -6.45 -55.77
CA GLY C 2272 54.27 -7.16 -54.74
C GLY C 2272 54.56 -8.59 -55.11
N LEU C 2273 55.34 -8.79 -56.17
CA LEU C 2273 55.66 -10.13 -56.64
C LEU C 2273 57.02 -10.11 -57.32
N GLN C 2274 57.61 -11.31 -57.45
CA GLN C 2274 58.89 -11.47 -58.10
C GLN C 2274 58.97 -12.88 -58.69
N SER C 2275 59.68 -13.00 -59.81
CA SER C 2275 59.82 -14.28 -60.49
C SER C 2275 61.10 -14.29 -61.29
N CYS C 2276 61.46 -15.47 -61.80
CA CYS C 2276 62.69 -15.66 -62.56
C CYS C 2276 62.48 -15.64 -64.07
N GLN C 2277 61.26 -15.35 -64.52
CA GLN C 2277 60.99 -15.31 -65.96
C GLN C 2277 61.61 -14.07 -66.57
N MET C 2278 61.52 -13.97 -67.91
CA MET C 2278 62.16 -12.87 -68.62
C MET C 2278 61.38 -11.57 -68.43
N LEU C 2279 60.15 -11.51 -68.97
CA LEU C 2279 59.32 -10.31 -68.90
C LEU C 2279 57.87 -10.70 -68.60
N VAL C 2280 57.69 -11.61 -67.65
CA VAL C 2280 56.35 -12.10 -67.35
C VAL C 2280 55.56 -11.04 -66.59
N SER C 2281 54.24 -11.05 -66.79
CA SER C 2281 53.31 -10.25 -66.00
C SER C 2281 52.33 -11.11 -65.23
N LYS C 2282 51.66 -12.03 -65.91
CA LYS C 2282 50.85 -13.06 -65.27
C LYS C 2282 51.11 -14.45 -65.82
N GLY C 2283 51.71 -14.57 -67.00
CA GLY C 2283 52.02 -15.86 -67.59
C GLY C 2283 52.69 -15.67 -68.92
N TYR C 2284 53.10 -16.80 -69.52
CA TYR C 2284 53.69 -16.85 -70.87
C TYR C 2284 54.93 -15.98 -70.98
N PRO C 2285 56.06 -16.38 -70.38
CA PRO C 2285 57.28 -15.59 -70.51
C PRO C 2285 57.90 -15.68 -71.90
N ASP C 2286 57.35 -14.91 -72.84
CA ASP C 2286 57.77 -14.97 -74.24
C ASP C 2286 58.87 -13.97 -74.56
N ILE C 2287 58.62 -12.69 -74.34
CA ILE C 2287 59.56 -11.63 -74.72
C ILE C 2287 60.68 -11.57 -73.68
N GLY C 2288 61.92 -11.56 -74.16
CA GLY C 2288 63.08 -11.42 -73.32
C GLY C 2288 63.77 -10.07 -73.36
N TRP C 2289 63.13 -9.06 -73.94
CA TRP C 2289 63.74 -7.74 -74.06
C TRP C 2289 63.74 -6.99 -72.73
N VAL C 2292 58.89 -3.12 -66.87
CA VAL C 2292 59.28 -1.92 -66.15
C VAL C 2292 58.48 -1.81 -64.85
N GLU C 2293 57.45 -2.65 -64.73
CA GLU C 2293 56.49 -2.69 -63.63
C GLU C 2293 56.17 -1.32 -63.04
N GLY C 2294 56.61 -1.06 -61.81
CA GLY C 2294 56.29 0.16 -61.10
C GLY C 2294 57.12 1.38 -61.45
N GLU C 2295 58.05 1.26 -62.40
CA GLU C 2295 58.86 2.40 -62.79
C GLU C 2295 58.02 3.50 -63.41
N ARG C 2296 56.96 3.13 -64.15
CA ARG C 2296 56.08 4.14 -64.73
C ARG C 2296 55.31 4.89 -63.65
N TYR C 2297 54.83 4.18 -62.63
CA TYR C 2297 54.18 4.84 -61.50
C TYR C 2297 55.15 5.79 -60.80
N LEU C 2298 56.39 5.34 -60.60
CA LEU C 2298 57.39 6.19 -59.94
C LEU C 2298 57.69 7.42 -60.78
N ASP C 2299 57.78 7.27 -62.10
CA ASP C 2299 58.00 8.42 -62.98
C ASP C 2299 56.84 9.39 -62.93
N PHE C 2300 55.61 8.88 -62.91
CA PHE C 2300 54.45 9.77 -62.80
C PHE C 2300 54.46 10.52 -61.48
N LEU C 2301 54.80 9.83 -60.38
CA LEU C 2301 54.87 10.50 -59.09
C LEU C 2301 55.98 11.55 -59.06
N ARG C 2302 57.11 11.25 -59.71
CA ARG C 2302 58.18 12.23 -59.82
C ARG C 2302 57.73 13.47 -60.58
N PHE C 2303 57.00 13.28 -61.69
CA PHE C 2303 56.47 14.42 -62.43
C PHE C 2303 55.44 15.19 -61.62
N ALA C 2304 54.67 14.50 -60.78
CA ALA C 2304 53.64 15.16 -59.99
C ALA C 2304 54.22 15.92 -58.80
N VAL C 2305 55.38 15.49 -58.28
CA VAL C 2305 55.90 16.09 -57.06
C VAL C 2305 56.98 17.15 -57.32
N PHE C 2306 57.57 17.18 -58.51
CA PHE C 2306 58.65 18.11 -58.82
C PHE C 2306 58.27 18.88 -60.08
N CYS C 2307 57.93 20.16 -59.91
CA CYS C 2307 57.57 21.04 -61.01
C CYS C 2307 58.62 22.13 -61.12
N ASN C 2308 59.13 22.34 -62.34
CA ASN C 2308 60.27 23.23 -62.61
C ASN C 2308 61.44 22.75 -61.73
N GLY C 2309 62.34 23.64 -61.32
CA GLY C 2309 63.27 23.27 -60.29
C GLY C 2309 62.79 23.73 -58.93
N GLU C 2310 62.03 22.88 -58.25
CA GLU C 2310 61.33 23.20 -57.02
C GLU C 2310 60.61 21.91 -56.61
N SER C 2311 60.42 21.73 -55.31
CA SER C 2311 59.81 20.51 -54.78
C SER C 2311 58.59 20.87 -53.94
N VAL C 2312 57.41 20.46 -54.42
CA VAL C 2312 56.16 20.85 -53.80
C VAL C 2312 56.02 20.13 -52.47
N GLU C 2313 55.98 20.90 -51.38
CA GLU C 2313 55.97 20.31 -50.05
C GLU C 2313 54.66 19.59 -49.75
N GLU C 2314 53.53 20.19 -50.17
CA GLU C 2314 52.23 19.62 -49.86
C GLU C 2314 52.06 18.24 -50.50
N ASN C 2315 52.48 18.10 -51.75
CA ASN C 2315 52.44 16.80 -52.40
C ASN C 2315 53.48 15.85 -51.82
N ALA C 2316 54.67 16.39 -51.49
CA ALA C 2316 55.75 15.55 -51.00
C ALA C 2316 55.41 14.90 -49.67
N ASN C 2317 54.72 15.63 -48.79
CA ASN C 2317 54.36 15.06 -47.49
C ASN C 2317 53.48 13.83 -47.65
N VAL C 2318 52.39 13.95 -48.43
CA VAL C 2318 51.49 12.81 -48.59
C VAL C 2318 52.17 11.70 -49.39
N VAL C 2319 53.03 12.04 -50.35
CA VAL C 2319 53.71 11.02 -51.14
C VAL C 2319 54.63 10.19 -50.25
N VAL C 2320 55.46 10.86 -49.44
CA VAL C 2320 56.38 10.12 -48.59
C VAL C 2320 55.64 9.39 -47.48
N ARG C 2321 54.55 9.95 -46.96
CA ARG C 2321 53.78 9.27 -45.93
C ARG C 2321 53.16 7.99 -46.47
N LEU C 2322 52.58 8.05 -47.67
CA LEU C 2322 51.98 6.85 -48.25
C LEU C 2322 53.02 5.89 -48.77
N LEU C 2323 54.24 6.35 -49.04
CA LEU C 2323 55.32 5.43 -49.40
C LEU C 2323 55.83 4.67 -48.18
N ILE C 2324 55.96 5.34 -47.04
CA ILE C 2324 56.47 4.66 -45.86
C ILE C 2324 55.38 3.89 -45.12
N ARG C 2325 54.11 4.19 -45.39
CA ARG C 2325 53.04 3.44 -44.76
C ARG C 2325 52.79 2.10 -45.44
N ARG C 2326 53.40 1.87 -46.60
CA ARG C 2326 53.28 0.59 -47.32
C ARG C 2326 54.56 0.38 -48.11
N PRO C 2327 55.47 -0.45 -47.61
CA PRO C 2327 56.71 -0.71 -48.35
C PRO C 2327 56.43 -1.38 -49.68
N GLU C 2328 57.26 -1.06 -50.69
CA GLU C 2328 57.02 -1.49 -52.05
C GLU C 2328 58.10 -2.45 -52.55
N CYS C 2329 59.37 -2.05 -52.48
CA CYS C 2329 60.45 -2.84 -53.05
C CYS C 2329 60.73 -4.08 -52.21
N PHE C 2330 61.47 -5.01 -52.81
CA PHE C 2330 61.88 -6.25 -52.15
C PHE C 2330 63.40 -6.24 -52.05
N GLY C 2331 63.91 -5.63 -50.97
CA GLY C 2331 65.33 -5.53 -50.75
C GLY C 2331 65.87 -6.69 -49.95
N PRO C 2332 66.73 -7.51 -50.59
CA PRO C 2332 67.28 -8.68 -49.90
C PRO C 2332 68.35 -8.35 -48.88
N ALA C 2333 69.01 -7.20 -48.99
CA ALA C 2333 70.00 -6.83 -47.99
C ALA C 2333 69.35 -6.59 -46.62
N LEU C 2334 68.18 -5.94 -46.61
CA LEU C 2334 67.45 -5.77 -45.37
C LEU C 2334 66.86 -7.08 -44.89
N ARG C 2335 66.32 -7.88 -45.81
CA ARG C 2335 65.79 -9.22 -45.54
C ARG C 2335 64.61 -9.18 -44.59
N GLY C 2336 64.88 -8.89 -43.31
CA GLY C 2336 63.80 -8.83 -42.34
C GLY C 2336 62.84 -7.69 -42.58
N GLU C 2337 63.35 -6.55 -43.03
CA GLU C 2337 62.53 -5.38 -43.28
C GLU C 2337 61.71 -5.57 -44.56
N GLY C 2338 60.86 -4.58 -44.86
CA GLY C 2338 60.04 -4.66 -46.05
C GLY C 2338 60.83 -4.61 -47.33
N GLY C 2339 61.89 -3.79 -47.37
CA GLY C 2339 62.71 -3.68 -48.55
C GLY C 2339 63.77 -2.60 -48.46
N ASN C 2340 64.04 -1.96 -49.59
CA ASN C 2340 65.06 -0.90 -49.70
C ASN C 2340 66.43 -1.40 -49.26
N GLY C 2341 66.77 -2.63 -49.64
CA GLY C 2341 68.07 -3.19 -49.33
C GLY C 2341 69.09 -2.88 -50.40
N LEU C 2342 69.45 -1.60 -50.55
CA LEU C 2342 70.32 -1.16 -51.63
C LEU C 2342 71.76 -1.66 -51.49
N LEU C 2343 72.14 -2.20 -50.33
CA LEU C 2343 73.50 -2.69 -50.15
C LEU C 2343 73.78 -3.88 -51.07
N ALA C 2344 72.82 -4.79 -51.21
CA ALA C 2344 73.00 -5.98 -52.02
C ALA C 2344 72.07 -6.08 -53.22
N ALA C 2345 71.06 -5.22 -53.32
CA ALA C 2345 70.11 -5.31 -54.42
C ALA C 2345 70.78 -5.04 -55.76
N MET C 2346 71.55 -3.95 -55.84
CA MET C 2346 72.22 -3.63 -57.10
C MET C 2346 73.33 -4.64 -57.41
N GLU C 2347 73.99 -5.18 -56.39
CA GLU C 2347 74.97 -6.23 -56.62
C GLU C 2347 74.31 -7.47 -57.20
N GLU C 2348 73.16 -7.87 -56.66
CA GLU C 2348 72.44 -9.02 -57.21
C GLU C 2348 71.95 -8.73 -58.63
N ALA C 2349 71.52 -7.49 -58.90
CA ALA C 2349 71.07 -7.13 -60.23
C ALA C 2349 72.20 -7.20 -61.24
N ILE C 2350 73.37 -6.66 -60.89
CA ILE C 2350 74.50 -6.68 -61.80
C ILE C 2350 75.08 -8.10 -61.93
N LYS C 2351 74.85 -8.96 -60.94
CA LYS C 2351 75.26 -10.36 -61.07
C LYS C 2351 74.31 -11.11 -62.01
N ILE C 2352 73.00 -10.87 -61.88
CA ILE C 2352 72.02 -11.54 -62.73
C ILE C 2352 71.96 -10.95 -64.13
N ALA C 2353 72.56 -9.78 -64.35
CA ALA C 2353 72.62 -9.22 -65.69
C ALA C 2353 73.36 -10.14 -66.65
N GLU C 2354 74.49 -10.70 -66.21
CA GLU C 2354 75.22 -11.69 -67.01
C GLU C 2354 74.79 -13.10 -66.63
N ASP C 2355 73.48 -13.33 -66.76
CA ASP C 2355 72.87 -14.60 -66.37
C ASP C 2355 71.54 -14.74 -67.11
N PRO C 2356 71.05 -15.97 -67.29
CA PRO C 2356 69.71 -16.16 -67.88
C PRO C 2356 68.59 -15.68 -66.97
N MET C 2383 64.36 -7.79 -68.71
CA MET C 2383 65.07 -8.12 -67.50
C MET C 2383 66.48 -7.53 -67.57
N GLY C 2384 67.22 -7.57 -66.46
CA GLY C 2384 68.53 -6.94 -66.42
C GLY C 2384 68.47 -5.54 -65.86
N ASN C 2385 68.37 -4.55 -66.74
CA ASN C 2385 68.27 -3.15 -66.32
C ASN C 2385 66.94 -2.82 -65.67
N ALA C 2386 65.98 -3.75 -65.68
CA ALA C 2386 64.65 -3.45 -65.13
C ALA C 2386 64.69 -3.19 -63.63
N ILE C 2387 65.30 -4.09 -62.87
CA ILE C 2387 65.33 -3.95 -61.41
C ILE C 2387 66.16 -2.74 -61.01
N MET C 2388 67.32 -2.57 -61.65
CA MET C 2388 68.17 -1.42 -61.33
C MET C 2388 67.47 -0.11 -61.66
N THR C 2389 66.77 -0.06 -62.80
CA THR C 2389 66.04 1.15 -63.17
C THR C 2389 64.88 1.42 -62.22
N PHE C 2390 64.20 0.36 -61.76
CA PHE C 2390 63.13 0.54 -60.79
C PHE C 2390 63.65 1.12 -59.48
N TYR C 2391 64.76 0.56 -58.98
CA TYR C 2391 65.34 1.08 -57.74
C TYR C 2391 65.85 2.51 -57.92
N ALA C 2392 66.46 2.80 -59.07
CA ALA C 2392 66.93 4.16 -59.33
C ALA C 2392 65.77 5.14 -59.40
N ALA C 2393 64.67 4.75 -60.02
CA ALA C 2393 63.49 5.61 -60.06
C ALA C 2393 62.93 5.83 -58.65
N LEU C 2394 62.94 4.78 -57.82
CA LEU C 2394 62.45 4.92 -56.45
C LEU C 2394 63.29 5.92 -55.66
N ILE C 2395 64.62 5.79 -55.72
CA ILE C 2395 65.45 6.69 -54.92
C ILE C 2395 65.42 8.09 -55.51
N ASP C 2396 65.27 8.21 -56.84
CA ASP C 2396 65.13 9.53 -57.45
C ASP C 2396 63.84 10.21 -56.99
N LEU C 2397 62.74 9.46 -56.92
CA LEU C 2397 61.49 10.01 -56.41
C LEU C 2397 61.64 10.43 -54.96
N LEU C 2398 62.31 9.61 -54.15
CA LEU C 2398 62.53 9.98 -52.75
C LEU C 2398 63.38 11.24 -52.62
N GLY C 2399 64.42 11.36 -53.45
CA GLY C 2399 65.28 12.53 -53.39
C GLY C 2399 64.57 13.80 -53.83
N ARG C 2400 63.80 13.72 -54.91
CA ARG C 2400 62.99 14.86 -55.33
C ARG C 2400 61.86 15.15 -54.33
N CYS C 2401 61.49 14.17 -53.53
CA CYS C 2401 60.47 14.33 -52.49
C CYS C 2401 61.03 14.97 -51.23
N ALA C 2402 62.35 15.07 -51.09
CA ALA C 2402 62.95 15.63 -49.89
C ALA C 2402 62.66 17.13 -49.79
N PRO C 2403 62.50 17.64 -48.57
CA PRO C 2403 62.30 19.09 -48.41
C PRO C 2403 63.54 19.86 -48.84
N GLU C 2404 63.32 21.08 -49.31
CA GLU C 2404 64.40 21.92 -49.78
C GLU C 2404 65.28 22.35 -48.61
N MET C 2405 66.55 21.94 -48.64
CA MET C 2405 67.48 22.23 -47.55
C MET C 2405 67.85 23.70 -47.57
N HIS C 2406 67.19 24.49 -46.72
CA HIS C 2406 67.45 25.92 -46.51
C HIS C 2406 67.21 26.76 -47.77
N LEU C 2407 66.62 26.19 -48.81
CA LEU C 2407 66.31 26.97 -50.00
C LEU C 2407 65.20 27.98 -49.72
N ILE C 2408 64.17 27.56 -48.98
CA ILE C 2408 63.08 28.44 -48.58
C ILE C 2408 62.96 28.52 -47.06
N HIS C 2409 62.97 27.37 -46.39
CA HIS C 2409 62.85 27.31 -44.94
C HIS C 2409 63.97 26.46 -44.36
N ALA C 2410 64.54 26.93 -43.26
CA ALA C 2410 65.58 26.18 -42.56
C ALA C 2410 65.40 26.18 -41.05
N GLY C 2411 64.40 26.88 -40.52
CA GLY C 2411 64.20 26.92 -39.08
C GLY C 2411 63.71 25.63 -38.49
N LYS C 2412 62.45 25.27 -38.78
CA LYS C 2412 61.83 24.06 -38.24
C LYS C 2412 60.49 23.87 -38.94
N GLY C 2413 59.86 22.73 -38.64
CA GLY C 2413 58.51 22.46 -39.09
C GLY C 2413 58.42 21.54 -40.28
N GLU C 2414 58.19 20.26 -40.02
CA GLU C 2414 57.95 19.23 -41.04
C GLU C 2414 59.09 19.12 -42.06
N ALA C 2415 60.27 19.62 -41.73
CA ALA C 2415 61.44 19.53 -42.60
C ALA C 2415 62.49 18.61 -42.03
N ILE C 2416 62.96 18.87 -40.81
CA ILE C 2416 63.87 17.95 -40.14
C ILE C 2416 63.18 16.63 -39.87
N ARG C 2417 61.85 16.64 -39.70
CA ARG C 2417 61.10 15.41 -39.52
C ARG C 2417 61.22 14.50 -40.73
N ILE C 2418 60.92 15.03 -41.92
CA ILE C 2418 61.02 14.25 -43.15
C ILE C 2418 62.47 13.90 -43.44
N ARG C 2419 63.40 14.80 -43.11
CA ARG C 2419 64.82 14.50 -43.31
C ARG C 2419 65.25 13.30 -42.46
N SER C 2420 64.82 13.26 -41.20
CA SER C 2420 65.17 12.13 -40.34
C SER C 2420 64.50 10.85 -40.81
N ILE C 2421 63.25 10.95 -41.29
CA ILE C 2421 62.55 9.78 -41.80
C ILE C 2421 63.29 9.22 -43.02
N LEU C 2422 63.75 10.11 -43.91
CA LEU C 2422 64.52 9.66 -45.06
C LEU C 2422 65.87 9.07 -44.65
N ARG C 2423 66.53 9.68 -43.65
CA ARG C 2423 67.81 9.18 -43.19
C ARG C 2423 67.69 7.83 -42.52
N SER C 2424 66.54 7.53 -41.92
CA SER C 2424 66.35 6.25 -41.26
C SER C 2424 66.42 5.10 -42.25
N LEU C 2425 65.87 5.29 -43.45
CA LEU C 2425 65.92 4.27 -44.49
C LEU C 2425 67.33 4.13 -45.04
N GLY C 2429 70.40 5.27 -41.60
CA GLY C 2429 71.57 4.42 -41.45
C GLY C 2429 72.04 3.82 -42.75
N ASP C 2430 71.18 2.99 -43.36
CA ASP C 2430 71.54 2.37 -44.64
C ASP C 2430 71.68 3.41 -45.74
N LEU C 2431 70.77 4.38 -45.79
CA LEU C 2431 70.86 5.44 -46.79
C LEU C 2431 71.88 6.51 -46.44
N VAL C 2432 72.37 6.54 -45.19
CA VAL C 2432 73.45 7.45 -44.85
C VAL C 2432 74.73 7.06 -45.60
N GLY C 2433 75.08 5.78 -45.54
CA GLY C 2433 76.20 5.28 -46.30
C GLY C 2433 75.78 4.58 -47.58
N VAL C 2434 75.84 5.31 -48.69
CA VAL C 2434 75.53 4.74 -50.00
C VAL C 2434 76.71 5.02 -50.92
N ILE C 2435 77.89 5.22 -50.32
CA ILE C 2435 79.10 5.44 -51.09
C ILE C 2435 79.46 4.20 -51.90
N SER C 2436 79.27 3.01 -51.31
CA SER C 2436 79.59 1.77 -52.01
C SER C 2436 78.69 1.53 -53.21
N ILE C 2437 77.59 2.28 -53.34
CA ILE C 2437 76.72 2.20 -54.49
C ILE C 2437 76.95 3.35 -55.46
N ALA C 2438 77.06 4.57 -54.94
CA ALA C 2438 77.25 5.73 -55.80
C ALA C 2438 78.63 5.69 -56.47
N PHE C 2439 79.68 5.49 -55.69
CA PHE C 2439 81.04 5.41 -56.20
C PHE C 2439 81.46 3.97 -56.50
N GLN C 2440 80.49 3.07 -56.73
CA GLN C 2440 80.81 1.71 -57.11
C GLN C 2440 81.50 1.69 -58.47
N MET C 2441 82.29 0.65 -58.71
CA MET C 2441 83.06 0.52 -59.95
C MET C 2441 82.74 -0.74 -60.74
N PRO C 2442 81.46 -0.94 -61.19
CA PRO C 2442 81.21 -1.72 -62.40
C PRO C 2442 81.10 -0.81 -63.62
N THR C 2443 82.11 0.05 -63.81
CA THR C 2443 82.00 1.14 -64.77
C THR C 2443 81.83 0.63 -66.18
N ILE C 2444 82.61 -0.39 -66.56
CA ILE C 2444 82.52 -1.08 -67.84
C ILE C 2444 82.79 -0.14 -69.00
N ALA C 2445 83.98 -0.21 -69.57
CA ALA C 2445 84.33 0.61 -70.73
C ALA C 2445 83.45 0.28 -71.94
N LYS C 2446 82.76 -0.86 -71.91
CA LYS C 2446 81.80 -1.26 -72.94
C LYS C 2446 82.47 -1.37 -74.29
N ASP C 2447 82.39 -0.30 -75.09
CA ASP C 2447 83.02 -0.31 -76.41
C ASP C 2447 84.53 -0.50 -76.29
N GLY C 2448 85.15 0.18 -75.31
CA GLY C 2448 86.55 0.02 -75.02
C GLY C 2448 87.44 0.24 -76.23
N LYS C 2449 88.13 -0.81 -76.66
CA LYS C 2449 88.94 -0.73 -77.87
C LYS C 2449 88.09 -0.52 -79.12
N VAL C 2450 87.32 -1.54 -79.52
CA VAL C 2450 86.55 -1.46 -80.77
C VAL C 2450 85.06 -1.81 -80.59
N VAL C 2451 84.73 -2.88 -79.85
CA VAL C 2451 83.39 -3.44 -79.93
C VAL C 2451 82.76 -3.66 -78.55
N GLU C 2452 81.58 -4.31 -78.55
CA GLU C 2452 80.72 -4.62 -77.41
C GLU C 2452 80.13 -3.34 -76.78
N PRO C 2453 79.31 -2.57 -77.52
CA PRO C 2453 78.63 -1.41 -76.90
C PRO C 2453 77.25 -1.73 -76.35
N ASP C 2454 77.23 -2.45 -75.23
CA ASP C 2454 75.97 -2.92 -74.66
C ASP C 2454 75.15 -1.79 -74.05
N MET C 2455 74.21 -1.26 -74.84
CA MET C 2455 73.28 -0.26 -74.33
C MET C 2455 72.18 -0.89 -73.49
N SER C 2456 71.70 -2.07 -73.89
CA SER C 2456 70.50 -2.65 -73.27
C SER C 2456 70.79 -3.14 -71.85
N ALA C 2457 71.88 -3.87 -71.66
CA ALA C 2457 72.22 -4.46 -70.37
C ALA C 2457 73.44 -3.75 -69.81
N GLY C 2458 73.35 -3.32 -68.57
CA GLY C 2458 74.43 -2.61 -67.90
C GLY C 2458 73.91 -1.31 -67.30
N PHE C 2459 74.60 -0.84 -66.27
CA PHE C 2459 74.20 0.41 -65.62
C PHE C 2459 74.47 1.59 -66.55
N CYS C 2460 73.60 2.59 -66.49
CA CYS C 2460 73.75 3.78 -67.31
C CYS C 2460 74.66 4.78 -66.61
N PRO C 2461 75.33 5.66 -67.37
CA PRO C 2461 76.06 6.75 -66.72
C PRO C 2461 75.19 7.64 -65.88
N ASP C 2462 73.93 7.83 -66.28
CA ASP C 2462 72.95 8.58 -65.49
C ASP C 2462 72.22 7.72 -64.47
N HIS C 2463 72.63 6.47 -64.29
CA HIS C 2463 72.04 5.64 -63.24
C HIS C 2463 72.45 6.11 -61.85
N LYS C 2464 73.64 6.67 -61.73
CA LYS C 2464 74.13 7.25 -60.47
C LYS C 2464 73.65 8.69 -60.28
N ALA C 2465 72.93 9.24 -61.26
CA ALA C 2465 72.33 10.56 -61.07
C ALA C 2465 71.31 10.54 -59.95
N ALA C 2466 70.58 9.43 -59.79
CA ALA C 2466 69.68 9.30 -58.64
C ALA C 2466 70.46 9.29 -57.33
N MET C 2467 71.61 8.59 -57.31
CA MET C 2467 72.44 8.56 -56.12
C MET C 2467 72.87 9.98 -55.73
N VAL C 2468 73.44 10.71 -56.69
CA VAL C 2468 73.96 12.03 -56.40
C VAL C 2468 72.84 13.01 -56.10
N LEU C 2469 71.65 12.82 -56.69
CA LEU C 2469 70.52 13.68 -56.41
C LEU C 2469 70.03 13.49 -54.98
N PHE C 2470 69.91 12.23 -54.55
CA PHE C 2470 69.55 11.96 -53.15
C PHE C 2470 70.59 12.54 -52.21
N LEU C 2471 71.87 12.37 -52.52
CA LEU C 2471 72.92 12.91 -51.66
C LEU C 2471 72.83 14.43 -51.54
N ASP C 2472 72.69 15.11 -52.68
CA ASP C 2472 72.63 16.58 -52.65
C ASP C 2472 71.36 17.07 -51.98
N ARG C 2473 70.25 16.36 -52.15
CA ARG C 2473 68.99 16.84 -51.59
C ARG C 2473 68.92 16.62 -50.08
N VAL C 2474 69.45 15.50 -49.60
CA VAL C 2474 69.32 15.18 -48.18
C VAL C 2474 70.58 15.57 -47.41
N TYR C 2475 71.71 14.97 -47.77
CA TYR C 2475 72.94 15.18 -47.01
C TYR C 2475 73.77 16.32 -47.57
N GLY C 2476 74.21 16.19 -48.83
CA GLY C 2476 75.04 17.20 -49.44
C GLY C 2476 76.46 17.20 -48.89
N ILE C 2477 77.33 18.03 -49.45
CA ILE C 2477 78.70 18.17 -48.93
C ILE C 2477 78.65 19.31 -47.91
N GLU C 2478 78.25 18.96 -46.69
CA GLU C 2478 78.18 19.92 -45.61
C GLU C 2478 79.56 20.27 -45.05
N VAL C 2479 80.57 19.45 -45.33
CA VAL C 2479 81.93 19.70 -44.87
C VAL C 2479 82.89 19.06 -45.86
N GLN C 2480 84.11 19.60 -45.91
CA GLN C 2480 85.12 19.07 -46.81
C GLN C 2480 85.70 17.74 -46.32
N ASP C 2481 85.45 17.36 -45.07
CA ASP C 2481 85.93 16.07 -44.58
C ASP C 2481 85.28 14.92 -45.32
N PHE C 2482 83.96 15.00 -45.56
CA PHE C 2482 83.27 13.96 -46.32
C PHE C 2482 83.76 13.93 -47.77
N LEU C 2483 84.04 15.11 -48.34
CA LEU C 2483 84.57 15.17 -49.70
C LEU C 2483 85.94 14.49 -49.77
N LEU C 2484 86.79 14.74 -48.78
CA LEU C 2484 88.11 14.10 -48.75
C LEU C 2484 87.99 12.59 -48.51
N HIS C 2485 87.02 12.18 -47.69
CA HIS C 2485 86.77 10.74 -47.51
C HIS C 2485 86.36 10.10 -48.84
N LEU C 2486 85.49 10.77 -49.60
CA LEU C 2486 85.15 10.30 -50.93
C LEU C 2486 86.23 10.60 -51.95
N LEU C 2487 87.13 11.53 -51.66
CA LEU C 2487 88.16 12.00 -52.58
C LEU C 2487 87.54 12.44 -53.89
N GLU C 2488 87.56 11.58 -54.89
CA GLU C 2488 86.85 11.80 -56.14
C GLU C 2488 85.51 11.09 -56.06
N VAL C 2489 84.43 11.82 -56.33
CA VAL C 2489 83.09 11.25 -56.23
C VAL C 2489 82.95 10.08 -57.21
N GLY C 2490 83.06 10.37 -58.50
CA GLY C 2490 83.11 9.32 -59.50
C GLY C 2490 84.54 8.98 -59.86
N PHE C 2491 85.31 8.43 -58.90
CA PHE C 2491 86.72 8.17 -59.13
C PHE C 2491 86.92 7.18 -60.27
N LEU C 2492 86.21 6.06 -60.24
CA LEU C 2492 86.27 5.11 -61.33
C LEU C 2492 85.54 5.65 -62.57
N PRO C 2493 84.41 6.37 -62.42
CA PRO C 2493 83.92 7.15 -63.56
C PRO C 2493 84.92 8.16 -64.10
N ASP C 2494 85.71 8.79 -63.23
CA ASP C 2494 86.75 9.70 -63.72
C ASP C 2494 87.80 8.95 -64.52
N LEU C 2495 88.20 7.77 -64.04
CA LEU C 2495 89.16 6.94 -64.78
C LEU C 2495 88.59 6.52 -66.13
N ARG C 2496 87.29 6.16 -66.16
CA ARG C 2496 86.66 5.79 -67.42
C ARG C 2496 86.60 6.98 -68.39
N ALA C 2497 86.30 8.18 -67.87
CA ALA C 2497 86.28 9.37 -68.72
C ALA C 2497 87.67 9.68 -69.25
N ALA C 2498 88.70 9.49 -68.43
CA ALA C 2498 90.07 9.68 -68.90
C ALA C 2498 90.42 8.67 -69.98
N ALA C 2499 90.00 7.42 -69.81
CA ALA C 2499 90.22 6.39 -70.81
C ALA C 2499 89.36 6.57 -72.05
N SER C 2500 88.33 7.43 -71.99
CA SER C 2500 87.47 7.68 -73.14
C SER C 2500 88.14 8.57 -74.18
N LEU C 2501 89.26 9.21 -73.85
CA LEU C 2501 89.96 10.07 -74.79
C LEU C 2501 90.62 9.25 -75.90
N SER C 2507 87.88 7.83 -78.76
CA SER C 2507 87.07 6.68 -79.16
C SER C 2507 85.65 7.12 -79.51
N ALA C 2508 84.95 7.68 -78.52
CA ALA C 2508 83.59 8.20 -78.65
C ALA C 2508 82.58 7.13 -79.06
N THR C 2509 81.32 7.54 -79.25
CA THR C 2509 80.23 6.64 -79.61
C THR C 2509 80.14 5.45 -78.65
N ASP C 2510 80.16 5.76 -77.36
CA ASP C 2510 80.29 4.74 -76.33
C ASP C 2510 79.75 5.31 -75.01
N MET C 2511 80.13 4.69 -73.90
CA MET C 2511 79.84 5.19 -72.55
C MET C 2511 80.10 6.68 -72.40
N ALA C 2512 81.08 7.23 -73.14
CA ALA C 2512 81.46 8.62 -72.97
C ALA C 2512 80.33 9.58 -73.32
N LEU C 2513 79.46 9.20 -74.26
CA LEU C 2513 78.40 10.10 -74.72
C LEU C 2513 77.46 10.48 -73.58
N ALA C 2514 77.08 9.52 -72.75
CA ALA C 2514 76.23 9.81 -71.59
C ALA C 2514 77.04 10.09 -70.33
N LEU C 2515 78.28 9.63 -70.26
CA LEU C 2515 79.14 9.95 -69.13
C LEU C 2515 79.49 11.44 -69.11
N ASN C 2516 79.57 12.07 -70.28
CA ASN C 2516 79.76 13.51 -70.36
C ASN C 2516 78.59 14.24 -69.71
N ARG C 2517 77.36 13.81 -70.01
CA ARG C 2517 76.19 14.42 -69.39
C ARG C 2517 76.15 14.14 -67.89
N TYR C 2518 76.54 12.93 -67.49
CA TYR C 2518 76.56 12.57 -66.07
C TYR C 2518 77.55 13.44 -65.31
N LEU C 2519 78.72 13.68 -65.87
CA LEU C 2519 79.71 14.54 -65.23
C LEU C 2519 79.29 16.00 -65.26
N CYS C 2520 78.58 16.41 -66.31
CA CYS C 2520 78.06 17.77 -66.35
C CYS C 2520 76.98 18.00 -65.30
N THR C 2521 76.19 16.97 -64.99
CA THR C 2521 75.22 17.07 -63.91
C THR C 2521 75.89 17.09 -62.54
N ALA C 2522 77.17 16.72 -62.46
CA ALA C 2522 77.91 16.77 -61.20
C ALA C 2522 78.40 18.19 -60.96
N VAL C 2523 77.44 19.06 -60.64
CA VAL C 2523 77.76 20.46 -60.35
C VAL C 2523 78.10 20.64 -58.88
N LEU C 2524 77.88 19.63 -58.04
CA LEU C 2524 78.13 19.68 -56.61
C LEU C 2524 79.57 20.04 -56.22
N PRO C 2525 80.58 19.87 -57.08
CA PRO C 2525 81.86 20.56 -56.80
C PRO C 2525 81.74 22.07 -56.75
N LEU C 2526 80.73 22.67 -57.38
CA LEU C 2526 80.56 24.12 -57.37
C LEU C 2526 79.76 24.55 -56.14
N LEU C 2527 80.18 24.06 -54.99
CA LEU C 2527 79.58 24.44 -53.70
C LEU C 2527 80.66 24.69 -52.67
N GLN C 2578 95.84 17.61 -47.65
CA GLN C 2578 95.75 16.16 -47.79
C GLN C 2578 96.82 15.64 -48.75
N LEU C 2579 96.62 15.88 -50.04
CA LEU C 2579 97.58 15.48 -51.07
C LEU C 2579 97.35 16.36 -52.29
N ARG C 2580 97.96 15.98 -53.42
CA ARG C 2580 97.84 16.69 -54.68
C ARG C 2580 97.22 15.76 -55.71
N PRO C 2581 95.89 15.77 -55.87
CA PRO C 2581 95.26 14.90 -56.87
C PRO C 2581 95.47 15.40 -58.29
N SER C 2582 94.88 14.70 -59.26
CA SER C 2582 95.01 15.05 -60.66
C SER C 2582 93.93 16.03 -61.12
N MET C 2583 93.30 16.75 -60.19
CA MET C 2583 92.22 17.66 -60.55
C MET C 2583 92.69 18.81 -61.44
N MET C 2584 93.99 19.13 -61.43
CA MET C 2584 94.50 20.19 -62.29
C MET C 2584 94.55 19.75 -63.75
N GLN C 2585 94.73 18.45 -64.00
CA GLN C 2585 94.88 17.94 -65.36
C GLN C 2585 93.74 17.05 -65.82
N HIS C 2586 93.07 16.35 -64.91
CA HIS C 2586 91.98 15.46 -65.30
C HIS C 2586 90.81 16.26 -65.88
N LEU C 2587 90.49 17.41 -65.27
CA LEU C 2587 89.39 18.23 -65.76
C LEU C 2587 89.70 18.78 -67.14
N LEU C 2588 90.95 19.22 -67.37
CA LEU C 2588 91.33 19.70 -68.69
C LEU C 2588 91.32 18.58 -69.72
N ARG C 2589 91.75 17.37 -69.32
CA ARG C 2589 91.72 16.24 -70.23
C ARG C 2589 90.29 15.87 -70.62
N ARG C 2590 89.36 15.97 -69.67
CA ARG C 2590 87.95 15.75 -70.00
C ARG C 2590 87.40 16.90 -70.83
N LEU C 2591 87.91 18.12 -70.65
CA LEU C 2591 87.41 19.27 -71.37
C LEU C 2591 87.83 19.26 -72.84
N VAL C 2592 89.07 18.83 -73.12
CA VAL C 2592 89.60 18.90 -74.48
C VAL C 2592 88.97 17.88 -75.42
N PHE C 2593 88.05 17.05 -74.94
CA PHE C 2593 87.33 16.13 -75.82
C PHE C 2593 86.40 16.93 -76.72
N ASP C 2594 86.69 16.93 -78.02
CA ASP C 2594 85.94 17.73 -78.97
C ASP C 2594 84.63 17.07 -79.41
N VAL C 2595 84.39 15.82 -79.02
CA VAL C 2595 83.16 15.14 -79.44
C VAL C 2595 81.90 15.81 -78.89
N PRO C 2596 81.78 16.12 -77.60
CA PRO C 2596 80.59 16.84 -77.15
C PRO C 2596 80.62 18.30 -77.58
N LEU C 2597 79.43 18.83 -77.87
CA LEU C 2597 79.26 20.21 -78.28
C LEU C 2597 78.30 20.92 -77.32
N LEU C 2598 78.69 22.12 -76.91
CA LEU C 2598 77.94 22.94 -75.96
C LEU C 2598 77.76 22.25 -74.60
N ASN C 2599 78.49 21.16 -74.36
CA ASN C 2599 78.50 20.49 -73.08
C ASN C 2599 79.62 21.00 -72.17
N GLU C 2600 80.55 21.77 -72.70
CA GLU C 2600 81.62 22.34 -71.89
C GLU C 2600 81.10 23.40 -70.92
N HIS C 2601 79.90 23.94 -71.15
CA HIS C 2601 79.42 25.07 -70.35
C HIS C 2601 79.33 24.76 -68.87
N ALA C 2602 79.35 23.48 -68.49
CA ALA C 2602 79.46 23.08 -67.10
C ALA C 2602 80.90 22.78 -66.68
N LYS C 2603 81.89 23.20 -67.46
CA LYS C 2603 83.29 22.93 -67.15
C LYS C 2603 84.10 24.17 -66.77
N MET C 2604 84.05 25.24 -67.57
CA MET C 2604 84.88 26.40 -67.24
C MET C 2604 84.47 27.13 -65.96
N PRO C 2605 83.19 27.29 -65.59
CA PRO C 2605 82.92 27.88 -64.27
C PRO C 2605 83.43 27.02 -63.13
N LEU C 2606 83.29 25.70 -63.24
CA LEU C 2606 83.85 24.79 -62.25
C LEU C 2606 85.36 24.95 -62.16
N LYS C 2607 86.04 25.01 -63.31
CA LYS C 2607 87.49 25.14 -63.30
C LYS C 2607 87.93 26.47 -62.70
N LEU C 2608 87.25 27.56 -63.10
CA LEU C 2608 87.62 28.89 -62.61
C LEU C 2608 87.40 29.02 -61.11
N LEU C 2609 86.32 28.44 -60.59
CA LEU C 2609 86.08 28.52 -59.16
C LEU C 2609 86.96 27.58 -58.36
N THR C 2610 87.24 26.38 -58.88
CA THR C 2610 88.08 25.44 -58.15
C THR C 2610 89.56 25.80 -58.22
N ASN C 2611 89.96 26.63 -59.20
CA ASN C 2611 91.33 27.13 -59.20
C ASN C 2611 91.52 28.20 -58.13
N HIS C 2612 90.53 29.08 -57.97
CA HIS C 2612 90.62 30.11 -56.93
C HIS C 2612 90.44 29.51 -55.54
N TYR C 2613 89.55 28.52 -55.41
CA TYR C 2613 89.34 27.88 -54.11
C TYR C 2613 90.58 27.13 -53.65
N GLU C 2614 91.25 26.44 -54.58
CA GLU C 2614 92.47 25.71 -54.23
C GLU C 2614 93.59 26.69 -53.93
N ARG C 2615 94.37 26.38 -52.89
CA ARG C 2615 95.48 27.23 -52.51
C ARG C 2615 96.60 27.16 -53.54
N CYS C 2616 97.35 28.26 -53.66
CA CYS C 2616 98.47 28.30 -54.60
C CYS C 2616 99.59 27.36 -54.17
N TRP C 2617 99.72 27.10 -52.87
CA TRP C 2617 100.74 26.17 -52.39
C TRP C 2617 100.45 24.75 -52.88
N LYS C 2618 99.20 24.31 -52.79
CA LYS C 2618 98.84 22.99 -53.30
C LYS C 2618 98.77 22.95 -54.82
N TYR C 2619 98.62 24.10 -55.47
CA TYR C 2619 98.57 24.18 -56.92
C TYR C 2619 100.00 24.26 -57.45
N TYR C 2620 100.61 23.09 -57.65
CA TYR C 2620 101.98 23.00 -58.12
C TYR C 2620 102.12 22.43 -59.53
N CYS C 2621 101.13 21.67 -60.01
CA CYS C 2621 101.18 21.09 -61.34
C CYS C 2621 100.59 22.00 -62.40
N LEU C 2622 100.60 23.32 -62.17
CA LEU C 2622 100.05 24.24 -63.15
C LEU C 2622 100.93 24.37 -64.40
N PRO C 2623 102.24 24.77 -64.31
CA PRO C 2623 103.00 25.02 -65.54
C PRO C 2623 103.12 23.80 -66.44
N GLY C 2624 103.79 22.74 -65.97
CA GLY C 2624 103.99 21.58 -66.82
C GLY C 2624 102.70 20.84 -67.11
N GLY C 2625 101.72 20.93 -66.21
CA GLY C 2625 100.46 20.25 -66.42
C GLY C 2625 99.64 20.87 -67.54
N TRP C 2626 99.44 22.19 -67.47
CA TRP C 2626 98.54 22.81 -68.45
C TRP C 2626 99.13 24.04 -69.13
N GLY C 2627 99.98 24.80 -68.44
CA GLY C 2627 100.41 26.08 -68.96
C GLY C 2627 101.38 25.96 -70.11
N ASN C 2628 102.24 24.93 -70.09
CA ASN C 2628 103.14 24.68 -71.20
C ASN C 2628 102.36 24.33 -72.47
N PHE C 2629 101.33 23.49 -72.33
CA PHE C 2629 100.50 23.14 -73.47
C PHE C 2629 99.69 24.34 -73.96
N GLY C 2630 99.21 25.18 -73.02
CA GLY C 2630 98.49 26.38 -73.42
C GLY C 2630 99.38 27.39 -74.13
N ALA C 2631 100.65 27.49 -73.69
CA ALA C 2631 101.60 28.36 -74.36
C ALA C 2631 101.96 27.83 -75.74
N ALA C 2632 102.11 26.51 -75.87
CA ALA C 2632 102.40 25.91 -77.17
C ALA C 2632 101.21 26.05 -78.12
N SER C 2633 100.00 26.19 -77.58
CA SER C 2633 98.80 26.35 -78.39
C SER C 2633 98.57 27.82 -78.69
N GLU C 2634 98.33 28.14 -79.96
CA GLU C 2634 98.11 29.52 -80.37
C GLU C 2634 96.64 29.91 -80.30
N GLU C 2635 95.78 29.18 -81.00
CA GLU C 2635 94.35 29.46 -81.07
C GLU C 2635 93.56 28.17 -80.89
N GLU C 2636 93.90 27.41 -79.85
CA GLU C 2636 93.25 26.12 -79.59
C GLU C 2636 91.86 26.35 -79.02
N LEU C 2637 91.20 25.25 -78.61
CA LEU C 2637 89.84 25.35 -78.10
C LEU C 2637 89.79 26.04 -76.75
N HIS C 2638 90.89 26.02 -75.99
CA HIS C 2638 90.94 26.66 -74.68
C HIS C 2638 91.29 28.14 -74.87
N LEU C 2639 90.29 28.90 -75.33
CA LEU C 2639 90.49 30.34 -75.53
C LEU C 2639 90.62 31.08 -74.21
N SER C 2640 89.96 30.60 -73.16
CA SER C 2640 90.01 31.21 -71.84
C SER C 2640 91.17 30.69 -70.99
N ARG C 2641 92.21 30.13 -71.63
CA ARG C 2641 93.35 29.61 -70.89
C ARG C 2641 94.10 30.73 -70.17
N LYS C 2642 94.24 31.89 -70.82
CA LYS C 2642 94.91 33.01 -70.18
C LYS C 2642 94.16 33.49 -68.93
N LEU C 2643 92.83 33.59 -69.03
CA LEU C 2643 92.03 33.98 -67.88
C LEU C 2643 92.10 32.93 -66.78
N PHE C 2644 92.05 31.65 -67.15
CA PHE C 2644 92.14 30.58 -66.16
C PHE C 2644 93.49 30.62 -65.43
N TRP C 2645 94.56 30.91 -66.16
CA TRP C 2645 95.87 31.02 -65.52
C TRP C 2645 95.95 32.25 -64.63
N GLY C 2646 95.40 33.38 -65.08
CA GLY C 2646 95.47 34.61 -64.34
C GLY C 2646 94.43 34.84 -63.27
N ILE C 2647 93.52 33.87 -63.06
CA ILE C 2647 92.54 33.98 -61.99
C ILE C 2647 93.24 34.14 -60.64
N PHE C 2648 94.22 33.29 -60.35
CA PHE C 2648 94.90 33.30 -59.06
C PHE C 2648 96.22 34.06 -59.07
N ASP C 2649 96.58 34.68 -60.20
CA ASP C 2649 97.83 35.42 -60.27
C ASP C 2649 97.79 36.66 -59.38
N ALA C 2650 96.74 37.47 -59.51
CA ALA C 2650 96.54 38.71 -58.75
C ALA C 2650 97.74 39.62 -58.95
N LEU C 2651 98.10 40.40 -57.93
CA LEU C 2651 99.27 41.28 -58.01
C LEU C 2651 100.13 41.20 -56.76
N SER C 2652 99.99 40.15 -55.95
CA SER C 2652 100.79 40.02 -54.73
C SER C 2652 100.91 38.55 -54.38
N GLN C 2653 101.95 38.23 -53.61
CA GLN C 2653 102.18 36.88 -53.09
C GLN C 2653 102.15 36.96 -51.58
N LYS C 2654 101.07 36.48 -50.98
CA LYS C 2654 100.83 36.63 -49.54
C LYS C 2654 101.07 35.34 -48.76
N LYS C 2655 100.43 34.24 -49.19
CA LYS C 2655 100.47 33.00 -48.42
C LYS C 2655 101.87 32.41 -48.31
N TYR C 2656 102.43 31.95 -49.42
CA TYR C 2656 103.75 31.32 -49.39
C TYR C 2656 104.35 31.39 -50.80
N GLU C 2657 105.27 32.33 -51.01
CA GLU C 2657 106.07 32.38 -52.23
C GLU C 2657 107.47 31.88 -51.89
N GLN C 2658 107.60 30.55 -51.86
CA GLN C 2658 108.83 29.91 -51.39
C GLN C 2658 109.72 29.43 -52.55
N GLU C 2659 109.18 28.58 -53.41
CA GLU C 2659 109.97 27.96 -54.48
C GLU C 2659 109.63 28.60 -55.82
N LEU C 2660 110.67 29.02 -56.55
CA LEU C 2660 110.46 29.60 -57.87
C LEU C 2660 110.26 28.52 -58.93
N PHE C 2661 111.28 27.68 -59.13
CA PHE C 2661 111.28 26.61 -60.12
C PHE C 2661 110.89 27.13 -61.49
N LYS C 2662 109.65 26.89 -61.91
CA LYS C 2662 109.11 27.47 -63.12
C LYS C 2662 108.33 28.74 -62.77
N LEU C 2663 109.09 29.75 -62.33
CA LEU C 2663 108.49 30.99 -61.85
C LEU C 2663 107.85 31.77 -63.00
N ALA C 2664 108.65 32.21 -63.96
CA ALA C 2664 108.16 33.01 -65.07
C ALA C 2664 108.18 32.25 -66.40
N LEU C 2665 108.81 31.08 -66.46
CA LEU C 2665 108.88 30.32 -67.70
C LEU C 2665 107.51 29.97 -68.29
N PRO C 2666 106.48 29.61 -67.53
CA PRO C 2666 105.16 29.38 -68.15
C PRO C 2666 104.64 30.57 -68.95
N CYS C 2667 104.95 31.80 -68.54
CA CYS C 2667 104.57 32.97 -69.32
C CYS C 2667 105.71 33.53 -70.16
N LEU C 2668 106.97 33.26 -69.80
CA LEU C 2668 108.08 33.68 -70.64
C LEU C 2668 108.15 32.86 -71.91
N SER C 2669 107.56 31.66 -71.94
CA SER C 2669 107.56 30.85 -73.14
C SER C 2669 106.69 31.45 -74.24
N ALA C 2670 105.59 32.11 -73.88
CA ALA C 2670 104.68 32.65 -74.89
C ALA C 2670 104.22 34.06 -74.56
N VAL C 2671 105.09 34.88 -73.96
CA VAL C 2671 104.80 36.31 -73.87
C VAL C 2671 104.64 36.91 -75.26
N ALA C 2672 105.36 36.39 -76.25
CA ALA C 2672 105.15 36.77 -77.65
C ALA C 2672 104.22 35.78 -78.34
N GLY C 2673 103.03 35.62 -77.75
CA GLY C 2673 102.06 34.67 -78.26
C GLY C 2673 101.01 35.31 -79.15
N ALA C 2674 100.77 36.60 -78.96
CA ALA C 2674 99.79 37.33 -79.75
C ALA C 2674 100.39 37.92 -81.03
N LEU C 2675 101.51 37.37 -81.49
CA LEU C 2675 102.16 37.84 -82.72
C LEU C 2675 101.49 37.28 -83.97
N PRO C 2676 101.11 35.99 -84.04
CA PRO C 2676 100.36 35.52 -85.23
C PRO C 2676 99.06 36.28 -85.46
N PRO C 2677 98.12 36.31 -84.51
CA PRO C 2677 96.78 36.82 -84.85
C PRO C 2677 96.77 38.33 -84.97
N ASP C 2678 95.80 38.83 -85.75
CA ASP C 2678 95.72 40.26 -86.02
C ASP C 2678 94.88 40.97 -84.96
N TYR C 2679 93.67 40.49 -84.71
CA TYR C 2679 92.76 41.15 -83.78
C TYR C 2679 91.76 40.12 -83.27
N MET C 2680 90.67 40.61 -82.65
CA MET C 2680 89.57 39.79 -82.15
C MET C 2680 90.04 38.81 -81.08
N GLU C 2681 89.27 37.73 -80.88
CA GLU C 2681 89.52 36.67 -79.91
C GLU C 2681 89.41 37.17 -78.47
N SER C 2682 89.14 36.25 -77.54
CA SER C 2682 88.98 36.58 -76.13
C SER C 2682 90.25 36.35 -75.33
N ASN C 2683 91.38 36.10 -75.99
CA ASN C 2683 92.64 35.88 -75.29
C ASN C 2683 93.16 37.15 -74.62
N TYR C 2684 92.72 38.32 -75.07
CA TYR C 2684 93.16 39.59 -74.48
C TYR C 2684 92.45 39.77 -73.15
N VAL C 2685 93.13 39.38 -72.07
CA VAL C 2685 92.60 39.49 -70.71
C VAL C 2685 93.38 40.53 -69.90
N SER C 2686 94.67 40.29 -69.69
CA SER C 2686 95.51 41.21 -68.92
C SER C 2686 96.97 40.92 -69.25
N MET C 2687 97.83 41.88 -68.88
CA MET C 2687 99.26 41.75 -69.12
C MET C 2687 100.11 42.01 -67.89
N MET C 2688 99.54 42.53 -66.79
CA MET C 2688 100.33 42.75 -65.59
C MET C 2688 100.73 41.45 -64.93
N GLU C 2689 99.89 40.41 -65.03
CA GLU C 2689 100.21 39.10 -64.46
C GLU C 2689 101.26 38.36 -65.27
N LYS C 2690 101.60 38.83 -66.47
CA LYS C 2690 102.57 38.15 -67.30
C LYS C 2690 103.97 38.25 -66.69
N GLN C 2691 104.85 37.35 -67.14
CA GLN C 2691 106.21 37.21 -66.60
C GLN C 2691 106.18 37.00 -65.09
N SER C 2692 105.27 36.12 -64.65
CA SER C 2692 105.06 35.77 -63.25
C SER C 2692 104.65 36.97 -62.40
N SER C 2693 104.06 37.99 -63.03
CA SER C 2693 103.63 39.24 -62.40
C SER C 2693 104.79 40.06 -61.85
N MET C 2694 106.01 39.81 -62.29
CA MET C 2694 107.11 40.75 -62.09
C MET C 2694 107.73 41.12 -63.44
N PHE C 2700 101.82 9.54 -74.31
CA PHE C 2700 102.42 8.41 -73.61
C PHE C 2700 103.83 8.13 -74.13
N ASN C 2701 104.66 7.53 -73.29
CA ASN C 2701 106.05 7.21 -73.62
C ASN C 2701 106.30 5.73 -73.32
N PRO C 2702 105.91 4.84 -74.22
CA PRO C 2702 106.12 3.40 -73.96
C PRO C 2702 107.59 3.01 -73.85
N GLN C 2703 108.47 3.67 -74.60
CA GLN C 2703 109.90 3.36 -74.59
C GLN C 2703 110.67 4.66 -74.38
N PRO C 2704 110.75 5.14 -73.14
CA PRO C 2704 111.48 6.40 -72.90
C PRO C 2704 112.99 6.26 -73.05
N VAL C 2705 113.58 5.20 -72.51
CA VAL C 2705 115.02 4.98 -72.56
C VAL C 2705 115.28 3.58 -73.09
N ASP C 2706 116.13 3.47 -74.10
CA ASP C 2706 116.51 2.18 -74.68
C ASP C 2706 117.84 1.73 -74.09
N THR C 2707 117.85 0.53 -73.52
CA THR C 2707 119.03 -0.05 -72.89
C THR C 2707 119.42 -1.36 -73.56
N SER C 2708 119.21 -1.45 -74.88
CA SER C 2708 119.53 -2.67 -75.61
C SER C 2708 121.03 -2.89 -75.72
N ASN C 2709 121.80 -1.82 -75.81
CA ASN C 2709 123.25 -1.89 -75.97
C ASN C 2709 123.96 -1.10 -74.87
N ILE C 2710 123.52 -1.29 -73.63
CA ILE C 2710 124.12 -0.65 -72.46
C ILE C 2710 124.70 -1.76 -71.58
N THR C 2711 125.98 -1.66 -71.27
CA THR C 2711 126.68 -2.66 -70.47
C THR C 2711 126.93 -2.12 -69.07
N ILE C 2712 126.53 -2.90 -68.06
CA ILE C 2712 126.72 -2.53 -66.67
C ILE C 2712 128.19 -2.72 -66.29
N PRO C 2713 128.87 -1.69 -65.79
CA PRO C 2713 130.27 -1.86 -65.38
C PRO C 2713 130.39 -2.78 -64.19
N GLU C 2714 131.53 -3.47 -64.11
CA GLU C 2714 131.79 -4.43 -63.04
C GLU C 2714 132.38 -3.72 -61.82
N LYS C 2715 131.55 -2.88 -61.21
CA LYS C 2715 131.91 -2.16 -60.00
C LYS C 2715 131.19 -2.70 -58.77
N LEU C 2716 130.67 -3.92 -58.85
CA LEU C 2716 129.93 -4.56 -57.77
C LEU C 2716 130.78 -5.67 -57.17
N GLU C 2717 131.05 -5.57 -55.87
CA GLU C 2717 131.81 -6.61 -55.20
C GLU C 2717 131.16 -7.10 -53.90
N TYR C 2718 130.60 -6.19 -53.11
CA TYR C 2718 130.08 -6.57 -51.79
C TYR C 2718 128.67 -6.08 -51.53
N PHE C 2719 128.31 -4.88 -52.00
CA PHE C 2719 127.02 -4.31 -51.65
C PHE C 2719 125.87 -5.07 -52.28
N ILE C 2720 126.05 -5.56 -53.51
CA ILE C 2720 125.00 -6.36 -54.15
C ILE C 2720 124.80 -7.67 -53.40
N ASN C 2721 125.89 -8.29 -52.94
CA ASN C 2721 125.77 -9.52 -52.16
C ASN C 2721 125.09 -9.26 -50.82
N LYS C 2722 125.41 -8.13 -50.18
CA LYS C 2722 124.75 -7.78 -48.93
C LYS C 2722 123.26 -7.55 -49.13
N TYR C 2723 122.89 -6.84 -50.20
CA TYR C 2723 121.48 -6.61 -50.49
C TYR C 2723 120.74 -7.91 -50.79
N ALA C 2724 121.39 -8.81 -51.54
CA ALA C 2724 120.78 -10.10 -51.84
C ALA C 2724 120.60 -10.92 -50.57
N GLU C 2725 121.60 -10.92 -49.68
CA GLU C 2725 121.47 -11.62 -48.42
C GLU C 2725 120.35 -11.05 -47.57
N HIS C 2726 120.24 -9.72 -47.52
CA HIS C 2726 119.17 -9.09 -46.75
C HIS C 2726 117.80 -9.45 -47.31
N SER C 2727 117.65 -9.42 -48.65
CA SER C 2727 116.38 -9.79 -49.26
C SER C 2727 116.04 -11.25 -49.01
N HIS C 2728 117.03 -12.14 -49.11
CA HIS C 2728 116.78 -13.55 -48.84
C HIS C 2728 116.40 -13.79 -47.40
N ASP C 2729 117.05 -13.10 -46.47
CA ASP C 2729 116.70 -13.24 -45.05
C ASP C 2729 115.30 -12.72 -44.78
N LYS C 2730 114.92 -11.61 -45.41
CA LYS C 2730 113.56 -11.08 -45.24
C LYS C 2730 112.53 -12.03 -45.80
N TRP C 2731 112.79 -12.61 -46.97
CA TRP C 2731 111.86 -13.58 -47.56
C TRP C 2731 111.75 -14.83 -46.71
N SER C 2732 112.87 -15.31 -46.17
CA SER C 2732 112.83 -16.48 -45.31
C SER C 2732 112.08 -16.20 -44.01
N MET C 2733 112.26 -15.00 -43.45
CA MET C 2733 111.52 -14.64 -42.25
C MET C 2733 110.02 -14.55 -42.53
N ASP C 2734 109.65 -13.99 -43.69
CA ASP C 2734 108.24 -13.93 -44.06
C ASP C 2734 107.66 -15.33 -44.24
N LYS C 2735 108.40 -16.23 -44.89
CA LYS C 2735 107.91 -17.58 -45.09
C LYS C 2735 107.87 -18.37 -43.78
N LEU C 2736 108.74 -18.03 -42.83
CA LEU C 2736 108.68 -18.68 -41.51
C LEU C 2736 107.48 -18.17 -40.72
N ALA C 2737 107.18 -16.87 -40.83
CA ALA C 2737 105.97 -16.35 -40.22
C ALA C 2737 104.72 -16.92 -40.87
N ASN C 2738 104.80 -17.27 -42.15
CA ASN C 2738 103.67 -17.90 -42.83
C ASN C 2738 103.45 -19.33 -42.36
N GLY C 2739 104.48 -19.99 -41.84
CA GLY C 2739 104.33 -21.34 -41.33
C GLY C 2739 105.19 -22.37 -42.04
N TRP C 2740 106.35 -21.95 -42.53
CA TRP C 2740 107.29 -22.83 -43.21
C TRP C 2740 108.57 -22.96 -42.40
N ILE C 2741 109.17 -24.15 -42.47
CA ILE C 2741 110.39 -24.45 -41.73
C ILE C 2741 111.41 -25.03 -42.70
N TYR C 2742 112.68 -24.93 -42.31
CA TYR C 2742 113.76 -25.46 -43.13
C TYR C 2742 113.82 -26.98 -43.03
N GLY C 2743 114.09 -27.63 -44.16
CA GLY C 2743 114.19 -29.08 -44.19
C GLY C 2743 115.13 -29.56 -45.29
N GLU C 2744 115.08 -30.86 -45.58
CA GLU C 2744 115.91 -31.45 -46.61
C GLU C 2744 115.14 -31.90 -47.85
N ILE C 2745 113.88 -32.29 -47.69
CA ILE C 2745 113.04 -32.73 -48.81
C ILE C 2745 111.86 -31.76 -48.93
N TYR C 2746 111.67 -31.22 -50.13
CA TYR C 2746 110.58 -30.29 -50.38
C TYR C 2746 109.24 -31.00 -50.30
N SER C 2747 108.27 -30.35 -49.67
CA SER C 2747 106.92 -30.90 -49.54
C SER C 2747 105.93 -29.75 -49.42
N ASP C 2748 104.97 -29.70 -50.35
CA ASP C 2748 103.97 -28.64 -50.32
C ASP C 2748 102.95 -28.86 -49.22
N SER C 2749 102.52 -30.11 -49.02
CA SER C 2749 101.52 -30.40 -48.00
C SER C 2749 102.07 -30.19 -46.60
N SER C 2750 103.31 -30.64 -46.36
CA SER C 2750 103.93 -30.48 -45.05
C SER C 2750 104.52 -29.09 -44.84
N LYS C 2751 104.53 -28.25 -45.87
CA LYS C 2751 105.07 -26.89 -45.80
C LYS C 2751 106.54 -26.89 -45.36
N ILE C 2752 107.37 -27.57 -46.15
CA ILE C 2752 108.80 -27.70 -45.89
C ILE C 2752 109.53 -26.98 -47.02
N GLN C 2753 110.35 -26.00 -46.66
CA GLN C 2753 111.11 -25.22 -47.65
C GLN C 2753 112.60 -25.42 -47.43
N PRO C 2754 113.26 -26.24 -48.26
CA PRO C 2754 114.70 -26.44 -48.12
C PRO C 2754 115.55 -25.32 -48.72
N LEU C 2755 114.94 -24.20 -49.12
CA LEU C 2755 115.68 -23.11 -49.74
C LEU C 2755 116.41 -22.23 -48.73
N MET C 2756 116.25 -22.47 -47.43
CA MET C 2756 116.95 -21.71 -46.41
C MET C 2756 118.43 -22.08 -46.41
N LYS C 2757 119.24 -21.31 -47.13
CA LYS C 2757 120.65 -21.61 -47.30
C LYS C 2757 121.37 -20.30 -47.61
N PRO C 2758 122.69 -20.24 -47.37
CA PRO C 2758 123.44 -19.03 -47.73
C PRO C 2758 123.42 -18.79 -49.23
N TYR C 2759 123.60 -17.52 -49.60
CA TYR C 2759 123.52 -17.10 -51.00
C TYR C 2759 124.64 -17.71 -51.85
N LYS C 2760 125.74 -18.15 -51.23
CA LYS C 2760 126.81 -18.77 -51.99
C LYS C 2760 126.40 -20.12 -52.56
N LEU C 2761 125.60 -20.88 -51.81
CA LEU C 2761 125.14 -22.20 -52.23
C LEU C 2761 123.71 -22.19 -52.74
N LEU C 2762 123.13 -21.02 -53.00
CA LEU C 2762 121.77 -20.94 -53.49
C LEU C 2762 121.71 -21.35 -54.97
N SER C 2763 120.50 -21.62 -55.43
CA SER C 2763 120.29 -22.03 -56.81
C SER C 2763 120.55 -20.87 -57.77
N GLU C 2764 120.98 -21.22 -58.99
CA GLU C 2764 121.25 -20.21 -60.00
C GLU C 2764 119.96 -19.52 -60.45
N LYS C 2765 118.86 -20.27 -60.55
CA LYS C 2765 117.60 -19.69 -61.01
C LYS C 2765 117.07 -18.67 -60.01
N GLU C 2766 117.08 -19.01 -58.72
CA GLU C 2766 116.60 -18.06 -57.71
C GLU C 2766 117.52 -16.86 -57.61
N LYS C 2767 118.83 -17.07 -57.75
CA LYS C 2767 119.78 -15.95 -57.75
C LYS C 2767 119.52 -15.01 -58.92
N GLU C 2768 119.27 -15.56 -60.11
CA GLU C 2768 118.97 -14.73 -61.27
C GLU C 2768 117.63 -14.01 -61.10
N ILE C 2769 116.64 -14.68 -60.50
CA ILE C 2769 115.36 -14.03 -60.25
C ILE C 2769 115.52 -12.86 -59.29
N TYR C 2770 116.33 -13.03 -58.24
CA TYR C 2770 116.57 -11.94 -57.30
C TYR C 2770 117.37 -10.82 -57.93
N ARG C 2771 118.32 -11.15 -58.83
CA ARG C 2771 119.23 -10.17 -59.39
C ARG C 2771 118.64 -9.39 -60.56
N TRP C 2772 117.66 -9.96 -61.27
CA TRP C 2772 117.15 -9.32 -62.47
C TRP C 2772 116.52 -7.95 -62.23
N PRO C 2773 115.64 -7.74 -61.23
CA PRO C 2773 115.17 -6.36 -60.99
C PRO C 2773 116.28 -5.40 -60.59
N ILE C 2774 117.25 -5.88 -59.79
CA ILE C 2774 118.36 -5.03 -59.38
C ILE C 2774 119.22 -4.65 -60.59
N LYS C 2775 119.50 -5.62 -61.46
CA LYS C 2775 120.29 -5.34 -62.66
C LYS C 2775 119.54 -4.39 -63.59
N GLU C 2776 118.22 -4.57 -63.72
CA GLU C 2776 117.42 -3.66 -64.55
C GLU C 2776 117.44 -2.24 -63.99
N SER C 2777 117.30 -2.11 -62.67
CA SER C 2777 117.35 -0.80 -62.04
C SER C 2777 118.71 -0.14 -62.24
N LEU C 2778 119.79 -0.92 -62.08
CA LEU C 2778 121.13 -0.39 -62.29
C LEU C 2778 121.34 0.06 -63.73
N LYS C 2779 120.86 -0.74 -64.69
CA LYS C 2779 120.98 -0.35 -66.09
C LYS C 2779 120.19 0.91 -66.38
N THR C 2780 119.00 1.05 -65.80
CA THR C 2780 118.20 2.25 -66.04
C THR C 2780 118.87 3.49 -65.45
N MET C 2781 119.43 3.38 -64.24
CA MET C 2781 120.07 4.56 -63.66
C MET C 2781 121.41 4.87 -64.31
N LEU C 2782 122.06 3.87 -64.92
CA LEU C 2782 123.32 4.12 -65.61
C LEU C 2782 123.12 4.61 -67.04
N ALA C 2783 121.99 4.31 -67.66
CA ALA C 2783 121.75 4.77 -69.03
C ALA C 2783 121.66 6.29 -69.10
N TRP C 2784 120.97 6.91 -68.15
CA TRP C 2784 120.86 8.37 -68.14
C TRP C 2784 122.22 9.02 -67.90
N GLY C 2785 123.00 8.49 -66.97
CA GLY C 2785 124.30 9.04 -66.67
C GLY C 2785 124.26 10.03 -65.52
N TRP C 2786 124.81 9.64 -64.37
CA TRP C 2786 124.79 10.48 -63.19
C TRP C 2786 126.03 10.19 -62.34
N ARG C 2787 126.36 11.13 -61.46
CA ARG C 2787 127.46 10.96 -60.55
C ARG C 2787 127.14 9.90 -59.50
N ILE C 2788 128.17 9.17 -59.08
CA ILE C 2788 128.04 8.12 -58.08
C ILE C 2788 128.91 8.48 -56.89
N GLU C 2789 128.32 8.48 -55.70
CA GLU C 2789 129.01 8.83 -54.47
C GLU C 2789 129.40 7.56 -53.72
N ARG C 2790 130.67 7.49 -53.32
CA ARG C 2790 131.21 6.34 -52.60
C ARG C 2790 131.96 6.80 -51.35
N THR C 2791 131.31 7.67 -50.57
CA THR C 2791 131.93 8.21 -49.37
C THR C 2791 132.12 7.11 -48.33
N ARG C 2792 133.25 7.16 -47.62
CA ARG C 2792 133.57 6.16 -46.62
C ARG C 2792 132.77 6.35 -45.33
N GLU C 2793 132.20 7.54 -45.10
CA GLU C 2793 131.43 7.79 -43.90
C GLU C 2793 130.02 7.19 -43.95
N GLY C 2794 129.59 6.70 -45.11
CA GLY C 2794 128.28 6.13 -45.27
C GLY C 2794 128.19 4.62 -45.14
N ASP C 2795 129.21 3.98 -44.57
CA ASP C 2795 129.23 2.52 -44.42
C ASP C 2795 128.30 2.14 -43.27
N SER C 2796 127.01 2.13 -43.57
CA SER C 2796 125.97 1.77 -42.60
C SER C 2796 125.28 0.48 -42.98
N MET C 2797 126.05 -0.48 -43.50
CA MET C 2797 125.48 -1.77 -43.90
C MET C 2797 124.98 -2.55 -42.69
N ALA C 2798 125.78 -2.58 -41.61
CA ALA C 2798 125.42 -3.29 -40.38
C ALA C 2798 125.61 -2.32 -39.21
N LEU C 2799 124.58 -1.55 -38.92
CA LEU C 2799 124.62 -0.60 -37.81
C LEU C 2799 123.40 -0.75 -36.92
N TYR C 2800 122.29 -1.19 -37.51
CA TYR C 2800 121.05 -1.35 -36.77
C TYR C 2800 121.14 -2.53 -35.81
N ASN C 2801 120.48 -2.38 -34.66
CA ASN C 2801 120.49 -3.42 -33.63
C ASN C 2801 119.49 -4.52 -33.96
N ALA C 2816 119.25 -21.51 -35.93
CA ALA C 2816 118.88 -22.51 -36.92
C ALA C 2816 120.13 -23.14 -37.55
N ALA C 2817 119.96 -23.69 -38.74
CA ALA C 2817 121.07 -24.34 -39.43
C ALA C 2817 122.02 -23.30 -40.00
N HIS C 2818 123.32 -23.60 -39.93
CA HIS C 2818 124.39 -22.75 -40.46
C HIS C 2818 124.39 -21.35 -39.84
N GLY C 2819 123.94 -21.25 -38.60
CA GLY C 2819 123.94 -19.98 -37.89
C GLY C 2819 123.03 -18.93 -38.49
N TYR C 2820 121.82 -19.31 -38.87
CA TYR C 2820 120.87 -18.38 -39.47
C TYR C 2820 120.15 -17.62 -38.37
N SER C 2821 120.43 -16.32 -38.26
CA SER C 2821 119.83 -15.46 -37.25
C SER C 2821 119.26 -14.22 -37.93
N PRO C 2822 118.04 -14.30 -38.43
CA PRO C 2822 117.44 -13.14 -39.10
C PRO C 2822 117.05 -12.06 -38.11
N ARG C 2823 116.90 -10.84 -38.64
CA ARG C 2823 116.51 -9.69 -37.84
C ARG C 2823 115.71 -8.73 -38.71
N ALA C 2824 114.88 -7.93 -38.07
CA ALA C 2824 114.04 -6.94 -38.75
C ALA C 2824 114.59 -5.55 -38.51
N ILE C 2825 114.71 -4.77 -39.59
CA ILE C 2825 115.27 -3.43 -39.54
C ILE C 2825 114.20 -2.45 -40.02
N ASP C 2826 113.91 -1.44 -39.21
CA ASP C 2826 112.94 -0.41 -39.51
C ASP C 2826 113.70 0.88 -39.77
N MET C 2827 114.06 1.12 -41.03
CA MET C 2827 114.82 2.28 -41.44
C MET C 2827 114.00 3.25 -42.28
N SER C 2828 112.68 3.15 -42.24
CA SER C 2828 111.81 4.02 -43.02
C SER C 2828 111.70 5.43 -42.45
N ASN C 2829 112.18 5.65 -41.23
CA ASN C 2829 112.10 6.96 -40.59
C ASN C 2829 113.20 7.91 -41.06
N VAL C 2830 114.15 7.43 -41.85
CA VAL C 2830 115.27 8.26 -42.30
C VAL C 2830 114.79 9.15 -43.45
N THR C 2831 114.89 10.45 -43.27
CA THR C 2831 114.53 11.40 -44.32
C THR C 2831 115.59 11.40 -45.43
N LEU C 2832 115.13 11.57 -46.66
CA LEU C 2832 116.00 11.53 -47.83
C LEU C 2832 115.90 12.83 -48.61
N SER C 2833 116.87 13.03 -49.50
CA SER C 2833 116.94 14.26 -50.28
C SER C 2833 115.90 14.25 -51.40
N ARG C 2834 115.68 15.44 -51.97
CA ARG C 2834 114.69 15.59 -53.03
C ARG C 2834 115.19 15.01 -54.35
N ASP C 2835 116.50 15.05 -54.60
CA ASP C 2835 117.04 14.49 -55.83
C ASP C 2835 116.84 12.98 -55.87
N LEU C 2836 117.09 12.29 -54.75
CA LEU C 2836 116.83 10.86 -54.70
C LEU C 2836 115.35 10.55 -54.80
N HIS C 2837 114.49 11.42 -54.27
CA HIS C 2837 113.05 11.24 -54.43
C HIS C 2837 112.65 11.35 -55.89
N ALA C 2838 113.22 12.32 -56.62
CA ALA C 2838 112.93 12.46 -58.04
C ALA C 2838 113.45 11.26 -58.82
N MET C 2839 114.62 10.75 -58.46
CA MET C 2839 115.16 9.56 -59.11
C MET C 2839 114.27 8.35 -58.88
N ALA C 2840 113.77 8.19 -57.65
CA ALA C 2840 112.85 7.09 -57.36
C ALA C 2840 111.54 7.25 -58.09
N GLU C 2841 111.04 8.48 -58.23
CA GLU C 2841 109.83 8.72 -59.00
C GLU C 2841 110.03 8.36 -60.47
N MET C 2842 111.20 8.73 -61.02
CA MET C 2842 111.49 8.36 -62.41
C MET C 2842 111.59 6.85 -62.57
N MET C 2843 112.21 6.16 -61.60
CA MET C 2843 112.30 4.71 -61.65
C MET C 2843 110.93 4.06 -61.58
N ALA C 2844 110.05 4.60 -60.72
CA ALA C 2844 108.70 4.07 -60.62
C ALA C 2844 107.92 4.30 -61.90
N GLU C 2845 108.10 5.47 -62.53
CA GLU C 2845 107.46 5.74 -63.81
C GLU C 2845 107.95 4.78 -64.89
N ASN C 2846 109.27 4.49 -64.90
CA ASN C 2846 109.81 3.54 -65.87
C ASN C 2846 109.26 2.14 -65.62
N TYR C 2847 109.14 1.74 -64.34
CA TYR C 2847 108.56 0.44 -64.03
C TYR C 2847 107.11 0.36 -64.47
N HIS C 2848 106.33 1.43 -64.26
CA HIS C 2848 104.95 1.46 -64.69
C HIS C 2848 104.84 1.39 -66.21
N ASN C 2849 105.74 2.08 -66.91
CA ASN C 2849 105.74 2.02 -68.37
C ASN C 2849 106.08 0.62 -68.86
N ILE C 2850 107.04 -0.04 -68.23
CA ILE C 2850 107.40 -1.40 -68.60
C ILE C 2850 106.23 -2.35 -68.37
N TRP C 2851 105.56 -2.20 -67.22
CA TRP C 2851 104.40 -3.06 -66.92
C TRP C 2851 103.27 -2.81 -67.91
N ALA C 2852 103.03 -1.55 -68.27
CA ALA C 2852 101.99 -1.24 -69.24
C ALA C 2852 102.33 -1.80 -70.63
N LYS C 2853 103.60 -1.73 -71.01
CA LYS C 2853 104.02 -2.31 -72.29
C LYS C 2853 103.85 -3.82 -72.29
N LYS C 2854 104.19 -4.48 -71.19
CA LYS C 2854 104.00 -5.92 -71.08
C LYS C 2854 102.52 -6.29 -71.14
N LYS C 2855 101.67 -5.50 -70.47
CA LYS C 2855 100.23 -5.74 -70.51
C LYS C 2855 99.68 -5.57 -71.92
N LYS C 2856 100.12 -4.52 -72.63
CA LYS C 2856 99.69 -4.32 -74.00
C LYS C 2856 100.14 -5.44 -74.91
N LEU C 2857 101.38 -5.92 -74.72
CA LEU C 2857 101.89 -7.01 -75.54
C LEU C 2857 101.11 -8.30 -75.29
N GLU C 2858 100.81 -8.61 -74.03
CA GLU C 2858 100.06 -9.82 -73.74
C GLU C 2858 98.61 -9.70 -74.19
N LEU C 2859 98.05 -8.48 -74.18
CA LEU C 2859 96.70 -8.29 -74.71
C LEU C 2859 96.67 -8.46 -76.22
N GLU C 2860 97.70 -7.98 -76.92
CA GLU C 2860 97.79 -8.19 -78.36
C GLU C 2860 97.99 -9.66 -78.68
N SER C 2861 98.78 -10.37 -77.86
CA SER C 2861 98.95 -11.80 -78.05
C SER C 2861 97.65 -12.56 -77.82
N LYS C 2862 96.86 -12.12 -76.83
CA LYS C 2862 95.58 -12.77 -76.56
C LYS C 2862 94.59 -12.56 -77.70
N GLY C 2863 94.67 -11.41 -78.37
CA GLY C 2863 93.78 -11.11 -79.47
C GLY C 2863 92.51 -10.37 -79.10
N GLY C 2864 92.28 -10.13 -77.81
CA GLY C 2864 91.09 -9.42 -77.38
C GLY C 2864 91.03 -9.20 -75.89
N GLY C 2865 90.64 -8.00 -75.48
CA GLY C 2865 90.54 -7.68 -74.07
C GLY C 2865 90.86 -6.22 -73.83
N ASN C 2866 90.71 -5.82 -72.57
CA ASN C 2866 90.99 -4.45 -72.16
C ASN C 2866 91.29 -4.43 -70.67
N HIS C 2867 91.91 -3.33 -70.23
CA HIS C 2867 92.25 -3.15 -68.83
C HIS C 2867 92.29 -1.66 -68.54
N PRO C 2868 91.63 -1.21 -67.47
CA PRO C 2868 91.61 0.23 -67.18
C PRO C 2868 92.78 0.68 -66.32
N LEU C 2869 93.82 -0.16 -66.22
CA LEU C 2869 94.96 0.16 -65.37
C LEU C 2869 95.94 1.15 -66.01
N LEU C 2870 95.75 1.49 -67.29
CA LEU C 2870 96.61 2.46 -67.97
C LEU C 2870 96.23 3.85 -67.47
N VAL C 2871 96.77 4.20 -66.30
CA VAL C 2871 96.42 5.44 -65.61
C VAL C 2871 97.70 6.19 -65.26
N PRO C 2872 97.77 7.51 -65.49
CA PRO C 2872 98.94 8.27 -65.09
C PRO C 2872 99.10 8.30 -63.57
N TYR C 2873 100.32 8.62 -63.13
CA TYR C 2873 100.66 8.53 -61.72
C TYR C 2873 99.85 9.50 -60.87
N ASP C 2874 99.61 10.71 -61.39
CA ASP C 2874 98.83 11.68 -60.63
C ASP C 2874 97.35 11.31 -60.56
N THR C 2875 96.86 10.54 -61.53
CA THR C 2875 95.46 10.14 -61.59
C THR C 2875 95.20 8.84 -60.83
N LEU C 2876 96.25 8.18 -60.34
CA LEU C 2876 96.10 6.91 -59.63
C LEU C 2876 95.29 7.08 -58.36
N THR C 2877 94.57 6.03 -58.00
CA THR C 2877 93.74 6.02 -56.79
C THR C 2877 94.58 5.60 -55.58
N ALA C 2878 93.94 5.55 -54.42
CA ALA C 2878 94.65 5.26 -53.18
C ALA C 2878 95.09 3.80 -53.10
N LYS C 2879 94.33 2.89 -53.71
CA LYS C 2879 94.66 1.47 -53.65
C LYS C 2879 96.01 1.19 -54.32
N GLU C 2880 96.23 1.78 -55.49
CA GLU C 2880 97.55 1.69 -56.13
C GLU C 2880 98.54 2.68 -55.55
N LYS C 2881 98.07 3.76 -54.91
CA LYS C 2881 98.99 4.67 -54.24
C LYS C 2881 99.69 4.02 -53.07
N ALA C 2882 99.01 3.11 -52.37
CA ALA C 2882 99.66 2.36 -51.30
C ALA C 2882 100.80 1.50 -51.84
N LYS C 2883 100.58 0.82 -52.97
CA LYS C 2883 101.64 0.04 -53.58
C LYS C 2883 102.78 0.93 -54.08
N ASP C 2884 102.44 2.11 -54.62
CA ASP C 2884 103.47 3.05 -55.06
C ASP C 2884 104.32 3.53 -53.88
N ARG C 2885 103.67 3.82 -52.74
CA ARG C 2885 104.41 4.24 -51.56
C ARG C 2885 105.28 3.12 -51.01
N GLU C 2886 104.77 1.88 -51.05
CA GLU C 2886 105.58 0.74 -50.62
C GLU C 2886 106.81 0.57 -51.51
N LYS C 2887 106.62 0.71 -52.83
CA LYS C 2887 107.75 0.60 -53.75
C LYS C 2887 108.75 1.73 -53.53
N ALA C 2888 108.25 2.95 -53.28
CA ALA C 2888 109.14 4.07 -53.00
C ALA C 2888 109.93 3.85 -51.72
N GLN C 2889 109.28 3.32 -50.67
CA GLN C 2889 109.98 3.01 -49.44
C GLN C 2889 111.04 1.93 -49.64
N ASP C 2890 110.71 0.91 -50.44
CA ASP C 2890 111.68 -0.15 -50.74
C ASP C 2890 112.87 0.41 -51.51
N ILE C 2891 112.62 1.31 -52.47
CA ILE C 2891 113.70 1.93 -53.22
C ILE C 2891 114.58 2.79 -52.31
N PHE C 2892 113.95 3.54 -51.40
CA PHE C 2892 114.70 4.38 -50.46
C PHE C 2892 115.58 3.52 -49.55
N LYS C 2893 115.02 2.43 -49.03
CA LYS C 2893 115.80 1.54 -48.17
C LYS C 2893 116.92 0.84 -48.94
N PHE C 2894 116.69 0.54 -50.22
CA PHE C 2894 117.71 -0.09 -51.04
C PHE C 2894 118.86 0.89 -51.33
N LEU C 2895 118.54 2.15 -51.57
CA LEU C 2895 119.55 3.12 -51.97
C LEU C 2895 120.20 3.86 -50.81
N GLN C 2896 119.61 3.81 -49.61
CA GLN C 2896 120.21 4.49 -48.47
C GLN C 2896 121.42 3.77 -47.92
N ILE C 2897 121.44 2.43 -47.99
CA ILE C 2897 122.53 1.65 -47.42
C ILE C 2897 123.81 1.89 -48.21
N SER C 2898 124.94 1.88 -47.50
CA SER C 2898 126.29 2.05 -48.04
C SER C 2898 126.53 3.45 -48.62
N GLY C 2899 125.65 4.40 -48.36
CA GLY C 2899 125.87 5.78 -48.77
C GLY C 2899 125.95 5.99 -50.27
N TYR C 2900 125.05 5.37 -51.03
CA TYR C 2900 124.99 5.53 -52.47
C TYR C 2900 123.92 6.58 -52.79
N VAL C 2901 124.36 7.77 -53.20
CA VAL C 2901 123.47 8.87 -53.51
C VAL C 2901 123.69 9.29 -54.96
N VAL C 2902 122.61 9.33 -55.73
CA VAL C 2902 122.68 9.71 -57.14
C VAL C 2902 122.55 11.23 -57.23
N SER C 2903 123.52 11.87 -57.88
CA SER C 2903 123.53 13.32 -58.03
C SER C 2903 123.77 13.68 -59.49
N ARG C 2904 123.24 14.83 -59.89
CA ARG C 2904 123.40 15.32 -61.25
C ARG C 2904 124.69 16.13 -61.39
N CYS C 2990 123.76 34.12 -63.95
CA CYS C 2990 122.70 33.71 -63.04
C CYS C 2990 121.32 34.02 -63.62
N THR C 2991 120.29 33.39 -63.07
CA THR C 2991 118.93 33.64 -63.52
C THR C 2991 118.42 35.02 -63.11
N GLY C 2992 119.07 35.66 -62.14
CA GLY C 2992 118.67 37.00 -61.75
C GLY C 2992 118.89 38.02 -62.85
N GLY C 2993 120.04 37.93 -63.54
CA GLY C 2993 120.30 38.82 -64.65
C GLY C 2993 119.35 38.60 -65.80
N HIS C 2994 119.01 37.34 -66.08
CA HIS C 2994 118.03 37.05 -67.13
C HIS C 2994 116.66 37.60 -66.77
N ALA C 2995 116.23 37.40 -65.53
CA ALA C 2995 114.93 37.95 -65.10
C ALA C 2995 114.92 39.46 -65.12
N SER C 2996 116.07 40.09 -64.84
CA SER C 2996 116.15 41.55 -64.88
C SER C 2996 116.06 42.06 -66.31
N ASN C 2997 116.86 41.48 -67.22
CA ASN C 2997 116.92 42.01 -68.58
C ASN C 2997 115.72 41.61 -69.43
N LYS C 2998 115.00 40.54 -69.05
CA LYS C 2998 113.82 40.15 -69.82
C LYS C 2998 112.69 41.18 -69.72
N GLU C 2999 112.72 42.04 -68.70
CA GLU C 2999 111.67 43.03 -68.53
C GLU C 2999 111.95 44.32 -69.30
N LYS C 3000 113.18 44.56 -69.72
CA LYS C 3000 113.53 45.81 -70.39
C LYS C 3000 114.09 45.63 -71.79
N GLU C 3001 115.00 44.67 -71.99
CA GLU C 3001 115.59 44.47 -73.31
C GLU C 3001 114.55 44.04 -74.33
N MET C 3002 113.55 43.26 -73.90
CA MET C 3002 112.51 42.81 -74.82
C MET C 3002 111.72 43.98 -75.40
N VAL C 3003 111.24 44.88 -74.55
CA VAL C 3003 110.50 46.03 -75.06
C VAL C 3003 111.43 47.00 -75.79
N THR C 3004 112.69 47.12 -75.34
CA THR C 3004 113.63 48.00 -76.04
C THR C 3004 113.88 47.52 -77.47
N SER C 3005 113.99 46.21 -77.66
CA SER C 3005 114.19 45.67 -79.00
C SER C 3005 112.89 45.69 -79.81
N LEU C 3006 111.75 45.49 -79.16
CA LEU C 3006 110.49 45.48 -79.89
C LEU C 3006 110.07 46.88 -80.33
N PHE C 3007 110.56 47.91 -79.62
CA PHE C 3007 110.26 49.29 -80.03
C PHE C 3007 111.20 49.74 -81.15
N CYS C 3008 111.31 48.93 -82.20
CA CYS C 3008 112.12 49.29 -83.36
C CYS C 3008 111.45 49.01 -84.70
N LYS C 3009 110.47 48.10 -84.77
CA LYS C 3009 109.76 47.82 -86.01
C LYS C 3009 108.54 48.73 -86.18
N LEU C 3010 107.72 48.84 -85.13
CA LEU C 3010 106.58 49.75 -85.16
C LEU C 3010 107.00 51.21 -85.06
N GLY C 3011 108.27 51.49 -84.73
CA GLY C 3011 108.76 52.86 -84.77
C GLY C 3011 108.83 53.43 -86.16
N VAL C 3012 108.87 52.58 -87.19
CA VAL C 3012 108.83 53.04 -88.57
C VAL C 3012 107.66 52.46 -89.35
N LEU C 3013 107.09 51.32 -88.95
CA LEU C 3013 105.94 50.77 -89.64
C LEU C 3013 104.69 51.61 -89.39
N VAL C 3014 104.47 52.02 -88.14
CA VAL C 3014 103.32 52.85 -87.82
C VAL C 3014 103.46 54.23 -88.45
N ARG C 3015 104.68 54.76 -88.53
CA ARG C 3015 104.89 56.07 -89.15
C ARG C 3015 104.49 56.06 -90.62
N HIS C 3016 104.82 54.97 -91.33
CA HIS C 3016 104.47 54.79 -92.75
C HIS C 3016 105.00 55.91 -93.62
N LEU C 3035 101.83 42.08 -88.74
CA LEU C 3035 100.40 41.93 -88.95
C LEU C 3035 99.63 42.29 -87.70
N GLY C 3036 99.81 41.50 -86.64
CA GLY C 3036 99.12 41.72 -85.40
C GLY C 3036 99.95 42.47 -84.38
N GLN C 3037 100.98 43.18 -84.86
CA GLN C 3037 101.87 43.91 -83.96
C GLN C 3037 101.13 45.02 -83.23
N THR C 3038 100.17 45.69 -83.91
CA THR C 3038 99.41 46.76 -83.28
C THR C 3038 98.49 46.24 -82.19
N LEU C 3039 98.23 44.93 -82.15
CA LEU C 3039 97.44 44.33 -81.09
C LEU C 3039 98.30 43.71 -80.00
N ASP C 3040 99.44 43.09 -80.35
CA ASP C 3040 100.28 42.50 -79.33
C ASP C 3040 101.15 43.53 -78.61
N ALA C 3041 101.32 44.73 -79.18
CA ALA C 3041 102.09 45.75 -78.49
C ALA C 3041 101.41 46.17 -77.19
N ARG C 3042 100.08 46.15 -77.15
CA ARG C 3042 99.36 46.52 -75.94
C ARG C 3042 99.71 45.60 -74.78
N THR C 3043 99.85 44.30 -75.07
CA THR C 3043 100.34 43.38 -74.05
C THR C 3043 101.83 43.59 -73.79
N VAL C 3044 102.59 43.93 -74.84
CA VAL C 3044 104.05 43.95 -74.73
C VAL C 3044 104.53 45.08 -73.83
N MET C 3045 104.04 46.30 -74.04
CA MET C 3045 104.60 47.38 -73.21
C MET C 3045 104.08 47.32 -71.78
N LYS C 3046 102.90 46.72 -71.57
CA LYS C 3046 102.44 46.50 -70.20
C LYS C 3046 103.23 45.40 -69.51
N THR C 3047 103.68 44.40 -70.26
CA THR C 3047 104.56 43.39 -69.68
C THR C 3047 105.95 43.95 -69.40
N GLY C 3048 106.39 44.92 -70.19
CA GLY C 3048 107.69 45.53 -70.00
C GLY C 3048 107.82 46.33 -68.71
N LEU C 3049 106.82 47.14 -68.41
CA LEU C 3049 106.88 48.06 -67.28
C LEU C 3049 105.83 47.78 -66.21
N ASP C 3050 104.55 47.69 -66.61
CA ASP C 3050 103.48 47.54 -65.64
C ASP C 3050 103.32 46.13 -65.10
N SER C 3051 104.05 45.16 -65.64
CA SER C 3051 103.98 43.81 -65.09
C SER C 3051 104.53 43.77 -63.66
N VAL C 3052 105.61 44.49 -63.41
CA VAL C 3052 106.18 44.61 -62.07
C VAL C 3052 105.76 45.95 -61.48
N LYS C 3053 105.14 45.90 -60.30
CA LYS C 3053 104.71 47.13 -59.64
C LYS C 3053 105.89 47.93 -59.11
N SER C 3054 106.81 47.26 -58.43
CA SER C 3054 108.00 47.92 -57.89
C SER C 3054 109.19 47.71 -58.83
N ALA C 3055 109.09 48.36 -60.00
CA ALA C 3055 110.17 48.29 -60.97
C ALA C 3055 111.44 48.99 -60.49
N LEU C 3056 111.31 49.91 -59.53
CA LEU C 3056 112.49 50.57 -58.98
C LEU C 3056 113.40 49.58 -58.26
N ARG C 3057 112.81 48.56 -57.62
CA ARG C 3057 113.60 47.53 -56.97
C ARG C 3057 114.46 46.79 -57.99
N ALA C 3058 113.86 46.35 -59.09
CA ALA C 3058 114.62 45.68 -60.13
C ALA C 3058 115.62 46.61 -60.80
N PHE C 3059 115.32 47.91 -60.84
CA PHE C 3059 116.28 48.86 -61.39
C PHE C 3059 117.51 48.98 -60.52
N LEU C 3060 117.32 49.20 -59.21
CA LEU C 3060 118.42 49.56 -58.33
C LEU C 3060 119.01 48.35 -57.59
N ASP C 3061 118.20 47.64 -56.80
CA ASP C 3061 118.75 46.65 -55.88
C ASP C 3061 119.05 45.33 -56.59
N ASN C 3062 118.19 44.93 -57.54
CA ASN C 3062 118.35 43.63 -58.18
C ASN C 3062 119.51 43.63 -59.17
N ALA C 3063 119.43 44.48 -60.19
CA ALA C 3063 120.48 44.56 -61.20
C ALA C 3063 120.54 45.97 -61.74
N ALA C 3064 121.69 46.62 -61.56
CA ALA C 3064 121.91 47.99 -62.05
C ALA C 3064 122.46 48.02 -63.46
N GLU C 3065 122.61 46.87 -64.12
CA GLU C 3065 123.12 46.86 -65.48
C GLU C 3065 122.11 47.44 -66.46
N ASP C 3066 120.85 47.01 -66.38
CA ASP C 3066 119.80 47.52 -67.25
C ASP C 3066 119.55 49.00 -66.97
N LEU C 3067 119.05 49.31 -65.77
CA LEU C 3067 118.91 50.65 -65.20
C LEU C 3067 118.45 51.70 -66.21
N GLU C 3068 119.08 52.88 -66.17
CA GLU C 3068 118.73 53.96 -67.07
C GLU C 3068 119.07 53.63 -68.51
N LYS C 3069 120.13 52.85 -68.73
CA LYS C 3069 120.56 52.51 -70.09
C LYS C 3069 119.46 51.80 -70.87
N THR C 3070 118.57 51.10 -70.18
CA THR C 3070 117.40 50.49 -70.81
C THR C 3070 116.12 51.31 -70.61
N MET C 3071 115.96 51.94 -69.44
CA MET C 3071 114.74 52.70 -69.17
C MET C 3071 114.62 53.90 -70.11
N GLU C 3072 115.70 54.67 -70.27
CA GLU C 3072 115.67 55.82 -71.16
C GLU C 3072 115.54 55.39 -72.63
N ASN C 3073 116.11 54.24 -72.99
CA ASN C 3073 115.94 53.73 -74.35
C ASN C 3073 114.48 53.37 -74.62
N LEU C 3074 113.84 52.70 -73.67
CA LEU C 3074 112.42 52.38 -73.82
C LEU C 3074 111.57 53.65 -73.85
N LYS C 3075 111.92 54.64 -73.03
CA LYS C 3075 111.19 55.90 -73.03
C LYS C 3075 111.36 56.64 -74.36
N GLN C 3076 112.56 56.60 -74.93
CA GLN C 3076 112.79 57.22 -76.24
C GLN C 3076 112.02 56.50 -77.33
N GLY C 3077 111.95 55.17 -77.25
CA GLY C 3077 111.12 54.43 -78.19
C GLY C 3077 109.65 54.81 -78.08
N GLN C 3078 109.16 54.98 -76.84
CA GLN C 3078 107.79 55.41 -76.63
C GLN C 3078 107.57 56.83 -77.17
N PHE C 3079 108.56 57.70 -77.00
CA PHE C 3079 108.45 59.07 -77.53
C PHE C 3079 108.39 59.05 -79.05
N THR C 3080 109.19 58.20 -79.69
CA THR C 3080 109.14 58.08 -81.14
C THR C 3080 107.81 57.51 -81.60
N HIS C 3081 107.25 56.57 -80.83
CA HIS C 3081 105.93 56.03 -81.17
C HIS C 3081 104.85 57.10 -81.05
N THR C 3082 104.92 57.94 -80.02
CA THR C 3082 103.98 59.06 -79.91
C THR C 3082 104.19 60.07 -81.03
N ARG C 3083 105.43 60.23 -81.50
CA ARG C 3083 105.68 61.07 -82.67
C ARG C 3083 105.06 60.46 -83.93
N SER C 3084 104.89 59.15 -83.96
CA SER C 3084 104.27 58.48 -85.09
C SER C 3084 102.75 58.66 -85.02
N GLN C 3085 102.02 57.90 -85.84
CA GLN C 3085 100.57 58.06 -85.91
C GLN C 3085 99.87 57.09 -84.96
N PRO C 3086 99.56 57.52 -83.75
CA PRO C 3086 98.84 56.65 -82.82
C PRO C 3086 97.34 56.68 -83.07
N LYS C 3087 96.66 55.69 -82.49
CA LYS C 3087 95.22 55.56 -82.64
C LYS C 3087 94.48 55.66 -81.31
N GLY C 3088 94.91 54.92 -80.29
CA GLY C 3088 94.26 54.91 -79.01
C GLY C 3088 95.11 55.56 -77.92
N VAL C 3089 94.46 55.81 -76.79
CA VAL C 3089 95.12 56.41 -75.63
C VAL C 3089 95.90 55.32 -74.90
N THR C 3090 97.20 55.52 -74.76
CA THR C 3090 98.08 54.58 -74.08
C THR C 3090 98.96 55.30 -73.08
N GLN C 3091 98.41 56.31 -72.39
CA GLN C 3091 99.19 57.09 -71.45
C GLN C 3091 99.36 56.41 -70.10
N ILE C 3092 98.55 55.40 -69.78
CA ILE C 3092 98.61 54.77 -68.46
C ILE C 3092 99.97 54.12 -68.24
N ILE C 3093 100.49 53.42 -69.26
CA ILE C 3093 101.75 52.71 -69.12
C ILE C 3093 102.91 53.68 -68.97
N ASN C 3094 102.88 54.80 -69.69
CA ASN C 3094 103.97 55.77 -69.61
C ASN C 3094 103.90 56.57 -68.31
N TYR C 3095 102.70 56.80 -67.78
CA TYR C 3095 102.53 57.58 -66.56
C TYR C 3095 102.71 56.75 -65.30
N THR C 3096 102.58 55.42 -65.39
CA THR C 3096 102.75 54.56 -64.22
C THR C 3096 104.22 54.22 -63.91
N THR C 3097 105.17 54.89 -64.57
CA THR C 3097 106.59 54.68 -64.32
C THR C 3097 107.29 55.99 -63.99
N VAL C 3098 106.67 56.79 -63.14
CA VAL C 3098 107.20 58.11 -62.81
C VAL C 3098 108.07 58.08 -61.57
N ALA C 3099 107.56 57.48 -60.48
CA ALA C 3099 108.27 57.44 -59.22
C ALA C 3099 109.25 56.27 -59.12
N LEU C 3100 109.34 55.44 -60.14
CA LEU C 3100 110.20 54.26 -60.13
C LEU C 3100 111.63 54.56 -60.57
N LEU C 3101 111.92 55.79 -61.00
CA LEU C 3101 113.28 56.14 -61.40
C LEU C 3101 114.20 56.41 -60.21
N PRO C 3102 113.87 57.34 -59.27
CA PRO C 3102 114.84 57.63 -58.20
C PRO C 3102 114.71 56.75 -56.97
N MET C 3103 113.54 56.13 -56.79
CA MET C 3103 113.29 55.30 -55.61
C MET C 3103 112.11 54.36 -55.84
N LEU C 3174 122.95 56.25 -57.89
CA LEU C 3174 122.04 56.78 -58.89
C LEU C 3174 122.40 56.27 -60.28
N ASP C 3175 121.73 56.81 -61.30
CA ASP C 3175 121.97 56.41 -62.67
C ASP C 3175 123.24 57.07 -63.19
N LYS C 3176 124.11 56.28 -63.82
CA LYS C 3176 125.36 56.78 -64.39
C LYS C 3176 125.09 57.22 -65.82
N HIS C 3177 124.63 58.46 -65.97
CA HIS C 3177 124.30 58.99 -67.30
C HIS C 3177 125.53 59.23 -68.15
N ASN C 3178 126.73 59.29 -67.54
CA ASN C 3178 127.93 59.55 -68.31
C ASN C 3178 128.34 58.33 -69.15
N VAL C 3179 128.01 57.12 -68.68
CA VAL C 3179 128.36 55.92 -69.42
C VAL C 3179 127.57 55.83 -70.72
N TYR C 3180 126.27 56.09 -70.67
CA TYR C 3180 125.42 56.08 -71.85
C TYR C 3180 124.46 57.25 -71.78
N SER C 3181 124.45 58.06 -72.84
CA SER C 3181 123.58 59.23 -72.92
C SER C 3181 122.43 58.91 -73.86
N ILE C 3182 121.31 58.46 -73.30
CA ILE C 3182 120.13 58.14 -74.07
C ILE C 3182 119.10 59.27 -74.00
N TYR C 3183 119.52 60.48 -73.65
CA TYR C 3183 118.65 61.64 -73.54
C TYR C 3183 118.61 62.48 -74.81
N ASN C 3184 119.25 62.01 -75.89
CA ASN C 3184 119.32 62.81 -77.12
C ASN C 3184 117.94 63.01 -77.73
N THR C 3185 117.13 61.96 -77.79
CA THR C 3185 115.79 62.08 -78.38
C THR C 3185 114.90 63.00 -77.54
N ARG C 3186 114.95 62.87 -76.22
CA ARG C 3186 114.17 63.75 -75.36
C ARG C 3186 114.64 65.19 -75.47
N SER C 3187 115.96 65.40 -75.60
CA SER C 3187 116.47 66.75 -75.78
C SER C 3187 116.00 67.34 -77.11
N SER C 3188 115.99 66.52 -78.17
CA SER C 3188 115.50 67.00 -79.46
C SER C 3188 114.01 67.36 -79.38
N ARG C 3189 113.22 66.53 -78.69
CA ARG C 3189 111.80 66.84 -78.51
C ARG C 3189 111.61 68.12 -77.71
N GLU C 3190 112.43 68.32 -76.68
CA GLU C 3190 112.33 69.54 -75.88
C GLU C 3190 112.75 70.77 -76.67
N ARG C 3191 113.75 70.64 -77.55
CA ARG C 3191 114.11 71.75 -78.43
C ARG C 3191 112.98 72.06 -79.41
N ALA C 3192 112.34 71.02 -79.94
CA ALA C 3192 111.21 71.23 -80.85
C ALA C 3192 110.01 71.84 -80.14
N ALA C 3193 109.87 71.58 -78.83
CA ALA C 3193 108.80 72.13 -78.01
C ALA C 3193 109.35 73.05 -76.94
N LEU C 3194 110.30 73.90 -77.31
CA LEU C 3194 110.93 74.80 -76.35
C LEU C 3194 109.94 75.84 -75.82
N SER C 3195 109.08 76.37 -76.68
CA SER C 3195 108.10 77.41 -76.29
C SER C 3195 106.74 76.98 -76.83
N LEU C 3196 105.97 76.31 -75.99
CA LEU C 3196 104.63 75.86 -76.39
C LEU C 3196 103.71 77.00 -76.82
N PRO C 3197 103.62 78.14 -76.12
CA PRO C 3197 102.80 79.25 -76.66
C PRO C 3197 103.33 79.82 -77.97
N ALA C 3198 104.61 79.63 -78.27
CA ALA C 3198 105.20 80.21 -79.48
C ALA C 3198 105.39 79.21 -80.61
N ASN C 3199 105.29 77.91 -80.34
CA ASN C 3199 105.45 76.88 -81.37
C ASN C 3199 104.12 76.30 -81.82
N VAL C 3200 103.06 77.12 -81.82
CA VAL C 3200 101.74 76.66 -82.30
C VAL C 3200 101.69 76.97 -83.79
N GLU C 3201 102.28 76.06 -84.56
CA GLU C 3201 102.35 76.21 -86.01
C GLU C 3201 102.59 74.83 -86.62
N ASP C 3202 102.94 74.81 -87.91
CA ASP C 3202 103.21 73.57 -88.64
C ASP C 3202 104.69 73.19 -88.63
N VAL C 3203 105.44 73.64 -87.61
CA VAL C 3203 106.85 73.27 -87.53
C VAL C 3203 107.01 71.78 -87.22
N CYS C 3204 106.06 71.20 -86.48
CA CYS C 3204 106.10 69.77 -86.22
C CYS C 3204 105.71 69.00 -87.49
N PRO C 3205 106.31 67.83 -87.71
CA PRO C 3205 106.04 67.09 -88.94
C PRO C 3205 104.61 66.57 -88.98
N ASN C 3206 104.07 66.48 -90.19
CA ASN C 3206 102.76 65.91 -90.52
C ASN C 3206 101.59 66.65 -89.88
N ILE C 3207 101.83 67.85 -89.35
CA ILE C 3207 100.81 68.70 -88.72
C ILE C 3207 100.02 67.92 -87.67
N PRO C 3208 100.61 67.62 -86.51
CA PRO C 3208 99.89 66.85 -85.49
C PRO C 3208 98.86 67.70 -84.77
N SER C 3209 97.58 67.45 -85.05
CA SER C 3209 96.52 68.20 -84.38
C SER C 3209 96.41 67.80 -82.92
N LEU C 3210 96.50 66.50 -82.62
CA LEU C 3210 96.42 66.02 -81.26
C LEU C 3210 97.46 64.96 -80.93
N GLU C 3211 98.36 64.61 -81.86
CA GLU C 3211 99.36 63.58 -81.58
C GLU C 3211 100.36 64.06 -80.54
N LYS C 3212 100.90 65.26 -80.74
CA LYS C 3212 101.90 65.80 -79.81
C LYS C 3212 101.51 67.19 -79.34
N LEU C 3213 100.84 67.97 -80.20
CA LEU C 3213 100.46 69.34 -79.87
C LEU C 3213 99.15 69.32 -79.08
N MET C 3214 99.26 68.90 -77.82
CA MET C 3214 98.13 68.83 -76.91
C MET C 3214 98.66 68.78 -75.48
N THR C 3215 97.78 68.50 -74.53
CA THR C 3215 98.17 68.38 -73.13
C THR C 3215 98.81 67.04 -72.81
N GLU C 3216 98.79 66.09 -73.76
CA GLU C 3216 99.36 64.77 -73.53
C GLU C 3216 100.85 64.85 -73.23
N ILE C 3217 101.59 65.57 -74.07
CA ILE C 3217 103.04 65.71 -73.84
C ILE C 3217 103.30 66.56 -72.60
N ILE C 3218 102.41 67.50 -72.30
CA ILE C 3218 102.57 68.34 -71.11
C ILE C 3218 102.49 67.48 -69.84
N GLU C 3219 101.51 66.59 -69.78
CA GLU C 3219 101.40 65.70 -68.62
C GLU C 3219 102.44 64.60 -68.66
N LEU C 3220 102.92 64.23 -69.85
CA LEU C 3220 103.97 63.22 -69.95
C LEU C 3220 105.32 63.75 -69.44
N ALA C 3221 105.56 65.05 -69.63
CA ALA C 3221 106.80 65.65 -69.11
C ALA C 3221 106.86 65.59 -67.59
N GLU C 3222 105.71 65.57 -66.93
CA GLU C 3222 105.68 65.41 -65.47
C GLU C 3222 106.21 64.05 -65.06
N SER C 3223 105.78 62.99 -65.75
CA SER C 3223 106.24 61.64 -65.41
C SER C 3223 107.68 61.41 -65.84
N GLY C 3224 108.05 61.89 -67.04
CA GLY C 3224 109.39 61.68 -67.54
C GLY C 3224 110.45 62.42 -66.73
N ILE C 3225 110.17 63.67 -66.38
CA ILE C 3225 111.09 64.50 -65.63
C ILE C 3225 110.58 64.56 -64.19
N ARG C 3226 111.25 63.83 -63.30
CA ARG C 3226 110.87 63.82 -61.88
C ARG C 3226 112.09 63.38 -61.08
N TYR C 3227 112.64 64.29 -60.28
CA TYR C 3227 113.80 64.04 -59.44
C TYR C 3227 113.54 64.52 -58.02
N THR C 3228 112.37 64.13 -57.48
CA THR C 3228 112.00 64.55 -56.13
C THR C 3228 112.95 63.97 -55.08
N GLN C 3229 113.35 62.71 -55.25
CA GLN C 3229 114.26 62.09 -54.29
C GLN C 3229 115.67 62.63 -54.47
N MET C 3230 116.27 62.41 -55.64
CA MET C 3230 117.62 62.88 -55.92
C MET C 3230 117.82 62.90 -57.42
N PRO C 3231 118.51 63.90 -57.96
CA PRO C 3231 118.79 63.90 -59.41
C PRO C 3231 119.64 62.69 -59.81
N TYR C 3232 119.35 62.16 -60.99
CA TYR C 3232 120.05 61.01 -61.55
C TYR C 3232 120.46 61.29 -62.98
N MET C 3233 121.04 62.46 -63.21
CA MET C 3233 121.43 62.91 -64.54
C MET C 3233 122.85 63.46 -64.50
N MET C 3234 123.38 63.76 -65.68
CA MET C 3234 124.70 64.34 -65.80
C MET C 3234 124.73 65.84 -65.52
N GLU C 3235 123.55 66.47 -65.39
CA GLU C 3235 123.43 67.90 -65.11
C GLU C 3235 124.14 68.74 -66.16
N VAL C 3236 124.06 68.32 -67.42
CA VAL C 3236 124.66 69.02 -68.54
C VAL C 3236 123.63 69.82 -69.32
N VAL C 3237 122.51 69.19 -69.68
CA VAL C 3237 121.45 69.86 -70.41
C VAL C 3237 120.26 70.22 -69.53
N LEU C 3238 120.08 69.53 -68.40
CA LEU C 3238 118.96 69.83 -67.52
C LEU C 3238 119.00 71.23 -66.91
N PRO C 3239 120.13 71.71 -66.34
CA PRO C 3239 120.11 73.08 -65.81
C PRO C 3239 119.93 74.14 -66.88
N MET C 3240 120.53 73.96 -68.06
CA MET C 3240 120.35 74.91 -69.15
C MET C 3240 118.90 74.93 -69.61
N LEU C 3241 118.28 73.76 -69.74
CA LEU C 3241 116.88 73.68 -70.12
C LEU C 3241 115.98 74.33 -69.09
N CYS C 3242 116.26 74.11 -67.80
CA CYS C 3242 115.47 74.73 -66.74
C CYS C 3242 115.61 76.24 -66.76
N SER C 3243 116.83 76.73 -66.98
CA SER C 3243 117.05 78.17 -67.06
C SER C 3243 116.32 78.77 -68.27
N TYR C 3244 116.36 78.08 -69.41
CA TYR C 3244 115.66 78.57 -70.59
C TYR C 3244 114.15 78.61 -70.38
N MET C 3245 113.58 77.56 -69.78
CA MET C 3245 112.15 77.55 -69.50
C MET C 3245 111.77 78.64 -68.49
N SER C 3246 112.60 78.84 -67.47
CA SER C 3246 112.32 79.90 -66.49
C SER C 3246 112.37 81.27 -67.15
N ARG C 3247 113.35 81.51 -68.02
CA ARG C 3247 113.43 82.78 -68.72
C ARG C 3247 112.23 82.99 -69.65
N TRP C 3248 111.81 81.92 -70.34
CA TRP C 3248 110.65 82.04 -71.21
C TRP C 3248 109.38 82.33 -70.42
N TRP C 3249 109.21 81.68 -69.26
CA TRP C 3249 108.04 81.94 -68.43
C TRP C 3249 108.09 83.34 -67.82
N GLU C 3250 109.29 83.84 -67.52
CA GLU C 3250 109.41 85.22 -67.04
C GLU C 3250 109.03 86.21 -68.15
N HIS C 3251 109.46 85.94 -69.38
CA HIS C 3251 109.12 86.82 -70.49
C HIS C 3251 107.63 86.77 -70.80
N GLY C 3252 107.04 85.58 -70.84
CA GLY C 3252 105.64 85.42 -71.13
C GLY C 3252 104.81 85.33 -69.87
N PRO C 3253 104.18 86.44 -69.47
CA PRO C 3253 103.38 86.41 -68.24
C PRO C 3253 102.06 85.67 -68.42
N GLU C 3254 101.38 85.87 -69.54
CA GLU C 3254 100.11 85.20 -69.79
C GLU C 3254 100.34 83.77 -70.27
N ASN C 3255 99.25 83.00 -70.34
CA ASN C 3255 99.35 81.61 -70.78
C ASN C 3255 99.58 81.50 -72.27
N HIS C 3256 98.66 82.04 -73.07
CA HIS C 3256 98.69 82.02 -74.53
C HIS C 3256 98.81 80.61 -75.06
N PRO C 3257 98.07 79.65 -74.51
CA PRO C 3257 98.17 78.27 -74.99
C PRO C 3257 97.26 78.00 -76.17
N GLU C 3258 97.23 76.76 -76.65
CA GLU C 3258 96.39 76.37 -77.77
C GLU C 3258 95.02 75.90 -77.24
N ARG C 3259 94.20 75.38 -78.14
CA ARG C 3259 92.87 74.93 -77.74
C ARG C 3259 92.95 73.62 -76.98
N ALA C 3260 92.03 73.47 -76.01
CA ALA C 3260 91.91 72.27 -75.18
C ALA C 3260 93.22 71.97 -74.44
N GLU C 3261 93.91 73.02 -74.01
CA GLU C 3261 95.16 72.90 -73.25
C GLU C 3261 95.13 73.84 -72.06
N MET C 3262 94.03 73.79 -71.31
CA MET C 3262 93.88 74.64 -70.13
C MET C 3262 94.89 74.27 -69.05
N CYS C 3263 94.97 72.98 -68.72
CA CYS C 3263 95.85 72.50 -67.64
C CYS C 3263 97.29 72.42 -68.15
N CYS C 3264 97.86 73.59 -68.39
CA CYS C 3264 99.26 73.72 -68.80
C CYS C 3264 100.20 73.92 -67.63
N THR C 3265 99.68 74.07 -66.41
CA THR C 3265 100.54 74.31 -65.26
C THR C 3265 101.34 73.08 -64.89
N ALA C 3266 100.72 71.90 -64.95
CA ALA C 3266 101.39 70.65 -64.60
C ALA C 3266 102.23 70.18 -65.78
N LEU C 3267 103.36 70.87 -65.98
CA LEU C 3267 104.29 70.56 -67.05
C LEU C 3267 105.68 70.19 -66.53
N ASN C 3268 106.23 70.99 -65.63
CA ASN C 3268 107.57 70.78 -65.09
C ASN C 3268 107.48 70.52 -63.59
N SER C 3269 108.11 69.44 -63.13
CA SER C 3269 108.12 69.08 -61.73
C SER C 3269 109.52 69.18 -61.11
N GLU C 3270 110.45 69.83 -61.81
CA GLU C 3270 111.82 70.00 -61.33
C GLU C 3270 112.25 71.45 -61.48
N HIS C 3271 111.38 72.39 -61.09
CA HIS C 3271 111.70 73.81 -61.16
C HIS C 3271 112.45 74.19 -59.89
N MET C 3272 113.77 74.27 -59.98
CA MET C 3272 114.61 74.58 -58.83
C MET C 3272 115.90 75.20 -59.34
N ASN C 3273 116.63 75.82 -58.41
CA ASN C 3273 117.90 76.47 -58.75
C ASN C 3273 118.95 75.41 -59.08
N THR C 3274 119.69 75.65 -60.18
CA THR C 3274 120.75 74.75 -60.65
C THR C 3274 120.23 73.34 -60.88
N LEU C 3275 119.03 73.22 -61.41
CA LEU C 3275 118.42 71.93 -61.69
C LEU C 3275 117.55 71.99 -62.95
N LYS C 3281 115.22 88.83 -69.53
CA LYS C 3281 116.21 89.72 -68.94
C LYS C 3281 117.39 88.93 -68.37
N ILE C 3282 117.36 87.61 -68.58
CA ILE C 3282 118.43 86.76 -68.06
C ILE C 3282 119.70 86.97 -68.89
N ILE C 3283 120.84 86.67 -68.27
CA ILE C 3283 122.14 86.79 -68.93
C ILE C 3283 122.77 85.41 -69.01
N TYR C 3284 121.94 84.38 -69.07
CA TYR C 3284 122.45 83.01 -69.15
C TYR C 3284 123.18 82.76 -70.47
N ASN C 3285 122.66 83.31 -71.57
CA ASN C 3285 123.31 83.13 -72.86
C ASN C 3285 124.69 83.79 -72.89
N ASN C 3286 124.79 85.01 -72.36
CA ASN C 3286 126.08 85.70 -72.32
C ASN C 3286 127.07 84.97 -71.42
N LEU C 3287 126.60 84.47 -70.27
CA LEU C 3287 127.48 83.72 -69.38
C LEU C 3287 127.95 82.43 -70.02
N GLY C 3288 127.06 81.73 -70.72
CA GLY C 3288 127.46 80.51 -71.41
C GLY C 3288 128.43 80.77 -72.54
N ILE C 3289 128.24 81.88 -73.26
CA ILE C 3289 129.17 82.23 -74.33
C ILE C 3289 130.54 82.61 -73.77
N ASP C 3290 130.56 83.32 -72.65
CA ASP C 3290 131.82 83.71 -72.04
C ASP C 3290 132.56 82.51 -71.47
N GLU C 3291 131.83 81.58 -70.86
CA GLU C 3291 132.47 80.39 -70.29
C GLU C 3291 133.01 79.48 -71.39
N GLY C 3292 132.29 79.36 -72.50
CA GLY C 3292 132.72 78.51 -73.60
C GLY C 3292 133.89 79.09 -74.37
N PHE C 3301 133.66 76.98 -67.87
CA PHE C 3301 133.92 75.91 -66.91
C PHE C 3301 132.78 75.79 -65.91
N SER C 3302 132.55 76.85 -65.15
CA SER C 3302 131.50 76.89 -64.14
C SER C 3302 130.32 77.71 -64.66
N GLN C 3303 129.14 77.10 -64.67
CA GLN C 3303 127.95 77.80 -65.12
C GLN C 3303 127.53 78.85 -64.10
N PRO C 3304 126.87 79.93 -64.55
CA PRO C 3304 126.41 80.95 -63.60
C PRO C 3304 125.36 80.46 -62.63
N ILE C 3305 124.67 79.36 -62.93
CA ILE C 3305 123.67 78.82 -62.03
C ILE C 3305 124.29 78.19 -60.79
N ILE C 3306 125.59 77.89 -60.83
CA ILE C 3306 126.27 77.33 -59.66
C ILE C 3306 126.35 78.37 -58.55
N ASN C 3307 126.62 79.62 -58.90
CA ASN C 3307 126.67 80.69 -57.91
C ASN C 3307 125.28 80.99 -57.38
N LYS C 3308 125.21 81.32 -56.09
CA LYS C 3308 123.94 81.58 -55.42
C LYS C 3308 123.43 83.00 -55.62
N VAL C 3309 124.18 83.86 -56.31
CA VAL C 3309 123.73 85.23 -56.52
C VAL C 3309 122.56 85.27 -57.50
N LYS C 3310 122.63 84.47 -58.58
CA LYS C 3310 121.57 84.46 -59.57
C LYS C 3310 120.22 83.98 -59.04
N PRO C 3311 120.12 82.84 -58.32
CA PRO C 3311 118.80 82.46 -57.77
C PRO C 3311 118.27 83.46 -56.76
N GLN C 3312 119.15 84.06 -55.95
CA GLN C 3312 118.70 85.07 -54.98
C GLN C 3312 118.16 86.30 -55.70
N LEU C 3313 118.86 86.75 -56.76
CA LEU C 3313 118.38 87.89 -57.53
C LEU C 3313 117.05 87.57 -58.21
N LEU C 3314 116.91 86.36 -58.75
CA LEU C 3314 115.66 85.97 -59.38
C LEU C 3314 114.52 85.94 -58.38
N LYS C 3315 114.77 85.41 -57.18
CA LYS C 3315 113.74 85.37 -56.15
C LYS C 3315 113.35 86.77 -55.69
N THR C 3316 114.34 87.66 -55.51
CA THR C 3316 114.03 89.03 -55.10
C THR C 3316 113.28 89.80 -56.20
N HIS C 3317 113.54 89.47 -57.46
CA HIS C 3317 112.81 90.11 -58.55
C HIS C 3317 111.39 89.55 -58.68
N PHE C 3318 111.21 88.26 -58.41
CA PHE C 3318 109.90 87.63 -58.52
C PHE C 3318 109.03 87.84 -57.28
N LEU C 3319 109.62 88.29 -56.17
CA LEU C 3319 108.82 88.54 -54.96
C LEU C 3319 107.73 89.59 -55.17
N PRO C 3320 107.98 90.77 -55.76
CA PRO C 3320 106.86 91.70 -55.98
C PRO C 3320 105.81 91.17 -56.94
N LEU C 3321 106.21 90.34 -57.92
CA LEU C 3321 105.26 89.83 -58.90
C LEU C 3321 104.18 88.97 -58.23
N MET C 3322 104.59 88.08 -57.32
CA MET C 3322 103.64 87.27 -56.58
C MET C 3322 103.08 87.98 -55.35
N GLU C 3323 103.70 89.08 -54.93
CA GLU C 3323 103.14 89.87 -53.84
C GLU C 3323 101.94 90.70 -54.31
N LYS C 3324 102.03 91.28 -55.50
CA LYS C 3324 100.95 92.10 -56.05
C LYS C 3324 99.96 91.29 -56.88
N LEU C 3325 100.11 89.97 -56.93
CA LEU C 3325 99.22 89.11 -57.70
C LEU C 3325 97.91 88.95 -56.94
N LYS C 3326 96.93 89.78 -57.28
CA LYS C 3326 95.62 89.72 -56.64
C LYS C 3326 94.58 90.27 -57.63
N LYS C 3327 93.73 89.39 -58.14
CA LYS C 3327 92.69 89.76 -59.06
C LYS C 3327 91.38 89.07 -58.69
N LYS C 3328 90.27 89.69 -59.07
CA LYS C 3328 88.94 89.17 -58.75
C LYS C 3328 88.35 88.34 -59.88
N ALA C 3329 89.11 88.07 -60.93
CA ALA C 3329 88.62 87.26 -62.03
C ALA C 3329 88.53 85.80 -61.62
N ALA C 3330 87.81 85.02 -62.42
CA ALA C 3330 87.59 83.61 -62.14
C ALA C 3330 88.43 82.69 -63.02
N MET C 3331 88.67 83.07 -64.28
CA MET C 3331 89.43 82.25 -65.21
C MET C 3331 90.91 82.65 -65.23
N VAL C 3332 91.20 83.88 -65.66
CA VAL C 3332 92.57 84.32 -65.87
C VAL C 3332 93.29 84.50 -64.53
N VAL C 3333 92.58 84.98 -63.51
CA VAL C 3333 93.19 85.12 -62.20
C VAL C 3333 93.56 83.76 -61.63
N SER C 3334 92.68 82.77 -61.79
CA SER C 3334 92.98 81.43 -61.31
C SER C 3334 94.15 80.80 -62.05
N GLU C 3335 94.19 80.96 -63.38
CA GLU C 3335 95.30 80.38 -64.13
C GLU C 3335 96.61 81.10 -63.80
N GLU C 3336 96.57 82.40 -63.54
CA GLU C 3336 97.78 83.13 -63.16
C GLU C 3336 98.26 82.72 -61.78
N ASP C 3337 97.34 82.50 -60.84
CA ASP C 3337 97.72 82.03 -59.52
C ASP C 3337 98.32 80.64 -59.59
N HIS C 3338 97.74 79.76 -60.41
CA HIS C 3338 98.30 78.42 -60.58
C HIS C 3338 99.69 78.48 -61.21
N LEU C 3339 99.88 79.34 -62.21
CA LEU C 3339 101.19 79.47 -62.85
C LEU C 3339 102.22 80.02 -61.86
N LYS C 3340 101.83 81.00 -61.04
CA LYS C 3340 102.75 81.54 -60.04
C LYS C 3340 103.10 80.51 -58.99
N ALA C 3341 102.14 79.69 -58.57
CA ALA C 3341 102.42 78.64 -57.60
C ALA C 3341 103.31 77.55 -58.19
N GLU C 3342 103.15 77.26 -59.49
CA GLU C 3342 103.98 76.22 -60.11
C GLU C 3342 105.40 76.72 -60.35
N ALA C 3343 105.55 77.96 -60.82
CA ALA C 3343 106.88 78.48 -61.14
C ALA C 3343 107.64 78.89 -59.89
N ARG C 3344 106.95 79.35 -58.85
CA ARG C 3344 107.59 79.82 -57.63
C ARG C 3344 107.14 79.01 -56.43
N GLY C 3345 107.12 77.69 -56.56
CA GLY C 3345 106.66 76.83 -55.50
C GLY C 3345 107.65 76.70 -54.35
N ASP C 3346 107.23 75.97 -53.33
CA ASP C 3346 108.04 75.75 -52.14
C ASP C 3346 109.10 74.68 -52.34
N MET C 3347 109.12 73.99 -53.48
CA MET C 3347 110.09 72.94 -53.72
C MET C 3347 111.47 73.54 -53.98
N SER C 3348 112.24 73.78 -52.92
CA SER C 3348 113.58 74.32 -53.01
C SER C 3348 114.47 73.48 -52.11
N GLU C 3349 115.03 72.40 -52.67
CA GLU C 3349 115.88 71.50 -51.91
C GLU C 3349 117.29 72.02 -51.72
N ALA C 3350 117.64 73.14 -52.35
CA ALA C 3350 118.98 73.71 -52.24
C ALA C 3350 119.06 74.58 -50.99
N GLU C 3351 119.33 73.92 -49.86
CA GLU C 3351 119.52 74.57 -48.56
C GLU C 3351 118.30 75.39 -48.16
N LEU C 3352 117.18 74.70 -47.98
CA LEU C 3352 115.95 75.36 -47.55
C LEU C 3352 116.07 75.87 -46.12
N LEU C 3353 116.71 75.08 -45.23
CA LEU C 3353 116.82 75.47 -43.83
C LEU C 3353 117.82 76.59 -43.60
N ILE C 3354 118.78 76.77 -44.52
CA ILE C 3354 119.78 77.82 -44.34
C ILE C 3354 119.13 79.20 -44.49
N LEU C 3355 118.31 79.37 -45.53
CA LEU C 3355 117.59 80.63 -45.75
C LEU C 3355 116.32 80.61 -44.91
N ASP C 3356 116.50 80.88 -43.62
CA ASP C 3356 115.35 80.88 -42.70
C ASP C 3356 114.38 82.02 -43.01
N GLU C 3357 114.92 83.21 -43.28
CA GLU C 3357 114.07 84.36 -43.60
C GLU C 3357 113.30 84.13 -44.90
N PHE C 3358 113.96 83.58 -45.91
CA PHE C 3358 113.28 83.28 -47.17
C PHE C 3358 112.21 82.23 -46.98
N THR C 3359 112.49 81.20 -46.17
CA THR C 3359 111.49 80.16 -45.89
C THR C 3359 110.29 80.74 -45.16
N THR C 3360 110.52 81.61 -44.18
CA THR C 3360 109.42 82.22 -43.45
C THR C 3360 108.58 83.13 -44.35
N LEU C 3361 109.24 83.90 -45.22
CA LEU C 3361 108.51 84.74 -46.16
C LEU C 3361 107.69 83.91 -47.12
N ALA C 3362 108.26 82.81 -47.63
CA ALA C 3362 107.53 81.93 -48.53
C ALA C 3362 106.33 81.30 -47.85
N ARG C 3363 106.51 80.85 -46.60
CA ARG C 3363 105.39 80.26 -45.86
C ARG C 3363 104.30 81.28 -45.59
N ASP C 3364 104.68 82.52 -45.23
CA ASP C 3364 103.70 83.56 -45.00
C ASP C 3364 102.93 83.90 -46.27
N LEU C 3365 103.62 83.95 -47.41
CA LEU C 3365 102.94 84.23 -48.67
C LEU C 3365 102.02 83.09 -49.07
N TYR C 3366 102.47 81.84 -48.91
CA TYR C 3366 101.65 80.69 -49.25
C TYR C 3366 100.49 80.50 -48.27
N ALA C 3367 100.54 81.13 -47.10
CA ALA C 3367 99.41 81.13 -46.19
C ALA C 3367 98.44 82.27 -46.47
N PHE C 3368 98.97 83.43 -46.90
CA PHE C 3368 98.11 84.58 -47.16
C PHE C 3368 97.42 84.51 -48.52
N TYR C 3369 98.01 83.81 -49.48
CA TYR C 3369 97.40 83.70 -50.81
C TYR C 3369 96.03 83.01 -50.80
N PRO C 3370 95.84 81.85 -50.16
CA PRO C 3370 94.48 81.26 -50.12
C PRO C 3370 93.47 82.13 -49.40
N LEU C 3371 93.91 82.93 -48.42
CA LEU C 3371 92.99 83.85 -47.76
C LEU C 3371 92.45 84.88 -48.74
N LEU C 3372 93.33 85.46 -49.56
CA LEU C 3372 92.89 86.41 -50.56
C LEU C 3372 92.07 85.74 -51.67
N ILE C 3373 92.37 84.47 -51.96
CA ILE C 3373 91.60 83.75 -52.97
C ILE C 3373 90.18 83.50 -52.47
N ARG C 3374 90.04 83.06 -51.23
CA ARG C 3374 88.75 82.73 -50.65
C ARG C 3374 88.04 83.93 -50.04
N PHE C 3375 88.64 85.12 -50.09
CA PHE C 3375 87.95 86.32 -49.61
C PHE C 3375 86.71 86.59 -50.43
N VAL C 3376 86.76 86.34 -51.74
CA VAL C 3376 85.61 86.50 -52.62
C VAL C 3376 84.66 85.33 -52.39
N ASP C 3377 83.44 85.43 -52.94
CA ASP C 3377 82.44 84.38 -52.75
C ASP C 3377 82.90 83.07 -53.39
N TYR C 3378 83.31 83.13 -54.66
CA TYR C 3378 83.83 81.98 -55.40
C TYR C 3378 82.82 80.83 -55.42
N ASN C 3379 81.69 81.10 -56.09
CA ASN C 3379 80.63 80.11 -56.18
C ASN C 3379 81.10 78.86 -56.92
N ARG C 3380 81.85 79.03 -57.99
CA ARG C 3380 82.41 77.90 -58.74
C ARG C 3380 83.77 77.54 -58.16
N ALA C 3381 83.87 76.34 -57.60
CA ALA C 3381 85.10 75.87 -56.97
C ALA C 3381 85.88 74.89 -57.83
N LYS C 3382 85.54 74.78 -59.11
CA LYS C 3382 86.18 73.82 -60.01
C LYS C 3382 87.39 74.40 -60.74
N TRP C 3383 87.76 75.65 -60.46
CA TRP C 3383 88.89 76.24 -61.16
C TRP C 3383 90.22 75.68 -60.66
N LEU C 3384 90.33 75.44 -59.35
CA LEU C 3384 91.52 74.85 -58.75
C LEU C 3384 91.26 73.36 -58.60
N LYS C 3385 91.88 72.57 -59.48
CA LYS C 3385 91.70 71.12 -59.43
C LYS C 3385 92.31 70.53 -58.17
N GLU C 3386 93.51 70.97 -57.81
CA GLU C 3386 94.20 70.46 -56.63
C GLU C 3386 95.17 71.51 -56.11
N PRO C 3387 94.73 72.39 -55.21
CA PRO C 3387 95.64 73.39 -54.66
C PRO C 3387 96.71 72.76 -53.78
N ASN C 3388 97.87 73.40 -53.77
CA ASN C 3388 98.99 72.89 -52.98
C ASN C 3388 98.74 73.14 -51.50
N PRO C 3389 98.81 72.11 -50.65
CA PRO C 3389 98.62 72.22 -49.20
C PRO C 3389 99.60 73.21 -48.56
N TYR C 3404 101.70 80.96 -37.80
CA TYR C 3404 101.91 81.81 -36.63
C TYR C 3404 100.57 82.32 -36.10
N TRP C 3405 100.63 83.42 -35.34
CA TRP C 3405 99.41 83.98 -34.76
C TRP C 3405 98.54 84.62 -35.83
N SER C 3406 99.15 85.36 -36.77
CA SER C 3406 98.37 86.05 -37.79
C SER C 3406 97.68 85.06 -38.73
N LYS C 3407 98.40 84.01 -39.16
CA LYS C 3407 97.81 83.02 -40.06
C LYS C 3407 96.69 82.26 -39.35
N SER C 3408 96.89 81.89 -38.09
CA SER C 3408 95.86 81.19 -37.34
C SER C 3408 94.63 82.07 -37.14
N HIS C 3409 94.83 83.36 -36.85
CA HIS C 3409 93.70 84.27 -36.70
C HIS C 3409 92.95 84.45 -38.01
N ASN C 3410 93.68 84.56 -39.13
CA ASN C 3410 93.03 84.67 -40.43
C ASN C 3410 92.23 83.41 -40.76
N PHE C 3411 92.80 82.24 -40.48
CA PHE C 3411 92.08 80.99 -40.73
C PHE C 3411 90.83 80.89 -39.86
N LYS C 3412 90.93 81.28 -38.59
CA LYS C 3412 89.78 81.25 -37.71
C LYS C 3412 88.69 82.22 -38.16
N ARG C 3413 89.09 83.41 -38.60
CA ARG C 3413 88.11 84.38 -39.09
C ARG C 3413 87.42 83.88 -40.36
N GLU C 3414 88.19 83.29 -41.28
CA GLU C 3414 87.60 82.73 -42.49
C GLU C 3414 86.65 81.58 -42.17
N GLU C 3415 87.04 80.71 -41.23
CA GLU C 3415 86.17 79.61 -40.84
C GLU C 3415 84.88 80.12 -40.19
N GLN C 3416 84.99 81.16 -39.35
CA GLN C 3416 83.81 81.73 -38.73
C GLN C 3416 82.89 82.36 -39.77
N ASN C 3417 83.46 83.07 -40.74
CA ASN C 3417 82.65 83.67 -41.80
C ASN C 3417 81.95 82.61 -42.64
N PHE C 3418 82.67 81.53 -42.97
CA PHE C 3418 82.05 80.46 -43.75
C PHE C 3418 80.98 79.73 -42.94
N VAL C 3419 81.19 79.58 -41.64
CA VAL C 3419 80.18 78.94 -40.79
C VAL C 3419 78.93 79.81 -40.72
N VAL C 3420 79.11 81.13 -40.61
CA VAL C 3420 77.97 82.05 -40.61
C VAL C 3420 77.22 81.97 -41.95
N GLN C 3421 77.97 81.94 -43.05
CA GLN C 3421 77.33 81.83 -44.37
C GLN C 3421 76.57 80.51 -44.51
N ASN C 3422 77.15 79.41 -44.03
CA ASN C 3422 76.49 78.12 -44.11
C ASN C 3422 75.24 78.08 -43.24
N GLU C 3423 75.30 78.68 -42.06
CA GLU C 3423 74.12 78.76 -41.20
C GLU C 3423 73.03 79.59 -41.86
N ILE C 3424 73.40 80.71 -42.49
CA ILE C 3424 72.42 81.53 -43.20
C ILE C 3424 71.78 80.75 -44.34
N ASN C 3425 72.60 80.00 -45.08
CA ASN C 3425 72.07 79.17 -46.16
C ASN C 3425 71.13 78.09 -45.62
N ASN C 3426 71.48 77.50 -44.48
CA ASN C 3426 70.62 76.48 -43.88
C ASN C 3426 69.28 77.04 -43.45
N MET C 3427 69.29 78.22 -42.82
CA MET C 3427 68.01 78.84 -42.44
C MET C 3427 67.23 79.32 -43.67
N SER C 3428 67.92 79.66 -44.75
CA SER C 3428 67.21 80.05 -45.97
C SER C 3428 66.58 78.84 -46.66
N PHE C 3429 67.25 77.70 -46.64
CA PHE C 3429 66.74 76.49 -47.26
C PHE C 3429 65.84 75.68 -46.35
N LEU C 3430 65.71 76.04 -45.08
CA LEU C 3430 64.78 75.35 -44.20
C LEU C 3430 63.33 75.54 -44.65
N ILE C 3431 62.98 76.75 -45.04
CA ILE C 3431 61.65 77.05 -45.56
C ILE C 3431 61.78 77.62 -46.96
N THR C 3432 60.65 77.97 -47.58
CA THR C 3432 60.61 78.54 -48.93
C THR C 3432 61.30 77.62 -49.94
N ASP C 3433 60.67 76.47 -50.14
CA ASP C 3433 61.23 75.41 -50.98
C ASP C 3433 61.50 75.92 -52.39
N THR C 3434 62.69 75.58 -52.90
CA THR C 3434 63.15 76.02 -54.21
C THR C 3434 62.59 75.15 -55.32
N LYS C 3435 63.21 75.23 -56.50
CA LYS C 3435 62.75 74.51 -57.69
C LYS C 3435 63.11 73.03 -57.61
N SER C 3436 63.04 72.34 -58.76
CA SER C 3436 63.23 70.90 -58.81
C SER C 3436 64.62 70.50 -58.28
N LYS C 3437 64.78 69.18 -58.09
CA LYS C 3437 65.94 68.64 -57.39
C LYS C 3437 67.25 68.83 -58.14
N MET C 3438 67.22 69.21 -59.42
CA MET C 3438 68.46 69.40 -60.16
C MET C 3438 69.25 70.60 -59.61
N SER C 3439 68.57 71.74 -59.44
CA SER C 3439 69.24 72.92 -58.90
C SER C 3439 69.71 72.70 -57.47
N LYS C 3440 68.88 72.05 -56.65
CA LYS C 3440 69.27 71.75 -55.28
C LYS C 3440 70.48 70.82 -55.23
N ALA C 3441 70.51 69.81 -56.11
CA ALA C 3441 71.64 68.91 -56.18
C ALA C 3441 72.91 69.63 -56.62
N ALA C 3442 72.78 70.54 -57.60
CA ALA C 3442 73.94 71.32 -58.03
C ALA C 3442 74.46 72.21 -56.91
N ILE C 3443 73.56 72.87 -56.18
CA ILE C 3443 73.97 73.73 -55.07
C ILE C 3443 74.65 72.90 -53.99
N SER C 3444 74.08 71.74 -53.67
CA SER C 3444 74.68 70.88 -52.64
C SER C 3444 76.05 70.35 -53.09
N ASP C 3445 76.20 70.02 -54.38
CA ASP C 3445 77.49 69.57 -54.88
C ASP C 3445 78.53 70.68 -54.82
N GLN C 3446 78.15 71.91 -55.17
CA GLN C 3446 79.07 73.03 -55.07
C GLN C 3446 79.47 73.29 -53.62
N GLU C 3447 78.50 73.21 -52.71
CA GLU C 3447 78.78 73.40 -51.29
C GLU C 3447 79.71 72.31 -50.76
N ARG C 3448 79.49 71.06 -51.19
CA ARG C 3448 80.35 69.96 -50.77
C ARG C 3448 81.77 70.12 -51.32
N LYS C 3449 81.89 70.58 -52.57
CA LYS C 3449 83.21 70.83 -53.13
C LYS C 3449 83.94 71.94 -52.37
N LYS C 3450 83.23 73.01 -52.03
CA LYS C 3450 83.84 74.07 -51.24
C LYS C 3450 84.24 73.58 -49.86
N MET C 3451 83.39 72.76 -49.24
CA MET C 3451 83.70 72.19 -47.93
C MET C 3451 84.93 71.30 -47.99
N LYS C 3452 85.05 70.49 -49.05
CA LYS C 3452 86.23 69.64 -49.19
C LYS C 3452 87.48 70.46 -49.44
N ARG C 3453 87.37 71.53 -50.24
CA ARG C 3453 88.52 72.39 -50.49
C ARG C 3453 88.98 73.08 -49.21
N LYS C 3454 88.03 73.50 -48.37
CA LYS C 3454 88.40 74.09 -47.09
C LYS C 3454 88.99 73.03 -46.15
N GLY C 3455 88.40 71.84 -46.13
CA GLY C 3455 88.84 70.79 -45.22
C GLY C 3455 90.20 70.22 -45.57
N ASP C 3456 90.62 70.32 -46.82
CA ASP C 3456 91.99 69.94 -47.17
C ASP C 3456 93.00 70.78 -46.40
N ARG C 3457 92.87 72.10 -46.48
CA ARG C 3457 93.76 72.99 -45.72
C ARG C 3457 93.52 72.87 -44.22
N TYR C 3458 92.29 72.59 -43.81
CA TYR C 3458 92.00 72.40 -42.39
C TYR C 3458 92.78 71.20 -41.84
N SER C 3459 92.75 70.08 -42.56
CA SER C 3459 93.51 68.91 -42.14
C SER C 3459 95.01 69.13 -42.25
N MET C 3460 95.44 69.94 -43.24
CA MET C 3460 96.86 70.26 -43.35
C MET C 3460 97.34 71.06 -42.15
N GLN C 3461 96.55 72.02 -41.68
CA GLN C 3461 96.94 72.88 -40.57
C GLN C 3461 96.48 72.38 -39.21
N THR C 3462 95.77 71.25 -39.16
CA THR C 3462 95.31 70.71 -37.88
C THR C 3462 96.48 70.34 -36.97
N SER C 3463 97.53 69.74 -37.52
CA SER C 3463 98.69 69.39 -36.71
C SER C 3463 99.36 70.62 -36.13
N LEU C 3464 99.51 71.67 -36.95
CA LEU C 3464 100.11 72.91 -36.45
C LEU C 3464 99.24 73.57 -35.38
N ILE C 3465 97.92 73.56 -35.58
CA ILE C 3465 97.00 74.13 -34.60
C ILE C 3465 97.08 73.37 -33.28
N VAL C 3466 97.11 72.04 -33.35
CA VAL C 3466 97.20 71.22 -32.14
C VAL C 3466 98.53 71.47 -31.43
N ALA C 3467 99.63 71.55 -32.19
CA ALA C 3467 100.94 71.80 -31.59
C ALA C 3467 100.98 73.17 -30.92
N ALA C 3468 100.35 74.18 -31.53
CA ALA C 3468 100.33 75.51 -30.92
C ALA C 3468 99.44 75.54 -29.67
N LEU C 3469 98.31 74.84 -29.70
CA LEU C 3469 97.35 74.86 -28.60
C LEU C 3469 97.73 73.95 -27.45
N LYS C 3470 98.66 73.01 -27.66
CA LYS C 3470 99.01 72.07 -26.60
C LYS C 3470 99.68 72.77 -25.41
N ARG C 3471 100.54 73.76 -25.68
CA ARG C 3471 101.35 74.33 -24.62
C ARG C 3471 100.59 75.37 -23.80
N LEU C 3472 100.23 76.51 -24.43
CA LEU C 3472 99.63 77.60 -23.68
C LEU C 3472 98.57 78.37 -24.45
N LEU C 3473 98.17 77.93 -25.64
CA LEU C 3473 97.27 78.71 -26.46
C LEU C 3473 95.84 78.25 -26.25
N PRO C 3474 95.00 79.01 -25.54
CA PRO C 3474 93.58 78.65 -25.44
C PRO C 3474 92.73 79.43 -26.43
N ILE C 3475 93.33 80.43 -27.08
CA ILE C 3475 92.60 81.24 -28.04
C ILE C 3475 92.22 80.41 -29.25
N GLY C 3476 93.09 79.51 -29.67
CA GLY C 3476 92.75 78.61 -30.77
C GLY C 3476 91.57 77.72 -30.44
N LEU C 3477 91.51 77.22 -29.21
CA LEU C 3477 90.36 76.42 -28.79
C LEU C 3477 89.10 77.26 -28.73
N ASN C 3478 89.20 78.49 -28.22
CA ASN C 3478 88.05 79.38 -28.16
C ASN C 3478 87.55 79.77 -29.55
N ILE C 3479 88.44 79.79 -30.55
CA ILE C 3479 88.02 80.09 -31.91
C ILE C 3479 87.49 78.84 -32.63
N CYS C 3480 88.03 77.66 -32.32
CA CYS C 3480 87.61 76.44 -32.98
C CYS C 3480 86.32 75.86 -32.39
N ALA C 3481 85.98 76.23 -31.15
CA ALA C 3481 84.74 75.72 -30.56
C ALA C 3481 83.49 76.14 -31.33
N PRO C 3482 83.30 77.40 -31.75
CA PRO C 3482 82.15 77.71 -32.62
C PRO C 3482 82.19 76.97 -33.94
N GLY C 3483 83.37 76.73 -34.51
CA GLY C 3483 83.44 75.97 -35.75
C GLY C 3483 82.99 74.53 -35.57
N ASP C 3484 83.44 73.88 -34.49
CA ASP C 3484 83.00 72.53 -34.21
C ASP C 3484 81.51 72.49 -33.90
N GLN C 3485 81.00 73.49 -33.18
CA GLN C 3485 79.57 73.55 -32.90
C GLN C 3485 78.75 73.69 -34.18
N GLU C 3486 79.20 74.55 -35.10
CA GLU C 3486 78.51 74.70 -36.38
C GLU C 3486 78.58 73.44 -37.22
N LEU C 3487 79.74 72.76 -37.20
CA LEU C 3487 79.87 71.51 -37.95
C LEU C 3487 78.97 70.42 -37.39
N ILE C 3488 78.82 70.38 -36.06
CA ILE C 3488 77.95 69.39 -35.44
C ILE C 3488 76.48 69.72 -35.74
N ALA C 3489 76.14 71.01 -35.71
CA ALA C 3489 74.76 71.41 -35.97
C ALA C 3489 74.36 71.17 -37.43
N LEU C 3490 75.30 71.39 -38.35
CA LEU C 3490 74.99 71.17 -39.77
C LEU C 3490 74.76 69.70 -40.08
N ALA C 3491 75.50 68.81 -39.43
CA ALA C 3491 75.36 67.38 -39.64
C ALA C 3491 74.36 66.73 -38.69
N LYS C 3492 73.69 67.52 -37.86
CA LYS C 3492 72.71 66.94 -36.94
C LYS C 3492 71.50 66.38 -37.68
N ASN C 3493 71.02 67.09 -38.71
CA ASN C 3493 69.87 66.63 -39.48
C ASN C 3493 70.03 67.17 -40.91
N ARG C 3494 70.56 66.33 -41.79
CA ARG C 3494 70.75 66.71 -43.18
C ARG C 3494 70.48 65.50 -44.07
N PHE C 3495 69.73 65.71 -45.15
CA PHE C 3495 69.41 64.65 -46.10
C PHE C 3495 69.87 64.96 -47.52
N SER C 3496 69.67 66.19 -47.99
CA SER C 3496 70.08 66.55 -49.35
C SER C 3496 71.60 66.48 -49.48
N LEU C 3497 72.32 67.02 -48.50
CA LEU C 3497 73.78 66.92 -48.50
C LEU C 3497 74.21 65.46 -48.40
N LYS C 3498 73.47 64.66 -47.61
CA LYS C 3498 73.81 63.25 -47.45
C LYS C 3498 73.70 62.50 -48.77
N ASP C 3499 72.63 62.75 -49.54
CA ASP C 3499 72.48 62.04 -50.80
C ASP C 3499 73.39 62.60 -51.89
N THR C 3500 73.72 63.89 -51.84
CA THR C 3500 74.63 64.46 -52.85
C THR C 3500 76.09 64.12 -52.56
N GLU C 3501 76.43 63.76 -51.33
CA GLU C 3501 77.80 63.39 -51.02
C GLU C 3501 78.24 62.16 -51.79
N GLU C 3502 77.31 61.21 -52.00
CA GLU C 3502 77.64 60.00 -52.74
C GLU C 3502 78.03 60.32 -54.18
N GLU C 3503 77.24 61.15 -54.87
CA GLU C 3503 77.56 61.49 -56.25
C GLU C 3503 78.77 62.42 -56.32
N VAL C 3504 78.99 63.25 -55.29
CA VAL C 3504 80.19 64.07 -55.26
C VAL C 3504 81.43 63.20 -55.17
N ARG C 3505 81.41 62.18 -54.30
CA ARG C 3505 82.53 61.26 -54.20
C ARG C 3505 82.68 60.41 -55.45
N ASP C 3506 81.56 60.05 -56.10
CA ASP C 3506 81.64 59.28 -57.33
C ASP C 3506 82.25 60.08 -58.47
N ILE C 3507 81.93 61.39 -58.55
CA ILE C 3507 82.46 62.23 -59.61
C ILE C 3507 83.97 62.40 -59.42
N ILE C 3508 84.40 62.73 -58.21
CA ILE C 3508 85.82 62.93 -57.92
C ILE C 3508 86.46 61.59 -57.61
N ARG C 3509 87.04 60.95 -58.63
CA ARG C 3509 87.70 59.67 -58.43
C ARG C 3509 89.03 59.80 -57.69
N SER C 3510 89.64 60.99 -57.73
CA SER C 3510 90.92 61.18 -57.06
C SER C 3510 90.73 61.23 -55.55
N ASN C 3511 91.69 60.68 -54.82
CA ASN C 3511 91.68 60.67 -53.37
C ASN C 3511 93.05 61.05 -52.85
N ILE C 3512 93.08 61.83 -51.77
CA ILE C 3512 94.33 62.29 -51.19
C ILE C 3512 94.72 61.39 -50.03
N HIS C 3513 93.82 61.25 -49.05
CA HIS C 3513 94.03 60.43 -47.86
C HIS C 3513 95.29 60.86 -47.10
N LEU C 3514 95.34 62.15 -46.77
CA LEU C 3514 96.46 62.71 -46.04
C LEU C 3514 96.34 62.57 -44.53
N GLN C 3515 95.22 62.01 -44.04
CA GLN C 3515 95.07 61.83 -42.60
C GLN C 3515 96.04 60.79 -42.07
N GLY C 3516 96.27 59.72 -42.82
CA GLY C 3516 97.19 58.68 -42.38
C GLY C 3516 98.66 59.06 -42.50
N LYS C 3517 98.97 60.08 -43.31
CA LYS C 3517 100.36 60.50 -43.46
C LYS C 3517 100.89 61.13 -42.18
N LEU C 3518 100.04 61.90 -41.48
CA LEU C 3518 100.41 62.59 -40.24
C LEU C 3518 101.61 63.51 -40.44
N GLU C 3519 101.63 64.21 -41.57
CA GLU C 3519 102.72 65.13 -41.88
C GLU C 3519 102.22 66.31 -42.71
N LEU C 3551 87.01 61.39 -53.98
CA LEU C 3551 86.79 62.08 -52.72
C LEU C 3551 88.12 62.42 -52.05
N GLY C 3552 88.50 63.70 -52.11
CA GLY C 3552 89.73 64.13 -51.48
C GLY C 3552 89.68 64.03 -49.97
N ILE C 3553 88.54 64.38 -49.37
CA ILE C 3553 88.36 64.32 -47.93
C ILE C 3553 86.91 63.97 -47.65
N ALA C 3554 86.68 63.35 -46.49
CA ALA C 3554 85.36 62.93 -46.07
C ALA C 3554 84.86 63.83 -44.93
N ASN C 3555 83.62 63.57 -44.50
CA ASN C 3555 83.04 64.37 -43.42
C ASN C 3555 83.68 64.03 -42.08
N VAL C 3556 83.86 62.74 -41.80
CA VAL C 3556 84.44 62.28 -40.55
C VAL C 3556 85.74 61.55 -40.87
N LEU C 3557 86.84 62.03 -40.33
CA LEU C 3557 88.16 61.44 -40.56
C LEU C 3557 88.99 61.67 -39.29
N PHE C 3558 90.32 61.51 -39.43
CA PHE C 3558 91.21 61.69 -38.29
C PHE C 3558 91.21 63.14 -37.79
N HIS C 3559 91.07 64.11 -38.71
CA HIS C 3559 91.04 65.51 -38.30
C HIS C 3559 89.82 65.82 -37.44
N LEU C 3560 88.66 65.21 -37.78
CA LEU C 3560 87.46 65.41 -36.97
C LEU C 3560 87.63 64.81 -35.58
N GLU C 3561 88.26 63.63 -35.49
CA GLU C 3561 88.52 63.03 -34.18
C GLU C 3561 89.48 63.88 -33.36
N GLN C 3562 90.51 64.44 -34.01
CA GLN C 3562 91.44 65.32 -33.30
C GLN C 3562 90.76 66.58 -32.81
N LYS C 3563 89.85 67.13 -33.63
CA LYS C 3563 89.12 68.33 -33.22
C LYS C 3563 88.17 68.03 -32.06
N SER C 3564 87.49 66.88 -32.10
CA SER C 3564 86.55 66.52 -31.04
C SER C 3564 87.24 66.00 -29.79
N LYS C 3565 88.52 65.63 -29.86
CA LYS C 3565 89.22 65.14 -28.68
C LYS C 3565 89.44 66.26 -27.66
N TYR C 3566 89.76 67.46 -28.15
CA TYR C 3566 90.02 68.63 -27.31
C TYR C 3566 91.11 68.37 -26.26
N PRO C 3611 46.49 41.49 -85.92
CA PRO C 3611 45.07 41.26 -86.23
C PRO C 3611 44.73 39.77 -86.23
N ARG C 3612 45.74 38.92 -86.40
CA ARG C 3612 45.51 37.48 -86.39
C ARG C 3612 45.03 37.01 -85.02
N HIS C 3613 45.64 37.51 -83.96
CA HIS C 3613 45.24 37.16 -82.60
C HIS C 3613 44.23 38.17 -82.05
N ARG C 3614 43.13 38.32 -82.79
CA ARG C 3614 42.06 39.24 -82.42
C ARG C 3614 41.26 38.61 -81.28
N ALA C 3615 41.74 38.83 -80.06
CA ALA C 3615 41.06 38.34 -78.86
C ALA C 3615 39.93 39.24 -78.43
N VAL C 3616 39.63 40.30 -79.19
CA VAL C 3616 38.51 41.18 -78.88
C VAL C 3616 37.18 40.44 -78.98
N ASN C 3617 37.08 39.49 -79.91
CA ASN C 3617 35.85 38.71 -80.05
C ASN C 3617 35.53 37.88 -78.80
N LEU C 3618 36.55 37.49 -78.04
CA LEU C 3618 36.34 36.83 -76.76
C LEU C 3618 36.30 37.79 -75.58
N PHE C 3619 36.96 38.95 -75.70
CA PHE C 3619 36.89 39.94 -74.63
C PHE C 3619 35.52 40.57 -74.54
N LEU C 3620 34.86 40.77 -75.68
CA LEU C 3620 33.51 41.32 -75.70
C LEU C 3620 32.49 40.38 -75.06
N GLN C 3621 32.82 39.09 -74.95
CA GLN C 3621 31.93 38.16 -74.28
C GLN C 3621 31.74 38.53 -72.82
N GLY C 3622 32.81 38.95 -72.15
CA GLY C 3622 32.68 39.37 -70.75
C GLY C 3622 31.82 40.60 -70.59
N TYR C 3623 31.89 41.52 -71.55
CA TYR C 3623 31.06 42.72 -71.50
C TYR C 3623 29.61 42.44 -71.89
N GLU C 3624 29.37 41.41 -72.70
CA GLU C 3624 28.03 41.13 -73.21
C GLU C 3624 27.28 40.08 -72.41
N LYS C 3625 27.98 39.28 -71.58
CA LYS C 3625 27.32 38.16 -70.91
C LYS C 3625 26.35 38.63 -69.83
N SER C 3626 26.73 39.64 -69.05
CA SER C 3626 25.92 40.03 -67.91
C SER C 3626 25.57 41.52 -67.92
N TRP C 3627 26.50 42.36 -68.40
CA TRP C 3627 26.26 43.80 -68.39
C TRP C 3627 25.09 44.19 -69.29
N ILE C 3628 25.00 43.59 -70.47
CA ILE C 3628 23.89 43.87 -71.37
C ILE C 3628 22.71 42.94 -71.13
N GLU C 3629 22.92 41.81 -70.44
CA GLU C 3629 21.83 40.88 -70.15
C GLU C 3629 20.83 41.46 -69.17
N THR C 3630 21.18 42.54 -68.48
CA THR C 3630 20.26 43.14 -67.51
C THR C 3630 19.01 43.69 -68.17
N GLU C 3631 19.14 44.23 -69.40
CA GLU C 3631 17.97 44.75 -70.11
C GLU C 3631 16.98 43.63 -70.42
N GLU C 3632 17.49 42.48 -70.90
CA GLU C 3632 16.60 41.36 -71.19
C GLU C 3632 16.06 40.73 -69.91
N HIS C 3633 16.85 40.75 -68.83
CA HIS C 3633 16.35 40.25 -67.55
C HIS C 3633 15.20 41.11 -67.04
N TYR C 3634 15.32 42.43 -67.17
CA TYR C 3634 14.20 43.31 -66.86
C TYR C 3634 13.03 43.07 -67.82
N PHE C 3635 13.32 42.73 -69.07
CA PHE C 3635 12.29 42.36 -70.02
C PHE C 3635 11.84 40.92 -69.75
N GLU C 3636 11.00 40.39 -70.65
CA GLU C 3636 10.37 39.07 -70.58
C GLU C 3636 9.99 38.68 -69.15
N ASP C 3637 10.30 37.44 -68.76
CA ASP C 3637 10.04 36.91 -67.43
C ASP C 3637 8.56 37.00 -67.08
N LYS C 3638 8.17 38.07 -66.38
CA LYS C 3638 6.77 38.26 -66.02
C LYS C 3638 5.90 38.47 -67.25
N LEU C 3639 6.43 39.18 -68.26
CA LEU C 3639 5.66 39.47 -69.47
C LEU C 3639 5.30 38.19 -70.20
N ILE C 3640 6.29 37.36 -70.51
CA ILE C 3640 6.02 36.09 -71.19
C ILE C 3640 5.25 35.14 -70.28
N GLU C 3641 5.51 35.21 -68.97
CA GLU C 3641 4.83 34.33 -68.02
C GLU C 3641 3.34 34.59 -68.00
N ASP C 3642 2.92 35.85 -68.05
CA ASP C 3642 1.51 36.19 -68.10
C ASP C 3642 0.93 36.11 -69.51
N LEU C 3643 1.76 36.29 -70.54
CA LEU C 3643 1.27 36.21 -71.90
C LEU C 3643 0.94 34.77 -72.29
N ALA C 3644 1.81 33.83 -71.93
CA ALA C 3644 1.60 32.44 -72.31
C ALA C 3644 0.56 31.74 -71.42
N LYS C 3645 0.04 32.42 -70.39
CA LYS C 3645 -1.04 31.90 -69.56
C LYS C 3645 -2.16 32.93 -69.48
N PRO C 3646 -2.91 33.14 -70.57
CA PRO C 3646 -4.05 34.06 -70.54
C PRO C 3646 -5.35 33.37 -70.11
N GLY C 3647 -5.34 32.81 -68.91
CA GLY C 3647 -6.51 32.12 -68.41
C GLY C 3647 -6.73 30.81 -69.15
N ALA C 3648 -7.95 30.60 -69.61
CA ALA C 3648 -8.31 29.38 -70.33
C ALA C 3648 -8.18 29.52 -71.84
N GLU C 3649 -7.26 30.38 -72.29
CA GLU C 3649 -6.98 30.64 -73.72
C GLU C 3649 -8.27 31.16 -74.37
N LEU C 3650 -8.42 30.92 -75.68
CA LEU C 3650 -9.63 31.27 -76.42
C LEU C 3650 -10.08 30.04 -77.19
N PRO C 3651 -10.69 29.06 -76.50
CA PRO C 3651 -11.04 27.80 -77.18
C PRO C 3651 -12.25 27.92 -78.09
N GLU C 3652 -13.20 28.77 -77.72
CA GLU C 3652 -14.45 28.97 -78.47
C GLU C 3652 -15.18 27.65 -78.69
N GLU C 3653 -15.20 26.81 -77.65
CA GLU C 3653 -15.85 25.51 -77.73
C GLU C 3653 -17.35 25.63 -77.43
N ALA C 3656 -14.20 20.62 -70.69
CA ALA C 3656 -14.28 20.86 -69.25
C ALA C 3656 -13.05 21.61 -68.75
N MET C 3657 -11.87 21.12 -69.15
CA MET C 3657 -10.61 21.74 -68.75
C MET C 3657 -10.17 22.85 -69.69
N LYS C 3658 -10.97 23.15 -70.72
CA LYS C 3658 -10.67 24.21 -71.71
C LYS C 3658 -9.32 23.98 -72.37
N ARG C 3659 -9.06 22.72 -72.74
CA ARG C 3659 -7.89 22.27 -73.47
C ARG C 3659 -6.58 22.44 -72.70
N VAL C 3660 -6.65 22.79 -71.41
CA VAL C 3660 -5.52 22.88 -70.48
C VAL C 3660 -4.58 24.04 -70.85
N ASP C 3661 -4.09 24.74 -69.83
CA ASP C 3661 -3.18 25.85 -70.05
C ASP C 3661 -1.87 25.36 -70.66
N PRO C 3662 -1.21 26.18 -71.49
CA PRO C 3662 0.07 25.75 -72.07
C PRO C 3662 1.15 25.51 -71.03
N LEU C 3663 1.27 26.36 -70.02
CA LEU C 3663 2.27 26.13 -68.98
C LEU C 3663 1.88 24.96 -68.08
N HIS C 3664 0.59 24.66 -67.97
CA HIS C 3664 0.19 23.43 -67.31
C HIS C 3664 0.76 22.22 -68.05
N GLN C 3665 0.70 22.24 -69.39
CA GLN C 3665 1.31 21.19 -70.18
C GLN C 3665 2.82 21.16 -70.00
N LEU C 3666 3.45 22.33 -69.91
CA LEU C 3666 4.90 22.39 -69.71
C LEU C 3666 5.30 21.79 -68.36
N ILE C 3667 4.56 22.14 -67.30
CA ILE C 3667 4.86 21.60 -65.98
C ILE C 3667 4.60 20.10 -65.94
N LEU C 3668 3.55 19.64 -66.64
CA LEU C 3668 3.29 18.21 -66.73
C LEU C 3668 4.42 17.50 -67.47
N LEU C 3669 4.94 18.11 -68.53
CA LEU C 3669 6.07 17.54 -69.25
C LEU C 3669 7.29 17.42 -68.35
N PHE C 3670 7.59 18.47 -67.59
CA PHE C 3670 8.74 18.42 -66.69
C PHE C 3670 8.54 17.37 -65.60
N SER C 3671 7.32 17.27 -65.07
CA SER C 3671 7.05 16.29 -64.02
C SER C 3671 7.16 14.87 -64.54
N ARG C 3672 6.66 14.62 -65.75
CA ARG C 3672 6.73 13.26 -66.30
C ARG C 3672 8.15 12.92 -66.76
N THR C 3673 8.94 13.92 -67.13
CA THR C 3673 10.35 13.67 -67.41
C THR C 3673 11.11 13.33 -66.13
N ALA C 3674 10.81 14.04 -65.04
CA ALA C 3674 11.41 13.71 -63.75
C ALA C 3674 10.94 12.35 -63.24
N LEU C 3675 9.72 11.94 -63.59
CA LEU C 3675 9.22 10.65 -63.15
C LEU C 3675 9.91 9.50 -63.87
N THR C 3676 10.27 9.70 -65.15
CA THR C 3676 10.98 8.67 -65.89
C THR C 3676 12.42 8.60 -65.39
N GLU C 3677 12.67 7.74 -64.42
CA GLU C 3677 13.97 7.68 -63.77
C GLU C 3677 14.99 6.96 -64.63
N LYS C 3678 16.25 7.38 -64.50
CA LYS C 3678 17.36 6.71 -65.16
C LYS C 3678 18.56 6.59 -64.23
N CYS C 3679 18.36 6.72 -62.92
CA CYS C 3679 19.39 6.67 -61.89
C CYS C 3679 20.46 7.75 -62.09
N LYS C 3680 20.13 8.80 -62.84
CA LYS C 3680 21.05 9.90 -63.08
C LYS C 3680 20.29 11.11 -63.64
N LEU C 3681 20.49 12.28 -63.05
CA LEU C 3681 19.84 13.49 -63.55
C LEU C 3681 20.61 14.03 -64.74
N GLU C 3682 19.88 14.39 -65.80
CA GLU C 3682 20.48 14.85 -67.04
C GLU C 3682 20.87 16.32 -66.91
N GLU C 3683 21.21 16.94 -68.04
CA GLU C 3683 21.61 18.34 -68.06
C GLU C 3683 20.76 19.11 -69.07
N ASP C 3684 19.44 18.94 -68.99
CA ASP C 3684 18.54 19.60 -69.93
C ASP C 3684 18.60 21.11 -69.78
N PHE C 3685 18.75 21.80 -70.90
CA PHE C 3685 18.81 23.26 -70.87
C PHE C 3685 17.43 23.90 -70.68
N LEU C 3686 16.37 23.22 -71.13
CA LEU C 3686 15.02 23.76 -70.98
C LEU C 3686 14.67 23.91 -69.50
N TYR C 3687 15.06 22.94 -68.68
CA TYR C 3687 14.84 23.05 -67.24
C TYR C 3687 15.54 24.29 -66.69
N MET C 3688 16.79 24.52 -67.11
CA MET C 3688 17.53 25.69 -66.64
C MET C 3688 16.80 26.97 -67.00
N ALA C 3689 16.46 27.11 -68.29
CA ALA C 3689 15.87 28.34 -68.79
C ALA C 3689 14.53 28.62 -68.13
N TYR C 3690 13.66 27.60 -68.06
CA TYR C 3690 12.32 27.86 -67.56
C TYR C 3690 12.27 27.94 -66.04
N ALA C 3691 13.13 27.20 -65.32
CA ALA C 3691 13.22 27.40 -63.88
C ALA C 3691 13.69 28.80 -63.55
N ASP C 3692 14.67 29.31 -64.31
CA ASP C 3692 15.09 30.69 -64.13
C ASP C 3692 13.96 31.66 -64.46
N ILE C 3693 13.18 31.35 -65.49
CA ILE C 3693 12.08 32.24 -65.91
C ILE C 3693 11.03 32.32 -64.82
N MET C 3694 10.58 31.16 -64.30
CA MET C 3694 9.59 31.20 -63.22
C MET C 3694 10.16 31.83 -61.95
N ALA C 3695 11.43 31.57 -61.64
CA ALA C 3695 12.02 32.17 -60.45
C ALA C 3695 12.07 33.69 -60.55
N LYS C 3696 12.44 34.22 -61.73
CA LYS C 3696 12.44 35.67 -61.92
C LYS C 3696 11.03 36.23 -61.94
N SER C 3697 10.06 35.47 -62.45
CA SER C 3697 8.68 35.95 -62.46
C SER C 3697 8.11 36.05 -61.05
N CYS C 3698 8.47 35.11 -60.19
CA CYS C 3698 7.88 35.04 -58.85
C CYS C 3698 8.71 35.75 -57.78
N HIS C 3699 9.78 36.43 -58.17
CA HIS C 3699 10.69 37.09 -57.23
C HIS C 3699 10.91 38.54 -57.64
N ASP C 3700 9.82 39.27 -57.87
CA ASP C 3700 9.91 40.67 -58.23
C ASP C 3700 10.45 41.54 -57.09
N GLU C 3701 10.55 41.01 -55.88
CA GLU C 3701 11.09 41.73 -54.74
C GLU C 3701 12.54 42.12 -54.96
N GLU C 3708 12.73 51.97 -49.07
CA GLU C 3708 12.67 52.98 -48.02
C GLU C 3708 11.37 52.86 -47.22
N GLU C 3709 11.03 53.94 -46.51
CA GLU C 3709 9.80 53.95 -45.72
C GLU C 3709 8.60 54.17 -46.63
N VAL C 3710 7.69 53.20 -46.63
CA VAL C 3710 6.48 53.27 -47.46
C VAL C 3710 5.27 53.07 -46.57
N LYS C 3711 4.08 53.02 -47.19
CA LYS C 3711 2.85 52.77 -46.44
C LYS C 3711 2.90 51.39 -45.80
N SER C 3712 3.01 51.35 -44.47
CA SER C 3712 3.23 50.10 -43.76
C SER C 3712 2.05 49.15 -43.84
N PHE C 3713 0.86 49.64 -44.20
CA PHE C 3713 -0.31 48.80 -44.29
C PHE C 3713 -0.95 48.80 -45.68
N GLU C 3714 -0.43 49.58 -46.62
CA GLU C 3714 -0.98 49.64 -47.97
C GLU C 3714 0.01 49.12 -49.01
N GLU C 3715 1.22 49.70 -49.06
CA GLU C 3715 2.22 49.22 -50.01
C GLU C 3715 2.64 47.79 -49.69
N LYS C 3716 2.86 47.49 -48.40
CA LYS C 3716 3.25 46.14 -48.01
C LYS C 3716 2.16 45.13 -48.33
N GLU C 3717 0.90 45.49 -48.06
CA GLU C 3717 -0.20 44.57 -48.36
C GLU C 3717 -0.37 44.37 -49.86
N MET C 3718 -0.19 45.44 -50.65
CA MET C 3718 -0.28 45.29 -52.10
C MET C 3718 0.83 44.40 -52.64
N GLU C 3719 2.05 44.57 -52.13
CA GLU C 3719 3.15 43.70 -52.55
C GLU C 3719 2.89 42.25 -52.16
N LYS C 3720 2.37 42.02 -50.94
CA LYS C 3720 2.05 40.68 -50.52
C LYS C 3720 0.96 40.06 -51.38
N GLN C 3721 -0.06 40.85 -51.74
CA GLN C 3721 -1.13 40.33 -52.59
C GLN C 3721 -0.61 39.99 -53.98
N LYS C 3722 0.26 40.83 -54.55
CA LYS C 3722 0.81 40.53 -55.86
C LYS C 3722 1.67 39.28 -55.82
N LEU C 3723 2.50 39.13 -54.78
CA LEU C 3723 3.31 37.93 -54.65
C LEU C 3723 2.44 36.69 -54.47
N LEU C 3724 1.38 36.79 -53.69
CA LEU C 3724 0.48 35.65 -53.51
C LEU C 3724 -0.22 35.29 -54.81
N TYR C 3725 -0.60 36.30 -55.60
CA TYR C 3725 -1.22 36.03 -56.90
C TYR C 3725 -0.26 35.31 -57.83
N GLN C 3726 1.01 35.77 -57.88
CA GLN C 3726 1.99 35.11 -58.74
C GLN C 3726 2.26 33.68 -58.28
N GLN C 3727 2.40 33.48 -56.97
CA GLN C 3727 2.63 32.14 -56.44
C GLN C 3727 1.45 31.22 -56.73
N ALA C 3728 0.22 31.75 -56.60
CA ALA C 3728 -0.96 30.96 -56.90
C ALA C 3728 -1.03 30.59 -58.37
N ARG C 3729 -0.68 31.52 -59.26
CA ARG C 3729 -0.66 31.23 -60.68
C ARG C 3729 0.34 30.12 -61.00
N LEU C 3730 1.53 30.18 -60.37
CA LEU C 3730 2.53 29.16 -60.64
C LEU C 3730 2.13 27.80 -60.07
N HIS C 3731 1.69 27.76 -58.80
CA HIS C 3731 1.48 26.50 -58.11
C HIS C 3731 0.09 25.92 -58.32
N ASP C 3732 -0.80 26.62 -59.02
CA ASP C 3732 -2.10 26.04 -59.32
C ASP C 3732 -2.03 24.99 -60.43
N ARG C 3733 -0.87 24.82 -61.05
CA ARG C 3733 -0.67 23.87 -62.14
C ARG C 3733 0.37 22.82 -61.78
N GLY C 3734 0.41 22.43 -60.51
CA GLY C 3734 1.31 21.38 -60.04
C GLY C 3734 2.78 21.75 -60.06
N ALA C 3735 3.11 23.00 -59.72
CA ALA C 3735 4.52 23.40 -59.69
C ALA C 3735 5.24 22.81 -58.48
N ALA C 3736 4.52 22.59 -57.37
CA ALA C 3736 5.16 22.00 -56.19
C ALA C 3736 5.56 20.55 -56.46
N GLU C 3737 4.71 19.80 -57.19
CA GLU C 3737 5.01 18.41 -57.49
C GLU C 3737 6.27 18.29 -58.35
N MET C 3738 6.43 19.21 -59.31
CA MET C 3738 7.62 19.19 -60.16
C MET C 3738 8.89 19.38 -59.35
N VAL C 3739 8.89 20.36 -58.45
CA VAL C 3739 10.06 20.63 -57.62
C VAL C 3739 10.35 19.45 -56.71
N LEU C 3740 9.30 18.89 -56.10
CA LEU C 3740 9.48 17.77 -55.18
C LEU C 3740 10.03 16.55 -55.90
N GLN C 3741 9.50 16.25 -57.09
CA GLN C 3741 9.98 15.09 -57.85
C GLN C 3741 11.41 15.30 -58.32
N THR C 3742 11.74 16.52 -58.77
CA THR C 3742 13.10 16.78 -59.22
C THR C 3742 14.10 16.66 -58.08
N ILE C 3743 13.72 17.14 -56.89
CA ILE C 3743 14.60 16.99 -55.72
C ILE C 3743 14.76 15.51 -55.37
N SER C 3744 13.65 14.76 -55.38
CA SER C 3744 13.72 13.34 -55.05
C SER C 3744 14.47 12.53 -56.09
N ALA C 3745 14.60 13.03 -57.32
CA ALA C 3745 15.27 12.27 -58.37
C ALA C 3745 16.78 12.22 -58.13
N SER C 3746 17.42 13.39 -58.06
CA SER C 3746 18.87 13.46 -57.86
C SER C 3746 19.19 13.05 -56.43
N LYS C 3747 19.69 11.83 -56.26
CA LYS C 3747 20.00 11.29 -54.93
C LYS C 3747 21.41 11.75 -54.55
N GLY C 3748 21.48 12.98 -54.05
CA GLY C 3748 22.74 13.52 -53.55
C GLY C 3748 23.63 14.18 -54.58
N GLU C 3749 23.27 14.14 -55.85
CA GLU C 3749 24.08 14.77 -56.89
C GLU C 3749 23.85 16.28 -56.85
N THR C 3750 24.91 17.03 -56.59
CA THR C 3750 24.82 18.48 -56.44
C THR C 3750 25.10 19.18 -57.77
N GLY C 3751 24.31 18.82 -58.77
CA GLY C 3751 24.39 19.46 -60.06
C GLY C 3751 23.66 20.78 -60.07
N PRO C 3752 23.77 21.50 -61.19
CA PRO C 3752 23.07 22.79 -61.31
C PRO C 3752 21.57 22.64 -61.43
N MET C 3753 21.07 21.46 -61.81
CA MET C 3753 19.62 21.24 -61.84
C MET C 3753 19.02 21.36 -60.45
N VAL C 3754 19.70 20.82 -59.44
CA VAL C 3754 19.22 20.94 -58.07
C VAL C 3754 19.25 22.40 -57.63
N ALA C 3755 20.27 23.15 -58.07
CA ALA C 3755 20.33 24.57 -57.75
C ALA C 3755 19.15 25.33 -58.35
N ALA C 3756 18.84 25.06 -59.62
CA ALA C 3756 17.70 25.73 -60.26
C ALA C 3756 16.39 25.33 -59.59
N THR C 3757 16.25 24.05 -59.24
CA THR C 3757 15.03 23.59 -58.58
C THR C 3757 14.87 24.23 -57.21
N LEU C 3758 15.95 24.37 -56.46
CA LEU C 3758 15.87 25.03 -55.16
C LEU C 3758 15.58 26.51 -55.30
N LYS C 3759 16.11 27.16 -56.33
CA LYS C 3759 15.75 28.55 -56.58
C LYS C 3759 14.27 28.69 -56.89
N LEU C 3760 13.72 27.79 -57.71
CA LEU C 3760 12.29 27.80 -57.98
C LEU C 3760 11.49 27.54 -56.71
N GLY C 3761 11.98 26.64 -55.86
CA GLY C 3761 11.28 26.34 -54.61
C GLY C 3761 11.23 27.53 -53.67
N ILE C 3762 12.35 28.25 -53.52
CA ILE C 3762 12.34 29.40 -52.64
C ILE C 3762 11.56 30.56 -53.27
N ALA C 3763 11.49 30.61 -54.60
CA ALA C 3763 10.64 31.60 -55.25
C ALA C 3763 9.17 31.31 -55.01
N ILE C 3764 8.81 30.02 -55.00
CA ILE C 3764 7.42 29.64 -54.74
C ILE C 3764 7.06 29.89 -53.28
N LEU C 3765 7.94 29.50 -52.36
CA LEU C 3765 7.64 29.57 -50.93
C LEU C 3765 8.05 30.89 -50.30
N ASN C 3766 8.29 31.93 -51.10
CA ASN C 3766 8.66 33.23 -50.56
C ASN C 3766 7.52 33.80 -49.75
N GLY C 3767 7.76 34.09 -48.48
CA GLY C 3767 6.73 34.49 -47.55
C GLY C 3767 6.06 33.35 -46.82
N GLY C 3768 6.31 32.11 -47.22
CA GLY C 3768 5.76 30.96 -46.53
C GLY C 3768 4.26 30.78 -46.71
N ASN C 3769 3.82 30.51 -47.93
CA ASN C 3769 2.41 30.24 -48.17
C ASN C 3769 1.99 28.94 -47.49
N SER C 3770 0.81 28.94 -46.90
CA SER C 3770 0.29 27.71 -46.29
C SER C 3770 -0.22 26.73 -47.34
N THR C 3771 -0.68 27.24 -48.49
CA THR C 3771 -1.25 26.36 -49.51
C THR C 3771 -0.18 25.45 -50.12
N VAL C 3772 0.97 26.01 -50.47
CA VAL C 3772 2.02 25.19 -51.08
C VAL C 3772 2.60 24.22 -50.06
N GLN C 3773 2.72 24.64 -48.80
CA GLN C 3773 3.18 23.72 -47.76
C GLN C 3773 2.20 22.57 -47.57
N GLN C 3774 0.90 22.87 -47.56
CA GLN C 3774 -0.10 21.81 -47.44
C GLN C 3774 -0.06 20.87 -48.63
N LYS C 3775 0.12 21.42 -49.84
CA LYS C 3775 0.18 20.57 -51.03
C LYS C 3775 1.40 19.66 -51.00
N MET C 3776 2.57 20.19 -50.63
CA MET C 3776 3.76 19.34 -50.54
C MET C 3776 3.60 18.28 -49.46
N LEU C 3777 3.00 18.65 -48.32
CA LEU C 3777 2.83 17.68 -47.24
C LEU C 3777 1.88 16.56 -47.65
N ASP C 3778 0.75 16.89 -48.27
CA ASP C 3778 -0.18 15.83 -48.65
C ASP C 3778 0.36 14.99 -49.79
N TYR C 3779 1.14 15.58 -50.70
CA TYR C 3779 1.79 14.80 -51.74
C TYR C 3779 2.78 13.81 -51.15
N LEU C 3780 3.64 14.27 -50.23
CA LEU C 3780 4.61 13.38 -49.62
C LEU C 3780 3.94 12.32 -48.75
N LYS C 3781 2.78 12.64 -48.17
CA LYS C 3781 2.08 11.65 -47.37
C LYS C 3781 1.43 10.58 -48.25
N GLU C 3782 0.79 11.00 -49.35
CA GLU C 3782 0.07 10.04 -50.18
C GLU C 3782 1.00 9.22 -51.06
N LYS C 3783 2.15 9.77 -51.46
CA LYS C 3783 3.07 9.04 -52.32
C LYS C 3783 4.10 8.22 -51.55
N LYS C 3784 4.25 8.46 -50.24
CA LYS C 3784 5.21 7.76 -49.40
C LYS C 3784 6.62 7.86 -49.98
N ASP C 3785 6.97 9.05 -50.46
CA ASP C 3785 8.26 9.28 -51.10
C ASP C 3785 9.37 9.19 -50.05
N VAL C 3786 10.22 8.18 -50.17
CA VAL C 3786 11.34 8.03 -49.25
C VAL C 3786 12.62 8.64 -49.81
N GLY C 3787 12.80 8.61 -51.13
CA GLY C 3787 14.01 9.11 -51.74
C GLY C 3787 14.19 10.62 -51.65
N PHE C 3788 13.11 11.34 -51.35
CA PHE C 3788 13.21 12.80 -51.21
C PHE C 3788 14.06 13.18 -50.01
N PHE C 3789 13.78 12.61 -48.85
CA PHE C 3789 14.54 12.92 -47.65
C PHE C 3789 15.96 12.38 -47.74
N GLN C 3790 16.14 11.22 -48.36
CA GLN C 3790 17.48 10.69 -48.58
C GLN C 3790 18.29 11.61 -49.50
N SER C 3791 17.66 12.13 -50.55
CA SER C 3791 18.33 13.08 -51.43
C SER C 3791 18.69 14.36 -50.70
N LEU C 3792 17.78 14.84 -49.84
CA LEU C 3792 18.09 16.03 -49.06
C LEU C 3792 19.26 15.81 -48.12
N ALA C 3793 19.30 14.65 -47.46
CA ALA C 3793 20.41 14.33 -46.56
C ALA C 3793 21.72 14.23 -47.33
N GLY C 3794 21.69 13.61 -48.51
CA GLY C 3794 22.90 13.53 -49.33
C GLY C 3794 23.37 14.89 -49.81
N LEU C 3795 22.42 15.75 -50.20
CA LEU C 3795 22.78 17.09 -50.64
C LEU C 3795 23.41 17.90 -49.51
N MET C 3796 22.86 17.78 -48.30
CA MET C 3796 23.44 18.51 -47.17
C MET C 3796 24.77 17.91 -46.76
N GLN C 3797 24.96 16.60 -46.91
CA GLN C 3797 26.24 15.98 -46.61
C GLN C 3797 27.31 16.37 -47.62
N SER C 3798 26.93 16.59 -48.87
CA SER C 3798 27.88 16.96 -49.91
C SER C 3798 28.15 18.45 -49.97
N CYS C 3799 27.57 19.23 -49.06
CA CYS C 3799 27.80 20.67 -49.05
C CYS C 3799 29.26 20.97 -48.69
N SER C 3800 29.77 22.07 -49.23
CA SER C 3800 31.17 22.43 -49.07
C SER C 3800 31.42 23.01 -47.68
N VAL C 3801 32.67 23.37 -47.43
CA VAL C 3801 33.12 23.93 -46.16
C VAL C 3801 34.17 24.99 -46.46
N LEU C 3802 34.63 25.69 -45.41
CA LEU C 3802 35.58 26.78 -45.59
C LEU C 3802 36.89 26.28 -46.19
N ASP C 3803 37.38 25.12 -45.72
CA ASP C 3803 38.52 24.41 -46.32
C ASP C 3803 39.78 25.29 -46.32
N LEU C 3804 40.29 25.52 -45.11
CA LEU C 3804 41.47 26.38 -44.93
C LEU C 3804 42.65 25.91 -45.76
N ASN C 3805 42.79 24.60 -45.98
CA ASN C 3805 43.91 24.09 -46.78
C ASN C 3805 43.88 24.61 -48.21
N ALA C 3806 42.68 24.79 -48.78
CA ALA C 3806 42.57 25.36 -50.11
C ALA C 3806 43.10 26.79 -50.14
N PHE C 3807 42.77 27.59 -49.11
CA PHE C 3807 43.30 28.95 -49.04
C PHE C 3807 44.81 28.94 -48.84
N GLU C 3808 45.31 27.99 -48.05
CA GLU C 3808 46.76 27.87 -47.84
C GLU C 3808 47.48 27.56 -49.14
N ARG C 3809 46.91 26.69 -49.96
CA ARG C 3809 47.50 26.41 -51.27
C ARG C 3809 47.32 27.59 -52.22
N GLN C 3810 46.22 28.34 -52.08
CA GLN C 3810 45.94 29.41 -53.03
C GLN C 3810 46.84 30.62 -52.80
N ASN C 3811 47.09 30.99 -51.55
CA ASN C 3811 47.91 32.17 -51.29
C ASN C 3811 49.36 31.98 -51.74
N LYS C 3812 49.80 30.73 -51.89
CA LYS C 3812 51.11 30.44 -52.47
C LYS C 3812 50.99 30.24 -53.98
N ALA C 3813 50.51 31.29 -54.65
CA ALA C 3813 50.27 31.26 -56.09
C ALA C 3813 51.57 31.57 -56.82
N GLU C 3814 51.46 31.86 -58.12
CA GLU C 3814 52.61 32.23 -58.95
C GLU C 3814 53.28 33.47 -58.40
N GLY C 3815 54.49 33.31 -57.85
CA GLY C 3815 55.13 34.40 -57.14
C GLY C 3815 54.37 34.72 -55.86
N LEU C 3816 53.70 35.87 -55.86
CA LEU C 3816 52.80 36.23 -54.76
C LEU C 3816 51.54 36.83 -55.37
N GLY C 3817 50.38 36.33 -54.96
CA GLY C 3817 49.12 36.77 -55.53
C GLY C 3817 48.83 36.12 -56.86
N MET C 3818 47.67 36.47 -57.41
CA MET C 3818 47.21 35.91 -58.68
C MET C 3818 47.85 36.69 -59.84
N VAL C 3819 49.15 36.46 -60.00
CA VAL C 3819 49.89 37.12 -61.07
C VAL C 3819 49.49 36.57 -62.43
N THR C 3820 49.34 35.25 -62.54
CA THR C 3820 49.04 34.65 -63.84
C THR C 3820 47.60 34.95 -64.28
N GLU C 3821 46.68 35.13 -63.32
CA GLU C 3821 45.29 35.48 -63.58
C GLU C 3821 44.63 34.51 -64.56
N GLU C 3822 45.01 33.23 -64.51
CA GLU C 3822 44.45 32.25 -65.44
C GLU C 3822 42.97 32.00 -65.13
N GLY C 3823 42.62 31.91 -63.85
CA GLY C 3823 41.24 31.69 -63.46
C GLY C 3823 40.95 32.21 -62.07
N SER C 3824 39.88 33.01 -61.94
CA SER C 3824 39.48 33.58 -60.66
C SER C 3824 38.49 32.72 -59.91
N GLY C 3825 38.52 31.40 -60.14
CA GLY C 3825 37.62 30.51 -59.43
C GLY C 3825 37.92 30.48 -57.94
N GLU C 3826 36.87 30.23 -57.16
CA GLU C 3826 37.00 30.25 -55.71
C GLU C 3826 37.84 29.08 -55.21
N LYS C 3827 37.34 27.85 -55.41
CA LYS C 3827 38.03 26.61 -55.08
C LYS C 3827 38.33 26.47 -53.59
N VAL C 3828 37.89 27.43 -52.78
CA VAL C 3828 38.06 27.38 -51.33
C VAL C 3828 36.72 27.26 -50.62
N LEU C 3829 35.72 28.03 -51.06
CA LEU C 3829 34.33 27.85 -50.65
C LEU C 3829 33.56 27.59 -51.94
N GLN C 3830 33.30 26.31 -52.23
CA GLN C 3830 32.84 25.88 -53.54
C GLN C 3830 31.48 26.47 -53.91
N ASP C 3831 30.43 26.09 -53.18
CA ASP C 3831 29.06 26.52 -53.50
C ASP C 3831 28.39 27.07 -52.23
N ASP C 3832 28.65 28.35 -51.94
CA ASP C 3832 27.96 28.99 -50.84
C ASP C 3832 26.53 29.36 -51.21
N GLU C 3833 26.32 29.76 -52.48
CA GLU C 3833 24.98 30.10 -52.94
C GLU C 3833 24.06 28.89 -52.89
N PHE C 3834 24.56 27.72 -53.31
CA PHE C 3834 23.73 26.52 -53.29
C PHE C 3834 23.35 26.12 -51.87
N THR C 3835 24.31 26.18 -50.95
CA THR C 3835 24.02 25.85 -49.56
C THR C 3835 23.04 26.83 -48.95
N CYS C 3836 23.22 28.13 -49.22
CA CYS C 3836 22.29 29.13 -48.72
C CYS C 3836 20.89 28.92 -49.28
N ASP C 3837 20.79 28.61 -50.57
CA ASP C 3837 19.48 28.36 -51.17
C ASP C 3837 18.82 27.13 -50.58
N LEU C 3838 19.59 26.07 -50.35
CA LEU C 3838 19.03 24.85 -49.78
C LEU C 3838 18.53 25.08 -48.37
N PHE C 3839 19.32 25.77 -47.55
CA PHE C 3839 18.89 26.00 -46.18
C PHE C 3839 17.75 27.01 -46.11
N ARG C 3840 17.70 27.97 -47.03
CA ARG C 3840 16.54 28.86 -47.10
C ARG C 3840 15.29 28.11 -47.52
N PHE C 3841 15.42 27.15 -48.44
CA PHE C 3841 14.29 26.31 -48.81
C PHE C 3841 13.80 25.50 -47.61
N LEU C 3842 14.73 24.94 -46.85
CA LEU C 3842 14.34 24.17 -45.67
C LEU C 3842 13.67 25.05 -44.63
N GLN C 3843 14.16 26.28 -44.46
CA GLN C 3843 13.55 27.20 -43.50
C GLN C 3843 12.15 27.62 -43.93
N LEU C 3844 11.98 27.97 -45.21
CA LEU C 3844 10.66 28.31 -45.73
C LEU C 3844 9.71 27.12 -45.73
N LEU C 3845 10.24 25.90 -45.74
CA LEU C 3845 9.39 24.72 -45.69
C LEU C 3845 8.67 24.59 -44.36
N CYS C 3846 9.20 25.21 -43.30
CA CYS C 3846 8.59 25.15 -41.98
C CYS C 3846 8.23 26.52 -41.43
N GLU C 3847 8.22 27.55 -42.26
CA GLU C 3847 7.90 28.90 -41.80
C GLU C 3847 6.42 29.00 -41.43
N GLY C 3848 6.10 29.99 -40.60
CA GLY C 3848 4.75 30.20 -40.15
C GLY C 3848 4.31 29.31 -39.00
N HIS C 3849 5.24 28.55 -38.42
CA HIS C 3849 4.95 27.63 -37.31
C HIS C 3849 3.83 26.66 -37.67
N ASN C 3850 3.94 26.09 -38.87
CA ASN C 3850 2.96 25.08 -39.31
C ASN C 3850 2.99 23.86 -38.41
N SER C 3851 4.21 23.39 -38.08
CA SER C 3851 4.48 22.34 -37.09
C SER C 3851 4.06 20.96 -37.58
N ASP C 3852 3.26 20.90 -38.66
CA ASP C 3852 2.99 19.62 -39.29
C ASP C 3852 4.19 19.13 -40.07
N PHE C 3853 4.84 20.03 -40.81
CA PHE C 3853 6.12 19.68 -41.42
C PHE C 3853 7.18 19.44 -40.36
N GLN C 3854 7.17 20.25 -39.29
CA GLN C 3854 8.17 20.10 -38.24
C GLN C 3854 8.07 18.73 -37.57
N ASN C 3855 6.85 18.25 -37.34
CA ASN C 3855 6.69 16.89 -36.82
C ASN C 3855 6.98 15.84 -37.89
N TYR C 3856 6.64 16.13 -39.15
CA TYR C 3856 6.87 15.15 -40.22
C TYR C 3856 8.34 15.07 -40.59
N LEU C 3857 9.01 16.22 -40.69
CA LEU C 3857 10.41 16.24 -41.11
C LEU C 3857 11.34 15.60 -40.10
N ARG C 3858 10.95 15.54 -38.83
CA ARG C 3858 11.82 14.95 -37.81
C ARG C 3858 11.85 13.42 -37.91
N THR C 3859 10.69 12.80 -38.14
CA THR C 3859 10.58 11.34 -38.08
C THR C 3859 10.13 10.70 -39.37
N GLN C 3860 9.20 11.31 -40.10
CA GLN C 3860 8.55 10.71 -41.26
C GLN C 3860 7.93 9.36 -40.89
N THR C 3861 6.98 9.41 -39.97
CA THR C 3861 6.35 8.19 -39.46
C THR C 3861 5.52 7.48 -40.52
N GLY C 3862 5.09 8.18 -41.57
CA GLY C 3862 4.35 7.53 -42.64
C GLY C 3862 5.20 6.55 -43.42
N ASN C 3863 6.45 6.90 -43.69
CA ASN C 3863 7.34 6.06 -44.46
C ASN C 3863 8.02 5.02 -43.57
N ASN C 3864 8.57 3.99 -44.21
CA ASN C 3864 9.25 2.93 -43.48
C ASN C 3864 10.61 3.39 -42.96
N THR C 3865 11.30 4.23 -43.72
CA THR C 3865 12.63 4.71 -43.36
C THR C 3865 12.52 6.07 -42.68
N THR C 3866 13.21 6.23 -41.56
CA THR C 3866 13.18 7.45 -40.78
C THR C 3866 14.56 8.10 -40.78
N VAL C 3867 14.62 9.37 -41.17
CA VAL C 3867 15.85 10.15 -41.15
C VAL C 3867 15.56 11.48 -40.47
N ASN C 3868 16.57 12.01 -39.79
CA ASN C 3868 16.45 13.24 -39.00
C ASN C 3868 17.27 14.32 -39.68
N ILE C 3869 16.60 15.16 -40.48
CA ILE C 3869 17.27 16.26 -41.14
C ILE C 3869 17.73 17.32 -40.15
N ILE C 3870 17.04 17.44 -39.01
CA ILE C 3870 17.47 18.37 -37.97
C ILE C 3870 18.86 18.01 -37.45
N ILE C 3871 19.08 16.71 -37.21
CA ILE C 3871 20.39 16.26 -36.74
C ILE C 3871 21.47 16.55 -37.77
N SER C 3872 21.19 16.26 -39.05
CA SER C 3872 22.18 16.50 -40.09
C SER C 3872 22.48 17.99 -40.23
N THR C 3873 21.47 18.84 -40.03
CA THR C 3873 21.70 20.28 -39.98
C THR C 3873 22.61 20.63 -38.82
N VAL C 3874 22.44 19.96 -37.67
CA VAL C 3874 23.30 20.20 -36.53
C VAL C 3874 24.75 19.83 -36.84
N ASP C 3875 24.96 18.68 -37.51
CA ASP C 3875 26.34 18.33 -37.88
C ASP C 3875 26.92 19.29 -38.90
N TYR C 3876 26.11 19.79 -39.84
CA TYR C 3876 26.63 20.79 -40.77
C TYR C 3876 27.01 22.08 -40.04
N LEU C 3877 26.21 22.47 -39.04
CA LEU C 3877 26.58 23.61 -38.22
C LEU C 3877 27.90 23.37 -37.48
N LEU C 3878 28.08 22.15 -36.98
CA LEU C 3878 29.34 21.79 -36.33
C LEU C 3878 30.51 21.93 -37.30
N ARG C 3879 30.33 21.46 -38.54
CA ARG C 3879 31.39 21.53 -39.53
C ARG C 3879 31.76 22.99 -39.85
N VAL C 3880 30.75 23.83 -40.09
CA VAL C 3880 31.06 25.22 -40.44
C VAL C 3880 31.64 25.96 -39.23
N GLN C 3881 31.19 25.63 -38.02
CA GLN C 3881 31.77 26.25 -36.82
C GLN C 3881 33.24 25.88 -36.67
N GLU C 3882 33.57 24.60 -36.85
CA GLU C 3882 34.96 24.18 -36.76
C GLU C 3882 35.81 24.83 -37.83
N SER C 3883 35.27 24.94 -39.05
CA SER C 3883 36.02 25.58 -40.13
C SER C 3883 36.28 27.05 -39.85
N ILE C 3884 35.27 27.76 -39.34
CA ILE C 3884 35.43 29.18 -39.03
C ILE C 3884 36.42 29.37 -37.89
N SER C 3885 36.36 28.51 -36.87
CA SER C 3885 37.31 28.61 -35.76
C SER C 3885 38.73 28.34 -36.24
N ASP C 3886 38.92 27.36 -37.11
CA ASP C 3886 40.24 27.08 -37.64
C ASP C 3886 40.76 28.24 -38.47
N PHE C 3887 39.90 28.85 -39.28
CA PHE C 3887 40.31 30.02 -40.06
C PHE C 3887 40.72 31.17 -39.16
N TYR C 3888 39.94 31.41 -38.09
CA TYR C 3888 40.31 32.49 -37.18
C TYR C 3888 41.63 32.21 -36.49
N TRP C 3889 41.85 30.97 -36.05
CA TRP C 3889 43.10 30.67 -35.36
C TRP C 3889 44.29 30.73 -36.31
N TYR C 3890 44.09 30.41 -37.59
CA TYR C 3890 45.15 30.63 -38.57
C TYR C 3890 45.43 32.12 -38.73
N TYR C 3891 44.38 32.95 -38.68
CA TYR C 3891 44.59 34.39 -38.73
C TYR C 3891 45.08 34.97 -37.41
N SER C 3892 45.12 34.19 -36.34
CA SER C 3892 45.54 34.68 -35.05
C SER C 3892 47.02 35.05 -35.06
N GLY C 3893 47.35 36.15 -34.39
CA GLY C 3893 48.70 36.68 -34.39
C GLY C 3893 48.98 37.67 -35.49
N LYS C 3894 48.14 37.72 -36.52
CA LYS C 3894 48.30 38.69 -37.60
C LYS C 3894 47.68 40.03 -37.19
N ASP C 3895 47.96 41.05 -37.99
CA ASP C 3895 47.57 42.42 -37.66
C ASP C 3895 46.44 42.95 -38.54
N ILE C 3896 46.56 42.81 -39.85
CA ILE C 3896 45.63 43.41 -40.80
C ILE C 3896 44.97 42.30 -41.61
N ILE C 3897 43.64 42.33 -41.68
CA ILE C 3897 42.89 41.36 -42.46
C ILE C 3897 42.96 41.73 -43.93
N ASP C 3898 43.35 40.77 -44.77
CA ASP C 3898 43.38 41.01 -46.20
C ASP C 3898 41.98 40.93 -46.79
N GLU C 3899 41.86 41.36 -48.05
CA GLU C 3899 40.54 41.42 -48.68
C GLU C 3899 40.00 40.03 -48.99
N GLN C 3900 40.86 39.09 -49.37
CA GLN C 3900 40.39 37.74 -49.68
C GLN C 3900 39.88 37.05 -48.42
N GLY C 3901 40.62 37.15 -47.32
CA GLY C 3901 40.13 36.66 -46.05
C GLY C 3901 38.86 37.35 -45.60
N GLN C 3902 38.74 38.65 -45.90
CA GLN C 3902 37.52 39.38 -45.57
C GLN C 3902 36.32 38.80 -46.33
N ARG C 3903 36.49 38.53 -47.63
CA ARG C 3903 35.41 37.98 -48.42
C ARG C 3903 35.04 36.57 -47.96
N ASN C 3904 36.05 35.74 -47.67
CA ASN C 3904 35.78 34.39 -47.21
C ASN C 3904 35.06 34.40 -45.86
N PHE C 3905 35.50 35.28 -44.95
CA PHE C 3905 34.82 35.40 -43.66
C PHE C 3905 33.40 35.89 -43.83
N SER C 3906 33.17 36.85 -44.73
CA SER C 3906 31.81 37.35 -44.95
C SER C 3906 30.90 36.26 -45.47
N LYS C 3907 31.39 35.45 -46.42
CA LYS C 3907 30.59 34.35 -46.94
C LYS C 3907 30.30 33.32 -45.86
N ALA C 3908 31.30 33.00 -45.02
CA ALA C 3908 31.07 32.06 -43.93
C ALA C 3908 30.04 32.60 -42.94
N ILE C 3909 30.12 33.90 -42.63
CA ILE C 3909 29.15 34.51 -41.72
C ILE C 3909 27.75 34.45 -42.31
N GLN C 3910 27.62 34.71 -43.62
CA GLN C 3910 26.31 34.63 -44.26
C GLN C 3910 25.74 33.21 -44.20
N VAL C 3911 26.58 32.21 -44.47
CA VAL C 3911 26.12 30.82 -44.41
C VAL C 3911 25.70 30.45 -43.00
N ALA C 3912 26.49 30.88 -42.00
CA ALA C 3912 26.14 30.59 -40.62
C ALA C 3912 24.85 31.28 -40.21
N LYS C 3913 24.63 32.52 -40.70
CA LYS C 3913 23.39 33.22 -40.43
C LYS C 3913 22.20 32.48 -41.01
N GLN C 3914 22.33 31.98 -42.24
CA GLN C 3914 21.23 31.23 -42.86
C GLN C 3914 20.96 29.95 -42.11
N VAL C 3915 22.01 29.24 -41.68
CA VAL C 3915 21.83 28.01 -40.92
C VAL C 3915 21.13 28.29 -39.59
N PHE C 3916 21.53 29.37 -38.91
CA PHE C 3916 20.90 29.72 -37.64
C PHE C 3916 19.45 30.12 -37.83
N ASN C 3917 19.13 30.84 -38.91
CA ASN C 3917 17.75 31.19 -39.19
C ASN C 3917 16.91 29.94 -39.48
N THR C 3918 17.49 28.97 -40.20
CA THR C 3918 16.80 27.72 -40.44
C THR C 3918 16.52 26.98 -39.15
N LEU C 3919 17.50 26.97 -38.23
CA LEU C 3919 17.29 26.32 -36.94
C LEU C 3919 16.21 27.03 -36.13
N THR C 3920 16.21 28.37 -36.14
CA THR C 3920 15.15 29.12 -35.46
C THR C 3920 13.78 28.74 -36.00
N GLU C 3921 13.62 28.81 -37.33
CA GLU C 3921 12.33 28.46 -37.91
C GLU C 3921 11.99 26.99 -37.71
N TYR C 3922 12.99 26.14 -37.42
CA TYR C 3922 12.70 24.79 -36.97
C TYR C 3922 12.07 24.81 -35.57
N ILE C 3923 12.60 25.63 -34.66
CA ILE C 3923 12.12 25.61 -33.28
C ILE C 3923 11.60 26.96 -32.81
N GLN C 3924 11.11 27.79 -33.74
CA GLN C 3924 10.48 29.04 -33.32
C GLN C 3924 9.19 28.78 -32.56
N GLY C 3925 8.30 27.98 -33.13
CA GLY C 3925 7.10 27.57 -32.43
C GLY C 3925 7.42 26.52 -31.40
N PRO C 3926 6.53 26.32 -30.43
CA PRO C 3926 6.74 25.27 -29.43
C PRO C 3926 6.55 23.89 -30.04
N CYS C 3927 7.66 23.19 -30.30
CA CYS C 3927 7.63 21.89 -30.94
C CYS C 3927 7.98 20.74 -30.01
N THR C 3928 8.58 21.02 -28.85
CA THR C 3928 8.91 20.04 -27.82
C THR C 3928 9.85 18.95 -28.33
N GLY C 3929 9.40 18.15 -29.30
CA GLY C 3929 10.23 17.09 -29.82
C GLY C 3929 11.51 17.60 -30.47
N ASN C 3930 11.38 18.62 -31.31
CA ASN C 3930 12.56 19.22 -31.93
C ASN C 3930 13.46 19.87 -30.89
N GLN C 3931 12.87 20.51 -29.89
CA GLN C 3931 13.66 21.13 -28.83
C GLN C 3931 14.48 20.08 -28.08
N GLN C 3932 13.87 18.94 -27.76
CA GLN C 3932 14.61 17.87 -27.11
C GLN C 3932 15.66 17.27 -28.05
N SER C 3933 15.36 17.21 -29.35
CA SER C 3933 16.31 16.67 -30.30
C SER C 3933 17.57 17.52 -30.38
N LEU C 3934 17.42 18.84 -30.47
CA LEU C 3934 18.60 19.70 -30.45
C LEU C 3934 19.20 19.83 -29.06
N ALA C 3935 18.45 19.53 -28.00
CA ALA C 3935 19.04 19.48 -26.67
C ALA C 3935 19.99 18.31 -26.52
N HIS C 3936 19.61 17.15 -27.05
CA HIS C 3936 20.45 15.96 -27.01
C HIS C 3936 21.26 15.83 -28.30
N SER C 3937 22.12 16.81 -28.55
CA SER C 3937 22.93 16.83 -29.76
C SER C 3937 24.21 17.60 -29.46
N ARG C 3938 25.00 17.85 -30.51
CA ARG C 3938 26.28 18.52 -30.40
C ARG C 3938 26.17 20.04 -30.51
N LEU C 3939 24.96 20.59 -30.34
CA LEU C 3939 24.74 22.01 -30.56
C LEU C 3939 25.49 22.86 -29.54
N TRP C 3940 25.58 22.38 -28.30
CA TRP C 3940 26.18 23.19 -27.23
C TRP C 3940 27.67 23.42 -27.48
N ASP C 3941 28.38 22.42 -27.99
CA ASP C 3941 29.80 22.58 -28.28
C ASP C 3941 30.01 23.60 -29.39
N ALA C 3942 29.19 23.54 -30.44
CA ALA C 3942 29.28 24.51 -31.52
C ALA C 3942 28.97 25.91 -31.02
N VAL C 3943 27.98 26.04 -30.13
CA VAL C 3943 27.65 27.34 -29.57
C VAL C 3943 28.82 27.89 -28.75
N VAL C 3944 29.45 27.02 -27.94
CA VAL C 3944 30.57 27.46 -27.11
C VAL C 3944 31.74 27.93 -27.97
N GLY C 3945 32.08 27.15 -29.00
CA GLY C 3945 33.12 27.58 -29.91
C GLY C 3945 32.76 28.87 -30.63
N PHE C 3946 31.48 29.04 -30.96
CA PHE C 3946 31.04 30.26 -31.62
C PHE C 3946 31.21 31.48 -30.71
N LEU C 3947 30.85 31.36 -29.43
CA LEU C 3947 31.07 32.48 -28.53
C LEU C 3947 32.54 32.75 -28.32
N HIS C 3948 33.37 31.71 -28.31
CA HIS C 3948 34.81 31.90 -28.19
C HIS C 3948 35.35 32.73 -29.36
N VAL C 3949 35.02 32.33 -30.59
CA VAL C 3949 35.53 33.05 -31.75
C VAL C 3949 34.91 34.44 -31.81
N PHE C 3950 33.66 34.58 -31.36
CA PHE C 3950 33.04 35.91 -31.31
C PHE C 3950 33.80 36.85 -30.38
N ALA C 3951 34.07 36.41 -29.16
CA ALA C 3951 34.78 37.24 -28.19
C ALA C 3951 36.15 37.61 -28.71
N HIS C 3952 36.91 36.61 -29.19
CA HIS C 3952 38.28 36.88 -29.60
C HIS C 3952 38.34 37.72 -30.88
N MET C 3953 37.43 37.48 -31.83
CA MET C 3953 37.41 38.28 -33.05
C MET C 3953 36.97 39.70 -32.78
N GLN C 3954 36.01 39.90 -31.87
CA GLN C 3954 35.62 41.25 -31.49
C GLN C 3954 36.77 41.99 -30.83
N MET C 3955 37.49 41.32 -29.93
CA MET C 3955 38.63 41.95 -29.28
C MET C 3955 39.73 42.28 -30.27
N LYS C 3956 39.96 41.40 -31.26
CA LYS C 3956 41.03 41.64 -32.23
C LYS C 3956 40.64 42.74 -33.22
N LEU C 3957 39.37 42.77 -33.64
CA LEU C 3957 38.91 43.70 -34.66
C LEU C 3957 38.36 44.99 -34.11
N SER C 3958 38.40 45.18 -32.78
CA SER C 3958 38.01 46.47 -32.21
C SER C 3958 38.89 47.59 -32.73
N GLN C 3959 40.15 47.29 -33.04
CA GLN C 3959 41.08 48.28 -33.58
C GLN C 3959 40.84 48.44 -35.09
N ASP C 3960 41.77 49.12 -35.76
CA ASP C 3960 41.76 49.35 -37.21
C ASP C 3960 40.55 50.14 -37.66
N SER C 3961 40.43 50.36 -38.97
CA SER C 3961 39.31 51.12 -39.53
C SER C 3961 38.77 50.54 -40.83
N SER C 3962 39.27 49.39 -41.29
CA SER C 3962 38.83 48.81 -42.54
C SER C 3962 37.95 47.57 -42.36
N GLN C 3963 37.86 47.03 -41.14
CA GLN C 3963 37.07 45.84 -40.87
C GLN C 3963 35.71 46.16 -40.26
N ILE C 3964 35.13 47.32 -40.61
CA ILE C 3964 33.87 47.73 -40.01
C ILE C 3964 32.72 46.86 -40.52
N GLU C 3965 32.71 46.54 -41.81
CA GLU C 3965 31.63 45.72 -42.37
C GLU C 3965 31.68 44.30 -41.82
N LEU C 3966 32.90 43.74 -41.70
CA LEU C 3966 33.03 42.41 -41.12
C LEU C 3966 32.57 42.41 -39.67
N LEU C 3967 32.88 43.48 -38.93
CA LEU C 3967 32.41 43.59 -37.56
C LEU C 3967 30.88 43.69 -37.50
N LYS C 3968 30.28 44.42 -38.44
CA LYS C 3968 28.83 44.53 -38.48
C LYS C 3968 28.18 43.16 -38.72
N GLU C 3969 28.68 42.42 -39.70
CA GLU C 3969 28.17 41.06 -39.93
C GLU C 3969 28.45 40.15 -38.74
N LEU C 3970 29.56 40.41 -38.03
CA LEU C 3970 29.91 39.62 -36.85
C LEU C 3970 28.86 39.80 -35.75
N MET C 3971 28.54 41.05 -35.42
CA MET C 3971 27.48 41.31 -34.44
C MET C 3971 26.13 40.83 -34.93
N ASP C 3972 25.89 40.86 -36.25
CA ASP C 3972 24.63 40.34 -36.77
C ASP C 3972 24.50 38.84 -36.51
N LEU C 3973 25.59 38.09 -36.75
CA LEU C 3973 25.56 36.66 -36.44
C LEU C 3973 25.41 36.42 -34.94
N GLN C 3974 26.02 37.28 -34.12
CA GLN C 3974 25.83 37.18 -32.67
C GLN C 3974 24.36 37.33 -32.31
N LYS C 3975 23.69 38.34 -32.88
CA LYS C 3975 22.27 38.56 -32.63
C LYS C 3975 21.45 37.37 -33.08
N ASP C 3976 21.79 36.78 -34.24
CA ASP C 3976 21.06 35.62 -34.72
C ASP C 3976 21.21 34.43 -33.78
N MET C 3977 22.43 34.18 -33.29
CA MET C 3977 22.61 33.05 -32.38
C MET C 3977 21.85 33.28 -31.08
N VAL C 3978 21.88 34.51 -30.55
CA VAL C 3978 21.17 34.77 -29.30
C VAL C 3978 19.66 34.63 -29.50
N VAL C 3979 19.16 35.03 -30.67
CA VAL C 3979 17.75 34.81 -30.99
C VAL C 3979 17.43 33.32 -31.00
N MET C 3980 18.32 32.52 -31.59
CA MET C 3980 18.14 31.07 -31.61
C MET C 3980 18.13 30.50 -30.19
N LEU C 3981 19.05 30.96 -29.36
CA LEU C 3981 19.15 30.47 -27.98
C LEU C 3981 17.89 30.82 -27.20
N LEU C 3982 17.37 32.04 -27.39
CA LEU C 3982 16.12 32.41 -26.75
C LEU C 3982 14.97 31.57 -27.27
N SER C 3983 15.00 31.22 -28.56
CA SER C 3983 13.98 30.34 -29.11
C SER C 3983 14.04 28.94 -28.50
N MET C 3984 15.22 28.53 -28.02
CA MET C 3984 15.29 27.28 -27.26
C MET C 3984 14.49 27.35 -25.97
N LEU C 3985 14.59 28.46 -25.24
CA LEU C 3985 13.96 28.56 -23.93
C LEU C 3985 12.45 28.82 -23.99
N GLU C 3986 11.86 28.79 -25.18
CA GLU C 3986 10.43 29.02 -25.31
C GLU C 3986 9.67 27.83 -24.74
N GLY C 3987 8.75 28.10 -23.82
CA GLY C 3987 8.00 27.05 -23.17
C GLY C 3987 8.66 26.41 -21.96
N ASN C 3988 9.72 27.01 -21.44
CA ASN C 3988 10.41 26.45 -20.29
C ASN C 3988 9.60 26.66 -19.01
N VAL C 3989 9.99 25.91 -17.98
CA VAL C 3989 9.43 26.08 -16.64
C VAL C 3989 10.57 26.38 -15.69
N VAL C 3990 10.25 26.58 -14.41
CA VAL C 3990 11.29 26.80 -13.40
C VAL C 3990 12.05 25.50 -13.18
N ASN C 3991 13.37 25.61 -13.05
CA ASN C 3991 14.27 24.46 -12.89
C ASN C 3991 14.12 23.47 -14.03
N GLY C 3992 13.98 23.99 -15.25
CA GLY C 3992 13.87 23.13 -16.41
C GLY C 3992 15.22 22.55 -16.82
N THR C 3993 15.16 21.43 -17.54
CA THR C 3993 16.37 20.79 -18.01
C THR C 3993 17.10 21.65 -19.04
N ILE C 3994 16.34 22.37 -19.88
CA ILE C 3994 16.94 23.28 -20.84
C ILE C 3994 17.74 24.36 -20.12
N GLY C 3995 17.25 24.82 -18.96
CA GLY C 3995 18.02 25.77 -18.18
C GLY C 3995 19.32 25.18 -17.65
N LYS C 3996 19.29 23.89 -17.28
CA LYS C 3996 20.51 23.22 -16.82
C LYS C 3996 21.54 23.12 -17.95
N GLN C 3997 21.08 22.71 -19.14
CA GLN C 3997 21.98 22.69 -20.29
C GLN C 3997 22.50 24.09 -20.60
N MET C 3998 21.64 25.10 -20.45
CA MET C 3998 22.03 26.47 -20.72
C MET C 3998 23.15 26.92 -19.78
N VAL C 3999 22.96 26.74 -18.47
CA VAL C 3999 23.95 27.20 -17.51
C VAL C 3999 25.25 26.39 -17.63
N ASP C 4000 25.14 25.10 -17.99
CA ASP C 4000 26.35 24.34 -18.32
C ASP C 4000 27.08 24.96 -19.50
N MET C 4001 26.33 25.43 -20.50
CA MET C 4001 26.94 26.05 -21.67
C MET C 4001 27.63 27.37 -21.29
N LEU C 4002 26.99 28.17 -20.43
CA LEU C 4002 27.65 29.39 -19.96
C LEU C 4002 28.93 29.09 -19.20
N VAL C 4003 28.88 28.13 -18.26
CA VAL C 4003 30.07 27.89 -17.45
C VAL C 4003 31.17 27.17 -18.23
N GLU C 4004 30.83 26.54 -19.36
CA GLU C 4004 31.86 25.95 -20.20
C GLU C 4004 32.67 27.01 -20.94
N SER C 4005 32.16 28.23 -21.06
CA SER C 4005 32.82 29.32 -21.79
C SER C 4005 32.76 30.62 -21.00
N SER C 4006 33.14 30.54 -19.72
CA SER C 4006 33.03 31.70 -18.83
C SER C 4006 33.95 32.84 -19.28
N ASN C 4007 35.15 32.50 -19.75
CA ASN C 4007 36.09 33.54 -20.17
C ASN C 4007 35.57 34.32 -21.37
N ASN C 4008 34.99 33.63 -22.34
CA ASN C 4008 34.44 34.31 -23.51
C ASN C 4008 33.26 35.19 -23.14
N VAL C 4009 32.42 34.72 -22.22
CA VAL C 4009 31.29 35.53 -21.76
C VAL C 4009 31.78 36.78 -21.06
N GLU C 4010 32.80 36.64 -20.21
CA GLU C 4010 33.38 37.81 -19.56
C GLU C 4010 33.97 38.77 -20.57
N MET C 4011 34.62 38.24 -21.62
CA MET C 4011 35.21 39.09 -22.65
C MET C 4011 34.16 39.88 -23.40
N ILE C 4012 33.07 39.22 -23.83
CA ILE C 4012 32.05 39.94 -24.58
C ILE C 4012 31.32 40.93 -23.68
N LEU C 4013 31.11 40.59 -22.40
CA LEU C 4013 30.47 41.53 -21.50
C LEU C 4013 31.34 42.77 -21.27
N LYS C 4014 32.65 42.57 -21.10
CA LYS C 4014 33.56 43.69 -20.93
C LYS C 4014 33.62 44.56 -22.19
N PHE C 4015 33.57 43.93 -23.36
CA PHE C 4015 33.56 44.69 -24.61
C PHE C 4015 32.25 45.47 -24.76
N PHE C 4016 31.13 44.87 -24.36
CA PHE C 4016 29.85 45.57 -24.47
C PHE C 4016 29.73 46.71 -23.48
N ASP C 4017 30.35 46.58 -22.31
CA ASP C 4017 30.28 47.66 -21.33
C ASP C 4017 31.11 48.86 -21.75
N MET C 4018 32.28 48.62 -22.37
CA MET C 4018 33.15 49.71 -22.76
C MET C 4018 32.54 50.52 -23.90
N PHE C 4019 32.32 49.88 -25.04
CA PHE C 4019 31.68 50.53 -26.18
C PHE C 4019 30.17 50.40 -26.01
N LEU C 4020 29.50 51.54 -25.81
CA LEU C 4020 28.06 51.63 -25.58
C LEU C 4020 27.66 50.90 -24.30
N LYS C 4021 26.36 50.78 -24.07
CA LYS C 4021 25.81 50.22 -22.84
C LYS C 4021 26.42 50.92 -21.63
N LEU C 4022 26.14 52.22 -21.53
CA LEU C 4022 26.76 53.16 -20.60
C LEU C 4022 28.26 53.30 -20.87
N LYS C 4023 28.90 54.24 -20.18
CA LYS C 4023 30.32 54.56 -20.32
C LYS C 4023 30.71 54.99 -21.74
N ASP C 4024 29.73 55.26 -22.60
CA ASP C 4024 29.98 55.72 -23.96
C ASP C 4024 28.67 56.30 -24.49
N LEU C 4025 28.76 57.50 -25.07
CA LEU C 4025 27.60 58.28 -25.52
C LEU C 4025 26.70 58.66 -24.35
N THR C 4026 27.15 58.39 -23.13
CA THR C 4026 26.49 58.79 -21.90
C THR C 4026 27.33 59.75 -21.07
N SER C 4027 28.63 59.50 -20.98
CA SER C 4027 29.53 60.42 -20.32
C SER C 4027 29.57 61.77 -21.04
N SER C 4028 29.57 61.74 -22.38
CA SER C 4028 29.66 62.92 -23.22
C SER C 4028 30.89 63.76 -22.83
N ASP C 4029 32.05 63.16 -23.08
CA ASP C 4029 33.32 63.68 -22.58
C ASP C 4029 33.57 65.10 -23.06
N THR C 4030 34.01 65.95 -22.13
CA THR C 4030 34.37 67.36 -22.29
C THR C 4030 33.18 68.26 -22.61
N PHE C 4031 31.99 67.71 -22.80
CA PHE C 4031 30.81 68.53 -23.09
C PHE C 4031 30.11 68.97 -21.79
N LYS C 4032 29.69 68.00 -20.99
CA LYS C 4032 29.13 68.27 -19.68
C LYS C 4032 30.20 68.38 -18.59
N GLU C 4033 31.46 68.17 -18.94
CA GLU C 4033 32.56 68.24 -17.99
C GLU C 4033 33.57 69.34 -18.29
N TYR C 4034 33.70 69.76 -19.55
CA TYR C 4034 34.66 70.81 -19.91
C TYR C 4034 34.09 71.90 -20.79
N ASP C 4035 33.00 71.65 -21.55
CA ASP C 4035 32.33 72.65 -22.37
C ASP C 4035 33.29 73.25 -23.39
N PRO C 4036 33.65 72.52 -24.45
CA PRO C 4036 34.72 72.97 -25.35
C PRO C 4036 34.32 74.06 -26.33
N ASP C 4037 33.15 74.68 -26.15
CA ASP C 4037 32.67 75.78 -26.98
C ASP C 4037 32.61 75.37 -28.45
N GLY C 4038 31.84 74.32 -28.70
CA GLY C 4038 31.67 73.83 -30.07
C GLY C 4038 31.16 72.39 -30.04
N LYS C 4039 31.38 71.71 -31.15
CA LYS C 4039 30.98 70.31 -31.30
C LYS C 4039 32.00 69.41 -30.60
N GLY C 4040 31.82 68.10 -30.74
CA GLY C 4040 32.72 67.15 -30.13
C GLY C 4040 33.98 66.91 -30.93
N VAL C 4041 34.68 68.00 -31.26
CA VAL C 4041 35.91 67.88 -32.04
C VAL C 4041 37.00 67.19 -31.22
N ILE C 4042 37.20 67.64 -29.98
CA ILE C 4042 38.16 67.09 -29.00
C ILE C 4042 39.59 67.33 -29.46
N SER C 4043 40.47 67.69 -28.51
CA SER C 4043 41.86 67.98 -28.81
C SER C 4043 42.76 66.76 -28.65
N LYS C 4044 42.24 65.56 -28.92
CA LYS C 4044 42.98 64.30 -28.84
C LYS C 4044 43.47 64.03 -27.43
N ARG C 4045 44.41 64.86 -26.94
CA ARG C 4045 44.88 64.73 -25.57
C ARG C 4045 43.79 65.04 -24.55
N ASP C 4046 42.74 65.76 -24.94
CA ASP C 4046 41.63 66.01 -24.02
C ASP C 4046 40.87 64.74 -23.70
N PHE C 4047 40.88 63.76 -24.60
CA PHE C 4047 40.22 62.49 -24.33
C PHE C 4047 40.90 61.77 -23.17
N HIS C 4048 42.24 61.74 -23.17
CA HIS C 4048 42.95 61.16 -22.03
C HIS C 4048 42.87 62.06 -20.80
N LYS C 4049 42.80 63.38 -21.02
CA LYS C 4049 42.55 64.29 -19.90
C LYS C 4049 41.15 64.05 -19.32
N ALA C 4050 40.22 63.60 -20.15
CA ALA C 4050 38.91 63.17 -19.69
C ALA C 4050 39.01 61.72 -19.19
N MET C 4051 37.86 61.08 -19.01
CA MET C 4051 37.76 59.68 -18.57
C MET C 4051 38.40 59.49 -17.19
N GLU C 4052 38.11 60.42 -16.28
CA GLU C 4052 38.42 60.27 -14.87
C GLU C 4052 37.25 59.72 -14.08
N SER C 4053 36.43 58.89 -14.72
CA SER C 4053 35.13 58.45 -14.21
C SER C 4053 35.16 56.94 -13.96
N HIS C 4054 33.97 56.38 -13.76
CA HIS C 4054 33.80 54.95 -13.44
C HIS C 4054 34.52 54.02 -14.40
N LYS C 4055 34.80 54.46 -15.62
CA LYS C 4055 35.60 53.65 -16.54
C LYS C 4055 36.99 53.42 -15.98
N HIS C 4056 37.46 52.18 -16.09
CA HIS C 4056 38.74 51.80 -15.51
C HIS C 4056 39.89 52.48 -16.26
N TYR C 4057 41.02 52.62 -15.58
CA TYR C 4057 42.21 53.24 -16.14
C TYR C 4057 43.09 52.25 -16.89
N THR C 4058 42.66 51.00 -17.03
CA THR C 4058 43.44 50.00 -17.74
C THR C 4058 43.50 50.32 -19.22
N GLN C 4059 44.51 49.75 -19.89
CA GLN C 4059 44.66 49.96 -21.32
C GLN C 4059 43.50 49.34 -22.11
N SER C 4060 42.87 48.30 -21.56
CA SER C 4060 41.72 47.68 -22.18
C SER C 4060 40.42 48.43 -21.89
N GLU C 4061 40.46 49.47 -21.06
CA GLU C 4061 39.28 50.27 -20.76
C GLU C 4061 39.43 51.72 -21.18
N THR C 4062 40.52 52.39 -20.77
CA THR C 4062 40.72 53.80 -21.11
C THR C 4062 41.50 53.95 -22.41
N GLU C 4063 42.69 53.33 -22.49
CA GLU C 4063 43.49 53.42 -23.70
C GLU C 4063 42.89 52.61 -24.84
N PHE C 4064 41.97 51.69 -24.55
CA PHE C 4064 41.29 50.94 -25.60
C PHE C 4064 40.51 51.87 -26.52
N LEU C 4065 39.76 52.80 -25.93
CA LEU C 4065 38.99 53.75 -26.74
C LEU C 4065 39.91 54.67 -27.53
N LEU C 4066 41.02 55.09 -26.92
CA LEU C 4066 41.97 55.95 -27.62
C LEU C 4066 42.59 55.22 -28.82
N SER C 4067 42.92 53.95 -28.65
CA SER C 4067 43.48 53.17 -29.76
C SER C 4067 42.45 52.92 -30.84
N CYS C 4068 41.20 52.65 -30.45
CA CYS C 4068 40.16 52.35 -31.43
C CYS C 4068 39.69 53.61 -32.16
N ALA C 4069 39.81 54.78 -31.53
CA ALA C 4069 39.32 56.03 -32.09
C ALA C 4069 40.44 56.90 -32.63
N GLU C 4070 41.42 56.30 -33.31
CA GLU C 4070 42.49 57.08 -33.93
C GLU C 4070 41.92 58.06 -34.96
N THR C 4071 41.13 57.54 -35.91
CA THR C 4071 40.43 58.34 -36.91
C THR C 4071 41.35 59.28 -37.67
N ASP C 4072 41.22 60.59 -37.41
CA ASP C 4072 42.03 61.58 -38.09
C ASP C 4072 43.47 61.54 -37.57
N GLU C 4073 44.36 62.24 -38.29
CA GLU C 4073 45.78 62.14 -38.01
C GLU C 4073 46.20 63.04 -36.85
N ASN C 4074 46.08 64.36 -37.03
CA ASN C 4074 46.71 65.31 -36.11
C ASN C 4074 46.13 65.28 -34.70
N GLU C 4075 44.93 65.84 -34.51
CA GLU C 4075 44.35 65.88 -33.17
C GLU C 4075 42.83 65.80 -33.14
N THR C 4076 42.15 65.62 -34.26
CA THR C 4076 40.71 65.85 -34.33
C THR C 4076 39.93 64.55 -34.26
N LEU C 4077 38.85 64.55 -33.48
CA LEU C 4077 37.86 63.48 -33.44
C LEU C 4077 36.50 64.10 -33.75
N ASP C 4078 35.44 63.28 -33.64
CA ASP C 4078 34.10 63.76 -33.91
C ASP C 4078 33.10 62.77 -33.34
N TYR C 4079 31.82 63.12 -33.43
CA TYR C 4079 30.74 62.22 -33.05
C TYR C 4079 30.56 61.06 -34.03
N GLU C 4080 31.21 61.12 -35.19
CA GLU C 4080 31.18 60.00 -36.12
C GLU C 4080 31.84 58.77 -35.51
N GLU C 4081 32.80 58.97 -34.61
CA GLU C 4081 33.35 57.85 -33.85
C GLU C 4081 32.27 57.19 -33.00
N PHE C 4082 31.45 58.00 -32.33
CA PHE C 4082 30.36 57.46 -31.53
C PHE C 4082 29.31 56.79 -32.40
N VAL C 4083 29.11 57.28 -33.63
CA VAL C 4083 28.17 56.64 -34.53
C VAL C 4083 28.71 55.29 -35.01
N LYS C 4084 30.00 55.24 -35.37
CA LYS C 4084 30.58 54.02 -35.91
C LYS C 4084 30.76 52.96 -34.82
N ARG C 4085 31.60 53.25 -33.84
CA ARG C 4085 31.77 52.35 -32.70
C ARG C 4085 30.85 52.80 -31.58
N PHE C 4086 30.23 51.82 -30.92
CA PHE C 4086 29.28 52.05 -29.83
C PHE C 4086 28.04 52.80 -30.30
N HIS C 4087 27.17 53.16 -29.36
CA HIS C 4087 25.88 53.80 -29.63
C HIS C 4087 25.00 52.95 -30.52
N GLU C 4088 25.02 53.20 -31.84
CA GLU C 4088 24.08 52.50 -32.73
C GLU C 4088 24.34 51.00 -32.79
N PRO C 4089 25.57 50.51 -32.98
CA PRO C 4089 25.84 49.10 -32.69
C PRO C 4089 26.02 48.89 -31.20
N ALA C 4090 26.04 47.62 -30.81
CA ALA C 4090 26.19 47.13 -29.44
C ALA C 4090 25.01 47.50 -28.54
N LYS C 4091 24.02 48.23 -29.05
CA LYS C 4091 22.79 48.49 -28.30
C LYS C 4091 21.72 47.47 -28.65
N ASP C 4092 21.37 47.37 -29.93
CA ASP C 4092 20.43 46.34 -30.36
C ASP C 4092 21.05 44.95 -30.24
N ILE C 4093 22.36 44.83 -30.48
CA ILE C 4093 23.03 43.54 -30.38
C ILE C 4093 23.08 43.08 -28.92
N GLY C 4094 23.48 43.98 -28.02
CA GLY C 4094 23.55 43.64 -26.61
C GLY C 4094 22.21 43.53 -25.92
N PHE C 4095 21.15 44.07 -26.54
CA PHE C 4095 19.83 43.96 -25.94
C PHE C 4095 19.37 42.52 -25.86
N ASN C 4096 19.64 41.73 -26.90
CA ASN C 4096 19.28 40.32 -26.88
C ASN C 4096 20.06 39.57 -25.82
N VAL C 4097 21.33 39.94 -25.62
CA VAL C 4097 22.13 39.32 -24.56
C VAL C 4097 21.54 39.65 -23.19
N ALA C 4098 21.13 40.91 -23.00
CA ALA C 4098 20.49 41.29 -21.74
C ALA C 4098 19.18 40.54 -21.53
N VAL C 4099 18.41 40.36 -22.60
CA VAL C 4099 17.16 39.61 -22.51
C VAL C 4099 17.42 38.17 -22.12
N LEU C 4100 18.44 37.56 -22.73
CA LEU C 4100 18.79 36.18 -22.39
C LEU C 4100 19.23 36.06 -20.93
N LEU C 4101 20.05 37.00 -20.46
CA LEU C 4101 20.49 36.96 -19.07
C LEU C 4101 19.33 37.14 -18.11
N THR C 4102 18.41 38.05 -18.43
CA THR C 4102 17.23 38.25 -17.59
C THR C 4102 16.34 37.01 -17.56
N ASN C 4103 16.15 36.38 -18.72
CA ASN C 4103 15.35 35.16 -18.79
C ASN C 4103 15.99 34.05 -17.95
N LEU C 4104 17.31 33.89 -18.05
CA LEU C 4104 17.98 32.86 -17.28
C LEU C 4104 17.91 33.14 -15.79
N SER C 4105 18.07 34.39 -15.38
CA SER C 4105 18.01 34.72 -13.96
C SER C 4105 16.61 34.51 -13.39
N GLU C 4106 15.58 34.89 -14.15
CA GLU C 4106 14.22 34.77 -13.62
C GLU C 4106 13.73 33.32 -13.65
N HIS C 4107 14.10 32.57 -14.69
CA HIS C 4107 13.66 31.17 -14.78
C HIS C 4107 14.45 30.26 -13.85
N MET C 4108 15.72 30.57 -13.61
CA MET C 4108 16.55 29.79 -12.68
C MET C 4108 16.81 30.63 -11.44
N PRO C 4109 16.10 30.38 -10.34
CA PRO C 4109 16.22 31.26 -9.16
C PRO C 4109 17.50 31.07 -8.39
N ASN C 4110 17.95 29.82 -8.25
CA ASN C 4110 19.07 29.46 -7.39
C ASN C 4110 20.18 28.84 -8.25
N ASP C 4111 21.16 29.67 -8.62
CA ASP C 4111 22.36 29.18 -9.31
C ASP C 4111 23.46 30.20 -9.07
N THR C 4112 24.49 29.80 -8.32
CA THR C 4112 25.56 30.72 -7.97
C THR C 4112 26.35 31.17 -9.20
N ARG C 4113 26.44 30.32 -10.21
CA ARG C 4113 27.14 30.69 -11.44
C ARG C 4113 26.40 31.81 -12.17
N LEU C 4114 25.07 31.69 -12.29
CA LEU C 4114 24.27 32.77 -12.84
C LEU C 4114 24.35 34.01 -11.96
N GLN C 4115 24.47 33.84 -10.65
CA GLN C 4115 24.64 35.00 -9.77
C GLN C 4115 25.94 35.73 -10.07
N THR C 4116 27.02 34.98 -10.28
CA THR C 4116 28.30 35.61 -10.64
C THR C 4116 28.21 36.32 -11.99
N PHE C 4117 27.50 35.71 -12.94
CA PHE C 4117 27.29 36.36 -14.23
C PHE C 4117 26.50 37.66 -14.08
N LEU C 4118 25.51 37.67 -13.18
CA LEU C 4118 24.75 38.88 -12.94
C LEU C 4118 25.60 39.96 -12.29
N GLU C 4119 26.43 39.60 -11.31
CA GLU C 4119 27.34 40.59 -10.73
C GLU C 4119 28.43 41.01 -11.70
N LEU C 4120 28.65 40.26 -12.78
CA LEU C 4120 29.55 40.71 -13.84
C LEU C 4120 28.87 41.63 -14.84
N ALA C 4121 27.59 41.42 -15.12
CA ALA C 4121 26.89 42.16 -16.17
C ALA C 4121 25.82 43.11 -15.61
N GLU C 4122 25.91 43.47 -14.33
CA GLU C 4122 24.93 44.39 -13.76
C GLU C 4122 24.92 45.75 -14.45
N SER C 4123 26.06 46.18 -15.02
CA SER C 4123 26.09 47.47 -15.68
C SER C 4123 25.27 47.46 -16.96
N VAL C 4124 25.46 46.44 -17.79
CA VAL C 4124 24.67 46.34 -19.02
C VAL C 4124 23.21 46.04 -18.70
N LEU C 4125 22.95 45.33 -17.59
CA LEU C 4125 21.56 45.11 -17.18
C LEU C 4125 20.90 46.41 -16.76
N ASN C 4126 21.62 47.27 -16.04
CA ASN C 4126 21.09 48.58 -15.66
C ASN C 4126 20.86 49.45 -16.87
N TYR C 4127 21.78 49.41 -17.85
CA TYR C 4127 21.57 50.21 -19.06
C TYR C 4127 20.36 49.74 -19.85
N PHE C 4128 20.19 48.42 -20.00
CA PHE C 4128 19.09 47.88 -20.79
C PHE C 4128 17.83 47.65 -19.96
N GLN C 4129 17.73 48.26 -18.79
CA GLN C 4129 16.55 48.14 -17.96
C GLN C 4129 15.39 49.05 -18.42
N PRO C 4130 15.63 50.32 -18.79
CA PRO C 4130 14.51 51.12 -19.31
C PRO C 4130 13.93 50.62 -20.62
N PHE C 4131 14.68 49.83 -21.38
CA PHE C 4131 14.22 49.36 -22.69
C PHE C 4131 13.58 47.99 -22.65
N LEU C 4132 13.73 47.24 -21.57
CA LEU C 4132 13.26 45.86 -21.48
C LEU C 4132 11.92 45.82 -20.75
N GLY C 4133 10.94 45.14 -21.34
CA GLY C 4133 9.64 44.96 -20.74
C GLY C 4133 9.52 43.63 -20.01
N ARG C 4134 8.31 43.40 -19.50
CA ARG C 4134 8.01 42.16 -18.79
C ARG C 4134 6.50 41.98 -18.76
N ILE C 4135 6.01 40.86 -19.30
CA ILE C 4135 4.57 40.64 -19.46
C ILE C 4135 4.30 39.15 -19.31
N GLU C 4136 3.23 38.83 -18.58
CA GLU C 4136 2.82 37.46 -18.35
C GLU C 4136 1.50 37.17 -19.05
N ILE C 4137 1.44 36.06 -19.78
CA ILE C 4137 0.28 35.70 -20.58
C ILE C 4137 -0.08 34.25 -20.33
N MET C 4138 -1.27 33.86 -20.80
CA MET C 4138 -1.71 32.48 -20.85
C MET C 4138 -1.39 31.82 -22.18
N GLY C 4139 -0.65 32.51 -23.05
CA GLY C 4139 -0.51 32.07 -24.43
C GLY C 4139 0.18 30.73 -24.53
N SER C 4140 -0.48 29.79 -25.22
CA SER C 4140 -0.01 28.43 -25.48
C SER C 4140 0.02 27.59 -24.21
N ALA C 4141 -0.26 26.30 -24.34
CA ALA C 4141 -0.33 25.35 -23.23
C ALA C 4141 -1.36 25.88 -22.23
N LYS C 4142 -1.14 25.64 -20.94
CA LYS C 4142 -2.03 26.10 -19.88
C LYS C 4142 -1.24 26.69 -18.72
N ARG C 4143 -0.16 27.42 -19.03
CA ARG C 4143 0.73 27.94 -18.00
C ARG C 4143 1.08 29.41 -18.29
N ILE C 4144 1.45 30.11 -17.22
CA ILE C 4144 1.96 31.47 -17.32
C ILE C 4144 3.34 31.45 -17.93
N GLU C 4145 3.57 32.32 -18.91
CA GLU C 4145 4.87 32.49 -19.54
C GLU C 4145 5.34 33.95 -19.36
N ARG C 4146 6.48 34.26 -19.97
CA ARG C 4146 7.04 35.61 -19.93
C ARG C 4146 7.37 36.05 -21.35
N VAL C 4147 7.07 37.31 -21.66
CA VAL C 4147 7.04 37.79 -23.03
C VAL C 4147 8.00 38.97 -23.21
N TYR C 4148 9.21 38.85 -22.63
CA TYR C 4148 10.24 39.87 -22.76
C TYR C 4148 10.35 40.40 -24.19
N PHE C 4149 10.40 41.72 -24.32
CA PHE C 4149 10.39 42.37 -25.63
C PHE C 4149 11.16 43.68 -25.52
N GLU C 4150 11.05 44.51 -26.56
CA GLU C 4150 11.81 45.74 -26.67
C GLU C 4150 10.89 46.95 -26.68
N ILE C 4151 11.31 48.01 -25.99
CA ILE C 4151 10.58 49.27 -25.95
C ILE C 4151 11.48 50.34 -26.55
N SER C 4152 10.99 51.04 -27.56
CA SER C 4152 11.75 52.10 -28.19
C SER C 4152 11.80 53.34 -27.29
N GLU C 4153 12.76 54.21 -27.58
CA GLU C 4153 12.87 55.46 -26.83
C GLU C 4153 11.69 56.38 -27.12
N SER C 4154 11.24 56.42 -28.38
CA SER C 4154 10.14 57.31 -28.77
C SER C 4154 8.85 56.93 -28.07
N SER C 4155 8.59 55.63 -27.93
CA SER C 4155 7.37 55.18 -27.25
C SER C 4155 7.36 55.62 -25.79
N ARG C 4156 8.51 55.55 -25.12
CA ARG C 4156 8.58 55.98 -23.73
C ARG C 4156 8.54 57.50 -23.60
N THR C 4157 9.11 58.23 -24.55
CA THR C 4157 9.10 59.69 -24.47
C THR C 4157 7.80 60.31 -24.95
N GLN C 4158 6.94 59.55 -25.62
CA GLN C 4158 5.62 60.03 -26.00
C GLN C 4158 4.52 59.49 -25.09
N TRP C 4159 4.86 58.60 -24.17
CA TRP C 4159 3.88 58.11 -23.20
C TRP C 4159 3.58 59.15 -22.13
N GLU C 4160 4.53 60.06 -21.87
CA GLU C 4160 4.39 61.05 -20.82
C GLU C 4160 3.84 62.38 -21.34
N LYS C 4161 3.31 62.42 -22.55
CA LYS C 4161 2.67 63.62 -23.05
C LYS C 4161 1.38 63.89 -22.28
N PRO C 4162 1.02 65.17 -22.08
CA PRO C 4162 -0.18 65.47 -21.26
C PRO C 4162 -1.47 64.91 -21.83
N GLN C 4163 -1.60 64.88 -23.16
CA GLN C 4163 -2.81 64.31 -23.76
C GLN C 4163 -2.94 62.83 -23.45
N VAL C 4164 -1.82 62.10 -23.52
CA VAL C 4164 -1.83 60.68 -23.20
C VAL C 4164 -2.19 60.46 -21.75
N LYS C 4165 -1.66 61.29 -20.85
CA LYS C 4165 -1.98 61.16 -19.43
C LYS C 4165 -3.45 61.42 -19.18
N GLU C 4166 -4.01 62.45 -19.82
CA GLU C 4166 -5.44 62.75 -19.64
C GLU C 4166 -6.31 61.61 -20.17
N SER C 4167 -5.95 61.07 -21.34
CA SER C 4167 -6.70 59.96 -21.90
C SER C 4167 -6.62 58.72 -21.00
N LYS C 4168 -5.44 58.47 -20.44
CA LYS C 4168 -5.27 57.35 -19.52
C LYS C 4168 -6.13 57.51 -18.28
N ARG C 4169 -6.15 58.72 -17.71
CA ARG C 4169 -6.97 58.97 -16.52
C ARG C 4169 -8.45 58.76 -16.84
N GLN C 4170 -8.91 59.32 -17.96
CA GLN C 4170 -10.32 59.19 -18.33
C GLN C 4170 -10.69 57.73 -18.57
N PHE C 4171 -9.83 56.99 -19.27
CA PHE C 4171 -10.12 55.58 -19.53
C PHE C 4171 -10.15 54.78 -18.24
N ILE C 4172 -9.20 55.01 -17.33
CA ILE C 4172 -9.15 54.27 -16.08
C ILE C 4172 -10.42 54.52 -15.27
N PHE C 4173 -10.81 55.79 -15.17
CA PHE C 4173 -12.02 56.12 -14.41
C PHE C 4173 -13.25 55.50 -15.04
N ASP C 4174 -13.39 55.59 -16.37
CA ASP C 4174 -14.58 55.09 -17.02
C ASP C 4174 -14.63 53.58 -17.12
N VAL C 4175 -13.49 52.90 -16.99
CA VAL C 4175 -13.46 51.44 -17.11
C VAL C 4175 -13.45 50.76 -15.74
N VAL C 4176 -13.12 51.46 -14.67
CA VAL C 4176 -13.22 50.86 -13.34
C VAL C 4176 -14.41 51.41 -12.55
N ASN C 4177 -15.06 52.47 -13.02
CA ASN C 4177 -16.27 52.95 -12.38
C ASN C 4177 -17.45 52.04 -12.67
N GLU C 4178 -17.81 51.90 -13.94
CA GLU C 4178 -18.90 51.02 -14.36
C GLU C 4178 -18.40 49.60 -14.60
N GLY C 4179 -17.39 49.47 -15.46
CA GLY C 4179 -16.69 48.22 -15.69
C GLY C 4179 -17.30 47.24 -16.67
N GLY C 4180 -18.29 46.45 -16.25
CA GLY C 4180 -18.79 45.38 -17.08
C GLY C 4180 -17.66 44.43 -17.46
N GLU C 4181 -17.17 43.63 -16.51
CA GLU C 4181 -15.81 43.11 -16.57
C GLU C 4181 -15.61 41.97 -17.58
N LYS C 4182 -16.06 42.18 -18.80
CA LYS C 4182 -15.53 41.66 -20.05
C LYS C 4182 -15.37 42.77 -21.07
N GLU C 4183 -16.30 43.72 -21.07
CA GLU C 4183 -16.07 45.01 -21.71
C GLU C 4183 -14.90 45.73 -21.05
N LYS C 4184 -14.52 45.35 -19.82
CA LYS C 4184 -13.29 45.85 -19.22
C LYS C 4184 -12.09 45.54 -20.13
N MET C 4185 -11.91 44.27 -20.48
CA MET C 4185 -10.80 43.90 -21.35
C MET C 4185 -11.00 44.43 -22.76
N GLU C 4186 -12.24 44.41 -23.26
CA GLU C 4186 -12.52 44.90 -24.60
C GLU C 4186 -12.16 46.39 -24.73
N LEU C 4187 -12.61 47.20 -23.77
CA LEU C 4187 -12.29 48.62 -23.76
C LEU C 4187 -10.83 48.88 -23.42
N PHE C 4188 -10.18 47.99 -22.68
CA PHE C 4188 -8.74 48.13 -22.49
C PHE C 4188 -8.00 47.99 -23.81
N VAL C 4189 -8.38 47.00 -24.62
CA VAL C 4189 -7.75 46.84 -25.93
C VAL C 4189 -8.08 48.03 -26.82
N ASN C 4190 -9.33 48.51 -26.77
CA ASN C 4190 -9.71 49.68 -27.58
C ASN C 4190 -8.92 50.91 -27.15
N PHE C 4191 -8.76 51.12 -25.85
CA PHE C 4191 -7.95 52.22 -25.35
C PHE C 4191 -6.49 52.08 -25.78
N CYS C 4192 -6.00 50.83 -25.82
CA CYS C 4192 -4.64 50.61 -26.32
C CYS C 4192 -4.52 51.05 -27.77
N GLU C 4193 -5.48 50.69 -28.61
CA GLU C 4193 -5.43 51.10 -30.01
C GLU C 4193 -5.52 52.63 -30.15
N ASP C 4194 -6.42 53.25 -29.38
CA ASP C 4194 -6.58 54.70 -29.46
C ASP C 4194 -5.31 55.42 -28.98
N THR C 4195 -4.67 54.91 -27.93
CA THR C 4195 -3.45 55.53 -27.43
C THR C 4195 -2.30 55.31 -28.39
N ILE C 4196 -2.25 54.17 -29.09
CA ILE C 4196 -1.26 53.98 -30.14
C ILE C 4196 -1.46 55.02 -31.24
N PHE C 4197 -2.71 55.26 -31.65
CA PHE C 4197 -2.98 56.28 -32.64
C PHE C 4197 -2.57 57.67 -32.14
N GLU C 4198 -2.81 57.96 -30.85
CA GLU C 4198 -2.44 59.26 -30.33
C GLU C 4198 -0.91 59.44 -30.23
N MET C 4199 -0.18 58.38 -29.89
CA MET C 4199 1.28 58.46 -29.95
C MET C 4199 1.76 58.70 -31.36
N GLN C 4200 1.15 58.02 -32.34
CA GLN C 4200 1.51 58.25 -33.74
C GLN C 4200 1.22 59.69 -34.15
N LEU C 4201 0.09 60.24 -33.71
CA LEU C 4201 -0.25 61.63 -34.04
C LEU C 4201 0.72 62.60 -33.36
N ALA C 4202 1.06 62.36 -32.10
CA ALA C 4202 1.97 63.23 -31.38
C ALA C 4202 3.40 63.12 -31.89
N ALA C 4203 3.71 62.06 -32.64
CA ALA C 4203 5.02 61.98 -33.28
C ALA C 4203 5.21 63.11 -34.29
N GLN C 4204 4.12 63.66 -34.84
CA GLN C 4204 4.19 64.79 -35.76
C GLN C 4204 4.32 66.09 -34.95
N ILE C 4205 5.51 66.27 -34.38
CA ILE C 4205 5.79 67.44 -33.57
C ILE C 4205 6.55 68.49 -34.39
N ILE C 4483 1.40 74.83 -48.37
CA ILE C 4483 2.41 75.70 -47.77
C ILE C 4483 2.96 75.05 -46.50
N ALA C 4484 4.29 75.01 -46.39
CA ALA C 4484 4.91 74.42 -45.20
C ALA C 4484 4.66 75.28 -43.96
N TYR C 4485 4.58 76.60 -44.12
CA TYR C 4485 4.35 77.47 -42.97
C TYR C 4485 2.97 77.26 -42.38
N GLN C 4486 1.97 76.98 -43.21
CA GLN C 4486 0.63 76.71 -42.70
C GLN C 4486 0.63 75.45 -41.83
N GLN C 4487 1.29 74.39 -42.30
CA GLN C 4487 1.37 73.16 -41.52
C GLN C 4487 2.17 73.37 -40.24
N LYS C 4488 3.24 74.16 -40.31
CA LYS C 4488 4.03 74.46 -39.11
C LYS C 4488 3.19 75.21 -38.09
N LEU C 4489 2.42 76.21 -38.53
CA LEU C 4489 1.57 76.96 -37.62
C LEU C 4489 0.49 76.08 -37.02
N LEU C 4490 -0.12 75.21 -37.83
CA LEU C 4490 -1.15 74.32 -37.31
C LEU C 4490 -0.59 73.35 -36.28
N ASN C 4491 0.61 72.80 -36.54
CA ASN C 4491 1.23 71.91 -35.56
C ASN C 4491 1.63 72.67 -34.30
N TYR C 4492 2.07 73.91 -34.43
CA TYR C 4492 2.39 74.72 -33.26
C TYR C 4492 1.15 74.98 -32.42
N PHE C 4493 0.02 75.28 -33.07
CA PHE C 4493 -1.22 75.50 -32.33
C PHE C 4493 -1.70 74.21 -31.67
N ALA C 4494 -1.54 73.08 -32.36
CA ALA C 4494 -1.90 71.79 -31.76
C ALA C 4494 -0.95 71.39 -30.65
N ARG C 4495 0.25 71.96 -30.60
CA ARG C 4495 1.17 71.68 -29.50
C ARG C 4495 0.79 72.47 -28.25
N ASN C 4496 0.81 73.79 -28.34
CA ASN C 4496 0.49 74.67 -27.21
C ASN C 4496 -1.01 74.94 -27.25
N PHE C 4497 -1.76 74.16 -26.47
CA PHE C 4497 -3.21 74.29 -26.38
C PHE C 4497 -3.67 74.64 -24.97
N TYR C 4498 -3.23 73.88 -23.97
CA TYR C 4498 -3.60 74.18 -22.59
C TYR C 4498 -2.98 75.50 -22.13
N ASN C 4499 -1.80 75.84 -22.64
CA ASN C 4499 -1.23 77.16 -22.36
C ASN C 4499 -2.12 78.27 -22.90
N MET C 4500 -2.64 78.09 -24.11
CA MET C 4500 -3.58 79.06 -24.67
C MET C 4500 -4.86 79.15 -23.84
N ARG C 4501 -5.33 78.00 -23.34
CA ARG C 4501 -6.52 78.02 -22.49
C ARG C 4501 -6.28 78.79 -21.20
N MET C 4502 -5.12 78.56 -20.57
CA MET C 4502 -4.80 79.30 -19.35
C MET C 4502 -4.64 80.79 -19.62
N LEU C 4503 -4.06 81.14 -20.78
CA LEU C 4503 -3.95 82.54 -21.16
C LEU C 4503 -5.34 83.17 -21.34
N ALA C 4504 -6.26 82.43 -21.97
CA ALA C 4504 -7.62 82.94 -22.13
C ALA C 4504 -8.28 83.15 -20.78
N LEU C 4505 -8.07 82.22 -19.84
CA LEU C 4505 -8.65 82.37 -18.51
C LEU C 4505 -8.10 83.60 -17.79
N PHE C 4506 -6.78 83.81 -17.87
CA PHE C 4506 -6.18 84.97 -17.21
C PHE C 4506 -6.67 86.28 -17.83
N VAL C 4507 -6.80 86.31 -19.16
CA VAL C 4507 -7.28 87.52 -19.82
C VAL C 4507 -8.75 87.78 -19.45
N ALA C 4508 -9.54 86.71 -19.31
CA ALA C 4508 -10.91 86.87 -18.84
C ALA C 4508 -10.96 87.44 -17.43
N PHE C 4509 -10.06 86.97 -16.56
CA PHE C 4509 -9.97 87.52 -15.21
C PHE C 4509 -9.65 89.01 -15.23
N ALA C 4510 -8.67 89.41 -16.05
CA ALA C 4510 -8.29 90.82 -16.13
C ALA C 4510 -9.44 91.67 -16.68
N ILE C 4511 -10.11 91.19 -17.72
CA ILE C 4511 -11.23 91.92 -18.30
C ILE C 4511 -12.35 92.07 -17.27
N ASN C 4512 -12.60 91.02 -16.49
CA ASN C 4512 -13.66 91.10 -15.49
C ASN C 4512 -13.28 92.02 -14.34
N PHE C 4513 -12.00 92.13 -14.01
CA PHE C 4513 -11.56 93.15 -13.06
C PHE C 4513 -11.85 94.56 -13.59
N ILE C 4514 -11.47 94.81 -14.84
CA ILE C 4514 -11.75 96.10 -15.46
C ILE C 4514 -13.25 96.36 -15.47
N LEU C 4515 -14.05 95.32 -15.68
CA LEU C 4515 -15.50 95.46 -15.62
C LEU C 4515 -15.96 95.78 -14.19
N LEU C 4516 -15.28 95.21 -13.20
CA LEU C 4516 -15.59 95.50 -11.81
C LEU C 4516 -15.28 96.96 -11.46
N PHE C 4517 -14.47 97.64 -12.27
CA PHE C 4517 -14.21 99.06 -12.04
C PHE C 4517 -15.15 99.99 -12.83
N TYR C 4518 -16.40 99.59 -13.07
CA TYR C 4518 -17.35 100.42 -13.81
C TYR C 4518 -18.12 101.37 -12.89
N LYS C 4519 -18.97 102.20 -13.49
CA LYS C 4519 -19.78 103.21 -12.83
C LYS C 4519 -20.77 103.79 -13.84
N VAL C 4520 -21.98 104.08 -13.38
CA VAL C 4520 -22.97 104.77 -14.20
C VAL C 4520 -23.11 106.21 -13.71
N SER C 4521 -23.82 107.02 -14.49
CA SER C 4521 -24.07 108.41 -14.12
C SER C 4521 -25.41 108.89 -14.66
N VAL C 4556 -23.82 106.49 -21.06
CA VAL C 4556 -23.97 106.68 -19.63
C VAL C 4556 -22.95 105.83 -18.87
N HIS C 4557 -22.78 104.58 -19.32
CA HIS C 4557 -21.82 103.68 -18.70
C HIS C 4557 -20.40 104.11 -19.07
N TYR C 4558 -19.63 104.57 -18.09
CA TYR C 4558 -18.25 104.94 -18.31
C TYR C 4558 -17.39 104.37 -17.18
N VAL C 4559 -16.20 103.91 -17.54
CA VAL C 4559 -15.30 103.29 -16.56
C VAL C 4559 -14.71 104.38 -15.67
N LEU C 4560 -15.01 104.32 -14.38
CA LEU C 4560 -14.36 105.20 -13.42
C LEU C 4560 -12.90 104.78 -13.27
N GLU C 4561 -11.99 105.72 -13.52
CA GLU C 4561 -10.56 105.46 -13.45
C GLU C 4561 -9.93 106.41 -12.44
N GLU C 4562 -9.06 105.87 -11.59
CA GLU C 4562 -8.41 106.65 -10.54
C GLU C 4562 -7.25 107.45 -11.14
N SER C 4563 -7.62 108.48 -11.91
CA SER C 4563 -6.68 109.39 -12.56
C SER C 4563 -5.70 108.65 -13.46
N SER C 4564 -6.21 107.70 -14.23
CA SER C 4564 -5.38 106.93 -15.15
C SER C 4564 -6.23 106.55 -16.36
N GLY C 4565 -5.99 107.21 -17.48
CA GLY C 4565 -6.75 106.99 -18.69
C GLY C 4565 -6.39 105.74 -19.45
N TYR C 4566 -5.50 104.90 -18.91
CA TYR C 4566 -5.08 103.68 -19.59
C TYR C 4566 -6.14 102.58 -19.54
N MET C 4567 -7.20 102.75 -18.73
CA MET C 4567 -8.13 101.66 -18.48
C MET C 4567 -8.88 101.26 -19.74
N GLU C 4568 -9.45 102.23 -20.45
CA GLU C 4568 -10.22 101.90 -21.65
C GLU C 4568 -9.35 101.31 -22.77
N PRO C 4569 -8.17 101.85 -23.11
CA PRO C 4569 -7.33 101.15 -24.10
C PRO C 4569 -6.91 99.77 -23.65
N THR C 4570 -6.67 99.59 -22.35
CA THR C 4570 -6.35 98.26 -21.83
C THR C 4570 -7.51 97.30 -22.05
N LEU C 4571 -8.74 97.75 -21.78
CA LEU C 4571 -9.91 96.92 -22.02
C LEU C 4571 -10.06 96.56 -23.49
N ARG C 4572 -9.82 97.54 -24.38
CA ARG C 4572 -9.96 97.29 -25.81
C ARG C 4572 -8.94 96.25 -26.29
N ILE C 4573 -7.67 96.45 -25.94
CA ILE C 4573 -6.64 95.52 -26.39
C ILE C 4573 -6.83 94.16 -25.73
N LEU C 4574 -7.32 94.12 -24.50
CA LEU C 4574 -7.56 92.83 -23.84
C LEU C 4574 -8.69 92.08 -24.51
N ALA C 4575 -9.75 92.78 -24.91
CA ALA C 4575 -10.84 92.12 -25.63
C ALA C 4575 -10.37 91.57 -26.97
N ILE C 4576 -9.60 92.37 -27.72
CA ILE C 4576 -9.11 91.93 -29.02
C ILE C 4576 -8.19 90.72 -28.86
N LEU C 4577 -7.26 90.78 -27.91
CA LEU C 4577 -6.33 89.69 -27.69
C LEU C 4577 -7.04 88.45 -27.15
N HIS C 4578 -8.10 88.62 -26.37
CA HIS C 4578 -8.88 87.48 -25.91
C HIS C 4578 -9.59 86.79 -27.07
N THR C 4579 -10.17 87.57 -27.99
CA THR C 4579 -10.80 86.96 -29.15
C THR C 4579 -9.77 86.19 -29.98
N ILE C 4580 -8.59 86.79 -30.17
CA ILE C 4580 -7.53 86.12 -30.93
C ILE C 4580 -7.10 84.83 -30.25
N ILE C 4581 -6.93 84.88 -28.92
CA ILE C 4581 -6.48 83.70 -28.17
C ILE C 4581 -7.54 82.60 -28.21
N SER C 4582 -8.81 82.97 -28.13
CA SER C 4582 -9.87 81.97 -28.21
C SER C 4582 -9.95 81.34 -29.58
N PHE C 4583 -9.72 82.13 -30.64
CA PHE C 4583 -9.64 81.57 -31.98
C PHE C 4583 -8.47 80.60 -32.11
N PHE C 4584 -7.33 80.95 -31.53
CA PHE C 4584 -6.20 80.04 -31.52
C PHE C 4584 -6.54 78.76 -30.76
N CYS C 4585 -7.30 78.89 -29.67
CA CYS C 4585 -7.72 77.73 -28.89
C CYS C 4585 -8.59 76.79 -29.72
N ILE C 4586 -9.58 77.34 -30.43
CA ILE C 4586 -10.48 76.46 -31.18
C ILE C 4586 -9.75 75.83 -32.36
N ILE C 4587 -8.84 76.56 -33.00
CA ILE C 4587 -8.06 75.97 -34.09
C ILE C 4587 -7.16 74.85 -33.55
N GLY C 4588 -6.51 75.09 -32.41
CA GLY C 4588 -5.67 74.07 -31.82
C GLY C 4588 -6.44 72.83 -31.42
N TYR C 4589 -7.65 73.00 -30.87
CA TYR C 4589 -8.46 71.84 -30.52
C TYR C 4589 -8.89 71.08 -31.76
N TYR C 4590 -9.27 71.80 -32.83
CA TYR C 4590 -9.66 71.11 -34.05
C TYR C 4590 -8.49 70.33 -34.65
N CYS C 4591 -7.26 70.85 -34.51
CA CYS C 4591 -6.11 70.12 -35.01
C CYS C 4591 -5.71 68.97 -34.09
N LEU C 4592 -5.95 69.09 -32.78
CA LEU C 4592 -5.40 68.13 -31.82
C LEU C 4592 -6.26 66.87 -31.70
N LYS C 4593 -7.48 67.02 -31.19
CA LYS C 4593 -8.25 65.89 -30.69
C LYS C 4593 -9.41 65.47 -31.58
N VAL C 4594 -9.73 66.24 -32.62
CA VAL C 4594 -10.70 65.80 -33.61
C VAL C 4594 -10.27 64.49 -34.29
N PRO C 4595 -9.00 64.29 -34.66
CA PRO C 4595 -8.61 62.97 -35.19
C PRO C 4595 -8.91 61.82 -34.26
N LEU C 4596 -8.84 62.02 -32.93
CA LEU C 4596 -9.19 60.93 -32.02
C LEU C 4596 -10.65 60.51 -32.17
N VAL C 4597 -11.56 61.49 -32.24
CA VAL C 4597 -12.99 61.18 -32.40
C VAL C 4597 -13.23 60.53 -33.76
N ILE C 4598 -12.58 61.06 -34.80
CA ILE C 4598 -12.75 60.51 -36.15
C ILE C 4598 -12.28 59.05 -36.18
N PHE C 4599 -11.11 58.79 -35.59
CA PHE C 4599 -10.56 57.45 -35.57
C PHE C 4599 -11.44 56.49 -34.76
N LYS C 4600 -11.95 56.95 -33.62
CA LYS C 4600 -12.82 56.10 -32.81
C LYS C 4600 -14.08 55.73 -33.56
N ARG C 4601 -14.72 56.72 -34.20
CA ARG C 4601 -15.95 56.42 -34.92
C ARG C 4601 -15.69 55.52 -36.13
N GLU C 4602 -14.60 55.78 -36.86
CA GLU C 4602 -14.27 54.94 -38.01
C GLU C 4602 -13.98 53.51 -37.58
N LYS C 4603 -13.24 53.33 -36.48
CA LYS C 4603 -12.96 52.00 -35.96
C LYS C 4603 -14.25 51.28 -35.58
N GLU C 4604 -15.14 51.99 -34.89
CA GLU C 4604 -16.40 51.37 -34.45
C GLU C 4604 -17.24 50.94 -35.65
N VAL C 4605 -17.42 51.83 -36.62
CA VAL C 4605 -18.29 51.50 -37.74
C VAL C 4605 -17.66 50.42 -38.62
N ALA C 4606 -16.33 50.45 -38.78
CA ALA C 4606 -15.68 49.43 -39.60
C ALA C 4606 -15.74 48.06 -38.94
N ARG C 4607 -15.48 48.00 -37.63
CA ARG C 4607 -15.55 46.72 -36.93
C ARG C 4607 -16.96 46.18 -36.90
N LYS C 4608 -17.96 47.06 -36.72
CA LYS C 4608 -19.35 46.62 -36.76
C LYS C 4608 -19.71 46.06 -38.13
N LEU C 4609 -19.39 46.80 -39.20
CA LEU C 4609 -19.71 46.36 -40.55
C LEU C 4609 -18.99 45.08 -40.92
N GLU C 4610 -17.78 44.88 -40.41
CA GLU C 4610 -17.04 43.65 -40.71
C GLU C 4610 -17.61 42.47 -39.93
N PHE C 4611 -17.55 42.55 -38.60
CA PHE C 4611 -17.87 41.38 -37.78
C PHE C 4611 -19.37 41.08 -37.80
N ASP C 4612 -20.21 42.09 -37.60
CA ASP C 4612 -21.64 41.89 -37.58
C ASP C 4612 -22.29 42.30 -38.90
N GLY C 4613 -22.14 43.57 -39.27
CA GLY C 4613 -22.72 44.06 -40.51
C GLY C 4613 -24.09 44.66 -40.28
N LEU C 4614 -24.18 45.98 -40.30
CA LEU C 4614 -25.45 46.65 -40.03
C LEU C 4614 -26.15 47.08 -41.32
N TYR C 4615 -25.49 47.87 -42.15
CA TYR C 4615 -26.13 48.42 -43.34
C TYR C 4615 -26.33 47.38 -44.44
N ILE C 4616 -25.79 46.18 -44.29
CA ILE C 4616 -25.88 45.15 -45.30
C ILE C 4616 -26.93 44.09 -44.95
N THR C 4617 -27.05 43.73 -43.68
CA THR C 4617 -27.97 42.66 -43.30
C THR C 4617 -28.70 42.90 -41.98
N GLU C 4618 -28.64 44.11 -41.42
CA GLU C 4618 -29.30 44.32 -40.14
C GLU C 4618 -30.27 45.48 -40.14
N GLN C 4619 -29.97 46.57 -40.88
CA GLN C 4619 -30.82 47.74 -40.99
C GLN C 4619 -31.16 48.31 -39.61
N PRO C 4620 -30.24 49.10 -39.03
CA PRO C 4620 -30.34 49.47 -37.61
C PRO C 4620 -31.66 50.12 -37.20
N SER C 4621 -31.83 50.25 -35.88
CA SER C 4621 -33.12 50.50 -35.26
C SER C 4621 -33.67 51.89 -35.64
N GLU C 4622 -34.87 52.17 -35.13
CA GLU C 4622 -35.60 53.36 -35.54
C GLU C 4622 -34.88 54.63 -35.12
N ASP C 4623 -34.45 54.72 -33.86
CA ASP C 4623 -33.81 55.95 -33.40
C ASP C 4623 -32.37 56.03 -33.92
N ASP C 4624 -31.49 55.17 -33.37
CA ASP C 4624 -30.16 54.84 -33.88
C ASP C 4624 -29.45 55.99 -34.60
N ILE C 4625 -29.43 57.16 -33.98
CA ILE C 4625 -28.99 58.37 -34.68
C ILE C 4625 -27.54 58.24 -35.14
N LYS C 4626 -26.69 57.60 -34.32
CA LYS C 4626 -25.30 57.43 -34.69
C LYS C 4626 -25.17 56.57 -35.94
N GLY C 4627 -25.90 55.45 -36.00
CA GLY C 4627 -25.85 54.62 -37.19
C GLY C 4627 -26.45 55.28 -38.41
N GLN C 4628 -27.56 56.01 -38.22
CA GLN C 4628 -28.18 56.71 -39.33
C GLN C 4628 -27.24 57.77 -39.92
N TRP C 4629 -26.49 58.47 -39.07
CA TRP C 4629 -25.54 59.44 -39.59
C TRP C 4629 -24.33 58.75 -40.21
N ASP C 4630 -23.87 57.65 -39.63
CA ASP C 4630 -22.72 56.94 -40.16
C ASP C 4630 -23.05 56.19 -41.45
N ARG C 4631 -24.33 56.04 -41.79
CA ARG C 4631 -24.69 55.45 -43.08
C ARG C 4631 -24.14 56.25 -44.25
N LEU C 4632 -23.94 57.56 -44.07
CA LEU C 4632 -23.46 58.41 -45.15
C LEU C 4632 -21.98 58.25 -45.45
N VAL C 4633 -21.23 57.52 -44.61
CA VAL C 4633 -19.79 57.45 -44.79
C VAL C 4633 -19.33 56.16 -45.47
N ILE C 4634 -20.17 55.14 -45.53
CA ILE C 4634 -19.76 53.88 -46.16
C ILE C 4634 -19.60 54.05 -47.67
N ASN C 4635 -20.41 54.89 -48.28
CA ASN C 4635 -20.34 55.12 -49.73
C ASN C 4635 -19.47 56.34 -50.03
N THR C 4636 -18.22 56.28 -49.58
CA THR C 4636 -17.26 57.35 -49.76
C THR C 4636 -15.95 56.78 -50.27
N GLN C 4637 -15.17 57.64 -50.93
CA GLN C 4637 -13.89 57.22 -51.50
C GLN C 4637 -12.74 57.26 -50.49
N SER C 4638 -12.96 57.82 -49.31
CA SER C 4638 -11.92 57.91 -48.30
C SER C 4638 -12.49 57.57 -46.92
N PHE C 4639 -13.28 56.50 -46.87
CA PHE C 4639 -13.91 56.12 -45.61
C PHE C 4639 -12.90 55.73 -44.53
N PRO C 4640 -11.92 54.84 -44.76
CA PRO C 4640 -10.96 54.56 -43.68
C PRO C 4640 -9.76 55.50 -43.73
N ASN C 4641 -10.02 56.78 -43.45
CA ASN C 4641 -8.96 57.78 -43.54
C ASN C 4641 -7.99 57.69 -42.36
N ASN C 4642 -8.45 57.20 -41.20
CA ASN C 4642 -7.63 57.18 -40.00
C ASN C 4642 -7.49 55.81 -39.36
N TYR C 4643 -8.25 54.80 -39.81
CA TYR C 4643 -8.24 53.48 -39.18
C TYR C 4643 -7.02 52.65 -39.55
N TRP C 4644 -6.17 53.14 -40.46
CA TRP C 4644 -4.95 52.47 -40.93
C TRP C 4644 -5.21 51.04 -41.42
N ASP C 4645 -6.45 50.72 -41.77
CA ASP C 4645 -6.84 49.38 -42.18
C ASP C 4645 -7.68 49.45 -43.45
N LYS C 4646 -7.16 50.12 -44.46
CA LYS C 4646 -7.93 50.39 -45.68
C LYS C 4646 -8.04 49.15 -46.56
N PHE C 4647 -8.46 48.03 -45.97
CA PHE C 4647 -8.72 46.81 -46.72
C PHE C 4647 -9.91 46.03 -46.17
N VAL C 4648 -10.63 46.57 -45.18
CA VAL C 4648 -11.82 45.92 -44.66
C VAL C 4648 -12.92 45.85 -45.72
N LYS C 4649 -12.89 46.78 -46.69
CA LYS C 4649 -13.82 46.72 -47.80
C LYS C 4649 -13.69 45.42 -48.57
N ARG C 4650 -12.47 44.92 -48.73
CA ARG C 4650 -12.25 43.68 -49.48
C ARG C 4650 -12.85 42.48 -48.75
N LYS C 4651 -12.58 42.35 -47.45
CA LYS C 4651 -13.14 41.23 -46.69
C LYS C 4651 -14.66 41.28 -46.65
N VAL C 4652 -15.21 42.48 -46.41
CA VAL C 4652 -16.66 42.63 -46.37
C VAL C 4652 -17.27 42.29 -47.72
N MET C 4653 -16.68 42.79 -48.80
CA MET C 4653 -17.21 42.53 -50.13
C MET C 4653 -17.14 41.04 -50.43
N ASP C 4654 -16.03 40.39 -50.09
CA ASP C 4654 -15.88 38.96 -50.28
C ASP C 4654 -17.02 38.18 -49.62
N LYS C 4655 -17.11 38.26 -48.29
CA LYS C 4655 -18.06 37.39 -47.60
C LYS C 4655 -19.51 37.78 -47.91
N TYR C 4656 -19.83 39.07 -47.86
CA TYR C 4656 -21.21 39.48 -48.02
C TYR C 4656 -21.66 39.53 -49.48
N GLY C 4657 -20.74 39.43 -50.45
CA GLY C 4657 -21.15 39.31 -51.83
C GLY C 4657 -21.22 37.85 -52.22
N GLU C 4658 -20.46 37.00 -51.54
CA GLU C 4658 -20.67 35.58 -51.72
C GLU C 4658 -21.95 35.10 -51.05
N PHE C 4659 -22.44 35.82 -50.04
CA PHE C 4659 -23.74 35.41 -49.50
C PHE C 4659 -24.87 36.22 -50.14
N TYR C 4660 -24.88 37.54 -49.96
CA TYR C 4660 -26.01 38.39 -50.36
C TYR C 4660 -25.83 38.99 -51.75
N GLY C 4661 -24.96 38.43 -52.58
CA GLY C 4661 -24.78 38.95 -53.92
C GLY C 4661 -23.79 40.11 -54.00
N ARG C 4662 -23.04 40.16 -55.09
CA ARG C 4662 -21.98 41.16 -55.22
C ARG C 4662 -22.53 42.55 -55.53
N ASP C 4663 -23.67 42.61 -56.24
CA ASP C 4663 -24.17 43.89 -56.73
C ASP C 4663 -24.57 44.82 -55.58
N ARG C 4664 -25.27 44.30 -54.57
CA ARG C 4664 -25.69 45.14 -53.44
C ARG C 4664 -24.50 45.64 -52.66
N ILE C 4665 -23.48 44.79 -52.48
CA ILE C 4665 -22.26 45.21 -51.79
C ILE C 4665 -21.56 46.30 -52.59
N SER C 4666 -21.49 46.13 -53.92
CA SER C 4666 -20.80 47.11 -54.75
C SER C 4666 -21.50 48.46 -54.74
N GLU C 4667 -22.84 48.46 -54.78
CA GLU C 4667 -23.57 49.73 -54.74
C GLU C 4667 -23.50 50.37 -53.36
N LEU C 4668 -23.61 49.56 -52.30
CA LEU C 4668 -23.59 50.11 -50.95
C LEU C 4668 -22.21 50.66 -50.60
N LEU C 4669 -21.16 49.85 -50.81
CA LEU C 4669 -19.81 50.26 -50.45
C LEU C 4669 -19.22 51.24 -51.45
N GLY C 4670 -19.60 51.15 -52.73
CA GLY C 4670 -19.16 52.10 -53.73
C GLY C 4670 -17.68 52.11 -54.02
N MET C 4671 -17.08 50.93 -54.19
CA MET C 4671 -15.66 50.85 -54.50
C MET C 4671 -15.36 51.18 -55.97
N ASP C 4672 -16.19 50.73 -56.89
CA ASP C 4672 -16.02 51.06 -58.31
C ASP C 4672 -17.32 50.81 -59.09
N SER C 4694 -0.45 74.12 -56.79
CA SER C 4694 -1.63 74.97 -56.89
C SER C 4694 -2.75 74.47 -55.98
N ALA C 4695 -2.71 73.17 -55.69
CA ALA C 4695 -3.71 72.50 -54.84
C ALA C 4695 -5.12 72.72 -55.37
N VAL C 4696 -5.35 72.21 -56.57
CA VAL C 4696 -6.64 72.35 -57.26
C VAL C 4696 -7.69 71.51 -56.55
N LEU C 4697 -8.96 71.77 -56.84
CA LEU C 4697 -10.06 71.08 -56.18
C LEU C 4697 -10.21 69.68 -56.75
N ASN C 4698 -9.85 68.67 -55.96
CA ASN C 4698 -10.07 67.28 -56.30
C ASN C 4698 -11.37 66.73 -55.73
N SER C 4699 -12.36 67.61 -55.51
CA SER C 4699 -13.68 67.35 -54.94
C SER C 4699 -13.59 67.07 -53.44
N ILE C 4700 -12.37 66.92 -52.92
CA ILE C 4700 -12.03 66.84 -51.50
C ILE C 4700 -12.93 65.90 -50.71
N ASP C 4701 -13.58 64.96 -51.40
CA ASP C 4701 -14.52 64.01 -50.80
C ASP C 4701 -15.59 64.75 -49.99
N VAL C 4702 -16.43 65.48 -50.73
CA VAL C 4702 -17.42 66.39 -50.13
C VAL C 4702 -18.34 65.64 -49.18
N LYS C 4703 -18.77 64.43 -49.56
CA LYS C 4703 -19.60 63.62 -48.66
C LYS C 4703 -18.86 63.29 -47.37
N TYR C 4704 -17.59 62.90 -47.48
CA TYR C 4704 -16.80 62.61 -46.29
C TYR C 4704 -16.60 63.84 -45.44
N GLN C 4705 -16.39 65.00 -46.07
CA GLN C 4705 -16.22 66.24 -45.32
C GLN C 4705 -17.50 66.62 -44.59
N MET C 4706 -18.66 66.41 -45.23
CA MET C 4706 -19.93 66.67 -44.55
C MET C 4706 -20.15 65.74 -43.37
N TRP C 4707 -19.80 64.46 -43.54
CA TRP C 4707 -19.89 63.53 -42.42
C TRP C 4707 -18.95 63.92 -41.28
N LYS C 4708 -17.74 64.35 -41.63
CA LYS C 4708 -16.79 64.81 -40.61
C LYS C 4708 -17.30 66.04 -39.88
N LEU C 4709 -17.89 66.99 -40.60
CA LEU C 4709 -18.42 68.18 -39.95
C LEU C 4709 -19.62 67.83 -39.06
N GLY C 4710 -20.45 66.88 -39.51
CA GLY C 4710 -21.56 66.45 -38.69
C GLY C 4710 -21.13 65.79 -37.40
N VAL C 4711 -20.10 64.94 -37.47
CA VAL C 4711 -19.63 64.32 -36.23
C VAL C 4711 -18.83 65.31 -35.38
N VAL C 4712 -18.24 66.34 -36.00
CA VAL C 4712 -17.53 67.35 -35.22
C VAL C 4712 -18.52 68.20 -34.44
N PHE C 4713 -19.61 68.63 -35.07
CA PHE C 4713 -20.60 69.42 -34.35
C PHE C 4713 -21.56 68.53 -33.56
N THR C 4714 -20.99 67.56 -32.84
CA THR C 4714 -21.72 66.79 -31.83
C THR C 4714 -20.91 66.54 -30.57
N ASP C 4715 -19.58 66.61 -30.63
CA ASP C 4715 -18.76 66.40 -29.44
C ASP C 4715 -18.96 67.54 -28.45
N ASN C 4716 -18.97 67.18 -27.16
CA ASN C 4716 -19.29 68.16 -26.12
C ASN C 4716 -18.24 69.26 -26.04
N SER C 4717 -16.96 68.90 -26.12
CA SER C 4717 -15.90 69.89 -25.99
C SER C 4717 -15.92 70.88 -27.15
N PHE C 4718 -16.20 70.42 -28.37
CA PHE C 4718 -16.27 71.33 -29.50
C PHE C 4718 -17.46 72.27 -29.38
N LEU C 4719 -18.60 71.77 -28.88
CA LEU C 4719 -19.74 72.65 -28.66
C LEU C 4719 -19.43 73.70 -27.59
N TYR C 4720 -18.71 73.28 -26.53
CA TYR C 4720 -18.32 74.23 -25.50
C TYR C 4720 -17.39 75.30 -26.06
N LEU C 4721 -16.44 74.91 -26.90
CA LEU C 4721 -15.54 75.90 -27.49
C LEU C 4721 -16.25 76.78 -28.51
N ALA C 4722 -17.27 76.26 -29.19
CA ALA C 4722 -18.08 77.10 -30.07
C ALA C 4722 -18.87 78.12 -29.26
N TRP C 4723 -19.40 77.72 -28.10
CA TRP C 4723 -20.06 78.68 -27.23
C TRP C 4723 -19.07 79.74 -26.72
N TYR C 4724 -17.84 79.31 -26.42
CA TYR C 4724 -16.80 80.26 -26.04
C TYR C 4724 -16.54 81.27 -27.15
N MET C 4725 -16.45 80.79 -28.40
CA MET C 4725 -16.32 81.68 -29.55
C MET C 4725 -17.48 82.66 -29.65
N THR C 4726 -18.70 82.16 -29.48
CA THR C 4726 -19.88 83.01 -29.62
C THR C 4726 -19.88 84.10 -28.55
N MET C 4727 -19.58 83.74 -27.30
CA MET C 4727 -19.57 84.72 -26.22
C MET C 4727 -18.43 85.72 -26.40
N SER C 4728 -17.27 85.27 -26.85
CA SER C 4728 -16.15 86.20 -27.07
C SER C 4728 -16.46 87.17 -28.20
N VAL C 4729 -17.14 86.70 -29.24
CA VAL C 4729 -17.54 87.59 -30.33
C VAL C 4729 -18.58 88.59 -29.85
N LEU C 4730 -19.58 88.13 -29.10
CA LEU C 4730 -20.60 89.02 -28.58
C LEU C 4730 -20.06 90.01 -27.55
N GLY C 4731 -18.92 89.71 -26.93
CA GLY C 4731 -18.35 90.64 -25.98
C GLY C 4731 -17.94 91.97 -26.59
N HIS C 4732 -17.67 91.99 -27.89
CA HIS C 4732 -17.31 93.26 -28.55
C HIS C 4732 -18.52 94.14 -28.78
N TYR C 4733 -19.71 93.55 -28.92
CA TYR C 4733 -20.93 94.34 -29.04
C TYR C 4733 -21.22 95.10 -27.75
N ASN C 4734 -21.42 94.36 -26.66
CA ASN C 4734 -21.53 94.94 -25.32
C ASN C 4734 -20.41 94.33 -24.48
N ASN C 4735 -19.60 95.18 -23.86
CA ASN C 4735 -18.44 94.68 -23.13
C ASN C 4735 -18.83 94.22 -21.74
N PHE C 4736 -19.86 93.37 -21.66
CA PHE C 4736 -20.24 92.70 -20.42
C PHE C 4736 -20.37 91.19 -20.60
N PHE C 4737 -20.44 90.70 -21.83
CA PHE C 4737 -20.56 89.26 -22.08
C PHE C 4737 -19.29 88.50 -21.73
N PHE C 4738 -18.19 89.19 -21.45
CA PHE C 4738 -16.98 88.54 -20.97
C PHE C 4738 -17.13 88.01 -19.55
N ALA C 4739 -18.22 88.37 -18.85
CA ALA C 4739 -18.48 87.80 -17.54
C ALA C 4739 -18.80 86.32 -17.63
N ALA C 4740 -19.41 85.88 -18.73
CA ALA C 4740 -19.75 84.47 -18.89
C ALA C 4740 -18.52 83.59 -19.07
N HIS C 4741 -17.37 84.16 -19.45
CA HIS C 4741 -16.16 83.39 -19.57
C HIS C 4741 -15.56 83.00 -18.23
N LEU C 4742 -16.05 83.59 -17.13
CA LEU C 4742 -15.58 83.19 -15.81
C LEU C 4742 -15.97 81.76 -15.46
N LEU C 4743 -17.03 81.24 -16.08
CA LEU C 4743 -17.47 79.87 -15.82
C LEU C 4743 -16.50 78.83 -16.37
N ASP C 4744 -15.50 79.24 -17.15
CA ASP C 4744 -14.47 78.32 -17.59
C ASP C 4744 -13.64 77.78 -16.43
N ILE C 4745 -13.63 78.47 -15.29
CA ILE C 4745 -12.97 77.96 -14.10
C ILE C 4745 -13.64 76.69 -13.60
N ALA C 4746 -14.92 76.49 -13.94
CA ALA C 4746 -15.64 75.29 -13.53
C ALA C 4746 -15.30 74.07 -14.36
N MET C 4747 -14.70 74.26 -15.53
CA MET C 4747 -14.20 73.17 -16.35
C MET C 4747 -12.72 72.90 -16.11
N GLY C 4748 -12.16 73.47 -15.05
CA GLY C 4748 -10.77 73.33 -14.68
C GLY C 4748 -10.63 72.34 -13.54
N PHE C 4749 -10.59 72.83 -12.31
CA PHE C 4749 -10.45 71.99 -11.14
C PHE C 4749 -11.57 70.95 -11.07
N LYS C 4750 -11.23 69.76 -10.58
CA LYS C 4750 -12.15 68.63 -10.66
C LYS C 4750 -13.38 68.83 -9.77
N THR C 4751 -13.18 69.39 -8.57
CA THR C 4751 -14.31 69.50 -7.63
C THR C 4751 -15.37 70.46 -8.15
N LEU C 4752 -14.99 71.46 -8.94
CA LEU C 4752 -15.99 72.32 -9.59
C LEU C 4752 -16.81 71.52 -10.58
N ARG C 4753 -16.18 70.64 -11.34
CA ARG C 4753 -16.90 69.80 -12.30
C ARG C 4753 -17.84 68.84 -11.56
N THR C 4754 -17.40 68.30 -10.43
CA THR C 4754 -18.28 67.44 -9.64
C THR C 4754 -19.47 68.22 -9.10
N ILE C 4755 -19.24 69.44 -8.62
CA ILE C 4755 -20.34 70.27 -8.12
C ILE C 4755 -21.34 70.56 -9.23
N LEU C 4756 -20.84 70.90 -10.43
CA LEU C 4756 -21.75 71.19 -11.54
C LEU C 4756 -22.49 69.94 -11.99
N SER C 4757 -21.82 68.80 -12.04
CA SER C 4757 -22.47 67.56 -12.46
C SER C 4757 -23.42 67.00 -11.42
N SER C 4758 -23.29 67.46 -10.16
CA SER C 4758 -24.20 67.01 -9.12
C SER C 4758 -25.64 67.43 -9.40
N VAL C 4759 -25.83 68.58 -10.05
CA VAL C 4759 -27.18 69.06 -10.34
C VAL C 4759 -27.89 68.11 -11.31
N THR C 4760 -27.19 67.66 -12.35
CA THR C 4760 -27.79 66.79 -13.36
C THR C 4760 -27.62 65.31 -13.06
N HIS C 4761 -26.87 64.94 -12.02
CA HIS C 4761 -26.69 63.53 -11.69
C HIS C 4761 -28.02 62.90 -11.29
N ASN C 4762 -28.82 63.62 -10.50
CA ASN C 4762 -30.17 63.20 -10.15
C ASN C 4762 -31.12 64.18 -10.84
N GLY C 4763 -31.43 63.90 -12.09
CA GLY C 4763 -32.20 64.82 -12.91
C GLY C 4763 -33.70 64.57 -12.89
N LYS C 4764 -34.09 63.33 -13.14
CA LYS C 4764 -35.53 63.02 -13.19
C LYS C 4764 -36.19 63.21 -11.84
N GLN C 4765 -35.53 62.74 -10.77
CA GLN C 4765 -36.10 62.86 -9.43
C GLN C 4765 -36.24 64.31 -9.02
N LEU C 4766 -35.25 65.14 -9.35
CA LEU C 4766 -35.32 66.56 -9.00
C LEU C 4766 -36.48 67.26 -9.72
N VAL C 4767 -36.63 66.99 -11.01
CA VAL C 4767 -37.70 67.60 -11.79
C VAL C 4767 -39.06 67.16 -11.25
N LEU C 4768 -39.19 65.87 -10.93
CA LEU C 4768 -40.46 65.37 -10.42
C LEU C 4768 -40.77 65.94 -9.03
N THR C 4769 -39.75 66.13 -8.20
CA THR C 4769 -39.98 66.74 -6.89
C THR C 4769 -40.40 68.21 -7.03
N VAL C 4770 -39.79 68.92 -7.98
CA VAL C 4770 -40.21 70.30 -8.24
C VAL C 4770 -41.65 70.33 -8.72
N GLY C 4771 -42.03 69.36 -9.55
CA GLY C 4771 -43.42 69.28 -10.00
C GLY C 4771 -44.38 69.01 -8.85
N LEU C 4772 -44.00 68.14 -7.92
CA LEU C 4772 -44.82 67.89 -6.75
C LEU C 4772 -44.97 69.14 -5.90
N LEU C 4773 -43.87 69.89 -5.74
CA LEU C 4773 -43.95 71.18 -5.04
C LEU C 4773 -44.92 72.11 -5.74
N ALA C 4774 -44.88 72.16 -7.07
CA ALA C 4774 -45.77 73.03 -7.82
C ALA C 4774 -47.23 72.64 -7.60
N VAL C 4775 -47.54 71.34 -7.64
CA VAL C 4775 -48.94 70.94 -7.52
C VAL C 4775 -49.46 71.13 -6.10
N VAL C 4776 -48.62 70.91 -5.08
CA VAL C 4776 -49.11 71.12 -3.72
C VAL C 4776 -49.29 72.62 -3.45
N VAL C 4777 -48.41 73.46 -3.99
CA VAL C 4777 -48.60 74.91 -3.85
C VAL C 4777 -49.86 75.34 -4.59
N TYR C 4778 -50.16 74.70 -5.72
CA TYR C 4778 -51.39 75.01 -6.44
C TYR C 4778 -52.62 74.63 -5.62
N LEU C 4779 -52.58 73.48 -4.94
CA LEU C 4779 -53.71 73.09 -4.10
C LEU C 4779 -53.92 74.09 -2.97
N TYR C 4780 -52.83 74.51 -2.33
CA TYR C 4780 -52.93 75.54 -1.29
C TYR C 4780 -53.47 76.84 -1.87
N THR C 4781 -53.08 77.17 -3.11
CA THR C 4781 -53.58 78.37 -3.77
C THR C 4781 -55.08 78.28 -4.00
N VAL C 4782 -55.57 77.11 -4.42
CA VAL C 4782 -57.00 76.92 -4.65
C VAL C 4782 -57.76 77.10 -3.33
N VAL C 4783 -57.25 76.51 -2.25
CA VAL C 4783 -57.92 76.63 -0.96
C VAL C 4783 -57.97 78.09 -0.50
N ALA C 4784 -56.83 78.80 -0.62
CA ALA C 4784 -56.79 80.20 -0.21
C ALA C 4784 -57.68 81.07 -1.07
N PHE C 4785 -57.72 80.80 -2.38
CA PHE C 4785 -58.59 81.54 -3.29
C PHE C 4785 -60.05 81.35 -2.91
N ASN C 4786 -60.45 80.11 -2.59
CA ASN C 4786 -61.85 79.87 -2.26
C ASN C 4786 -62.23 80.50 -0.92
N PHE C 4787 -61.42 80.28 0.12
CA PHE C 4787 -61.85 80.59 1.47
C PHE C 4787 -61.27 81.90 2.01
N PHE C 4788 -59.95 82.01 2.09
CA PHE C 4788 -59.29 83.14 2.75
C PHE C 4788 -58.77 84.09 1.68
N ARG C 4789 -59.62 85.03 1.27
CA ARG C 4789 -59.23 86.06 0.32
C ARG C 4789 -59.10 87.44 0.94
N LYS C 4790 -59.83 87.72 2.03
CA LYS C 4790 -59.72 89.01 2.69
C LYS C 4790 -58.39 89.19 3.42
N PHE C 4791 -57.69 88.09 3.70
CA PHE C 4791 -56.45 88.16 4.46
C PHE C 4791 -55.26 88.60 3.61
N TYR C 4792 -55.35 88.48 2.29
CA TYR C 4792 -54.21 88.78 1.41
C TYR C 4792 -54.15 90.26 1.04
N ASN C 4793 -54.20 91.14 2.04
CA ASN C 4793 -54.17 92.57 1.80
C ASN C 4793 -52.75 93.10 1.99
N LYS C 4794 -51.92 92.82 0.99
CA LYS C 4794 -50.51 93.26 0.99
C LYS C 4794 -50.46 94.72 0.57
N SER C 4795 -50.93 95.58 1.47
CA SER C 4795 -50.98 97.02 1.25
C SER C 4795 -50.01 97.71 2.19
N GLU C 4796 -49.55 98.89 1.77
CA GLU C 4796 -48.56 99.66 2.54
C GLU C 4796 -49.26 100.33 3.70
N ASP C 4797 -49.33 99.61 4.83
CA ASP C 4797 -49.85 100.13 6.09
C ASP C 4797 -51.31 100.57 5.98
N GLY C 4798 -52.14 99.69 5.44
CA GLY C 4798 -53.57 99.86 5.50
C GLY C 4798 -54.20 100.78 4.48
N ASP C 4799 -54.56 101.99 4.90
CA ASP C 4799 -55.41 102.87 4.10
C ASP C 4799 -54.68 103.48 2.91
N THR C 4800 -54.41 102.65 1.90
CA THR C 4800 -53.86 103.06 0.62
C THR C 4800 -54.71 102.43 -0.47
N PRO C 4801 -54.49 102.76 -1.76
CA PRO C 4801 -55.07 101.94 -2.83
C PRO C 4801 -54.74 100.47 -2.64
N ASP C 4802 -55.78 99.66 -2.43
CA ASP C 4802 -55.60 98.27 -2.00
C ASP C 4802 -54.94 97.45 -3.11
N MET C 4803 -53.85 96.77 -2.75
CA MET C 4803 -53.16 95.86 -3.65
C MET C 4803 -53.39 94.45 -3.11
N LYS C 4804 -54.40 93.77 -3.64
CA LYS C 4804 -54.79 92.46 -3.17
C LYS C 4804 -54.35 91.39 -4.16
N CYS C 4805 -54.71 90.15 -3.85
CA CYS C 4805 -54.46 89.00 -4.73
C CYS C 4805 -55.82 88.35 -4.98
N ASP C 4806 -56.51 88.82 -6.03
CA ASP C 4806 -57.86 88.39 -6.31
C ASP C 4806 -57.92 87.23 -7.30
N ASP C 4807 -57.32 87.39 -8.48
CA ASP C 4807 -57.40 86.36 -9.50
C ASP C 4807 -56.46 85.19 -9.20
N MET C 4808 -56.65 84.10 -9.95
CA MET C 4808 -55.89 82.88 -9.72
C MET C 4808 -54.40 83.09 -9.93
N LEU C 4809 -54.02 83.75 -11.02
CA LEU C 4809 -52.61 83.82 -11.40
C LEU C 4809 -51.80 84.63 -10.40
N THR C 4810 -52.37 85.74 -9.91
CA THR C 4810 -51.68 86.56 -8.92
C THR C 4810 -51.47 85.79 -7.63
N CYS C 4811 -52.49 85.06 -7.18
CA CYS C 4811 -52.35 84.25 -5.97
C CYS C 4811 -51.31 83.15 -6.16
N TYR C 4812 -51.29 82.52 -7.33
CA TYR C 4812 -50.32 81.44 -7.57
C TYR C 4812 -48.90 81.98 -7.61
N MET C 4813 -48.69 83.12 -8.26
CA MET C 4813 -47.36 83.73 -8.27
C MET C 4813 -46.96 84.21 -6.89
N PHE C 4814 -47.92 84.72 -6.10
CA PHE C 4814 -47.63 85.14 -4.74
C PHE C 4814 -47.20 83.95 -3.87
N HIS C 4815 -47.86 82.81 -4.05
CA HIS C 4815 -47.51 81.64 -3.25
C HIS C 4815 -46.18 81.04 -3.69
N MET C 4816 -45.93 80.98 -5.00
CA MET C 4816 -44.68 80.40 -5.48
C MET C 4816 -43.49 81.34 -5.37
N TYR C 4817 -43.73 82.64 -5.14
CA TYR C 4817 -42.64 83.61 -5.06
C TYR C 4817 -42.29 83.98 -3.63
N VAL C 4818 -43.30 84.20 -2.77
CA VAL C 4818 -43.06 84.60 -1.40
C VAL C 4818 -43.32 83.46 -0.42
N GLY C 4819 -44.26 82.58 -0.75
CA GLY C 4819 -44.61 81.51 0.18
C GLY C 4819 -43.51 80.48 0.36
N VAL C 4820 -42.86 80.09 -0.74
CA VAL C 4820 -41.86 79.02 -0.67
C VAL C 4820 -40.51 79.52 -0.18
N ARG C 4821 -40.32 80.83 -0.08
CA ARG C 4821 -39.03 81.41 0.29
C ARG C 4821 -38.94 81.80 1.75
N ALA C 4822 -40.00 82.36 2.32
CA ALA C 4822 -39.96 82.88 3.67
C ALA C 4822 -39.74 81.75 4.69
N GLY C 4823 -39.05 82.09 5.77
CA GLY C 4823 -38.74 81.12 6.80
C GLY C 4823 -39.87 80.90 7.77
N GLY C 4824 -40.88 80.14 7.36
CA GLY C 4824 -42.04 79.91 8.18
C GLY C 4824 -43.32 79.75 7.38
N GLY C 4825 -43.25 79.99 6.08
CA GLY C 4825 -44.37 79.77 5.19
C GLY C 4825 -45.06 81.05 4.79
N ILE C 4826 -46.31 80.89 4.35
CA ILE C 4826 -47.12 82.03 3.93
C ILE C 4826 -47.66 82.84 5.10
N GLY C 4827 -47.52 82.34 6.33
CA GLY C 4827 -48.02 83.06 7.48
C GLY C 4827 -47.21 84.29 7.84
N ASP C 4828 -45.96 84.37 7.40
CA ASP C 4828 -45.11 85.50 7.72
C ASP C 4828 -45.47 86.77 6.96
N GLU C 4829 -46.34 86.68 5.95
CA GLU C 4829 -46.73 87.82 5.15
C GLU C 4829 -48.22 88.13 5.20
N ILE C 4830 -49.06 87.11 5.40
CA ILE C 4830 -50.50 87.32 5.51
C ILE C 4830 -50.81 88.03 6.83
N GLU C 4831 -51.87 88.84 6.81
CA GLU C 4831 -52.32 89.52 8.01
C GLU C 4831 -52.67 88.52 9.11
N ASP C 4832 -52.57 88.97 10.35
CA ASP C 4832 -52.75 88.08 11.49
C ASP C 4832 -54.23 87.70 11.62
N PRO C 4833 -54.54 86.40 11.70
CA PRO C 4833 -55.94 85.94 11.85
C PRO C 4833 -56.41 85.86 13.30
N ALA C 4834 -56.73 87.03 13.86
CA ALA C 4834 -57.20 87.14 15.24
C ALA C 4834 -58.63 87.68 15.22
N GLY C 4835 -59.56 86.90 15.78
CA GLY C 4835 -60.94 87.31 15.91
C GLY C 4835 -61.86 86.82 14.82
N ASP C 4836 -61.32 86.40 13.67
CA ASP C 4836 -62.15 85.93 12.59
C ASP C 4836 -62.76 84.57 12.92
N GLU C 4837 -63.89 84.27 12.30
CA GLU C 4837 -64.52 82.97 12.48
C GLU C 4837 -63.66 81.86 11.88
N TYR C 4838 -62.93 82.17 10.80
CA TYR C 4838 -62.00 81.21 10.21
C TYR C 4838 -60.62 81.38 10.86
N GLU C 4839 -60.55 80.95 12.12
CA GLU C 4839 -59.31 81.03 12.89
C GLU C 4839 -58.60 79.69 12.99
N ILE C 4840 -59.31 78.64 13.41
CA ILE C 4840 -58.69 77.32 13.53
C ILE C 4840 -58.38 76.76 12.15
N TYR C 4841 -59.29 76.96 11.19
CA TYR C 4841 -59.02 76.52 9.82
C TYR C 4841 -57.81 77.25 9.23
N ARG C 4842 -57.70 78.55 9.49
CA ARG C 4842 -56.55 79.31 9.01
C ARG C 4842 -55.26 78.84 9.66
N ILE C 4843 -55.30 78.55 10.96
CA ILE C 4843 -54.11 78.09 11.66
C ILE C 4843 -53.67 76.73 11.11
N ILE C 4844 -54.63 75.83 10.87
CA ILE C 4844 -54.31 74.53 10.29
C ILE C 4844 -53.72 74.69 8.90
N PHE C 4845 -54.32 75.57 8.08
CA PHE C 4845 -53.79 75.87 6.75
C PHE C 4845 -52.34 76.33 6.84
N ASP C 4846 -52.06 77.28 7.73
CA ASP C 4846 -50.74 77.86 7.85
C ASP C 4846 -49.71 76.82 8.28
N ILE C 4847 -50.03 76.06 9.33
CA ILE C 4847 -49.09 75.08 9.87
C ILE C 4847 -48.84 73.97 8.86
N THR C 4848 -49.90 73.48 8.22
CA THR C 4848 -49.74 72.40 7.25
C THR C 4848 -48.91 72.87 6.05
N PHE C 4849 -49.18 74.07 5.54
CA PHE C 4849 -48.36 74.63 4.47
C PHE C 4849 -46.90 74.65 4.87
N PHE C 4850 -46.59 75.39 5.95
CA PHE C 4850 -45.20 75.52 6.41
C PHE C 4850 -44.53 74.16 6.49
N PHE C 4851 -45.07 73.29 7.35
CA PHE C 4851 -44.49 71.96 7.60
C PHE C 4851 -44.29 71.22 6.30
N PHE C 4852 -45.40 70.86 5.63
CA PHE C 4852 -45.33 70.02 4.44
C PHE C 4852 -44.39 70.61 3.41
N VAL C 4853 -44.76 71.74 2.79
CA VAL C 4853 -44.01 72.18 1.62
C VAL C 4853 -42.59 72.55 2.01
N ILE C 4854 -42.42 73.47 2.98
CA ILE C 4854 -41.08 73.96 3.27
C ILE C 4854 -40.21 72.82 3.78
N VAL C 4855 -40.57 72.24 4.94
CA VAL C 4855 -39.71 71.24 5.55
C VAL C 4855 -39.48 70.09 4.60
N ILE C 4856 -40.54 69.35 4.25
CA ILE C 4856 -40.34 68.10 3.54
C ILE C 4856 -39.76 68.36 2.15
N LEU C 4857 -40.38 69.23 1.35
CA LEU C 4857 -39.96 69.31 -0.04
C LEU C 4857 -38.64 70.05 -0.20
N LEU C 4858 -38.43 71.17 0.50
CA LEU C 4858 -37.15 71.85 0.36
C LEU C 4858 -36.01 71.01 0.90
N ALA C 4859 -36.23 70.33 2.04
CA ALA C 4859 -35.20 69.44 2.56
C ALA C 4859 -34.94 68.28 1.62
N ILE C 4860 -35.97 67.78 0.93
CA ILE C 4860 -35.77 66.66 0.01
C ILE C 4860 -34.97 67.10 -1.21
N ILE C 4861 -35.25 68.28 -1.75
CA ILE C 4861 -34.49 68.77 -2.91
C ILE C 4861 -33.04 69.01 -2.52
N GLN C 4862 -32.83 69.66 -1.37
CA GLN C 4862 -31.48 69.92 -0.90
C GLN C 4862 -30.73 68.60 -0.66
N GLY C 4863 -31.41 67.62 -0.07
CA GLY C 4863 -30.78 66.34 0.17
C GLY C 4863 -30.46 65.59 -1.12
N LEU C 4864 -31.33 65.73 -2.13
CA LEU C 4864 -31.05 65.11 -3.42
C LEU C 4864 -29.76 65.65 -4.01
N ILE C 4865 -29.61 66.97 -4.05
CA ILE C 4865 -28.40 67.54 -4.64
C ILE C 4865 -27.15 67.19 -3.81
N ILE C 4866 -27.26 67.31 -2.49
CA ILE C 4866 -26.10 67.06 -1.64
C ILE C 4866 -25.70 65.58 -1.70
N ASP C 4867 -26.69 64.68 -1.72
CA ASP C 4867 -26.39 63.26 -1.81
C ASP C 4867 -25.81 62.88 -3.16
N ALA C 4868 -26.23 63.56 -4.23
CA ALA C 4868 -25.59 63.35 -5.52
C ALA C 4868 -24.11 63.73 -5.46
N PHE C 4869 -23.81 64.88 -4.85
CA PHE C 4869 -22.41 65.31 -4.72
C PHE C 4869 -21.61 64.32 -3.89
N GLY C 4870 -22.17 63.89 -2.75
CA GLY C 4870 -21.47 62.94 -1.91
C GLY C 4870 -21.26 61.59 -2.57
N GLU C 4871 -22.26 61.12 -3.32
CA GLU C 4871 -22.14 59.86 -4.04
C GLU C 4871 -21.06 59.94 -5.11
N LEU C 4872 -20.99 61.06 -5.83
CA LEU C 4872 -19.94 61.23 -6.84
C LEU C 4872 -18.56 61.22 -6.20
N ARG C 4873 -18.40 61.95 -5.09
CA ARG C 4873 -17.10 61.98 -4.41
C ARG C 4873 -16.74 60.59 -3.88
N ASP C 4874 -17.72 59.85 -3.36
CA ASP C 4874 -17.46 58.51 -2.86
C ASP C 4874 -17.08 57.56 -3.98
N GLN C 4875 -17.71 57.71 -5.15
CA GLN C 4875 -17.34 56.89 -6.29
C GLN C 4875 -15.89 57.16 -6.72
N GLN C 4876 -15.50 58.44 -6.74
CA GLN C 4876 -14.12 58.76 -7.09
C GLN C 4876 -13.13 58.17 -6.06
N GLU C 4877 -13.47 58.29 -4.77
CA GLU C 4877 -12.60 57.74 -3.74
C GLU C 4877 -12.51 56.22 -3.85
N GLN C 4878 -13.62 55.55 -4.16
CA GLN C 4878 -13.60 54.10 -4.33
C GLN C 4878 -12.77 53.69 -5.53
N VAL C 4879 -12.84 54.47 -6.61
CA VAL C 4879 -12.01 54.20 -7.78
C VAL C 4879 -10.53 54.29 -7.41
N LYS C 4880 -10.16 55.35 -6.67
CA LYS C 4880 -8.77 55.50 -6.26
C LYS C 4880 -8.33 54.36 -5.35
N GLU C 4881 -9.19 53.96 -4.41
CA GLU C 4881 -8.86 52.87 -3.49
C GLU C 4881 -8.69 51.55 -4.23
N ASP C 4882 -9.58 51.27 -5.20
CA ASP C 4882 -9.46 50.05 -5.98
C ASP C 4882 -8.18 50.05 -6.81
N MET C 4883 -7.81 51.21 -7.35
CA MET C 4883 -6.54 51.28 -8.07
C MET C 4883 -5.35 51.10 -7.14
N GLU C 4884 -5.46 51.53 -5.89
CA GLU C 4884 -4.35 51.45 -4.95
C GLU C 4884 -4.28 50.13 -4.18
N THR C 4885 -5.31 49.28 -4.25
CA THR C 4885 -5.29 48.04 -3.49
C THR C 4885 -5.57 46.79 -4.31
N LYS C 4886 -5.92 46.92 -5.60
CA LYS C 4886 -6.26 45.79 -6.42
C LYS C 4886 -5.48 45.83 -7.72
N CYS C 4887 -5.00 44.66 -8.15
CA CYS C 4887 -4.38 44.52 -9.46
C CYS C 4887 -5.42 44.76 -10.54
N PHE C 4888 -5.17 45.74 -11.40
CA PHE C 4888 -6.12 46.11 -12.46
C PHE C 4888 -6.35 44.93 -13.39
N ILE C 4889 -5.32 44.53 -14.13
CA ILE C 4889 -5.33 43.22 -14.75
C ILE C 4889 -5.06 42.19 -13.65
N CYS C 4890 -5.36 40.92 -13.95
CA CYS C 4890 -4.93 39.78 -13.15
C CYS C 4890 -5.67 39.66 -11.83
N GLY C 4891 -6.40 40.71 -11.44
CA GLY C 4891 -7.39 40.70 -10.37
C GLY C 4891 -7.16 39.86 -9.12
N ILE C 4892 -6.06 40.10 -8.40
CA ILE C 4892 -5.79 39.30 -7.20
C ILE C 4892 -6.11 40.09 -5.94
N GLY C 4893 -5.38 41.17 -5.71
CA GLY C 4893 -5.54 41.96 -4.50
C GLY C 4893 -4.19 42.32 -3.94
N ASN C 4894 -4.20 42.82 -2.70
CA ASN C 4894 -3.01 43.34 -2.05
C ASN C 4894 -2.38 42.35 -1.07
N ASP C 4895 -3.20 41.58 -0.33
CA ASP C 4895 -2.68 40.70 0.70
C ASP C 4895 -1.89 39.52 0.14
N TYR C 4896 -1.97 39.25 -1.16
CA TYR C 4896 -1.26 38.13 -1.77
C TYR C 4896 0.16 38.49 -2.18
N PHE C 4897 0.33 39.60 -2.90
CA PHE C 4897 1.65 40.01 -3.35
C PHE C 4897 2.49 40.62 -2.23
N ASP C 4898 1.87 41.04 -1.13
CA ASP C 4898 2.56 41.75 -0.07
C ASP C 4898 3.22 40.83 0.95
N THR C 4899 3.20 39.52 0.72
CA THR C 4899 3.91 38.60 1.60
C THR C 4899 5.41 38.81 1.56
N VAL C 4900 5.94 39.37 0.48
CA VAL C 4900 7.35 39.72 0.37
C VAL C 4900 7.47 41.23 0.54
N PRO C 4901 8.63 41.74 0.98
CA PRO C 4901 8.79 43.20 1.09
C PRO C 4901 8.68 43.89 -0.26
N HIS C 4902 7.90 44.97 -0.30
CA HIS C 4902 7.65 45.75 -1.51
C HIS C 4902 7.12 44.87 -2.64
N GLY C 4903 6.03 44.16 -2.34
CA GLY C 4903 5.48 43.20 -3.28
C GLY C 4903 4.53 43.79 -4.30
N PHE C 4904 3.46 44.43 -3.83
CA PHE C 4904 2.43 44.92 -4.75
C PHE C 4904 2.95 46.05 -5.62
N GLU C 4905 3.77 46.94 -5.06
CA GLU C 4905 4.32 48.04 -5.85
C GLU C 4905 5.21 47.53 -6.98
N THR C 4906 6.07 46.56 -6.67
CA THR C 4906 6.92 45.98 -7.70
C THR C 4906 6.09 45.21 -8.73
N HIS C 4907 5.04 44.51 -8.26
CA HIS C 4907 4.16 43.79 -9.18
C HIS C 4907 3.52 44.73 -10.18
N THR C 4908 2.92 45.82 -9.71
CA THR C 4908 2.28 46.77 -10.61
C THR C 4908 3.30 47.50 -11.48
N LEU C 4909 4.50 47.76 -10.95
CA LEU C 4909 5.48 48.54 -11.71
C LEU C 4909 6.13 47.72 -12.82
N GLN C 4910 6.44 46.45 -12.56
CA GLN C 4910 7.21 45.65 -13.52
C GLN C 4910 6.44 44.47 -14.09
N GLU C 4911 5.70 43.73 -13.26
CA GLU C 4911 5.17 42.45 -13.71
C GLU C 4911 3.89 42.63 -14.54
N HIS C 4912 2.82 43.10 -13.90
CA HIS C 4912 1.54 43.36 -14.57
C HIS C 4912 1.38 44.88 -14.70
N ASN C 4913 2.09 45.46 -15.67
CA ASN C 4913 2.00 46.89 -15.89
C ASN C 4913 0.93 47.19 -16.95
N LEU C 4914 0.83 48.46 -17.32
CA LEU C 4914 -0.11 48.93 -18.33
C LEU C 4914 0.60 49.47 -19.56
N ALA C 4915 1.53 50.40 -19.36
CA ALA C 4915 2.35 50.89 -20.46
C ALA C 4915 3.16 49.77 -21.10
N ASN C 4916 3.53 48.76 -20.32
CA ASN C 4916 4.23 47.61 -20.90
C ASN C 4916 3.35 46.86 -21.89
N TYR C 4917 2.06 46.66 -21.53
CA TYR C 4917 1.15 46.01 -22.47
C TYR C 4917 0.92 46.87 -23.70
N LEU C 4918 0.80 48.18 -23.51
CA LEU C 4918 0.72 49.09 -24.65
C LEU C 4918 1.91 48.97 -25.59
N PHE C 4919 3.12 49.00 -25.02
CA PHE C 4919 4.31 48.94 -25.85
C PHE C 4919 4.46 47.57 -26.51
N PHE C 4920 3.98 46.51 -25.86
CA PHE C 4920 4.01 45.19 -26.48
C PHE C 4920 3.05 45.11 -27.66
N LEU C 4921 1.85 45.68 -27.53
CA LEU C 4921 0.94 45.72 -28.66
C LEU C 4921 1.51 46.54 -29.82
N MET C 4922 2.12 47.68 -29.50
CA MET C 4922 2.73 48.50 -30.55
C MET C 4922 3.89 47.77 -31.21
N TYR C 4923 4.67 47.02 -30.42
CA TYR C 4923 5.77 46.24 -30.96
C TYR C 4923 5.26 45.13 -31.88
N LEU C 4924 4.16 44.48 -31.50
CA LEU C 4924 3.57 43.46 -32.36
C LEU C 4924 3.07 44.07 -33.67
N ILE C 4925 2.46 45.25 -33.61
CA ILE C 4925 1.98 45.89 -34.83
C ILE C 4925 3.14 46.28 -35.73
N ASN C 4926 4.24 46.77 -35.14
CA ASN C 4926 5.35 47.27 -35.94
C ASN C 4926 6.10 46.13 -36.64
N LYS C 4927 6.32 45.02 -35.94
CA LYS C 4927 7.15 43.95 -36.49
C LYS C 4927 6.41 43.20 -37.60
N ASP C 4928 7.20 42.58 -38.48
CA ASP C 4928 6.65 41.80 -39.58
C ASP C 4928 6.11 40.47 -39.05
N GLU C 4929 5.20 39.89 -39.83
CA GLU C 4929 4.60 38.61 -39.46
C GLU C 4929 5.57 37.45 -39.56
N THR C 4930 6.60 37.57 -40.41
CA THR C 4930 7.53 36.47 -40.59
C THR C 4930 8.50 36.32 -39.42
N GLU C 4931 8.77 37.40 -38.70
CA GLU C 4931 9.76 37.38 -37.62
C GLU C 4931 9.13 37.15 -36.25
N HIS C 4932 7.83 36.88 -36.17
CA HIS C 4932 7.19 36.65 -34.90
C HIS C 4932 7.62 35.30 -34.30
N THR C 4933 7.89 35.30 -33.00
CA THR C 4933 8.22 34.08 -32.29
C THR C 4933 6.93 33.29 -32.03
N GLY C 4934 7.02 32.21 -31.26
CA GLY C 4934 5.84 31.41 -30.99
C GLY C 4934 4.81 32.17 -30.16
N GLN C 4935 5.25 32.76 -29.04
CA GLN C 4935 4.34 33.50 -28.18
C GLN C 4935 3.80 34.73 -28.89
N GLU C 4936 4.66 35.45 -29.62
CA GLU C 4936 4.22 36.65 -30.33
C GLU C 4936 3.22 36.31 -31.42
N SER C 4937 3.45 35.22 -32.15
CA SER C 4937 2.51 34.81 -33.19
C SER C 4937 1.18 34.37 -32.58
N TYR C 4938 1.23 33.67 -31.44
CA TYR C 4938 0.01 33.26 -30.76
C TYR C 4938 -0.81 34.46 -30.31
N VAL C 4939 -0.14 35.44 -29.70
CA VAL C 4939 -0.82 36.64 -29.23
C VAL C 4939 -1.38 37.43 -30.42
N TRP C 4940 -0.61 37.51 -31.51
CA TRP C 4940 -1.09 38.20 -32.70
C TRP C 4940 -2.32 37.52 -33.27
N LYS C 4941 -2.35 36.19 -33.30
CA LYS C 4941 -3.51 35.47 -33.81
C LYS C 4941 -4.73 35.71 -32.93
N MET C 4942 -4.56 35.64 -31.60
CA MET C 4942 -5.68 35.88 -30.71
C MET C 4942 -6.19 37.32 -30.82
N TYR C 4943 -5.29 38.29 -30.98
CA TYR C 4943 -5.70 39.67 -31.14
C TYR C 4943 -6.39 39.90 -32.47
N GLN C 4944 -5.94 39.22 -33.52
CA GLN C 4944 -6.59 39.34 -34.82
C GLN C 4944 -7.99 38.75 -34.79
N GLU C 4945 -8.17 37.65 -34.05
CA GLU C 4945 -9.49 37.04 -33.90
C GLU C 4945 -10.32 37.69 -32.79
N ARG C 4946 -9.77 38.70 -32.11
CA ARG C 4946 -10.47 39.42 -31.04
C ARG C 4946 -10.96 38.47 -29.97
N CYS C 4947 -10.10 37.54 -29.57
CA CYS C 4947 -10.44 36.50 -28.61
C CYS C 4947 -9.39 36.56 -27.49
N TRP C 4948 -9.76 37.19 -26.37
CA TRP C 4948 -8.79 37.55 -25.33
C TRP C 4948 -8.87 36.56 -24.17
N GLU C 4949 -8.06 35.50 -24.28
CA GLU C 4949 -7.77 34.63 -23.15
C GLU C 4949 -6.30 34.65 -22.76
N PHE C 4950 -5.44 35.29 -23.56
CA PHE C 4950 -4.03 35.39 -23.21
C PHE C 4950 -3.78 36.34 -22.06
N PHE C 4951 -4.74 37.21 -21.73
CA PHE C 4951 -4.62 38.03 -20.54
C PHE C 4951 -4.74 37.15 -19.30
N PRO C 4952 -4.00 37.46 -18.23
CA PRO C 4952 -4.15 36.69 -16.99
C PRO C 4952 -5.56 36.86 -16.42
N ALA C 4953 -6.08 35.77 -15.86
CA ALA C 4953 -7.46 35.70 -15.37
C ALA C 4953 -7.48 35.23 -13.93
N GLY C 4954 -6.65 35.85 -13.09
CA GLY C 4954 -6.51 35.45 -11.71
C GLY C 4954 -5.30 34.59 -11.41
N ASP C 4955 -4.39 34.44 -12.36
CA ASP C 4955 -3.16 33.70 -12.18
C ASP C 4955 -1.97 34.58 -12.56
N CYS C 4956 -0.86 34.36 -11.86
CA CYS C 4956 0.38 35.09 -12.13
C CYS C 4956 1.54 34.11 -12.11
N PHE C 4957 2.75 34.63 -12.29
CA PHE C 4957 3.94 33.79 -12.23
C PHE C 4957 4.12 33.20 -10.83
N ARG C 4958 3.92 34.01 -9.80
CA ARG C 4958 4.14 33.55 -8.43
C ARG C 4958 3.13 32.49 -7.99
N LYS C 4959 1.99 32.39 -8.68
CA LYS C 4959 0.99 31.38 -8.32
C LYS C 4959 1.20 30.09 -9.10
N GLN C 4960 1.29 30.17 -10.43
CA GLN C 4960 1.53 28.98 -11.23
C GLN C 4960 2.95 28.44 -11.00
N TYR C 4961 3.95 29.25 -11.34
CA TYR C 4961 5.36 28.87 -11.14
C TYR C 4961 5.78 29.38 -9.77
N GLU C 4962 5.39 28.62 -8.75
CA GLU C 4962 5.46 29.08 -7.36
C GLU C 4962 6.92 29.14 -6.91
N ASP C 4963 7.59 30.22 -7.33
CA ASP C 4963 8.99 30.50 -7.00
C ASP C 4963 9.88 29.31 -7.33
N GLN C 4964 10.35 28.61 -6.31
CA GLN C 4964 11.11 27.37 -6.49
C GLN C 4964 10.18 26.16 -6.47
N LEU C 4965 9.14 26.22 -7.30
CA LEU C 4965 8.10 25.19 -7.38
C LEU C 4965 7.47 24.93 -6.01
N ASN C 4966 7.22 26.01 -5.28
CA ASN C 4966 6.65 25.98 -3.92
C ASN C 4966 7.48 25.11 -2.98
N GLU D 10 -18.98 -14.72 18.98
CA GLU D 10 -19.95 -15.49 18.21
C GLU D 10 -20.92 -16.23 19.14
N ILE D 11 -22.21 -15.98 18.96
CA ILE D 11 -23.25 -16.59 19.76
C ILE D 11 -24.26 -17.24 18.81
N GLN D 12 -24.48 -18.54 18.99
CA GLN D 12 -25.44 -19.30 18.18
C GLN D 12 -26.34 -20.10 19.10
N PHE D 13 -27.63 -20.16 18.75
CA PHE D 13 -28.59 -20.91 19.55
C PHE D 13 -29.62 -21.52 18.61
N LEU D 14 -30.65 -22.14 19.20
CA LEU D 14 -31.69 -22.82 18.45
C LEU D 14 -33.04 -22.15 18.73
N ARG D 15 -33.78 -21.86 17.67
CA ARG D 15 -35.12 -21.31 17.74
C ARG D 15 -36.08 -22.26 17.04
N THR D 16 -37.31 -21.81 16.84
CA THR D 16 -38.28 -22.61 16.11
C THR D 16 -37.95 -22.59 14.61
N ASP D 17 -38.55 -23.54 13.88
CA ASP D 17 -38.36 -23.66 12.42
C ASP D 17 -36.89 -23.92 12.08
N ASP D 18 -36.21 -24.71 12.91
CA ASP D 18 -34.76 -24.84 12.85
C ASP D 18 -34.35 -26.24 12.46
N GLU D 19 -33.06 -26.53 12.62
CA GLU D 19 -32.43 -27.70 12.04
C GLU D 19 -31.97 -28.67 13.13
N VAL D 20 -32.88 -28.96 14.07
CA VAL D 20 -32.55 -29.83 15.19
C VAL D 20 -32.38 -31.27 14.71
N VAL D 21 -31.39 -31.97 15.28
CA VAL D 21 -31.21 -33.40 15.03
C VAL D 21 -30.57 -33.98 16.29
N LEU D 22 -30.87 -35.24 16.58
CA LEU D 22 -30.61 -35.79 17.91
C LEU D 22 -29.44 -36.77 17.84
N GLN D 23 -28.50 -36.61 18.77
CA GLN D 23 -27.26 -37.37 18.75
C GLN D 23 -26.85 -37.71 20.19
N CYS D 24 -26.26 -38.88 20.38
CA CYS D 24 -25.74 -39.21 21.70
C CYS D 24 -24.65 -40.26 21.57
N THR D 25 -23.63 -40.14 22.41
CA THR D 25 -22.48 -41.03 22.41
C THR D 25 -22.51 -41.89 23.67
N ALA D 26 -22.39 -43.20 23.50
CA ALA D 26 -22.36 -44.12 24.63
C ALA D 26 -21.49 -45.31 24.30
N THR D 27 -20.44 -45.53 25.10
CA THR D 27 -19.50 -46.61 24.85
C THR D 27 -20.12 -47.92 25.34
N ILE D 28 -20.59 -48.73 24.40
CA ILE D 28 -21.18 -50.04 24.70
C ILE D 28 -20.28 -51.11 24.09
N HIS D 29 -19.92 -52.11 24.90
CA HIS D 29 -19.02 -53.19 24.51
C HIS D 29 -17.68 -52.63 24.04
N LYS D 30 -17.15 -51.65 24.78
CA LYS D 30 -15.85 -51.03 24.51
C LYS D 30 -15.81 -50.43 23.10
N GLU D 31 -16.91 -49.81 22.69
CA GLU D 31 -16.98 -49.14 21.39
C GLU D 31 -17.78 -47.86 21.58
N GLN D 32 -17.14 -46.71 21.36
CA GLN D 32 -17.85 -45.44 21.35
C GLN D 32 -18.43 -45.17 19.96
N GLN D 33 -19.72 -44.82 19.91
CA GLN D 33 -20.39 -44.53 18.65
C GLN D 33 -21.42 -43.43 18.89
N LYS D 34 -21.63 -42.58 17.88
CA LYS D 34 -22.63 -41.52 17.96
C LYS D 34 -23.90 -41.92 17.22
N LEU D 35 -24.90 -42.32 18.01
CA LEU D 35 -26.13 -42.83 17.44
C LEU D 35 -27.09 -41.67 17.20
N CYS D 36 -27.90 -41.83 16.16
CA CYS D 36 -28.88 -40.82 15.81
C CYS D 36 -30.29 -41.40 15.88
N LEU D 37 -31.25 -40.58 16.29
CA LEU D 37 -32.63 -41.05 16.42
C LEU D 37 -33.29 -41.06 15.04
N ALA D 38 -33.83 -42.22 14.66
CA ALA D 38 -34.47 -42.36 13.35
C ALA D 38 -35.86 -42.97 13.51
N ALA D 39 -36.78 -42.51 12.65
CA ALA D 39 -38.15 -42.98 12.65
C ALA D 39 -38.78 -42.72 11.29
N GLU D 40 -39.83 -43.48 10.99
CA GLU D 40 -40.60 -43.31 9.76
C GLU D 40 -42.01 -43.80 10.02
N GLY D 41 -43.01 -42.95 9.71
CA GLY D 41 -44.37 -43.27 10.03
C GLY D 41 -45.07 -44.18 9.04
N PHE D 42 -44.58 -44.25 7.80
CA PHE D 42 -45.26 -45.00 6.76
C PHE D 42 -45.04 -46.50 6.88
N GLY D 43 -44.02 -46.94 7.60
CA GLY D 43 -43.74 -48.36 7.70
C GLY D 43 -43.87 -48.93 9.10
N ASN D 44 -43.70 -48.08 10.10
CA ASN D 44 -43.71 -48.52 11.50
C ASN D 44 -44.06 -47.32 12.38
N ARG D 45 -44.06 -47.55 13.69
CA ARG D 45 -44.29 -46.49 14.66
C ARG D 45 -43.10 -46.28 15.59
N LEU D 46 -42.63 -47.35 16.24
CA LEU D 46 -41.51 -47.25 17.17
C LEU D 46 -40.24 -46.81 16.45
N CYS D 47 -39.39 -46.08 17.16
CA CYS D 47 -38.17 -45.54 16.57
C CYS D 47 -37.01 -46.53 16.72
N PHE D 48 -35.94 -46.26 15.97
CA PHE D 48 -34.73 -47.07 16.03
C PHE D 48 -33.51 -46.19 15.84
N LEU D 49 -32.45 -46.47 16.58
CA LEU D 49 -31.21 -45.71 16.45
C LEU D 49 -30.54 -46.03 15.12
N GLU D 50 -29.68 -45.10 14.70
CA GLU D 50 -28.93 -45.22 13.45
C GLU D 50 -27.46 -45.01 13.77
N SER D 51 -26.70 -46.10 13.80
CA SER D 51 -25.27 -46.01 14.05
C SER D 51 -24.56 -45.32 12.90
N THR D 52 -23.60 -44.47 13.22
CA THR D 52 -22.91 -43.62 12.24
C THR D 52 -21.41 -43.67 12.55
N SER D 53 -20.67 -44.51 11.82
CA SER D 53 -19.23 -44.65 12.02
C SER D 53 -18.42 -43.87 11.01
N ASN D 54 -19.00 -43.55 9.86
CA ASN D 54 -18.32 -42.87 8.75
C ASN D 54 -17.03 -43.60 8.35
N SER D 55 -17.20 -44.78 7.77
CA SER D 55 -16.08 -45.51 7.18
C SER D 55 -16.13 -45.48 5.65
N LYS D 56 -16.77 -44.46 5.09
CA LYS D 56 -16.77 -44.16 3.65
C LYS D 56 -17.23 -45.33 2.78
N ASN D 57 -17.83 -46.35 3.40
CA ASN D 57 -18.21 -47.56 2.70
C ASN D 57 -19.62 -47.99 3.05
N VAL D 58 -20.07 -47.63 4.25
CA VAL D 58 -21.44 -47.85 4.67
C VAL D 58 -22.03 -46.50 5.06
N PRO D 59 -22.67 -45.79 4.13
CA PRO D 59 -23.21 -44.46 4.44
C PRO D 59 -24.32 -44.53 5.46
N PRO D 60 -24.56 -43.47 6.21
CA PRO D 60 -25.73 -43.42 7.09
C PRO D 60 -26.93 -42.81 6.38
N ASP D 61 -28.06 -42.84 7.07
CA ASP D 61 -29.27 -42.17 6.63
C ASP D 61 -29.59 -41.01 7.56
N LEU D 62 -30.14 -39.95 6.99
CA LEU D 62 -30.38 -38.72 7.75
C LEU D 62 -31.81 -38.23 7.58
N SER D 63 -32.46 -38.57 6.47
CA SER D 63 -33.85 -38.19 6.25
C SER D 63 -34.75 -38.68 7.38
N ILE D 64 -34.60 -39.94 7.77
CA ILE D 64 -35.36 -40.49 8.90
C ILE D 64 -34.95 -39.88 10.23
N CYS D 65 -33.85 -39.12 10.27
CA CYS D 65 -33.35 -38.51 11.49
C CYS D 65 -33.53 -37.00 11.55
N THR D 66 -33.71 -36.33 10.41
CA THR D 66 -33.85 -34.87 10.40
C THR D 66 -35.20 -34.49 11.00
N PHE D 67 -35.16 -33.82 12.15
CA PHE D 67 -36.36 -33.35 12.82
C PHE D 67 -36.50 -31.83 12.66
N VAL D 68 -37.75 -31.39 12.64
CA VAL D 68 -38.08 -29.96 12.62
C VAL D 68 -38.92 -29.67 13.86
N LEU D 69 -38.45 -28.75 14.69
CA LEU D 69 -39.22 -28.44 15.89
C LEU D 69 -40.19 -27.30 15.60
N GLU D 70 -41.07 -27.05 16.56
CA GLU D 70 -42.23 -26.19 16.34
C GLU D 70 -42.38 -25.30 17.58
N GLN D 71 -43.58 -24.72 17.73
CA GLN D 71 -43.85 -23.70 18.74
C GLN D 71 -43.44 -24.17 20.13
N SER D 72 -42.61 -23.36 20.78
CA SER D 72 -42.12 -23.64 22.12
C SER D 72 -42.82 -22.72 23.11
N LEU D 73 -43.51 -23.32 24.07
CA LEU D 73 -44.24 -22.59 25.10
C LEU D 73 -43.66 -22.94 26.48
N SER D 74 -44.07 -22.19 27.49
CA SER D 74 -43.66 -22.46 28.84
C SER D 74 -44.54 -23.54 29.46
N VAL D 75 -44.11 -24.06 30.60
CA VAL D 75 -44.85 -25.15 31.24
C VAL D 75 -46.19 -24.65 31.78
N ARG D 76 -46.20 -23.45 32.37
CA ARG D 76 -47.45 -22.79 32.73
C ARG D 76 -48.27 -22.37 31.52
N ALA D 77 -47.66 -22.20 30.34
CA ALA D 77 -48.46 -22.13 29.13
C ALA D 77 -48.76 -23.54 28.67
N LEU D 78 -49.79 -24.16 29.25
CA LEU D 78 -50.14 -25.54 28.95
C LEU D 78 -51.19 -25.67 27.87
N GLN D 79 -51.95 -24.61 27.59
CA GLN D 79 -53.12 -24.63 26.71
C GLN D 79 -54.14 -25.67 27.20
N GLU D 80 -55.08 -26.05 26.35
CA GLU D 80 -56.16 -26.97 26.69
C GLU D 80 -56.95 -26.45 27.90
N MET D 81 -57.54 -25.28 27.72
CA MET D 81 -58.65 -24.82 28.56
C MET D 81 -59.92 -25.45 28.03
N LEU D 82 -60.31 -26.59 28.61
CA LEU D 82 -61.43 -27.40 28.14
C LEU D 82 -61.23 -27.80 26.68
N ALA D 83 -61.81 -27.03 25.77
CA ALA D 83 -61.71 -27.27 24.33
C ALA D 83 -60.77 -26.22 23.75
N ASN D 84 -59.64 -26.68 23.19
CA ASN D 84 -58.61 -25.82 22.61
C ASN D 84 -58.13 -24.75 23.60
N MET D 102 -59.50 -24.93 15.86
CA MET D 102 -58.32 -25.68 15.43
C MET D 102 -57.08 -25.29 16.23
N LYS D 103 -56.04 -24.85 15.54
CA LYS D 103 -54.82 -24.42 16.22
C LYS D 103 -54.99 -23.02 16.81
N THR D 104 -55.20 -22.03 15.95
CA THR D 104 -55.26 -20.61 16.33
C THR D 104 -54.07 -20.24 17.22
N ALA D 105 -52.87 -20.31 16.63
CA ALA D 105 -51.67 -20.03 17.37
C ALA D 105 -51.53 -18.54 17.64
N GLN D 106 -51.00 -18.21 18.83
CA GLN D 106 -50.83 -16.83 19.27
C GLN D 106 -49.35 -16.47 19.39
N GLY D 107 -48.54 -16.93 18.45
CA GLY D 107 -47.12 -16.68 18.49
C GLY D 107 -46.54 -16.20 17.16
N GLY D 108 -45.67 -15.18 17.22
CA GLY D 108 -45.05 -14.70 16.00
C GLY D 108 -44.08 -15.70 15.41
N GLY D 109 -43.31 -16.38 16.24
CA GLY D 109 -42.37 -17.39 15.80
C GLY D 109 -40.93 -16.94 15.97
N HIS D 110 -40.03 -17.86 15.66
CA HIS D 110 -38.59 -17.66 15.75
C HIS D 110 -38.14 -17.32 17.17
N ARG D 111 -38.90 -17.77 18.17
CA ARG D 111 -38.53 -17.57 19.56
C ARG D 111 -37.46 -18.59 19.95
N THR D 112 -36.39 -18.13 20.59
CA THR D 112 -35.31 -19.02 20.95
C THR D 112 -35.72 -19.88 22.12
N LEU D 113 -35.40 -21.18 22.04
CA LEU D 113 -35.87 -22.13 23.03
C LEU D 113 -35.03 -22.03 24.30
N LEU D 114 -35.68 -21.76 25.43
CA LEU D 114 -35.01 -21.64 26.71
C LEU D 114 -35.22 -22.90 27.54
N TYR D 115 -34.25 -23.19 28.40
CA TYR D 115 -34.29 -24.36 29.26
C TYR D 115 -35.58 -24.38 30.08
N GLY D 116 -36.35 -25.45 29.96
CA GLY D 116 -37.61 -25.58 30.65
C GLY D 116 -38.83 -25.32 29.79
N HIS D 117 -38.66 -24.79 28.57
CA HIS D 117 -39.79 -24.55 27.69
C HIS D 117 -40.31 -25.88 27.13
N ALA D 118 -41.64 -26.00 27.07
CA ALA D 118 -42.23 -27.18 26.46
C ALA D 118 -42.11 -27.11 24.94
N ILE D 119 -41.58 -28.16 24.34
CA ILE D 119 -41.22 -28.16 22.92
C ILE D 119 -42.05 -29.21 22.20
N LEU D 120 -42.17 -29.02 20.89
CA LEU D 120 -42.86 -29.95 20.00
C LEU D 120 -41.93 -30.31 18.86
N LEU D 121 -41.79 -31.60 18.59
CA LEU D 121 -40.95 -32.11 17.52
C LEU D 121 -41.81 -32.63 16.38
N ARG D 122 -41.41 -32.33 15.15
CA ARG D 122 -42.10 -32.78 13.96
C ARG D 122 -41.10 -33.38 12.98
N HIS D 123 -41.48 -34.48 12.36
CA HIS D 123 -40.59 -35.15 11.40
C HIS D 123 -40.60 -34.41 10.08
N SER D 124 -39.41 -34.11 9.56
CA SER D 124 -39.31 -33.42 8.28
C SER D 124 -39.73 -34.29 7.11
N TYR D 125 -39.72 -35.62 7.28
CA TYR D 125 -40.13 -36.53 6.22
C TYR D 125 -41.48 -37.17 6.51
N SER D 126 -41.62 -37.82 7.67
CA SER D 126 -42.83 -38.57 7.96
C SER D 126 -44.03 -37.68 8.26
N GLY D 127 -43.80 -36.39 8.51
CA GLY D 127 -44.87 -35.44 8.73
C GLY D 127 -45.54 -35.54 10.08
N MET D 128 -45.13 -36.48 10.93
CA MET D 128 -45.78 -36.73 12.21
C MET D 128 -44.96 -36.09 13.33
N TYR D 129 -45.37 -36.36 14.57
CA TYR D 129 -44.74 -35.78 15.75
C TYR D 129 -44.24 -36.89 16.66
N LEU D 130 -43.02 -36.76 17.14
CA LEU D 130 -42.47 -37.73 18.08
C LEU D 130 -43.19 -37.61 19.42
N CYS D 131 -43.64 -38.74 19.96
CA CYS D 131 -44.47 -38.73 21.15
C CYS D 131 -44.14 -39.94 22.01
N CYS D 132 -44.68 -39.93 23.23
CA CYS D 132 -44.60 -41.06 24.14
C CYS D 132 -45.91 -41.83 24.05
N LEU D 133 -45.86 -43.02 23.46
CA LEU D 133 -47.06 -43.81 23.25
C LEU D 133 -47.62 -44.33 24.57
N SER D 134 -48.95 -44.43 24.63
CA SER D 134 -49.63 -44.94 25.81
C SER D 134 -49.48 -46.46 25.96
N THR D 135 -48.93 -47.15 24.97
CA THR D 135 -48.75 -48.59 25.03
C THR D 135 -47.54 -48.90 25.91
N SER D 136 -47.10 -50.16 25.88
CA SER D 136 -46.07 -50.65 26.78
C SER D 136 -45.24 -51.69 26.04
N ARG D 137 -44.53 -52.52 26.81
CA ARG D 137 -43.72 -53.62 26.29
C ARG D 137 -42.56 -53.10 25.44
N SER D 138 -42.71 -53.11 24.12
CA SER D 138 -41.65 -52.73 23.19
C SER D 138 -40.37 -53.53 23.46
N SER D 139 -40.55 -54.83 23.69
CA SER D 139 -39.46 -55.76 24.02
C SER D 139 -38.69 -55.33 25.26
N THR D 140 -39.39 -54.71 26.22
CA THR D 140 -38.80 -54.31 27.49
C THR D 140 -39.63 -54.86 28.64
N ASP D 141 -38.98 -55.07 29.78
CA ASP D 141 -39.62 -55.60 30.99
C ASP D 141 -39.38 -54.62 32.14
N LYS D 142 -40.24 -53.62 32.23
CA LYS D 142 -40.14 -52.57 33.25
C LYS D 142 -41.46 -51.81 33.28
N LEU D 143 -41.48 -50.70 34.00
CA LEU D 143 -42.63 -49.80 34.03
C LEU D 143 -42.54 -48.74 32.93
N ALA D 144 -41.56 -48.82 32.06
CA ALA D 144 -41.32 -47.81 31.04
C ALA D 144 -42.37 -47.89 29.93
N PHE D 145 -42.38 -46.87 29.09
CA PHE D 145 -43.25 -46.76 27.93
C PHE D 145 -42.41 -46.85 26.65
N ASP D 146 -43.07 -46.65 25.51
CA ASP D 146 -42.41 -46.72 24.22
C ASP D 146 -42.61 -45.42 23.46
N VAL D 147 -41.62 -45.09 22.62
CA VAL D 147 -41.63 -43.86 21.84
C VAL D 147 -42.14 -44.17 20.44
N GLY D 148 -42.85 -43.22 19.86
CA GLY D 148 -43.36 -43.40 18.52
C GLY D 148 -43.86 -42.10 17.94
N LEU D 149 -44.47 -42.19 16.76
CA LEU D 149 -44.96 -41.05 16.04
C LEU D 149 -46.48 -41.13 15.87
N GLN D 150 -47.12 -39.97 15.83
CA GLN D 150 -48.56 -39.89 15.62
C GLN D 150 -48.88 -38.52 15.03
N GLU D 151 -50.14 -38.33 14.65
CA GLU D 151 -50.58 -37.14 13.93
C GLU D 151 -51.27 -36.12 14.83
N ASP D 152 -52.18 -36.56 15.69
CA ASP D 152 -52.92 -35.64 16.54
C ASP D 152 -52.00 -35.00 17.58
N THR D 153 -52.13 -33.69 17.75
CA THR D 153 -51.31 -32.93 18.69
C THR D 153 -52.06 -32.59 19.97
N THR D 154 -53.35 -32.95 20.05
CA THR D 154 -54.14 -32.64 21.23
C THR D 154 -53.67 -33.46 22.42
N GLY D 155 -54.04 -32.99 23.61
CA GLY D 155 -53.66 -33.65 24.85
C GLY D 155 -52.29 -33.23 25.34
N GLU D 156 -51.95 -33.69 26.54
CA GLU D 156 -50.66 -33.37 27.13
C GLU D 156 -49.49 -34.02 26.42
N ALA D 157 -49.75 -35.04 25.60
CA ALA D 157 -48.70 -35.69 24.83
C ALA D 157 -48.20 -34.74 23.74
N CYS D 158 -47.25 -35.23 22.95
CA CYS D 158 -46.59 -34.52 21.85
C CYS D 158 -45.75 -33.35 22.33
N TRP D 159 -45.55 -33.21 23.63
CA TRP D 159 -44.78 -32.09 24.19
C TRP D 159 -43.60 -32.61 24.98
N TRP D 160 -42.47 -31.93 24.87
CA TRP D 160 -41.26 -32.30 25.57
C TRP D 160 -40.64 -31.06 26.21
N THR D 161 -40.13 -31.23 27.43
CA THR D 161 -39.49 -30.16 28.18
C THR D 161 -37.99 -30.41 28.25
N ILE D 162 -37.21 -29.39 27.91
CA ILE D 162 -35.75 -29.50 27.91
C ILE D 162 -35.22 -29.07 29.26
N HIS D 163 -34.41 -29.92 29.88
CA HIS D 163 -33.77 -29.60 31.14
C HIS D 163 -32.26 -29.72 31.00
N PRO D 164 -31.49 -28.79 31.58
CA PRO D 164 -30.04 -28.79 31.37
C PRO D 164 -29.36 -29.85 32.23
N ALA D 165 -28.55 -30.69 31.59
CA ALA D 165 -27.78 -31.70 32.32
C ALA D 165 -26.65 -31.07 33.12
N SER D 166 -26.04 -30.01 32.57
CA SER D 166 -24.92 -29.35 33.23
C SER D 166 -25.42 -28.19 34.08
N LYS D 167 -24.72 -27.96 35.19
CA LYS D 167 -25.03 -26.84 36.08
C LYS D 167 -24.47 -25.52 35.58
N GLN D 168 -23.70 -25.53 34.49
CA GLN D 168 -23.14 -24.29 33.96
C GLN D 168 -24.21 -23.39 33.38
N ARG D 169 -25.24 -23.97 32.75
CA ARG D 169 -26.28 -23.19 32.09
C ARG D 169 -27.49 -22.96 32.99
N SER D 170 -27.92 -23.99 33.71
CA SER D 170 -29.10 -23.94 34.58
C SER D 170 -30.36 -23.55 33.81
N GLU D 171 -31.41 -23.17 34.54
CA GLU D 171 -32.69 -22.88 33.92
C GLU D 171 -32.71 -21.47 33.33
N GLY D 172 -33.43 -21.32 32.22
CA GLY D 172 -33.64 -20.01 31.62
C GLY D 172 -32.42 -19.44 30.94
N GLU D 173 -31.93 -20.10 29.90
CA GLU D 173 -30.80 -19.61 29.12
C GLU D 173 -31.00 -19.95 27.66
N LYS D 174 -30.37 -19.16 26.79
CA LYS D 174 -30.38 -19.44 25.36
C LYS D 174 -29.57 -20.69 25.10
N VAL D 175 -30.24 -21.77 24.69
CA VAL D 175 -29.58 -23.06 24.52
C VAL D 175 -28.71 -22.98 23.27
N ARG D 176 -27.39 -23.00 23.46
CA ARG D 176 -26.45 -22.92 22.36
C ARG D 176 -26.24 -24.31 21.74
N VAL D 177 -25.45 -24.35 20.68
CA VAL D 177 -25.16 -25.62 20.03
C VAL D 177 -24.08 -26.37 20.79
N GLY D 178 -24.05 -27.69 20.60
CA GLY D 178 -23.05 -28.53 21.24
C GLY D 178 -23.26 -28.78 22.71
N ASP D 179 -24.40 -28.40 23.27
CA ASP D 179 -24.67 -28.59 24.67
C ASP D 179 -25.28 -29.98 24.91
N ASP D 180 -25.60 -30.28 26.16
CA ASP D 180 -26.25 -31.52 26.55
C ASP D 180 -27.61 -31.20 27.14
N LEU D 181 -28.63 -31.90 26.66
CA LEU D 181 -30.01 -31.66 27.07
C LEU D 181 -30.64 -32.96 27.56
N ILE D 182 -31.58 -32.82 28.48
CA ILE D 182 -32.36 -33.94 29.01
C ILE D 182 -33.83 -33.66 28.72
N LEU D 183 -34.51 -34.62 28.12
CA LEU D 183 -35.91 -34.46 27.73
C LEU D 183 -36.78 -35.28 28.66
N VAL D 184 -37.71 -34.61 29.35
CA VAL D 184 -38.59 -35.25 30.32
C VAL D 184 -39.94 -34.55 30.35
N SER D 185 -41.00 -35.27 29.99
CA SER D 185 -42.33 -34.69 29.84
C SER D 185 -43.35 -35.81 29.70
N VAL D 186 -44.54 -35.45 29.23
CA VAL D 186 -45.68 -36.34 28.94
C VAL D 186 -46.19 -36.95 30.23
N SER D 187 -46.32 -38.28 30.28
CA SER D 187 -47.13 -38.92 31.31
C SER D 187 -46.36 -39.86 32.22
N SER D 188 -45.03 -39.89 32.14
CA SER D 188 -44.25 -40.72 33.05
C SER D 188 -42.96 -40.08 33.52
N GLU D 189 -42.71 -38.80 33.20
CA GLU D 189 -41.43 -38.15 33.46
C GLU D 189 -40.26 -38.98 32.93
N ARG D 190 -40.46 -39.58 31.77
CA ARG D 190 -39.47 -40.50 31.22
C ARG D 190 -38.32 -39.72 30.58
N TYR D 191 -37.29 -40.45 30.20
CA TYR D 191 -36.13 -39.88 29.52
C TYR D 191 -35.82 -40.73 28.30
N LEU D 192 -35.20 -40.09 27.31
CA LEU D 192 -34.80 -40.77 26.08
C LEU D 192 -33.59 -41.65 26.39
N HIS D 193 -33.86 -42.78 27.02
CA HIS D 193 -32.83 -43.65 27.56
C HIS D 193 -32.36 -44.65 26.50
N LEU D 194 -31.05 -44.88 26.47
CA LEU D 194 -30.46 -45.85 25.56
C LEU D 194 -30.39 -47.20 26.28
N SER D 195 -31.38 -48.06 26.02
CA SER D 195 -31.42 -49.39 26.62
C SER D 195 -30.58 -50.33 25.77
N TYR D 196 -29.36 -50.61 26.24
CA TYR D 196 -28.45 -51.50 25.53
C TYR D 196 -28.69 -52.97 25.86
N GLY D 197 -29.63 -53.26 26.75
CA GLY D 197 -29.90 -54.64 27.16
C GLY D 197 -30.65 -55.47 26.14
N ASN D 198 -31.24 -54.83 25.13
CA ASN D 198 -31.97 -55.55 24.08
C ASN D 198 -31.06 -55.92 22.91
N SER D 199 -29.91 -56.52 23.23
CA SER D 199 -28.92 -57.00 22.27
C SER D 199 -28.31 -55.88 21.43
N SER D 200 -28.73 -54.64 21.65
CA SER D 200 -28.27 -53.46 20.91
C SER D 200 -28.88 -52.24 21.59
N TRP D 201 -28.57 -51.07 21.03
CA TRP D 201 -29.17 -49.84 21.53
C TRP D 201 -30.67 -49.82 21.24
N HIS D 202 -31.44 -49.31 22.19
CA HIS D 202 -32.89 -49.28 22.07
C HIS D 202 -33.43 -48.11 22.88
N VAL D 203 -34.12 -47.19 22.21
CA VAL D 203 -34.71 -46.05 22.90
C VAL D 203 -36.07 -46.44 23.44
N ASP D 204 -36.27 -46.21 24.73
CA ASP D 204 -37.55 -46.45 25.38
C ASP D 204 -37.75 -45.39 26.45
N ALA D 205 -39.00 -45.22 26.86
CA ALA D 205 -39.37 -44.18 27.82
C ALA D 205 -39.07 -44.64 29.25
N ALA D 206 -37.78 -44.88 29.50
CA ALA D 206 -37.32 -45.34 30.80
C ALA D 206 -37.24 -44.18 31.79
N PHE D 207 -37.04 -44.53 33.06
CA PHE D 207 -37.01 -43.55 34.14
C PHE D 207 -35.60 -43.14 34.53
N GLN D 208 -34.58 -43.62 33.82
CA GLN D 208 -33.20 -43.23 34.07
C GLN D 208 -32.75 -42.24 33.01
N GLN D 209 -32.24 -41.10 33.45
CA GLN D 209 -31.83 -40.05 32.52
C GLN D 209 -30.62 -40.48 31.70
N THR D 210 -30.52 -39.93 30.50
CA THR D 210 -29.43 -40.26 29.58
C THR D 210 -29.06 -39.01 28.81
N LEU D 211 -27.75 -38.84 28.57
CA LEU D 211 -27.25 -37.69 27.83
C LEU D 211 -27.82 -37.69 26.42
N TRP D 212 -28.09 -36.50 25.89
CA TRP D 212 -28.59 -36.36 24.52
C TRP D 212 -28.17 -35.00 24.01
N SER D 213 -27.24 -34.98 23.06
CA SER D 213 -26.74 -33.75 22.47
C SER D 213 -27.62 -33.31 21.31
N VAL D 214 -27.35 -32.14 20.78
CA VAL D 214 -28.07 -31.58 19.65
C VAL D 214 -27.07 -31.06 18.64
N ALA D 215 -27.46 -31.04 17.37
CA ALA D 215 -26.62 -30.55 16.30
C ALA D 215 -27.48 -29.81 15.29
N PRO D 216 -26.92 -28.81 14.60
CA PRO D 216 -27.65 -28.20 13.47
C PRO D 216 -27.44 -28.99 12.19
N ILE D 217 -28.52 -29.54 11.61
CA ILE D 217 -28.36 -30.47 10.50
C ILE D 217 -28.16 -29.72 9.18
N SER D 218 -29.14 -28.91 8.76
CA SER D 218 -29.07 -28.30 7.44
C SER D 218 -29.00 -26.78 7.50
N SER D 219 -30.05 -26.09 7.93
CA SER D 219 -30.16 -24.63 7.92
C SER D 219 -31.52 -24.27 8.49
N GLY D 220 -31.70 -22.98 8.79
CA GLY D 220 -32.98 -22.48 9.24
C GLY D 220 -33.26 -21.06 8.76
N SER D 221 -32.43 -20.56 7.85
CA SER D 221 -32.51 -19.17 7.43
C SER D 221 -32.85 -19.00 5.95
N GLU D 222 -32.10 -19.64 5.05
CA GLU D 222 -32.21 -19.38 3.63
C GLU D 222 -33.13 -20.39 2.95
N ALA D 223 -33.89 -19.91 1.97
CA ALA D 223 -34.74 -20.75 1.15
C ALA D 223 -33.90 -21.31 -0.01
N ALA D 224 -34.56 -21.87 -1.02
CA ALA D 224 -33.87 -22.41 -2.19
C ALA D 224 -33.11 -21.30 -2.92
N GLN D 225 -33.85 -20.36 -3.52
CA GLN D 225 -33.28 -19.14 -4.12
C GLN D 225 -32.17 -19.45 -5.11
N GLY D 226 -32.27 -20.58 -5.82
CA GLY D 226 -31.22 -21.00 -6.71
C GLY D 226 -29.93 -21.33 -5.99
N TYR D 227 -30.03 -22.09 -4.90
CA TYR D 227 -28.86 -22.49 -4.12
C TYR D 227 -29.05 -23.95 -3.72
N LEU D 228 -28.23 -24.83 -4.30
CA LEU D 228 -28.33 -26.25 -3.99
C LEU D 228 -27.97 -26.51 -2.54
N ILE D 229 -28.93 -27.03 -1.78
CA ILE D 229 -28.74 -27.31 -0.37
C ILE D 229 -28.24 -28.75 -0.23
N GLY D 230 -27.62 -29.04 0.91
CA GLY D 230 -27.13 -30.38 1.18
C GLY D 230 -28.23 -31.32 1.61
N GLY D 231 -28.63 -32.21 0.71
CA GLY D 231 -29.69 -33.16 0.99
C GLY D 231 -31.01 -32.73 0.39
N ASP D 232 -31.33 -33.26 -0.78
CA ASP D 232 -32.53 -32.92 -1.53
C ASP D 232 -32.61 -33.83 -2.73
N VAL D 233 -33.80 -33.92 -3.30
CA VAL D 233 -34.03 -34.70 -4.51
C VAL D 233 -33.86 -33.77 -5.71
N LEU D 234 -33.00 -34.17 -6.64
CA LEU D 234 -32.68 -33.32 -7.78
C LEU D 234 -32.53 -34.17 -9.04
N ARG D 235 -32.58 -33.50 -10.19
CA ARG D 235 -32.44 -34.13 -11.49
C ARG D 235 -31.00 -34.02 -11.99
N LEU D 236 -30.72 -34.78 -13.05
CA LEU D 236 -29.39 -34.84 -13.66
C LEU D 236 -29.49 -34.76 -15.16
N LEU D 237 -30.23 -33.76 -15.65
CA LEU D 237 -30.36 -33.56 -17.10
C LEU D 237 -29.02 -33.17 -17.71
N HIS D 238 -28.68 -33.79 -18.83
CA HIS D 238 -27.41 -33.55 -19.51
C HIS D 238 -27.56 -32.63 -20.71
N GLY D 239 -28.40 -33.01 -21.67
CA GLY D 239 -28.62 -32.22 -22.87
C GLY D 239 -29.59 -31.09 -22.72
N HIS D 240 -30.01 -30.77 -21.49
CA HIS D 240 -30.93 -29.70 -21.11
C HIS D 240 -32.36 -29.96 -21.60
N MET D 241 -32.61 -31.04 -22.33
CA MET D 241 -33.97 -31.36 -22.77
C MET D 241 -34.30 -32.82 -22.50
N ASP D 242 -33.28 -33.69 -22.54
CA ASP D 242 -33.48 -35.12 -22.46
C ASP D 242 -32.17 -35.77 -21.99
N GLU D 243 -32.06 -37.08 -22.21
CA GLU D 243 -30.87 -37.90 -21.94
C GLU D 243 -30.29 -37.64 -20.54
N CYS D 244 -31.13 -37.85 -19.53
CA CYS D 244 -30.68 -37.85 -18.15
C CYS D 244 -30.35 -39.28 -17.72
N LEU D 245 -29.58 -39.40 -16.64
CA LEU D 245 -29.21 -40.71 -16.13
C LEU D 245 -30.44 -41.44 -15.61
N THR D 246 -30.58 -42.71 -16.00
CA THR D 246 -31.78 -43.48 -15.71
C THR D 246 -31.42 -44.89 -15.28
N VAL D 247 -32.16 -45.41 -14.30
CA VAL D 247 -32.02 -46.79 -13.83
C VAL D 247 -33.18 -47.58 -14.41
N PRO D 248 -32.94 -48.77 -14.96
CA PRO D 248 -34.03 -49.55 -15.57
C PRO D 248 -35.03 -50.03 -14.53
N SER D 249 -36.24 -50.32 -15.02
CA SER D 249 -37.34 -50.75 -14.18
C SER D 249 -38.19 -51.74 -14.98
N GLY D 250 -39.41 -51.99 -14.51
CA GLY D 250 -40.27 -52.98 -15.15
C GLY D 250 -39.73 -54.38 -14.96
N GLU D 251 -39.40 -54.72 -13.71
CA GLU D 251 -38.78 -55.97 -13.25
C GLU D 251 -37.33 -56.10 -13.69
N HIS D 252 -36.82 -55.17 -14.51
CA HIS D 252 -35.39 -55.16 -14.81
C HIS D 252 -34.60 -54.68 -13.60
N GLY D 253 -35.13 -53.72 -12.86
CA GLY D 253 -34.51 -53.31 -11.62
C GLY D 253 -34.67 -54.37 -10.54
N GLU D 254 -33.78 -54.31 -9.55
CA GLU D 254 -33.65 -55.22 -8.42
C GLU D 254 -33.26 -56.64 -8.83
N GLU D 255 -33.11 -56.91 -10.13
CA GLU D 255 -32.55 -58.16 -10.62
C GLU D 255 -31.19 -57.94 -11.25
N GLN D 256 -31.10 -57.04 -12.24
CA GLN D 256 -29.81 -56.54 -12.67
C GLN D 256 -29.35 -55.40 -11.77
N ARG D 257 -30.12 -54.30 -11.76
CA ARG D 257 -29.94 -53.16 -10.85
C ARG D 257 -28.55 -52.56 -10.92
N ARG D 258 -27.89 -52.64 -12.08
CA ARG D 258 -26.55 -52.10 -12.25
C ARG D 258 -26.45 -51.11 -13.39
N THR D 259 -27.19 -51.31 -14.47
CA THR D 259 -27.07 -50.46 -15.65
C THR D 259 -27.51 -49.04 -15.33
N VAL D 260 -26.71 -48.06 -15.77
CA VAL D 260 -27.07 -46.66 -15.65
C VAL D 260 -27.37 -46.11 -17.04
N HIS D 261 -28.64 -46.18 -17.43
CA HIS D 261 -29.03 -45.75 -18.76
C HIS D 261 -28.96 -44.23 -18.87
N TYR D 262 -28.30 -43.76 -19.94
CA TYR D 262 -28.23 -42.32 -20.21
C TYR D 262 -29.37 -41.89 -21.14
N GLU D 263 -30.59 -42.25 -20.76
CA GLU D 263 -31.76 -42.13 -21.62
C GLU D 263 -32.78 -41.20 -20.97
N GLY D 264 -33.32 -40.28 -21.77
CA GLY D 264 -34.36 -39.37 -21.36
C GLY D 264 -35.72 -39.78 -21.89
N GLY D 265 -36.55 -38.79 -22.17
CA GLY D 265 -37.88 -39.03 -22.70
C GLY D 265 -38.98 -38.83 -21.67
N ALA D 266 -39.96 -39.74 -21.65
CA ALA D 266 -41.04 -39.66 -20.69
C ALA D 266 -40.59 -39.92 -19.26
N VAL D 267 -39.42 -40.54 -19.09
CA VAL D 267 -38.87 -40.77 -17.75
C VAL D 267 -38.54 -39.44 -17.06
N SER D 268 -38.25 -38.39 -17.83
CA SER D 268 -37.82 -37.12 -17.27
C SER D 268 -38.88 -36.52 -16.34
N VAL D 269 -40.04 -36.15 -16.90
CA VAL D 269 -41.05 -35.49 -16.08
C VAL D 269 -41.76 -36.48 -15.16
N HIS D 270 -41.91 -37.73 -15.57
CA HIS D 270 -42.34 -38.80 -14.67
C HIS D 270 -41.10 -39.36 -13.97
N ALA D 271 -40.58 -38.54 -13.05
CA ALA D 271 -39.17 -38.58 -12.65
C ALA D 271 -38.88 -39.80 -11.79
N ARG D 272 -38.72 -40.94 -12.46
CA ARG D 272 -38.00 -42.05 -11.85
C ARG D 272 -36.53 -41.69 -11.68
N SER D 273 -35.98 -40.96 -12.65
CA SER D 273 -34.59 -40.52 -12.63
C SER D 273 -34.44 -39.38 -11.61
N LEU D 274 -34.31 -39.76 -10.35
CA LEU D 274 -34.11 -38.81 -9.27
C LEU D 274 -33.08 -39.36 -8.31
N TRP D 275 -32.15 -38.51 -7.90
CA TRP D 275 -31.07 -38.90 -7.00
C TRP D 275 -31.02 -37.95 -5.83
N ARG D 276 -30.96 -38.49 -4.62
CA ARG D 276 -30.83 -37.71 -3.40
C ARG D 276 -29.38 -37.75 -2.93
N LEU D 277 -28.81 -36.58 -2.67
CA LEU D 277 -27.41 -36.47 -2.29
C LEU D 277 -27.28 -36.34 -0.77
N GLU D 278 -26.22 -36.92 -0.24
CA GLU D 278 -25.89 -36.82 1.18
C GLU D 278 -24.46 -36.34 1.34
N THR D 279 -24.20 -35.61 2.41
CA THR D 279 -22.89 -35.05 2.69
C THR D 279 -22.21 -35.86 3.79
N LEU D 280 -20.87 -35.88 3.74
CA LEU D 280 -20.11 -36.59 4.75
C LEU D 280 -20.23 -35.94 6.12
N ARG D 281 -20.23 -34.61 6.16
CA ARG D 281 -20.37 -33.89 7.43
C ARG D 281 -21.80 -34.03 7.95
N VAL D 282 -21.93 -34.09 9.27
CA VAL D 282 -23.23 -34.21 9.91
C VAL D 282 -23.70 -32.84 10.36
N ALA D 283 -22.90 -32.15 11.16
CA ALA D 283 -23.24 -30.80 11.59
C ALA D 283 -23.17 -29.84 10.40
N TRP D 284 -24.24 -29.07 10.22
CA TRP D 284 -24.41 -28.19 9.06
C TRP D 284 -24.25 -28.96 7.76
N SER D 285 -24.89 -30.14 7.71
CA SER D 285 -24.82 -30.98 6.51
C SER D 285 -25.47 -30.29 5.32
N GLY D 286 -26.61 -29.64 5.53
CA GLY D 286 -27.31 -28.97 4.46
C GLY D 286 -26.82 -27.55 4.22
N SER D 287 -25.56 -27.41 3.88
CA SER D 287 -25.01 -26.11 3.54
C SER D 287 -25.40 -25.72 2.12
N HIS D 288 -25.06 -24.48 1.76
CA HIS D 288 -25.34 -24.00 0.41
C HIS D 288 -24.45 -24.64 -0.64
N ILE D 289 -23.42 -25.39 -0.22
CA ILE D 289 -22.53 -26.17 -1.07
C ILE D 289 -21.69 -25.26 -1.96
N ARG D 290 -20.38 -25.28 -1.74
CA ARG D 290 -19.45 -24.52 -2.57
C ARG D 290 -19.35 -25.16 -3.96
N TRP D 291 -18.48 -24.59 -4.80
CA TRP D 291 -18.31 -25.13 -6.14
C TRP D 291 -17.67 -26.50 -6.14
N GLY D 292 -16.97 -26.88 -5.07
CA GLY D 292 -16.42 -28.21 -4.99
C GLY D 292 -16.40 -28.79 -3.58
N GLN D 293 -17.06 -29.95 -3.42
CA GLN D 293 -17.09 -30.70 -2.17
C GLN D 293 -17.70 -32.07 -2.44
N PRO D 294 -17.22 -33.11 -1.77
CA PRO D 294 -17.76 -34.46 -2.02
C PRO D 294 -19.16 -34.62 -1.46
N PHE D 295 -19.94 -35.48 -2.11
CA PHE D 295 -21.27 -35.83 -1.64
C PHE D 295 -21.66 -37.19 -2.21
N ARG D 296 -22.14 -38.07 -1.33
CA ARG D 296 -22.60 -39.38 -1.77
C ARG D 296 -23.96 -39.28 -2.44
N LEU D 297 -24.22 -40.18 -3.37
CA LEU D 297 -25.45 -40.16 -4.16
C LEU D 297 -26.16 -41.50 -4.05
N ARG D 298 -27.47 -41.45 -3.80
CA ARG D 298 -28.29 -42.65 -3.69
C ARG D 298 -29.57 -42.43 -4.51
N HIS D 299 -29.93 -43.44 -5.30
CA HIS D 299 -31.17 -43.36 -6.08
C HIS D 299 -32.38 -43.39 -5.16
N VAL D 300 -33.40 -42.62 -5.51
CA VAL D 300 -34.57 -42.49 -4.66
C VAL D 300 -35.44 -43.75 -4.68
N THR D 301 -35.34 -44.57 -5.72
CA THR D 301 -36.13 -45.78 -5.84
C THR D 301 -35.36 -47.05 -5.55
N THR D 302 -34.06 -47.06 -5.81
CA THR D 302 -33.21 -48.22 -5.57
C THR D 302 -32.12 -47.85 -4.56
N GLY D 303 -31.85 -48.77 -3.63
CA GLY D 303 -30.87 -48.55 -2.60
C GLY D 303 -29.44 -48.64 -3.05
N LYS D 304 -29.20 -48.91 -4.33
CA LYS D 304 -27.85 -49.01 -4.86
C LYS D 304 -27.20 -47.62 -4.89
N TYR D 305 -26.20 -47.42 -4.05
CA TYR D 305 -25.47 -46.17 -4.04
C TYR D 305 -24.65 -46.01 -5.31
N LEU D 306 -24.57 -44.80 -5.82
CA LEU D 306 -23.78 -44.53 -7.01
C LEU D 306 -22.29 -44.64 -6.67
N SER D 307 -21.62 -45.64 -7.25
CA SER D 307 -20.20 -45.85 -7.04
C SER D 307 -19.53 -46.11 -8.39
N LEU D 308 -18.27 -45.73 -8.49
CA LEU D 308 -17.52 -45.84 -9.74
C LEU D 308 -16.64 -47.08 -9.74
N MET D 309 -16.53 -47.71 -10.91
CA MET D 309 -15.69 -48.87 -11.11
C MET D 309 -14.35 -48.45 -11.71
N GLU D 310 -13.47 -49.44 -11.92
CA GLU D 310 -12.14 -49.17 -12.43
C GLU D 310 -12.13 -48.84 -13.92
N ASP D 311 -13.22 -49.10 -14.64
CA ASP D 311 -13.29 -48.89 -16.08
C ASP D 311 -13.92 -47.56 -16.45
N LYS D 312 -13.79 -46.53 -15.59
CA LYS D 312 -14.32 -45.19 -15.81
C LYS D 312 -15.85 -45.19 -15.98
N ASN D 313 -16.52 -46.19 -15.43
CA ASN D 313 -17.98 -46.27 -15.48
C ASN D 313 -18.51 -46.55 -14.09
N LEU D 314 -19.77 -46.21 -13.87
CA LEU D 314 -20.36 -46.32 -12.53
C LEU D 314 -20.91 -47.71 -12.27
N LEU D 315 -21.94 -48.12 -13.03
CA LEU D 315 -22.61 -49.41 -12.90
C LEU D 315 -23.15 -49.67 -11.49
N LEU D 316 -23.26 -48.62 -10.66
CA LEU D 316 -23.83 -48.69 -9.32
C LEU D 316 -23.08 -49.62 -8.37
N MET D 317 -23.51 -49.65 -7.11
CA MET D 317 -22.99 -50.55 -6.09
C MET D 317 -23.94 -50.52 -4.92
N ASP D 318 -23.88 -51.58 -4.09
CA ASP D 318 -24.78 -51.69 -2.96
C ASP D 318 -24.46 -50.64 -1.90
N LYS D 319 -25.45 -50.38 -1.04
CA LYS D 319 -25.28 -49.40 0.03
C LYS D 319 -24.21 -49.83 1.03
N GLU D 320 -24.18 -51.12 1.37
CA GLU D 320 -23.21 -51.62 2.33
C GLU D 320 -21.82 -51.80 1.76
N LYS D 321 -21.64 -51.60 0.45
CA LYS D 321 -20.34 -51.76 -0.20
C LYS D 321 -20.10 -50.53 -1.07
N ALA D 322 -19.39 -49.55 -0.53
CA ALA D 322 -19.08 -48.32 -1.24
C ALA D 322 -17.58 -48.04 -1.17
N ASP D 323 -17.08 -47.33 -2.17
CA ASP D 323 -15.67 -46.99 -2.24
C ASP D 323 -15.38 -45.69 -1.52
N VAL D 324 -14.11 -45.43 -1.26
CA VAL D 324 -13.72 -44.23 -0.52
C VAL D 324 -13.46 -43.04 -1.44
N LYS D 325 -13.00 -43.27 -2.68
CA LYS D 325 -12.78 -42.21 -3.65
C LYS D 325 -13.68 -42.31 -4.86
N SER D 326 -14.32 -43.45 -5.10
CA SER D 326 -15.25 -43.62 -6.20
C SER D 326 -16.68 -43.29 -5.81
N THR D 327 -16.91 -42.85 -4.57
CA THR D 327 -18.21 -42.43 -4.11
C THR D 327 -18.25 -40.99 -3.63
N ALA D 328 -17.10 -40.31 -3.54
CA ALA D 328 -17.07 -38.94 -3.04
C ALA D 328 -17.81 -37.99 -3.97
N PHE D 329 -17.47 -38.02 -5.26
CA PHE D 329 -18.14 -37.23 -6.30
C PHE D 329 -18.13 -35.74 -5.97
N ALA D 330 -16.92 -35.19 -5.87
CA ALA D 330 -16.78 -33.78 -5.57
C ALA D 330 -17.28 -32.94 -6.74
N PHE D 331 -18.08 -31.92 -6.44
CA PHE D 331 -18.62 -31.04 -7.47
C PHE D 331 -17.50 -30.28 -8.15
N ARG D 332 -17.74 -29.88 -9.40
CA ARG D 332 -16.73 -29.23 -10.22
C ARG D 332 -17.15 -27.80 -10.52
N SER D 333 -16.18 -26.88 -10.42
CA SER D 333 -16.40 -25.47 -10.70
C SER D 333 -16.50 -25.26 -12.22
N SER D 334 -16.53 -23.98 -12.63
CA SER D 334 -16.70 -23.65 -14.03
C SER D 334 -15.50 -24.02 -14.88
N LYS D 335 -14.35 -24.27 -14.28
CA LYS D 335 -13.13 -24.58 -15.00
C LYS D 335 -12.64 -25.97 -14.66
N GLU D 336 -12.09 -26.65 -15.67
CA GLU D 336 -11.57 -28.01 -15.51
C GLU D 336 -10.16 -27.95 -14.95
N LYS D 337 -9.46 -29.10 -15.00
CA LYS D 337 -8.09 -29.25 -14.51
C LYS D 337 -7.98 -28.89 -13.02
N LEU D 338 -8.70 -29.67 -12.21
CA LEU D 338 -8.72 -29.53 -10.75
C LEU D 338 -9.13 -28.14 -10.31
N ARG D 343 -10.15 -25.54 2.99
CA ARG D 343 -11.54 -25.38 3.43
C ARG D 343 -12.11 -26.71 3.92
N LYS D 344 -11.93 -26.98 5.21
CA LYS D 344 -12.40 -28.21 5.83
C LYS D 344 -13.55 -28.02 6.79
N GLU D 345 -13.54 -26.94 7.57
CA GLU D 345 -14.60 -26.69 8.54
C GLU D 345 -15.81 -26.08 7.86
N VAL D 346 -16.95 -26.76 7.96
CA VAL D 346 -18.21 -26.30 7.36
C VAL D 346 -19.22 -26.20 8.51
N ASP D 347 -19.42 -25.00 9.01
CA ASP D 347 -20.38 -24.73 10.09
C ASP D 347 -21.20 -23.49 9.77
N GLY D 348 -21.62 -23.36 8.51
CA GLY D 348 -22.35 -22.19 8.07
C GLY D 348 -22.05 -21.88 6.62
N MET D 349 -23.06 -21.48 5.86
CA MET D 349 -22.87 -21.23 4.43
C MET D 349 -23.76 -20.07 3.99
N GLY D 350 -23.19 -19.20 3.17
CA GLY D 350 -23.93 -18.12 2.54
C GLY D 350 -23.50 -17.95 1.10
N THR D 351 -23.11 -19.05 0.47
CA THR D 351 -22.51 -19.00 -0.86
C THR D 351 -23.56 -18.83 -1.95
N SER D 352 -24.49 -19.78 -2.04
CA SER D 352 -25.48 -19.84 -3.13
C SER D 352 -24.79 -19.85 -4.49
N GLU D 353 -23.75 -20.68 -4.60
CA GLU D 353 -22.91 -20.67 -5.80
C GLU D 353 -23.60 -21.31 -7.00
N ILE D 354 -24.30 -22.41 -6.80
CA ILE D 354 -24.89 -23.18 -7.89
C ILE D 354 -26.39 -22.95 -7.90
N LYS D 355 -26.93 -22.59 -9.07
CA LYS D 355 -28.36 -22.42 -9.24
C LYS D 355 -29.04 -23.77 -9.48
N TYR D 356 -30.33 -23.83 -9.19
CA TYR D 356 -31.08 -25.06 -9.38
C TYR D 356 -31.37 -25.36 -10.84
N GLY D 357 -31.58 -24.33 -11.65
CA GLY D 357 -31.87 -24.53 -13.05
C GLY D 357 -31.21 -23.52 -13.96
N ASP D 358 -30.28 -22.74 -13.41
CA ASP D 358 -29.55 -21.72 -14.15
C ASP D 358 -28.04 -21.94 -14.09
N SER D 359 -27.62 -23.19 -13.92
CA SER D 359 -26.21 -23.52 -13.85
C SER D 359 -25.96 -24.83 -14.58
N ILE D 360 -24.72 -25.01 -15.04
CA ILE D 360 -24.30 -26.21 -15.75
C ILE D 360 -23.22 -26.89 -14.91
N CYS D 361 -23.40 -28.18 -14.64
CA CYS D 361 -22.47 -28.95 -13.84
C CYS D 361 -21.60 -29.82 -14.73
N TYR D 362 -20.32 -29.93 -14.36
CA TYR D 362 -19.34 -30.74 -15.07
C TYR D 362 -18.66 -31.70 -14.09
N ILE D 363 -19.49 -32.45 -13.35
CA ILE D 363 -19.09 -33.27 -12.21
C ILE D 363 -17.82 -34.07 -12.48
N GLN D 364 -16.83 -33.91 -11.60
CA GLN D 364 -15.52 -34.49 -11.78
C GLN D 364 -15.24 -35.43 -10.61
N HIS D 365 -14.95 -36.69 -10.91
CA HIS D 365 -14.57 -37.64 -9.88
C HIS D 365 -13.20 -37.29 -9.33
N VAL D 366 -12.98 -37.67 -8.07
CA VAL D 366 -11.74 -37.31 -7.39
C VAL D 366 -10.55 -38.01 -8.02
N ASP D 367 -10.73 -39.25 -8.49
CA ASP D 367 -9.61 -40.05 -8.98
C ASP D 367 -9.45 -40.00 -10.49
N THR D 368 -10.55 -39.85 -11.25
CA THR D 368 -10.45 -39.95 -12.71
C THR D 368 -10.18 -38.60 -13.36
N GLY D 369 -11.10 -37.65 -13.21
CA GLY D 369 -10.95 -36.30 -13.73
C GLY D 369 -12.14 -35.82 -14.54
N LEU D 370 -12.68 -36.66 -15.42
CA LEU D 370 -13.91 -36.27 -16.12
C LEU D 370 -15.04 -37.27 -15.90
N TRP D 371 -14.79 -38.54 -16.23
CA TRP D 371 -15.72 -39.65 -16.04
C TRP D 371 -17.04 -39.46 -16.79
N LEU D 372 -17.84 -38.47 -16.40
CA LEU D 372 -19.19 -38.31 -16.93
C LEU D 372 -19.15 -37.63 -18.29
N THR D 373 -19.63 -38.34 -19.31
CA THR D 373 -19.68 -37.87 -20.70
C THR D 373 -20.54 -38.85 -21.49
N TYR D 374 -21.35 -38.35 -22.41
CA TYR D 374 -22.19 -39.23 -23.21
C TYR D 374 -21.32 -40.08 -24.14
N GLN D 375 -21.85 -41.27 -24.49
CA GLN D 375 -21.16 -42.19 -25.40
C GLN D 375 -22.23 -42.87 -26.24
N ALA D 376 -22.47 -42.34 -27.44
CA ALA D 376 -23.47 -42.90 -28.33
C ALA D 376 -22.98 -44.19 -28.98
N ILE D 387 -30.57 -42.99 -27.88
CA ILE D 387 -30.91 -42.52 -26.55
C ILE D 387 -30.16 -43.34 -25.50
N GLN D 388 -29.68 -44.51 -25.91
CA GLN D 388 -28.98 -45.43 -25.01
C GLN D 388 -27.48 -45.11 -25.07
N ARG D 389 -26.97 -44.47 -24.03
CA ARG D 389 -25.55 -44.11 -23.97
C ARG D 389 -24.91 -44.65 -22.71
N LYS D 390 -23.67 -44.26 -22.45
CA LYS D 390 -22.92 -44.74 -21.29
C LYS D 390 -21.90 -43.69 -20.89
N ALA D 391 -21.42 -43.79 -19.65
CA ALA D 391 -20.42 -42.86 -19.14
C ALA D 391 -19.11 -42.99 -19.91
N ILE D 392 -18.44 -44.14 -19.78
CA ILE D 392 -17.16 -44.42 -20.44
C ILE D 392 -16.19 -43.27 -20.20
N MET D 393 -15.65 -42.71 -21.28
CA MET D 393 -14.83 -41.49 -21.27
C MET D 393 -13.60 -41.67 -20.36
N HIS D 394 -12.73 -42.58 -20.80
CA HIS D 394 -11.46 -42.80 -20.11
C HIS D 394 -10.63 -41.51 -20.10
N HIS D 395 -10.15 -41.14 -18.90
CA HIS D 395 -9.42 -39.90 -18.69
C HIS D 395 -10.24 -38.70 -19.13
N GLU D 396 -10.00 -38.24 -20.37
CA GLU D 396 -10.73 -37.13 -20.95
C GLU D 396 -11.62 -37.63 -22.07
N GLY D 397 -12.91 -37.37 -21.97
CA GLY D 397 -13.86 -37.77 -22.99
C GLY D 397 -14.14 -36.67 -23.99
N HIS D 398 -15.39 -36.22 -24.06
CA HIS D 398 -15.79 -35.13 -24.93
C HIS D 398 -15.97 -33.87 -24.09
N MET D 399 -15.37 -32.76 -24.55
CA MET D 399 -15.41 -31.52 -23.78
C MET D 399 -16.80 -30.91 -23.76
N ASP D 400 -17.60 -31.14 -24.80
CA ASP D 400 -18.95 -30.57 -24.88
C ASP D 400 -19.92 -31.44 -24.08
N ASP D 401 -19.72 -31.43 -22.76
CA ASP D 401 -20.53 -32.22 -21.85
C ASP D 401 -20.73 -31.43 -20.57
N GLY D 402 -21.98 -31.13 -20.26
CA GLY D 402 -22.32 -30.42 -19.03
C GLY D 402 -23.68 -30.79 -18.49
N LEU D 403 -23.74 -31.17 -17.22
CA LEU D 403 -24.99 -31.58 -16.59
C LEU D 403 -25.78 -30.33 -16.22
N ASN D 404 -26.86 -30.08 -16.94
CA ASN D 404 -27.73 -28.95 -16.65
C ASN D 404 -28.72 -29.35 -15.57
N LEU D 405 -28.56 -28.79 -14.37
CA LEU D 405 -29.43 -29.13 -13.26
C LEU D 405 -30.84 -28.60 -13.51
N SER D 406 -31.82 -29.35 -13.02
CA SER D 406 -33.23 -28.99 -13.14
C SER D 406 -33.79 -28.65 -11.77
N ARG D 407 -34.74 -27.73 -11.75
CA ARG D 407 -35.33 -27.27 -10.50
C ARG D 407 -36.29 -28.30 -9.93
N SER D 408 -35.75 -29.31 -9.24
CA SER D 408 -36.58 -30.29 -8.55
C SER D 408 -36.95 -29.86 -7.14
N GLN D 409 -36.20 -28.95 -6.54
CA GLN D 409 -36.64 -28.30 -5.32
C GLN D 409 -37.87 -27.45 -5.62
N HIS D 410 -38.81 -27.41 -4.68
CA HIS D 410 -40.14 -26.85 -4.86
C HIS D 410 -40.91 -27.64 -5.92
N GLU D 411 -42.16 -27.26 -6.16
CA GLU D 411 -43.05 -27.96 -7.10
C GLU D 411 -43.16 -29.43 -6.73
N GLU D 412 -42.20 -30.25 -7.19
CA GLU D 412 -42.13 -31.65 -6.79
C GLU D 412 -41.87 -31.74 -5.29
N SER D 413 -40.68 -31.32 -4.86
CA SER D 413 -40.34 -31.05 -3.46
C SER D 413 -40.67 -32.19 -2.51
N ARG D 414 -41.29 -31.81 -1.38
CA ARG D 414 -41.66 -32.77 -0.34
C ARG D 414 -42.60 -33.83 -0.88
N THR D 415 -43.52 -33.44 -1.77
CA THR D 415 -44.49 -34.38 -2.32
C THR D 415 -43.80 -35.51 -3.07
N ALA D 416 -42.97 -35.17 -4.06
CA ALA D 416 -42.28 -36.20 -4.82
C ALA D 416 -41.26 -36.94 -3.97
N ARG D 417 -40.65 -36.27 -3.00
CA ARG D 417 -39.70 -36.93 -2.12
C ARG D 417 -40.38 -38.04 -1.32
N VAL D 418 -41.53 -37.74 -0.71
CA VAL D 418 -42.21 -38.78 0.06
C VAL D 418 -42.85 -39.81 -0.85
N ILE D 419 -43.20 -39.43 -2.09
CA ILE D 419 -43.67 -40.42 -3.06
C ILE D 419 -42.59 -41.45 -3.32
N ARG D 420 -41.37 -40.98 -3.61
CA ARG D 420 -40.26 -41.89 -3.86
C ARG D 420 -39.92 -42.72 -2.64
N SER D 421 -39.93 -42.11 -1.45
CA SER D 421 -39.59 -42.84 -0.24
C SER D 421 -40.65 -43.90 0.08
N THR D 422 -41.93 -43.57 -0.11
CA THR D 422 -43.00 -44.55 0.11
C THR D 422 -42.92 -45.68 -0.90
N VAL D 423 -42.59 -45.36 -2.16
CA VAL D 423 -42.41 -46.40 -3.16
C VAL D 423 -41.27 -47.33 -2.75
N PHE D 424 -40.16 -46.75 -2.29
CA PHE D 424 -39.02 -47.53 -1.81
C PHE D 424 -39.43 -48.46 -0.67
N LEU D 425 -40.07 -47.90 0.36
CA LEU D 425 -40.40 -48.68 1.56
C LEU D 425 -41.41 -49.78 1.23
N PHE D 426 -42.46 -49.44 0.47
CA PHE D 426 -43.45 -50.43 0.09
C PHE D 426 -42.84 -51.53 -0.76
N ASN D 427 -41.99 -51.16 -1.73
CA ASN D 427 -41.37 -52.14 -2.60
C ASN D 427 -40.52 -53.12 -1.79
N ARG D 428 -39.65 -52.58 -0.92
CA ARG D 428 -38.80 -53.45 -0.11
C ARG D 428 -39.63 -54.36 0.80
N PHE D 429 -40.65 -53.80 1.44
CA PHE D 429 -41.44 -54.57 2.39
C PHE D 429 -42.21 -55.68 1.70
N ILE D 430 -42.89 -55.37 0.59
CA ILE D 430 -43.70 -56.39 -0.06
C ILE D 430 -42.81 -57.38 -0.80
N ARG D 431 -41.60 -56.96 -1.22
CA ARG D 431 -40.66 -57.91 -1.79
C ARG D 431 -40.19 -58.92 -0.75
N GLY D 432 -39.88 -58.44 0.46
CA GLY D 432 -39.58 -59.35 1.56
C GLY D 432 -40.74 -60.26 1.88
N LEU D 433 -41.96 -59.73 1.80
CA LEU D 433 -43.16 -60.53 2.06
C LEU D 433 -43.30 -61.66 1.03
N ASP D 434 -43.24 -61.32 -0.26
CA ASP D 434 -43.46 -62.34 -1.28
C ASP D 434 -42.30 -63.32 -1.35
N ALA D 435 -41.08 -62.89 -1.03
CA ALA D 435 -39.99 -63.83 -0.85
C ALA D 435 -40.27 -64.77 0.31
N LEU D 436 -40.83 -64.24 1.40
CA LEU D 436 -41.25 -65.09 2.50
C LEU D 436 -42.53 -65.85 2.18
N SER D 437 -43.37 -65.30 1.29
CA SER D 437 -44.62 -65.95 0.93
C SER D 437 -44.43 -67.16 0.04
N LYS D 438 -43.21 -67.39 -0.47
CA LYS D 438 -42.95 -68.57 -1.29
C LYS D 438 -42.94 -69.81 -0.41
N LYS D 439 -44.11 -70.46 -0.28
CA LYS D 439 -44.34 -71.62 0.57
C LYS D 439 -44.14 -71.32 2.05
N VAL D 440 -44.63 -72.20 2.91
CA VAL D 440 -44.53 -72.01 4.35
C VAL D 440 -43.12 -72.37 4.82
N ILE D 445 -38.19 -67.84 9.28
CA ILE D 445 -38.68 -66.62 9.89
C ILE D 445 -40.18 -66.49 9.68
N ASP D 446 -40.86 -65.89 10.65
CA ASP D 446 -42.32 -65.82 10.64
C ASP D 446 -42.82 -64.72 9.71
N LEU D 447 -44.02 -64.92 9.19
CA LEU D 447 -44.63 -63.94 8.30
C LEU D 447 -45.06 -62.70 9.10
N PRO D 448 -44.66 -61.51 8.69
CA PRO D 448 -45.18 -60.30 9.35
C PRO D 448 -46.68 -60.14 9.10
N ILE D 449 -47.38 -59.64 10.11
CA ILE D 449 -48.81 -59.43 10.02
C ILE D 449 -49.14 -58.00 10.42
N GLU D 450 -48.66 -57.60 11.61
CA GLU D 450 -48.92 -56.24 12.09
C GLU D 450 -48.29 -55.20 11.18
N SER D 451 -47.08 -55.47 10.69
CA SER D 451 -46.45 -54.56 9.73
C SER D 451 -47.26 -54.47 8.44
N VAL D 452 -47.82 -55.60 7.99
CA VAL D 452 -48.65 -55.60 6.79
C VAL D 452 -49.87 -54.72 7.00
N SER D 453 -50.54 -54.89 8.13
CA SER D 453 -51.74 -54.10 8.41
C SER D 453 -51.42 -52.61 8.52
N LEU D 454 -50.31 -52.28 9.20
CA LEU D 454 -49.93 -50.87 9.35
C LEU D 454 -49.59 -50.24 8.01
N SER D 455 -48.82 -50.94 7.19
CA SER D 455 -48.46 -50.41 5.87
C SER D 455 -49.68 -50.28 4.98
N LEU D 456 -50.60 -51.24 5.04
CA LEU D 456 -51.81 -51.16 4.24
C LEU D 456 -52.67 -49.98 4.66
N GLN D 457 -52.81 -49.76 5.97
CA GLN D 457 -53.59 -48.62 6.44
C GLN D 457 -52.95 -47.29 6.05
N ASP D 458 -51.62 -47.22 6.13
CA ASP D 458 -50.92 -46.00 5.72
C ASP D 458 -51.09 -45.75 4.22
N LEU D 459 -51.06 -46.81 3.41
CA LEU D 459 -51.27 -46.64 1.98
C LEU D 459 -52.71 -46.26 1.66
N ILE D 460 -53.67 -46.76 2.44
CA ILE D 460 -55.07 -46.34 2.28
C ILE D 460 -55.20 -44.86 2.57
N GLY D 461 -54.62 -44.41 3.69
CA GLY D 461 -54.64 -42.99 4.01
C GLY D 461 -53.86 -42.13 3.04
N TYR D 462 -52.90 -42.71 2.32
CA TYR D 462 -52.11 -41.94 1.36
C TYR D 462 -52.92 -41.64 0.11
N PHE D 463 -53.73 -42.60 -0.36
CA PHE D 463 -54.53 -42.44 -1.57
C PHE D 463 -55.99 -42.18 -1.27
N HIS D 464 -56.28 -41.50 -0.16
CA HIS D 464 -57.66 -41.25 0.22
C HIS D 464 -58.29 -40.22 -0.73
N PRO D 465 -59.59 -40.34 -0.99
CA PRO D 465 -60.28 -39.32 -1.76
C PRO D 465 -60.27 -37.99 -1.03
N PRO D 466 -60.29 -36.88 -1.75
CA PRO D 466 -60.13 -35.56 -1.12
C PRO D 466 -61.38 -35.03 -0.41
N ASP D 467 -62.43 -35.83 -0.29
CA ASP D 467 -63.69 -35.46 0.36
C ASP D 467 -64.42 -34.34 -0.36
N GLU D 468 -65.67 -34.09 0.01
CA GLU D 468 -66.49 -33.09 -0.68
C GLU D 468 -66.74 -31.83 0.14
N HIS D 469 -66.56 -31.89 1.46
CA HIS D 469 -66.84 -30.74 2.33
C HIS D 469 -65.62 -29.82 2.42
N LEU D 470 -65.19 -29.33 1.26
CA LEU D 470 -64.04 -28.46 1.16
C LEU D 470 -64.26 -27.46 0.03
N GLU D 471 -63.43 -26.42 0.03
CA GLU D 471 -63.49 -25.42 -1.03
C GLU D 471 -63.04 -26.03 -2.36
N HIS D 472 -63.47 -25.38 -3.46
CA HIS D 472 -63.18 -25.91 -4.78
C HIS D 472 -61.69 -25.91 -5.09
N GLU D 473 -60.99 -24.83 -4.72
CA GLU D 473 -59.57 -24.75 -5.03
C GLU D 473 -58.76 -25.76 -4.22
N ASP D 474 -59.15 -25.99 -2.96
CA ASP D 474 -58.47 -27.00 -2.16
C ASP D 474 -58.72 -28.40 -2.71
N LYS D 475 -59.96 -28.67 -3.13
CA LYS D 475 -60.28 -29.96 -3.74
C LYS D 475 -59.49 -30.17 -5.02
N GLN D 476 -59.37 -29.12 -5.84
CA GLN D 476 -58.60 -29.23 -7.09
C GLN D 476 -57.12 -29.47 -6.81
N ASN D 477 -56.57 -28.77 -5.82
CA ASN D 477 -55.16 -28.98 -5.46
C ASN D 477 -54.93 -30.39 -4.95
N ARG D 478 -55.84 -30.90 -4.12
CA ARG D 478 -55.72 -32.26 -3.62
C ARG D 478 -55.83 -33.28 -4.75
N LEU D 479 -56.75 -33.05 -5.69
CA LEU D 479 -56.89 -33.96 -6.82
C LEU D 479 -55.65 -33.96 -7.70
N ARG D 480 -55.05 -32.78 -7.93
CA ARG D 480 -53.83 -32.69 -8.72
C ARG D 480 -52.68 -33.41 -8.01
N ALA D 481 -52.56 -33.21 -6.70
CA ALA D 481 -51.52 -33.90 -5.94
C ALA D 481 -51.72 -35.42 -5.99
N LEU D 482 -52.96 -35.88 -5.87
CA LEU D 482 -53.24 -37.31 -5.93
C LEU D 482 -52.93 -37.87 -7.32
N LYS D 483 -53.23 -37.10 -8.36
CA LYS D 483 -52.90 -37.53 -9.73
C LYS D 483 -51.39 -37.65 -9.91
N ASN D 484 -50.63 -36.68 -9.40
CA ASN D 484 -49.17 -36.78 -9.45
C ASN D 484 -48.68 -37.99 -8.67
N ARG D 485 -49.28 -38.25 -7.51
CA ARG D 485 -48.95 -39.43 -6.72
C ARG D 485 -49.15 -40.70 -7.53
N GLN D 486 -50.30 -40.82 -8.18
CA GLN D 486 -50.60 -42.03 -8.95
C GLN D 486 -49.68 -42.17 -10.16
N ASN D 487 -49.41 -41.08 -10.87
CA ASN D 487 -48.54 -41.15 -12.04
C ASN D 487 -47.12 -41.52 -11.65
N LEU D 488 -46.61 -40.97 -10.56
CA LEU D 488 -45.27 -41.33 -10.11
C LEU D 488 -45.23 -42.73 -9.51
N PHE D 489 -46.37 -43.22 -9.01
CA PHE D 489 -46.44 -44.59 -8.54
C PHE D 489 -46.49 -45.57 -9.71
N GLN D 490 -47.00 -45.14 -10.86
CA GLN D 490 -47.22 -46.03 -11.99
C GLN D 490 -46.02 -46.07 -12.95
N GLU D 491 -45.59 -44.90 -13.45
CA GLU D 491 -44.54 -44.90 -14.46
C GLU D 491 -43.19 -45.31 -13.90
N GLU D 492 -42.97 -45.13 -12.60
CA GLU D 492 -41.81 -45.69 -11.91
C GLU D 492 -42.04 -47.17 -11.66
N GLY D 493 -41.30 -47.76 -10.72
CA GLY D 493 -41.56 -49.12 -10.30
C GLY D 493 -43.04 -49.31 -10.01
N MET D 494 -43.71 -50.06 -10.87
CA MET D 494 -45.17 -50.01 -10.98
C MET D 494 -45.84 -50.52 -9.71
N ILE D 495 -45.29 -51.57 -9.09
CA ILE D 495 -45.75 -52.15 -7.83
C ILE D 495 -47.12 -52.80 -7.99
N ASN D 496 -48.02 -52.14 -8.73
CA ASN D 496 -49.36 -52.68 -8.97
C ASN D 496 -49.30 -54.04 -9.67
N LEU D 497 -48.28 -54.28 -10.50
CA LEU D 497 -48.19 -55.59 -11.16
C LEU D 497 -47.79 -56.67 -10.16
N VAL D 498 -46.90 -56.36 -9.21
CA VAL D 498 -46.57 -57.31 -8.15
C VAL D 498 -47.50 -57.18 -6.95
N LEU D 499 -48.29 -56.11 -6.86
CA LEU D 499 -49.43 -56.13 -5.96
C LEU D 499 -50.40 -57.22 -6.35
N GLU D 500 -50.61 -57.41 -7.65
CA GLU D 500 -51.39 -58.54 -8.12
C GLU D 500 -50.70 -59.87 -7.80
N CYS D 501 -49.37 -59.88 -7.77
CA CYS D 501 -48.65 -61.07 -7.34
C CYS D 501 -48.89 -61.36 -5.86
N ILE D 502 -49.02 -60.33 -5.04
CA ILE D 502 -49.41 -60.52 -3.64
C ILE D 502 -50.84 -61.05 -3.57
N ASP D 503 -51.73 -60.50 -4.39
CA ASP D 503 -53.12 -60.97 -4.42
C ASP D 503 -53.24 -62.39 -4.96
N ARG D 504 -52.21 -62.86 -5.69
CA ARG D 504 -52.25 -64.19 -6.31
C ARG D 504 -52.40 -65.31 -5.29
N LEU D 505 -51.92 -65.12 -4.06
CA LEU D 505 -52.06 -66.16 -3.05
C LEU D 505 -53.49 -66.34 -2.59
N HIS D 506 -54.33 -66.86 -3.48
CA HIS D 506 -55.68 -67.32 -3.17
C HIS D 506 -55.76 -68.83 -3.14
N VAL D 507 -54.63 -69.50 -2.93
CA VAL D 507 -54.56 -70.96 -2.91
C VAL D 507 -55.11 -71.47 -1.59
N TYR D 508 -55.41 -70.55 -0.67
CA TYR D 508 -55.89 -70.94 0.65
C TYR D 508 -57.36 -71.36 0.61
N SER D 509 -58.23 -70.51 0.06
CA SER D 509 -59.64 -70.82 -0.21
C SER D 509 -60.42 -71.35 0.98
N SER D 510 -59.88 -71.25 2.20
CA SER D 510 -60.58 -71.77 3.37
C SER D 510 -60.55 -70.86 4.59
N ALA D 511 -59.59 -69.94 4.70
CA ALA D 511 -59.41 -69.01 5.81
C ALA D 511 -59.19 -69.72 7.16
N ALA D 512 -58.95 -71.02 7.15
CA ALA D 512 -58.71 -71.76 8.39
C ALA D 512 -57.47 -72.63 8.34
N HIS D 513 -57.19 -73.27 7.20
CA HIS D 513 -56.07 -74.22 7.13
C HIS D 513 -54.76 -73.54 6.78
N PHE D 514 -54.76 -72.59 5.83
CA PHE D 514 -53.55 -71.87 5.52
C PHE D 514 -53.14 -70.96 6.67
N ALA D 515 -54.13 -70.42 7.37
CA ALA D 515 -53.86 -69.53 8.51
C ALA D 515 -53.09 -70.26 9.59
N ASP D 516 -53.47 -71.50 9.91
CA ASP D 516 -52.80 -72.20 10.99
C ASP D 516 -51.63 -73.07 10.52
N VAL D 517 -51.46 -73.28 9.21
CA VAL D 517 -50.24 -73.96 8.77
C VAL D 517 -49.12 -72.92 8.57
N ALA D 518 -49.49 -71.68 8.26
CA ALA D 518 -48.50 -70.64 8.02
C ALA D 518 -48.25 -69.76 9.24
N GLY D 519 -49.04 -69.89 10.30
CA GLY D 519 -48.86 -69.05 11.48
C GLY D 519 -50.13 -68.82 12.27
N ARG D 520 -50.45 -67.55 12.51
CA ARG D 520 -51.62 -67.18 13.30
C ARG D 520 -52.40 -66.08 12.60
N GLU D 521 -53.72 -66.23 12.62
CA GLU D 521 -54.70 -65.23 12.12
C GLU D 521 -54.46 -65.06 10.62
N ALA D 522 -54.57 -63.83 10.09
CA ALA D 522 -54.47 -63.51 8.67
C ALA D 522 -55.52 -64.26 7.84
N GLY D 523 -55.46 -64.12 6.52
CA GLY D 523 -56.41 -64.76 5.63
C GLY D 523 -57.76 -64.08 5.55
N GLU D 524 -57.98 -63.03 6.32
CA GLU D 524 -59.25 -62.29 6.30
C GLU D 524 -59.09 -60.84 5.88
N SER D 525 -57.95 -60.21 6.18
CA SER D 525 -57.68 -58.83 5.78
C SER D 525 -57.38 -58.69 4.28
N TRP D 526 -57.54 -59.77 3.52
CA TRP D 526 -57.35 -59.71 2.07
C TRP D 526 -58.38 -58.81 1.41
N LYS D 527 -59.58 -58.70 1.99
CA LYS D 527 -60.61 -57.81 1.46
C LYS D 527 -60.13 -56.37 1.50
N SER D 528 -59.42 -55.99 2.56
CA SER D 528 -58.86 -54.66 2.65
C SER D 528 -57.89 -54.41 1.50
N ILE D 529 -57.02 -55.38 1.22
CA ILE D 529 -56.09 -55.26 0.10
C ILE D 529 -56.84 -55.05 -1.21
N LEU D 530 -57.82 -55.94 -1.47
CA LEU D 530 -58.54 -55.90 -2.74
C LEU D 530 -59.24 -54.56 -2.93
N ASN D 531 -60.05 -54.15 -1.94
CA ASN D 531 -60.79 -52.90 -2.07
C ASN D 531 -59.88 -51.68 -2.13
N SER D 532 -58.83 -51.66 -1.30
CA SER D 532 -57.96 -50.49 -1.22
C SER D 532 -57.20 -50.27 -2.51
N LEU D 533 -56.53 -51.31 -3.02
CA LEU D 533 -55.82 -51.08 -4.27
C LEU D 533 -56.74 -51.09 -5.49
N TYR D 534 -57.98 -51.59 -5.36
CA TYR D 534 -58.97 -51.35 -6.41
C TYR D 534 -59.28 -49.86 -6.52
N GLU D 535 -59.51 -49.20 -5.38
CA GLU D 535 -59.73 -47.76 -5.40
C GLU D 535 -58.47 -47.02 -5.84
N LEU D 536 -57.30 -47.53 -5.48
CA LEU D 536 -56.05 -46.96 -5.98
C LEU D 536 -56.00 -46.97 -7.50
N LEU D 537 -56.27 -48.13 -8.11
CA LEU D 537 -56.26 -48.23 -9.57
C LEU D 537 -57.33 -47.34 -10.19
N ALA D 538 -58.50 -47.27 -9.55
CA ALA D 538 -59.58 -46.44 -10.05
C ALA D 538 -59.17 -44.97 -10.10
N ALA D 539 -58.67 -44.44 -8.99
CA ALA D 539 -58.23 -43.05 -8.97
C ALA D 539 -57.01 -42.83 -9.87
N LEU D 540 -56.20 -43.87 -10.06
CA LEU D 540 -55.04 -43.79 -10.95
C LEU D 540 -55.47 -43.57 -12.41
N ILE D 541 -56.49 -44.32 -12.85
CA ILE D 541 -56.98 -44.11 -14.21
C ILE D 541 -57.87 -42.87 -14.31
N ARG D 542 -58.49 -42.46 -13.20
CA ARG D 542 -59.59 -41.48 -13.24
C ARG D 542 -59.17 -40.14 -13.85
N GLY D 543 -57.90 -39.78 -13.76
CA GLY D 543 -57.50 -38.46 -14.18
C GLY D 543 -57.51 -38.17 -15.66
N ASN D 544 -56.54 -38.73 -16.41
CA ASN D 544 -56.35 -38.37 -17.80
C ASN D 544 -56.06 -39.61 -18.65
N ARG D 545 -56.83 -40.68 -18.42
CA ARG D 545 -56.74 -41.92 -19.18
C ARG D 545 -55.33 -42.52 -19.07
N LYS D 546 -54.98 -42.89 -17.84
CA LYS D 546 -53.60 -43.26 -17.55
C LYS D 546 -53.28 -44.68 -18.01
N ASN D 547 -53.93 -45.68 -17.44
CA ASN D 547 -53.53 -47.07 -17.64
C ASN D 547 -54.74 -47.98 -17.82
N CYS D 548 -55.72 -47.56 -18.61
CA CYS D 548 -56.83 -48.45 -18.92
C CYS D 548 -56.36 -49.62 -19.76
N ALA D 549 -55.51 -49.37 -20.76
CA ALA D 549 -54.99 -50.44 -21.59
C ALA D 549 -53.98 -51.30 -20.85
N GLN D 550 -53.30 -50.73 -19.84
CA GLN D 550 -52.34 -51.50 -19.06
C GLN D 550 -53.03 -52.61 -18.28
N PHE D 551 -54.20 -52.32 -17.70
CA PHE D 551 -54.95 -53.35 -16.98
C PHE D 551 -55.83 -54.19 -17.91
N SER D 552 -56.29 -53.62 -19.02
CA SER D 552 -57.05 -54.39 -19.99
C SER D 552 -56.19 -55.44 -20.69
N GLY D 553 -54.88 -55.23 -20.75
CA GLY D 553 -53.99 -56.22 -21.33
C GLY D 553 -53.90 -57.49 -20.51
N SER D 554 -54.25 -57.42 -19.22
CA SER D 554 -54.31 -58.61 -18.36
C SER D 554 -55.68 -59.26 -18.47
N LEU D 555 -56.04 -59.63 -19.70
CA LEU D 555 -57.35 -60.24 -19.95
C LEU D 555 -57.47 -61.58 -19.23
N ASP D 556 -56.40 -62.37 -19.22
CA ASP D 556 -56.41 -63.62 -18.46
C ASP D 556 -56.59 -63.36 -16.98
N TRP D 557 -55.89 -62.35 -16.45
CA TRP D 557 -56.10 -62.01 -15.05
C TRP D 557 -57.42 -61.26 -14.82
N LEU D 558 -57.98 -60.64 -15.85
CA LEU D 558 -59.35 -60.14 -15.72
C LEU D 558 -60.33 -61.29 -15.56
N ILE D 559 -60.14 -62.37 -16.31
CA ILE D 559 -60.95 -63.57 -16.13
C ILE D 559 -60.71 -64.17 -14.75
N SER D 560 -59.46 -64.13 -14.28
CA SER D 560 -59.14 -64.62 -12.94
C SER D 560 -59.87 -63.80 -11.87
N ARG D 561 -59.86 -62.47 -12.02
CA ARG D 561 -60.61 -61.61 -11.10
C ARG D 561 -62.10 -61.87 -11.20
N LEU D 562 -62.59 -62.28 -12.37
CA LEU D 562 -63.96 -62.73 -12.52
C LEU D 562 -64.11 -64.05 -11.78
N GLU D 563 -64.65 -63.98 -10.56
CA GLU D 563 -64.76 -65.15 -9.69
C GLU D 563 -65.86 -64.89 -8.68
N ARG D 564 -66.42 -65.98 -8.14
CA ARG D 564 -67.42 -65.90 -7.07
C ARG D 564 -67.00 -66.85 -5.95
N LEU D 565 -66.08 -66.39 -5.10
CA LEU D 565 -65.73 -67.09 -3.87
C LEU D 565 -65.07 -66.08 -2.93
N GLU D 566 -65.85 -65.57 -1.98
CA GLU D 566 -65.42 -64.54 -1.04
C GLU D 566 -64.73 -63.39 -1.78
N ALA D 567 -65.49 -62.73 -2.65
CA ALA D 567 -64.94 -61.75 -3.56
C ALA D 567 -65.77 -60.47 -3.56
N SER D 568 -65.11 -59.36 -3.83
CA SER D 568 -65.76 -58.07 -4.00
C SER D 568 -65.52 -57.60 -5.43
N SER D 569 -66.59 -57.15 -6.09
CA SER D 569 -66.54 -56.72 -7.49
C SER D 569 -66.26 -55.24 -7.64
N GLY D 570 -65.55 -54.63 -6.69
CA GLY D 570 -65.27 -53.21 -6.78
C GLY D 570 -64.35 -52.86 -7.94
N ILE D 571 -63.33 -53.68 -8.18
CA ILE D 571 -62.36 -53.37 -9.23
C ILE D 571 -63.01 -53.43 -10.60
N LEU D 572 -63.93 -54.37 -10.82
CA LEU D 572 -64.61 -54.45 -12.11
C LEU D 572 -65.52 -53.25 -12.32
N GLU D 573 -66.26 -52.87 -11.27
CA GLU D 573 -67.15 -51.72 -11.38
C GLU D 573 -66.38 -50.44 -11.66
N VAL D 574 -65.28 -50.21 -10.95
CA VAL D 574 -64.53 -48.97 -11.15
C VAL D 574 -63.85 -48.98 -12.51
N LEU D 575 -63.36 -50.14 -12.96
CA LEU D 575 -62.76 -50.21 -14.30
C LEU D 575 -63.78 -49.91 -15.38
N HIS D 576 -64.99 -50.46 -15.26
CA HIS D 576 -66.00 -50.21 -16.28
C HIS D 576 -66.52 -48.78 -16.22
N CYS D 577 -66.55 -48.18 -15.02
CA CYS D 577 -67.07 -46.83 -14.87
C CYS D 577 -66.07 -45.77 -15.34
N VAL D 578 -64.77 -46.01 -15.12
CA VAL D 578 -63.80 -44.92 -15.23
C VAL D 578 -63.62 -44.47 -16.68
N LEU D 579 -63.50 -45.41 -17.61
CA LEU D 579 -63.03 -45.06 -18.95
C LEU D 579 -63.18 -46.26 -19.87
N VAL D 580 -63.53 -45.98 -21.13
CA VAL D 580 -63.55 -47.04 -22.13
C VAL D 580 -62.17 -47.21 -22.76
N GLU D 581 -61.53 -46.11 -23.15
CA GLU D 581 -60.21 -46.07 -23.79
C GLU D 581 -60.28 -46.93 -25.06
N SER D 582 -59.37 -47.90 -25.22
CA SER D 582 -59.46 -48.83 -26.33
C SER D 582 -60.72 -49.68 -26.18
N PRO D 583 -61.29 -50.13 -27.30
CA PRO D 583 -62.55 -50.90 -27.22
C PRO D 583 -62.44 -52.20 -26.42
N GLU D 584 -61.22 -52.63 -26.07
CA GLU D 584 -61.07 -53.85 -25.30
C GLU D 584 -61.76 -53.76 -23.95
N ALA D 585 -61.60 -52.63 -23.25
CA ALA D 585 -62.12 -52.49 -21.89
C ALA D 585 -63.64 -52.60 -21.83
N LEU D 586 -64.34 -52.43 -22.95
CA LEU D 586 -65.79 -52.56 -22.99
C LEU D 586 -66.27 -53.65 -23.95
N ASN D 587 -65.38 -54.39 -24.59
CA ASN D 587 -65.79 -55.43 -25.52
C ASN D 587 -65.15 -56.79 -25.27
N ILE D 588 -64.08 -56.89 -24.49
CA ILE D 588 -63.55 -58.21 -24.14
C ILE D 588 -64.47 -58.95 -23.17
N ILE D 589 -65.46 -58.28 -22.61
CA ILE D 589 -66.48 -58.94 -21.82
C ILE D 589 -67.37 -59.68 -22.82
N LYS D 590 -67.09 -60.96 -23.01
CA LYS D 590 -67.76 -61.74 -24.04
C LYS D 590 -69.00 -62.40 -23.45
N GLU D 591 -69.57 -63.35 -24.20
CA GLU D 591 -70.73 -64.09 -23.70
C GLU D 591 -70.39 -64.88 -22.45
N GLY D 592 -69.20 -65.47 -22.40
CA GLY D 592 -68.79 -66.21 -21.22
C GLY D 592 -68.68 -65.34 -19.99
N HIS D 593 -68.10 -64.14 -20.13
CA HIS D 593 -67.96 -63.23 -19.00
C HIS D 593 -69.32 -62.77 -18.49
N ILE D 594 -70.23 -62.42 -19.40
CA ILE D 594 -71.57 -61.99 -19.02
C ILE D 594 -72.31 -63.11 -18.32
N LYS D 595 -72.21 -64.32 -18.86
CA LYS D 595 -72.88 -65.47 -18.24
C LYS D 595 -72.29 -65.78 -16.87
N SER D 596 -70.97 -65.59 -16.70
CA SER D 596 -70.37 -65.86 -15.40
C SER D 596 -70.78 -64.83 -14.36
N ILE D 597 -70.88 -63.55 -14.77
CA ILE D 597 -71.37 -62.53 -13.85
C ILE D 597 -72.83 -62.78 -13.51
N ILE D 598 -73.62 -63.22 -14.49
CA ILE D 598 -75.03 -63.51 -14.26
C ILE D 598 -75.17 -64.70 -13.31
N SER D 599 -74.30 -65.69 -13.46
CA SER D 599 -74.26 -66.82 -12.53
C SER D 599 -73.77 -66.40 -11.15
N LEU D 600 -72.92 -65.39 -11.06
CA LEU D 600 -72.56 -64.81 -9.76
C LEU D 600 -73.80 -64.22 -9.09
N LEU D 601 -74.62 -63.51 -9.85
CA LEU D 601 -75.88 -63.01 -9.31
C LEU D 601 -76.81 -64.15 -8.90
N ASP D 602 -76.89 -65.21 -9.72
CA ASP D 602 -77.80 -66.30 -9.44
C ASP D 602 -77.36 -67.10 -8.22
N LYS D 603 -76.07 -67.39 -8.10
CA LYS D 603 -75.55 -68.20 -7.00
C LYS D 603 -75.66 -67.45 -5.68
N HIS D 604 -75.00 -66.31 -5.56
CA HIS D 604 -75.06 -65.52 -4.35
C HIS D 604 -76.40 -64.82 -4.23
N GLY D 605 -76.56 -64.03 -3.18
CA GLY D 605 -77.78 -63.28 -2.96
C GLY D 605 -77.86 -62.04 -3.83
N ARG D 606 -78.91 -61.27 -3.60
CA ARG D 606 -79.10 -60.01 -4.32
C ARG D 606 -78.08 -59.00 -3.80
N ASN D 607 -76.94 -58.91 -4.48
CA ASN D 607 -75.83 -58.09 -4.00
C ASN D 607 -76.11 -56.60 -4.13
N HIS D 608 -76.92 -56.20 -5.13
CA HIS D 608 -77.34 -54.83 -5.38
C HIS D 608 -76.19 -53.98 -5.93
N LYS D 609 -74.97 -54.52 -5.90
CA LYS D 609 -73.83 -53.86 -6.50
C LYS D 609 -73.48 -54.42 -7.88
N VAL D 610 -73.84 -55.68 -8.16
CA VAL D 610 -73.65 -56.24 -9.48
C VAL D 610 -74.55 -55.54 -10.49
N LEU D 611 -75.73 -55.09 -10.05
CA LEU D 611 -76.60 -54.34 -10.93
C LEU D 611 -75.96 -53.02 -11.35
N ASP D 612 -75.19 -52.39 -10.44
CA ASP D 612 -74.53 -51.13 -10.77
C ASP D 612 -73.46 -51.32 -11.84
N VAL D 613 -72.63 -52.36 -11.70
CA VAL D 613 -71.60 -52.59 -12.73
C VAL D 613 -72.23 -53.06 -14.03
N LEU D 614 -73.33 -53.81 -13.96
CA LEU D 614 -74.04 -54.17 -15.18
C LEU D 614 -74.63 -52.94 -15.87
N CYS D 615 -75.07 -51.96 -15.09
CA CYS D 615 -75.45 -50.67 -15.65
C CYS D 615 -74.26 -49.99 -16.30
N SER D 616 -73.09 -50.05 -15.65
CA SER D 616 -71.90 -49.43 -16.21
C SER D 616 -71.38 -50.21 -17.42
N LEU D 617 -71.73 -51.49 -17.53
CA LEU D 617 -71.34 -52.26 -18.71
C LEU D 617 -72.12 -51.84 -19.94
N CYS D 618 -73.24 -51.14 -19.75
CA CYS D 618 -73.93 -50.41 -20.81
C CYS D 618 -73.21 -49.09 -21.04
N VAL D 619 -73.88 -48.11 -21.65
CA VAL D 619 -73.32 -46.78 -21.93
C VAL D 619 -72.54 -46.24 -20.73
N CYS D 620 -71.31 -45.79 -20.99
CA CYS D 620 -70.38 -45.40 -19.93
C CYS D 620 -70.27 -43.89 -19.76
N HIS D 621 -69.86 -43.18 -20.82
CA HIS D 621 -69.66 -41.74 -20.76
C HIS D 621 -70.57 -41.00 -21.72
N GLY D 622 -71.58 -41.67 -22.27
CA GLY D 622 -72.34 -41.13 -23.37
C GLY D 622 -71.71 -41.36 -24.73
N VAL D 623 -70.43 -41.77 -24.77
CA VAL D 623 -69.77 -42.07 -26.02
C VAL D 623 -70.24 -43.40 -26.58
N ALA D 624 -70.88 -44.23 -25.76
CA ALA D 624 -71.44 -45.49 -26.26
C ALA D 624 -72.80 -45.24 -26.88
N VAL D 625 -72.87 -44.31 -27.82
CA VAL D 625 -74.10 -44.08 -28.59
C VAL D 625 -73.99 -44.99 -29.82
N ARG D 626 -74.31 -46.26 -29.59
CA ARG D 626 -74.24 -47.32 -30.61
C ARG D 626 -72.86 -47.39 -31.26
N SER D 627 -71.80 -47.13 -30.50
CA SER D 627 -70.44 -47.29 -31.00
C SER D 627 -69.90 -48.66 -30.66
N ASN D 628 -69.70 -48.93 -29.35
CA ASN D 628 -69.50 -50.28 -28.85
C ASN D 628 -70.37 -50.43 -27.61
N GLN D 629 -71.67 -50.61 -27.83
CA GLN D 629 -72.61 -50.93 -26.75
C GLN D 629 -73.69 -51.91 -27.14
N HIS D 630 -74.00 -52.06 -28.44
CA HIS D 630 -75.17 -52.83 -28.85
C HIS D 630 -75.00 -54.32 -28.55
N LEU D 631 -73.78 -54.83 -28.71
CA LEU D 631 -73.53 -56.23 -28.39
C LEU D 631 -73.78 -56.52 -26.91
N ILE D 632 -73.28 -55.65 -26.03
CA ILE D 632 -73.49 -55.85 -24.60
C ILE D 632 -74.96 -55.66 -24.25
N CYS D 633 -75.63 -54.70 -24.87
CA CYS D 633 -77.05 -54.46 -24.59
C CYS D 633 -77.90 -55.65 -25.01
N ASP D 634 -77.62 -56.24 -26.17
CA ASP D 634 -78.36 -57.40 -26.65
C ASP D 634 -77.92 -58.69 -25.99
N ASN D 635 -76.75 -58.71 -25.33
CA ASN D 635 -76.31 -59.89 -24.58
C ASN D 635 -76.86 -59.90 -23.15
N LEU D 636 -76.99 -58.73 -22.54
CA LEU D 636 -77.51 -58.65 -21.17
C LEU D 636 -79.00 -58.91 -21.08
N LEU D 637 -79.70 -58.91 -22.22
CA LEU D 637 -81.15 -59.09 -22.22
C LEU D 637 -81.56 -60.56 -22.03
N PRO D 638 -80.97 -61.53 -22.73
CA PRO D 638 -81.31 -62.93 -22.42
C PRO D 638 -80.49 -63.54 -21.30
N GLY D 639 -79.71 -62.75 -20.56
CA GLY D 639 -78.92 -63.28 -19.46
C GLY D 639 -79.78 -63.77 -18.31
N ARG D 640 -80.45 -62.85 -17.62
CA ARG D 640 -81.37 -63.22 -16.55
C ARG D 640 -82.66 -62.42 -16.60
N ASP D 641 -83.06 -61.94 -17.79
CA ASP D 641 -84.32 -61.22 -17.94
C ASP D 641 -85.36 -62.03 -18.68
N LEU D 642 -85.20 -63.36 -18.74
CA LEU D 642 -86.21 -64.17 -19.42
C LEU D 642 -87.46 -64.28 -18.56
N LEU D 643 -87.37 -65.00 -17.43
CA LEU D 643 -88.28 -64.83 -16.31
C LEU D 643 -87.63 -65.46 -15.08
N LEU D 644 -86.94 -64.63 -14.29
CA LEU D 644 -86.38 -65.11 -13.02
C LEU D 644 -86.55 -64.14 -11.87
N GLN D 645 -86.57 -62.83 -12.11
CA GLN D 645 -86.54 -61.85 -11.04
C GLN D 645 -87.95 -61.44 -10.64
N THR D 646 -88.06 -60.33 -9.90
CA THR D 646 -89.31 -59.91 -9.29
C THR D 646 -90.38 -59.55 -10.33
N ARG D 647 -91.37 -60.42 -10.47
CA ARG D 647 -92.52 -60.14 -11.31
C ARG D 647 -93.60 -59.44 -10.48
N LEU D 648 -94.70 -59.06 -11.12
CA LEU D 648 -95.73 -58.33 -10.41
C LEU D 648 -97.06 -58.43 -11.17
N VAL D 649 -98.16 -58.33 -10.41
CA VAL D 649 -99.51 -58.28 -10.96
C VAL D 649 -100.38 -57.51 -9.97
N ASN D 650 -101.59 -57.14 -10.40
CA ASN D 650 -102.46 -56.30 -9.58
C ASN D 650 -103.91 -56.76 -9.65
N HIS D 651 -104.48 -57.10 -8.49
CA HIS D 651 -105.90 -57.42 -8.34
C HIS D 651 -106.21 -57.52 -6.85
N VAL D 652 -107.51 -57.50 -6.53
CA VAL D 652 -107.99 -57.62 -5.16
C VAL D 652 -109.32 -58.34 -5.16
N SER D 653 -109.67 -58.94 -4.03
CA SER D 653 -110.85 -59.81 -3.93
C SER D 653 -111.26 -59.92 -2.46
N SER D 654 -112.05 -60.98 -2.15
CA SER D 654 -112.37 -61.54 -0.83
C SER D 654 -113.73 -61.08 -0.31
N MET D 655 -114.54 -62.03 0.17
CA MET D 655 -115.89 -61.80 0.68
C MET D 655 -116.38 -63.11 1.30
N ARG D 656 -117.15 -63.01 2.38
CA ARG D 656 -117.57 -64.19 3.12
C ARG D 656 -118.89 -63.90 3.80
N PRO D 657 -119.65 -64.94 4.21
CA PRO D 657 -120.83 -64.73 5.06
C PRO D 657 -120.52 -64.79 6.55
N ASN D 658 -121.55 -64.75 7.39
CA ASN D 658 -121.41 -64.62 8.84
C ASN D 658 -121.69 -65.87 9.64
N ILE D 659 -122.61 -66.73 9.17
CA ILE D 659 -123.14 -67.79 10.02
C ILE D 659 -122.05 -68.79 10.40
N PHE D 660 -121.95 -69.07 11.69
CA PHE D 660 -120.98 -70.02 12.24
C PHE D 660 -121.61 -71.41 12.25
N LEU D 661 -121.17 -72.27 11.34
CA LEU D 661 -121.62 -73.66 11.36
C LEU D 661 -121.14 -74.36 12.62
N GLY D 662 -119.83 -74.56 12.74
CA GLY D 662 -119.19 -75.08 13.93
C GLY D 662 -119.77 -76.37 14.50
N VAL D 663 -120.00 -77.37 13.65
CA VAL D 663 -120.66 -78.60 14.04
C VAL D 663 -119.62 -79.72 14.10
N SER D 664 -119.66 -80.49 15.18
CA SER D 664 -118.76 -81.63 15.37
C SER D 664 -119.52 -82.69 16.16
N GLU D 665 -118.79 -83.63 16.75
CA GLU D 665 -119.43 -84.65 17.57
C GLU D 665 -119.77 -84.07 18.94
N GLY D 666 -120.46 -84.87 19.76
CA GLY D 666 -120.86 -84.43 21.08
C GLY D 666 -122.19 -83.71 21.09
N SER D 667 -122.29 -82.64 21.87
CA SER D 667 -123.52 -81.85 21.98
C SER D 667 -123.62 -80.91 20.77
N ALA D 668 -123.96 -81.50 19.62
CA ALA D 668 -124.07 -80.77 18.38
C ALA D 668 -125.03 -81.51 17.45
N GLN D 669 -125.02 -81.14 16.18
CA GLN D 669 -125.95 -81.65 15.18
C GLN D 669 -125.22 -82.61 14.23
N TYR D 670 -125.92 -83.01 13.17
CA TYR D 670 -125.39 -83.94 12.19
C TYR D 670 -124.45 -83.22 11.23
N LYS D 671 -124.07 -83.89 10.15
CA LYS D 671 -122.98 -83.43 9.29
C LYS D 671 -123.38 -83.49 7.81
N LYS D 672 -124.60 -83.07 7.49
CA LYS D 672 -125.06 -83.05 6.10
C LYS D 672 -125.56 -81.65 5.76
N TRP D 673 -125.10 -81.12 4.63
CA TRP D 673 -125.49 -79.79 4.20
C TRP D 673 -125.51 -79.72 2.68
N TYR D 674 -126.01 -78.60 2.16
CA TYR D 674 -126.21 -78.43 0.73
C TYR D 674 -126.24 -76.94 0.41
N TYR D 675 -125.51 -76.53 -0.62
CA TYR D 675 -125.43 -75.14 -1.02
C TYR D 675 -125.65 -75.01 -2.53
N GLU D 676 -126.24 -73.88 -2.92
CA GLU D 676 -126.43 -73.54 -4.33
C GLU D 676 -126.71 -72.05 -4.42
N LEU D 677 -126.05 -71.38 -5.36
CA LEU D 677 -126.09 -69.94 -5.47
C LEU D 677 -126.81 -69.52 -6.76
N MET D 678 -127.03 -68.21 -6.90
CA MET D 678 -127.73 -67.63 -8.03
C MET D 678 -126.90 -66.46 -8.54
N VAL D 679 -126.75 -66.38 -9.86
CA VAL D 679 -125.89 -65.38 -10.49
C VAL D 679 -126.72 -64.53 -11.46
N ASP D 680 -126.52 -63.21 -11.39
CA ASP D 680 -127.22 -62.28 -12.26
C ASP D 680 -126.31 -61.49 -13.19
N HIS D 681 -125.08 -61.19 -12.78
CA HIS D 681 -124.22 -60.30 -13.56
C HIS D 681 -122.77 -60.72 -13.37
N THR D 682 -122.16 -61.25 -14.41
CA THR D 682 -120.73 -61.57 -14.43
C THR D 682 -120.14 -61.06 -15.74
N GLU D 683 -119.21 -60.12 -15.65
CA GLU D 683 -118.58 -59.57 -16.83
C GLU D 683 -117.07 -59.48 -16.63
N PRO D 684 -116.28 -59.74 -17.67
CA PRO D 684 -114.84 -59.50 -17.59
C PRO D 684 -114.49 -58.09 -18.03
N PHE D 685 -113.19 -57.80 -18.08
CA PHE D 685 -112.64 -56.58 -18.67
C PHE D 685 -113.02 -55.32 -17.91
N VAL D 686 -113.54 -55.44 -16.69
CA VAL D 686 -113.74 -54.25 -15.87
C VAL D 686 -112.39 -53.64 -15.48
N THR D 687 -111.45 -54.49 -15.06
CA THR D 687 -110.04 -54.16 -14.86
C THR D 687 -109.14 -55.12 -15.62
N ALA D 688 -109.50 -56.40 -15.71
CA ALA D 688 -108.76 -57.39 -16.47
C ALA D 688 -109.72 -58.49 -16.88
N GLU D 689 -109.22 -59.45 -17.66
CA GLU D 689 -110.06 -60.57 -18.09
C GLU D 689 -110.42 -61.46 -16.91
N ALA D 690 -109.55 -61.55 -15.91
CA ALA D 690 -109.77 -62.43 -14.76
C ALA D 690 -110.60 -61.69 -13.72
N THR D 691 -111.86 -62.10 -13.56
CA THR D 691 -112.74 -61.61 -12.51
C THR D 691 -112.93 -62.74 -11.50
N HIS D 692 -112.60 -62.47 -10.24
CA HIS D 692 -112.57 -63.51 -9.23
C HIS D 692 -113.99 -63.86 -8.77
N LEU D 693 -114.35 -65.13 -8.93
CA LEU D 693 -115.62 -65.64 -8.40
C LEU D 693 -115.39 -67.13 -8.10
N ARG D 694 -115.07 -67.43 -6.85
CA ARG D 694 -114.68 -68.79 -6.48
C ARG D 694 -115.31 -69.16 -5.14
N VAL D 695 -115.61 -70.46 -5.01
CA VAL D 695 -116.11 -71.04 -3.77
C VAL D 695 -115.19 -72.20 -3.41
N GLY D 696 -114.44 -72.06 -2.32
CA GLY D 696 -113.42 -73.02 -1.96
C GLY D 696 -113.89 -74.06 -0.96
N TRP D 697 -113.11 -75.15 -0.87
CA TRP D 697 -113.39 -76.23 0.06
C TRP D 697 -113.28 -75.79 1.50
N ALA D 698 -112.08 -75.40 1.92
CA ALA D 698 -111.79 -75.02 3.30
C ALA D 698 -111.55 -73.52 3.36
N SER D 699 -112.54 -72.78 3.87
CA SER D 699 -112.38 -71.34 4.02
C SER D 699 -111.51 -71.01 5.23
N THR D 700 -111.58 -71.81 6.28
CA THR D 700 -110.84 -71.55 7.51
C THR D 700 -109.43 -72.12 7.46
N GLU D 701 -109.28 -73.37 7.01
CA GLU D 701 -108.00 -74.06 7.02
C GLU D 701 -107.28 -73.99 5.68
N GLY D 702 -107.99 -73.71 4.59
CA GLY D 702 -107.36 -73.73 3.27
C GLY D 702 -106.30 -72.64 3.10
N TYR D 703 -106.60 -71.43 3.56
CA TYR D 703 -105.65 -70.33 3.43
C TYR D 703 -105.87 -69.35 4.56
N SER D 704 -104.83 -68.55 4.81
CA SER D 704 -104.89 -67.50 5.83
C SER D 704 -105.30 -66.18 5.19
N PRO D 705 -106.23 -65.44 5.80
CA PRO D 705 -106.64 -64.15 5.22
C PRO D 705 -105.52 -63.12 5.20
N TYR D 706 -104.48 -63.28 6.00
CA TYR D 706 -103.36 -62.36 6.03
C TYR D 706 -102.57 -62.41 4.72
N ASN D 716 -103.62 -65.24 -3.19
CA ASN D 716 -104.40 -64.26 -2.46
C ASN D 716 -105.84 -64.22 -2.97
N GLY D 717 -106.79 -64.53 -2.09
CA GLY D 717 -108.18 -64.49 -2.46
C GLY D 717 -109.00 -65.64 -1.90
N VAL D 718 -110.24 -65.33 -1.48
CA VAL D 718 -111.14 -66.35 -0.98
C VAL D 718 -111.61 -67.23 -2.14
N GLY D 719 -111.81 -68.51 -1.85
CA GLY D 719 -112.17 -69.47 -2.87
C GLY D 719 -110.97 -70.22 -3.40
N ASP D 720 -109.99 -69.48 -3.93
CA ASP D 720 -108.70 -70.05 -4.29
C ASP D 720 -107.80 -70.13 -3.05
N ASP D 721 -108.27 -70.89 -2.06
CA ASP D 721 -107.64 -70.95 -0.75
C ASP D 721 -106.52 -71.99 -0.73
N LEU D 722 -105.49 -71.71 -1.55
CA LEU D 722 -104.28 -72.52 -1.64
C LEU D 722 -104.60 -73.97 -2.00
N PHE D 723 -104.99 -74.76 -0.99
CA PHE D 723 -105.35 -76.15 -1.26
C PHE D 723 -106.70 -76.27 -1.92
N SER D 724 -107.61 -75.34 -1.64
CA SER D 724 -108.95 -75.39 -2.22
C SER D 724 -108.91 -75.07 -3.71
N TYR D 725 -109.68 -75.84 -4.49
CA TYR D 725 -109.71 -75.62 -5.93
C TYR D 725 -110.49 -74.36 -6.28
N GLY D 726 -111.58 -74.09 -5.57
CA GLY D 726 -112.40 -72.93 -5.84
C GLY D 726 -113.43 -73.22 -6.91
N PHE D 727 -114.72 -73.10 -6.58
CA PHE D 727 -115.77 -73.40 -7.52
C PHE D 727 -115.93 -72.24 -8.51
N ASP D 728 -115.81 -72.55 -9.80
CA ASP D 728 -115.93 -71.56 -10.85
C ASP D 728 -116.56 -72.25 -12.06
N GLY D 729 -116.40 -71.66 -13.24
CA GLY D 729 -116.97 -72.18 -14.46
C GLY D 729 -116.69 -73.65 -14.74
N LEU D 730 -115.43 -73.97 -15.07
CA LEU D 730 -115.06 -75.36 -15.32
C LEU D 730 -113.68 -75.70 -14.78
N HIS D 731 -113.09 -74.84 -13.96
CA HIS D 731 -111.70 -74.98 -13.54
C HIS D 731 -111.61 -75.62 -12.17
N LEU D 732 -110.46 -76.25 -11.90
CA LEU D 732 -110.13 -76.79 -10.59
C LEU D 732 -108.69 -76.47 -10.22
N TRP D 733 -108.19 -75.35 -10.72
CA TRP D 733 -106.82 -74.90 -10.43
C TRP D 733 -106.79 -74.30 -9.03
N SER D 734 -106.24 -75.06 -8.08
CA SER D 734 -106.12 -74.58 -6.72
C SER D 734 -105.02 -73.52 -6.64
N GLY D 735 -104.83 -72.96 -5.45
CA GLY D 735 -103.78 -71.99 -5.24
C GLY D 735 -102.41 -72.61 -5.39
N CYS D 736 -101.72 -72.27 -6.48
CA CYS D 736 -100.39 -72.74 -6.86
C CYS D 736 -100.34 -74.23 -7.16
N ILE D 737 -101.49 -74.91 -7.21
CA ILE D 737 -101.57 -76.32 -7.58
C ILE D 737 -102.66 -76.46 -8.65
N ALA D 738 -102.32 -77.11 -9.76
CA ALA D 738 -103.23 -77.26 -10.89
C ALA D 738 -103.86 -78.65 -10.84
N ARG D 739 -105.19 -78.71 -10.79
CA ARG D 739 -105.92 -79.97 -10.79
C ARG D 739 -107.18 -79.90 -11.63
N THR D 740 -107.18 -79.07 -12.67
CA THR D 740 -108.38 -78.89 -13.48
C THR D 740 -108.59 -80.06 -14.43
N VAL D 741 -109.86 -80.30 -14.75
CA VAL D 741 -110.24 -81.35 -15.69
C VAL D 741 -111.23 -80.79 -16.70
N SER D 742 -111.77 -81.64 -17.56
CA SER D 742 -112.70 -81.23 -18.60
C SER D 742 -114.00 -82.00 -18.49
N SER D 743 -114.58 -82.03 -17.29
CA SER D 743 -115.80 -82.77 -17.04
C SER D 743 -116.95 -82.21 -17.88
N PRO D 744 -117.89 -83.06 -18.31
CA PRO D 744 -119.00 -82.59 -19.13
C PRO D 744 -119.93 -81.66 -18.37
N ASN D 745 -120.89 -81.10 -19.11
CA ASN D 745 -121.83 -80.10 -18.59
C ASN D 745 -121.08 -78.90 -17.99
N GLN D 746 -120.13 -78.38 -18.75
CA GLN D 746 -119.27 -77.30 -18.29
C GLN D 746 -119.42 -76.08 -19.18
N HIS D 747 -119.32 -74.91 -18.56
CA HIS D 747 -119.40 -73.62 -19.23
C HIS D 747 -118.97 -72.56 -18.22
N LEU D 748 -119.02 -71.30 -18.64
CA LEU D 748 -118.69 -70.20 -17.75
C LEU D 748 -119.83 -69.98 -16.75
N LEU D 749 -119.62 -69.03 -15.84
CA LEU D 749 -120.65 -68.70 -14.85
C LEU D 749 -121.79 -67.93 -15.51
N ARG D 750 -122.62 -68.65 -16.26
CA ARG D 750 -123.70 -68.06 -17.02
C ARG D 750 -125.00 -68.12 -16.20
N THR D 751 -126.06 -67.51 -16.74
CA THR D 751 -127.34 -67.45 -16.04
C THR D 751 -127.91 -68.86 -15.83
N ASP D 752 -128.79 -68.97 -14.85
CA ASP D 752 -129.41 -70.24 -14.43
C ASP D 752 -128.34 -71.25 -14.01
N ASP D 753 -127.62 -70.90 -12.95
CA ASP D 753 -126.55 -71.73 -12.41
C ASP D 753 -127.16 -72.84 -11.58
N VAL D 754 -127.63 -73.88 -12.28
CA VAL D 754 -128.19 -75.06 -11.62
C VAL D 754 -127.03 -75.90 -11.12
N ILE D 755 -126.64 -75.70 -9.86
CA ILE D 755 -125.45 -76.30 -9.30
C ILE D 755 -125.82 -77.03 -8.01
N SER D 756 -124.86 -77.77 -7.47
CA SER D 756 -125.06 -78.52 -6.24
C SER D 756 -123.73 -78.66 -5.50
N CYS D 757 -123.75 -78.40 -4.20
CA CYS D 757 -122.56 -78.52 -3.36
C CYS D 757 -122.68 -79.76 -2.48
N CYS D 758 -121.58 -80.51 -2.37
CA CYS D 758 -121.56 -81.75 -1.62
C CYS D 758 -120.59 -81.64 -0.45
N LEU D 759 -121.06 -82.06 0.72
CA LEU D 759 -120.24 -82.08 1.92
C LEU D 759 -120.44 -83.40 2.65
N ASP D 760 -119.37 -83.87 3.30
CA ASP D 760 -119.43 -85.10 4.08
C ASP D 760 -118.29 -85.05 5.09
N LEU D 761 -118.61 -84.85 6.37
CA LEU D 761 -117.58 -84.77 7.40
C LEU D 761 -116.94 -86.13 7.65
N SER D 762 -117.65 -87.23 7.39
CA SER D 762 -117.07 -88.55 7.57
C SER D 762 -116.03 -88.85 6.50
N ALA D 763 -116.34 -88.56 5.24
CA ALA D 763 -115.42 -88.77 4.12
C ALA D 763 -115.75 -87.75 3.05
N PRO D 764 -114.97 -86.65 2.97
CA PRO D 764 -115.35 -85.55 2.08
C PRO D 764 -115.22 -85.88 0.60
N SER D 765 -116.17 -86.65 0.08
CA SER D 765 -116.30 -86.89 -1.35
C SER D 765 -117.02 -85.72 -2.01
N ILE D 766 -117.06 -85.74 -3.34
CA ILE D 766 -117.70 -84.68 -4.10
C ILE D 766 -118.69 -85.30 -5.09
N SER D 767 -119.88 -84.70 -5.17
CA SER D 767 -120.85 -84.96 -6.24
C SER D 767 -121.43 -83.60 -6.60
N PHE D 768 -120.76 -82.90 -7.51
CA PHE D 768 -121.11 -81.51 -7.83
C PHE D 768 -121.97 -81.51 -9.09
N ARG D 769 -123.23 -81.93 -8.91
CA ARG D 769 -124.14 -82.08 -10.04
C ARG D 769 -124.51 -80.73 -10.62
N ILE D 770 -124.16 -80.51 -11.88
CA ILE D 770 -124.57 -79.33 -12.63
C ILE D 770 -125.31 -79.84 -13.86
N ASN D 771 -126.64 -79.97 -13.73
CA ASN D 771 -127.52 -80.42 -14.81
C ASN D 771 -127.06 -81.76 -15.39
N GLY D 772 -126.79 -82.72 -14.50
CA GLY D 772 -126.39 -84.04 -14.93
C GLY D 772 -125.07 -84.52 -14.37
N GLN D 773 -124.07 -84.65 -15.23
CA GLN D 773 -122.78 -85.22 -14.82
C GLN D 773 -122.10 -84.31 -13.81
N PRO D 774 -121.70 -84.81 -12.65
CA PRO D 774 -121.06 -83.97 -11.64
C PRO D 774 -119.56 -83.87 -11.83
N VAL D 775 -118.97 -82.91 -11.13
CA VAL D 775 -117.52 -82.73 -11.15
C VAL D 775 -116.88 -83.84 -10.33
N GLN D 776 -115.78 -84.39 -10.85
CA GLN D 776 -115.09 -85.50 -10.22
C GLN D 776 -113.79 -85.01 -9.58
N GLY D 777 -113.18 -85.88 -8.78
CA GLY D 777 -111.98 -85.53 -8.06
C GLY D 777 -112.27 -85.21 -6.61
N MET D 778 -111.96 -86.15 -5.71
CA MET D 778 -112.31 -85.97 -4.31
C MET D 778 -111.27 -85.11 -3.60
N PHE D 779 -111.60 -84.74 -2.36
CA PHE D 779 -110.69 -83.98 -1.52
C PHE D 779 -111.06 -84.32 -0.07
N GLU D 780 -110.35 -85.27 0.51
CA GLU D 780 -110.70 -85.83 1.81
C GLU D 780 -109.91 -85.15 2.92
N ASN D 781 -110.26 -85.51 4.16
CA ASN D 781 -109.57 -85.06 5.37
C ASN D 781 -109.59 -83.53 5.45
N PHE D 782 -110.81 -83.00 5.64
CA PHE D 782 -111.04 -81.56 5.63
C PHE D 782 -111.77 -81.14 6.90
N ASN D 783 -111.41 -79.96 7.41
CA ASN D 783 -112.00 -79.36 8.60
C ASN D 783 -111.92 -80.32 9.79
N ILE D 784 -110.69 -80.59 10.21
CA ILE D 784 -110.43 -81.63 11.19
C ILE D 784 -110.92 -81.20 12.58
N ASP D 785 -110.51 -80.01 13.02
CA ASP D 785 -110.89 -79.54 14.35
C ASP D 785 -112.34 -79.08 14.39
N GLY D 786 -112.82 -78.47 13.31
CA GLY D 786 -114.18 -77.97 13.22
C GLY D 786 -114.18 -76.55 12.68
N LEU D 787 -115.29 -75.86 12.94
CA LEU D 787 -115.48 -74.46 12.56
C LEU D 787 -115.34 -74.27 11.04
N PHE D 788 -116.25 -74.91 10.31
CA PHE D 788 -116.27 -74.83 8.86
C PHE D 788 -117.19 -73.70 8.41
N PHE D 789 -116.83 -73.07 7.29
CA PHE D 789 -117.60 -71.96 6.74
C PHE D 789 -117.75 -72.13 5.23
N PRO D 790 -118.97 -72.26 4.72
CA PRO D 790 -119.18 -72.13 3.27
C PRO D 790 -119.18 -70.66 2.87
N VAL D 791 -118.37 -70.32 1.86
CA VAL D 791 -118.13 -68.94 1.50
C VAL D 791 -118.33 -68.74 0.00
N VAL D 792 -118.62 -67.49 -0.36
CA VAL D 792 -118.73 -67.06 -1.76
C VAL D 792 -117.89 -65.81 -1.91
N SER D 793 -116.99 -65.81 -2.90
CA SER D 793 -116.03 -64.74 -3.09
C SER D 793 -116.30 -63.99 -4.39
N PHE D 794 -116.06 -62.68 -4.36
CA PHE D 794 -116.20 -61.83 -5.53
C PHE D 794 -115.16 -60.72 -5.45
N SER D 795 -114.81 -60.17 -6.62
CA SER D 795 -113.79 -59.14 -6.72
C SER D 795 -114.38 -57.80 -7.17
N ALA D 796 -115.01 -57.76 -8.35
CA ALA D 796 -115.57 -56.53 -8.89
C ALA D 796 -116.57 -56.87 -9.97
N GLY D 797 -117.54 -55.97 -10.15
CA GLY D 797 -118.55 -56.16 -11.19
C GLY D 797 -119.41 -57.38 -11.01
N ILE D 798 -119.82 -57.66 -9.77
CA ILE D 798 -120.60 -58.84 -9.44
C ILE D 798 -121.88 -58.41 -8.75
N LYS D 799 -123.02 -58.88 -9.25
CA LYS D 799 -124.33 -58.62 -8.66
C LYS D 799 -125.02 -59.95 -8.44
N VAL D 800 -124.87 -60.52 -7.24
CA VAL D 800 -125.45 -61.80 -6.90
C VAL D 800 -126.17 -61.68 -5.55
N ARG D 801 -127.05 -62.64 -5.30
CA ARG D 801 -127.80 -62.70 -4.05
C ARG D 801 -127.47 -64.00 -3.32
N PHE D 802 -127.31 -63.90 -2.00
CA PHE D 802 -126.98 -65.07 -1.20
C PHE D 802 -128.15 -66.04 -1.15
N LEU D 803 -127.84 -67.34 -1.30
CA LEU D 803 -128.85 -68.40 -1.26
C LEU D 803 -128.26 -69.56 -0.47
N LEU D 804 -128.51 -69.58 0.83
CA LEU D 804 -128.07 -70.66 1.72
C LEU D 804 -129.28 -71.11 2.53
N GLY D 805 -130.05 -72.05 1.97
CA GLY D 805 -131.24 -72.56 2.61
C GLY D 805 -132.48 -71.73 2.38
N GLY D 806 -132.33 -70.45 2.05
CA GLY D 806 -133.47 -69.59 1.81
C GLY D 806 -134.32 -69.33 3.03
N ARG D 807 -133.71 -69.24 4.22
CA ARG D 807 -134.46 -68.86 5.41
C ARG D 807 -134.89 -67.40 5.34
N HIS D 808 -133.96 -66.51 5.02
CA HIS D 808 -134.30 -65.11 4.81
C HIS D 808 -134.94 -64.90 3.44
N GLY D 809 -134.51 -65.66 2.43
CA GLY D 809 -135.06 -65.53 1.09
C GLY D 809 -135.93 -66.70 0.70
N GLU D 810 -135.69 -67.27 -0.49
CA GLU D 810 -136.47 -68.39 -0.98
C GLU D 810 -135.51 -69.38 -1.65
N PHE D 811 -135.53 -70.63 -1.17
CA PHE D 811 -134.73 -71.69 -1.78
C PHE D 811 -135.38 -72.10 -3.10
N LYS D 812 -134.71 -71.83 -4.21
CA LYS D 812 -135.31 -72.07 -5.53
C LYS D 812 -135.50 -73.57 -5.78
N PHE D 813 -134.46 -74.36 -5.57
CA PHE D 813 -134.54 -75.80 -5.80
C PHE D 813 -134.87 -76.51 -4.49
N LEU D 814 -134.78 -77.84 -4.50
CA LEU D 814 -135.06 -78.65 -3.33
C LEU D 814 -133.89 -79.58 -3.04
N PRO D 815 -133.64 -79.90 -1.78
CA PRO D 815 -132.55 -80.81 -1.46
C PRO D 815 -132.94 -82.24 -1.79
N PRO D 816 -132.00 -83.06 -2.25
CA PRO D 816 -132.29 -84.46 -2.51
C PRO D 816 -132.34 -85.25 -1.22
N PRO D 817 -132.82 -86.50 -1.27
CA PRO D 817 -132.72 -87.35 -0.08
C PRO D 817 -131.27 -87.53 0.34
N GLY D 818 -131.04 -87.54 1.65
CA GLY D 818 -129.68 -87.48 2.15
C GLY D 818 -129.26 -86.06 2.47
N TYR D 819 -128.60 -85.41 1.51
CA TYR D 819 -128.18 -84.03 1.65
C TYR D 819 -129.38 -83.10 1.86
N ALA D 820 -129.53 -82.56 3.06
CA ALA D 820 -130.61 -81.63 3.34
C ALA D 820 -130.14 -80.20 3.05
N ALA D 821 -131.12 -79.31 2.88
CA ALA D 821 -130.83 -77.93 2.52
C ALA D 821 -130.14 -77.21 3.68
N CYS D 822 -129.76 -75.95 3.43
CA CYS D 822 -129.06 -75.13 4.42
C CYS D 822 -130.02 -74.38 5.32
N TYR D 823 -131.25 -74.88 5.51
CA TYR D 823 -132.18 -74.25 6.44
C TYR D 823 -131.67 -74.33 7.87
N GLU D 824 -130.97 -75.42 8.20
CA GLU D 824 -130.41 -75.59 9.54
C GLU D 824 -129.14 -74.75 9.68
N ALA D 825 -128.42 -74.94 10.78
CA ALA D 825 -127.21 -74.23 11.17
C ALA D 825 -127.46 -72.75 11.45
N VAL D 826 -128.71 -72.28 11.35
CA VAL D 826 -129.06 -70.91 11.69
C VAL D 826 -129.40 -70.90 13.18
N LEU D 827 -128.48 -70.41 13.99
CA LEU D 827 -128.65 -70.45 15.44
C LEU D 827 -129.76 -69.50 15.86
N PRO D 828 -130.69 -69.95 16.70
CA PRO D 828 -131.75 -69.06 17.21
C PRO D 828 -131.19 -68.12 18.26
N LYS D 829 -132.08 -67.30 18.83
CA LYS D 829 -131.81 -66.33 19.89
C LYS D 829 -130.91 -65.19 19.42
N GLU D 830 -130.49 -65.18 18.17
CA GLU D 830 -129.58 -64.16 17.66
C GLU D 830 -130.00 -63.76 16.25
N LYS D 831 -129.53 -62.59 15.83
CA LYS D 831 -129.81 -62.07 14.50
C LYS D 831 -128.94 -62.75 13.45
N LEU D 832 -129.51 -62.96 12.27
CA LEU D 832 -128.80 -63.53 11.14
C LEU D 832 -128.44 -62.42 10.16
N LYS D 833 -127.18 -62.37 9.74
CA LYS D 833 -126.68 -61.31 8.88
C LYS D 833 -125.46 -61.83 8.13
N VAL D 834 -124.68 -60.92 7.56
CA VAL D 834 -123.50 -61.25 6.77
C VAL D 834 -122.33 -60.45 7.29
N GLU D 835 -121.17 -61.09 7.46
CA GLU D 835 -119.96 -60.51 8.00
C GLU D 835 -118.87 -60.51 6.92
N HIS D 836 -117.64 -60.25 7.34
CA HIS D 836 -116.51 -60.18 6.43
C HIS D 836 -115.67 -61.46 6.52
N SER D 837 -114.59 -61.50 5.74
CA SER D 837 -113.71 -62.67 5.67
C SER D 837 -112.71 -62.61 6.82
N ARG D 838 -113.23 -62.72 8.04
CA ARG D 838 -112.46 -62.54 9.28
C ARG D 838 -111.72 -61.21 9.27
N GLU D 839 -112.38 -60.18 8.74
CA GLU D 839 -111.78 -58.86 8.55
C GLU D 839 -112.46 -57.86 9.48
N TYR D 840 -111.65 -57.04 10.14
CA TYR D 840 -112.17 -56.02 11.05
C TYR D 840 -112.11 -54.62 10.48
N LYS D 841 -111.38 -54.40 9.40
CA LYS D 841 -111.22 -53.08 8.79
C LYS D 841 -111.99 -53.04 7.48
N GLN D 842 -112.78 -52.00 7.29
CA GLN D 842 -113.63 -51.86 6.11
C GLN D 842 -113.60 -50.39 5.68
N GLU D 843 -114.55 -50.00 4.84
CA GLU D 843 -114.61 -48.64 4.33
C GLU D 843 -114.91 -47.64 5.44
N ARG D 844 -113.90 -46.86 5.83
CA ARG D 844 -114.02 -45.86 6.88
C ARG D 844 -113.29 -44.60 6.44
N THR D 845 -113.66 -43.48 7.06
CA THR D 845 -113.02 -42.20 6.78
C THR D 845 -112.19 -41.71 7.95
N TYR D 846 -112.80 -41.53 9.12
CA TYR D 846 -112.07 -41.14 10.32
C TYR D 846 -112.50 -41.88 11.57
N THR D 847 -113.62 -42.60 11.54
CA THR D 847 -114.12 -43.37 12.69
C THR D 847 -113.76 -44.84 12.58
N ARG D 848 -112.56 -45.13 12.08
CA ARG D 848 -112.14 -46.51 11.85
C ARG D 848 -112.17 -47.32 13.14
N ASP D 849 -112.80 -48.49 13.08
CA ASP D 849 -112.86 -49.37 14.24
C ASP D 849 -111.52 -50.10 14.40
N LEU D 850 -111.18 -50.38 15.66
CA LEU D 850 -109.94 -51.07 16.01
C LEU D 850 -110.30 -52.26 16.87
N LEU D 851 -110.43 -53.43 16.27
CA LEU D 851 -110.83 -54.64 16.96
C LEU D 851 -109.64 -55.55 17.19
N GLY D 852 -109.66 -56.25 18.33
CA GLY D 852 -108.64 -57.23 18.63
C GLY D 852 -108.93 -58.56 17.98
N PRO D 853 -108.07 -59.54 18.27
CA PRO D 853 -108.26 -60.89 17.70
C PRO D 853 -109.52 -61.55 18.26
N THR D 854 -110.47 -61.84 17.38
CA THR D 854 -111.70 -62.49 17.76
C THR D 854 -112.29 -63.28 16.60
N LEU D 878 -128.85 -91.90 57.84
CA LEU D 878 -129.13 -90.60 57.23
C LEU D 878 -130.04 -90.74 56.02
N GLU D 879 -130.14 -91.97 55.51
CA GLU D 879 -130.96 -92.22 54.33
C GLU D 879 -132.45 -92.19 54.65
N ARG D 880 -132.84 -92.78 55.79
CA ARG D 880 -134.26 -92.90 56.13
C ARG D 880 -134.91 -91.53 56.32
N ILE D 881 -134.26 -90.64 57.06
CA ILE D 881 -134.81 -89.30 57.29
C ILE D 881 -134.90 -88.54 55.97
N ARG D 882 -133.92 -88.72 55.09
CA ARG D 882 -134.00 -88.12 53.76
C ARG D 882 -134.91 -88.89 52.82
N GLU D 883 -135.13 -90.19 53.08
CA GLU D 883 -136.12 -90.93 52.30
C GLU D 883 -137.52 -90.40 52.57
N ARG D 884 -137.79 -90.00 53.82
CA ARG D 884 -139.07 -89.37 54.13
C ARG D 884 -139.23 -88.05 53.38
N LEU D 885 -138.16 -87.27 53.27
CA LEU D 885 -138.21 -86.03 52.51
C LEU D 885 -138.37 -86.28 51.02
N ALA D 886 -137.76 -87.35 50.51
CA ALA D 886 -137.97 -87.71 49.10
C ALA D 886 -139.42 -88.11 48.85
N GLU D 887 -140.03 -88.85 49.78
CA GLU D 887 -141.45 -89.18 49.67
C GLU D 887 -142.30 -87.92 49.73
N ASN D 888 -141.92 -86.97 50.59
CA ASN D 888 -142.65 -85.70 50.68
C ASN D 888 -142.51 -84.90 49.39
N ILE D 889 -141.34 -84.97 48.73
CA ILE D 889 -141.15 -84.27 47.46
C ILE D 889 -141.97 -84.94 46.36
N HIS D 890 -142.04 -86.27 46.36
CA HIS D 890 -142.94 -86.96 45.43
C HIS D 890 -144.39 -86.56 45.66
N GLU D 891 -144.78 -86.44 46.93
CA GLU D 891 -146.11 -85.94 47.26
C GLU D 891 -146.30 -84.52 46.75
N LEU D 892 -145.25 -83.69 46.84
CA LEU D 892 -145.32 -82.33 46.33
C LEU D 892 -145.58 -82.33 44.83
N TRP D 893 -144.87 -83.20 44.10
CA TRP D 893 -145.08 -83.30 42.65
C TRP D 893 -146.50 -83.75 42.34
N VAL D 894 -146.99 -84.78 43.04
CA VAL D 894 -148.30 -85.32 42.68
C VAL D 894 -149.41 -84.33 43.06
N MET D 895 -149.34 -83.71 44.24
CA MET D 895 -150.38 -82.73 44.54
C MET D 895 -150.15 -81.40 43.82
N ASN D 896 -149.01 -81.23 43.14
CA ASN D 896 -148.90 -80.17 42.15
C ASN D 896 -149.62 -80.54 40.86
N LYS D 897 -149.66 -81.82 40.51
CA LYS D 897 -150.41 -82.24 39.33
C LYS D 897 -151.81 -82.77 39.63
N ILE D 898 -152.12 -83.11 40.88
CA ILE D 898 -153.50 -83.46 41.23
C ILE D 898 -154.40 -82.24 41.07
N GLU D 899 -153.94 -81.07 41.52
CA GLU D 899 -154.75 -79.85 41.48
C GLU D 899 -155.05 -79.38 40.07
N LEU D 900 -154.35 -79.91 39.06
CA LEU D 900 -154.68 -79.58 37.68
C LEU D 900 -156.06 -80.11 37.30
N GLY D 901 -156.48 -81.22 37.88
CA GLY D 901 -157.80 -81.76 37.62
C GLY D 901 -157.79 -83.17 37.06
N TRP D 902 -156.71 -83.92 37.29
CA TRP D 902 -156.63 -85.28 36.79
C TRP D 902 -157.30 -86.24 37.77
N GLN D 903 -157.33 -87.52 37.39
CA GLN D 903 -157.95 -88.56 38.19
C GLN D 903 -157.06 -89.79 38.16
N TYR D 904 -157.18 -90.63 39.19
CA TYR D 904 -156.43 -91.86 39.26
C TYR D 904 -156.87 -92.81 38.14
N GLY D 905 -155.90 -93.45 37.49
CA GLY D 905 -156.17 -94.35 36.39
C GLY D 905 -154.98 -95.19 36.03
N PRO D 906 -155.23 -96.43 35.57
CA PRO D 906 -154.13 -97.32 35.19
C PRO D 906 -153.48 -96.97 33.86
N VAL D 907 -154.09 -96.11 33.06
CA VAL D 907 -153.57 -95.75 31.74
C VAL D 907 -153.16 -94.28 31.77
N ARG D 908 -151.97 -94.00 31.24
CA ARG D 908 -151.39 -92.66 31.30
C ARG D 908 -151.95 -91.81 30.17
N ASP D 909 -152.89 -90.92 30.50
CA ASP D 909 -153.44 -89.97 29.55
C ASP D 909 -153.52 -88.60 30.20
N ASP D 910 -153.17 -87.56 29.43
CA ASP D 910 -153.17 -86.20 29.97
C ASP D 910 -154.55 -85.56 29.89
N ASN D 911 -155.14 -85.55 28.69
CA ASN D 911 -156.44 -84.90 28.51
C ASN D 911 -157.57 -85.75 29.10
N LYS D 912 -157.39 -87.06 29.17
CA LYS D 912 -158.41 -87.95 29.72
C LYS D 912 -158.37 -88.03 31.24
N ARG D 913 -157.42 -87.34 31.88
CA ARG D 913 -157.32 -87.26 33.33
C ARG D 913 -157.13 -88.64 33.96
N GLN D 914 -156.00 -89.27 33.62
CA GLN D 914 -155.68 -90.59 34.15
C GLN D 914 -154.17 -90.77 34.11
N HIS D 915 -153.56 -91.00 35.28
CA HIS D 915 -152.12 -91.19 35.38
C HIS D 915 -151.82 -92.27 36.41
N PRO D 916 -151.01 -93.28 36.05
CA PRO D 916 -150.63 -94.29 37.05
C PRO D 916 -149.82 -93.73 38.20
N CYS D 917 -149.04 -92.67 37.96
CA CYS D 917 -148.29 -92.03 39.04
C CYS D 917 -149.16 -91.15 39.92
N LEU D 918 -150.39 -90.85 39.50
CA LEU D 918 -151.30 -90.02 40.28
C LEU D 918 -152.08 -90.82 41.32
N VAL D 919 -152.02 -92.14 41.27
CA VAL D 919 -152.75 -93.01 42.19
C VAL D 919 -152.15 -92.92 43.57
N GLU D 920 -152.84 -93.52 44.56
CA GLU D 920 -152.41 -93.46 45.95
C GLU D 920 -151.01 -94.06 46.12
N PHE D 921 -150.39 -93.71 47.25
CA PHE D 921 -149.00 -94.10 47.49
C PHE D 921 -148.85 -95.62 47.59
N CYS D 922 -149.84 -96.30 48.18
CA CYS D 922 -149.74 -97.74 48.36
C CYS D 922 -149.84 -98.52 47.04
N LYS D 923 -150.40 -97.91 46.00
CA LYS D 923 -150.60 -98.59 44.72
C LYS D 923 -149.78 -97.97 43.60
N LEU D 924 -148.70 -97.29 43.92
CA LEU D 924 -147.85 -96.71 42.88
C LEU D 924 -147.13 -97.81 42.11
N PRO D 925 -146.93 -97.62 40.81
CA PRO D 925 -146.18 -98.62 40.03
C PRO D 925 -144.72 -98.68 40.47
N GLU D 926 -144.14 -99.87 40.33
CA GLU D 926 -142.76 -100.08 40.76
C GLU D 926 -141.78 -99.33 39.88
N GLN D 927 -142.07 -99.23 38.58
CA GLN D 927 -141.16 -98.54 37.66
C GLN D 927 -141.03 -97.07 38.01
N GLU D 928 -142.17 -96.38 38.17
CA GLU D 928 -142.13 -94.97 38.54
C GLU D 928 -141.59 -94.77 39.94
N ARG D 929 -141.84 -95.71 40.85
CA ARG D 929 -141.31 -95.60 42.21
C ARG D 929 -139.78 -95.69 42.22
N ASN D 930 -139.21 -96.64 41.48
CA ASN D 930 -137.76 -96.73 41.45
C ASN D 930 -137.14 -95.59 40.64
N TYR D 931 -137.86 -95.07 39.65
CA TYR D 931 -137.40 -93.86 38.97
C TYR D 931 -137.35 -92.69 39.94
N ASN D 932 -138.37 -92.55 40.79
CA ASN D 932 -138.37 -91.50 41.81
C ASN D 932 -137.23 -91.69 42.79
N LEU D 933 -136.97 -92.94 43.21
CA LEU D 933 -135.86 -93.20 44.12
C LEU D 933 -134.52 -92.85 43.47
N GLN D 934 -134.35 -93.19 42.19
CA GLN D 934 -133.12 -92.88 41.48
C GLN D 934 -132.93 -91.37 41.35
N MET D 935 -133.99 -90.64 40.99
CA MET D 935 -133.88 -89.19 40.88
C MET D 935 -133.58 -88.59 42.25
N SER D 936 -134.17 -89.15 43.31
CA SER D 936 -133.88 -88.69 44.66
C SER D 936 -132.40 -88.85 45.00
N LEU D 937 -131.86 -90.05 44.84
CA LEU D 937 -130.47 -90.28 45.23
C LEU D 937 -129.51 -89.47 44.37
N GLU D 938 -129.84 -89.30 43.08
CA GLU D 938 -129.02 -88.45 42.23
C GLU D 938 -129.06 -87.00 42.69
N THR D 939 -130.23 -86.51 43.12
CA THR D 939 -130.32 -85.14 43.60
C THR D 939 -129.54 -84.94 44.91
N LEU D 940 -129.62 -85.91 45.82
CA LEU D 940 -128.79 -85.84 47.03
C LEU D 940 -127.30 -85.83 46.69
N LYS D 941 -126.86 -86.69 45.76
CA LYS D 941 -125.45 -86.68 45.39
C LYS D 941 -125.04 -85.36 44.77
N THR D 942 -125.88 -84.81 43.89
CA THR D 942 -125.57 -83.54 43.24
C THR D 942 -125.50 -82.40 44.24
N LEU D 943 -126.47 -82.34 45.17
CA LEU D 943 -126.48 -81.23 46.13
C LEU D 943 -125.38 -81.38 47.17
N LEU D 944 -124.95 -82.62 47.47
CA LEU D 944 -123.81 -82.81 48.34
C LEU D 944 -122.52 -82.41 47.65
N ALA D 945 -122.43 -82.66 46.34
CA ALA D 945 -121.28 -82.17 45.58
C ALA D 945 -121.26 -80.65 45.53
N LEU D 946 -122.44 -80.03 45.36
CA LEU D 946 -122.51 -78.57 45.32
C LEU D 946 -122.30 -77.96 46.70
N GLY D 947 -122.77 -78.62 47.76
CA GLY D 947 -122.62 -78.10 49.10
C GLY D 947 -123.79 -77.27 49.56
N CYS D 948 -125.00 -77.82 49.45
CA CYS D 948 -126.23 -77.14 49.86
C CYS D 948 -127.03 -78.03 50.81
N HIS D 949 -126.35 -78.55 51.82
CA HIS D 949 -126.98 -79.45 52.80
C HIS D 949 -128.02 -78.68 53.60
N VAL D 950 -129.29 -78.95 53.33
CA VAL D 950 -130.40 -78.31 54.00
C VAL D 950 -131.35 -79.33 54.64
N GLY D 951 -130.86 -80.54 54.89
CA GLY D 951 -131.66 -81.59 55.49
C GLY D 951 -130.84 -82.52 56.34
N ILE D 952 -131.45 -83.62 56.78
CA ILE D 952 -130.82 -84.68 57.57
C ILE D 952 -130.30 -84.16 58.91
N ALA D 953 -129.42 -83.16 58.87
CA ALA D 953 -128.89 -82.58 60.11
C ALA D 953 -130.00 -81.95 60.94
N ASP D 954 -130.91 -81.23 60.30
CA ASP D 954 -132.06 -80.68 60.98
C ASP D 954 -133.23 -81.65 60.92
N GLU D 955 -134.24 -81.40 61.75
CA GLU D 955 -135.40 -82.29 61.82
C GLU D 955 -136.20 -82.22 60.52
N HIS D 956 -136.66 -83.38 60.07
CA HIS D 956 -137.44 -83.47 58.84
C HIS D 956 -138.91 -83.15 59.13
N ALA D 957 -139.62 -82.74 58.08
CA ALA D 957 -141.01 -82.30 58.18
C ALA D 957 -141.90 -83.22 57.35
N GLU D 958 -142.31 -84.34 57.94
CA GLU D 958 -143.24 -85.29 57.35
C GLU D 958 -143.65 -86.30 58.41
N GLU D 959 -144.89 -86.79 58.28
CA GLU D 959 -145.45 -87.83 59.13
C GLU D 959 -145.42 -87.47 60.61
N LYS D 960 -144.45 -88.01 61.35
CA LYS D 960 -144.42 -87.83 62.80
C LYS D 960 -143.95 -86.43 63.20
N VAL D 961 -143.12 -85.79 62.38
CA VAL D 961 -142.68 -84.42 62.67
C VAL D 961 -143.18 -83.54 61.52
N LYS D 962 -144.36 -83.88 61.00
CA LYS D 962 -144.94 -83.14 59.89
C LYS D 962 -145.25 -81.70 60.31
N LYS D 963 -145.01 -80.77 59.39
CA LYS D 963 -145.23 -79.34 59.63
C LYS D 963 -146.64 -78.90 59.26
N MET D 964 -147.61 -79.81 59.31
CA MET D 964 -149.04 -79.57 59.03
C MET D 964 -149.26 -78.79 57.73
N LYS D 965 -148.33 -78.92 56.79
CA LYS D 965 -148.48 -78.25 55.50
C LYS D 965 -149.63 -78.82 54.70
N LEU D 966 -149.79 -80.15 54.71
CA LEU D 966 -150.88 -80.78 53.96
C LEU D 966 -152.26 -80.38 54.46
N PRO D 967 -152.60 -80.45 55.76
CA PRO D 967 -153.95 -80.05 56.17
C PRO D 967 -154.18 -78.54 56.15
N LYS D 968 -153.15 -77.73 55.88
CA LYS D 968 -153.32 -76.29 55.89
C LYS D 968 -154.21 -75.81 54.75
N ASN D 969 -154.05 -76.39 53.56
CA ASN D 969 -154.82 -76.01 52.39
C ASN D 969 -155.42 -77.25 51.75
N TYR D 970 -156.67 -77.14 51.30
CA TYR D 970 -157.38 -78.26 50.70
C TYR D 970 -158.00 -77.84 49.38
N GLN D 971 -158.07 -78.79 48.45
CA GLN D 971 -158.68 -78.58 47.13
C GLN D 971 -159.59 -79.76 46.83
N LEU D 972 -160.67 -79.48 46.10
CA LEU D 972 -161.67 -80.50 45.77
C LEU D 972 -161.44 -80.98 44.34
N THR D 973 -160.51 -81.93 44.20
CA THR D 973 -160.27 -82.61 42.94
C THR D 973 -160.10 -84.10 43.22
N SER D 974 -160.19 -84.89 42.16
CA SER D 974 -160.16 -86.34 42.27
C SER D 974 -158.73 -86.84 42.52
N GLY D 975 -158.60 -88.16 42.65
CA GLY D 975 -157.33 -88.78 42.91
C GLY D 975 -157.14 -89.14 44.38
N TYR D 976 -155.87 -89.30 44.76
CA TYR D 976 -155.55 -89.54 46.16
C TYR D 976 -155.92 -88.35 47.02
N LYS D 977 -155.63 -87.14 46.54
CA LYS D 977 -155.88 -85.87 47.23
C LYS D 977 -155.27 -85.87 48.63
N PRO D 978 -153.95 -85.75 48.76
CA PRO D 978 -153.36 -85.50 50.08
C PRO D 978 -153.44 -84.05 50.54
N ALA D 979 -154.26 -83.22 49.85
CA ALA D 979 -154.47 -81.80 50.07
C ALA D 979 -153.22 -81.00 49.69
N PRO D 980 -153.36 -79.90 48.96
CA PRO D 980 -152.19 -79.25 48.36
C PRO D 980 -151.25 -78.66 49.39
N MET D 981 -150.06 -78.30 48.91
CA MET D 981 -148.99 -77.78 49.75
C MET D 981 -149.33 -76.39 50.28
N ASP D 982 -148.77 -76.07 51.44
CA ASP D 982 -148.90 -74.73 52.02
C ASP D 982 -147.72 -74.52 52.95
N LEU D 983 -146.78 -73.67 52.55
CA LEU D 983 -145.55 -73.43 53.32
C LEU D 983 -145.20 -71.95 53.19
N SER D 984 -145.45 -71.19 54.26
CA SER D 984 -145.13 -69.77 54.30
C SER D 984 -144.14 -69.44 55.42
N PHE D 985 -143.50 -70.45 55.99
CA PHE D 985 -142.56 -70.26 57.10
C PHE D 985 -141.11 -70.18 56.64
N ILE D 986 -140.86 -70.24 55.33
CA ILE D 986 -139.50 -70.19 54.81
C ILE D 986 -139.51 -69.39 53.51
N LYS D 987 -138.36 -68.82 53.17
CA LYS D 987 -138.16 -68.05 51.96
C LYS D 987 -137.09 -68.73 51.11
N LEU D 988 -136.67 -68.06 50.04
CA LEU D 988 -135.66 -68.58 49.14
C LEU D 988 -134.48 -67.62 49.06
N THR D 989 -133.31 -68.19 48.75
CA THR D 989 -132.05 -67.48 48.61
C THR D 989 -131.50 -67.70 47.21
N PRO D 990 -130.86 -66.70 46.60
CA PRO D 990 -130.30 -66.90 45.25
C PRO D 990 -129.24 -67.99 45.17
N SER D 991 -128.65 -68.41 46.28
CA SER D 991 -127.77 -69.57 46.26
C SER D 991 -128.55 -70.82 45.87
N GLN D 992 -129.74 -71.01 46.45
CA GLN D 992 -130.58 -72.11 46.02
C GLN D 992 -131.17 -71.87 44.63
N GLU D 993 -131.26 -70.62 44.18
CA GLU D 993 -131.63 -70.38 42.78
C GLU D 993 -130.54 -70.87 41.83
N ALA D 994 -129.27 -70.64 42.18
CA ALA D 994 -128.18 -71.20 41.39
C ALA D 994 -128.15 -72.72 41.47
N MET D 995 -128.49 -73.28 42.63
CA MET D 995 -128.57 -74.73 42.74
C MET D 995 -129.72 -75.29 41.89
N VAL D 996 -130.83 -74.56 41.81
CA VAL D 996 -131.91 -74.89 40.87
C VAL D 996 -131.39 -74.86 39.45
N ASP D 997 -130.60 -73.83 39.12
CA ASP D 997 -130.02 -73.73 37.79
C ASP D 997 -129.12 -74.93 37.47
N LYS D 998 -128.33 -75.37 38.44
CA LYS D 998 -127.44 -76.51 38.22
C LYS D 998 -128.21 -77.82 38.11
N LEU D 999 -129.29 -77.96 38.90
CA LEU D 999 -130.17 -79.11 38.76
C LEU D 999 -130.81 -79.13 37.37
N ALA D 1000 -131.21 -77.96 36.88
CA ALA D 1000 -131.71 -77.85 35.51
C ALA D 1000 -130.62 -78.19 34.51
N GLU D 1001 -129.37 -77.82 34.79
CA GLU D 1001 -128.25 -78.19 33.93
C GLU D 1001 -128.18 -79.70 33.78
N ASN D 1002 -128.20 -80.42 34.91
CA ASN D 1002 -128.13 -81.88 34.86
C ASN D 1002 -129.36 -82.49 34.17
N ALA D 1003 -130.56 -81.97 34.49
CA ALA D 1003 -131.78 -82.52 33.91
C ALA D 1003 -131.82 -82.31 32.40
N HIS D 1004 -131.47 -81.11 31.93
CA HIS D 1004 -131.44 -80.88 30.50
C HIS D 1004 -130.25 -81.55 29.84
N ASN D 1005 -129.18 -81.85 30.59
CA ASN D 1005 -128.10 -82.65 30.04
C ASN D 1005 -128.59 -84.05 29.69
N VAL D 1006 -129.27 -84.71 30.64
CA VAL D 1006 -129.76 -86.05 30.34
C VAL D 1006 -130.91 -86.00 29.33
N TRP D 1007 -131.70 -84.92 29.34
CA TRP D 1007 -132.75 -84.76 28.33
C TRP D 1007 -132.18 -84.63 26.93
N ALA D 1008 -131.15 -83.80 26.76
CA ALA D 1008 -130.51 -83.65 25.46
C ALA D 1008 -129.77 -84.91 25.06
N ARG D 1009 -129.23 -85.65 26.03
CA ARG D 1009 -128.64 -86.95 25.71
C ARG D 1009 -129.69 -87.90 25.14
N ASP D 1010 -130.87 -87.92 25.75
CA ASP D 1010 -131.97 -88.75 25.23
C ASP D 1010 -132.40 -88.29 23.85
N ARG D 1011 -132.48 -86.97 23.64
CA ARG D 1011 -132.92 -86.44 22.35
C ARG D 1011 -131.91 -86.74 21.25
N ILE D 1012 -130.62 -86.63 21.56
CA ILE D 1012 -129.59 -86.75 20.53
C ILE D 1012 -129.28 -88.22 20.23
N ARG D 1013 -129.20 -89.06 21.28
CA ARG D 1013 -128.88 -90.46 21.08
C ARG D 1013 -129.96 -91.16 20.26
N GLN D 1014 -131.22 -90.83 20.50
CA GLN D 1014 -132.33 -91.38 19.73
C GLN D 1014 -132.68 -90.56 18.50
N GLY D 1015 -132.12 -89.37 18.35
CA GLY D 1015 -132.48 -88.51 17.24
C GLY D 1015 -133.89 -87.95 17.33
N TRP D 1016 -134.45 -87.86 18.53
CA TRP D 1016 -135.84 -87.45 18.71
C TRP D 1016 -135.94 -85.93 18.81
N THR D 1017 -137.09 -85.42 18.40
CA THR D 1017 -137.49 -84.00 18.42
C THR D 1017 -136.65 -83.12 17.50
N TYR D 1018 -135.69 -83.67 16.76
CA TYR D 1018 -134.88 -82.88 15.86
C TYR D 1018 -134.26 -83.81 14.81
N GLY D 1019 -133.78 -83.20 13.73
CA GLY D 1019 -133.12 -83.94 12.68
C GLY D 1019 -132.51 -83.04 11.63
N ILE D 1020 -131.26 -83.31 11.27
CA ILE D 1020 -130.57 -82.56 10.24
C ILE D 1020 -130.59 -83.29 8.90
N GLN D 1021 -130.33 -84.61 8.93
CA GLN D 1021 -130.39 -85.42 7.72
C GLN D 1021 -131.79 -85.96 7.47
N GLN D 1022 -132.44 -86.47 8.52
CA GLN D 1022 -133.73 -87.12 8.39
C GLN D 1022 -134.91 -86.18 8.64
N ASP D 1023 -134.77 -85.22 9.56
CA ASP D 1023 -135.82 -84.26 9.90
C ASP D 1023 -137.12 -84.98 10.30
N VAL D 1024 -137.02 -85.67 11.44
CA VAL D 1024 -138.14 -86.49 11.92
C VAL D 1024 -139.38 -85.65 12.16
N LYS D 1025 -139.21 -84.38 12.53
CA LYS D 1025 -140.34 -83.49 12.74
C LYS D 1025 -139.87 -82.05 12.60
N ASN D 1026 -140.76 -81.20 12.09
CA ASN D 1026 -140.47 -79.78 12.01
C ASN D 1026 -140.46 -79.17 13.42
N ARG D 1027 -139.93 -77.95 13.51
CA ARG D 1027 -139.74 -77.24 14.77
C ARG D 1027 -138.88 -78.08 15.73
N ARG D 1028 -137.61 -78.20 15.34
CA ARG D 1028 -136.63 -78.93 16.12
C ARG D 1028 -136.52 -78.36 17.53
N ASN D 1029 -135.88 -79.13 18.40
CA ASN D 1029 -135.79 -78.76 19.82
C ASN D 1029 -135.11 -77.42 19.98
N PRO D 1030 -135.76 -76.44 20.61
CA PRO D 1030 -135.14 -75.11 20.76
C PRO D 1030 -133.87 -75.14 21.58
N ARG D 1031 -133.69 -76.14 22.44
CA ARG D 1031 -132.51 -76.22 23.29
C ARG D 1031 -131.24 -76.42 22.47
N LEU D 1032 -131.13 -77.57 21.79
CA LEU D 1032 -129.87 -78.03 21.21
C LEU D 1032 -128.80 -78.04 22.30
N VAL D 1033 -128.22 -76.89 22.58
CA VAL D 1033 -127.48 -76.73 23.84
C VAL D 1033 -128.46 -76.79 25.00
N PRO D 1034 -128.23 -77.64 26.01
CA PRO D 1034 -129.31 -77.97 26.97
C PRO D 1034 -129.87 -76.78 27.73
N TYR D 1035 -129.13 -75.69 27.88
CA TYR D 1035 -129.62 -74.55 28.65
C TYR D 1035 -129.42 -73.19 27.99
N THR D 1036 -128.54 -73.07 26.99
CA THR D 1036 -128.21 -71.75 26.47
C THR D 1036 -129.37 -71.14 25.69
N LEU D 1037 -129.97 -71.92 24.79
CA LEU D 1037 -131.04 -71.40 23.94
C LEU D 1037 -132.41 -71.56 24.58
N LEU D 1038 -132.70 -72.73 25.17
CA LEU D 1038 -133.97 -72.94 25.86
C LEU D 1038 -133.81 -72.42 27.28
N ASP D 1039 -134.13 -71.13 27.46
CA ASP D 1039 -133.99 -70.49 28.76
C ASP D 1039 -135.17 -70.85 29.65
N ASP D 1040 -135.18 -70.29 30.86
CA ASP D 1040 -136.21 -70.60 31.85
C ASP D 1040 -137.57 -70.04 31.45
N ARG D 1041 -137.62 -69.12 30.49
CA ARG D 1041 -138.90 -68.56 30.07
C ARG D 1041 -139.76 -69.59 29.35
N THR D 1042 -139.14 -70.54 28.65
CA THR D 1042 -139.89 -71.59 27.97
C THR D 1042 -140.17 -72.78 28.88
N LYS D 1043 -139.18 -73.19 29.68
CA LYS D 1043 -139.35 -74.30 30.61
C LYS D 1043 -139.83 -73.81 31.97
N LYS D 1044 -140.92 -73.04 31.95
CA LYS D 1044 -141.46 -72.47 33.17
C LYS D 1044 -142.03 -73.55 34.09
N SER D 1045 -142.55 -74.64 33.52
CA SER D 1045 -143.02 -75.75 34.34
C SER D 1045 -141.89 -76.33 35.19
N ASN D 1046 -140.77 -76.65 34.54
CA ASN D 1046 -139.62 -77.19 35.27
C ASN D 1046 -139.05 -76.16 36.24
N LYS D 1047 -139.02 -74.89 35.84
CA LYS D 1047 -138.48 -73.85 36.71
C LYS D 1047 -139.32 -73.72 37.99
N ASP D 1048 -140.65 -73.66 37.83
CA ASP D 1048 -141.52 -73.56 38.99
C ASP D 1048 -141.49 -74.84 39.84
N SER D 1049 -141.38 -76.00 39.20
CA SER D 1049 -141.26 -77.24 39.96
C SER D 1049 -139.99 -77.25 40.81
N LEU D 1050 -138.86 -76.83 40.23
CA LEU D 1050 -137.62 -76.78 40.99
C LEU D 1050 -137.69 -75.74 42.10
N ARG D 1051 -138.31 -74.59 41.83
CA ARG D 1051 -138.45 -73.56 42.86
C ARG D 1051 -139.30 -74.04 44.03
N GLU D 1052 -140.42 -74.71 43.73
CA GLU D 1052 -141.26 -75.26 44.79
C GLU D 1052 -140.53 -76.36 45.54
N ALA D 1053 -139.76 -77.18 44.82
CA ALA D 1053 -139.01 -78.25 45.45
C ALA D 1053 -137.98 -77.71 46.44
N VAL D 1054 -137.25 -76.67 46.03
CA VAL D 1054 -136.23 -76.14 46.93
C VAL D 1054 -136.86 -75.37 48.08
N ARG D 1055 -137.98 -74.70 47.85
CA ARG D 1055 -138.69 -74.04 48.96
C ARG D 1055 -139.17 -75.07 49.98
N THR D 1056 -139.75 -76.17 49.51
CA THR D 1056 -140.20 -77.22 50.41
C THR D 1056 -139.03 -77.88 51.13
N LEU D 1057 -137.90 -78.06 50.43
CA LEU D 1057 -136.72 -78.64 51.08
C LEU D 1057 -136.17 -77.73 52.17
N LEU D 1058 -136.16 -76.42 51.92
CA LEU D 1058 -135.75 -75.48 52.96
C LEU D 1058 -136.72 -75.50 54.13
N GLY D 1059 -138.02 -75.65 53.85
CA GLY D 1059 -139.01 -75.74 54.91
C GLY D 1059 -138.98 -77.05 55.67
N TYR D 1060 -138.38 -78.10 55.08
CA TYR D 1060 -138.34 -79.40 55.74
C TYR D 1060 -137.37 -79.38 56.92
N GLY D 1061 -136.10 -79.13 56.65
CA GLY D 1061 -135.07 -79.16 57.68
C GLY D 1061 -134.26 -80.44 57.66
N GLY D 1082 -101.07 -63.98 27.28
CA GLY D 1082 -99.86 -63.26 26.94
C GLY D 1082 -99.80 -62.82 25.50
N GLU D 1083 -100.35 -63.65 24.61
CA GLU D 1083 -100.38 -63.36 23.19
C GLU D 1083 -101.59 -62.49 22.85
N ARG D 1084 -101.91 -62.41 21.55
CA ARG D 1084 -103.04 -61.73 20.96
C ARG D 1084 -102.95 -60.21 21.03
N PHE D 1085 -101.85 -59.65 21.53
CA PHE D 1085 -101.66 -58.21 21.49
C PHE D 1085 -101.27 -57.78 20.08
N ARG D 1086 -101.83 -56.67 19.63
CA ARG D 1086 -101.55 -56.13 18.31
C ARG D 1086 -101.17 -54.67 18.46
N ILE D 1087 -99.89 -54.36 18.24
CA ILE D 1087 -99.41 -52.98 18.32
C ILE D 1087 -99.71 -52.31 16.98
N PHE D 1088 -100.72 -51.44 16.98
CA PHE D 1088 -101.16 -50.76 15.76
C PHE D 1088 -100.19 -49.61 15.50
N ARG D 1089 -99.11 -49.91 14.79
CA ARG D 1089 -98.08 -48.93 14.48
C ARG D 1089 -98.52 -48.05 13.31
N ALA D 1090 -97.69 -47.05 13.02
CA ALA D 1090 -97.86 -46.19 11.87
C ALA D 1090 -96.65 -46.32 10.95
N GLU D 1091 -96.75 -45.70 9.77
CA GLU D 1091 -95.63 -45.70 8.85
C GLU D 1091 -94.50 -44.86 9.41
N LYS D 1092 -93.29 -45.40 9.37
CA LYS D 1092 -92.13 -44.71 9.92
C LYS D 1092 -91.60 -43.62 9.01
N THR D 1093 -92.17 -43.48 7.80
CA THR D 1093 -91.69 -42.46 6.88
C THR D 1093 -91.93 -41.05 7.41
N TYR D 1094 -93.09 -40.80 8.02
CA TYR D 1094 -93.35 -39.50 8.63
C TYR D 1094 -93.02 -39.49 10.11
N ALA D 1095 -91.79 -39.90 10.43
CA ALA D 1095 -91.32 -39.89 11.81
C ALA D 1095 -91.08 -38.45 12.26
N VAL D 1096 -90.85 -38.30 13.57
CA VAL D 1096 -90.67 -36.98 14.17
C VAL D 1096 -89.25 -36.86 14.69
N LYS D 1097 -88.75 -35.63 14.73
CA LYS D 1097 -87.46 -35.34 15.35
C LYS D 1097 -87.44 -34.06 16.15
N ALA D 1098 -88.52 -33.28 16.15
CA ALA D 1098 -88.59 -32.00 16.85
C ALA D 1098 -90.06 -31.61 16.92
N GLY D 1099 -90.34 -30.43 17.47
CA GLY D 1099 -91.70 -29.92 17.53
C GLY D 1099 -92.56 -30.63 18.55
N ARG D 1100 -93.86 -30.36 18.46
CA ARG D 1100 -94.84 -30.96 19.36
C ARG D 1100 -96.18 -31.07 18.65
N TRP D 1101 -96.92 -32.13 18.99
CA TRP D 1101 -98.21 -32.39 18.38
C TRP D 1101 -99.16 -32.99 19.42
N TYR D 1102 -100.45 -32.92 19.11
CA TYR D 1102 -101.49 -33.50 19.93
C TYR D 1102 -101.93 -34.84 19.36
N PHE D 1103 -102.33 -35.75 20.24
CA PHE D 1103 -102.80 -37.07 19.84
C PHE D 1103 -103.71 -37.62 20.93
N GLU D 1104 -104.91 -38.03 20.54
CA GLU D 1104 -105.87 -38.64 21.46
C GLU D 1104 -106.34 -39.97 20.90
N PHE D 1105 -106.62 -40.92 21.79
CA PHE D 1105 -107.08 -42.25 21.42
C PHE D 1105 -108.44 -42.46 22.06
N GLU D 1106 -109.47 -42.59 21.23
CA GLU D 1106 -110.82 -42.82 21.73
C GLU D 1106 -110.96 -44.26 22.20
N ALA D 1107 -111.33 -44.44 23.46
CA ALA D 1107 -111.47 -45.76 24.06
C ALA D 1107 -112.94 -46.11 24.18
N VAL D 1108 -113.31 -47.28 23.66
CA VAL D 1108 -114.68 -47.76 23.70
C VAL D 1108 -114.84 -48.86 24.75
N THR D 1109 -113.92 -49.83 24.76
CA THR D 1109 -113.95 -50.93 25.71
C THR D 1109 -113.10 -50.58 26.93
N ALA D 1110 -113.73 -50.62 28.11
CA ALA D 1110 -113.00 -50.38 29.34
C ALA D 1110 -112.10 -51.56 29.67
N GLY D 1111 -111.07 -51.28 30.46
CA GLY D 1111 -110.12 -52.30 30.85
C GLY D 1111 -108.72 -52.02 30.36
N ASP D 1112 -108.21 -52.87 29.46
CA ASP D 1112 -106.86 -52.72 28.93
C ASP D 1112 -106.91 -51.86 27.67
N MET D 1113 -106.48 -50.61 27.79
CA MET D 1113 -106.40 -49.68 26.68
C MET D 1113 -105.00 -49.09 26.56
N ARG D 1114 -103.99 -49.93 26.75
CA ARG D 1114 -102.59 -49.51 26.75
C ARG D 1114 -102.20 -48.93 25.39
N VAL D 1115 -102.05 -47.61 25.34
CA VAL D 1115 -101.72 -46.89 24.12
C VAL D 1115 -100.61 -45.90 24.40
N GLY D 1116 -99.92 -45.47 23.35
CA GLY D 1116 -98.85 -44.51 23.48
C GLY D 1116 -98.08 -44.34 22.19
N TRP D 1117 -96.75 -44.37 22.26
CA TRP D 1117 -95.92 -44.24 21.08
C TRP D 1117 -94.64 -45.03 21.27
N SER D 1118 -93.96 -45.31 20.15
CA SER D 1118 -92.72 -46.05 20.19
C SER D 1118 -91.88 -45.66 18.97
N ARG D 1119 -90.57 -45.89 19.08
CA ARG D 1119 -89.69 -45.74 17.95
C ARG D 1119 -89.94 -46.89 16.96
N PRO D 1120 -89.56 -46.71 15.69
CA PRO D 1120 -89.61 -47.83 14.75
C PRO D 1120 -88.83 -49.03 15.26
N GLY D 1121 -87.53 -48.84 15.50
CA GLY D 1121 -86.68 -49.76 16.24
C GLY D 1121 -86.83 -51.24 15.94
N CYS D 1122 -87.26 -51.99 16.94
CA CYS D 1122 -87.44 -53.43 16.82
C CYS D 1122 -88.57 -53.84 17.76
N GLN D 1123 -88.65 -55.14 18.06
CA GLN D 1123 -89.63 -55.70 18.98
C GLN D 1123 -91.06 -55.44 18.50
N PRO D 1124 -91.38 -56.00 17.33
CA PRO D 1124 -92.73 -55.92 16.79
C PRO D 1124 -93.68 -56.92 17.44
N ASP D 1125 -93.17 -57.82 18.29
CA ASP D 1125 -94.02 -58.73 19.07
C ASP D 1125 -93.36 -58.88 20.44
N LEU D 1126 -93.76 -58.02 21.36
CA LEU D 1126 -93.22 -58.01 22.72
C LEU D 1126 -94.16 -57.16 23.59
N GLU D 1127 -93.80 -57.02 24.86
CA GLU D 1127 -94.59 -56.22 25.78
C GLU D 1127 -94.51 -54.74 25.40
N LEU D 1128 -95.66 -54.10 25.24
CA LEU D 1128 -95.68 -52.69 24.85
C LEU D 1128 -95.22 -51.83 26.01
N GLY D 1129 -94.27 -50.94 25.74
CA GLY D 1129 -93.73 -50.09 26.77
C GLY D 1129 -92.86 -50.79 27.79
N SER D 1130 -92.34 -51.97 27.45
CA SER D 1130 -91.50 -52.70 28.40
C SER D 1130 -90.17 -51.99 28.63
N ASP D 1131 -89.54 -51.56 27.55
CA ASP D 1131 -88.27 -50.85 27.65
C ASP D 1131 -88.49 -49.36 27.38
N ASP D 1132 -87.38 -48.61 27.35
CA ASP D 1132 -87.45 -47.19 27.04
C ASP D 1132 -87.73 -46.93 25.55
N ARG D 1133 -87.65 -47.96 24.71
CA ARG D 1133 -87.94 -47.79 23.29
C ARG D 1133 -89.41 -47.43 23.07
N ALA D 1134 -90.31 -48.02 23.84
CA ALA D 1134 -91.73 -47.78 23.71
C ALA D 1134 -92.28 -47.11 24.96
N PHE D 1135 -93.28 -46.26 24.76
CA PHE D 1135 -93.97 -45.57 25.85
C PHE D 1135 -95.47 -45.82 25.71
N ALA D 1136 -96.10 -46.20 26.80
CA ALA D 1136 -97.53 -46.49 26.77
C ALA D 1136 -98.10 -46.30 28.18
N PHE D 1137 -99.43 -46.22 28.25
CA PHE D 1137 -100.14 -46.07 29.51
C PHE D 1137 -101.42 -46.89 29.45
N ASP D 1138 -101.63 -47.74 30.45
CA ASP D 1138 -102.79 -48.61 30.52
C ASP D 1138 -103.76 -48.11 31.58
N GLY D 1139 -104.97 -48.67 31.55
CA GLY D 1139 -106.00 -48.30 32.50
C GLY D 1139 -106.46 -49.44 33.37
N PHE D 1140 -106.31 -50.67 32.88
CA PHE D 1140 -106.66 -51.84 33.68
C PHE D 1140 -105.80 -51.93 34.93
N LYS D 1141 -104.50 -51.71 34.77
CA LYS D 1141 -103.57 -51.64 35.90
C LYS D 1141 -103.36 -50.22 36.39
N ALA D 1142 -103.90 -49.22 35.68
CA ALA D 1142 -103.77 -47.80 36.03
C ALA D 1142 -102.31 -47.40 36.20
N GLN D 1143 -101.56 -47.58 35.11
CA GLN D 1143 -100.12 -47.31 35.14
C GLN D 1143 -99.65 -46.97 33.74
N ARG D 1144 -98.47 -46.37 33.67
CA ARG D 1144 -97.79 -46.13 32.40
C ARG D 1144 -96.97 -47.35 32.04
N TRP D 1145 -96.11 -47.22 31.01
CA TRP D 1145 -95.24 -48.33 30.62
C TRP D 1145 -93.98 -47.73 29.98
N HIS D 1146 -92.92 -47.62 30.77
CA HIS D 1146 -91.63 -47.17 30.27
C HIS D 1146 -90.56 -47.64 31.25
N GLN D 1147 -89.73 -48.58 30.81
CA GLN D 1147 -88.64 -49.14 31.62
C GLN D 1147 -89.17 -49.71 32.94
N GLY D 1148 -90.34 -50.33 32.89
CA GLY D 1148 -90.98 -50.88 34.06
C GLY D 1148 -92.44 -50.50 34.11
N ASN D 1149 -93.09 -50.92 35.21
CA ASN D 1149 -94.51 -50.63 35.38
C ASN D 1149 -94.74 -49.16 35.73
N GLU D 1150 -94.21 -48.72 36.86
CA GLU D 1150 -94.25 -47.31 37.29
C GLU D 1150 -95.69 -46.80 37.35
N HIS D 1151 -96.42 -47.34 38.34
CA HIS D 1151 -97.83 -47.02 38.59
C HIS D 1151 -98.10 -45.52 38.51
N TYR D 1152 -99.02 -45.15 37.61
CA TYR D 1152 -99.22 -43.75 37.25
C TYR D 1152 -100.67 -43.53 36.85
N GLY D 1153 -101.22 -42.39 37.26
CA GLY D 1153 -102.56 -42.02 36.84
C GLY D 1153 -103.64 -42.82 37.53
N ARG D 1154 -104.82 -42.76 36.93
CA ARG D 1154 -106.01 -43.44 37.43
C ARG D 1154 -106.61 -44.31 36.33
N SER D 1155 -107.41 -45.28 36.74
CA SER D 1155 -108.05 -46.19 35.80
C SER D 1155 -109.09 -45.45 34.96
N TRP D 1156 -109.19 -45.87 33.70
CA TRP D 1156 -110.16 -45.29 32.77
C TRP D 1156 -111.36 -46.22 32.61
N GLN D 1157 -112.28 -45.83 31.75
CA GLN D 1157 -113.50 -46.60 31.50
C GLN D 1157 -113.92 -46.38 30.05
N ALA D 1158 -115.16 -46.76 29.73
CA ALA D 1158 -115.66 -46.56 28.39
C ALA D 1158 -115.86 -45.07 28.11
N GLY D 1159 -115.52 -44.67 26.88
CA GLY D 1159 -115.63 -43.28 26.49
C GLY D 1159 -114.60 -42.38 27.15
N ASP D 1160 -113.32 -42.64 26.87
CA ASP D 1160 -112.23 -41.88 27.45
C ASP D 1160 -111.16 -41.65 26.39
N VAL D 1161 -110.43 -40.54 26.53
CA VAL D 1161 -109.33 -40.19 25.64
C VAL D 1161 -108.07 -40.00 26.47
N VAL D 1162 -107.00 -40.68 26.08
CA VAL D 1162 -105.76 -40.64 26.84
C VAL D 1162 -105.10 -39.27 26.71
N GLY D 1163 -105.13 -38.68 25.51
CA GLY D 1163 -104.59 -37.34 25.32
C GLY D 1163 -103.07 -37.26 25.40
N CYS D 1164 -102.39 -37.82 24.40
CA CYS D 1164 -100.93 -37.87 24.38
C CYS D 1164 -100.39 -36.72 23.54
N MET D 1165 -99.44 -35.97 24.11
CA MET D 1165 -98.74 -34.93 23.37
C MET D 1165 -97.24 -35.11 23.54
N VAL D 1166 -96.51 -34.96 22.43
CA VAL D 1166 -95.06 -34.98 22.49
C VAL D 1166 -94.56 -33.59 22.83
N ASP D 1167 -93.34 -33.53 23.38
CA ASP D 1167 -92.66 -32.27 23.68
C ASP D 1167 -91.17 -32.51 23.44
N MET D 1168 -90.72 -32.22 22.22
CA MET D 1168 -89.35 -32.52 21.82
C MET D 1168 -88.38 -31.39 22.10
N ASN D 1169 -88.86 -30.22 22.50
CA ASN D 1169 -87.97 -29.12 22.85
C ASN D 1169 -87.49 -29.19 24.29
N GLU D 1170 -88.07 -30.09 25.10
CA GLU D 1170 -87.57 -30.32 26.45
C GLU D 1170 -87.57 -31.78 26.85
N HIS D 1171 -88.03 -32.68 25.97
CA HIS D 1171 -87.99 -34.14 26.19
C HIS D 1171 -88.73 -34.55 27.46
N THR D 1172 -89.88 -33.94 27.71
CA THR D 1172 -90.75 -34.30 28.83
C THR D 1172 -92.14 -34.63 28.29
N MET D 1173 -92.53 -35.89 28.41
CA MET D 1173 -93.83 -36.35 27.94
C MET D 1173 -94.89 -36.19 29.02
N MET D 1174 -96.16 -36.21 28.60
CA MET D 1174 -97.28 -36.06 29.50
C MET D 1174 -98.54 -36.60 28.84
N PHE D 1175 -99.56 -36.82 29.67
CA PHE D 1175 -100.86 -37.26 29.19
C PHE D 1175 -101.96 -36.52 29.94
N THR D 1176 -103.06 -36.25 29.25
CA THR D 1176 -104.23 -35.60 29.85
C THR D 1176 -105.46 -36.47 29.61
N LEU D 1177 -105.89 -37.20 30.64
CA LEU D 1177 -107.07 -38.04 30.56
C LEU D 1177 -108.32 -37.17 30.53
N ASN D 1178 -108.94 -37.07 29.35
CA ASN D 1178 -110.14 -36.25 29.13
C ASN D 1178 -109.92 -34.81 29.56
N GLY D 1179 -108.76 -34.27 29.18
CA GLY D 1179 -108.38 -32.92 29.55
C GLY D 1179 -107.82 -32.78 30.95
N GLU D 1180 -107.71 -33.86 31.71
CA GLU D 1180 -107.17 -33.83 33.06
C GLU D 1180 -105.85 -34.60 33.09
N ILE D 1181 -104.79 -33.93 33.55
CA ILE D 1181 -103.48 -34.55 33.61
C ILE D 1181 -103.47 -35.62 34.70
N LEU D 1182 -103.02 -36.81 34.34
CA LEU D 1182 -102.99 -37.93 35.27
C LEU D 1182 -101.85 -37.76 36.26
N LEU D 1183 -102.17 -37.87 37.55
CA LEU D 1183 -101.16 -37.71 38.59
C LEU D 1183 -100.26 -38.93 38.64
N ASP D 1184 -98.95 -38.70 38.67
CA ASP D 1184 -97.98 -39.78 38.63
C ASP D 1184 -97.76 -40.34 40.04
N ASP D 1185 -96.80 -41.25 40.17
CA ASP D 1185 -96.49 -41.84 41.47
C ASP D 1185 -95.86 -40.83 42.42
N SER D 1186 -95.14 -39.85 41.88
CA SER D 1186 -94.49 -38.83 42.68
C SER D 1186 -95.37 -37.61 42.91
N GLY D 1187 -96.60 -37.63 42.43
CA GLY D 1187 -97.50 -36.48 42.58
C GLY D 1187 -97.08 -35.25 41.81
N SER D 1188 -96.53 -35.44 40.60
CA SER D 1188 -96.11 -34.34 39.77
C SER D 1188 -96.85 -34.27 38.43
N GLU D 1189 -97.85 -35.13 38.23
CA GLU D 1189 -98.64 -35.28 36.99
C GLU D 1189 -97.78 -35.11 35.74
N LEU D 1190 -96.75 -35.96 35.66
CA LEU D 1190 -95.85 -35.99 34.53
C LEU D 1190 -95.55 -37.44 34.18
N ALA D 1191 -95.35 -37.72 32.89
CA ALA D 1191 -95.22 -39.10 32.42
C ALA D 1191 -93.76 -39.54 32.34
N PHE D 1192 -92.98 -38.93 31.45
CA PHE D 1192 -91.63 -39.38 31.17
C PHE D 1192 -90.72 -38.18 30.92
N LYS D 1193 -89.42 -38.37 31.17
CA LYS D 1193 -88.41 -37.33 30.97
C LYS D 1193 -87.09 -37.97 30.58
N ASP D 1194 -86.22 -37.15 30.00
CA ASP D 1194 -84.79 -37.44 29.82
C ASP D 1194 -84.58 -38.70 28.97
N PHE D 1195 -84.95 -38.58 27.70
CA PHE D 1195 -84.67 -39.62 26.71
C PHE D 1195 -84.05 -38.99 25.47
N ASP D 1196 -83.26 -39.79 24.75
CA ASP D 1196 -82.69 -39.34 23.50
C ASP D 1196 -83.74 -39.42 22.38
N VAL D 1197 -83.68 -38.46 21.46
CA VAL D 1197 -84.61 -38.46 20.34
C VAL D 1197 -84.39 -39.68 19.45
N GLY D 1198 -83.14 -39.92 19.07
CA GLY D 1198 -82.83 -41.06 18.23
C GLY D 1198 -83.49 -40.94 16.87
N ASP D 1199 -84.26 -41.96 16.50
CA ASP D 1199 -85.00 -41.96 15.25
C ASP D 1199 -86.41 -41.39 15.41
N GLY D 1200 -86.77 -40.93 16.60
CA GLY D 1200 -88.10 -40.41 16.84
C GLY D 1200 -89.09 -41.50 17.21
N PHE D 1201 -90.31 -41.06 17.53
CA PHE D 1201 -91.36 -41.96 17.98
C PHE D 1201 -92.64 -41.70 17.22
N ILE D 1202 -93.42 -42.75 17.00
CA ILE D 1202 -94.69 -42.68 16.29
C ILE D 1202 -95.75 -43.34 17.17
N PRO D 1203 -97.01 -42.88 17.11
CA PRO D 1203 -98.03 -43.42 18.03
C PRO D 1203 -98.24 -44.92 17.85
N VAL D 1204 -98.39 -45.61 18.98
CA VAL D 1204 -98.52 -47.06 19.01
C VAL D 1204 -99.63 -47.42 20.00
N CYS D 1205 -100.56 -48.27 19.57
CA CYS D 1205 -101.64 -48.77 20.41
C CYS D 1205 -101.35 -50.23 20.80
N SER D 1206 -102.28 -50.81 21.56
CA SER D 1206 -102.19 -52.22 21.94
C SER D 1206 -103.54 -52.69 22.42
N LEU D 1207 -104.05 -53.77 21.83
CA LEU D 1207 -105.33 -54.36 22.21
C LEU D 1207 -105.12 -55.85 22.44
N GLY D 1208 -105.28 -56.28 23.70
CA GLY D 1208 -105.07 -57.66 24.05
C GLY D 1208 -106.13 -58.62 23.54
N VAL D 1209 -107.33 -58.56 24.12
CA VAL D 1209 -108.41 -59.47 23.78
C VAL D 1209 -109.73 -58.69 23.82
N ALA D 1210 -110.45 -58.69 22.70
CA ALA D 1210 -111.81 -58.13 22.62
C ALA D 1210 -111.86 -56.68 23.08
N GLN D 1211 -110.86 -55.90 22.67
CA GLN D 1211 -110.77 -54.49 23.02
C GLN D 1211 -111.02 -53.64 21.79
N VAL D 1212 -111.94 -52.68 21.90
CA VAL D 1212 -112.32 -51.80 20.81
C VAL D 1212 -111.63 -50.45 21.01
N GLY D 1213 -110.92 -49.99 20.00
CA GLY D 1213 -110.25 -48.71 20.06
C GLY D 1213 -110.53 -47.83 18.86
N ARG D 1214 -109.84 -46.70 18.76
CA ARG D 1214 -110.03 -45.78 17.65
C ARG D 1214 -108.73 -45.00 17.43
N MET D 1215 -108.09 -45.23 16.29
CA MET D 1215 -106.84 -44.56 15.94
C MET D 1215 -107.18 -43.24 15.27
N ASN D 1216 -107.01 -42.14 16.00
CA ASN D 1216 -107.41 -40.82 15.52
C ASN D 1216 -106.26 -39.84 15.73
N PHE D 1217 -105.76 -39.27 14.63
CA PHE D 1217 -104.82 -38.16 14.69
C PHE D 1217 -105.47 -36.82 14.38
N GLY D 1218 -106.45 -36.80 13.48
CA GLY D 1218 -107.19 -35.59 13.20
C GLY D 1218 -106.73 -34.87 11.95
N LYS D 1219 -107.49 -34.99 10.85
CA LYS D 1219 -107.22 -34.19 9.67
C LYS D 1219 -107.68 -32.75 9.88
N ASP D 1220 -108.67 -32.54 10.75
CA ASP D 1220 -109.20 -31.22 11.07
C ASP D 1220 -109.36 -31.10 12.57
N VAL D 1221 -109.58 -29.87 13.04
CA VAL D 1221 -109.79 -29.63 14.46
C VAL D 1221 -111.10 -30.27 14.92
N SER D 1222 -112.14 -30.18 14.08
CA SER D 1222 -113.45 -30.73 14.45
C SER D 1222 -113.45 -32.25 14.49
N THR D 1223 -112.43 -32.91 13.92
CA THR D 1223 -112.36 -34.37 13.99
C THR D 1223 -112.16 -34.83 15.43
N LEU D 1224 -111.31 -34.16 16.18
CA LEU D 1224 -111.10 -34.47 17.58
C LEU D 1224 -112.00 -33.62 18.46
N LYS D 1225 -112.27 -34.13 19.66
CA LYS D 1225 -113.16 -33.46 20.62
C LYS D 1225 -112.42 -32.80 21.76
N TYR D 1226 -111.46 -33.49 22.37
CA TYR D 1226 -110.70 -32.95 23.49
C TYR D 1226 -109.41 -32.27 23.05
N PHE D 1227 -109.20 -32.09 21.74
CA PHE D 1227 -108.02 -31.39 21.26
C PHE D 1227 -108.03 -29.92 21.66
N THR D 1228 -109.21 -29.32 21.74
CA THR D 1228 -109.35 -27.91 22.08
C THR D 1228 -109.38 -27.65 23.59
N ILE D 1229 -108.86 -28.59 24.38
CA ILE D 1229 -108.86 -28.44 25.83
C ILE D 1229 -107.52 -27.89 26.30
N CYS D 1230 -106.44 -28.59 25.97
CA CYS D 1230 -105.10 -28.18 26.38
C CYS D 1230 -104.12 -28.07 25.24
N GLY D 1231 -104.22 -28.95 24.23
CA GLY D 1231 -103.27 -28.91 23.13
C GLY D 1231 -103.40 -27.66 22.27
N LEU D 1232 -104.65 -27.25 21.99
CA LEU D 1232 -104.86 -26.07 21.15
C LEU D 1232 -104.39 -24.80 21.85
N GLN D 1233 -104.66 -24.68 23.15
CA GLN D 1233 -104.33 -23.47 23.89
C GLN D 1233 -102.84 -23.34 24.18
N GLU D 1234 -102.07 -24.42 24.11
CA GLU D 1234 -100.65 -24.37 24.41
C GLU D 1234 -99.77 -24.30 23.17
N GLY D 1235 -100.25 -24.81 22.04
CA GLY D 1235 -99.46 -24.76 20.81
C GLY D 1235 -99.21 -26.12 20.20
N TYR D 1236 -100.09 -27.08 20.48
CA TYR D 1236 -99.99 -28.42 19.93
C TYR D 1236 -100.92 -28.55 18.72
N GLU D 1237 -100.45 -29.22 17.69
CA GLU D 1237 -101.17 -29.40 16.45
C GLU D 1237 -101.54 -30.87 16.25
N PRO D 1238 -102.56 -31.15 15.45
CA PRO D 1238 -102.85 -32.55 15.10
C PRO D 1238 -101.72 -33.17 14.31
N PHE D 1239 -101.61 -34.50 14.40
CA PHE D 1239 -100.53 -35.20 13.71
C PHE D 1239 -100.68 -35.15 12.19
N ALA D 1240 -101.88 -34.86 11.69
CA ALA D 1240 -102.13 -34.75 10.26
C ALA D 1240 -102.63 -33.36 9.90
N VAL D 1241 -102.03 -32.33 10.51
CA VAL D 1241 -102.47 -30.97 10.25
C VAL D 1241 -102.07 -30.52 8.84
N ASN D 1242 -100.87 -30.91 8.39
CA ASN D 1242 -100.36 -30.44 7.12
C ASN D 1242 -100.54 -31.43 5.98
N THR D 1243 -100.74 -32.72 6.29
CA THR D 1243 -100.87 -33.73 5.25
C THR D 1243 -102.21 -33.58 4.52
N ASN D 1244 -102.16 -33.60 3.19
CA ASN D 1244 -103.35 -33.52 2.36
C ASN D 1244 -103.89 -34.89 1.98
N ARG D 1245 -103.30 -35.96 2.50
CA ARG D 1245 -103.75 -37.32 2.21
C ARG D 1245 -103.99 -38.05 3.53
N ASP D 1246 -104.77 -39.12 3.45
CA ASP D 1246 -105.06 -39.91 4.64
C ASP D 1246 -103.80 -40.61 5.12
N ILE D 1247 -103.66 -40.71 6.45
CA ILE D 1247 -102.49 -41.32 7.07
C ILE D 1247 -102.78 -42.78 7.31
N THR D 1248 -101.92 -43.65 6.77
CA THR D 1248 -102.08 -45.09 6.93
C THR D 1248 -101.34 -45.58 8.16
N MET D 1249 -101.85 -46.67 8.75
CA MET D 1249 -101.30 -47.22 9.97
C MET D 1249 -100.99 -48.71 9.77
N TRP D 1250 -99.93 -49.16 10.42
CA TRP D 1250 -99.52 -50.55 10.36
C TRP D 1250 -100.15 -51.34 11.51
N LEU D 1251 -99.95 -52.66 11.46
CA LEU D 1251 -100.46 -53.52 12.52
C LEU D 1251 -99.65 -54.81 12.53
N SER D 1252 -99.74 -55.53 13.64
CA SER D 1252 -99.00 -56.77 13.79
C SER D 1252 -99.59 -57.87 12.90
N LYS D 1253 -98.72 -58.76 12.43
CA LYS D 1253 -99.15 -59.85 11.57
C LYS D 1253 -99.80 -60.95 12.39
N ARG D 1254 -100.54 -61.82 11.69
CA ARG D 1254 -101.18 -62.97 12.30
C ARG D 1254 -100.48 -64.28 12.02
N LEU D 1255 -99.70 -64.37 10.94
CA LEU D 1255 -98.98 -65.58 10.58
C LEU D 1255 -97.48 -65.32 10.60
N PRO D 1256 -96.67 -66.31 11.01
CA PRO D 1256 -95.22 -66.12 11.03
C PRO D 1256 -94.64 -66.22 9.62
N GLN D 1257 -93.75 -65.29 9.30
CA GLN D 1257 -93.07 -65.32 8.02
C GLN D 1257 -92.14 -66.53 7.93
N PHE D 1258 -91.96 -67.04 6.71
CA PHE D 1258 -91.28 -68.32 6.54
C PHE D 1258 -89.79 -68.21 6.84
N LEU D 1259 -89.07 -67.42 6.05
CA LEU D 1259 -87.61 -67.41 6.16
C LEU D 1259 -87.15 -66.73 7.45
N GLN D 1260 -87.38 -65.42 7.55
CA GLN D 1260 -87.09 -64.63 8.75
C GLN D 1260 -85.69 -64.93 9.30
N VAL D 1261 -84.69 -64.57 8.51
CA VAL D 1261 -83.30 -64.86 8.81
C VAL D 1261 -82.92 -64.20 10.14
N PRO D 1262 -82.43 -64.97 11.11
CA PRO D 1262 -82.16 -64.41 12.44
C PRO D 1262 -80.76 -63.83 12.55
N SER D 1263 -80.67 -62.69 13.26
CA SER D 1263 -79.42 -61.98 13.43
C SER D 1263 -78.96 -61.94 14.89
N ASN D 1264 -79.79 -61.41 15.79
CA ASN D 1264 -79.39 -61.17 17.17
C ASN D 1264 -80.49 -61.58 18.14
N HIS D 1265 -81.06 -62.77 17.93
CA HIS D 1265 -82.12 -63.25 18.80
C HIS D 1265 -81.55 -63.69 20.14
N GLU D 1266 -82.42 -64.21 21.01
CA GLU D 1266 -82.05 -64.50 22.39
C GLU D 1266 -81.03 -65.64 22.46
N HIS D 1267 -81.33 -66.77 21.82
CA HIS D 1267 -80.47 -67.95 21.88
C HIS D 1267 -80.37 -68.60 20.51
N ILE D 1268 -80.22 -67.79 19.47
CA ILE D 1268 -80.17 -68.27 18.09
C ILE D 1268 -78.79 -67.94 17.54
N GLU D 1269 -78.10 -68.96 17.02
CA GLU D 1269 -76.76 -68.76 16.47
C GLU D 1269 -76.45 -69.91 15.52
N VAL D 1270 -76.11 -69.57 14.28
CA VAL D 1270 -75.77 -70.55 13.27
C VAL D 1270 -74.29 -70.40 12.93
N THR D 1271 -73.65 -71.52 12.60
CA THR D 1271 -72.22 -71.56 12.31
C THR D 1271 -71.98 -72.24 10.96
N ARG D 1272 -70.90 -71.83 10.31
CA ARG D 1272 -70.49 -72.41 9.03
C ARG D 1272 -69.01 -72.74 9.06
N ILE D 1273 -68.63 -73.78 8.32
CA ILE D 1273 -67.24 -74.21 8.21
C ILE D 1273 -66.83 -74.17 6.74
N ASP D 1274 -65.52 -74.29 6.52
CA ASP D 1274 -64.94 -74.21 5.17
C ASP D 1274 -64.35 -75.53 4.70
N GLY D 1275 -64.70 -76.64 5.35
CA GLY D 1275 -64.25 -77.94 4.90
C GLY D 1275 -64.83 -78.26 3.54
N THR D 1276 -63.98 -78.51 2.55
CA THR D 1276 -64.45 -78.68 1.18
C THR D 1276 -63.98 -79.98 0.54
N ILE D 1277 -62.78 -80.43 0.90
CA ILE D 1277 -62.19 -81.61 0.27
C ILE D 1277 -61.50 -82.45 1.34
N ASP D 1278 -61.45 -83.76 1.09
CA ASP D 1278 -60.82 -84.76 1.97
C ASP D 1278 -61.40 -84.74 3.37
N SER D 1279 -62.62 -84.23 3.53
CA SER D 1279 -63.29 -84.09 4.81
C SER D 1279 -64.77 -83.82 4.54
N SER D 1280 -65.50 -83.45 5.59
CA SER D 1280 -66.92 -83.09 5.51
C SER D 1280 -67.74 -84.23 4.92
N PRO D 1281 -67.95 -85.33 5.67
CA PRO D 1281 -68.79 -86.42 5.14
C PRO D 1281 -70.23 -86.00 4.88
N CYS D 1282 -70.70 -84.92 5.50
CA CYS D 1282 -72.01 -84.37 5.17
C CYS D 1282 -72.04 -83.77 3.77
N LEU D 1283 -70.88 -83.48 3.18
CA LEU D 1283 -70.71 -83.00 1.82
C LEU D 1283 -71.39 -81.66 1.56
N LYS D 1284 -71.82 -80.95 2.60
CA LYS D 1284 -72.47 -79.67 2.42
C LYS D 1284 -71.49 -78.53 2.17
N VAL D 1285 -70.19 -78.75 2.40
CA VAL D 1285 -69.14 -77.75 2.27
C VAL D 1285 -69.47 -76.57 3.18
N THR D 1286 -70.16 -76.85 4.29
CA THR D 1286 -70.53 -75.86 5.28
C THR D 1286 -71.01 -76.61 6.52
N GLN D 1287 -71.07 -75.89 7.64
CA GLN D 1287 -71.57 -76.50 8.87
C GLN D 1287 -73.09 -76.43 8.93
N LYS D 1288 -73.63 -75.21 8.93
CA LYS D 1288 -75.05 -74.96 9.21
C LYS D 1288 -75.47 -75.56 10.55
N SER D 1289 -74.57 -75.49 11.53
CA SER D 1289 -74.83 -76.04 12.86
C SER D 1289 -75.64 -75.04 13.67
N PHE D 1290 -76.60 -75.54 14.44
CA PHE D 1290 -77.49 -74.71 15.24
C PHE D 1290 -77.47 -75.20 16.68
N GLY D 1291 -77.22 -74.28 17.61
CA GLY D 1291 -77.22 -74.62 19.02
C GLY D 1291 -77.85 -73.56 19.90
N SER D 1292 -78.77 -73.97 20.77
CA SER D 1292 -79.41 -73.06 21.71
C SER D 1292 -78.53 -72.89 22.95
N GLN D 1293 -78.92 -71.95 23.80
CA GLN D 1293 -78.11 -71.67 24.99
C GLN D 1293 -78.40 -72.66 26.11
N ASN D 1294 -79.60 -72.59 26.69
CA ASN D 1294 -80.01 -73.47 27.78
C ASN D 1294 -81.48 -73.30 28.15
N ASN D 1295 -82.18 -74.41 28.35
CA ASN D 1295 -83.49 -74.45 29.02
C ASN D 1295 -84.52 -73.52 28.37
N ASN D 1296 -84.49 -73.42 27.04
CA ASN D 1296 -85.42 -72.56 26.32
C ASN D 1296 -85.79 -73.25 25.01
N THR D 1297 -86.94 -73.93 24.98
CA THR D 1297 -87.46 -74.55 23.78
C THR D 1297 -88.96 -74.71 23.90
N ASP D 1298 -89.67 -74.43 22.81
CA ASP D 1298 -91.12 -74.58 22.77
C ASP D 1298 -91.58 -75.14 21.41
N ILE D 1299 -90.75 -75.95 20.78
CA ILE D 1299 -91.01 -76.56 19.47
C ILE D 1299 -91.26 -75.48 18.43
N MET D 1300 -90.19 -75.02 17.78
CA MET D 1300 -90.25 -73.99 16.76
C MET D 1300 -89.70 -74.54 15.45
N PHE D 1301 -90.20 -73.99 14.34
CA PHE D 1301 -89.94 -74.55 13.03
C PHE D 1301 -88.75 -73.85 12.37
N TYR D 1302 -87.73 -74.64 12.04
CA TYR D 1302 -86.45 -74.12 11.58
C TYR D 1302 -86.59 -73.40 10.24
N ARG D 1303 -85.77 -72.36 10.06
CA ARG D 1303 -85.73 -71.63 8.80
C ARG D 1303 -84.36 -70.96 8.72
N LEU D 1304 -83.46 -71.55 7.96
CA LEU D 1304 -82.10 -71.05 7.81
C LEU D 1304 -81.87 -70.56 6.39
N SER D 1305 -80.85 -69.73 6.23
CA SER D 1305 -80.51 -69.13 4.95
C SER D 1305 -79.40 -69.93 4.28
N MET D 1306 -79.57 -70.19 2.99
CA MET D 1306 -78.58 -70.90 2.18
C MET D 1306 -78.30 -70.10 0.92
N PRO D 1307 -77.55 -69.00 1.03
CA PRO D 1307 -77.23 -68.20 -0.17
C PRO D 1307 -76.34 -68.95 -1.14
N ILE D 1308 -75.19 -69.44 -0.66
CA ILE D 1308 -74.29 -70.21 -1.51
C ILE D 1308 -74.58 -71.69 -1.35
N SER D 1424 -78.41 -89.86 -7.20
CA SER D 1424 -78.93 -88.60 -6.67
C SER D 1424 -77.98 -87.45 -6.96
N THR D 1425 -78.50 -86.22 -6.89
CA THR D 1425 -77.72 -85.02 -7.13
C THR D 1425 -77.86 -84.09 -5.92
N TYR D 1426 -77.07 -83.01 -5.94
CA TYR D 1426 -77.08 -81.96 -4.93
C TYR D 1426 -76.84 -82.54 -3.53
N TYR D 1427 -75.63 -83.08 -3.35
CA TYR D 1427 -75.23 -83.69 -2.09
C TYR D 1427 -74.92 -82.59 -1.07
N TYR D 1428 -75.89 -82.26 -0.23
CA TYR D 1428 -75.72 -81.31 0.87
C TYR D 1428 -76.32 -81.91 2.13
N SER D 1429 -76.15 -81.19 3.24
CA SER D 1429 -76.71 -81.62 4.52
C SER D 1429 -76.89 -80.40 5.43
N VAL D 1430 -78.01 -80.36 6.13
CA VAL D 1430 -78.31 -79.31 7.10
C VAL D 1430 -78.03 -79.88 8.48
N ARG D 1431 -77.12 -79.24 9.23
CA ARG D 1431 -76.72 -79.73 10.54
C ARG D 1431 -77.84 -79.45 11.53
N ILE D 1432 -78.82 -80.34 11.54
CA ILE D 1432 -79.87 -80.36 12.57
C ILE D 1432 -79.22 -80.83 13.86
N PHE D 1433 -79.95 -80.74 14.98
CA PHE D 1433 -79.42 -81.16 16.27
C PHE D 1433 -78.99 -82.63 16.18
N PRO D 1434 -77.78 -82.97 16.66
CA PRO D 1434 -77.15 -84.23 16.26
C PRO D 1434 -77.77 -85.48 16.87
N GLY D 1435 -78.96 -85.86 16.40
CA GLY D 1435 -79.48 -87.20 16.58
C GLY D 1435 -79.65 -87.68 18.00
N GLN D 1436 -79.74 -86.76 18.97
CA GLN D 1436 -79.93 -87.20 20.35
C GLN D 1436 -81.36 -87.58 20.67
N GLU D 1437 -82.30 -87.28 19.76
CA GLU D 1437 -83.73 -87.61 19.88
C GLU D 1437 -84.31 -87.16 21.21
N PRO D 1438 -84.39 -85.85 21.48
CA PRO D 1438 -85.02 -85.40 22.72
C PRO D 1438 -86.49 -85.75 22.80
N ALA D 1439 -87.20 -85.73 21.67
CA ALA D 1439 -88.61 -86.11 21.63
C ALA D 1439 -88.96 -86.89 20.37
N ASN D 1440 -87.95 -87.49 19.71
CA ASN D 1440 -88.12 -88.15 18.40
C ASN D 1440 -88.76 -87.19 17.40
N VAL D 1441 -88.02 -86.11 17.12
CA VAL D 1441 -88.56 -85.04 16.29
C VAL D 1441 -88.70 -85.52 14.84
N TRP D 1442 -89.52 -84.79 14.08
CA TRP D 1442 -89.94 -85.19 12.75
C TRP D 1442 -89.21 -84.35 11.70
N VAL D 1443 -88.71 -85.02 10.66
CA VAL D 1443 -87.90 -84.40 9.63
C VAL D 1443 -88.52 -84.68 8.28
N GLY D 1444 -88.70 -83.62 7.48
CA GLY D 1444 -89.26 -83.77 6.14
C GLY D 1444 -89.14 -82.49 5.36
N TRP D 1445 -89.55 -82.57 4.09
CA TRP D 1445 -89.48 -81.43 3.19
C TRP D 1445 -90.75 -80.59 3.31
N ILE D 1446 -90.58 -79.29 3.51
CA ILE D 1446 -91.70 -78.38 3.74
C ILE D 1446 -91.98 -77.62 2.45
N THR D 1447 -93.27 -77.34 2.22
CA THR D 1447 -93.71 -76.64 1.02
C THR D 1447 -93.90 -75.16 1.31
N SER D 1448 -94.03 -74.37 0.24
CA SER D 1448 -94.27 -72.94 0.37
C SER D 1448 -95.69 -72.63 0.83
N ASP D 1449 -96.60 -73.61 0.77
CA ASP D 1449 -97.98 -73.44 1.19
C ASP D 1449 -98.15 -73.50 2.70
N PHE D 1450 -97.08 -73.72 3.45
CA PHE D 1450 -97.16 -73.91 4.89
C PHE D 1450 -97.41 -72.59 5.59
N HIS D 1451 -98.57 -72.46 6.25
CA HIS D 1451 -98.83 -71.32 7.12
C HIS D 1451 -99.73 -71.80 8.26
N GLN D 1452 -99.10 -72.27 9.34
CA GLN D 1452 -99.79 -72.68 10.56
C GLN D 1452 -98.76 -72.91 11.66
N TYR D 1453 -98.94 -72.29 12.82
CA TYR D 1453 -97.95 -72.40 13.88
C TYR D 1453 -98.63 -72.58 15.23
N ASP D 1454 -98.14 -73.54 15.99
CA ASP D 1454 -98.61 -73.80 17.36
C ASP D 1454 -97.54 -74.61 18.08
N THR D 1455 -97.71 -74.77 19.39
CA THR D 1455 -96.76 -75.55 20.17
C THR D 1455 -96.77 -77.02 19.75
N GLY D 1456 -97.96 -77.59 19.57
CA GLY D 1456 -98.06 -78.97 19.15
C GLY D 1456 -97.73 -79.15 17.67
N PHE D 1457 -97.37 -80.38 17.32
CA PHE D 1457 -97.01 -80.72 15.95
C PHE D 1457 -97.32 -82.19 15.71
N ASP D 1458 -97.05 -82.64 14.49
CA ASP D 1458 -97.29 -84.02 14.04
C ASP D 1458 -98.76 -84.42 14.18
N LEU D 1459 -99.65 -83.44 14.14
CA LEU D 1459 -101.09 -83.68 14.16
C LEU D 1459 -101.57 -83.93 12.74
N ASP D 1460 -102.88 -83.84 12.51
CA ASP D 1460 -103.41 -83.93 11.15
C ASP D 1460 -102.75 -82.93 10.22
N ARG D 1461 -102.51 -81.71 10.72
CA ARG D 1461 -101.67 -80.70 10.06
C ARG D 1461 -102.21 -80.36 8.67
N VAL D 1462 -103.42 -79.75 8.67
CA VAL D 1462 -104.11 -79.25 7.48
C VAL D 1462 -104.48 -80.44 6.58
N ARG D 1463 -105.31 -80.18 5.56
CA ARG D 1463 -105.79 -81.24 4.69
C ARG D 1463 -104.66 -81.92 3.93
N THR D 1464 -104.80 -83.23 3.75
CA THR D 1464 -103.77 -84.04 3.11
C THR D 1464 -103.84 -83.99 1.58
N VAL D 1465 -104.95 -83.52 1.01
CA VAL D 1465 -105.17 -83.39 -0.43
C VAL D 1465 -105.04 -84.75 -1.11
N THR D 1466 -106.17 -85.44 -1.26
CA THR D 1466 -106.22 -86.73 -1.95
C THR D 1466 -107.24 -86.60 -3.08
N VAL D 1467 -106.76 -86.48 -4.30
CA VAL D 1467 -107.60 -86.24 -5.47
C VAL D 1467 -107.60 -87.48 -6.35
N THR D 1468 -108.79 -87.90 -6.77
CA THR D 1468 -108.94 -89.06 -7.65
C THR D 1468 -109.71 -88.66 -8.90
N LEU D 1469 -109.26 -87.59 -9.56
CA LEU D 1469 -109.97 -87.05 -10.72
C LEU D 1469 -110.12 -88.10 -11.81
N GLY D 1470 -111.31 -88.17 -12.39
CA GLY D 1470 -111.67 -89.20 -13.35
C GLY D 1470 -113.15 -89.17 -13.63
N ASP D 1471 -113.82 -90.31 -13.52
CA ASP D 1471 -115.27 -90.36 -13.63
C ASP D 1471 -115.97 -90.49 -12.28
N GLU D 1472 -115.22 -90.73 -11.20
CA GLU D 1472 -115.74 -90.78 -9.83
C GLU D 1472 -116.85 -91.81 -9.69
N LYS D 1473 -118.11 -91.36 -9.80
CA LYS D 1473 -119.24 -92.26 -9.64
C LYS D 1473 -119.24 -93.34 -10.71
N GLY D 1474 -118.86 -92.99 -11.94
CA GLY D 1474 -118.74 -93.96 -13.00
C GLY D 1474 -117.60 -94.92 -12.77
N LYS D 1475 -116.37 -94.40 -12.81
CA LYS D 1475 -115.18 -95.23 -12.57
C LYS D 1475 -114.04 -94.31 -12.16
N VAL D 1476 -113.49 -94.52 -10.97
CA VAL D 1476 -112.38 -93.68 -10.51
C VAL D 1476 -111.14 -93.93 -11.36
N HIS D 1477 -110.22 -92.98 -11.31
CA HIS D 1477 -109.00 -93.02 -12.10
C HIS D 1477 -107.78 -92.91 -11.17
N GLU D 1478 -106.61 -92.67 -11.77
CA GLU D 1478 -105.38 -92.57 -11.00
C GLU D 1478 -105.45 -91.45 -9.98
N SER D 1479 -105.05 -91.75 -8.75
CA SER D 1479 -105.15 -90.79 -7.66
C SER D 1479 -104.02 -89.78 -7.73
N ILE D 1480 -104.26 -88.62 -7.11
CA ILE D 1480 -103.29 -87.53 -7.01
C ILE D 1480 -103.28 -87.08 -5.56
N LYS D 1481 -102.34 -87.60 -4.78
CA LYS D 1481 -102.22 -87.26 -3.37
C LYS D 1481 -101.10 -86.24 -3.21
N ARG D 1482 -101.46 -84.97 -3.15
CA ARG D 1482 -100.49 -83.90 -3.00
C ARG D 1482 -99.96 -83.87 -1.57
N SER D 1483 -98.88 -83.10 -1.37
CA SER D 1483 -98.25 -83.01 -0.08
C SER D 1483 -99.02 -82.07 0.85
N ASN D 1484 -98.73 -82.19 2.14
CA ASN D 1484 -99.32 -81.32 3.15
C ASN D 1484 -98.51 -80.04 3.30
N CYS D 1485 -99.10 -79.09 4.03
CA CYS D 1485 -98.31 -77.94 4.47
C CYS D 1485 -97.18 -78.38 5.40
N TYR D 1486 -97.49 -79.24 6.35
CA TYR D 1486 -96.48 -79.91 7.16
C TYR D 1486 -96.25 -81.33 6.64
N MET D 1487 -95.75 -81.42 5.41
CA MET D 1487 -95.48 -82.70 4.77
C MET D 1487 -94.12 -83.21 5.23
N VAL D 1488 -94.06 -83.56 6.51
CA VAL D 1488 -92.82 -83.90 7.20
C VAL D 1488 -92.94 -85.30 7.77
N CYS D 1489 -91.97 -86.16 7.43
CA CYS D 1489 -91.98 -87.52 7.93
C CYS D 1489 -91.66 -87.56 9.43
N ALA D 1490 -92.31 -88.48 10.14
CA ALA D 1490 -92.11 -88.61 11.57
C ALA D 1490 -90.75 -89.24 11.87
N GLY D 1491 -90.21 -88.90 13.04
CA GLY D 1491 -88.94 -89.47 13.46
C GLY D 1491 -89.03 -90.96 13.74
N GLU D 1492 -90.13 -91.38 14.38
CA GLU D 1492 -90.41 -92.77 14.72
C GLU D 1492 -89.31 -93.37 15.60
N SER D 1493 -89.26 -94.70 15.66
CA SER D 1493 -88.26 -95.40 16.48
C SER D 1493 -87.03 -95.72 15.63
N MET D 1494 -86.31 -94.66 15.27
CA MET D 1494 -85.10 -94.81 14.48
C MET D 1494 -84.00 -95.47 15.31
N SER D 1495 -83.22 -96.34 14.66
CA SER D 1495 -82.11 -97.07 15.26
C SER D 1495 -82.57 -97.87 16.47
N PRO D 1496 -83.31 -98.97 16.26
CA PRO D 1496 -83.78 -99.77 17.40
C PRO D 1496 -82.65 -100.45 18.17
N GLY D 1497 -81.46 -100.56 17.60
CA GLY D 1497 -80.35 -101.20 18.26
C GLY D 1497 -79.56 -100.33 19.21
N GLN D 1498 -79.98 -99.07 19.40
CA GLN D 1498 -79.32 -98.12 20.30
C GLN D 1498 -77.85 -97.93 19.92
N GLY D 1499 -77.65 -97.38 18.72
CA GLY D 1499 -76.32 -97.18 18.19
C GLY D 1499 -75.61 -95.97 18.75
N ARG D 1500 -74.91 -95.23 17.88
CA ARG D 1500 -74.14 -94.07 18.31
C ARG D 1500 -75.09 -92.93 18.71
N ASN D 1501 -74.53 -91.97 19.45
CA ASN D 1501 -75.32 -90.85 19.95
C ASN D 1501 -75.69 -89.90 18.82
N ASN D 1502 -74.70 -89.28 18.19
CA ASN D 1502 -74.94 -88.27 17.16
C ASN D 1502 -74.97 -88.86 15.76
N SER D 1503 -75.71 -89.96 15.59
CA SER D 1503 -76.00 -90.50 14.27
C SER D 1503 -77.28 -91.34 14.38
N ASN D 1504 -78.42 -90.72 14.09
CA ASN D 1504 -79.71 -91.44 14.06
C ASN D 1504 -80.53 -90.90 12.89
N GLY D 1505 -80.29 -91.45 11.70
CA GLY D 1505 -81.09 -91.20 10.50
C GLY D 1505 -81.52 -89.77 10.26
N LEU D 1506 -80.58 -88.86 9.97
CA LEU D 1506 -80.91 -87.46 9.82
C LEU D 1506 -80.12 -86.85 8.68
N GLU D 1507 -80.52 -85.64 8.29
CA GLU D 1507 -79.88 -84.76 7.30
C GLU D 1507 -79.38 -85.53 6.07
N ILE D 1508 -80.32 -86.15 5.37
CA ILE D 1508 -79.99 -86.82 4.11
C ILE D 1508 -79.61 -85.79 3.05
N GLY D 1509 -80.45 -84.78 2.85
CA GLY D 1509 -80.14 -83.66 1.99
C GLY D 1509 -79.80 -83.98 0.54
N CYS D 1510 -80.59 -84.83 -0.10
CA CYS D 1510 -80.30 -85.25 -1.46
C CYS D 1510 -81.57 -85.22 -2.30
N VAL D 1511 -81.38 -85.11 -3.62
CA VAL D 1511 -82.47 -85.05 -4.57
C VAL D 1511 -82.14 -85.96 -5.75
N VAL D 1512 -83.14 -86.66 -6.27
CA VAL D 1512 -82.96 -87.58 -7.38
C VAL D 1512 -82.71 -86.80 -8.67
N ASP D 1513 -82.29 -87.52 -9.72
CA ASP D 1513 -81.89 -86.87 -10.96
C ASP D 1513 -83.06 -86.18 -11.65
N ALA D 1514 -84.22 -86.82 -11.68
CA ALA D 1514 -85.39 -86.29 -12.36
C ALA D 1514 -86.57 -86.22 -11.40
N ALA D 1515 -87.45 -85.25 -11.64
CA ALA D 1515 -88.61 -85.05 -10.79
C ALA D 1515 -89.65 -86.14 -11.03
N SER D 1516 -89.52 -87.27 -10.32
CA SER D 1516 -90.42 -88.40 -10.46
C SER D 1516 -91.47 -88.45 -9.35
N GLY D 1517 -91.93 -87.30 -8.91
CA GLY D 1517 -92.91 -87.22 -7.83
C GLY D 1517 -92.33 -87.27 -6.44
N LEU D 1518 -91.48 -88.26 -6.18
CA LEU D 1518 -90.82 -88.41 -4.89
C LEU D 1518 -89.35 -88.07 -5.02
N LEU D 1519 -88.77 -87.52 -3.96
CA LEU D 1519 -87.38 -87.11 -3.92
C LEU D 1519 -86.63 -87.98 -2.93
N THR D 1520 -85.35 -87.70 -2.74
CA THR D 1520 -84.56 -88.46 -1.76
C THR D 1520 -84.74 -87.83 -0.38
N PHE D 1521 -85.97 -87.99 0.12
CA PHE D 1521 -86.30 -87.76 1.51
C PHE D 1521 -87.04 -88.94 2.12
N ILE D 1522 -87.50 -89.87 1.30
CA ILE D 1522 -88.07 -91.13 1.81
C ILE D 1522 -86.88 -92.09 1.92
N ALA D 1523 -86.15 -91.94 3.02
CA ALA D 1523 -84.95 -92.70 3.29
C ALA D 1523 -84.47 -92.42 4.71
N ASN D 1524 -83.43 -91.60 4.84
CA ASN D 1524 -82.90 -91.17 6.13
C ASN D 1524 -82.48 -92.37 6.97
N GLY D 1525 -81.72 -93.27 6.36
CA GLY D 1525 -81.15 -94.40 7.08
C GLY D 1525 -81.75 -95.75 6.71
N LYS D 1526 -83.07 -95.79 6.54
CA LYS D 1526 -83.76 -97.05 6.27
C LYS D 1526 -85.09 -96.73 5.59
N GLU D 1527 -85.99 -97.70 5.55
CA GLU D 1527 -87.30 -97.49 4.96
C GLU D 1527 -88.30 -97.02 6.01
N LEU D 1528 -89.06 -95.97 5.66
CA LEU D 1528 -90.09 -95.44 6.54
C LEU D 1528 -91.49 -95.64 5.99
N SER D 1529 -91.63 -96.18 4.78
CA SER D 1529 -92.91 -96.53 4.16
C SER D 1529 -93.77 -95.28 3.93
N THR D 1530 -93.26 -94.40 3.07
CA THR D 1530 -94.02 -93.28 2.54
C THR D 1530 -93.82 -93.22 1.03
N TYR D 1531 -94.79 -92.62 0.34
CA TYR D 1531 -94.78 -92.59 -1.12
C TYR D 1531 -94.48 -91.20 -1.67
N TYR D 1532 -95.29 -90.20 -1.28
CA TYR D 1532 -95.10 -88.80 -1.70
C TYR D 1532 -95.06 -88.66 -3.22
N GLN D 1533 -96.14 -89.09 -3.85
CA GLN D 1533 -96.32 -88.95 -5.30
C GLN D 1533 -97.11 -87.66 -5.52
N VAL D 1534 -96.40 -86.56 -5.79
CA VAL D 1534 -96.99 -85.24 -5.84
C VAL D 1534 -96.63 -84.57 -7.16
N GLU D 1535 -97.16 -83.35 -7.33
CA GLU D 1535 -96.88 -82.51 -8.48
C GLU D 1535 -95.48 -81.90 -8.33
N PRO D 1536 -94.99 -81.19 -9.36
CA PRO D 1536 -93.70 -80.50 -9.21
C PRO D 1536 -93.61 -79.59 -7.99
N SER D 1537 -94.69 -78.88 -7.66
CA SER D 1537 -94.81 -78.07 -6.44
C SER D 1537 -93.73 -76.99 -6.47
N THR D 1538 -92.90 -76.84 -5.43
CA THR D 1538 -91.95 -75.75 -5.35
C THR D 1538 -90.65 -76.25 -4.73
N LYS D 1539 -89.60 -75.42 -4.85
CA LYS D 1539 -88.31 -75.68 -4.24
C LYS D 1539 -87.68 -74.34 -3.87
N LEU D 1540 -87.20 -74.22 -2.64
CA LEU D 1540 -86.76 -72.94 -2.12
C LEU D 1540 -85.79 -73.18 -0.96
N PHE D 1541 -85.58 -72.16 -0.14
CA PHE D 1541 -84.63 -72.25 0.97
C PHE D 1541 -84.99 -73.39 1.91
N PRO D 1542 -84.01 -74.13 2.43
CA PRO D 1542 -84.34 -75.32 3.22
C PRO D 1542 -84.93 -74.97 4.57
N ALA D 1543 -85.77 -75.88 5.08
CA ALA D 1543 -86.41 -75.74 6.38
C ALA D 1543 -86.92 -77.10 6.80
N VAL D 1544 -86.56 -77.53 8.01
CA VAL D 1544 -86.92 -78.85 8.53
C VAL D 1544 -87.36 -78.68 9.97
N PHE D 1545 -88.52 -79.26 10.32
CA PHE D 1545 -89.03 -79.16 11.67
C PHE D 1545 -88.06 -79.79 12.67
N ALA D 1546 -87.84 -79.10 13.79
CA ALA D 1546 -86.94 -79.59 14.82
C ALA D 1546 -87.33 -78.99 16.15
N GLN D 1547 -86.98 -79.71 17.23
CA GLN D 1547 -87.22 -79.24 18.59
C GLN D 1547 -86.28 -80.00 19.51
N ALA D 1548 -85.34 -79.29 20.13
CA ALA D 1548 -84.33 -79.94 20.95
C ALA D 1548 -83.88 -79.01 22.06
N THR D 1549 -83.44 -79.61 23.16
CA THR D 1549 -82.84 -78.89 24.27
C THR D 1549 -81.34 -78.75 24.02
N SER D 1550 -80.57 -78.39 25.05
CA SER D 1550 -79.12 -78.31 24.97
C SER D 1550 -78.51 -79.40 25.84
N PRO D 1551 -78.34 -80.63 25.32
CA PRO D 1551 -77.77 -81.73 26.10
C PRO D 1551 -76.25 -81.67 26.18
N VAL D 1595 -85.90 -69.01 11.49
CA VAL D 1595 -86.89 -69.11 12.56
C VAL D 1595 -88.26 -68.69 12.08
N LEU D 1596 -89.26 -69.55 12.30
CA LEU D 1596 -90.65 -69.23 11.98
C LEU D 1596 -91.19 -68.32 13.07
N TRP D 1597 -91.00 -67.01 12.92
CA TRP D 1597 -91.37 -66.03 13.93
C TRP D 1597 -92.36 -65.04 13.35
N SER D 1598 -93.37 -64.70 14.15
CA SER D 1598 -94.38 -63.70 13.76
C SER D 1598 -94.05 -62.40 14.46
N ARG D 1599 -93.09 -61.66 13.88
CA ARG D 1599 -92.65 -60.38 14.43
C ARG D 1599 -92.46 -59.36 13.31
N MET D 1600 -93.29 -59.45 12.28
CA MET D 1600 -93.23 -58.54 11.14
C MET D 1600 -94.48 -57.67 11.12
N PRO D 1601 -94.37 -56.34 11.24
CA PRO D 1601 -95.54 -55.49 11.12
C PRO D 1601 -96.06 -55.46 9.68
N ASN D 1602 -97.37 -55.17 9.57
CA ASN D 1602 -98.04 -55.16 8.28
C ASN D 1602 -99.02 -54.00 8.22
N GLN D 1603 -99.14 -53.41 7.02
CA GLN D 1603 -100.07 -52.32 6.78
C GLN D 1603 -101.02 -52.70 5.65
N PHE D 1604 -102.30 -52.35 5.83
CA PHE D 1604 -103.31 -52.65 4.83
C PHE D 1604 -103.55 -51.43 3.93
N LEU D 1605 -104.39 -51.62 2.92
CA LEU D 1605 -104.62 -50.59 1.92
C LEU D 1605 -105.36 -49.41 2.52
N LYS D 1606 -105.04 -48.22 1.99
CA LYS D 1606 -105.73 -47.00 2.43
C LYS D 1606 -107.19 -47.02 2.02
N VAL D 1607 -107.48 -47.47 0.79
CA VAL D 1607 -108.83 -47.54 0.26
C VAL D 1607 -109.17 -49.01 0.00
N ASP D 1608 -110.27 -49.47 0.58
CA ASP D 1608 -110.74 -50.83 0.40
C ASP D 1608 -111.90 -50.87 -0.58
N VAL D 1609 -112.21 -52.08 -1.06
CA VAL D 1609 -113.33 -52.27 -1.96
C VAL D 1609 -114.64 -52.03 -1.21
N SER D 1610 -115.63 -51.50 -1.93
CA SER D 1610 -116.91 -51.16 -1.32
C SER D 1610 -117.82 -52.38 -1.27
N ARG D 1611 -118.32 -52.71 -0.09
CA ARG D 1611 -119.25 -53.82 0.10
C ARG D 1611 -120.65 -53.26 0.32
N ILE D 1612 -121.62 -53.80 -0.41
CA ILE D 1612 -122.99 -53.34 -0.37
C ILE D 1612 -123.89 -54.48 0.07
N SER D 1613 -124.70 -54.23 1.09
CA SER D 1613 -125.66 -55.20 1.60
C SER D 1613 -127.07 -54.66 1.42
N GLU D 1614 -128.02 -55.58 1.25
CA GLU D 1614 -129.42 -55.21 1.02
C GLU D 1614 -130.29 -56.17 1.82
N ARG D 1615 -131.59 -56.15 1.53
CA ARG D 1615 -132.58 -56.99 2.19
C ARG D 1615 -133.28 -57.86 1.16
N GLN D 1616 -134.18 -58.71 1.65
CA GLN D 1616 -134.96 -59.64 0.83
C GLN D 1616 -134.05 -60.54 -0.01
N GLY D 1617 -132.97 -61.02 0.61
CA GLY D 1617 -132.04 -61.89 -0.07
C GLY D 1617 -130.59 -61.50 0.17
N TRP D 1618 -130.39 -60.29 0.70
CA TRP D 1618 -129.05 -59.75 0.99
C TRP D 1618 -128.17 -59.76 -0.26
N LEU D 1619 -128.72 -59.27 -1.36
CA LEU D 1619 -127.97 -59.20 -2.61
C LEU D 1619 -126.83 -58.19 -2.48
N VAL D 1620 -125.67 -58.56 -3.02
CA VAL D 1620 -124.49 -57.71 -2.99
C VAL D 1620 -124.32 -57.10 -4.38
N GLN D 1621 -124.23 -55.78 -4.43
CA GLN D 1621 -124.05 -55.04 -5.68
C GLN D 1621 -122.73 -54.27 -5.58
N CYS D 1622 -121.72 -54.75 -6.30
CA CYS D 1622 -120.39 -54.15 -6.28
C CYS D 1622 -120.01 -53.75 -7.70
N LEU D 1623 -119.72 -52.47 -7.90
CA LEU D 1623 -119.27 -51.97 -9.20
C LEU D 1623 -118.28 -50.84 -8.94
N ASP D 1624 -117.01 -51.18 -8.82
CA ASP D 1624 -115.93 -50.23 -8.59
C ASP D 1624 -114.58 -50.92 -8.80
N PRO D 1625 -113.66 -50.28 -9.52
CA PRO D 1625 -112.33 -50.88 -9.72
C PRO D 1625 -111.34 -50.47 -8.64
N LEU D 1626 -110.53 -51.44 -8.21
CA LEU D 1626 -109.48 -51.18 -7.23
C LEU D 1626 -108.41 -52.24 -7.39
N GLN D 1627 -107.22 -51.84 -7.81
CA GLN D 1627 -106.10 -52.76 -8.01
C GLN D 1627 -104.85 -52.21 -7.34
N PHE D 1628 -104.00 -53.13 -6.89
CA PHE D 1628 -102.70 -52.76 -6.33
C PHE D 1628 -101.67 -53.78 -6.80
N MET D 1629 -100.55 -53.28 -7.32
CA MET D 1629 -99.51 -54.15 -7.85
C MET D 1629 -98.61 -54.63 -6.72
N SER D 1630 -98.20 -55.90 -6.81
CA SER D 1630 -97.44 -56.54 -5.74
C SER D 1630 -96.26 -57.28 -6.34
N LEU D 1631 -95.06 -57.02 -5.80
CA LEU D 1631 -93.89 -57.81 -6.16
C LEU D 1631 -94.03 -59.21 -5.58
N HIS D 1632 -93.84 -60.24 -6.41
CA HIS D 1632 -94.12 -61.60 -5.99
C HIS D 1632 -93.04 -62.55 -6.47
N ILE D 1633 -92.74 -63.53 -5.62
CA ILE D 1633 -91.88 -64.68 -5.93
C ILE D 1633 -90.52 -64.29 -6.48
N PRO D 1634 -89.63 -63.68 -5.68
CA PRO D 1634 -88.24 -63.54 -6.13
C PRO D 1634 -87.57 -64.91 -6.25
N GLU D 1635 -87.50 -65.63 -5.14
CA GLU D 1635 -87.14 -67.05 -5.11
C GLU D 1635 -88.20 -67.90 -4.44
N GLU D 1636 -88.68 -67.49 -3.26
CA GLU D 1636 -89.76 -68.16 -2.57
C GLU D 1636 -91.07 -67.47 -2.90
N ASN D 1637 -92.12 -68.26 -3.14
CA ASN D 1637 -93.41 -67.70 -3.51
C ASN D 1637 -93.99 -66.87 -2.37
N ARG D 1638 -94.26 -65.60 -2.63
CA ARG D 1638 -94.81 -64.69 -1.64
C ARG D 1638 -95.47 -63.52 -2.36
N SER D 1639 -95.99 -62.58 -1.57
CA SER D 1639 -96.60 -61.37 -2.12
C SER D 1639 -96.40 -60.27 -1.08
N VAL D 1640 -95.36 -59.46 -1.28
CA VAL D 1640 -94.95 -58.47 -0.29
C VAL D 1640 -95.48 -57.07 -0.64
N ASP D 1641 -96.41 -56.98 -1.59
CA ASP D 1641 -96.99 -55.73 -2.05
C ASP D 1641 -95.92 -54.78 -2.59
N ILE D 1642 -96.27 -53.51 -2.80
CA ILE D 1642 -95.33 -52.50 -3.25
C ILE D 1642 -95.16 -51.39 -2.24
N LEU D 1643 -96.25 -51.00 -1.55
CA LEU D 1643 -96.17 -49.93 -0.57
C LEU D 1643 -95.55 -50.40 0.74
N GLU D 1644 -95.47 -51.71 0.96
CA GLU D 1644 -94.78 -52.23 2.14
C GLU D 1644 -93.28 -51.99 2.08
N LEU D 1645 -92.73 -51.77 0.89
CA LEU D 1645 -91.30 -51.54 0.74
C LEU D 1645 -90.86 -50.17 1.25
N THR D 1646 -91.82 -49.27 1.57
CA THR D 1646 -91.46 -47.95 2.07
C THR D 1646 -90.84 -48.00 3.46
N GLU D 1647 -90.97 -49.13 4.17
CA GLU D 1647 -90.36 -49.30 5.47
C GLU D 1647 -89.32 -50.42 5.51
N GLN D 1648 -89.21 -51.22 4.45
CA GLN D 1648 -88.28 -52.33 4.39
C GLN D 1648 -87.13 -51.98 3.45
N GLU D 1649 -85.90 -52.14 3.93
CA GLU D 1649 -84.73 -51.89 3.13
C GLU D 1649 -84.26 -53.19 2.46
N GLU D 1650 -83.18 -53.09 1.69
CA GLU D 1650 -82.53 -54.19 0.97
C GLU D 1650 -83.41 -54.70 -0.17
N LEU D 1651 -84.63 -54.19 -0.26
CA LEU D 1651 -85.54 -54.46 -1.37
C LEU D 1651 -85.87 -53.22 -2.17
N LEU D 1652 -86.03 -52.07 -1.52
CA LEU D 1652 -86.22 -50.82 -2.24
C LEU D 1652 -84.99 -50.46 -3.05
N GLN D 1653 -83.80 -50.63 -2.46
CA GLN D 1653 -82.56 -50.36 -3.19
C GLN D 1653 -82.38 -51.30 -4.37
N PHE D 1654 -82.67 -52.60 -4.16
CA PHE D 1654 -82.48 -53.56 -5.24
C PHE D 1654 -83.48 -53.34 -6.36
N HIS D 1655 -84.74 -53.03 -6.04
CA HIS D 1655 -85.70 -52.75 -7.09
C HIS D 1655 -85.41 -51.44 -7.81
N TYR D 1656 -84.92 -50.44 -7.08
CA TYR D 1656 -84.50 -49.20 -7.73
C TYR D 1656 -83.36 -49.43 -8.69
N HIS D 1657 -82.38 -50.25 -8.29
CA HIS D 1657 -81.28 -50.57 -9.19
C HIS D 1657 -81.74 -51.44 -10.35
N THR D 1658 -82.77 -52.27 -10.14
CA THR D 1658 -83.34 -53.04 -11.24
C THR D 1658 -84.01 -52.12 -12.25
N LEU D 1659 -84.73 -51.11 -11.78
CA LEU D 1659 -85.30 -50.12 -12.68
C LEU D 1659 -84.21 -49.36 -13.43
N ARG D 1660 -83.12 -49.03 -12.73
CA ARG D 1660 -82.00 -48.36 -13.37
C ARG D 1660 -81.38 -49.23 -14.46
N LEU D 1661 -81.26 -50.54 -14.20
CA LEU D 1661 -80.74 -51.46 -15.21
C LEU D 1661 -81.70 -51.56 -16.39
N TYR D 1662 -83.00 -51.60 -16.12
CA TYR D 1662 -83.98 -51.65 -17.21
C TYR D 1662 -83.89 -50.41 -18.08
N SER D 1663 -83.71 -49.24 -17.47
CA SER D 1663 -83.61 -48.01 -18.25
C SER D 1663 -82.27 -47.93 -19.00
N ALA D 1664 -81.19 -48.36 -18.36
CA ALA D 1664 -79.86 -48.19 -18.97
C ALA D 1664 -79.62 -49.20 -20.08
N VAL D 1665 -80.21 -50.39 -20.00
CA VAL D 1665 -80.03 -51.39 -21.05
C VAL D 1665 -80.77 -50.99 -22.32
N CYS D 1666 -81.68 -50.03 -22.23
CA CYS D 1666 -82.42 -49.52 -23.38
C CYS D 1666 -82.12 -48.04 -23.61
N ALA D 1667 -80.85 -47.67 -23.50
CA ALA D 1667 -80.44 -46.27 -23.60
C ALA D 1667 -79.87 -45.95 -24.97
N LEU D 1668 -79.94 -44.67 -25.32
CA LEU D 1668 -79.41 -44.13 -26.58
C LEU D 1668 -80.03 -44.80 -27.80
N GLY D 1669 -81.28 -45.24 -27.67
CA GLY D 1669 -81.98 -45.84 -28.79
C GLY D 1669 -81.72 -47.32 -28.91
N ASN D 1670 -82.77 -48.13 -28.84
CA ASN D 1670 -82.64 -49.56 -29.01
C ASN D 1670 -83.95 -50.11 -29.56
N HIS D 1671 -83.86 -51.29 -30.17
CA HIS D 1671 -85.00 -51.88 -30.87
C HIS D 1671 -85.49 -53.16 -30.20
N ARG D 1672 -84.62 -54.16 -30.04
CA ARG D 1672 -85.04 -55.41 -29.42
C ARG D 1672 -85.28 -55.23 -27.92
N VAL D 1673 -84.45 -54.40 -27.28
CA VAL D 1673 -84.54 -54.23 -25.83
C VAL D 1673 -85.85 -53.56 -25.44
N ALA D 1674 -86.28 -52.56 -26.21
CA ALA D 1674 -87.51 -51.84 -25.90
C ALA D 1674 -88.73 -52.77 -26.00
N HIS D 1675 -88.82 -53.52 -27.10
CA HIS D 1675 -89.93 -54.45 -27.26
C HIS D 1675 -89.90 -55.57 -26.22
N ALA D 1676 -88.69 -56.04 -25.87
CA ALA D 1676 -88.59 -57.07 -24.85
C ALA D 1676 -89.02 -56.56 -23.48
N LEU D 1677 -88.58 -55.35 -23.10
CA LEU D 1677 -88.98 -54.78 -21.82
C LEU D 1677 -90.43 -54.31 -21.81
N CYS D 1678 -91.06 -54.18 -22.97
CA CYS D 1678 -92.49 -53.89 -23.00
C CYS D 1678 -93.34 -55.02 -22.45
N SER D 1679 -92.76 -56.20 -22.24
CA SER D 1679 -93.48 -57.31 -21.62
C SER D 1679 -93.39 -57.29 -20.10
N HIS D 1680 -92.21 -56.99 -19.56
CA HIS D 1680 -92.03 -57.00 -18.11
C HIS D 1680 -92.83 -55.87 -17.45
N VAL D 1681 -92.83 -54.69 -18.06
CA VAL D 1681 -93.64 -53.56 -17.60
C VAL D 1681 -94.66 -53.23 -18.68
N ASP D 1682 -95.89 -52.94 -18.25
CA ASP D 1682 -97.00 -52.77 -19.17
C ASP D 1682 -97.57 -51.35 -19.05
N GLU D 1683 -98.44 -51.02 -20.03
CA GLU D 1683 -99.08 -49.71 -20.03
C GLU D 1683 -99.94 -49.47 -18.80
N PRO D 1684 -100.88 -50.35 -18.41
CA PRO D 1684 -101.64 -50.07 -17.18
C PRO D 1684 -100.78 -50.08 -15.94
N GLN D 1685 -99.73 -50.90 -15.91
CA GLN D 1685 -98.79 -50.88 -14.79
C GLN D 1685 -98.13 -49.52 -14.65
N LEU D 1686 -97.67 -48.95 -15.77
CA LEU D 1686 -97.02 -47.65 -15.74
C LEU D 1686 -98.02 -46.55 -15.36
N LEU D 1687 -99.25 -46.64 -15.86
CA LEU D 1687 -100.26 -45.66 -15.51
C LEU D 1687 -100.58 -45.69 -14.02
N TYR D 1688 -100.73 -46.89 -13.46
CA TYR D 1688 -100.98 -47.02 -12.03
C TYR D 1688 -99.76 -46.59 -11.22
N ALA D 1689 -98.56 -46.84 -11.73
CA ALA D 1689 -97.35 -46.46 -11.01
C ALA D 1689 -97.18 -44.95 -10.93
N ILE D 1690 -97.42 -44.24 -12.05
CA ILE D 1690 -97.37 -42.80 -12.02
C ILE D 1690 -98.59 -42.21 -11.32
N GLU D 1691 -99.66 -42.99 -11.17
CA GLU D 1691 -100.88 -42.50 -10.52
C GLU D 1691 -100.77 -42.51 -9.00
N ASN D 1692 -100.05 -43.47 -8.43
CA ASN D 1692 -100.03 -43.63 -6.98
C ASN D 1692 -99.42 -42.42 -6.29
N LYS D 1693 -100.06 -42.00 -5.19
CA LYS D 1693 -99.59 -40.87 -4.41
C LYS D 1693 -98.73 -41.30 -3.23
N TYR D 1694 -98.86 -42.55 -2.78
CA TYR D 1694 -98.11 -43.05 -1.63
C TYR D 1694 -96.89 -43.87 -2.03
N MET D 1695 -96.53 -43.87 -3.31
CA MET D 1695 -95.36 -44.61 -3.75
C MET D 1695 -94.09 -43.95 -3.21
N PRO D 1696 -93.08 -44.74 -2.85
CA PRO D 1696 -91.79 -44.15 -2.45
C PRO D 1696 -91.17 -43.34 -3.59
N GLY D 1697 -90.41 -42.32 -3.20
CA GLY D 1697 -89.84 -41.42 -4.20
C GLY D 1697 -88.86 -42.09 -5.13
N LEU D 1698 -88.06 -43.02 -4.61
CA LEU D 1698 -87.08 -43.71 -5.43
C LEU D 1698 -87.76 -44.53 -6.53
N LEU D 1699 -88.78 -45.31 -6.15
CA LEU D 1699 -89.51 -46.10 -7.15
C LEU D 1699 -90.26 -45.21 -8.12
N ARG D 1700 -90.77 -44.07 -7.65
CA ARG D 1700 -91.45 -43.13 -8.55
C ARG D 1700 -90.48 -42.59 -9.61
N ALA D 1701 -89.30 -42.15 -9.18
CA ALA D 1701 -88.30 -41.65 -10.12
C ALA D 1701 -87.85 -42.75 -11.08
N GLY D 1702 -87.63 -43.95 -10.56
CA GLY D 1702 -87.23 -45.05 -11.42
C GLY D 1702 -88.27 -45.40 -12.46
N TYR D 1703 -89.55 -45.41 -12.06
CA TYR D 1703 -90.61 -45.74 -13.01
C TYR D 1703 -90.79 -44.64 -14.05
N TYR D 1704 -90.67 -43.37 -13.64
CA TYR D 1704 -90.74 -42.29 -14.61
C TYR D 1704 -89.59 -42.36 -15.61
N ASP D 1705 -88.38 -42.63 -15.13
CA ASP D 1705 -87.24 -42.77 -16.02
C ASP D 1705 -87.41 -43.95 -16.96
N LEU D 1706 -87.96 -45.06 -16.46
CA LEU D 1706 -88.19 -46.22 -17.30
C LEU D 1706 -89.22 -45.93 -18.39
N LEU D 1707 -90.32 -45.28 -18.02
CA LEU D 1707 -91.34 -44.93 -19.01
C LEU D 1707 -90.77 -44.01 -20.08
N ILE D 1708 -90.00 -43.00 -19.66
CA ILE D 1708 -89.43 -42.07 -20.63
C ILE D 1708 -88.43 -42.79 -21.55
N ASP D 1709 -87.56 -43.61 -20.98
CA ASP D 1709 -86.52 -44.24 -21.77
C ASP D 1709 -87.03 -45.37 -22.65
N ILE D 1710 -88.19 -45.95 -22.32
CA ILE D 1710 -88.72 -47.02 -23.16
C ILE D 1710 -89.65 -46.45 -24.23
N HIS D 1711 -90.68 -45.70 -23.80
CA HIS D 1711 -91.73 -45.36 -24.75
C HIS D 1711 -91.43 -44.10 -25.55
N LEU D 1712 -91.00 -43.03 -24.88
CA LEU D 1712 -90.78 -41.74 -25.55
C LEU D 1712 -89.35 -41.28 -25.29
N SER D 1713 -88.42 -41.82 -26.06
CA SER D 1713 -87.01 -41.43 -25.95
C SER D 1713 -86.30 -41.23 -27.28
N SER D 1714 -86.74 -41.85 -28.36
CA SER D 1714 -86.04 -41.73 -29.65
C SER D 1714 -86.49 -40.50 -30.43
N TYR D 1715 -87.81 -40.32 -30.56
CA TYR D 1715 -88.31 -39.16 -31.29
C TYR D 1715 -87.98 -37.86 -30.55
N ALA D 1716 -87.99 -37.88 -29.21
CA ALA D 1716 -87.61 -36.70 -28.46
C ALA D 1716 -86.15 -36.32 -28.72
N THR D 1717 -85.25 -37.32 -28.75
CA THR D 1717 -83.86 -37.03 -29.04
C THR D 1717 -83.68 -36.55 -30.48
N ALA D 1718 -84.42 -37.13 -31.43
CA ALA D 1718 -84.34 -36.67 -32.81
C ALA D 1718 -84.80 -35.23 -32.95
N ARG D 1719 -85.91 -34.88 -32.30
CA ARG D 1719 -86.40 -33.51 -32.35
C ARG D 1719 -85.44 -32.55 -31.67
N LEU D 1720 -84.85 -32.95 -30.55
CA LEU D 1720 -83.86 -32.10 -29.89
C LEU D 1720 -82.62 -31.91 -30.75
N MET D 1721 -82.24 -32.93 -31.52
CA MET D 1721 -81.09 -32.80 -32.41
C MET D 1721 -81.41 -31.88 -33.59
N MET D 1722 -82.61 -31.98 -34.14
CA MET D 1722 -82.97 -31.23 -35.34
C MET D 1722 -83.67 -29.91 -35.03
N ASN D 1723 -83.77 -29.53 -33.76
CA ASN D 1723 -84.41 -28.26 -33.40
C ASN D 1723 -83.65 -27.07 -33.99
N ASN D 1724 -82.32 -27.11 -33.99
CA ASN D 1724 -81.54 -25.96 -34.43
C ASN D 1724 -81.68 -25.71 -35.93
N GLU D 1725 -82.03 -26.72 -36.71
CA GLU D 1725 -82.27 -26.52 -38.13
C GLU D 1725 -83.63 -25.84 -38.35
N PHE D 1726 -83.72 -25.09 -39.44
CA PHE D 1726 -84.90 -24.29 -39.76
C PHE D 1726 -85.29 -24.46 -41.22
N ILE D 1727 -85.39 -25.71 -41.66
CA ILE D 1727 -85.79 -25.99 -43.04
C ILE D 1727 -87.27 -25.66 -43.19
N VAL D 1728 -87.58 -24.72 -44.08
CA VAL D 1728 -88.94 -24.25 -44.31
C VAL D 1728 -89.27 -24.47 -45.78
N PRO D 1729 -90.35 -25.17 -46.11
CA PRO D 1729 -90.76 -25.35 -47.50
C PRO D 1729 -91.51 -24.13 -48.01
N MET D 1730 -91.94 -24.20 -49.26
CA MET D 1730 -92.69 -23.13 -49.91
C MET D 1730 -94.13 -23.59 -50.12
N THR D 1731 -95.05 -23.03 -49.35
CA THR D 1731 -96.46 -23.33 -49.46
C THR D 1731 -97.25 -22.06 -49.18
N GLU D 1732 -98.49 -22.03 -49.65
CA GLU D 1732 -99.34 -20.86 -49.44
C GLU D 1732 -99.58 -20.59 -47.95
N GLU D 1733 -99.55 -21.62 -47.12
CA GLU D 1733 -99.66 -21.43 -45.68
C GLU D 1733 -98.38 -20.89 -45.05
N THR D 1734 -97.23 -21.15 -45.68
CA THR D 1734 -95.96 -20.64 -45.14
C THR D 1734 -95.89 -19.12 -45.25
N LYS D 1735 -96.32 -18.57 -46.38
CA LYS D 1735 -96.30 -17.12 -46.56
C LYS D 1735 -97.53 -16.44 -45.97
N SER D 1736 -98.48 -17.20 -45.46
CA SER D 1736 -99.67 -16.63 -44.81
C SER D 1736 -99.44 -16.29 -43.36
N ILE D 1737 -98.28 -16.62 -42.79
CA ILE D 1737 -98.01 -16.33 -41.39
C ILE D 1737 -97.61 -14.87 -41.23
N THR D 1738 -97.92 -14.31 -40.06
CA THR D 1738 -97.57 -12.95 -39.71
C THR D 1738 -96.67 -12.96 -38.48
N LEU D 1739 -95.79 -11.96 -38.39
CA LEU D 1739 -94.90 -11.86 -37.24
C LEU D 1739 -95.68 -11.62 -35.96
N PHE D 1740 -96.62 -10.69 -35.99
CA PHE D 1740 -97.53 -10.42 -34.89
C PHE D 1740 -98.91 -10.95 -35.21
N PRO D 1741 -99.68 -11.38 -34.19
CA PRO D 1741 -101.00 -11.97 -34.45
C PRO D 1741 -101.98 -11.00 -35.11
N ASP D 1742 -102.16 -9.83 -34.50
CA ASP D 1742 -103.10 -8.84 -35.02
C ASP D 1742 -102.51 -7.45 -34.80
N GLU D 1743 -103.34 -6.43 -34.99
CA GLU D 1743 -102.88 -5.05 -34.79
C GLU D 1743 -102.70 -4.70 -33.32
N ASN D 1744 -103.25 -5.51 -32.41
CA ASN D 1744 -102.97 -5.30 -30.99
C ASN D 1744 -101.49 -5.50 -30.70
N LYS D 1745 -100.94 -6.65 -31.11
CA LYS D 1745 -99.49 -6.89 -31.17
C LYS D 1745 -98.81 -6.64 -29.83
N LYS D 1746 -99.36 -7.25 -28.77
CA LYS D 1746 -98.80 -7.03 -27.44
C LYS D 1746 -97.57 -7.91 -27.20
N HIS D 1747 -97.78 -9.22 -27.10
CA HIS D 1747 -96.66 -10.14 -26.98
C HIS D 1747 -96.83 -11.35 -27.89
N GLY D 1748 -98.05 -11.85 -28.01
CA GLY D 1748 -98.30 -13.09 -28.73
C GLY D 1748 -97.92 -14.31 -27.91
N LEU D 1749 -98.75 -15.34 -27.96
CA LEU D 1749 -98.43 -16.57 -27.24
C LEU D 1749 -97.31 -17.31 -27.96
N PRO D 1750 -96.27 -17.77 -27.24
CA PRO D 1750 -95.10 -18.37 -27.91
C PRO D 1750 -95.43 -19.68 -28.62
N GLY D 1751 -96.03 -20.64 -27.90
CA GLY D 1751 -96.34 -21.92 -28.50
C GLY D 1751 -97.58 -21.94 -29.37
N ILE D 1752 -98.50 -21.01 -29.16
CA ILE D 1752 -99.74 -20.95 -29.93
C ILE D 1752 -99.48 -20.23 -31.24
N GLY D 1753 -99.95 -20.82 -32.33
CA GLY D 1753 -99.76 -20.23 -33.65
C GLY D 1753 -99.76 -21.27 -34.75
N LEU D 1754 -99.07 -20.98 -35.85
CA LEU D 1754 -98.95 -21.90 -36.97
C LEU D 1754 -97.48 -22.14 -37.26
N SER D 1755 -97.11 -23.42 -37.37
CA SER D 1755 -95.74 -23.81 -37.67
C SER D 1755 -95.73 -24.66 -38.93
N THR D 1756 -94.67 -24.52 -39.72
CA THR D 1756 -94.56 -25.24 -40.99
C THR D 1756 -93.17 -25.80 -41.24
N SER D 1757 -92.29 -25.80 -40.25
CA SER D 1757 -90.95 -26.34 -40.43
C SER D 1757 -90.99 -27.85 -40.64
N LEU D 1758 -90.04 -28.36 -41.41
CA LEU D 1758 -89.97 -29.79 -41.71
C LEU D 1758 -89.48 -30.56 -40.49
N ARG D 1759 -90.40 -31.06 -39.69
CA ARG D 1759 -90.09 -31.84 -38.50
C ARG D 1759 -89.92 -33.32 -38.84
N PRO D 1760 -89.16 -34.07 -38.04
CA PRO D 1760 -89.05 -35.51 -38.28
C PRO D 1760 -90.38 -36.22 -38.10
N ARG D 1761 -90.47 -37.40 -38.70
CA ARG D 1761 -91.74 -38.12 -38.80
C ARG D 1761 -92.06 -38.85 -37.50
N MET D 1762 -93.26 -38.62 -36.98
CA MET D 1762 -93.80 -39.39 -35.87
C MET D 1762 -94.37 -40.71 -36.39
N ARG D 1763 -93.85 -41.83 -35.87
CA ARG D 1763 -94.39 -43.14 -36.23
C ARG D 1763 -94.02 -44.13 -35.14
N PHE D 1764 -95.02 -44.60 -34.40
CA PHE D 1764 -94.83 -45.64 -33.40
C PHE D 1764 -95.24 -46.99 -34.01
N SER D 1765 -95.35 -48.00 -33.18
CA SER D 1765 -95.67 -49.34 -33.65
C SER D 1765 -96.51 -50.05 -32.60
N SER D 1766 -96.60 -51.37 -32.69
CA SER D 1766 -97.33 -52.22 -31.77
C SER D 1766 -96.46 -53.37 -31.32
N PRO D 1767 -96.63 -53.86 -30.07
CA PRO D 1767 -95.73 -54.91 -29.58
C PRO D 1767 -96.06 -56.28 -30.14
N SER D 1768 -97.36 -56.59 -30.26
CA SER D 1768 -97.87 -57.81 -30.89
C SER D 1768 -97.39 -59.07 -30.17
N PHE D 1769 -96.07 -59.33 -30.25
CA PHE D 1769 -95.35 -60.43 -29.62
C PHE D 1769 -95.64 -61.76 -30.30
N VAL D 1770 -96.61 -61.81 -31.20
CA VAL D 1770 -96.77 -62.94 -32.11
C VAL D 1770 -96.92 -62.39 -33.53
N SER D 1771 -95.80 -62.16 -34.19
CA SER D 1771 -95.76 -61.55 -35.53
C SER D 1771 -94.33 -61.68 -36.06
N ILE D 1772 -94.06 -60.99 -37.16
CA ILE D 1772 -92.72 -60.91 -37.75
C ILE D 1772 -92.36 -59.44 -37.90
N SER D 1773 -91.07 -59.14 -37.80
CA SER D 1773 -90.52 -57.80 -37.96
C SER D 1773 -91.01 -56.86 -36.86
N ASN D 1774 -91.29 -55.61 -37.23
CA ASN D 1774 -91.70 -54.52 -36.36
C ASN D 1774 -90.61 -54.12 -35.37
N ASP D 1775 -89.39 -54.62 -35.53
CA ASP D 1775 -88.31 -54.30 -34.61
C ASP D 1775 -87.29 -53.33 -35.21
N CYS D 1776 -87.03 -53.43 -36.51
CA CYS D 1776 -85.92 -52.68 -37.13
C CYS D 1776 -86.08 -51.18 -36.94
N TYR D 1777 -87.31 -50.69 -37.05
CA TYR D 1777 -87.61 -49.28 -36.81
C TYR D 1777 -88.89 -49.22 -36.00
N GLN D 1778 -89.40 -48.01 -35.77
CA GLN D 1778 -90.66 -47.77 -35.07
C GLN D 1778 -90.62 -48.41 -33.67
N TYR D 1779 -89.85 -47.77 -32.81
CA TYR D 1779 -89.55 -48.27 -31.47
C TYR D 1779 -90.79 -48.42 -30.61
N SER D 1780 -90.59 -48.82 -29.33
CA SER D 1780 -91.56 -49.36 -28.38
C SER D 1780 -92.94 -48.72 -28.52
N PRO D 1781 -94.01 -49.53 -28.47
CA PRO D 1781 -95.30 -49.09 -28.99
C PRO D 1781 -95.87 -47.86 -28.29
N GLU D 1782 -96.83 -47.25 -28.95
CA GLU D 1782 -97.38 -45.98 -28.49
C GLU D 1782 -98.19 -46.16 -27.22
N PHE D 1783 -97.55 -45.96 -26.08
CA PHE D 1783 -98.28 -45.81 -24.83
C PHE D 1783 -99.22 -44.62 -24.98
N PRO D 1784 -100.52 -44.78 -24.70
CA PRO D 1784 -101.52 -43.85 -25.24
C PRO D 1784 -101.27 -42.40 -24.85
N LEU D 1785 -101.50 -41.51 -25.81
CA LEU D 1785 -101.08 -40.12 -25.73
C LEU D 1785 -102.18 -39.19 -25.23
N ASP D 1786 -103.45 -39.48 -25.53
CA ASP D 1786 -104.53 -38.62 -25.07
C ASP D 1786 -104.74 -38.74 -23.57
N ILE D 1787 -104.75 -39.98 -23.05
CA ILE D 1787 -104.90 -40.19 -21.62
C ILE D 1787 -103.70 -39.64 -20.88
N LEU D 1788 -102.50 -39.76 -21.46
CA LEU D 1788 -101.32 -39.14 -20.86
C LEU D 1788 -101.45 -37.63 -20.84
N LYS D 1789 -101.93 -37.05 -21.94
CA LYS D 1789 -102.10 -35.60 -22.02
C LYS D 1789 -103.06 -35.09 -20.95
N ALA D 1790 -104.16 -35.80 -20.74
CA ALA D 1790 -105.12 -35.40 -19.71
C ALA D 1790 -104.55 -35.59 -18.31
N LYS D 1791 -103.99 -36.79 -18.04
CA LYS D 1791 -103.59 -37.12 -16.68
C LYS D 1791 -102.39 -36.30 -16.22
N THR D 1792 -101.45 -36.02 -17.13
CA THR D 1792 -100.27 -35.25 -16.76
C THR D 1792 -100.65 -33.86 -16.28
N ILE D 1793 -101.50 -33.16 -17.04
CA ILE D 1793 -101.90 -31.82 -16.62
C ILE D 1793 -102.79 -31.88 -15.39
N GLN D 1794 -103.63 -32.92 -15.25
CA GLN D 1794 -104.48 -33.02 -14.07
C GLN D 1794 -103.65 -33.14 -12.80
N MET D 1795 -102.72 -34.11 -12.77
CA MET D 1795 -101.98 -34.25 -11.53
C MET D 1795 -100.82 -33.26 -11.43
N LEU D 1796 -100.51 -32.53 -12.50
CA LEU D 1796 -99.63 -31.37 -12.37
C LEU D 1796 -100.36 -30.21 -11.68
N THR D 1797 -101.64 -30.02 -12.00
CA THR D 1797 -102.45 -29.07 -11.23
C THR D 1797 -102.54 -29.50 -9.78
N GLU D 1798 -102.72 -30.80 -9.54
CA GLU D 1798 -102.72 -31.31 -8.17
C GLU D 1798 -101.39 -31.03 -7.47
N ALA D 1799 -100.27 -31.25 -8.16
CA ALA D 1799 -98.96 -31.05 -7.56
C ALA D 1799 -98.70 -29.58 -7.26
N VAL D 1800 -99.07 -28.68 -8.17
CA VAL D 1800 -98.84 -27.26 -7.90
C VAL D 1800 -99.78 -26.76 -6.79
N LYS D 1801 -100.99 -27.33 -6.69
CA LYS D 1801 -101.86 -27.00 -5.57
C LYS D 1801 -101.25 -27.46 -4.25
N GLU D 1802 -100.69 -28.66 -4.24
CA GLU D 1802 -100.04 -29.16 -3.02
C GLU D 1802 -98.83 -28.31 -2.65
N GLY D 1803 -98.05 -27.91 -3.65
CA GLY D 1803 -96.89 -27.07 -3.38
C GLY D 1803 -97.27 -25.69 -2.87
N SER D 1804 -98.32 -25.10 -3.44
CA SER D 1804 -98.81 -23.83 -2.94
C SER D 1804 -99.38 -23.96 -1.53
N LEU D 1805 -99.97 -25.12 -1.21
CA LEU D 1805 -100.47 -25.34 0.13
C LEU D 1805 -99.36 -25.56 1.14
N HIS D 1806 -98.15 -25.87 0.68
CA HIS D 1806 -96.97 -26.08 1.53
C HIS D 1806 -97.23 -27.19 2.56
N ALA D 1807 -97.48 -28.39 2.04
CA ALA D 1807 -97.74 -29.54 2.90
C ALA D 1807 -96.42 -30.12 3.41
N ARG D 1808 -96.53 -30.92 4.47
CA ARG D 1808 -95.39 -31.59 5.07
C ARG D 1808 -95.24 -33.02 4.58
N ASP D 1809 -96.06 -33.45 3.61
CA ASP D 1809 -96.01 -34.81 3.09
C ASP D 1809 -96.20 -34.78 1.59
N PRO D 1810 -95.10 -34.70 0.82
CA PRO D 1810 -95.20 -34.80 -0.64
C PRO D 1810 -95.56 -36.19 -1.12
N VAL D 1811 -95.60 -36.38 -2.43
CA VAL D 1811 -95.97 -37.69 -2.98
C VAL D 1811 -94.91 -38.73 -2.65
N GLY D 1812 -93.65 -38.42 -2.89
CA GLY D 1812 -92.57 -39.33 -2.55
C GLY D 1812 -91.98 -39.04 -1.19
N GLY D 1813 -90.71 -38.67 -1.17
CA GLY D 1813 -90.07 -38.25 0.07
C GLY D 1813 -90.10 -36.74 0.19
N THR D 1814 -88.98 -36.09 -0.09
CA THR D 1814 -88.96 -34.64 -0.18
C THR D 1814 -89.68 -34.19 -1.45
N THR D 1815 -89.78 -32.87 -1.62
CA THR D 1815 -90.47 -32.31 -2.78
C THR D 1815 -89.72 -32.56 -4.08
N GLU D 1816 -88.44 -32.93 -4.00
CA GLU D 1816 -87.68 -33.23 -5.21
C GLU D 1816 -88.25 -34.44 -5.93
N PHE D 1817 -88.52 -35.51 -5.19
CA PHE D 1817 -89.14 -36.69 -5.79
C PHE D 1817 -90.56 -36.40 -6.28
N LEU D 1818 -91.22 -35.41 -5.70
CA LEU D 1818 -92.56 -35.04 -6.17
C LEU D 1818 -92.49 -34.28 -7.48
N PHE D 1819 -91.53 -33.37 -7.64
CA PHE D 1819 -91.54 -32.44 -8.75
C PHE D 1819 -90.65 -32.85 -9.93
N VAL D 1820 -89.45 -33.38 -9.66
CA VAL D 1820 -88.49 -33.59 -10.74
C VAL D 1820 -88.98 -34.55 -11.81
N PRO D 1821 -89.48 -35.76 -11.48
CA PRO D 1821 -90.01 -36.63 -12.56
C PRO D 1821 -91.19 -36.02 -13.30
N LEU D 1822 -92.05 -35.29 -12.60
CA LEU D 1822 -93.19 -34.66 -13.25
C LEU D 1822 -92.75 -33.63 -14.28
N ILE D 1823 -91.84 -32.72 -13.89
CA ILE D 1823 -91.39 -31.69 -14.81
C ILE D 1823 -90.57 -32.32 -15.93
N LYS D 1824 -89.85 -33.41 -15.64
CA LYS D 1824 -89.11 -34.11 -16.70
C LYS D 1824 -90.05 -34.68 -17.75
N LEU D 1825 -91.10 -35.37 -17.31
CA LEU D 1825 -92.08 -35.92 -18.25
C LEU D 1825 -92.78 -34.81 -19.02
N PHE D 1826 -93.11 -33.72 -18.34
CA PHE D 1826 -93.74 -32.57 -18.99
C PHE D 1826 -92.85 -31.98 -20.07
N TYR D 1827 -91.55 -31.81 -19.76
CA TYR D 1827 -90.62 -31.26 -20.73
C TYR D 1827 -90.44 -32.19 -21.92
N THR D 1828 -90.35 -33.50 -21.66
CA THR D 1828 -90.22 -34.45 -22.76
C THR D 1828 -91.44 -34.43 -23.66
N LEU D 1829 -92.64 -34.39 -23.07
CA LEU D 1829 -93.86 -34.30 -23.86
C LEU D 1829 -93.94 -33.01 -24.65
N LEU D 1830 -93.47 -31.90 -24.05
CA LEU D 1830 -93.51 -30.62 -24.75
C LEU D 1830 -92.56 -30.60 -25.93
N ILE D 1831 -91.33 -31.09 -25.73
CA ILE D 1831 -90.38 -31.10 -26.83
C ILE D 1831 -90.76 -32.14 -27.88
N MET D 1832 -91.60 -33.11 -27.54
CA MET D 1832 -92.18 -33.97 -28.57
C MET D 1832 -93.18 -33.23 -29.44
N GLY D 1833 -93.75 -32.14 -28.94
CA GLY D 1833 -94.74 -31.38 -29.69
C GLY D 1833 -96.16 -31.89 -29.59
N ILE D 1834 -96.44 -32.80 -28.66
CA ILE D 1834 -97.80 -33.32 -28.51
C ILE D 1834 -98.72 -32.24 -27.94
N PHE D 1835 -98.23 -31.47 -26.97
CA PHE D 1835 -99.02 -30.38 -26.41
C PHE D 1835 -99.20 -29.27 -27.42
N HIS D 1836 -100.45 -28.86 -27.64
CA HIS D 1836 -100.76 -27.78 -28.58
C HIS D 1836 -102.19 -27.33 -28.33
N ASN D 1837 -102.52 -26.18 -28.92
CA ASN D 1837 -103.88 -25.64 -29.01
C ASN D 1837 -104.40 -25.37 -27.60
N GLU D 1838 -105.61 -25.82 -27.24
CA GLU D 1838 -106.20 -25.47 -25.95
C GLU D 1838 -105.42 -26.08 -24.79
N ASP D 1839 -104.82 -27.25 -24.99
CA ASP D 1839 -103.99 -27.84 -23.94
C ASP D 1839 -102.80 -26.94 -23.62
N LEU D 1840 -102.13 -26.43 -24.66
CA LEU D 1840 -101.00 -25.53 -24.43
C LEU D 1840 -101.46 -24.19 -23.86
N LYS D 1841 -102.65 -23.72 -24.26
CA LYS D 1841 -103.20 -22.51 -23.66
C LYS D 1841 -103.46 -22.69 -22.18
N HIS D 1842 -104.01 -23.86 -21.80
CA HIS D 1842 -104.22 -24.17 -20.39
C HIS D 1842 -102.89 -24.27 -19.64
N ILE D 1843 -101.87 -24.84 -20.30
CA ILE D 1843 -100.55 -24.94 -19.68
C ILE D 1843 -99.99 -23.54 -19.41
N LEU D 1844 -100.11 -22.64 -20.38
CA LEU D 1844 -99.64 -21.27 -20.19
C LEU D 1844 -100.43 -20.56 -19.11
N GLN D 1845 -101.74 -20.78 -19.06
CA GLN D 1845 -102.55 -20.22 -17.99
C GLN D 1845 -102.16 -20.79 -16.63
N LEU D 1846 -101.60 -21.99 -16.61
CA LEU D 1846 -101.20 -22.63 -15.37
C LEU D 1846 -99.84 -22.19 -14.87
N ILE D 1847 -98.89 -21.93 -15.78
CA ILE D 1847 -97.51 -21.69 -15.37
C ILE D 1847 -97.08 -20.26 -15.70
N GLU D 1848 -98.01 -19.31 -15.59
CA GLU D 1848 -97.63 -17.91 -15.79
C GLU D 1848 -98.22 -16.97 -14.74
N PRO D 1849 -99.53 -16.60 -14.82
CA PRO D 1849 -100.15 -15.40 -14.24
C PRO D 1849 -99.23 -14.39 -13.56
N GLY D 1891 -98.62 -19.01 -11.78
CA GLY D 1891 -97.59 -19.98 -12.10
C GLY D 1891 -96.85 -20.50 -10.88
N LEU D 1892 -96.10 -21.59 -11.07
CA LEU D 1892 -95.32 -22.16 -9.99
C LEU D 1892 -93.96 -21.49 -9.80
N LEU D 1893 -93.57 -20.61 -10.72
CA LEU D 1893 -92.28 -19.93 -10.60
C LEU D 1893 -92.25 -19.01 -9.39
N GLN D 1894 -93.40 -18.47 -8.99
CA GLN D 1894 -93.46 -17.60 -7.82
C GLN D 1894 -93.23 -18.38 -6.52
N MET D 1895 -93.39 -19.69 -6.54
CA MET D 1895 -93.20 -20.52 -5.35
C MET D 1895 -91.71 -20.78 -5.15
N LYS D 1896 -91.39 -21.60 -4.15
CA LYS D 1896 -90.01 -21.95 -3.83
C LYS D 1896 -89.71 -23.35 -4.36
N LEU D 1897 -88.62 -23.48 -5.12
CA LEU D 1897 -88.25 -24.71 -5.78
C LEU D 1897 -86.82 -25.08 -5.45
N PRO D 1898 -86.49 -26.36 -5.45
CA PRO D 1898 -85.10 -26.79 -5.27
C PRO D 1898 -84.33 -26.68 -6.59
N GLU D 1899 -83.06 -27.07 -6.53
CA GLU D 1899 -82.15 -26.87 -7.66
C GLU D 1899 -82.55 -27.65 -8.92
N PRO D 1900 -82.82 -28.96 -8.89
CA PRO D 1900 -83.16 -29.65 -10.15
C PRO D 1900 -84.45 -29.14 -10.78
N VAL D 1901 -85.43 -28.74 -9.96
CA VAL D 1901 -86.65 -28.14 -10.50
C VAL D 1901 -86.33 -26.84 -11.22
N LYS D 1902 -85.44 -26.04 -10.65
CA LYS D 1902 -85.00 -24.81 -11.32
C LYS D 1902 -84.33 -25.13 -12.65
N LEU D 1903 -83.49 -26.17 -12.68
CA LEU D 1903 -82.84 -26.56 -13.92
C LEU D 1903 -83.85 -26.97 -14.99
N GLN D 1904 -84.86 -27.76 -14.60
CA GLN D 1904 -85.86 -28.20 -15.56
C GLN D 1904 -86.73 -27.04 -16.05
N MET D 1905 -87.06 -26.09 -15.17
CA MET D 1905 -87.80 -24.91 -15.60
C MET D 1905 -86.96 -24.05 -16.55
N CYS D 1906 -85.65 -23.95 -16.29
CA CYS D 1906 -84.77 -23.23 -17.21
C CYS D 1906 -84.76 -23.91 -18.58
N LEU D 1907 -84.74 -25.24 -18.60
CA LEU D 1907 -84.82 -25.96 -19.87
C LEU D 1907 -86.15 -25.68 -20.58
N LEU D 1908 -87.25 -25.64 -19.82
CA LEU D 1908 -88.56 -25.36 -20.42
C LEU D 1908 -88.59 -23.96 -21.03
N LEU D 1909 -88.03 -22.97 -20.33
CA LEU D 1909 -87.97 -21.61 -20.86
C LEU D 1909 -87.08 -21.54 -22.08
N GLN D 1910 -85.99 -22.31 -22.10
CA GLN D 1910 -85.16 -22.40 -23.29
C GLN D 1910 -85.95 -22.93 -24.48
N TYR D 1911 -86.76 -23.97 -24.26
CA TYR D 1911 -87.58 -24.50 -25.33
C TYR D 1911 -88.59 -23.46 -25.83
N LEU D 1912 -89.20 -22.72 -24.90
CA LEU D 1912 -90.15 -21.67 -25.29
C LEU D 1912 -89.47 -20.61 -26.14
N CYS D 1913 -88.26 -20.19 -25.75
CA CYS D 1913 -87.54 -19.19 -26.53
C CYS D 1913 -87.14 -19.74 -27.90
N ASP D 1914 -86.80 -21.03 -27.96
CA ASP D 1914 -86.51 -21.64 -29.25
C ASP D 1914 -87.74 -21.63 -30.17
N CYS D 1915 -88.91 -21.91 -29.61
CA CYS D 1915 -90.14 -21.84 -30.39
C CYS D 1915 -90.40 -20.43 -30.90
N GLN D 1916 -90.17 -19.43 -30.04
CA GLN D 1916 -90.34 -18.04 -30.47
C GLN D 1916 -89.38 -17.68 -31.59
N VAL D 1917 -88.13 -18.13 -31.49
CA VAL D 1917 -87.14 -17.88 -32.54
C VAL D 1917 -87.57 -18.54 -33.85
N ARG D 1918 -88.13 -19.75 -33.75
CA ARG D 1918 -88.63 -20.43 -34.95
C ARG D 1918 -89.76 -19.64 -35.60
N HIS D 1919 -90.66 -19.09 -34.77
CA HIS D 1919 -91.74 -18.25 -35.32
C HIS D 1919 -91.19 -17.02 -36.03
N ARG D 1920 -90.19 -16.38 -35.43
CA ARG D 1920 -89.55 -15.23 -36.08
C ARG D 1920 -88.92 -15.63 -37.42
N ILE D 1921 -88.27 -16.80 -37.45
CA ILE D 1921 -87.64 -17.27 -38.67
C ILE D 1921 -88.68 -17.52 -39.75
N GLU D 1922 -89.83 -18.09 -39.39
CA GLU D 1922 -90.88 -18.32 -40.37
C GLU D 1922 -91.44 -17.01 -40.90
N ALA D 1923 -91.60 -16.01 -40.04
CA ALA D 1923 -92.03 -14.69 -40.52
C ALA D 1923 -91.02 -14.09 -41.48
N ILE D 1924 -89.73 -14.23 -41.16
CA ILE D 1924 -88.67 -13.76 -42.06
C ILE D 1924 -88.75 -14.48 -43.40
N VAL D 1925 -89.04 -15.78 -43.37
CA VAL D 1925 -89.16 -16.56 -44.60
C VAL D 1925 -90.31 -16.04 -45.46
N ALA D 1926 -91.45 -15.74 -44.83
CA ALA D 1926 -92.59 -15.20 -45.59
C ALA D 1926 -92.23 -13.85 -46.21
N PHE D 1927 -91.60 -12.97 -45.44
CA PHE D 1927 -91.21 -11.66 -45.98
C PHE D 1927 -90.22 -11.81 -47.13
N SER D 1928 -89.24 -12.67 -46.98
CA SER D 1928 -88.21 -12.88 -47.99
C SER D 1928 -88.70 -13.75 -49.13
N ASP D 1929 -89.92 -14.28 -49.04
CA ASP D 1929 -90.59 -14.88 -50.18
C ASP D 1929 -91.39 -13.87 -51.00
N ASP D 1930 -92.03 -12.91 -50.33
CA ASP D 1930 -92.79 -11.91 -51.07
C ASP D 1930 -91.87 -10.84 -51.68
N PHE D 1931 -90.96 -10.29 -50.86
CA PHE D 1931 -90.12 -9.19 -51.29
C PHE D 1931 -89.11 -9.63 -52.35
N VAL D 1932 -88.71 -10.90 -52.34
CA VAL D 1932 -87.78 -11.37 -53.38
C VAL D 1932 -88.45 -11.34 -54.74
N ALA D 1933 -89.74 -11.70 -54.81
CA ALA D 1933 -90.46 -11.65 -56.07
C ALA D 1933 -90.70 -10.21 -56.50
N LYS D 1934 -91.04 -9.34 -55.53
CA LYS D 1934 -91.24 -7.93 -55.88
C LYS D 1934 -89.97 -7.31 -56.45
N LEU D 1935 -88.83 -7.54 -55.79
CA LEU D 1935 -87.57 -7.03 -56.32
C LEU D 1935 -87.13 -7.76 -57.59
N GLN D 1936 -87.53 -9.01 -57.78
CA GLN D 1936 -87.24 -9.69 -59.03
C GLN D 1936 -87.95 -9.01 -60.19
N ASP D 1937 -89.21 -8.62 -60.01
CA ASP D 1937 -89.89 -7.84 -61.04
C ASP D 1937 -89.23 -6.49 -61.23
N ASN D 1938 -88.91 -5.79 -60.13
CA ASN D 1938 -88.31 -4.46 -60.23
C ASN D 1938 -86.91 -4.49 -60.81
N GLN D 1939 -86.25 -5.64 -60.82
CA GLN D 1939 -84.95 -5.77 -61.47
C GLN D 1939 -85.07 -6.29 -62.90
N ARG D 1940 -86.10 -7.08 -63.19
CA ARG D 1940 -86.27 -7.60 -64.54
C ARG D 1940 -86.79 -6.52 -65.48
N PHE D 1941 -87.65 -5.63 -64.99
CA PHE D 1941 -88.19 -4.60 -65.88
C PHE D 1941 -87.14 -3.57 -66.24
N ARG D 1942 -86.22 -3.27 -65.32
CA ARG D 1942 -85.16 -2.29 -65.56
C ARG D 1942 -83.86 -2.96 -65.99
N TYR D 1943 -83.91 -3.70 -67.09
CA TYR D 1943 -82.73 -4.43 -67.55
C TYR D 1943 -81.73 -3.49 -68.23
N ASN D 1944 -82.22 -2.67 -69.16
CA ASN D 1944 -81.36 -1.67 -69.81
C ASN D 1944 -82.11 -0.36 -70.04
N GLU D 1945 -83.26 -0.18 -69.42
CA GLU D 1945 -84.08 1.00 -69.64
C GLU D 1945 -84.22 1.82 -68.36
N LEU D 1995 -71.45 5.67 -73.74
CA LEU D 1995 -72.12 4.44 -73.32
C LEU D 1995 -73.21 4.73 -72.29
N LEU D 1996 -73.70 3.69 -71.62
CA LEU D 1996 -74.80 3.83 -70.68
C LEU D 1996 -74.30 4.41 -69.36
N ASP D 1997 -75.13 4.36 -68.32
CA ASP D 1997 -74.74 4.81 -66.99
C ASP D 1997 -73.82 3.75 -66.38
N PHE D 1998 -72.55 3.82 -66.79
CA PHE D 1998 -71.51 2.87 -66.38
C PHE D 1998 -71.85 1.43 -66.76
N HIS D 1999 -72.73 1.25 -67.74
CA HIS D 1999 -73.25 -0.05 -68.16
C HIS D 1999 -73.89 -0.82 -67.01
N GLU D 2000 -74.25 -0.12 -65.93
CA GLU D 2000 -74.76 -0.71 -64.68
C GLU D 2000 -73.81 -1.74 -64.09
N ASP D 2001 -72.54 -1.73 -64.52
CA ASP D 2001 -71.53 -2.71 -64.11
C ASP D 2001 -72.00 -4.14 -64.36
N LEU D 2002 -72.83 -4.33 -65.39
CA LEU D 2002 -73.40 -5.63 -65.76
C LEU D 2002 -74.18 -6.27 -64.62
N MET D 2003 -74.67 -5.45 -63.68
CA MET D 2003 -75.41 -5.97 -62.55
C MET D 2003 -76.77 -6.54 -62.94
N THR D 2004 -77.27 -6.20 -64.13
CA THR D 2004 -78.54 -6.75 -64.59
C THR D 2004 -78.43 -8.24 -64.87
N HIS D 2005 -77.43 -8.65 -65.65
CA HIS D 2005 -77.31 -10.04 -66.09
C HIS D 2005 -76.07 -10.72 -65.54
N CYS D 2006 -74.89 -10.12 -65.71
CA CYS D 2006 -73.65 -10.71 -65.25
C CYS D 2006 -73.34 -10.39 -63.81
N GLY D 2007 -74.20 -9.62 -63.14
CA GLY D 2007 -74.00 -9.27 -61.76
C GLY D 2007 -75.26 -9.37 -60.92
N ILE D 2008 -76.12 -10.36 -61.23
CA ILE D 2008 -77.39 -10.53 -60.52
C ILE D 2008 -77.25 -11.43 -59.29
N GLU D 2009 -76.03 -11.90 -58.99
CA GLU D 2009 -75.79 -12.86 -57.93
C GLU D 2009 -75.77 -12.22 -56.54
N LEU D 2010 -75.16 -12.93 -55.59
CA LEU D 2010 -74.98 -12.39 -54.24
C LEU D 2010 -74.29 -11.04 -54.24
N ASP D 2011 -73.52 -10.72 -55.28
CA ASP D 2011 -73.01 -9.37 -55.44
C ASP D 2011 -74.15 -8.36 -55.58
N GLU D 2012 -75.17 -8.69 -56.38
CA GLU D 2012 -76.35 -7.85 -56.46
C GLU D 2012 -77.10 -7.84 -55.13
N ASP D 2013 -77.20 -9.00 -54.48
CA ASP D 2013 -77.95 -9.07 -53.23
C ASP D 2013 -77.34 -8.18 -52.16
N GLY D 2014 -76.00 -8.16 -52.07
CA GLY D 2014 -75.35 -7.19 -51.22
C GLY D 2014 -75.51 -5.77 -51.71
N SER D 2015 -75.50 -5.58 -53.03
CA SER D 2015 -75.65 -4.25 -53.62
C SER D 2015 -77.10 -3.76 -53.54
N LEU D 2016 -78.07 -4.66 -53.68
CA LEU D 2016 -79.48 -4.27 -53.62
C LEU D 2016 -79.95 -4.16 -52.18
N ASP D 2017 -79.27 -3.35 -51.38
CA ASP D 2017 -79.64 -3.16 -49.99
C ASP D 2017 -80.79 -2.16 -49.87
N GLY D 2018 -81.34 -2.06 -48.66
CA GLY D 2018 -82.41 -1.14 -48.39
C GLY D 2018 -81.99 0.26 -48.03
N SER D 2019 -80.71 0.60 -48.23
CA SER D 2019 -80.25 1.94 -47.87
C SER D 2019 -80.78 2.99 -48.83
N ASN D 2020 -80.44 2.88 -50.12
CA ASN D 2020 -80.91 3.84 -51.11
C ASN D 2020 -81.06 3.13 -52.46
N ASP D 2021 -82.28 2.65 -52.72
CA ASP D 2021 -82.59 2.06 -54.02
C ASP D 2021 -84.10 2.00 -54.17
N LEU D 2022 -84.63 2.73 -55.15
CA LEU D 2022 -86.07 2.77 -55.47
C LEU D 2022 -86.93 3.12 -54.26
N THR D 2023 -88.22 2.82 -54.35
CA THR D 2023 -89.16 3.00 -53.25
C THR D 2023 -89.54 1.68 -52.59
N ILE D 2024 -88.91 0.57 -52.98
CA ILE D 2024 -89.23 -0.73 -52.41
C ILE D 2024 -88.73 -0.84 -50.97
N ARG D 2025 -87.75 -0.02 -50.58
CA ARG D 2025 -87.13 -0.12 -49.26
C ARG D 2025 -88.06 0.31 -48.13
N GLY D 2026 -89.23 0.88 -48.43
CA GLY D 2026 -90.15 1.23 -47.37
C GLY D 2026 -90.62 0.02 -46.58
N ARG D 2027 -91.04 -1.03 -47.29
CA ARG D 2027 -91.44 -2.27 -46.61
C ARG D 2027 -90.26 -2.93 -45.92
N LEU D 2028 -89.07 -2.83 -46.50
CA LEU D 2028 -87.88 -3.37 -45.85
C LEU D 2028 -87.64 -2.71 -44.50
N LEU D 2029 -87.68 -1.38 -44.47
CA LEU D 2029 -87.50 -0.66 -43.21
C LEU D 2029 -88.63 -0.95 -42.23
N ASP D 2030 -89.86 -1.04 -42.74
CA ASP D 2030 -91.01 -1.32 -41.88
C ASP D 2030 -90.85 -2.67 -41.19
N LEU D 2031 -90.47 -3.70 -41.94
CA LEU D 2031 -90.31 -5.02 -41.33
C LEU D 2031 -89.03 -5.13 -40.51
N VAL D 2032 -87.98 -4.36 -40.84
CA VAL D 2032 -86.82 -4.31 -39.95
C VAL D 2032 -87.24 -3.77 -38.59
N GLU D 2033 -88.04 -2.70 -38.57
CA GLU D 2033 -88.58 -2.21 -37.31
C GLU D 2033 -89.48 -3.24 -36.63
N LYS D 2034 -90.31 -3.93 -37.42
CA LYS D 2034 -91.22 -4.92 -36.86
C LYS D 2034 -90.47 -6.05 -36.16
N VAL D 2035 -89.40 -6.55 -36.79
CA VAL D 2035 -88.56 -7.56 -36.17
C VAL D 2035 -87.85 -6.97 -34.96
N THR D 2036 -87.25 -5.80 -35.12
CA THR D 2036 -86.49 -5.16 -34.04
C THR D 2036 -87.37 -4.15 -33.31
N TYR D 2037 -88.54 -4.62 -32.88
CA TYR D 2037 -89.26 -4.01 -31.76
C TYR D 2037 -88.61 -4.34 -30.42
N LEU D 2038 -87.38 -4.86 -30.43
CA LEU D 2038 -86.60 -5.38 -29.31
C LEU D 2038 -87.16 -6.71 -28.83
N LYS D 2039 -88.32 -7.09 -29.35
CA LYS D 2039 -88.95 -8.38 -29.07
C LYS D 2039 -89.52 -8.89 -30.38
N LYS D 2040 -90.39 -9.89 -30.29
CA LYS D 2040 -91.04 -10.45 -31.48
C LYS D 2040 -92.01 -9.45 -32.11
N CYS D 2054 -89.65 -6.48 -21.36
CA CYS D 2054 -90.21 -5.14 -21.45
C CYS D 2054 -91.72 -5.18 -21.71
N SER D 2055 -92.11 -5.98 -22.71
CA SER D 2055 -93.52 -6.09 -23.09
C SER D 2055 -93.94 -7.53 -23.36
N SER D 2056 -93.16 -8.52 -22.95
CA SER D 2056 -93.46 -9.91 -23.25
C SER D 2056 -92.90 -10.77 -22.13
N LEU D 2057 -92.73 -12.08 -22.41
CA LEU D 2057 -92.23 -13.02 -21.42
C LEU D 2057 -90.80 -12.73 -20.98
N GLN D 2058 -90.07 -11.88 -21.73
CA GLN D 2058 -88.68 -11.59 -21.41
C GLN D 2058 -88.54 -10.93 -20.05
N GLN D 2059 -89.42 -9.97 -19.74
CA GLN D 2059 -89.34 -9.29 -18.45
C GLN D 2059 -89.62 -10.25 -17.30
N LEU D 2060 -90.60 -11.14 -17.48
CA LEU D 2060 -90.87 -12.14 -16.44
C LEU D 2060 -89.69 -13.07 -16.25
N ILE D 2061 -89.07 -13.51 -17.35
CA ILE D 2061 -87.93 -14.41 -17.27
C ILE D 2061 -86.77 -13.74 -16.54
N SER D 2062 -86.46 -12.49 -16.91
CA SER D 2062 -85.37 -11.77 -16.28
C SER D 2062 -85.64 -11.50 -14.80
N GLU D 2063 -86.88 -11.13 -14.47
CA GLU D 2063 -87.23 -10.87 -13.07
C GLU D 2063 -87.11 -12.13 -12.23
N THR D 2064 -87.62 -13.26 -12.75
CA THR D 2064 -87.52 -14.52 -12.02
C THR D 2064 -86.07 -14.95 -11.85
N MET D 2065 -85.25 -14.74 -12.88
CA MET D 2065 -83.84 -15.10 -12.77
C MET D 2065 -83.11 -14.23 -11.75
N VAL D 2066 -83.40 -12.92 -11.74
CA VAL D 2066 -82.80 -12.03 -10.76
C VAL D 2066 -83.22 -12.43 -9.35
N ARG D 2067 -84.50 -12.77 -9.17
CA ARG D 2067 -84.98 -13.20 -7.86
C ARG D 2067 -84.30 -14.49 -7.42
N TRP D 2068 -84.13 -15.44 -8.35
CA TRP D 2068 -83.46 -16.69 -8.03
C TRP D 2068 -82.01 -16.46 -7.63
N ALA D 2069 -81.32 -15.56 -8.33
CA ALA D 2069 -79.95 -15.23 -7.94
C ALA D 2069 -79.91 -14.50 -6.59
N GLN D 2070 -80.94 -13.72 -6.30
CA GLN D 2070 -80.98 -12.95 -5.06
C GLN D 2070 -81.32 -13.80 -3.84
N GLU D 2071 -82.05 -14.90 -4.04
CA GLU D 2071 -82.59 -15.66 -2.91
C GLU D 2071 -81.47 -16.23 -2.04
N SER D 2072 -80.50 -16.89 -2.65
CA SER D 2072 -79.40 -17.50 -1.90
C SER D 2072 -78.26 -17.83 -2.87
N VAL D 2073 -77.15 -18.29 -2.30
CA VAL D 2073 -76.06 -18.79 -3.11
C VAL D 2073 -76.49 -20.05 -3.84
N ILE D 2074 -75.93 -20.27 -5.02
CA ILE D 2074 -76.35 -21.36 -5.90
C ILE D 2074 -75.16 -22.27 -6.14
N GLU D 2075 -75.31 -23.55 -5.78
CA GLU D 2075 -74.34 -24.57 -6.10
C GLU D 2075 -74.70 -25.20 -7.43
N ASP D 2076 -74.07 -26.35 -7.76
CA ASP D 2076 -74.32 -27.07 -9.01
C ASP D 2076 -74.05 -26.17 -10.21
N PRO D 2077 -72.78 -25.93 -10.53
CA PRO D 2077 -72.44 -24.89 -11.53
C PRO D 2077 -73.13 -25.05 -12.89
N GLU D 2078 -73.65 -26.24 -13.20
CA GLU D 2078 -74.47 -26.38 -14.41
C GLU D 2078 -75.73 -25.52 -14.31
N LEU D 2079 -76.34 -25.45 -13.13
CA LEU D 2079 -77.51 -24.60 -12.94
C LEU D 2079 -77.16 -23.13 -13.15
N VAL D 2080 -76.02 -22.69 -12.63
CA VAL D 2080 -75.60 -21.29 -12.80
C VAL D 2080 -75.33 -21.00 -14.28
N ARG D 2081 -74.67 -21.94 -14.97
CA ARG D 2081 -74.40 -21.76 -16.39
C ARG D 2081 -75.69 -21.66 -17.19
N ALA D 2082 -76.66 -22.52 -16.90
CA ALA D 2082 -77.94 -22.46 -17.60
C ALA D 2082 -78.67 -21.16 -17.29
N MET D 2083 -78.62 -20.73 -16.02
CA MET D 2083 -79.26 -19.47 -15.62
C MET D 2083 -78.72 -18.29 -16.43
N PHE D 2084 -77.38 -18.16 -16.45
CA PHE D 2084 -76.80 -17.01 -17.14
C PHE D 2084 -76.90 -17.12 -18.64
N VAL D 2085 -76.88 -18.35 -19.19
CA VAL D 2085 -77.10 -18.53 -20.62
C VAL D 2085 -78.49 -18.06 -21.01
N LEU D 2086 -79.49 -18.43 -20.21
CA LEU D 2086 -80.86 -18.00 -20.49
C LEU D 2086 -81.00 -16.48 -20.35
N LEU D 2087 -80.36 -15.89 -19.34
CA LEU D 2087 -80.42 -14.44 -19.17
C LEU D 2087 -79.81 -13.71 -20.37
N HIS D 2088 -78.62 -14.16 -20.80
CA HIS D 2088 -77.99 -13.52 -21.96
C HIS D 2088 -78.80 -13.72 -23.22
N ARG D 2089 -79.40 -14.91 -23.38
CA ARG D 2089 -80.24 -15.15 -24.55
C ARG D 2089 -81.46 -14.23 -24.56
N GLN D 2090 -82.03 -13.96 -23.39
CA GLN D 2090 -83.15 -13.04 -23.32
C GLN D 2090 -82.70 -11.61 -23.63
N TYR D 2091 -81.52 -11.22 -23.18
CA TYR D 2091 -81.05 -9.86 -23.43
C TYR D 2091 -80.40 -9.69 -24.81
N ASP D 2092 -80.26 -10.76 -25.59
CA ASP D 2092 -79.58 -10.70 -26.88
C ASP D 2092 -80.37 -11.46 -27.93
N GLY D 2093 -81.65 -11.12 -28.07
CA GLY D 2093 -82.48 -11.77 -29.08
C GLY D 2093 -81.98 -11.56 -30.50
N ILE D 2094 -81.33 -10.42 -30.76
CA ILE D 2094 -80.67 -10.19 -32.03
C ILE D 2094 -79.55 -11.20 -32.23
N GLY D 2095 -78.86 -11.57 -31.16
CA GLY D 2095 -77.88 -12.64 -31.26
C GLY D 2095 -78.48 -13.96 -31.68
N GLY D 2096 -79.66 -14.30 -31.12
CA GLY D 2096 -80.35 -15.49 -31.56
C GLY D 2096 -80.77 -15.42 -33.02
N LEU D 2097 -81.22 -14.25 -33.46
CA LEU D 2097 -81.61 -14.08 -34.85
C LEU D 2097 -80.42 -14.26 -35.79
N VAL D 2098 -79.28 -13.64 -35.46
CA VAL D 2098 -78.12 -13.74 -36.34
C VAL D 2098 -77.49 -15.13 -36.25
N ARG D 2099 -77.73 -15.87 -35.17
CA ARG D 2099 -77.29 -17.26 -35.13
C ARG D 2099 -78.19 -18.15 -35.98
N ALA D 2100 -79.51 -17.93 -35.93
CA ALA D 2100 -80.43 -18.80 -36.64
C ALA D 2100 -80.48 -18.52 -38.14
N LEU D 2101 -80.13 -17.29 -38.55
CA LEU D 2101 -80.26 -16.92 -39.96
C LEU D 2101 -79.40 -17.74 -40.92
N PRO D 2102 -78.09 -17.95 -40.69
CA PRO D 2102 -77.29 -18.67 -41.71
C PRO D 2102 -77.75 -20.09 -41.97
N LYS D 2103 -78.29 -20.78 -40.97
CA LYS D 2103 -78.73 -22.15 -41.12
C LYS D 2103 -80.13 -22.26 -41.72
N THR D 2104 -80.80 -21.14 -41.97
CA THR D 2104 -82.11 -21.15 -42.58
C THR D 2104 -82.00 -21.42 -44.08
N TYR D 2105 -82.95 -22.17 -44.61
CA TYR D 2105 -82.99 -22.49 -46.03
C TYR D 2105 -84.43 -22.58 -46.49
N THR D 2106 -84.65 -22.30 -47.77
CA THR D 2106 -85.97 -22.33 -48.39
C THR D 2106 -85.96 -23.41 -49.47
N ILE D 2107 -86.65 -24.51 -49.21
CA ILE D 2107 -86.73 -25.61 -50.15
C ILE D 2107 -88.04 -25.53 -50.90
N ASN D 2108 -88.03 -25.96 -52.16
CA ASN D 2108 -89.23 -25.92 -52.99
C ASN D 2108 -90.26 -26.92 -52.48
N GLY D 2109 -91.52 -26.65 -52.83
CA GLY D 2109 -92.62 -27.50 -52.42
C GLY D 2109 -92.78 -28.79 -53.18
N VAL D 2110 -91.97 -29.00 -54.23
CA VAL D 2110 -92.09 -30.21 -55.02
C VAL D 2110 -91.19 -31.35 -54.51
N SER D 2111 -90.13 -31.04 -53.78
CA SER D 2111 -89.21 -32.03 -53.26
C SER D 2111 -89.32 -32.20 -51.75
N VAL D 2112 -90.51 -31.94 -51.20
CA VAL D 2112 -90.70 -31.99 -49.75
C VAL D 2112 -90.50 -33.41 -49.23
N GLU D 2113 -91.08 -34.40 -49.92
CA GLU D 2113 -90.95 -35.79 -49.48
C GLU D 2113 -89.51 -36.27 -49.56
N ASP D 2114 -88.81 -35.91 -50.64
CA ASP D 2114 -87.40 -36.29 -50.77
C ASP D 2114 -86.55 -35.64 -49.70
N THR D 2115 -86.83 -34.37 -49.39
CA THR D 2115 -86.11 -33.69 -48.32
C THR D 2115 -86.38 -34.34 -46.97
N ILE D 2116 -87.64 -34.77 -46.74
CA ILE D 2116 -87.97 -35.46 -45.50
C ILE D 2116 -87.21 -36.78 -45.39
N ASN D 2117 -87.13 -37.53 -46.50
CA ASN D 2117 -86.39 -38.79 -46.49
C ASN D 2117 -84.91 -38.55 -46.23
N LEU D 2118 -84.34 -37.53 -46.87
CA LEU D 2118 -82.93 -37.21 -46.63
C LEU D 2118 -82.68 -36.78 -45.19
N LEU D 2119 -83.62 -36.03 -44.62
CA LEU D 2119 -83.50 -35.61 -43.22
C LEU D 2119 -83.58 -36.81 -42.28
N ALA D 2120 -84.45 -37.76 -42.58
CA ALA D 2120 -84.52 -38.98 -41.77
C ALA D 2120 -83.22 -39.77 -41.87
N SER D 2121 -82.65 -39.86 -43.08
CA SER D 2121 -81.37 -40.55 -43.23
C SER D 2121 -80.27 -39.85 -42.44
N LEU D 2122 -80.25 -38.51 -42.47
CA LEU D 2122 -79.26 -37.79 -41.69
C LEU D 2122 -79.48 -38.00 -40.19
N GLY D 2123 -80.74 -38.06 -39.76
CA GLY D 2123 -81.02 -38.35 -38.35
C GLY D 2123 -80.50 -39.71 -37.94
N GLN D 2124 -80.68 -40.72 -38.80
CA GLN D 2124 -80.12 -42.04 -38.53
C GLN D 2124 -78.59 -41.99 -38.46
N ILE D 2125 -77.97 -41.25 -39.38
CA ILE D 2125 -76.51 -41.13 -39.37
C ILE D 2125 -76.03 -40.46 -38.09
N ARG D 2126 -76.71 -39.39 -37.67
CA ARG D 2126 -76.31 -38.69 -36.45
C ARG D 2126 -76.56 -39.53 -35.20
N SER D 2127 -77.59 -40.38 -35.23
CA SER D 2127 -77.81 -41.30 -34.11
C SER D 2127 -76.71 -42.34 -34.05
N LEU D 2128 -76.27 -42.86 -35.19
CA LEU D 2128 -75.17 -43.82 -35.21
C LEU D 2128 -73.80 -43.17 -35.08
N LEU D 2129 -73.73 -41.85 -35.11
CA LEU D 2129 -72.47 -41.13 -35.02
C LEU D 2129 -71.75 -41.46 -33.72
N SER D 2130 -70.42 -41.51 -33.80
CA SER D 2130 -69.52 -41.84 -32.69
C SER D 2130 -69.85 -43.22 -32.13
N GLY D 2134 -68.51 -48.23 -35.59
CA GLY D 2134 -68.99 -49.29 -34.71
C GLY D 2134 -68.53 -50.68 -35.14
N LYS D 2135 -69.09 -51.70 -34.51
CA LYS D 2135 -68.75 -53.08 -34.84
C LYS D 2135 -69.61 -53.60 -35.99
N GLU D 2136 -70.93 -53.61 -35.81
CA GLU D 2136 -71.86 -53.99 -36.86
C GLU D 2136 -72.79 -52.86 -37.27
N GLU D 2137 -72.67 -51.69 -36.65
CA GLU D 2137 -73.37 -50.50 -37.12
C GLU D 2137 -72.75 -49.94 -38.40
N GLU D 2138 -71.60 -50.46 -38.81
CA GLU D 2138 -70.99 -50.04 -40.06
C GLU D 2138 -71.90 -50.36 -41.25
N LYS D 2139 -72.59 -51.49 -41.19
CA LYS D 2139 -73.53 -51.83 -42.28
C LYS D 2139 -74.68 -50.84 -42.33
N LEU D 2140 -75.22 -50.44 -41.18
CA LEU D 2140 -76.28 -49.44 -41.14
C LEU D 2140 -75.79 -48.09 -41.68
N MET D 2141 -74.57 -47.72 -41.31
CA MET D 2141 -74.02 -46.46 -41.81
C MET D 2141 -73.77 -46.52 -43.32
N ILE D 2142 -73.35 -47.69 -43.82
CA ILE D 2142 -73.17 -47.87 -45.25
C ILE D 2142 -74.51 -47.74 -45.96
N ARG D 2143 -75.56 -48.34 -45.39
CA ARG D 2143 -76.90 -48.22 -45.98
C ARG D 2143 -77.36 -46.77 -45.99
N GLY D 2144 -77.13 -46.03 -44.89
CA GLY D 2144 -77.53 -44.63 -44.84
C GLY D 2144 -76.79 -43.78 -45.86
N LEU D 2145 -75.47 -44.01 -45.99
CA LEU D 2145 -74.69 -43.25 -46.96
C LEU D 2145 -75.11 -43.58 -48.39
N GLY D 2146 -75.41 -44.85 -48.66
CA GLY D 2146 -75.90 -45.22 -49.98
C GLY D 2146 -77.27 -44.62 -50.29
N ASP D 2147 -78.13 -44.52 -49.27
CA ASP D 2147 -79.42 -43.88 -49.45
C ASP D 2147 -79.25 -42.38 -49.72
N ILE D 2148 -78.32 -41.73 -49.01
CA ILE D 2148 -78.09 -40.31 -49.23
C ILE D 2148 -77.36 -40.06 -50.54
N MET D 2149 -76.71 -41.08 -51.11
CA MET D 2149 -76.11 -40.93 -52.43
C MET D 2149 -77.17 -40.69 -53.49
N ASN D 2150 -78.19 -41.55 -53.54
CA ASN D 2150 -79.21 -41.50 -54.58
C ASN D 2150 -80.35 -40.58 -54.15
N ASN D 2151 -80.01 -39.30 -54.02
CA ASN D 2151 -80.97 -38.27 -53.66
C ASN D 2151 -80.73 -37.05 -54.53
N LYS D 2152 -81.81 -36.48 -55.06
CA LYS D 2152 -81.69 -35.30 -55.91
C LYS D 2152 -81.30 -34.06 -55.10
N VAL D 2153 -81.71 -34.01 -53.82
CA VAL D 2153 -81.46 -32.84 -53.00
C VAL D 2153 -79.97 -32.64 -52.75
N PHE D 2154 -79.18 -33.72 -52.84
CA PHE D 2154 -77.75 -33.60 -52.60
C PHE D 2154 -77.07 -32.69 -53.63
N TYR D 2155 -77.30 -32.97 -54.92
CA TYR D 2155 -76.64 -32.19 -55.95
C TYR D 2155 -77.45 -30.98 -56.40
N GLN D 2156 -78.78 -31.02 -56.24
CA GLN D 2156 -79.59 -29.87 -56.63
C GLN D 2156 -79.53 -28.74 -55.60
N HIS D 2157 -79.17 -29.04 -54.35
CA HIS D 2157 -79.09 -28.04 -53.28
C HIS D 2157 -77.81 -28.28 -52.48
N PRO D 2158 -76.66 -27.89 -53.01
CA PRO D 2158 -75.41 -28.10 -52.28
C PRO D 2158 -75.24 -27.17 -51.08
N ASN D 2159 -75.75 -25.94 -51.16
CA ASN D 2159 -75.67 -25.02 -50.03
C ASN D 2159 -76.45 -25.56 -48.83
N LEU D 2160 -77.61 -26.17 -49.07
CA LEU D 2160 -78.36 -26.81 -47.99
C LEU D 2160 -77.55 -27.95 -47.37
N MET D 2161 -76.87 -28.74 -48.21
CA MET D 2161 -76.02 -29.81 -47.70
C MET D 2161 -74.90 -29.27 -46.82
N ARG D 2162 -74.28 -28.17 -47.24
CA ARG D 2162 -73.23 -27.58 -46.40
C ARG D 2162 -73.80 -27.00 -45.11
N ALA D 2163 -74.99 -26.39 -45.18
CA ALA D 2163 -75.59 -25.81 -43.97
C ALA D 2163 -75.99 -26.88 -42.98
N LEU D 2164 -76.41 -28.05 -43.47
CA LEU D 2164 -76.77 -29.16 -42.59
C LEU D 2164 -75.57 -29.76 -41.88
N GLY D 2165 -74.35 -29.42 -42.28
CA GLY D 2165 -73.16 -29.82 -41.56
C GLY D 2165 -72.83 -31.30 -41.59
N MET D 2166 -72.98 -31.94 -42.74
CA MET D 2166 -72.55 -33.34 -42.87
C MET D 2166 -71.03 -33.46 -42.93
N HIS D 2167 -70.33 -32.37 -43.21
CA HIS D 2167 -68.86 -32.41 -43.26
C HIS D 2167 -68.30 -32.84 -41.91
N GLU D 2168 -68.72 -32.18 -40.84
CA GLU D 2168 -68.22 -32.51 -39.51
C GLU D 2168 -68.71 -33.88 -39.05
N THR D 2169 -69.92 -34.27 -39.45
CA THR D 2169 -70.42 -35.60 -39.11
C THR D 2169 -69.55 -36.69 -39.71
N VAL D 2170 -69.27 -36.58 -41.01
CA VAL D 2170 -68.43 -37.57 -41.67
C VAL D 2170 -67.00 -37.52 -41.14
N MET D 2171 -66.51 -36.32 -40.82
CA MET D 2171 -65.17 -36.20 -40.25
C MET D 2171 -65.08 -36.89 -38.90
N GLU D 2172 -66.08 -36.70 -38.03
CA GLU D 2172 -66.09 -37.36 -36.72
C GLU D 2172 -66.21 -38.87 -36.87
N VAL D 2173 -67.02 -39.32 -37.83
CA VAL D 2173 -67.15 -40.76 -38.09
C VAL D 2173 -65.81 -41.35 -38.50
N MET D 2174 -65.12 -40.66 -39.42
CA MET D 2174 -63.82 -41.16 -39.89
C MET D 2174 -62.78 -41.15 -38.78
N VAL D 2175 -62.80 -40.10 -37.95
CA VAL D 2175 -61.87 -40.01 -36.83
C VAL D 2175 -62.10 -41.15 -35.85
N ASN D 2176 -63.37 -41.43 -35.54
CA ASN D 2176 -63.68 -42.54 -34.64
C ASN D 2176 -63.31 -43.89 -35.26
N VAL D 2177 -63.43 -44.02 -36.58
CA VAL D 2177 -63.13 -45.29 -37.23
C VAL D 2177 -61.62 -45.55 -37.22
N LEU D 2178 -60.84 -44.60 -37.72
CA LEU D 2178 -59.40 -44.83 -37.85
C LEU D 2178 -58.61 -44.42 -36.61
N GLY D 2179 -59.25 -43.80 -35.63
CA GLY D 2179 -58.55 -43.43 -34.41
C GLY D 2179 -58.21 -44.65 -33.58
N GLY D 2180 -56.94 -44.78 -33.20
CA GLY D 2180 -56.50 -45.91 -32.41
C GLY D 2180 -55.22 -46.54 -32.92
N GLY D 2181 -54.93 -46.34 -34.21
CA GLY D 2181 -53.73 -46.89 -34.81
C GLY D 2181 -53.90 -48.32 -35.26
N GLU D 2182 -52.90 -49.15 -34.98
CA GLU D 2182 -52.89 -50.57 -35.34
C GLU D 2182 -53.10 -50.78 -36.83
N SER D 2183 -54.28 -51.24 -37.23
CA SER D 2183 -54.54 -51.54 -38.63
C SER D 2183 -55.93 -51.12 -39.09
N LYS D 2184 -56.62 -50.26 -38.33
CA LYS D 2184 -57.96 -49.78 -38.66
C LYS D 2184 -58.93 -50.97 -38.82
N GLU D 2185 -59.20 -51.60 -37.67
CA GLU D 2185 -59.88 -52.89 -37.60
C GLU D 2185 -61.16 -52.95 -38.43
N ILE D 2186 -62.02 -51.94 -38.30
CA ILE D 2186 -63.23 -51.86 -39.12
C ILE D 2186 -62.84 -51.06 -40.37
N THR D 2187 -62.27 -51.78 -41.34
CA THR D 2187 -61.80 -51.17 -42.58
C THR D 2187 -62.88 -51.34 -43.64
N PHE D 2188 -63.57 -50.26 -43.96
CA PHE D 2188 -64.54 -50.21 -45.05
C PHE D 2188 -64.69 -48.75 -45.46
N PRO D 2189 -63.77 -48.23 -46.27
CA PRO D 2189 -63.68 -46.77 -46.51
C PRO D 2189 -64.68 -46.23 -47.53
N LYS D 2190 -65.92 -46.04 -47.07
CA LYS D 2190 -66.93 -45.32 -47.84
C LYS D 2190 -67.12 -43.89 -47.37
N MET D 2191 -66.81 -43.60 -46.10
CA MET D 2191 -66.87 -42.24 -45.61
C MET D 2191 -65.89 -41.33 -46.35
N VAL D 2192 -64.74 -41.87 -46.78
CA VAL D 2192 -63.83 -41.08 -47.60
C VAL D 2192 -64.45 -40.83 -48.98
N ALA D 2193 -65.17 -41.82 -49.51
CA ALA D 2193 -65.81 -41.66 -50.81
C ALA D 2193 -66.89 -40.58 -50.76
N ASN D 2194 -67.59 -40.48 -49.62
CA ASN D 2194 -68.61 -39.47 -49.41
C ASN D 2194 -68.02 -38.09 -49.11
N CYS D 2195 -66.89 -38.06 -48.38
CA CYS D 2195 -66.17 -36.80 -48.19
C CYS D 2195 -65.70 -36.27 -49.53
N CYS D 2196 -65.18 -37.15 -50.37
CA CYS D 2196 -65.00 -36.98 -51.80
C CYS D 2196 -66.33 -37.25 -52.49
N ARG D 2197 -66.26 -37.81 -53.69
CA ARG D 2197 -67.39 -38.03 -54.59
C ARG D 2197 -68.32 -36.84 -54.72
N PHE D 2198 -69.61 -37.07 -54.45
CA PHE D 2198 -70.64 -36.07 -54.71
C PHE D 2198 -70.33 -34.76 -54.00
N LEU D 2199 -69.98 -34.83 -52.73
CA LEU D 2199 -69.38 -33.67 -52.06
C LEU D 2199 -68.05 -33.38 -52.72
N CYS D 2200 -67.92 -32.17 -53.27
CA CYS D 2200 -66.80 -31.61 -54.02
C CYS D 2200 -66.76 -32.08 -55.48
N TYR D 2201 -67.69 -32.90 -55.95
CA TYR D 2201 -67.85 -33.11 -57.38
C TYR D 2201 -69.14 -32.49 -57.92
N PHE D 2202 -70.29 -32.89 -57.38
CA PHE D 2202 -71.55 -32.37 -57.86
C PHE D 2202 -71.87 -31.02 -57.25
N CYS D 2203 -71.40 -30.77 -56.03
CA CYS D 2203 -71.55 -29.45 -55.42
C CYS D 2203 -70.76 -28.39 -56.17
N ARG D 2204 -69.72 -28.80 -56.91
CA ARG D 2204 -68.90 -27.91 -57.74
C ARG D 2204 -68.27 -26.79 -56.91
N ILE D 2205 -68.02 -27.06 -55.63
CA ILE D 2205 -67.37 -26.15 -54.68
C ILE D 2205 -68.18 -24.87 -54.49
N SER D 2206 -68.47 -24.16 -55.59
CA SER D 2206 -69.06 -22.82 -55.57
C SER D 2206 -68.20 -21.87 -54.75
N ARG D 2207 -66.89 -22.09 -54.78
CA ARG D 2207 -65.89 -21.38 -53.98
C ARG D 2207 -66.13 -21.50 -52.49
N GLN D 2208 -67.01 -22.41 -52.05
CA GLN D 2208 -67.33 -22.57 -50.64
C GLN D 2208 -67.14 -23.99 -50.14
N ASN D 2209 -67.58 -25.00 -50.90
CA ASN D 2209 -67.51 -26.37 -50.43
C ASN D 2209 -66.07 -26.86 -50.37
N GLN D 2210 -65.31 -26.63 -51.43
CA GLN D 2210 -63.91 -27.03 -51.41
C GLN D 2210 -63.11 -26.19 -50.42
N LYS D 2211 -63.48 -24.93 -50.22
CA LYS D 2211 -62.81 -24.11 -49.22
C LYS D 2211 -63.05 -24.64 -47.82
N ALA D 2212 -64.29 -25.06 -47.53
CA ALA D 2212 -64.58 -25.66 -46.23
C ALA D 2212 -63.89 -27.01 -46.08
N MET D 2213 -63.74 -27.75 -47.19
CA MET D 2213 -63.07 -29.04 -47.12
C MET D 2213 -61.57 -28.88 -46.93
N PHE D 2214 -61.02 -27.74 -47.36
CA PHE D 2214 -59.59 -27.47 -47.24
C PHE D 2214 -59.12 -27.38 -45.80
N ASP D 2215 -60.03 -27.16 -44.85
CA ASP D 2215 -59.64 -26.99 -43.46
C ASP D 2215 -59.06 -28.28 -42.88
N HIS D 2216 -59.64 -29.42 -43.23
CA HIS D 2216 -59.21 -30.71 -42.71
C HIS D 2216 -58.12 -31.35 -43.57
N LEU D 2217 -57.44 -30.56 -44.41
CA LEU D 2217 -56.44 -31.12 -45.31
C LEU D 2217 -55.25 -31.69 -44.54
N SER D 2218 -54.82 -31.01 -43.48
CA SER D 2218 -53.69 -31.50 -42.71
C SER D 2218 -53.98 -32.85 -42.08
N TYR D 2219 -55.17 -33.01 -41.49
CA TYR D 2219 -55.56 -34.30 -40.94
C TYR D 2219 -55.74 -35.34 -42.02
N LEU D 2220 -56.24 -34.94 -43.20
CA LEU D 2220 -56.44 -35.90 -44.28
C LEU D 2220 -55.11 -36.46 -44.78
N LEU D 2221 -54.13 -35.58 -45.02
CA LEU D 2221 -52.84 -36.03 -45.52
C LEU D 2221 -51.98 -36.66 -44.44
N GLU D 2222 -52.21 -36.32 -43.17
CA GLU D 2222 -51.40 -36.90 -42.10
C GLU D 2222 -51.65 -38.40 -41.96
N ASN D 2223 -52.91 -38.81 -41.97
CA ASN D 2223 -53.27 -40.21 -41.83
C ASN D 2223 -53.54 -40.82 -43.20
N SER D 2224 -52.45 -41.02 -43.95
CA SER D 2224 -52.52 -41.63 -45.28
C SER D 2224 -52.64 -43.15 -45.09
N SER D 2225 -53.87 -43.61 -44.88
CA SER D 2225 -54.13 -45.01 -44.62
C SER D 2225 -54.20 -45.79 -45.93
N VAL D 2226 -54.53 -47.07 -45.85
CA VAL D 2226 -54.51 -47.98 -47.00
C VAL D 2226 -55.79 -48.80 -47.02
N GLY D 2227 -56.25 -49.11 -48.23
CA GLY D 2227 -57.38 -50.03 -48.35
C GLY D 2227 -58.45 -49.64 -49.35
N LEU D 2228 -58.47 -48.39 -49.80
CA LEU D 2228 -59.52 -47.94 -50.69
C LEU D 2228 -59.35 -48.55 -52.08
N ALA D 2229 -60.49 -48.88 -52.71
CA ALA D 2229 -60.50 -49.48 -54.03
C ALA D 2229 -60.35 -48.47 -55.15
N SER D 2230 -60.44 -47.17 -54.85
CA SER D 2230 -60.25 -46.16 -55.89
C SER D 2230 -58.86 -46.21 -56.53
N PRO D 2231 -57.73 -46.33 -55.77
CA PRO D 2231 -56.42 -46.59 -56.40
C PRO D 2231 -56.19 -48.08 -56.68
N ALA D 2232 -57.19 -48.72 -57.29
CA ALA D 2232 -57.20 -50.17 -57.50
C ALA D 2232 -57.03 -50.91 -56.19
N MET D 2233 -55.79 -51.28 -55.87
CA MET D 2233 -55.47 -51.91 -54.59
C MET D 2233 -55.28 -50.82 -53.54
N ARG D 2234 -54.72 -51.19 -52.39
CA ARG D 2234 -54.51 -50.25 -51.30
C ARG D 2234 -53.43 -49.24 -51.66
N GLY D 2235 -53.23 -48.28 -50.75
CA GLY D 2235 -52.19 -47.28 -50.92
C GLY D 2235 -52.59 -45.88 -50.51
N SER D 2236 -53.84 -45.48 -50.74
CA SER D 2236 -54.29 -44.15 -50.32
C SER D 2236 -55.81 -44.12 -50.25
N THR D 2237 -56.36 -44.14 -49.04
CA THR D 2237 -57.79 -43.87 -48.89
C THR D 2237 -58.13 -42.37 -48.82
N PRO D 2238 -57.42 -41.52 -48.05
CA PRO D 2238 -57.84 -40.13 -47.96
C PRO D 2238 -57.19 -39.19 -48.97
N LEU D 2239 -56.15 -39.65 -49.69
CA LEU D 2239 -55.49 -38.79 -50.66
C LEU D 2239 -56.38 -38.44 -51.83
N ASP D 2240 -57.37 -39.29 -52.15
CA ASP D 2240 -58.37 -38.89 -53.15
C ASP D 2240 -59.17 -37.69 -52.66
N VAL D 2241 -59.55 -37.68 -51.38
CA VAL D 2241 -60.24 -36.53 -50.81
C VAL D 2241 -59.34 -35.30 -50.81
N ALA D 2242 -58.06 -35.49 -50.48
CA ALA D 2242 -57.11 -34.38 -50.48
C ALA D 2242 -56.95 -33.79 -51.87
N ALA D 2243 -56.88 -34.64 -52.89
CA ALA D 2243 -56.78 -34.15 -54.27
C ALA D 2243 -58.07 -33.46 -54.70
N ALA D 2244 -59.23 -34.02 -54.33
CA ALA D 2244 -60.50 -33.40 -54.68
C ALA D 2244 -60.70 -32.07 -53.98
N SER D 2245 -60.06 -31.85 -52.84
CA SER D 2245 -60.17 -30.56 -52.16
C SER D 2245 -59.53 -29.45 -53.00
N VAL D 2246 -58.43 -29.75 -53.68
CA VAL D 2246 -57.71 -28.76 -54.47
C VAL D 2246 -57.74 -29.15 -55.94
N MET D 2247 -58.86 -29.74 -56.38
CA MET D 2247 -58.95 -30.27 -57.74
C MET D 2247 -58.79 -29.16 -58.78
N ASP D 2248 -59.72 -28.21 -58.80
CA ASP D 2248 -59.72 -27.15 -59.81
C ASP D 2248 -59.99 -25.80 -59.17
N ASN D 2249 -59.30 -25.50 -58.07
CA ASN D 2249 -59.41 -24.23 -57.38
C ASN D 2249 -58.03 -23.59 -57.31
N ASN D 2250 -57.81 -22.55 -58.12
CA ASN D 2250 -56.52 -21.88 -58.13
C ASN D 2250 -56.25 -21.16 -56.81
N GLU D 2251 -57.28 -20.57 -56.23
CA GLU D 2251 -57.10 -19.87 -54.95
C GLU D 2251 -56.71 -20.83 -53.84
N LEU D 2252 -57.31 -22.04 -53.83
CA LEU D 2252 -56.95 -23.02 -52.81
C LEU D 2252 -55.55 -23.58 -53.05
N ALA D 2253 -55.17 -23.76 -54.32
CA ALA D 2253 -53.82 -24.21 -54.63
C ALA D 2253 -52.79 -23.19 -54.20
N LEU D 2254 -53.09 -21.90 -54.39
CA LEU D 2254 -52.21 -20.86 -53.89
C LEU D 2254 -52.18 -20.83 -52.36
N ALA D 2255 -53.32 -21.09 -51.73
CA ALA D 2255 -53.42 -21.07 -50.28
C ALA D 2255 -52.75 -22.28 -49.63
N LEU D 2256 -52.33 -23.28 -50.41
CA LEU D 2256 -51.66 -24.44 -49.85
C LEU D 2256 -50.33 -24.03 -49.23
N ARG D 2257 -50.11 -24.49 -48.00
CA ARG D 2257 -48.93 -24.08 -47.24
C ARG D 2257 -47.73 -24.95 -47.59
N GLU D 2258 -46.54 -24.35 -47.48
CA GLU D 2258 -45.30 -25.09 -47.71
C GLU D 2258 -45.09 -26.27 -46.77
N PRO D 2259 -45.37 -26.20 -45.45
CA PRO D 2259 -45.16 -27.39 -44.61
C PRO D 2259 -45.95 -28.60 -45.03
N ASP D 2260 -47.16 -28.44 -45.58
CA ASP D 2260 -47.91 -29.59 -46.06
C ASP D 2260 -47.20 -30.27 -47.23
N LEU D 2261 -46.68 -29.48 -48.17
CA LEU D 2261 -45.92 -30.04 -49.27
C LEU D 2261 -44.64 -30.70 -48.78
N GLU D 2262 -44.00 -30.11 -47.77
CA GLU D 2262 -42.83 -30.73 -47.16
C GLU D 2262 -43.16 -32.08 -46.56
N LYS D 2263 -44.31 -32.15 -45.86
CA LYS D 2263 -44.77 -33.43 -45.32
C LYS D 2263 -44.95 -34.45 -46.43
N VAL D 2264 -45.70 -34.09 -47.47
CA VAL D 2264 -45.98 -35.04 -48.55
C VAL D 2264 -44.70 -35.50 -49.23
N VAL D 2265 -43.73 -34.59 -49.36
CA VAL D 2265 -42.42 -34.97 -49.89
C VAL D 2265 -41.74 -35.98 -48.98
N ARG D 2266 -41.86 -35.79 -47.66
CA ARG D 2266 -41.27 -36.75 -46.73
C ARG D 2266 -41.94 -38.12 -46.84
N TYR D 2267 -43.27 -38.15 -46.95
CA TYR D 2267 -43.97 -39.43 -47.11
C TYR D 2267 -43.57 -40.11 -48.42
N LEU D 2268 -43.36 -39.33 -49.48
CA LEU D 2268 -42.87 -39.92 -50.73
C LEU D 2268 -41.46 -40.48 -50.56
N ALA D 2269 -40.59 -39.74 -49.85
CA ALA D 2269 -39.23 -40.21 -49.61
C ALA D 2269 -39.18 -41.41 -48.67
N GLY D 2270 -40.24 -41.66 -47.91
CA GLY D 2270 -40.28 -42.82 -47.05
C GLY D 2270 -40.29 -44.15 -47.79
N CYS D 2271 -40.60 -44.13 -49.08
CA CYS D 2271 -40.60 -45.35 -49.89
C CYS D 2271 -39.25 -45.60 -50.55
N GLY D 2272 -38.19 -45.62 -49.74
CA GLY D 2272 -36.87 -45.93 -50.23
C GLY D 2272 -36.49 -47.39 -50.10
N LEU D 2273 -37.22 -48.26 -50.79
CA LEU D 2273 -36.99 -49.69 -50.70
C LEU D 2273 -37.38 -50.36 -52.02
N GLN D 2274 -36.88 -51.56 -52.22
CA GLN D 2274 -37.18 -52.35 -53.41
C GLN D 2274 -37.05 -53.82 -53.08
N SER D 2275 -37.87 -54.64 -53.73
CA SER D 2275 -37.88 -56.08 -53.49
C SER D 2275 -38.39 -56.79 -54.72
N CYS D 2276 -38.26 -58.12 -54.72
CA CYS D 2276 -38.64 -58.96 -55.84
C CYS D 2276 -40.01 -59.61 -55.65
N GLN D 2277 -40.73 -59.26 -54.58
CA GLN D 2277 -42.05 -59.84 -54.35
C GLN D 2277 -43.06 -59.25 -55.32
N MET D 2278 -44.28 -59.79 -55.28
CA MET D 2278 -45.31 -59.35 -56.22
C MET D 2278 -45.86 -57.97 -55.85
N LEU D 2279 -46.53 -57.86 -54.71
CA LEU D 2279 -47.14 -56.62 -54.27
C LEU D 2279 -46.92 -56.43 -52.76
N VAL D 2280 -45.70 -56.69 -52.31
CA VAL D 2280 -45.42 -56.61 -50.88
C VAL D 2280 -45.35 -55.16 -50.43
N SER D 2281 -45.70 -54.92 -49.18
CA SER D 2281 -45.51 -53.64 -48.52
C SER D 2281 -44.58 -53.74 -47.32
N LYS D 2282 -44.88 -54.67 -46.41
CA LYS D 2282 -43.97 -55.03 -45.32
C LYS D 2282 -43.78 -56.54 -45.17
N GLY D 2283 -44.68 -57.35 -45.71
CA GLY D 2283 -44.57 -58.79 -45.64
C GLY D 2283 -45.73 -59.44 -46.35
N TYR D 2284 -45.69 -60.77 -46.40
CA TYR D 2284 -46.75 -61.60 -46.97
C TYR D 2284 -47.07 -61.24 -48.42
N PRO D 2285 -46.19 -61.59 -49.37
CA PRO D 2285 -46.48 -61.29 -50.78
C PRO D 2285 -47.57 -62.19 -51.34
N ASP D 2286 -48.82 -61.85 -51.07
CA ASP D 2286 -49.96 -62.68 -51.46
C ASP D 2286 -50.54 -62.27 -52.81
N ILE D 2287 -50.96 -61.01 -52.94
CA ILE D 2287 -51.63 -60.55 -54.16
C ILE D 2287 -50.58 -60.29 -55.23
N GLY D 2288 -50.82 -60.82 -56.42
CA GLY D 2288 -49.97 -60.60 -57.57
C GLY D 2288 -50.52 -59.66 -58.62
N TRP D 2289 -51.58 -58.92 -58.32
CA TRP D 2289 -52.18 -58.02 -59.30
C TRP D 2289 -51.35 -56.77 -59.51
N VAL D 2292 -48.67 -49.48 -55.96
CA VAL D 2292 -48.52 -48.23 -56.68
C VAL D 2292 -47.54 -47.32 -55.94
N GLU D 2293 -47.22 -47.70 -54.70
CA GLU D 2293 -46.36 -46.96 -53.77
C GLU D 2293 -46.52 -45.45 -53.86
N GLY D 2294 -45.48 -44.76 -54.35
CA GLY D 2294 -45.47 -43.31 -54.40
C GLY D 2294 -46.21 -42.66 -55.54
N GLU D 2295 -46.83 -43.46 -56.41
CA GLU D 2295 -47.57 -42.89 -57.53
C GLU D 2295 -48.75 -42.04 -57.05
N ARG D 2296 -49.39 -42.43 -55.94
CA ARG D 2296 -50.48 -41.63 -55.41
C ARG D 2296 -49.99 -40.29 -54.88
N TYR D 2297 -48.84 -40.28 -54.20
CA TYR D 2297 -48.23 -39.03 -53.77
C TYR D 2297 -47.90 -38.14 -54.96
N LEU D 2298 -47.34 -38.74 -56.01
CA LEU D 2298 -47.00 -37.97 -57.21
C LEU D 2298 -48.25 -37.40 -57.88
N ASP D 2299 -49.33 -38.18 -57.92
CA ASP D 2299 -50.59 -37.69 -58.49
C ASP D 2299 -51.16 -36.55 -57.67
N PHE D 2300 -51.10 -36.65 -56.33
CA PHE D 2300 -51.57 -35.57 -55.49
C PHE D 2300 -50.74 -34.30 -55.71
N LEU D 2301 -49.42 -34.45 -55.82
CA LEU D 2301 -48.56 -33.29 -56.07
C LEU D 2301 -48.86 -32.68 -57.44
N ARG D 2302 -49.14 -33.52 -58.43
CA ARG D 2302 -49.51 -33.02 -59.76
C ARG D 2302 -50.79 -32.23 -59.70
N PHE D 2303 -51.79 -32.73 -58.96
CA PHE D 2303 -53.04 -31.98 -58.80
C PHE D 2303 -52.82 -30.69 -58.03
N ALA D 2304 -51.90 -30.68 -57.08
CA ALA D 2304 -51.65 -29.48 -56.29
C ALA D 2304 -50.86 -28.42 -57.05
N VAL D 2305 -50.04 -28.83 -58.03
CA VAL D 2305 -49.15 -27.89 -58.70
C VAL D 2305 -49.69 -27.39 -60.04
N PHE D 2306 -50.67 -28.09 -60.63
CA PHE D 2306 -51.22 -27.72 -61.93
C PHE D 2306 -52.73 -27.58 -61.80
N CYS D 2307 -53.21 -26.33 -61.85
CA CYS D 2307 -54.63 -26.02 -61.79
C CYS D 2307 -55.06 -25.42 -63.11
N ASN D 2308 -56.15 -25.96 -63.68
CA ASN D 2308 -56.61 -25.63 -65.03
C ASN D 2308 -55.46 -25.91 -65.99
N GLY D 2309 -55.37 -25.20 -67.11
CA GLY D 2309 -54.14 -25.26 -67.89
C GLY D 2309 -53.23 -24.11 -67.56
N GLU D 2310 -52.36 -24.31 -66.56
CA GLU D 2310 -51.52 -23.28 -65.98
C GLU D 2310 -50.69 -23.97 -64.91
N SER D 2311 -49.49 -23.45 -64.66
CA SER D 2311 -48.57 -24.08 -63.71
C SER D 2311 -48.18 -23.07 -62.64
N VAL D 2312 -48.59 -23.34 -61.41
CA VAL D 2312 -48.40 -22.39 -60.31
C VAL D 2312 -46.93 -22.33 -59.95
N GLU D 2313 -46.32 -21.16 -60.14
CA GLU D 2313 -44.88 -21.01 -59.94
C GLU D 2313 -44.49 -21.14 -58.47
N GLU D 2314 -45.29 -20.54 -57.58
CA GLU D 2314 -44.95 -20.55 -56.16
C GLU D 2314 -44.93 -21.98 -55.60
N ASN D 2315 -45.90 -22.79 -55.97
CA ASN D 2315 -45.89 -24.19 -55.55
C ASN D 2315 -44.80 -24.97 -56.27
N ALA D 2316 -44.57 -24.66 -57.55
CA ALA D 2316 -43.60 -25.41 -58.34
C ALA D 2316 -42.19 -25.24 -57.80
N ASN D 2317 -41.85 -24.04 -57.35
CA ASN D 2317 -40.51 -23.80 -56.82
C ASN D 2317 -40.22 -24.69 -55.61
N VAL D 2318 -41.12 -24.69 -54.63
CA VAL D 2318 -40.89 -25.49 -53.43
C VAL D 2318 -40.98 -26.98 -53.76
N VAL D 2319 -41.85 -27.36 -54.69
CA VAL D 2319 -41.98 -28.78 -55.04
C VAL D 2319 -40.69 -29.29 -55.67
N VAL D 2320 -40.16 -28.55 -56.65
CA VAL D 2320 -38.94 -29.00 -57.31
C VAL D 2320 -37.74 -28.91 -56.37
N ARG D 2321 -37.70 -27.90 -55.49
CA ARG D 2321 -36.60 -27.80 -54.54
C ARG D 2321 -36.59 -28.97 -53.58
N LEU D 2322 -37.76 -29.35 -53.06
CA LEU D 2322 -37.82 -30.46 -52.14
C LEU D 2322 -37.68 -31.80 -52.84
N LEU D 2323 -37.95 -31.84 -54.15
CA LEU D 2323 -37.70 -33.06 -54.91
C LEU D 2323 -36.20 -33.26 -55.16
N ILE D 2324 -35.48 -32.18 -55.48
CA ILE D 2324 -34.06 -32.32 -55.76
C ILE D 2324 -33.22 -32.34 -54.48
N ARG D 2325 -33.78 -31.90 -53.35
CA ARG D 2325 -33.05 -31.95 -52.09
C ARG D 2325 -33.08 -33.34 -51.47
N ARG D 2326 -33.91 -34.24 -51.98
CA ARG D 2326 -33.98 -35.62 -51.51
C ARG D 2326 -34.39 -36.51 -52.68
N PRO D 2327 -33.44 -37.20 -53.30
CA PRO D 2327 -33.79 -38.09 -54.42
C PRO D 2327 -34.70 -39.23 -53.96
N GLU D 2328 -35.61 -39.63 -54.85
CA GLU D 2328 -36.65 -40.60 -54.52
C GLU D 2328 -36.48 -41.91 -55.27
N CYS D 2329 -36.42 -41.86 -56.60
CA CYS D 2329 -36.41 -43.08 -57.39
C CYS D 2329 -35.06 -43.78 -57.30
N PHE D 2330 -35.05 -45.04 -57.72
CA PHE D 2330 -33.87 -45.88 -57.75
C PHE D 2330 -33.55 -46.21 -59.21
N GLY D 2331 -32.81 -45.32 -59.86
CA GLY D 2331 -32.43 -45.49 -61.24
C GLY D 2331 -31.13 -46.23 -61.41
N PRO D 2332 -31.20 -47.44 -62.00
CA PRO D 2332 -29.99 -48.24 -62.16
C PRO D 2332 -29.07 -47.76 -63.28
N ALA D 2333 -29.59 -47.00 -64.25
CA ALA D 2333 -28.73 -46.46 -65.30
C ALA D 2333 -27.74 -45.45 -64.73
N LEU D 2334 -28.19 -44.61 -63.81
CA LEU D 2334 -27.27 -43.67 -63.15
C LEU D 2334 -26.35 -44.41 -62.19
N ARG D 2335 -26.88 -45.38 -61.45
CA ARG D 2335 -26.13 -46.25 -60.54
C ARG D 2335 -25.47 -45.46 -59.41
N GLY D 2336 -24.45 -44.68 -59.75
CA GLY D 2336 -23.77 -43.89 -58.73
C GLY D 2336 -24.65 -42.80 -58.15
N GLU D 2337 -25.49 -42.18 -58.98
CA GLU D 2337 -26.36 -41.11 -58.54
C GLU D 2337 -27.51 -41.66 -57.72
N GLY D 2338 -28.35 -40.75 -57.20
CA GLY D 2338 -29.48 -41.17 -56.39
C GLY D 2338 -30.52 -41.94 -57.19
N GLY D 2339 -30.76 -41.54 -58.43
CA GLY D 2339 -31.74 -42.22 -59.27
C GLY D 2339 -31.98 -41.55 -60.60
N ASN D 2340 -33.23 -41.61 -61.06
CA ASN D 2340 -33.65 -41.03 -62.34
C ASN D 2340 -32.82 -41.59 -63.51
N GLY D 2341 -32.56 -42.89 -63.47
CA GLY D 2341 -31.85 -43.55 -64.54
C GLY D 2341 -32.77 -44.07 -65.63
N LEU D 2342 -33.43 -43.15 -66.34
CA LEU D 2342 -34.45 -43.51 -67.32
C LEU D 2342 -33.88 -44.23 -68.54
N LEU D 2343 -32.56 -44.23 -68.73
CA LEU D 2343 -31.97 -44.90 -69.88
C LEU D 2343 -32.20 -46.41 -69.81
N ALA D 2344 -32.07 -47.01 -68.62
CA ALA D 2344 -32.21 -48.45 -68.46
C ALA D 2344 -33.36 -48.85 -67.55
N ALA D 2345 -33.99 -47.92 -66.84
CA ALA D 2345 -35.06 -48.28 -65.91
C ALA D 2345 -36.27 -48.85 -66.64
N MET D 2346 -36.71 -48.17 -67.71
CA MET D 2346 -37.85 -48.67 -68.45
C MET D 2346 -37.52 -49.96 -69.22
N GLU D 2347 -36.28 -50.09 -69.67
CA GLU D 2347 -35.85 -51.34 -70.30
C GLU D 2347 -35.91 -52.50 -69.31
N GLU D 2348 -35.42 -52.29 -68.09
CA GLU D 2348 -35.50 -53.32 -67.07
C GLU D 2348 -36.95 -53.63 -66.69
N ALA D 2349 -37.79 -52.60 -66.65
CA ALA D 2349 -39.21 -52.82 -66.34
C ALA D 2349 -39.89 -53.65 -67.42
N ILE D 2350 -39.66 -53.32 -68.69
CA ILE D 2350 -40.27 -54.07 -69.78
C ILE D 2350 -39.67 -55.46 -69.91
N LYS D 2351 -38.43 -55.66 -69.42
CA LYS D 2351 -37.87 -57.00 -69.40
C LYS D 2351 -38.49 -57.84 -68.29
N ILE D 2352 -38.67 -57.25 -67.11
CA ILE D 2352 -39.28 -57.96 -65.97
C ILE D 2352 -40.78 -58.11 -66.10
N ALA D 2353 -41.41 -57.39 -67.03
CA ALA D 2353 -42.84 -57.56 -67.26
C ALA D 2353 -43.16 -58.98 -67.71
N GLU D 2354 -42.35 -59.54 -68.61
CA GLU D 2354 -42.49 -60.93 -69.03
C GLU D 2354 -41.59 -61.83 -68.19
N ASP D 2355 -41.78 -61.75 -66.87
CA ASP D 2355 -40.97 -62.48 -65.92
C ASP D 2355 -41.74 -62.61 -64.62
N PRO D 2356 -41.42 -63.61 -63.77
CA PRO D 2356 -42.06 -63.70 -62.45
C PRO D 2356 -41.63 -62.59 -61.51
N MET D 2383 -47.37 -55.69 -59.82
CA MET D 2383 -46.04 -55.57 -60.40
C MET D 2383 -46.16 -55.47 -61.91
N GLY D 2384 -45.07 -55.16 -62.60
CA GLY D 2384 -45.12 -54.95 -64.04
C GLY D 2384 -45.26 -53.48 -64.38
N ASN D 2385 -46.50 -53.04 -64.60
CA ASN D 2385 -46.77 -51.64 -64.91
C ASN D 2385 -46.54 -50.71 -63.73
N ALA D 2386 -46.28 -51.25 -62.54
CA ALA D 2386 -46.14 -50.41 -61.35
C ALA D 2386 -44.93 -49.48 -61.44
N ILE D 2387 -43.76 -50.05 -61.76
CA ILE D 2387 -42.54 -49.24 -61.81
C ILE D 2387 -42.60 -48.23 -62.96
N MET D 2388 -43.06 -48.69 -64.13
CA MET D 2388 -43.19 -47.79 -65.27
C MET D 2388 -44.18 -46.66 -64.99
N THR D 2389 -45.30 -46.98 -64.35
CA THR D 2389 -46.28 -45.96 -64.01
C THR D 2389 -45.74 -44.98 -62.99
N PHE D 2390 -44.96 -45.48 -62.02
CA PHE D 2390 -44.35 -44.60 -61.03
C PHE D 2390 -43.37 -43.63 -61.69
N TYR D 2391 -42.52 -44.13 -62.58
CA TYR D 2391 -41.58 -43.26 -63.27
C TYR D 2391 -42.30 -42.27 -64.18
N ALA D 2392 -43.36 -42.72 -64.87
CA ALA D 2392 -44.14 -41.83 -65.71
C ALA D 2392 -44.80 -40.73 -64.91
N ALA D 2393 -45.34 -41.07 -63.73
CA ALA D 2393 -45.93 -40.06 -62.87
C ALA D 2393 -44.88 -39.07 -62.38
N LEU D 2394 -43.68 -39.56 -62.07
CA LEU D 2394 -42.61 -38.67 -61.63
C LEU D 2394 -42.24 -37.67 -62.73
N ILE D 2395 -42.03 -38.16 -63.96
CA ILE D 2395 -41.61 -37.22 -65.01
C ILE D 2395 -42.77 -36.32 -65.41
N ASP D 2396 -44.01 -36.81 -65.31
CA ASP D 2396 -45.17 -35.94 -65.57
C ASP D 2396 -45.26 -34.83 -64.54
N LEU D 2397 -45.03 -35.15 -63.26
CA LEU D 2397 -45.00 -34.13 -62.23
C LEU D 2397 -43.90 -33.11 -62.48
N LEU D 2398 -42.72 -33.59 -62.89
CA LEU D 2398 -41.62 -32.68 -63.18
C LEU D 2398 -41.95 -31.78 -64.36
N GLY D 2399 -42.57 -32.33 -65.40
CA GLY D 2399 -42.93 -31.53 -66.56
C GLY D 2399 -43.99 -30.49 -66.26
N ARG D 2400 -45.03 -30.88 -65.51
CA ARG D 2400 -46.03 -29.90 -65.08
C ARG D 2400 -45.45 -28.91 -64.08
N CYS D 2401 -44.35 -29.26 -63.43
CA CYS D 2401 -43.66 -28.37 -62.50
C CYS D 2401 -42.76 -27.36 -63.21
N ALA D 2402 -42.49 -27.55 -64.50
CA ALA D 2402 -41.60 -26.67 -65.22
C ALA D 2402 -42.22 -25.29 -65.39
N PRO D 2403 -41.41 -24.23 -65.37
CA PRO D 2403 -41.94 -22.88 -65.61
C PRO D 2403 -42.49 -22.75 -67.03
N GLU D 2404 -43.50 -21.89 -67.18
CA GLU D 2404 -44.13 -21.68 -68.48
C GLU D 2404 -43.16 -20.99 -69.42
N MET D 2405 -42.81 -21.67 -70.51
CA MET D 2405 -41.84 -21.15 -71.47
C MET D 2405 -42.48 -20.02 -72.26
N HIS D 2406 -42.17 -18.79 -71.86
CA HIS D 2406 -42.60 -17.56 -72.52
C HIS D 2406 -44.11 -17.38 -72.57
N LEU D 2407 -44.87 -18.20 -71.83
CA LEU D 2407 -46.32 -18.03 -71.79
C LEU D 2407 -46.69 -16.76 -71.03
N ILE D 2408 -46.01 -16.50 -69.92
CA ILE D 2408 -46.21 -15.30 -69.12
C ILE D 2408 -44.93 -14.48 -69.02
N HIS D 2409 -43.81 -15.13 -68.68
CA HIS D 2409 -42.54 -14.46 -68.53
C HIS D 2409 -41.48 -15.19 -69.35
N ALA D 2410 -40.63 -14.41 -70.02
CA ALA D 2410 -39.53 -14.97 -70.78
C ALA D 2410 -38.22 -14.21 -70.60
N GLY D 2411 -38.21 -13.11 -69.84
CA GLY D 2411 -37.00 -12.34 -69.66
C GLY D 2411 -35.97 -13.03 -68.79
N LYS D 2412 -36.25 -13.13 -67.49
CA LYS D 2412 -35.32 -13.74 -66.54
C LYS D 2412 -36.04 -13.90 -65.21
N GLY D 2413 -35.36 -14.54 -64.26
CA GLY D 2413 -35.83 -14.64 -62.90
C GLY D 2413 -36.49 -15.96 -62.56
N GLU D 2414 -35.71 -16.86 -61.94
CA GLU D 2414 -36.18 -18.15 -61.42
C GLU D 2414 -36.85 -19.01 -62.49
N ALA D 2415 -36.61 -18.74 -63.77
CA ALA D 2415 -37.18 -19.53 -64.85
C ALA D 2415 -36.09 -20.31 -65.59
N ILE D 2416 -35.06 -19.62 -66.10
CA ILE D 2416 -33.94 -20.32 -66.70
C ILE D 2416 -33.19 -21.13 -65.64
N ARG D 2417 -33.25 -20.69 -64.38
CA ARG D 2417 -32.64 -21.44 -63.29
C ARG D 2417 -33.28 -22.82 -63.14
N ILE D 2418 -34.61 -22.85 -63.03
CA ILE D 2418 -35.32 -24.12 -62.91
C ILE D 2418 -35.21 -24.93 -64.19
N ARG D 2419 -35.19 -24.26 -65.35
CA ARG D 2419 -35.02 -24.96 -66.61
C ARG D 2419 -33.67 -25.68 -66.66
N SER D 2420 -32.59 -25.01 -66.23
CA SER D 2420 -31.28 -25.64 -66.21
C SER D 2420 -31.21 -26.76 -65.19
N ILE D 2421 -31.87 -26.58 -64.04
CA ILE D 2421 -31.90 -27.64 -63.04
C ILE D 2421 -32.60 -28.88 -63.59
N LEU D 2422 -33.71 -28.68 -64.29
CA LEU D 2422 -34.42 -29.81 -64.91
C LEU D 2422 -33.59 -30.44 -66.02
N ARG D 2423 -32.89 -29.62 -66.82
CA ARG D 2423 -32.06 -30.15 -67.90
C ARG D 2423 -30.88 -30.95 -67.38
N SER D 2424 -30.39 -30.61 -66.18
CA SER D 2424 -29.25 -31.33 -65.62
C SER D 2424 -29.60 -32.78 -65.35
N LEU D 2425 -30.83 -33.05 -64.89
CA LEU D 2425 -31.27 -34.42 -64.65
C LEU D 2425 -31.49 -35.16 -65.96
N GLY D 2429 -28.52 -33.36 -69.20
CA GLY D 2429 -27.83 -34.29 -70.06
C GLY D 2429 -28.63 -35.55 -70.35
N ASP D 2430 -28.92 -36.31 -69.29
CA ASP D 2430 -29.71 -37.52 -69.46
C ASP D 2430 -31.12 -37.21 -69.91
N LEU D 2431 -31.75 -36.19 -69.32
CA LEU D 2431 -33.09 -35.80 -69.73
C LEU D 2431 -33.11 -34.99 -71.02
N VAL D 2432 -31.96 -34.50 -71.48
CA VAL D 2432 -31.91 -33.84 -72.78
C VAL D 2432 -32.20 -34.85 -73.90
N GLY D 2433 -31.52 -35.99 -73.85
CA GLY D 2433 -31.80 -37.06 -74.79
C GLY D 2433 -32.66 -38.14 -74.19
N VAL D 2434 -33.97 -38.08 -74.47
CA VAL D 2434 -34.90 -39.11 -74.02
C VAL D 2434 -35.66 -39.60 -75.24
N ILE D 2435 -35.04 -39.46 -76.42
CA ILE D 2435 -35.64 -39.95 -77.65
C ILE D 2435 -35.75 -41.47 -77.62
N SER D 2436 -34.72 -42.14 -77.10
CA SER D 2436 -34.72 -43.59 -77.03
C SER D 2436 -35.81 -44.14 -76.12
N ILE D 2437 -36.42 -43.28 -75.30
CA ILE D 2437 -37.53 -43.69 -74.44
C ILE D 2437 -38.87 -43.23 -75.01
N ALA D 2438 -38.95 -41.99 -75.47
CA ALA D 2438 -40.20 -41.47 -76.02
C ALA D 2438 -40.57 -42.16 -77.32
N PHE D 2439 -39.63 -42.23 -78.26
CA PHE D 2439 -39.84 -42.91 -79.54
C PHE D 2439 -39.40 -44.36 -79.51
N GLN D 2440 -39.34 -44.97 -78.33
CA GLN D 2440 -39.00 -46.39 -78.23
C GLN D 2440 -40.09 -47.22 -78.91
N MET D 2441 -39.71 -48.42 -79.35
CA MET D 2441 -40.63 -49.31 -80.06
C MET D 2441 -40.80 -50.67 -79.39
N PRO D 2442 -41.30 -50.72 -78.12
CA PRO D 2442 -42.06 -51.90 -77.65
C PRO D 2442 -43.56 -51.67 -77.83
N THR D 2443 -43.96 -51.29 -79.04
CA THR D 2443 -45.31 -50.80 -79.28
C THR D 2443 -46.35 -51.87 -78.98
N ILE D 2444 -46.11 -53.11 -79.42
CA ILE D 2444 -46.93 -54.28 -79.13
C ILE D 2444 -48.34 -54.09 -79.69
N ALA D 2445 -48.62 -54.74 -80.82
CA ALA D 2445 -49.97 -54.68 -81.39
C ALA D 2445 -51.01 -55.31 -80.48
N LYS D 2446 -50.58 -56.08 -79.47
CA LYS D 2446 -51.44 -56.66 -78.45
C LYS D 2446 -52.49 -57.57 -79.07
N ASP D 2447 -53.69 -57.03 -79.32
CA ASP D 2447 -54.74 -57.83 -79.93
C ASP D 2447 -54.32 -58.31 -81.32
N GLY D 2448 -53.68 -57.44 -82.10
CA GLY D 2448 -53.15 -57.80 -83.39
C GLY D 2448 -54.17 -58.40 -84.32
N LYS D 2449 -53.98 -59.68 -84.67
CA LYS D 2449 -54.96 -60.39 -85.48
C LYS D 2449 -56.28 -60.58 -84.74
N VAL D 2450 -56.28 -61.44 -83.70
CA VAL D 2450 -57.53 -61.76 -83.00
C VAL D 2450 -57.44 -61.59 -81.48
N VAL D 2451 -56.36 -62.06 -80.84
CA VAL D 2451 -56.38 -62.22 -79.39
C VAL D 2451 -55.15 -61.60 -78.72
N GLU D 2452 -55.03 -61.83 -77.40
CA GLU D 2452 -54.03 -61.34 -76.47
C GLU D 2452 -54.13 -59.82 -76.28
N PRO D 2453 -55.26 -59.31 -75.73
CA PRO D 2453 -55.34 -57.86 -75.42
C PRO D 2453 -54.91 -57.52 -74.00
N ASP D 2454 -53.60 -57.58 -73.76
CA ASP D 2454 -53.07 -57.39 -72.41
C ASP D 2454 -53.17 -55.93 -71.95
N MET D 2455 -54.24 -55.62 -71.22
CA MET D 2455 -54.39 -54.30 -70.62
C MET D 2455 -53.52 -54.14 -69.37
N SER D 2456 -53.41 -55.20 -68.58
CA SER D 2456 -52.78 -55.10 -67.26
C SER D 2456 -51.27 -54.91 -67.37
N ALA D 2457 -50.61 -55.72 -68.20
CA ALA D 2457 -49.16 -55.68 -68.33
C ALA D 2457 -48.81 -55.14 -69.70
N GLY D 2458 -47.91 -54.15 -69.73
CA GLY D 2458 -47.50 -53.51 -70.96
C GLY D 2458 -47.64 -52.00 -70.85
N PHE D 2459 -46.84 -51.29 -71.64
CA PHE D 2459 -46.89 -49.84 -71.62
C PHE D 2459 -48.20 -49.34 -72.23
N CYS D 2460 -48.73 -48.25 -71.69
CA CYS D 2460 -49.96 -47.68 -72.21
C CYS D 2460 -49.66 -46.74 -73.37
N PRO D 2461 -50.62 -46.54 -74.27
CA PRO D 2461 -50.45 -45.50 -75.28
C PRO D 2461 -50.23 -44.12 -74.69
N ASP D 2462 -50.85 -43.83 -73.56
CA ASP D 2462 -50.66 -42.58 -72.85
C ASP D 2462 -49.48 -42.62 -71.87
N HIS D 2463 -48.68 -43.70 -71.90
CA HIS D 2463 -47.48 -43.74 -71.07
C HIS D 2463 -46.41 -42.79 -71.59
N LYS D 2464 -46.37 -42.56 -72.90
CA LYS D 2464 -45.47 -41.61 -73.52
C LYS D 2464 -46.01 -40.18 -73.49
N ALA D 2465 -47.23 -40.00 -72.97
CA ALA D 2465 -47.75 -38.66 -72.79
C ALA D 2465 -46.90 -37.87 -71.80
N ALA D 2466 -46.37 -38.54 -70.77
CA ALA D 2466 -45.43 -37.88 -69.86
C ALA D 2466 -44.16 -37.47 -70.59
N MET D 2467 -43.66 -38.34 -71.48
CA MET D 2467 -42.47 -38.00 -72.26
C MET D 2467 -42.70 -36.74 -73.08
N VAL D 2468 -43.80 -36.73 -73.84
CA VAL D 2468 -44.06 -35.60 -74.74
C VAL D 2468 -44.41 -34.35 -73.95
N LEU D 2469 -45.02 -34.49 -72.77
CA LEU D 2469 -45.32 -33.33 -71.94
C LEU D 2469 -44.06 -32.70 -71.39
N PHE D 2470 -43.12 -33.52 -70.91
CA PHE D 2470 -41.83 -32.99 -70.47
C PHE D 2470 -41.11 -32.32 -71.62
N LEU D 2471 -41.12 -32.94 -72.80
CA LEU D 2471 -40.44 -32.35 -73.96
C LEU D 2471 -41.04 -31.00 -74.32
N ASP D 2472 -42.37 -30.92 -74.40
CA ASP D 2472 -43.02 -29.66 -74.78
C ASP D 2472 -42.84 -28.59 -73.71
N ARG D 2473 -42.83 -28.99 -72.43
CA ARG D 2473 -42.75 -28.00 -71.36
C ARG D 2473 -41.33 -27.45 -71.21
N VAL D 2474 -40.31 -28.30 -71.40
CA VAL D 2474 -38.94 -27.86 -71.16
C VAL D 2474 -38.25 -27.50 -72.46
N TYR D 2475 -38.13 -28.46 -73.38
CA TYR D 2475 -37.36 -28.23 -74.60
C TYR D 2475 -38.25 -27.76 -75.74
N GLY D 2476 -39.24 -28.56 -76.13
CA GLY D 2476 -40.10 -28.22 -77.24
C GLY D 2476 -39.41 -28.32 -78.58
N ILE D 2477 -40.16 -28.10 -79.66
CA ILE D 2477 -39.56 -28.09 -81.01
C ILE D 2477 -39.18 -26.64 -81.28
N GLU D 2478 -38.01 -26.26 -80.79
CA GLU D 2478 -37.50 -24.91 -81.00
C GLU D 2478 -36.97 -24.71 -82.41
N VAL D 2479 -36.70 -25.79 -83.14
CA VAL D 2479 -36.19 -25.71 -84.50
C VAL D 2479 -36.64 -26.96 -85.25
N GLN D 2480 -36.74 -26.85 -86.57
CA GLN D 2480 -37.13 -27.98 -87.39
C GLN D 2480 -36.03 -29.01 -87.55
N ASP D 2481 -34.79 -28.68 -87.18
CA ASP D 2481 -33.70 -29.64 -87.26
C ASP D 2481 -33.94 -30.80 -86.29
N PHE D 2482 -34.38 -30.51 -85.07
CA PHE D 2482 -34.68 -31.57 -84.11
C PHE D 2482 -35.87 -32.40 -84.58
N LEU D 2483 -36.86 -31.77 -85.19
CA LEU D 2483 -38.00 -32.50 -85.74
C LEU D 2483 -37.57 -33.44 -86.84
N LEU D 2484 -36.67 -32.98 -87.72
CA LEU D 2484 -36.16 -33.85 -88.79
C LEU D 2484 -35.30 -34.97 -88.23
N HIS D 2485 -34.52 -34.69 -87.17
CA HIS D 2485 -33.77 -35.74 -86.51
C HIS D 2485 -34.69 -36.81 -85.94
N LEU D 2486 -35.79 -36.38 -85.31
CA LEU D 2486 -36.80 -37.33 -84.86
C LEU D 2486 -37.67 -37.84 -85.98
N LEU D 2487 -37.70 -37.13 -87.12
CA LEU D 2487 -38.57 -37.45 -88.26
C LEU D 2487 -40.02 -37.54 -87.80
N GLU D 2488 -40.50 -38.75 -87.59
CA GLU D 2488 -41.81 -38.97 -86.99
C GLU D 2488 -41.62 -39.19 -85.49
N VAL D 2489 -42.35 -38.42 -84.67
CA VAL D 2489 -42.20 -38.52 -83.22
C VAL D 2489 -42.55 -39.92 -82.75
N GLY D 2490 -43.80 -40.33 -82.96
CA GLY D 2490 -44.20 -41.69 -82.71
C GLY D 2490 -44.15 -42.53 -83.98
N PHE D 2491 -42.95 -42.72 -84.53
CA PHE D 2491 -42.82 -43.42 -85.81
C PHE D 2491 -43.34 -44.84 -85.72
N LEU D 2492 -42.91 -45.60 -84.72
CA LEU D 2492 -43.45 -46.93 -84.49
C LEU D 2492 -44.89 -46.87 -83.97
N PRO D 2493 -45.25 -45.91 -83.10
CA PRO D 2493 -46.68 -45.67 -82.87
C PRO D 2493 -47.46 -45.33 -84.13
N ASP D 2494 -46.86 -44.58 -85.07
CA ASP D 2494 -47.54 -44.32 -86.33
C ASP D 2494 -47.75 -45.61 -87.13
N LEU D 2495 -46.73 -46.47 -87.15
CA LEU D 2495 -46.88 -47.76 -87.83
C LEU D 2495 -47.96 -48.61 -87.17
N ARG D 2496 -48.02 -48.59 -85.84
CA ARG D 2496 -49.06 -49.34 -85.12
C ARG D 2496 -50.44 -48.79 -85.43
N ALA D 2497 -50.57 -47.47 -85.50
CA ALA D 2497 -51.85 -46.86 -85.84
C ALA D 2497 -52.27 -47.19 -87.26
N ALA D 2498 -51.30 -47.22 -88.19
CA ALA D 2498 -51.59 -47.65 -89.56
C ALA D 2498 -52.05 -49.10 -89.59
N ALA D 2499 -51.38 -49.96 -88.82
CA ALA D 2499 -51.77 -51.36 -88.74
C ALA D 2499 -53.08 -51.58 -87.98
N SER D 2500 -53.55 -50.57 -87.25
CA SER D 2500 -54.81 -50.67 -86.53
C SER D 2500 -56.04 -50.59 -87.43
N LEU D 2501 -55.87 -50.19 -88.68
CA LEU D 2501 -56.98 -50.10 -89.62
C LEU D 2501 -57.49 -51.48 -90.01
N SER D 2507 -59.76 -53.33 -87.01
CA SER D 2507 -59.71 -54.27 -85.89
C SER D 2507 -60.43 -53.71 -84.67
N ALA D 2508 -59.92 -52.59 -84.16
CA ALA D 2508 -60.47 -51.87 -83.01
C ALA D 2508 -60.50 -52.71 -81.75
N THR D 2509 -61.03 -52.14 -80.66
CA THR D 2509 -61.12 -52.78 -79.35
C THR D 2509 -59.75 -53.30 -78.90
N ASP D 2510 -58.75 -52.43 -79.00
CA ASP D 2510 -57.36 -52.83 -78.82
C ASP D 2510 -56.54 -51.59 -78.45
N MET D 2511 -55.21 -51.69 -78.63
CA MET D 2511 -54.31 -50.55 -78.48
C MET D 2511 -54.81 -49.28 -79.18
N ALA D 2512 -55.56 -49.43 -80.28
CA ALA D 2512 -55.98 -48.26 -81.06
C ALA D 2512 -56.90 -47.34 -80.26
N LEU D 2513 -57.68 -47.88 -79.32
CA LEU D 2513 -58.65 -47.07 -78.58
C LEU D 2513 -57.96 -45.98 -77.78
N ALA D 2514 -56.85 -46.29 -77.13
CA ALA D 2514 -56.08 -45.27 -76.40
C ALA D 2514 -54.98 -44.64 -77.24
N LEU D 2515 -54.53 -45.33 -78.29
CA LEU D 2515 -53.56 -44.73 -79.19
C LEU D 2515 -54.16 -43.56 -79.96
N ASN D 2516 -55.46 -43.62 -80.24
CA ASN D 2516 -56.14 -42.48 -80.85
C ASN D 2516 -56.07 -41.26 -79.94
N ARG D 2517 -56.33 -41.44 -78.64
CA ARG D 2517 -56.24 -40.34 -77.69
C ARG D 2517 -54.80 -39.85 -77.56
N TYR D 2518 -53.83 -40.78 -77.56
CA TYR D 2518 -52.43 -40.41 -77.47
C TYR D 2518 -52.00 -39.56 -78.67
N LEU D 2519 -52.43 -39.95 -79.86
CA LEU D 2519 -52.09 -39.16 -81.05
C LEU D 2519 -52.86 -37.85 -81.08
N CYS D 2520 -54.08 -37.81 -80.53
CA CYS D 2520 -54.81 -36.55 -80.44
C CYS D 2520 -54.14 -35.59 -79.47
N THR D 2521 -53.52 -36.11 -78.41
CA THR D 2521 -52.76 -35.26 -77.50
C THR D 2521 -51.47 -34.76 -78.13
N ALA D 2522 -51.04 -35.36 -79.24
CA ALA D 2522 -49.83 -34.92 -79.96
C ALA D 2522 -50.20 -33.72 -80.85
N VAL D 2523 -50.44 -32.59 -80.18
CA VAL D 2523 -50.78 -31.36 -80.89
C VAL D 2523 -49.51 -30.59 -81.27
N LEU D 2524 -48.36 -30.99 -80.74
CA LEU D 2524 -47.08 -30.33 -80.99
C LEU D 2524 -46.68 -30.21 -82.46
N PRO D 2525 -47.22 -31.02 -83.39
CA PRO D 2525 -47.09 -30.64 -84.80
C PRO D 2525 -47.74 -29.31 -85.14
N LEU D 2526 -48.72 -28.85 -84.36
CA LEU D 2526 -49.40 -27.58 -84.63
C LEU D 2526 -48.63 -26.43 -83.97
N LEU D 2527 -47.32 -26.40 -84.23
CA LEU D 2527 -46.46 -25.32 -83.74
C LEU D 2527 -45.49 -24.89 -84.85
N GLN D 2578 -35.63 -32.35 -97.21
CA GLN D 2578 -35.12 -33.61 -96.69
C GLN D 2578 -35.56 -34.78 -97.57
N LEU D 2579 -36.84 -35.14 -97.46
CA LEU D 2579 -37.42 -36.21 -98.26
C LEU D 2579 -38.93 -35.99 -98.32
N ARG D 2580 -39.65 -37.01 -98.81
CA ARG D 2580 -41.11 -36.97 -98.91
C ARG D 2580 -41.67 -38.09 -98.06
N PRO D 2581 -42.03 -37.81 -96.79
CA PRO D 2581 -42.60 -38.86 -95.93
C PRO D 2581 -44.04 -39.18 -96.30
N SER D 2582 -44.67 -40.08 -95.55
CA SER D 2582 -46.05 -40.47 -95.77
C SER D 2582 -47.05 -39.60 -95.04
N MET D 2583 -46.66 -38.38 -94.64
CA MET D 2583 -47.54 -37.50 -93.89
C MET D 2583 -48.77 -37.10 -94.68
N MET D 2584 -48.71 -37.15 -96.01
CA MET D 2584 -49.87 -36.80 -96.81
C MET D 2584 -50.95 -37.87 -96.76
N GLN D 2585 -50.56 -39.12 -96.55
CA GLN D 2585 -51.51 -40.24 -96.55
C GLN D 2585 -51.68 -40.91 -95.21
N HIS D 2586 -50.66 -40.91 -94.35
CA HIS D 2586 -50.77 -41.55 -93.05
C HIS D 2586 -51.81 -40.86 -92.17
N LEU D 2587 -51.82 -39.53 -92.20
CA LEU D 2587 -52.80 -38.79 -91.40
C LEU D 2587 -54.22 -39.05 -91.88
N LEU D 2588 -54.43 -39.12 -93.20
CA LEU D 2588 -55.76 -39.44 -93.71
C LEU D 2588 -56.15 -40.87 -93.38
N ARG D 2589 -55.20 -41.80 -93.43
CA ARG D 2589 -55.49 -43.19 -93.08
C ARG D 2589 -55.87 -43.31 -91.60
N ARG D 2590 -55.22 -42.54 -90.73
CA ARG D 2590 -55.63 -42.51 -89.34
C ARG D 2590 -56.96 -41.81 -89.15
N LEU D 2591 -57.27 -40.83 -90.01
CA LEU D 2591 -58.51 -40.07 -89.87
C LEU D 2591 -59.72 -40.88 -90.28
N VAL D 2592 -59.60 -41.71 -91.34
CA VAL D 2592 -60.75 -42.42 -91.88
C VAL D 2592 -61.21 -43.57 -90.99
N PHE D 2593 -60.55 -43.80 -89.86
CA PHE D 2593 -61.01 -44.81 -88.91
C PHE D 2593 -62.30 -44.33 -88.26
N ASP D 2594 -63.40 -45.02 -88.55
CA ASP D 2594 -64.71 -44.60 -88.07
C ASP D 2594 -65.00 -45.02 -86.64
N VAL D 2595 -64.12 -45.83 -86.03
CA VAL D 2595 -64.36 -46.30 -84.66
C VAL D 2595 -64.38 -45.15 -83.65
N PRO D 2596 -63.39 -44.24 -83.62
CA PRO D 2596 -63.50 -43.11 -82.68
C PRO D 2596 -64.54 -42.10 -83.15
N LEU D 2597 -65.21 -41.49 -82.18
CA LEU D 2597 -66.22 -40.47 -82.42
C LEU D 2597 -65.84 -39.19 -81.71
N LEU D 2598 -65.96 -38.06 -82.42
CA LEU D 2598 -65.60 -36.73 -81.95
C LEU D 2598 -64.13 -36.62 -81.56
N ASN D 2599 -63.31 -37.61 -81.94
CA ASN D 2599 -61.87 -37.57 -81.74
C ASN D 2599 -61.14 -37.00 -82.94
N GLU D 2600 -61.83 -36.84 -84.06
CA GLU D 2600 -61.20 -36.26 -85.24
C GLU D 2600 -60.90 -34.76 -85.06
N HIS D 2601 -61.53 -34.11 -84.08
CA HIS D 2601 -61.41 -32.66 -83.94
C HIS D 2601 -59.97 -32.19 -83.75
N ALA D 2602 -59.07 -33.09 -83.38
CA ALA D 2602 -57.64 -32.80 -83.36
C ALA D 2602 -56.92 -33.21 -84.64
N LYS D 2603 -57.66 -33.48 -85.73
CA LYS D 2603 -57.04 -33.93 -86.98
C LYS D 2603 -57.16 -32.92 -88.11
N MET D 2604 -58.35 -32.37 -88.39
CA MET D 2604 -58.46 -31.45 -89.52
C MET D 2604 -57.72 -30.13 -89.34
N PRO D 2605 -57.67 -29.50 -88.15
CA PRO D 2605 -56.81 -28.30 -88.06
C PRO D 2605 -55.34 -28.61 -88.28
N LEU D 2606 -54.87 -29.74 -87.75
CA LEU D 2606 -53.50 -30.17 -88.01
C LEU D 2606 -53.27 -30.38 -89.50
N LYS D 2607 -54.20 -31.05 -90.18
CA LYS D 2607 -54.04 -31.31 -91.61
C LYS D 2607 -54.06 -30.01 -92.40
N LEU D 2608 -54.99 -29.11 -92.09
CA LEU D 2608 -55.11 -27.86 -92.83
C LEU D 2608 -53.88 -26.98 -92.64
N LEU D 2609 -53.33 -26.94 -91.43
CA LEU D 2609 -52.14 -26.13 -91.21
C LEU D 2609 -50.88 -26.77 -91.77
N THR D 2610 -50.75 -28.10 -91.69
CA THR D 2610 -49.56 -28.76 -92.21
C THR D 2610 -49.57 -28.88 -93.73
N ASN D 2611 -50.73 -28.73 -94.37
CA ASN D 2611 -50.76 -28.67 -95.83
C ASN D 2611 -50.28 -27.31 -96.31
N HIS D 2612 -50.67 -26.24 -95.63
CA HIS D 2612 -50.22 -24.90 -96.00
C HIS D 2612 -48.75 -24.69 -95.63
N TYR D 2613 -48.31 -25.24 -94.50
CA TYR D 2613 -46.92 -25.11 -94.09
C TYR D 2613 -45.99 -25.84 -95.05
N GLU D 2614 -46.38 -27.04 -95.50
CA GLU D 2614 -45.58 -27.79 -96.44
C GLU D 2614 -45.59 -27.11 -97.80
N ARG D 2615 -44.43 -27.09 -98.45
CA ARG D 2615 -44.30 -26.47 -99.75
C ARG D 2615 -45.01 -27.31 -100.81
N CYS D 2616 -45.50 -26.63 -101.85
CA CYS D 2616 -46.18 -27.33 -102.94
C CYS D 2616 -45.21 -28.20 -103.73
N TRP D 2617 -43.93 -27.84 -103.76
CA TRP D 2617 -42.94 -28.65 -104.45
C TRP D 2617 -42.76 -30.01 -103.77
N LYS D 2618 -42.69 -30.02 -102.45
CA LYS D 2618 -42.58 -31.27 -101.71
C LYS D 2618 -43.92 -32.01 -101.65
N TYR D 2619 -45.02 -31.31 -101.86
CA TYR D 2619 -46.36 -31.92 -101.85
C TYR D 2619 -46.64 -32.48 -103.24
N TYR D 2620 -46.20 -33.71 -103.47
CA TYR D 2620 -46.37 -34.36 -104.76
C TYR D 2620 -47.31 -35.54 -104.74
N CYS D 2621 -47.55 -36.16 -103.58
CA CYS D 2621 -48.44 -37.30 -103.46
C CYS D 2621 -49.88 -36.89 -103.20
N LEU D 2622 -50.26 -35.66 -103.57
CA LEU D 2622 -51.64 -35.22 -103.34
C LEU D 2622 -52.65 -35.92 -104.23
N PRO D 2623 -52.57 -35.87 -105.59
CA PRO D 2623 -53.66 -36.44 -106.40
C PRO D 2623 -53.87 -37.93 -106.17
N GLY D 2624 -52.89 -38.77 -106.49
CA GLY D 2624 -53.07 -40.21 -106.35
C GLY D 2624 -53.19 -40.64 -104.89
N GLY D 2625 -52.57 -39.88 -103.99
CA GLY D 2625 -52.64 -40.24 -102.58
C GLY D 2625 -54.03 -40.03 -101.99
N TRP D 2626 -54.60 -38.84 -102.18
CA TRP D 2626 -55.87 -38.54 -101.52
C TRP D 2626 -56.93 -37.99 -102.46
N GLY D 2627 -56.54 -37.23 -103.49
CA GLY D 2627 -57.53 -36.51 -104.28
C GLY D 2627 -58.33 -37.42 -105.18
N ASN D 2628 -57.72 -38.49 -105.69
CA ASN D 2628 -58.47 -39.45 -106.49
C ASN D 2628 -59.53 -40.15 -105.65
N PHE D 2629 -59.18 -40.54 -104.42
CA PHE D 2629 -60.16 -41.16 -103.53
C PHE D 2629 -61.24 -40.17 -103.12
N GLY D 2630 -60.86 -38.90 -102.90
CA GLY D 2630 -61.86 -37.90 -102.58
C GLY D 2630 -62.80 -37.61 -103.73
N ALA D 2631 -62.29 -37.64 -104.96
CA ALA D 2631 -63.14 -37.46 -106.14
C ALA D 2631 -64.05 -38.67 -106.34
N ALA D 2632 -63.54 -39.87 -106.10
CA ALA D 2632 -64.38 -41.06 -106.20
C ALA D 2632 -65.44 -41.10 -105.12
N SER D 2633 -65.22 -40.42 -104.00
CA SER D 2633 -66.18 -40.36 -102.91
C SER D 2633 -67.14 -39.19 -103.13
N GLU D 2634 -68.44 -39.47 -103.01
CA GLU D 2634 -69.46 -38.45 -103.21
C GLU D 2634 -69.78 -37.71 -101.92
N GLU D 2635 -70.21 -38.45 -100.89
CA GLU D 2635 -70.60 -37.89 -99.60
C GLU D 2635 -69.98 -38.68 -98.46
N GLU D 2636 -68.67 -38.91 -98.55
CA GLU D 2636 -67.96 -39.71 -97.56
C GLU D 2636 -67.76 -38.88 -96.28
N LEU D 2637 -67.01 -39.45 -95.33
CA LEU D 2637 -66.80 -38.78 -94.05
C LEU D 2637 -65.93 -37.53 -94.20
N HIS D 2638 -65.10 -37.47 -95.22
CA HIS D 2638 -64.23 -36.31 -95.46
C HIS D 2638 -65.01 -35.27 -96.23
N LEU D 2639 -65.91 -34.57 -95.51
CA LEU D 2639 -66.70 -33.52 -96.12
C LEU D 2639 -65.84 -32.30 -96.46
N SER D 2640 -64.81 -32.03 -95.67
CA SER D 2640 -63.91 -30.91 -95.89
C SER D 2640 -62.76 -31.25 -96.83
N ARG D 2641 -62.92 -32.28 -97.66
CA ARG D 2641 -61.86 -32.65 -98.60
C ARG D 2641 -61.62 -31.57 -99.64
N LYS D 2642 -62.69 -30.93 -100.12
CA LYS D 2642 -62.54 -29.85 -101.09
C LYS D 2642 -61.77 -28.68 -100.49
N LEU D 2643 -62.11 -28.30 -99.25
CA LEU D 2643 -61.38 -27.21 -98.59
C LEU D 2643 -59.93 -27.59 -98.34
N PHE D 2644 -59.68 -28.83 -97.92
CA PHE D 2644 -58.32 -29.28 -97.68
C PHE D 2644 -57.50 -29.25 -98.97
N TRP D 2645 -58.11 -29.63 -100.09
CA TRP D 2645 -57.41 -29.56 -101.36
C TRP D 2645 -57.16 -28.13 -101.80
N GLY D 2646 -58.15 -27.25 -101.60
CA GLY D 2646 -58.05 -25.88 -102.04
C GLY D 2646 -57.36 -24.91 -101.09
N ILE D 2647 -56.88 -25.39 -99.95
CA ILE D 2647 -56.12 -24.53 -99.03
C ILE D 2647 -54.91 -23.93 -99.74
N PHE D 2648 -54.12 -24.77 -100.42
CA PHE D 2648 -52.89 -24.32 -101.05
C PHE D 2648 -53.05 -24.03 -102.54
N ASP D 2649 -54.27 -24.14 -103.07
CA ASP D 2649 -54.48 -23.85 -104.49
C ASP D 2649 -54.26 -22.39 -104.81
N ALA D 2650 -54.89 -21.50 -104.05
CA ALA D 2650 -54.82 -20.04 -104.21
C ALA D 2650 -55.24 -19.68 -105.64
N LEU D 2651 -54.63 -18.62 -106.20
CA LEU D 2651 -54.93 -18.22 -107.57
C LEU D 2651 -53.66 -17.91 -108.37
N SER D 2652 -52.50 -18.37 -107.92
CA SER D 2652 -51.25 -18.12 -108.63
C SER D 2652 -50.25 -19.22 -108.30
N GLN D 2653 -49.28 -19.38 -109.19
CA GLN D 2653 -48.18 -20.33 -109.01
C GLN D 2653 -46.88 -19.53 -108.99
N LYS D 2654 -46.30 -19.39 -107.81
CA LYS D 2654 -45.14 -18.51 -107.61
C LYS D 2654 -43.84 -19.29 -107.45
N LYS D 2655 -43.81 -20.25 -106.53
CA LYS D 2655 -42.58 -20.94 -106.18
C LYS D 2655 -41.99 -21.74 -107.34
N TYR D 2656 -42.69 -22.80 -107.75
CA TYR D 2656 -42.18 -23.65 -108.83
C TYR D 2656 -43.36 -24.42 -109.43
N GLU D 2657 -43.83 -23.96 -110.59
CA GLU D 2657 -44.81 -24.70 -111.39
C GLU D 2657 -44.07 -25.32 -112.58
N GLN D 2658 -43.42 -26.46 -112.31
CA GLN D 2658 -42.55 -27.10 -113.28
C GLN D 2658 -43.22 -28.27 -114.00
N GLU D 2659 -43.67 -29.27 -113.26
CA GLU D 2659 -44.22 -30.49 -113.83
C GLU D 2659 -45.73 -30.50 -113.71
N LEU D 2660 -46.41 -30.77 -114.82
CA LEU D 2660 -47.86 -30.85 -114.81
C LEU D 2660 -48.34 -32.21 -114.31
N PHE D 2661 -47.98 -33.27 -115.04
CA PHE D 2661 -48.37 -34.65 -114.73
C PHE D 2661 -49.88 -34.77 -114.53
N LYS D 2662 -50.30 -34.85 -113.28
CA LYS D 2662 -51.73 -34.80 -112.94
C LYS D 2662 -52.10 -33.36 -112.57
N LEU D 2663 -52.06 -32.50 -113.60
CA LEU D 2663 -52.29 -31.08 -113.38
C LEU D 2663 -53.74 -30.80 -113.00
N ALA D 2664 -54.67 -31.08 -113.92
CA ALA D 2664 -56.07 -30.82 -113.69
C ALA D 2664 -56.90 -32.09 -113.49
N LEU D 2665 -56.33 -33.27 -113.77
CA LEU D 2665 -57.07 -34.51 -113.62
C LEU D 2665 -57.64 -34.75 -112.21
N PRO D 2666 -56.95 -34.42 -111.10
CA PRO D 2666 -57.59 -34.56 -109.78
C PRO D 2666 -58.91 -33.81 -109.65
N CYS D 2667 -59.07 -32.67 -110.30
CA CYS D 2667 -60.33 -31.95 -110.30
C CYS D 2667 -61.16 -32.18 -111.55
N LEU D 2668 -60.53 -32.54 -112.67
CA LEU D 2668 -61.29 -32.89 -113.87
C LEU D 2668 -62.03 -34.20 -113.70
N SER D 2669 -61.60 -35.05 -112.78
CA SER D 2669 -62.29 -36.32 -112.55
C SER D 2669 -63.66 -36.12 -111.92
N ALA D 2670 -63.80 -35.11 -111.06
CA ALA D 2670 -65.07 -34.90 -110.36
C ALA D 2670 -65.49 -33.44 -110.33
N VAL D 2671 -65.19 -32.69 -111.40
CA VAL D 2671 -65.81 -31.36 -111.54
C VAL D 2671 -67.33 -31.47 -111.58
N ALA D 2672 -67.86 -32.58 -112.12
CA ALA D 2672 -69.29 -32.86 -112.05
C ALA D 2672 -69.59 -33.78 -110.87
N GLY D 2673 -69.18 -33.34 -109.68
CA GLY D 2673 -69.34 -34.13 -108.48
C GLY D 2673 -70.56 -33.75 -107.67
N ALA D 2674 -71.02 -32.51 -107.82
CA ALA D 2674 -72.19 -32.01 -107.12
C ALA D 2674 -73.49 -32.29 -107.87
N LEU D 2675 -73.48 -33.24 -108.79
CA LEU D 2675 -74.67 -33.60 -109.56
C LEU D 2675 -75.64 -34.51 -108.77
N PRO D 2676 -75.17 -35.52 -108.03
CA PRO D 2676 -76.11 -36.30 -107.18
C PRO D 2676 -76.85 -35.43 -106.16
N PRO D 2677 -76.16 -34.72 -105.26
CA PRO D 2677 -76.89 -34.11 -104.15
C PRO D 2677 -77.69 -32.88 -104.58
N ASP D 2678 -78.73 -32.59 -103.80
CA ASP D 2678 -79.63 -31.49 -104.15
C ASP D 2678 -79.15 -30.17 -103.55
N TYR D 2679 -78.88 -30.14 -102.26
CA TYR D 2679 -78.49 -28.92 -101.57
C TYR D 2679 -77.74 -29.28 -100.30
N MET D 2680 -77.58 -28.31 -99.40
CA MET D 2680 -76.93 -28.46 -98.11
C MET D 2680 -75.47 -28.91 -98.25
N GLU D 2681 -74.94 -29.52 -97.20
CA GLU D 2681 -73.55 -30.02 -97.11
C GLU D 2681 -72.53 -28.89 -97.14
N SER D 2682 -71.35 -29.16 -96.60
CA SER D 2682 -70.27 -28.17 -96.53
C SER D 2682 -69.27 -28.30 -97.68
N ASN D 2683 -69.58 -29.12 -98.68
CA ASN D 2683 -68.67 -29.28 -99.81
C ASN D 2683 -68.58 -28.04 -100.68
N TYR D 2684 -69.56 -27.15 -100.61
CA TYR D 2684 -69.56 -25.91 -101.39
C TYR D 2684 -68.56 -24.95 -100.77
N VAL D 2685 -67.34 -24.93 -101.29
CA VAL D 2685 -66.28 -24.05 -100.80
C VAL D 2685 -65.91 -23.00 -101.84
N SER D 2686 -65.43 -23.43 -103.00
CA SER D 2686 -65.05 -22.51 -104.07
C SER D 2686 -64.99 -23.27 -105.38
N MET D 2687 -64.98 -22.52 -106.48
CA MET D 2687 -64.92 -23.10 -107.81
C MET D 2687 -63.82 -22.53 -108.69
N MET D 2688 -63.18 -21.43 -108.29
CA MET D 2688 -62.10 -20.86 -109.10
C MET D 2688 -60.86 -21.75 -109.09
N GLU D 2689 -60.61 -22.45 -107.98
CA GLU D 2689 -59.47 -23.36 -107.90
C GLU D 2689 -59.69 -24.64 -108.69
N LYS D 2690 -60.91 -24.90 -109.16
CA LYS D 2690 -61.20 -26.12 -109.90
C LYS D 2690 -60.50 -26.10 -111.25
N GLN D 2691 -60.36 -27.31 -111.83
CA GLN D 2691 -59.62 -27.52 -113.08
C GLN D 2691 -58.20 -26.95 -112.98
N SER D 2692 -57.55 -27.26 -111.84
CA SER D 2692 -56.19 -26.83 -111.53
C SER D 2692 -56.04 -25.31 -111.48
N SER D 2693 -57.14 -24.60 -111.23
CA SER D 2693 -57.21 -23.14 -111.19
C SER D 2693 -56.93 -22.48 -112.53
N MET D 2694 -57.02 -23.23 -113.63
CA MET D 2694 -57.11 -22.62 -114.95
C MET D 2694 -58.37 -23.10 -115.66
N PHE D 2700 -54.55 -53.35 -100.78
CA PHE D 2700 -53.33 -54.12 -101.01
C PHE D 2700 -53.46 -54.95 -102.27
N ASN D 2701 -52.32 -55.28 -102.89
CA ASN D 2701 -52.26 -56.06 -104.12
C ASN D 2701 -51.29 -57.21 -103.93
N PRO D 2702 -51.74 -58.31 -103.29
CA PRO D 2702 -50.83 -59.44 -103.07
C PRO D 2702 -50.34 -60.09 -104.35
N GLN D 2703 -51.16 -60.13 -105.40
CA GLN D 2703 -50.81 -60.75 -106.68
C GLN D 2703 -51.10 -59.75 -107.79
N PRO D 2704 -50.20 -58.77 -108.01
CA PRO D 2704 -50.46 -57.80 -109.07
C PRO D 2704 -50.31 -58.37 -110.47
N VAL D 2705 -49.26 -59.16 -110.72
CA VAL D 2705 -48.99 -59.73 -112.03
C VAL D 2705 -48.78 -61.23 -111.86
N ASP D 2706 -49.49 -62.02 -112.66
CA ASP D 2706 -49.38 -63.47 -112.64
C ASP D 2706 -48.45 -63.91 -113.77
N THR D 2707 -47.40 -64.65 -113.43
CA THR D 2707 -46.42 -65.15 -114.37
C THR D 2707 -46.36 -66.67 -114.36
N SER D 2708 -47.51 -67.31 -114.15
CA SER D 2708 -47.54 -68.77 -114.10
C SER D 2708 -47.33 -69.39 -115.47
N ASN D 2709 -47.76 -68.73 -116.53
CA ASN D 2709 -47.66 -69.24 -117.89
C ASN D 2709 -46.96 -68.23 -118.79
N ILE D 2710 -45.84 -67.70 -118.31
CA ILE D 2710 -45.01 -66.76 -119.05
C ILE D 2710 -43.65 -67.41 -119.27
N THR D 2711 -43.23 -67.50 -120.52
CA THR D 2711 -41.97 -68.14 -120.89
C THR D 2711 -40.94 -67.09 -121.26
N ILE D 2712 -39.76 -67.17 -120.65
CA ILE D 2712 -38.68 -66.24 -120.93
C ILE D 2712 -38.04 -66.60 -122.27
N PRO D 2713 -37.96 -65.67 -123.22
CA PRO D 2713 -37.32 -65.98 -124.50
C PRO D 2713 -35.83 -66.22 -124.34
N GLU D 2714 -35.29 -67.05 -125.23
CA GLU D 2714 -33.87 -67.42 -125.17
C GLU D 2714 -33.03 -66.39 -125.93
N LYS D 2715 -33.00 -65.18 -125.38
CA LYS D 2715 -32.21 -64.08 -125.93
C LYS D 2715 -30.99 -63.78 -125.07
N LEU D 2716 -30.59 -64.71 -124.21
CA LEU D 2716 -29.45 -64.54 -123.31
C LEU D 2716 -28.30 -65.41 -123.79
N GLU D 2717 -27.16 -64.78 -124.06
CA GLU D 2717 -25.98 -65.53 -124.48
C GLU D 2717 -24.72 -65.15 -123.70
N TYR D 2718 -24.52 -63.87 -123.42
CA TYR D 2718 -23.27 -63.43 -122.80
C TYR D 2718 -23.46 -62.52 -121.60
N PHE D 2719 -24.48 -61.66 -121.61
CA PHE D 2719 -24.62 -60.67 -120.55
C PHE D 2719 -24.99 -61.33 -119.22
N ILE D 2720 -25.84 -62.36 -119.26
CA ILE D 2720 -26.19 -63.07 -118.04
C ILE D 2720 -24.96 -63.76 -117.44
N ASN D 2721 -24.12 -64.36 -118.30
CA ASN D 2721 -22.90 -64.99 -117.81
C ASN D 2721 -21.94 -63.96 -117.22
N LYS D 2722 -21.84 -62.79 -117.86
CA LYS D 2722 -20.98 -61.73 -117.32
C LYS D 2722 -21.49 -61.24 -115.97
N TYR D 2723 -22.81 -61.07 -115.83
CA TYR D 2723 -23.38 -60.65 -114.56
C TYR D 2723 -23.16 -61.69 -113.48
N ALA D 2724 -23.33 -62.97 -113.83
CA ALA D 2724 -23.10 -64.04 -112.87
C ALA D 2724 -21.64 -64.10 -112.44
N GLU D 2725 -20.71 -63.91 -113.39
CA GLU D 2725 -19.30 -63.89 -113.05
C GLU D 2725 -18.97 -62.70 -112.14
N HIS D 2726 -19.55 -61.53 -112.42
CA HIS D 2726 -19.31 -60.37 -111.58
C HIS D 2726 -19.85 -60.59 -110.17
N SER D 2727 -21.05 -61.16 -110.06
CA SER D 2727 -21.62 -61.43 -108.73
C SER D 2727 -20.79 -62.45 -107.97
N HIS D 2728 -20.33 -63.50 -108.66
CA HIS D 2728 -19.50 -64.51 -108.00
C HIS D 2728 -18.17 -63.92 -107.56
N ASP D 2729 -17.56 -63.06 -108.38
CA ASP D 2729 -16.31 -62.41 -107.99
C ASP D 2729 -16.52 -61.49 -106.79
N LYS D 2730 -17.63 -60.75 -106.76
CA LYS D 2730 -17.92 -59.88 -105.62
C LYS D 2730 -18.13 -60.70 -104.36
N TRP D 2731 -18.87 -61.80 -104.45
CA TRP D 2731 -19.09 -62.65 -103.29
C TRP D 2731 -17.78 -63.28 -102.80
N SER D 2732 -16.92 -63.71 -103.72
CA SER D 2732 -15.64 -64.28 -103.33
C SER D 2732 -14.75 -63.23 -102.68
N MET D 2733 -14.76 -62.00 -103.21
CA MET D 2733 -13.99 -60.93 -102.59
C MET D 2733 -14.50 -60.61 -101.19
N ASP D 2734 -15.82 -60.60 -101.01
CA ASP D 2734 -16.39 -60.36 -99.69
C ASP D 2734 -16.00 -61.48 -98.72
N LYS D 2735 -16.06 -62.73 -99.17
CA LYS D 2735 -15.69 -63.85 -98.30
C LYS D 2735 -14.20 -63.87 -98.01
N LEU D 2736 -13.38 -63.35 -98.93
CA LEU D 2736 -11.94 -63.26 -98.68
C LEU D 2736 -11.64 -62.15 -97.68
N ALA D 2737 -12.37 -61.03 -97.77
CA ALA D 2737 -12.25 -59.98 -96.76
C ALA D 2737 -12.75 -60.47 -95.40
N ASN D 2738 -13.71 -61.39 -95.39
CA ASN D 2738 -14.19 -61.96 -94.14
C ASN D 2738 -13.16 -62.88 -93.50
N GLY D 2739 -12.25 -63.44 -94.28
CA GLY D 2739 -11.21 -64.31 -93.72
C GLY D 2739 -11.24 -65.72 -94.26
N TRP D 2740 -11.70 -65.90 -95.49
CA TRP D 2740 -11.76 -67.20 -96.14
C TRP D 2740 -10.80 -67.26 -97.31
N ILE D 2741 -10.24 -68.45 -97.54
CA ILE D 2741 -9.27 -68.67 -98.61
C ILE D 2741 -9.70 -69.87 -99.43
N TYR D 2742 -9.22 -69.92 -100.66
CA TYR D 2742 -9.54 -71.04 -101.54
C TYR D 2742 -8.75 -72.28 -101.15
N GLY D 2743 -9.42 -73.44 -101.22
CA GLY D 2743 -8.78 -74.69 -100.89
C GLY D 2743 -9.38 -75.87 -101.65
N GLU D 2744 -9.06 -77.09 -101.22
CA GLU D 2744 -9.58 -78.30 -101.85
C GLU D 2744 -10.58 -79.06 -101.00
N ILE D 2745 -10.45 -78.98 -99.67
CA ILE D 2745 -11.36 -79.67 -98.76
C ILE D 2745 -12.07 -78.62 -97.92
N TYR D 2746 -13.40 -78.69 -97.91
CA TYR D 2746 -14.20 -77.73 -97.15
C TYR D 2746 -14.01 -77.95 -95.66
N SER D 2747 -13.91 -76.85 -94.91
CA SER D 2747 -13.74 -76.91 -93.47
C SER D 2747 -14.30 -75.64 -92.85
N ASP D 2748 -15.29 -75.80 -91.96
CA ASP D 2748 -15.89 -74.63 -91.32
C ASP D 2748 -14.97 -74.02 -90.28
N SER D 2749 -14.29 -74.87 -89.49
CA SER D 2749 -13.42 -74.38 -88.43
C SER D 2749 -12.19 -73.68 -89.01
N SER D 2750 -11.59 -74.25 -90.05
CA SER D 2750 -10.42 -73.66 -90.68
C SER D 2750 -10.77 -72.55 -91.67
N LYS D 2751 -12.05 -72.33 -91.94
CA LYS D 2751 -12.53 -71.29 -92.85
C LYS D 2751 -11.92 -71.46 -94.24
N ILE D 2752 -12.19 -72.62 -94.84
CA ILE D 2752 -11.70 -72.96 -96.16
C ILE D 2752 -12.91 -73.09 -97.09
N GLN D 2753 -12.91 -72.31 -98.16
CA GLN D 2753 -14.02 -72.30 -99.13
C GLN D 2753 -13.52 -72.75 -100.49
N PRO D 2754 -13.77 -74.00 -100.89
CA PRO D 2754 -13.35 -74.48 -102.20
C PRO D 2754 -14.26 -74.03 -103.35
N LEU D 2755 -15.20 -73.12 -103.10
CA LEU D 2755 -16.13 -72.69 -104.13
C LEU D 2755 -15.53 -71.66 -105.09
N MET D 2756 -14.30 -71.21 -104.84
CA MET D 2756 -13.65 -70.25 -105.73
C MET D 2756 -13.26 -70.94 -107.03
N LYS D 2757 -14.12 -70.86 -108.04
CA LYS D 2757 -13.92 -71.54 -109.31
C LYS D 2757 -14.67 -70.77 -110.38
N PRO D 2758 -14.30 -70.95 -111.66
CA PRO D 2758 -15.05 -70.30 -112.74
C PRO D 2758 -16.48 -70.80 -112.80
N TYR D 2759 -17.36 -69.94 -113.35
CA TYR D 2759 -18.78 -70.25 -113.42
C TYR D 2759 -19.09 -71.45 -114.31
N LYS D 2760 -18.19 -71.80 -115.22
CA LYS D 2760 -18.41 -72.96 -116.08
C LYS D 2760 -18.37 -74.26 -115.28
N LEU D 2761 -17.49 -74.34 -114.29
CA LEU D 2761 -17.33 -75.53 -113.47
C LEU D 2761 -17.99 -75.41 -112.10
N LEU D 2762 -18.84 -74.39 -111.90
CA LEU D 2762 -19.51 -74.22 -110.62
C LEU D 2762 -20.62 -75.24 -110.47
N SER D 2763 -21.10 -75.37 -109.23
CA SER D 2763 -22.16 -76.32 -108.92
C SER D 2763 -23.48 -75.87 -109.53
N GLU D 2764 -24.33 -76.85 -109.84
CA GLU D 2764 -25.64 -76.55 -110.41
C GLU D 2764 -26.55 -75.86 -109.39
N LYS D 2765 -26.44 -76.25 -108.12
CA LYS D 2765 -27.30 -75.67 -107.08
C LYS D 2765 -26.97 -74.19 -106.87
N GLU D 2766 -25.68 -73.86 -106.77
CA GLU D 2766 -25.28 -72.48 -106.58
C GLU D 2766 -25.60 -71.64 -107.82
N LYS D 2767 -25.44 -72.22 -109.01
CA LYS D 2767 -25.80 -71.52 -110.24
C LYS D 2767 -27.30 -71.22 -110.28
N GLU D 2768 -28.13 -72.20 -109.90
CA GLU D 2768 -29.57 -71.97 -109.86
C GLU D 2768 -29.94 -70.93 -108.80
N ILE D 2769 -29.26 -70.95 -107.65
CA ILE D 2769 -29.52 -69.97 -106.61
C ILE D 2769 -29.18 -68.57 -107.10
N TYR D 2770 -28.06 -68.42 -107.80
CA TYR D 2770 -27.69 -67.12 -108.36
C TYR D 2770 -28.64 -66.68 -109.47
N ARG D 2771 -29.13 -67.63 -110.28
CA ARG D 2771 -29.93 -67.28 -111.44
C ARG D 2771 -31.40 -67.04 -111.12
N TRP D 2772 -31.92 -67.62 -110.02
CA TRP D 2772 -33.35 -67.52 -109.73
C TRP D 2772 -33.84 -66.08 -109.54
N PRO D 2773 -33.18 -65.21 -108.75
CA PRO D 2773 -33.67 -63.82 -108.71
C PRO D 2773 -33.57 -63.10 -110.05
N ILE D 2774 -32.52 -63.37 -110.82
CA ILE D 2774 -32.38 -62.74 -112.13
C ILE D 2774 -33.48 -63.22 -113.07
N LYS D 2775 -33.77 -64.53 -113.07
CA LYS D 2775 -34.84 -65.05 -113.91
C LYS D 2775 -36.20 -64.51 -113.49
N GLU D 2776 -36.42 -64.37 -112.18
CA GLU D 2776 -37.68 -63.81 -111.69
C GLU D 2776 -37.83 -62.36 -112.12
N SER D 2777 -36.75 -61.58 -112.02
CA SER D 2777 -36.78 -60.18 -112.45
C SER D 2777 -37.05 -60.08 -113.94
N LEU D 2778 -36.40 -60.93 -114.74
CA LEU D 2778 -36.62 -60.93 -116.18
C LEU D 2778 -38.06 -61.30 -116.53
N LYS D 2779 -38.61 -62.30 -115.84
CA LYS D 2779 -40.00 -62.67 -116.08
C LYS D 2779 -40.95 -61.53 -115.71
N THR D 2780 -40.68 -60.85 -114.60
CA THR D 2780 -41.55 -59.74 -114.19
C THR D 2780 -41.50 -58.59 -115.19
N MET D 2781 -40.29 -58.25 -115.69
CA MET D 2781 -40.22 -57.13 -116.64
C MET D 2781 -40.73 -57.53 -118.02
N LEU D 2782 -40.73 -58.83 -118.35
CA LEU D 2782 -41.26 -59.27 -119.64
C LEU D 2782 -42.76 -59.48 -119.61
N ALA D 2783 -43.34 -59.74 -118.44
CA ALA D 2783 -44.79 -59.94 -118.36
C ALA D 2783 -45.56 -58.67 -118.73
N TRP D 2784 -45.10 -57.52 -118.24
CA TRP D 2784 -45.77 -56.26 -118.57
C TRP D 2784 -45.65 -55.94 -120.05
N GLY D 2785 -44.47 -56.15 -120.63
CA GLY D 2785 -44.26 -55.88 -122.04
C GLY D 2785 -43.70 -54.50 -122.28
N TRP D 2786 -42.43 -54.42 -122.68
CA TRP D 2786 -41.77 -53.14 -122.90
C TRP D 2786 -40.72 -53.30 -123.99
N ARG D 2787 -40.33 -52.17 -124.57
CA ARG D 2787 -39.27 -52.17 -125.57
C ARG D 2787 -37.93 -52.47 -124.94
N ILE D 2788 -37.07 -53.15 -125.70
CA ILE D 2788 -35.73 -53.53 -125.26
C ILE D 2788 -34.72 -52.89 -126.18
N GLU D 2789 -33.77 -52.16 -125.60
CA GLU D 2789 -32.73 -51.47 -126.36
C GLU D 2789 -31.45 -52.28 -126.35
N ARG D 2790 -30.87 -52.47 -127.53
CA ARG D 2790 -29.63 -53.24 -127.71
C ARG D 2790 -28.63 -52.44 -128.55
N THR D 2791 -28.44 -51.18 -128.18
CA THR D 2791 -27.53 -50.32 -128.92
C THR D 2791 -26.08 -50.79 -128.77
N ARG D 2792 -25.33 -50.70 -129.86
CA ARG D 2792 -23.94 -51.14 -129.85
C ARG D 2792 -23.01 -50.17 -129.13
N GLU D 2793 -23.43 -48.92 -128.93
CA GLU D 2793 -22.61 -47.93 -128.25
C GLU D 2793 -22.58 -48.11 -126.74
N GLY D 2794 -23.44 -48.96 -126.19
CA GLY D 2794 -23.54 -49.18 -124.77
C GLY D 2794 -22.75 -50.36 -124.24
N ASP D 2795 -21.81 -50.90 -125.02
CA ASP D 2795 -21.02 -52.05 -124.60
C ASP D 2795 -19.97 -51.60 -123.60
N SER D 2796 -20.41 -51.40 -122.36
CA SER D 2796 -19.55 -50.98 -121.26
C SER D 2796 -19.41 -52.08 -120.21
N MET D 2797 -19.32 -53.34 -120.67
CA MET D 2797 -19.17 -54.45 -119.75
C MET D 2797 -17.83 -54.42 -119.03
N ALA D 2798 -16.75 -54.13 -119.77
CA ALA D 2798 -15.40 -54.05 -119.21
C ALA D 2798 -14.77 -52.73 -119.67
N LEU D 2799 -15.03 -51.67 -118.91
CA LEU D 2799 -14.47 -50.36 -119.22
C LEU D 2799 -13.80 -49.76 -117.99
N TYR D 2800 -14.29 -50.12 -116.81
CA TYR D 2800 -13.75 -49.58 -115.57
C TYR D 2800 -12.35 -50.14 -115.30
N ASN D 2801 -11.51 -49.30 -114.71
CA ASN D 2801 -10.14 -49.68 -114.39
C ASN D 2801 -10.08 -50.52 -113.12
N ALA D 2816 -4.17 -65.69 -107.89
CA ALA D 2816 -4.64 -66.91 -107.25
C ALA D 2816 -4.73 -68.06 -108.25
N ALA D 2817 -5.56 -69.06 -107.94
CA ALA D 2817 -5.71 -70.20 -108.82
C ALA D 2817 -6.54 -69.84 -110.04
N HIS D 2818 -6.15 -70.40 -111.19
CA HIS D 2818 -6.84 -70.21 -112.47
C HIS D 2818 -6.92 -68.74 -112.87
N GLY D 2819 -5.94 -67.95 -112.47
CA GLY D 2819 -5.89 -66.54 -112.84
C GLY D 2819 -7.03 -65.71 -112.29
N TYR D 2820 -7.37 -65.90 -111.02
CA TYR D 2820 -8.46 -65.17 -110.39
C TYR D 2820 -7.95 -63.81 -109.92
N SER D 2821 -8.39 -62.74 -110.56
CA SER D 2821 -7.98 -61.37 -110.24
C SER D 2821 -9.22 -60.51 -110.07
N PRO D 2822 -9.81 -60.50 -108.88
CA PRO D 2822 -11.01 -59.70 -108.65
C PRO D 2822 -10.69 -58.21 -108.59
N ARG D 2823 -11.72 -57.39 -108.83
CA ARG D 2823 -11.60 -55.95 -108.78
C ARG D 2823 -12.92 -55.36 -108.31
N ALA D 2824 -12.84 -54.15 -107.75
CA ALA D 2824 -14.01 -53.44 -107.24
C ALA D 2824 -14.35 -52.29 -108.17
N ILE D 2825 -15.62 -52.19 -108.54
CA ILE D 2825 -16.11 -51.17 -109.47
C ILE D 2825 -17.13 -50.30 -108.75
N ASP D 2826 -16.90 -48.99 -108.75
CA ASP D 2826 -17.79 -48.02 -108.12
C ASP D 2826 -18.50 -47.25 -109.24
N MET D 2827 -19.66 -47.75 -109.66
CA MET D 2827 -20.42 -47.14 -110.75
C MET D 2827 -21.73 -46.53 -110.25
N SER D 2828 -21.84 -46.25 -108.96
CA SER D 2828 -23.05 -45.68 -108.40
C SER D 2828 -23.19 -44.19 -108.70
N ASN D 2829 -22.15 -43.54 -109.21
CA ASN D 2829 -22.20 -42.11 -109.52
C ASN D 2829 -22.87 -41.82 -110.85
N VAL D 2830 -23.21 -42.84 -111.64
CA VAL D 2830 -23.82 -42.64 -112.94
C VAL D 2830 -25.29 -42.33 -112.77
N THR D 2831 -25.72 -41.16 -113.24
CA THR D 2831 -27.12 -40.78 -113.18
C THR D 2831 -27.94 -41.57 -114.20
N LEU D 2832 -29.17 -41.90 -113.83
CA LEU D 2832 -30.04 -42.72 -114.66
C LEU D 2832 -31.34 -41.96 -114.96
N SER D 2833 -32.07 -42.46 -115.95
CA SER D 2833 -33.29 -41.81 -116.40
C SER D 2833 -34.43 -42.08 -115.41
N ARG D 2834 -35.50 -41.29 -115.56
CA ARG D 2834 -36.64 -41.43 -114.66
C ARG D 2834 -37.48 -42.68 -114.98
N ASP D 2835 -37.51 -43.09 -116.25
CA ASP D 2835 -38.26 -44.29 -116.61
C ASP D 2835 -37.65 -45.53 -115.97
N LEU D 2836 -36.32 -45.63 -115.99
CA LEU D 2836 -35.66 -46.76 -115.33
C LEU D 2836 -35.83 -46.69 -113.81
N HIS D 2837 -35.88 -45.47 -113.25
CA HIS D 2837 -36.16 -45.33 -111.83
C HIS D 2837 -37.56 -45.83 -111.48
N ALA D 2838 -38.54 -45.50 -112.33
CA ALA D 2838 -39.90 -46.00 -112.10
C ALA D 2838 -39.98 -47.51 -112.25
N MET D 2839 -39.24 -48.06 -113.23
CA MET D 2839 -39.21 -49.51 -113.39
C MET D 2839 -38.58 -50.19 -112.18
N ALA D 2840 -37.51 -49.61 -111.64
CA ALA D 2840 -36.89 -50.17 -110.44
C ALA D 2840 -37.81 -50.05 -109.23
N GLU D 2841 -38.55 -48.94 -109.13
CA GLU D 2841 -39.52 -48.80 -108.04
C GLU D 2841 -40.62 -49.85 -108.15
N MET D 2842 -41.10 -50.12 -109.37
CA MET D 2842 -42.12 -51.16 -109.56
C MET D 2842 -41.55 -52.53 -109.21
N MET D 2843 -40.30 -52.80 -109.59
CA MET D 2843 -39.68 -54.08 -109.25
C MET D 2843 -39.53 -54.23 -107.74
N ALA D 2844 -39.14 -53.16 -107.06
CA ALA D 2844 -39.02 -53.20 -105.60
C ALA D 2844 -40.37 -53.41 -104.94
N GLU D 2845 -41.41 -52.78 -105.47
CA GLU D 2845 -42.77 -53.00 -104.95
C GLU D 2845 -43.20 -54.45 -105.14
N ASN D 2846 -42.89 -55.02 -106.31
CA ASN D 2846 -43.22 -56.42 -106.56
C ASN D 2846 -42.46 -57.34 -105.62
N TYR D 2847 -41.17 -57.05 -105.37
CA TYR D 2847 -40.39 -57.83 -104.42
C TYR D 2847 -40.97 -57.75 -103.02
N HIS D 2848 -41.37 -56.54 -102.60
CA HIS D 2848 -41.97 -56.37 -101.29
C HIS D 2848 -43.30 -57.12 -101.18
N ASN D 2849 -44.10 -57.10 -102.25
CA ASN D 2849 -45.35 -57.85 -102.25
C ASN D 2849 -45.10 -59.35 -102.16
N ILE D 2850 -44.10 -59.85 -102.88
CA ILE D 2850 -43.76 -61.27 -102.82
C ILE D 2850 -43.30 -61.65 -101.42
N TRP D 2851 -42.45 -60.82 -100.81
CA TRP D 2851 -41.98 -61.09 -99.46
C TRP D 2851 -43.13 -61.07 -98.46
N ALA D 2852 -44.05 -60.11 -98.60
CA ALA D 2852 -45.20 -60.05 -97.71
C ALA D 2852 -46.10 -61.27 -97.88
N LYS D 2853 -46.30 -61.72 -99.12
CA LYS D 2853 -47.10 -62.91 -99.36
C LYS D 2853 -46.45 -64.15 -98.75
N LYS D 2854 -45.12 -64.26 -98.88
CA LYS D 2854 -44.41 -65.38 -98.26
C LYS D 2854 -44.52 -65.34 -96.74
N LYS D 2855 -44.40 -64.14 -96.15
CA LYS D 2855 -44.55 -64.00 -94.71
C LYS D 2855 -45.95 -64.37 -94.25
N LYS D 2856 -46.97 -63.95 -94.99
CA LYS D 2856 -48.35 -64.31 -94.65
C LYS D 2856 -48.56 -65.82 -94.76
N LEU D 2857 -47.99 -66.44 -95.80
CA LEU D 2857 -48.14 -67.88 -95.98
C LEU D 2857 -47.47 -68.64 -94.84
N GLU D 2858 -46.25 -68.23 -94.45
CA GLU D 2858 -45.57 -68.92 -93.37
C GLU D 2858 -46.23 -68.65 -92.01
N LEU D 2859 -46.86 -67.48 -91.85
CA LEU D 2859 -47.61 -67.22 -90.63
C LEU D 2859 -48.86 -68.09 -90.56
N GLU D 2860 -49.55 -68.27 -91.70
CA GLU D 2860 -50.71 -69.16 -91.73
C GLU D 2860 -50.29 -70.61 -91.49
N SER D 2861 -49.14 -71.01 -92.02
CA SER D 2861 -48.63 -72.36 -91.77
C SER D 2861 -48.27 -72.55 -90.31
N LYS D 2862 -47.73 -71.50 -89.67
CA LYS D 2862 -47.38 -71.60 -88.25
C LYS D 2862 -48.63 -71.70 -87.38
N GLY D 2863 -49.73 -71.09 -87.80
CA GLY D 2863 -50.97 -71.12 -87.05
C GLY D 2863 -51.15 -70.00 -86.05
N GLY D 2864 -50.17 -69.12 -85.89
CA GLY D 2864 -50.29 -68.02 -84.96
C GLY D 2864 -49.08 -67.10 -84.95
N GLY D 2865 -49.31 -65.81 -84.93
CA GLY D 2865 -48.24 -64.84 -84.91
C GLY D 2865 -48.64 -63.58 -85.64
N ASN D 2866 -47.74 -62.60 -85.62
CA ASN D 2866 -47.96 -61.33 -86.28
C ASN D 2866 -46.61 -60.69 -86.56
N HIS D 2867 -46.62 -59.71 -87.47
CA HIS D 2867 -45.42 -58.98 -87.84
C HIS D 2867 -45.83 -57.59 -88.31
N PRO D 2868 -45.20 -56.53 -87.80
CA PRO D 2868 -45.59 -55.17 -88.21
C PRO D 2868 -44.86 -54.69 -89.46
N LEU D 2869 -44.25 -55.61 -90.20
CA LEU D 2869 -43.47 -55.24 -91.37
C LEU D 2869 -44.34 -54.97 -92.60
N LEU D 2870 -45.64 -55.24 -92.54
CA LEU D 2870 -46.54 -54.95 -93.66
C LEU D 2870 -46.79 -53.45 -93.70
N VAL D 2871 -45.85 -52.74 -94.30
CA VAL D 2871 -45.85 -51.28 -94.33
C VAL D 2871 -45.69 -50.81 -95.77
N PRO D 2872 -46.48 -49.83 -96.23
CA PRO D 2872 -46.28 -49.29 -97.58
C PRO D 2872 -44.95 -48.58 -97.71
N TYR D 2873 -44.52 -48.41 -98.97
CA TYR D 2873 -43.18 -47.91 -99.26
C TYR D 2873 -43.00 -46.48 -98.76
N ASP D 2874 -44.03 -45.64 -98.90
CA ASP D 2874 -43.93 -44.27 -98.43
C ASP D 2874 -43.92 -44.17 -96.90
N THR D 2875 -44.50 -45.15 -96.22
CA THR D 2875 -44.58 -45.17 -94.76
C THR D 2875 -43.36 -45.83 -94.12
N LEU D 2876 -42.48 -46.43 -94.93
CA LEU D 2876 -41.31 -47.11 -94.40
C LEU D 2876 -40.37 -46.16 -93.67
N THR D 2877 -39.68 -46.69 -92.66
CA THR D 2877 -38.75 -45.92 -91.86
C THR D 2877 -37.37 -45.91 -92.52
N ALA D 2878 -36.43 -45.22 -91.88
CA ALA D 2878 -35.10 -45.07 -92.46
C ALA D 2878 -34.29 -46.37 -92.46
N LYS D 2879 -34.54 -47.23 -91.46
CA LYS D 2879 -33.80 -48.49 -91.36
C LYS D 2879 -34.06 -49.38 -92.57
N GLU D 2880 -35.32 -49.49 -92.98
CA GLU D 2880 -35.65 -50.21 -94.20
C GLU D 2880 -35.43 -49.36 -95.44
N LYS D 2881 -35.42 -48.03 -95.31
CA LYS D 2881 -35.12 -47.18 -96.45
C LYS D 2881 -33.69 -47.35 -96.91
N ALA D 2882 -32.77 -47.62 -95.98
CA ALA D 2882 -31.38 -47.90 -96.37
C ALA D 2882 -31.31 -49.16 -97.22
N LYS D 2883 -32.02 -50.21 -96.82
CA LYS D 2883 -32.05 -51.44 -97.61
C LYS D 2883 -32.73 -51.22 -98.96
N ASP D 2884 -33.78 -50.41 -98.99
CA ASP D 2884 -34.44 -50.08 -100.26
C ASP D 2884 -33.49 -49.33 -101.19
N ARG D 2885 -32.72 -48.38 -100.65
CA ARG D 2885 -31.77 -47.65 -101.47
C ARG D 2885 -30.64 -48.56 -101.97
N GLU D 2886 -30.19 -49.49 -101.12
CA GLU D 2886 -29.18 -50.44 -101.55
C GLU D 2886 -29.70 -51.33 -102.67
N LYS D 2887 -30.95 -51.80 -102.55
CA LYS D 2887 -31.55 -52.61 -103.60
C LYS D 2887 -31.72 -51.82 -104.89
N ALA D 2888 -32.10 -50.54 -104.77
CA ALA D 2888 -32.25 -49.69 -105.95
C ALA D 2888 -30.89 -49.47 -106.64
N GLN D 2889 -29.84 -49.26 -105.84
CA GLN D 2889 -28.50 -49.10 -106.42
C GLN D 2889 -28.04 -50.39 -107.10
N ASP D 2890 -28.33 -51.54 -106.49
CA ASP D 2890 -27.98 -52.81 -107.11
C ASP D 2890 -28.73 -53.02 -108.42
N ILE D 2891 -30.01 -52.65 -108.46
CA ILE D 2891 -30.79 -52.77 -109.69
C ILE D 2891 -30.24 -51.83 -110.77
N PHE D 2892 -29.88 -50.60 -110.37
CA PHE D 2892 -29.32 -49.66 -111.33
C PHE D 2892 -28.01 -50.15 -111.91
N LYS D 2893 -27.13 -50.70 -111.05
CA LYS D 2893 -25.86 -51.23 -111.53
C LYS D 2893 -26.06 -52.47 -112.39
N PHE D 2894 -27.09 -53.28 -112.09
CA PHE D 2894 -27.36 -54.45 -112.90
C PHE D 2894 -27.89 -54.07 -114.28
N LEU D 2895 -28.72 -53.04 -114.36
CA LEU D 2895 -29.37 -52.66 -115.60
C LEU D 2895 -28.58 -51.65 -116.43
N GLN D 2896 -27.58 -50.98 -115.85
CA GLN D 2896 -26.81 -50.01 -116.61
C GLN D 2896 -25.81 -50.68 -117.55
N ILE D 2897 -25.27 -51.83 -117.17
CA ILE D 2897 -24.25 -52.51 -117.97
C ILE D 2897 -24.87 -53.00 -119.27
N SER D 2898 -24.08 -52.96 -120.34
CA SER D 2898 -24.42 -53.41 -121.69
C SER D 2898 -25.52 -52.58 -122.35
N GLY D 2899 -25.86 -51.43 -121.77
CA GLY D 2899 -26.81 -50.53 -122.40
C GLY D 2899 -28.21 -51.06 -122.55
N TYR D 2900 -28.73 -51.73 -121.52
CA TYR D 2900 -30.08 -52.26 -121.53
C TYR D 2900 -31.00 -51.27 -120.81
N VAL D 2901 -31.82 -50.56 -121.59
CA VAL D 2901 -32.73 -49.55 -121.07
C VAL D 2901 -34.15 -49.95 -121.42
N VAL D 2902 -35.02 -50.01 -120.41
CA VAL D 2902 -36.42 -50.36 -120.60
C VAL D 2902 -37.21 -49.10 -120.92
N SER D 2903 -37.93 -49.12 -122.04
CA SER D 2903 -38.71 -47.98 -122.48
C SER D 2903 -40.11 -48.43 -122.84
N ARG D 2904 -41.06 -47.51 -122.67
CA ARG D 2904 -42.46 -47.79 -122.98
C ARG D 2904 -42.76 -47.52 -124.45
N CYS D 2990 -53.29 -33.34 -128.91
CA CYS D 2990 -52.45 -32.98 -127.77
C CYS D 2990 -53.31 -32.64 -126.55
N THR D 2991 -52.68 -32.64 -125.37
CA THR D 2991 -53.41 -32.30 -124.14
C THR D 2991 -53.75 -30.82 -124.07
N GLY D 2992 -53.08 -29.98 -124.87
CA GLY D 2992 -53.40 -28.57 -124.88
C GLY D 2992 -54.80 -28.30 -125.40
N GLY D 2993 -55.18 -28.99 -126.48
CA GLY D 2993 -56.53 -28.83 -127.00
C GLY D 2993 -57.59 -29.32 -126.03
N HIS D 2994 -57.31 -30.43 -125.34
CA HIS D 2994 -58.25 -30.92 -124.33
C HIS D 2994 -58.39 -29.93 -123.18
N ALA D 2995 -57.27 -29.40 -122.70
CA ALA D 2995 -57.33 -28.41 -121.62
C ALA D 2995 -58.03 -27.13 -122.06
N SER D 2996 -57.90 -26.77 -123.34
CA SER D 2996 -58.58 -25.58 -123.85
C SER D 2996 -60.08 -25.81 -123.94
N ASN D 2997 -60.50 -26.93 -124.53
CA ASN D 2997 -61.93 -27.15 -124.75
C ASN D 2997 -62.66 -27.59 -123.50
N LYS D 2998 -61.96 -28.12 -122.49
CA LYS D 2998 -62.64 -28.50 -121.26
C LYS D 2998 -63.18 -27.31 -120.49
N GLU D 2999 -62.67 -26.11 -120.75
CA GLU D 2999 -63.13 -24.91 -120.04
C GLU D 2999 -64.34 -24.26 -120.70
N LYS D 3000 -64.64 -24.60 -121.95
CA LYS D 3000 -65.74 -23.95 -122.65
C LYS D 3000 -66.81 -24.91 -123.15
N GLU D 3001 -66.42 -26.04 -123.74
CA GLU D 3001 -67.41 -26.98 -124.25
C GLU D 3001 -68.26 -27.58 -123.14
N MET D 3002 -67.68 -27.76 -121.95
CA MET D 3002 -68.44 -28.31 -120.84
C MET D 3002 -69.59 -27.41 -120.45
N VAL D 3003 -69.32 -26.12 -120.24
CA VAL D 3003 -70.40 -25.21 -119.87
C VAL D 3003 -71.34 -24.97 -121.06
N THR D 3004 -70.82 -24.98 -122.29
CA THR D 3004 -71.68 -24.82 -123.45
C THR D 3004 -72.69 -25.96 -123.57
N SER D 3005 -72.26 -27.19 -123.29
CA SER D 3005 -73.15 -28.33 -123.32
C SER D 3005 -74.07 -28.37 -122.10
N LEU D 3006 -73.58 -27.93 -120.94
CA LEU D 3006 -74.41 -27.96 -119.74
C LEU D 3006 -75.48 -26.87 -119.77
N PHE D 3007 -75.26 -25.81 -120.53
CA PHE D 3007 -76.28 -24.77 -120.66
C PHE D 3007 -77.33 -25.16 -121.69
N CYS D 3008 -77.87 -26.37 -121.57
CA CYS D 3008 -78.93 -26.83 -122.46
C CYS D 3008 -80.09 -27.52 -121.75
N LYS D 3009 -79.88 -28.07 -120.55
CA LYS D 3009 -80.96 -28.71 -119.80
C LYS D 3009 -81.69 -27.71 -118.92
N LEU D 3010 -80.94 -26.91 -118.14
CA LEU D 3010 -81.56 -25.87 -117.33
C LEU D 3010 -82.06 -24.70 -118.16
N GLY D 3011 -81.70 -24.64 -119.45
CA GLY D 3011 -82.28 -23.64 -120.32
C GLY D 3011 -83.76 -23.83 -120.57
N VAL D 3012 -84.27 -25.03 -120.37
CA VAL D 3012 -85.70 -25.31 -120.47
C VAL D 3012 -86.30 -25.86 -119.19
N LEU D 3013 -85.51 -26.48 -118.31
CA LEU D 3013 -86.05 -26.97 -117.06
C LEU D 3013 -86.39 -25.83 -116.11
N VAL D 3014 -85.51 -24.83 -116.01
CA VAL D 3014 -85.77 -23.68 -115.15
C VAL D 3014 -86.93 -22.86 -115.70
N ARG D 3015 -87.06 -22.77 -117.02
CA ARG D 3015 -88.16 -22.02 -117.62
C ARG D 3015 -89.51 -22.63 -117.25
N HIS D 3016 -89.60 -23.95 -117.24
CA HIS D 3016 -90.81 -24.70 -116.88
C HIS D 3016 -92.01 -24.30 -117.73
N LEU D 3035 -81.94 -32.81 -110.56
CA LEU D 3035 -82.28 -32.67 -109.14
C LEU D 3035 -81.45 -31.58 -108.50
N GLY D 3036 -80.13 -31.79 -108.42
CA GLY D 3036 -79.24 -30.83 -107.82
C GLY D 3036 -78.56 -29.93 -108.84
N GLN D 3037 -79.15 -29.83 -110.03
CA GLN D 3037 -78.55 -29.02 -111.08
C GLN D 3037 -78.53 -27.53 -110.70
N THR D 3038 -79.56 -27.06 -110.00
CA THR D 3038 -79.61 -25.66 -109.57
C THR D 3038 -78.55 -25.34 -108.53
N LEU D 3039 -77.97 -26.36 -107.90
CA LEU D 3039 -76.87 -26.17 -106.95
C LEU D 3039 -75.50 -26.39 -107.58
N ASP D 3040 -75.37 -27.36 -108.48
CA ASP D 3040 -74.07 -27.59 -109.11
C ASP D 3040 -73.78 -26.60 -110.23
N ALA D 3041 -74.80 -25.91 -110.76
CA ALA D 3041 -74.54 -24.92 -111.79
C ALA D 3041 -73.68 -23.78 -111.26
N ARG D 3042 -73.84 -23.43 -109.98
CA ARG D 3042 -73.05 -22.36 -109.38
C ARG D 3042 -71.56 -22.68 -109.43
N THR D 3043 -71.20 -23.94 -109.19
CA THR D 3043 -69.82 -24.35 -109.38
C THR D 3043 -69.47 -24.44 -110.87
N VAL D 3044 -70.44 -24.84 -111.69
CA VAL D 3044 -70.13 -25.16 -113.09
C VAL D 3044 -69.77 -23.90 -113.87
N MET D 3045 -70.59 -22.83 -113.78
CA MET D 3045 -70.26 -21.69 -114.63
C MET D 3045 -69.06 -20.91 -114.08
N LYS D 3046 -68.76 -21.02 -112.79
CA LYS D 3046 -67.54 -20.44 -112.26
C LYS D 3046 -66.31 -21.23 -112.69
N THR D 3047 -66.45 -22.56 -112.83
CA THR D 3047 -65.36 -23.36 -113.37
C THR D 3047 -65.16 -23.10 -114.85
N GLY D 3048 -66.24 -22.77 -115.58
CA GLY D 3048 -66.13 -22.50 -117.00
C GLY D 3048 -65.35 -21.25 -117.34
N LEU D 3049 -65.60 -20.16 -116.63
CA LEU D 3049 -65.00 -18.87 -116.95
C LEU D 3049 -64.10 -18.34 -115.84
N ASP D 3050 -64.59 -18.27 -114.60
CA ASP D 3050 -63.84 -17.65 -113.52
C ASP D 3050 -62.75 -18.55 -112.95
N SER D 3051 -62.68 -19.81 -113.36
CA SER D 3051 -61.59 -20.67 -112.89
C SER D 3051 -60.24 -20.16 -113.39
N VAL D 3052 -60.18 -19.71 -114.64
CA VAL D 3052 -58.97 -19.12 -115.20
C VAL D 3052 -59.12 -17.60 -115.19
N LYS D 3053 -58.15 -16.92 -114.58
CA LYS D 3053 -58.20 -15.46 -114.51
C LYS D 3053 -57.92 -14.84 -115.87
N SER D 3054 -56.88 -15.31 -116.56
CA SER D 3054 -56.52 -14.81 -117.88
C SER D 3054 -57.08 -15.74 -118.96
N ALA D 3055 -58.41 -15.72 -119.07
CA ALA D 3055 -59.08 -16.53 -120.09
C ALA D 3055 -58.78 -16.03 -121.51
N LEU D 3056 -58.38 -14.77 -121.65
CA LEU D 3056 -58.00 -14.25 -122.96
C LEU D 3056 -56.79 -14.97 -123.53
N ARG D 3057 -55.86 -15.37 -122.66
CA ARG D 3057 -54.69 -16.14 -123.11
C ARG D 3057 -55.13 -17.46 -123.72
N ALA D 3058 -55.99 -18.21 -123.02
CA ALA D 3058 -56.50 -19.46 -123.55
C ALA D 3058 -57.36 -19.24 -124.80
N PHE D 3059 -58.02 -18.10 -124.90
CA PHE D 3059 -58.81 -17.80 -126.10
C PHE D 3059 -57.89 -17.60 -127.31
N LEU D 3060 -56.88 -16.75 -127.18
CA LEU D 3060 -56.09 -16.31 -128.32
C LEU D 3060 -54.82 -17.13 -128.52
N ASP D 3061 -53.92 -17.13 -127.53
CA ASP D 3061 -52.59 -17.68 -127.75
C ASP D 3061 -52.57 -19.21 -127.65
N ASN D 3062 -53.35 -19.77 -126.73
CA ASN D 3062 -53.29 -21.21 -126.51
C ASN D 3062 -54.00 -21.97 -127.63
N ALA D 3063 -55.29 -21.73 -127.81
CA ALA D 3063 -56.06 -22.41 -128.84
C ALA D 3063 -57.16 -21.49 -129.33
N ALA D 3064 -57.13 -21.15 -130.62
CA ALA D 3064 -58.14 -20.29 -131.22
C ALA D 3064 -59.33 -21.07 -131.78
N GLU D 3065 -59.35 -22.39 -131.58
CA GLU D 3065 -60.47 -23.19 -132.08
C GLU D 3065 -61.75 -22.89 -131.30
N ASP D 3066 -61.66 -22.90 -129.98
CA ASP D 3066 -62.81 -22.61 -129.13
C ASP D 3066 -63.28 -21.18 -129.32
N LEU D 3067 -62.43 -20.22 -128.92
CA LEU D 3067 -62.57 -18.78 -129.17
C LEU D 3067 -63.99 -18.25 -129.06
N GLU D 3068 -64.40 -17.41 -130.02
CA GLU D 3068 -65.74 -16.84 -130.00
C GLU D 3068 -66.80 -17.89 -130.25
N LYS D 3069 -66.48 -18.92 -131.03
CA LYS D 3069 -67.46 -19.96 -131.35
C LYS D 3069 -68.00 -20.64 -130.10
N THR D 3070 -67.20 -20.67 -129.04
CA THR D 3070 -67.65 -21.19 -127.75
C THR D 3070 -68.02 -20.08 -126.76
N MET D 3071 -67.31 -18.95 -126.79
CA MET D 3071 -67.59 -17.88 -125.85
C MET D 3071 -68.98 -17.28 -126.09
N GLU D 3072 -69.31 -16.99 -127.34
CA GLU D 3072 -70.63 -16.44 -127.66
C GLU D 3072 -71.73 -17.45 -127.43
N ASN D 3073 -71.46 -18.74 -127.64
CA ASN D 3073 -72.45 -19.77 -127.33
C ASN D 3073 -72.74 -19.83 -125.84
N LEU D 3074 -71.69 -19.78 -125.01
CA LEU D 3074 -71.90 -19.75 -123.57
C LEU D 3074 -72.62 -18.49 -123.14
N LYS D 3075 -72.29 -17.35 -123.76
CA LYS D 3075 -72.97 -16.10 -123.44
C LYS D 3075 -74.44 -16.16 -123.82
N GLN D 3076 -74.76 -16.77 -124.98
CA GLN D 3076 -76.15 -16.92 -125.38
C GLN D 3076 -76.90 -17.86 -124.44
N GLY D 3077 -76.25 -18.93 -123.99
CA GLY D 3077 -76.86 -19.78 -122.98
C GLY D 3077 -77.14 -19.03 -121.69
N GLN D 3078 -76.20 -18.18 -121.26
CA GLN D 3078 -76.43 -17.35 -120.08
C GLN D 3078 -77.57 -16.37 -120.29
N PHE D 3079 -77.67 -15.79 -121.49
CA PHE D 3079 -78.76 -14.88 -121.79
C PHE D 3079 -80.11 -15.60 -121.74
N THR D 3080 -80.16 -16.82 -122.28
CA THR D 3080 -81.39 -17.61 -122.20
C THR D 3080 -81.74 -17.96 -120.75
N HIS D 3081 -80.72 -18.25 -119.93
CA HIS D 3081 -80.97 -18.52 -118.52
C HIS D 3081 -81.51 -17.29 -117.80
N THR D 3082 -80.97 -16.11 -118.12
CA THR D 3082 -81.52 -14.88 -117.55
C THR D 3082 -82.93 -14.61 -118.05
N ARG D 3083 -83.24 -15.02 -119.29
CA ARG D 3083 -84.60 -14.93 -119.79
C ARG D 3083 -85.53 -15.87 -119.04
N SER D 3084 -84.99 -16.95 -118.47
CA SER D 3084 -85.77 -17.91 -117.69
C SER D 3084 -86.02 -17.33 -116.30
N GLN D 3085 -86.50 -18.17 -115.39
CA GLN D 3085 -86.85 -17.70 -114.05
C GLN D 3085 -85.69 -17.88 -113.09
N PRO D 3086 -84.85 -16.86 -112.91
CA PRO D 3086 -83.75 -16.97 -111.96
C PRO D 3086 -84.21 -16.68 -110.53
N LYS D 3087 -83.36 -17.06 -109.58
CA LYS D 3087 -83.65 -16.87 -108.16
C LYS D 3087 -82.63 -15.98 -107.47
N GLY D 3088 -81.33 -16.22 -107.66
CA GLY D 3088 -80.29 -15.45 -107.03
C GLY D 3088 -79.52 -14.60 -108.01
N VAL D 3089 -78.72 -13.69 -107.46
CA VAL D 3089 -77.89 -12.81 -108.26
C VAL D 3089 -76.63 -13.57 -108.66
N THR D 3090 -76.39 -13.67 -109.97
CA THR D 3090 -75.24 -14.36 -110.53
C THR D 3090 -74.56 -13.50 -111.59
N GLN D 3091 -74.49 -12.20 -111.33
CA GLN D 3091 -73.90 -11.28 -112.31
C GLN D 3091 -72.38 -11.27 -112.25
N ILE D 3092 -71.76 -11.76 -111.17
CA ILE D 3092 -70.31 -11.67 -111.04
C ILE D 3092 -69.62 -12.46 -112.14
N ILE D 3093 -70.12 -13.66 -112.43
CA ILE D 3093 -69.48 -14.51 -113.43
C ILE D 3093 -69.62 -13.93 -114.83
N ASN D 3094 -70.78 -13.32 -115.14
CA ASN D 3094 -70.97 -12.73 -116.46
C ASN D 3094 -70.20 -11.43 -116.63
N TYR D 3095 -70.01 -10.69 -115.54
CA TYR D 3095 -69.32 -9.41 -115.59
C TYR D 3095 -67.81 -9.56 -115.51
N THR D 3096 -67.31 -10.67 -115.00
CA THR D 3096 -65.87 -10.89 -114.90
C THR D 3096 -65.24 -11.40 -116.19
N THR D 3097 -65.96 -11.39 -117.30
CA THR D 3097 -65.43 -11.82 -118.60
C THR D 3097 -65.64 -10.74 -119.65
N VAL D 3098 -65.35 -9.50 -119.28
CA VAL D 3098 -65.57 -8.37 -120.18
C VAL D 3098 -64.32 -8.03 -120.98
N ALA D 3099 -63.18 -7.88 -120.32
CA ALA D 3099 -61.94 -7.50 -120.97
C ALA D 3099 -61.18 -8.68 -121.56
N LEU D 3100 -61.70 -9.90 -121.41
CA LEU D 3100 -61.02 -11.09 -121.88
C LEU D 3100 -61.34 -11.43 -123.34
N LEU D 3101 -62.22 -10.66 -123.98
CA LEU D 3101 -62.54 -10.92 -125.38
C LEU D 3101 -61.47 -10.36 -126.33
N PRO D 3102 -61.11 -9.05 -126.28
CA PRO D 3102 -60.16 -8.54 -127.29
C PRO D 3102 -58.71 -8.66 -126.88
N MET D 3103 -58.44 -8.79 -125.59
CA MET D 3103 -57.07 -8.86 -125.09
C MET D 3103 -57.01 -9.48 -123.69
N LEU D 3174 -58.06 -11.62 -134.63
CA LEU D 3174 -59.32 -11.41 -133.92
C LEU D 3174 -60.25 -12.60 -134.13
N ASP D 3175 -61.49 -12.46 -133.66
CA ASP D 3175 -62.48 -13.52 -133.79
C ASP D 3175 -63.05 -13.53 -135.21
N LYS D 3176 -63.12 -14.72 -135.80
CA LYS D 3176 -63.66 -14.89 -137.15
C LYS D 3176 -65.16 -15.13 -137.03
N HIS D 3177 -65.92 -14.04 -136.96
CA HIS D 3177 -67.37 -14.14 -136.81
C HIS D 3177 -68.06 -14.65 -138.07
N ASN D 3178 -67.37 -14.61 -139.22
CA ASN D 3178 -67.99 -15.09 -140.46
C ASN D 3178 -68.10 -16.60 -140.50
N VAL D 3179 -67.20 -17.31 -139.81
CA VAL D 3179 -67.25 -18.77 -139.80
C VAL D 3179 -68.46 -19.26 -139.04
N TYR D 3180 -68.74 -18.68 -137.87
CA TYR D 3180 -69.89 -19.04 -137.07
C TYR D 3180 -70.51 -17.77 -136.49
N SER D 3181 -71.81 -17.59 -136.74
CA SER D 3181 -72.55 -16.42 -136.26
C SER D 3181 -73.39 -16.85 -135.06
N ILE D 3182 -72.86 -16.67 -133.86
CA ILE D 3182 -73.57 -17.00 -132.64
C ILE D 3182 -74.17 -15.76 -131.99
N TYR D 3183 -74.35 -14.68 -132.75
CA TYR D 3183 -74.90 -13.43 -132.26
C TYR D 3183 -76.40 -13.31 -132.48
N ASN D 3184 -77.05 -14.39 -132.96
CA ASN D 3184 -78.47 -14.32 -133.28
C ASN D 3184 -79.32 -14.09 -132.03
N THR D 3185 -79.01 -14.79 -130.94
CA THR D 3185 -79.77 -14.63 -129.71
C THR D 3185 -79.60 -13.23 -129.12
N ARG D 3186 -78.37 -12.72 -129.12
CA ARG D 3186 -78.12 -11.38 -128.62
C ARG D 3186 -78.80 -10.32 -129.50
N SER D 3187 -78.81 -10.55 -130.82
CA SER D 3187 -79.51 -9.64 -131.71
C SER D 3187 -81.01 -9.65 -131.46
N SER D 3188 -81.57 -10.84 -131.21
CA SER D 3188 -83.00 -10.93 -130.88
C SER D 3188 -83.31 -10.21 -129.57
N ARG D 3189 -82.45 -10.37 -128.56
CA ARG D 3189 -82.64 -9.67 -127.30
C ARG D 3189 -82.54 -8.16 -127.49
N GLU D 3190 -81.61 -7.71 -128.33
CA GLU D 3190 -81.46 -6.28 -128.58
C GLU D 3190 -82.66 -5.72 -129.35
N ARG D 3191 -83.22 -6.50 -130.28
CA ARG D 3191 -84.44 -6.08 -130.96
C ARG D 3191 -85.61 -6.00 -129.98
N ALA D 3192 -85.70 -6.96 -129.06
CA ALA D 3192 -86.77 -6.93 -128.06
C ALA D 3192 -86.59 -5.77 -127.09
N ALA D 3193 -85.35 -5.33 -126.87
CA ALA D 3193 -85.04 -4.21 -125.99
C ALA D 3193 -84.42 -3.05 -126.78
N LEU D 3194 -85.00 -2.76 -127.95
CA LEU D 3194 -84.46 -1.69 -128.80
C LEU D 3194 -84.61 -0.32 -128.16
N SER D 3195 -85.74 -0.07 -127.50
CA SER D 3195 -86.01 1.23 -126.88
C SER D 3195 -86.49 0.96 -125.46
N LEU D 3196 -85.56 1.00 -124.51
CA LEU D 3196 -85.92 0.78 -123.10
C LEU D 3196 -86.95 1.77 -122.55
N PRO D 3197 -86.86 3.09 -122.80
CA PRO D 3197 -87.95 3.97 -122.35
C PRO D 3197 -89.29 3.70 -123.04
N ALA D 3198 -89.29 3.06 -124.21
CA ALA D 3198 -90.51 2.82 -124.96
C ALA D 3198 -91.03 1.39 -124.85
N ASN D 3199 -90.22 0.45 -124.37
CA ASN D 3199 -90.63 -0.94 -124.23
C ASN D 3199 -90.97 -1.30 -122.79
N VAL D 3200 -91.49 -0.35 -122.02
CA VAL D 3200 -91.90 -0.61 -120.63
C VAL D 3200 -93.36 -1.06 -120.70
N GLU D 3201 -93.55 -2.34 -120.99
CA GLU D 3201 -94.88 -2.92 -121.12
C GLU D 3201 -94.75 -4.44 -120.95
N ASP D 3202 -95.82 -5.15 -121.29
CA ASP D 3202 -95.86 -6.61 -121.18
C ASP D 3202 -95.47 -7.30 -122.48
N VAL D 3203 -94.66 -6.64 -123.32
CA VAL D 3203 -94.22 -7.27 -124.56
C VAL D 3203 -93.25 -8.41 -124.27
N CYS D 3204 -92.48 -8.31 -123.19
CA CYS D 3204 -91.60 -9.39 -122.79
C CYS D 3204 -92.42 -10.55 -122.21
N PRO D 3205 -92.00 -11.78 -122.44
CA PRO D 3205 -92.79 -12.93 -121.96
C PRO D 3205 -92.80 -13.02 -120.44
N ASN D 3206 -93.91 -13.53 -119.92
CA ASN D 3206 -94.13 -13.84 -118.50
C ASN D 3206 -94.08 -12.61 -117.60
N ILE D 3207 -94.11 -11.40 -118.18
CA ILE D 3207 -94.09 -10.14 -117.45
C ILE D 3207 -92.94 -10.09 -116.46
N PRO D 3208 -91.69 -9.94 -116.92
CA PRO D 3208 -90.56 -9.93 -115.99
C PRO D 3208 -90.46 -8.59 -115.26
N SER D 3209 -90.79 -8.61 -113.96
CA SER D 3209 -90.70 -7.40 -113.16
C SER D 3209 -89.24 -7.01 -112.92
N LEU D 3210 -88.38 -7.99 -112.62
CA LEU D 3210 -86.97 -7.73 -112.39
C LEU D 3210 -86.05 -8.73 -113.07
N GLU D 3211 -86.58 -9.69 -113.83
CA GLU D 3211 -85.72 -10.67 -114.47
C GLU D 3211 -84.88 -10.04 -115.58
N LYS D 3212 -85.50 -9.26 -116.45
CA LYS D 3212 -84.79 -8.62 -117.54
C LYS D 3212 -85.06 -7.12 -117.58
N LEU D 3213 -86.26 -6.71 -117.19
CA LEU D 3213 -86.65 -5.30 -117.22
C LEU D 3213 -86.15 -4.60 -115.95
N MET D 3214 -84.83 -4.39 -115.93
CA MET D 3214 -84.16 -3.73 -114.82
C MET D 3214 -82.81 -3.22 -115.30
N THR D 3215 -81.96 -2.79 -114.36
CA THR D 3215 -80.63 -2.32 -114.68
C THR D 3215 -79.65 -3.47 -114.89
N GLU D 3216 -80.06 -4.71 -114.60
CA GLU D 3216 -79.17 -5.85 -114.75
C GLU D 3216 -78.73 -6.02 -116.21
N ILE D 3217 -79.68 -6.01 -117.15
CA ILE D 3217 -79.32 -6.15 -118.55
C ILE D 3217 -78.59 -4.92 -119.05
N ILE D 3218 -78.87 -3.75 -118.47
CA ILE D 3218 -78.17 -2.52 -118.86
C ILE D 3218 -76.70 -2.61 -118.52
N GLU D 3219 -76.37 -3.09 -117.31
CA GLU D 3219 -74.98 -3.25 -116.93
C GLU D 3219 -74.36 -4.47 -117.60
N LEU D 3220 -75.16 -5.47 -117.97
CA LEU D 3220 -74.63 -6.63 -118.68
C LEU D 3220 -74.24 -6.28 -120.10
N ALA D 3221 -74.94 -5.35 -120.73
CA ALA D 3221 -74.57 -4.92 -122.08
C ALA D 3221 -73.21 -4.26 -122.11
N GLU D 3222 -72.79 -3.66 -120.99
CA GLU D 3222 -71.44 -3.10 -120.91
C GLU D 3222 -70.37 -4.18 -121.01
N SER D 3223 -70.58 -5.30 -120.30
CA SER D 3223 -69.59 -6.38 -120.33
C SER D 3223 -69.66 -7.16 -121.64
N GLY D 3224 -70.87 -7.41 -122.14
CA GLY D 3224 -71.01 -8.17 -123.37
C GLY D 3224 -70.48 -7.43 -124.59
N ILE D 3225 -70.78 -6.15 -124.69
CA ILE D 3225 -70.35 -5.33 -125.81
C ILE D 3225 -69.19 -4.46 -125.33
N ARG D 3226 -67.97 -4.82 -125.74
CA ARG D 3226 -66.79 -4.06 -125.36
C ARG D 3226 -65.70 -4.36 -126.39
N TYR D 3227 -65.33 -3.35 -127.17
CA TYR D 3227 -64.29 -3.46 -128.20
C TYR D 3227 -63.30 -2.32 -128.08
N THR D 3228 -62.83 -2.09 -126.85
CA THR D 3228 -61.89 -1.00 -126.60
C THR D 3228 -60.57 -1.23 -127.32
N GLN D 3229 -60.09 -2.48 -127.33
CA GLN D 3229 -58.83 -2.78 -128.01
C GLN D 3229 -59.00 -2.77 -129.53
N MET D 3230 -59.85 -3.66 -130.04
CA MET D 3230 -60.11 -3.74 -131.47
C MET D 3230 -61.41 -4.50 -131.69
N PRO D 3231 -62.24 -4.09 -132.65
CA PRO D 3231 -63.46 -4.85 -132.93
C PRO D 3231 -63.14 -6.26 -133.38
N TYR D 3232 -63.99 -7.21 -132.96
CA TYR D 3232 -63.85 -8.62 -133.30
C TYR D 3232 -65.19 -9.17 -133.78
N MET D 3233 -65.83 -8.44 -134.69
CA MET D 3233 -67.15 -8.80 -135.20
C MET D 3233 -67.15 -8.67 -136.72
N MET D 3234 -68.24 -9.12 -137.33
CA MET D 3234 -68.41 -9.02 -138.77
C MET D 3234 -68.84 -7.63 -139.23
N GLU D 3235 -69.18 -6.74 -138.30
CA GLU D 3235 -69.60 -5.37 -138.59
C GLU D 3235 -70.80 -5.35 -139.55
N VAL D 3236 -71.73 -6.27 -139.34
CA VAL D 3236 -72.94 -6.37 -140.15
C VAL D 3236 -74.14 -5.81 -139.40
N VAL D 3237 -74.34 -6.23 -138.15
CA VAL D 3237 -75.45 -5.74 -137.35
C VAL D 3237 -75.00 -4.71 -136.30
N LEU D 3238 -73.74 -4.71 -135.91
CA LEU D 3238 -73.26 -3.75 -134.91
C LEU D 3238 -73.35 -2.30 -135.38
N PRO D 3239 -72.89 -1.91 -136.57
CA PRO D 3239 -73.04 -0.49 -136.96
C PRO D 3239 -74.50 -0.06 -137.11
N MET D 3240 -75.36 -0.94 -137.64
CA MET D 3240 -76.77 -0.60 -137.77
C MET D 3240 -77.42 -0.44 -136.39
N LEU D 3241 -77.08 -1.32 -135.46
CA LEU D 3241 -77.60 -1.22 -134.10
C LEU D 3241 -77.11 0.07 -133.42
N CYS D 3242 -75.83 0.40 -133.60
CA CYS D 3242 -75.30 1.64 -133.02
C CYS D 3242 -75.98 2.86 -133.61
N SER D 3243 -76.21 2.86 -134.93
CA SER D 3243 -76.91 3.98 -135.55
C SER D 3243 -78.34 4.09 -135.05
N TYR D 3244 -79.03 2.96 -134.88
CA TYR D 3244 -80.40 2.99 -134.38
C TYR D 3244 -80.45 3.52 -132.95
N MET D 3245 -79.53 3.06 -132.10
CA MET D 3245 -79.50 3.56 -130.72
C MET D 3245 -79.15 5.04 -130.67
N SER D 3246 -78.23 5.50 -131.52
CA SER D 3246 -77.89 6.92 -131.54
C SER D 3246 -79.07 7.76 -132.01
N ARG D 3247 -79.81 7.27 -133.02
CA ARG D 3247 -80.99 7.99 -133.48
C ARG D 3247 -82.07 8.03 -132.41
N TRP D 3248 -82.27 6.93 -131.69
CA TRP D 3248 -83.26 6.90 -130.62
C TRP D 3248 -82.88 7.84 -129.48
N TRP D 3249 -81.59 7.90 -129.13
CA TRP D 3249 -81.15 8.81 -128.09
C TRP D 3249 -81.24 10.26 -128.54
N GLU D 3250 -81.02 10.52 -129.82
CA GLU D 3250 -81.21 11.88 -130.34
C GLU D 3250 -82.68 12.28 -130.29
N HIS D 3251 -83.58 11.35 -130.63
CA HIS D 3251 -85.01 11.66 -130.58
C HIS D 3251 -85.48 11.85 -129.13
N GLY D 3252 -85.06 10.97 -128.23
CA GLY D 3252 -85.44 11.07 -126.84
C GLY D 3252 -84.42 11.80 -126.01
N PRO D 3253 -84.67 13.09 -125.75
CA PRO D 3253 -83.69 13.85 -124.94
C PRO D 3253 -83.72 13.48 -123.47
N GLU D 3254 -84.89 13.29 -122.88
CA GLU D 3254 -85.00 12.93 -121.49
C GLU D 3254 -84.73 11.44 -121.29
N ASN D 3255 -84.63 11.03 -120.02
CA ASN D 3255 -84.35 9.64 -119.70
C ASN D 3255 -85.60 8.78 -119.91
N HIS D 3256 -86.67 9.09 -119.19
CA HIS D 3256 -87.95 8.37 -119.22
C HIS D 3256 -87.75 6.89 -118.94
N PRO D 3257 -86.95 6.54 -117.93
CA PRO D 3257 -86.74 5.12 -117.62
C PRO D 3257 -87.79 4.56 -116.68
N GLU D 3258 -87.64 3.30 -116.30
CA GLU D 3258 -88.58 2.66 -115.39
C GLU D 3258 -88.11 2.86 -113.95
N ARG D 3259 -88.79 2.21 -113.00
CA ARG D 3259 -88.44 2.35 -111.60
C ARG D 3259 -87.15 1.60 -111.28
N ALA D 3260 -86.37 2.16 -110.36
CA ALA D 3260 -85.11 1.58 -109.88
C ALA D 3260 -84.13 1.34 -111.03
N GLU D 3261 -84.13 2.26 -111.99
CA GLU D 3261 -83.23 2.19 -113.15
C GLU D 3261 -82.60 3.56 -113.38
N MET D 3262 -82.08 4.16 -112.31
CA MET D 3262 -81.46 5.48 -112.42
C MET D 3262 -80.19 5.41 -113.25
N CYS D 3263 -79.30 4.46 -112.94
CA CYS D 3263 -78.01 4.36 -113.63
C CYS D 3263 -78.20 3.67 -114.99
N CYS D 3264 -78.85 4.40 -115.89
CA CYS D 3264 -79.07 3.95 -117.25
C CYS D 3264 -77.98 4.44 -118.21
N THR D 3265 -77.06 5.28 -117.74
CA THR D 3265 -76.03 5.82 -118.63
C THR D 3265 -75.03 4.74 -119.02
N ALA D 3266 -74.65 3.88 -118.08
CA ALA D 3266 -73.67 2.82 -118.35
C ALA D 3266 -74.37 1.65 -119.03
N LEU D 3267 -74.68 1.85 -120.31
CA LEU D 3267 -75.34 0.84 -121.12
C LEU D 3267 -74.52 0.43 -122.33
N ASN D 3268 -74.01 1.39 -123.10
CA ASN D 3268 -73.24 1.12 -124.30
C ASN D 3268 -71.82 1.64 -124.12
N SER D 3269 -70.84 0.78 -124.41
CA SER D 3269 -69.43 1.14 -124.29
C SER D 3269 -68.73 1.16 -125.64
N GLU D 3270 -69.49 1.14 -126.74
CA GLU D 3270 -68.95 1.17 -128.09
C GLU D 3270 -69.67 2.20 -128.93
N HIS D 3271 -69.88 3.39 -128.38
CA HIS D 3271 -70.54 4.48 -129.10
C HIS D 3271 -69.49 5.22 -129.91
N MET D 3272 -69.40 4.89 -131.20
CA MET D 3272 -68.41 5.49 -132.08
C MET D 3272 -68.94 5.44 -133.52
N ASN D 3273 -68.30 6.22 -134.38
CA ASN D 3273 -68.69 6.28 -135.78
C ASN D 3273 -68.36 4.96 -136.48
N THR D 3274 -69.31 4.45 -137.27
CA THR D 3274 -69.17 3.21 -138.02
C THR D 3274 -68.80 2.03 -137.11
N LEU D 3275 -69.42 2.00 -135.93
CA LEU D 3275 -69.16 0.92 -134.97
C LEU D 3275 -70.42 0.60 -134.17
N LYS D 3281 -84.16 12.24 -136.98
CA LYS D 3281 -83.90 13.02 -138.18
C LYS D 3281 -82.87 12.33 -139.07
N ILE D 3282 -82.46 11.12 -138.66
CA ILE D 3282 -81.46 10.38 -139.43
C ILE D 3282 -82.09 9.84 -140.70
N ILE D 3283 -81.24 9.59 -141.71
CA ILE D 3283 -81.68 9.04 -142.98
C ILE D 3283 -81.04 7.68 -143.18
N TYR D 3284 -80.75 6.99 -142.08
CA TYR D 3284 -80.12 5.67 -142.17
C TYR D 3284 -81.06 4.65 -142.79
N ASN D 3285 -82.36 4.74 -142.48
CA ASN D 3285 -83.33 3.80 -143.06
C ASN D 3285 -83.43 3.98 -144.57
N ASN D 3286 -83.50 5.24 -145.03
CA ASN D 3286 -83.59 5.50 -146.46
C ASN D 3286 -82.32 5.06 -147.18
N LEU D 3287 -81.15 5.31 -146.58
CA LEU D 3287 -79.90 4.88 -147.19
C LEU D 3287 -79.81 3.36 -147.27
N GLY D 3288 -80.24 2.67 -146.21
CA GLY D 3288 -80.24 1.22 -146.23
C GLY D 3288 -81.21 0.65 -147.25
N ILE D 3289 -82.37 1.29 -147.41
CA ILE D 3289 -83.34 0.84 -148.40
C ILE D 3289 -82.81 1.07 -149.81
N ASP D 3290 -82.14 2.20 -150.04
CA ASP D 3290 -81.60 2.49 -151.36
C ASP D 3290 -80.43 1.57 -151.70
N GLU D 3291 -79.58 1.26 -150.72
CA GLU D 3291 -78.46 0.37 -150.97
C GLU D 3291 -78.92 -1.06 -151.23
N GLY D 3292 -79.96 -1.51 -150.52
CA GLY D 3292 -80.48 -2.85 -150.69
C GLY D 3292 -81.25 -3.04 -151.98
N PHE D 3301 -74.61 -1.66 -151.08
CA PHE D 3301 -73.24 -2.17 -151.00
C PHE D 3301 -72.47 -1.49 -149.86
N SER D 3302 -72.33 -0.18 -149.95
CA SER D 3302 -71.60 0.60 -148.95
C SER D 3302 -72.61 1.33 -148.08
N GLN D 3303 -72.52 1.12 -146.76
CA GLN D 3303 -73.41 1.79 -145.84
C GLN D 3303 -73.06 3.28 -145.75
N PRO D 3304 -74.03 4.14 -145.44
CA PRO D 3304 -73.73 5.57 -145.30
C PRO D 3304 -72.81 5.88 -144.13
N ILE D 3305 -72.68 4.98 -143.14
CA ILE D 3305 -71.78 5.23 -142.02
C ILE D 3305 -70.32 5.13 -142.43
N ILE D 3306 -70.03 4.52 -143.58
CA ILE D 3306 -68.64 4.43 -144.04
C ILE D 3306 -68.12 5.81 -144.43
N ASN D 3307 -68.97 6.64 -145.05
CA ASN D 3307 -68.56 7.99 -145.41
C ASN D 3307 -68.43 8.85 -144.16
N LYS D 3308 -67.47 9.76 -144.18
CA LYS D 3308 -67.18 10.62 -143.03
C LYS D 3308 -68.08 11.84 -142.96
N VAL D 3309 -68.95 12.05 -143.95
CA VAL D 3309 -69.83 13.22 -143.93
C VAL D 3309 -70.88 13.08 -142.83
N LYS D 3310 -71.45 11.88 -142.67
CA LYS D 3310 -72.49 11.68 -141.66
C LYS D 3310 -71.99 11.87 -140.23
N PRO D 3311 -70.87 11.27 -139.78
CA PRO D 3311 -70.42 11.56 -138.41
C PRO D 3311 -70.05 13.02 -138.19
N GLN D 3312 -69.47 13.68 -139.20
CA GLN D 3312 -69.16 15.10 -139.06
C GLN D 3312 -70.42 15.93 -138.92
N LEU D 3313 -71.45 15.63 -139.72
CA LEU D 3313 -72.71 16.35 -139.60
C LEU D 3313 -73.36 16.11 -138.26
N LEU D 3314 -73.31 14.86 -137.76
CA LEU D 3314 -73.88 14.54 -136.46
C LEU D 3314 -73.14 15.29 -135.35
N LYS D 3315 -71.82 15.36 -135.44
CA LYS D 3315 -71.04 16.08 -134.42
C LYS D 3315 -71.34 17.58 -134.47
N THR D 3316 -71.44 18.16 -135.66
CA THR D 3316 -71.74 19.58 -135.77
C THR D 3316 -73.15 19.89 -135.29
N HIS D 3317 -74.09 18.95 -135.46
CA HIS D 3317 -75.44 19.16 -134.95
C HIS D 3317 -75.52 18.99 -133.43
N PHE D 3318 -74.72 18.07 -132.89
CA PHE D 3318 -74.72 17.83 -131.44
C PHE D 3318 -73.86 18.82 -130.66
N LEU D 3319 -73.00 19.58 -131.34
CA LEU D 3319 -72.18 20.56 -130.65
C LEU D 3319 -72.98 21.62 -129.91
N PRO D 3320 -73.99 22.28 -130.51
CA PRO D 3320 -74.79 23.24 -129.72
C PRO D 3320 -75.55 22.60 -128.57
N LEU D 3321 -75.97 21.35 -128.71
CA LEU D 3321 -76.74 20.70 -127.66
C LEU D 3321 -75.93 20.55 -126.38
N MET D 3322 -74.67 20.13 -126.49
CA MET D 3322 -73.78 20.05 -125.35
C MET D 3322 -73.12 21.37 -125.00
N GLU D 3323 -73.14 22.35 -125.91
CA GLU D 3323 -72.63 23.68 -125.60
C GLU D 3323 -73.59 24.44 -124.70
N LYS D 3324 -74.89 24.35 -124.97
CA LYS D 3324 -75.90 25.05 -124.20
C LYS D 3324 -76.41 24.23 -123.01
N LEU D 3325 -75.83 23.05 -122.77
CA LEU D 3325 -76.26 22.19 -121.68
C LEU D 3325 -75.72 22.76 -120.36
N LYS D 3326 -76.54 23.54 -119.68
CA LYS D 3326 -76.14 24.13 -118.40
C LYS D 3326 -77.40 24.39 -117.58
N LYS D 3327 -77.58 23.62 -116.51
CA LYS D 3327 -78.74 23.77 -115.64
C LYS D 3327 -78.27 23.70 -114.19
N LYS D 3328 -79.05 24.32 -113.31
CA LYS D 3328 -78.74 24.38 -111.89
C LYS D 3328 -79.44 23.30 -111.08
N ALA D 3329 -80.13 22.37 -111.75
CA ALA D 3329 -80.82 21.30 -111.04
C ALA D 3329 -79.79 20.28 -110.52
N ALA D 3330 -80.26 19.43 -109.60
CA ALA D 3330 -79.41 18.42 -108.97
C ALA D 3330 -79.65 17.02 -109.51
N MET D 3331 -80.90 16.69 -109.87
CA MET D 3331 -81.23 15.35 -110.37
C MET D 3331 -81.20 15.31 -111.89
N VAL D 3332 -82.10 16.07 -112.53
CA VAL D 3332 -82.26 15.98 -113.98
C VAL D 3332 -81.06 16.58 -114.71
N VAL D 3333 -80.49 17.67 -114.16
CA VAL D 3333 -79.31 18.25 -114.77
C VAL D 3333 -78.14 17.27 -114.73
N SER D 3334 -77.97 16.59 -113.59
CA SER D 3334 -76.89 15.61 -113.47
C SER D 3334 -77.10 14.44 -114.41
N GLU D 3335 -78.33 13.92 -114.50
CA GLU D 3335 -78.56 12.80 -115.42
C GLU D 3335 -78.40 13.22 -116.87
N GLU D 3336 -78.76 14.46 -117.22
CA GLU D 3336 -78.59 14.94 -118.57
C GLU D 3336 -77.11 15.12 -118.90
N ASP D 3337 -76.32 15.63 -117.95
CA ASP D 3337 -74.88 15.76 -118.17
C ASP D 3337 -74.22 14.39 -118.33
N HIS D 3338 -74.64 13.42 -117.52
CA HIS D 3338 -74.10 12.07 -117.67
C HIS D 3338 -74.47 11.45 -119.01
N LEU D 3339 -75.72 11.66 -119.45
CA LEU D 3339 -76.14 11.14 -120.75
C LEU D 3339 -75.37 11.80 -121.89
N LYS D 3340 -75.15 13.11 -121.79
CA LYS D 3340 -74.39 13.81 -122.83
C LYS D 3340 -72.93 13.35 -122.86
N ALA D 3341 -72.35 13.11 -121.68
CA ALA D 3341 -70.97 12.62 -121.64
C ALA D 3341 -70.86 11.19 -122.16
N GLU D 3342 -71.89 10.37 -121.94
CA GLU D 3342 -71.85 9.00 -122.43
C GLU D 3342 -72.07 8.93 -123.93
N ALA D 3343 -73.04 9.70 -124.45
CA ALA D 3343 -73.35 9.66 -125.88
C ALA D 3343 -72.32 10.40 -126.72
N ARG D 3344 -71.72 11.47 -126.17
CA ARG D 3344 -70.76 12.27 -126.93
C ARG D 3344 -69.40 12.27 -126.24
N GLY D 3345 -68.92 11.10 -125.84
CA GLY D 3345 -67.67 11.01 -125.12
C GLY D 3345 -66.46 11.19 -126.03
N ASP D 3346 -65.29 11.16 -125.39
CA ASP D 3346 -64.02 11.33 -126.09
C ASP D 3346 -63.55 10.07 -126.79
N MET D 3347 -64.25 8.95 -126.61
CA MET D 3347 -63.83 7.70 -127.23
C MET D 3347 -64.14 7.72 -128.72
N SER D 3348 -63.20 8.24 -129.52
CA SER D 3348 -63.32 8.30 -130.98
C SER D 3348 -62.01 7.79 -131.56
N GLU D 3349 -61.94 6.48 -131.79
CA GLU D 3349 -60.73 5.86 -132.32
C GLU D 3349 -60.60 6.02 -133.82
N ALA D 3350 -61.61 6.59 -134.50
CA ALA D 3350 -61.56 6.77 -135.95
C ALA D 3350 -60.85 8.08 -136.26
N GLU D 3351 -59.52 8.00 -136.31
CA GLU D 3351 -58.64 9.10 -136.68
C GLU D 3351 -58.83 10.31 -135.75
N LEU D 3352 -58.53 10.09 -134.47
CA LEU D 3352 -58.62 11.17 -133.49
C LEU D 3352 -57.58 12.24 -133.74
N LEU D 3353 -56.37 11.84 -134.11
CA LEU D 3353 -55.28 12.80 -134.31
C LEU D 3353 -55.44 13.60 -135.61
N ILE D 3354 -56.18 13.07 -136.58
CA ILE D 3354 -56.35 13.79 -137.84
C ILE D 3354 -57.21 15.04 -137.63
N LEU D 3355 -58.32 14.91 -136.91
CA LEU D 3355 -59.19 16.04 -136.61
C LEU D 3355 -58.63 16.75 -135.38
N ASP D 3356 -57.59 17.55 -135.60
CA ASP D 3356 -56.95 18.27 -134.50
C ASP D 3356 -57.88 19.33 -133.93
N GLU D 3357 -58.58 20.07 -134.78
CA GLU D 3357 -59.50 21.10 -134.31
C GLU D 3357 -60.66 20.49 -133.52
N PHE D 3358 -61.20 19.37 -134.00
CA PHE D 3358 -62.28 18.69 -133.28
C PHE D 3358 -61.79 18.17 -131.94
N THR D 3359 -60.57 17.62 -131.89
CA THR D 3359 -60.01 17.15 -130.64
C THR D 3359 -59.80 18.28 -129.64
N THR D 3360 -59.29 19.42 -130.12
CA THR D 3360 -59.09 20.57 -129.24
C THR D 3360 -60.42 21.11 -128.72
N LEU D 3361 -61.44 21.18 -129.59
CA LEU D 3361 -62.75 21.62 -129.15
C LEU D 3361 -63.35 20.67 -128.11
N ALA D 3362 -63.21 19.36 -128.34
CA ALA D 3362 -63.73 18.39 -127.40
C ALA D 3362 -63.00 18.49 -126.05
N ARG D 3363 -61.68 18.66 -126.08
CA ARG D 3363 -60.93 18.80 -124.83
C ARG D 3363 -61.32 20.07 -124.09
N ASP D 3364 -61.50 21.17 -124.82
CA ASP D 3364 -61.91 22.42 -124.18
C ASP D 3364 -63.30 22.29 -123.56
N LEU D 3365 -64.23 21.62 -124.25
CA LEU D 3365 -65.56 21.43 -123.70
C LEU D 3365 -65.54 20.51 -122.48
N TYR D 3366 -64.75 19.43 -122.54
CA TYR D 3366 -64.65 18.51 -121.42
C TYR D 3366 -63.89 19.11 -120.25
N ALA D 3367 -63.13 20.18 -120.47
CA ALA D 3367 -62.50 20.90 -119.38
C ALA D 3367 -63.42 21.98 -118.81
N PHE D 3368 -64.23 22.61 -119.65
CA PHE D 3368 -65.11 23.69 -119.17
C PHE D 3368 -66.37 23.15 -118.50
N TYR D 3369 -66.82 21.95 -118.87
CA TYR D 3369 -68.02 21.40 -118.26
C TYR D 3369 -67.90 21.15 -116.76
N PRO D 3370 -66.84 20.53 -116.22
CA PRO D 3370 -66.75 20.40 -114.76
C PRO D 3370 -66.66 21.74 -114.04
N LEU D 3371 -66.09 22.76 -114.68
CA LEU D 3371 -66.06 24.09 -114.06
C LEU D 3371 -67.48 24.63 -113.87
N LEU D 3372 -68.32 24.50 -114.88
CA LEU D 3372 -69.71 24.93 -114.76
C LEU D 3372 -70.49 24.06 -113.79
N ILE D 3373 -70.14 22.77 -113.71
CA ILE D 3373 -70.81 21.88 -112.77
C ILE D 3373 -70.48 22.26 -111.33
N ARG D 3374 -69.20 22.53 -111.05
CA ARG D 3374 -68.73 22.85 -109.71
C ARG D 3374 -68.83 24.34 -109.38
N PHE D 3375 -69.33 25.16 -110.32
CA PHE D 3375 -69.55 26.57 -110.01
C PHE D 3375 -70.60 26.74 -108.90
N VAL D 3376 -71.62 25.89 -108.90
CA VAL D 3376 -72.63 25.89 -107.86
C VAL D 3376 -72.05 25.27 -106.59
N ASP D 3377 -72.76 25.40 -105.47
CA ASP D 3377 -72.27 24.86 -104.21
C ASP D 3377 -72.16 23.34 -104.26
N TYR D 3378 -73.25 22.68 -104.67
CA TYR D 3378 -73.31 21.22 -104.83
C TYR D 3378 -72.95 20.51 -103.52
N ASN D 3379 -73.82 20.70 -102.54
CA ASN D 3379 -73.62 20.09 -101.23
C ASN D 3379 -73.63 18.57 -101.32
N ARG D 3380 -74.54 18.01 -102.11
CA ARG D 3380 -74.62 16.57 -102.31
C ARG D 3380 -73.73 16.20 -103.50
N ALA D 3381 -72.68 15.43 -103.24
CA ALA D 3381 -71.74 15.02 -104.27
C ALA D 3381 -71.94 13.58 -104.72
N LYS D 3382 -73.07 12.97 -104.38
CA LYS D 3382 -73.33 11.57 -104.71
C LYS D 3382 -74.05 11.40 -106.04
N TRP D 3383 -74.30 12.48 -106.77
CA TRP D 3383 -75.03 12.36 -108.04
C TRP D 3383 -74.14 11.78 -109.13
N LEU D 3384 -72.87 12.19 -109.15
CA LEU D 3384 -71.89 11.68 -110.11
C LEU D 3384 -71.12 10.54 -109.43
N LYS D 3385 -71.45 9.30 -109.78
CA LYS D 3385 -70.77 8.15 -109.18
C LYS D 3385 -69.31 8.09 -109.58
N GLU D 3386 -69.01 8.34 -110.86
CA GLU D 3386 -67.64 8.29 -111.35
C GLU D 3386 -67.52 9.17 -112.59
N PRO D 3387 -67.19 10.45 -112.41
CA PRO D 3387 -67.02 11.33 -113.57
C PRO D 3387 -65.81 10.94 -114.40
N ASN D 3388 -65.91 11.19 -115.70
CA ASN D 3388 -64.83 10.85 -116.61
C ASN D 3388 -63.66 11.83 -116.43
N PRO D 3389 -62.44 11.34 -116.18
CA PRO D 3389 -61.24 12.18 -116.03
C PRO D 3389 -60.98 13.06 -117.26
N TYR D 3404 -54.71 24.16 -121.45
CA TYR D 3404 -54.03 25.37 -121.88
C TYR D 3404 -53.99 26.40 -120.75
N TRP D 3405 -53.81 27.67 -121.12
CA TRP D 3405 -53.74 28.73 -120.11
C TRP D 3405 -55.10 28.99 -119.47
N SER D 3406 -56.16 29.01 -120.29
CA SER D 3406 -57.49 29.29 -119.76
C SER D 3406 -57.97 28.20 -118.82
N LYS D 3407 -57.78 26.93 -119.21
CA LYS D 3407 -58.20 25.83 -118.35
C LYS D 3407 -57.41 25.79 -117.05
N SER D 3408 -56.09 26.04 -117.13
CA SER D 3408 -55.27 26.07 -115.93
C SER D 3408 -55.68 27.21 -115.00
N HIS D 3409 -55.97 28.39 -115.58
CA HIS D 3409 -56.41 29.52 -114.77
C HIS D 3409 -57.76 29.23 -114.12
N ASN D 3410 -58.69 28.61 -114.85
CA ASN D 3410 -59.98 28.25 -114.29
C ASN D 3410 -59.83 27.25 -113.14
N PHE D 3411 -58.96 26.25 -113.34
CA PHE D 3411 -58.74 25.26 -112.28
C PHE D 3411 -58.10 25.90 -111.06
N LYS D 3412 -57.15 26.81 -111.26
CA LYS D 3412 -56.52 27.50 -110.14
C LYS D 3412 -57.51 28.37 -109.39
N ARG D 3413 -58.39 29.08 -110.12
CA ARG D 3413 -59.40 29.90 -109.48
C ARG D 3413 -60.39 29.05 -108.70
N GLU D 3414 -60.82 27.92 -109.26
CA GLU D 3414 -61.72 27.04 -108.54
C GLU D 3414 -61.06 26.46 -107.29
N GLU D 3415 -59.79 26.08 -107.40
CA GLU D 3415 -59.07 25.56 -106.23
C GLU D 3415 -58.93 26.62 -105.16
N GLN D 3416 -58.64 27.86 -105.56
CA GLN D 3416 -58.53 28.95 -104.57
C GLN D 3416 -59.87 29.22 -103.89
N ASN D 3417 -60.96 29.20 -104.67
CA ASN D 3417 -62.28 29.42 -104.09
C ASN D 3417 -62.63 28.30 -103.11
N PHE D 3418 -62.35 27.05 -103.48
CA PHE D 3418 -62.64 25.94 -102.58
C PHE D 3418 -61.76 25.97 -101.34
N VAL D 3419 -60.50 26.42 -101.48
CA VAL D 3419 -59.63 26.55 -100.32
C VAL D 3419 -60.14 27.63 -99.38
N VAL D 3420 -60.62 28.74 -99.94
CA VAL D 3420 -61.19 29.81 -99.12
C VAL D 3420 -62.44 29.31 -98.40
N GLN D 3421 -63.29 28.57 -99.11
CA GLN D 3421 -64.49 28.01 -98.48
C GLN D 3421 -64.15 27.02 -97.37
N ASN D 3422 -63.13 26.18 -97.59
CA ASN D 3422 -62.72 25.22 -96.58
C ASN D 3422 -62.11 25.91 -95.36
N GLU D 3423 -61.34 26.98 -95.59
CA GLU D 3423 -60.80 27.76 -94.48
C GLU D 3423 -61.92 28.42 -93.68
N ILE D 3424 -62.93 28.95 -94.38
CA ILE D 3424 -64.06 29.57 -93.69
C ILE D 3424 -64.81 28.53 -92.87
N ASN D 3425 -64.99 27.33 -93.43
CA ASN D 3425 -65.65 26.26 -92.69
C ASN D 3425 -64.83 25.84 -91.47
N ASN D 3426 -63.51 25.80 -91.61
CA ASN D 3426 -62.64 25.44 -90.48
C ASN D 3426 -62.73 26.48 -89.37
N MET D 3427 -62.71 27.76 -89.71
CA MET D 3427 -62.84 28.80 -88.69
C MET D 3427 -64.24 28.81 -88.09
N SER D 3428 -65.26 28.40 -88.85
CA SER D 3428 -66.60 28.33 -88.31
C SER D 3428 -66.76 27.16 -87.36
N PHE D 3429 -66.13 26.03 -87.65
CA PHE D 3429 -66.21 24.85 -86.81
C PHE D 3429 -65.17 24.82 -85.70
N LEU D 3430 -64.23 25.78 -85.68
CA LEU D 3430 -63.28 25.85 -84.57
C LEU D 3430 -63.98 26.16 -83.26
N ILE D 3431 -64.93 27.09 -83.28
CA ILE D 3431 -65.71 27.43 -82.10
C ILE D 3431 -67.19 27.21 -82.42
N THR D 3432 -68.06 27.50 -81.45
CA THR D 3432 -69.51 27.35 -81.58
C THR D 3432 -69.88 25.92 -81.97
N ASP D 3433 -69.63 25.01 -81.03
CA ASP D 3433 -69.81 23.59 -81.27
C ASP D 3433 -71.24 23.27 -81.70
N THR D 3434 -71.36 22.44 -82.73
CA THR D 3434 -72.64 22.07 -83.31
C THR D 3434 -73.31 20.94 -82.54
N LYS D 3435 -74.30 20.30 -83.15
CA LYS D 3435 -75.08 19.25 -82.51
C LYS D 3435 -74.29 17.95 -82.42
N SER D 3436 -74.99 16.84 -82.16
CA SER D 3436 -74.36 15.54 -81.93
C SER D 3436 -73.50 15.10 -83.12
N LYS D 3437 -72.72 14.06 -82.89
CA LYS D 3437 -71.69 13.63 -83.83
C LYS D 3437 -72.23 13.10 -85.15
N MET D 3438 -73.54 12.82 -85.23
CA MET D 3438 -74.09 12.32 -86.49
C MET D 3438 -74.05 13.37 -87.59
N SER D 3439 -74.49 14.60 -87.27
CA SER D 3439 -74.46 15.67 -88.26
C SER D 3439 -73.03 16.05 -88.63
N LYS D 3440 -72.13 16.10 -87.63
CA LYS D 3440 -70.73 16.40 -87.91
C LYS D 3440 -70.10 15.33 -88.79
N ALA D 3441 -70.42 14.05 -88.52
CA ALA D 3441 -69.89 12.97 -89.34
C ALA D 3441 -70.43 13.05 -90.76
N ALA D 3442 -71.71 13.39 -90.93
CA ALA D 3442 -72.28 13.53 -92.27
C ALA D 3442 -71.62 14.68 -93.03
N ILE D 3443 -71.41 15.81 -92.34
CA ILE D 3443 -70.75 16.95 -92.98
C ILE D 3443 -69.32 16.60 -93.37
N SER D 3444 -68.60 15.92 -92.49
CA SER D 3444 -67.23 15.52 -92.78
C SER D 3444 -67.17 14.54 -93.94
N ASP D 3445 -68.13 13.61 -94.00
CA ASP D 3445 -68.17 12.65 -95.11
C ASP D 3445 -68.47 13.34 -96.43
N GLN D 3446 -69.40 14.30 -96.43
CA GLN D 3446 -69.68 15.06 -97.65
C GLN D 3446 -68.46 15.87 -98.09
N GLU D 3447 -67.77 16.49 -97.13
CA GLU D 3447 -66.56 17.25 -97.45
C GLU D 3447 -65.46 16.34 -97.99
N ARG D 3448 -65.32 15.14 -97.43
CA ARG D 3448 -64.32 14.20 -97.93
C ARG D 3448 -64.66 13.71 -99.32
N LYS D 3449 -65.95 13.48 -99.59
CA LYS D 3449 -66.37 13.08 -100.93
C LYS D 3449 -66.09 14.18 -101.94
N LYS D 3450 -66.39 15.43 -101.58
CA LYS D 3450 -66.08 16.55 -102.48
C LYS D 3450 -64.58 16.69 -102.69
N MET D 3451 -63.79 16.49 -101.63
CA MET D 3451 -62.34 16.57 -101.74
C MET D 3451 -61.80 15.48 -102.66
N LYS D 3452 -62.34 14.26 -102.55
CA LYS D 3452 -61.90 13.17 -103.42
C LYS D 3452 -62.31 13.43 -104.88
N ARG D 3453 -63.52 13.97 -105.09
CA ARG D 3453 -63.95 14.29 -106.44
C ARG D 3453 -63.07 15.36 -107.07
N LYS D 3454 -62.67 16.36 -106.28
CA LYS D 3454 -61.74 17.37 -106.79
C LYS D 3454 -60.36 16.78 -107.03
N GLY D 3455 -59.88 15.93 -106.11
CA GLY D 3455 -58.56 15.36 -106.22
C GLY D 3455 -58.39 14.38 -107.36
N ASP D 3456 -59.49 13.75 -107.80
CA ASP D 3456 -59.42 12.91 -109.00
C ASP D 3456 -58.96 13.73 -110.21
N ARG D 3457 -59.65 14.84 -110.47
CA ARG D 3457 -59.26 15.71 -111.57
C ARG D 3457 -57.91 16.39 -111.30
N TYR D 3458 -57.61 16.66 -110.03
CA TYR D 3458 -56.31 17.25 -109.69
C TYR D 3458 -55.18 16.31 -110.06
N SER D 3459 -55.31 15.03 -109.73
CA SER D 3459 -54.29 14.05 -110.10
C SER D 3459 -54.27 13.81 -111.60
N MET D 3460 -55.43 13.90 -112.25
CA MET D 3460 -55.47 13.76 -113.71
C MET D 3460 -54.70 14.87 -114.40
N GLN D 3461 -54.84 16.11 -113.92
CA GLN D 3461 -54.21 17.27 -114.53
C GLN D 3461 -52.85 17.60 -113.93
N THR D 3462 -52.39 16.86 -112.92
CA THR D 3462 -51.09 17.13 -112.30
C THR D 3462 -49.95 16.96 -113.30
N SER D 3463 -50.02 15.92 -114.13
CA SER D 3463 -48.97 15.70 -115.13
C SER D 3463 -48.92 16.85 -116.13
N LEU D 3464 -50.08 17.31 -116.59
CA LEU D 3464 -50.12 18.43 -117.53
C LEU D 3464 -49.60 19.71 -116.88
N ILE D 3465 -49.97 19.95 -115.61
CA ILE D 3465 -49.51 21.13 -114.91
C ILE D 3465 -47.99 21.10 -114.75
N VAL D 3466 -47.44 19.94 -114.38
CA VAL D 3466 -46.00 19.81 -114.22
C VAL D 3466 -45.28 20.01 -115.54
N ALA D 3467 -45.83 19.44 -116.62
CA ALA D 3467 -45.21 19.61 -117.94
C ALA D 3467 -45.23 21.07 -118.38
N ALA D 3468 -46.32 21.78 -118.09
CA ALA D 3468 -46.40 23.19 -118.45
C ALA D 3468 -45.45 24.03 -117.60
N LEU D 3469 -45.32 23.73 -116.32
CA LEU D 3469 -44.51 24.52 -115.40
C LEU D 3469 -43.03 24.19 -115.47
N LYS D 3470 -42.64 23.08 -116.09
CA LYS D 3470 -41.24 22.69 -116.14
C LYS D 3470 -40.42 23.67 -116.97
N ARG D 3471 -40.97 24.16 -118.08
CA ARG D 3471 -40.16 24.94 -119.02
C ARG D 3471 -40.03 26.40 -118.60
N LEU D 3472 -41.14 27.15 -118.60
CA LEU D 3472 -41.07 28.58 -118.35
C LEU D 3472 -42.26 29.14 -117.57
N LEU D 3473 -43.16 28.29 -117.05
CA LEU D 3473 -44.37 28.80 -116.43
C LEU D 3473 -44.18 28.88 -114.92
N PRO D 3474 -44.03 30.07 -114.34
CA PRO D 3474 -43.99 30.17 -112.88
C PRO D 3474 -45.34 30.58 -112.31
N ILE D 3475 -46.27 30.95 -113.19
CA ILE D 3475 -47.59 31.37 -112.74
C ILE D 3475 -48.36 30.19 -112.14
N GLY D 3476 -48.17 29.00 -112.71
CA GLY D 3476 -48.79 27.82 -112.13
C GLY D 3476 -48.28 27.53 -110.74
N LEU D 3477 -46.97 27.71 -110.52
CA LEU D 3477 -46.41 27.52 -109.19
C LEU D 3477 -46.92 28.58 -108.22
N ASN D 3478 -47.01 29.83 -108.67
CA ASN D 3478 -47.54 30.90 -107.83
C ASN D 3478 -49.01 30.70 -107.50
N ILE D 3479 -49.76 30.02 -108.35
CA ILE D 3479 -51.16 29.72 -108.05
C ILE D 3479 -51.31 28.48 -107.19
N CYS D 3480 -50.43 27.48 -107.36
CA CYS D 3480 -50.52 26.25 -106.59
C CYS D 3480 -49.93 26.37 -105.20
N ALA D 3481 -49.05 27.36 -104.96
CA ALA D 3481 -48.49 27.54 -103.62
C ALA D 3481 -49.54 27.84 -102.56
N PRO D 3482 -50.51 28.76 -102.77
CA PRO D 3482 -51.58 28.89 -101.76
C PRO D 3482 -52.40 27.63 -101.58
N GLY D 3483 -52.63 26.86 -102.65
CA GLY D 3483 -53.36 25.61 -102.50
C GLY D 3483 -52.62 24.60 -101.64
N ASP D 3484 -51.31 24.45 -101.88
CA ASP D 3484 -50.51 23.55 -101.04
C ASP D 3484 -50.45 24.04 -99.60
N GLN D 3485 -50.35 25.36 -99.42
CA GLN D 3485 -50.34 25.92 -98.07
C GLN D 3485 -51.64 25.63 -97.34
N GLU D 3486 -52.77 25.80 -98.03
CA GLU D 3486 -54.07 25.51 -97.42
C GLU D 3486 -54.23 24.02 -97.12
N LEU D 3487 -53.74 23.16 -98.02
CA LEU D 3487 -53.82 21.72 -97.79
C LEU D 3487 -52.96 21.30 -96.60
N ILE D 3488 -51.79 21.93 -96.45
CA ILE D 3488 -50.94 21.62 -95.30
C ILE D 3488 -51.56 22.14 -94.01
N ALA D 3489 -52.17 23.33 -94.06
CA ALA D 3489 -52.79 23.89 -92.86
C ALA D 3489 -54.01 23.09 -92.43
N LEU D 3490 -54.79 22.59 -93.39
CA LEU D 3490 -55.99 21.82 -93.06
C LEU D 3490 -55.63 20.50 -92.40
N ALA D 3491 -54.54 19.87 -92.84
CA ALA D 3491 -54.10 18.59 -92.29
C ALA D 3491 -53.14 18.75 -91.13
N LYS D 3492 -52.85 19.98 -90.70
CA LYS D 3492 -51.92 20.20 -89.59
C LYS D 3492 -52.51 19.67 -88.28
N ASN D 3493 -53.80 19.91 -88.04
CA ASN D 3493 -54.45 19.45 -86.81
C ASN D 3493 -55.92 19.18 -87.15
N ARG D 3494 -56.24 17.92 -87.41
CA ARG D 3494 -57.61 17.52 -87.71
C ARG D 3494 -57.88 16.15 -87.11
N PHE D 3495 -59.03 16.02 -86.46
CA PHE D 3495 -59.44 14.75 -85.85
C PHE D 3495 -60.75 14.22 -86.40
N SER D 3496 -61.75 15.08 -86.57
CA SER D 3496 -63.05 14.63 -87.09
C SER D 3496 -62.91 14.12 -88.52
N LEU D 3497 -62.19 14.87 -89.36
CA LEU D 3497 -61.93 14.39 -90.71
C LEU D 3497 -61.11 13.11 -90.70
N LYS D 3498 -60.17 13.00 -89.76
CA LYS D 3498 -59.34 11.80 -89.66
C LYS D 3498 -60.18 10.57 -89.33
N ASP D 3499 -61.13 10.70 -88.40
CA ASP D 3499 -61.95 9.53 -88.06
C ASP D 3499 -63.01 9.25 -89.10
N THR D 3500 -63.51 10.28 -89.81
CA THR D 3500 -64.50 10.04 -90.84
C THR D 3500 -63.90 9.53 -92.14
N GLU D 3501 -62.59 9.72 -92.34
CA GLU D 3501 -61.95 9.20 -93.56
C GLU D 3501 -62.01 7.68 -93.60
N GLU D 3502 -61.90 7.03 -92.44
CA GLU D 3502 -61.96 5.57 -92.39
C GLU D 3502 -63.30 5.05 -92.88
N GLU D 3503 -64.40 5.64 -92.38
CA GLU D 3503 -65.72 5.18 -92.80
C GLU D 3503 -66.04 5.62 -94.22
N VAL D 3504 -65.47 6.75 -94.67
CA VAL D 3504 -65.63 7.16 -96.06
C VAL D 3504 -64.97 6.14 -97.00
N ARG D 3505 -63.76 5.70 -96.66
CA ARG D 3505 -63.09 4.69 -97.46
C ARG D 3505 -63.79 3.33 -97.36
N ASP D 3506 -64.36 3.02 -96.20
CA ASP D 3506 -65.07 1.76 -96.05
C ASP D 3506 -66.35 1.75 -96.89
N ILE D 3507 -67.06 2.87 -96.96
CA ILE D 3507 -68.29 2.94 -97.74
C ILE D 3507 -67.98 2.79 -99.22
N ILE D 3508 -66.99 3.53 -99.72
CA ILE D 3508 -66.62 3.49 -101.13
C ILE D 3508 -65.64 2.34 -101.35
N ARG D 3509 -66.17 1.17 -101.71
CA ARG D 3509 -65.31 0.01 -101.96
C ARG D 3509 -64.54 0.14 -103.27
N SER D 3510 -65.01 0.96 -104.20
CA SER D 3510 -64.32 1.12 -105.48
C SER D 3510 -63.04 1.93 -105.29
N ASN D 3511 -62.01 1.55 -106.05
CA ASN D 3511 -60.72 2.24 -106.02
C ASN D 3511 -60.25 2.46 -107.44
N ILE D 3512 -59.64 3.63 -107.68
CA ILE D 3512 -59.15 3.97 -109.01
C ILE D 3512 -57.66 3.66 -109.11
N HIS D 3513 -56.88 4.24 -108.19
CA HIS D 3513 -55.42 4.06 -108.13
C HIS D 3513 -54.77 4.46 -109.46
N LEU D 3514 -55.04 5.69 -109.89
CA LEU D 3514 -54.50 6.23 -111.13
C LEU D 3514 -53.12 6.85 -110.95
N GLN D 3515 -52.60 6.91 -109.72
CA GLN D 3515 -51.28 7.47 -109.50
C GLN D 3515 -50.19 6.60 -110.11
N GLY D 3516 -50.33 5.28 -110.03
CA GLY D 3516 -49.34 4.38 -110.60
C GLY D 3516 -49.40 4.27 -112.10
N LYS D 3517 -50.52 4.67 -112.71
CA LYS D 3517 -50.64 4.60 -114.16
C LYS D 3517 -49.72 5.60 -114.85
N LEU D 3518 -49.58 6.79 -114.26
CA LEU D 3518 -48.74 7.86 -114.80
C LEU D 3518 -49.15 8.23 -116.22
N GLU D 3519 -50.46 8.30 -116.46
CA GLU D 3519 -51.00 8.64 -117.77
C GLU D 3519 -52.33 9.36 -117.65
N LEU D 3551 -62.29 3.75 -101.77
CA LEU D 3551 -61.52 4.98 -101.76
C LEU D 3551 -60.89 5.25 -103.12
N GLY D 3552 -61.46 6.20 -103.85
CA GLY D 3552 -60.91 6.55 -105.16
C GLY D 3552 -59.55 7.20 -105.07
N ILE D 3553 -59.36 8.07 -104.07
CA ILE D 3553 -58.08 8.75 -103.88
C ILE D 3553 -57.89 8.97 -102.39
N ALA D 3554 -56.63 9.05 -101.97
CA ALA D 3554 -56.26 9.24 -100.58
C ALA D 3554 -55.75 10.66 -100.35
N ASN D 3555 -55.44 10.97 -99.10
CA ASN D 3555 -54.93 12.29 -98.76
C ASN D 3555 -53.50 12.48 -99.26
N VAL D 3556 -52.64 11.49 -99.05
CA VAL D 3556 -51.24 11.54 -99.46
C VAL D 3556 -51.01 10.44 -100.48
N LEU D 3557 -50.58 10.83 -101.67
CA LEU D 3557 -50.32 9.89 -102.76
C LEU D 3557 -49.19 10.46 -103.62
N PHE D 3558 -49.05 9.93 -104.83
CA PHE D 3558 -47.99 10.40 -105.73
C PHE D 3558 -48.21 11.85 -106.15
N HIS D 3559 -49.47 12.27 -106.31
CA HIS D 3559 -49.75 13.65 -106.69
C HIS D 3559 -49.31 14.62 -105.60
N LEU D 3560 -49.51 14.25 -104.34
CA LEU D 3560 -49.07 15.10 -103.24
C LEU D 3560 -47.55 15.23 -103.21
N GLU D 3561 -46.84 14.11 -103.46
CA GLU D 3561 -45.39 14.15 -103.52
C GLU D 3561 -44.90 15.01 -104.68
N GLN D 3562 -45.57 14.92 -105.83
CA GLN D 3562 -45.20 15.75 -106.97
C GLN D 3562 -45.45 17.23 -106.68
N LYS D 3563 -46.55 17.54 -105.99
CA LYS D 3563 -46.83 18.93 -105.64
C LYS D 3563 -45.83 19.47 -104.64
N SER D 3564 -45.44 18.65 -103.65
CA SER D 3564 -44.49 19.10 -102.64
C SER D 3564 -43.04 19.07 -103.13
N LYS D 3565 -42.76 18.39 -104.24
CA LYS D 3565 -41.39 18.37 -104.76
C LYS D 3565 -40.97 19.74 -105.28
N TYR D 3566 -41.89 20.45 -105.95
CA TYR D 3566 -41.64 21.76 -106.54
C TYR D 3566 -40.45 21.76 -107.48
N PRO D 3611 -87.42 -17.81 -57.49
CA PRO D 3611 -87.79 -17.80 -56.08
C PRO D 3611 -87.17 -18.95 -55.30
N ARG D 3612 -86.80 -20.01 -56.02
CA ARG D 3612 -86.16 -21.16 -55.37
C ARG D 3612 -84.82 -20.79 -54.76
N HIS D 3613 -84.02 -20.00 -55.48
CA HIS D 3613 -82.72 -19.56 -54.98
C HIS D 3613 -82.85 -18.19 -54.31
N ARG D 3614 -83.72 -18.14 -53.31
CA ARG D 3614 -83.97 -16.91 -52.56
C ARG D 3614 -82.81 -16.68 -51.60
N ALA D 3615 -81.76 -16.06 -52.11
CA ALA D 3615 -80.59 -15.72 -51.31
C ALA D 3615 -80.78 -14.46 -50.49
N VAL D 3616 -81.97 -13.87 -50.52
CA VAL D 3616 -82.27 -12.68 -49.70
C VAL D 3616 -82.22 -13.01 -48.22
N ASN D 3617 -82.63 -14.24 -47.84
CA ASN D 3617 -82.57 -14.64 -46.45
C ASN D 3617 -81.16 -14.66 -45.89
N LEU D 3618 -80.15 -14.89 -46.75
CA LEU D 3618 -78.76 -14.78 -46.33
C LEU D 3618 -78.17 -13.41 -46.56
N PHE D 3619 -78.69 -12.65 -47.54
CA PHE D 3619 -78.21 -11.29 -47.76
C PHE D 3619 -78.62 -10.37 -46.62
N LEU D 3620 -79.82 -10.58 -46.07
CA LEU D 3620 -80.28 -9.77 -44.94
C LEU D 3620 -79.44 -10.00 -43.69
N GLN D 3621 -78.71 -11.12 -43.62
CA GLN D 3621 -77.83 -11.36 -42.49
C GLN D 3621 -76.74 -10.31 -42.40
N GLY D 3622 -76.18 -9.90 -43.55
CA GLY D 3622 -75.16 -8.86 -43.53
C GLY D 3622 -75.70 -7.51 -43.06
N TYR D 3623 -76.96 -7.22 -43.41
CA TYR D 3623 -77.59 -5.97 -42.97
C TYR D 3623 -78.01 -6.02 -41.52
N GLU D 3624 -78.30 -7.21 -40.99
CA GLU D 3624 -78.82 -7.35 -39.63
C GLU D 3624 -77.74 -7.66 -38.59
N LYS D 3625 -76.56 -8.12 -39.01
CA LYS D 3625 -75.56 -8.58 -38.04
C LYS D 3625 -74.96 -7.42 -37.26
N SER D 3626 -74.68 -6.29 -37.91
CA SER D 3626 -73.97 -5.22 -37.24
C SER D 3626 -74.70 -3.88 -37.34
N TRP D 3627 -75.37 -3.65 -38.48
CA TRP D 3627 -76.04 -2.36 -38.68
C TRP D 3627 -77.19 -2.16 -37.70
N ILE D 3628 -77.96 -3.20 -37.44
CA ILE D 3628 -79.05 -3.11 -36.47
C ILE D 3628 -78.59 -3.49 -35.06
N GLU D 3629 -77.44 -4.15 -34.93
CA GLU D 3629 -76.94 -4.52 -33.62
C GLU D 3629 -76.48 -3.31 -32.81
N THR D 3630 -76.31 -2.16 -33.46
CA THR D 3630 -75.86 -0.95 -32.74
C THR D 3630 -76.89 -0.49 -31.72
N GLU D 3631 -78.18 -0.65 -32.02
CA GLU D 3631 -79.21 -0.26 -31.06
C GLU D 3631 -79.13 -1.09 -29.79
N GLU D 3632 -78.96 -2.41 -29.94
CA GLU D 3632 -78.84 -3.27 -28.76
C GLU D 3632 -77.51 -3.06 -28.05
N HIS D 3633 -76.45 -2.72 -28.80
CA HIS D 3633 -75.17 -2.41 -28.16
C HIS D 3633 -75.28 -1.15 -27.31
N TYR D 3634 -75.98 -0.13 -27.81
CA TYR D 3634 -76.27 1.04 -27.00
C TYR D 3634 -77.18 0.69 -25.83
N PHE D 3635 -78.08 -0.27 -26.01
CA PHE D 3635 -78.90 -0.77 -24.92
C PHE D 3635 -78.08 -1.73 -24.07
N GLU D 3636 -78.76 -2.39 -23.11
CA GLU D 3636 -78.19 -3.32 -22.13
C GLU D 3636 -76.82 -2.87 -21.63
N ASP D 3637 -75.87 -3.81 -21.56
CA ASP D 3637 -74.49 -3.55 -21.14
C ASP D 3637 -74.45 -2.93 -19.75
N LYS D 3638 -74.37 -1.59 -19.69
CA LYS D 3638 -74.36 -0.90 -18.40
C LYS D 3638 -75.67 -1.10 -17.65
N LEU D 3639 -76.79 -1.11 -18.38
CA LEU D 3639 -78.10 -1.25 -17.73
C LEU D 3639 -78.23 -2.58 -17.01
N ILE D 3640 -77.96 -3.68 -17.72
CA ILE D 3640 -78.03 -5.00 -17.10
C ILE D 3640 -76.91 -5.17 -16.07
N GLU D 3641 -75.76 -4.56 -16.33
CA GLU D 3641 -74.62 -4.67 -15.41
C GLU D 3641 -74.95 -4.06 -14.06
N ASP D 3642 -75.63 -2.92 -14.05
CA ASP D 3642 -76.03 -2.29 -12.78
C ASP D 3642 -77.32 -2.88 -12.22
N LEU D 3643 -78.19 -3.43 -13.08
CA LEU D 3643 -79.43 -4.03 -12.59
C LEU D 3643 -79.16 -5.33 -11.86
N ALA D 3644 -78.29 -6.18 -12.41
CA ALA D 3644 -78.02 -7.47 -11.80
C ALA D 3644 -77.09 -7.37 -10.59
N LYS D 3645 -76.56 -6.18 -10.29
CA LYS D 3645 -75.76 -5.95 -9.09
C LYS D 3645 -76.32 -4.75 -8.33
N PRO D 3646 -77.49 -4.91 -7.68
CA PRO D 3646 -78.04 -3.81 -6.86
C PRO D 3646 -77.55 -3.87 -5.42
N GLY D 3647 -76.23 -3.76 -5.25
CA GLY D 3647 -75.66 -3.82 -3.92
C GLY D 3647 -75.75 -5.21 -3.34
N ALA D 3648 -76.25 -5.30 -2.10
CA ALA D 3648 -76.38 -6.58 -1.40
C ALA D 3648 -77.75 -7.21 -1.60
N GLU D 3649 -78.41 -6.94 -2.72
CA GLU D 3649 -79.73 -7.46 -3.09
C GLU D 3649 -80.73 -7.01 -2.01
N LEU D 3650 -81.79 -7.79 -1.81
CA LEU D 3650 -82.78 -7.55 -0.77
C LEU D 3650 -82.97 -8.83 0.01
N PRO D 3651 -82.02 -9.17 0.90
CA PRO D 3651 -82.09 -10.46 1.59
C PRO D 3651 -83.14 -10.49 2.69
N GLU D 3652 -83.33 -9.34 3.37
CA GLU D 3652 -84.26 -9.22 4.50
C GLU D 3652 -83.96 -10.25 5.58
N GLU D 3653 -82.68 -10.46 5.85
CA GLU D 3653 -82.26 -11.42 6.86
C GLU D 3653 -82.28 -10.80 8.26
N ALA D 3656 -73.61 -12.61 6.80
CA ALA D 3656 -72.47 -11.71 6.82
C ALA D 3656 -72.18 -11.15 5.43
N MET D 3657 -72.14 -12.05 4.44
CA MET D 3657 -71.88 -11.67 3.06
C MET D 3657 -73.14 -11.29 2.30
N LYS D 3658 -74.30 -11.33 2.97
CA LYS D 3658 -75.60 -10.98 2.36
C LYS D 3658 -75.88 -11.84 1.13
N ARG D 3659 -75.60 -13.14 1.25
CA ARG D 3659 -75.86 -14.16 0.25
C ARG D 3659 -75.06 -13.99 -1.03
N VAL D 3660 -74.10 -13.06 -1.06
CA VAL D 3660 -73.16 -12.84 -2.16
C VAL D 3660 -73.86 -12.27 -3.40
N ASP D 3661 -73.21 -11.32 -4.07
CA ASP D 3661 -73.78 -10.73 -5.27
C ASP D 3661 -73.89 -11.77 -6.38
N PRO D 3662 -74.89 -11.64 -7.26
CA PRO D 3662 -75.02 -12.60 -8.37
C PRO D 3662 -73.83 -12.59 -9.31
N LEU D 3663 -73.32 -11.41 -9.67
CA LEU D 3663 -72.15 -11.38 -10.55
C LEU D 3663 -70.89 -11.83 -9.82
N HIS D 3664 -70.85 -11.70 -8.49
CA HIS D 3664 -69.77 -12.32 -7.74
C HIS D 3664 -69.79 -13.83 -7.94
N GLN D 3665 -70.98 -14.44 -7.90
CA GLN D 3665 -71.11 -15.86 -8.18
C GLN D 3665 -70.72 -16.18 -9.61
N LEU D 3666 -71.08 -15.32 -10.55
CA LEU D 3666 -70.71 -15.55 -11.96
C LEU D 3666 -69.20 -15.51 -12.14
N ILE D 3667 -68.53 -14.52 -11.54
CA ILE D 3667 -67.08 -14.42 -11.65
C ILE D 3667 -66.41 -15.60 -10.96
N LEU D 3668 -66.97 -16.06 -9.83
CA LEU D 3668 -66.44 -17.23 -9.17
C LEU D 3668 -66.61 -18.48 -10.03
N LEU D 3669 -67.74 -18.59 -10.73
CA LEU D 3669 -67.94 -19.71 -11.64
C LEU D 3669 -66.92 -19.70 -12.77
N PHE D 3670 -66.68 -18.52 -13.36
CA PHE D 3670 -65.69 -18.43 -14.43
C PHE D 3670 -64.29 -18.74 -13.92
N SER D 3671 -63.95 -18.26 -12.72
CA SER D 3671 -62.63 -18.52 -12.15
C SER D 3671 -62.43 -19.99 -11.84
N ARG D 3672 -63.46 -20.66 -11.30
CA ARG D 3672 -63.31 -22.07 -10.98
C ARG D 3672 -63.35 -22.93 -12.23
N THR D 3673 -64.02 -22.48 -13.30
CA THR D 3673 -63.94 -23.18 -14.57
C THR D 3673 -62.55 -23.05 -15.18
N ALA D 3674 -61.95 -21.87 -15.09
CA ALA D 3674 -60.58 -21.69 -15.56
C ALA D 3674 -59.59 -22.46 -14.70
N LEU D 3675 -59.89 -22.66 -13.42
CA LEU D 3675 -59.00 -23.41 -12.55
C LEU D 3675 -59.01 -24.90 -12.88
N THR D 3676 -60.17 -25.43 -13.29
CA THR D 3676 -60.25 -26.83 -13.68
C THR D 3676 -59.57 -27.02 -15.02
N GLU D 3677 -58.29 -27.35 -15.00
CA GLU D 3677 -57.49 -27.42 -16.22
C GLU D 3677 -57.77 -28.70 -16.99
N LYS D 3678 -57.66 -28.60 -18.32
CA LYS D 3678 -57.77 -29.77 -19.18
C LYS D 3678 -56.73 -29.73 -20.28
N CYS D 3679 -55.66 -28.95 -20.11
CA CYS D 3679 -54.59 -28.77 -21.09
C CYS D 3679 -55.08 -28.22 -22.42
N LYS D 3680 -56.26 -27.61 -22.43
CA LYS D 3680 -56.85 -27.04 -23.63
C LYS D 3680 -58.00 -26.10 -23.26
N LEU D 3681 -57.98 -24.88 -23.79
CA LEU D 3681 -59.04 -23.94 -23.55
C LEU D 3681 -60.23 -24.24 -24.44
N GLU D 3682 -61.43 -24.25 -23.86
CA GLU D 3682 -62.64 -24.62 -24.59
C GLU D 3682 -63.13 -23.41 -25.39
N GLU D 3683 -64.35 -23.52 -25.91
CA GLU D 3683 -64.95 -22.44 -26.71
C GLU D 3683 -66.31 -22.06 -26.13
N ASP D 3684 -66.35 -21.83 -24.82
CA ASP D 3684 -67.62 -21.49 -24.16
C ASP D 3684 -68.15 -20.16 -24.66
N PHE D 3685 -69.43 -20.14 -25.03
CA PHE D 3685 -70.06 -18.92 -25.51
C PHE D 3685 -70.38 -17.94 -24.39
N LEU D 3686 -70.62 -18.46 -23.18
CA LEU D 3686 -70.94 -17.58 -22.05
C LEU D 3686 -69.77 -16.67 -21.73
N TYR D 3687 -68.54 -17.19 -21.82
CA TYR D 3687 -67.36 -16.35 -21.63
C TYR D 3687 -67.33 -15.23 -22.65
N MET D 3688 -67.61 -15.56 -23.92
CA MET D 3688 -67.62 -14.55 -24.96
C MET D 3688 -68.63 -13.45 -24.65
N ALA D 3689 -69.87 -13.85 -24.38
CA ALA D 3689 -70.96 -12.90 -24.19
C ALA D 3689 -70.70 -12.01 -22.98
N TYR D 3690 -70.31 -12.61 -21.85
CA TYR D 3690 -70.18 -11.82 -20.65
C TYR D 3690 -68.89 -11.01 -20.60
N ALA D 3691 -67.80 -11.52 -21.19
CA ALA D 3691 -66.61 -10.69 -21.33
C ALA D 3691 -66.89 -9.47 -22.18
N ASP D 3692 -67.63 -9.65 -23.29
CA ASP D 3692 -68.03 -8.51 -24.10
C ASP D 3692 -68.93 -7.56 -23.30
N ILE D 3693 -69.83 -8.11 -22.47
CA ILE D 3693 -70.75 -7.29 -21.71
C ILE D 3693 -69.98 -6.43 -20.70
N MET D 3694 -69.06 -7.04 -19.93
CA MET D 3694 -68.28 -6.24 -18.98
C MET D 3694 -67.36 -5.25 -19.70
N ALA D 3695 -66.78 -5.65 -20.83
CA ALA D 3695 -65.92 -4.73 -21.56
C ALA D 3695 -66.69 -3.51 -22.06
N LYS D 3696 -67.91 -3.72 -22.58
CA LYS D 3696 -68.73 -2.60 -23.01
C LYS D 3696 -69.22 -1.77 -21.84
N SER D 3697 -69.46 -2.40 -20.69
CA SER D 3697 -69.90 -1.65 -19.52
C SER D 3697 -68.78 -0.76 -18.98
N CYS D 3698 -67.54 -1.22 -19.04
CA CYS D 3698 -66.42 -0.50 -18.45
C CYS D 3698 -65.68 0.40 -19.43
N HIS D 3699 -66.16 0.50 -20.67
CA HIS D 3699 -65.51 1.28 -21.72
C HIS D 3699 -66.49 2.25 -22.36
N ASP D 3700 -67.19 3.03 -21.54
CA ASP D 3700 -68.12 4.02 -22.04
C ASP D 3700 -67.44 5.15 -22.80
N GLU D 3701 -66.11 5.26 -22.73
CA GLU D 3701 -65.35 6.27 -23.45
C GLU D 3701 -65.50 6.12 -24.95
N GLU D 3708 -64.75 17.17 -27.99
CA GLU D 3708 -64.29 18.53 -28.22
C GLU D 3708 -63.73 19.14 -26.95
N GLU D 3709 -63.64 20.48 -26.92
CA GLU D 3709 -63.13 21.18 -25.75
C GLU D 3709 -64.21 21.23 -24.67
N VAL D 3710 -63.92 20.65 -23.51
CA VAL D 3710 -64.85 20.63 -22.40
C VAL D 3710 -64.15 21.18 -21.16
N LYS D 3711 -64.85 21.16 -20.02
CA LYS D 3711 -64.26 21.61 -18.76
C LYS D 3711 -63.07 20.74 -18.39
N SER D 3712 -61.86 21.32 -18.47
CA SER D 3712 -60.64 20.54 -18.31
C SER D 3712 -60.46 20.01 -16.90
N PHE D 3713 -61.18 20.55 -15.92
CA PHE D 3713 -61.05 20.10 -14.54
C PHE D 3713 -62.37 19.60 -13.94
N GLU D 3714 -63.47 19.69 -14.68
CA GLU D 3714 -64.76 19.23 -14.20
C GLU D 3714 -65.30 18.05 -15.00
N GLU D 3715 -65.42 18.19 -16.32
CA GLU D 3715 -65.90 17.09 -17.13
C GLU D 3715 -64.90 15.93 -17.12
N LYS D 3716 -63.61 16.24 -17.24
CA LYS D 3716 -62.59 15.19 -17.20
C LYS D 3716 -62.59 14.46 -15.87
N GLU D 3717 -62.70 15.22 -14.76
CA GLU D 3717 -62.70 14.58 -13.45
C GLU D 3717 -63.96 13.75 -13.24
N MET D 3718 -65.11 14.22 -13.73
CA MET D 3718 -66.33 13.44 -13.61
C MET D 3718 -66.24 12.14 -14.42
N GLU D 3719 -65.68 12.21 -15.63
CA GLU D 3719 -65.50 11.00 -16.42
C GLU D 3719 -64.54 10.03 -15.74
N LYS D 3720 -63.45 10.55 -15.17
CA LYS D 3720 -62.50 9.70 -14.46
C LYS D 3720 -63.15 9.05 -13.24
N GLN D 3721 -63.97 9.81 -12.51
CA GLN D 3721 -64.65 9.24 -11.34
C GLN D 3721 -65.64 8.16 -11.75
N LYS D 3722 -66.39 8.38 -12.83
CA LYS D 3722 -67.33 7.36 -13.29
C LYS D 3722 -66.60 6.10 -13.73
N LEU D 3723 -65.49 6.26 -14.48
CA LEU D 3723 -64.71 5.10 -14.90
C LEU D 3723 -64.13 4.36 -13.69
N LEU D 3724 -63.64 5.09 -12.70
CA LEU D 3724 -63.10 4.45 -11.50
C LEU D 3724 -64.18 3.71 -10.73
N TYR D 3725 -65.39 4.28 -10.68
CA TYR D 3725 -66.50 3.59 -10.02
C TYR D 3725 -66.87 2.30 -10.75
N GLN D 3726 -66.92 2.34 -12.08
CA GLN D 3726 -67.23 1.13 -12.83
C GLN D 3726 -66.15 0.07 -12.68
N GLN D 3727 -64.88 0.49 -12.73
CA GLN D 3727 -63.77 -0.45 -12.55
C GLN D 3727 -63.79 -1.05 -11.15
N ALA D 3728 -64.10 -0.24 -10.13
CA ALA D 3728 -64.18 -0.74 -8.77
C ALA D 3728 -65.32 -1.74 -8.62
N ARG D 3729 -66.47 -1.46 -9.23
CA ARG D 3729 -67.59 -2.39 -9.18
C ARG D 3729 -67.21 -3.72 -9.81
N LEU D 3730 -66.51 -3.68 -10.95
CA LEU D 3730 -66.14 -4.92 -11.61
C LEU D 3730 -65.08 -5.69 -10.83
N HIS D 3731 -64.02 -5.01 -10.38
CA HIS D 3731 -62.86 -5.69 -9.80
C HIS D 3731 -62.99 -5.93 -8.30
N ASP D 3732 -64.06 -5.44 -7.66
CA ASP D 3732 -64.26 -5.74 -6.25
C ASP D 3732 -64.75 -7.17 -6.02
N ARG D 3733 -65.04 -7.91 -7.09
CA ARG D 3733 -65.54 -9.27 -7.00
C ARG D 3733 -64.60 -10.25 -7.68
N GLY D 3734 -63.30 -9.99 -7.59
CA GLY D 3734 -62.29 -10.88 -8.14
C GLY D 3734 -62.25 -10.95 -9.66
N ALA D 3735 -62.46 -9.82 -10.34
CA ALA D 3735 -62.40 -9.83 -11.80
C ALA D 3735 -60.97 -9.94 -12.30
N ALA D 3736 -60.00 -9.41 -11.54
CA ALA D 3736 -58.61 -9.51 -11.95
C ALA D 3736 -58.13 -10.96 -11.92
N GLU D 3737 -58.55 -11.72 -10.90
CA GLU D 3737 -58.14 -13.11 -10.77
C GLU D 3737 -58.66 -13.94 -11.95
N MET D 3738 -59.89 -13.67 -12.38
CA MET D 3738 -60.46 -14.40 -13.52
C MET D 3738 -59.64 -14.17 -14.78
N VAL D 3739 -59.30 -12.92 -15.06
CA VAL D 3739 -58.51 -12.60 -16.25
C VAL D 3739 -57.13 -13.23 -16.16
N LEU D 3740 -56.50 -13.14 -14.99
CA LEU D 3740 -55.16 -13.70 -14.82
C LEU D 3740 -55.16 -15.20 -15.01
N GLN D 3741 -56.14 -15.89 -14.41
CA GLN D 3741 -56.22 -17.35 -14.54
C GLN D 3741 -56.53 -17.77 -15.97
N THR D 3742 -57.41 -17.03 -16.65
CA THR D 3742 -57.74 -17.38 -18.03
C THR D 3742 -56.52 -17.19 -18.94
N ILE D 3743 -55.74 -16.12 -18.71
CA ILE D 3743 -54.53 -15.93 -19.49
C ILE D 3743 -53.52 -17.03 -19.20
N SER D 3744 -53.36 -17.40 -17.92
CA SER D 3744 -52.42 -18.44 -17.57
C SER D 3744 -52.85 -19.83 -18.05
N ALA D 3745 -54.14 -20.01 -18.34
CA ALA D 3745 -54.62 -21.33 -18.77
C ALA D 3745 -54.17 -21.64 -20.19
N SER D 3746 -54.53 -20.78 -21.15
CA SER D 3746 -54.18 -21.00 -22.55
C SER D 3746 -52.69 -20.75 -22.73
N LYS D 3747 -51.91 -21.82 -22.83
CA LYS D 3747 -50.46 -21.72 -22.96
C LYS D 3747 -50.11 -21.52 -24.44
N GLY D 3748 -50.22 -20.27 -24.88
CA GLY D 3748 -49.83 -19.89 -26.22
C GLY D 3748 -50.90 -20.05 -27.28
N GLU D 3749 -52.06 -20.60 -26.93
CA GLU D 3749 -53.14 -20.76 -27.90
C GLU D 3749 -53.82 -19.42 -28.13
N THR D 3750 -53.77 -18.93 -29.37
CA THR D 3750 -54.31 -17.62 -29.70
C THR D 3750 -55.75 -17.74 -30.19
N GLY D 3751 -56.60 -18.31 -29.34
CA GLY D 3751 -58.00 -18.40 -29.62
C GLY D 3751 -58.72 -17.11 -29.31
N PRO D 3752 -60.00 -17.07 -29.65
CA PRO D 3752 -60.80 -15.86 -29.35
C PRO D 3752 -61.07 -15.66 -27.87
N MET D 3753 -60.94 -16.71 -27.06
CA MET D 3753 -61.08 -16.54 -25.61
C MET D 3753 -60.00 -15.62 -25.05
N VAL D 3754 -58.77 -15.77 -25.53
CA VAL D 3754 -57.68 -14.89 -25.10
C VAL D 3754 -57.96 -13.47 -25.56
N ALA D 3755 -58.54 -13.30 -26.75
CA ALA D 3755 -58.88 -11.97 -27.23
C ALA D 3755 -59.93 -11.32 -26.33
N ALA D 3756 -60.97 -12.06 -25.97
CA ALA D 3756 -62.00 -11.51 -25.09
C ALA D 3756 -61.43 -11.20 -23.70
N THR D 3757 -60.56 -12.07 -23.19
CA THR D 3757 -59.96 -11.83 -21.89
C THR D 3757 -59.06 -10.60 -21.90
N LEU D 3758 -58.30 -10.40 -22.97
CA LEU D 3758 -57.47 -9.21 -23.08
C LEU D 3758 -58.31 -7.96 -23.24
N LYS D 3759 -59.43 -8.03 -23.95
CA LYS D 3759 -60.34 -6.89 -24.02
C LYS D 3759 -60.88 -6.54 -22.65
N LEU D 3760 -61.28 -7.55 -21.87
CA LEU D 3760 -61.74 -7.30 -20.51
C LEU D 3760 -60.62 -6.72 -19.65
N GLY D 3761 -59.39 -7.19 -19.85
CA GLY D 3761 -58.27 -6.67 -19.08
C GLY D 3761 -57.98 -5.21 -19.37
N ILE D 3762 -58.01 -4.82 -20.65
CA ILE D 3762 -57.75 -3.43 -20.98
C ILE D 3762 -58.95 -2.56 -20.58
N ALA D 3763 -60.16 -3.14 -20.54
CA ALA D 3763 -61.30 -2.38 -20.03
C ALA D 3763 -61.17 -2.14 -18.53
N ILE D 3764 -60.64 -3.13 -17.81
CA ILE D 3764 -60.44 -2.97 -16.37
C ILE D 3764 -59.32 -1.97 -16.08
N LEU D 3765 -58.20 -2.08 -16.80
CA LEU D 3765 -57.02 -1.28 -16.52
C LEU D 3765 -57.00 0.03 -17.30
N ASN D 3766 -58.14 0.46 -17.84
CA ASN D 3766 -58.20 1.72 -18.58
C ASN D 3766 -57.92 2.88 -17.64
N GLY D 3767 -56.89 3.66 -17.95
CA GLY D 3767 -56.41 4.71 -17.07
C GLY D 3767 -55.35 4.26 -16.09
N GLY D 3768 -55.10 2.97 -15.97
CA GLY D 3768 -54.07 2.46 -15.09
C GLY D 3768 -54.36 2.62 -13.61
N ASN D 3769 -55.37 1.92 -13.12
CA ASN D 3769 -55.67 1.95 -11.70
C ASN D 3769 -54.56 1.27 -10.91
N SER D 3770 -54.21 1.85 -9.76
CA SER D 3770 -53.20 1.25 -8.91
C SER D 3770 -53.75 0.05 -8.14
N THR D 3771 -55.06 0.05 -7.86
CA THR D 3771 -55.65 -1.02 -7.06
C THR D 3771 -55.61 -2.35 -7.82
N VAL D 3772 -56.00 -2.35 -9.10
CA VAL D 3772 -56.02 -3.59 -9.87
C VAL D 3772 -54.59 -4.08 -10.11
N GLN D 3773 -53.66 -3.15 -10.34
CA GLN D 3773 -52.26 -3.55 -10.50
C GLN D 3773 -51.72 -4.18 -9.22
N GLN D 3774 -52.03 -3.59 -8.07
CA GLN D 3774 -51.60 -4.17 -6.81
C GLN D 3774 -52.21 -5.54 -6.57
N LYS D 3775 -53.50 -5.69 -6.91
CA LYS D 3775 -54.16 -6.99 -6.74
C LYS D 3775 -53.53 -8.05 -7.63
N MET D 3776 -53.28 -7.73 -8.90
CA MET D 3776 -52.64 -8.71 -9.78
C MET D 3776 -51.24 -9.04 -9.30
N LEU D 3777 -50.49 -8.04 -8.84
CA LEU D 3777 -49.12 -8.30 -8.37
C LEU D 3777 -49.12 -9.19 -7.14
N ASP D 3778 -50.00 -8.92 -6.16
CA ASP D 3778 -49.97 -9.75 -4.97
C ASP D 3778 -50.51 -11.15 -5.25
N TYR D 3779 -51.47 -11.27 -6.17
CA TYR D 3779 -51.94 -12.60 -6.57
C TYR D 3779 -50.82 -13.40 -7.22
N LEU D 3780 -50.11 -12.79 -8.17
CA LEU D 3780 -49.01 -13.50 -8.83
C LEU D 3780 -47.87 -13.81 -7.87
N LYS D 3781 -47.67 -12.97 -6.86
CA LYS D 3781 -46.62 -13.25 -5.88
C LYS D 3781 -47.01 -14.39 -4.95
N GLU D 3782 -48.26 -14.40 -4.47
CA GLU D 3782 -48.67 -15.42 -3.51
C GLU D 3782 -48.93 -16.77 -4.16
N LYS D 3783 -49.36 -16.79 -5.43
CA LYS D 3783 -49.65 -18.05 -6.10
C LYS D 3783 -48.46 -18.63 -6.83
N LYS D 3784 -47.40 -17.85 -7.03
CA LYS D 3784 -46.19 -18.28 -7.73
C LYS D 3784 -46.53 -18.84 -9.11
N ASP D 3785 -47.45 -18.16 -9.80
CA ASP D 3785 -47.91 -18.59 -11.11
C ASP D 3785 -46.80 -18.45 -12.13
N VAL D 3786 -46.31 -19.58 -12.66
CA VAL D 3786 -45.27 -19.55 -13.67
C VAL D 3786 -45.85 -19.63 -15.08
N GLY D 3787 -46.96 -20.34 -15.25
CA GLY D 3787 -47.55 -20.51 -16.56
C GLY D 3787 -48.12 -19.24 -17.18
N PHE D 3788 -48.34 -18.21 -16.36
CA PHE D 3788 -48.88 -16.96 -16.89
C PHE D 3788 -47.86 -16.28 -17.80
N PHE D 3789 -46.62 -16.13 -17.34
CA PHE D 3789 -45.59 -15.49 -18.16
C PHE D 3789 -45.22 -16.35 -19.36
N GLN D 3790 -45.22 -17.68 -19.18
CA GLN D 3790 -44.97 -18.56 -20.32
C GLN D 3790 -46.07 -18.43 -21.37
N SER D 3791 -47.32 -18.33 -20.93
CA SER D 3791 -48.43 -18.13 -21.86
C SER D 3791 -48.31 -16.80 -22.57
N LEU D 3792 -47.90 -15.74 -21.84
CA LEU D 3792 -47.71 -14.45 -22.48
C LEU D 3792 -46.61 -14.50 -23.53
N ALA D 3793 -45.50 -15.16 -23.21
CA ALA D 3793 -44.41 -15.30 -24.17
C ALA D 3793 -44.84 -16.08 -25.39
N GLY D 3794 -45.60 -17.16 -25.20
CA GLY D 3794 -46.10 -17.92 -26.33
C GLY D 3794 -47.07 -17.12 -27.19
N LEU D 3795 -47.95 -16.34 -26.55
CA LEU D 3795 -48.88 -15.51 -27.29
C LEU D 3795 -48.17 -14.45 -28.11
N MET D 3796 -47.12 -13.84 -27.55
CA MET D 3796 -46.36 -12.85 -28.31
C MET D 3796 -45.55 -13.49 -29.41
N GLN D 3797 -45.06 -14.71 -29.19
CA GLN D 3797 -44.32 -15.41 -30.23
C GLN D 3797 -45.23 -15.84 -31.38
N SER D 3798 -46.49 -16.16 -31.09
CA SER D 3798 -47.42 -16.58 -32.12
C SER D 3798 -48.12 -15.43 -32.81
N CYS D 3799 -47.75 -14.18 -32.48
CA CYS D 3799 -48.35 -13.03 -33.13
C CYS D 3799 -47.95 -12.97 -34.61
N SER D 3800 -48.85 -12.44 -35.43
CA SER D 3800 -48.66 -12.42 -36.87
C SER D 3800 -47.67 -11.33 -37.27
N VAL D 3801 -47.42 -11.24 -38.57
CA VAL D 3801 -46.49 -10.27 -39.14
C VAL D 3801 -47.08 -9.79 -40.47
N LEU D 3802 -46.40 -8.82 -41.10
CA LEU D 3802 -46.92 -8.24 -42.33
C LEU D 3802 -47.01 -9.27 -43.45
N ASP D 3803 -46.01 -10.15 -43.55
CA ASP D 3803 -46.05 -11.32 -44.45
C ASP D 3803 -46.27 -10.91 -45.90
N LEU D 3804 -45.23 -10.27 -46.46
CA LEU D 3804 -45.28 -9.76 -47.83
C LEU D 3804 -45.62 -10.86 -48.84
N ASN D 3805 -45.21 -12.11 -48.58
CA ASN D 3805 -45.51 -13.19 -49.51
C ASN D 3805 -47.01 -13.43 -49.64
N ALA D 3806 -47.76 -13.24 -48.55
CA ALA D 3806 -49.22 -13.36 -48.63
C ALA D 3806 -49.81 -12.31 -49.56
N PHE D 3807 -49.31 -11.06 -49.47
CA PHE D 3807 -49.78 -10.02 -50.38
C PHE D 3807 -49.38 -10.32 -51.82
N GLU D 3808 -48.17 -10.87 -52.01
CA GLU D 3808 -47.72 -11.24 -53.36
C GLU D 3808 -48.62 -12.30 -53.97
N ARG D 3809 -49.03 -13.29 -53.17
CA ARG D 3809 -49.97 -14.29 -53.66
C ARG D 3809 -51.37 -13.71 -53.85
N GLN D 3810 -51.75 -12.72 -53.03
CA GLN D 3810 -53.11 -12.20 -53.07
C GLN D 3810 -53.33 -11.31 -54.30
N ASN D 3811 -52.35 -10.46 -54.63
CA ASN D 3811 -52.54 -9.56 -55.76
C ASN D 3811 -52.62 -10.30 -57.09
N LYS D 3812 -52.14 -11.54 -57.15
CA LYS D 3812 -52.31 -12.39 -58.33
C LYS D 3812 -53.57 -13.26 -58.16
N ALA D 3813 -54.70 -12.57 -58.02
CA ALA D 3813 -55.98 -13.22 -57.79
C ALA D 3813 -56.59 -13.64 -59.14
N GLU D 3814 -57.87 -13.97 -59.12
CA GLU D 3814 -58.59 -14.36 -60.34
C GLU D 3814 -58.57 -13.22 -61.35
N GLY D 3815 -57.85 -13.40 -62.44
CA GLY D 3815 -57.61 -12.32 -63.37
C GLY D 3815 -56.76 -11.24 -62.73
N LEU D 3816 -57.35 -10.10 -62.43
CA LEU D 3816 -56.69 -9.04 -61.67
C LEU D 3816 -57.68 -8.50 -60.65
N GLY D 3817 -57.27 -8.43 -59.39
CA GLY D 3817 -58.15 -8.01 -58.32
C GLY D 3817 -59.08 -9.12 -57.86
N MET D 3818 -59.89 -8.78 -56.86
CA MET D 3818 -60.83 -9.74 -56.27
C MET D 3818 -62.10 -9.81 -57.12
N VAL D 3819 -61.94 -10.42 -58.30
CA VAL D 3819 -63.08 -10.54 -59.21
C VAL D 3819 -64.09 -11.56 -58.68
N THR D 3820 -63.60 -12.69 -58.15
CA THR D 3820 -64.52 -13.72 -57.68
C THR D 3820 -65.26 -13.31 -56.42
N GLU D 3821 -64.63 -12.48 -55.58
CA GLU D 3821 -65.23 -11.95 -54.35
C GLU D 3821 -65.76 -13.06 -53.44
N GLU D 3822 -65.07 -14.21 -53.43
CA GLU D 3822 -65.52 -15.33 -52.61
C GLU D 3822 -65.36 -15.03 -51.13
N GLY D 3823 -64.25 -14.40 -50.75
CA GLY D 3823 -64.01 -14.04 -49.36
C GLY D 3823 -63.07 -12.86 -49.22
N SER D 3824 -63.47 -11.86 -48.44
CA SER D 3824 -62.67 -10.66 -48.22
C SER D 3824 -61.76 -10.79 -47.00
N GLY D 3825 -61.36 -12.01 -46.65
CA GLY D 3825 -60.47 -12.19 -45.52
C GLY D 3825 -59.10 -11.58 -45.78
N GLU D 3826 -58.46 -11.16 -44.69
CA GLU D 3826 -57.17 -10.48 -44.82
C GLU D 3826 -56.08 -11.45 -45.26
N LYS D 3827 -55.78 -12.45 -44.42
CA LYS D 3827 -54.82 -13.52 -44.71
C LYS D 3827 -53.40 -13.00 -44.94
N VAL D 3828 -53.18 -11.70 -44.81
CA VAL D 3828 -51.87 -11.09 -44.94
C VAL D 3828 -51.39 -10.51 -43.61
N LEU D 3829 -52.26 -9.81 -42.89
CA LEU D 3829 -52.03 -9.42 -41.50
C LEU D 3829 -53.17 -10.06 -40.70
N GLN D 3830 -52.88 -11.20 -40.08
CA GLN D 3830 -53.91 -12.06 -39.53
C GLN D 3830 -54.71 -11.39 -38.41
N ASP D 3831 -54.05 -11.10 -37.28
CA ASP D 3831 -54.72 -10.54 -36.11
C ASP D 3831 -53.95 -9.32 -35.62
N ASP D 3832 -54.25 -8.16 -36.24
CA ASP D 3832 -53.66 -6.91 -35.76
C ASP D 3832 -54.38 -6.42 -34.51
N GLU D 3833 -55.69 -6.63 -34.44
CA GLU D 3833 -56.45 -6.21 -33.26
C GLU D 3833 -56.01 -6.98 -32.02
N PHE D 3834 -55.77 -8.29 -32.16
CA PHE D 3834 -55.33 -9.08 -31.01
C PHE D 3834 -53.97 -8.65 -30.52
N THR D 3835 -53.03 -8.39 -31.44
CA THR D 3835 -51.70 -7.94 -31.06
C THR D 3835 -51.75 -6.57 -30.40
N CYS D 3836 -52.56 -5.66 -30.95
CA CYS D 3836 -52.71 -4.34 -30.37
C CYS D 3836 -53.31 -4.43 -28.97
N ASP D 3837 -54.32 -5.27 -28.79
CA ASP D 3837 -54.93 -5.43 -27.47
C ASP D 3837 -53.95 -6.02 -26.47
N LEU D 3838 -53.16 -7.02 -26.89
CA LEU D 3838 -52.19 -7.62 -25.99
C LEU D 3838 -51.12 -6.62 -25.57
N PHE D 3839 -50.60 -5.85 -26.52
CA PHE D 3839 -49.56 -4.89 -26.17
C PHE D 3839 -50.12 -3.72 -25.37
N ARG D 3840 -51.37 -3.34 -25.62
CA ARG D 3840 -52.01 -2.32 -24.78
C ARG D 3840 -52.22 -2.84 -23.36
N PHE D 3841 -52.59 -4.12 -23.22
CA PHE D 3841 -52.70 -4.71 -21.89
C PHE D 3841 -51.36 -4.70 -21.17
N LEU D 3842 -50.29 -5.05 -21.89
CA LEU D 3842 -48.96 -5.03 -21.27
C LEU D 3842 -48.54 -3.62 -20.88
N GLN D 3843 -48.88 -2.63 -21.72
CA GLN D 3843 -48.54 -1.25 -21.39
C GLN D 3843 -49.31 -0.75 -20.18
N LEU D 3844 -50.63 -1.03 -20.13
CA LEU D 3844 -51.43 -0.64 -18.98
C LEU D 3844 -51.04 -1.39 -17.73
N LEU D 3845 -50.41 -2.56 -17.87
CA LEU D 3845 -49.96 -3.33 -16.71
C LEU D 3845 -48.84 -2.62 -15.97
N CYS D 3846 -48.11 -1.71 -16.64
CA CYS D 3846 -47.01 -0.98 -16.04
C CYS D 3846 -47.20 0.53 -16.09
N GLU D 3847 -48.40 1.00 -16.40
CA GLU D 3847 -48.64 2.44 -16.49
C GLU D 3847 -48.60 3.07 -15.09
N GLY D 3848 -48.35 4.38 -15.08
CA GLY D 3848 -48.25 5.12 -13.84
C GLY D 3848 -46.91 5.03 -13.16
N HIS D 3849 -45.91 4.43 -13.81
CA HIS D 3849 -44.57 4.26 -13.25
C HIS D 3849 -44.61 3.55 -11.89
N ASN D 3850 -45.39 2.48 -11.84
CA ASN D 3850 -45.47 1.67 -10.61
C ASN D 3850 -44.13 1.06 -10.28
N SER D 3851 -43.44 0.52 -11.29
CA SER D 3851 -42.06 0.02 -11.24
C SER D 3851 -41.92 -1.26 -10.42
N ASP D 3852 -42.96 -1.62 -9.66
CA ASP D 3852 -42.98 -2.92 -9.02
C ASP D 3852 -43.27 -4.01 -10.04
N PHE D 3853 -44.22 -3.78 -10.92
CA PHE D 3853 -44.42 -4.69 -12.06
C PHE D 3853 -43.22 -4.66 -12.99
N GLN D 3854 -42.64 -3.47 -13.20
CA GLN D 3854 -41.50 -3.35 -14.11
C GLN D 3854 -40.31 -4.16 -13.60
N ASN D 3855 -40.07 -4.14 -12.29
CA ASN D 3855 -39.03 -5.00 -11.73
C ASN D 3855 -39.45 -6.46 -11.70
N TYR D 3856 -40.74 -6.73 -11.48
CA TYR D 3856 -41.20 -8.12 -11.42
C TYR D 3856 -41.27 -8.74 -12.80
N LEU D 3857 -41.78 -7.99 -13.79
CA LEU D 3857 -41.96 -8.53 -15.14
C LEU D 3857 -40.63 -8.83 -15.83
N ARG D 3858 -39.55 -8.18 -15.42
CA ARG D 3858 -38.26 -8.42 -16.06
C ARG D 3858 -37.66 -9.76 -15.64
N THR D 3859 -37.74 -10.09 -14.36
CA THR D 3859 -37.04 -11.26 -13.82
C THR D 3859 -37.96 -12.30 -13.21
N GLN D 3860 -39.01 -11.89 -12.51
CA GLN D 3860 -39.86 -12.78 -11.72
C GLN D 3860 -39.03 -13.59 -10.73
N THR D 3861 -38.37 -12.86 -9.82
CA THR D 3861 -37.47 -13.49 -8.86
C THR D 3861 -38.21 -14.37 -7.86
N GLY D 3862 -39.51 -14.18 -7.68
CA GLY D 3862 -40.26 -15.04 -6.78
C GLY D 3862 -40.39 -16.46 -7.30
N ASN D 3863 -40.59 -16.61 -8.61
CA ASN D 3863 -40.75 -17.91 -9.22
C ASN D 3863 -39.41 -18.54 -9.55
N ASN D 3864 -39.42 -19.85 -9.78
CA ASN D 3864 -38.20 -20.57 -10.11
C ASN D 3864 -37.75 -20.28 -11.54
N THR D 3865 -38.69 -20.11 -12.46
CA THR D 3865 -38.39 -19.88 -13.87
C THR D 3865 -38.44 -18.39 -14.16
N THR D 3866 -37.42 -17.89 -14.85
CA THR D 3866 -37.28 -16.48 -15.18
C THR D 3866 -37.37 -16.29 -16.68
N VAL D 3867 -38.28 -15.42 -17.11
CA VAL D 3867 -38.43 -15.07 -18.52
C VAL D 3867 -38.48 -13.55 -18.64
N ASN D 3868 -37.96 -13.04 -19.75
CA ASN D 3868 -37.85 -11.62 -19.99
C ASN D 3868 -38.81 -11.23 -21.11
N ILE D 3869 -39.99 -10.73 -20.72
CA ILE D 3869 -40.97 -10.29 -21.69
C ILE D 3869 -40.51 -9.04 -22.43
N ILE D 3870 -39.66 -8.22 -21.80
CA ILE D 3870 -39.11 -7.05 -22.48
C ILE D 3870 -38.28 -7.47 -23.68
N ILE D 3871 -37.45 -8.50 -23.52
CA ILE D 3871 -36.63 -8.99 -24.63
C ILE D 3871 -37.51 -9.51 -25.75
N SER D 3872 -38.54 -10.30 -25.42
CA SER D 3872 -39.43 -10.84 -26.44
C SER D 3872 -40.18 -9.73 -27.17
N THR D 3873 -40.54 -8.66 -26.45
CA THR D 3873 -41.11 -7.49 -27.11
C THR D 3873 -40.10 -6.87 -28.06
N VAL D 3874 -38.83 -6.85 -27.68
CA VAL D 3874 -37.79 -6.32 -28.57
C VAL D 3874 -37.69 -7.15 -29.85
N ASP D 3875 -37.72 -8.49 -29.72
CA ASP D 3875 -37.69 -9.32 -30.93
C ASP D 3875 -38.93 -9.14 -31.79
N TYR D 3876 -40.10 -8.95 -31.16
CA TYR D 3876 -41.30 -8.69 -31.97
C TYR D 3876 -41.18 -7.37 -32.70
N LEU D 3877 -40.60 -6.35 -32.05
CA LEU D 3877 -40.34 -5.09 -32.73
C LEU D 3877 -39.38 -5.28 -33.91
N LEU D 3878 -38.35 -6.13 -33.72
CA LEU D 3878 -37.44 -6.43 -34.81
C LEU D 3878 -38.19 -7.08 -35.97
N ARG D 3879 -39.09 -8.01 -35.68
CA ARG D 3879 -39.84 -8.70 -36.72
C ARG D 3879 -40.72 -7.72 -37.51
N VAL D 3880 -41.46 -6.86 -36.79
CA VAL D 3880 -42.35 -5.94 -37.50
C VAL D 3880 -41.54 -4.90 -38.26
N GLN D 3881 -40.39 -4.48 -37.74
CA GLN D 3881 -39.54 -3.53 -38.45
C GLN D 3881 -39.01 -4.14 -39.75
N GLU D 3882 -38.54 -5.39 -39.68
CA GLU D 3882 -38.06 -6.07 -40.89
C GLU D 3882 -39.17 -6.24 -41.91
N SER D 3883 -40.37 -6.59 -41.43
CA SER D 3883 -41.50 -6.76 -42.36
C SER D 3883 -41.88 -5.45 -43.03
N ILE D 3884 -41.90 -4.35 -42.27
CA ILE D 3884 -42.25 -3.05 -42.84
C ILE D 3884 -41.18 -2.61 -43.83
N SER D 3885 -39.91 -2.82 -43.50
CA SER D 3885 -38.84 -2.46 -44.42
C SER D 3885 -38.92 -3.27 -45.72
N ASP D 3886 -39.21 -4.56 -45.61
CA ASP D 3886 -39.36 -5.40 -46.80
C ASP D 3886 -40.54 -4.95 -47.65
N PHE D 3887 -41.66 -4.59 -47.01
CA PHE D 3887 -42.81 -4.09 -47.75
C PHE D 3887 -42.47 -2.79 -48.48
N TYR D 3888 -41.76 -1.88 -47.80
CA TYR D 3888 -41.39 -0.63 -48.46
C TYR D 3888 -40.46 -0.88 -49.63
N TRP D 3889 -39.48 -1.78 -49.48
CA TRP D 3889 -38.56 -2.02 -50.57
C TRP D 3889 -39.24 -2.72 -51.74
N TYR D 3890 -40.26 -3.55 -51.46
CA TYR D 3890 -41.06 -4.10 -52.54
C TYR D 3890 -41.83 -3.00 -53.25
N TYR D 3891 -42.31 -2.00 -52.50
CA TYR D 3891 -42.97 -0.87 -53.12
C TYR D 3891 -42.01 0.12 -53.75
N SER D 3892 -40.70 -0.05 -53.54
CA SER D 3892 -39.72 0.89 -54.08
C SER D 3892 -39.70 0.80 -55.61
N GLY D 3893 -39.54 1.96 -56.24
CA GLY D 3893 -39.58 2.06 -57.68
C GLY D 3893 -40.96 2.31 -58.26
N LYS D 3894 -42.01 2.08 -57.48
CA LYS D 3894 -43.37 2.34 -57.93
C LYS D 3894 -43.70 3.81 -57.73
N ASP D 3895 -44.83 4.23 -58.31
CA ASP D 3895 -45.23 5.64 -58.33
C ASP D 3895 -46.40 5.95 -57.42
N ILE D 3896 -47.49 5.18 -57.51
CA ILE D 3896 -48.72 5.48 -56.80
C ILE D 3896 -49.03 4.33 -55.86
N ILE D 3897 -49.30 4.66 -54.60
CA ILE D 3897 -49.65 3.65 -53.60
C ILE D 3897 -51.11 3.26 -53.79
N ASP D 3898 -51.35 1.94 -53.88
CA ASP D 3898 -52.72 1.46 -54.01
C ASP D 3898 -53.41 1.47 -52.64
N GLU D 3899 -54.73 1.26 -52.67
CA GLU D 3899 -55.51 1.35 -51.44
C GLU D 3899 -55.24 0.18 -50.50
N GLN D 3900 -55.01 -1.02 -51.05
CA GLN D 3900 -54.74 -2.18 -50.21
C GLN D 3900 -53.40 -2.04 -49.51
N GLY D 3901 -52.37 -1.61 -50.24
CA GLY D 3901 -51.10 -1.31 -49.61
C GLY D 3901 -51.21 -0.17 -48.59
N GLN D 3902 -52.07 0.80 -48.86
CA GLN D 3902 -52.31 1.88 -47.91
C GLN D 3902 -52.89 1.35 -46.60
N ARG D 3903 -53.88 0.46 -46.70
CA ARG D 3903 -54.49 -0.11 -45.50
C ARG D 3903 -53.50 -0.98 -44.74
N ASN D 3904 -52.73 -1.80 -45.45
CA ASN D 3904 -51.74 -2.64 -44.79
C ASN D 3904 -50.67 -1.81 -44.10
N PHE D 3905 -50.20 -0.76 -44.76
CA PHE D 3905 -49.23 0.14 -44.15
C PHE D 3905 -49.81 0.83 -42.92
N SER D 3906 -51.06 1.27 -43.00
CA SER D 3906 -51.68 1.94 -41.85
C SER D 3906 -51.79 0.99 -40.66
N LYS D 3907 -52.18 -0.26 -40.91
CA LYS D 3907 -52.26 -1.23 -39.82
C LYS D 3907 -50.89 -1.51 -39.22
N ALA D 3908 -49.87 -1.63 -40.08
CA ALA D 3908 -48.51 -1.84 -39.58
C ALA D 3908 -48.03 -0.65 -38.74
N ILE D 3909 -48.34 0.56 -39.19
CA ILE D 3909 -47.95 1.77 -38.44
C ILE D 3909 -48.66 1.79 -37.09
N GLN D 3910 -49.94 1.41 -37.05
CA GLN D 3910 -50.67 1.38 -35.79
C GLN D 3910 -50.06 0.35 -34.83
N VAL D 3911 -49.71 -0.83 -35.33
CA VAL D 3911 -49.11 -1.84 -34.48
C VAL D 3911 -47.75 -1.38 -33.96
N ALA D 3912 -46.96 -0.75 -34.83
CA ALA D 3912 -45.66 -0.24 -34.40
C ALA D 3912 -45.82 0.86 -33.36
N LYS D 3913 -46.82 1.72 -33.52
CA LYS D 3913 -47.09 2.76 -32.54
C LYS D 3913 -47.45 2.16 -31.19
N GLN D 3914 -48.28 1.13 -31.19
CA GLN D 3914 -48.66 0.49 -29.93
C GLN D 3914 -47.45 -0.17 -29.27
N VAL D 3915 -46.60 -0.83 -30.06
CA VAL D 3915 -45.40 -1.46 -29.51
C VAL D 3915 -44.47 -0.41 -28.92
N PHE D 3916 -44.29 0.72 -29.61
CA PHE D 3916 -43.43 1.78 -29.11
C PHE D 3916 -44.00 2.39 -27.83
N ASN D 3917 -45.31 2.58 -27.76
CA ASN D 3917 -45.93 3.08 -26.54
C ASN D 3917 -45.74 2.11 -25.38
N THR D 3918 -45.85 0.81 -25.65
CA THR D 3918 -45.60 -0.19 -24.62
C THR D 3918 -44.17 -0.12 -24.12
N LEU D 3919 -43.21 0.05 -25.05
CA LEU D 3919 -41.81 0.17 -24.64
C LEU D 3919 -41.58 1.44 -23.81
N THR D 3920 -42.20 2.56 -24.21
CA THR D 3920 -42.10 3.78 -23.42
C THR D 3920 -42.60 3.56 -22.00
N GLU D 3921 -43.82 3.02 -21.88
CA GLU D 3921 -44.37 2.78 -20.54
C GLU D 3921 -43.58 1.72 -19.78
N TYR D 3922 -42.80 0.89 -20.48
CA TYR D 3922 -41.83 0.05 -19.81
C TYR D 3922 -40.70 0.89 -19.20
N ILE D 3923 -40.20 1.87 -19.95
CA ILE D 3923 -39.04 2.63 -19.46
C ILE D 3923 -39.32 4.13 -19.36
N GLN D 3924 -40.58 4.52 -19.14
CA GLN D 3924 -40.87 5.93 -18.91
C GLN D 3924 -40.27 6.40 -17.60
N GLY D 3925 -40.54 5.68 -16.51
CA GLY D 3925 -39.92 5.97 -15.24
C GLY D 3925 -38.49 5.50 -15.22
N PRO D 3926 -37.69 6.02 -14.30
CA PRO D 3926 -36.31 5.55 -14.18
C PRO D 3926 -36.25 4.15 -13.60
N CYS D 3927 -35.99 3.16 -14.46
CA CYS D 3927 -35.98 1.76 -14.04
C CYS D 3927 -34.58 1.15 -14.03
N THR D 3928 -33.61 1.78 -14.68
CA THR D 3928 -32.20 1.36 -14.69
C THR D 3928 -32.02 -0.04 -15.28
N GLY D 3929 -32.58 -1.05 -14.62
CA GLY D 3929 -32.43 -2.41 -15.10
C GLY D 3929 -33.04 -2.62 -16.48
N ASN D 3930 -34.26 -2.12 -16.67
CA ASN D 3930 -34.91 -2.21 -17.98
C ASN D 3930 -34.15 -1.40 -19.02
N GLN D 3931 -33.64 -0.23 -18.63
CA GLN D 3931 -32.87 0.58 -19.56
C GLN D 3931 -31.62 -0.15 -20.03
N GLN D 3932 -30.91 -0.80 -19.11
CA GLN D 3932 -29.75 -1.59 -19.49
C GLN D 3932 -30.15 -2.80 -20.33
N SER D 3933 -31.30 -3.39 -20.03
CA SER D 3933 -31.77 -4.55 -20.79
C SER D 3933 -32.02 -4.20 -22.25
N LEU D 3934 -32.73 -3.08 -22.49
CA LEU D 3934 -32.92 -2.65 -23.88
C LEU D 3934 -31.66 -2.03 -24.48
N ALA D 3935 -30.71 -1.60 -23.65
CA ALA D 3935 -29.43 -1.15 -24.19
C ALA D 3935 -28.63 -2.31 -24.75
N HIS D 3936 -28.63 -3.44 -24.05
CA HIS D 3936 -27.93 -4.64 -24.51
C HIS D 3936 -28.89 -5.57 -25.25
N SER D 3937 -29.43 -5.08 -26.36
CA SER D 3937 -30.37 -5.84 -27.15
C SER D 3937 -30.27 -5.38 -28.61
N ARG D 3938 -31.19 -5.87 -29.44
CA ARG D 3938 -31.21 -5.58 -30.87
C ARG D 3938 -32.00 -4.32 -31.21
N LEU D 3939 -32.29 -3.48 -30.21
CA LEU D 3939 -33.14 -2.33 -30.42
C LEU D 3939 -32.53 -1.32 -31.38
N TRP D 3940 -31.20 -1.15 -31.31
CA TRP D 3940 -30.54 -0.12 -32.12
C TRP D 3940 -30.65 -0.42 -33.61
N ASP D 3941 -30.52 -1.70 -34.00
CA ASP D 3941 -30.65 -2.05 -35.40
C ASP D 3941 -32.06 -1.78 -35.92
N ALA D 3942 -33.07 -2.12 -35.12
CA ALA D 3942 -34.46 -1.84 -35.51
C ALA D 3942 -34.68 -0.35 -35.62
N VAL D 3943 -34.12 0.44 -34.70
CA VAL D 3943 -34.25 1.89 -34.77
C VAL D 3943 -33.60 2.43 -36.04
N VAL D 3944 -32.41 1.93 -36.38
CA VAL D 3944 -31.71 2.41 -37.57
C VAL D 3944 -32.51 2.10 -38.83
N GLY D 3945 -33.01 0.86 -38.94
CA GLY D 3945 -33.85 0.52 -40.06
C GLY D 3945 -35.11 1.36 -40.12
N PHE D 3946 -35.67 1.67 -38.95
CA PHE D 3946 -36.87 2.51 -38.90
C PHE D 3946 -36.59 3.91 -39.41
N LEU D 3947 -35.46 4.51 -39.02
CA LEU D 3947 -35.15 5.84 -39.54
C LEU D 3947 -34.87 5.79 -41.04
N HIS D 3948 -34.27 4.68 -41.52
CA HIS D 3948 -34.04 4.55 -42.95
C HIS D 3948 -35.35 4.55 -43.72
N VAL D 3949 -36.30 3.70 -43.29
CA VAL D 3949 -37.57 3.64 -44.01
C VAL D 3949 -38.35 4.94 -43.82
N PHE D 3950 -38.20 5.60 -42.67
CA PHE D 3950 -38.85 6.89 -42.47
C PHE D 3950 -38.34 7.92 -43.46
N ALA D 3951 -37.02 8.06 -43.58
CA ALA D 3951 -36.45 9.05 -44.49
C ALA D 3951 -36.87 8.76 -45.93
N HIS D 3952 -36.73 7.50 -46.35
CA HIS D 3952 -37.01 7.18 -47.75
C HIS D 3952 -38.50 7.27 -48.06
N MET D 3953 -39.37 6.85 -47.14
CA MET D 3953 -40.80 6.93 -47.36
C MET D 3953 -41.27 8.38 -47.36
N GLN D 3954 -40.71 9.22 -46.49
CA GLN D 3954 -41.05 10.64 -46.52
C GLN D 3954 -40.63 11.29 -47.82
N MET D 3955 -39.42 10.96 -48.30
CA MET D 3955 -38.96 11.50 -49.57
C MET D 3955 -39.84 11.03 -50.73
N LYS D 3956 -40.25 9.77 -50.70
CA LYS D 3956 -41.07 9.24 -51.80
C LYS D 3956 -42.49 9.79 -51.77
N LEU D 3957 -43.06 9.95 -50.57
CA LEU D 3957 -44.44 10.34 -50.42
C LEU D 3957 -44.62 11.84 -50.26
N SER D 3958 -43.53 12.62 -50.35
CA SER D 3958 -43.67 14.08 -50.35
C SER D 3958 -44.51 14.55 -51.53
N GLN D 3959 -44.46 13.83 -52.66
CA GLN D 3959 -45.24 14.17 -53.83
C GLN D 3959 -46.68 13.65 -53.66
N ASP D 3960 -47.44 13.66 -54.76
CA ASP D 3960 -48.81 13.17 -54.83
C ASP D 3960 -49.75 13.93 -53.90
N SER D 3961 -51.02 13.53 -53.88
CA SER D 3961 -52.01 14.18 -53.04
C SER D 3961 -52.98 13.22 -52.36
N SER D 3962 -52.79 11.91 -52.51
CA SER D 3962 -53.69 10.93 -51.92
C SER D 3962 -53.11 10.21 -50.72
N GLN D 3963 -51.81 10.34 -50.46
CA GLN D 3963 -51.15 9.68 -49.34
C GLN D 3963 -50.96 10.59 -48.14
N ILE D 3964 -51.87 11.53 -47.93
CA ILE D 3964 -51.72 12.49 -46.84
C ILE D 3964 -51.95 11.82 -45.49
N GLU D 3965 -52.94 10.93 -45.40
CA GLU D 3965 -53.22 10.25 -44.14
C GLU D 3965 -52.09 9.30 -43.75
N LEU D 3966 -51.56 8.58 -44.74
CA LEU D 3966 -50.42 7.70 -44.47
C LEU D 3966 -49.21 8.51 -44.02
N LEU D 3967 -49.00 9.68 -44.63
CA LEU D 3967 -47.91 10.55 -44.20
C LEU D 3967 -48.13 11.05 -42.78
N LYS D 3968 -49.38 11.37 -42.42
CA LYS D 3968 -49.68 11.81 -41.06
C LYS D 3968 -49.36 10.72 -40.04
N GLU D 3969 -49.82 9.50 -40.31
CA GLU D 3969 -49.48 8.38 -39.43
C GLU D 3969 -47.98 8.11 -39.41
N LEU D 3970 -47.31 8.38 -40.53
CA LEU D 3970 -45.86 8.19 -40.63
C LEU D 3970 -45.14 9.13 -39.67
N MET D 3971 -45.46 10.42 -39.73
CA MET D 3971 -44.86 11.37 -38.79
C MET D 3971 -45.29 11.09 -37.36
N ASP D 3972 -46.50 10.55 -37.15
CA ASP D 3972 -46.91 10.17 -35.80
C ASP D 3972 -46.03 9.07 -35.23
N LEU D 3973 -45.73 8.05 -36.04
CA LEU D 3973 -44.82 7.00 -35.60
C LEU D 3973 -43.41 7.54 -35.38
N GLN D 3974 -42.98 8.51 -36.20
CA GLN D 3974 -41.70 9.16 -35.98
C GLN D 3974 -41.66 9.83 -34.60
N LYS D 3975 -42.73 10.58 -34.29
CA LYS D 3975 -42.81 11.25 -32.99
C LYS D 3975 -42.79 10.23 -31.85
N ASP D 3976 -43.49 9.11 -32.02
CA ASP D 3976 -43.50 8.09 -30.97
C ASP D 3976 -42.12 7.50 -30.75
N MET D 3977 -41.39 7.21 -31.84
CA MET D 3977 -40.05 6.64 -31.67
C MET D 3977 -39.12 7.65 -31.00
N VAL D 3978 -39.20 8.93 -31.39
CA VAL D 3978 -38.34 9.93 -30.77
C VAL D 3978 -38.67 10.10 -29.29
N VAL D 3979 -39.96 10.01 -28.94
CA VAL D 3979 -40.35 10.03 -27.53
C VAL D 3979 -39.73 8.85 -26.80
N MET D 3980 -39.76 7.68 -27.41
CA MET D 3980 -39.15 6.49 -26.81
C MET D 3980 -37.64 6.68 -26.62
N LEU D 3981 -36.97 7.23 -27.63
CA LEU D 3981 -35.53 7.45 -27.56
C LEU D 3981 -35.18 8.44 -26.45
N LEU D 3982 -35.98 9.51 -26.32
CA LEU D 3982 -35.78 10.44 -25.23
C LEU D 3982 -36.02 9.78 -23.89
N SER D 3983 -36.99 8.87 -23.82
CA SER D 3983 -37.23 8.13 -22.59
C SER D 3983 -36.06 7.23 -22.23
N MET D 3984 -35.27 6.79 -23.22
CA MET D 3984 -34.03 6.09 -22.92
C MET D 3984 -33.04 6.97 -22.17
N LEU D 3985 -32.89 8.22 -22.58
CA LEU D 3985 -31.88 9.10 -22.00
C LEU D 3985 -32.28 9.67 -20.65
N GLU D 3986 -33.39 9.23 -20.08
CA GLU D 3986 -33.82 9.73 -18.78
C GLU D 3986 -32.90 9.19 -17.69
N GLY D 3987 -32.34 10.09 -16.89
CA GLY D 3987 -31.41 9.71 -15.85
C GLY D 3987 -29.97 9.57 -16.28
N ASN D 3988 -29.62 10.06 -17.47
CA ASN D 3988 -28.25 9.95 -17.95
C ASN D 3988 -27.34 10.94 -17.24
N VAL D 3989 -26.03 10.71 -17.36
CA VAL D 3989 -25.02 11.63 -16.87
C VAL D 3989 -24.15 12.05 -18.04
N VAL D 3990 -23.15 12.90 -17.78
CA VAL D 3990 -22.22 13.30 -18.82
C VAL D 3990 -21.32 12.12 -19.17
N ASN D 3991 -21.07 11.93 -20.47
CA ASN D 3991 -20.27 10.82 -20.98
C ASN D 3991 -20.84 9.47 -20.55
N GLY D 3992 -22.17 9.37 -20.58
CA GLY D 3992 -22.82 8.12 -20.25
C GLY D 3992 -22.72 7.09 -21.36
N THR D 3993 -22.86 5.83 -20.97
CA THR D 3993 -22.80 4.75 -21.95
C THR D 3993 -23.99 4.80 -22.91
N ILE D 3994 -25.16 5.21 -22.40
CA ILE D 3994 -26.33 5.35 -23.26
C ILE D 3994 -26.07 6.40 -24.34
N GLY D 3995 -25.33 7.47 -23.99
CA GLY D 3995 -24.95 8.44 -24.99
C GLY D 3995 -24.02 7.86 -26.06
N LYS D 3996 -23.12 6.96 -25.65
CA LYS D 3996 -22.24 6.31 -26.61
C LYS D 3996 -23.03 5.42 -27.57
N GLN D 3997 -23.96 4.63 -27.04
CA GLN D 3997 -24.83 3.83 -27.89
C GLN D 3997 -25.66 4.73 -28.81
N MET D 3998 -26.11 5.87 -28.28
CA MET D 3998 -26.90 6.80 -29.06
C MET D 3998 -26.12 7.33 -30.25
N VAL D 3999 -24.91 7.85 -30.01
CA VAL D 3999 -24.12 8.44 -31.08
C VAL D 3999 -23.68 7.37 -32.07
N ASP D 4000 -23.43 6.14 -31.61
CA ASP D 4000 -23.19 5.05 -32.53
C ASP D 4000 -24.41 4.82 -33.43
N MET D 4001 -25.60 4.93 -32.85
CA MET D 4001 -26.83 4.74 -33.64
C MET D 4001 -26.98 5.85 -34.68
N LEU D 4002 -26.68 7.10 -34.30
CA LEU D 4002 -26.72 8.18 -35.29
C LEU D 4002 -25.72 7.96 -36.41
N VAL D 4003 -24.47 7.61 -36.07
CA VAL D 4003 -23.47 7.49 -37.13
C VAL D 4003 -23.68 6.23 -37.96
N GLU D 4004 -24.44 5.26 -37.47
CA GLU D 4004 -24.77 4.09 -38.29
C GLU D 4004 -25.76 4.43 -39.39
N SER D 4005 -26.50 5.53 -39.27
CA SER D 4005 -27.53 5.93 -40.22
C SER D 4005 -27.43 7.41 -40.54
N SER D 4006 -26.21 7.86 -40.86
CA SER D 4006 -25.98 9.28 -41.10
C SER D 4006 -26.75 9.79 -42.31
N ASN D 4007 -26.83 8.98 -43.37
CA ASN D 4007 -27.52 9.42 -44.58
C ASN D 4007 -29.01 9.63 -44.33
N ASN D 4008 -29.64 8.73 -43.57
CA ASN D 4008 -31.06 8.89 -43.26
C ASN D 4008 -31.31 10.11 -42.40
N VAL D 4009 -30.42 10.37 -41.43
CA VAL D 4009 -30.55 11.55 -40.59
C VAL D 4009 -30.42 12.82 -41.43
N GLU D 4010 -29.45 12.85 -42.35
CA GLU D 4010 -29.32 13.99 -43.24
C GLU D 4010 -30.56 14.17 -44.10
N MET D 4011 -31.14 13.06 -44.57
CA MET D 4011 -32.34 13.13 -45.40
C MET D 4011 -33.52 13.71 -44.63
N ILE D 4012 -33.76 13.23 -43.41
CA ILE D 4012 -34.90 13.74 -42.65
C ILE D 4012 -34.67 15.19 -42.23
N LEU D 4013 -33.43 15.56 -41.93
CA LEU D 4013 -33.14 16.95 -41.59
C LEU D 4013 -33.36 17.87 -42.78
N LYS D 4014 -32.93 17.44 -43.97
CA LYS D 4014 -33.16 18.25 -45.17
C LYS D 4014 -34.65 18.35 -45.49
N PHE D 4015 -35.40 17.28 -45.27
CA PHE D 4015 -36.85 17.33 -45.49
C PHE D 4015 -37.53 18.26 -44.49
N PHE D 4016 -37.07 18.23 -43.23
CA PHE D 4016 -37.68 19.08 -42.21
C PHE D 4016 -37.33 20.55 -42.42
N ASP D 4017 -36.15 20.84 -42.97
CA ASP D 4017 -35.79 22.23 -43.21
C ASP D 4017 -36.58 22.83 -44.37
N MET D 4018 -36.84 22.03 -45.41
CA MET D 4018 -37.55 22.55 -46.58
C MET D 4018 -39.00 22.84 -46.25
N PHE D 4019 -39.75 21.82 -45.85
CA PHE D 4019 -41.15 21.98 -45.44
C PHE D 4019 -41.16 22.34 -43.96
N LEU D 4020 -41.60 23.57 -43.66
CA LEU D 4020 -41.65 24.12 -42.31
C LEU D 4020 -40.26 24.22 -41.70
N LYS D 4021 -40.19 24.56 -40.42
CA LYS D 4021 -38.93 24.81 -39.72
C LYS D 4021 -38.09 25.82 -40.49
N LEU D 4022 -38.65 27.03 -40.61
CA LEU D 4022 -38.15 28.11 -41.47
C LEU D 4022 -38.23 27.72 -42.94
N LYS D 4023 -37.96 28.67 -43.83
CA LYS D 4023 -38.01 28.50 -45.28
C LYS D 4023 -39.39 28.10 -45.80
N ASP D 4024 -40.42 28.17 -44.94
CA ASP D 4024 -41.79 27.84 -45.33
C ASP D 4024 -42.71 28.42 -44.27
N LEU D 4025 -43.75 29.13 -44.71
CA LEU D 4025 -44.67 29.87 -43.84
C LEU D 4025 -43.94 30.98 -43.07
N THR D 4026 -42.69 31.22 -43.42
CA THR D 4026 -41.87 32.31 -42.89
C THR D 4026 -41.47 33.29 -43.96
N SER D 4027 -41.07 32.77 -45.13
CA SER D 4027 -40.78 33.65 -46.27
C SER D 4027 -42.01 34.42 -46.70
N SER D 4028 -43.17 33.76 -46.71
CA SER D 4028 -44.44 34.34 -47.16
C SER D 4028 -44.29 34.92 -48.57
N ASP D 4029 -44.06 33.99 -49.51
CA ASP D 4029 -43.68 34.35 -50.87
C ASP D 4029 -44.71 35.25 -51.52
N THR D 4030 -44.20 36.30 -52.19
CA THR D 4030 -44.92 37.31 -52.96
C THR D 4030 -45.78 38.23 -52.09
N PHE D 4031 -45.89 37.98 -50.79
CA PHE D 4031 -46.69 38.84 -49.91
C PHE D 4031 -45.84 39.99 -49.37
N LYS D 4032 -44.76 39.67 -48.66
CA LYS D 4032 -43.81 40.67 -48.19
C LYS D 4032 -42.75 41.00 -49.23
N GLU D 4033 -42.78 40.33 -50.39
CA GLU D 4033 -41.81 40.56 -51.45
C GLU D 4033 -42.42 41.08 -52.73
N TYR D 4034 -43.69 40.81 -53.00
CA TYR D 4034 -44.34 41.28 -54.22
C TYR D 4034 -45.70 41.92 -54.02
N ASP D 4035 -46.41 41.63 -52.91
CA ASP D 4035 -47.68 42.24 -52.57
C ASP D 4035 -48.72 42.03 -53.68
N PRO D 4036 -49.26 40.81 -53.81
CA PRO D 4036 -50.09 40.49 -54.97
C PRO D 4036 -51.50 41.04 -54.93
N ASP D 4037 -51.80 41.95 -53.99
CA ASP D 4037 -53.11 42.61 -53.87
C ASP D 4037 -54.22 41.58 -53.70
N GLY D 4038 -54.09 40.77 -52.65
CA GLY D 4038 -55.08 39.76 -52.36
C GLY D 4038 -54.50 38.68 -51.45
N LYS D 4039 -55.13 37.52 -51.48
CA LYS D 4039 -54.69 36.38 -50.67
C LYS D 4039 -53.51 35.70 -51.37
N GLY D 4040 -53.08 34.57 -50.82
CA GLY D 4040 -51.97 33.83 -51.40
C GLY D 4040 -52.37 32.93 -52.54
N VAL D 4041 -53.06 33.50 -53.53
CA VAL D 4041 -53.50 32.72 -54.68
C VAL D 4041 -52.31 32.24 -55.51
N ILE D 4042 -51.39 33.17 -55.81
CA ILE D 4042 -50.15 32.93 -56.55
C ILE D 4042 -50.44 32.54 -58.00
N SER D 4043 -49.65 33.07 -58.93
CA SER D 4043 -49.83 32.82 -60.36
C SER D 4043 -49.00 31.64 -60.85
N LYS D 4044 -48.77 30.64 -60.00
CA LYS D 4044 -48.02 29.43 -60.33
C LYS D 4044 -46.59 29.74 -60.72
N ARG D 4045 -46.40 30.43 -61.84
CA ARG D 4045 -45.06 30.86 -62.25
C ARG D 4045 -44.45 31.87 -61.29
N ASP D 4046 -45.28 32.57 -60.50
CA ASP D 4046 -44.76 33.50 -59.52
C ASP D 4046 -44.01 32.78 -58.40
N PHE D 4047 -44.37 31.52 -58.12
CA PHE D 4047 -43.65 30.75 -57.13
C PHE D 4047 -42.20 30.51 -57.55
N HIS D 4048 -41.98 30.15 -58.81
CA HIS D 4048 -40.62 30.02 -59.31
C HIS D 4048 -39.97 31.38 -59.50
N LYS D 4049 -40.75 32.41 -59.82
CA LYS D 4049 -40.23 33.77 -59.83
C LYS D 4049 -39.82 34.21 -58.43
N ALA D 4050 -40.47 33.67 -57.40
CA ALA D 4050 -40.06 33.86 -56.02
C ALA D 4050 -38.96 32.86 -55.70
N MET D 4051 -38.68 32.70 -54.39
CA MET D 4051 -37.68 31.75 -53.90
C MET D 4051 -36.28 32.08 -54.42
N GLU D 4052 -35.95 33.38 -54.42
CA GLU D 4052 -34.58 33.84 -54.66
C GLU D 4052 -33.82 34.05 -53.36
N SER D 4053 -34.12 33.26 -52.34
CA SER D 4053 -33.68 33.46 -50.98
C SER D 4053 -32.77 32.31 -50.55
N HIS D 4054 -32.52 32.22 -49.25
CA HIS D 4054 -31.61 31.23 -48.66
C HIS D 4054 -31.94 29.79 -49.07
N LYS D 4055 -33.17 29.52 -49.50
CA LYS D 4055 -33.49 28.20 -50.02
C LYS D 4055 -32.68 27.91 -51.27
N HIS D 4056 -32.15 26.69 -51.36
CA HIS D 4056 -31.29 26.32 -52.47
C HIS D 4056 -32.08 26.24 -53.77
N TYR D 4057 -31.37 26.39 -54.88
CA TYR D 4057 -31.97 26.35 -56.21
C TYR D 4057 -32.06 24.93 -56.77
N THR D 4058 -31.67 23.92 -55.98
CA THR D 4058 -31.73 22.55 -56.44
C THR D 4058 -33.17 22.09 -56.60
N GLN D 4059 -33.35 21.04 -57.41
CA GLN D 4059 -34.69 20.49 -57.62
C GLN D 4059 -35.26 19.89 -56.35
N SER D 4060 -34.40 19.43 -55.43
CA SER D 4060 -34.84 18.92 -54.15
C SER D 4060 -35.12 20.02 -53.13
N GLU D 4061 -34.85 21.28 -53.47
CA GLU D 4061 -35.13 22.40 -52.58
C GLU D 4061 -36.14 23.38 -53.16
N THR D 4062 -35.91 23.86 -54.38
CA THR D 4062 -36.81 24.83 -55.00
C THR D 4062 -37.91 24.13 -55.80
N GLU D 4063 -37.52 23.29 -56.75
CA GLU D 4063 -38.51 22.58 -57.56
C GLU D 4063 -39.24 21.51 -56.75
N PHE D 4064 -38.71 21.11 -55.60
CA PHE D 4064 -39.39 20.14 -54.75
C PHE D 4064 -40.74 20.69 -54.28
N LEU D 4065 -40.75 21.95 -53.83
CA LEU D 4065 -42.00 22.56 -53.38
C LEU D 4065 -42.97 22.72 -54.54
N LEU D 4066 -42.47 23.08 -55.73
CA LEU D 4066 -43.33 23.23 -56.89
C LEU D 4066 -43.96 21.89 -57.28
N SER D 4067 -43.19 20.80 -57.22
CA SER D 4067 -43.73 19.49 -57.53
C SER D 4067 -44.73 19.02 -56.48
N CYS D 4068 -44.44 19.31 -55.21
CA CYS D 4068 -45.32 18.86 -54.13
C CYS D 4068 -46.60 19.69 -54.06
N ALA D 4069 -46.55 20.93 -54.52
CA ALA D 4069 -47.69 21.85 -54.42
C ALA D 4069 -48.40 22.03 -55.76
N GLU D 4070 -48.58 20.96 -56.53
CA GLU D 4070 -49.31 21.06 -57.78
C GLU D 4070 -50.74 21.52 -57.55
N THR D 4071 -51.46 20.85 -56.64
CA THR D 4071 -52.82 21.22 -56.21
C THR D 4071 -53.77 21.42 -57.38
N ASP D 4072 -54.14 22.67 -57.64
CA ASP D 4072 -55.07 22.98 -58.71
C ASP D 4072 -54.39 22.82 -60.07
N GLU D 4073 -55.20 22.84 -61.13
CA GLU D 4073 -54.69 22.53 -62.46
C GLU D 4073 -54.03 23.73 -63.12
N ASN D 4074 -54.79 24.78 -63.39
CA ASN D 4074 -54.31 25.85 -64.27
C ASN D 4074 -53.15 26.66 -63.69
N GLU D 4075 -53.42 27.51 -62.70
CA GLU D 4075 -52.35 28.33 -62.15
C GLU D 4075 -52.51 28.68 -60.67
N THR D 4076 -53.51 28.17 -59.98
CA THR D 4076 -53.89 28.70 -58.67
C THR D 4076 -53.36 27.82 -57.55
N LEU D 4077 -52.83 28.47 -56.52
CA LEU D 4077 -52.46 27.86 -55.26
C LEU D 4077 -53.21 28.58 -54.13
N ASP D 4078 -52.91 28.21 -52.89
CA ASP D 4078 -53.55 28.82 -51.74
C ASP D 4078 -52.75 28.51 -50.48
N TYR D 4079 -53.20 29.10 -49.36
CA TYR D 4079 -52.60 28.80 -48.07
C TYR D 4079 -52.97 27.40 -47.57
N GLU D 4080 -53.93 26.74 -48.21
CA GLU D 4080 -54.24 25.36 -47.86
C GLU D 4080 -53.05 24.44 -48.12
N GLU D 4081 -52.21 24.80 -49.09
CA GLU D 4081 -50.96 24.07 -49.28
C GLU D 4081 -50.06 24.20 -48.05
N PHE D 4082 -49.96 25.41 -47.49
CA PHE D 4082 -49.18 25.61 -46.28
C PHE D 4082 -49.79 24.90 -45.09
N VAL D 4083 -51.12 24.78 -45.06
CA VAL D 4083 -51.78 24.05 -43.98
C VAL D 4083 -51.50 22.56 -44.10
N LYS D 4084 -51.60 22.01 -45.32
CA LYS D 4084 -51.45 20.58 -45.51
C LYS D 4084 -49.99 20.16 -45.37
N ARG D 4085 -49.12 20.65 -46.25
CA ARG D 4085 -47.70 20.40 -46.13
C ARG D 4085 -47.04 21.54 -45.37
N PHE D 4086 -46.11 21.19 -44.49
CA PHE D 4086 -45.40 22.14 -43.64
C PHE D 4086 -46.33 22.87 -42.68
N HIS D 4087 -45.79 23.84 -41.94
CA HIS D 4087 -46.51 24.59 -40.91
C HIS D 4087 -47.04 23.66 -39.82
N GLU D 4088 -48.32 23.24 -39.92
CA GLU D 4088 -48.93 22.48 -38.83
C GLU D 4088 -48.26 21.11 -38.64
N PRO D 4089 -48.03 20.30 -39.67
CA PRO D 4089 -47.10 19.18 -39.51
C PRO D 4089 -45.66 19.67 -39.60
N ALA D 4090 -44.74 18.78 -39.24
CA ALA D 4090 -43.29 18.98 -39.23
C ALA D 4090 -42.84 20.02 -38.20
N LYS D 4091 -43.76 20.64 -37.47
CA LYS D 4091 -43.41 21.54 -36.37
C LYS D 4091 -43.41 20.78 -35.05
N ASP D 4092 -44.55 20.18 -34.69
CA ASP D 4092 -44.59 19.34 -33.50
C ASP D 4092 -43.77 18.07 -33.68
N ILE D 4093 -43.74 17.53 -34.90
CA ILE D 4093 -42.96 16.32 -35.16
C ILE D 4093 -41.47 16.61 -35.06
N GLY D 4094 -41.02 17.69 -35.69
CA GLY D 4094 -39.61 18.05 -35.65
C GLY D 4094 -39.16 18.64 -34.33
N PHE D 4095 -40.11 19.08 -33.48
CA PHE D 4095 -39.73 19.61 -32.19
C PHE D 4095 -39.07 18.55 -31.32
N ASN D 4096 -39.60 17.32 -31.36
CA ASN D 4096 -38.99 16.24 -30.59
C ASN D 4096 -37.60 15.91 -31.11
N VAL D 4097 -37.40 15.98 -32.42
CA VAL D 4097 -36.07 15.77 -32.99
C VAL D 4097 -35.11 16.84 -32.52
N ALA D 4098 -35.56 18.10 -32.49
CA ALA D 4098 -34.73 19.18 -31.99
C ALA D 4098 -34.40 18.99 -30.51
N VAL D 4099 -35.37 18.53 -29.73
CA VAL D 4099 -35.14 18.25 -28.31
C VAL D 4099 -34.12 17.15 -28.14
N LEU D 4100 -34.21 16.09 -28.93
CA LEU D 4100 -33.24 15.00 -28.85
C LEU D 4100 -31.84 15.48 -29.22
N LEU D 4101 -31.73 16.29 -30.28
CA LEU D 4101 -30.42 16.81 -30.67
C LEU D 4101 -29.83 17.71 -29.61
N THR D 4102 -30.66 18.56 -29.00
CA THR D 4102 -30.19 19.43 -27.93
C THR D 4102 -29.74 18.62 -26.72
N ASN D 4103 -30.49 17.59 -26.36
CA ASN D 4103 -30.12 16.74 -25.23
C ASN D 4103 -28.80 16.03 -25.50
N LEU D 4104 -28.61 15.52 -26.72
CA LEU D 4104 -27.37 14.85 -27.05
C LEU D 4104 -26.19 15.80 -27.05
N SER D 4105 -26.37 17.02 -27.57
CA SER D 4105 -25.28 17.98 -27.60
C SER D 4105 -24.90 18.44 -26.20
N GLU D 4106 -25.89 18.66 -25.33
CA GLU D 4106 -25.57 19.16 -23.98
C GLU D 4106 -25.02 18.04 -23.10
N HIS D 4107 -25.54 16.82 -23.23
CA HIS D 4107 -25.04 15.72 -22.40
C HIS D 4107 -23.71 15.19 -22.89
N MET D 4108 -23.45 15.24 -24.19
CA MET D 4108 -22.16 14.82 -24.74
C MET D 4108 -21.39 16.05 -25.22
N PRO D 4109 -20.42 16.54 -24.45
CA PRO D 4109 -19.78 17.81 -24.81
C PRO D 4109 -18.81 17.69 -25.98
N ASN D 4110 -18.06 16.58 -26.02
CA ASN D 4110 -16.98 16.41 -26.99
C ASN D 4110 -17.28 15.19 -27.88
N ASP D 4111 -17.84 15.47 -29.06
CA ASP D 4111 -18.04 14.42 -30.07
C ASP D 4111 -18.14 15.10 -31.42
N THR D 4112 -17.14 14.86 -32.28
CA THR D 4112 -17.09 15.53 -33.58
C THR D 4112 -18.25 15.13 -34.47
N ARG D 4113 -18.75 13.90 -34.32
CA ARG D 4113 -19.90 13.45 -35.10
C ARG D 4113 -21.15 14.24 -34.73
N LEU D 4114 -21.39 14.42 -33.43
CA LEU D 4114 -22.49 15.28 -32.99
C LEU D 4114 -22.27 16.71 -33.43
N GLN D 4115 -21.01 17.17 -33.47
CA GLN D 4115 -20.74 18.51 -33.97
C GLN D 4115 -21.14 18.65 -35.44
N THR D 4116 -20.83 17.65 -36.26
CA THR D 4116 -21.24 17.68 -37.66
C THR D 4116 -22.75 17.66 -37.79
N PHE D 4117 -23.42 16.86 -36.94
CA PHE D 4117 -24.89 16.86 -36.96
C PHE D 4117 -25.45 18.23 -36.58
N LEU D 4118 -24.81 18.91 -35.63
CA LEU D 4118 -25.26 20.25 -35.26
C LEU D 4118 -25.05 21.25 -36.38
N GLU D 4119 -23.90 21.20 -37.05
CA GLU D 4119 -23.71 22.07 -38.22
C GLU D 4119 -24.59 21.68 -39.39
N LEU D 4120 -25.17 20.49 -39.38
CA LEU D 4120 -26.16 20.13 -40.39
C LEU D 4120 -27.57 20.61 -40.03
N ALA D 4121 -27.91 20.62 -38.74
CA ALA D 4121 -29.27 20.93 -38.30
C ALA D 4121 -29.38 22.26 -37.56
N GLU D 4122 -28.39 23.15 -37.74
CA GLU D 4122 -28.45 24.44 -37.06
C GLU D 4122 -29.67 25.26 -37.46
N SER D 4123 -30.19 25.07 -38.68
CA SER D 4123 -31.36 25.84 -39.11
C SER D 4123 -32.60 25.43 -38.33
N VAL D 4124 -32.84 24.12 -38.21
CA VAL D 4124 -34.00 23.66 -37.44
C VAL D 4124 -33.79 23.93 -35.96
N LEU D 4125 -32.54 23.93 -35.48
CA LEU D 4125 -32.28 24.29 -34.09
C LEU D 4125 -32.60 25.76 -33.83
N ASN D 4126 -32.25 26.64 -34.78
CA ASN D 4126 -32.57 28.04 -34.65
C ASN D 4126 -34.08 28.27 -34.71
N TYR D 4127 -34.79 27.54 -35.57
CA TYR D 4127 -36.24 27.69 -35.63
C TYR D 4127 -36.90 27.23 -34.33
N PHE D 4128 -36.46 26.09 -33.79
CA PHE D 4128 -37.08 25.54 -32.59
C PHE D 4128 -36.43 26.05 -31.30
N GLN D 4129 -35.69 27.16 -31.38
CA GLN D 4129 -35.08 27.76 -30.20
C GLN D 4129 -36.07 28.59 -29.38
N PRO D 4130 -36.93 29.43 -29.98
CA PRO D 4130 -37.92 30.15 -29.15
C PRO D 4130 -38.93 29.25 -28.47
N PHE D 4131 -39.14 28.02 -28.95
CA PHE D 4131 -40.14 27.13 -28.39
C PHE D 4131 -39.58 26.15 -27.37
N LEU D 4132 -38.27 26.00 -27.29
CA LEU D 4132 -37.65 25.00 -26.42
C LEU D 4132 -37.17 25.66 -25.13
N GLY D 4133 -37.53 25.05 -23.99
CA GLY D 4133 -37.12 25.52 -22.69
C GLY D 4133 -35.89 24.78 -22.17
N ARG D 4134 -35.52 25.14 -20.95
CA ARG D 4134 -34.38 24.51 -20.28
C ARG D 4134 -34.50 24.76 -18.80
N ILE D 4135 -34.55 23.68 -18.01
CA ILE D 4135 -34.80 23.78 -16.57
C ILE D 4135 -34.03 22.68 -15.86
N GLU D 4136 -33.41 23.03 -14.73
CA GLU D 4136 -32.63 22.09 -13.93
C GLU D 4136 -33.33 21.85 -12.60
N ILE D 4137 -33.48 20.58 -12.23
CA ILE D 4137 -34.19 20.20 -11.02
C ILE D 4137 -33.36 19.19 -10.23
N MET D 4138 -33.78 18.95 -8.99
CA MET D 4138 -33.26 17.87 -8.16
C MET D 4138 -34.09 16.59 -8.29
N GLY D 4139 -35.06 16.58 -9.20
CA GLY D 4139 -36.05 15.52 -9.22
C GLY D 4139 -35.43 14.16 -9.48
N SER D 4140 -35.71 13.21 -8.59
CA SER D 4140 -35.26 11.82 -8.64
C SER D 4140 -33.76 11.71 -8.41
N ALA D 4141 -33.34 10.63 -7.76
CA ALA D 4141 -31.93 10.38 -7.39
C ALA D 4141 -31.44 11.57 -6.56
N LYS D 4142 -30.17 11.92 -6.68
CA LYS D 4142 -29.57 13.04 -5.96
C LYS D 4142 -28.71 13.89 -6.88
N ARG D 4143 -29.14 14.08 -8.12
CA ARG D 4143 -28.35 14.78 -9.12
C ARG D 4143 -29.21 15.78 -9.89
N ILE D 4144 -28.53 16.79 -10.44
CA ILE D 4144 -29.16 17.76 -11.34
C ILE D 4144 -29.49 17.10 -12.67
N GLU D 4145 -30.70 17.30 -13.14
CA GLU D 4145 -31.15 16.82 -14.44
C GLU D 4145 -31.56 18.01 -15.31
N ARG D 4146 -32.08 17.69 -16.50
CA ARG D 4146 -32.57 18.70 -17.43
C ARG D 4146 -33.97 18.31 -17.89
N VAL D 4147 -34.85 19.30 -17.99
CA VAL D 4147 -36.29 19.06 -18.10
C VAL D 4147 -36.82 19.72 -19.38
N TYR D 4148 -36.08 19.59 -20.49
CA TYR D 4148 -36.51 20.12 -21.78
C TYR D 4148 -37.99 19.85 -22.05
N PHE D 4149 -38.69 20.88 -22.50
CA PHE D 4149 -40.14 20.82 -22.69
C PHE D 4149 -40.52 21.78 -23.81
N GLU D 4150 -41.82 22.00 -23.97
CA GLU D 4150 -42.36 22.80 -25.06
C GLU D 4150 -43.05 24.05 -24.53
N ILE D 4151 -42.86 25.17 -25.24
CA ILE D 4151 -43.51 26.43 -24.92
C ILE D 4151 -44.39 26.82 -26.10
N SER D 4152 -45.67 27.05 -25.84
CA SER D 4152 -46.58 27.45 -26.89
C SER D 4152 -46.34 28.91 -27.29
N GLU D 4153 -46.85 29.26 -28.48
CA GLU D 4153 -46.74 30.64 -28.94
C GLU D 4153 -47.58 31.58 -28.09
N SER D 4154 -48.78 31.13 -27.69
CA SER D 4154 -49.68 31.97 -26.90
C SER D 4154 -49.09 32.32 -25.55
N SER D 4155 -48.41 31.35 -24.91
CA SER D 4155 -47.80 31.61 -23.62
C SER D 4155 -46.71 32.67 -23.71
N ARG D 4156 -45.92 32.64 -24.79
CA ARG D 4156 -44.89 33.65 -24.97
C ARG D 4156 -45.46 35.00 -25.37
N THR D 4157 -46.55 35.02 -26.14
CA THR D 4157 -47.13 36.28 -26.57
C THR D 4157 -48.03 36.91 -25.52
N GLN D 4158 -48.40 36.17 -24.47
CA GLN D 4158 -49.15 36.73 -23.35
C GLN D 4158 -48.28 36.99 -22.13
N TRP D 4159 -47.01 36.59 -22.19
CA TRP D 4159 -46.08 36.89 -21.11
C TRP D 4159 -45.65 38.36 -21.12
N GLU D 4160 -45.69 38.99 -22.28
CA GLU D 4160 -45.24 40.37 -22.45
C GLU D 4160 -46.37 41.39 -22.31
N LYS D 4161 -47.53 40.98 -21.82
CA LYS D 4161 -48.61 41.92 -21.58
C LYS D 4161 -48.25 42.84 -20.41
N PRO D 4162 -48.70 44.10 -20.45
CA PRO D 4162 -48.31 45.05 -19.39
C PRO D 4162 -48.74 44.63 -18.00
N GLN D 4163 -49.91 44.01 -17.86
CA GLN D 4163 -50.37 43.56 -16.56
C GLN D 4163 -49.45 42.49 -15.99
N VAL D 4164 -49.01 41.56 -16.84
CA VAL D 4164 -48.09 40.51 -16.40
C VAL D 4164 -46.76 41.12 -15.98
N LYS D 4165 -46.27 42.11 -16.73
CA LYS D 4165 -45.01 42.75 -16.37
C LYS D 4165 -45.12 43.47 -15.03
N GLU D 4166 -46.23 44.18 -14.81
CA GLU D 4166 -46.42 44.88 -13.54
C GLU D 4166 -46.51 43.89 -12.39
N SER D 4167 -47.24 42.78 -12.57
CA SER D 4167 -47.34 41.78 -11.52
C SER D 4167 -45.98 41.14 -11.24
N LYS D 4168 -45.19 40.90 -12.28
CA LYS D 4168 -43.86 40.34 -12.10
C LYS D 4168 -42.97 41.30 -11.32
N ARG D 4169 -43.01 42.59 -11.65
CA ARG D 4169 -42.21 43.57 -10.93
C ARG D 4169 -42.61 43.62 -9.46
N GLN D 4170 -43.91 43.68 -9.20
CA GLN D 4170 -44.39 43.76 -7.81
C GLN D 4170 -43.99 42.51 -7.03
N PHE D 4171 -44.15 41.33 -7.63
CA PHE D 4171 -43.78 40.09 -6.94
C PHE D 4171 -42.29 40.04 -6.66
N ILE D 4172 -41.47 40.42 -7.64
CA ILE D 4172 -40.02 40.38 -7.45
C ILE D 4172 -39.61 41.30 -6.31
N PHE D 4173 -40.15 42.52 -6.30
CA PHE D 4173 -39.81 43.47 -5.24
C PHE D 4173 -40.26 42.96 -3.88
N ASP D 4174 -41.50 42.44 -3.80
CA ASP D 4174 -42.02 42.02 -2.51
C ASP D 4174 -41.44 40.71 -2.03
N VAL D 4175 -40.85 39.90 -2.91
CA VAL D 4175 -40.28 38.62 -2.50
C VAL D 4175 -38.77 38.68 -2.30
N VAL D 4176 -38.09 39.70 -2.81
CA VAL D 4176 -36.67 39.85 -2.53
C VAL D 4176 -36.40 41.00 -1.55
N ASN D 4177 -37.40 41.83 -1.25
CA ASN D 4177 -37.22 42.85 -0.22
C ASN D 4177 -37.24 42.26 1.17
N GLU D 4178 -38.36 41.62 1.54
CA GLU D 4178 -38.49 40.96 2.83
C GLU D 4178 -37.98 39.52 2.77
N GLY D 4179 -38.53 38.74 1.84
CA GLY D 4179 -38.05 37.40 1.54
C GLY D 4179 -38.57 36.27 2.41
N GLY D 4180 -37.99 36.06 3.59
CA GLY D 4180 -38.32 34.88 4.37
C GLY D 4180 -38.05 33.62 3.57
N GLU D 4181 -36.78 33.27 3.35
CA GLU D 4181 -36.40 32.45 2.21
C GLU D 4181 -36.74 30.97 2.34
N LYS D 4182 -37.98 30.68 2.69
CA LYS D 4182 -38.76 29.51 2.33
C LYS D 4182 -40.14 29.92 1.83
N GLU D 4183 -40.70 30.96 2.45
CA GLU D 4183 -41.80 31.68 1.84
C GLU D 4183 -41.38 32.30 0.52
N LYS D 4184 -40.08 32.47 0.28
CA LYS D 4184 -39.59 32.85 -1.04
C LYS D 4184 -40.07 31.86 -2.10
N MET D 4185 -39.78 30.58 -1.90
CA MET D 4185 -40.21 29.57 -2.86
C MET D 4185 -41.73 29.39 -2.84
N GLU D 4186 -42.34 29.45 -1.65
CA GLU D 4186 -43.79 29.30 -1.55
C GLU D 4186 -44.51 30.40 -2.34
N LEU D 4187 -44.10 31.65 -2.14
CA LEU D 4187 -44.70 32.78 -2.86
C LEU D 4187 -44.29 32.79 -4.32
N PHE D 4188 -43.14 32.22 -4.68
CA PHE D 4188 -42.82 32.06 -6.09
C PHE D 4188 -43.81 31.13 -6.77
N VAL D 4189 -44.13 30.01 -6.12
CA VAL D 4189 -45.12 29.08 -6.68
C VAL D 4189 -46.49 29.74 -6.74
N ASN D 4190 -46.85 30.50 -5.68
CA ASN D 4190 -48.14 31.19 -5.66
C ASN D 4190 -48.21 32.23 -6.78
N PHE D 4191 -47.12 32.98 -7.00
CA PHE D 4191 -47.07 33.94 -8.09
C PHE D 4191 -47.16 33.25 -9.43
N CYS D 4192 -46.56 32.05 -9.54
CA CYS D 4192 -46.70 31.28 -10.77
C CYS D 4192 -48.16 30.93 -11.05
N GLU D 4193 -48.88 30.48 -10.02
CA GLU D 4193 -50.29 30.14 -10.20
C GLU D 4193 -51.11 31.38 -10.57
N ASP D 4194 -50.85 32.50 -9.89
CA ASP D 4194 -51.58 33.73 -10.17
C ASP D 4194 -51.31 34.23 -11.58
N THR D 4195 -50.06 34.14 -12.03
CA THR D 4195 -49.72 34.59 -13.38
C THR D 4195 -50.30 33.65 -14.43
N ILE D 4196 -50.39 32.35 -14.14
CA ILE D 4196 -51.08 31.44 -15.04
C ILE D 4196 -52.55 31.84 -15.17
N PHE D 4197 -53.20 32.17 -14.04
CA PHE D 4197 -54.58 32.63 -14.10
C PHE D 4197 -54.70 33.92 -14.90
N GLU D 4198 -53.74 34.84 -14.75
CA GLU D 4198 -53.81 36.09 -15.48
C GLU D 4198 -53.58 35.89 -16.98
N MET D 4199 -52.69 34.98 -17.37
CA MET D 4199 -52.56 34.65 -18.79
C MET D 4199 -53.84 34.05 -19.34
N GLN D 4200 -54.49 33.17 -18.56
CA GLN D 4200 -55.76 32.62 -18.98
C GLN D 4200 -56.82 33.70 -19.13
N LEU D 4201 -56.85 34.66 -18.21
CA LEU D 4201 -57.82 35.76 -18.31
C LEU D 4201 -57.52 36.66 -19.51
N ALA D 4202 -56.24 36.97 -19.75
CA ALA D 4202 -55.87 37.81 -20.87
C ALA D 4202 -56.06 37.11 -22.20
N ALA D 4203 -56.19 35.78 -22.20
CA ALA D 4203 -56.53 35.07 -23.44
C ALA D 4203 -57.89 35.49 -23.97
N GLN D 4204 -58.78 35.97 -23.08
CA GLN D 4204 -60.10 36.47 -23.50
C GLN D 4204 -59.95 37.91 -23.99
N ILE D 4205 -59.36 38.03 -25.18
CA ILE D 4205 -59.13 39.33 -25.79
C ILE D 4205 -60.21 39.62 -26.83
N ILE D 4483 -76.15 39.64 -23.92
CA ILE D 4483 -75.86 40.39 -25.15
C ILE D 4483 -74.36 40.31 -25.46
N ALA D 4484 -74.04 39.99 -26.71
CA ALA D 4484 -72.65 39.90 -27.11
C ALA D 4484 -71.97 41.28 -27.12
N TYR D 4485 -72.73 42.34 -27.45
CA TYR D 4485 -72.14 43.68 -27.47
C TYR D 4485 -71.73 44.13 -26.08
N GLN D 4486 -72.49 43.76 -25.05
CA GLN D 4486 -72.11 44.11 -23.68
C GLN D 4486 -70.78 43.46 -23.30
N GLN D 4487 -70.62 42.18 -23.62
CA GLN D 4487 -69.36 41.49 -23.33
C GLN D 4487 -68.22 42.08 -24.14
N LYS D 4488 -68.47 42.44 -25.41
CA LYS D 4488 -67.44 43.04 -26.22
C LYS D 4488 -67.00 44.39 -25.65
N LEU D 4489 -67.96 45.21 -25.21
CA LEU D 4489 -67.62 46.50 -24.61
C LEU D 4489 -66.86 46.32 -23.31
N LEU D 4490 -67.26 45.36 -22.48
CA LEU D 4490 -66.55 45.12 -21.23
C LEU D 4490 -65.13 44.65 -21.47
N ASN D 4491 -64.93 43.76 -22.45
CA ASN D 4491 -63.58 43.32 -22.77
C ASN D 4491 -62.75 44.45 -23.36
N TYR D 4492 -63.36 45.32 -24.15
CA TYR D 4492 -62.65 46.48 -24.69
C TYR D 4492 -62.21 47.41 -23.57
N PHE D 4493 -63.09 47.65 -22.59
CA PHE D 4493 -62.72 48.50 -21.46
C PHE D 4493 -61.64 47.85 -20.61
N ALA D 4494 -61.70 46.53 -20.44
CA ALA D 4494 -60.65 45.82 -19.72
C ALA D 4494 -59.34 45.77 -20.49
N ARG D 4495 -59.38 45.97 -21.80
CA ARG D 4495 -58.15 46.01 -22.59
C ARG D 4495 -57.46 47.37 -22.45
N ASN D 4496 -58.14 48.43 -22.87
CA ASN D 4496 -57.58 49.78 -22.80
C ASN D 4496 -57.96 50.39 -21.44
N PHE D 4497 -57.03 50.29 -20.49
CA PHE D 4497 -57.23 50.81 -19.15
C PHE D 4497 -56.23 51.90 -18.80
N TYR D 4498 -54.93 51.61 -18.98
CA TYR D 4498 -53.91 52.62 -18.71
C TYR D 4498 -54.01 53.80 -19.68
N ASN D 4499 -54.45 53.54 -20.92
CA ASN D 4499 -54.70 54.63 -21.85
C ASN D 4499 -55.81 55.54 -21.34
N MET D 4500 -56.87 54.95 -20.79
CA MET D 4500 -57.94 55.74 -20.20
C MET D 4500 -57.45 56.53 -18.99
N ARG D 4501 -56.56 55.93 -18.19
CA ARG D 4501 -55.99 56.65 -17.05
C ARG D 4501 -55.17 57.85 -17.50
N MET D 4502 -54.34 57.67 -18.52
CA MET D 4502 -53.55 58.78 -19.04
C MET D 4502 -54.44 59.87 -19.65
N LEU D 4503 -55.53 59.46 -20.31
CA LEU D 4503 -56.48 60.44 -20.83
C LEU D 4503 -57.13 61.23 -19.70
N ALA D 4504 -57.49 60.55 -18.61
CA ALA D 4504 -58.05 61.25 -17.45
C ALA D 4504 -57.06 62.24 -16.87
N LEU D 4505 -55.79 61.85 -16.79
CA LEU D 4505 -54.77 62.75 -16.26
C LEU D 4505 -54.61 63.98 -17.15
N PHE D 4506 -54.58 63.78 -18.47
CA PHE D 4506 -54.43 64.92 -19.38
C PHE D 4506 -55.64 65.86 -19.31
N VAL D 4507 -56.84 65.29 -19.20
CA VAL D 4507 -58.04 66.11 -19.10
C VAL D 4507 -58.05 66.87 -17.79
N ALA D 4508 -57.57 66.25 -16.70
CA ALA D 4508 -57.43 66.96 -15.44
C ALA D 4508 -56.46 68.12 -15.55
N PHE D 4509 -55.34 67.91 -16.27
CA PHE D 4509 -54.39 68.99 -16.49
C PHE D 4509 -55.04 70.15 -17.24
N ALA D 4510 -55.79 69.85 -18.29
CA ALA D 4510 -56.43 70.91 -19.08
C ALA D 4510 -57.47 71.66 -18.25
N ILE D 4511 -58.27 70.92 -17.47
CA ILE D 4511 -59.27 71.55 -16.63
C ILE D 4511 -58.61 72.45 -15.59
N ASN D 4512 -57.49 72.00 -15.02
CA ASN D 4512 -56.80 72.82 -14.03
C ASN D 4512 -56.14 74.04 -14.65
N PHE D 4513 -55.72 73.96 -15.92
CA PHE D 4513 -55.28 75.16 -16.63
C PHE D 4513 -56.41 76.16 -16.76
N ILE D 4514 -57.58 75.69 -17.21
CA ILE D 4514 -58.75 76.55 -17.34
C ILE D 4514 -59.10 77.15 -15.98
N LEU D 4515 -58.93 76.38 -14.91
CA LEU D 4515 -59.15 76.90 -13.56
C LEU D 4515 -58.12 77.96 -13.21
N LEU D 4516 -56.88 77.78 -13.67
CA LEU D 4516 -55.84 78.77 -13.46
C LEU D 4516 -56.13 80.08 -14.18
N PHE D 4517 -57.04 80.06 -15.16
CA PHE D 4517 -57.44 81.30 -15.82
C PHE D 4517 -58.69 81.95 -15.22
N TYR D 4518 -58.92 81.81 -13.90
CA TYR D 4518 -60.07 82.41 -13.25
C TYR D 4518 -59.81 83.85 -12.79
N LYS D 4519 -60.85 84.46 -12.23
CA LYS D 4519 -60.83 85.84 -11.74
C LYS D 4519 -62.13 86.10 -10.99
N VAL D 4520 -62.05 86.87 -9.90
CA VAL D 4520 -63.22 87.32 -9.18
C VAL D 4520 -63.46 88.80 -9.46
N SER D 4521 -64.61 89.30 -9.03
CA SER D 4521 -64.96 90.70 -9.19
C SER D 4521 -65.85 91.19 -8.05
N VAL D 4556 -70.16 85.72 -8.93
CA VAL D 4556 -69.00 86.60 -8.82
C VAL D 4556 -67.80 85.98 -9.54
N HIS D 4557 -67.61 84.68 -9.35
CA HIS D 4557 -66.51 83.97 -9.98
C HIS D 4557 -66.82 83.79 -11.47
N TYR D 4558 -66.06 84.45 -12.33
CA TYR D 4558 -66.22 84.30 -13.77
C TYR D 4558 -64.84 84.14 -14.40
N VAL D 4559 -64.76 83.28 -15.41
CA VAL D 4559 -63.49 82.99 -16.07
C VAL D 4559 -63.11 84.18 -16.96
N LEU D 4560 -62.00 84.82 -16.64
CA LEU D 4560 -61.45 85.85 -17.52
C LEU D 4560 -60.91 85.20 -18.79
N GLU D 4561 -61.42 85.63 -19.93
CA GLU D 4561 -61.03 85.08 -21.22
C GLU D 4561 -60.48 86.20 -22.09
N GLU D 4562 -59.36 85.93 -22.76
CA GLU D 4562 -58.69 86.92 -23.61
C GLU D 4562 -59.41 87.00 -24.95
N SER D 4563 -60.61 87.61 -24.91
CA SER D 4563 -61.45 87.83 -26.08
C SER D 4563 -61.75 86.52 -26.81
N SER D 4564 -62.08 85.47 -26.05
CA SER D 4564 -62.41 84.18 -26.63
C SER D 4564 -63.44 83.51 -25.71
N GLY D 4565 -64.69 83.47 -26.14
CA GLY D 4565 -65.76 82.89 -25.35
C GLY D 4565 -65.82 81.39 -25.34
N TYR D 4566 -64.83 80.72 -25.95
CA TYR D 4566 -64.81 79.26 -25.98
C TYR D 4566 -64.42 78.64 -24.66
N MET D 4567 -63.95 79.43 -23.69
CA MET D 4567 -63.37 78.87 -22.46
C MET D 4567 -64.41 78.13 -21.63
N GLU D 4568 -65.57 78.75 -21.39
CA GLU D 4568 -66.59 78.10 -20.58
C GLU D 4568 -67.17 76.85 -21.23
N PRO D 4569 -67.55 76.84 -22.53
CA PRO D 4569 -67.98 75.57 -23.13
C PRO D 4569 -66.89 74.51 -23.12
N THR D 4570 -65.63 74.92 -23.29
CA THR D 4570 -64.53 73.96 -23.19
C THR D 4570 -64.46 73.35 -21.80
N LEU D 4571 -64.61 74.17 -20.77
CA LEU D 4571 -64.61 73.65 -19.40
C LEU D 4571 -65.77 72.69 -19.17
N ARG D 4572 -66.96 73.04 -19.68
CA ARG D 4572 -68.12 72.17 -19.49
C ARG D 4572 -67.93 70.81 -20.16
N ILE D 4573 -67.52 70.82 -21.44
CA ILE D 4573 -67.34 69.56 -22.15
C ILE D 4573 -66.17 68.77 -21.56
N LEU D 4574 -65.14 69.45 -21.06
CA LEU D 4574 -64.03 68.74 -20.45
C LEU D 4574 -64.44 68.08 -19.15
N ALA D 4575 -65.26 68.75 -18.34
CA ALA D 4575 -65.77 68.14 -17.12
C ALA D 4575 -66.63 66.92 -17.42
N ILE D 4576 -67.52 67.04 -18.41
CA ILE D 4576 -68.40 65.91 -18.76
C ILE D 4576 -67.57 64.73 -19.27
N LEU D 4577 -66.62 65.01 -20.17
CA LEU D 4577 -65.81 63.95 -20.73
C LEU D 4577 -64.88 63.35 -19.68
N HIS D 4578 -64.42 64.14 -18.71
CA HIS D 4578 -63.62 63.59 -17.62
C HIS D 4578 -64.43 62.64 -16.75
N THR D 4579 -65.68 63.01 -16.44
CA THR D 4579 -66.52 62.11 -15.67
C THR D 4579 -66.76 60.80 -16.44
N ILE D 4580 -67.01 60.91 -17.74
CA ILE D 4580 -67.22 59.71 -18.56
C ILE D 4580 -65.96 58.85 -18.59
N ILE D 4581 -64.79 59.47 -18.74
CA ILE D 4581 -63.55 58.72 -18.81
C ILE D 4581 -63.24 58.05 -17.48
N SER D 4582 -63.53 58.72 -16.38
CA SER D 4582 -63.30 58.12 -15.07
C SER D 4582 -64.24 56.95 -14.83
N PHE D 4583 -65.49 57.06 -15.29
CA PHE D 4583 -66.41 55.93 -15.21
C PHE D 4583 -65.91 54.75 -16.04
N PHE D 4584 -65.38 55.04 -17.23
CA PHE D 4584 -64.79 53.98 -18.04
C PHE D 4584 -63.60 53.36 -17.33
N CYS D 4585 -62.82 54.18 -16.63
CA CYS D 4585 -61.67 53.67 -15.88
C CYS D 4585 -62.10 52.71 -14.77
N ILE D 4586 -63.12 53.09 -14.00
CA ILE D 4586 -63.52 52.23 -12.89
C ILE D 4586 -64.16 50.94 -13.41
N ILE D 4587 -64.93 51.02 -14.51
CA ILE D 4587 -65.50 49.81 -15.09
C ILE D 4587 -64.39 48.89 -15.61
N GLY D 4588 -63.39 49.47 -16.28
CA GLY D 4588 -62.29 48.67 -16.78
C GLY D 4588 -61.48 48.02 -15.68
N TYR D 4589 -61.27 48.73 -14.58
CA TYR D 4589 -60.55 48.13 -13.46
C TYR D 4589 -61.36 47.01 -12.82
N TYR D 4590 -62.69 47.20 -12.69
CA TYR D 4590 -63.51 46.14 -12.13
C TYR D 4590 -63.50 44.90 -13.01
N CYS D 4591 -63.44 45.09 -14.33
CA CYS D 4591 -63.38 43.95 -15.23
C CYS D 4591 -61.99 43.32 -15.26
N LEU D 4592 -60.93 44.10 -15.06
CA LEU D 4592 -59.57 43.60 -15.28
C LEU D 4592 -59.02 42.82 -14.09
N LYS D 4593 -58.82 43.51 -12.96
CA LYS D 4593 -57.98 42.99 -11.88
C LYS D 4593 -58.75 42.51 -10.67
N VAL D 4594 -60.06 42.74 -10.60
CA VAL D 4594 -60.87 42.15 -9.54
C VAL D 4594 -60.81 40.62 -9.57
N PRO D 4595 -60.86 39.95 -10.73
CA PRO D 4595 -60.68 38.49 -10.73
C PRO D 4595 -59.37 38.03 -10.10
N LEU D 4596 -58.29 38.81 -10.19
CA LEU D 4596 -57.05 38.42 -9.53
C LEU D 4596 -57.23 38.36 -8.02
N VAL D 4597 -57.85 39.39 -7.44
CA VAL D 4597 -58.07 39.42 -5.99
C VAL D 4597 -59.01 38.29 -5.58
N ILE D 4598 -60.06 38.07 -6.36
CA ILE D 4598 -61.02 37.02 -6.05
C ILE D 4598 -60.33 35.65 -6.07
N PHE D 4599 -59.51 35.41 -7.10
CA PHE D 4599 -58.80 34.15 -7.23
C PHE D 4599 -57.80 33.95 -6.11
N LYS D 4600 -57.07 35.01 -5.73
CA LYS D 4600 -56.10 34.91 -4.65
C LYS D 4600 -56.78 34.56 -3.34
N ARG D 4601 -57.88 35.25 -3.02
CA ARG D 4601 -58.57 34.97 -1.77
C ARG D 4601 -59.19 33.58 -1.77
N GLU D 4602 -59.79 33.16 -2.90
CA GLU D 4602 -60.37 31.83 -2.98
C GLU D 4602 -59.31 30.75 -2.82
N LYS D 4603 -58.15 30.94 -3.47
CA LYS D 4603 -57.05 29.99 -3.33
C LYS D 4603 -56.58 29.90 -1.89
N GLU D 4604 -56.42 31.06 -1.23
CA GLU D 4604 -55.95 31.06 0.14
C GLU D 4604 -56.93 30.35 1.07
N VAL D 4605 -58.21 30.68 0.97
CA VAL D 4605 -59.18 30.09 1.88
C VAL D 4605 -59.36 28.60 1.60
N ALA D 4606 -59.33 28.21 0.32
CA ALA D 4606 -59.49 26.79 -0.01
C ALA D 4606 -58.30 25.98 0.46
N ARG D 4607 -57.08 26.48 0.24
CA ARG D 4607 -55.90 25.75 0.69
C ARG D 4607 -55.83 25.67 2.20
N LYS D 4608 -56.22 26.75 2.89
CA LYS D 4608 -56.27 26.72 4.35
C LYS D 4608 -57.28 25.69 4.85
N LEU D 4609 -58.50 25.72 4.32
CA LEU D 4609 -59.54 24.79 4.74
C LEU D 4609 -59.18 23.35 4.43
N GLU D 4610 -58.46 23.12 3.34
CA GLU D 4610 -58.06 21.75 2.99
C GLU D 4610 -56.93 21.27 3.88
N PHE D 4611 -55.78 21.96 3.82
CA PHE D 4611 -54.58 21.44 4.49
C PHE D 4611 -54.68 21.56 5.99
N ASP D 4612 -55.09 22.72 6.50
CA ASP D 4612 -55.19 22.93 7.94
C ASP D 4612 -56.64 22.82 8.42
N GLY D 4613 -57.51 23.67 7.90
CA GLY D 4613 -58.91 23.64 8.29
C GLY D 4613 -59.18 24.60 9.43
N LEU D 4614 -59.81 25.74 9.13
CA LEU D 4614 -60.07 26.76 10.14
C LEU D 4614 -61.50 26.69 10.68
N TYR D 4615 -62.49 26.78 9.79
CA TYR D 4615 -63.88 26.84 10.24
C TYR D 4615 -64.41 25.50 10.72
N ILE D 4616 -63.65 24.43 10.57
CA ILE D 4616 -64.09 23.09 10.94
C ILE D 4616 -63.46 22.64 12.27
N THR D 4617 -62.19 22.97 12.50
CA THR D 4617 -61.51 22.48 13.70
C THR D 4617 -60.57 23.50 14.33
N GLU D 4618 -60.61 24.77 13.93
CA GLU D 4618 -59.68 25.72 14.51
C GLU D 4618 -60.35 26.95 15.09
N GLN D 4619 -61.45 27.43 14.48
CA GLN D 4619 -62.20 28.59 14.94
C GLN D 4619 -61.30 29.80 15.10
N PRO D 4620 -61.00 30.51 14.00
CA PRO D 4620 -59.93 31.53 14.00
C PRO D 4620 -60.06 32.60 15.08
N SER D 4621 -58.99 33.39 15.21
CA SER D 4621 -58.75 34.22 16.37
C SER D 4621 -59.79 35.35 16.49
N GLU D 4622 -59.65 36.13 17.55
CA GLU D 4622 -60.66 37.13 17.89
C GLU D 4622 -60.76 38.22 16.83
N ASP D 4623 -59.62 38.78 16.41
CA ASP D 4623 -59.67 39.87 15.44
C ASP D 4623 -59.95 39.32 14.04
N ASP D 4624 -58.95 38.64 13.46
CA ASP D 4624 -59.05 37.77 12.28
C ASP D 4624 -60.10 38.22 11.26
N ILE D 4625 -60.08 39.49 10.89
CA ILE D 4625 -61.18 40.07 10.10
C ILE D 4625 -61.31 39.37 8.76
N LYS D 4626 -60.18 38.99 8.15
CA LYS D 4626 -60.21 38.32 6.86
C LYS D 4626 -60.91 36.97 6.97
N GLY D 4627 -60.57 36.19 8.00
CA GLY D 4627 -61.22 34.91 8.19
C GLY D 4627 -62.69 35.05 8.56
N GLN D 4628 -63.01 36.04 9.39
CA GLN D 4628 -64.41 36.26 9.77
C GLN D 4628 -65.25 36.62 8.57
N TRP D 4629 -64.71 37.43 7.65
CA TRP D 4629 -65.46 37.75 6.45
C TRP D 4629 -65.53 36.57 5.49
N ASP D 4630 -64.44 35.80 5.39
CA ASP D 4630 -64.42 34.65 4.49
C ASP D 4630 -65.28 33.49 5.00
N ARG D 4631 -65.69 33.53 6.28
CA ARG D 4631 -66.61 32.51 6.79
C ARG D 4631 -67.92 32.49 6.01
N LEU D 4632 -68.32 33.63 5.43
CA LEU D 4632 -69.58 33.71 4.72
C LEU D 4632 -69.55 33.05 3.35
N VAL D 4633 -68.38 32.65 2.86
CA VAL D 4633 -68.29 32.13 1.49
C VAL D 4633 -68.24 30.60 1.43
N ILE D 4634 -67.95 29.93 2.54
CA ILE D 4634 -67.88 28.47 2.51
C ILE D 4634 -69.26 27.85 2.29
N ASN D 4635 -70.30 28.48 2.80
CA ASN D 4635 -71.66 27.96 2.66
C ASN D 4635 -72.36 28.63 1.46
N THR D 4636 -71.74 28.47 0.30
CA THR D 4636 -72.25 29.04 -0.94
C THR D 4636 -72.24 27.98 -2.03
N GLN D 4637 -73.09 28.19 -3.03
CA GLN D 4637 -73.22 27.24 -4.14
C GLN D 4637 -72.18 27.46 -5.24
N SER D 4638 -71.43 28.54 -5.19
CA SER D 4638 -70.41 28.84 -6.21
C SER D 4638 -69.14 29.35 -5.54
N PHE D 4639 -68.72 28.68 -4.46
CA PHE D 4639 -67.53 29.12 -3.73
C PHE D 4639 -66.26 29.05 -4.58
N PRO D 4640 -65.92 27.93 -5.26
CA PRO D 4640 -64.69 27.97 -6.07
C PRO D 4640 -64.99 28.43 -7.50
N ASN D 4641 -65.36 29.71 -7.63
CA ASN D 4641 -65.73 30.23 -8.94
C ASN D 4641 -64.51 30.47 -9.82
N ASN D 4642 -63.34 30.73 -9.23
CA ASN D 4642 -62.14 31.07 -10.00
C ASN D 4642 -60.94 30.18 -9.71
N TYR D 4643 -60.99 29.32 -8.69
CA TYR D 4643 -59.85 28.51 -8.31
C TYR D 4643 -59.62 27.32 -9.23
N TRP D 4644 -60.51 27.08 -10.20
CA TRP D 4644 -60.45 25.98 -11.18
C TRP D 4644 -60.26 24.61 -10.50
N ASP D 4645 -60.62 24.49 -9.24
CA ASP D 4645 -60.42 23.27 -8.46
C ASP D 4645 -61.69 22.94 -7.69
N LYS D 4646 -62.82 22.89 -8.40
CA LYS D 4646 -64.12 22.73 -7.75
C LYS D 4646 -64.35 21.30 -7.29
N PHE D 4647 -63.39 20.74 -6.55
CA PHE D 4647 -63.54 19.42 -5.94
C PHE D 4647 -62.88 19.34 -4.57
N VAL D 4648 -62.36 20.45 -4.04
CA VAL D 4648 -61.79 20.45 -2.70
C VAL D 4648 -62.86 20.17 -1.65
N LYS D 4649 -64.12 20.48 -1.96
CA LYS D 4649 -65.21 20.15 -1.06
C LYS D 4649 -65.27 18.65 -0.80
N ARG D 4650 -65.01 17.83 -1.83
CA ARG D 4650 -65.08 16.39 -1.68
C ARG D 4650 -63.98 15.87 -0.75
N LYS D 4651 -62.74 16.33 -0.95
CA LYS D 4651 -61.65 15.88 -0.08
C LYS D 4651 -61.87 16.33 1.35
N VAL D 4652 -62.27 17.59 1.54
CA VAL D 4652 -62.52 18.11 2.88
C VAL D 4652 -63.64 17.33 3.55
N MET D 4653 -64.74 17.09 2.81
CA MET D 4653 -65.86 16.37 3.39
C MET D 4653 -65.45 14.96 3.77
N ASP D 4654 -64.68 14.29 2.90
CA ASP D 4654 -64.19 12.96 3.17
C ASP D 4654 -63.43 12.91 4.49
N LYS D 4655 -62.31 13.63 4.58
CA LYS D 4655 -61.44 13.47 5.75
C LYS D 4655 -62.11 14.02 7.01
N TYR D 4656 -62.70 15.21 6.93
CA TYR D 4656 -63.23 15.83 8.14
C TYR D 4656 -64.60 15.30 8.54
N GLY D 4657 -65.27 14.52 7.68
CA GLY D 4657 -66.49 13.86 8.09
C GLY D 4657 -66.20 12.47 8.60
N GLU D 4658 -65.09 11.88 8.12
CA GLU D 4658 -64.64 10.65 8.74
C GLU D 4658 -64.03 10.89 10.11
N PHE D 4659 -63.53 12.10 10.38
CA PHE D 4659 -63.07 12.35 11.74
C PHE D 4659 -64.16 13.02 12.58
N TYR D 4660 -64.61 14.23 12.20
CA TYR D 4660 -65.51 15.03 13.02
C TYR D 4660 -66.98 14.84 12.66
N GLY D 4661 -67.32 13.74 11.99
CA GLY D 4661 -68.71 13.50 11.65
C GLY D 4661 -69.15 14.18 10.36
N ARG D 4662 -70.02 13.52 9.60
CA ARG D 4662 -70.43 14.03 8.30
C ARG D 4662 -71.42 15.18 8.42
N ASP D 4663 -72.23 15.19 9.48
CA ASP D 4663 -73.32 16.17 9.58
C ASP D 4663 -72.78 17.60 9.69
N ARG D 4664 -71.77 17.82 10.52
CA ARG D 4664 -71.22 19.16 10.69
C ARG D 4664 -70.58 19.66 9.41
N ILE D 4665 -69.88 18.77 8.69
CA ILE D 4665 -69.29 19.14 7.41
C ILE D 4665 -70.38 19.49 6.40
N SER D 4666 -71.46 18.70 6.38
CA SER D 4666 -72.54 18.95 5.43
C SER D 4666 -73.24 20.28 5.70
N GLU D 4667 -73.47 20.60 6.97
CA GLU D 4667 -74.12 21.87 7.29
C GLU D 4667 -73.18 23.04 7.05
N LEU D 4668 -71.90 22.91 7.41
CA LEU D 4668 -70.96 24.00 7.24
C LEU D 4668 -70.69 24.27 5.76
N LEU D 4669 -70.36 23.23 5.00
CA LEU D 4669 -70.03 23.40 3.59
C LEU D 4669 -71.26 23.59 2.72
N GLY D 4670 -72.40 23.01 3.10
CA GLY D 4670 -73.64 23.21 2.39
C GLY D 4670 -73.68 22.71 0.97
N MET D 4671 -73.21 21.48 0.75
CA MET D 4671 -73.24 20.90 -0.60
C MET D 4671 -74.63 20.40 -0.99
N ASP D 4672 -75.37 19.80 -0.07
CA ASP D 4672 -76.74 19.36 -0.34
C ASP D 4672 -77.51 19.12 0.96
N SER D 4694 -83.50 35.51 -22.02
CA SER D 4694 -84.15 36.48 -21.14
C SER D 4694 -83.29 36.78 -19.92
N ALA D 4695 -82.44 35.81 -19.57
CA ALA D 4695 -81.53 35.91 -18.41
C ALA D 4695 -82.32 36.20 -17.13
N VAL D 4696 -83.18 35.25 -16.78
CA VAL D 4696 -84.03 35.39 -15.59
C VAL D 4696 -83.18 35.28 -14.33
N LEU D 4697 -83.75 35.68 -13.20
CA LEU D 4697 -83.02 35.70 -11.94
C LEU D 4697 -82.92 34.29 -11.39
N ASN D 4698 -81.71 33.73 -11.43
CA ASN D 4698 -81.41 32.44 -10.80
C ASN D 4698 -80.85 32.59 -9.40
N SER D 4699 -81.21 33.69 -8.71
CA SER D 4699 -80.77 34.08 -7.37
C SER D 4699 -79.32 34.53 -7.36
N ILE D 4700 -78.62 34.34 -8.47
CA ILE D 4700 -77.28 34.87 -8.76
C ILE D 4700 -76.30 34.68 -7.61
N ASP D 4701 -76.58 33.72 -6.72
CA ASP D 4701 -75.75 33.45 -5.54
C ASP D 4701 -75.54 34.73 -4.72
N VAL D 4702 -76.64 35.21 -4.14
CA VAL D 4702 -76.67 36.51 -3.47
C VAL D 4702 -75.63 36.57 -2.35
N LYS D 4703 -75.48 35.48 -1.59
CA LYS D 4703 -74.46 35.44 -0.55
C LYS D 4703 -73.06 35.58 -1.14
N TYR D 4704 -72.79 34.88 -2.25
CA TYR D 4704 -71.49 34.99 -2.90
C TYR D 4704 -71.28 36.39 -3.46
N GLN D 4705 -72.33 37.01 -4.01
CA GLN D 4705 -72.20 38.37 -4.51
C GLN D 4705 -71.91 39.36 -3.40
N MET D 4706 -72.55 39.17 -2.23
CA MET D 4706 -72.27 40.04 -1.10
C MET D 4706 -70.85 39.87 -0.61
N TRP D 4707 -70.36 38.63 -0.55
CA TRP D 4707 -68.97 38.40 -0.18
C TRP D 4707 -68.01 39.03 -1.18
N LYS D 4708 -68.32 38.92 -2.47
CA LYS D 4708 -67.49 39.54 -3.51
C LYS D 4708 -67.48 41.06 -3.37
N LEU D 4709 -68.63 41.67 -3.11
CA LEU D 4709 -68.67 43.11 -2.93
C LEU D 4709 -67.92 43.55 -1.69
N GLY D 4710 -68.00 42.75 -0.62
CA GLY D 4710 -67.26 43.06 0.59
C GLY D 4710 -65.75 43.00 0.39
N VAL D 4711 -65.28 42.00 -0.36
CA VAL D 4711 -63.84 41.94 -0.60
C VAL D 4711 -63.42 42.97 -1.66
N VAL D 4712 -64.34 43.40 -2.52
CA VAL D 4712 -64.01 44.44 -3.50
C VAL D 4712 -63.85 45.78 -2.80
N PHE D 4713 -64.76 46.12 -1.88
CA PHE D 4713 -64.64 47.38 -1.16
C PHE D 4713 -63.67 47.26 0.00
N THR D 4714 -62.52 46.63 -0.24
CA THR D 4714 -61.39 46.65 0.70
C THR D 4714 -60.06 46.83 0.01
N ASP D 4715 -59.93 46.52 -1.27
CA ASP D 4715 -58.68 46.70 -1.99
C ASP D 4715 -58.35 48.18 -2.12
N ASN D 4716 -57.05 48.50 -1.99
CA ASN D 4716 -56.63 49.89 -1.97
C ASN D 4716 -56.90 50.59 -3.30
N SER D 4717 -56.61 49.92 -4.41
CA SER D 4717 -56.79 50.54 -5.73
C SER D 4717 -58.26 50.83 -6.00
N PHE D 4718 -59.16 49.94 -5.61
CA PHE D 4718 -60.58 50.18 -5.82
C PHE D 4718 -61.08 51.34 -4.97
N LEU D 4719 -60.59 51.45 -3.73
CA LEU D 4719 -60.96 52.59 -2.90
C LEU D 4719 -60.43 53.90 -3.49
N TYR D 4720 -59.21 53.87 -4.04
CA TYR D 4720 -58.68 55.05 -4.69
C TYR D 4720 -59.51 55.45 -5.90
N LEU D 4721 -59.94 54.48 -6.70
CA LEU D 4721 -60.78 54.79 -7.85
C LEU D 4721 -62.17 55.24 -7.44
N ALA D 4722 -62.69 54.73 -6.33
CA ALA D 4722 -63.96 55.23 -5.80
C ALA D 4722 -63.83 56.68 -5.35
N TRP D 4723 -62.71 57.02 -4.72
CA TRP D 4723 -62.46 58.42 -4.36
C TRP D 4723 -62.35 59.29 -5.60
N TYR D 4724 -61.71 58.76 -6.65
CA TYR D 4724 -61.65 59.48 -7.92
C TYR D 4724 -63.05 59.74 -8.49
N MET D 4725 -63.92 58.71 -8.44
CA MET D 4725 -65.31 58.88 -8.84
C MET D 4725 -66.01 59.96 -8.03
N THR D 4726 -65.83 59.93 -6.71
CA THR D 4726 -66.49 60.89 -5.83
C THR D 4726 -66.05 62.31 -6.14
N MET D 4727 -64.75 62.52 -6.30
CA MET D 4727 -64.24 63.85 -6.60
C MET D 4727 -64.68 64.33 -7.99
N SER D 4728 -64.70 63.44 -8.98
CA SER D 4728 -65.14 63.83 -10.31
C SER D 4728 -66.62 64.19 -10.32
N VAL D 4729 -67.43 63.47 -9.53
CA VAL D 4729 -68.85 63.80 -9.44
C VAL D 4729 -69.04 65.14 -8.73
N LEU D 4730 -68.30 65.36 -7.63
CA LEU D 4730 -68.41 66.63 -6.91
C LEU D 4730 -67.87 67.81 -7.71
N GLY D 4731 -67.03 67.55 -8.71
CA GLY D 4731 -66.52 68.64 -9.52
C GLY D 4731 -67.60 69.37 -10.31
N HIS D 4732 -68.71 68.70 -10.59
CA HIS D 4732 -69.80 69.36 -11.30
C HIS D 4732 -70.58 70.30 -10.41
N TYR D 4733 -70.62 70.04 -9.10
CA TYR D 4733 -71.26 70.96 -8.17
C TYR D 4733 -70.51 72.29 -8.11
N ASN D 4734 -69.25 72.24 -7.69
CA ASN D 4734 -68.35 73.38 -7.74
C ASN D 4734 -67.16 72.99 -8.62
N ASN D 4735 -66.89 73.79 -9.64
CA ASN D 4735 -65.85 73.43 -10.60
C ASN D 4735 -64.46 73.80 -10.07
N PHE D 4736 -64.18 73.38 -8.84
CA PHE D 4736 -62.84 73.50 -8.27
C PHE D 4736 -62.33 72.19 -7.70
N PHE D 4737 -63.20 71.20 -7.51
CA PHE D 4737 -62.80 69.90 -6.96
C PHE D 4737 -61.95 69.10 -7.94
N PHE D 4738 -61.86 69.54 -9.20
CA PHE D 4738 -60.96 68.90 -10.16
C PHE D 4738 -59.48 69.18 -9.84
N ALA D 4739 -59.20 70.09 -8.90
CA ALA D 4739 -57.83 70.30 -8.47
C ALA D 4739 -57.29 69.09 -7.72
N ALA D 4740 -58.14 68.35 -7.02
CA ALA D 4740 -57.71 67.17 -6.28
C ALA D 4740 -57.28 66.04 -7.20
N HIS D 4741 -57.70 66.05 -8.47
CA HIS D 4741 -57.28 65.03 -9.41
C HIS D 4741 -55.84 65.18 -9.85
N LEU D 4742 -55.20 66.32 -9.55
CA LEU D 4742 -53.79 66.50 -9.87
C LEU D 4742 -52.90 65.56 -9.07
N LEU D 4743 -53.37 65.10 -7.90
CA LEU D 4743 -52.58 64.18 -7.08
C LEU D 4743 -52.45 62.80 -7.69
N ASP D 4744 -53.19 62.52 -8.78
CA ASP D 4744 -53.00 61.27 -9.50
C ASP D 4744 -51.61 61.15 -10.12
N ILE D 4745 -50.92 62.27 -10.32
CA ILE D 4745 -49.54 62.24 -10.79
C ILE D 4745 -48.62 61.59 -9.77
N ALA D 4746 -49.02 61.58 -8.49
CA ALA D 4746 -48.23 60.95 -7.44
C ALA D 4746 -48.37 59.44 -7.42
N MET D 4747 -49.39 58.89 -8.06
CA MET D 4747 -49.54 57.45 -8.22
C MET D 4747 -48.98 56.97 -9.55
N GLY D 4748 -48.23 57.80 -10.25
CA GLY D 4748 -47.64 57.50 -11.53
C GLY D 4748 -46.17 57.18 -11.36
N PHE D 4749 -45.30 58.17 -11.53
CA PHE D 4749 -43.86 57.97 -11.40
C PHE D 4749 -43.50 57.42 -10.03
N LYS D 4750 -42.48 56.56 -9.99
CA LYS D 4750 -42.17 55.81 -8.78
C LYS D 4750 -41.66 56.72 -7.66
N THR D 4751 -40.83 57.71 -8.00
CA THR D 4751 -40.23 58.53 -6.96
C THR D 4751 -41.27 59.37 -6.22
N LEU D 4752 -42.37 59.73 -6.90
CA LEU D 4752 -43.47 60.40 -6.20
C LEU D 4752 -44.10 59.48 -5.18
N ARG D 4753 -44.29 58.21 -5.54
CA ARG D 4753 -44.85 57.24 -4.60
C ARG D 4753 -43.91 57.01 -3.43
N THR D 4754 -42.60 56.99 -3.67
CA THR D 4754 -41.65 56.86 -2.56
C THR D 4754 -41.70 58.08 -1.65
N ILE D 4755 -41.80 59.28 -2.23
CA ILE D 4755 -41.90 60.49 -1.42
C ILE D 4755 -43.16 60.47 -0.56
N LEU D 4756 -44.29 60.05 -1.14
CA LEU D 4756 -45.54 60.01 -0.38
C LEU D 4756 -45.48 58.92 0.69
N SER D 4757 -44.90 57.77 0.40
CA SER D 4757 -44.82 56.69 1.37
C SER D 4757 -43.78 56.97 2.44
N SER D 4758 -42.87 57.91 2.21
CA SER D 4758 -41.88 58.26 3.23
C SER D 4758 -42.52 58.86 4.46
N VAL D 4759 -43.66 59.56 4.30
CA VAL D 4759 -44.32 60.17 5.45
C VAL D 4759 -44.84 59.10 6.40
N THR D 4760 -45.45 58.05 5.86
CA THR D 4760 -46.04 56.98 6.67
C THR D 4760 -45.09 55.84 6.96
N HIS D 4761 -43.89 55.83 6.34
CA HIS D 4761 -42.94 54.75 6.61
C HIS D 4761 -42.50 54.75 8.06
N ASN D 4762 -42.25 55.94 8.63
CA ASN D 4762 -41.95 56.10 10.05
C ASN D 4762 -43.15 56.84 10.65
N GLY D 4763 -44.17 56.08 11.03
CA GLY D 4763 -45.42 56.68 11.48
C GLY D 4763 -45.52 56.86 12.97
N LYS D 4764 -45.23 55.80 13.73
CA LYS D 4764 -45.35 55.86 15.18
C LYS D 4764 -44.33 56.84 15.78
N GLN D 4765 -43.09 56.78 15.28
CA GLN D 4765 -42.05 57.66 15.81
C GLN D 4765 -42.36 59.12 15.53
N LEU D 4766 -42.89 59.42 14.32
CA LEU D 4766 -43.23 60.80 13.98
C LEU D 4766 -44.35 61.33 14.86
N VAL D 4767 -45.39 60.52 15.07
CA VAL D 4767 -46.50 60.95 15.92
C VAL D 4767 -46.03 61.18 17.35
N LEU D 4768 -45.19 60.28 17.87
CA LEU D 4768 -44.70 60.42 19.23
C LEU D 4768 -43.78 61.64 19.37
N THR D 4769 -42.99 61.94 18.35
CA THR D 4769 -42.15 63.13 18.40
C THR D 4769 -42.99 64.41 18.36
N VAL D 4770 -44.06 64.40 17.56
CA VAL D 4770 -44.96 65.55 17.55
C VAL D 4770 -45.63 65.71 18.91
N GLY D 4771 -45.98 64.60 19.56
CA GLY D 4771 -46.53 64.68 20.90
C GLY D 4771 -45.55 65.24 21.92
N LEU D 4772 -44.28 64.85 21.81
CA LEU D 4772 -43.25 65.40 22.69
C LEU D 4772 -43.10 66.91 22.47
N LEU D 4773 -43.13 67.33 21.20
CA LEU D 4773 -43.11 68.76 20.90
C LEU D 4773 -44.29 69.47 21.55
N ALA D 4774 -45.48 68.86 21.47
CA ALA D 4774 -46.66 69.47 22.06
C ALA D 4774 -46.51 69.62 23.57
N VAL D 4775 -46.00 68.59 24.24
CA VAL D 4775 -45.93 68.65 25.70
C VAL D 4775 -44.85 69.63 26.16
N VAL D 4776 -43.73 69.72 25.44
CA VAL D 4776 -42.69 70.68 25.85
C VAL D 4776 -43.15 72.10 25.59
N VAL D 4777 -43.88 72.33 24.49
CA VAL D 4777 -44.43 73.66 24.24
C VAL D 4777 -45.47 73.99 25.31
N TYR D 4778 -46.22 72.99 25.77
CA TYR D 4778 -47.17 73.23 26.86
C TYR D 4778 -46.47 73.60 28.16
N LEU D 4779 -45.35 72.95 28.46
CA LEU D 4779 -44.60 73.31 29.66
C LEU D 4779 -44.08 74.75 29.58
N TYR D 4780 -43.55 75.13 28.41
CA TYR D 4780 -43.12 76.52 28.23
C TYR D 4780 -44.30 77.48 28.34
N THR D 4781 -45.47 77.07 27.86
CA THR D 4781 -46.67 77.89 27.98
C THR D 4781 -47.06 78.08 29.44
N VAL D 4782 -46.97 77.02 30.24
CA VAL D 4782 -47.29 77.13 31.66
C VAL D 4782 -46.34 78.09 32.35
N VAL D 4783 -45.04 77.98 32.05
CA VAL D 4783 -44.07 78.87 32.67
C VAL D 4783 -44.32 80.32 32.29
N ALA D 4784 -44.58 80.57 30.99
CA ALA D 4784 -44.83 81.94 30.54
C ALA D 4784 -46.12 82.49 31.13
N PHE D 4785 -47.15 81.66 31.22
CA PHE D 4785 -48.42 82.06 31.84
C PHE D 4785 -48.21 82.46 33.29
N ASN D 4786 -47.44 81.68 34.03
CA ASN D 4786 -47.25 81.98 35.44
C ASN D 4786 -46.41 83.24 35.64
N PHE D 4787 -45.28 83.34 34.95
CA PHE D 4787 -44.29 84.37 35.27
C PHE D 4787 -44.34 85.57 34.33
N PHE D 4788 -44.10 85.36 33.03
CA PHE D 4788 -43.95 86.45 32.08
C PHE D 4788 -45.24 86.62 31.29
N ARG D 4789 -46.15 87.44 31.83
CA ARG D 4789 -47.39 87.75 31.14
C ARG D 4789 -47.45 89.17 30.61
N LYS D 4790 -46.73 90.11 31.24
CA LYS D 4790 -46.71 91.48 30.76
C LYS D 4790 -45.94 91.64 29.45
N PHE D 4791 -45.09 90.67 29.10
CA PHE D 4791 -44.28 90.77 27.90
C PHE D 4791 -45.05 90.43 26.62
N TYR D 4792 -46.17 89.73 26.72
CA TYR D 4792 -46.92 89.27 25.55
C TYR D 4792 -47.90 90.33 25.06
N ASN D 4793 -47.42 91.55 24.86
CA ASN D 4793 -48.27 92.64 24.40
C ASN D 4793 -48.14 92.81 22.88
N LYS D 4794 -48.77 91.88 22.16
CA LYS D 4794 -48.75 91.89 20.70
C LYS D 4794 -49.78 92.92 20.20
N SER D 4795 -49.44 94.19 20.40
CA SER D 4795 -50.29 95.31 20.03
C SER D 4795 -49.63 96.09 18.89
N GLU D 4796 -50.47 96.77 18.11
CA GLU D 4796 -50.00 97.52 16.95
C GLU D 4796 -49.37 98.83 17.43
N ASP D 4797 -48.07 98.76 17.71
CA ASP D 4797 -47.27 99.94 18.08
C ASP D 4797 -47.78 100.63 19.33
N GLY D 4798 -47.99 99.83 20.39
CA GLY D 4798 -48.22 100.38 21.71
C GLY D 4798 -49.63 100.82 22.02
N ASP D 4799 -49.86 102.14 22.02
CA ASP D 4799 -51.08 102.72 22.57
C ASP D 4799 -52.29 102.48 21.67
N THR D 4800 -52.77 101.23 21.65
CA THR D 4800 -54.01 100.83 20.98
C THR D 4800 -54.81 99.99 21.97
N PRO D 4801 -56.06 99.61 21.65
CA PRO D 4801 -56.72 98.55 22.45
C PRO D 4801 -55.83 97.32 22.57
N ASP D 4802 -55.43 97.01 23.80
CA ASP D 4802 -54.40 96.00 24.03
C ASP D 4802 -54.90 94.61 23.64
N MET D 4803 -54.13 93.92 22.80
CA MET D 4803 -54.41 92.55 22.41
C MET D 4803 -53.32 91.69 23.05
N LYS D 4804 -53.64 91.12 24.21
CA LYS D 4804 -52.69 90.34 24.98
C LYS D 4804 -53.02 88.85 24.86
N CYS D 4805 -52.24 88.05 25.57
CA CYS D 4805 -52.44 86.60 25.67
C CYS D 4805 -52.58 86.28 27.15
N ASP D 4806 -53.82 86.35 27.66
CA ASP D 4806 -54.06 86.21 29.09
C ASP D 4806 -54.43 84.78 29.47
N ASP D 4807 -55.44 84.19 28.84
CA ASP D 4807 -55.90 82.86 29.21
C ASP D 4807 -54.96 81.79 28.67
N MET D 4808 -55.16 80.56 29.16
CA MET D 4808 -54.29 79.44 28.79
C MET D 4808 -54.34 79.14 27.31
N LEU D 4809 -55.55 79.07 26.73
CA LEU D 4809 -55.70 78.59 25.37
C LEU D 4809 -55.07 79.55 24.36
N THR D 4810 -55.22 80.86 24.59
CA THR D 4810 -54.62 81.84 23.69
C THR D 4810 -53.10 81.75 23.73
N CYS D 4811 -52.53 81.62 24.93
CA CYS D 4811 -51.08 81.47 25.05
C CYS D 4811 -50.60 80.19 24.37
N TYR D 4812 -51.34 79.10 24.53
CA TYR D 4812 -50.93 77.83 23.92
C TYR D 4812 -50.98 77.91 22.40
N MET D 4813 -52.04 78.50 21.85
CA MET D 4813 -52.13 78.66 20.40
C MET D 4813 -51.07 79.63 19.88
N PHE D 4814 -50.76 80.67 20.66
CA PHE D 4814 -49.70 81.60 20.28
C PHE D 4814 -48.35 80.91 20.23
N HIS D 4815 -48.07 80.03 21.20
CA HIS D 4815 -46.79 79.33 21.21
C HIS D 4815 -46.71 78.28 20.12
N MET D 4816 -47.80 77.54 19.88
CA MET D 4816 -47.77 76.51 18.85
C MET D 4816 -47.92 77.05 17.45
N TYR D 4817 -48.34 78.31 17.30
CA TYR D 4817 -48.55 78.88 15.97
C TYR D 4817 -47.40 79.79 15.54
N VAL D 4818 -46.90 80.64 16.43
CA VAL D 4818 -45.83 81.57 16.11
C VAL D 4818 -44.50 81.14 16.70
N GLY D 4819 -44.53 80.48 17.87
CA GLY D 4819 -43.29 80.11 18.52
C GLY D 4819 -42.51 79.05 17.77
N VAL D 4820 -43.19 78.03 17.26
CA VAL D 4820 -42.50 76.91 16.62
C VAL D 4820 -42.09 77.21 15.18
N ARG D 4821 -42.56 78.32 14.61
CA ARG D 4821 -42.31 78.65 13.23
C ARG D 4821 -41.19 79.65 13.02
N ALA D 4822 -41.11 80.66 13.88
CA ALA D 4822 -40.13 81.73 13.69
C ALA D 4822 -38.71 81.22 13.84
N GLY D 4823 -37.80 81.83 13.09
CA GLY D 4823 -36.41 81.42 13.08
C GLY D 4823 -35.62 82.00 14.25
N GLY D 4824 -35.80 81.41 15.43
CA GLY D 4824 -35.15 81.92 16.62
C GLY D 4824 -35.96 81.72 17.88
N GLY D 4825 -37.21 81.28 17.72
CA GLY D 4825 -38.05 80.97 18.85
C GLY D 4825 -39.09 82.04 19.13
N ILE D 4826 -39.58 82.00 20.37
CA ILE D 4826 -40.60 82.97 20.80
C ILE D 4826 -40.01 84.35 21.08
N GLY D 4827 -38.68 84.47 21.11
CA GLY D 4827 -38.07 85.76 21.38
C GLY D 4827 -38.18 86.76 20.25
N ASP D 4828 -38.43 86.29 19.03
CA ASP D 4828 -38.53 87.18 17.88
C ASP D 4828 -39.82 87.98 17.86
N GLU D 4829 -40.79 87.65 18.69
CA GLU D 4829 -42.07 88.33 18.72
C GLU D 4829 -42.38 88.99 20.05
N ILE D 4830 -41.88 88.45 21.17
CA ILE D 4830 -42.10 89.04 22.47
C ILE D 4830 -41.30 90.34 22.58
N GLU D 4831 -41.84 91.30 23.35
CA GLU D 4831 -41.15 92.56 23.59
C GLU D 4831 -39.79 92.33 24.24
N ASP D 4832 -38.88 93.26 24.00
CA ASP D 4832 -37.51 93.11 24.47
C ASP D 4832 -37.44 93.22 25.99
N PRO D 4833 -36.83 92.24 26.67
CA PRO D 4833 -36.70 92.28 28.14
C PRO D 4833 -35.46 93.04 28.63
N ALA D 4834 -35.54 94.36 28.60
CA ALA D 4834 -34.45 95.23 29.03
C ALA D 4834 -34.92 96.04 30.23
N GLY D 4835 -34.22 95.88 31.35
CA GLY D 4835 -34.48 96.65 32.54
C GLY D 4835 -35.36 95.95 33.57
N ASP D 4836 -36.10 94.93 33.16
CA ASP D 4836 -36.97 94.22 34.10
C ASP D 4836 -36.15 93.39 35.07
N GLU D 4837 -36.73 93.14 36.25
CA GLU D 4837 -36.08 92.27 37.23
C GLU D 4837 -35.98 90.84 36.73
N TYR D 4838 -36.95 90.40 35.93
CA TYR D 4838 -36.91 89.08 35.31
C TYR D 4838 -36.21 89.18 33.95
N GLU D 4839 -34.89 89.40 34.02
CA GLU D 4839 -34.07 89.51 32.82
C GLU D 4839 -33.27 88.24 32.55
N ILE D 4840 -32.53 87.75 33.53
CA ILE D 4840 -31.74 86.53 33.34
C ILE D 4840 -32.65 85.32 33.19
N TYR D 4841 -33.73 85.27 33.98
CA TYR D 4841 -34.70 84.19 33.85
C TYR D 4841 -35.35 84.21 32.47
N ARG D 4842 -35.71 85.40 31.99
CA ARG D 4842 -36.30 85.51 30.66
C ARG D 4842 -35.32 85.09 29.57
N ILE D 4843 -34.06 85.49 29.71
CA ILE D 4843 -33.05 85.11 28.72
C ILE D 4843 -32.85 83.60 28.69
N ILE D 4844 -32.81 82.98 29.87
CA ILE D 4844 -32.67 81.52 29.94
C ILE D 4844 -33.89 80.85 29.32
N PHE D 4845 -35.09 81.35 29.62
CA PHE D 4845 -36.31 80.83 29.01
C PHE D 4845 -36.24 80.89 27.49
N ASP D 4846 -35.84 82.05 26.97
CA ASP D 4846 -35.80 82.25 25.52
C ASP D 4846 -34.80 81.31 24.85
N ILE D 4847 -33.57 81.26 25.39
CA ILE D 4847 -32.51 80.45 24.79
C ILE D 4847 -32.87 78.97 24.86
N THR D 4848 -33.37 78.52 26.03
CA THR D 4848 -33.72 77.12 26.18
C THR D 4848 -34.85 76.73 25.25
N PHE D 4849 -35.88 77.58 25.14
CA PHE D 4849 -36.95 77.32 24.18
C PHE D 4849 -36.39 77.16 22.78
N PHE D 4850 -35.74 78.21 22.27
CA PHE D 4850 -35.19 78.18 20.92
C PHE D 4850 -34.39 76.91 20.68
N PHE D 4851 -33.33 76.71 21.47
CA PHE D 4851 -32.43 75.58 21.30
C PHE D 4851 -33.20 74.27 21.32
N PHE D 4852 -33.79 73.94 22.48
CA PHE D 4852 -34.44 72.65 22.65
C PHE D 4852 -35.49 72.42 21.56
N VAL D 4853 -36.60 73.17 21.58
CA VAL D 4853 -37.71 72.78 20.72
C VAL D 4853 -37.31 72.93 19.26
N ILE D 4854 -36.86 74.11 18.83
CA ILE D 4854 -36.62 74.32 17.41
C ILE D 4854 -35.53 73.38 16.93
N VAL D 4855 -34.31 73.53 17.45
CA VAL D 4855 -33.19 72.77 16.93
C VAL D 4855 -33.48 71.28 17.04
N ILE D 4856 -33.61 70.77 18.27
CA ILE D 4856 -33.64 69.33 18.44
C ILE D 4856 -34.89 68.73 17.80
N LEU D 4857 -36.08 69.24 18.13
CA LEU D 4857 -37.28 68.55 17.69
C LEU D 4857 -37.56 68.75 16.19
N LEU D 4858 -37.41 69.98 15.68
CA LEU D 4858 -37.65 70.17 14.25
C LEU D 4858 -36.63 69.42 13.42
N ALA D 4859 -35.35 69.44 13.84
CA ALA D 4859 -34.34 68.67 13.13
C ALA D 4859 -34.61 67.18 13.20
N ILE D 4860 -35.14 66.69 14.33
CA ILE D 4860 -35.41 65.27 14.47
C ILE D 4860 -36.56 64.85 13.56
N ILE D 4861 -37.62 65.66 13.47
CA ILE D 4861 -38.74 65.32 12.60
C ILE D 4861 -38.29 65.34 11.14
N GLN D 4862 -37.55 66.38 10.75
CA GLN D 4862 -37.04 66.48 9.38
C GLN D 4862 -36.14 65.29 9.06
N GLY D 4863 -35.26 64.93 10.00
CA GLY D 4863 -34.38 63.79 9.79
C GLY D 4863 -35.13 62.48 9.70
N LEU D 4864 -36.22 62.33 10.47
CA LEU D 4864 -37.03 61.12 10.39
C LEU D 4864 -37.60 60.97 8.98
N ILE D 4865 -38.20 62.03 8.44
CA ILE D 4865 -38.81 61.91 7.11
C ILE D 4865 -37.73 61.70 6.05
N ILE D 4866 -36.64 62.45 6.11
CA ILE D 4866 -35.60 62.34 5.09
C ILE D 4866 -34.93 60.97 5.14
N ASP D 4867 -34.69 60.46 6.35
CA ASP D 4867 -34.08 59.14 6.49
C ASP D 4867 -35.01 58.03 6.04
N ALA D 4868 -36.32 58.20 6.23
CA ALA D 4868 -37.27 57.24 5.66
C ALA D 4868 -37.17 57.22 4.13
N PHE D 4869 -37.11 58.40 3.52
CA PHE D 4869 -36.98 58.47 2.06
C PHE D 4869 -35.68 57.83 1.59
N GLY D 4870 -34.57 58.14 2.27
CA GLY D 4870 -33.29 57.56 1.88
C GLY D 4870 -33.23 56.07 2.08
N GLU D 4871 -33.84 55.58 3.16
CA GLU D 4871 -33.87 54.14 3.41
C GLU D 4871 -34.70 53.42 2.35
N LEU D 4872 -35.83 53.99 1.94
CA LEU D 4872 -36.63 53.39 0.89
C LEU D 4872 -35.86 53.33 -0.43
N ARG D 4873 -35.19 54.44 -0.79
CA ARG D 4873 -34.41 54.45 -2.02
C ARG D 4873 -33.27 53.44 -1.96
N ASP D 4874 -32.61 53.32 -0.80
CA ASP D 4874 -31.53 52.36 -0.64
C ASP D 4874 -32.04 50.93 -0.74
N GLN D 4875 -33.23 50.66 -0.19
CA GLN D 4875 -33.81 49.33 -0.32
C GLN D 4875 -34.09 48.99 -1.78
N GLN D 4876 -34.63 49.95 -2.53
CA GLN D 4876 -34.87 49.71 -3.95
C GLN D 4876 -33.56 49.45 -4.70
N GLU D 4877 -32.53 50.24 -4.41
CA GLU D 4877 -31.24 50.05 -5.06
C GLU D 4877 -30.63 48.69 -4.72
N GLN D 4878 -30.77 48.27 -3.45
CA GLN D 4878 -30.26 46.96 -3.04
C GLN D 4878 -31.01 45.83 -3.72
N VAL D 4879 -32.33 46.00 -3.90
CA VAL D 4879 -33.11 45.00 -4.62
C VAL D 4879 -32.61 44.87 -6.06
N LYS D 4880 -32.38 46.02 -6.72
CA LYS D 4880 -31.87 45.99 -8.08
C LYS D 4880 -30.49 45.35 -8.16
N GLU D 4881 -29.61 45.68 -7.21
CA GLU D 4881 -28.27 45.11 -7.20
C GLU D 4881 -28.30 43.61 -6.97
N ASP D 4882 -29.15 43.14 -6.06
CA ASP D 4882 -29.27 41.71 -5.81
C ASP D 4882 -29.81 40.98 -7.04
N MET D 4883 -30.76 41.61 -7.75
CA MET D 4883 -31.23 41.01 -8.99
C MET D 4883 -30.16 40.99 -10.07
N GLU D 4884 -29.26 41.97 -10.07
CA GLU D 4884 -28.23 42.07 -11.10
C GLU D 4884 -26.95 41.31 -10.77
N THR D 4885 -26.78 40.82 -9.54
CA THR D 4885 -25.55 40.13 -9.17
C THR D 4885 -25.75 38.76 -8.54
N LYS D 4886 -26.99 38.35 -8.27
CA LYS D 4886 -27.25 37.09 -7.61
C LYS D 4886 -28.31 36.31 -8.38
N CYS D 4887 -28.08 35.00 -8.50
CA CYS D 4887 -29.08 34.10 -9.07
C CYS D 4887 -30.29 34.05 -8.15
N PHE D 4888 -31.46 34.41 -8.69
CA PHE D 4888 -32.69 34.46 -7.89
C PHE D 4888 -33.01 33.08 -7.34
N ILE D 4889 -33.33 32.13 -8.22
CA ILE D 4889 -33.28 30.74 -7.82
C ILE D 4889 -31.82 30.32 -7.77
N CYS D 4890 -31.55 29.18 -7.10
CA CYS D 4890 -30.27 28.50 -7.18
C CYS D 4890 -29.15 29.21 -6.41
N GLY D 4891 -29.40 30.47 -6.02
CA GLY D 4891 -28.60 31.22 -5.06
C GLY D 4891 -27.10 31.05 -5.03
N ILE D 4892 -26.39 31.31 -6.14
CA ILE D 4892 -24.94 31.14 -6.15
C ILE D 4892 -24.24 32.48 -6.07
N GLY D 4893 -24.42 33.32 -7.08
CA GLY D 4893 -23.74 34.60 -7.16
C GLY D 4893 -23.19 34.82 -8.54
N ASN D 4894 -22.35 35.83 -8.66
CA ASN D 4894 -21.82 36.28 -9.95
C ASN D 4894 -20.42 35.75 -10.25
N ASP D 4895 -19.55 35.66 -9.24
CA ASP D 4895 -18.17 35.28 -9.46
C ASP D 4895 -18.00 33.82 -9.87
N TYR D 4896 -19.03 32.99 -9.72
CA TYR D 4896 -18.96 31.58 -10.08
C TYR D 4896 -19.28 31.33 -11.54
N PHE D 4897 -20.39 31.87 -12.04
CA PHE D 4897 -20.77 31.66 -13.43
C PHE D 4897 -19.93 32.50 -14.40
N ASP D 4898 -19.25 33.53 -13.92
CA ASP D 4898 -18.54 34.46 -14.78
C ASP D 4898 -17.13 34.00 -15.13
N THR D 4899 -16.74 32.79 -14.72
CA THR D 4899 -15.44 32.25 -15.12
C THR D 4899 -15.35 32.03 -16.63
N VAL D 4900 -16.47 31.85 -17.30
CA VAL D 4900 -16.52 31.73 -18.76
C VAL D 4900 -17.03 33.05 -19.32
N PRO D 4901 -16.71 33.39 -20.58
CA PRO D 4901 -17.25 34.63 -21.15
C PRO D 4901 -18.76 34.60 -21.26
N HIS D 4902 -19.40 35.69 -20.85
CA HIS D 4902 -20.86 35.84 -20.85
C HIS D 4902 -21.53 34.69 -20.08
N GLY D 4903 -21.11 34.52 -18.83
CA GLY D 4903 -21.59 33.40 -18.04
C GLY D 4903 -22.89 33.65 -17.32
N PHE D 4904 -22.92 34.69 -16.48
CA PHE D 4904 -24.10 34.94 -15.64
C PHE D 4904 -25.31 35.34 -16.48
N GLU D 4905 -25.09 36.15 -17.53
CA GLU D 4905 -26.20 36.56 -18.38
C GLU D 4905 -26.82 35.36 -19.08
N THR D 4906 -25.99 34.47 -19.62
CA THR D 4906 -26.51 33.26 -20.27
C THR D 4906 -27.18 32.35 -19.26
N HIS D 4907 -26.62 32.25 -18.06
CA HIS D 4907 -27.23 31.44 -17.00
C HIS D 4907 -28.64 31.91 -16.69
N THR D 4908 -28.80 33.21 -16.42
CA THR D 4908 -30.12 33.75 -16.10
C THR D 4908 -31.06 33.68 -17.30
N LEU D 4909 -30.54 33.85 -18.52
CA LEU D 4909 -31.41 33.89 -19.69
C LEU D 4909 -31.92 32.51 -20.07
N GLN D 4910 -31.07 31.48 -20.00
CA GLN D 4910 -31.44 30.16 -20.50
C GLN D 4910 -31.52 29.09 -19.43
N GLU D 4911 -30.57 29.05 -18.50
CA GLU D 4911 -30.46 27.90 -17.61
C GLU D 4911 -31.46 27.98 -16.45
N HIS D 4912 -31.27 28.95 -15.56
CA HIS D 4912 -32.17 29.18 -14.43
C HIS D 4912 -33.00 30.44 -14.71
N ASN D 4913 -34.00 30.29 -15.58
CA ASN D 4913 -34.87 31.40 -15.92
C ASN D 4913 -36.08 31.43 -15.00
N LEU D 4914 -37.00 32.34 -15.28
CA LEU D 4914 -38.24 32.51 -14.53
C LEU D 4914 -39.47 32.18 -15.37
N ALA D 4915 -39.57 32.83 -16.55
CA ALA D 4915 -40.64 32.51 -17.48
C ALA D 4915 -40.57 31.06 -17.94
N ASN D 4916 -39.37 30.48 -17.97
CA ASN D 4916 -39.26 29.06 -18.30
C ASN D 4916 -39.92 28.19 -17.25
N TYR D 4917 -39.71 28.51 -15.97
CA TYR D 4917 -40.37 27.76 -14.91
C TYR D 4917 -41.88 27.95 -14.95
N LEU D 4918 -42.33 29.17 -15.24
CA LEU D 4918 -43.76 29.42 -15.43
C LEU D 4918 -44.34 28.57 -16.54
N PHE D 4919 -43.68 28.55 -17.70
CA PHE D 4919 -44.20 27.80 -18.83
C PHE D 4919 -44.15 26.30 -18.57
N PHE D 4920 -43.16 25.84 -17.79
CA PHE D 4920 -43.11 24.43 -17.44
C PHE D 4920 -44.25 24.04 -16.51
N LEU D 4921 -44.58 24.89 -15.54
CA LEU D 4921 -45.73 24.63 -14.68
C LEU D 4921 -47.02 24.61 -15.48
N MET D 4922 -47.17 25.57 -16.40
CA MET D 4922 -48.37 25.61 -17.23
C MET D 4922 -48.45 24.38 -18.13
N TYR D 4923 -47.30 23.93 -18.65
CA TYR D 4923 -47.26 22.73 -19.47
C TYR D 4923 -47.65 21.49 -18.68
N LEU D 4924 -47.18 21.41 -17.42
CA LEU D 4924 -47.57 20.29 -16.56
C LEU D 4924 -49.07 20.31 -16.29
N ILE D 4925 -49.64 21.48 -16.04
CA ILE D 4925 -51.07 21.57 -15.79
C ILE D 4925 -51.87 21.17 -17.02
N ASN D 4926 -51.41 21.58 -18.21
CA ASN D 4926 -52.17 21.33 -19.43
C ASN D 4926 -52.16 19.85 -19.82
N LYS D 4927 -51.01 19.19 -19.69
CA LYS D 4927 -50.89 17.82 -20.16
C LYS D 4927 -51.64 16.84 -19.26
N ASP D 4928 -52.02 15.71 -19.83
CA ASP D 4928 -52.70 14.68 -19.09
C ASP D 4928 -51.73 13.94 -18.17
N GLU D 4929 -52.28 13.31 -17.13
CA GLU D 4929 -51.46 12.58 -16.18
C GLU D 4929 -50.89 11.30 -16.76
N THR D 4930 -51.53 10.73 -17.79
CA THR D 4930 -51.07 9.48 -18.37
C THR D 4930 -49.82 9.66 -19.22
N GLU D 4931 -49.63 10.84 -19.80
CA GLU D 4931 -48.53 11.09 -20.72
C GLU D 4931 -47.31 11.70 -20.04
N HIS D 4932 -47.31 11.84 -18.72
CA HIS D 4932 -46.18 12.42 -18.03
C HIS D 4932 -44.99 11.46 -18.05
N THR D 4933 -43.80 12.01 -18.28
CA THR D 4933 -42.57 11.23 -18.23
C THR D 4933 -42.19 11.02 -16.77
N GLY D 4934 -41.01 10.45 -16.53
CA GLY D 4934 -40.58 10.22 -15.15
C GLY D 4934 -40.35 11.51 -14.39
N GLN D 4935 -39.56 12.42 -14.97
CA GLN D 4935 -39.28 13.69 -14.31
C GLN D 4935 -40.54 14.53 -14.17
N GLU D 4936 -41.37 14.57 -15.22
CA GLU D 4936 -42.60 15.35 -15.15
C GLU D 4936 -43.56 14.80 -14.11
N SER D 4937 -43.68 13.48 -14.02
CA SER D 4937 -44.55 12.89 -12.99
C SER D 4937 -44.01 13.15 -11.59
N TYR D 4938 -42.68 13.08 -11.42
CA TYR D 4938 -42.08 13.38 -10.13
C TYR D 4938 -42.36 14.81 -9.71
N VAL D 4939 -42.15 15.75 -10.63
CA VAL D 4939 -42.39 17.16 -10.32
C VAL D 4939 -43.87 17.40 -10.04
N TRP D 4940 -44.75 16.75 -10.80
CA TRP D 4940 -46.18 16.89 -10.56
C TRP D 4940 -46.57 16.36 -9.18
N LYS D 4941 -45.99 15.23 -8.78
CA LYS D 4941 -46.28 14.68 -7.46
C LYS D 4941 -45.80 15.62 -6.35
N MET D 4942 -44.58 16.14 -6.48
CA MET D 4942 -44.06 17.06 -5.47
C MET D 4942 -44.89 18.34 -5.41
N TYR D 4943 -45.33 18.86 -6.56
CA TYR D 4943 -46.15 20.05 -6.57
C TYR D 4943 -47.54 19.79 -6.00
N GLN D 4944 -48.09 18.60 -6.24
CA GLN D 4944 -49.38 18.25 -5.67
C GLN D 4944 -49.29 18.12 -4.15
N GLU D 4945 -48.17 17.59 -3.65
CA GLU D 4945 -47.96 17.49 -2.21
C GLU D 4945 -47.41 18.77 -1.60
N ARG D 4946 -47.18 19.82 -2.41
CA ARG D 4946 -46.67 21.10 -1.95
C ARG D 4946 -45.36 20.94 -1.18
N CYS D 4947 -44.47 20.13 -1.73
CA CYS D 4947 -43.20 19.80 -1.09
C CYS D 4947 -42.09 20.12 -2.09
N TRP D 4948 -41.45 21.27 -1.93
CA TRP D 4948 -40.55 21.82 -2.94
C TRP D 4948 -39.10 21.55 -2.57
N GLU D 4949 -38.59 20.40 -3.02
CA GLU D 4949 -37.16 20.14 -3.03
C GLU D 4949 -36.61 19.96 -4.44
N PHE D 4950 -37.47 19.90 -5.45
CA PHE D 4950 -37.00 19.79 -6.83
C PHE D 4950 -36.38 21.08 -7.33
N PHE D 4951 -36.63 22.21 -6.67
CA PHE D 4951 -35.93 23.43 -7.02
C PHE D 4951 -34.46 23.31 -6.63
N PRO D 4952 -33.55 23.89 -7.42
CA PRO D 4952 -32.13 23.88 -7.03
C PRO D 4952 -31.92 24.64 -5.74
N ALA D 4953 -31.01 24.13 -4.91
CA ALA D 4953 -30.76 24.65 -3.57
C ALA D 4953 -29.27 24.95 -3.40
N GLY D 4954 -28.70 25.66 -4.37
CA GLY D 4954 -27.28 25.93 -4.36
C GLY D 4954 -26.46 25.05 -5.27
N ASP D 4955 -27.10 24.23 -6.10
CA ASP D 4955 -26.40 23.39 -7.06
C ASP D 4955 -26.95 23.64 -8.45
N CYS D 4956 -26.08 23.50 -9.45
CA CYS D 4956 -26.46 23.68 -10.84
C CYS D 4956 -25.82 22.56 -11.66
N PHE D 4957 -26.04 22.61 -12.98
CA PHE D 4957 -25.43 21.62 -13.86
C PHE D 4957 -23.91 21.75 -13.85
N ARG D 4958 -23.40 22.97 -13.89
CA ARG D 4958 -21.95 23.18 -13.95
C ARG D 4958 -21.24 22.75 -12.67
N LYS D 4959 -21.97 22.63 -11.56
CA LYS D 4959 -21.35 22.20 -10.30
C LYS D 4959 -21.41 20.70 -10.12
N GLN D 4960 -22.60 20.11 -10.24
CA GLN D 4960 -22.73 18.66 -10.13
C GLN D 4960 -22.08 17.96 -11.32
N TYR D 4961 -22.60 18.22 -12.53
CA TYR D 4961 -22.04 17.64 -13.75
C TYR D 4961 -21.00 18.61 -14.30
N GLU D 4962 -19.82 18.56 -13.69
CA GLU D 4962 -18.79 19.58 -13.88
C GLU D 4962 -18.21 19.48 -15.29
N ASP D 4963 -18.97 20.01 -16.25
CA ASP D 4963 -18.59 20.05 -17.66
C ASP D 4963 -18.22 18.66 -18.17
N GLN D 4964 -16.93 18.44 -18.40
CA GLN D 4964 -16.42 17.11 -18.75
C GLN D 4964 -16.00 16.34 -17.51
N LEU D 4965 -16.91 16.26 -16.54
CA LEU D 4965 -16.66 15.62 -15.24
C LEU D 4965 -15.43 16.22 -14.56
N ASN D 4966 -15.32 17.54 -14.63
CA ASN D 4966 -14.19 18.30 -14.06
C ASN D 4966 -12.85 17.80 -14.58
N GLY E 1 -5.95 -56.17 119.26
CA GLY E 1 -6.05 -56.14 120.70
C GLY E 1 -5.94 -54.74 121.28
N VAL E 2 -6.84 -54.42 122.20
CA VAL E 2 -6.84 -53.10 122.83
C VAL E 2 -5.68 -53.00 123.82
N GLU E 3 -4.92 -51.92 123.70
CA GLU E 3 -3.74 -51.69 124.53
C GLU E 3 -3.86 -50.32 125.22
N ILE E 4 -4.97 -50.14 125.94
CA ILE E 4 -5.29 -48.86 126.54
C ILE E 4 -4.24 -48.48 127.57
N GLU E 5 -3.70 -47.26 127.45
CA GLU E 5 -2.78 -46.67 128.41
C GLU E 5 -3.45 -45.40 128.91
N THR E 6 -4.27 -45.55 129.96
CA THR E 6 -5.06 -44.43 130.45
C THR E 6 -4.17 -43.35 131.05
N ILE E 7 -4.37 -42.11 130.62
CA ILE E 7 -3.58 -41.00 131.14
C ILE E 7 -4.28 -40.27 132.28
N SER E 8 -5.61 -40.29 132.31
CA SER E 8 -6.37 -39.62 133.36
C SER E 8 -7.58 -40.48 133.68
N PRO E 9 -7.82 -40.80 134.96
CA PRO E 9 -8.98 -41.62 135.32
C PRO E 9 -10.27 -40.83 135.20
N GLY E 10 -11.37 -41.57 135.11
CA GLY E 10 -12.68 -40.96 134.99
C GLY E 10 -13.64 -41.38 136.08
N ASP E 11 -14.80 -41.91 135.69
CA ASP E 11 -15.79 -42.35 136.67
C ASP E 11 -15.33 -43.60 137.41
N GLY E 12 -14.64 -44.51 136.71
CA GLY E 12 -14.15 -45.73 137.31
C GLY E 12 -15.08 -46.92 137.17
N ARG E 13 -16.37 -46.70 136.92
CA ARG E 13 -17.31 -47.80 136.76
C ARG E 13 -18.27 -47.62 135.60
N THR E 14 -18.31 -46.46 134.94
CA THR E 14 -19.25 -46.22 133.85
C THR E 14 -18.77 -46.93 132.59
N PHE E 15 -19.67 -47.70 131.98
CA PHE E 15 -19.40 -48.39 130.73
C PHE E 15 -20.46 -48.03 129.70
N PRO E 16 -20.09 -47.89 128.42
CA PRO E 16 -21.08 -47.52 127.40
C PRO E 16 -22.05 -48.65 127.14
N LYS E 17 -23.34 -48.32 127.14
CA LYS E 17 -24.37 -49.30 126.87
C LYS E 17 -24.51 -49.52 125.36
N LYS E 18 -25.40 -50.44 124.98
CA LYS E 18 -25.62 -50.71 123.56
C LYS E 18 -26.32 -49.54 122.88
N GLY E 19 -27.38 -49.02 123.48
CA GLY E 19 -28.08 -47.89 122.92
C GLY E 19 -27.60 -46.56 123.46
N GLN E 20 -26.31 -46.29 123.33
CA GLN E 20 -25.71 -45.06 123.81
C GLN E 20 -24.67 -44.58 122.82
N THR E 21 -24.47 -43.26 122.79
CA THR E 21 -23.49 -42.63 121.93
C THR E 21 -22.34 -42.09 122.76
N CYS E 22 -21.11 -42.33 122.30
CA CYS E 22 -19.91 -41.91 123.02
C CYS E 22 -19.44 -40.59 122.43
N VAL E 23 -19.74 -39.50 123.14
CA VAL E 23 -19.32 -38.17 122.72
C VAL E 23 -17.84 -38.01 123.05
N VAL E 24 -16.99 -37.96 122.02
CA VAL E 24 -15.55 -37.89 122.21
C VAL E 24 -14.99 -36.72 121.41
N HIS E 25 -13.75 -36.37 121.74
CA HIS E 25 -12.98 -35.33 121.05
C HIS E 25 -11.64 -35.89 120.59
N TYR E 26 -11.69 -37.03 119.90
CA TYR E 26 -10.49 -37.76 119.54
C TYR E 26 -9.62 -36.97 118.56
N THR E 27 -8.32 -37.17 118.67
CA THR E 27 -7.32 -36.54 117.81
C THR E 27 -6.31 -37.58 117.34
N GLY E 28 -6.84 -38.66 116.76
CA GLY E 28 -6.00 -39.82 116.44
C GLY E 28 -4.94 -39.49 115.41
N MET E 29 -3.71 -39.93 115.67
CA MET E 29 -2.58 -39.69 114.80
C MET E 29 -1.98 -41.01 114.35
N LEU E 30 -1.46 -41.02 113.13
CA LEU E 30 -0.74 -42.17 112.60
C LEU E 30 0.66 -42.22 113.21
N GLN E 31 1.37 -43.32 112.93
CA GLN E 31 2.73 -43.49 113.43
C GLN E 31 3.65 -42.38 112.92
N ASN E 32 4.84 -42.31 113.52
CA ASN E 32 5.86 -41.30 113.19
C ASN E 32 5.33 -39.87 113.39
N GLY E 33 4.40 -39.70 114.32
CA GLY E 33 3.88 -38.38 114.64
C GLY E 33 3.12 -37.70 113.52
N LYS E 34 2.32 -38.44 112.77
CA LYS E 34 1.55 -37.90 111.67
C LYS E 34 0.07 -37.85 112.06
N LYS E 35 -0.50 -36.66 112.06
CA LYS E 35 -1.88 -36.44 112.45
C LYS E 35 -2.76 -36.50 111.21
N PHE E 36 -3.30 -37.69 110.92
CA PHE E 36 -4.16 -37.86 109.75
C PHE E 36 -5.55 -37.29 109.98
N ASP E 37 -6.06 -37.34 111.20
CA ASP E 37 -7.40 -36.85 111.51
C ASP E 37 -7.37 -36.12 112.84
N SER E 38 -8.29 -35.17 112.99
CA SER E 38 -8.46 -34.45 114.25
C SER E 38 -9.91 -34.01 114.34
N SER E 39 -10.58 -34.39 115.42
CA SER E 39 -11.96 -33.99 115.64
C SER E 39 -12.10 -32.80 116.58
N ARG E 40 -11.07 -32.52 117.38
CA ARG E 40 -11.11 -31.40 118.31
C ARG E 40 -10.97 -30.07 117.57
N ASP E 41 -10.07 -30.01 116.59
CA ASP E 41 -9.81 -28.76 115.88
C ASP E 41 -10.99 -28.32 115.03
N ARG E 42 -11.90 -29.23 114.68
CA ARG E 42 -13.12 -28.86 113.97
C ARG E 42 -14.18 -28.30 114.90
N ASN E 43 -13.93 -28.29 116.20
CA ASN E 43 -14.87 -27.80 117.22
C ASN E 43 -16.22 -28.53 117.16
N LYS E 44 -16.17 -29.82 116.79
CA LYS E 44 -17.36 -30.65 116.70
C LYS E 44 -17.00 -32.04 117.20
N PRO E 45 -17.68 -32.53 118.23
CA PRO E 45 -17.38 -33.88 118.73
C PRO E 45 -17.95 -34.96 117.84
N PHE E 46 -17.57 -36.20 118.14
CA PHE E 46 -17.97 -37.36 117.35
C PHE E 46 -19.05 -38.15 118.07
N LYS E 47 -20.08 -38.53 117.32
CA LYS E 47 -21.14 -39.40 117.82
C LYS E 47 -21.11 -40.72 117.06
N PHE E 48 -21.33 -41.81 117.78
CA PHE E 48 -21.45 -43.13 117.16
C PHE E 48 -22.17 -44.06 118.12
N ARG E 49 -23.07 -44.89 117.60
CA ARG E 49 -23.81 -45.85 118.39
C ARG E 49 -23.03 -47.16 118.47
N ILE E 50 -22.97 -47.72 119.67
CA ILE E 50 -22.22 -48.94 119.92
C ILE E 50 -23.03 -50.13 119.42
N GLY E 51 -22.39 -50.99 118.61
CA GLY E 51 -23.02 -52.19 118.13
C GLY E 51 -23.70 -52.09 116.78
N LYS E 52 -23.57 -50.95 116.10
CA LYS E 52 -24.19 -50.75 114.79
C LYS E 52 -23.16 -50.67 113.67
N GLN E 53 -21.89 -50.94 113.96
CA GLN E 53 -20.80 -50.89 112.98
C GLN E 53 -20.69 -49.51 112.32
N GLU E 54 -21.05 -48.45 113.05
CA GLU E 54 -20.93 -47.10 112.53
C GLU E 54 -19.52 -46.55 112.62
N VAL E 55 -18.65 -47.21 113.38
CA VAL E 55 -17.27 -46.80 113.56
C VAL E 55 -16.38 -48.04 113.43
N ILE E 56 -15.09 -47.82 113.25
CA ILE E 56 -14.15 -48.93 113.14
C ILE E 56 -14.12 -49.71 114.45
N LYS E 57 -13.85 -51.01 114.35
CA LYS E 57 -13.95 -51.90 115.50
C LYS E 57 -12.98 -51.51 116.61
N GLY E 58 -11.81 -50.98 116.24
CA GLY E 58 -10.85 -50.54 117.26
C GLY E 58 -11.37 -49.38 118.07
N PHE E 59 -11.99 -48.40 117.41
CA PHE E 59 -12.54 -47.25 118.12
C PHE E 59 -13.71 -47.68 119.01
N GLU E 60 -14.52 -48.63 118.55
CA GLU E 60 -15.64 -49.09 119.35
C GLU E 60 -15.17 -49.88 120.57
N GLU E 61 -14.16 -50.74 120.39
CA GLU E 61 -13.66 -51.52 121.51
C GLU E 61 -12.90 -50.65 122.51
N GLY E 62 -12.16 -49.64 122.03
CA GLY E 62 -11.49 -48.74 122.93
C GLY E 62 -12.44 -47.88 123.75
N ALA E 63 -13.57 -47.50 123.17
CA ALA E 63 -14.58 -46.75 123.92
C ALA E 63 -15.27 -47.63 124.94
N ALA E 64 -15.31 -48.95 124.71
CA ALA E 64 -15.91 -49.89 125.64
C ALA E 64 -15.00 -50.24 126.81
N GLN E 65 -13.88 -49.54 126.97
CA GLN E 65 -12.93 -49.80 128.05
C GLN E 65 -12.70 -48.60 128.95
N MET E 66 -12.85 -47.37 128.44
CA MET E 66 -12.69 -46.18 129.24
C MET E 66 -13.99 -45.83 129.95
N SER E 67 -13.87 -45.11 131.06
CA SER E 67 -15.03 -44.72 131.86
C SER E 67 -15.47 -43.32 131.45
N LEU E 68 -16.48 -42.79 132.15
CA LEU E 68 -16.98 -41.46 131.86
C LEU E 68 -15.99 -40.40 132.31
N GLY E 69 -15.66 -39.48 131.40
CA GLY E 69 -14.67 -38.47 131.70
C GLY E 69 -13.26 -39.01 131.83
N GLN E 70 -12.97 -40.15 131.23
CA GLN E 70 -11.67 -40.80 131.33
C GLN E 70 -10.87 -40.50 130.07
N ARG E 71 -9.82 -39.68 130.21
CA ARG E 71 -8.92 -39.42 129.10
C ARG E 71 -8.13 -40.68 128.79
N ALA E 72 -8.10 -41.06 127.51
CA ALA E 72 -7.54 -42.33 127.09
C ALA E 72 -6.45 -42.12 126.05
N LYS E 73 -5.65 -43.17 125.85
CA LYS E 73 -4.60 -43.19 124.83
C LYS E 73 -4.60 -44.60 124.23
N LEU E 74 -5.27 -44.75 123.10
CA LEU E 74 -5.49 -46.06 122.49
C LEU E 74 -4.47 -46.30 121.37
N THR E 75 -4.38 -47.53 120.90
CA THR E 75 -3.64 -47.86 119.69
C THR E 75 -4.45 -48.90 118.92
N CYS E 76 -4.20 -48.97 117.61
CA CYS E 76 -4.98 -49.84 116.73
C CYS E 76 -4.04 -50.67 115.88
N THR E 77 -4.04 -51.98 116.12
CA THR E 77 -3.32 -52.92 115.28
C THR E 77 -3.97 -52.99 113.90
N PRO E 78 -3.22 -53.37 112.87
CA PRO E 78 -3.82 -53.49 111.53
C PRO E 78 -5.00 -54.45 111.43
N ASP E 79 -5.30 -55.22 112.48
CA ASP E 79 -6.49 -56.05 112.51
C ASP E 79 -7.70 -55.14 112.61
N VAL E 80 -7.73 -54.28 113.62
CA VAL E 80 -8.80 -53.29 113.77
C VAL E 80 -8.32 -52.02 113.07
N ALA E 81 -8.46 -52.01 111.75
CA ALA E 81 -8.05 -50.89 110.92
C ALA E 81 -8.82 -50.98 109.60
N TYR E 82 -8.37 -50.25 108.59
CA TYR E 82 -8.97 -50.31 107.27
C TYR E 82 -8.49 -51.50 106.45
N GLY E 83 -7.86 -52.48 107.08
CA GLY E 83 -7.43 -53.68 106.40
C GLY E 83 -6.18 -53.47 105.57
N ALA E 84 -5.83 -54.51 104.81
CA ALA E 84 -4.67 -54.45 103.94
C ALA E 84 -4.87 -53.49 102.77
N THR E 85 -6.13 -53.21 102.40
CA THR E 85 -6.38 -52.23 101.35
C THR E 85 -6.16 -50.81 101.86
N GLY E 86 -6.63 -50.51 103.06
CA GLY E 86 -6.46 -49.19 103.65
C GLY E 86 -7.45 -48.18 103.11
N HIS E 87 -7.58 -47.08 103.84
CA HIS E 87 -8.44 -45.99 103.40
C HIS E 87 -7.76 -45.30 102.21
N PRO E 88 -8.46 -45.15 101.08
CA PRO E 88 -7.81 -44.62 99.87
C PRO E 88 -7.47 -43.14 100.02
N GLY E 89 -6.20 -42.80 99.81
CA GLY E 89 -5.76 -41.43 99.74
C GLY E 89 -5.27 -40.83 101.04
N VAL E 90 -5.59 -41.43 102.18
CA VAL E 90 -5.25 -40.88 103.49
C VAL E 90 -4.46 -41.86 104.34
N ILE E 91 -4.83 -43.12 104.33
CA ILE E 91 -4.21 -44.14 105.18
C ILE E 91 -3.41 -45.07 104.29
N PRO E 92 -2.10 -45.22 104.49
CA PRO E 92 -1.33 -46.15 103.69
C PRO E 92 -1.74 -47.58 103.99
N PRO E 93 -1.56 -48.50 103.04
CA PRO E 93 -1.97 -49.90 103.29
C PRO E 93 -1.08 -50.56 104.33
N ASN E 94 -1.71 -51.36 105.19
CA ASN E 94 -1.05 -52.10 106.25
C ASN E 94 -0.31 -51.15 107.20
N ALA E 95 -1.10 -50.33 107.88
CA ALA E 95 -0.58 -49.35 108.83
C ALA E 95 -1.39 -49.41 110.12
N THR E 96 -0.75 -49.00 111.21
CA THR E 96 -1.37 -48.97 112.53
C THR E 96 -1.84 -47.56 112.86
N LEU E 97 -2.79 -47.48 113.79
CA LEU E 97 -3.38 -46.22 114.21
C LEU E 97 -3.17 -46.03 115.71
N ILE E 98 -2.98 -44.78 116.11
CA ILE E 98 -2.83 -44.41 117.51
C ILE E 98 -3.91 -43.38 117.84
N PHE E 99 -4.69 -43.67 118.88
CA PHE E 99 -5.80 -42.82 119.27
C PHE E 99 -5.56 -42.27 120.67
N ASP E 100 -6.03 -41.06 120.90
CA ASP E 100 -5.94 -40.38 122.19
C ASP E 100 -7.29 -39.77 122.53
N VAL E 101 -8.33 -40.60 122.51
CA VAL E 101 -9.69 -40.11 122.71
C VAL E 101 -9.87 -39.55 124.12
N GLU E 102 -10.88 -38.70 124.27
CA GLU E 102 -11.23 -38.10 125.56
C GLU E 102 -12.74 -37.96 125.58
N LEU E 103 -13.43 -38.91 126.20
CA LEU E 103 -14.88 -38.90 126.24
C LEU E 103 -15.38 -37.76 127.09
N LEU E 104 -16.19 -36.88 126.50
CA LEU E 104 -16.75 -35.75 127.24
C LEU E 104 -17.99 -36.16 128.01
N ASN E 105 -18.91 -36.87 127.34
CA ASN E 105 -20.14 -37.32 127.98
C ASN E 105 -20.61 -38.59 127.29
N LEU E 106 -21.47 -39.33 127.98
CA LEU E 106 -22.02 -40.59 127.48
C LEU E 106 -23.54 -40.46 127.43
N GLU E 107 -24.11 -40.70 126.26
CA GLU E 107 -25.55 -40.59 126.06
C GLU E 107 -26.06 -41.69 125.13
N GLY F 1 129.39 10.88 23.40
CA GLY F 1 130.64 11.61 23.50
C GLY F 1 130.52 13.05 22.99
N VAL F 2 131.06 13.98 23.75
CA VAL F 2 131.02 15.39 23.39
C VAL F 2 132.00 15.64 22.25
N GLU F 3 131.54 16.30 21.20
CA GLU F 3 132.34 16.59 20.02
C GLU F 3 132.31 18.10 19.74
N ILE F 4 132.70 18.88 20.75
CA ILE F 4 132.60 20.33 20.69
C ILE F 4 133.49 20.86 19.57
N GLU F 5 132.92 21.69 18.71
CA GLU F 5 133.64 22.41 17.67
C GLU F 5 133.40 23.90 17.94
N THR F 6 134.26 24.49 18.77
CA THR F 6 134.08 25.87 19.20
C THR F 6 134.25 26.82 18.03
N ILE F 7 133.29 27.72 17.85
CA ILE F 7 133.36 28.69 16.78
C ILE F 7 133.93 30.02 17.24
N SER F 8 133.77 30.37 18.53
CA SER F 8 134.28 31.62 19.06
C SER F 8 134.77 31.36 20.48
N PRO F 9 136.00 31.75 20.81
CA PRO F 9 136.51 31.53 22.17
C PRO F 9 135.85 32.47 23.16
N GLY F 10 135.95 32.09 24.44
CA GLY F 10 135.38 32.88 25.50
C GLY F 10 136.39 33.28 26.56
N ASP F 11 136.10 32.96 27.82
CA ASP F 11 137.01 33.30 28.90
C ASP F 11 138.30 32.47 28.84
N GLY F 12 138.19 31.21 28.44
CA GLY F 12 139.35 30.33 28.34
C GLY F 12 139.63 29.50 29.58
N ARG F 13 139.12 29.90 30.74
CA ARG F 13 139.33 29.14 31.96
C ARG F 13 138.09 28.98 32.82
N THR F 14 136.98 29.66 32.50
CA THR F 14 135.77 29.58 33.32
C THR F 14 135.05 28.26 33.06
N PHE F 15 134.72 27.55 34.14
CA PHE F 15 133.97 26.32 34.06
C PHE F 15 132.75 26.40 34.97
N PRO F 16 131.62 25.81 34.56
CA PRO F 16 130.41 25.89 35.38
C PRO F 16 130.55 25.06 36.65
N LYS F 17 130.20 25.67 37.79
CA LYS F 17 130.25 24.97 39.05
C LYS F 17 129.01 24.11 39.24
N LYS F 18 128.95 23.38 40.35
CA LYS F 18 127.80 22.54 40.63
C LYS F 18 126.56 23.37 40.94
N GLY F 19 126.70 24.37 41.80
CA GLY F 19 125.60 25.24 42.15
C GLY F 19 125.53 26.49 41.29
N GLN F 20 125.49 26.32 39.97
CA GLN F 20 125.45 27.43 39.05
C GLN F 20 124.51 27.11 37.90
N THR F 21 123.92 28.15 37.33
CA THR F 21 123.02 28.03 36.18
C THR F 21 123.70 28.58 34.94
N CYS F 22 123.58 27.85 33.84
CA CYS F 22 124.20 28.23 32.57
C CYS F 22 123.14 28.95 31.73
N VAL F 23 123.23 30.28 31.70
CA VAL F 23 122.33 31.09 30.90
C VAL F 23 122.77 31.01 29.44
N VAL F 24 121.97 30.35 28.60
CA VAL F 24 122.32 30.12 27.21
C VAL F 24 121.18 30.58 26.32
N HIS F 25 121.48 30.73 25.03
CA HIS F 25 120.52 31.07 23.99
C HIS F 25 120.58 30.04 22.87
N TYR F 26 120.47 28.77 23.25
CA TYR F 26 120.66 27.67 22.31
C TYR F 26 119.57 27.66 21.24
N THR F 27 119.95 27.21 20.05
CA THR F 27 119.06 27.08 18.90
C THR F 27 119.27 25.72 18.25
N GLY F 28 119.16 24.66 19.05
CA GLY F 28 119.53 23.33 18.60
C GLY F 28 118.63 22.84 17.47
N MET F 29 119.25 22.28 16.44
CA MET F 29 118.53 21.78 15.28
C MET F 29 118.83 20.30 15.08
N LEU F 30 117.83 19.58 14.58
CA LEU F 30 117.99 18.18 14.23
C LEU F 30 118.76 18.06 12.91
N GLN F 31 119.12 16.84 12.55
CA GLN F 31 119.83 16.58 11.31
C GLN F 31 119.01 17.03 10.10
N ASN F 32 119.69 17.08 8.94
CA ASN F 32 119.10 17.51 7.67
C ASN F 32 118.56 18.94 7.75
N GLY F 33 119.15 19.77 8.61
CA GLY F 33 118.76 21.16 8.71
C GLY F 33 117.36 21.40 9.23
N LYS F 34 116.92 20.61 10.20
CA LYS F 34 115.58 20.75 10.77
C LYS F 34 115.69 21.34 12.17
N LYS F 35 115.06 22.51 12.36
CA LYS F 35 115.11 23.23 13.63
C LYS F 35 113.91 22.80 14.47
N PHE F 36 114.12 21.80 15.34
CA PHE F 36 113.04 21.33 16.19
C PHE F 36 112.77 22.28 17.35
N ASP F 37 113.79 22.93 17.87
CA ASP F 37 113.64 23.84 19.00
C ASP F 37 114.50 25.08 18.77
N SER F 38 114.05 26.19 19.37
CA SER F 38 114.81 27.43 19.34
C SER F 38 114.48 28.22 20.60
N SER F 39 115.50 28.59 21.36
CA SER F 39 115.31 29.38 22.56
C SER F 39 115.58 30.86 22.35
N ARG F 40 116.32 31.20 21.30
CA ARG F 40 116.61 32.61 21.03
C ARG F 40 115.39 33.34 20.48
N ASP F 41 114.63 32.69 19.59
CA ASP F 41 113.48 33.35 18.98
C ASP F 41 112.36 33.63 19.97
N ARG F 42 112.33 32.91 21.09
CA ARG F 42 111.36 33.19 22.14
C ARG F 42 111.76 34.38 23.01
N ASN F 43 112.94 34.95 22.78
CA ASN F 43 113.48 36.08 23.54
C ASN F 43 113.55 35.77 25.03
N LYS F 44 113.81 34.51 25.37
CA LYS F 44 113.93 34.07 26.75
C LYS F 44 115.05 33.05 26.82
N PRO F 45 116.08 33.29 27.62
CA PRO F 45 117.17 32.33 27.74
C PRO F 45 116.79 31.13 28.60
N PHE F 46 117.67 30.13 28.60
CA PHE F 46 117.44 28.88 29.31
C PHE F 46 118.27 28.83 30.59
N LYS F 47 117.63 28.41 31.68
CA LYS F 47 118.31 28.19 32.95
C LYS F 47 118.24 26.71 33.30
N PHE F 48 119.34 26.19 33.85
CA PHE F 48 119.36 24.82 34.35
C PHE F 48 120.53 24.67 35.31
N ARG F 49 120.29 23.96 36.41
CA ARG F 49 121.32 23.71 37.41
C ARG F 49 122.10 22.45 37.05
N ILE F 50 123.42 22.53 37.18
CA ILE F 50 124.30 21.42 36.82
C ILE F 50 124.28 20.39 37.94
N GLY F 51 124.05 19.14 37.57
CA GLY F 51 124.07 18.04 38.53
C GLY F 51 122.73 17.68 39.13
N LYS F 52 121.64 18.27 38.67
CA LYS F 52 120.32 17.97 39.19
C LYS F 52 119.43 17.25 38.17
N GLN F 53 120.00 16.84 37.03
CA GLN F 53 119.28 16.14 35.97
C GLN F 53 118.10 16.95 35.45
N GLU F 54 118.21 18.28 35.49
CA GLU F 54 117.15 19.14 34.98
C GLU F 54 117.20 19.29 33.46
N VAL F 55 118.30 18.87 32.83
CA VAL F 55 118.47 18.95 31.39
C VAL F 55 119.04 17.61 30.92
N ILE F 56 118.98 17.39 29.60
CA ILE F 56 119.52 16.16 29.03
C ILE F 56 121.03 16.12 29.25
N LYS F 57 121.57 14.90 29.38
CA LYS F 57 122.98 14.73 29.75
C LYS F 57 123.91 15.33 28.71
N GLY F 58 123.52 15.31 27.43
CA GLY F 58 124.37 15.92 26.41
C GLY F 58 124.48 17.42 26.56
N PHE F 59 123.36 18.08 26.85
CA PHE F 59 123.39 19.53 27.06
C PHE F 59 124.20 19.89 28.30
N GLU F 60 124.09 19.08 29.35
CA GLU F 60 124.84 19.35 30.57
C GLU F 60 126.34 19.15 30.36
N GLU F 61 126.72 18.08 29.66
CA GLU F 61 128.13 17.82 29.40
C GLU F 61 128.73 18.84 28.44
N GLY F 62 127.95 19.27 27.44
CA GLY F 62 128.45 20.30 26.54
C GLY F 62 128.64 21.65 27.21
N ALA F 63 127.79 21.98 28.17
CA ALA F 63 127.96 23.23 28.91
C ALA F 63 129.15 23.15 29.86
N ALA F 64 129.55 21.94 30.26
CA ALA F 64 130.69 21.73 31.13
C ALA F 64 132.02 21.77 30.37
N GLN F 65 132.01 22.14 29.10
CA GLN F 65 133.21 22.20 28.28
C GLN F 65 133.50 23.58 27.73
N MET F 66 132.48 24.41 27.50
CA MET F 66 132.67 25.75 26.98
C MET F 66 132.94 26.72 28.14
N SER F 67 133.61 27.82 27.82
CA SER F 67 133.96 28.82 28.81
C SER F 67 132.91 29.93 28.83
N LEU F 68 133.14 30.96 29.64
CA LEU F 68 132.21 32.08 29.74
C LEU F 68 132.27 32.91 28.47
N GLY F 69 131.11 33.19 27.88
CA GLY F 69 131.06 33.92 26.63
C GLY F 69 131.63 33.17 25.44
N GLN F 70 131.66 31.85 25.50
CA GLN F 70 132.22 31.01 24.45
C GLN F 70 131.11 30.47 23.58
N ARG F 71 131.01 30.96 22.36
CA ARG F 71 130.05 30.42 21.40
C ARG F 71 130.46 29.00 21.01
N ALA F 72 129.52 28.08 21.08
CA ALA F 72 129.81 26.66 20.91
C ALA F 72 128.95 26.07 19.80
N LYS F 73 129.37 24.87 19.35
CA LYS F 73 128.64 24.10 18.34
C LYS F 73 128.76 22.63 18.75
N LEU F 74 127.73 22.14 19.41
CA LEU F 74 127.74 20.81 20.01
C LEU F 74 127.01 19.82 19.10
N THR F 75 127.17 18.53 19.37
CA THR F 75 126.36 17.50 18.74
C THR F 75 126.04 16.46 19.80
N CYS F 76 124.96 15.72 19.58
CA CYS F 76 124.46 14.77 20.58
C CYS F 76 124.23 13.41 19.92
N THR F 77 125.03 12.43 20.31
CA THR F 77 124.82 11.06 19.88
C THR F 77 123.55 10.51 20.52
N PRO F 78 122.91 9.50 19.90
CA PRO F 78 121.70 8.92 20.50
C PRO F 78 121.87 8.37 21.90
N ASP F 79 123.10 8.30 22.42
CA ASP F 79 123.33 7.92 23.81
C ASP F 79 122.82 9.04 24.70
N VAL F 80 123.31 10.25 24.48
CA VAL F 80 122.83 11.43 25.22
C VAL F 80 121.72 12.04 24.37
N ALA F 81 120.54 11.45 24.50
CA ALA F 81 119.36 11.89 23.77
C ALA F 81 118.13 11.40 24.52
N TYR F 82 116.97 11.41 23.85
CA TYR F 82 115.75 10.89 24.44
C TYR F 82 115.64 9.38 24.32
N GLY F 83 116.73 8.68 24.02
CA GLY F 83 116.73 7.25 23.95
C GLY F 83 116.09 6.71 22.68
N ALA F 84 115.95 5.38 22.65
CA ALA F 84 115.32 4.72 21.51
C ALA F 84 113.83 5.04 21.42
N THR F 85 113.20 5.42 22.53
CA THR F 85 111.79 5.81 22.46
C THR F 85 111.63 7.18 21.85
N GLY F 86 112.49 8.13 22.21
CA GLY F 86 112.44 9.47 21.67
C GLY F 86 111.36 10.32 22.31
N HIS F 87 111.49 11.63 22.12
CA HIS F 87 110.47 12.56 22.60
C HIS F 87 109.21 12.41 21.75
N PRO F 88 108.05 12.16 22.36
CA PRO F 88 106.85 11.88 21.57
C PRO F 88 106.36 13.11 20.81
N GLY F 89 106.21 12.96 19.50
CA GLY F 89 105.59 13.98 18.67
C GLY F 89 106.54 14.97 18.05
N VAL F 90 107.77 15.09 18.54
CA VAL F 90 108.71 16.09 18.06
C VAL F 90 110.02 15.47 17.61
N ILE F 91 110.54 14.49 18.34
CA ILE F 91 111.83 13.88 18.04
C ILE F 91 111.59 12.46 17.55
N PRO F 92 112.03 12.11 16.34
CA PRO F 92 111.86 10.74 15.87
C PRO F 92 112.71 9.79 16.68
N PRO F 93 112.32 8.52 16.78
CA PRO F 93 113.10 7.57 17.59
C PRO F 93 114.45 7.28 16.94
N ASN F 94 115.47 7.17 17.80
CA ASN F 94 116.85 6.88 17.39
C ASN F 94 117.35 7.94 16.41
N ALA F 95 117.47 9.16 16.92
CA ALA F 95 117.94 10.30 16.15
C ALA F 95 118.98 11.07 16.95
N THR F 96 119.85 11.78 16.23
CA THR F 96 120.90 12.58 16.83
C THR F 96 120.49 14.04 16.88
N LEU F 97 121.13 14.79 17.77
CA LEU F 97 120.85 16.20 17.96
C LEU F 97 122.10 17.03 17.72
N ILE F 98 121.92 18.22 17.17
CA ILE F 98 123.01 19.16 16.93
C ILE F 98 122.68 20.46 17.66
N PHE F 99 123.60 20.90 18.50
CA PHE F 99 123.41 22.09 19.32
C PHE F 99 124.43 23.16 18.95
N ASP F 100 124.01 24.41 19.04
CA ASP F 100 124.85 25.57 18.76
C ASP F 100 124.68 26.60 19.87
N VAL F 101 124.88 26.15 21.12
CA VAL F 101 124.63 27.00 22.28
C VAL F 101 125.59 28.18 22.29
N GLU F 102 125.19 29.23 23.00
CA GLU F 102 126.01 30.43 23.18
C GLU F 102 125.73 30.96 24.59
N LEU F 103 126.60 30.62 25.53
CA LEU F 103 126.41 31.01 26.91
C LEU F 103 126.58 32.52 27.06
N LEU F 104 125.54 33.18 27.57
CA LEU F 104 125.60 34.62 27.78
C LEU F 104 126.28 34.95 29.10
N ASN F 105 125.88 34.28 30.17
CA ASN F 105 126.45 34.52 31.49
C ASN F 105 126.36 33.24 32.31
N LEU F 106 127.18 33.16 33.35
CA LEU F 106 127.21 32.01 34.25
C LEU F 106 126.88 32.47 35.65
N GLU F 107 125.87 31.87 36.26
CA GLU F 107 125.44 32.23 37.60
C GLU F 107 125.04 30.99 38.41
N GLY G 1 34.92 -12.75 -126.60
CA GLY G 1 34.84 -12.40 -128.01
C GLY G 1 33.74 -11.41 -128.32
N VAL G 2 34.07 -10.40 -129.12
CA VAL G 2 33.10 -9.38 -129.49
C VAL G 2 32.13 -9.96 -130.52
N GLU G 3 30.83 -9.78 -130.28
CA GLU G 3 29.78 -10.30 -131.14
C GLU G 3 28.86 -9.17 -131.55
N ILE G 4 29.46 -8.13 -132.14
CA ILE G 4 28.72 -6.91 -132.48
C ILE G 4 27.63 -7.22 -133.51
N GLU G 5 26.41 -6.79 -133.20
CA GLU G 5 25.27 -6.86 -134.12
C GLU G 5 24.81 -5.43 -134.33
N THR G 6 25.40 -4.75 -135.32
CA THR G 6 25.13 -3.34 -135.55
C THR G 6 23.69 -3.14 -136.00
N ILE G 7 22.99 -2.21 -135.35
CA ILE G 7 21.60 -1.93 -135.71
C ILE G 7 21.49 -0.73 -136.65
N SER G 8 22.45 0.21 -136.59
CA SER G 8 22.43 1.38 -137.43
C SER G 8 23.87 1.72 -137.82
N PRO G 9 24.16 1.89 -139.10
CA PRO G 9 25.53 2.22 -139.51
C PRO G 9 25.89 3.65 -139.15
N GLY G 10 27.19 3.91 -139.12
CA GLY G 10 27.69 5.23 -138.79
C GLY G 10 28.58 5.82 -139.87
N ASP G 11 29.80 6.21 -139.48
CA ASP G 11 30.73 6.79 -140.46
C ASP G 11 31.23 5.74 -141.44
N GLY G 12 31.45 4.50 -140.97
CA GLY G 12 31.92 3.43 -141.80
C GLY G 12 33.43 3.25 -141.83
N ARG G 13 34.19 4.26 -141.44
CA ARG G 13 35.65 4.15 -141.40
C ARG G 13 36.28 4.75 -140.16
N THR G 14 35.54 5.45 -139.31
CA THR G 14 36.10 6.07 -138.13
C THR G 14 36.37 5.03 -137.05
N PHE G 15 37.59 5.03 -136.52
CA PHE G 15 37.98 4.14 -135.44
C PHE G 15 38.56 4.96 -134.28
N PRO G 16 38.30 4.55 -133.04
CA PRO G 16 38.80 5.32 -131.90
C PRO G 16 40.31 5.19 -131.77
N LYS G 17 40.98 6.32 -131.61
CA LYS G 17 42.43 6.34 -131.44
C LYS G 17 42.79 6.02 -129.99
N LYS G 18 44.09 5.95 -129.72
CA LYS G 18 44.54 5.66 -128.36
C LYS G 18 44.26 6.84 -127.43
N GLY G 19 44.58 8.06 -127.85
CA GLY G 19 44.33 9.22 -127.04
C GLY G 19 43.01 9.89 -127.36
N GLN G 20 41.93 9.12 -127.28
CA GLN G 20 40.59 9.64 -127.58
C GLN G 20 39.58 9.05 -126.61
N THR G 21 38.53 9.81 -126.34
CA THR G 21 37.45 9.39 -125.46
C THR G 21 36.20 9.09 -126.28
N CYS G 22 35.55 7.98 -125.96
CA CYS G 22 34.34 7.54 -126.68
C CYS G 22 33.13 8.01 -125.89
N VAL G 23 32.51 9.09 -126.37
CA VAL G 23 31.31 9.63 -125.74
C VAL G 23 30.13 8.76 -126.17
N VAL G 24 29.57 8.01 -125.22
CA VAL G 24 28.50 7.05 -125.49
C VAL G 24 27.34 7.32 -124.53
N HIS G 25 26.19 6.75 -124.88
CA HIS G 25 24.97 6.78 -124.08
C HIS G 25 24.47 5.37 -123.85
N TYR G 26 25.35 4.51 -123.35
CA TYR G 26 25.06 3.09 -123.22
C TYR G 26 23.95 2.85 -122.20
N THR G 27 23.18 1.81 -122.43
CA THR G 27 22.09 1.37 -121.55
C THR G 27 22.17 -0.14 -121.36
N GLY G 28 23.33 -0.61 -120.94
CA GLY G 28 23.59 -2.04 -120.90
C GLY G 28 22.68 -2.76 -119.90
N MET G 29 22.12 -3.88 -120.34
CA MET G 29 21.22 -4.68 -119.52
C MET G 29 21.76 -6.09 -119.37
N LEU G 30 21.49 -6.68 -118.20
CA LEU G 30 21.84 -8.06 -117.94
C LEU G 30 20.85 -8.99 -118.66
N GLN G 31 21.14 -10.29 -118.64
CA GLN G 31 20.28 -11.27 -119.26
C GLN G 31 18.89 -11.26 -118.62
N ASN G 32 17.95 -11.94 -119.30
CA ASN G 32 16.55 -12.03 -118.88
C ASN G 32 15.90 -10.65 -118.77
N GLY G 33 16.36 -9.70 -119.58
CA GLY G 33 15.76 -8.38 -119.62
C GLY G 33 15.90 -7.57 -118.34
N LYS G 34 17.05 -7.66 -117.68
CA LYS G 34 17.30 -6.94 -116.44
C LYS G 34 18.26 -5.80 -116.70
N LYS G 35 17.81 -4.56 -116.44
CA LYS G 35 18.61 -3.36 -116.69
C LYS G 35 19.37 -3.02 -115.41
N PHE G 36 20.61 -3.50 -115.31
CA PHE G 36 21.41 -3.22 -114.13
C PHE G 36 21.96 -1.80 -114.14
N ASP G 37 22.28 -1.26 -115.32
CA ASP G 37 22.84 0.08 -115.42
C ASP G 37 22.21 0.80 -116.61
N SER G 38 22.17 2.12 -116.50
CA SER G 38 21.69 2.97 -117.60
C SER G 38 22.39 4.31 -117.50
N SER G 39 23.05 4.72 -118.59
CA SER G 39 23.72 6.02 -118.62
C SER G 39 22.89 7.09 -119.32
N ARG G 40 21.92 6.69 -120.14
CA ARG G 40 21.09 7.67 -120.83
C ARG G 40 20.10 8.34 -119.88
N ASP G 41 19.50 7.56 -118.96
CA ASP G 41 18.49 8.11 -118.07
C ASP G 41 19.07 9.10 -117.07
N ARG G 42 20.37 9.04 -116.82
CA ARG G 42 21.03 10.03 -115.96
C ARG G 42 21.32 11.33 -116.70
N ASN G 43 21.03 11.41 -118.00
CA ASN G 43 21.26 12.58 -118.83
C ASN G 43 22.73 13.01 -118.80
N LYS G 44 23.64 12.05 -118.67
CA LYS G 44 25.06 12.31 -118.63
C LYS G 44 25.75 11.19 -119.42
N PRO G 45 26.51 11.52 -120.46
CA PRO G 45 27.20 10.47 -121.22
C PRO G 45 28.44 9.98 -120.49
N PHE G 46 29.03 8.92 -121.05
CA PHE G 46 30.18 8.26 -120.44
C PHE G 46 31.45 8.61 -121.20
N LYS G 47 32.51 8.95 -120.47
CA LYS G 47 33.83 9.20 -121.03
C LYS G 47 34.80 8.13 -120.53
N PHE G 48 35.68 7.67 -121.42
CA PHE G 48 36.74 6.76 -121.03
C PHE G 48 37.83 6.78 -122.10
N ARG G 49 39.08 6.77 -121.64
CA ARG G 49 40.22 6.78 -122.55
C ARG G 49 40.60 5.34 -122.93
N ILE G 50 40.86 5.14 -124.21
CA ILE G 50 41.18 3.81 -124.72
C ILE G 50 42.63 3.48 -124.39
N GLY G 51 42.85 2.30 -123.80
CA GLY G 51 44.17 1.84 -123.50
C GLY G 51 44.67 2.15 -122.10
N LYS G 52 43.84 2.71 -121.24
CA LYS G 52 44.23 3.05 -119.88
C LYS G 52 43.54 2.18 -118.83
N GLN G 53 42.81 1.15 -119.27
CA GLN G 53 42.08 0.24 -118.37
C GLN G 53 41.08 0.98 -117.49
N GLU G 54 40.53 2.09 -118.00
CA GLU G 54 39.53 2.84 -117.24
C GLU G 54 38.14 2.22 -117.35
N VAL G 55 37.93 1.30 -118.28
CA VAL G 55 36.67 0.62 -118.48
C VAL G 55 36.94 -0.86 -118.64
N ILE G 56 35.86 -1.66 -118.52
CA ILE G 56 36.00 -3.10 -118.67
C ILE G 56 36.44 -3.42 -120.11
N LYS G 57 37.19 -4.52 -120.26
CA LYS G 57 37.79 -4.85 -121.55
C LYS G 57 36.75 -5.08 -122.63
N GLY G 58 35.58 -5.61 -122.27
CA GLY G 58 34.53 -5.79 -123.25
C GLY G 58 33.99 -4.49 -123.81
N PHE G 59 33.78 -3.50 -122.93
CA PHE G 59 33.32 -2.20 -123.38
C PHE G 59 34.37 -1.50 -124.25
N GLU G 60 35.65 -1.66 -123.90
CA GLU G 60 36.71 -1.04 -124.69
C GLU G 60 36.83 -1.70 -126.06
N GLU G 61 36.76 -3.04 -126.12
CA GLU G 61 36.86 -3.73 -127.39
C GLU G 61 35.64 -3.48 -128.28
N GLY G 62 34.45 -3.39 -127.67
CA GLY G 62 33.26 -3.09 -128.46
C GLY G 62 33.27 -1.69 -129.03
N ALA G 63 33.84 -0.73 -128.30
CA ALA G 63 33.96 0.62 -128.82
C ALA G 63 34.99 0.71 -129.94
N ALA G 64 35.95 -0.22 -129.95
CA ALA G 64 36.98 -0.26 -130.98
C ALA G 64 36.50 -0.94 -132.26
N GLN G 65 35.21 -1.23 -132.37
CA GLN G 65 34.64 -1.88 -133.54
C GLN G 65 33.57 -1.06 -134.24
N MET G 66 32.84 -0.21 -133.50
CA MET G 66 31.81 0.63 -134.10
C MET G 66 32.44 1.93 -134.62
N SER G 67 31.76 2.53 -135.59
CA SER G 67 32.23 3.76 -136.22
C SER G 67 31.59 4.96 -135.53
N LEU G 68 31.86 6.16 -136.05
CA LEU G 68 31.30 7.38 -135.49
C LEU G 68 29.82 7.47 -135.81
N GLY G 69 29.00 7.71 -134.79
CA GLY G 69 27.57 7.75 -134.96
C GLY G 69 26.95 6.41 -135.30
N GLN G 70 27.61 5.32 -134.94
CA GLN G 70 27.14 3.97 -135.25
C GLN G 70 26.45 3.38 -134.02
N ARG G 71 25.14 3.23 -134.09
CA ARG G 71 24.40 2.57 -133.03
C ARG G 71 24.76 1.09 -133.00
N ALA G 72 25.11 0.58 -131.82
CA ALA G 72 25.64 -0.76 -131.67
C ALA G 72 24.80 -1.58 -130.70
N LYS G 73 25.01 -2.89 -130.75
CA LYS G 73 24.36 -3.85 -129.84
C LYS G 73 25.40 -4.92 -129.51
N LEU G 74 26.06 -4.75 -128.37
CA LEU G 74 27.19 -5.58 -127.98
C LEU G 74 26.72 -6.67 -127.00
N THR G 75 27.57 -7.67 -126.79
CA THR G 75 27.37 -8.63 -125.70
C THR G 75 28.73 -8.91 -125.08
N CYS G 76 28.70 -9.37 -123.83
CA CYS G 76 29.93 -9.56 -123.07
C CYS G 76 29.94 -10.96 -122.45
N THR G 77 30.84 -11.81 -122.92
CA THR G 77 31.06 -13.11 -122.32
C THR G 77 31.68 -12.94 -120.94
N PRO G 78 31.49 -13.92 -120.05
CA PRO G 78 32.09 -13.82 -118.70
C PRO G 78 33.61 -13.65 -118.69
N ASP G 79 34.29 -13.78 -119.84
CA ASP G 79 35.71 -13.50 -119.93
C ASP G 79 35.92 -12.00 -119.76
N VAL G 80 35.24 -11.22 -120.60
CA VAL G 80 35.29 -9.75 -120.49
C VAL G 80 34.10 -9.36 -119.62
N ALA G 81 34.30 -9.49 -118.31
CA ALA G 81 33.28 -9.17 -117.32
C ALA G 81 33.98 -8.90 -115.99
N TYR G 82 33.22 -8.91 -114.90
CA TYR G 82 33.79 -8.76 -113.56
C TYR G 82 34.35 -10.07 -113.01
N GLY G 83 34.56 -11.08 -113.86
CA GLY G 83 35.16 -12.32 -113.42
C GLY G 83 34.19 -13.21 -112.67
N ALA G 84 34.74 -14.30 -112.14
CA ALA G 84 33.95 -15.24 -111.36
C ALA G 84 33.50 -14.64 -110.03
N THR G 85 34.21 -13.63 -109.53
CA THR G 85 33.77 -12.97 -108.30
C THR G 85 32.58 -12.06 -108.56
N GLY G 86 32.60 -11.31 -109.65
CA GLY G 86 31.52 -10.44 -110.01
C GLY G 86 31.52 -9.14 -109.21
N HIS G 87 30.79 -8.15 -109.73
CA HIS G 87 30.64 -6.90 -109.03
C HIS G 87 29.78 -7.10 -107.79
N PRO G 88 30.24 -6.71 -106.60
CA PRO G 88 29.50 -7.03 -105.37
C PRO G 88 28.21 -6.22 -105.28
N GLY G 89 27.09 -6.94 -105.11
CA GLY G 89 25.81 -6.32 -104.82
C GLY G 89 24.96 -6.02 -106.03
N VAL G 90 25.52 -6.00 -107.23
CA VAL G 90 24.79 -5.63 -108.43
C VAL G 90 24.86 -6.70 -109.51
N ILE G 91 26.02 -7.30 -109.70
CA ILE G 91 26.24 -8.29 -110.77
C ILE G 91 26.41 -9.66 -110.12
N PRO G 92 25.56 -10.64 -110.45
CA PRO G 92 25.75 -11.98 -109.88
C PRO G 92 27.02 -12.61 -110.41
N PRO G 93 27.62 -13.53 -109.66
CA PRO G 93 28.88 -14.15 -110.10
C PRO G 93 28.64 -15.05 -111.32
N ASN G 94 29.60 -14.99 -112.26
CA ASN G 94 29.57 -15.78 -113.49
C ASN G 94 28.30 -15.48 -114.29
N ALA G 95 28.21 -14.24 -114.76
CA ALA G 95 27.10 -13.77 -115.56
C ALA G 95 27.61 -13.00 -116.77
N THR G 96 26.78 -12.98 -117.81
CA THR G 96 27.10 -12.28 -119.05
C THR G 96 26.42 -10.92 -119.09
N LEU G 97 26.96 -10.03 -119.91
CA LEU G 97 26.45 -8.68 -120.06
C LEU G 97 26.05 -8.42 -121.51
N ILE G 98 25.00 -7.63 -121.69
CA ILE G 98 24.52 -7.24 -123.01
C ILE G 98 24.53 -5.72 -123.07
N PHE G 99 25.22 -5.17 -124.07
CA PHE G 99 25.36 -3.73 -124.23
C PHE G 99 24.70 -3.27 -125.53
N ASP G 100 24.15 -2.07 -125.49
CA ASP G 100 23.51 -1.44 -126.64
C ASP G 100 23.99 0.00 -126.77
N VAL G 101 25.32 0.17 -126.82
CA VAL G 101 25.92 1.50 -126.82
C VAL G 101 25.54 2.26 -128.09
N GLU G 102 25.64 3.58 -128.01
CA GLU G 102 25.37 4.47 -129.13
C GLU G 102 26.32 5.64 -129.02
N LEU G 103 27.44 5.58 -129.75
CA LEU G 103 28.45 6.62 -129.67
C LEU G 103 27.92 7.92 -130.27
N LEU G 104 27.90 8.98 -129.47
CA LEU G 104 27.45 10.28 -129.95
C LEU G 104 28.56 11.01 -130.68
N ASN G 105 29.75 11.06 -130.09
CA ASN G 105 30.88 11.74 -130.70
C ASN G 105 32.17 11.08 -130.22
N LEU G 106 33.24 11.30 -130.97
CA LEU G 106 34.56 10.75 -130.65
C LEU G 106 35.54 11.89 -130.47
N GLU G 107 36.19 11.92 -129.31
CA GLU G 107 37.15 12.99 -129.00
C GLU G 107 38.36 12.44 -128.24
N GLY H 1 -100.43 -79.85 -30.78
CA GLY H 1 -101.83 -80.20 -30.83
C GLY H 1 -102.72 -79.24 -30.06
N VAL H 2 -103.82 -78.84 -30.69
CA VAL H 2 -104.76 -77.92 -30.06
C VAL H 2 -105.56 -78.65 -28.99
N GLU H 3 -105.61 -78.05 -27.80
CA GLU H 3 -106.29 -78.63 -26.64
C GLU H 3 -107.31 -77.63 -26.10
N ILE H 4 -108.21 -77.20 -26.99
CA ILE H 4 -109.16 -76.14 -26.65
C ILE H 4 -110.08 -76.60 -25.53
N GLU H 5 -110.20 -75.79 -24.49
CA GLU H 5 -111.13 -75.99 -23.38
C GLU H 5 -112.04 -74.77 -23.37
N THR H 6 -113.12 -74.82 -24.14
CA THR H 6 -114.00 -73.67 -24.31
C THR H 6 -114.71 -73.35 -23.00
N ILE H 7 -114.65 -72.08 -22.58
CA ILE H 7 -115.31 -71.66 -21.36
C ILE H 7 -116.69 -71.07 -21.61
N SER H 8 -116.91 -70.49 -22.80
CA SER H 8 -118.20 -69.90 -23.14
C SER H 8 -118.47 -70.17 -24.62
N PRO H 9 -119.63 -70.71 -24.96
CA PRO H 9 -119.94 -70.98 -26.37
C PRO H 9 -120.22 -69.70 -27.12
N GLY H 10 -120.12 -69.80 -28.45
CA GLY H 10 -120.35 -68.66 -29.32
C GLY H 10 -121.43 -68.90 -30.35
N ASP H 11 -121.09 -68.70 -31.62
CA ASP H 11 -122.06 -68.92 -32.69
C ASP H 11 -122.37 -70.40 -32.88
N GLY H 12 -121.38 -71.27 -32.72
CA GLY H 12 -121.56 -72.69 -32.85
C GLY H 12 -121.26 -73.23 -34.23
N ARG H 13 -121.27 -72.40 -35.27
CA ARG H 13 -120.98 -72.84 -36.62
C ARG H 13 -120.06 -71.91 -37.39
N THR H 14 -119.73 -70.73 -36.87
CA THR H 14 -118.89 -69.79 -37.60
C THR H 14 -117.44 -70.22 -37.53
N PHE H 15 -116.79 -70.28 -38.69
CA PHE H 15 -115.38 -70.61 -38.79
C PHE H 15 -114.64 -69.52 -39.56
N PRO H 16 -113.40 -69.21 -39.18
CA PRO H 16 -112.67 -68.14 -39.89
C PRO H 16 -112.28 -68.59 -41.29
N LYS H 17 -112.55 -67.72 -42.27
CA LYS H 17 -112.20 -68.00 -43.65
C LYS H 17 -110.73 -67.67 -43.88
N LYS H 18 -110.25 -67.93 -45.10
CA LYS H 18 -108.86 -67.64 -45.44
C LYS H 18 -108.61 -66.14 -45.50
N GLY H 19 -109.49 -65.40 -46.18
CA GLY H 19 -109.34 -63.97 -46.28
C GLY H 19 -110.12 -63.22 -45.21
N GLN H 20 -109.86 -63.55 -43.94
CA GLN H 20 -110.56 -62.91 -42.84
C GLN H 20 -109.58 -62.69 -41.69
N THR H 21 -109.86 -61.66 -40.90
CA THR H 21 -109.05 -61.31 -39.74
C THR H 21 -109.82 -61.63 -38.47
N CYS H 22 -109.14 -62.25 -37.51
CA CYS H 22 -109.74 -62.65 -36.24
C CYS H 22 -109.45 -61.57 -35.21
N VAL H 23 -110.45 -60.74 -34.94
CA VAL H 23 -110.32 -59.68 -33.94
C VAL H 23 -110.46 -60.31 -32.56
N VAL H 24 -109.37 -60.35 -31.80
CA VAL H 24 -109.34 -61.01 -30.50
C VAL H 24 -108.81 -60.03 -29.46
N HIS H 25 -109.02 -60.39 -28.19
CA HIS H 25 -108.51 -59.66 -27.03
C HIS H 25 -107.74 -60.61 -26.14
N TYR H 26 -106.79 -61.33 -26.72
CA TYR H 26 -106.08 -62.38 -26.01
C TYR H 26 -105.23 -61.81 -24.89
N THR H 27 -105.08 -62.61 -23.82
CA THR H 27 -104.27 -62.27 -22.66
C THR H 27 -103.41 -63.48 -22.28
N GLY H 28 -102.65 -63.97 -23.25
CA GLY H 28 -101.93 -65.22 -23.08
C GLY H 28 -100.87 -65.12 -21.99
N MET H 29 -100.83 -66.13 -21.12
CA MET H 29 -99.88 -66.18 -20.02
C MET H 29 -99.02 -67.43 -20.12
N LEU H 30 -97.78 -67.31 -19.67
CA LEU H 30 -96.87 -68.44 -19.60
C LEU H 30 -97.23 -69.30 -18.38
N GLN H 31 -96.59 -70.46 -18.28
CA GLN H 31 -96.82 -71.37 -17.16
C GLN H 31 -96.47 -70.70 -15.83
N ASN H 32 -96.89 -71.35 -14.75
CA ASN H 32 -96.69 -70.87 -13.38
C ASN H 32 -97.32 -69.50 -13.15
N GLY H 33 -98.39 -69.19 -13.89
CA GLY H 33 -99.11 -67.95 -13.72
C GLY H 33 -98.33 -66.70 -14.07
N LYS H 34 -97.54 -66.75 -15.14
CA LYS H 34 -96.73 -65.62 -15.56
C LYS H 34 -97.34 -65.03 -16.84
N LYS H 35 -97.73 -63.75 -16.77
CA LYS H 35 -98.37 -63.06 -17.89
C LYS H 35 -97.30 -62.36 -18.70
N PHE H 36 -96.80 -63.03 -19.74
CA PHE H 36 -95.77 -62.44 -20.59
C PHE H 36 -96.33 -61.39 -21.53
N ASP H 37 -97.56 -61.57 -22.00
CA ASP H 37 -98.18 -60.64 -22.93
C ASP H 37 -99.64 -60.44 -22.56
N SER H 38 -100.16 -59.27 -22.91
CA SER H 38 -101.57 -58.94 -22.71
C SER H 38 -101.98 -57.95 -23.78
N SER H 39 -103.03 -58.29 -24.54
CA SER H 39 -103.54 -57.38 -25.56
C SER H 39 -104.77 -56.61 -25.10
N ARG H 40 -105.45 -57.08 -24.05
CA ARG H 40 -106.62 -56.38 -23.56
C ARG H 40 -106.24 -55.11 -22.80
N ASP H 41 -105.18 -55.17 -21.99
CA ASP H 41 -104.79 -54.03 -21.18
C ASP H 41 -104.27 -52.87 -22.02
N ARG H 42 -103.83 -53.13 -23.24
CA ARG H 42 -103.43 -52.06 -24.15
C ARG H 42 -104.62 -51.39 -24.82
N ASN H 43 -105.84 -51.87 -24.58
CA ASN H 43 -107.06 -51.33 -25.16
C ASN H 43 -107.01 -51.33 -26.69
N LYS H 44 -106.33 -52.31 -27.27
CA LYS H 44 -106.21 -52.45 -28.70
C LYS H 44 -106.28 -53.93 -29.05
N PRO H 45 -107.24 -54.36 -29.87
CA PRO H 45 -107.33 -55.76 -30.23
C PRO H 45 -106.28 -56.15 -31.27
N PHE H 46 -106.20 -57.45 -31.51
CA PHE H 46 -105.20 -58.02 -32.42
C PHE H 46 -105.85 -58.42 -33.74
N LYS H 47 -105.20 -58.05 -34.84
CA LYS H 47 -105.60 -58.44 -36.18
C LYS H 47 -104.53 -59.35 -36.78
N PHE H 48 -104.98 -60.39 -37.50
CA PHE H 48 -104.06 -61.24 -38.24
C PHE H 48 -104.85 -62.01 -39.30
N ARG H 49 -104.27 -62.13 -40.48
CA ARG H 49 -104.89 -62.84 -41.59
C ARG H 49 -104.52 -64.32 -41.53
N ILE H 50 -105.52 -65.18 -41.73
CA ILE H 50 -105.32 -66.62 -41.64
C ILE H 50 -104.66 -67.11 -42.93
N GLY H 51 -103.59 -67.87 -42.77
CA GLY H 51 -102.91 -68.47 -43.92
C GLY H 51 -101.75 -67.66 -44.47
N LYS H 52 -101.37 -66.56 -43.83
CA LYS H 52 -100.26 -65.73 -44.29
C LYS H 52 -99.06 -65.79 -43.36
N GLN H 53 -99.08 -66.67 -42.36
CA GLN H 53 -98.00 -66.84 -41.39
C GLN H 53 -97.70 -65.54 -40.65
N GLU H 54 -98.72 -64.70 -40.45
CA GLU H 54 -98.55 -63.46 -39.71
C GLU H 54 -98.57 -63.67 -38.21
N VAL H 55 -98.99 -64.84 -37.74
CA VAL H 55 -99.06 -65.17 -36.33
C VAL H 55 -98.49 -66.58 -36.14
N ILE H 56 -98.19 -66.91 -34.89
CA ILE H 56 -97.66 -68.24 -34.60
C ILE H 56 -98.71 -69.29 -34.94
N LYS H 57 -98.23 -70.48 -35.32
CA LYS H 57 -99.13 -71.52 -35.82
C LYS H 57 -100.13 -71.97 -34.76
N GLY H 58 -99.74 -71.94 -33.49
CA GLY H 58 -100.69 -72.31 -32.44
C GLY H 58 -101.84 -71.33 -32.32
N PHE H 59 -101.55 -70.03 -32.40
CA PHE H 59 -102.61 -69.03 -32.35
C PHE H 59 -103.52 -69.12 -33.56
N GLU H 60 -102.96 -69.41 -34.73
CA GLU H 60 -103.77 -69.55 -35.94
C GLU H 60 -104.66 -70.78 -35.88
N GLU H 61 -104.12 -71.91 -35.40
CA GLU H 61 -104.92 -73.13 -35.31
C GLU H 61 -105.98 -73.02 -34.23
N GLY H 62 -105.67 -72.36 -33.11
CA GLY H 62 -106.66 -72.17 -32.08
C GLY H 62 -107.81 -71.26 -32.51
N ALA H 63 -107.52 -70.26 -33.32
CA ALA H 63 -108.57 -69.40 -33.84
C ALA H 63 -109.43 -70.13 -34.87
N ALA H 64 -108.88 -71.15 -35.52
CA ALA H 64 -109.61 -71.96 -36.49
C ALA H 64 -110.50 -73.00 -35.84
N GLN H 65 -110.67 -72.97 -34.52
CA GLN H 65 -111.48 -73.92 -33.81
C GLN H 65 -112.63 -73.29 -33.03
N MET H 66 -112.48 -72.04 -32.58
CA MET H 66 -113.52 -71.35 -31.85
C MET H 66 -114.49 -70.67 -32.82
N SER H 67 -115.71 -70.44 -32.37
CA SER H 67 -116.74 -69.83 -33.19
C SER H 67 -116.79 -68.33 -32.93
N LEU H 68 -117.74 -67.64 -33.55
CA LEU H 68 -117.88 -66.20 -33.37
C LEU H 68 -118.43 -65.90 -31.98
N GLY H 69 -117.75 -65.00 -31.27
CA GLY H 69 -118.14 -64.69 -29.91
C GLY H 69 -117.91 -65.81 -28.92
N GLN H 70 -117.01 -66.73 -29.22
CA GLN H 70 -116.75 -67.90 -28.38
C GLN H 70 -115.50 -67.62 -27.55
N ARG H 71 -115.69 -67.45 -26.24
CA ARG H 71 -114.56 -67.31 -25.33
C ARG H 71 -113.82 -68.64 -25.24
N ALA H 72 -112.50 -68.60 -25.41
CA ALA H 72 -111.69 -69.79 -25.52
C ALA H 72 -110.59 -69.80 -24.47
N LYS H 73 -110.00 -70.98 -24.28
CA LYS H 73 -108.87 -71.19 -23.37
C LYS H 73 -107.93 -72.20 -24.04
N LEU H 74 -106.91 -71.69 -24.70
CA LEU H 74 -106.04 -72.50 -25.53
C LEU H 74 -104.75 -72.82 -24.76
N THR H 75 -103.97 -73.77 -25.27
CA THR H 75 -102.63 -74.02 -24.79
C THR H 75 -101.74 -74.30 -26.00
N CYS H 76 -100.44 -74.09 -25.82
CA CYS H 76 -99.49 -74.21 -26.93
C CYS H 76 -98.33 -75.09 -26.51
N THR H 77 -98.22 -76.26 -27.14
CA THR H 77 -97.07 -77.12 -26.95
C THR H 77 -95.84 -76.48 -27.58
N PRO H 78 -94.64 -76.84 -27.11
CA PRO H 78 -93.42 -76.27 -27.69
C PRO H 78 -93.25 -76.51 -29.20
N ASP H 79 -94.10 -77.33 -29.81
CA ASP H 79 -94.10 -77.51 -31.26
C ASP H 79 -94.60 -76.22 -31.89
N VAL H 80 -95.79 -75.78 -31.50
CA VAL H 80 -96.35 -74.51 -31.97
C VAL H 80 -95.93 -73.46 -30.95
N ALA H 81 -94.69 -73.00 -31.08
CA ALA H 81 -94.13 -72.00 -30.19
C ALA H 81 -92.97 -71.32 -30.93
N TYR H 82 -92.11 -70.62 -30.18
CA TYR H 82 -90.93 -70.00 -30.76
C TYR H 82 -89.76 -70.98 -30.91
N GLY H 83 -90.03 -72.29 -30.82
CA GLY H 83 -89.00 -73.29 -31.01
C GLY H 83 -88.07 -73.43 -29.82
N ALA H 84 -87.04 -74.24 -30.02
CA ALA H 84 -86.04 -74.45 -28.97
C ALA H 84 -85.21 -73.20 -28.71
N THR H 85 -85.12 -72.29 -29.68
CA THR H 85 -84.40 -71.04 -29.45
C THR H 85 -85.21 -70.09 -28.57
N GLY H 86 -86.51 -69.99 -28.84
CA GLY H 86 -87.38 -69.14 -28.06
C GLY H 86 -87.27 -67.67 -28.44
N HIS H 87 -88.28 -66.90 -28.04
CA HIS H 87 -88.25 -65.47 -28.27
C HIS H 87 -87.20 -64.83 -27.36
N PRO H 88 -86.26 -64.06 -27.91
CA PRO H 88 -85.14 -63.55 -27.10
C PRO H 88 -85.61 -62.50 -26.10
N GLY H 89 -85.30 -62.74 -24.83
CA GLY H 89 -85.52 -61.75 -23.79
C GLY H 89 -86.85 -61.85 -23.06
N VAL H 90 -87.83 -62.55 -23.63
CA VAL H 90 -89.16 -62.62 -23.05
C VAL H 90 -89.62 -64.06 -22.80
N ILE H 91 -89.35 -64.96 -23.74
CA ILE H 91 -89.80 -66.34 -23.65
C ILE H 91 -88.59 -67.23 -23.41
N PRO H 92 -88.56 -68.00 -22.32
CA PRO H 92 -87.43 -68.90 -22.10
C PRO H 92 -87.41 -70.01 -23.13
N PRO H 93 -86.25 -70.58 -23.43
CA PRO H 93 -86.19 -71.64 -24.44
C PRO H 93 -86.88 -72.91 -23.97
N ASN H 94 -87.58 -73.55 -24.90
CA ASN H 94 -88.33 -74.79 -24.66
C ASN H 94 -89.36 -74.60 -23.54
N ALA H 95 -90.34 -73.75 -23.83
CA ALA H 95 -91.41 -73.45 -22.91
C ALA H 95 -92.76 -73.52 -23.63
N THR H 96 -93.80 -73.78 -22.87
CA THR H 96 -95.16 -73.87 -23.39
C THR H 96 -95.90 -72.56 -23.13
N LEU H 97 -96.96 -72.34 -23.93
CA LEU H 97 -97.77 -71.14 -23.83
C LEU H 97 -99.23 -71.51 -23.55
N ILE H 98 -99.90 -70.67 -22.78
CA ILE H 98 -101.30 -70.83 -22.45
C ILE H 98 -102.04 -69.59 -22.91
N PHE H 99 -103.07 -69.79 -23.73
CA PHE H 99 -103.84 -68.68 -24.29
C PHE H 99 -105.28 -68.74 -23.82
N ASP H 100 -105.88 -67.57 -23.64
CA ASP H 100 -107.27 -67.43 -23.23
C ASP H 100 -107.96 -66.40 -24.13
N VAL H 101 -107.88 -66.62 -25.43
CA VAL H 101 -108.39 -65.65 -26.40
C VAL H 101 -109.91 -65.52 -26.27
N GLU H 102 -110.42 -64.40 -26.75
CA GLU H 102 -111.86 -64.12 -26.77
C GLU H 102 -112.14 -63.32 -28.04
N LEU H 103 -112.59 -64.00 -29.08
CA LEU H 103 -112.84 -63.35 -30.36
C LEU H 103 -114.03 -62.40 -30.24
N LEU H 104 -113.80 -61.12 -30.54
CA LEU H 104 -114.89 -60.14 -30.49
C LEU H 104 -115.70 -60.16 -31.77
N ASN H 105 -115.02 -60.15 -32.93
CA ASN H 105 -115.69 -60.15 -34.21
C ASN H 105 -114.78 -60.81 -35.24
N LEU H 106 -115.38 -61.25 -36.34
CA LEU H 106 -114.66 -61.90 -37.43
C LEU H 106 -114.87 -61.10 -38.71
N GLU H 107 -113.76 -60.69 -39.33
CA GLU H 107 -113.83 -59.90 -40.55
C GLU H 107 -112.74 -60.31 -41.52
CA CA I . -27.02 8.97 43.01
ZN ZN J . -27.20 26.93 18.61
CA CA K . 29.78 34.90 23.55
ZN ZN L . 0.18 38.49 18.18
CA CA M . 9.40 32.97 -38.51
ZN ZN N . -1.34 40.99 -11.35
CA CA O . -47.38 7.04 -19.09
ZN ZN P . -28.69 29.45 -10.94
#